data_8WMJ
#
_entry.id   8WMJ
#
_cell.length_a   1.00
_cell.length_b   1.00
_cell.length_c   1.00
_cell.angle_alpha   90.00
_cell.angle_beta   90.00
_cell.angle_gamma   90.00
#
_symmetry.space_group_name_H-M   'P 1'
#
loop_
_entity.id
_entity.type
_entity.pdbx_description
1 polymer 'Photosystem I P700 chlorophyll a apoprotein A1'
2 polymer 'Photosystem I P700 chlorophyll a apoprotein A2'
3 polymer 'Photosystem I iron-sulfur center'
4 polymer 'Photosystem I reaction center subunit II'
5 polymer 'Photosystem I reaction center subunit IV'
6 polymer 'Photosystem I reaction center subunit III'
7 polymer 'Photosystem I reaction center subunit VIII'
8 polymer 'Photosystem I reaction center subunit IX'
9 polymer 'Photosystem I reaction center subunit XI'
10 polymer 'Photosystem I reaction center subunit XII'
11 polymer 'Photosystem I reaction center subunit PsaK'
12 polymer 'chain s'
13 polymer CAC-c
14 polymer CAC-a
15 polymer CAC-b
16 polymer CAC-h
17 polymer CAC-j
18 polymer CAC-l
19 polymer CAC-k
20 polymer CAC-i
21 polymer CAC-d
22 polymer PsaR
23 polymer CAC-n
24 polymer PsaQ
25 non-polymer 'CHLOROPHYLL A'
26 non-polymer PHYLLOQUINONE
27 non-polymer 1,2-DIPALMITOYL-PHOSPHATIDYL-GLYCEROLE
28 non-polymer 1,3,3-trimethyl-2-[(1E,3E,5E,7E,9E,11E,13E,15E,17E)-3,7,12,16-tetramethyl-18-[(1R)-2,6,6-trimethylcyclohex-2-en-1-yl]octadeca-1,3,5,7,9,11,13,15,17-nonaenyl]cyclohexene
29 non-polymer DODECYL-BETA-D-MALTOSIDE
30 non-polymer 'IRON/SULFUR CLUSTER'
31 non-polymer 'DIGALACTOSYL DIACYL GLYCEROL (DGDG)'
32 non-polymer (1~{R})-3,5,5-trimethyl-4-[(3~{E},5~{E},7~{E},9~{E},11~{E},13~{E},15~{E})-3,7,12,16-tetramethyl-18-[(4~{R})-2,6,6-trimethyl-4-oxidanyl-cyclohexen-1-yl]octadeca-3,5,7,9,11,13,15-heptaen-1,17-diynyl]cyclohex-3-en-1-ol
33 non-polymer 1,2-DISTEAROYL-MONOGALACTOSYL-DIGLYCERIDE
34 non-polymer 'Chlorophyll c2'
35 non-polymer (1~{R})-3,5,5-trimethyl-4-[(3~{E},5~{E},7~{E},9~{E},11~{E},13~{E},15~{E},17~{E})-3,7,12,16-tetramethyl-18-(2,6,6-trimethylcyclohexen-1-yl)octadeca-3,5,7,9,11,13,15,17-octaen-1-ynyl]cyclohex-3-en-1-ol
36 non-polymer DODECYL-ALPHA-D-MALTOSIDE
37 water water
#
loop_
_entity_poly.entity_id
_entity_poly.type
_entity_poly.pdbx_seq_one_letter_code
_entity_poly.pdbx_strand_id
1 'polypeptide(L)'
;MTISSKEQEAKKVSITVDRDPVATSFEKWAQPGHFSRTLAKGPKTTTWIWNLHADVHDFDSHTNSLEDISRKIFSAHFGQ
LSIIFLWLSGMYFHGARFSNYSAWLSNPTAVKPSAQVVWPIVGQEVLNGDVGGGFQGVQVTSGFFQIWRSSGITSEVELY
WCALAGLIMSGLMIFAGWFHYHKAAPKLEWFQNAESMLNHHLSGLLGLGCLSWAGHQIHVSLPVNKLLDAGVAPQEIPLP
HEFLVNRDLMAQLYPSFSKGLVPFFTLNWSEYSDFLTFKGGLNPVTGGLWLSDTAHHHLALAVLFIVAGHMYRTNWGIGH
SMKEILEAHKGPFTGEGHKGLYEILTTSWHAQLAINLAMLGSVSIIVAHHMYAMPPYPYIATDYPTQLSIFTHHMWIGGF
CVCGGAAHAGIFMVRDYNPAQNYNNLLDRVIRHRDAIISHLNWICIFLGFHSFGLYIHNDTMRALGRTQDMFSDTAIQLK
PVFAQWVQSIHTLAPGNTTPNALATASYAFGGDVVAVGNKVAMMPISLGTADFMVHHIHAFTIHVTVLILLKGVLFSRNS
RLIPDKANLGFRFPCDGPGRGGTCQSSAWDSVFLGLFWMYNCISVVIFHFSWKMQSDVWGTVQSDGTVTHITGGNFAQSA
ITINGWLRDFLWAQASQVIQSYGSALSAYGLIFLGAHFIWAFSLMFLFSGRGYWQELIESIVWAHNKLNVAPAIQPRALS
ITQGRAVGLAHYLLGGIGTTWAFFLARIISVG
;
A
2 'polypeptide(L)'
;MATKFPKFSQALAQDPATRRIWYGLATAHDLESHDGMTEENLYQKIFASHFGHLAVIFLWTSGNLFHVAWQGNFEQWVLN
PLKVKPIAHAIWDPHFGQPAVKAFTKGGVSYPVNIATSGVYHWWYTIGMRSNTDLYAGSLFLLFLAGVFLFAGWLHLQPK
FRPGLSWFKNNESRLNHHLSGLFGFSSLAWSAHLIHVAIPEARGQHVCWDNFTKVAPHPAGLQPFFTGNWGAYAASPDTT
NHIFGTSEGAGTAILTFLGGFHPQTQALWLTDIAHHHLAIGVVFIFAGHMYRTNWGIGHSLKEILDAHRPPGGRLGAGHK
GIFETLTNSLHFQLGLALASLGVITSLVAQHMYALPSYAFIAKDYVTQSALYTHHQYIAGFLMVGAFAHGAIFFVRDYDP
EQNKNNVLARILDHKEAIISHLSWVSLFLGFHTLGIYVHNDVVVAFGTPEKQILVEPVFAQWIQASSGKALYGFDVLLSS
TNSVAANASSNIWLPGWLEAINSGKNSLFLPIGPGDFLIHHAIALALHTTTLILVKGALDARGSKLMPDKKDFGYAFPCD
GPGRGGTCDISAWDAFYLSMFWMLNTIGWVTFYWHWKHITIWQGNAGQFNESSTYIMGWLRDYLWLNSSPLINGYNPFGM
NSLSVWSWMFLFGHLIWATGFMFLISWRGYWQELIETLVWAHERTPLANLVRWKDKPVALSIVQARLVGLIHFTAGYIFT
YAAFVIASTTGKFG
;
B
3 'polypeptide(L)'
;MSHSVKVYDTCIGCTQCVRACPCDVLEMVSWDGCKAGQIASAPRTEDCIGCKRCETACPTDFLSVRVYLGGETTRSMGLA
Y
;
C
4 'polypeptide(L)'
;MAETLNLQIPSPTFEGSTGGWLRAAEVEEKYAITWTSPKEQVFEMPTGGAAIMRQGENLLYLARKEQCLALATQVKNSFK
ITDYKVYRIFPSGEVQYLHPKDGVFPEKVNAGRVGVGNVSHSIGKNLNPAQIKFTSKSFNG
;
D
5 'polypeptide(L)' MVKRGSKVRILRKESYWYQDIGTVATIDTSGIRYPVVVRFEKVSYSGVNTNNFSLDEVVEVVAK E
6 'polypeptide(L)'
;MEIFFVKNWVSMLLVCSFLAFPSLAKADVAGLTPCGESKEFARRLDGSVKKLQTRLSKYEAGTPPALALQKQIDKTKNRF
DRYGKAGLLCGTDGLPHLITDGRWTHSGEFVIPGLLFLYVAGWIGWVGRSYVLFARTADKPTEKEIIIDVPVALSFVSTG
FIWPFSAFKEFTSGNLIVPADEITVSPR
;
F
7 'polypeptide(L)' MTAAYLPSILVPIIGLIFPGLVMAFAFIYIEQDEVA I
8 'polypeptide(L)' MDSNFLKYLSTAPVLFTVWLSFTASFIIEANRFFPDMLYFPM J
9 'polypeptide(L)'
;MSQFIKPYNDDPFVGNLATPVSTSSFTKSLLSNLPAYRAGLSPLLRGVEIGLTHGYFLVGPFYKLGPLRNSDVALLSGFF
SALGLIVILVACLTIYGVVSFEETEAKDQLQTAKGWRQFTSGWLVGSVGGASFAYILISNIPFLQTAGMSMLK
;
L
10 'polypeptide(L)' MISDTQIFIALILALVSLVLAIRLGRALYQ M
11 'polypeptide(L)'
;MNADLLIALVPQTVAWSAKTGAVMVLSNILCIVAGRYVIQVKGTGPSLPISGSFAGFGLPELLASTSLGHIVGSGAILGL
SYVGVLS
;
K
12 'polypeptide(L)'
;RTSVLILAGVAVAQAFSPAVVSTGGLTSLRMAQGPPPSTGKPLPKAKIEALEVNKKQWGIEGGAAAPAAAAPPAPKKAAA
KKAAAPAGDTTGFSGVPSQFARPESGVYPAEPTEQTFLGMRGPRAPGHRENFGGKHTATMLAIAALLWQPVSEAGMYRMG
ADGALTKSSFSNMEVPGFGNMKKAPTIESLFPFAKNGFDASPALFGKGSMIVVEDPRDGCGAYANSGACHTFLDEIGDAL
KKTPESLPRSEAKATYSFPWMYEHAAWKK
;
s
13 'polypeptide(L)'
;LRTALIAACVASASAFVPASGFAPMAMKSRTSAVSSMRMQEGDFSAAVPFLKRPSNLDGAYIGDVGFDPLGFSDVFDLRV
LREAELKHGRFAMLAVLGFIVQELYTFPFFPKMAPVDAHDYFVKQGGGSQIIFWISFVELFGVVALFETLQGKREPGDFA
FDPLGLAKDEATLERYRLAEVKHARLAMIAIGGFIHQYWVTKQTVLEQLGNFKSLA
;
c
14 'polypeptide(L)'
;RTPVLVLAGAAAVSAFAPAANLAGLRTSSTRAAIARGPQMQEMSEAIPFMPKPANIDSSMPGYAGFDPLGFTDYYSAKWM
QEAEIKHGRVCMLAALGMVFPEFAKFPQFASFSTNPLEAFYQVSPAGWGQIFLFIGVLETFSYEKSFYNFEGGAPGALGF
DPLRMSSNPASAKQYAAAEVRNGRLAMIGFSGMLHHAIVSKQGPITQIVEQNFYPK
;
a
15 'polypeptide(L)'
;SYAFTASPALIRAGAATRATSGISGMKMQAKSKAVPFLSQPEALDGSMAGDVGFDPFGISSVIDIKWLRESELKHGRICM
LAATGCLVQEVVHLPGPAFSQKMALNAWAAAPRGGMISILVAIGLIEMISNRFALTATDMFANPNRVPGDLGFDPLSLGA
NPANRARFELSEVIHGRAAMMGFSGMVHQMIVSKQAPIEQLMHFKAVDSSLMKLGGAAGNLGY
;
b
16 'polypeptide(L)'
;STVALALVAGATAFAPAAMGPGLSLRAQGAAQRAPARAGLSALSMAQNPMSKAVADFAESSPEFGGRGLGVTVNAERWNG
RHAMFGIFAMVMTSYMKGHGLIPDADKVLDIAQWGPLAAVWDGAGNGISNERAIILIAHVHVLVVSVIAAIAPFGFQDTL
VKEKGYTPESPAGLIPPFKTGLTAEAELINGRLAMLGVISIVTASLFTGTSVVDTINLGMGKILY
;
h
17 'polypeptide(L)'
;VAAVACVASAAAFAPSAPMGVKATTRAVSSIGPRMQAMSESVPFLKKPEALDSSMAGYAGFDPLGLSSIADIKFLQESEI
KHCRIAMLAAAGSIAQDIFTFPGVSKVVGTAKMTGVHDVLVKQGAMGQILLWTSFLEVFGTIALLETLDGKRAPGDFKFD
PLGFSKNAETAKRYQLSEIKNGRLAMLATGGMVHGYFITGKGPLELLTNFGK
;
m,j
18 'polypeptide(L)'
;PSEDIQSRAGVMDKHADIETEKSCIPGRIPRSRRCTLISIPRRVSDGCTLCSAAAIARGPTMQDNAMPFLERPPKLDGSL
AGDVGFDPVGFSNYFDLRWLRESELKHGRVCMLGVTGLLVQEAVCLPQFSNGKTPVDDFFVVPAAGLWQVFFAIGAVEFF
SHGFKLTPGDMFSEGREAGDFGFDPLGCGKNPDALARRRLVEVKNGRLAMIAFGGLLHQQLLTGQGTFEQLANFKAIA
;
l
19 'polypeptide(L)'
;TTLLVGAVGAASAFAPAALPSMARTTSRSGVSMQLYKDGVLQGKGMRAVPFAPAPDCLPENIPGYMGFDPLGLSTLCNVE
WLREAEIKHCRVAMLAAAGSIAQDLYQFPGVEKIVGSAKMTGVHDKILAAASTGDYKAQAMSQILFWTSFLEIVTLPAVF
ETMNGGPRKPGVFFFDPLGLGKGDKMGEMELKEIKNGRLAMIGVGGMVHHYLLTGKGPIQFLSGIPNYKSCIEPHIGALC
Q
;
k
20 'polypeptide(L)'
;ATLVAACVATASAFSASPVLLKAGTRSATSGLSGMKMQDMSASVPFLPRPAALDGSMVGDVGFDPLGFTTKYDIKWLRES
ELKHGRVCMLASLGCIVQEIVHLPFEATSNPVASEAFFQVPAGGLWQIFAGIGIVEHFSNNFKMSGSTMFSEGRAPGNLG
FDPLNFGKNPSARARYELAEIKNGRLAMLGFGGMIHGCFITGKGPIGALTSMDWHQSF
;
i
21 'polypeptide(L)'
;RLSLCAAIVASASAFAPSGVLPTAPRRAGAVSAMKMQLPTAIPPLGRPETDMFDGSVPGDAGFDPLTISAWLDSRWLREA
EIKHCRVAMLAAAGCIAQDIFQFPGAATVYKASTKMTALHDAAVKAGSMGQMLFWIGFVEAISTAATIQMLQGSGRAPGD
FGFDPLGLGKGPGRARMELSEIKNGRLAMIGFSGMVHHYFITGKGPIELLTSR
;
d
22 'polypeptide(L)'
;LRCTVLLLAVASASAFVSGPATLALRSNTRAAISRGPQMFSPVPSPEGTKETYWETKAPSSDVLGIGAGVSSGNFAAASV
FAALVGGYCTGQVIPLTVEPNPLFLAGSFLLPYSWALHVAAWIQKNNGK
;
R
23 'polypeptide(L)'
;RSVAACACLASAAAFAPSAVLPRAAPRAAASNAPTMQLWNEGKIQGKGVSVIPLFPRPASLDGTFPGDQGFDPFGFSSWV
NMKFVAEAEIKHCRLAMLAFAGIMVESAGISFPGATSVLGSSKNIFEIHDKAVASGAMGQILLWVSFFEVVAGVPAMNEM
LNGESSRIPGYYAFDPLGQGKGDKMGRMQLSEIQNGRLAMLAVSGIVHHTLITGKGPLG
;
n
24 'polypeptide(L)'
;RTAAYVALAAASAEAFSTPALSGLKMAEPAQISRKDVLTTAAGAAIIAMPTLAGAASLDPKTGFPIQGGSREKLCGGSAS
AGCQPMTQAASILDKQRTVLAGKITVAANKVPVLTAAVDKMKTAKKPKLDRDYVLRYSALYLTTLVDAMEQYCLRDANGA
KAAGGAGLPKFKETLKPASSSSLYSYVDTVKSGIAAVSAAAKAGDFDGVNKAAGDIKTAADSFLSTANPPIIFN
;
Q
#
loop_
_chem_comp.id
_chem_comp.type
_chem_comp.name
_chem_comp.formula
CLA non-polymer 'CHLOROPHYLL A' 'C55 H72 Mg N4 O5'
DGD saccharide 'DIGALACTOSYL DIACYL GLYCEROL (DGDG)' 'C51 H96 O15'
IHT non-polymer (1~{R})-3,5,5-trimethyl-4-[(3~{E},5~{E},7~{E},9~{E},11~{E},13~{E},15~{E},17~{E})-3,7,12,16-tetramethyl-18-(2,6,6-trimethylcyclohexen-1-yl)octadeca-3,5,7,9,11,13,15,17-octaen-1-ynyl]cyclohex-3-en-1-ol 'C40 H54 O'
II0 non-polymer (1~{R})-3,5,5-trimethyl-4-[(3~{E},5~{E},7~{E},9~{E},11~{E},13~{E},15~{E})-3,7,12,16-tetramethyl-18-[(4~{R})-2,6,6-trimethyl-4-oxidanyl-cyclohexen-1-yl]octadeca-3,5,7,9,11,13,15-heptaen-1,17-diynyl]cyclohex-3-en-1-ol 'C40 H52 O2'
KC2 non-polymer 'Chlorophyll c2' 'C35 H28 Mg N4 O5'
LHG non-polymer 1,2-DIPALMITOYL-PHOSPHATIDYL-GLYCEROLE 'C38 H75 O10 P'
LMG non-polymer 1,2-DISTEAROYL-MONOGALACTOSYL-DIGLYCERIDE 'C45 H86 O10'
LMT D-saccharide DODECYL-BETA-D-MALTOSIDE 'C24 H46 O11'
LMU D-saccharide DODECYL-ALPHA-D-MALTOSIDE 'C24 H46 O11'
PQN non-polymer PHYLLOQUINONE 'C31 H46 O2'
SF4 non-polymer 'IRON/SULFUR CLUSTER' 'Fe4 S4'
WVN non-polymer 1,3,3-trimethyl-2-[(1E,3E,5E,7E,9E,11E,13E,15E,17E)-3,7,12,16-tetramethyl-18-[(1R)-2,6,6-trimethylcyclohex-2-en-1-yl]octadeca-1,3,5,7,9,11,13,15,17-nonaenyl]cyclohexene 'C40 H56'
#
# COMPACT_ATOMS: atom_id res chain seq x y z
N LYS A 11 6.29 -52.81 46.74
CA LYS A 11 5.90 -51.41 46.62
C LYS A 11 6.86 -50.64 45.71
N LYS A 12 7.14 -51.20 44.53
CA LYS A 12 7.98 -50.50 43.56
C LYS A 12 7.29 -49.35 42.85
N VAL A 13 5.97 -49.19 42.99
CA VAL A 13 5.30 -47.96 42.60
C VAL A 13 5.24 -47.06 43.81
N SER A 14 6.01 -45.98 43.79
CA SER A 14 6.14 -45.09 44.94
C SER A 14 6.18 -43.66 44.45
N ILE A 15 5.86 -42.75 45.36
CA ILE A 15 5.94 -41.32 45.10
C ILE A 15 7.32 -40.86 45.50
N THR A 16 8.04 -40.26 44.55
CA THR A 16 9.36 -39.72 44.81
C THR A 16 9.44 -38.34 44.20
N VAL A 17 9.86 -37.37 45.00
CA VAL A 17 9.86 -35.96 44.64
C VAL A 17 11.19 -35.36 45.10
N ASP A 18 11.73 -34.48 44.27
CA ASP A 18 12.78 -33.58 44.71
C ASP A 18 12.13 -32.34 45.29
N ARG A 19 12.57 -31.95 46.48
CA ARG A 19 11.99 -30.81 47.18
C ARG A 19 12.80 -29.57 46.90
N ASP A 20 12.07 -28.48 46.65
CA ASP A 20 12.61 -27.20 46.22
C ASP A 20 13.62 -27.28 45.06
N PRO A 21 13.23 -27.87 43.88
CA PRO A 21 14.19 -28.01 42.78
C PRO A 21 14.63 -26.68 42.18
N VAL A 22 13.65 -25.89 41.78
CA VAL A 22 13.89 -24.66 41.05
C VAL A 22 13.43 -23.51 41.93
N ALA A 23 14.26 -22.47 42.00
CA ALA A 23 13.96 -21.32 42.83
C ALA A 23 12.97 -20.40 42.12
N THR A 24 11.95 -19.97 42.83
CA THR A 24 10.96 -19.05 42.27
C THR A 24 11.56 -17.66 42.23
N SER A 25 12.18 -17.33 41.10
CA SER A 25 12.85 -16.05 40.92
C SER A 25 12.41 -15.43 39.61
N PHE A 26 12.34 -14.09 39.60
CA PHE A 26 12.04 -13.33 38.40
C PHE A 26 13.25 -13.08 37.52
N GLU A 27 14.42 -13.64 37.88
CA GLU A 27 15.67 -13.35 37.18
C GLU A 27 15.65 -13.87 35.76
N LYS A 28 15.14 -15.08 35.55
CA LYS A 28 15.06 -15.64 34.20
C LYS A 28 13.94 -15.05 33.37
N TRP A 29 12.94 -14.44 34.00
CA TRP A 29 11.92 -13.68 33.27
C TRP A 29 12.56 -12.51 32.55
N ALA A 30 13.51 -11.87 33.19
CA ALA A 30 14.20 -10.68 32.73
C ALA A 30 15.29 -10.99 31.71
N GLN A 31 15.52 -12.26 31.39
CA GLN A 31 16.55 -12.66 30.43
C GLN A 31 15.89 -13.58 29.40
N PRO A 32 15.20 -12.98 28.41
CA PRO A 32 14.50 -13.77 27.38
C PRO A 32 15.47 -14.65 26.60
N GLY A 33 15.10 -15.91 26.43
CA GLY A 33 15.96 -16.87 25.79
C GLY A 33 16.81 -17.69 26.72
N HIS A 34 16.55 -17.62 28.03
CA HIS A 34 17.37 -18.28 29.05
C HIS A 34 17.40 -19.80 28.92
N PHE A 35 16.41 -20.39 28.28
CA PHE A 35 16.19 -21.82 28.31
C PHE A 35 17.05 -22.59 27.33
N SER A 36 17.74 -21.92 26.41
CA SER A 36 18.61 -22.59 25.46
C SER A 36 19.94 -21.86 25.36
N ARG A 37 20.99 -22.63 25.06
CA ARG A 37 22.33 -22.05 24.97
C ARG A 37 22.50 -21.12 23.78
N THR A 38 21.78 -21.40 22.68
CA THR A 38 21.85 -20.54 21.51
C THR A 38 21.20 -19.18 21.78
N LEU A 39 20.00 -19.19 22.34
CA LEU A 39 19.25 -17.96 22.50
C LEU A 39 19.68 -17.13 23.71
N ALA A 40 20.41 -17.70 24.66
CA ALA A 40 20.70 -16.97 25.89
C ALA A 40 21.80 -15.95 25.73
N LYS A 41 22.54 -15.97 24.63
CA LYS A 41 23.57 -14.97 24.41
C LYS A 41 23.04 -13.71 23.75
N GLY A 42 21.73 -13.65 23.49
CA GLY A 42 21.10 -12.43 23.07
C GLY A 42 20.93 -12.37 21.57
N PRO A 43 20.07 -11.47 21.11
CA PRO A 43 19.83 -11.36 19.67
C PRO A 43 20.93 -10.58 18.98
N LYS A 44 21.22 -10.98 17.76
CA LYS A 44 22.03 -10.18 16.85
C LYS A 44 21.28 -9.88 15.58
N THR A 45 20.32 -10.73 15.22
CA THR A 45 19.37 -10.54 14.13
C THR A 45 17.97 -10.75 14.66
N THR A 46 16.98 -10.31 13.90
CA THR A 46 15.58 -10.47 14.30
C THR A 46 15.10 -11.92 14.26
N THR A 47 15.85 -12.82 13.61
CA THR A 47 15.54 -14.25 13.60
C THR A 47 15.51 -14.84 15.00
N TRP A 48 16.37 -14.30 15.88
CA TRP A 48 16.41 -14.69 17.30
C TRP A 48 15.06 -14.54 17.95
N ILE A 49 14.38 -13.43 17.63
CA ILE A 49 13.07 -13.12 18.19
C ILE A 49 12.08 -14.21 17.84
N TRP A 50 12.09 -14.62 16.57
CA TRP A 50 11.20 -15.68 16.12
C TRP A 50 11.64 -17.02 16.68
N ASN A 51 12.96 -17.25 16.72
CA ASN A 51 13.52 -18.47 17.28
C ASN A 51 13.22 -18.59 18.76
N LEU A 52 12.94 -17.48 19.43
CA LEU A 52 12.57 -17.54 20.87
C LEU A 52 11.23 -18.26 21.00
N HIS A 53 10.17 -17.73 20.38
CA HIS A 53 8.81 -18.31 20.46
C HIS A 53 8.73 -19.70 19.82
N ALA A 54 9.44 -19.92 18.71
CA ALA A 54 9.33 -21.20 17.97
C ALA A 54 9.76 -22.39 18.83
N ASP A 55 10.83 -22.25 19.62
CA ASP A 55 11.37 -23.43 20.35
C ASP A 55 11.06 -23.40 21.85
N VAL A 56 10.23 -22.47 22.32
CA VAL A 56 10.03 -22.35 23.79
C VAL A 56 9.49 -23.64 24.41
N HIS A 57 8.44 -24.24 23.83
CA HIS A 57 7.82 -25.42 24.50
C HIS A 57 8.53 -26.68 24.04
N ASP A 58 9.52 -26.54 23.17
CA ASP A 58 10.32 -27.70 22.79
C ASP A 58 11.31 -27.98 23.91
N PHE A 59 10.81 -28.63 24.97
CA PHE A 59 11.60 -28.86 26.18
C PHE A 59 12.76 -29.82 25.92
N ASP A 60 12.53 -30.89 25.16
CA ASP A 60 13.58 -31.84 24.86
C ASP A 60 14.63 -31.33 23.87
N SER A 61 14.51 -30.10 23.40
CA SER A 61 15.57 -29.42 22.66
C SER A 61 16.45 -28.58 23.57
N HIS A 62 16.03 -28.32 24.80
CA HIS A 62 16.79 -27.52 25.76
C HIS A 62 17.60 -28.36 26.72
N THR A 63 17.03 -29.43 27.22
CA THR A 63 17.62 -30.22 28.29
C THR A 63 17.86 -31.63 27.77
N ASN A 64 18.89 -32.27 28.31
CA ASN A 64 19.15 -33.66 27.98
C ASN A 64 18.30 -34.62 28.81
N SER A 65 18.02 -34.25 30.05
CA SER A 65 17.44 -35.18 31.02
C SER A 65 15.93 -35.29 30.82
N LEU A 66 15.43 -36.52 30.80
CA LEU A 66 14.00 -36.80 30.73
C LEU A 66 13.24 -36.37 31.97
N GLU A 67 13.93 -36.28 33.12
CA GLU A 67 13.29 -35.88 34.37
C GLU A 67 12.87 -34.42 34.33
N ASP A 68 13.78 -33.52 33.92
CA ASP A 68 13.44 -32.10 33.82
C ASP A 68 12.42 -31.83 32.72
N ILE A 69 12.45 -32.62 31.63
CA ILE A 69 11.47 -32.50 30.56
C ILE A 69 10.09 -32.86 31.09
N SER A 70 9.99 -33.99 31.80
CA SER A 70 8.72 -34.47 32.35
C SER A 70 8.16 -33.50 33.39
N ARG A 71 9.04 -32.91 34.20
CA ARG A 71 8.61 -31.92 35.19
C ARG A 71 8.04 -30.67 34.53
N LYS A 72 8.70 -30.20 33.46
CA LYS A 72 8.22 -29.05 32.71
C LYS A 72 6.87 -29.33 32.07
N ILE A 73 6.68 -30.55 31.57
CA ILE A 73 5.42 -30.94 30.93
C ILE A 73 4.28 -31.01 31.94
N PHE A 74 4.53 -31.60 33.12
CA PHE A 74 3.52 -31.72 34.17
C PHE A 74 3.04 -30.35 34.65
N SER A 75 3.98 -29.43 34.87
CA SER A 75 3.58 -28.10 35.32
C SER A 75 2.94 -27.28 34.20
N ALA A 76 3.35 -27.50 32.94
CA ALA A 76 2.69 -26.83 31.83
C ALA A 76 1.28 -27.36 31.61
N HIS A 77 1.03 -28.62 31.99
CA HIS A 77 -0.33 -29.15 31.91
C HIS A 77 -1.21 -28.56 32.98
N PHE A 78 -0.65 -28.26 34.15
CA PHE A 78 -1.41 -27.53 35.16
C PHE A 78 -1.70 -26.10 34.72
N GLY A 79 -0.75 -25.46 34.06
CA GLY A 79 -1.01 -24.12 33.52
C GLY A 79 -2.09 -24.12 32.46
N GLN A 80 -2.12 -25.14 31.62
CA GLN A 80 -3.19 -25.27 30.63
C GLN A 80 -4.54 -25.51 31.29
N LEU A 81 -4.58 -26.39 32.30
CA LEU A 81 -5.80 -26.63 33.07
C LEU A 81 -6.28 -25.37 33.78
N SER A 82 -5.35 -24.56 34.29
CA SER A 82 -5.69 -23.27 34.88
C SER A 82 -6.34 -22.35 33.87
N ILE A 83 -5.84 -22.36 32.63
CA ILE A 83 -6.40 -21.53 31.57
C ILE A 83 -7.79 -22.02 31.17
N ILE A 84 -7.97 -23.35 31.11
CA ILE A 84 -9.28 -23.93 30.78
C ILE A 84 -10.30 -23.63 31.87
N PHE A 85 -9.89 -23.73 33.14
CA PHE A 85 -10.79 -23.41 34.25
C PHE A 85 -11.13 -21.92 34.31
N LEU A 86 -10.16 -21.05 34.03
CA LEU A 86 -10.45 -19.61 33.91
C LEU A 86 -11.41 -19.33 32.78
N TRP A 87 -11.24 -20.02 31.65
CA TRP A 87 -12.12 -19.90 30.50
C TRP A 87 -13.53 -20.36 30.83
N LEU A 88 -13.66 -21.51 31.50
CA LEU A 88 -14.96 -22.02 31.92
C LEU A 88 -15.63 -21.11 32.93
N SER A 89 -14.87 -20.59 33.89
CA SER A 89 -15.36 -19.64 34.88
C SER A 89 -15.88 -18.38 34.20
N GLY A 90 -15.21 -17.96 33.14
CA GLY A 90 -15.72 -16.84 32.37
C GLY A 90 -16.98 -17.15 31.60
N MET A 91 -17.14 -18.38 31.12
CA MET A 91 -18.38 -18.71 30.42
C MET A 91 -19.55 -18.75 31.40
N TYR A 92 -19.30 -19.22 32.61
CA TYR A 92 -20.33 -19.23 33.62
C TYR A 92 -20.64 -17.83 34.11
N PHE A 93 -19.62 -16.97 34.25
CA PHE A 93 -19.87 -15.59 34.67
C PHE A 93 -20.62 -14.80 33.60
N HIS A 94 -20.26 -14.99 32.33
CA HIS A 94 -20.99 -14.31 31.26
C HIS A 94 -22.41 -14.85 31.12
N GLY A 95 -22.62 -16.13 31.42
CA GLY A 95 -23.97 -16.64 31.52
C GLY A 95 -24.74 -16.07 32.69
N ALA A 96 -24.07 -15.84 33.82
CA ALA A 96 -24.74 -15.30 35.00
C ALA A 96 -25.06 -13.83 34.83
N ARG A 97 -24.14 -13.06 34.28
CA ARG A 97 -24.22 -11.61 34.32
C ARG A 97 -24.62 -10.98 33.00
N PHE A 98 -24.13 -11.45 31.87
CA PHE A 98 -24.37 -10.81 30.59
C PHE A 98 -25.20 -11.68 29.66
N SER A 99 -26.17 -12.40 30.20
CA SER A 99 -26.93 -13.31 29.37
C SER A 99 -28.41 -13.20 29.61
N ASN A 100 -29.17 -13.75 28.66
CA ASN A 100 -30.61 -13.91 28.75
C ASN A 100 -30.99 -15.34 29.13
N TYR A 101 -30.16 -16.00 29.92
CA TYR A 101 -30.34 -17.41 30.29
C TYR A 101 -31.67 -17.64 31.00
N SER A 102 -32.00 -16.79 31.96
CA SER A 102 -33.26 -16.90 32.69
C SER A 102 -34.46 -16.68 31.77
N ALA A 103 -34.35 -15.72 30.84
CA ALA A 103 -35.37 -15.54 29.82
C ALA A 103 -35.41 -16.71 28.86
N TRP A 104 -34.26 -17.30 28.54
CA TRP A 104 -34.22 -18.46 27.65
C TRP A 104 -34.80 -19.70 28.29
N LEU A 105 -34.68 -19.84 29.62
CA LEU A 105 -35.24 -20.98 30.33
C LEU A 105 -36.76 -21.03 30.24
N SER A 106 -37.40 -19.87 30.29
CA SER A 106 -38.85 -19.80 30.21
C SER A 106 -39.35 -20.13 28.81
N ASN A 107 -38.68 -19.62 27.78
CA ASN A 107 -39.09 -19.81 26.40
C ASN A 107 -37.89 -20.24 25.57
N PRO A 108 -37.48 -21.53 25.67
CA PRO A 108 -36.30 -22.00 24.92
C PRO A 108 -36.45 -22.01 23.41
N THR A 109 -37.66 -22.08 22.88
CA THR A 109 -37.84 -22.20 21.45
C THR A 109 -37.92 -20.85 20.73
N ALA A 110 -38.17 -19.76 21.45
CA ALA A 110 -38.24 -18.44 20.85
C ALA A 110 -37.06 -17.55 21.18
N VAL A 111 -36.56 -17.59 22.41
CA VAL A 111 -35.43 -16.76 22.80
C VAL A 111 -34.16 -17.37 22.23
N LYS A 112 -33.29 -16.52 21.67
CA LYS A 112 -32.02 -16.96 21.15
C LYS A 112 -30.94 -16.77 22.19
N PRO A 113 -30.13 -17.80 22.44
CA PRO A 113 -29.06 -17.71 23.44
C PRO A 113 -28.07 -16.60 23.13
N SER A 114 -27.71 -15.85 24.16
CA SER A 114 -26.79 -14.73 24.03
C SER A 114 -26.13 -14.54 25.37
N ALA A 115 -24.81 -14.56 25.41
CA ALA A 115 -24.06 -14.37 26.64
C ALA A 115 -22.95 -13.36 26.46
N GLN A 116 -23.05 -12.49 25.45
CA GLN A 116 -22.03 -11.50 25.18
C GLN A 116 -22.69 -10.20 24.78
N VAL A 117 -22.35 -9.12 25.49
CA VAL A 117 -22.90 -7.80 25.25
C VAL A 117 -21.71 -6.90 24.89
N VAL A 118 -21.87 -6.07 23.88
CA VAL A 118 -20.79 -5.18 23.48
C VAL A 118 -21.01 -3.80 24.08
N TRP A 119 -19.93 -3.08 24.27
CA TRP A 119 -19.97 -1.70 24.72
C TRP A 119 -20.30 -0.79 23.55
N PRO A 120 -21.03 0.30 23.78
CA PRO A 120 -21.25 1.27 22.70
C PRO A 120 -20.05 2.19 22.52
N ILE A 121 -19.28 1.96 21.45
CA ILE A 121 -18.13 2.83 21.27
C ILE A 121 -18.10 3.53 19.92
N VAL A 122 -18.04 2.78 18.83
CA VAL A 122 -17.82 3.37 17.52
C VAL A 122 -18.98 2.99 16.60
N GLY A 123 -20.16 2.87 17.18
CA GLY A 123 -21.30 2.34 16.47
C GLY A 123 -21.41 0.84 16.52
N GLN A 124 -20.51 0.17 17.25
CA GLN A 124 -20.48 -1.28 17.30
C GLN A 124 -21.60 -1.87 18.12
N GLU A 125 -22.38 -1.04 18.82
CA GLU A 125 -23.51 -1.49 19.61
C GLU A 125 -24.68 -2.01 18.78
N VAL A 126 -24.62 -1.89 17.45
CA VAL A 126 -25.50 -2.62 16.54
C VAL A 126 -25.35 -4.13 16.69
N LEU A 127 -24.21 -4.61 17.21
CA LEU A 127 -24.00 -6.03 17.43
C LEU A 127 -24.85 -6.56 18.57
N ASN A 128 -25.32 -5.69 19.47
CA ASN A 128 -26.30 -6.09 20.48
C ASN A 128 -27.66 -6.19 19.81
N GLY A 129 -27.86 -7.26 19.08
CA GLY A 129 -29.12 -7.49 18.41
C GLY A 129 -30.18 -8.00 19.34
N ASP A 130 -31.41 -7.99 18.82
CA ASP A 130 -32.56 -8.39 19.61
C ASP A 130 -32.65 -9.90 19.59
N VAL A 131 -31.97 -10.53 20.55
CA VAL A 131 -31.99 -11.98 20.68
C VAL A 131 -33.21 -12.50 21.42
N GLY A 132 -33.96 -11.63 22.09
CA GLY A 132 -35.19 -12.04 22.72
C GLY A 132 -35.09 -12.07 24.24
N GLY A 133 -36.24 -12.06 24.88
CA GLY A 133 -36.32 -12.01 26.32
C GLY A 133 -36.05 -10.66 26.93
N GLY A 134 -36.38 -9.58 26.24
CA GLY A 134 -36.07 -8.24 26.70
C GLY A 134 -34.59 -8.01 26.83
N PHE A 135 -33.81 -8.46 25.85
CA PHE A 135 -32.38 -8.51 25.97
C PHE A 135 -31.75 -8.14 24.63
N GLN A 136 -30.58 -7.51 24.70
CA GLN A 136 -29.77 -7.22 23.52
C GLN A 136 -28.36 -7.69 23.78
N GLY A 137 -27.83 -8.48 22.86
CA GLY A 137 -26.49 -8.99 23.00
C GLY A 137 -26.10 -9.78 21.77
N VAL A 138 -24.88 -10.28 21.79
CA VAL A 138 -24.37 -11.09 20.69
C VAL A 138 -24.88 -12.50 20.89
N GLN A 139 -25.52 -13.06 19.86
CA GLN A 139 -26.03 -14.42 19.94
C GLN A 139 -24.88 -15.42 20.00
N VAL A 140 -24.93 -16.31 20.98
CA VAL A 140 -23.86 -17.26 21.24
C VAL A 140 -24.32 -18.63 20.81
N THR A 141 -23.39 -19.41 20.27
CA THR A 141 -23.69 -20.67 19.62
C THR A 141 -22.88 -21.83 20.21
N SER A 142 -22.33 -21.66 21.41
CA SER A 142 -21.49 -22.70 22.01
C SER A 142 -22.30 -23.77 22.71
N GLY A 143 -23.61 -23.59 22.83
CA GLY A 143 -24.44 -24.58 23.47
C GLY A 143 -24.36 -24.63 24.96
N PHE A 144 -23.90 -23.56 25.59
CA PHE A 144 -23.79 -23.54 27.04
C PHE A 144 -25.14 -23.49 27.72
N PHE A 145 -26.09 -22.75 27.15
CA PHE A 145 -27.44 -22.65 27.70
C PHE A 145 -28.10 -24.01 27.77
N GLN A 146 -27.91 -24.82 26.73
CA GLN A 146 -28.44 -26.17 26.71
C GLN A 146 -27.72 -27.10 27.68
N ILE A 147 -26.41 -26.89 27.88
CA ILE A 147 -25.66 -27.61 28.91
C ILE A 147 -26.20 -27.28 30.30
N TRP A 148 -26.39 -25.99 30.57
CA TRP A 148 -26.83 -25.54 31.89
C TRP A 148 -28.24 -26.00 32.19
N ARG A 149 -29.12 -26.00 31.18
CA ARG A 149 -30.46 -26.55 31.37
C ARG A 149 -30.40 -28.06 31.59
N SER A 150 -29.48 -28.74 30.89
CA SER A 150 -29.26 -30.16 31.13
C SER A 150 -28.70 -30.44 32.53
N SER A 151 -27.89 -29.53 33.06
CA SER A 151 -27.37 -29.67 34.41
C SER A 151 -28.43 -29.35 35.45
N GLY A 152 -29.46 -28.61 35.06
CA GLY A 152 -30.49 -28.24 36.00
C GLY A 152 -30.21 -26.96 36.77
N ILE A 153 -29.48 -26.02 36.16
CA ILE A 153 -29.04 -24.82 36.86
C ILE A 153 -30.23 -23.94 37.26
N THR A 154 -31.10 -23.62 36.29
CA THR A 154 -32.37 -22.88 36.48
C THR A 154 -32.29 -21.58 37.30
N SER A 155 -31.13 -20.91 37.32
CA SER A 155 -30.90 -19.72 38.13
C SER A 155 -29.56 -19.09 37.75
N GLU A 156 -29.49 -17.77 37.77
CA GLU A 156 -28.22 -17.10 37.50
C GLU A 156 -27.31 -17.08 38.72
N VAL A 157 -27.88 -17.20 39.92
CA VAL A 157 -27.11 -17.31 41.16
C VAL A 157 -26.23 -18.56 41.13
N GLU A 158 -26.79 -19.68 40.70
CA GLU A 158 -26.03 -20.91 40.60
C GLU A 158 -24.96 -20.81 39.50
N LEU A 159 -25.19 -19.99 38.48
CA LEU A 159 -24.15 -19.75 37.48
C LEU A 159 -23.02 -18.91 38.06
N TYR A 160 -23.33 -18.03 39.01
CA TYR A 160 -22.27 -17.30 39.72
C TYR A 160 -21.47 -18.23 40.60
N TRP A 161 -22.13 -19.22 41.19
CA TRP A 161 -21.41 -20.17 42.03
C TRP A 161 -20.55 -21.11 41.19
N CYS A 162 -20.98 -21.40 39.97
CA CYS A 162 -20.16 -22.21 39.07
C CYS A 162 -18.98 -21.41 38.55
N ALA A 163 -19.17 -20.11 38.34
CA ALA A 163 -18.07 -19.23 37.93
C ALA A 163 -17.03 -19.12 39.04
N LEU A 164 -17.48 -19.05 40.30
CA LEU A 164 -16.54 -19.04 41.41
C LEU A 164 -15.84 -20.40 41.55
N ALA A 165 -16.55 -21.50 41.31
CA ALA A 165 -15.92 -22.82 41.36
C ALA A 165 -14.87 -22.99 40.27
N GLY A 166 -15.13 -22.46 39.08
CA GLY A 166 -14.12 -22.44 38.04
C GLY A 166 -12.93 -21.55 38.38
N LEU A 167 -13.20 -20.41 39.02
CA LEU A 167 -12.13 -19.50 39.44
C LEU A 167 -11.25 -20.13 40.52
N ILE A 168 -11.85 -20.84 41.47
CA ILE A 168 -11.10 -21.55 42.52
C ILE A 168 -10.27 -22.67 41.91
N MET A 169 -10.85 -23.43 40.98
CA MET A 169 -10.08 -24.46 40.28
C MET A 169 -8.94 -23.87 39.45
N SER A 170 -9.15 -22.73 38.81
CA SER A 170 -8.10 -22.06 38.05
C SER A 170 -6.95 -21.62 38.95
N GLY A 171 -7.29 -21.11 40.14
CA GLY A 171 -6.25 -20.78 41.10
C GLY A 171 -5.53 -21.99 41.63
N LEU A 172 -6.25 -23.09 41.85
CA LEU A 172 -5.62 -24.30 42.36
C LEU A 172 -4.75 -24.96 41.32
N MET A 173 -5.10 -24.86 40.03
CA MET A 173 -4.23 -25.46 39.01
C MET A 173 -2.99 -24.62 38.78
N ILE A 174 -3.12 -23.28 38.81
CA ILE A 174 -1.91 -22.48 38.64
C ILE A 174 -1.00 -22.60 39.87
N PHE A 175 -1.58 -22.79 41.06
CA PHE A 175 -0.79 -23.09 42.24
C PHE A 175 -0.12 -24.44 42.13
N ALA A 176 -0.83 -25.45 41.63
CA ALA A 176 -0.28 -26.79 41.53
C ALA A 176 0.84 -26.87 40.52
N GLY A 177 0.73 -26.13 39.41
CA GLY A 177 1.84 -26.05 38.48
C GLY A 177 3.06 -25.39 39.05
N TRP A 178 2.88 -24.31 39.81
CA TRP A 178 4.00 -23.71 40.51
C TRP A 178 4.58 -24.65 41.55
N PHE A 179 3.72 -25.29 42.34
CA PHE A 179 4.15 -26.17 43.41
C PHE A 179 4.91 -27.38 42.87
N HIS A 180 4.41 -27.96 41.79
CA HIS A 180 4.99 -29.17 41.25
C HIS A 180 6.14 -28.88 40.31
N TYR A 181 6.43 -27.62 39.99
CA TYR A 181 7.70 -27.36 39.34
C TYR A 181 8.75 -26.83 40.31
N HIS A 182 8.35 -26.00 41.27
CA HIS A 182 9.29 -25.27 42.09
C HIS A 182 9.42 -25.78 43.51
N LYS A 183 8.39 -26.42 44.06
CA LYS A 183 8.48 -26.92 45.43
C LYS A 183 8.66 -28.42 45.50
N ALA A 184 7.81 -29.20 44.84
CA ALA A 184 7.88 -30.66 44.96
C ALA A 184 7.73 -31.24 43.56
N ALA A 185 8.85 -31.39 42.89
CA ALA A 185 8.75 -31.90 41.53
C ALA A 185 9.00 -33.38 41.52
N PRO A 186 8.12 -34.17 40.92
CA PRO A 186 8.31 -35.62 40.92
C PRO A 186 9.54 -36.04 40.13
N LYS A 187 10.12 -37.15 40.55
CA LYS A 187 11.27 -37.71 39.87
C LYS A 187 10.80 -38.49 38.66
N LEU A 188 11.74 -38.86 37.78
CA LEU A 188 11.41 -39.54 36.53
C LEU A 188 10.73 -40.89 36.77
N GLU A 189 11.15 -41.60 37.81
CA GLU A 189 10.54 -42.89 38.16
C GLU A 189 9.08 -42.75 38.59
N TRP A 190 8.64 -41.55 39.01
CA TRP A 190 7.22 -41.31 39.24
C TRP A 190 6.46 -41.24 37.93
N PHE A 191 6.98 -40.50 36.95
CA PHE A 191 6.31 -40.35 35.66
C PHE A 191 6.28 -41.65 34.88
N GLN A 192 7.29 -42.50 35.05
CA GLN A 192 7.35 -43.77 34.34
C GLN A 192 6.59 -44.86 35.09
N ASN A 193 5.33 -44.58 35.39
CA ASN A 193 4.41 -45.52 35.99
C ASN A 193 3.19 -45.47 35.10
N ALA A 194 3.25 -46.20 34.00
CA ALA A 194 2.16 -46.18 33.04
C ALA A 194 1.00 -47.03 33.52
N GLU A 195 1.31 -48.11 34.24
CA GLU A 195 0.29 -48.96 34.83
C GLU A 195 -0.49 -48.22 35.91
N SER A 196 0.21 -47.52 36.81
CA SER A 196 -0.44 -46.74 37.86
C SER A 196 -1.26 -45.59 37.28
N MET A 197 -0.71 -44.89 36.29
CA MET A 197 -1.39 -43.77 35.67
C MET A 197 -2.63 -44.22 34.92
N LEU A 198 -2.54 -45.34 34.20
CA LEU A 198 -3.70 -45.89 33.50
C LEU A 198 -4.76 -46.40 34.46
N ASN A 199 -4.35 -47.02 35.57
CA ASN A 199 -5.30 -47.48 36.60
C ASN A 199 -6.06 -46.29 37.17
N HIS A 200 -5.36 -45.22 37.44
CA HIS A 200 -5.99 -44.04 38.00
C HIS A 200 -6.76 -43.23 36.97
N HIS A 201 -6.32 -43.16 35.73
CA HIS A 201 -7.06 -42.38 34.77
C HIS A 201 -8.27 -43.12 34.23
N LEU A 202 -8.26 -44.45 34.26
CA LEU A 202 -9.47 -45.21 33.93
C LEU A 202 -10.42 -45.27 35.10
N SER A 203 -9.94 -45.80 36.23
CA SER A 203 -10.76 -45.89 37.44
C SER A 203 -11.09 -44.52 38.01
N GLY A 204 -10.08 -43.74 38.36
CA GLY A 204 -10.34 -42.51 39.09
C GLY A 204 -10.86 -41.39 38.22
N LEU A 205 -10.13 -41.02 37.17
CA LEU A 205 -10.53 -39.87 36.37
C LEU A 205 -11.80 -40.15 35.57
N LEU A 206 -11.78 -41.14 34.68
CA LEU A 206 -12.93 -41.38 33.83
C LEU A 206 -14.05 -42.10 34.57
N GLY A 207 -13.70 -43.04 35.45
CA GLY A 207 -14.70 -43.83 36.15
C GLY A 207 -15.42 -43.11 37.25
N LEU A 208 -14.70 -42.49 38.20
CA LEU A 208 -15.40 -41.65 39.17
C LEU A 208 -15.92 -40.38 38.55
N GLY A 209 -15.36 -39.95 37.42
CA GLY A 209 -15.95 -38.84 36.67
C GLY A 209 -17.33 -39.18 36.15
N CYS A 210 -17.47 -40.35 35.54
CA CYS A 210 -18.79 -40.80 35.10
C CYS A 210 -19.70 -41.12 36.27
N LEU A 211 -19.17 -41.73 37.34
CA LEU A 211 -19.99 -42.12 38.48
C LEU A 211 -20.54 -40.90 39.20
N SER A 212 -19.69 -39.90 39.44
CA SER A 212 -20.12 -38.65 40.04
C SER A 212 -21.05 -37.88 39.12
N TRP A 213 -20.78 -37.88 37.81
CA TRP A 213 -21.70 -37.20 36.90
C TRP A 213 -23.05 -37.92 36.80
N ALA A 214 -23.05 -39.25 36.79
CA ALA A 214 -24.30 -40.02 36.82
C ALA A 214 -25.06 -39.77 38.10
N GLY A 215 -24.36 -39.67 39.23
CA GLY A 215 -24.99 -39.33 40.49
C GLY A 215 -25.61 -37.95 40.48
N HIS A 216 -24.93 -36.99 39.86
CA HIS A 216 -25.47 -35.64 39.72
C HIS A 216 -26.68 -35.64 38.82
N GLN A 217 -26.62 -36.40 37.73
CA GLN A 217 -27.74 -36.49 36.81
C GLN A 217 -28.96 -37.08 37.47
N ILE A 218 -28.77 -38.13 38.26
CA ILE A 218 -29.87 -38.81 38.92
C ILE A 218 -30.48 -37.91 40.00
N HIS A 219 -29.63 -37.22 40.76
CA HIS A 219 -30.15 -36.44 41.88
C HIS A 219 -30.45 -34.99 41.55
N VAL A 220 -29.98 -34.44 40.42
CA VAL A 220 -30.21 -33.03 40.13
C VAL A 220 -30.80 -32.84 38.74
N SER A 221 -30.14 -33.37 37.71
CA SER A 221 -30.60 -33.17 36.33
C SER A 221 -31.95 -33.83 36.07
N LEU A 222 -32.14 -35.07 36.53
CA LEU A 222 -33.40 -35.77 36.31
C LEU A 222 -34.61 -35.11 37.00
N PRO A 223 -34.60 -34.77 38.31
CA PRO A 223 -35.80 -34.10 38.86
C PRO A 223 -36.07 -32.73 38.28
N VAL A 224 -35.03 -31.90 38.09
CA VAL A 224 -35.20 -30.55 37.59
C VAL A 224 -35.69 -30.58 36.14
N ASN A 225 -35.16 -31.49 35.32
CA ASN A 225 -35.60 -31.52 33.93
C ASN A 225 -36.95 -32.20 33.76
N LYS A 226 -37.34 -33.11 34.67
CA LYS A 226 -38.72 -33.59 34.65
C LYS A 226 -39.69 -32.46 35.01
N LEU A 227 -39.34 -31.63 35.98
CA LEU A 227 -40.19 -30.51 36.34
C LEU A 227 -40.24 -29.45 35.24
N LEU A 228 -39.11 -29.20 34.58
CA LEU A 228 -39.07 -28.26 33.47
C LEU A 228 -39.91 -28.73 32.30
N ASP A 229 -39.84 -30.02 31.96
CA ASP A 229 -40.63 -30.52 30.85
C ASP A 229 -42.08 -30.80 31.19
N ALA A 230 -42.41 -30.94 32.47
CA ALA A 230 -43.80 -30.95 32.89
C ALA A 230 -44.48 -29.61 32.65
N GLY A 231 -43.71 -28.53 32.61
CA GLY A 231 -44.23 -27.20 32.39
C GLY A 231 -44.07 -26.27 33.56
N VAL A 232 -43.37 -26.69 34.61
CA VAL A 232 -43.18 -25.86 35.79
C VAL A 232 -42.19 -24.75 35.45
N ALA A 233 -42.52 -23.53 35.86
CA ALA A 233 -41.63 -22.40 35.65
C ALA A 233 -40.37 -22.56 36.51
N PRO A 234 -39.22 -22.06 36.03
CA PRO A 234 -37.93 -22.29 36.73
C PRO A 234 -37.87 -21.84 38.18
N GLN A 235 -38.53 -20.74 38.54
CA GLN A 235 -38.53 -20.33 39.94
C GLN A 235 -39.53 -21.09 40.79
N GLU A 236 -40.42 -21.90 40.19
CA GLU A 236 -41.31 -22.74 40.98
C GLU A 236 -40.71 -24.12 41.25
N ILE A 237 -39.49 -24.37 40.76
CA ILE A 237 -38.85 -25.69 40.87
C ILE A 237 -38.08 -25.72 42.17
N PRO A 238 -38.19 -26.80 42.96
CA PRO A 238 -37.43 -26.89 44.20
C PRO A 238 -35.93 -26.89 43.93
N LEU A 239 -35.19 -26.34 44.89
CA LEU A 239 -33.75 -26.22 44.76
C LEU A 239 -33.11 -27.61 44.79
N PRO A 240 -31.96 -27.80 44.14
CA PRO A 240 -31.43 -29.16 43.91
C PRO A 240 -31.09 -29.96 45.16
N HIS A 241 -30.89 -29.32 46.31
CA HIS A 241 -30.64 -30.07 47.53
C HIS A 241 -31.93 -30.56 48.16
N GLU A 242 -33.07 -29.96 47.83
CA GLU A 242 -34.34 -30.42 48.36
C GLU A 242 -34.77 -31.75 47.77
N PHE A 243 -34.19 -32.12 46.63
CA PHE A 243 -34.33 -33.48 46.13
C PHE A 243 -33.43 -34.43 46.89
N LEU A 244 -32.25 -33.97 47.32
CA LEU A 244 -31.34 -34.80 48.10
C LEU A 244 -31.91 -35.14 49.47
N VAL A 245 -32.54 -34.19 50.15
CA VAL A 245 -33.07 -34.49 51.48
C VAL A 245 -34.47 -35.10 51.41
N ASN A 246 -35.40 -34.44 50.73
CA ASN A 246 -36.79 -34.89 50.71
C ASN A 246 -36.87 -36.03 49.69
N ARG A 247 -36.53 -37.23 50.17
CA ARG A 247 -36.66 -38.47 49.41
C ARG A 247 -38.11 -38.76 49.06
N ASP A 248 -39.07 -38.25 49.85
CA ASP A 248 -40.47 -38.36 49.48
C ASP A 248 -40.78 -37.53 48.23
N LEU A 249 -40.25 -36.30 48.17
CA LEU A 249 -40.46 -35.43 47.02
C LEU A 249 -39.77 -35.97 45.77
N MET A 250 -38.62 -36.60 45.95
CA MET A 250 -37.93 -37.24 44.83
C MET A 250 -38.68 -38.49 44.39
N ALA A 251 -39.31 -39.20 45.32
CA ALA A 251 -40.10 -40.38 45.01
C ALA A 251 -41.44 -40.05 44.37
N GLN A 252 -41.91 -38.80 44.44
CA GLN A 252 -43.07 -38.42 43.63
C GLN A 252 -42.75 -38.50 42.14
N LEU A 253 -41.62 -37.94 41.73
CA LEU A 253 -41.24 -37.96 40.32
C LEU A 253 -40.79 -39.35 39.88
N TYR A 254 -39.99 -40.03 40.68
CA TYR A 254 -39.47 -41.36 40.39
C TYR A 254 -39.80 -42.29 41.54
N PRO A 255 -40.88 -43.08 41.45
CA PRO A 255 -41.34 -43.89 42.61
C PRO A 255 -40.35 -44.94 43.12
N SER A 256 -39.35 -45.33 42.34
CA SER A 256 -38.28 -46.23 42.77
C SER A 256 -37.48 -45.68 43.93
N PHE A 257 -37.44 -44.37 44.12
CA PHE A 257 -36.76 -43.76 45.26
C PHE A 257 -37.43 -44.11 46.58
N SER A 258 -38.69 -44.59 46.56
CA SER A 258 -39.34 -45.09 47.76
C SER A 258 -38.62 -46.29 48.38
N LYS A 259 -37.84 -47.04 47.59
CA LYS A 259 -37.13 -48.21 48.10
C LYS A 259 -35.66 -47.96 48.38
N GLY A 260 -35.11 -46.84 47.92
CA GLY A 260 -33.75 -46.46 48.27
C GLY A 260 -32.70 -47.34 47.62
N LEU A 261 -31.62 -47.58 48.36
CA LEU A 261 -30.45 -48.28 47.83
C LEU A 261 -30.48 -49.77 48.11
N VAL A 262 -31.54 -50.28 48.74
CA VAL A 262 -31.72 -51.73 48.84
C VAL A 262 -31.80 -52.42 47.49
N PRO A 263 -32.56 -51.95 46.47
CA PRO A 263 -32.49 -52.62 45.15
C PRO A 263 -31.12 -52.64 44.49
N PHE A 264 -30.27 -51.65 44.73
CA PHE A 264 -28.93 -51.65 44.17
C PHE A 264 -28.07 -52.76 44.76
N PHE A 265 -28.06 -52.87 46.09
CA PHE A 265 -27.13 -53.77 46.76
C PHE A 265 -27.62 -55.21 46.74
N THR A 266 -28.93 -55.40 46.73
CA THR A 266 -29.52 -56.72 46.62
C THR A 266 -29.59 -57.22 45.19
N LEU A 267 -29.08 -56.42 44.25
CA LEU A 267 -28.98 -56.67 42.81
C LEU A 267 -30.34 -56.67 42.15
N ASN A 268 -31.33 -56.03 42.75
CA ASN A 268 -32.66 -55.89 42.16
C ASN A 268 -32.73 -54.60 41.35
N TRP A 269 -31.92 -54.57 40.30
CA TRP A 269 -31.69 -53.33 39.56
C TRP A 269 -32.87 -52.92 38.70
N SER A 270 -33.79 -53.84 38.36
CA SER A 270 -34.97 -53.47 37.57
C SER A 270 -35.96 -52.62 38.33
N GLU A 271 -35.73 -52.36 39.61
CA GLU A 271 -36.52 -51.38 40.31
C GLU A 271 -36.17 -49.98 39.85
N TYR A 272 -34.93 -49.76 39.43
CA TYR A 272 -34.45 -48.43 39.09
C TYR A 272 -34.77 -48.04 37.65
N SER A 273 -35.67 -48.75 36.99
CA SER A 273 -36.03 -48.50 35.61
C SER A 273 -36.84 -47.23 35.43
N ASP A 274 -37.35 -46.62 36.49
CA ASP A 274 -37.97 -45.30 36.38
C ASP A 274 -36.95 -44.25 35.97
N PHE A 275 -35.75 -44.26 36.55
CA PHE A 275 -34.79 -43.23 36.26
C PHE A 275 -33.53 -43.72 35.55
N LEU A 276 -33.34 -45.03 35.41
CA LEU A 276 -32.25 -45.60 34.63
C LEU A 276 -32.89 -46.34 33.47
N THR A 277 -33.18 -45.65 32.38
CA THR A 277 -33.90 -46.27 31.30
C THR A 277 -32.94 -46.65 30.17
N PHE A 278 -33.50 -47.29 29.16
CA PHE A 278 -32.83 -47.58 27.89
C PHE A 278 -33.83 -47.22 26.79
N LYS A 279 -34.36 -46.00 26.86
CA LYS A 279 -35.45 -45.61 25.96
C LYS A 279 -34.95 -45.49 24.52
N GLY A 280 -33.87 -44.76 24.31
CA GLY A 280 -33.42 -44.45 22.98
C GLY A 280 -34.26 -43.37 22.32
N GLY A 281 -33.78 -42.89 21.19
CA GLY A 281 -34.53 -41.83 20.57
C GLY A 281 -34.37 -40.51 21.33
N LEU A 282 -35.32 -39.62 21.09
CA LEU A 282 -35.27 -38.29 21.67
C LEU A 282 -36.49 -38.05 22.55
N ASN A 283 -36.33 -37.12 23.48
CA ASN A 283 -37.42 -36.62 24.28
C ASN A 283 -38.31 -35.79 23.35
N PRO A 284 -39.60 -36.09 23.21
CA PRO A 284 -40.46 -35.30 22.31
C PRO A 284 -40.60 -33.84 22.72
N VAL A 285 -40.48 -33.53 24.01
CA VAL A 285 -40.67 -32.16 24.47
C VAL A 285 -39.46 -31.30 24.10
N THR A 286 -38.24 -31.81 24.32
CA THR A 286 -37.03 -31.04 24.09
C THR A 286 -36.28 -31.38 22.82
N GLY A 287 -36.54 -32.52 22.20
CA GLY A 287 -35.73 -32.93 21.06
C GLY A 287 -34.33 -33.35 21.42
N GLY A 288 -34.07 -33.61 22.71
CA GLY A 288 -32.77 -34.04 23.17
C GLY A 288 -32.86 -35.48 23.66
N LEU A 289 -31.71 -36.01 24.04
CA LEU A 289 -31.66 -37.35 24.60
C LEU A 289 -32.40 -37.38 25.92
N TRP A 290 -33.04 -38.52 26.19
CA TRP A 290 -33.63 -38.76 27.51
C TRP A 290 -32.52 -38.75 28.53
N LEU A 291 -32.66 -37.89 29.54
CA LEU A 291 -31.63 -37.80 30.56
C LEU A 291 -31.59 -39.03 31.46
N SER A 292 -32.68 -39.79 31.55
CA SER A 292 -32.63 -41.10 32.19
C SER A 292 -31.73 -42.07 31.45
N ASP A 293 -31.68 -41.95 30.11
CA ASP A 293 -30.75 -42.76 29.33
C ASP A 293 -29.33 -42.30 29.54
N THR A 294 -29.13 -40.98 29.61
CA THR A 294 -27.81 -40.43 29.85
C THR A 294 -27.29 -40.77 31.24
N ALA A 295 -28.17 -40.79 32.24
CA ALA A 295 -27.80 -41.20 33.59
C ALA A 295 -27.41 -42.67 33.65
N HIS A 296 -28.19 -43.54 32.99
CA HIS A 296 -27.84 -44.95 32.89
C HIS A 296 -26.56 -45.15 32.08
N HIS A 297 -26.38 -44.34 31.04
CA HIS A 297 -25.20 -44.39 30.19
C HIS A 297 -23.94 -44.08 30.98
N HIS A 298 -23.99 -43.04 31.80
CA HIS A 298 -22.82 -42.65 32.56
C HIS A 298 -22.57 -43.60 33.71
N LEU A 299 -23.62 -44.16 34.30
CA LEU A 299 -23.45 -45.19 35.33
C LEU A 299 -22.80 -46.45 34.77
N ALA A 300 -23.20 -46.86 33.55
CA ALA A 300 -22.64 -48.06 32.94
C ALA A 300 -21.19 -47.84 32.52
N LEU A 301 -20.89 -46.65 31.99
CA LEU A 301 -19.51 -46.32 31.60
C LEU A 301 -18.63 -46.27 32.86
N ALA A 302 -19.18 -45.74 33.95
CA ALA A 302 -18.41 -45.65 35.21
C ALA A 302 -18.01 -47.06 35.64
N VAL A 303 -18.95 -48.00 35.58
CA VAL A 303 -18.62 -49.36 36.08
C VAL A 303 -17.50 -49.94 35.21
N LEU A 304 -17.62 -49.85 33.88
CA LEU A 304 -16.59 -50.47 33.01
C LEU A 304 -15.25 -49.73 33.13
N PHE A 305 -15.29 -48.39 33.23
CA PHE A 305 -14.03 -47.60 33.35
C PHE A 305 -13.33 -47.96 34.66
N ILE A 306 -14.09 -48.05 35.76
CA ILE A 306 -13.49 -48.45 37.06
C ILE A 306 -12.97 -49.89 36.95
N VAL A 307 -13.74 -50.78 36.34
CA VAL A 307 -13.31 -52.20 36.18
C VAL A 307 -12.06 -52.23 35.30
N ALA A 308 -12.04 -51.43 34.23
CA ALA A 308 -10.88 -51.39 33.31
C ALA A 308 -9.64 -50.93 34.08
N GLY A 309 -9.79 -49.97 34.99
CA GLY A 309 -8.65 -49.48 35.72
C GLY A 309 -8.08 -50.40 36.77
N HIS A 310 -8.44 -51.68 36.70
CA HIS A 310 -7.90 -52.72 37.57
C HIS A 310 -7.13 -53.72 36.75
N MET A 311 -6.93 -53.42 35.48
CA MET A 311 -6.25 -54.32 34.57
C MET A 311 -4.76 -54.39 34.85
N TYR A 312 -4.14 -53.27 35.15
CA TYR A 312 -2.69 -53.19 35.20
C TYR A 312 -2.13 -53.41 36.59
N ARG A 313 -0.93 -53.99 36.64
CA ARG A 313 -0.25 -54.32 37.89
C ARG A 313 0.52 -53.11 38.41
N THR A 314 0.29 -52.75 39.67
CA THR A 314 1.02 -51.63 40.27
C THR A 314 1.90 -52.07 41.42
N ASN A 315 1.33 -52.52 42.54
CA ASN A 315 2.09 -52.76 43.76
C ASN A 315 1.74 -54.06 44.42
N TRP A 316 0.64 -54.64 44.04
CA TRP A 316 0.18 -55.94 44.47
C TRP A 316 0.10 -56.79 43.23
N GLY A 317 0.52 -58.06 43.34
CA GLY A 317 0.81 -58.93 42.21
C GLY A 317 -0.24 -59.12 41.14
N ILE A 318 -1.48 -58.75 41.48
CA ILE A 318 -2.58 -58.80 40.54
C ILE A 318 -2.40 -57.70 39.49
N GLY A 319 -2.77 -58.01 38.27
CA GLY A 319 -2.69 -57.03 37.20
C GLY A 319 -1.79 -57.51 36.07
N HIS A 320 -1.84 -56.74 34.99
CA HIS A 320 -1.00 -56.99 33.85
C HIS A 320 0.22 -56.09 33.86
N SER A 321 1.34 -56.62 33.40
CA SER A 321 2.46 -55.80 32.96
C SER A 321 2.24 -55.54 31.48
N MET A 322 2.22 -54.26 31.10
CA MET A 322 1.97 -53.90 29.71
C MET A 322 3.11 -54.32 28.81
N LYS A 323 4.32 -54.38 29.37
CA LYS A 323 5.47 -54.93 28.66
C LYS A 323 5.25 -56.39 28.30
N GLU A 324 4.65 -57.17 29.21
CA GLU A 324 4.37 -58.58 28.93
C GLU A 324 3.31 -58.75 27.86
N ILE A 325 2.26 -57.90 27.91
CA ILE A 325 1.20 -57.92 26.89
C ILE A 325 1.77 -57.60 25.52
N LEU A 326 2.61 -56.57 25.44
CA LEU A 326 3.15 -56.17 24.15
C LEU A 326 4.14 -57.19 23.62
N GLU A 327 5.08 -57.65 24.47
CA GLU A 327 6.08 -58.62 24.01
C GLU A 327 5.51 -59.99 23.69
N ALA A 328 4.31 -60.33 24.20
CA ALA A 328 3.72 -61.60 23.82
C ALA A 328 3.00 -61.57 22.48
N HIS A 329 2.64 -60.39 21.98
CA HIS A 329 1.90 -60.27 20.73
C HIS A 329 2.90 -60.17 19.58
N LYS A 330 3.26 -61.33 19.03
CA LYS A 330 4.13 -61.42 17.88
C LYS A 330 3.76 -62.67 17.09
N GLY A 331 3.66 -62.54 15.78
CA GLY A 331 3.30 -63.64 14.93
C GLY A 331 4.33 -63.88 13.85
N PRO A 332 3.93 -64.61 12.79
CA PRO A 332 4.88 -64.96 11.75
C PRO A 332 5.12 -63.88 10.72
N PHE A 333 4.27 -62.87 10.65
CA PHE A 333 4.44 -61.80 9.70
C PHE A 333 5.22 -60.63 10.26
N THR A 334 5.30 -60.52 11.59
CA THR A 334 5.70 -59.27 12.22
C THR A 334 6.95 -59.38 13.08
N GLY A 335 7.81 -60.37 12.84
CA GLY A 335 9.13 -60.38 13.45
C GLY A 335 9.08 -60.55 14.96
N GLU A 336 9.78 -59.65 15.67
CA GLU A 336 9.73 -59.63 17.11
C GLU A 336 8.45 -59.02 17.66
N GLY A 337 7.60 -58.46 16.80
CA GLY A 337 6.30 -57.99 17.23
C GLY A 337 6.37 -56.67 17.94
N HIS A 338 5.59 -56.51 19.01
CA HIS A 338 5.50 -55.28 19.78
C HIS A 338 6.59 -55.16 20.82
N LYS A 339 7.67 -55.93 20.74
CA LYS A 339 8.80 -55.76 21.63
C LYS A 339 9.42 -54.38 21.43
N GLY A 340 9.76 -53.72 22.52
CA GLY A 340 10.35 -52.41 22.47
C GLY A 340 9.39 -51.25 22.42
N LEU A 341 8.08 -51.48 22.29
CA LEU A 341 7.13 -50.39 22.25
C LEU A 341 6.85 -49.80 23.62
N TYR A 342 6.87 -50.64 24.66
CA TYR A 342 6.73 -50.14 26.03
C TYR A 342 7.88 -49.22 26.40
N GLU A 343 9.10 -49.57 26.00
CA GLU A 343 10.28 -48.74 26.25
C GLU A 343 10.16 -47.40 25.53
N ILE A 344 9.58 -47.41 24.33
CA ILE A 344 9.33 -46.20 23.58
C ILE A 344 8.32 -45.32 24.29
N LEU A 345 7.22 -45.91 24.74
CA LEU A 345 6.11 -45.10 25.21
C LEU A 345 6.26 -44.69 26.68
N THR A 346 7.30 -45.15 27.36
CA THR A 346 7.64 -44.65 28.69
C THR A 346 8.96 -43.89 28.71
N THR A 347 9.59 -43.65 27.55
CA THR A 347 10.79 -42.82 27.49
C THR A 347 10.68 -41.72 26.45
N SER A 348 9.66 -41.72 25.61
CA SER A 348 9.45 -40.68 24.62
C SER A 348 8.11 -40.02 24.87
N TRP A 349 8.14 -38.73 25.17
CA TRP A 349 6.90 -37.97 25.32
C TRP A 349 6.23 -37.73 23.98
N HIS A 350 7.00 -37.57 22.91
CA HIS A 350 6.45 -37.32 21.59
C HIS A 350 5.68 -38.52 21.05
N ALA A 351 6.13 -39.74 21.33
CA ALA A 351 5.39 -40.93 20.94
C ALA A 351 4.03 -40.99 21.61
N GLN A 352 3.99 -40.64 22.89
CA GLN A 352 2.73 -40.56 23.63
C GLN A 352 1.86 -39.43 23.09
N LEU A 353 2.44 -38.29 22.75
CA LEU A 353 1.65 -37.18 22.23
C LEU A 353 1.13 -37.46 20.83
N ALA A 354 1.89 -38.21 20.02
CA ALA A 354 1.43 -38.64 18.71
C ALA A 354 0.20 -39.52 18.81
N ILE A 355 0.25 -40.50 19.72
CA ILE A 355 -0.90 -41.38 19.93
C ILE A 355 -2.08 -40.61 20.50
N ASN A 356 -1.85 -39.82 21.55
CA ASN A 356 -2.94 -39.17 22.27
C ASN A 356 -3.55 -38.05 21.46
N LEU A 357 -2.78 -37.39 20.58
CA LEU A 357 -3.34 -36.37 19.72
C LEU A 357 -4.16 -36.98 18.60
N ALA A 358 -3.70 -38.11 18.04
CA ALA A 358 -4.50 -38.81 17.03
C ALA A 358 -5.81 -39.33 17.63
N MET A 359 -5.75 -39.79 18.87
CA MET A 359 -6.95 -40.28 19.54
C MET A 359 -7.88 -39.17 19.98
N LEU A 360 -7.34 -38.08 20.50
CA LEU A 360 -8.17 -36.97 20.91
C LEU A 360 -8.83 -36.30 19.71
N GLY A 361 -8.11 -36.24 18.58
CA GLY A 361 -8.72 -35.75 17.36
C GLY A 361 -9.78 -36.68 16.81
N SER A 362 -9.53 -37.99 16.85
CA SER A 362 -10.53 -38.97 16.44
C SER A 362 -11.76 -38.92 17.33
N VAL A 363 -11.57 -38.77 18.64
CA VAL A 363 -12.69 -38.67 19.57
C VAL A 363 -13.48 -37.38 19.33
N SER A 364 -12.80 -36.28 19.00
CA SER A 364 -13.49 -35.02 18.71
C SER A 364 -14.31 -35.10 17.42
N ILE A 365 -13.80 -35.85 16.44
CA ILE A 365 -14.53 -36.09 15.21
C ILE A 365 -15.75 -36.98 15.45
N ILE A 366 -15.59 -38.00 16.31
CA ILE A 366 -16.68 -38.89 16.71
C ILE A 366 -17.74 -38.11 17.46
N VAL A 367 -17.29 -37.16 18.29
CA VAL A 367 -18.16 -36.30 19.08
C VAL A 367 -19.05 -35.47 18.18
N ALA A 368 -18.49 -34.89 17.10
CA ALA A 368 -19.29 -34.05 16.22
C ALA A 368 -20.38 -34.85 15.51
N HIS A 369 -20.04 -36.06 15.00
CA HIS A 369 -21.05 -36.90 14.34
C HIS A 369 -22.14 -37.37 15.31
N HIS A 370 -21.73 -37.83 16.48
CA HIS A 370 -22.69 -38.37 17.44
C HIS A 370 -23.56 -37.29 18.05
N MET A 371 -23.00 -36.11 18.31
CA MET A 371 -23.77 -35.03 18.92
C MET A 371 -24.81 -34.44 17.96
N TYR A 372 -24.50 -34.34 16.66
CA TYR A 372 -25.59 -33.88 15.78
C TYR A 372 -26.66 -34.97 15.65
N ALA A 373 -26.24 -36.24 15.48
CA ALA A 373 -27.20 -37.30 15.19
C ALA A 373 -28.07 -37.62 16.40
N MET A 374 -27.49 -37.62 17.59
CA MET A 374 -28.19 -37.92 18.83
C MET A 374 -27.99 -36.69 19.70
N PRO A 375 -28.82 -35.66 19.54
CA PRO A 375 -28.65 -34.43 20.29
C PRO A 375 -28.79 -34.68 21.78
N PRO A 376 -27.76 -34.35 22.56
CA PRO A 376 -27.72 -34.77 23.96
C PRO A 376 -28.24 -33.76 24.96
N TYR A 377 -28.55 -32.56 24.53
CA TYR A 377 -28.99 -31.55 25.46
C TYR A 377 -30.43 -31.15 25.14
N PRO A 378 -31.19 -30.70 26.13
CA PRO A 378 -32.54 -30.21 25.85
C PRO A 378 -32.49 -28.93 25.05
N TYR A 379 -33.27 -28.89 23.97
CA TYR A 379 -33.47 -27.77 23.06
C TYR A 379 -32.20 -27.41 22.30
N ILE A 380 -31.27 -28.36 22.15
CA ILE A 380 -30.10 -28.11 21.34
C ILE A 380 -30.32 -28.50 19.88
N ALA A 381 -31.23 -29.42 19.61
CA ALA A 381 -31.43 -29.93 18.26
C ALA A 381 -32.11 -28.91 17.37
N THR A 382 -33.00 -28.12 17.94
CA THR A 382 -33.73 -27.11 17.20
C THR A 382 -33.08 -25.74 17.32
N ASP A 383 -32.03 -25.62 18.12
CA ASP A 383 -31.12 -24.46 18.01
C ASP A 383 -30.08 -24.85 16.98
N TYR A 384 -30.39 -24.59 15.73
CA TYR A 384 -29.57 -24.91 14.57
C TYR A 384 -28.23 -24.15 14.52
N PRO A 385 -28.13 -22.86 14.95
CA PRO A 385 -26.78 -22.28 15.07
C PRO A 385 -25.84 -23.02 16.01
N THR A 386 -26.36 -23.56 17.09
CA THR A 386 -25.53 -24.33 18.00
C THR A 386 -25.12 -25.66 17.39
N GLN A 387 -26.04 -26.36 16.73
CA GLN A 387 -25.75 -27.65 16.10
C GLN A 387 -24.68 -27.52 15.02
N LEU A 388 -24.80 -26.49 14.18
CA LEU A 388 -23.79 -26.26 13.14
C LEU A 388 -22.47 -25.83 13.74
N SER A 389 -22.50 -25.02 14.79
CA SER A 389 -21.28 -24.51 15.41
C SER A 389 -20.50 -25.60 16.10
N ILE A 390 -21.17 -26.46 16.87
CA ILE A 390 -20.41 -27.43 17.64
C ILE A 390 -19.98 -28.59 16.76
N PHE A 391 -20.71 -28.89 15.67
CA PHE A 391 -20.21 -29.85 14.70
C PHE A 391 -18.96 -29.32 14.03
N THR A 392 -19.02 -28.09 13.53
CA THR A 392 -17.90 -27.51 12.78
C THR A 392 -16.69 -27.33 13.67
N HIS A 393 -16.92 -26.94 14.93
CA HIS A 393 -15.85 -26.75 15.88
C HIS A 393 -15.15 -28.06 16.20
N HIS A 394 -15.91 -29.13 16.41
CA HIS A 394 -15.25 -30.35 16.82
C HIS A 394 -14.67 -31.10 15.63
N MET A 395 -15.12 -30.78 14.43
CA MET A 395 -14.41 -31.26 13.24
C MET A 395 -13.06 -30.59 13.09
N TRP A 396 -12.99 -29.30 13.39
CA TRP A 396 -11.71 -28.61 13.23
C TRP A 396 -10.72 -28.97 14.32
N ILE A 397 -11.20 -29.08 15.56
CA ILE A 397 -10.34 -29.53 16.67
C ILE A 397 -9.86 -30.95 16.41
N GLY A 398 -10.74 -31.80 15.87
CA GLY A 398 -10.35 -33.14 15.51
C GLY A 398 -9.29 -33.23 14.43
N GLY A 399 -9.48 -32.47 13.34
CA GLY A 399 -8.52 -32.47 12.26
C GLY A 399 -7.16 -31.92 12.64
N PHE A 400 -7.15 -30.83 13.42
CA PHE A 400 -5.90 -30.24 13.90
C PHE A 400 -5.15 -31.21 14.80
N CYS A 401 -5.87 -31.85 15.73
CA CYS A 401 -5.22 -32.78 16.65
C CYS A 401 -4.72 -34.03 15.94
N VAL A 402 -5.40 -34.46 14.88
CA VAL A 402 -4.93 -35.61 14.10
C VAL A 402 -3.64 -35.27 13.36
N CYS A 403 -3.54 -34.05 12.82
CA CYS A 403 -2.30 -33.66 12.16
C CYS A 403 -1.18 -33.40 13.15
N GLY A 404 -1.51 -33.02 14.38
CA GLY A 404 -0.49 -32.97 15.40
C GLY A 404 -0.05 -34.31 15.91
N GLY A 405 -0.91 -35.33 15.78
CA GLY A 405 -0.49 -36.68 16.04
C GLY A 405 0.56 -37.10 15.05
N ALA A 406 0.37 -36.72 13.79
CA ALA A 406 1.42 -37.03 12.82
C ALA A 406 2.65 -36.14 12.96
N ALA A 407 2.47 -34.92 13.47
CA ALA A 407 3.59 -34.03 13.75
C ALA A 407 4.50 -34.61 14.81
N HIS A 408 3.93 -35.19 15.85
CA HIS A 408 4.76 -35.68 16.92
C HIS A 408 5.19 -37.12 16.69
N ALA A 409 4.52 -37.81 15.77
CA ALA A 409 5.09 -39.04 15.24
C ALA A 409 6.36 -38.76 14.45
N GLY A 410 6.37 -37.66 13.70
CA GLY A 410 7.58 -37.25 13.01
C GLY A 410 8.69 -36.82 13.94
N ILE A 411 8.34 -36.08 15.01
CA ILE A 411 9.34 -35.67 15.99
C ILE A 411 9.92 -36.86 16.75
N PHE A 412 9.07 -37.87 17.05
CA PHE A 412 9.57 -39.10 17.67
C PHE A 412 10.56 -39.81 16.76
N MET A 413 10.18 -39.97 15.49
CA MET A 413 11.01 -40.69 14.53
C MET A 413 12.34 -40.00 14.33
N VAL A 414 12.35 -38.67 14.25
CA VAL A 414 13.60 -37.95 14.03
C VAL A 414 14.48 -38.00 15.28
N ARG A 415 13.88 -37.88 16.47
CA ARG A 415 14.67 -37.65 17.67
C ARG A 415 14.77 -38.88 18.57
N ASP A 416 13.64 -39.43 19.00
CA ASP A 416 13.64 -40.44 20.04
C ASP A 416 13.78 -41.86 19.50
N TYR A 417 13.81 -42.03 18.19
CA TYR A 417 13.90 -43.37 17.62
C TYR A 417 15.35 -43.83 17.66
N ASN A 418 15.57 -45.03 18.19
CA ASN A 418 16.90 -45.61 18.26
C ASN A 418 16.81 -46.97 17.59
N PRO A 419 17.52 -47.17 16.48
CA PRO A 419 17.50 -48.47 15.79
C PRO A 419 18.01 -49.63 16.62
N ALA A 420 18.92 -49.37 17.56
CA ALA A 420 19.50 -50.42 18.38
C ALA A 420 18.47 -51.11 19.27
N GLN A 421 17.55 -50.34 19.82
CA GLN A 421 16.49 -50.89 20.65
C GLN A 421 15.23 -51.22 19.85
N ASN A 422 15.26 -51.05 18.54
CA ASN A 422 14.12 -51.28 17.67
C ASN A 422 14.50 -52.15 16.49
N TYR A 423 15.18 -53.26 16.75
CA TYR A 423 15.59 -54.19 15.70
C TYR A 423 14.48 -55.21 15.50
N ASN A 424 13.95 -55.27 14.28
CA ASN A 424 13.01 -56.29 13.79
C ASN A 424 11.66 -56.24 14.52
N ASN A 425 11.33 -55.13 15.16
CA ASN A 425 10.02 -54.97 15.76
C ASN A 425 9.10 -54.33 14.72
N LEU A 426 7.95 -53.84 15.18
CA LEU A 426 6.93 -53.31 14.27
C LEU A 426 7.37 -52.03 13.59
N LEU A 427 8.08 -51.14 14.30
CA LEU A 427 8.60 -49.93 13.69
C LEU A 427 9.64 -50.22 12.62
N ASP A 428 10.61 -51.10 12.94
CA ASP A 428 11.64 -51.50 11.99
C ASP A 428 11.03 -52.05 10.70
N ARG A 429 9.97 -52.83 10.83
CA ARG A 429 9.36 -53.47 9.69
C ARG A 429 8.53 -52.48 8.86
N VAL A 430 7.92 -51.49 9.52
CA VAL A 430 7.19 -50.45 8.80
C VAL A 430 8.16 -49.56 8.01
N ILE A 431 9.27 -49.15 8.65
CA ILE A 431 10.29 -48.35 7.95
C ILE A 431 10.95 -49.18 6.85
N ARG A 432 11.00 -50.50 7.03
CA ARG A 432 11.60 -51.34 6.01
C ARG A 432 10.61 -51.78 4.94
N HIS A 433 9.38 -51.30 4.96
CA HIS A 433 8.59 -51.48 3.74
C HIS A 433 7.78 -50.21 3.42
N ARG A 434 8.30 -49.06 3.86
CA ARG A 434 7.65 -47.77 3.67
C ARG A 434 7.44 -47.40 2.19
N ASP A 435 8.26 -47.90 1.27
CA ASP A 435 8.01 -47.66 -0.15
C ASP A 435 6.75 -48.37 -0.60
N ALA A 436 6.52 -49.60 -0.12
CA ALA A 436 5.30 -50.32 -0.46
C ALA A 436 4.09 -49.67 0.16
N ILE A 437 4.24 -49.14 1.38
CA ILE A 437 3.13 -48.46 2.05
C ILE A 437 2.77 -47.17 1.33
N ILE A 438 3.76 -46.34 1.00
CA ILE A 438 3.50 -45.05 0.41
C ILE A 438 3.11 -45.19 -1.05
N SER A 439 3.64 -46.18 -1.77
CA SER A 439 3.21 -46.39 -3.14
C SER A 439 1.78 -46.91 -3.22
N HIS A 440 1.35 -47.75 -2.26
CA HIS A 440 -0.02 -48.24 -2.32
C HIS A 440 -1.00 -47.18 -1.87
N LEU A 441 -0.62 -46.40 -0.86
CA LEU A 441 -1.41 -45.23 -0.46
C LEU A 441 -1.48 -44.19 -1.57
N ASN A 442 -0.37 -43.96 -2.29
CA ASN A 442 -0.36 -43.05 -3.43
C ASN A 442 -1.30 -43.52 -4.52
N TRP A 443 -1.30 -44.82 -4.82
CA TRP A 443 -2.20 -45.36 -5.83
C TRP A 443 -3.65 -45.23 -5.42
N ILE A 444 -3.97 -45.54 -4.16
CA ILE A 444 -5.36 -45.46 -3.69
C ILE A 444 -5.84 -44.01 -3.71
N CYS A 445 -4.96 -43.05 -3.43
CA CYS A 445 -5.34 -41.65 -3.51
C CYS A 445 -5.57 -41.18 -4.94
N ILE A 446 -4.77 -41.67 -5.89
CA ILE A 446 -5.01 -41.34 -7.30
C ILE A 446 -6.30 -41.98 -7.80
N PHE A 447 -6.51 -43.27 -7.47
CA PHE A 447 -7.74 -43.99 -7.82
C PHE A 447 -8.96 -43.31 -7.25
N LEU A 448 -8.84 -42.79 -6.05
CA LEU A 448 -10.00 -42.28 -5.35
C LEU A 448 -10.24 -40.81 -5.63
N GLY A 449 -9.24 -40.09 -6.14
CA GLY A 449 -9.48 -38.77 -6.67
C GLY A 449 -10.08 -38.81 -8.04
N PHE A 450 -9.65 -39.77 -8.82
CA PHE A 450 -10.29 -40.00 -10.10
C PHE A 450 -11.73 -40.46 -9.93
N HIS A 451 -12.00 -41.37 -9.00
CA HIS A 451 -13.30 -41.99 -8.94
C HIS A 451 -14.24 -41.36 -7.94
N SER A 452 -13.84 -40.25 -7.32
CA SER A 452 -14.79 -39.43 -6.58
C SER A 452 -14.94 -38.05 -7.20
N PHE A 453 -13.85 -37.31 -7.37
CA PHE A 453 -13.93 -35.97 -7.95
C PHE A 453 -14.13 -36.01 -9.46
N GLY A 454 -13.64 -37.05 -10.13
CA GLY A 454 -13.88 -37.17 -11.55
C GLY A 454 -15.32 -37.49 -11.86
N LEU A 455 -16.06 -38.08 -10.93
CA LEU A 455 -17.50 -38.21 -11.09
C LEU A 455 -18.17 -36.85 -11.07
N TYR A 456 -17.69 -35.93 -10.23
CA TYR A 456 -18.16 -34.55 -10.23
C TYR A 456 -17.82 -33.85 -11.53
N ILE A 457 -16.63 -34.10 -12.08
CA ILE A 457 -16.24 -33.48 -13.34
C ILE A 457 -17.04 -34.05 -14.49
N HIS A 458 -17.33 -35.37 -14.44
CA HIS A 458 -18.25 -35.99 -15.38
C HIS A 458 -19.61 -35.34 -15.30
N ASN A 459 -20.11 -35.08 -14.09
CA ASN A 459 -21.46 -34.53 -13.95
C ASN A 459 -21.53 -33.06 -14.37
N ASP A 460 -20.48 -32.28 -14.06
CA ASP A 460 -20.33 -30.93 -14.58
C ASP A 460 -20.35 -30.91 -16.09
N THR A 461 -19.59 -31.83 -16.70
CA THR A 461 -19.48 -31.87 -18.15
C THR A 461 -20.81 -32.26 -18.77
N MET A 462 -21.43 -33.34 -18.29
CA MET A 462 -22.69 -33.83 -18.86
C MET A 462 -23.83 -32.84 -18.67
N ARG A 463 -23.92 -32.22 -17.49
CA ARG A 463 -24.95 -31.21 -17.25
C ARG A 463 -24.70 -29.97 -18.10
N ALA A 464 -23.43 -29.58 -18.29
CA ALA A 464 -23.14 -28.46 -19.15
C ALA A 464 -23.42 -28.79 -20.61
N LEU A 465 -23.26 -30.05 -21.01
CA LEU A 465 -23.46 -30.51 -22.37
C LEU A 465 -24.92 -30.82 -22.67
N GLY A 466 -25.83 -30.62 -21.73
CA GLY A 466 -27.21 -30.93 -21.96
C GLY A 466 -27.56 -32.40 -21.79
N ARG A 467 -26.64 -33.21 -21.28
CA ARG A 467 -26.83 -34.65 -21.20
C ARG A 467 -27.10 -35.01 -19.75
N THR A 468 -28.36 -34.85 -19.35
CA THR A 468 -28.77 -35.13 -17.99
C THR A 468 -29.02 -36.62 -17.78
N GLN A 469 -29.21 -37.36 -18.87
CA GLN A 469 -29.33 -38.81 -18.84
C GLN A 469 -27.99 -39.52 -18.73
N ASP A 470 -26.88 -38.80 -18.90
CA ASP A 470 -25.54 -39.38 -18.85
C ASP A 470 -24.80 -39.08 -17.56
N MET A 471 -25.48 -38.57 -16.54
CA MET A 471 -24.85 -38.16 -15.30
C MET A 471 -24.89 -39.27 -14.27
N PHE A 472 -24.05 -39.15 -13.25
CA PHE A 472 -24.22 -39.93 -12.04
C PHE A 472 -25.17 -39.18 -11.11
N SER A 473 -26.42 -39.60 -11.07
CA SER A 473 -27.44 -38.93 -10.27
C SER A 473 -28.55 -39.93 -9.96
N ASP A 474 -29.50 -39.49 -9.14
CA ASP A 474 -30.60 -40.36 -8.78
C ASP A 474 -31.57 -40.51 -9.93
N THR A 475 -31.62 -39.52 -10.81
CA THR A 475 -32.49 -39.51 -11.98
C THR A 475 -31.81 -40.10 -13.21
N ALA A 476 -30.53 -40.45 -13.11
CA ALA A 476 -29.73 -40.95 -14.23
C ALA A 476 -29.01 -42.24 -13.84
N ILE A 477 -27.68 -42.31 -14.00
CA ILE A 477 -26.94 -43.48 -13.53
C ILE A 477 -26.87 -43.35 -12.01
N GLN A 478 -27.41 -44.33 -11.30
CA GLN A 478 -27.54 -44.22 -9.85
C GLN A 478 -26.43 -44.95 -9.12
N LEU A 479 -25.54 -44.16 -8.50
CA LEU A 479 -24.51 -44.73 -7.63
C LEU A 479 -25.14 -44.77 -6.25
N LYS A 480 -25.83 -45.85 -5.98
CA LYS A 480 -26.50 -45.82 -4.69
C LYS A 480 -25.58 -46.32 -3.60
N PRO A 481 -25.66 -45.73 -2.43
CA PRO A 481 -24.92 -46.25 -1.29
C PRO A 481 -25.66 -47.39 -0.60
N VAL A 482 -25.57 -48.58 -1.20
CA VAL A 482 -26.36 -49.73 -0.76
C VAL A 482 -25.93 -50.20 0.63
N PHE A 483 -24.63 -50.14 0.94
CA PHE A 483 -24.16 -50.57 2.25
C PHE A 483 -24.58 -49.61 3.35
N ALA A 484 -24.50 -48.30 3.10
CA ALA A 484 -24.92 -47.32 4.09
C ALA A 484 -26.44 -47.35 4.30
N GLN A 485 -27.20 -47.50 3.21
CA GLN A 485 -28.65 -47.67 3.30
C GLN A 485 -29.01 -48.95 4.04
N TRP A 486 -28.25 -50.02 3.85
CA TRP A 486 -28.51 -51.29 4.53
C TRP A 486 -28.24 -51.18 6.03
N VAL A 487 -27.15 -50.52 6.40
CA VAL A 487 -26.84 -50.29 7.81
C VAL A 487 -27.90 -49.39 8.45
N GLN A 488 -28.43 -48.42 7.69
CA GLN A 488 -29.56 -47.61 8.15
C GLN A 488 -30.81 -48.45 8.38
N SER A 489 -31.03 -49.43 7.50
CA SER A 489 -32.14 -50.36 7.65
C SER A 489 -32.01 -51.16 8.93
N ILE A 490 -30.79 -51.65 9.22
CA ILE A 490 -30.54 -52.45 10.41
C ILE A 490 -30.78 -51.64 11.67
N HIS A 491 -30.34 -50.38 11.68
CA HIS A 491 -30.52 -49.55 12.86
C HIS A 491 -31.95 -49.11 13.05
N THR A 492 -32.73 -49.02 11.97
CA THR A 492 -34.15 -48.76 12.14
C THR A 492 -34.90 -50.00 12.62
N LEU A 493 -34.45 -51.19 12.21
CA LEU A 493 -35.08 -52.42 12.67
C LEU A 493 -34.58 -52.88 14.03
N ALA A 494 -33.46 -52.34 14.52
CA ALA A 494 -32.85 -52.76 15.78
C ALA A 494 -33.73 -52.69 17.05
N PRO A 495 -34.54 -51.65 17.31
CA PRO A 495 -35.40 -51.70 18.51
C PRO A 495 -36.42 -52.82 18.49
N GLY A 496 -36.39 -53.66 19.52
CA GLY A 496 -37.24 -54.80 19.62
C GLY A 496 -36.75 -56.03 18.89
N ASN A 497 -35.70 -55.92 18.08
CA ASN A 497 -35.18 -57.07 17.33
C ASN A 497 -33.77 -57.45 17.78
N THR A 498 -32.79 -56.59 17.54
CA THR A 498 -31.43 -56.86 17.96
C THR A 498 -31.01 -55.99 19.13
N THR A 499 -31.85 -55.06 19.54
CA THR A 499 -31.73 -54.40 20.83
C THR A 499 -33.12 -54.46 21.45
N PRO A 500 -33.52 -55.65 21.95
CA PRO A 500 -34.93 -55.89 22.29
C PRO A 500 -35.50 -55.00 23.37
N ASN A 501 -34.70 -54.60 24.35
CA ASN A 501 -35.16 -53.75 25.43
C ASN A 501 -35.09 -52.27 25.08
N ALA A 502 -34.54 -51.90 23.93
CA ALA A 502 -34.68 -50.54 23.44
C ALA A 502 -36.11 -50.27 23.00
N LEU A 503 -36.57 -49.05 23.24
CA LEU A 503 -37.89 -48.64 22.81
C LEU A 503 -37.88 -47.85 21.51
N ALA A 504 -36.83 -47.06 21.29
CA ALA A 504 -36.68 -46.30 20.07
C ALA A 504 -35.27 -46.53 19.52
N THR A 505 -35.04 -46.03 18.32
CA THR A 505 -33.76 -46.16 17.65
C THR A 505 -32.71 -45.31 18.37
N ALA A 506 -31.45 -45.65 18.15
CA ALA A 506 -30.34 -44.87 18.72
C ALA A 506 -30.38 -43.44 18.20
N SER A 507 -30.69 -43.26 16.92
CA SER A 507 -30.86 -41.95 16.35
C SER A 507 -31.90 -42.01 15.25
N TYR A 508 -32.68 -40.95 15.15
CA TYR A 508 -33.65 -40.84 14.08
C TYR A 508 -33.03 -40.59 12.72
N ALA A 509 -31.71 -40.32 12.64
CA ALA A 509 -31.00 -40.22 11.37
C ALA A 509 -31.06 -41.50 10.56
N PHE A 510 -31.14 -42.64 11.22
CA PHE A 510 -31.17 -43.93 10.55
C PHE A 510 -32.51 -44.23 9.90
N GLY A 511 -33.57 -43.56 10.34
CA GLY A 511 -34.90 -43.88 9.90
C GLY A 511 -35.88 -43.75 11.04
N GLY A 512 -37.17 -43.76 10.75
CA GLY A 512 -38.14 -43.60 11.81
C GLY A 512 -38.86 -42.28 11.75
N ASP A 513 -39.17 -41.74 12.91
CA ASP A 513 -40.06 -40.61 13.04
C ASP A 513 -39.33 -39.32 12.69
N VAL A 514 -40.12 -38.26 12.54
CA VAL A 514 -39.60 -36.90 12.51
C VAL A 514 -39.88 -36.29 13.87
N VAL A 515 -38.83 -35.87 14.56
CA VAL A 515 -38.94 -35.23 15.86
C VAL A 515 -38.88 -33.74 15.65
N ALA A 516 -39.98 -33.08 16.03
CA ALA A 516 -40.20 -31.65 15.89
C ALA A 516 -40.37 -31.01 17.26
N VAL A 517 -39.68 -29.91 17.49
CA VAL A 517 -39.79 -29.15 18.74
C VAL A 517 -39.98 -27.68 18.39
N GLY A 518 -41.09 -27.11 18.83
CA GLY A 518 -41.45 -25.75 18.48
C GLY A 518 -41.64 -25.54 17.00
N ASN A 519 -42.23 -26.54 16.33
CA ASN A 519 -42.48 -26.64 14.89
C ASN A 519 -41.21 -26.69 14.05
N LYS A 520 -40.04 -26.83 14.65
CA LYS A 520 -38.77 -26.98 13.96
C LYS A 520 -38.31 -28.41 14.14
N VAL A 521 -37.68 -28.97 13.11
CA VAL A 521 -37.25 -30.37 13.18
C VAL A 521 -36.07 -30.51 14.12
N ALA A 522 -36.25 -31.35 15.14
CA ALA A 522 -35.14 -31.69 16.00
C ALA A 522 -34.25 -32.70 15.30
N MET A 523 -34.82 -33.83 14.89
CA MET A 523 -34.05 -34.79 14.11
C MET A 523 -35.03 -35.59 13.25
N MET A 524 -34.54 -36.09 12.11
CA MET A 524 -35.37 -36.77 11.13
C MET A 524 -34.45 -37.58 10.23
N PRO A 525 -34.96 -38.64 9.58
CA PRO A 525 -34.09 -39.52 8.77
C PRO A 525 -33.32 -38.83 7.66
N ILE A 526 -32.03 -39.16 7.60
CA ILE A 526 -31.10 -38.60 6.64
C ILE A 526 -30.96 -39.65 5.55
N SER A 527 -31.72 -39.50 4.48
CA SER A 527 -31.64 -40.47 3.39
C SER A 527 -30.38 -40.23 2.60
N LEU A 528 -29.81 -41.33 2.09
CA LEU A 528 -28.56 -41.29 1.36
C LEU A 528 -28.81 -41.70 -0.09
N GLY A 529 -28.30 -40.90 -1.02
CA GLY A 529 -28.50 -41.12 -2.42
C GLY A 529 -27.20 -41.02 -3.18
N THR A 530 -27.26 -40.73 -4.48
CA THR A 530 -26.07 -40.64 -5.32
C THR A 530 -25.14 -39.52 -4.85
N ALA A 531 -25.72 -38.37 -4.51
CA ALA A 531 -24.96 -37.22 -3.99
C ALA A 531 -24.22 -37.56 -2.71
N ASP A 532 -24.81 -38.40 -1.87
CA ASP A 532 -24.18 -38.82 -0.62
C ASP A 532 -23.07 -39.83 -0.85
N PHE A 533 -23.25 -40.73 -1.82
CA PHE A 533 -22.19 -41.64 -2.25
C PHE A 533 -20.98 -40.85 -2.74
N MET A 534 -21.24 -39.85 -3.57
CA MET A 534 -20.18 -39.05 -4.16
C MET A 534 -19.42 -38.24 -3.11
N VAL A 535 -20.15 -37.61 -2.18
CA VAL A 535 -19.46 -36.79 -1.20
C VAL A 535 -18.79 -37.64 -0.12
N HIS A 536 -19.27 -38.86 0.15
CA HIS A 536 -18.55 -39.73 1.07
C HIS A 536 -17.28 -40.27 0.43
N HIS A 537 -17.27 -40.51 -0.87
CA HIS A 537 -16.02 -40.91 -1.48
C HIS A 537 -15.06 -39.75 -1.66
N ILE A 538 -15.58 -38.52 -1.75
CA ILE A 538 -14.76 -37.33 -1.59
C ILE A 538 -14.12 -37.31 -0.21
N HIS A 539 -14.87 -37.68 0.83
CA HIS A 539 -14.33 -37.74 2.19
C HIS A 539 -13.25 -38.79 2.32
N ALA A 540 -13.50 -39.99 1.79
CA ALA A 540 -12.52 -41.07 1.82
C ALA A 540 -11.26 -40.70 1.05
N PHE A 541 -11.41 -39.92 -0.02
CA PHE A 541 -10.27 -39.46 -0.79
C PHE A 541 -9.47 -38.42 -0.03
N THR A 542 -10.12 -37.42 0.56
CA THR A 542 -9.39 -36.36 1.23
C THR A 542 -8.74 -36.85 2.52
N ILE A 543 -9.37 -37.80 3.20
CA ILE A 543 -8.76 -38.42 4.38
C ILE A 543 -7.57 -39.26 3.97
N HIS A 544 -7.71 -40.01 2.88
CA HIS A 544 -6.59 -40.86 2.39
C HIS A 544 -5.39 -39.99 2.03
N VAL A 545 -5.61 -38.89 1.32
CA VAL A 545 -4.46 -38.04 0.87
C VAL A 545 -3.83 -37.37 2.11
N THR A 546 -4.64 -36.91 3.05
CA THR A 546 -4.05 -36.33 4.28
C THR A 546 -3.21 -37.41 4.98
N VAL A 547 -3.71 -38.65 5.03
CA VAL A 547 -2.92 -39.77 5.63
C VAL A 547 -1.64 -39.93 4.80
N LEU A 548 -1.74 -39.85 3.47
CA LEU A 548 -0.53 -40.10 2.64
C LEU A 548 0.53 -39.05 2.97
N ILE A 549 0.16 -37.78 3.03
CA ILE A 549 1.17 -36.71 3.27
C ILE A 549 1.76 -36.91 4.67
N LEU A 550 0.90 -37.12 5.66
CA LEU A 550 1.37 -37.26 7.07
C LEU A 550 2.19 -38.54 7.24
N LEU A 551 1.73 -39.66 6.68
CA LEU A 551 2.47 -40.95 6.77
C LEU A 551 3.79 -40.84 6.01
N LYS A 552 3.77 -40.22 4.82
CA LYS A 552 4.99 -40.11 3.99
C LYS A 552 5.99 -39.28 4.79
N GLY A 553 5.50 -38.32 5.57
CA GLY A 553 6.41 -37.56 6.40
C GLY A 553 6.95 -38.32 7.58
N VAL A 554 6.12 -39.17 8.19
CA VAL A 554 6.58 -39.96 9.33
C VAL A 554 7.56 -41.05 8.88
N LEU A 555 7.24 -41.74 7.78
CA LEU A 555 8.05 -42.86 7.32
C LEU A 555 9.37 -42.41 6.71
N PHE A 556 9.40 -41.23 6.10
CA PHE A 556 10.60 -40.72 5.46
C PHE A 556 11.23 -39.58 6.25
N SER A 557 10.97 -39.51 7.56
CA SER A 557 11.52 -38.44 8.38
C SER A 557 13.00 -38.59 8.62
N ARG A 558 13.49 -39.83 8.73
CA ARG A 558 14.88 -40.03 9.10
C ARG A 558 15.83 -40.13 7.92
N ASN A 559 15.33 -40.61 6.77
CA ASN A 559 16.13 -40.86 5.58
C ASN A 559 15.20 -41.20 4.42
N SER A 560 15.73 -41.03 3.22
CA SER A 560 15.05 -41.34 1.98
C SER A 560 16.08 -41.93 1.04
N ARG A 561 15.66 -42.26 -0.18
CA ARG A 561 16.64 -42.44 -1.24
C ARG A 561 17.20 -41.08 -1.66
N LEU A 562 16.43 -40.01 -1.46
CA LEU A 562 16.88 -38.66 -1.78
C LEU A 562 17.93 -38.18 -0.77
N ILE A 563 17.55 -38.05 0.49
CA ILE A 563 18.45 -37.62 1.54
C ILE A 563 18.68 -38.79 2.48
N PRO A 564 19.84 -39.43 2.42
CA PRO A 564 20.10 -40.60 3.26
C PRO A 564 20.38 -40.28 4.73
N ASP A 565 20.57 -39.02 5.08
CA ASP A 565 20.94 -38.61 6.43
C ASP A 565 20.04 -37.49 6.90
N LYS A 566 18.74 -37.65 6.63
CA LYS A 566 17.73 -36.66 6.96
C LYS A 566 17.56 -36.46 8.46
N ALA A 567 17.90 -37.47 9.27
CA ALA A 567 17.78 -37.33 10.71
C ALA A 567 18.84 -36.40 11.28
N ASN A 568 19.98 -36.27 10.61
CA ASN A 568 21.01 -35.35 11.05
C ASN A 568 20.63 -33.90 10.78
N LEU A 569 19.73 -33.66 9.81
CA LEU A 569 19.24 -32.31 9.54
C LEU A 569 18.11 -31.91 10.47
N GLY A 570 17.42 -32.87 11.05
CA GLY A 570 16.43 -32.62 12.08
C GLY A 570 15.01 -32.87 11.59
N PHE A 571 14.07 -32.59 12.48
CA PHE A 571 12.66 -32.74 12.17
C PHE A 571 12.19 -31.59 11.31
N ARG A 572 12.70 -30.40 11.59
CA ARG A 572 12.23 -29.17 10.98
C ARG A 572 13.46 -28.51 10.38
N PHE A 573 13.66 -28.74 9.08
CA PHE A 573 14.68 -28.08 8.30
C PHE A 573 13.99 -27.67 7.01
N PRO A 574 14.46 -26.63 6.34
CA PRO A 574 13.72 -26.19 5.15
C PRO A 574 13.93 -27.07 3.93
N CYS A 575 15.16 -27.56 3.77
CA CYS A 575 15.63 -28.26 2.59
C CYS A 575 17.04 -28.73 2.87
N ASP A 576 17.63 -29.42 1.90
CA ASP A 576 19.07 -29.66 1.88
C ASP A 576 19.63 -29.18 0.55
N GLY A 577 19.25 -27.97 0.16
CA GLY A 577 19.81 -27.32 -1.00
C GLY A 577 19.08 -27.53 -2.30
N PRO A 578 19.47 -26.80 -3.34
CA PRO A 578 18.84 -26.94 -4.64
C PRO A 578 19.36 -28.11 -5.44
N GLY A 579 20.26 -28.85 -4.88
CA GLY A 579 20.79 -30.00 -5.55
C GLY A 579 19.95 -31.20 -5.35
N ARG A 580 20.36 -32.27 -6.05
CA ARG A 580 19.56 -33.48 -6.28
C ARG A 580 18.27 -33.13 -7.00
N GLY A 581 18.31 -32.09 -7.83
CA GLY A 581 17.16 -31.51 -8.46
C GLY A 581 16.45 -30.47 -7.63
N GLY A 582 16.67 -30.48 -6.32
CA GLY A 582 15.97 -29.61 -5.40
C GLY A 582 15.33 -30.42 -4.29
N THR A 583 15.64 -30.09 -3.06
CA THR A 583 15.13 -30.83 -1.92
C THR A 583 14.29 -29.94 -1.02
N CYS A 584 13.61 -28.97 -1.63
CA CYS A 584 12.70 -28.07 -0.92
C CYS A 584 11.59 -28.85 -0.26
N GLN A 585 11.35 -28.56 1.02
CA GLN A 585 10.26 -29.16 1.83
C GLN A 585 10.44 -30.67 1.99
N SER A 586 11.65 -31.09 2.32
CA SER A 586 11.96 -32.51 2.48
C SER A 586 11.81 -33.00 3.91
N SER A 587 11.49 -32.12 4.85
CA SER A 587 11.44 -32.53 6.24
C SER A 587 10.11 -33.17 6.58
N ALA A 588 10.05 -33.78 7.76
CA ALA A 588 8.78 -34.29 8.28
C ALA A 588 7.86 -33.14 8.63
N TRP A 589 8.44 -32.03 9.10
CA TRP A 589 7.69 -30.80 9.39
C TRP A 589 6.98 -30.30 8.15
N ASP A 590 7.61 -30.44 7.00
CA ASP A 590 6.99 -29.92 5.79
C ASP A 590 5.92 -30.83 5.27
N SER A 591 5.85 -32.06 5.75
CA SER A 591 4.69 -32.89 5.48
C SER A 591 3.57 -32.61 6.43
N VAL A 592 3.87 -32.23 7.67
CA VAL A 592 2.82 -31.70 8.54
C VAL A 592 2.25 -30.41 7.97
N PHE A 593 3.15 -29.57 7.43
CA PHE A 593 2.77 -28.32 6.79
C PHE A 593 1.89 -28.57 5.57
N LEU A 594 2.24 -29.54 4.74
CA LEU A 594 1.44 -29.84 3.57
C LEU A 594 0.19 -30.62 3.90
N GLY A 595 0.19 -31.41 4.97
CA GLY A 595 -0.98 -32.15 5.35
C GLY A 595 -1.97 -31.36 6.15
N LEU A 596 -1.58 -30.22 6.70
CA LEU A 596 -2.57 -29.36 7.35
C LEU A 596 -3.43 -28.64 6.33
N PHE A 597 -2.91 -28.41 5.12
CA PHE A 597 -3.73 -27.93 4.02
C PHE A 597 -4.74 -28.97 3.57
N TRP A 598 -4.32 -30.22 3.48
CA TRP A 598 -5.22 -31.28 3.06
C TRP A 598 -6.18 -31.67 4.16
N MET A 599 -5.79 -31.50 5.41
CA MET A 599 -6.75 -31.57 6.51
C MET A 599 -7.77 -30.46 6.39
N TYR A 600 -7.31 -29.25 6.07
CA TYR A 600 -8.22 -28.13 5.87
C TYR A 600 -9.21 -28.43 4.76
N ASN A 601 -8.71 -28.99 3.66
CA ASN A 601 -9.53 -29.40 2.54
C ASN A 601 -10.54 -30.46 2.93
N CYS A 602 -10.10 -31.46 3.70
CA CYS A 602 -10.97 -32.55 4.13
C CYS A 602 -12.08 -32.05 5.03
N ILE A 603 -11.70 -31.31 6.09
CA ILE A 603 -12.65 -30.86 7.09
C ILE A 603 -13.59 -29.80 6.49
N SER A 604 -13.10 -29.01 5.52
CA SER A 604 -13.96 -28.04 4.86
C SER A 604 -15.03 -28.72 4.04
N VAL A 605 -14.69 -29.83 3.38
CA VAL A 605 -15.73 -30.54 2.64
C VAL A 605 -16.68 -31.27 3.59
N VAL A 606 -16.19 -31.74 4.74
CA VAL A 606 -17.07 -32.41 5.70
C VAL A 606 -18.09 -31.44 6.27
N ILE A 607 -17.64 -30.25 6.67
CA ILE A 607 -18.56 -29.28 7.24
C ILE A 607 -19.48 -28.70 6.17
N PHE A 608 -19.02 -28.62 4.91
CA PHE A 608 -19.89 -28.21 3.82
C PHE A 608 -20.96 -29.25 3.51
N HIS A 609 -20.58 -30.53 3.53
CA HIS A 609 -21.52 -31.63 3.35
C HIS A 609 -22.55 -31.63 4.45
N PHE A 610 -22.10 -31.47 5.69
CA PHE A 610 -23.01 -31.41 6.83
C PHE A 610 -23.96 -30.23 6.73
N SER A 611 -23.42 -29.04 6.44
CA SER A 611 -24.22 -27.82 6.43
C SER A 611 -25.29 -27.89 5.35
N TRP A 612 -24.91 -28.29 4.14
CA TRP A 612 -25.87 -28.38 3.05
C TRP A 612 -26.86 -29.52 3.27
N LYS A 613 -26.39 -30.70 3.70
CA LYS A 613 -27.29 -31.83 3.88
C LYS A 613 -28.29 -31.60 5.00
N MET A 614 -27.84 -31.02 6.13
CA MET A 614 -28.77 -30.76 7.23
C MET A 614 -29.77 -29.68 6.89
N GLN A 615 -29.34 -28.63 6.18
CA GLN A 615 -30.29 -27.60 5.77
C GLN A 615 -31.25 -28.11 4.71
N SER A 616 -30.76 -28.89 3.76
CA SER A 616 -31.57 -29.36 2.65
C SER A 616 -32.51 -30.49 3.02
N ASP A 617 -32.09 -31.39 3.91
CA ASP A 617 -32.82 -32.64 4.09
C ASP A 617 -33.20 -32.93 5.53
N VAL A 618 -32.77 -32.12 6.51
CA VAL A 618 -33.07 -32.42 7.90
C VAL A 618 -33.72 -31.22 8.59
N TRP A 619 -33.06 -30.08 8.55
CA TRP A 619 -33.52 -28.92 9.29
C TRP A 619 -34.64 -28.22 8.54
N GLY A 620 -35.52 -27.57 9.27
CA GLY A 620 -36.60 -26.83 8.67
C GLY A 620 -37.79 -26.80 9.60
N THR A 621 -38.92 -26.36 9.07
CA THR A 621 -40.13 -26.20 9.86
C THR A 621 -41.13 -27.29 9.51
N VAL A 622 -41.81 -27.82 10.53
CA VAL A 622 -42.84 -28.84 10.30
C VAL A 622 -44.17 -28.15 10.09
N GLN A 623 -44.73 -28.30 8.90
CA GLN A 623 -46.01 -27.71 8.54
C GLN A 623 -47.13 -28.63 9.02
N SER A 624 -48.39 -28.18 8.87
CA SER A 624 -49.55 -29.03 9.17
C SER A 624 -49.50 -30.23 8.23
N ASP A 625 -49.88 -31.42 8.76
CA ASP A 625 -49.87 -32.76 8.11
C ASP A 625 -48.47 -33.35 8.18
N GLY A 626 -47.55 -32.72 8.92
CA GLY A 626 -46.22 -33.23 9.14
C GLY A 626 -45.27 -33.01 7.99
N THR A 627 -45.65 -32.19 7.00
CA THR A 627 -44.75 -31.83 5.92
C THR A 627 -43.61 -31.03 6.52
N VAL A 628 -42.39 -31.29 6.08
CA VAL A 628 -41.25 -30.53 6.55
C VAL A 628 -40.70 -29.68 5.42
N THR A 629 -40.88 -28.36 5.55
CA THR A 629 -40.28 -27.42 4.62
C THR A 629 -38.86 -27.18 5.08
N HIS A 630 -37.89 -27.65 4.31
CA HIS A 630 -36.50 -27.55 4.71
C HIS A 630 -35.96 -26.18 4.34
N ILE A 631 -34.80 -25.86 4.92
CA ILE A 631 -34.20 -24.53 4.80
C ILE A 631 -33.85 -24.22 3.35
N THR A 632 -33.20 -25.15 2.65
CA THR A 632 -32.90 -24.93 1.25
C THR A 632 -33.74 -25.83 0.35
N GLY A 633 -34.81 -26.40 0.88
CA GLY A 633 -35.86 -27.03 0.07
C GLY A 633 -35.48 -28.27 -0.69
N GLY A 634 -34.61 -29.10 -0.13
CA GLY A 634 -34.25 -30.37 -0.76
C GLY A 634 -33.50 -30.26 -2.06
N ASN A 635 -32.57 -29.32 -2.16
CA ASN A 635 -31.79 -29.16 -3.38
C ASN A 635 -30.50 -29.96 -3.39
N PHE A 636 -30.16 -30.66 -2.29
CA PHE A 636 -28.91 -31.41 -2.21
C PHE A 636 -28.88 -32.56 -3.21
N ALA A 637 -30.00 -33.29 -3.35
CA ALA A 637 -30.04 -34.52 -4.14
C ALA A 637 -29.69 -34.29 -5.61
N GLN A 638 -30.21 -33.24 -6.21
CA GLN A 638 -30.00 -33.00 -7.63
C GLN A 638 -28.94 -31.95 -7.92
N SER A 639 -28.35 -31.34 -6.90
CA SER A 639 -27.36 -30.31 -7.15
C SER A 639 -26.03 -30.51 -6.43
N ALA A 640 -25.93 -31.41 -5.46
CA ALA A 640 -24.61 -31.71 -4.88
C ALA A 640 -23.84 -32.74 -5.67
N ILE A 641 -24.29 -33.05 -6.88
CA ILE A 641 -23.62 -33.99 -7.76
C ILE A 641 -22.70 -33.27 -8.74
N THR A 642 -22.82 -31.97 -8.87
CA THR A 642 -21.98 -31.16 -9.73
C THR A 642 -21.22 -30.15 -8.88
N ILE A 643 -20.04 -29.73 -9.35
CA ILE A 643 -19.30 -28.68 -8.66
C ILE A 643 -20.02 -27.34 -8.80
N ASN A 644 -20.64 -27.09 -9.96
CA ASN A 644 -21.44 -25.88 -10.17
C ASN A 644 -22.61 -25.80 -9.20
N GLY A 645 -23.17 -26.93 -8.82
CA GLY A 645 -24.18 -26.94 -7.78
C GLY A 645 -23.65 -26.54 -6.42
N TRP A 646 -22.46 -27.01 -6.07
CA TRP A 646 -21.82 -26.60 -4.82
C TRP A 646 -21.47 -25.12 -4.83
N LEU A 647 -20.99 -24.62 -5.97
CA LEU A 647 -20.72 -23.20 -6.13
C LEU A 647 -21.98 -22.37 -6.06
N ARG A 648 -23.00 -22.77 -6.81
CA ARG A 648 -24.23 -21.99 -6.96
C ARG A 648 -25.17 -22.22 -5.79
N ASP A 649 -25.62 -23.45 -5.58
CA ASP A 649 -26.68 -23.71 -4.63
C ASP A 649 -26.19 -23.81 -3.20
N PHE A 650 -24.89 -23.89 -2.97
CA PHE A 650 -24.39 -23.88 -1.60
C PHE A 650 -23.59 -22.63 -1.27
N LEU A 651 -22.51 -22.32 -1.98
CA LEU A 651 -21.72 -21.17 -1.56
C LEU A 651 -22.38 -19.84 -1.94
N TRP A 652 -22.86 -19.74 -3.18
CA TRP A 652 -23.47 -18.49 -3.64
C TRP A 652 -24.81 -18.24 -2.97
N ALA A 653 -25.66 -19.28 -2.92
CA ALA A 653 -26.99 -19.16 -2.34
C ALA A 653 -26.96 -18.86 -0.86
N GLN A 654 -26.05 -19.49 -0.13
CA GLN A 654 -26.02 -19.35 1.32
C GLN A 654 -25.08 -18.27 1.80
N ALA A 655 -24.26 -17.69 0.91
CA ALA A 655 -23.42 -16.57 1.31
C ALA A 655 -24.18 -15.26 1.28
N SER A 656 -25.50 -15.34 1.01
CA SER A 656 -26.37 -14.19 0.93
C SER A 656 -26.43 -13.47 2.26
N GLN A 657 -26.47 -14.23 3.33
CA GLN A 657 -26.60 -13.68 4.66
C GLN A 657 -25.35 -12.93 5.11
N VAL A 658 -24.13 -13.45 4.87
CA VAL A 658 -22.92 -12.71 5.21
C VAL A 658 -22.79 -11.45 4.37
N ILE A 659 -23.04 -11.54 3.06
CA ILE A 659 -22.88 -10.37 2.20
C ILE A 659 -23.90 -9.28 2.54
N GLN A 660 -25.12 -9.66 2.94
CA GLN A 660 -26.20 -8.71 3.20
C GLN A 660 -26.38 -8.45 4.69
N SER A 661 -25.34 -8.70 5.48
CA SER A 661 -25.42 -8.56 6.92
C SER A 661 -25.15 -7.15 7.42
N TYR A 662 -24.73 -6.23 6.56
CA TYR A 662 -24.32 -4.90 6.99
C TYR A 662 -25.50 -4.08 7.49
N GLY A 663 -25.29 -3.41 8.62
CA GLY A 663 -26.32 -2.65 9.28
C GLY A 663 -27.18 -3.44 10.24
N SER A 664 -26.91 -4.73 10.41
CA SER A 664 -27.65 -5.59 11.32
C SER A 664 -26.73 -6.07 12.43
N ALA A 665 -27.25 -6.96 13.27
CA ALA A 665 -26.45 -7.58 14.31
C ALA A 665 -25.47 -8.60 13.78
N LEU A 666 -25.67 -9.07 12.55
CA LEU A 666 -24.76 -10.03 11.95
C LEU A 666 -23.71 -9.37 11.09
N SER A 667 -23.61 -8.05 11.14
CA SER A 667 -22.61 -7.31 10.40
C SER A 667 -21.19 -7.61 10.84
N ALA A 668 -21.01 -8.09 12.07
CA ALA A 668 -19.70 -8.56 12.51
C ALA A 668 -19.28 -9.78 11.70
N TYR A 669 -20.24 -10.64 11.37
CA TYR A 669 -19.94 -11.78 10.52
C TYR A 669 -19.58 -11.36 9.10
N GLY A 670 -20.24 -10.33 8.57
CA GLY A 670 -19.83 -9.81 7.28
C GLY A 670 -18.43 -9.22 7.31
N LEU A 671 -18.08 -8.58 8.43
CA LEU A 671 -16.75 -8.02 8.58
C LEU A 671 -15.70 -9.12 8.73
N ILE A 672 -16.01 -10.18 9.46
CA ILE A 672 -15.07 -11.29 9.62
C ILE A 672 -14.98 -12.13 8.34
N PHE A 673 -16.07 -12.20 7.57
CA PHE A 673 -16.07 -12.81 6.24
C PHE A 673 -15.08 -12.12 5.32
N LEU A 674 -15.14 -10.79 5.27
CA LEU A 674 -14.22 -10.04 4.45
C LEU A 674 -12.80 -10.05 5.02
N GLY A 675 -12.68 -9.92 6.34
CA GLY A 675 -11.37 -9.93 6.99
C GLY A 675 -10.64 -11.25 6.83
N ALA A 676 -11.36 -12.34 6.89
CA ALA A 676 -10.76 -13.63 6.71
C ALA A 676 -10.44 -13.92 5.25
N HIS A 677 -11.27 -13.46 4.28
CA HIS A 677 -10.83 -13.48 2.88
C HIS A 677 -9.50 -12.73 2.69
N PHE A 678 -9.35 -11.61 3.40
CA PHE A 678 -8.12 -10.83 3.37
C PHE A 678 -6.95 -11.61 3.95
N ILE A 679 -7.12 -12.20 5.13
CA ILE A 679 -6.06 -12.94 5.81
C ILE A 679 -5.64 -14.16 4.99
N TRP A 680 -6.61 -14.86 4.41
CA TRP A 680 -6.34 -16.01 3.55
C TRP A 680 -5.49 -15.62 2.35
N ALA A 681 -5.86 -14.53 1.67
CA ALA A 681 -5.07 -14.05 0.55
C ALA A 681 -3.70 -13.57 0.96
N PHE A 682 -3.63 -12.89 2.11
CA PHE A 682 -2.39 -12.38 2.67
C PHE A 682 -1.41 -13.51 2.97
N SER A 683 -1.93 -14.69 3.31
CA SER A 683 -1.12 -15.88 3.54
C SER A 683 -0.36 -16.31 2.30
N LEU A 684 -0.95 -16.12 1.13
CA LEU A 684 -0.34 -16.56 -0.12
C LEU A 684 0.89 -15.73 -0.46
N MET A 685 1.06 -14.56 0.15
CA MET A 685 2.30 -13.83 0.05
C MET A 685 3.43 -14.60 0.70
N PHE A 686 3.15 -15.25 1.82
CA PHE A 686 4.15 -16.04 2.50
C PHE A 686 4.29 -17.42 1.87
N LEU A 687 3.25 -17.90 1.21
CA LEU A 687 3.31 -19.24 0.66
C LEU A 687 3.93 -19.30 -0.71
N PHE A 688 3.66 -18.31 -1.56
CA PHE A 688 4.17 -18.42 -2.91
C PHE A 688 5.56 -17.79 -3.05
N SER A 689 6.03 -17.08 -2.04
CA SER A 689 7.30 -16.37 -2.14
C SER A 689 8.37 -17.10 -1.34
N GLY A 690 9.59 -16.60 -1.51
CA GLY A 690 10.73 -17.16 -0.85
C GLY A 690 11.49 -16.08 -0.12
N ARG A 691 12.29 -16.53 0.84
CA ARG A 691 13.03 -15.66 1.76
C ARG A 691 14.02 -14.73 1.08
N GLY A 692 14.66 -15.17 -0.02
CA GLY A 692 15.71 -14.39 -0.64
C GLY A 692 15.24 -13.08 -1.24
N TYR A 693 14.01 -13.08 -1.79
CA TYR A 693 13.39 -11.83 -2.26
C TYR A 693 13.24 -10.84 -1.12
N TRP A 694 12.77 -11.32 0.01
CA TRP A 694 12.42 -10.44 1.10
C TRP A 694 13.65 -9.94 1.81
N GLN A 695 14.71 -10.74 1.81
CA GLN A 695 15.96 -10.26 2.39
C GLN A 695 16.61 -9.18 1.53
N GLU A 696 16.55 -9.31 0.20
CA GLU A 696 17.11 -8.24 -0.64
C GLU A 696 16.27 -6.96 -0.59
N LEU A 697 14.94 -7.12 -0.47
CA LEU A 697 14.07 -5.97 -0.27
C LEU A 697 14.36 -5.29 1.08
N ILE A 698 14.57 -6.10 2.11
CA ILE A 698 14.94 -5.58 3.43
C ILE A 698 16.30 -4.89 3.36
N GLU A 699 17.21 -5.35 2.50
CA GLU A 699 18.50 -4.66 2.30
C GLU A 699 18.31 -3.24 1.80
N SER A 700 17.39 -3.04 0.86
CA SER A 700 17.11 -1.68 0.40
C SER A 700 16.46 -0.83 1.50
N ILE A 701 15.58 -1.43 2.30
CA ILE A 701 14.96 -0.71 3.41
C ILE A 701 15.98 -0.39 4.52
N VAL A 702 16.91 -1.32 4.77
CA VAL A 702 18.03 -1.12 5.70
C VAL A 702 18.92 0.02 5.22
N TRP A 703 19.10 0.13 3.90
CA TRP A 703 19.84 1.25 3.34
C TRP A 703 19.16 2.56 3.66
N ALA A 704 17.82 2.60 3.52
CA ALA A 704 17.09 3.83 3.80
C ALA A 704 17.15 4.20 5.27
N HIS A 705 17.27 3.21 6.14
CA HIS A 705 17.47 3.44 7.56
C HIS A 705 18.88 3.88 7.89
N ASN A 706 19.87 3.26 7.27
CA ASN A 706 21.27 3.65 7.41
C ASN A 706 21.47 5.08 6.97
N LYS A 707 20.80 5.51 5.89
CA LYS A 707 20.89 6.87 5.38
C LYS A 707 20.42 7.90 6.39
N LEU A 708 19.41 7.55 7.20
CA LEU A 708 18.92 8.43 8.24
C LEU A 708 19.51 8.12 9.60
N ASN A 709 20.52 7.23 9.67
CA ASN A 709 21.18 6.80 10.91
C ASN A 709 20.19 6.20 11.90
N VAL A 710 19.24 5.43 11.39
CA VAL A 710 18.18 4.85 12.19
C VAL A 710 18.15 3.33 11.98
N ALA A 711 19.28 2.75 11.66
CA ALA A 711 19.34 1.30 11.57
C ALA A 711 19.22 0.68 12.96
N PRO A 712 18.48 -0.40 13.12
CA PRO A 712 18.40 -1.06 14.42
C PRO A 712 19.64 -1.90 14.66
N ALA A 713 19.92 -2.13 15.94
CA ALA A 713 21.06 -2.95 16.30
C ALA A 713 20.74 -4.43 16.21
N ILE A 714 19.46 -4.79 16.31
CA ILE A 714 18.98 -6.14 16.02
C ILE A 714 18.66 -6.13 14.53
N GLN A 715 19.59 -6.64 13.73
CA GLN A 715 19.55 -6.55 12.27
C GLN A 715 18.33 -7.22 11.71
N PRO A 716 17.51 -6.52 10.94
CA PRO A 716 16.30 -7.12 10.40
C PRO A 716 16.60 -8.18 9.37
N ARG A 717 15.89 -9.28 9.49
CA ARG A 717 16.02 -10.37 8.57
C ARG A 717 14.65 -10.72 8.04
N ALA A 718 14.63 -11.21 6.82
CA ALA A 718 13.47 -11.94 6.37
C ALA A 718 13.32 -13.19 7.22
N LEU A 719 12.06 -13.59 7.46
CA LEU A 719 11.73 -14.80 8.22
C LEU A 719 12.40 -16.00 7.60
N SER A 720 12.66 -17.03 8.41
CA SER A 720 13.27 -18.24 7.87
C SER A 720 12.34 -18.92 6.88
N ILE A 721 12.91 -19.83 6.09
CA ILE A 721 12.16 -20.54 5.07
C ILE A 721 11.03 -21.34 5.70
N THR A 722 11.35 -22.03 6.79
CA THR A 722 10.35 -22.75 7.57
C THR A 722 9.33 -21.80 8.18
N GLN A 723 9.79 -20.66 8.70
CA GLN A 723 8.85 -19.74 9.31
C GLN A 723 7.96 -19.08 8.27
N GLY A 724 8.49 -18.78 7.07
CA GLY A 724 7.65 -18.32 5.97
C GLY A 724 6.56 -19.32 5.62
N ARG A 725 6.89 -20.61 5.66
CA ARG A 725 5.90 -21.66 5.47
C ARG A 725 4.89 -21.71 6.61
N ALA A 726 5.35 -21.58 7.85
CA ALA A 726 4.48 -21.66 9.01
C ALA A 726 3.54 -20.47 9.10
N VAL A 727 4.04 -19.28 8.75
CA VAL A 727 3.23 -18.06 8.77
C VAL A 727 2.20 -18.11 7.66
N GLY A 728 2.60 -18.59 6.48
CA GLY A 728 1.65 -18.77 5.39
C GLY A 728 0.56 -19.76 5.73
N LEU A 729 0.92 -20.88 6.34
CA LEU A 729 -0.06 -21.89 6.72
C LEU A 729 -0.99 -21.39 7.84
N ALA A 730 -0.43 -20.67 8.83
CA ALA A 730 -1.25 -20.15 9.93
C ALA A 730 -2.25 -19.11 9.45
N HIS A 731 -1.83 -18.21 8.56
CA HIS A 731 -2.76 -17.23 8.02
C HIS A 731 -3.77 -17.89 7.09
N TYR A 732 -3.35 -18.91 6.33
CA TYR A 732 -4.25 -19.61 5.42
C TYR A 732 -5.35 -20.32 6.19
N LEU A 733 -4.98 -21.00 7.27
CA LEU A 733 -5.94 -21.72 8.09
C LEU A 733 -6.88 -20.75 8.79
N LEU A 734 -6.32 -19.66 9.36
CA LEU A 734 -7.12 -18.64 10.00
C LEU A 734 -8.08 -17.99 9.01
N GLY A 735 -7.59 -17.69 7.80
CA GLY A 735 -8.41 -17.05 6.80
C GLY A 735 -9.51 -17.94 6.27
N GLY A 736 -9.15 -19.16 5.88
CA GLY A 736 -10.15 -20.11 5.42
C GLY A 736 -11.16 -20.48 6.48
N ILE A 737 -10.70 -20.83 7.68
CA ILE A 737 -11.60 -21.24 8.75
C ILE A 737 -12.44 -20.06 9.22
N GLY A 738 -11.85 -18.86 9.31
CA GLY A 738 -12.61 -17.69 9.67
C GLY A 738 -13.64 -17.29 8.63
N THR A 739 -13.34 -17.52 7.35
CA THR A 739 -14.31 -17.31 6.29
C THR A 739 -15.47 -18.27 6.44
N THR A 740 -15.18 -19.54 6.70
CA THR A 740 -16.23 -20.54 6.88
C THR A 740 -16.99 -20.30 8.17
N TRP A 741 -16.29 -19.85 9.22
CA TRP A 741 -16.89 -19.54 10.50
C TRP A 741 -17.89 -18.41 10.40
N ALA A 742 -17.51 -17.33 9.71
CA ALA A 742 -18.41 -16.20 9.51
C ALA A 742 -19.56 -16.58 8.60
N PHE A 743 -19.29 -17.31 7.52
CA PHE A 743 -20.32 -17.73 6.58
C PHE A 743 -21.33 -18.67 7.23
N PHE A 744 -20.84 -19.66 7.98
CA PHE A 744 -21.70 -20.63 8.64
C PHE A 744 -22.55 -19.93 9.67
N LEU A 745 -21.95 -19.05 10.46
CA LEU A 745 -22.67 -18.47 11.58
C LEU A 745 -23.69 -17.43 11.15
N ALA A 746 -23.37 -16.55 10.19
CA ALA A 746 -24.40 -15.62 9.72
C ALA A 746 -25.52 -16.34 8.99
N ARG A 747 -25.18 -17.40 8.23
CA ARG A 747 -26.20 -18.14 7.49
C ARG A 747 -27.17 -18.80 8.44
N ILE A 748 -26.66 -19.52 9.42
CA ILE A 748 -27.56 -20.30 10.26
C ILE A 748 -28.18 -19.47 11.38
N ILE A 749 -27.60 -18.34 11.77
CA ILE A 749 -28.32 -17.45 12.69
C ILE A 749 -29.49 -16.80 11.98
N SER A 750 -29.31 -16.43 10.69
CA SER A 750 -30.42 -15.83 9.96
C SER A 750 -31.54 -16.83 9.66
N VAL A 751 -31.18 -18.01 9.16
CA VAL A 751 -32.19 -18.91 8.61
C VAL A 751 -32.59 -20.04 9.58
N GLY A 752 -31.80 -20.28 10.62
CA GLY A 752 -32.10 -21.35 11.55
C GLY A 752 -32.16 -20.85 12.96
N THR B 3 18.00 -38.36 -26.19
CA THR B 3 19.38 -38.01 -25.90
C THR B 3 19.81 -36.97 -26.93
N LYS B 4 18.90 -36.61 -27.84
CA LYS B 4 19.24 -35.59 -28.83
C LYS B 4 18.14 -34.57 -29.08
N PHE B 5 17.02 -34.58 -28.31
CA PHE B 5 15.96 -33.59 -28.49
C PHE B 5 16.43 -32.16 -28.30
N PRO B 6 17.00 -31.73 -27.13
CA PRO B 6 17.54 -30.37 -27.13
C PRO B 6 18.83 -30.35 -27.92
N LYS B 7 18.76 -30.30 -29.26
CA LYS B 7 19.97 -30.27 -30.08
C LYS B 7 20.75 -28.99 -29.89
N PHE B 8 20.13 -27.96 -29.33
CA PHE B 8 20.74 -26.70 -28.99
C PHE B 8 21.36 -26.71 -27.61
N SER B 9 21.30 -27.82 -26.89
CA SER B 9 21.80 -27.87 -25.52
C SER B 9 22.36 -29.27 -25.24
N GLN B 10 23.68 -29.39 -25.19
CA GLN B 10 24.27 -30.67 -24.82
C GLN B 10 24.14 -30.97 -23.33
N ALA B 11 23.98 -29.95 -22.49
CA ALA B 11 23.78 -30.19 -21.07
C ALA B 11 22.43 -30.82 -20.79
N LEU B 12 21.41 -30.45 -21.57
CA LEU B 12 20.09 -31.07 -21.42
C LEU B 12 20.00 -32.38 -22.18
N ALA B 13 20.64 -32.49 -23.34
CA ALA B 13 20.58 -33.70 -24.13
C ALA B 13 21.32 -34.88 -23.51
N GLN B 14 22.12 -34.67 -22.47
CA GLN B 14 22.74 -35.75 -21.71
C GLN B 14 22.10 -35.98 -20.35
N ASP B 15 21.07 -35.21 -20.02
CA ASP B 15 20.29 -35.45 -18.80
C ASP B 15 19.48 -36.73 -18.99
N PRO B 16 19.55 -37.70 -18.07
CA PRO B 16 18.79 -38.94 -18.24
C PRO B 16 17.38 -38.90 -17.67
N ALA B 17 16.92 -37.75 -17.20
CA ALA B 17 15.65 -37.63 -16.51
C ALA B 17 14.59 -37.05 -17.44
N THR B 18 13.36 -36.94 -16.93
CA THR B 18 12.28 -36.26 -17.63
C THR B 18 12.44 -34.74 -17.62
N ARG B 19 13.39 -34.22 -16.85
CA ARG B 19 13.71 -32.79 -16.84
C ARG B 19 14.22 -32.31 -18.19
N ARG B 20 14.85 -33.20 -18.97
CA ARG B 20 15.40 -32.86 -20.28
C ARG B 20 14.32 -32.40 -21.25
N ILE B 21 13.17 -33.08 -21.23
CA ILE B 21 12.06 -32.74 -22.12
C ILE B 21 11.47 -31.38 -21.77
N TRP B 22 11.25 -31.17 -20.47
CA TRP B 22 10.67 -29.91 -19.97
C TRP B 22 11.60 -28.74 -20.24
N TYR B 23 12.88 -28.90 -19.93
CA TYR B 23 13.83 -27.81 -20.07
C TYR B 23 14.17 -27.54 -21.53
N GLY B 24 14.19 -28.58 -22.37
CA GLY B 24 14.34 -28.37 -23.79
C GLY B 24 13.17 -27.64 -24.40
N LEU B 25 11.97 -27.90 -23.88
CA LEU B 25 10.78 -27.19 -24.36
C LEU B 25 10.78 -25.74 -23.86
N ALA B 26 11.21 -25.51 -22.63
CA ALA B 26 11.17 -24.19 -22.03
C ALA B 26 12.32 -23.27 -22.41
N THR B 27 13.43 -23.79 -22.92
CA THR B 27 14.58 -22.98 -23.30
C THR B 27 14.72 -22.86 -24.80
N ALA B 28 13.73 -23.33 -25.55
CA ALA B 28 13.82 -23.48 -27.00
C ALA B 28 13.98 -22.16 -27.71
N HIS B 29 13.34 -21.12 -27.21
CA HIS B 29 13.32 -19.82 -27.87
C HIS B 29 14.36 -18.87 -27.33
N ASP B 30 15.18 -19.32 -26.37
CA ASP B 30 16.26 -18.50 -25.83
C ASP B 30 17.53 -18.81 -26.64
N LEU B 31 17.54 -18.26 -27.85
CA LEU B 31 18.56 -18.60 -28.85
C LEU B 31 19.96 -18.16 -28.41
N GLU B 32 20.06 -17.14 -27.56
CA GLU B 32 21.35 -16.68 -27.07
C GLU B 32 22.08 -17.72 -26.23
N SER B 33 21.35 -18.59 -25.55
CA SER B 33 21.92 -19.59 -24.66
C SER B 33 22.24 -20.91 -25.36
N HIS B 34 21.93 -21.04 -26.64
CA HIS B 34 22.14 -22.27 -27.37
C HIS B 34 23.63 -22.50 -27.61
N ASP B 35 24.02 -23.78 -27.65
CA ASP B 35 25.43 -24.13 -27.79
C ASP B 35 26.01 -23.67 -29.12
N GLY B 36 27.19 -23.05 -29.06
CA GLY B 36 27.89 -22.58 -30.23
C GLY B 36 27.15 -21.50 -30.98
N MET B 37 26.57 -20.55 -30.26
CA MET B 37 25.75 -19.53 -30.89
C MET B 37 26.62 -18.30 -31.16
N THR B 38 26.74 -17.94 -32.43
CA THR B 38 27.36 -16.69 -32.79
C THR B 38 26.32 -15.58 -32.83
N GLU B 39 26.78 -14.33 -32.98
CA GLU B 39 25.86 -13.20 -33.04
C GLU B 39 25.18 -13.08 -34.40
N GLU B 40 25.90 -13.42 -35.49
CA GLU B 40 25.31 -13.47 -36.83
C GLU B 40 24.11 -14.40 -36.84
N ASN B 41 24.29 -15.62 -36.35
CA ASN B 41 23.26 -16.64 -36.40
C ASN B 41 22.12 -16.29 -35.47
N LEU B 42 22.42 -15.61 -34.37
CA LEU B 42 21.39 -15.19 -33.44
C LEU B 42 20.44 -14.18 -34.07
N TYR B 43 21.00 -13.17 -34.74
CA TYR B 43 20.14 -12.15 -35.33
C TYR B 43 19.41 -12.69 -36.57
N GLN B 44 20.01 -13.62 -37.29
CA GLN B 44 19.35 -14.16 -38.48
C GLN B 44 18.23 -15.15 -38.13
N LYS B 45 18.37 -15.92 -37.04
CA LYS B 45 17.26 -16.77 -36.61
C LYS B 45 16.14 -15.94 -36.01
N ILE B 46 16.46 -14.87 -35.28
CA ILE B 46 15.41 -13.98 -34.75
C ILE B 46 14.65 -13.30 -35.90
N PHE B 47 15.37 -12.89 -36.95
CA PHE B 47 14.74 -12.29 -38.12
C PHE B 47 13.77 -13.25 -38.80
N ALA B 48 14.21 -14.50 -39.02
CA ALA B 48 13.35 -15.48 -39.68
C ALA B 48 12.17 -15.88 -38.80
N SER B 49 12.38 -16.03 -37.50
CA SER B 49 11.27 -16.34 -36.62
C SER B 49 10.36 -15.14 -36.38
N HIS B 50 10.82 -13.93 -36.69
CA HIS B 50 9.90 -12.75 -36.61
C HIS B 50 8.96 -12.82 -37.81
N PHE B 51 9.46 -13.35 -38.94
CA PHE B 51 8.62 -13.51 -40.16
C PHE B 51 7.59 -14.61 -39.90
N GLY B 52 7.96 -15.61 -39.09
CA GLY B 52 7.01 -16.67 -38.74
C GLY B 52 5.92 -16.12 -37.83
N HIS B 53 6.27 -15.25 -36.89
CA HIS B 53 5.24 -14.59 -36.05
C HIS B 53 4.35 -13.74 -36.94
N LEU B 54 4.94 -12.97 -37.86
CA LEU B 54 4.17 -12.15 -38.83
C LEU B 54 3.12 -13.05 -39.49
N ALA B 55 3.56 -14.20 -40.02
CA ALA B 55 2.66 -15.12 -40.75
C ALA B 55 1.58 -15.69 -39.83
N VAL B 56 1.95 -16.07 -38.60
CA VAL B 56 0.96 -16.63 -37.62
C VAL B 56 -0.13 -15.58 -37.40
N ILE B 57 0.26 -14.33 -37.18
CA ILE B 57 -0.73 -13.23 -36.99
C ILE B 57 -1.64 -13.17 -38.23
N PHE B 58 -1.06 -13.25 -39.42
CA PHE B 58 -1.87 -13.15 -40.67
C PHE B 58 -2.76 -14.39 -40.84
N LEU B 59 -2.27 -15.57 -40.45
CA LEU B 59 -3.11 -16.77 -40.51
C LEU B 59 -4.24 -16.70 -39.50
N TRP B 60 -3.97 -16.12 -38.33
CA TRP B 60 -5.01 -15.92 -37.33
C TRP B 60 -6.08 -14.95 -37.81
N THR B 61 -5.66 -13.88 -38.48
CA THR B 61 -6.63 -12.91 -38.98
C THR B 61 -7.41 -13.47 -40.17
N SER B 62 -6.73 -14.22 -41.05
CA SER B 62 -7.40 -14.89 -42.17
C SER B 62 -8.38 -15.91 -41.67
N GLY B 63 -8.05 -16.58 -40.57
CA GLY B 63 -8.97 -17.51 -39.96
C GLY B 63 -10.22 -16.88 -39.39
N ASN B 64 -10.07 -15.74 -38.73
CA ASN B 64 -11.23 -15.03 -38.22
C ASN B 64 -12.12 -14.54 -39.35
N LEU B 65 -11.51 -14.04 -40.42
CA LEU B 65 -12.27 -13.60 -41.59
C LEU B 65 -12.92 -14.75 -42.32
N PHE B 66 -12.23 -15.89 -42.45
CA PHE B 66 -12.79 -17.04 -43.15
C PHE B 66 -13.94 -17.63 -42.36
N HIS B 67 -13.78 -17.76 -41.05
CA HIS B 67 -14.83 -18.38 -40.25
C HIS B 67 -16.05 -17.47 -40.13
N VAL B 68 -15.86 -16.15 -40.22
CA VAL B 68 -17.02 -15.26 -40.26
C VAL B 68 -17.67 -15.24 -41.64
N ALA B 69 -16.87 -15.23 -42.72
CA ALA B 69 -17.40 -15.32 -44.07
C ALA B 69 -18.16 -16.62 -44.31
N TRP B 70 -17.65 -17.72 -43.78
CA TRP B 70 -18.26 -19.03 -43.97
C TRP B 70 -19.42 -19.25 -43.01
N GLN B 71 -19.18 -19.13 -41.71
CA GLN B 71 -20.12 -19.57 -40.71
C GLN B 71 -20.82 -18.45 -39.99
N GLY B 72 -20.40 -17.21 -40.19
CA GLY B 72 -21.00 -16.10 -39.50
C GLY B 72 -22.26 -15.63 -40.15
N ASN B 73 -22.87 -14.64 -39.51
CA ASN B 73 -24.06 -14.00 -40.02
C ASN B 73 -23.77 -12.54 -40.35
N PHE B 74 -22.63 -12.30 -41.03
CA PHE B 74 -22.18 -10.94 -41.29
C PHE B 74 -23.15 -10.18 -42.15
N GLU B 75 -23.68 -10.80 -43.20
CA GLU B 75 -24.61 -10.10 -44.07
C GLU B 75 -25.95 -9.85 -43.38
N GLN B 76 -26.38 -10.73 -42.50
CA GLN B 76 -27.57 -10.47 -41.69
C GLN B 76 -27.29 -9.40 -40.65
N TRP B 77 -26.10 -9.45 -40.04
CA TRP B 77 -25.74 -8.46 -39.02
C TRP B 77 -25.61 -7.06 -39.61
N VAL B 78 -24.98 -6.89 -40.78
CA VAL B 78 -24.81 -5.55 -41.36
C VAL B 78 -26.14 -4.91 -41.73
N LEU B 79 -27.17 -5.70 -42.06
CA LEU B 79 -28.51 -5.16 -42.28
C LEU B 79 -29.08 -4.54 -41.01
N ASN B 80 -28.88 -5.18 -39.86
CA ASN B 80 -29.51 -4.75 -38.61
C ASN B 80 -28.51 -4.91 -37.46
N PRO B 81 -27.51 -4.02 -37.37
CA PRO B 81 -26.36 -4.28 -36.46
C PRO B 81 -26.65 -4.13 -34.99
N LEU B 82 -27.74 -3.48 -34.61
CA LEU B 82 -28.05 -3.33 -33.20
C LEU B 82 -28.86 -4.49 -32.64
N LYS B 83 -29.51 -5.28 -33.50
CA LYS B 83 -30.37 -6.36 -33.05
C LYS B 83 -29.77 -7.75 -33.24
N VAL B 84 -28.97 -7.95 -34.27
CA VAL B 84 -28.40 -9.25 -34.57
C VAL B 84 -27.14 -9.42 -33.74
N LYS B 85 -26.93 -10.65 -33.23
CA LYS B 85 -25.74 -10.97 -32.47
C LYS B 85 -24.70 -11.62 -33.38
N PRO B 86 -23.49 -11.07 -33.42
CA PRO B 86 -22.48 -11.55 -34.37
C PRO B 86 -22.03 -12.96 -34.09
N ILE B 87 -21.80 -13.75 -35.13
CA ILE B 87 -21.38 -15.14 -34.97
C ILE B 87 -19.88 -15.22 -35.23
N ALA B 88 -19.16 -15.87 -34.32
CA ALA B 88 -17.72 -16.04 -34.46
C ALA B 88 -17.43 -17.22 -35.39
N HIS B 89 -17.90 -18.39 -35.01
CA HIS B 89 -17.75 -19.60 -35.81
C HIS B 89 -18.77 -20.59 -35.31
N ALA B 90 -18.96 -21.65 -36.06
CA ALA B 90 -19.91 -22.67 -35.68
C ALA B 90 -19.27 -23.67 -34.73
N ILE B 91 -20.14 -24.44 -34.09
CA ILE B 91 -19.73 -25.46 -33.15
C ILE B 91 -20.02 -26.80 -33.80
N TRP B 92 -19.00 -27.65 -33.85
CA TRP B 92 -19.20 -29.05 -34.16
C TRP B 92 -18.52 -29.79 -33.03
N ASP B 93 -19.31 -30.22 -32.05
CA ASP B 93 -18.80 -30.89 -30.86
C ASP B 93 -19.59 -32.17 -30.69
N PRO B 94 -18.97 -33.33 -30.84
CA PRO B 94 -19.69 -34.61 -30.71
C PRO B 94 -20.02 -34.99 -29.28
N HIS B 95 -19.65 -34.18 -28.31
CA HIS B 95 -20.04 -34.36 -26.93
C HIS B 95 -21.34 -33.65 -26.57
N PHE B 96 -21.88 -32.81 -27.45
CA PHE B 96 -23.08 -32.03 -27.15
C PHE B 96 -24.31 -32.92 -27.00
N GLY B 97 -25.17 -32.57 -26.10
CA GLY B 97 -26.50 -33.13 -26.15
C GLY B 97 -27.36 -32.32 -27.08
N GLN B 98 -28.54 -32.85 -27.38
CA GLN B 98 -29.50 -32.13 -28.19
C GLN B 98 -30.04 -30.86 -27.49
N PRO B 99 -30.22 -30.82 -26.13
CA PRO B 99 -30.43 -29.49 -25.50
C PRO B 99 -29.29 -28.51 -25.71
N ALA B 100 -28.04 -28.97 -25.74
CA ALA B 100 -26.93 -28.06 -25.99
C ALA B 100 -26.93 -27.56 -27.41
N VAL B 101 -27.24 -28.44 -28.37
CA VAL B 101 -27.31 -28.05 -29.77
C VAL B 101 -28.40 -27.02 -30.00
N LYS B 102 -29.57 -27.21 -29.38
CA LYS B 102 -30.64 -26.23 -29.47
C LYS B 102 -30.30 -24.91 -28.77
N ALA B 103 -29.61 -24.99 -27.62
CA ALA B 103 -29.28 -23.79 -26.86
C ALA B 103 -28.27 -22.88 -27.53
N PHE B 104 -27.43 -23.39 -28.42
CA PHE B 104 -26.42 -22.58 -29.08
C PHE B 104 -26.82 -22.18 -30.50
N THR B 105 -28.07 -22.39 -30.90
CA THR B 105 -28.54 -22.18 -32.28
C THR B 105 -29.10 -20.77 -32.46
N LYS B 106 -28.48 -19.81 -31.80
CA LYS B 106 -28.84 -18.40 -31.92
C LYS B 106 -28.14 -17.78 -33.13
N GLY B 107 -28.27 -16.47 -33.28
CA GLY B 107 -27.68 -15.76 -34.40
C GLY B 107 -28.48 -15.78 -35.69
N GLY B 108 -29.68 -16.36 -35.68
CA GLY B 108 -30.47 -16.44 -36.89
C GLY B 108 -30.07 -17.53 -37.85
N VAL B 109 -29.30 -18.51 -37.40
CA VAL B 109 -28.84 -19.58 -38.26
C VAL B 109 -29.39 -20.90 -37.77
N SER B 110 -29.07 -21.98 -38.48
CA SER B 110 -29.64 -23.30 -38.21
C SER B 110 -28.66 -24.24 -37.53
N TYR B 111 -27.55 -23.73 -37.02
CA TYR B 111 -26.51 -24.56 -36.45
C TYR B 111 -25.99 -23.90 -35.19
N PRO B 112 -25.44 -24.68 -34.24
CA PRO B 112 -24.85 -24.06 -33.05
C PRO B 112 -23.63 -23.21 -33.40
N VAL B 113 -23.46 -22.14 -32.63
CA VAL B 113 -22.54 -21.06 -32.95
C VAL B 113 -22.04 -20.46 -31.65
N ASN B 114 -20.86 -19.86 -31.73
CA ASN B 114 -20.35 -19.00 -30.68
C ASN B 114 -20.63 -17.57 -31.10
N ILE B 115 -21.10 -16.76 -30.18
CA ILE B 115 -21.33 -15.35 -30.47
C ILE B 115 -20.07 -14.57 -30.19
N ALA B 116 -19.63 -13.78 -31.16
CA ALA B 116 -18.31 -13.17 -31.13
C ALA B 116 -18.30 -12.00 -30.15
N THR B 117 -17.30 -12.00 -29.28
CA THR B 117 -17.05 -10.90 -28.36
C THR B 117 -15.83 -10.09 -28.78
N SER B 118 -15.27 -10.39 -29.94
CA SER B 118 -14.02 -9.75 -30.39
C SER B 118 -14.25 -8.42 -31.07
N GLY B 119 -15.48 -8.13 -31.50
CA GLY B 119 -15.76 -6.88 -32.15
C GLY B 119 -15.38 -6.80 -33.59
N VAL B 120 -14.96 -7.91 -34.18
CA VAL B 120 -14.50 -7.93 -35.56
C VAL B 120 -15.61 -7.57 -36.53
N TYR B 121 -16.87 -7.85 -36.20
CA TYR B 121 -17.99 -7.43 -37.03
C TYR B 121 -18.09 -5.91 -37.10
N HIS B 122 -17.92 -5.24 -35.96
CA HIS B 122 -18.03 -3.79 -35.93
C HIS B 122 -16.84 -3.14 -36.64
N TRP B 123 -15.67 -3.76 -36.52
CA TRP B 123 -14.47 -3.26 -37.19
C TRP B 123 -14.57 -3.46 -38.70
N TRP B 124 -14.98 -4.64 -39.15
CA TRP B 124 -15.13 -4.89 -40.57
C TRP B 124 -16.27 -4.12 -41.19
N TYR B 125 -17.34 -3.87 -40.44
CA TYR B 125 -18.42 -3.01 -40.91
C TYR B 125 -17.94 -1.58 -41.11
N THR B 126 -17.18 -1.07 -40.14
CA THR B 126 -16.74 0.32 -40.19
C THR B 126 -15.75 0.57 -41.31
N ILE B 127 -14.88 -0.40 -41.62
CA ILE B 127 -13.83 -0.18 -42.60
C ILE B 127 -14.27 -0.51 -44.01
N GLY B 128 -15.51 -0.92 -44.22
CA GLY B 128 -15.99 -1.06 -45.57
C GLY B 128 -16.66 -2.36 -45.92
N MET B 129 -16.26 -3.46 -45.29
CA MET B 129 -16.77 -4.78 -45.65
C MET B 129 -18.27 -4.89 -45.46
N ARG B 130 -18.93 -5.43 -46.46
CA ARG B 130 -20.36 -5.40 -46.62
C ARG B 130 -20.94 -6.80 -46.79
N SER B 131 -20.23 -7.67 -47.47
CA SER B 131 -20.68 -8.97 -47.89
C SER B 131 -19.76 -10.05 -47.34
N ASN B 132 -20.14 -11.30 -47.53
CA ASN B 132 -19.23 -12.39 -47.20
C ASN B 132 -18.10 -12.50 -48.21
N THR B 133 -18.33 -12.07 -49.47
CA THR B 133 -17.33 -12.23 -50.52
C THR B 133 -16.08 -11.40 -50.22
N ASP B 134 -16.22 -10.24 -49.57
CA ASP B 134 -15.06 -9.41 -49.33
C ASP B 134 -14.37 -9.76 -48.01
N LEU B 135 -15.11 -10.32 -47.04
CA LEU B 135 -14.48 -10.93 -45.87
C LEU B 135 -13.65 -12.12 -46.29
N TYR B 136 -14.19 -12.93 -47.20
CA TYR B 136 -13.46 -14.06 -47.75
C TYR B 136 -12.27 -13.60 -48.57
N ALA B 137 -12.43 -12.53 -49.35
CA ALA B 137 -11.31 -11.99 -50.13
C ALA B 137 -10.20 -11.49 -49.22
N GLY B 138 -10.58 -10.89 -48.09
CA GLY B 138 -9.59 -10.51 -47.09
C GLY B 138 -8.89 -11.71 -46.47
N SER B 139 -9.64 -12.78 -46.20
CA SER B 139 -9.05 -14.02 -45.69
C SER B 139 -8.07 -14.63 -46.68
N LEU B 140 -8.42 -14.60 -47.96
CA LEU B 140 -7.53 -15.10 -49.01
C LEU B 140 -6.26 -14.27 -49.11
N PHE B 141 -6.42 -12.95 -49.05
CA PHE B 141 -5.26 -12.05 -49.17
C PHE B 141 -4.31 -12.24 -48.00
N LEU B 142 -4.87 -12.41 -46.79
CA LEU B 142 -4.03 -12.70 -45.64
C LEU B 142 -3.37 -14.07 -45.72
N LEU B 143 -4.02 -15.07 -46.32
CA LEU B 143 -3.35 -16.35 -46.57
C LEU B 143 -2.19 -16.20 -47.53
N PHE B 144 -2.36 -15.37 -48.58
CA PHE B 144 -1.28 -15.05 -49.49
C PHE B 144 -0.14 -14.31 -48.77
N LEU B 145 -0.48 -13.33 -47.93
CA LEU B 145 0.54 -12.58 -47.19
C LEU B 145 1.27 -13.47 -46.19
N ALA B 146 0.55 -14.38 -45.54
CA ALA B 146 1.18 -15.36 -44.66
C ALA B 146 2.15 -16.23 -45.43
N GLY B 147 1.77 -16.65 -46.65
CA GLY B 147 2.70 -17.39 -47.48
C GLY B 147 3.91 -16.58 -47.90
N VAL B 148 3.68 -15.30 -48.22
CA VAL B 148 4.76 -14.38 -48.61
C VAL B 148 5.75 -14.19 -47.47
N PHE B 149 5.27 -14.07 -46.25
CA PHE B 149 6.17 -13.90 -45.11
C PHE B 149 6.79 -15.20 -44.62
N LEU B 150 6.14 -16.34 -44.84
CA LEU B 150 6.81 -17.63 -44.61
C LEU B 150 7.92 -17.86 -45.61
N PHE B 151 7.70 -17.51 -46.89
CA PHE B 151 8.76 -17.63 -47.88
C PHE B 151 9.87 -16.63 -47.62
N ALA B 152 9.52 -15.44 -47.13
CA ALA B 152 10.54 -14.46 -46.76
C ALA B 152 11.38 -14.94 -45.60
N GLY B 153 10.74 -15.59 -44.62
CA GLY B 153 11.48 -16.19 -43.52
C GLY B 153 12.41 -17.29 -43.96
N TRP B 154 11.96 -18.14 -44.89
CA TRP B 154 12.87 -19.15 -45.42
C TRP B 154 13.96 -18.50 -46.26
N LEU B 155 13.60 -17.49 -47.07
CA LEU B 155 14.54 -16.89 -48.02
C LEU B 155 15.66 -16.18 -47.31
N HIS B 156 15.36 -15.48 -46.23
CA HIS B 156 16.39 -14.77 -45.50
C HIS B 156 17.20 -15.69 -44.58
N LEU B 157 16.98 -17.00 -44.64
CA LEU B 157 17.88 -18.00 -44.09
C LEU B 157 18.80 -18.62 -45.13
N GLN B 158 18.69 -18.23 -46.40
CA GLN B 158 19.53 -18.79 -47.45
C GLN B 158 20.86 -18.06 -47.53
N PRO B 159 21.96 -18.76 -47.88
CA PRO B 159 23.33 -18.21 -47.74
C PRO B 159 23.61 -16.88 -48.44
N LYS B 160 23.00 -16.64 -49.61
CA LYS B 160 23.21 -15.36 -50.25
C LYS B 160 22.32 -14.29 -49.66
N PHE B 161 21.21 -14.66 -49.04
CA PHE B 161 20.21 -13.73 -48.55
C PHE B 161 20.28 -13.55 -47.03
N ARG B 162 21.35 -14.00 -46.40
CA ARG B 162 21.52 -13.88 -44.95
C ARG B 162 22.00 -12.47 -44.62
N PRO B 163 21.23 -11.68 -43.87
CA PRO B 163 21.69 -10.33 -43.55
C PRO B 163 22.86 -10.36 -42.60
N GLY B 164 23.75 -9.40 -42.77
CA GLY B 164 24.88 -9.28 -41.89
C GLY B 164 24.53 -8.53 -40.64
N LEU B 165 25.41 -8.63 -39.63
CA LEU B 165 25.25 -7.88 -38.38
C LEU B 165 25.31 -6.38 -38.60
N SER B 166 26.04 -5.92 -39.63
CA SER B 166 26.05 -4.52 -39.99
C SER B 166 24.67 -4.05 -40.46
N TRP B 167 23.93 -4.93 -41.11
CA TRP B 167 22.56 -4.61 -41.53
C TRP B 167 21.61 -4.58 -40.34
N PHE B 168 21.72 -5.57 -39.44
CA PHE B 168 20.82 -5.69 -38.29
C PHE B 168 20.99 -4.56 -37.29
N LYS B 169 22.12 -3.87 -37.29
CA LYS B 169 22.40 -2.80 -36.35
C LYS B 169 22.46 -1.45 -37.03
N ASN B 170 21.97 -1.34 -38.25
CA ASN B 170 21.82 -0.05 -38.91
C ASN B 170 20.60 0.56 -38.26
N ASN B 171 20.85 1.32 -37.20
CA ASN B 171 19.76 1.91 -36.41
C ASN B 171 19.07 3.02 -37.17
N GLU B 172 19.83 3.81 -37.94
CA GLU B 172 19.30 4.99 -38.58
C GLU B 172 18.42 4.66 -39.77
N SER B 173 18.80 3.66 -40.56
CA SER B 173 18.01 3.27 -41.71
C SER B 173 16.74 2.55 -41.29
N ARG B 174 16.84 1.75 -40.23
CA ARG B 174 15.67 1.05 -39.71
C ARG B 174 14.68 2.02 -39.08
N LEU B 175 15.17 3.01 -38.35
CA LEU B 175 14.28 4.01 -37.77
C LEU B 175 13.66 4.90 -38.84
N ASN B 176 14.43 5.29 -39.85
CA ASN B 176 13.92 6.11 -40.95
C ASN B 176 12.81 5.38 -41.70
N HIS B 177 13.00 4.11 -41.96
CA HIS B 177 12.03 3.35 -42.69
C HIS B 177 10.84 2.94 -41.84
N HIS B 178 11.04 2.67 -40.56
CA HIS B 178 9.90 2.28 -39.76
C HIS B 178 9.04 3.48 -39.40
N LEU B 179 9.64 4.66 -39.25
CA LEU B 179 8.83 5.84 -39.01
C LEU B 179 8.16 6.33 -40.30
N SER B 180 8.90 6.43 -41.39
CA SER B 180 8.31 6.98 -42.59
C SER B 180 7.58 5.95 -43.45
N GLY B 181 7.98 4.69 -43.41
CA GLY B 181 7.25 3.73 -44.20
C GLY B 181 6.28 2.89 -43.41
N LEU B 182 6.74 2.32 -42.30
CA LEU B 182 5.91 1.37 -41.55
C LEU B 182 4.87 2.10 -40.70
N PHE B 183 5.25 3.19 -40.08
CA PHE B 183 4.28 3.97 -39.33
C PHE B 183 3.58 5.00 -40.20
N GLY B 184 4.34 5.83 -40.90
CA GLY B 184 3.76 6.97 -41.59
C GLY B 184 3.08 6.70 -42.89
N PHE B 185 3.74 5.96 -43.80
CA PHE B 185 3.12 5.71 -45.08
C PHE B 185 1.96 4.74 -44.95
N SER B 186 2.01 3.80 -44.01
CA SER B 186 0.87 2.91 -43.85
C SER B 186 -0.28 3.60 -43.13
N SER B 187 -0.03 4.60 -42.29
CA SER B 187 -1.11 5.45 -41.80
C SER B 187 -1.70 6.31 -42.91
N LEU B 188 -0.86 6.82 -43.81
CA LEU B 188 -1.31 7.56 -44.98
C LEU B 188 -2.12 6.67 -45.92
N ALA B 189 -1.67 5.43 -46.12
CA ALA B 189 -2.39 4.45 -46.90
C ALA B 189 -3.69 4.06 -46.21
N TRP B 190 -3.72 4.10 -44.89
CA TRP B 190 -4.96 3.83 -44.19
C TRP B 190 -5.96 4.97 -44.35
N SER B 191 -5.47 6.22 -44.40
CA SER B 191 -6.33 7.33 -44.79
C SER B 191 -6.90 7.14 -46.18
N ALA B 192 -6.07 6.66 -47.10
CA ALA B 192 -6.53 6.36 -48.44
C ALA B 192 -7.61 5.29 -48.45
N HIS B 193 -7.45 4.26 -47.62
CA HIS B 193 -8.50 3.25 -47.53
C HIS B 193 -9.79 3.85 -46.98
N LEU B 194 -9.71 4.69 -45.95
CA LEU B 194 -10.92 5.28 -45.41
C LEU B 194 -11.57 6.22 -46.42
N ILE B 195 -10.79 7.12 -47.01
CA ILE B 195 -11.27 8.13 -47.97
C ILE B 195 -11.80 7.48 -49.25
N HIS B 196 -11.14 6.42 -49.70
CA HIS B 196 -11.52 5.81 -50.95
C HIS B 196 -12.54 4.71 -50.79
N VAL B 197 -12.58 4.02 -49.66
CA VAL B 197 -13.43 2.83 -49.51
C VAL B 197 -14.39 2.97 -48.34
N ALA B 198 -13.86 3.14 -47.13
CA ALA B 198 -14.69 3.16 -45.93
C ALA B 198 -15.64 4.35 -45.90
N ILE B 199 -15.16 5.55 -46.28
CA ILE B 199 -16.06 6.71 -46.34
C ILE B 199 -17.17 6.54 -47.39
N PRO B 200 -16.89 6.17 -48.68
CA PRO B 200 -18.01 5.98 -49.61
C PRO B 200 -18.99 4.86 -49.23
N GLU B 201 -18.50 3.77 -48.67
CA GLU B 201 -19.34 2.65 -48.30
C GLU B 201 -20.08 2.87 -46.99
N ALA B 202 -19.58 3.76 -46.12
CA ALA B 202 -20.42 4.27 -45.05
C ALA B 202 -21.54 5.16 -45.55
N ARG B 203 -21.45 5.64 -46.80
CA ARG B 203 -22.45 6.51 -47.40
C ARG B 203 -23.22 5.84 -48.52
N GLY B 204 -23.23 4.51 -48.55
CA GLY B 204 -24.07 3.77 -49.44
C GLY B 204 -23.46 3.44 -50.79
N GLN B 205 -22.41 4.13 -51.18
CA GLN B 205 -21.85 3.93 -52.51
C GLN B 205 -20.79 2.86 -52.42
N HIS B 206 -21.02 1.74 -53.12
CA HIS B 206 -20.04 0.68 -53.14
C HIS B 206 -18.83 1.08 -53.95
N VAL B 207 -17.66 0.87 -53.36
CA VAL B 207 -16.39 1.07 -54.04
C VAL B 207 -15.47 -0.13 -53.77
N CYS B 208 -15.07 -0.80 -54.83
CA CYS B 208 -14.21 -1.96 -54.69
C CYS B 208 -13.08 -1.80 -55.66
N TRP B 209 -12.26 -2.84 -55.83
CA TRP B 209 -11.23 -2.84 -56.85
C TRP B 209 -11.81 -2.71 -58.25
N ASP B 210 -13.11 -3.04 -58.41
CA ASP B 210 -13.77 -3.02 -59.69
C ASP B 210 -14.07 -1.61 -60.18
N ASN B 211 -14.14 -0.63 -59.28
CA ASN B 211 -14.53 0.72 -59.67
C ASN B 211 -13.75 1.84 -58.99
N PHE B 212 -12.73 1.54 -58.18
CA PHE B 212 -12.16 2.60 -57.35
C PHE B 212 -11.24 3.52 -58.10
N THR B 213 -10.82 3.18 -59.30
CA THR B 213 -10.08 4.15 -60.09
C THR B 213 -10.99 4.99 -60.96
N LYS B 214 -12.28 4.65 -61.06
CA LYS B 214 -13.25 5.43 -61.83
C LYS B 214 -14.33 6.04 -60.95
N VAL B 215 -14.14 6.03 -59.64
CA VAL B 215 -15.10 6.62 -58.69
C VAL B 215 -14.30 7.57 -57.82
N ALA B 216 -14.59 8.85 -57.91
CA ALA B 216 -13.85 9.86 -57.19
C ALA B 216 -14.34 9.93 -55.74
N PRO B 217 -13.44 9.93 -54.75
CA PRO B 217 -13.86 10.13 -53.36
C PRO B 217 -14.51 11.47 -53.10
N HIS B 218 -14.13 12.51 -53.83
CA HIS B 218 -14.71 13.82 -53.70
C HIS B 218 -15.20 14.26 -55.07
N PRO B 219 -16.34 14.95 -55.15
CA PRO B 219 -16.86 15.42 -56.45
C PRO B 219 -15.92 16.34 -57.21
N ALA B 220 -15.25 17.24 -56.51
CA ALA B 220 -14.23 18.08 -57.13
C ALA B 220 -13.06 17.22 -57.58
N GLY B 221 -12.34 16.64 -56.63
CA GLY B 221 -11.55 15.45 -56.88
C GLY B 221 -10.12 15.78 -57.21
N LEU B 222 -9.24 15.81 -56.21
CA LEU B 222 -7.79 16.00 -56.28
C LEU B 222 -7.32 17.30 -56.91
N GLN B 223 -8.24 18.14 -57.35
CA GLN B 223 -8.04 19.51 -57.79
C GLN B 223 -8.00 20.47 -56.59
N PRO B 224 -8.89 20.41 -55.57
CA PRO B 224 -8.66 21.22 -54.36
C PRO B 224 -7.37 20.92 -53.62
N PHE B 225 -6.92 19.66 -53.62
CA PHE B 225 -5.67 19.31 -52.96
C PHE B 225 -4.48 19.95 -53.67
N PHE B 226 -4.47 19.93 -54.99
CA PHE B 226 -3.38 20.48 -55.78
C PHE B 226 -3.56 21.97 -56.08
N THR B 227 -4.35 22.68 -55.28
CA THR B 227 -4.46 24.13 -55.36
C THR B 227 -4.27 24.80 -54.02
N GLY B 228 -4.17 24.05 -52.93
CA GLY B 228 -4.14 24.58 -51.59
C GLY B 228 -5.51 24.83 -51.01
N ASN B 229 -6.57 24.52 -51.74
CA ASN B 229 -7.95 24.66 -51.30
C ASN B 229 -8.35 23.42 -50.50
N TRP B 230 -7.58 23.11 -49.46
CA TRP B 230 -7.75 21.86 -48.71
C TRP B 230 -9.05 21.85 -47.92
N GLY B 231 -9.52 23.00 -47.46
CA GLY B 231 -10.78 23.13 -46.76
C GLY B 231 -12.01 22.76 -47.56
N ALA B 232 -11.88 22.65 -48.89
CA ALA B 232 -12.94 22.11 -49.73
C ALA B 232 -13.16 20.62 -49.51
N TYR B 233 -12.24 19.94 -48.82
CA TYR B 233 -12.43 18.53 -48.49
C TYR B 233 -13.19 18.35 -47.20
N ALA B 234 -13.39 19.41 -46.44
CA ALA B 234 -14.22 19.38 -45.25
C ALA B 234 -15.63 19.89 -45.51
N ALA B 235 -15.89 20.42 -46.71
CA ALA B 235 -17.18 21.05 -46.98
C ALA B 235 -18.25 19.97 -47.15
N SER B 236 -19.44 20.28 -46.66
CA SER B 236 -20.63 19.43 -46.59
C SER B 236 -20.32 18.12 -45.88
N PRO B 237 -20.10 18.13 -44.56
CA PRO B 237 -19.89 16.87 -43.84
C PRO B 237 -21.16 16.05 -43.76
N ASP B 238 -21.00 14.84 -43.21
CA ASP B 238 -22.15 13.97 -42.97
C ASP B 238 -23.12 14.63 -41.99
N THR B 239 -24.39 14.63 -42.35
CA THR B 239 -25.43 15.25 -41.52
C THR B 239 -25.64 14.39 -40.28
N THR B 240 -26.28 14.97 -39.27
CA THR B 240 -26.72 14.27 -38.06
C THR B 240 -27.89 13.33 -38.36
N ASN B 241 -28.50 13.42 -39.53
CA ASN B 241 -29.55 12.52 -39.96
C ASN B 241 -29.02 11.29 -40.68
N HIS B 242 -27.69 11.14 -40.76
CA HIS B 242 -27.10 10.07 -41.56
C HIS B 242 -27.37 8.70 -40.95
N ILE B 243 -27.83 7.79 -41.80
CA ILE B 243 -27.98 6.38 -41.45
C ILE B 243 -26.79 5.68 -42.07
N PHE B 244 -25.89 5.20 -41.20
CA PHE B 244 -24.62 4.59 -41.58
C PHE B 244 -24.80 3.45 -42.55
N GLY B 245 -24.00 3.46 -43.60
CA GLY B 245 -24.10 2.50 -44.63
C GLY B 245 -24.99 2.90 -45.78
N THR B 246 -25.72 4.02 -45.66
CA THR B 246 -26.70 4.42 -46.67
C THR B 246 -26.41 5.83 -47.15
N SER B 247 -27.09 6.23 -48.22
CA SER B 247 -26.88 7.53 -48.84
C SER B 247 -27.68 8.65 -48.18
N GLU B 248 -28.62 8.32 -47.30
CA GLU B 248 -29.48 9.34 -46.71
C GLU B 248 -28.77 10.00 -45.54
N GLY B 249 -28.72 11.33 -45.57
CA GLY B 249 -28.00 12.08 -44.57
C GLY B 249 -26.51 12.16 -44.81
N ALA B 250 -26.03 11.66 -45.94
CA ALA B 250 -24.61 11.60 -46.18
C ALA B 250 -24.10 12.92 -46.74
N GLY B 251 -22.87 13.26 -46.39
CA GLY B 251 -22.19 14.41 -46.94
C GLY B 251 -21.26 14.01 -48.07
N THR B 252 -20.39 14.94 -48.45
CA THR B 252 -19.37 14.67 -49.45
C THR B 252 -17.96 14.83 -48.91
N ALA B 253 -17.80 15.31 -47.68
CA ALA B 253 -16.49 15.56 -47.09
C ALA B 253 -15.73 14.25 -46.87
N ILE B 254 -14.41 14.33 -46.92
CA ILE B 254 -13.61 13.13 -46.69
C ILE B 254 -12.60 13.38 -45.58
N LEU B 255 -12.47 14.62 -45.14
CA LEU B 255 -11.55 14.98 -44.06
C LEU B 255 -12.21 16.04 -43.21
N THR B 256 -12.51 15.74 -41.96
CA THR B 256 -13.12 16.71 -41.07
C THR B 256 -12.44 16.65 -39.71
N PHE B 257 -12.78 17.61 -38.87
CA PHE B 257 -12.39 17.64 -37.47
C PHE B 257 -13.60 17.98 -36.61
N LEU B 258 -14.73 17.34 -36.91
CA LEU B 258 -15.99 17.61 -36.24
C LEU B 258 -15.90 17.31 -34.75
N GLY B 259 -15.24 16.21 -34.41
CA GLY B 259 -15.12 15.81 -33.03
C GLY B 259 -16.36 15.07 -32.57
N GLY B 260 -16.27 14.53 -31.36
CA GLY B 260 -17.38 13.80 -30.79
C GLY B 260 -17.68 12.51 -31.50
N PHE B 261 -18.96 12.26 -31.74
CA PHE B 261 -19.41 10.98 -32.24
C PHE B 261 -20.51 11.16 -33.26
N HIS B 262 -20.49 10.28 -34.26
CA HIS B 262 -21.61 10.08 -35.18
C HIS B 262 -22.86 9.82 -34.35
N PRO B 263 -23.96 10.55 -34.57
CA PRO B 263 -25.11 10.47 -33.65
C PRO B 263 -25.81 9.12 -33.66
N GLN B 264 -25.74 8.39 -34.76
CA GLN B 264 -26.41 7.10 -34.85
C GLN B 264 -25.51 5.97 -34.35
N THR B 265 -24.31 5.85 -34.93
CA THR B 265 -23.43 4.73 -34.59
C THR B 265 -22.75 4.91 -33.25
N GLN B 266 -22.76 6.14 -32.72
CA GLN B 266 -22.17 6.54 -31.44
C GLN B 266 -20.67 6.27 -31.41
N ALA B 267 -20.06 6.36 -32.58
CA ALA B 267 -18.64 6.17 -32.81
C ALA B 267 -18.08 7.43 -33.42
N LEU B 268 -16.75 7.53 -33.41
CA LEU B 268 -16.05 8.66 -34.00
C LEU B 268 -16.36 8.75 -35.48
N TRP B 269 -16.40 9.98 -35.99
CA TRP B 269 -16.64 10.17 -37.41
C TRP B 269 -15.52 9.57 -38.21
N LEU B 270 -15.89 8.86 -39.26
CA LEU B 270 -14.90 8.24 -40.12
C LEU B 270 -14.10 9.28 -40.89
N THR B 271 -14.65 10.48 -41.09
CA THR B 271 -13.87 11.54 -41.72
C THR B 271 -12.88 12.13 -40.74
N ASP B 272 -13.19 12.10 -39.44
CA ASP B 272 -12.22 12.45 -38.42
C ASP B 272 -11.10 11.43 -38.37
N ILE B 273 -11.43 10.16 -38.53
CA ILE B 273 -10.44 9.09 -38.47
C ILE B 273 -9.54 9.14 -39.71
N ALA B 274 -10.11 9.44 -40.88
CA ALA B 274 -9.33 9.60 -42.10
C ALA B 274 -8.41 10.81 -42.03
N HIS B 275 -8.90 11.90 -41.46
CA HIS B 275 -8.05 13.07 -41.27
C HIS B 275 -7.01 12.85 -40.19
N HIS B 276 -7.34 12.02 -39.20
CA HIS B 276 -6.37 11.67 -38.13
C HIS B 276 -5.18 10.94 -38.73
N HIS B 277 -5.45 9.92 -39.54
CA HIS B 277 -4.36 9.08 -40.08
C HIS B 277 -3.56 9.85 -41.13
N LEU B 278 -4.18 10.84 -41.77
CA LEU B 278 -3.46 11.70 -42.75
C LEU B 278 -2.50 12.58 -41.96
N ALA B 279 -3.00 13.19 -40.89
CA ALA B 279 -2.16 14.07 -40.05
C ALA B 279 -1.02 13.26 -39.45
N ILE B 280 -1.35 12.18 -38.75
CA ILE B 280 -0.35 11.33 -38.05
C ILE B 280 0.59 10.68 -39.08
N GLY B 281 0.09 10.42 -40.29
CA GLY B 281 0.94 9.86 -41.37
C GLY B 281 2.01 10.86 -41.77
N VAL B 282 1.61 12.06 -42.18
CA VAL B 282 2.57 13.13 -42.59
C VAL B 282 3.57 13.37 -41.43
N VAL B 283 3.07 13.47 -40.21
CA VAL B 283 3.95 13.68 -39.02
C VAL B 283 5.00 12.57 -38.93
N PHE B 284 4.56 11.30 -39.00
CA PHE B 284 5.49 10.15 -38.88
C PHE B 284 6.43 10.10 -40.08
N ILE B 285 5.95 10.44 -41.28
CA ILE B 285 6.80 10.45 -42.48
C ILE B 285 7.90 11.50 -42.33
N PHE B 286 7.54 12.69 -41.81
CA PHE B 286 8.52 13.74 -41.53
C PHE B 286 9.51 13.27 -40.50
N ALA B 287 9.04 12.58 -39.46
CA ALA B 287 9.89 12.04 -38.40
C ALA B 287 10.81 10.95 -38.92
N GLY B 288 10.47 10.31 -40.03
CA GLY B 288 11.32 9.31 -40.62
C GLY B 288 12.38 9.85 -41.54
N HIS B 289 12.61 11.15 -41.56
CA HIS B 289 13.70 11.76 -42.29
C HIS B 289 14.72 12.34 -41.33
N MET B 290 14.65 11.91 -40.09
CA MET B 290 15.48 12.47 -39.04
C MET B 290 16.92 11.96 -39.10
N TYR B 291 17.13 10.72 -39.51
CA TYR B 291 18.41 10.06 -39.31
C TYR B 291 19.22 9.95 -40.59
N ARG B 292 20.53 10.10 -40.46
CA ARG B 292 21.44 10.09 -41.60
C ARG B 292 21.63 8.68 -42.10
N THR B 293 21.40 8.46 -43.39
CA THR B 293 21.64 7.13 -43.91
C THR B 293 22.74 7.10 -44.97
N ASN B 294 22.55 7.75 -46.12
CA ASN B 294 23.53 7.69 -47.21
C ASN B 294 23.77 9.01 -47.92
N TRP B 295 23.06 10.09 -47.58
CA TRP B 295 23.12 11.29 -48.39
C TRP B 295 23.50 12.51 -47.57
N GLY B 296 24.03 12.31 -46.37
CA GLY B 296 24.71 13.36 -45.64
C GLY B 296 23.81 14.30 -44.85
N ILE B 297 22.51 14.19 -44.97
CA ILE B 297 21.60 14.95 -44.13
C ILE B 297 21.04 14.00 -43.09
N GLY B 298 20.74 14.55 -41.92
CA GLY B 298 20.13 13.79 -40.85
C GLY B 298 20.98 13.75 -39.62
N HIS B 299 20.52 12.98 -38.65
CA HIS B 299 21.18 12.88 -37.35
C HIS B 299 21.85 11.52 -37.22
N SER B 300 23.01 11.51 -36.59
CA SER B 300 23.58 10.28 -36.07
C SER B 300 23.09 10.10 -34.65
N LEU B 301 22.52 8.93 -34.38
CA LEU B 301 22.00 8.58 -33.05
C LEU B 301 23.09 8.58 -31.99
N LYS B 302 24.30 8.16 -32.38
CA LYS B 302 25.48 8.23 -31.52
C LYS B 302 25.79 9.65 -31.10
N GLU B 303 25.70 10.59 -32.04
CA GLU B 303 26.01 11.98 -31.76
C GLU B 303 24.99 12.61 -30.81
N ILE B 304 23.70 12.26 -31.00
CA ILE B 304 22.63 12.79 -30.15
C ILE B 304 22.78 12.26 -28.73
N LEU B 305 23.02 10.97 -28.59
CA LEU B 305 23.14 10.37 -27.26
C LEU B 305 24.37 10.87 -26.52
N ASP B 306 25.52 10.99 -27.21
CA ASP B 306 26.72 11.46 -26.55
C ASP B 306 26.59 12.91 -26.10
N ALA B 307 25.88 13.75 -26.87
CA ALA B 307 25.86 15.15 -26.50
C ALA B 307 24.82 15.51 -25.43
N HIS B 308 23.98 14.57 -25.01
CA HIS B 308 22.95 14.88 -24.01
C HIS B 308 23.41 14.47 -22.62
N ARG B 309 24.37 15.23 -22.13
CA ARG B 309 24.84 15.21 -20.76
C ARG B 309 24.64 16.60 -20.18
N PRO B 310 23.76 16.81 -19.22
CA PRO B 310 23.56 18.15 -18.60
C PRO B 310 24.84 18.69 -17.99
N PRO B 311 25.17 19.97 -18.23
CA PRO B 311 26.45 20.53 -17.76
C PRO B 311 26.57 20.61 -16.25
N GLY B 312 25.45 20.63 -15.54
CA GLY B 312 25.46 20.58 -14.09
C GLY B 312 26.02 19.30 -13.51
N GLY B 313 26.14 18.25 -14.31
CA GLY B 313 26.77 17.03 -13.88
C GLY B 313 25.87 16.11 -13.10
N ARG B 314 24.58 16.41 -13.05
CA ARG B 314 23.65 15.67 -12.21
C ARG B 314 23.37 14.28 -12.75
N LEU B 315 23.59 14.04 -14.04
CA LEU B 315 23.42 12.72 -14.62
C LEU B 315 24.75 12.02 -14.86
N GLY B 316 25.85 12.61 -14.41
CA GLY B 316 27.14 11.95 -14.56
C GLY B 316 27.64 12.11 -15.96
N ALA B 317 28.02 10.99 -16.57
CA ALA B 317 28.40 10.97 -17.97
C ALA B 317 27.19 11.02 -18.90
N GLY B 318 25.98 11.01 -18.37
CA GLY B 318 24.79 11.16 -19.19
C GLY B 318 24.51 9.91 -19.99
N HIS B 319 24.40 10.06 -21.31
CA HIS B 319 24.08 8.93 -22.17
C HIS B 319 25.28 8.48 -23.01
N LYS B 320 26.49 8.79 -22.59
CA LYS B 320 27.69 8.29 -23.26
C LYS B 320 27.77 6.78 -23.11
N GLY B 321 27.82 6.06 -24.22
CA GLY B 321 27.85 4.62 -24.17
C GLY B 321 26.50 3.94 -24.14
N ILE B 322 25.41 4.70 -24.09
CA ILE B 322 24.04 4.10 -24.09
C ILE B 322 23.73 3.59 -25.49
N PHE B 323 24.20 4.30 -26.53
CA PHE B 323 24.01 3.85 -27.93
C PHE B 323 24.49 2.41 -28.08
N GLU B 324 25.76 2.15 -27.74
CA GLU B 324 26.34 0.80 -27.91
C GLU B 324 25.53 -0.21 -27.07
N THR B 325 25.27 0.11 -25.81
CA THR B 325 24.52 -0.81 -24.91
C THR B 325 23.19 -1.21 -25.56
N LEU B 326 22.37 -0.24 -25.95
CA LEU B 326 21.07 -0.52 -26.61
C LEU B 326 21.28 -1.42 -27.82
N THR B 327 22.08 -0.99 -28.80
CA THR B 327 22.26 -1.77 -30.05
C THR B 327 22.74 -3.19 -29.77
N ASN B 328 23.76 -3.35 -28.93
CA ASN B 328 24.34 -4.69 -28.67
C ASN B 328 23.36 -5.54 -27.84
N SER B 329 22.50 -4.91 -27.05
CA SER B 329 21.62 -5.70 -26.15
C SER B 329 20.22 -5.87 -26.72
N LEU B 330 19.90 -7.07 -27.21
CA LEU B 330 18.54 -7.34 -27.65
C LEU B 330 17.54 -7.32 -26.50
N HIS B 331 18.01 -7.57 -25.28
CA HIS B 331 17.10 -7.55 -24.10
C HIS B 331 16.75 -6.12 -23.73
N PHE B 332 17.69 -5.19 -23.87
CA PHE B 332 17.42 -3.75 -23.62
C PHE B 332 16.38 -3.29 -24.66
N GLN B 333 16.58 -3.69 -25.92
CA GLN B 333 15.62 -3.30 -27.00
C GLN B 333 14.25 -3.93 -26.70
N LEU B 334 14.23 -5.20 -26.31
CA LEU B 334 12.93 -5.90 -26.05
C LEU B 334 12.23 -5.18 -24.90
N GLY B 335 12.97 -4.81 -23.86
CA GLY B 335 12.39 -4.10 -22.72
C GLY B 335 11.83 -2.74 -23.07
N LEU B 336 12.56 -1.97 -23.90
CA LEU B 336 12.04 -0.68 -24.38
C LEU B 336 10.80 -0.90 -25.25
N ALA B 337 10.85 -1.91 -26.13
CA ALA B 337 9.77 -2.23 -27.04
C ALA B 337 8.53 -2.68 -26.29
N LEU B 338 8.71 -3.48 -25.25
CA LEU B 338 7.59 -4.04 -24.52
C LEU B 338 6.99 -3.01 -23.57
N ALA B 339 7.83 -2.15 -22.96
CA ALA B 339 7.31 -1.08 -22.12
C ALA B 339 6.51 -0.10 -22.93
N SER B 340 7.03 0.22 -24.11
CA SER B 340 6.39 1.09 -25.06
C SER B 340 5.08 0.49 -25.57
N LEU B 341 5.12 -0.79 -25.95
CA LEU B 341 3.94 -1.50 -26.43
C LEU B 341 2.90 -1.69 -25.33
N GLY B 342 3.33 -1.98 -24.09
CA GLY B 342 2.41 -2.14 -22.98
C GLY B 342 1.66 -0.88 -22.65
N VAL B 343 2.34 0.27 -22.72
CA VAL B 343 1.67 1.55 -22.53
C VAL B 343 0.66 1.78 -23.64
N ILE B 344 1.02 1.40 -24.88
CA ILE B 344 0.09 1.60 -25.99
C ILE B 344 -1.14 0.72 -25.89
N THR B 345 -0.98 -0.55 -25.57
CA THR B 345 -2.19 -1.38 -25.44
C THR B 345 -3.01 -0.99 -24.21
N SER B 346 -2.40 -0.32 -23.22
CA SER B 346 -3.21 0.32 -22.20
C SER B 346 -3.94 1.54 -22.75
N LEU B 347 -3.28 2.34 -23.61
CA LEU B 347 -3.95 3.44 -24.32
C LEU B 347 -5.05 2.95 -25.23
N VAL B 348 -4.82 1.81 -25.87
CA VAL B 348 -5.79 1.17 -26.73
C VAL B 348 -7.04 0.81 -25.93
N ALA B 349 -6.84 0.18 -24.76
CA ALA B 349 -7.96 -0.17 -23.90
C ALA B 349 -8.69 1.07 -23.37
N GLN B 350 -7.97 2.09 -22.94
CA GLN B 350 -8.63 3.27 -22.37
C GLN B 350 -9.27 4.15 -23.45
N HIS B 351 -8.64 4.33 -24.60
CA HIS B 351 -9.23 5.20 -25.60
C HIS B 351 -10.26 4.50 -26.47
N MET B 352 -10.29 3.17 -26.53
CA MET B 352 -11.32 2.54 -27.34
C MET B 352 -12.64 2.35 -26.62
N TYR B 353 -12.69 2.46 -25.30
CA TYR B 353 -13.99 2.42 -24.66
C TYR B 353 -14.59 3.80 -24.52
N ALA B 354 -13.74 4.82 -24.41
CA ALA B 354 -14.21 6.19 -24.25
C ALA B 354 -14.41 6.87 -25.58
N LEU B 355 -13.60 6.51 -26.58
CA LEU B 355 -13.70 7.02 -27.93
C LEU B 355 -13.76 5.83 -28.88
N PRO B 356 -14.91 5.18 -29.02
CA PRO B 356 -14.98 4.05 -29.94
C PRO B 356 -15.00 4.51 -31.38
N SER B 357 -14.34 3.76 -32.24
CA SER B 357 -14.23 4.11 -33.64
C SER B 357 -15.14 3.29 -34.53
N TYR B 358 -15.68 2.20 -34.01
CA TYR B 358 -16.42 1.25 -34.81
C TYR B 358 -17.91 1.47 -34.69
N ALA B 359 -18.61 1.32 -35.80
CA ALA B 359 -20.03 1.63 -35.83
C ALA B 359 -20.79 0.60 -35.01
N PHE B 360 -21.68 1.10 -34.14
CA PHE B 360 -22.64 0.38 -33.31
C PHE B 360 -22.00 -0.45 -32.19
N ILE B 361 -20.68 -0.42 -32.07
CA ILE B 361 -20.02 -0.83 -30.84
C ILE B 361 -20.20 0.31 -29.85
N ALA B 362 -20.09 -0.01 -28.56
CA ALA B 362 -20.46 0.70 -27.32
C ALA B 362 -21.95 0.56 -27.05
N LYS B 363 -22.70 -0.07 -27.94
CA LYS B 363 -23.95 -0.72 -27.60
C LYS B 363 -23.81 -2.23 -27.51
N ASP B 364 -22.66 -2.77 -27.92
CA ASP B 364 -22.34 -4.19 -27.73
C ASP B 364 -21.53 -4.20 -26.44
N TYR B 365 -22.25 -4.31 -25.33
CA TYR B 365 -21.66 -4.23 -24.00
C TYR B 365 -20.73 -5.39 -23.70
N VAL B 366 -21.02 -6.58 -24.26
CA VAL B 366 -20.16 -7.74 -24.07
C VAL B 366 -18.86 -7.54 -24.82
N THR B 367 -18.94 -7.02 -26.03
CA THR B 367 -17.76 -6.73 -26.83
C THR B 367 -16.89 -5.66 -26.19
N GLN B 368 -17.51 -4.60 -25.66
CA GLN B 368 -16.76 -3.54 -24.98
C GLN B 368 -16.05 -4.06 -23.74
N SER B 369 -16.74 -4.94 -22.98
CA SER B 369 -16.15 -5.51 -21.78
C SER B 369 -15.01 -6.46 -22.10
N ALA B 370 -15.23 -7.32 -23.10
CA ALA B 370 -14.21 -8.27 -23.53
C ALA B 370 -13.00 -7.59 -24.13
N LEU B 371 -13.20 -6.56 -24.97
CA LEU B 371 -12.09 -5.84 -25.59
C LEU B 371 -11.26 -5.08 -24.57
N TYR B 372 -11.92 -4.43 -23.62
CA TYR B 372 -11.20 -3.70 -22.59
C TYR B 372 -10.40 -4.65 -21.72
N THR B 373 -11.06 -5.70 -21.22
CA THR B 373 -10.40 -6.70 -20.38
C THR B 373 -9.25 -7.37 -21.10
N HIS B 374 -9.45 -7.75 -22.38
CA HIS B 374 -8.42 -8.39 -23.18
C HIS B 374 -7.19 -7.51 -23.31
N HIS B 375 -7.39 -6.24 -23.65
CA HIS B 375 -6.23 -5.41 -23.93
C HIS B 375 -5.55 -4.94 -22.67
N GLN B 376 -6.28 -4.83 -21.55
CA GLN B 376 -5.61 -4.55 -20.29
C GLN B 376 -4.80 -5.73 -19.77
N TYR B 377 -5.28 -6.96 -19.99
CA TYR B 377 -4.46 -8.11 -19.61
C TYR B 377 -3.22 -8.23 -20.48
N ILE B 378 -3.36 -7.99 -21.79
CA ILE B 378 -2.20 -7.92 -22.69
C ILE B 378 -1.23 -6.82 -22.24
N ALA B 379 -1.78 -5.69 -21.78
CA ALA B 379 -0.98 -4.58 -21.27
C ALA B 379 -0.17 -4.95 -20.03
N GLY B 380 -0.79 -5.66 -19.10
CA GLY B 380 -0.07 -6.07 -17.91
C GLY B 380 1.00 -7.08 -18.20
N PHE B 381 0.74 -8.00 -19.14
CA PHE B 381 1.76 -8.96 -19.56
C PHE B 381 2.94 -8.29 -20.24
N LEU B 382 2.67 -7.34 -21.14
CA LEU B 382 3.74 -6.64 -21.83
C LEU B 382 4.57 -5.78 -20.88
N MET B 383 3.93 -5.18 -19.88
CA MET B 383 4.68 -4.30 -18.97
C MET B 383 5.56 -5.10 -18.03
N VAL B 384 5.04 -6.22 -17.54
CA VAL B 384 5.82 -7.13 -16.70
C VAL B 384 6.97 -7.72 -17.50
N GLY B 385 6.73 -8.10 -18.75
CA GLY B 385 7.79 -8.61 -19.60
C GLY B 385 8.87 -7.60 -19.93
N ALA B 386 8.50 -6.34 -20.03
CA ALA B 386 9.48 -5.28 -20.23
C ALA B 386 10.43 -5.18 -19.06
N PHE B 387 9.89 -5.25 -17.85
CA PHE B 387 10.77 -5.24 -16.69
C PHE B 387 11.57 -6.54 -16.55
N ALA B 388 10.98 -7.67 -16.98
CA ALA B 388 11.68 -8.94 -17.00
C ALA B 388 12.88 -8.88 -17.91
N HIS B 389 12.71 -8.33 -19.10
CA HIS B 389 13.82 -8.27 -20.03
C HIS B 389 14.79 -7.16 -19.71
N GLY B 390 14.39 -6.17 -18.92
CA GLY B 390 15.38 -5.29 -18.31
C GLY B 390 16.25 -5.99 -17.29
N ALA B 391 15.65 -6.89 -16.51
CA ALA B 391 16.44 -7.73 -15.60
C ALA B 391 17.37 -8.67 -16.35
N ILE B 392 16.88 -9.27 -17.43
CA ILE B 392 17.69 -10.14 -18.28
C ILE B 392 18.80 -9.33 -18.95
N PHE B 393 18.50 -8.07 -19.33
CA PHE B 393 19.51 -7.17 -19.86
C PHE B 393 20.63 -6.94 -18.85
N PHE B 394 20.28 -6.64 -17.61
CA PHE B 394 21.29 -6.37 -16.60
C PHE B 394 22.15 -7.59 -16.34
N VAL B 395 21.52 -8.77 -16.21
CA VAL B 395 22.30 -10.00 -15.98
C VAL B 395 23.18 -10.31 -17.18
N ARG B 396 22.65 -10.27 -18.39
CA ARG B 396 23.33 -10.88 -19.52
C ARG B 396 24.07 -9.91 -20.41
N ASP B 397 23.53 -8.72 -20.66
CA ASP B 397 24.07 -7.82 -21.65
C ASP B 397 24.68 -6.54 -21.10
N TYR B 398 24.59 -6.28 -19.80
CA TYR B 398 25.07 -5.02 -19.25
C TYR B 398 26.54 -5.16 -18.88
N ASP B 399 27.38 -4.32 -19.45
CA ASP B 399 28.80 -4.28 -19.10
C ASP B 399 29.07 -3.01 -18.33
N PRO B 400 29.43 -3.10 -17.04
CA PRO B 400 29.70 -1.89 -16.23
C PRO B 400 30.86 -1.03 -16.72
N GLU B 401 31.93 -1.64 -17.24
CA GLU B 401 33.05 -0.88 -17.76
C GLU B 401 32.68 -0.07 -18.99
N GLN B 402 31.85 -0.63 -19.87
CA GLN B 402 31.39 0.11 -21.05
C GLN B 402 30.35 1.17 -20.70
N ASN B 403 29.80 1.12 -19.49
CA ASN B 403 28.71 1.98 -19.07
C ASN B 403 29.09 2.80 -17.84
N LYS B 404 30.35 3.26 -17.76
CA LYS B 404 30.85 3.95 -16.57
C LYS B 404 30.17 5.30 -16.39
N ASN B 405 29.53 5.48 -15.22
CA ASN B 405 28.92 6.74 -14.76
C ASN B 405 27.82 7.24 -15.70
N ASN B 406 27.17 6.33 -16.41
CA ASN B 406 26.09 6.67 -17.33
C ASN B 406 24.82 6.92 -16.54
N VAL B 407 23.71 7.02 -17.25
CA VAL B 407 22.42 7.00 -16.59
C VAL B 407 22.18 5.60 -16.01
N LEU B 408 22.59 4.55 -16.73
CA LEU B 408 22.42 3.16 -16.29
C LEU B 408 23.26 2.81 -15.05
N ALA B 409 24.52 3.23 -15.04
CA ALA B 409 25.37 2.98 -13.87
C ALA B 409 24.86 3.73 -12.67
N ARG B 410 24.42 4.97 -12.89
CA ARG B 410 23.97 5.82 -11.77
C ARG B 410 22.60 5.37 -11.26
N ILE B 411 21.78 4.75 -12.11
CA ILE B 411 20.53 4.07 -11.65
C ILE B 411 20.90 2.90 -10.72
N LEU B 412 21.90 2.10 -11.08
CA LEU B 412 22.38 1.00 -10.22
C LEU B 412 23.03 1.57 -8.97
N ASP B 413 23.71 2.71 -9.07
CA ASP B 413 24.43 3.31 -7.92
C ASP B 413 23.43 3.64 -6.82
N HIS B 414 22.24 4.14 -7.17
CA HIS B 414 21.21 4.50 -6.17
C HIS B 414 20.09 3.47 -6.13
N LYS B 415 20.37 2.24 -6.57
CA LYS B 415 19.32 1.19 -6.65
C LYS B 415 18.56 1.11 -5.33
N GLU B 416 19.23 1.35 -4.20
CA GLU B 416 18.56 1.22 -2.91
C GLU B 416 17.65 2.41 -2.64
N ALA B 417 18.02 3.61 -3.10
CA ALA B 417 17.14 4.77 -2.99
C ALA B 417 15.86 4.56 -3.80
N ILE B 418 16.01 4.01 -5.01
CA ILE B 418 14.86 3.75 -5.89
C ILE B 418 13.96 2.70 -5.27
N ILE B 419 14.55 1.59 -4.81
CA ILE B 419 13.75 0.47 -4.32
C ILE B 419 13.12 0.81 -2.98
N SER B 420 13.84 1.51 -2.09
CA SER B 420 13.27 1.87 -0.80
C SER B 420 12.20 2.94 -0.93
N HIS B 421 12.31 3.82 -1.92
CA HIS B 421 11.23 4.78 -2.10
C HIS B 421 10.02 4.16 -2.80
N LEU B 422 10.22 3.13 -3.62
CA LEU B 422 9.09 2.38 -4.15
C LEU B 422 8.42 1.57 -3.05
N SER B 423 9.21 1.07 -2.11
CA SER B 423 8.70 0.38 -0.93
C SER B 423 7.87 1.32 -0.07
N TRP B 424 8.37 2.54 0.15
CA TRP B 424 7.64 3.57 0.88
C TRP B 424 6.30 3.89 0.23
N VAL B 425 6.31 4.24 -1.07
CA VAL B 425 5.06 4.67 -1.73
C VAL B 425 4.06 3.53 -1.81
N SER B 426 4.53 2.29 -2.04
CA SER B 426 3.67 1.11 -1.99
C SER B 426 3.03 0.95 -0.62
N LEU B 427 3.84 1.02 0.44
CA LEU B 427 3.34 0.91 1.81
C LEU B 427 2.39 2.04 2.19
N PHE B 428 2.77 3.29 1.88
CA PHE B 428 1.97 4.50 2.03
C PHE B 428 0.56 4.33 1.47
N LEU B 429 0.49 4.03 0.17
CA LEU B 429 -0.77 3.85 -0.53
C LEU B 429 -1.54 2.66 0.02
N GLY B 430 -0.86 1.53 0.25
CA GLY B 430 -1.53 0.33 0.71
C GLY B 430 -2.16 0.47 2.06
N PHE B 431 -1.42 1.08 3.01
CA PHE B 431 -1.90 1.27 4.37
C PHE B 431 -3.11 2.17 4.36
N HIS B 432 -3.00 3.30 3.68
CA HIS B 432 -4.10 4.25 3.69
C HIS B 432 -5.29 3.81 2.85
N THR B 433 -5.09 3.31 1.63
CA THR B 433 -6.21 2.94 0.76
C THR B 433 -6.98 1.79 1.38
N LEU B 434 -6.26 0.78 1.89
CA LEU B 434 -6.91 -0.33 2.57
C LEU B 434 -7.57 0.16 3.84
N GLY B 435 -6.89 1.04 4.60
CA GLY B 435 -7.44 1.56 5.84
C GLY B 435 -8.72 2.35 5.64
N ILE B 436 -8.77 3.21 4.61
CA ILE B 436 -9.98 3.96 4.28
C ILE B 436 -11.08 3.00 3.85
N TYR B 437 -10.74 1.97 3.05
CA TYR B 437 -11.72 0.97 2.62
C TYR B 437 -12.27 0.18 3.81
N VAL B 438 -11.39 -0.25 4.72
CA VAL B 438 -11.78 -0.97 5.92
C VAL B 438 -12.55 -0.07 6.87
N HIS B 439 -12.17 1.22 6.94
CA HIS B 439 -12.91 2.20 7.73
C HIS B 439 -14.34 2.27 7.24
N ASN B 440 -14.49 2.35 5.92
CA ASN B 440 -15.80 2.43 5.28
C ASN B 440 -16.60 1.17 5.53
N ASP B 441 -15.94 0.01 5.44
CA ASP B 441 -16.63 -1.27 5.64
C ASP B 441 -17.12 -1.40 7.06
N VAL B 442 -16.27 -1.07 8.04
CA VAL B 442 -16.61 -1.17 9.44
C VAL B 442 -17.75 -0.20 9.80
N VAL B 443 -17.68 1.04 9.31
CA VAL B 443 -18.72 2.02 9.64
C VAL B 443 -20.06 1.67 8.97
N VAL B 444 -20.05 1.22 7.70
CA VAL B 444 -21.27 0.80 7.01
C VAL B 444 -21.86 -0.42 7.69
N ALA B 445 -21.00 -1.34 8.13
CA ALA B 445 -21.44 -2.53 8.85
C ALA B 445 -22.10 -2.14 10.15
N PHE B 446 -21.59 -1.13 10.81
CA PHE B 446 -22.10 -0.71 12.08
C PHE B 446 -23.35 0.17 11.93
N GLY B 447 -23.87 0.29 10.72
CA GLY B 447 -25.08 1.00 10.41
C GLY B 447 -24.88 2.47 10.24
N THR B 448 -23.65 2.91 10.01
CA THR B 448 -23.33 4.33 9.94
C THR B 448 -22.59 4.66 8.64
N PRO B 449 -23.28 4.63 7.49
CA PRO B 449 -22.63 4.95 6.21
C PRO B 449 -22.13 6.38 6.09
N GLU B 450 -22.74 7.32 6.82
CA GLU B 450 -22.36 8.72 6.78
C GLU B 450 -20.93 8.91 7.29
N LYS B 451 -20.50 8.11 8.27
CA LYS B 451 -19.18 8.20 8.88
C LYS B 451 -18.06 7.82 7.91
N GLN B 452 -18.39 7.22 6.77
CA GLN B 452 -17.44 6.77 5.76
C GLN B 452 -16.57 7.92 5.29
N ILE B 453 -15.28 7.65 5.09
CA ILE B 453 -14.36 8.65 4.57
C ILE B 453 -14.48 8.61 3.05
N LEU B 454 -15.31 9.49 2.49
CA LEU B 454 -15.53 9.54 1.07
C LEU B 454 -14.81 10.77 0.54
N VAL B 455 -13.79 10.56 -0.27
CA VAL B 455 -12.98 11.67 -0.77
C VAL B 455 -13.28 11.86 -2.25
N GLU B 456 -13.72 13.07 -2.61
CA GLU B 456 -14.07 13.37 -3.98
C GLU B 456 -12.81 13.37 -4.86
N PRO B 457 -12.89 12.86 -6.08
CA PRO B 457 -11.74 12.94 -6.98
C PRO B 457 -11.67 14.28 -7.69
N VAL B 458 -11.38 15.34 -6.93
CA VAL B 458 -11.41 16.71 -7.45
C VAL B 458 -10.39 16.96 -8.54
N PHE B 459 -9.18 16.39 -8.42
CA PHE B 459 -8.12 16.65 -9.41
C PHE B 459 -8.52 16.10 -10.78
N ALA B 460 -9.05 14.88 -10.79
CA ALA B 460 -9.51 14.25 -12.02
C ALA B 460 -10.77 14.95 -12.54
N GLN B 461 -11.67 15.36 -11.64
CA GLN B 461 -12.86 16.11 -12.03
C GLN B 461 -12.49 17.44 -12.65
N TRP B 462 -11.44 18.09 -12.13
CA TRP B 462 -10.92 19.33 -12.70
C TRP B 462 -10.38 19.07 -14.09
N ILE B 463 -9.73 17.92 -14.29
CA ILE B 463 -9.25 17.52 -15.61
C ILE B 463 -10.42 17.28 -16.57
N GLN B 464 -11.49 16.64 -16.09
CA GLN B 464 -12.69 16.43 -16.91
C GLN B 464 -13.33 17.75 -17.27
N ALA B 465 -13.41 18.65 -16.31
CA ALA B 465 -13.96 19.98 -16.52
C ALA B 465 -13.11 20.78 -17.46
N SER B 466 -11.79 20.63 -17.35
CA SER B 466 -10.85 21.31 -18.23
C SER B 466 -11.03 20.89 -19.68
N SER B 467 -11.54 19.68 -19.91
CA SER B 467 -11.89 19.18 -21.23
C SER B 467 -13.34 19.45 -21.58
N GLY B 468 -14.10 20.11 -20.72
CA GLY B 468 -15.45 20.52 -21.03
C GLY B 468 -16.59 19.85 -20.29
N LYS B 469 -16.34 18.99 -19.31
CA LYS B 469 -17.43 18.43 -18.54
C LYS B 469 -18.01 19.52 -17.64
N ALA B 470 -19.33 19.69 -17.70
CA ALA B 470 -20.00 20.73 -16.94
C ALA B 470 -20.64 20.19 -15.68
N LEU B 471 -20.49 18.89 -15.42
CA LEU B 471 -21.13 18.24 -14.28
C LEU B 471 -20.61 18.79 -12.95
N TYR B 472 -19.32 19.05 -12.85
CA TYR B 472 -18.74 19.45 -11.58
C TYR B 472 -18.74 20.96 -11.37
N GLY B 473 -19.11 21.73 -12.39
CA GLY B 473 -19.23 23.20 -12.24
C GLY B 473 -17.90 23.89 -12.04
N PHE B 474 -16.80 23.27 -12.47
CA PHE B 474 -15.45 23.85 -12.26
C PHE B 474 -15.29 25.15 -13.07
N ASP B 475 -15.87 25.23 -14.26
CA ASP B 475 -15.74 26.43 -15.14
C ASP B 475 -14.26 26.69 -15.43
N VAL B 476 -13.55 25.64 -15.83
CA VAL B 476 -12.09 25.72 -16.14
C VAL B 476 -11.88 25.44 -17.61
N LEU B 477 -11.17 26.32 -18.31
CA LEU B 477 -10.79 26.03 -19.72
C LEU B 477 -12.03 25.70 -20.54
N LEU B 478 -12.14 24.50 -21.09
CA LEU B 478 -13.27 24.21 -22.01
C LEU B 478 -14.65 24.35 -21.33
N SER B 479 -14.78 23.95 -20.05
CA SER B 479 -16.08 24.10 -19.33
C SER B 479 -16.51 25.56 -19.27
N SER B 480 -15.56 26.50 -19.16
CA SER B 480 -15.91 27.91 -19.18
C SER B 480 -16.09 28.35 -20.62
N THR B 481 -17.25 28.94 -20.94
CA THR B 481 -17.56 29.35 -22.30
C THR B 481 -16.62 30.46 -22.78
N ASN B 482 -16.38 31.47 -21.94
CA ASN B 482 -15.46 32.56 -22.27
C ASN B 482 -14.06 32.26 -21.76
N SER B 483 -13.33 31.41 -22.50
CA SER B 483 -11.95 31.07 -22.17
C SER B 483 -11.11 31.11 -23.44
N VAL B 484 -9.80 31.33 -23.31
CA VAL B 484 -8.92 31.31 -24.46
C VAL B 484 -8.90 29.93 -25.11
N ALA B 485 -8.88 28.87 -24.29
CA ALA B 485 -8.87 27.49 -24.76
C ALA B 485 -10.17 27.17 -25.48
N ALA B 486 -11.30 27.58 -24.89
CA ALA B 486 -12.61 27.33 -25.47
C ALA B 486 -12.78 28.08 -26.79
N ASN B 487 -12.36 29.35 -26.84
CA ASN B 487 -12.51 30.18 -28.04
C ASN B 487 -11.70 29.61 -29.18
N ALA B 488 -10.50 29.12 -28.88
CA ALA B 488 -9.59 28.61 -29.90
C ALA B 488 -10.16 27.41 -30.65
N SER B 489 -10.78 26.47 -29.93
CA SER B 489 -11.28 25.27 -30.53
C SER B 489 -12.73 25.36 -30.97
N SER B 490 -13.37 26.51 -30.74
CA SER B 490 -14.80 26.70 -31.02
C SER B 490 -15.12 26.51 -32.48
N ASN B 491 -14.26 27.00 -33.36
CA ASN B 491 -14.58 26.91 -34.76
C ASN B 491 -14.26 25.53 -35.33
N ILE B 492 -13.53 24.68 -34.60
CA ILE B 492 -13.09 23.41 -35.17
C ILE B 492 -13.69 22.18 -34.46
N TRP B 493 -13.15 21.72 -33.31
CA TRP B 493 -13.60 20.47 -32.71
C TRP B 493 -14.45 20.63 -31.46
N LEU B 494 -14.46 21.80 -30.84
CA LEU B 494 -15.16 21.96 -29.57
C LEU B 494 -16.67 21.72 -29.61
N PRO B 495 -17.46 22.15 -30.63
CA PRO B 495 -18.92 21.90 -30.57
C PRO B 495 -19.28 20.42 -30.45
N GLY B 496 -18.65 19.59 -31.27
CA GLY B 496 -18.86 18.15 -31.19
C GLY B 496 -18.35 17.55 -29.89
N TRP B 497 -17.16 17.97 -29.44
CA TRP B 497 -16.57 17.41 -28.22
C TRP B 497 -17.42 17.75 -27.01
N LEU B 498 -17.91 18.99 -26.93
CA LEU B 498 -18.73 19.43 -25.80
C LEU B 498 -20.03 18.64 -25.76
N GLU B 499 -20.61 18.38 -26.94
CA GLU B 499 -21.81 17.56 -27.03
C GLU B 499 -21.51 16.16 -26.52
N ALA B 500 -20.40 15.59 -26.96
CA ALA B 500 -20.01 14.23 -26.57
C ALA B 500 -19.70 14.11 -25.09
N ILE B 501 -18.88 15.02 -24.55
CA ILE B 501 -18.44 14.94 -23.16
C ILE B 501 -19.62 15.19 -22.22
N ASN B 502 -20.43 16.22 -22.49
CA ASN B 502 -21.53 16.57 -21.59
C ASN B 502 -22.66 15.53 -21.63
N SER B 503 -22.97 14.97 -22.80
CA SER B 503 -23.98 13.91 -22.87
C SER B 503 -23.54 12.72 -22.02
N GLY B 504 -24.49 12.12 -21.31
CA GLY B 504 -24.21 11.03 -20.42
C GLY B 504 -24.46 9.68 -21.04
N LYS B 505 -24.62 9.63 -22.36
CA LYS B 505 -24.92 8.43 -23.09
C LYS B 505 -23.66 7.70 -23.52
N ASN B 506 -22.49 8.23 -23.23
CA ASN B 506 -21.22 7.69 -23.69
C ASN B 506 -20.26 7.52 -22.51
N SER B 507 -19.20 6.77 -22.75
CA SER B 507 -18.20 6.51 -21.74
C SER B 507 -17.09 7.54 -21.71
N LEU B 508 -17.24 8.61 -22.48
CA LEU B 508 -16.27 9.71 -22.50
C LEU B 508 -16.35 10.42 -21.18
N PHE B 509 -15.23 10.46 -20.43
CA PHE B 509 -15.08 11.16 -19.15
C PHE B 509 -16.26 10.86 -18.21
N LEU B 510 -16.42 9.56 -17.92
CA LEU B 510 -17.53 9.06 -17.11
C LEU B 510 -17.50 9.70 -15.72
N PRO B 511 -18.67 9.94 -15.11
CA PRO B 511 -18.70 10.65 -13.81
C PRO B 511 -17.92 9.91 -12.74
N ILE B 512 -17.12 10.66 -11.99
CA ILE B 512 -16.25 10.08 -10.99
C ILE B 512 -16.62 10.62 -9.61
N GLY B 513 -16.61 9.73 -8.63
CA GLY B 513 -16.97 10.06 -7.27
C GLY B 513 -16.02 9.38 -6.30
N PRO B 514 -16.40 9.30 -5.01
CA PRO B 514 -15.50 8.72 -3.99
C PRO B 514 -15.02 7.29 -4.23
N GLY B 515 -15.91 6.44 -4.78
CA GLY B 515 -15.52 5.10 -5.13
C GLY B 515 -14.44 5.05 -6.19
N ASP B 516 -14.52 5.96 -7.18
CA ASP B 516 -13.52 6.09 -8.22
C ASP B 516 -12.17 6.51 -7.65
N PHE B 517 -12.19 7.41 -6.67
CA PHE B 517 -10.96 7.87 -6.02
C PHE B 517 -10.28 6.71 -5.32
N LEU B 518 -11.06 5.93 -4.56
CA LEU B 518 -10.49 4.86 -3.76
C LEU B 518 -9.90 3.77 -4.63
N ILE B 519 -10.62 3.39 -5.69
CA ILE B 519 -10.12 2.39 -6.61
C ILE B 519 -8.89 2.88 -7.39
N HIS B 520 -8.85 4.17 -7.77
CA HIS B 520 -7.66 4.69 -8.44
C HIS B 520 -6.43 4.60 -7.53
N HIS B 521 -6.61 4.90 -6.25
CA HIS B 521 -5.52 4.75 -5.28
C HIS B 521 -5.13 3.29 -5.10
N ALA B 522 -6.11 2.38 -5.16
CA ALA B 522 -5.81 0.96 -5.14
C ALA B 522 -4.98 0.56 -6.35
N ILE B 523 -5.32 1.10 -7.52
CA ILE B 523 -4.55 0.83 -8.77
C ILE B 523 -3.16 1.45 -8.65
N ALA B 524 -3.04 2.60 -7.99
CA ALA B 524 -1.72 3.22 -7.77
C ALA B 524 -0.87 2.32 -6.89
N LEU B 525 -1.44 1.74 -5.84
CA LEU B 525 -0.71 0.80 -4.96
C LEU B 525 -0.29 -0.41 -5.78
N ALA B 526 -1.16 -0.89 -6.67
CA ALA B 526 -0.87 -2.10 -7.46
C ALA B 526 0.22 -1.82 -8.50
N LEU B 527 0.13 -0.72 -9.23
CA LEU B 527 1.15 -0.36 -10.24
C LEU B 527 2.49 -0.11 -9.54
N HIS B 528 2.50 0.58 -8.41
CA HIS B 528 3.75 0.83 -7.63
C HIS B 528 4.32 -0.46 -7.04
N THR B 529 3.47 -1.33 -6.50
CA THR B 529 3.94 -2.63 -5.93
C THR B 529 4.44 -3.57 -7.02
N THR B 530 3.75 -3.67 -8.16
CA THR B 530 4.29 -4.52 -9.26
C THR B 530 5.63 -3.92 -9.71
N THR B 531 5.72 -2.60 -9.81
CA THR B 531 6.98 -1.93 -10.19
C THR B 531 8.05 -2.20 -9.13
N LEU B 532 7.72 -2.11 -7.85
CA LEU B 532 8.67 -2.40 -6.75
C LEU B 532 9.26 -3.79 -6.98
N ILE B 533 8.42 -4.81 -7.17
CA ILE B 533 8.93 -6.17 -7.31
C ILE B 533 9.79 -6.31 -8.56
N LEU B 534 9.31 -5.75 -9.66
CA LEU B 534 10.02 -5.81 -10.93
C LEU B 534 11.31 -5.00 -10.93
N VAL B 535 11.26 -3.80 -10.36
CA VAL B 535 12.43 -2.92 -10.24
C VAL B 535 13.44 -3.52 -9.28
N LYS B 536 12.98 -4.11 -8.17
CA LYS B 536 13.87 -4.81 -7.25
C LYS B 536 14.52 -5.99 -7.94
N GLY B 537 13.77 -6.70 -8.77
CA GLY B 537 14.35 -7.77 -9.55
C GLY B 537 15.37 -7.32 -10.57
N ALA B 538 15.08 -6.23 -11.29
CA ALA B 538 15.99 -5.72 -12.30
C ALA B 538 17.25 -5.13 -11.69
N LEU B 539 17.11 -4.31 -10.66
CA LEU B 539 18.26 -3.66 -10.04
C LEU B 539 19.10 -4.64 -9.23
N ASP B 540 18.48 -5.61 -8.57
CA ASP B 540 19.24 -6.59 -7.81
C ASP B 540 19.55 -7.84 -8.63
N ALA B 541 19.31 -7.79 -9.95
CA ALA B 541 19.56 -8.92 -10.83
C ALA B 541 21.02 -9.33 -10.84
N ARG B 542 21.91 -8.36 -10.82
CA ARG B 542 23.32 -8.64 -10.95
C ARG B 542 23.99 -8.88 -9.61
N GLY B 543 23.31 -8.52 -8.52
CA GLY B 543 23.87 -8.84 -7.20
C GLY B 543 23.13 -8.19 -6.05
N SER B 544 23.38 -8.66 -4.83
CA SER B 544 22.73 -8.12 -3.62
C SER B 544 23.64 -8.45 -2.45
N LYS B 545 23.35 -7.94 -1.26
CA LYS B 545 24.18 -8.36 -0.09
C LYS B 545 24.01 -9.87 0.13
N LEU B 546 22.80 -10.39 -0.03
CA LEU B 546 22.55 -11.85 0.18
C LEU B 546 23.36 -12.67 -0.83
N MET B 547 23.31 -12.31 -2.12
CA MET B 547 24.17 -12.99 -3.11
C MET B 547 24.87 -11.94 -3.96
N PRO B 548 26.12 -11.57 -3.64
CA PRO B 548 26.88 -10.60 -4.43
C PRO B 548 27.15 -11.04 -5.88
N ASP B 549 27.41 -12.34 -6.11
CA ASP B 549 27.79 -12.82 -7.46
C ASP B 549 26.58 -13.40 -8.20
N LYS B 550 25.39 -12.83 -8.00
CA LYS B 550 24.15 -13.35 -8.60
C LYS B 550 24.22 -13.41 -10.12
N LYS B 551 24.90 -12.43 -10.74
CA LYS B 551 25.14 -12.39 -12.19
C LYS B 551 25.76 -13.70 -12.70
N ASP B 552 26.71 -14.29 -11.94
CA ASP B 552 27.41 -15.50 -12.36
C ASP B 552 26.49 -16.71 -12.45
N PHE B 553 25.29 -16.64 -11.86
CA PHE B 553 24.35 -17.75 -11.84
C PHE B 553 23.27 -17.62 -12.90
N GLY B 554 23.10 -16.44 -13.46
CA GLY B 554 22.19 -16.23 -14.56
C GLY B 554 20.97 -15.45 -14.14
N TYR B 555 19.91 -15.61 -14.93
CA TYR B 555 18.64 -14.96 -14.67
C TYR B 555 17.69 -15.86 -13.88
N ALA B 556 17.57 -17.13 -14.28
CA ALA B 556 16.65 -18.08 -13.65
C ALA B 556 17.46 -19.24 -13.08
N PHE B 557 17.63 -19.22 -11.78
CA PHE B 557 18.21 -20.29 -10.99
C PHE B 557 17.32 -20.48 -9.77
N PRO B 558 17.27 -21.68 -9.18
CA PRO B 558 16.34 -21.91 -8.06
C PRO B 558 16.59 -21.10 -6.81
N CYS B 559 17.81 -21.10 -6.30
CA CYS B 559 18.20 -20.48 -5.05
C CYS B 559 19.70 -20.62 -4.92
N ASP B 560 20.27 -20.14 -3.82
CA ASP B 560 21.65 -20.42 -3.48
C ASP B 560 21.75 -21.37 -2.30
N GLY B 561 20.67 -22.05 -1.97
CA GLY B 561 20.69 -23.03 -0.92
C GLY B 561 20.20 -22.48 0.41
N PRO B 562 20.16 -23.34 1.43
CA PRO B 562 19.61 -22.92 2.72
C PRO B 562 20.59 -22.12 3.57
N GLY B 563 21.82 -21.95 3.12
CA GLY B 563 22.78 -21.18 3.87
C GLY B 563 22.51 -19.70 3.77
N ARG B 564 23.20 -18.95 4.63
CA ARG B 564 23.05 -17.50 4.80
C ARG B 564 21.61 -17.12 5.18
N GLY B 565 20.94 -18.01 5.89
CA GLY B 565 19.59 -17.80 6.36
C GLY B 565 18.53 -18.43 5.48
N GLY B 566 18.83 -18.59 4.18
CA GLY B 566 17.82 -19.10 3.23
C GLY B 566 17.73 -18.20 2.02
N THR B 567 17.80 -18.76 0.81
CA THR B 567 17.84 -17.92 -0.40
C THR B 567 16.76 -18.32 -1.41
N CYS B 568 15.58 -18.73 -0.95
CA CYS B 568 14.47 -19.06 -1.90
C CYS B 568 14.02 -17.81 -2.66
N ASP B 569 13.67 -17.96 -3.94
CA ASP B 569 13.15 -16.83 -4.74
C ASP B 569 14.10 -15.64 -4.71
N ILE B 570 15.41 -15.89 -4.80
CA ILE B 570 16.39 -14.82 -4.81
C ILE B 570 16.79 -14.38 -6.21
N SER B 571 16.41 -15.10 -7.25
CA SER B 571 16.82 -14.73 -8.59
C SER B 571 15.93 -13.61 -9.12
N ALA B 572 16.43 -12.93 -10.16
CA ALA B 572 15.65 -11.90 -10.84
C ALA B 572 14.41 -12.48 -11.51
N TRP B 573 14.51 -13.73 -11.99
CA TRP B 573 13.36 -14.44 -12.51
C TRP B 573 12.31 -14.63 -11.44
N ASP B 574 12.74 -14.86 -10.22
CA ASP B 574 11.77 -15.05 -9.16
C ASP B 574 11.07 -13.76 -8.77
N ALA B 575 11.66 -12.60 -9.08
CA ALA B 575 10.91 -11.37 -8.88
C ALA B 575 9.97 -11.10 -10.04
N PHE B 576 10.30 -11.58 -11.25
CA PHE B 576 9.29 -11.68 -12.30
C PHE B 576 8.11 -12.52 -11.84
N TYR B 577 8.41 -13.71 -11.32
CA TYR B 577 7.42 -14.66 -10.81
C TYR B 577 6.52 -14.03 -9.76
N LEU B 578 7.10 -13.30 -8.82
CA LEU B 578 6.31 -12.71 -7.76
C LEU B 578 5.51 -11.52 -8.24
N SER B 579 6.04 -10.75 -9.18
CA SER B 579 5.32 -9.63 -9.74
C SER B 579 4.23 -10.04 -10.72
N MET B 580 4.25 -11.28 -11.20
CA MET B 580 3.20 -11.73 -12.09
C MET B 580 1.87 -11.83 -11.36
N PHE B 581 1.90 -12.21 -10.09
CA PHE B 581 0.71 -12.19 -9.24
C PHE B 581 0.22 -10.78 -9.03
N TRP B 582 1.13 -9.84 -8.88
CA TRP B 582 0.74 -8.46 -8.66
C TRP B 582 0.24 -7.81 -9.93
N MET B 583 0.72 -8.25 -11.09
CA MET B 583 0.13 -7.85 -12.35
C MET B 583 -1.27 -8.37 -12.48
N LEU B 584 -1.48 -9.64 -12.15
CA LEU B 584 -2.82 -10.21 -12.25
C LEU B 584 -3.77 -9.52 -11.29
N ASN B 585 -3.30 -9.21 -10.09
CA ASN B 585 -4.10 -8.48 -9.10
C ASN B 585 -4.44 -7.07 -9.58
N THR B 586 -3.48 -6.35 -10.17
CA THR B 586 -3.80 -5.00 -10.62
C THR B 586 -4.74 -5.00 -11.82
N ILE B 587 -4.55 -5.88 -12.81
CA ILE B 587 -5.46 -5.91 -13.94
C ILE B 587 -6.81 -6.43 -13.49
N GLY B 588 -6.82 -7.26 -12.43
CA GLY B 588 -8.06 -7.59 -11.77
C GLY B 588 -8.77 -6.39 -11.20
N TRP B 589 -8.05 -5.54 -10.47
CA TRP B 589 -8.66 -4.34 -9.90
C TRP B 589 -9.13 -3.37 -10.98
N VAL B 590 -8.36 -3.25 -12.07
CA VAL B 590 -8.70 -2.37 -13.18
C VAL B 590 -9.93 -2.88 -13.92
N THR B 591 -9.96 -4.16 -14.27
CA THR B 591 -11.08 -4.69 -15.03
C THR B 591 -12.31 -4.90 -14.18
N PHE B 592 -12.16 -5.20 -12.89
CA PHE B 592 -13.29 -5.21 -11.97
C PHE B 592 -13.91 -3.83 -11.86
N TYR B 593 -13.08 -2.80 -11.77
CA TYR B 593 -13.58 -1.42 -11.67
C TYR B 593 -14.26 -1.00 -12.95
N TRP B 594 -13.61 -1.22 -14.09
CA TRP B 594 -14.18 -0.87 -15.39
C TRP B 594 -15.50 -1.56 -15.61
N HIS B 595 -15.55 -2.86 -15.30
CA HIS B 595 -16.72 -3.63 -15.62
C HIS B 595 -17.86 -3.29 -14.69
N TRP B 596 -17.60 -3.15 -13.39
CA TRP B 596 -18.67 -2.79 -12.46
C TRP B 596 -19.21 -1.38 -12.72
N LYS B 597 -18.32 -0.41 -12.96
CA LYS B 597 -18.78 0.93 -13.29
C LYS B 597 -19.57 0.97 -14.58
N HIS B 598 -19.19 0.13 -15.55
CA HIS B 598 -19.89 0.17 -16.81
C HIS B 598 -21.22 -0.56 -16.74
N ILE B 599 -21.30 -1.71 -16.07
CA ILE B 599 -22.59 -2.42 -16.01
C ILE B 599 -23.59 -1.62 -15.20
N THR B 600 -23.15 -0.87 -14.18
CA THR B 600 -24.08 -0.03 -13.45
C THR B 600 -24.55 1.15 -14.28
N ILE B 601 -23.65 1.78 -15.07
CA ILE B 601 -24.07 2.83 -15.99
C ILE B 601 -25.01 2.29 -17.07
N TRP B 602 -24.70 1.11 -17.62
CA TRP B 602 -25.50 0.50 -18.67
C TRP B 602 -26.88 0.09 -18.20
N GLN B 603 -27.08 -0.15 -16.91
CA GLN B 603 -28.44 -0.35 -16.42
C GLN B 603 -29.23 0.95 -16.36
N GLY B 604 -28.54 2.06 -16.19
CA GLY B 604 -29.18 3.29 -15.77
C GLY B 604 -29.13 3.47 -14.28
N ASN B 605 -28.26 2.73 -13.60
CA ASN B 605 -28.16 2.66 -12.14
C ASN B 605 -26.72 2.92 -11.70
N ALA B 606 -26.13 4.00 -12.21
CA ALA B 606 -24.76 4.38 -11.87
C ALA B 606 -24.61 4.70 -10.38
N GLY B 607 -25.68 5.15 -9.73
CA GLY B 607 -25.68 5.41 -8.31
C GLY B 607 -25.47 4.17 -7.46
N GLN B 608 -25.75 2.99 -8.01
CA GLN B 608 -25.51 1.77 -7.27
C GLN B 608 -24.02 1.51 -7.11
N PHE B 609 -23.23 1.80 -8.16
CA PHE B 609 -21.79 1.82 -8.02
C PHE B 609 -21.37 2.95 -7.10
N ASN B 610 -22.02 4.12 -7.21
CA ASN B 610 -21.60 5.29 -6.45
C ASN B 610 -21.71 5.06 -4.94
N GLU B 611 -22.72 4.31 -4.53
CA GLU B 611 -22.92 4.04 -3.12
C GLU B 611 -22.20 2.79 -2.65
N SER B 612 -22.08 1.75 -3.48
CA SER B 612 -21.49 0.51 -3.01
C SER B 612 -19.99 0.37 -3.25
N SER B 613 -19.36 1.20 -4.09
CA SER B 613 -17.94 0.96 -4.38
C SER B 613 -17.01 1.49 -3.32
N THR B 614 -17.50 2.18 -2.33
CA THR B 614 -16.65 2.83 -1.36
C THR B 614 -16.26 1.90 -0.22
N TYR B 615 -16.87 0.74 -0.13
CA TYR B 615 -16.53 -0.30 0.82
C TYR B 615 -16.42 -1.62 0.05
N ILE B 616 -15.72 -2.58 0.65
CA ILE B 616 -15.36 -3.80 -0.08
C ILE B 616 -16.50 -4.81 -0.11
N MET B 617 -17.43 -4.78 0.85
CA MET B 617 -18.58 -5.66 0.76
C MET B 617 -19.52 -5.25 -0.35
N GLY B 618 -19.52 -3.97 -0.73
CA GLY B 618 -20.23 -3.57 -1.93
C GLY B 618 -19.64 -4.21 -3.17
N TRP B 619 -18.32 -4.31 -3.24
CA TRP B 619 -17.66 -4.99 -4.34
C TRP B 619 -17.92 -6.49 -4.32
N LEU B 620 -18.04 -7.07 -3.13
CA LEU B 620 -18.27 -8.51 -3.04
C LEU B 620 -19.72 -8.86 -3.35
N ARG B 621 -20.69 -8.16 -2.76
CA ARG B 621 -22.07 -8.56 -2.96
C ARG B 621 -22.66 -7.99 -4.24
N ASP B 622 -22.34 -6.75 -4.57
CA ASP B 622 -23.03 -6.06 -5.63
C ASP B 622 -22.36 -6.22 -6.97
N TYR B 623 -21.14 -6.70 -6.99
CA TYR B 623 -20.47 -6.98 -8.24
C TYR B 623 -20.23 -8.47 -8.44
N LEU B 624 -19.53 -9.12 -7.53
CA LEU B 624 -19.20 -10.52 -7.76
C LEU B 624 -20.39 -11.41 -7.52
N TRP B 625 -21.09 -11.23 -6.39
CA TRP B 625 -22.21 -12.11 -6.06
C TRP B 625 -23.45 -11.80 -6.89
N LEU B 626 -23.74 -10.52 -7.12
CA LEU B 626 -24.95 -10.14 -7.83
C LEU B 626 -24.89 -10.53 -9.30
N ASN B 627 -23.74 -10.36 -9.92
CA ASN B 627 -23.59 -10.64 -11.34
C ASN B 627 -23.18 -12.09 -11.62
N SER B 628 -22.93 -12.90 -10.58
CA SER B 628 -22.62 -14.31 -10.79
C SER B 628 -23.83 -15.10 -11.23
N SER B 629 -25.03 -14.66 -10.86
CA SER B 629 -26.23 -15.47 -11.04
C SER B 629 -26.58 -15.87 -12.49
N PRO B 630 -26.48 -15.02 -13.53
CA PRO B 630 -26.66 -15.58 -14.89
C PRO B 630 -25.55 -16.54 -15.28
N LEU B 631 -24.34 -16.31 -14.77
CA LEU B 631 -23.20 -17.14 -15.12
C LEU B 631 -23.29 -18.52 -14.49
N ILE B 632 -23.58 -18.61 -13.20
CA ILE B 632 -23.58 -19.92 -12.53
C ILE B 632 -24.86 -20.68 -12.75
N ASN B 633 -25.86 -20.08 -13.38
CA ASN B 633 -27.08 -20.77 -13.79
C ASN B 633 -27.07 -21.11 -15.28
N GLY B 634 -25.89 -21.06 -15.91
CA GLY B 634 -25.76 -21.49 -17.30
C GLY B 634 -26.11 -22.94 -17.51
N TYR B 635 -25.91 -23.77 -16.49
CA TYR B 635 -26.56 -25.06 -16.38
C TYR B 635 -26.93 -25.27 -14.92
N ASN B 636 -27.97 -26.05 -14.70
CA ASN B 636 -28.53 -26.35 -13.39
C ASN B 636 -29.37 -27.61 -13.54
N PRO B 637 -29.97 -28.20 -12.48
CA PRO B 637 -30.85 -29.35 -12.70
C PRO B 637 -32.14 -29.07 -13.48
N PHE B 638 -32.41 -27.84 -13.90
CA PHE B 638 -33.61 -27.51 -14.64
C PHE B 638 -33.33 -27.26 -16.11
N GLY B 639 -32.09 -27.36 -16.54
CA GLY B 639 -31.77 -27.22 -17.94
C GLY B 639 -30.41 -26.56 -18.10
N MET B 640 -30.19 -26.07 -19.31
CA MET B 640 -29.00 -25.30 -19.62
C MET B 640 -29.36 -24.31 -20.73
N ASN B 641 -28.53 -23.28 -20.85
CA ASN B 641 -28.68 -22.31 -21.93
C ASN B 641 -27.32 -22.04 -22.53
N SER B 642 -27.20 -21.04 -23.39
CA SER B 642 -25.94 -20.85 -24.11
C SER B 642 -24.83 -20.26 -23.25
N LEU B 643 -25.13 -19.81 -22.04
CA LEU B 643 -24.12 -19.41 -21.05
C LEU B 643 -23.57 -20.60 -20.29
N SER B 644 -23.88 -21.82 -20.72
CA SER B 644 -23.35 -23.00 -20.05
C SER B 644 -21.86 -23.13 -20.25
N VAL B 645 -21.35 -22.68 -21.41
CA VAL B 645 -19.95 -22.84 -21.72
C VAL B 645 -19.11 -21.94 -20.84
N TRP B 646 -19.58 -20.73 -20.62
CA TRP B 646 -18.92 -19.83 -19.70
C TRP B 646 -19.09 -20.31 -18.27
N SER B 647 -20.24 -20.93 -17.99
CA SER B 647 -20.50 -21.55 -16.70
C SER B 647 -19.54 -22.68 -16.43
N TRP B 648 -19.13 -23.39 -17.48
CA TRP B 648 -18.18 -24.52 -17.32
C TRP B 648 -16.76 -23.95 -17.27
N MET B 649 -16.47 -22.94 -18.09
CA MET B 649 -15.13 -22.28 -18.13
C MET B 649 -14.84 -21.60 -16.78
N PHE B 650 -15.86 -21.01 -16.17
CA PHE B 650 -15.67 -20.30 -14.87
C PHE B 650 -15.17 -21.30 -13.83
N LEU B 651 -15.81 -22.47 -13.75
CA LEU B 651 -15.37 -23.54 -12.82
C LEU B 651 -13.99 -24.05 -13.27
N PHE B 652 -13.79 -24.16 -14.57
CA PHE B 652 -12.50 -24.65 -15.13
C PHE B 652 -11.40 -23.69 -14.70
N GLY B 653 -11.65 -22.38 -14.74
CA GLY B 653 -10.66 -21.39 -14.28
C GLY B 653 -10.39 -21.53 -12.79
N HIS B 654 -11.43 -21.76 -12.00
CA HIS B 654 -11.27 -21.95 -10.53
C HIS B 654 -10.38 -23.18 -10.29
N LEU B 655 -10.58 -24.24 -11.07
CA LEU B 655 -9.79 -25.49 -10.92
C LEU B 655 -8.33 -25.21 -11.28
N ILE B 656 -8.06 -24.64 -12.46
CA ILE B 656 -6.66 -24.42 -12.88
C ILE B 656 -5.93 -23.56 -11.86
N TRP B 657 -6.60 -22.50 -11.42
CA TRP B 657 -6.07 -21.55 -10.46
C TRP B 657 -5.70 -22.25 -9.17
N ALA B 658 -6.60 -23.12 -8.69
CA ALA B 658 -6.35 -23.83 -7.46
C ALA B 658 -5.29 -24.89 -7.64
N THR B 659 -5.23 -25.50 -8.83
CA THR B 659 -4.17 -26.46 -9.14
C THR B 659 -2.81 -25.79 -9.12
N GLY B 660 -2.77 -24.50 -9.48
CA GLY B 660 -1.54 -23.75 -9.42
C GLY B 660 -1.00 -23.62 -8.03
N PHE B 661 -1.89 -23.53 -7.04
CA PHE B 661 -1.52 -23.49 -5.64
C PHE B 661 -0.72 -24.72 -5.23
N MET B 662 -1.00 -25.87 -5.85
CA MET B 662 -0.26 -27.11 -5.54
C MET B 662 1.20 -26.99 -5.91
N PHE B 663 1.48 -26.35 -7.03
CA PHE B 663 2.85 -26.15 -7.41
C PHE B 663 3.49 -25.01 -6.66
N LEU B 664 2.69 -24.09 -6.13
CA LEU B 664 3.27 -22.93 -5.48
C LEU B 664 3.43 -23.13 -3.99
N ILE B 665 2.61 -23.96 -3.36
CA ILE B 665 2.69 -24.19 -1.92
C ILE B 665 3.54 -25.42 -1.61
N SER B 666 3.29 -26.52 -2.30
CA SER B 666 4.03 -27.76 -2.07
C SER B 666 5.25 -27.74 -2.97
N TRP B 667 6.40 -28.09 -2.41
CA TRP B 667 7.68 -27.96 -3.09
C TRP B 667 8.35 -29.33 -3.26
N ARG B 668 9.54 -29.31 -3.90
CA ARG B 668 10.10 -30.47 -4.61
C ARG B 668 10.36 -31.72 -3.77
N GLY B 669 10.93 -31.57 -2.57
CA GLY B 669 11.42 -32.75 -1.81
C GLY B 669 10.32 -33.74 -1.48
N TYR B 670 9.12 -33.23 -1.18
CA TYR B 670 7.94 -34.05 -0.98
C TYR B 670 7.64 -34.86 -2.24
N TRP B 671 7.71 -34.22 -3.39
CA TRP B 671 7.29 -34.88 -4.62
C TRP B 671 8.32 -35.86 -5.13
N GLN B 672 9.60 -35.56 -4.95
CA GLN B 672 10.65 -36.52 -5.30
C GLN B 672 10.56 -37.77 -4.43
N GLU B 673 10.17 -37.60 -3.15
CA GLU B 673 9.99 -38.78 -2.32
C GLU B 673 8.73 -39.57 -2.67
N LEU B 674 7.68 -38.92 -3.14
CA LEU B 674 6.56 -39.68 -3.73
C LEU B 674 6.99 -40.47 -4.95
N ILE B 675 7.68 -39.80 -5.88
CA ILE B 675 8.06 -40.38 -7.15
C ILE B 675 9.03 -41.55 -6.98
N GLU B 676 9.89 -41.52 -5.96
CA GLU B 676 10.79 -42.66 -5.74
C GLU B 676 10.03 -43.90 -5.25
N THR B 677 8.90 -43.72 -4.56
CA THR B 677 8.07 -44.86 -4.18
C THR B 677 7.29 -45.37 -5.37
N LEU B 678 6.99 -44.49 -6.31
CA LEU B 678 6.33 -44.94 -7.53
C LEU B 678 7.28 -45.66 -8.47
N VAL B 679 8.54 -45.24 -8.48
CA VAL B 679 9.57 -45.93 -9.24
C VAL B 679 9.80 -47.32 -8.68
N TRP B 680 9.82 -47.44 -7.34
CA TRP B 680 9.93 -48.75 -6.69
C TRP B 680 8.75 -49.63 -7.06
N ALA B 681 7.54 -49.07 -7.01
CA ALA B 681 6.33 -49.84 -7.27
C ALA B 681 6.25 -50.31 -8.70
N HIS B 682 6.66 -49.47 -9.66
CA HIS B 682 6.64 -49.90 -11.04
C HIS B 682 7.66 -51.00 -11.29
N GLU B 683 8.86 -50.87 -10.71
CA GLU B 683 9.85 -51.92 -10.91
C GLU B 683 9.49 -53.22 -10.20
N ARG B 684 8.67 -53.18 -9.16
CA ARG B 684 8.33 -54.38 -8.42
C ARG B 684 6.99 -54.99 -8.82
N THR B 685 6.21 -54.32 -9.66
CA THR B 685 4.91 -54.84 -10.05
C THR B 685 5.07 -55.83 -11.19
N PRO B 686 4.63 -57.08 -11.04
CA PRO B 686 4.63 -58.00 -12.18
C PRO B 686 3.62 -57.56 -13.23
N LEU B 687 3.93 -57.88 -14.49
CA LEU B 687 3.23 -57.57 -15.75
C LEU B 687 3.35 -56.11 -16.16
N ALA B 688 3.86 -55.27 -15.25
CA ALA B 688 4.07 -53.85 -15.47
C ALA B 688 5.53 -53.48 -15.60
N ASN B 689 6.43 -54.22 -14.94
CA ASN B 689 7.86 -54.00 -15.10
C ASN B 689 8.41 -54.48 -16.44
N LEU B 690 7.58 -55.11 -17.29
CA LEU B 690 7.95 -55.32 -18.68
C LEU B 690 8.05 -54.03 -19.46
N VAL B 691 7.40 -52.97 -18.97
CA VAL B 691 7.41 -51.66 -19.59
C VAL B 691 8.31 -50.76 -18.75
N ARG B 692 9.29 -50.14 -19.40
CA ARG B 692 10.32 -49.37 -18.70
C ARG B 692 10.37 -47.98 -19.31
N TRP B 693 10.57 -46.98 -18.45
CA TRP B 693 10.76 -45.62 -18.94
C TRP B 693 12.12 -45.47 -19.59
N LYS B 694 12.19 -44.68 -20.66
CA LYS B 694 13.49 -44.29 -21.18
C LYS B 694 14.09 -43.15 -20.39
N ASP B 695 13.25 -42.29 -19.81
CA ASP B 695 13.72 -41.16 -19.00
C ASP B 695 13.28 -41.39 -17.58
N LYS B 696 14.21 -41.26 -16.66
CA LYS B 696 13.97 -41.47 -15.25
C LYS B 696 12.98 -40.45 -14.73
N PRO B 697 11.85 -40.86 -14.14
CA PRO B 697 10.86 -39.91 -13.64
C PRO B 697 11.42 -39.13 -12.46
N VAL B 698 11.44 -37.82 -12.59
CA VAL B 698 11.89 -36.96 -11.51
C VAL B 698 10.79 -35.96 -11.23
N ALA B 699 10.80 -35.42 -10.02
CA ALA B 699 9.96 -34.29 -9.72
C ALA B 699 10.40 -33.09 -10.53
N LEU B 700 9.44 -32.20 -10.82
CA LEU B 700 9.69 -30.95 -11.53
C LEU B 700 10.73 -30.13 -10.78
N SER B 701 11.44 -29.26 -11.50
CA SER B 701 12.46 -28.52 -10.80
C SER B 701 11.83 -27.39 -10.00
N ILE B 702 12.65 -26.71 -9.21
CA ILE B 702 12.17 -25.64 -8.35
C ILE B 702 11.65 -24.47 -9.20
N VAL B 703 12.43 -24.05 -10.19
CA VAL B 703 12.06 -22.97 -11.09
C VAL B 703 10.93 -23.41 -12.01
N GLN B 704 10.97 -24.67 -12.46
CA GLN B 704 9.95 -25.20 -13.37
C GLN B 704 8.60 -25.24 -12.69
N ALA B 705 8.55 -25.71 -11.45
CA ALA B 705 7.30 -25.74 -10.71
C ALA B 705 6.79 -24.36 -10.37
N ARG B 706 7.68 -23.41 -10.09
CA ARG B 706 7.24 -22.03 -9.95
C ARG B 706 6.60 -21.52 -11.24
N LEU B 707 7.18 -21.88 -12.38
CA LEU B 707 6.60 -21.51 -13.67
C LEU B 707 5.27 -22.24 -13.93
N VAL B 708 5.18 -23.52 -13.56
CA VAL B 708 3.96 -24.31 -13.79
C VAL B 708 2.82 -23.82 -12.92
N GLY B 709 3.11 -23.52 -11.65
CA GLY B 709 2.12 -22.92 -10.79
C GLY B 709 1.71 -21.54 -11.22
N LEU B 710 2.68 -20.75 -11.70
CA LEU B 710 2.37 -19.42 -12.23
C LEU B 710 1.48 -19.50 -13.46
N ILE B 711 1.76 -20.45 -14.37
CA ILE B 711 0.95 -20.64 -15.57
C ILE B 711 -0.45 -21.09 -15.20
N HIS B 712 -0.58 -22.02 -14.26
CA HIS B 712 -1.89 -22.51 -13.84
C HIS B 712 -2.69 -21.42 -13.11
N PHE B 713 -2.05 -20.71 -12.18
CA PHE B 713 -2.63 -19.53 -11.52
C PHE B 713 -3.11 -18.51 -12.53
N THR B 714 -2.25 -18.15 -13.48
CA THR B 714 -2.55 -17.15 -14.48
C THR B 714 -3.67 -17.60 -15.42
N ALA B 715 -3.60 -18.83 -15.91
CA ALA B 715 -4.63 -19.37 -16.79
C ALA B 715 -5.96 -19.47 -16.08
N GLY B 716 -5.95 -19.89 -14.82
CA GLY B 716 -7.16 -19.90 -14.04
C GLY B 716 -7.74 -18.52 -13.81
N TYR B 717 -6.87 -17.55 -13.59
CA TYR B 717 -7.25 -16.15 -13.45
C TYR B 717 -7.94 -15.63 -14.72
N ILE B 718 -7.32 -15.89 -15.87
CA ILE B 718 -7.84 -15.41 -17.16
C ILE B 718 -9.15 -16.11 -17.50
N PHE B 719 -9.19 -17.43 -17.39
CA PHE B 719 -10.39 -18.17 -17.78
C PHE B 719 -11.57 -17.88 -16.86
N THR B 720 -11.30 -17.71 -15.55
CA THR B 720 -12.36 -17.37 -14.61
C THR B 720 -12.93 -15.98 -14.91
N TYR B 721 -12.06 -15.00 -15.09
CA TYR B 721 -12.56 -13.65 -15.34
C TYR B 721 -13.18 -13.51 -16.72
N ALA B 722 -12.63 -14.16 -17.74
CA ALA B 722 -13.21 -14.10 -19.08
C ALA B 722 -14.61 -14.71 -19.10
N ALA B 723 -14.79 -15.83 -18.40
CA ALA B 723 -16.11 -16.43 -18.24
C ALA B 723 -17.05 -15.51 -17.49
N PHE B 724 -16.57 -14.84 -16.45
CA PHE B 724 -17.43 -13.93 -15.69
C PHE B 724 -17.79 -12.68 -16.48
N VAL B 725 -16.79 -11.99 -17.05
CA VAL B 725 -17.02 -10.72 -17.74
C VAL B 725 -17.86 -10.93 -18.99
N ILE B 726 -17.80 -12.10 -19.62
CA ILE B 726 -18.61 -12.32 -20.79
C ILE B 726 -20.00 -12.81 -20.41
N ALA B 727 -20.11 -13.78 -19.48
CA ALA B 727 -21.41 -14.34 -19.14
C ALA B 727 -22.27 -13.38 -18.34
N SER B 728 -21.70 -12.62 -17.41
CA SER B 728 -22.49 -11.66 -16.65
C SER B 728 -23.03 -10.55 -17.54
N THR B 729 -22.22 -10.11 -18.49
CA THR B 729 -22.66 -9.07 -19.41
C THR B 729 -23.66 -9.61 -20.43
N THR B 730 -23.41 -10.81 -20.98
CA THR B 730 -24.35 -11.45 -21.89
C THR B 730 -25.69 -11.75 -21.23
N GLY B 731 -25.65 -12.40 -20.06
CA GLY B 731 -26.86 -12.76 -19.34
C GLY B 731 -27.63 -11.55 -18.87
N LYS B 732 -26.93 -10.48 -18.52
CA LYS B 732 -27.64 -9.30 -18.07
C LYS B 732 -28.09 -8.41 -19.22
N PHE B 733 -27.24 -8.24 -20.24
CA PHE B 733 -27.37 -7.24 -21.31
C PHE B 733 -27.54 -5.83 -20.76
N GLY B 734 -26.51 -5.38 -20.07
CA GLY B 734 -26.54 -4.10 -19.38
C GLY B 734 -25.50 -4.05 -18.29
N SER C 2 27.54 -32.22 -15.15
CA SER C 2 27.92 -32.13 -13.75
C SER C 2 27.84 -30.69 -13.27
N HIS C 3 27.93 -30.50 -11.96
CA HIS C 3 28.02 -29.17 -11.39
C HIS C 3 29.47 -28.71 -11.46
N SER C 4 29.67 -27.40 -11.33
CA SER C 4 31.03 -26.85 -11.29
C SER C 4 31.25 -26.23 -9.92
N VAL C 5 32.28 -26.69 -9.22
CA VAL C 5 32.57 -26.22 -7.86
C VAL C 5 33.94 -25.56 -7.88
N LYS C 6 34.00 -24.33 -7.39
CA LYS C 6 35.19 -23.50 -7.43
C LYS C 6 35.60 -23.12 -6.01
N VAL C 7 36.90 -22.98 -5.79
CA VAL C 7 37.43 -22.52 -4.51
C VAL C 7 38.28 -21.28 -4.77
N TYR C 8 37.97 -20.20 -4.09
CA TYR C 8 38.65 -18.94 -4.33
C TYR C 8 39.75 -18.75 -3.30
N ASP C 9 40.70 -17.85 -3.60
CA ASP C 9 41.92 -17.71 -2.81
C ASP C 9 41.69 -16.96 -1.50
N THR C 10 40.45 -16.66 -1.18
CA THR C 10 40.04 -16.17 0.12
C THR C 10 39.77 -17.30 1.10
N CYS C 11 40.02 -18.53 0.67
CA CYS C 11 39.82 -19.73 1.54
C CYS C 11 40.85 -19.71 2.67
N ILE C 12 40.39 -19.79 3.92
CA ILE C 12 41.27 -19.79 5.07
C ILE C 12 41.69 -21.18 5.49
N GLY C 13 41.31 -22.21 4.76
CA GLY C 13 41.70 -23.58 5.05
C GLY C 13 41.13 -24.12 6.34
N CYS C 14 39.87 -23.84 6.62
CA CYS C 14 39.23 -24.24 7.87
C CYS C 14 38.76 -25.68 7.85
N THR C 15 38.79 -26.34 6.68
CA THR C 15 38.40 -27.71 6.38
C THR C 15 36.92 -28.00 6.57
N GLN C 16 36.12 -26.98 6.88
CA GLN C 16 34.68 -27.21 7.20
C GLN C 16 33.87 -27.63 5.97
N CYS C 17 34.17 -27.07 4.79
CA CYS C 17 33.36 -27.39 3.58
C CYS C 17 33.57 -28.85 3.19
N VAL C 18 34.78 -29.37 3.39
CA VAL C 18 35.09 -30.78 3.05
C VAL C 18 34.31 -31.69 4.02
N ARG C 19 34.30 -31.33 5.30
CA ARG C 19 33.55 -32.12 6.32
C ARG C 19 32.07 -32.10 5.97
N ALA C 20 31.56 -30.94 5.55
CA ALA C 20 30.13 -30.81 5.16
C ALA C 20 29.84 -31.67 3.93
N CYS C 21 30.78 -31.76 2.99
CA CYS C 21 30.52 -32.49 1.73
C CYS C 21 29.96 -33.91 1.97
N PRO C 22 28.68 -34.24 1.63
CA PRO C 22 28.19 -35.61 1.75
C PRO C 22 28.66 -36.53 0.64
N CYS C 23 29.35 -36.02 -0.38
CA CYS C 23 29.65 -36.83 -1.55
C CYS C 23 31.14 -36.89 -1.90
N ASP C 24 32.03 -36.53 -0.95
CA ASP C 24 33.51 -36.58 -1.10
C ASP C 24 33.96 -35.82 -2.35
N VAL C 25 33.39 -34.65 -2.54
CA VAL C 25 33.77 -33.87 -3.71
C VAL C 25 35.01 -33.05 -3.42
N LEU C 26 35.14 -32.54 -2.21
CA LEU C 26 36.19 -31.60 -1.86
C LEU C 26 37.27 -32.33 -1.09
N GLU C 27 38.51 -31.85 -1.22
CA GLU C 27 39.61 -32.35 -0.39
C GLU C 27 40.59 -31.22 -0.17
N MET C 28 41.52 -31.42 0.76
CA MET C 28 42.49 -30.39 1.11
C MET C 28 43.83 -30.60 0.42
N VAL C 29 44.35 -29.52 -0.19
CA VAL C 29 45.65 -29.53 -0.82
C VAL C 29 46.50 -28.45 -0.17
N SER C 30 47.82 -28.62 -0.26
CA SER C 30 48.75 -27.67 0.37
C SER C 30 48.74 -26.34 -0.39
N TRP C 31 48.62 -25.24 0.36
CA TRP C 31 48.61 -23.92 -0.25
C TRP C 31 49.23 -22.90 0.69
N ASP C 32 50.14 -22.08 0.20
CA ASP C 32 50.83 -21.16 1.08
C ASP C 32 50.08 -19.83 1.25
N GLY C 33 48.95 -19.67 0.55
CA GLY C 33 48.20 -18.42 0.59
C GLY C 33 47.60 -18.08 1.94
N CYS C 34 47.10 -19.06 2.67
CA CYS C 34 46.46 -18.80 3.95
C CYS C 34 47.33 -19.33 5.08
N LYS C 35 47.06 -18.83 6.29
CA LYS C 35 47.81 -19.20 7.49
C LYS C 35 47.77 -20.70 7.78
N ALA C 36 46.67 -21.38 7.42
CA ALA C 36 46.52 -22.80 7.69
C ALA C 36 47.39 -23.69 6.81
N GLY C 37 47.94 -23.14 5.72
CA GLY C 37 48.77 -23.95 4.84
C GLY C 37 48.02 -24.88 3.93
N GLN C 38 46.72 -24.65 3.72
CA GLN C 38 45.88 -25.58 2.96
C GLN C 38 44.70 -24.87 2.33
N ILE C 39 44.24 -25.37 1.20
CA ILE C 39 43.08 -24.81 0.54
C ILE C 39 42.22 -25.98 0.08
N ALA C 40 40.93 -25.73 -0.04
CA ALA C 40 40.01 -26.73 -0.55
C ALA C 40 40.16 -26.88 -2.05
N SER C 41 39.84 -28.06 -2.53
CA SER C 41 39.93 -28.43 -3.92
C SER C 41 38.72 -29.28 -4.23
N ALA C 42 38.35 -29.33 -5.51
CA ALA C 42 37.18 -30.08 -5.94
C ALA C 42 37.57 -31.04 -7.07
N PRO C 43 38.31 -32.16 -6.85
CA PRO C 43 38.63 -33.04 -7.98
C PRO C 43 37.51 -34.05 -8.28
N ARG C 44 36.34 -33.91 -7.63
CA ARG C 44 35.28 -34.92 -7.81
C ARG C 44 33.92 -34.25 -7.99
N THR C 45 33.83 -33.21 -8.83
CA THR C 45 32.56 -32.47 -9.03
C THR C 45 31.53 -33.30 -9.81
N GLU C 46 31.92 -34.48 -10.28
CA GLU C 46 30.96 -35.37 -10.97
C GLU C 46 30.06 -36.04 -9.93
N ASP C 47 30.54 -36.14 -8.69
CA ASP C 47 29.73 -36.74 -7.59
C ASP C 47 28.93 -35.63 -6.89
N CYS C 48 29.27 -34.37 -7.18
CA CYS C 48 28.59 -33.21 -6.55
C CYS C 48 27.09 -33.30 -6.85
N ILE C 49 26.27 -33.34 -5.81
CA ILE C 49 24.79 -33.39 -5.98
C ILE C 49 24.28 -31.95 -6.06
N GLY C 50 25.04 -30.98 -5.56
CA GLY C 50 24.65 -29.57 -5.59
C GLY C 50 23.95 -29.17 -4.31
N CYS C 51 24.10 -29.99 -3.26
CA CYS C 51 23.43 -29.71 -1.99
C CYS C 51 23.79 -28.35 -1.40
N LYS C 52 24.98 -27.82 -1.71
CA LYS C 52 25.51 -26.55 -1.22
C LYS C 52 25.66 -26.53 0.30
N ARG C 53 25.93 -27.69 0.89
CA ARG C 53 26.29 -27.76 2.30
C ARG C 53 27.67 -27.18 2.54
N CYS C 54 28.56 -27.32 1.56
CA CYS C 54 29.89 -26.72 1.62
C CYS C 54 29.80 -25.20 1.71
N GLU C 55 28.84 -24.61 0.99
CA GLU C 55 28.66 -23.14 1.04
C GLU C 55 28.21 -22.72 2.44
N THR C 56 27.29 -23.46 3.05
CA THR C 56 26.80 -23.14 4.41
C THR C 56 27.96 -23.20 5.41
N ALA C 57 28.85 -24.17 5.27
CA ALA C 57 29.94 -24.36 6.25
C ALA C 57 31.05 -23.31 6.08
N CYS C 58 31.01 -22.59 4.95
CA CYS C 58 32.09 -21.62 4.63
C CYS C 58 32.04 -20.39 5.57
N PRO C 59 33.05 -20.09 6.43
CA PRO C 59 32.97 -18.94 7.33
C PRO C 59 33.52 -17.64 6.73
N THR C 60 33.93 -17.67 5.46
CA THR C 60 34.44 -16.44 4.80
C THR C 60 33.23 -15.55 4.49
N ASP C 61 33.43 -14.22 4.40
CA ASP C 61 32.26 -13.33 4.22
C ASP C 61 31.55 -13.73 2.94
N PHE C 62 32.32 -13.94 1.86
CA PHE C 62 31.65 -14.51 0.66
C PHE C 62 32.25 -15.90 0.45
N LEU C 63 31.38 -16.92 0.44
CA LEU C 63 31.83 -18.33 0.38
C LEU C 63 33.01 -18.51 -0.60
N SER C 64 34.16 -18.96 -0.09
CA SER C 64 35.28 -19.30 -0.99
C SER C 64 34.86 -20.48 -1.86
N VAL C 65 34.16 -21.45 -1.26
CA VAL C 65 33.64 -22.58 -2.07
C VAL C 65 32.35 -22.10 -2.75
N ARG C 66 32.25 -22.30 -4.07
CA ARG C 66 31.07 -21.80 -4.81
C ARG C 66 30.57 -22.88 -5.77
N VAL C 67 29.37 -23.39 -5.52
CA VAL C 67 28.77 -24.40 -6.38
C VAL C 67 27.93 -23.69 -7.42
N TYR C 68 28.13 -24.04 -8.68
CA TYR C 68 27.37 -23.49 -9.80
C TYR C 68 26.68 -24.70 -10.42
N LEU C 69 25.37 -24.78 -10.22
CA LEU C 69 24.59 -25.90 -10.71
C LEU C 69 24.57 -25.89 -12.23
N GLY C 70 24.89 -27.05 -12.81
CA GLY C 70 25.08 -27.11 -14.24
C GLY C 70 24.29 -28.21 -14.89
N GLY C 71 24.93 -28.99 -15.75
CA GLY C 71 24.27 -30.12 -16.36
C GLY C 71 23.96 -31.19 -15.32
N GLU C 72 22.79 -31.79 -15.46
CA GLU C 72 22.36 -32.83 -14.55
C GLU C 72 22.71 -34.19 -15.11
N THR C 73 23.11 -35.09 -14.21
CA THR C 73 23.41 -36.47 -14.54
C THR C 73 22.60 -37.32 -13.58
N THR C 74 22.73 -38.65 -13.67
CA THR C 74 22.11 -39.51 -12.68
C THR C 74 22.73 -39.30 -11.30
N ARG C 75 24.04 -39.04 -11.25
CA ARG C 75 24.75 -38.85 -10.00
C ARG C 75 24.43 -37.49 -9.37
N SER C 76 24.42 -36.43 -10.17
CA SER C 76 24.16 -35.09 -9.66
C SER C 76 22.69 -34.83 -9.38
N MET C 77 21.79 -35.69 -9.85
CA MET C 77 20.37 -35.61 -9.51
C MET C 77 20.01 -36.35 -8.25
N GLY C 78 20.94 -37.09 -7.67
CA GLY C 78 20.64 -37.88 -6.50
C GLY C 78 19.65 -38.99 -6.75
N LEU C 79 19.81 -39.71 -7.85
CA LEU C 79 18.86 -40.72 -8.26
C LEU C 79 19.41 -42.08 -7.87
N ALA C 80 18.65 -42.78 -7.04
CA ALA C 80 18.96 -44.14 -6.67
C ALA C 80 18.33 -45.13 -7.63
N TYR C 81 17.79 -44.63 -8.74
CA TYR C 81 17.17 -45.38 -9.78
C TYR C 81 17.57 -44.75 -11.10
N GLU D 3 44.09 -54.19 -2.27
CA GLU D 3 43.38 -52.94 -2.53
C GLU D 3 41.98 -53.25 -3.05
N THR D 4 41.91 -54.19 -3.99
CA THR D 4 40.68 -54.46 -4.71
C THR D 4 39.63 -55.05 -3.77
N LEU D 5 38.37 -54.75 -4.09
CA LEU D 5 37.24 -55.25 -3.32
C LEU D 5 37.20 -56.77 -3.30
N ASN D 6 37.26 -57.34 -2.10
CA ASN D 6 37.08 -58.76 -1.90
C ASN D 6 35.57 -58.99 -1.90
N LEU D 7 35.06 -59.60 -2.96
CA LEU D 7 33.62 -59.79 -3.12
C LEU D 7 33.03 -60.74 -2.06
N GLN D 8 33.86 -61.54 -1.40
CA GLN D 8 33.43 -62.53 -0.43
C GLN D 8 33.22 -61.97 0.98
N ILE D 9 33.40 -60.67 1.19
CA ILE D 9 33.21 -60.08 2.54
C ILE D 9 31.77 -60.28 2.97
N PRO D 10 31.52 -60.78 4.18
CA PRO D 10 30.14 -60.99 4.62
C PRO D 10 29.44 -59.65 4.88
N SER D 11 28.17 -59.67 4.72
CA SER D 11 27.36 -58.48 4.80
C SER D 11 26.63 -58.36 6.15
N PRO D 12 26.21 -57.15 6.54
CA PRO D 12 25.43 -57.00 7.77
C PRO D 12 24.08 -57.67 7.71
N THR D 13 23.58 -58.04 8.88
CA THR D 13 22.34 -58.78 8.97
C THR D 13 21.19 -57.80 8.85
N PHE D 14 20.55 -57.82 7.68
CA PHE D 14 19.44 -56.94 7.40
C PHE D 14 18.30 -57.83 6.98
N GLU D 15 17.11 -57.60 7.52
CA GLU D 15 15.95 -58.40 7.19
C GLU D 15 15.32 -57.99 5.86
N GLY D 16 15.98 -57.12 5.11
CA GLY D 16 15.56 -56.59 3.83
C GLY D 16 14.69 -55.36 3.97
N SER D 17 14.65 -54.59 2.89
CA SER D 17 13.79 -53.42 2.86
C SER D 17 13.47 -53.07 1.43
N THR D 18 12.44 -52.26 1.28
CA THR D 18 12.04 -51.73 -0.02
C THR D 18 12.85 -50.50 -0.41
N GLY D 19 13.67 -49.98 0.48
CA GLY D 19 14.45 -48.80 0.20
C GLY D 19 15.75 -49.05 -0.48
N GLY D 20 16.09 -50.30 -0.75
CA GLY D 20 17.35 -50.65 -1.37
C GLY D 20 17.45 -50.30 -2.83
N TRP D 21 18.38 -50.92 -3.54
CA TRP D 21 18.65 -50.49 -4.89
C TRP D 21 17.72 -51.14 -5.90
N LEU D 22 17.57 -50.47 -7.03
CA LEU D 22 16.63 -50.81 -8.09
C LEU D 22 17.43 -51.19 -9.35
N ARG D 23 16.74 -51.28 -10.50
CA ARG D 23 17.32 -51.78 -11.75
C ARG D 23 18.52 -50.97 -12.23
N ALA D 24 18.57 -49.67 -11.91
CA ALA D 24 19.73 -48.87 -12.27
C ALA D 24 21.01 -49.30 -11.57
N ALA D 25 20.91 -50.00 -10.44
CA ALA D 25 22.12 -50.50 -9.82
C ALA D 25 22.72 -51.63 -10.63
N GLU D 26 21.88 -52.50 -11.19
CA GLU D 26 22.42 -53.58 -11.99
C GLU D 26 22.64 -53.19 -13.45
N VAL D 27 22.21 -52.00 -13.88
CA VAL D 27 22.43 -51.60 -15.26
C VAL D 27 23.26 -50.32 -15.41
N GLU D 28 23.43 -49.49 -14.37
CA GLU D 28 24.26 -48.29 -14.51
C GLU D 28 25.47 -48.30 -13.60
N GLU D 29 25.29 -48.42 -12.28
CA GLU D 29 26.33 -48.42 -11.26
C GLU D 29 25.74 -48.77 -9.90
N LYS D 30 26.56 -49.38 -9.07
CA LYS D 30 26.23 -49.74 -7.71
C LYS D 30 27.36 -49.26 -6.83
N TYR D 31 27.08 -48.96 -5.58
CA TYR D 31 28.12 -48.51 -4.68
C TYR D 31 28.25 -49.53 -3.58
N ALA D 32 29.46 -49.72 -3.09
CA ALA D 32 29.69 -50.66 -2.01
C ALA D 32 30.45 -49.96 -0.91
N ILE D 33 30.18 -50.31 0.33
CA ILE D 33 30.97 -49.77 1.42
C ILE D 33 31.39 -50.90 2.33
N THR D 34 32.67 -50.94 2.69
CA THR D 34 33.19 -51.93 3.61
C THR D 34 33.75 -51.24 4.84
N TRP D 35 33.63 -51.92 5.97
CA TRP D 35 34.27 -51.40 7.19
C TRP D 35 34.47 -52.53 8.19
N THR D 36 35.41 -52.34 9.09
CA THR D 36 35.68 -53.29 10.15
C THR D 36 35.04 -52.77 11.43
N SER D 37 34.29 -53.62 12.11
CA SER D 37 33.61 -53.38 13.36
C SER D 37 34.22 -54.24 14.47
N PRO D 38 34.44 -53.68 15.66
CA PRO D 38 34.88 -54.51 16.79
C PRO D 38 33.76 -55.28 17.47
N LYS D 39 32.51 -55.11 17.05
CA LYS D 39 31.38 -55.64 17.80
C LYS D 39 30.27 -56.09 16.85
N GLU D 40 29.27 -56.74 17.43
CA GLU D 40 28.06 -57.22 16.75
C GLU D 40 26.97 -56.21 17.12
N GLN D 41 26.91 -55.11 16.38
CA GLN D 41 26.12 -54.00 16.88
C GLN D 41 25.13 -53.49 15.84
N VAL D 42 24.02 -52.93 16.32
CA VAL D 42 22.94 -52.47 15.46
C VAL D 42 23.23 -51.05 15.02
N PHE D 43 23.09 -50.80 13.72
CA PHE D 43 23.14 -49.49 13.11
C PHE D 43 21.88 -49.29 12.27
N GLU D 44 21.71 -48.06 11.79
CA GLU D 44 20.55 -47.71 10.97
C GLU D 44 20.97 -47.65 9.52
N MET D 45 20.21 -48.33 8.67
CA MET D 45 20.48 -48.31 7.24
C MET D 45 20.08 -46.95 6.66
N PRO D 46 20.84 -46.43 5.69
CA PRO D 46 20.44 -45.20 4.99
C PRO D 46 19.17 -45.37 4.18
N THR D 47 18.83 -46.61 3.84
CA THR D 47 17.73 -46.95 2.96
C THR D 47 16.51 -47.42 3.71
N GLY D 48 16.50 -47.32 5.03
CA GLY D 48 15.38 -47.91 5.74
C GLY D 48 15.58 -48.10 7.22
N GLY D 49 15.31 -49.31 7.69
CA GLY D 49 15.34 -49.60 9.10
C GLY D 49 16.70 -49.87 9.67
N ALA D 50 16.80 -50.89 10.51
CA ALA D 50 18.01 -51.21 11.25
C ALA D 50 18.62 -52.51 10.76
N ALA D 51 19.95 -52.53 10.72
CA ALA D 51 20.70 -53.74 10.43
C ALA D 51 21.69 -53.97 11.56
N ILE D 52 22.34 -55.12 11.56
CA ILE D 52 23.35 -55.44 12.55
C ILE D 52 24.66 -55.65 11.81
N MET D 53 25.66 -54.82 12.12
CA MET D 53 26.97 -55.04 11.55
C MET D 53 27.65 -56.13 12.36
N ARG D 54 28.33 -57.01 11.64
CA ARG D 54 28.99 -58.14 12.26
C ARG D 54 30.37 -57.73 12.76
N GLN D 55 30.82 -58.41 13.82
CA GLN D 55 32.18 -58.22 14.29
C GLN D 55 33.12 -58.72 13.19
N GLY D 56 34.09 -57.89 12.85
CA GLY D 56 34.98 -58.20 11.75
C GLY D 56 34.64 -57.29 10.58
N GLU D 57 34.70 -57.80 9.37
CA GLU D 57 34.59 -56.96 8.19
C GLU D 57 33.19 -57.08 7.59
N ASN D 58 32.59 -55.95 7.23
CA ASN D 58 31.20 -55.92 6.69
C ASN D 58 31.22 -55.39 5.25
N LEU D 59 30.24 -55.80 4.42
CA LEU D 59 30.14 -55.28 3.02
C LEU D 59 28.68 -54.85 2.77
N LEU D 60 28.48 -53.69 2.14
CA LEU D 60 27.11 -53.18 1.88
C LEU D 60 26.95 -52.88 0.39
N TYR D 61 25.71 -52.90 -0.11
CA TYR D 61 25.46 -52.54 -1.54
C TYR D 61 24.39 -51.45 -1.57
N LEU D 62 24.78 -50.21 -1.92
CA LEU D 62 23.86 -49.09 -1.92
C LEU D 62 23.76 -48.52 -3.33
N ALA D 63 22.72 -47.72 -3.58
CA ALA D 63 22.49 -47.22 -4.94
C ALA D 63 23.14 -45.85 -5.13
N ARG D 64 23.57 -45.20 -4.05
CA ARG D 64 24.12 -43.83 -4.17
C ARG D 64 25.43 -43.70 -3.38
N LYS D 65 26.30 -42.77 -3.78
CA LYS D 65 27.55 -42.53 -3.03
C LYS D 65 27.21 -41.76 -1.75
N GLU D 66 26.17 -40.93 -1.80
CA GLU D 66 25.72 -40.22 -0.58
C GLU D 66 25.14 -41.24 0.39
N GLN D 67 24.47 -42.29 -0.10
CA GLN D 67 23.97 -43.36 0.79
C GLN D 67 25.17 -43.99 1.49
N CYS D 68 26.24 -44.27 0.74
CA CYS D 68 27.46 -44.88 1.34
C CYS D 68 28.08 -43.93 2.36
N LEU D 69 28.20 -42.65 2.01
CA LEU D 69 28.88 -41.68 2.91
C LEU D 69 27.99 -41.35 4.12
N ALA D 70 26.67 -41.53 3.99
CA ALA D 70 25.78 -41.32 5.16
C ALA D 70 26.02 -42.44 6.17
N LEU D 71 26.14 -43.68 5.68
CA LEU D 71 26.47 -44.80 6.60
C LEU D 71 27.87 -44.58 7.17
N ALA D 72 28.80 -44.09 6.34
CA ALA D 72 30.19 -43.85 6.78
C ALA D 72 30.20 -42.87 7.97
N THR D 73 29.39 -41.81 7.90
CA THR D 73 29.35 -40.82 9.00
C THR D 73 28.68 -41.46 10.23
N GLN D 74 27.58 -42.21 10.04
CA GLN D 74 26.90 -42.89 11.16
C GLN D 74 27.90 -43.86 11.84
N VAL D 75 28.73 -44.53 11.05
CA VAL D 75 29.67 -45.55 11.61
C VAL D 75 30.85 -44.85 12.28
N LYS D 76 31.13 -43.60 11.91
CA LYS D 76 32.32 -42.89 12.45
C LYS D 76 31.92 -42.06 13.68
N ASN D 77 30.67 -41.61 13.75
CA ASN D 77 30.27 -40.71 14.85
C ASN D 77 29.66 -41.53 16.01
N SER D 78 29.07 -42.69 15.72
CA SER D 78 28.38 -43.46 16.78
C SER D 78 29.24 -44.66 17.22
N PHE D 79 29.96 -45.29 16.29
CA PHE D 79 30.70 -46.53 16.63
C PHE D 79 32.21 -46.30 16.43
N LYS D 80 32.60 -45.10 15.98
CA LYS D 80 34.02 -44.73 15.84
C LYS D 80 34.79 -45.56 14.82
N ILE D 81 34.14 -46.14 13.82
CA ILE D 81 34.86 -46.84 12.75
C ILE D 81 35.42 -45.83 11.77
N THR D 82 36.73 -45.84 11.59
CA THR D 82 37.46 -45.03 10.64
C THR D 82 37.97 -45.91 9.48
N ASP D 83 37.51 -47.16 9.43
CA ASP D 83 38.03 -48.17 8.52
C ASP D 83 37.13 -48.38 7.30
N TYR D 84 36.48 -47.33 6.81
CA TYR D 84 35.48 -47.51 5.77
C TYR D 84 36.08 -47.17 4.42
N LYS D 85 35.83 -48.03 3.45
CA LYS D 85 36.26 -47.83 2.08
C LYS D 85 35.02 -47.89 1.20
N VAL D 86 34.84 -46.88 0.36
CA VAL D 86 33.67 -46.73 -0.50
C VAL D 86 34.13 -46.97 -1.93
N TYR D 87 33.42 -47.86 -2.62
CA TYR D 87 33.75 -48.28 -3.97
C TYR D 87 32.56 -48.08 -4.90
N ARG D 88 32.82 -47.80 -6.17
CA ARG D 88 31.77 -47.74 -7.19
C ARG D 88 31.97 -48.94 -8.10
N ILE D 89 30.97 -49.80 -8.19
CA ILE D 89 31.05 -51.03 -8.94
C ILE D 89 30.20 -50.87 -10.20
N PHE D 90 30.84 -50.95 -11.35
CA PHE D 90 30.17 -50.86 -12.62
C PHE D 90 29.47 -52.19 -12.94
N PRO D 91 28.44 -52.17 -13.81
CA PRO D 91 27.80 -53.45 -14.21
C PRO D 91 28.72 -54.33 -14.99
N SER D 92 29.75 -53.75 -15.59
CA SER D 92 30.80 -54.47 -16.29
C SER D 92 31.59 -55.36 -15.33
N GLY D 93 31.56 -55.05 -14.03
CA GLY D 93 32.30 -55.74 -13.02
C GLY D 93 33.53 -55.00 -12.58
N GLU D 94 33.81 -53.84 -13.18
CA GLU D 94 34.92 -53.01 -12.76
C GLU D 94 34.62 -52.45 -11.37
N VAL D 95 35.60 -52.47 -10.49
CA VAL D 95 35.48 -51.93 -9.14
C VAL D 95 36.34 -50.68 -9.07
N GLN D 96 35.72 -49.54 -8.77
CA GLN D 96 36.39 -48.26 -8.69
C GLN D 96 36.44 -47.84 -7.24
N TYR D 97 37.63 -47.76 -6.67
CA TYR D 97 37.78 -47.23 -5.31
C TYR D 97 37.56 -45.72 -5.27
N LEU D 98 36.78 -45.27 -4.30
CA LEU D 98 36.39 -43.86 -4.16
C LEU D 98 36.84 -43.21 -2.87
N HIS D 99 36.62 -43.86 -1.73
CA HIS D 99 36.75 -43.03 -0.55
C HIS D 99 37.27 -43.76 0.68
N PRO D 100 38.33 -43.26 1.35
CA PRO D 100 39.14 -42.07 1.00
C PRO D 100 40.10 -42.32 -0.17
N LYS D 101 40.15 -41.36 -1.11
CA LYS D 101 40.64 -41.62 -2.47
C LYS D 101 42.13 -41.95 -2.51
N ASP D 102 42.92 -41.39 -1.61
CA ASP D 102 44.35 -41.66 -1.59
C ASP D 102 44.80 -42.18 -0.23
N GLY D 103 43.90 -42.86 0.48
CA GLY D 103 44.20 -43.44 1.77
C GLY D 103 44.09 -42.50 2.94
N VAL D 104 44.00 -41.20 2.69
CA VAL D 104 43.94 -40.17 3.72
C VAL D 104 42.63 -39.43 3.48
N PHE D 105 41.96 -39.06 4.57
CA PHE D 105 40.68 -38.40 4.46
C PHE D 105 40.83 -37.04 3.78
N PRO D 106 39.80 -36.59 3.05
CA PRO D 106 39.88 -35.34 2.31
C PRO D 106 40.12 -34.11 3.19
N GLU D 107 39.70 -34.18 4.45
CA GLU D 107 39.85 -33.10 5.42
C GLU D 107 41.28 -32.95 5.91
N LYS D 108 42.10 -33.95 5.70
CA LYS D 108 43.51 -33.89 6.02
C LYS D 108 44.29 -33.62 4.75
N VAL D 109 45.29 -32.76 4.87
CA VAL D 109 46.15 -32.45 3.74
C VAL D 109 46.97 -33.68 3.42
N ASN D 110 47.31 -33.83 2.15
CA ASN D 110 48.16 -34.93 1.73
C ASN D 110 49.01 -34.40 0.60
N ALA D 111 50.26 -34.84 0.54
CA ALA D 111 51.12 -34.48 -0.57
C ALA D 111 50.65 -35.20 -1.83
N GLY D 112 51.03 -34.65 -2.97
CA GLY D 112 50.62 -35.20 -4.24
C GLY D 112 49.19 -34.94 -4.63
N ARG D 113 48.43 -34.21 -3.82
CA ARG D 113 47.13 -33.70 -4.22
C ARG D 113 47.28 -32.40 -5.00
N VAL D 114 46.73 -32.36 -6.20
CA VAL D 114 46.74 -31.16 -7.04
C VAL D 114 45.39 -30.47 -6.89
N GLY D 115 45.42 -29.16 -6.69
CA GLY D 115 44.19 -28.42 -6.48
C GLY D 115 43.40 -28.25 -7.76
N VAL D 116 42.14 -28.68 -7.75
CA VAL D 116 41.24 -28.54 -8.88
C VAL D 116 40.15 -27.57 -8.50
N GLY D 117 39.82 -26.66 -9.40
CA GLY D 117 38.77 -25.72 -9.16
C GLY D 117 39.22 -24.48 -8.44
N ASN D 118 40.51 -24.29 -8.26
CA ASN D 118 40.98 -23.17 -7.47
C ASN D 118 41.16 -21.94 -8.35
N VAL D 119 40.62 -20.82 -7.88
CA VAL D 119 40.59 -19.57 -8.62
C VAL D 119 41.49 -18.58 -7.90
N SER D 120 42.40 -17.97 -8.65
CA SER D 120 43.48 -17.17 -8.10
C SER D 120 43.03 -15.85 -7.49
N HIS D 121 41.82 -15.41 -7.76
CA HIS D 121 41.30 -14.15 -7.24
C HIS D 121 40.09 -14.42 -6.35
N SER D 122 39.59 -13.37 -5.73
CA SER D 122 38.39 -13.53 -4.92
C SER D 122 37.17 -13.50 -5.82
N ILE D 123 36.02 -13.80 -5.23
CA ILE D 123 34.81 -14.03 -6.00
C ILE D 123 34.23 -12.74 -6.60
N GLY D 124 34.55 -11.58 -6.04
CA GLY D 124 34.05 -10.34 -6.61
C GLY D 124 34.78 -9.87 -7.85
N LYS D 125 35.85 -10.55 -8.22
CA LYS D 125 36.62 -10.22 -9.41
C LYS D 125 36.23 -11.09 -10.59
N ASN D 126 35.11 -11.79 -10.49
CA ASN D 126 34.57 -12.56 -11.60
C ASN D 126 34.10 -11.62 -12.69
N LEU D 127 34.26 -12.04 -13.94
CA LEU D 127 33.87 -11.21 -15.06
C LEU D 127 32.36 -11.14 -15.16
N ASN D 128 31.88 -9.99 -15.60
CA ASN D 128 30.46 -9.81 -15.81
C ASN D 128 30.03 -10.65 -17.01
N PRO D 129 28.76 -11.11 -17.04
CA PRO D 129 28.31 -11.96 -18.16
C PRO D 129 28.35 -11.29 -19.53
N ALA D 130 28.16 -9.97 -19.61
CA ALA D 130 28.26 -9.26 -20.88
C ALA D 130 29.64 -9.37 -21.48
N GLN D 131 30.68 -9.32 -20.64
CA GLN D 131 32.06 -9.46 -21.10
C GLN D 131 32.30 -10.83 -21.72
N ILE D 132 31.74 -11.88 -21.12
CA ILE D 132 31.97 -13.23 -21.59
C ILE D 132 30.95 -13.66 -22.64
N LYS D 133 30.02 -12.78 -22.99
CA LYS D 133 29.00 -13.13 -23.98
C LYS D 133 29.61 -13.17 -25.38
N PHE D 134 29.16 -14.16 -26.17
CA PHE D 134 29.56 -14.40 -27.56
C PHE D 134 31.07 -14.59 -27.71
N THR D 135 31.70 -15.10 -26.67
CA THR D 135 33.10 -15.47 -26.68
C THR D 135 33.24 -16.67 -25.75
N SER D 136 34.23 -17.51 -26.03
CA SER D 136 34.43 -18.73 -25.25
C SER D 136 35.13 -18.49 -23.93
N LYS D 137 35.55 -17.25 -23.66
CA LYS D 137 36.36 -16.92 -22.49
C LYS D 137 35.55 -17.10 -21.22
N SER D 138 36.19 -17.66 -20.19
CA SER D 138 35.51 -18.05 -18.97
C SER D 138 35.34 -16.87 -18.03
N PHE D 139 34.27 -16.93 -17.22
CA PHE D 139 33.93 -15.84 -16.33
C PHE D 139 34.84 -15.74 -15.11
N ASN D 140 35.62 -16.76 -14.81
CA ASN D 140 36.60 -16.70 -13.72
C ASN D 140 37.89 -16.04 -14.21
N GLY D 141 37.78 -14.76 -14.54
CA GLY D 141 38.90 -14.00 -15.07
C GLY D 141 39.22 -14.26 -16.52
N VAL E 2 47.66 -0.76 8.04
CA VAL E 2 46.95 -0.41 9.27
C VAL E 2 47.72 -1.01 10.44
N LYS E 3 47.13 -1.00 11.64
CA LYS E 3 47.74 -1.63 12.80
C LYS E 3 46.63 -2.25 13.63
N ARG E 4 47.02 -3.20 14.49
CA ARG E 4 46.08 -3.92 15.35
C ARG E 4 45.29 -2.99 16.25
N GLY E 5 43.97 -3.21 16.32
CA GLY E 5 43.10 -2.44 17.16
C GLY E 5 42.50 -1.22 16.51
N SER E 6 42.96 -0.85 15.32
CA SER E 6 42.43 0.35 14.68
C SER E 6 41.07 0.07 14.06
N LYS E 7 40.32 1.13 13.83
CA LYS E 7 38.99 1.03 13.26
C LYS E 7 39.15 1.21 11.75
N VAL E 8 38.55 0.32 10.96
CA VAL E 8 38.79 0.28 9.53
C VAL E 8 37.49 0.16 8.74
N ARG E 9 37.53 0.77 7.56
CA ARG E 9 36.45 0.83 6.59
C ARG E 9 36.76 -0.15 5.47
N ILE E 10 35.82 -1.02 5.19
CA ILE E 10 35.97 -2.12 4.24
C ILE E 10 35.67 -1.63 2.84
N LEU E 11 36.53 -2.01 1.89
CA LEU E 11 36.43 -1.61 0.50
C LEU E 11 36.28 -2.81 -0.42
N ARG E 12 35.91 -3.97 0.13
CA ARG E 12 35.64 -5.16 -0.66
C ARG E 12 34.17 -5.14 -1.03
N LYS E 13 33.85 -5.00 -2.32
CA LYS E 13 32.49 -4.72 -2.76
C LYS E 13 31.53 -5.88 -2.50
N GLU E 14 32.05 -7.11 -2.43
CA GLU E 14 31.22 -8.28 -2.17
C GLU E 14 31.18 -8.64 -0.70
N SER E 15 31.79 -7.82 0.15
CA SER E 15 31.67 -8.02 1.59
C SER E 15 30.28 -7.65 2.08
N TYR E 16 29.84 -8.36 3.12
CA TYR E 16 28.63 -7.96 3.84
C TYR E 16 28.80 -6.60 4.49
N TRP E 17 30.01 -6.31 4.97
CA TRP E 17 30.29 -5.08 5.70
C TRP E 17 31.05 -4.07 4.86
N TYR E 18 30.85 -4.10 3.54
CA TYR E 18 31.43 -3.12 2.62
C TYR E 18 31.00 -1.73 3.03
N GLN E 19 31.97 -0.83 3.24
CA GLN E 19 31.79 0.55 3.67
C GLN E 19 31.22 0.65 5.09
N ASP E 20 31.39 -0.40 5.89
CA ASP E 20 31.08 -0.40 7.31
C ASP E 20 32.39 -0.42 8.09
N ILE E 21 32.28 -0.18 9.39
CA ILE E 21 33.46 -0.06 10.24
C ILE E 21 33.60 -1.34 11.06
N GLY E 22 34.77 -1.95 10.99
CA GLY E 22 35.13 -3.01 11.90
C GLY E 22 36.40 -2.64 12.62
N THR E 23 36.95 -3.53 13.44
CA THR E 23 38.22 -3.25 14.08
C THR E 23 39.20 -4.40 13.83
N VAL E 24 40.45 -4.04 13.58
CA VAL E 24 41.48 -5.01 13.21
C VAL E 24 41.94 -5.76 14.44
N ALA E 25 41.87 -7.09 14.38
CA ALA E 25 42.31 -7.98 15.44
C ALA E 25 43.79 -8.31 15.33
N THR E 26 44.22 -8.89 14.21
CA THR E 26 45.63 -9.18 13.96
C THR E 26 45.96 -8.92 12.50
N ILE E 27 47.26 -8.80 12.22
CA ILE E 27 47.79 -8.74 10.87
C ILE E 27 48.96 -9.73 10.77
N ASP E 28 48.84 -10.69 9.87
CA ASP E 28 49.93 -11.64 9.65
C ASP E 28 51.12 -10.97 8.95
N THR E 29 52.30 -11.56 9.15
CA THR E 29 53.53 -11.08 8.54
C THR E 29 54.06 -11.99 7.43
N SER E 30 53.42 -13.12 7.19
CA SER E 30 53.89 -14.07 6.20
C SER E 30 53.44 -13.64 4.80
N GLY E 31 53.53 -14.56 3.84
CA GLY E 31 53.05 -14.29 2.49
C GLY E 31 51.56 -14.57 2.34
N ILE E 32 50.76 -14.12 3.30
CA ILE E 32 49.33 -14.41 3.32
C ILE E 32 48.63 -13.44 2.38
N ARG E 33 47.64 -13.95 1.66
CA ARG E 33 46.94 -13.14 0.67
C ARG E 33 45.99 -12.15 1.32
N TYR E 34 45.40 -12.53 2.46
CA TYR E 34 44.46 -11.64 3.18
C TYR E 34 44.88 -11.58 4.65
N PRO E 35 45.90 -10.76 5.02
CA PRO E 35 46.41 -10.74 6.40
C PRO E 35 45.56 -9.99 7.42
N VAL E 36 44.89 -8.91 7.01
CA VAL E 36 44.12 -8.07 7.98
C VAL E 36 42.87 -8.84 8.43
N VAL E 37 42.83 -9.25 9.70
CA VAL E 37 41.62 -9.94 10.24
C VAL E 37 40.75 -8.87 10.92
N VAL E 38 39.58 -8.57 10.36
CA VAL E 38 38.71 -7.49 10.91
C VAL E 38 37.49 -8.13 11.58
N ARG E 39 37.17 -7.70 12.81
CA ARG E 39 35.95 -8.20 13.49
C ARG E 39 34.88 -7.12 13.40
N PHE E 40 33.60 -7.50 13.29
CA PHE E 40 32.53 -6.49 13.08
C PHE E 40 31.42 -6.66 14.13
N GLU E 41 30.79 -5.55 14.52
CA GLU E 41 29.67 -5.61 15.48
C GLU E 41 28.48 -6.31 14.83
N LYS E 42 28.18 -5.95 13.58
CA LYS E 42 27.07 -6.61 12.84
C LYS E 42 27.50 -8.03 12.43
N VAL E 43 26.55 -8.97 12.43
CA VAL E 43 26.87 -10.35 11.98
C VAL E 43 26.40 -10.48 10.52
N SER E 44 27.07 -11.31 9.73
CA SER E 44 26.70 -11.51 8.31
C SER E 44 25.45 -12.38 8.22
N TYR E 45 24.96 -12.65 7.01
CA TYR E 45 23.80 -13.56 6.85
C TYR E 45 24.21 -14.96 7.31
N SER E 46 25.49 -15.30 7.18
CA SER E 46 26.00 -16.61 7.64
C SER E 46 26.11 -16.62 9.17
N GLY E 47 26.01 -15.45 9.80
CA GLY E 47 26.15 -15.35 11.27
C GLY E 47 27.58 -15.01 11.67
N VAL E 48 28.51 -15.05 10.71
CA VAL E 48 29.93 -14.73 10.99
C VAL E 48 30.03 -13.22 11.27
N ASN E 49 30.88 -12.83 12.24
CA ASN E 49 31.02 -11.39 12.60
C ASN E 49 32.48 -10.98 12.41
N THR E 50 33.26 -11.76 11.64
CA THR E 50 34.70 -11.45 11.43
C THR E 50 35.15 -12.04 10.10
N ASN E 51 36.12 -11.40 9.44
CA ASN E 51 36.62 -11.87 8.12
C ASN E 51 38.05 -11.38 7.89
N ASN E 52 38.80 -12.08 7.04
CA ASN E 52 40.19 -11.66 6.72
C ASN E 52 40.17 -10.84 5.42
N PHE E 53 40.89 -9.72 5.40
CA PHE E 53 40.91 -8.83 4.22
C PHE E 53 42.35 -8.46 3.88
N SER E 54 42.58 -7.95 2.67
CA SER E 54 43.94 -7.47 2.30
C SER E 54 44.11 -6.03 2.78
N LEU E 55 45.29 -5.44 2.59
CA LEU E 55 45.49 -4.02 2.96
C LEU E 55 44.73 -3.12 1.99
N ASP E 56 44.86 -3.37 0.67
CA ASP E 56 44.20 -2.53 -0.31
C ASP E 56 42.67 -2.66 -0.32
N GLU E 57 42.08 -3.28 0.70
CA GLU E 57 40.64 -3.45 0.84
C GLU E 57 40.15 -2.85 2.14
N VAL E 58 40.97 -2.05 2.79
CA VAL E 58 40.83 -1.65 4.19
C VAL E 58 41.48 -0.27 4.34
N VAL E 59 40.74 0.70 4.89
CA VAL E 59 41.28 2.04 5.10
C VAL E 59 41.03 2.47 6.54
N GLU E 60 42.04 3.05 7.18
CA GLU E 60 41.90 3.57 8.53
C GLU E 60 40.91 4.73 8.58
N VAL E 61 40.16 4.82 9.66
CA VAL E 61 39.23 5.91 9.84
C VAL E 61 39.63 6.72 11.06
N ASP F 28 -22.15 23.31 -4.97
CA ASP F 28 -21.08 24.09 -4.38
C ASP F 28 -19.77 23.66 -5.07
N VAL F 29 -18.81 23.17 -4.29
CA VAL F 29 -17.57 22.65 -4.85
C VAL F 29 -17.84 21.30 -5.49
N ALA F 30 -17.36 21.13 -6.73
CA ALA F 30 -17.43 19.88 -7.50
C ALA F 30 -18.85 19.39 -7.71
N GLY F 31 -19.78 20.34 -7.87
CA GLY F 31 -21.19 20.05 -8.03
C GLY F 31 -21.84 19.39 -6.84
N LEU F 32 -21.26 19.53 -5.66
CA LEU F 32 -21.80 18.93 -4.46
C LEU F 32 -22.68 19.95 -3.75
N THR F 33 -23.50 19.44 -2.84
CA THR F 33 -24.43 20.25 -2.11
C THR F 33 -24.05 20.21 -0.63
N PRO F 34 -24.14 21.34 0.08
CA PRO F 34 -23.94 21.33 1.53
C PRO F 34 -24.93 20.37 2.20
N CYS F 35 -24.41 19.60 3.17
CA CYS F 35 -25.18 18.54 3.80
C CYS F 35 -26.39 19.06 4.58
N GLY F 36 -26.38 20.33 4.99
CA GLY F 36 -27.49 20.90 5.70
C GLY F 36 -28.74 21.14 4.86
N GLU F 37 -28.60 21.28 3.53
CA GLU F 37 -29.76 21.48 2.68
C GLU F 37 -30.02 20.38 1.67
N SER F 38 -29.19 19.34 1.64
CA SER F 38 -29.46 18.21 0.76
C SER F 38 -30.57 17.35 1.33
N LYS F 39 -31.53 16.99 0.48
CA LYS F 39 -32.64 16.15 0.90
C LYS F 39 -32.20 14.70 1.13
N GLU F 40 -31.16 14.26 0.42
CA GLU F 40 -30.71 12.88 0.59
C GLU F 40 -30.03 12.65 1.94
N PHE F 41 -29.31 13.63 2.49
CA PHE F 41 -28.78 13.52 3.86
C PHE F 41 -29.91 13.47 4.88
N ALA F 42 -30.97 14.26 4.65
CA ALA F 42 -32.12 14.27 5.54
C ALA F 42 -32.86 12.95 5.51
N ARG F 43 -33.01 12.33 4.33
CA ARG F 43 -33.65 11.02 4.29
C ARG F 43 -32.74 9.93 4.85
N ARG F 44 -31.40 10.10 4.77
CA ARG F 44 -30.49 9.21 5.50
C ARG F 44 -30.74 9.26 7.00
N LEU F 45 -30.84 10.47 7.54
CA LEU F 45 -31.08 10.63 8.98
C LEU F 45 -32.43 10.07 9.37
N ASP F 46 -33.45 10.33 8.55
CA ASP F 46 -34.79 9.84 8.86
C ASP F 46 -34.87 8.32 8.79
N GLY F 47 -34.26 7.71 7.77
CA GLY F 47 -34.22 6.25 7.69
C GLY F 47 -33.41 5.60 8.79
N SER F 48 -32.27 6.22 9.16
CA SER F 48 -31.44 5.71 10.25
C SER F 48 -32.15 5.80 11.59
N VAL F 49 -33.02 6.79 11.76
CA VAL F 49 -33.77 6.89 13.01
C VAL F 49 -34.97 5.96 12.99
N LYS F 50 -35.62 5.77 11.82
CA LYS F 50 -36.72 4.81 11.71
C LYS F 50 -36.28 3.37 11.99
N LYS F 51 -35.05 3.00 11.59
CA LYS F 51 -34.58 1.64 11.86
C LYS F 51 -34.46 1.37 13.37
N LEU F 52 -33.96 2.36 14.09
CA LEU F 52 -33.84 2.25 15.53
C LEU F 52 -35.18 2.41 16.23
N GLN F 53 -36.09 3.24 15.71
CA GLN F 53 -37.40 3.38 16.33
C GLN F 53 -38.24 2.12 16.15
N THR F 54 -38.09 1.40 15.04
CA THR F 54 -38.80 0.14 14.94
C THR F 54 -38.16 -0.93 15.81
N ARG F 55 -36.87 -0.81 16.11
CA ARG F 55 -36.33 -1.68 17.15
C ARG F 55 -36.78 -1.25 18.54
N LEU F 56 -37.02 0.03 18.76
CA LEU F 56 -37.50 0.51 20.06
C LEU F 56 -38.98 0.20 20.30
N SER F 57 -39.75 0.03 19.22
CA SER F 57 -41.18 -0.28 19.29
C SER F 57 -41.51 -1.67 19.84
N LYS F 58 -40.52 -2.51 20.15
CA LYS F 58 -40.76 -3.85 20.67
C LYS F 58 -40.31 -3.98 22.12
N TYR F 59 -40.16 -2.86 22.82
CA TYR F 59 -39.67 -2.85 24.19
C TYR F 59 -40.51 -1.88 25.00
N GLU F 60 -40.59 -2.14 26.30
CA GLU F 60 -41.32 -1.28 27.21
C GLU F 60 -40.41 -0.16 27.71
N ALA F 61 -41.03 0.91 28.21
CA ALA F 61 -40.41 2.24 28.30
C ALA F 61 -39.14 2.26 29.15
N GLY F 62 -39.21 1.72 30.37
CA GLY F 62 -38.08 1.78 31.27
C GLY F 62 -37.08 0.65 31.19
N THR F 63 -37.30 -0.34 30.32
CA THR F 63 -36.46 -1.53 30.23
C THR F 63 -35.06 -1.16 29.75
N PRO F 64 -34.03 -1.90 30.16
CA PRO F 64 -32.63 -1.63 29.71
C PRO F 64 -32.40 -1.65 28.20
N PRO F 65 -33.01 -2.58 27.40
CA PRO F 65 -32.84 -2.44 25.94
C PRO F 65 -33.44 -1.17 25.34
N ALA F 66 -34.61 -0.74 25.83
CA ALA F 66 -35.23 0.48 25.32
C ALA F 66 -34.39 1.70 25.64
N LEU F 67 -33.83 1.76 26.85
CA LEU F 67 -32.97 2.87 27.24
C LEU F 67 -31.72 2.92 26.37
N ALA F 68 -31.15 1.73 26.10
CA ALA F 68 -29.98 1.62 25.23
C ALA F 68 -30.29 2.08 23.80
N LEU F 69 -31.44 1.64 23.27
CA LEU F 69 -31.84 2.00 21.91
C LEU F 69 -32.11 3.49 21.78
N GLN F 70 -32.72 4.10 22.81
CA GLN F 70 -32.97 5.54 22.78
C GLN F 70 -31.67 6.34 22.79
N LYS F 71 -30.67 5.91 23.58
CA LYS F 71 -29.37 6.57 23.53
C LYS F 71 -28.71 6.42 22.15
N GLN F 72 -28.90 5.27 21.49
CA GLN F 72 -28.41 5.12 20.12
C GLN F 72 -29.11 6.09 19.15
N ILE F 73 -30.42 6.30 19.33
CA ILE F 73 -31.17 7.27 18.50
C ILE F 73 -30.64 8.68 18.73
N ASP F 74 -30.36 9.02 20.00
CA ASP F 74 -29.82 10.33 20.35
C ASP F 74 -28.45 10.57 19.70
N LYS F 75 -27.59 9.54 19.72
CA LYS F 75 -26.29 9.62 19.07
C LYS F 75 -26.40 9.79 17.55
N THR F 76 -27.35 9.07 16.92
CA THR F 76 -27.56 9.18 15.48
C THR F 76 -28.02 10.59 15.09
N LYS F 77 -28.97 11.14 15.85
CA LYS F 77 -29.44 12.50 15.61
C LYS F 77 -28.35 13.53 15.83
N ASN F 78 -27.52 13.35 16.87
CA ASN F 78 -26.40 14.27 17.13
C ASN F 78 -25.38 14.25 16.00
N ARG F 79 -25.09 13.06 15.47
CA ARG F 79 -24.13 12.92 14.37
C ARG F 79 -24.61 13.64 13.12
N PHE F 80 -25.88 13.47 12.78
CA PHE F 80 -26.40 14.09 11.58
C PHE F 80 -26.56 15.60 11.75
N ASP F 81 -26.97 16.03 12.95
CA ASP F 81 -27.09 17.44 13.28
C ASP F 81 -25.74 18.15 13.22
N ARG F 82 -24.69 17.51 13.77
CA ARG F 82 -23.35 18.10 13.73
C ARG F 82 -22.80 18.16 12.31
N TYR F 83 -23.03 17.10 11.52
CA TYR F 83 -22.52 17.06 10.15
C TYR F 83 -23.21 18.10 9.26
N GLY F 84 -24.51 18.34 9.50
CA GLY F 84 -25.22 19.34 8.72
C GLY F 84 -24.67 20.75 8.89
N LYS F 85 -24.24 21.11 10.10
CA LYS F 85 -23.77 22.45 10.38
C LYS F 85 -22.27 22.58 10.29
N ALA F 86 -21.57 21.56 9.79
CA ALA F 86 -20.12 21.57 9.77
C ALA F 86 -19.51 22.11 8.50
N GLY F 87 -20.31 22.37 7.47
CA GLY F 87 -19.74 22.79 6.21
C GLY F 87 -19.31 21.65 5.32
N LEU F 88 -19.61 20.41 5.70
CA LEU F 88 -19.38 19.28 4.82
C LEU F 88 -20.29 19.35 3.60
N LEU F 89 -19.81 18.78 2.51
CA LEU F 89 -20.56 18.71 1.28
C LEU F 89 -21.00 17.27 1.03
N CYS F 90 -22.27 17.10 0.77
CA CYS F 90 -22.87 15.80 0.50
C CYS F 90 -22.97 15.57 -0.99
N GLY F 91 -23.02 14.30 -1.37
CA GLY F 91 -23.18 13.92 -2.76
C GLY F 91 -24.63 13.78 -3.13
N THR F 92 -24.85 13.14 -4.27
CA THR F 92 -26.21 12.73 -4.63
C THR F 92 -26.70 11.59 -3.74
N ASP F 93 -25.78 10.85 -3.13
CA ASP F 93 -26.12 9.74 -2.24
C ASP F 93 -26.42 10.19 -0.81
N GLY F 94 -26.25 11.47 -0.50
CA GLY F 94 -26.53 11.93 0.84
C GLY F 94 -25.49 11.59 1.86
N LEU F 95 -24.29 11.27 1.43
CA LEU F 95 -23.22 11.03 2.37
C LEU F 95 -22.19 12.13 2.25
N PRO F 96 -21.54 12.53 3.36
CA PRO F 96 -20.53 13.59 3.29
C PRO F 96 -19.33 13.22 2.43
N HIS F 97 -18.87 14.19 1.65
CA HIS F 97 -17.71 14.02 0.78
C HIS F 97 -16.63 14.99 1.26
N LEU F 98 -15.38 14.56 1.12
CA LEU F 98 -14.25 15.33 1.59
C LEU F 98 -13.57 15.98 0.41
N ILE F 99 -13.32 17.28 0.51
CA ILE F 99 -12.59 18.02 -0.51
C ILE F 99 -11.18 18.22 0.02
N THR F 100 -10.18 17.70 -0.71
CA THR F 100 -8.82 17.57 -0.21
C THR F 100 -7.83 18.14 -1.21
N ASP F 101 -8.24 19.14 -1.98
CA ASP F 101 -7.40 19.77 -2.99
C ASP F 101 -6.49 20.86 -2.43
N GLY F 102 -6.68 21.21 -1.17
CA GLY F 102 -5.90 22.19 -0.48
C GLY F 102 -6.66 23.42 -0.08
N ARG F 103 -7.92 23.56 -0.50
CA ARG F 103 -8.69 24.78 -0.24
C ARG F 103 -8.95 24.95 1.25
N TRP F 104 -8.90 26.20 1.70
CA TRP F 104 -8.89 26.50 3.12
C TRP F 104 -10.26 26.41 3.74
N THR F 105 -11.32 26.55 2.94
CA THR F 105 -12.68 26.34 3.41
C THR F 105 -12.97 24.87 3.72
N HIS F 106 -12.07 23.94 3.34
CA HIS F 106 -12.23 22.52 3.64
C HIS F 106 -10.98 21.93 4.28
N SER F 107 -10.14 22.75 4.91
CA SER F 107 -8.88 22.27 5.45
C SER F 107 -9.04 21.39 6.69
N GLY F 108 -10.21 21.41 7.33
CA GLY F 108 -10.44 20.58 8.47
C GLY F 108 -10.72 19.13 8.16
N GLU F 109 -10.81 18.76 6.89
CA GLU F 109 -11.03 17.38 6.50
C GLU F 109 -9.76 16.63 6.13
N PHE F 110 -8.77 17.28 5.54
CA PHE F 110 -7.50 16.57 5.36
C PHE F 110 -6.28 17.35 5.78
N VAL F 111 -6.22 18.65 5.51
CA VAL F 111 -4.98 19.39 5.69
C VAL F 111 -4.65 19.58 7.16
N ILE F 112 -5.64 19.93 7.96
CA ILE F 112 -5.43 20.09 9.40
C ILE F 112 -5.34 18.74 10.11
N PRO F 113 -6.24 17.73 9.91
CA PRO F 113 -5.96 16.39 10.46
C PRO F 113 -4.64 15.78 10.00
N GLY F 114 -4.24 16.10 8.78
CA GLY F 114 -2.95 15.65 8.31
C GLY F 114 -1.78 16.30 9.01
N LEU F 115 -1.88 17.60 9.32
CA LEU F 115 -0.85 18.26 10.11
C LEU F 115 -0.74 17.67 11.51
N LEU F 116 -1.90 17.35 12.13
CA LEU F 116 -1.87 16.66 13.42
C LEU F 116 -1.21 15.28 13.31
N PHE F 117 -1.47 14.57 12.20
CA PHE F 117 -0.85 13.27 12.02
C PHE F 117 0.65 13.41 11.88
N LEU F 118 1.10 14.32 11.02
CA LEU F 118 2.52 14.43 10.72
C LEU F 118 3.30 14.85 11.93
N TYR F 119 2.68 15.66 12.79
CA TYR F 119 3.30 15.99 14.07
C TYR F 119 3.46 14.77 14.96
N VAL F 120 2.40 13.94 15.07
CA VAL F 120 2.51 12.74 15.90
C VAL F 120 3.46 11.70 15.27
N ALA F 121 3.40 11.53 13.95
CA ALA F 121 4.24 10.57 13.25
C ALA F 121 5.71 10.94 13.31
N GLY F 122 6.02 12.22 13.09
CA GLY F 122 7.38 12.68 13.26
C GLY F 122 7.84 12.62 14.69
N TRP F 123 6.91 12.79 15.64
CA TRP F 123 7.21 12.57 17.05
C TRP F 123 7.68 11.14 17.27
N ILE F 124 6.89 10.16 16.82
CA ILE F 124 7.22 8.73 16.98
C ILE F 124 8.54 8.40 16.30
N GLY F 125 8.74 8.94 15.09
CA GLY F 125 9.98 8.69 14.36
C GLY F 125 11.21 9.30 15.02
N TRP F 126 11.11 10.55 15.47
CA TRP F 126 12.23 11.20 16.15
C TRP F 126 12.55 10.52 17.47
N VAL F 127 11.52 10.06 18.18
CA VAL F 127 11.69 9.43 19.47
C VAL F 127 12.35 8.06 19.31
N GLY F 128 11.89 7.29 18.32
CA GLY F 128 12.50 6.00 18.04
C GLY F 128 13.92 6.11 17.50
N ARG F 129 14.18 7.11 16.64
CA ARG F 129 15.52 7.33 16.13
C ARG F 129 16.48 7.72 17.25
N SER F 130 16.01 8.56 18.16
CA SER F 130 16.84 8.98 19.28
C SER F 130 17.13 7.79 20.19
N TYR F 131 16.17 6.88 20.34
CA TYR F 131 16.41 5.71 21.17
C TYR F 131 17.35 4.70 20.48
N VAL F 132 17.28 4.54 19.16
CA VAL F 132 18.22 3.60 18.54
C VAL F 132 19.64 4.17 18.57
N LEU F 133 19.78 5.49 18.49
CA LEU F 133 21.11 6.09 18.61
C LEU F 133 21.65 6.01 20.03
N PHE F 134 20.76 6.10 21.03
CA PHE F 134 21.19 5.85 22.40
C PHE F 134 21.61 4.41 22.59
N ALA F 135 20.82 3.47 22.06
CA ALA F 135 21.06 2.06 22.26
C ALA F 135 22.32 1.58 21.57
N ARG F 136 22.78 2.28 20.53
CA ARG F 136 24.05 1.92 19.91
C ARG F 136 25.24 2.18 20.83
N THR F 137 25.15 3.19 21.69
CA THR F 137 26.21 3.55 22.63
C THR F 137 26.11 2.81 23.95
N ALA F 138 25.50 1.63 23.97
CA ALA F 138 25.33 0.85 25.18
C ALA F 138 26.38 -0.25 25.24
N ASP F 139 26.50 -0.87 26.42
CA ASP F 139 27.45 -1.94 26.62
C ASP F 139 27.12 -3.15 25.75
N LYS F 140 25.85 -3.53 25.71
CA LYS F 140 25.34 -4.50 24.74
C LYS F 140 24.13 -3.88 24.05
N PRO F 141 24.31 -3.40 22.80
CA PRO F 141 23.26 -2.62 22.13
C PRO F 141 21.96 -3.35 21.87
N THR F 142 22.00 -4.65 21.68
CA THR F 142 20.79 -5.39 21.34
C THR F 142 19.93 -5.77 22.53
N GLU F 143 20.44 -5.70 23.76
CA GLU F 143 19.53 -5.92 24.89
C GLU F 143 18.65 -4.70 25.11
N LYS F 144 19.14 -3.51 24.75
CA LYS F 144 18.38 -2.28 24.90
C LYS F 144 17.19 -2.19 23.97
N GLU F 145 17.12 -3.07 22.97
CA GLU F 145 16.04 -3.10 22.01
C GLU F 145 15.04 -4.21 22.27
N ILE F 146 15.41 -5.25 23.02
CA ILE F 146 14.42 -6.21 23.50
C ILE F 146 14.06 -5.99 24.96
N ILE F 147 14.93 -5.37 25.76
CA ILE F 147 14.60 -4.93 27.12
C ILE F 147 14.92 -3.46 27.14
N ILE F 148 13.88 -2.66 27.03
CA ILE F 148 14.01 -1.23 26.81
C ILE F 148 14.34 -0.55 28.11
N ASP F 149 15.34 0.33 28.09
CA ASP F 149 15.64 1.17 29.24
C ASP F 149 14.52 2.19 29.37
N VAL F 150 13.50 1.82 30.16
CA VAL F 150 12.25 2.60 30.22
C VAL F 150 12.43 4.03 30.72
N PRO F 151 13.24 4.36 31.77
CA PRO F 151 13.45 5.80 32.08
C PRO F 151 14.08 6.61 30.96
N VAL F 152 15.01 6.00 30.22
CA VAL F 152 15.66 6.70 29.12
C VAL F 152 14.73 6.81 27.93
N ALA F 153 13.96 5.75 27.66
CA ALA F 153 12.99 5.80 26.59
C ALA F 153 11.85 6.75 26.88
N LEU F 154 11.50 6.96 28.15
CA LEU F 154 10.50 7.96 28.50
C LEU F 154 11.07 9.36 28.42
N SER F 155 12.37 9.53 28.68
CA SER F 155 13.04 10.80 28.39
C SER F 155 12.96 11.10 26.92
N PHE F 156 13.09 10.05 26.10
CA PHE F 156 13.02 10.22 24.66
C PHE F 156 11.61 10.51 24.19
N VAL F 157 10.59 9.85 24.76
CA VAL F 157 9.20 10.13 24.34
C VAL F 157 8.82 11.56 24.73
N SER F 158 9.41 12.09 25.80
CA SER F 158 9.21 13.50 26.08
C SER F 158 9.94 14.40 25.08
N THR F 159 11.00 13.91 24.41
CA THR F 159 11.71 14.77 23.44
C THR F 159 10.92 15.11 22.20
N GLY F 160 9.83 14.40 21.89
CA GLY F 160 9.25 14.51 20.58
C GLY F 160 8.44 15.74 20.30
N PHE F 161 8.15 16.57 21.30
CA PHE F 161 7.23 17.69 21.11
C PHE F 161 7.82 18.80 20.25
N ILE F 162 9.14 18.85 20.08
CA ILE F 162 9.77 19.86 19.25
C ILE F 162 10.61 19.19 18.19
N TRP F 163 10.17 18.02 17.74
CA TRP F 163 10.85 17.30 16.67
C TRP F 163 11.08 18.06 15.36
N PRO F 164 10.16 18.94 14.82
CA PRO F 164 10.54 19.63 13.57
C PRO F 164 11.80 20.48 13.68
N PHE F 165 11.94 21.20 14.79
CA PHE F 165 13.15 21.99 15.01
C PHE F 165 14.34 21.11 15.36
N SER F 166 14.12 20.10 16.22
CA SER F 166 15.20 19.21 16.65
C SER F 166 15.74 18.40 15.48
N ALA F 167 14.85 17.95 14.60
CA ALA F 167 15.21 17.17 13.44
C ALA F 167 15.78 18.03 12.34
N PHE F 168 15.31 19.27 12.17
CA PHE F 168 15.92 20.11 11.15
C PHE F 168 17.30 20.57 11.55
N LYS F 169 17.50 20.93 12.84
CA LYS F 169 18.84 21.23 13.32
C LYS F 169 19.74 20.00 13.24
N GLU F 170 19.18 18.81 13.49
CA GLU F 170 19.90 17.55 13.31
C GLU F 170 20.31 17.35 11.86
N PHE F 171 19.40 17.64 10.93
CA PHE F 171 19.66 17.51 9.51
C PHE F 171 20.76 18.45 9.06
N THR F 172 20.65 19.71 9.42
CA THR F 172 21.61 20.67 8.93
C THR F 172 22.97 20.53 9.60
N SER F 173 23.02 20.14 10.87
CA SER F 173 24.30 19.96 11.56
C SER F 173 25.03 18.67 11.18
N GLY F 174 24.60 17.98 10.12
CA GLY F 174 25.22 16.79 9.62
C GLY F 174 25.10 15.64 10.56
N ASN F 175 23.95 15.48 11.21
CA ASN F 175 23.76 14.43 12.18
C ASN F 175 22.55 13.57 11.87
N LEU F 176 21.76 13.91 10.86
CA LEU F 176 20.66 13.07 10.40
C LEU F 176 21.08 12.19 9.24
N ILE F 177 21.75 12.77 8.25
CA ILE F 177 22.11 12.09 7.02
C ILE F 177 23.55 11.64 7.15
N VAL F 178 23.81 10.37 6.87
CA VAL F 178 25.18 9.90 6.88
C VAL F 178 25.65 9.97 5.42
N PRO F 179 26.94 10.16 5.14
CA PRO F 179 27.39 10.19 3.75
C PRO F 179 27.25 8.83 3.08
N ALA F 180 27.17 8.86 1.76
CA ALA F 180 26.98 7.66 0.94
C ALA F 180 28.11 6.64 1.07
N ASP F 181 29.29 7.07 1.51
CA ASP F 181 30.44 6.18 1.66
C ASP F 181 30.53 5.56 3.06
N GLU F 182 29.53 5.80 3.90
CA GLU F 182 29.34 5.10 5.17
C GLU F 182 28.17 4.13 5.17
N ILE F 183 27.64 3.75 4.01
CA ILE F 183 26.49 2.89 3.94
C ILE F 183 26.80 1.65 3.13
N THR F 184 26.49 0.48 3.68
CA THR F 184 26.73 -0.74 2.96
C THR F 184 25.78 -0.87 1.77
N VAL F 185 26.36 -1.20 0.62
CA VAL F 185 25.54 -1.32 -0.62
C VAL F 185 25.96 -2.61 -1.31
N SER F 186 25.13 -3.10 -2.23
CA SER F 186 25.46 -4.32 -3.00
C SER F 186 26.56 -4.00 -4.00
N PRO F 187 27.28 -4.98 -4.59
CA PRO F 187 28.41 -4.66 -5.47
C PRO F 187 27.94 -3.77 -6.64
N ARG F 188 26.74 -4.02 -7.17
CA ARG F 188 26.18 -3.16 -8.24
C ARG F 188 25.63 -1.87 -7.61
N MET G 1 -25.35 -23.99 -43.90
CA MET G 1 -23.92 -23.78 -44.10
C MET G 1 -23.42 -24.48 -45.36
N THR G 2 -22.60 -23.79 -46.15
CA THR G 2 -21.95 -24.44 -47.26
C THR G 2 -20.72 -25.18 -46.79
N ALA G 3 -20.47 -26.35 -47.40
CA ALA G 3 -19.35 -27.23 -46.97
C ALA G 3 -19.58 -27.62 -45.50
N ALA G 4 -20.83 -27.91 -45.13
CA ALA G 4 -21.17 -28.31 -43.75
C ALA G 4 -20.50 -29.64 -43.42
N TYR G 5 -20.20 -30.45 -44.45
CA TYR G 5 -19.52 -31.74 -44.25
C TYR G 5 -18.12 -31.52 -43.65
N LEU G 6 -17.45 -30.42 -44.02
CA LEU G 6 -16.04 -30.19 -43.60
C LEU G 6 -15.87 -30.16 -42.07
N PRO G 7 -16.71 -29.49 -41.24
CA PRO G 7 -16.55 -29.54 -39.79
C PRO G 7 -16.61 -30.98 -39.25
N SER G 8 -17.54 -31.79 -39.76
CA SER G 8 -17.62 -33.22 -39.35
C SER G 8 -16.35 -33.96 -39.78
N ILE G 9 -15.85 -33.70 -41.00
CA ILE G 9 -14.59 -34.34 -41.51
C ILE G 9 -13.34 -33.83 -40.78
N LEU G 10 -13.21 -32.52 -40.53
CA LEU G 10 -11.93 -31.98 -40.00
C LEU G 10 -11.82 -31.97 -38.48
N VAL G 11 -12.86 -31.57 -37.76
CA VAL G 11 -12.76 -31.44 -36.30
C VAL G 11 -12.31 -32.74 -35.65
N PRO G 12 -12.85 -33.95 -35.95
CA PRO G 12 -12.21 -35.16 -35.42
C PRO G 12 -10.77 -35.40 -35.90
N ILE G 13 -10.44 -35.07 -37.14
CA ILE G 13 -9.07 -35.25 -37.63
C ILE G 13 -8.11 -34.30 -36.92
N ILE G 14 -8.45 -33.03 -36.87
CA ILE G 14 -7.59 -32.02 -36.24
C ILE G 14 -7.54 -32.22 -34.73
N GLY G 15 -8.64 -32.63 -34.13
CA GLY G 15 -8.70 -32.76 -32.70
C GLY G 15 -8.26 -34.08 -32.12
N LEU G 16 -8.19 -35.14 -32.93
CA LEU G 16 -7.80 -36.48 -32.41
C LEU G 16 -6.60 -37.01 -33.21
N ILE G 17 -6.70 -37.05 -34.53
CA ILE G 17 -5.61 -37.63 -35.35
C ILE G 17 -4.38 -36.72 -35.25
N PHE G 18 -4.55 -35.42 -35.50
CA PHE G 18 -3.42 -34.46 -35.44
C PHE G 18 -2.66 -34.62 -34.11
N PRO G 19 -3.23 -34.42 -32.90
CA PRO G 19 -2.48 -34.58 -31.67
C PRO G 19 -1.87 -35.99 -31.55
N GLY G 20 -2.69 -37.03 -31.68
CA GLY G 20 -2.17 -38.41 -31.62
C GLY G 20 -0.93 -38.58 -32.47
N LEU G 21 -1.00 -38.20 -33.75
CA LEU G 21 0.15 -38.37 -34.67
C LEU G 21 1.32 -37.49 -34.20
N VAL G 22 1.09 -36.21 -33.94
CA VAL G 22 2.22 -35.31 -33.58
C VAL G 22 2.77 -35.68 -32.19
N MET G 23 1.93 -36.19 -31.28
CA MET G 23 2.41 -36.65 -29.95
C MET G 23 3.27 -37.89 -30.16
N ALA G 24 2.79 -38.83 -30.95
CA ALA G 24 3.55 -40.04 -31.27
C ALA G 24 4.91 -39.70 -31.88
N PHE G 25 4.92 -38.79 -32.85
CA PHE G 25 6.18 -38.38 -33.48
C PHE G 25 7.06 -37.58 -32.54
N ALA G 26 6.46 -36.71 -31.72
CA ALA G 26 7.19 -35.94 -30.73
C ALA G 26 7.80 -36.85 -29.68
N PHE G 27 7.07 -37.87 -29.26
CA PHE G 27 7.58 -38.88 -28.33
C PHE G 27 8.76 -39.62 -28.92
N ILE G 28 8.66 -40.02 -30.19
CA ILE G 28 9.75 -40.74 -30.86
C ILE G 28 10.98 -39.84 -30.96
N TYR G 29 10.78 -38.57 -31.32
CA TYR G 29 11.89 -37.65 -31.47
C TYR G 29 12.55 -37.31 -30.14
N ILE G 30 11.77 -37.06 -29.08
CA ILE G 30 12.40 -36.72 -27.79
C ILE G 30 13.14 -37.93 -27.22
N GLU G 31 12.58 -39.13 -27.34
CA GLU G 31 13.25 -40.31 -26.79
C GLU G 31 14.47 -40.74 -27.57
N GLN G 32 14.48 -40.55 -28.90
CA GLN G 32 15.57 -41.07 -29.74
C GLN G 32 16.90 -40.40 -29.42
N ASP G 33 17.97 -41.16 -29.61
CA ASP G 33 19.31 -40.74 -29.23
C ASP G 33 20.15 -40.25 -30.40
N GLU G 34 20.01 -40.86 -31.57
CA GLU G 34 20.74 -40.42 -32.75
C GLU G 34 19.79 -39.90 -33.82
N MET H 1 10.33 -2.44 44.68
CA MET H 1 9.83 -3.51 43.84
C MET H 1 11.06 -4.21 43.26
N ASP H 2 10.95 -5.51 42.98
CA ASP H 2 12.05 -6.33 42.47
C ASP H 2 12.59 -5.80 41.14
N SER H 3 13.91 -5.76 41.02
CA SER H 3 14.54 -5.22 39.82
C SER H 3 14.44 -6.18 38.64
N ASN H 4 14.34 -7.48 38.92
CA ASN H 4 14.19 -8.45 37.84
C ASN H 4 12.76 -8.49 37.31
N PHE H 5 11.78 -8.21 38.16
CA PHE H 5 10.41 -8.11 37.68
C PHE H 5 10.20 -6.82 36.89
N LEU H 6 10.88 -5.74 37.28
CA LEU H 6 10.83 -4.52 36.50
C LEU H 6 11.60 -4.65 35.19
N LYS H 7 12.68 -5.43 35.19
CA LYS H 7 13.39 -5.70 33.94
C LYS H 7 12.57 -6.61 33.04
N TYR H 8 11.70 -7.44 33.62
CA TYR H 8 10.79 -8.23 32.82
C TYR H 8 9.68 -7.37 32.23
N LEU H 9 9.17 -6.41 32.99
CA LEU H 9 8.14 -5.53 32.46
C LEU H 9 8.69 -4.54 31.44
N SER H 10 10.00 -4.37 31.37
CA SER H 10 10.69 -3.58 30.36
C SER H 10 10.96 -4.36 29.09
N THR H 11 10.63 -5.64 29.04
CA THR H 11 10.84 -6.43 27.84
C THR H 11 9.92 -5.93 26.73
N ALA H 12 10.38 -6.12 25.49
CA ALA H 12 9.68 -5.66 24.29
C ALA H 12 8.22 -6.11 24.16
N PRO H 13 7.82 -7.39 24.39
CA PRO H 13 6.39 -7.70 24.25
C PRO H 13 5.51 -7.07 25.32
N VAL H 14 5.99 -6.93 26.56
CA VAL H 14 5.19 -6.36 27.64
C VAL H 14 4.96 -4.89 27.39
N LEU H 15 6.03 -4.16 27.07
CA LEU H 15 5.92 -2.73 26.75
C LEU H 15 5.11 -2.50 25.49
N PHE H 16 5.28 -3.36 24.49
CA PHE H 16 4.49 -3.25 23.27
C PHE H 16 3.01 -3.45 23.52
N THR H 17 2.66 -4.46 24.32
CA THR H 17 1.25 -4.73 24.61
C THR H 17 0.65 -3.68 25.53
N VAL H 18 1.42 -3.20 26.51
CA VAL H 18 0.95 -2.17 27.44
C VAL H 18 0.83 -0.83 26.74
N TRP H 19 1.82 -0.46 25.92
CA TRP H 19 1.79 0.82 25.21
C TRP H 19 0.70 0.83 24.15
N LEU H 20 0.54 -0.25 23.39
CA LEU H 20 -0.54 -0.27 22.41
C LEU H 20 -1.91 -0.49 23.02
N SER H 21 -1.99 -1.04 24.23
CA SER H 21 -3.26 -1.07 24.95
C SER H 21 -3.60 0.31 25.51
N PHE H 22 -2.61 1.02 26.03
CA PHE H 22 -2.80 2.41 26.45
C PHE H 22 -3.17 3.30 25.28
N THR H 23 -2.52 3.09 24.13
CA THR H 23 -2.81 3.81 22.91
C THR H 23 -4.23 3.54 22.44
N ALA H 24 -4.60 2.24 22.38
CA ALA H 24 -5.95 1.83 22.07
C ALA H 24 -6.95 2.35 23.08
N SER H 25 -6.55 2.49 24.33
CA SER H 25 -7.45 2.92 25.38
C SER H 25 -7.75 4.39 25.28
N PHE H 26 -6.79 5.23 24.87
CA PHE H 26 -7.19 6.61 24.73
C PHE H 26 -7.82 6.92 23.38
N ILE H 27 -7.59 6.10 22.35
CA ILE H 27 -8.41 6.21 21.14
C ILE H 27 -9.85 5.85 21.45
N ILE H 28 -10.06 4.80 22.24
CA ILE H 28 -11.40 4.39 22.65
C ILE H 28 -12.07 5.46 23.50
N GLU H 29 -11.36 6.00 24.50
CA GLU H 29 -11.95 7.03 25.34
C GLU H 29 -12.24 8.33 24.59
N ALA H 30 -11.34 8.75 23.69
CA ALA H 30 -11.58 9.93 22.87
C ALA H 30 -12.74 9.72 21.91
N ASN H 31 -12.93 8.51 21.41
CA ASN H 31 -14.09 8.24 20.57
C ASN H 31 -15.35 7.95 21.38
N ARG H 32 -15.22 7.78 22.69
CA ARG H 32 -16.39 7.65 23.54
C ARG H 32 -16.98 9.00 23.86
N PHE H 33 -16.15 9.92 24.38
CA PHE H 33 -16.66 11.23 24.76
C PHE H 33 -16.93 12.10 23.55
N PHE H 34 -16.08 12.01 22.54
CA PHE H 34 -16.17 12.85 21.34
C PHE H 34 -16.26 11.93 20.12
N PRO H 35 -17.43 11.33 19.88
CA PRO H 35 -17.55 10.40 18.75
C PRO H 35 -17.82 11.13 17.45
N ASP H 36 -17.70 10.35 16.37
CA ASP H 36 -18.08 10.71 15.00
C ASP H 36 -17.28 11.89 14.49
N MET H 37 -15.97 11.89 14.77
CA MET H 37 -15.11 12.98 14.34
C MET H 37 -14.52 12.67 12.97
N LEU H 38 -15.34 12.90 11.94
CA LEU H 38 -14.90 12.72 10.57
C LEU H 38 -13.95 13.82 10.11
N TYR H 39 -13.89 14.94 10.81
CA TYR H 39 -13.19 16.13 10.35
C TYR H 39 -12.64 16.83 11.57
N PHE H 40 -11.62 17.66 11.36
CA PHE H 40 -11.23 18.61 12.40
C PHE H 40 -12.24 19.74 12.37
N PRO H 41 -12.98 19.98 13.45
CA PRO H 41 -14.08 20.95 13.40
C PRO H 41 -13.65 22.40 13.27
N MET H 42 -13.90 22.98 12.12
CA MET H 42 -13.58 24.37 11.81
C MET H 42 -14.43 24.85 10.65
N SER I 2 8.85 -69.24 13.08
CA SER I 2 8.21 -69.17 11.78
C SER I 2 8.12 -67.72 11.30
N GLN I 3 8.77 -67.42 10.19
CA GLN I 3 8.73 -66.09 9.59
C GLN I 3 8.30 -66.21 8.14
N PHE I 4 7.26 -65.50 7.76
CA PHE I 4 6.74 -65.60 6.41
C PHE I 4 7.29 -64.54 5.46
N ILE I 5 8.06 -63.57 5.98
CA ILE I 5 8.68 -62.54 5.15
C ILE I 5 10.18 -62.65 5.33
N LYS I 6 10.92 -62.69 4.21
CA LYS I 6 12.35 -62.92 4.13
C LYS I 6 12.94 -61.91 3.15
N PRO I 7 14.26 -61.69 3.11
CA PRO I 7 14.84 -60.83 2.06
C PRO I 7 14.65 -61.44 0.68
N TYR I 8 14.46 -60.56 -0.31
CA TYR I 8 14.16 -60.99 -1.67
C TYR I 8 15.42 -61.56 -2.32
N ASN I 9 15.28 -62.77 -2.90
CA ASN I 9 16.32 -63.49 -3.65
C ASN I 9 17.55 -63.80 -2.80
N ASP I 10 17.37 -63.88 -1.48
CA ASP I 10 18.43 -64.03 -0.47
C ASP I 10 19.46 -62.88 -0.55
N ASP I 11 18.99 -61.72 -0.96
CA ASP I 11 19.82 -60.51 -1.03
C ASP I 11 19.15 -59.48 -0.16
N PRO I 12 19.73 -59.10 0.98
CA PRO I 12 19.05 -58.15 1.87
C PRO I 12 18.98 -56.74 1.32
N PHE I 13 20.00 -56.29 0.61
CA PHE I 13 20.10 -54.89 0.20
C PHE I 13 19.43 -54.61 -1.13
N VAL I 14 18.85 -55.62 -1.77
CA VAL I 14 18.04 -55.36 -2.96
C VAL I 14 16.77 -54.65 -2.49
N GLY I 15 16.21 -53.81 -3.37
CA GLY I 15 15.06 -53.04 -2.98
C GLY I 15 13.76 -53.77 -3.15
N ASN I 16 13.61 -54.87 -2.43
CA ASN I 16 12.40 -55.68 -2.43
C ASN I 16 12.46 -56.57 -1.20
N LEU I 17 11.28 -57.03 -0.79
CA LEU I 17 11.14 -57.96 0.32
C LEU I 17 10.37 -59.17 -0.18
N ALA I 18 10.90 -60.37 0.08
CA ALA I 18 10.13 -61.57 -0.22
C ALA I 18 9.05 -61.69 0.82
N THR I 19 7.80 -61.73 0.38
CA THR I 19 6.62 -61.70 1.21
C THR I 19 5.70 -62.80 0.71
N PRO I 20 4.69 -63.21 1.50
CA PRO I 20 3.70 -64.16 0.96
C PRO I 20 3.01 -63.70 -0.30
N VAL I 21 2.61 -62.44 -0.38
CA VAL I 21 1.98 -61.95 -1.61
C VAL I 21 2.97 -61.95 -2.77
N SER I 22 4.19 -61.48 -2.55
CA SER I 22 5.17 -61.42 -3.63
C SER I 22 5.75 -62.79 -4.00
N THR I 23 6.06 -63.64 -3.00
CA THR I 23 6.82 -64.87 -3.29
C THR I 23 6.16 -66.17 -2.83
N SER I 24 4.84 -66.25 -2.74
CA SER I 24 4.25 -67.57 -2.51
C SER I 24 4.35 -68.42 -3.77
N SER I 25 4.20 -69.74 -3.58
CA SER I 25 4.23 -70.66 -4.74
C SER I 25 3.02 -70.34 -5.63
N PHE I 26 1.91 -69.94 -5.01
CA PHE I 26 0.69 -69.58 -5.80
C PHE I 26 1.00 -68.37 -6.69
N THR I 27 1.67 -67.35 -6.13
CA THR I 27 2.03 -66.15 -6.92
C THR I 27 3.01 -66.55 -8.02
N LYS I 28 4.02 -67.36 -7.68
CA LYS I 28 5.04 -67.77 -8.68
C LYS I 28 4.35 -68.57 -9.79
N SER I 29 3.44 -69.47 -9.40
CA SER I 29 2.72 -70.30 -10.40
C SER I 29 1.88 -69.40 -11.30
N LEU I 30 1.17 -68.43 -10.72
CA LEU I 30 0.27 -67.57 -11.53
C LEU I 30 1.11 -66.75 -12.52
N LEU I 31 2.17 -66.10 -12.04
CA LEU I 31 3.01 -65.25 -12.94
C LEU I 31 3.57 -66.10 -14.07
N SER I 32 4.15 -67.26 -13.75
CA SER I 32 4.73 -68.15 -14.78
C SER I 32 3.64 -68.61 -15.75
N ASN I 33 2.45 -68.94 -15.22
CA ASN I 33 1.32 -69.39 -16.06
C ASN I 33 0.87 -68.25 -16.98
N LEU I 34 0.90 -66.99 -16.49
CA LEU I 34 0.41 -65.84 -17.31
C LEU I 34 1.23 -65.76 -18.58
N PRO I 35 0.64 -65.39 -19.74
CA PRO I 35 1.34 -65.39 -21.02
C PRO I 35 2.59 -64.51 -21.07
N ALA I 36 2.58 -63.35 -20.40
CA ALA I 36 3.74 -62.42 -20.47
C ALA I 36 4.99 -63.12 -19.94
N TYR I 37 4.86 -63.92 -18.87
CA TYR I 37 6.05 -64.56 -18.25
C TYR I 37 6.09 -66.06 -18.58
N ARG I 38 5.23 -66.56 -19.46
CA ARG I 38 5.22 -68.00 -19.69
C ARG I 38 6.43 -68.46 -20.49
N ALA I 39 7.09 -69.50 -19.99
CA ALA I 39 8.26 -70.05 -20.64
C ALA I 39 7.81 -70.92 -21.80
N GLY I 40 8.57 -70.88 -22.89
CA GLY I 40 8.21 -71.64 -24.05
C GLY I 40 7.21 -70.97 -24.97
N LEU I 41 6.87 -69.72 -24.72
CA LEU I 41 5.85 -69.02 -25.49
C LEU I 41 6.51 -67.99 -26.39
N SER I 42 6.10 -67.99 -27.66
CA SER I 42 6.62 -67.03 -28.63
C SER I 42 6.10 -65.64 -28.28
N PRO I 43 6.87 -64.58 -28.59
CA PRO I 43 6.40 -63.20 -28.35
C PRO I 43 5.09 -62.86 -29.06
N LEU I 44 4.93 -63.35 -30.28
CA LEU I 44 3.67 -63.20 -31.00
C LEU I 44 2.54 -63.92 -30.29
N LEU I 45 2.78 -65.16 -29.84
CA LEU I 45 1.78 -65.93 -29.11
C LEU I 45 1.46 -65.30 -27.76
N ARG I 46 2.47 -64.71 -27.12
CA ARG I 46 2.27 -63.97 -25.87
C ARG I 46 1.32 -62.80 -26.12
N GLY I 47 1.53 -62.11 -27.24
CA GLY I 47 0.68 -60.99 -27.59
C GLY I 47 -0.72 -61.40 -27.94
N VAL I 48 -0.87 -62.56 -28.60
CA VAL I 48 -2.19 -63.06 -29.00
C VAL I 48 -3.02 -63.39 -27.77
N GLU I 49 -2.42 -64.07 -26.79
CA GLU I 49 -3.19 -64.45 -25.59
C GLU I 49 -3.58 -63.23 -24.74
N ILE I 50 -2.64 -62.29 -24.55
CA ILE I 50 -2.93 -61.06 -23.81
C ILE I 50 -3.94 -60.21 -24.56
N GLY I 51 -3.80 -60.13 -25.89
CA GLY I 51 -4.71 -59.34 -26.70
C GLY I 51 -6.12 -59.87 -26.69
N LEU I 52 -6.28 -61.21 -26.79
CA LEU I 52 -7.61 -61.82 -26.82
C LEU I 52 -8.35 -61.52 -25.53
N THR I 53 -7.62 -61.58 -24.43
CA THR I 53 -8.17 -61.24 -23.12
C THR I 53 -8.62 -59.79 -23.03
N HIS I 54 -7.73 -58.86 -23.41
CA HIS I 54 -7.97 -57.43 -23.24
C HIS I 54 -9.04 -56.91 -24.18
N GLY I 55 -9.00 -57.33 -25.44
CA GLY I 55 -10.01 -56.93 -26.40
C GLY I 55 -11.38 -57.45 -26.03
N TYR I 56 -11.43 -58.67 -25.45
CA TYR I 56 -12.71 -59.25 -25.04
C TYR I 56 -13.36 -58.43 -23.94
N PHE I 57 -12.58 -58.01 -22.94
CA PHE I 57 -13.27 -57.30 -21.88
C PHE I 57 -13.41 -55.79 -22.14
N LEU I 58 -12.72 -55.24 -23.14
CA LEU I 58 -12.87 -53.81 -23.41
C LEU I 58 -14.25 -53.45 -23.96
N VAL I 59 -14.88 -54.35 -24.72
CA VAL I 59 -16.16 -54.08 -25.40
C VAL I 59 -17.26 -53.73 -24.42
N GLY I 60 -17.33 -54.45 -23.30
CA GLY I 60 -18.39 -54.33 -22.33
C GLY I 60 -18.61 -52.99 -21.64
N PRO I 61 -17.56 -52.34 -21.11
CA PRO I 61 -17.74 -50.99 -20.57
C PRO I 61 -18.16 -49.95 -21.60
N PHE I 62 -17.56 -49.98 -22.79
CA PHE I 62 -17.97 -49.08 -23.87
C PHE I 62 -19.40 -49.34 -24.31
N TYR I 63 -19.79 -50.62 -24.41
CA TYR I 63 -21.15 -50.96 -24.81
C TYR I 63 -22.16 -50.57 -23.75
N LYS I 64 -21.93 -50.99 -22.51
CA LYS I 64 -22.92 -50.79 -21.46
C LYS I 64 -22.99 -49.36 -20.96
N LEU I 65 -21.86 -48.67 -20.85
CA LEU I 65 -21.86 -47.35 -20.23
C LEU I 65 -21.59 -46.21 -21.20
N GLY I 66 -21.50 -46.49 -22.49
CA GLY I 66 -21.16 -45.48 -23.47
C GLY I 66 -22.25 -44.48 -23.77
N PRO I 67 -21.94 -43.46 -24.57
CA PRO I 67 -22.96 -42.49 -25.00
C PRO I 67 -24.10 -43.10 -25.78
N LEU I 68 -23.84 -44.13 -26.58
CA LEU I 68 -24.87 -44.73 -27.40
C LEU I 68 -25.45 -45.99 -26.76
N ARG I 69 -25.32 -46.12 -25.43
CA ARG I 69 -25.74 -47.34 -24.71
C ARG I 69 -27.25 -47.60 -24.83
N ASN I 70 -28.07 -46.55 -24.78
CA ASN I 70 -29.51 -46.72 -24.83
C ASN I 70 -30.01 -46.94 -26.23
N SER I 71 -29.19 -46.70 -27.24
CA SER I 71 -29.54 -46.90 -28.63
C SER I 71 -29.46 -48.38 -28.97
N ASP I 72 -30.09 -48.76 -30.09
CA ASP I 72 -29.97 -50.13 -30.56
C ASP I 72 -28.62 -50.40 -31.22
N VAL I 73 -27.83 -49.37 -31.48
CA VAL I 73 -26.51 -49.52 -32.07
C VAL I 73 -25.42 -49.48 -30.99
N ALA I 74 -25.81 -49.76 -29.74
CA ALA I 74 -24.94 -49.71 -28.57
C ALA I 74 -23.77 -50.66 -28.69
N LEU I 75 -24.02 -51.88 -29.17
CA LEU I 75 -22.96 -52.86 -29.31
C LEU I 75 -22.01 -52.47 -30.43
N LEU I 76 -22.53 -51.96 -31.54
CA LEU I 76 -21.66 -51.52 -32.63
C LEU I 76 -20.81 -50.34 -32.23
N SER I 77 -21.41 -49.40 -31.49
CA SER I 77 -20.67 -48.27 -30.92
C SER I 77 -19.64 -48.75 -29.91
N GLY I 78 -20.02 -49.67 -29.04
CA GLY I 78 -19.10 -50.21 -28.06
C GLY I 78 -17.94 -50.96 -28.67
N PHE I 79 -18.21 -51.76 -29.71
CA PHE I 79 -17.14 -52.45 -30.44
C PHE I 79 -16.23 -51.46 -31.14
N PHE I 80 -16.81 -50.44 -31.78
CA PHE I 80 -16.01 -49.44 -32.48
C PHE I 80 -15.15 -48.65 -31.50
N SER I 81 -15.72 -48.31 -30.35
CA SER I 81 -14.97 -47.61 -29.31
C SER I 81 -13.87 -48.49 -28.75
N ALA I 82 -14.15 -49.78 -28.55
CA ALA I 82 -13.13 -50.72 -28.13
C ALA I 82 -12.05 -50.84 -29.19
N LEU I 83 -12.44 -50.93 -30.46
CA LEU I 83 -11.51 -51.03 -31.59
C LEU I 83 -10.66 -49.78 -31.73
N GLY I 84 -11.26 -48.60 -31.54
CA GLY I 84 -10.51 -47.36 -31.55
C GLY I 84 -9.50 -47.31 -30.43
N LEU I 85 -9.89 -47.79 -29.25
CA LEU I 85 -8.96 -47.85 -28.12
C LEU I 85 -7.85 -48.84 -28.41
N ILE I 86 -8.16 -49.95 -29.08
CA ILE I 86 -7.16 -50.94 -29.49
C ILE I 86 -6.17 -50.32 -30.45
N VAL I 87 -6.64 -49.52 -31.42
CA VAL I 87 -5.75 -48.87 -32.38
C VAL I 87 -4.86 -47.82 -31.69
N ILE I 88 -5.41 -47.05 -30.75
CA ILE I 88 -4.60 -46.11 -29.97
C ILE I 88 -3.55 -46.83 -29.15
N LEU I 89 -3.94 -47.91 -28.48
CA LEU I 89 -3.01 -48.69 -27.65
C LEU I 89 -1.97 -49.40 -28.48
N VAL I 90 -2.33 -49.89 -29.67
CA VAL I 90 -1.38 -50.57 -30.53
C VAL I 90 -0.37 -49.55 -31.08
N ALA I 91 -0.82 -48.29 -31.28
CA ALA I 91 0.11 -47.21 -31.62
C ALA I 91 1.07 -46.94 -30.47
N CYS I 92 0.56 -46.98 -29.23
CA CYS I 92 1.41 -46.83 -28.04
C CYS I 92 2.44 -47.93 -27.92
N LEU I 93 2.02 -49.17 -28.17
CA LEU I 93 2.94 -50.31 -28.16
C LEU I 93 4.01 -50.18 -29.23
N THR I 94 3.62 -49.71 -30.41
CA THR I 94 4.54 -49.53 -31.53
C THR I 94 5.59 -48.45 -31.23
N ILE I 95 5.16 -47.31 -30.71
CA ILE I 95 6.10 -46.21 -30.44
C ILE I 95 7.03 -46.55 -29.28
N TYR I 96 6.51 -47.27 -28.25
CA TYR I 96 7.36 -47.73 -27.15
C TYR I 96 8.42 -48.66 -27.67
N GLY I 97 8.03 -49.58 -28.58
CA GLY I 97 8.99 -50.51 -29.15
C GLY I 97 10.07 -49.83 -29.95
N VAL I 98 9.69 -48.78 -30.69
CA VAL I 98 10.65 -48.06 -31.53
C VAL I 98 11.69 -47.37 -30.67
N VAL I 99 11.26 -46.65 -29.63
CA VAL I 99 12.23 -45.89 -28.84
C VAL I 99 13.00 -46.77 -27.85
N SER I 100 12.35 -47.75 -27.20
CA SER I 100 12.97 -48.46 -26.08
C SER I 100 14.07 -49.40 -26.52
N PHE I 101 13.84 -50.16 -27.59
CA PHE I 101 14.72 -51.26 -27.92
C PHE I 101 15.54 -50.95 -29.16
N GLU I 102 16.85 -51.08 -29.02
CA GLU I 102 17.77 -50.98 -30.14
C GLU I 102 17.60 -52.22 -30.99
N GLU I 103 17.73 -52.05 -32.31
CA GLU I 103 17.50 -53.18 -33.22
C GLU I 103 18.57 -54.24 -33.04
N THR I 104 18.14 -55.46 -32.76
CA THR I 104 18.99 -56.62 -32.59
C THR I 104 18.38 -57.77 -33.38
N GLU I 105 19.23 -58.73 -33.75
CA GLU I 105 18.77 -59.86 -34.54
C GLU I 105 17.82 -60.76 -33.77
N ALA I 106 18.06 -60.97 -32.48
CA ALA I 106 17.27 -61.90 -31.69
C ALA I 106 15.83 -61.40 -31.49
N LYS I 107 14.87 -62.30 -31.68
CA LYS I 107 13.46 -61.99 -31.48
C LYS I 107 12.81 -62.83 -30.39
N ASP I 108 13.55 -63.68 -29.68
CA ASP I 108 12.95 -64.62 -28.75
C ASP I 108 12.46 -63.99 -27.44
N GLN I 109 12.51 -62.66 -27.27
CA GLN I 109 12.14 -62.04 -26.02
C GLN I 109 11.35 -60.77 -26.32
N LEU I 110 10.43 -60.41 -25.42
CA LEU I 110 9.67 -59.17 -25.57
C LEU I 110 10.58 -57.95 -25.50
N GLN I 111 11.58 -57.98 -24.63
CA GLN I 111 12.49 -56.86 -24.45
C GLN I 111 13.55 -56.78 -25.56
N THR I 112 13.14 -56.92 -26.82
CA THR I 112 13.92 -56.81 -28.03
C THR I 112 13.03 -56.09 -29.03
N ALA I 113 13.67 -55.41 -29.99
CA ALA I 113 12.93 -54.64 -31.00
C ALA I 113 12.04 -55.53 -31.84
N LYS I 114 12.57 -56.68 -32.27
CA LYS I 114 11.79 -57.62 -33.06
C LYS I 114 10.74 -58.30 -32.21
N GLY I 115 11.09 -58.66 -30.98
CA GLY I 115 10.15 -59.32 -30.10
C GLY I 115 8.97 -58.44 -29.71
N TRP I 116 9.22 -57.15 -29.45
CA TRP I 116 8.12 -56.26 -29.13
C TRP I 116 7.28 -55.97 -30.36
N ARG I 117 7.90 -55.96 -31.55
CA ARG I 117 7.11 -55.84 -32.78
C ARG I 117 6.21 -57.06 -33.00
N GLN I 118 6.73 -58.26 -32.72
CA GLN I 118 5.92 -59.48 -32.79
C GLN I 118 4.81 -59.46 -31.74
N PHE I 119 5.13 -58.97 -30.54
CA PHE I 119 4.15 -58.86 -29.46
C PHE I 119 3.03 -57.90 -29.83
N THR I 120 3.38 -56.77 -30.42
CA THR I 120 2.40 -55.78 -30.83
C THR I 120 1.52 -56.32 -31.94
N SER I 121 2.12 -57.08 -32.86
CA SER I 121 1.39 -57.75 -33.94
C SER I 121 0.37 -58.73 -33.39
N GLY I 122 0.82 -59.56 -32.43
CA GLY I 122 -0.06 -60.50 -31.77
C GLY I 122 -1.16 -59.83 -30.96
N TRP I 123 -0.80 -58.74 -30.27
CA TRP I 123 -1.77 -58.02 -29.44
C TRP I 123 -2.85 -57.38 -30.28
N LEU I 124 -2.50 -56.82 -31.45
CA LEU I 124 -3.52 -56.27 -32.34
C LEU I 124 -4.45 -57.35 -32.86
N VAL I 125 -3.89 -58.47 -33.33
CA VAL I 125 -4.71 -59.55 -33.88
C VAL I 125 -5.61 -60.14 -32.80
N GLY I 126 -5.04 -60.37 -31.62
CA GLY I 126 -5.80 -60.87 -30.49
C GLY I 126 -6.85 -59.90 -30.00
N SER I 127 -6.52 -58.61 -29.91
CA SER I 127 -7.45 -57.62 -29.40
C SER I 127 -8.62 -57.39 -30.33
N VAL I 128 -8.38 -57.31 -31.63
CA VAL I 128 -9.47 -57.21 -32.60
C VAL I 128 -10.31 -58.48 -32.59
N GLY I 129 -9.66 -59.66 -32.52
CA GLY I 129 -10.38 -60.91 -32.43
C GLY I 129 -11.18 -61.08 -31.15
N GLY I 130 -10.61 -60.72 -30.00
CA GLY I 130 -11.31 -60.77 -28.74
C GLY I 130 -12.48 -59.81 -28.68
N ALA I 131 -12.28 -58.60 -29.20
CA ALA I 131 -13.37 -57.62 -29.29
C ALA I 131 -14.47 -58.13 -30.19
N SER I 132 -14.09 -58.74 -31.32
CA SER I 132 -15.05 -59.34 -32.23
C SER I 132 -15.79 -60.48 -31.56
N PHE I 133 -15.08 -61.33 -30.81
CA PHE I 133 -15.68 -62.47 -30.09
C PHE I 133 -16.70 -62.00 -29.08
N ALA I 134 -16.36 -60.92 -28.36
CA ALA I 134 -17.30 -60.31 -27.43
C ALA I 134 -18.52 -59.78 -28.17
N TYR I 135 -18.32 -59.15 -29.34
CA TYR I 135 -19.45 -58.65 -30.13
C TYR I 135 -20.37 -59.78 -30.58
N ILE I 136 -19.79 -60.88 -31.06
CA ILE I 136 -20.56 -62.04 -31.54
C ILE I 136 -21.36 -62.65 -30.41
N LEU I 137 -20.71 -62.84 -29.26
CA LEU I 137 -21.35 -63.44 -28.09
C LEU I 137 -22.47 -62.57 -27.54
N ILE I 138 -22.22 -61.25 -27.34
CA ILE I 138 -23.25 -60.37 -26.80
C ILE I 138 -24.43 -60.27 -27.77
N SER I 139 -24.16 -60.19 -29.08
CA SER I 139 -25.24 -60.12 -30.08
C SER I 139 -26.11 -61.38 -30.06
N ASN I 140 -25.48 -62.55 -30.00
CA ASN I 140 -26.22 -63.81 -30.00
C ASN I 140 -27.01 -64.04 -28.71
N ILE I 141 -26.42 -63.73 -27.55
CA ILE I 141 -27.02 -64.05 -26.26
C ILE I 141 -27.80 -62.85 -25.74
N PRO I 142 -29.12 -62.95 -25.56
CA PRO I 142 -29.90 -61.85 -24.96
C PRO I 142 -29.50 -61.48 -23.54
N PHE I 143 -29.10 -62.47 -22.73
CA PHE I 143 -28.69 -62.24 -21.35
C PHE I 143 -27.47 -61.35 -21.27
N LEU I 144 -26.51 -61.53 -22.17
CA LEU I 144 -25.33 -60.66 -22.23
C LEU I 144 -25.70 -59.24 -22.66
N GLN I 145 -26.71 -59.09 -23.53
CA GLN I 145 -27.19 -57.78 -23.93
C GLN I 145 -27.74 -57.00 -22.75
N THR I 146 -28.45 -57.67 -21.86
CA THR I 146 -28.86 -57.06 -20.61
C THR I 146 -27.71 -57.13 -19.62
N ALA I 147 -27.89 -56.54 -18.43
CA ALA I 147 -26.85 -56.52 -17.43
C ALA I 147 -26.94 -57.70 -16.47
N GLY I 148 -27.62 -58.77 -16.88
CA GLY I 148 -27.94 -59.87 -16.01
C GLY I 148 -29.34 -59.81 -15.47
N MET I 149 -30.14 -58.83 -15.92
CA MET I 149 -31.51 -58.63 -15.50
C MET I 149 -32.52 -59.28 -16.43
N SER I 150 -32.04 -60.03 -17.43
CA SER I 150 -32.93 -60.75 -18.34
C SER I 150 -33.75 -61.80 -17.60
N MET I 151 -33.15 -62.45 -16.61
CA MET I 151 -33.88 -63.40 -15.76
C MET I 151 -34.99 -62.71 -14.99
N LEU I 152 -34.73 -61.51 -14.49
CA LEU I 152 -35.72 -60.71 -13.78
C LEU I 152 -36.82 -60.22 -14.71
N MET J 1 -22.91 -15.52 -49.79
CA MET J 1 -22.52 -16.79 -49.19
C MET J 1 -21.26 -17.29 -49.94
N ILE J 2 -20.55 -18.23 -49.31
CA ILE J 2 -19.25 -18.73 -49.77
C ILE J 2 -19.46 -20.09 -50.42
N SER J 3 -18.93 -20.29 -51.62
CA SER J 3 -19.11 -21.58 -52.26
C SER J 3 -18.16 -22.61 -51.69
N ASP J 4 -18.48 -23.88 -51.97
CA ASP J 4 -17.58 -24.97 -51.64
C ASP J 4 -16.28 -24.84 -52.42
N THR J 5 -16.37 -24.41 -53.68
CA THR J 5 -15.18 -24.10 -54.47
C THR J 5 -14.36 -22.98 -53.86
N GLN J 6 -15.00 -21.94 -53.29
CA GLN J 6 -14.27 -20.86 -52.63
C GLN J 6 -13.54 -21.34 -51.39
N ILE J 7 -14.19 -22.21 -50.60
CA ILE J 7 -13.55 -22.85 -49.46
C ILE J 7 -12.38 -23.71 -49.91
N PHE J 8 -12.52 -24.39 -51.06
CA PHE J 8 -11.42 -25.22 -51.56
C PHE J 8 -10.23 -24.38 -52.02
N ILE J 9 -10.49 -23.19 -52.58
CA ILE J 9 -9.41 -22.25 -52.90
C ILE J 9 -8.70 -21.79 -51.63
N ALA J 10 -9.46 -21.50 -50.58
CA ALA J 10 -8.87 -21.13 -49.30
C ALA J 10 -8.04 -22.27 -48.72
N LEU J 11 -8.51 -23.50 -48.84
CA LEU J 11 -7.78 -24.68 -48.38
C LEU J 11 -6.52 -24.93 -49.19
N ILE J 12 -6.55 -24.66 -50.51
CA ILE J 12 -5.34 -24.74 -51.35
C ILE J 12 -4.30 -23.72 -50.89
N LEU J 13 -4.73 -22.47 -50.68
CA LEU J 13 -3.78 -21.43 -50.27
C LEU J 13 -3.25 -21.68 -48.85
N ALA J 14 -4.06 -22.26 -47.97
CA ALA J 14 -3.57 -22.61 -46.65
C ALA J 14 -2.64 -23.82 -46.69
N LEU J 15 -2.84 -24.75 -47.62
CA LEU J 15 -1.87 -25.82 -47.79
C LEU J 15 -0.53 -25.29 -48.27
N VAL J 16 -0.56 -24.33 -49.21
CA VAL J 16 0.66 -23.68 -49.67
C VAL J 16 1.34 -22.95 -48.51
N SER J 17 0.53 -22.34 -47.64
CA SER J 17 1.07 -21.70 -46.44
C SER J 17 1.62 -22.74 -45.45
N LEU J 18 1.00 -23.92 -45.37
CA LEU J 18 1.54 -24.99 -44.52
C LEU J 18 2.88 -25.49 -45.01
N VAL J 19 3.03 -25.65 -46.33
CA VAL J 19 4.30 -26.11 -46.90
C VAL J 19 5.39 -25.08 -46.69
N LEU J 20 5.06 -23.80 -46.84
CA LEU J 20 6.02 -22.74 -46.57
C LEU J 20 6.33 -22.64 -45.08
N ALA J 21 5.37 -22.97 -44.22
CA ALA J 21 5.61 -23.03 -42.78
C ALA J 21 6.54 -24.18 -42.40
N ILE J 22 6.37 -25.33 -43.03
CA ILE J 22 7.26 -26.47 -42.83
C ILE J 22 8.68 -26.11 -43.27
N ARG J 23 8.78 -25.45 -44.41
CA ARG J 23 10.08 -25.09 -44.96
C ARG J 23 10.80 -24.04 -44.10
N LEU J 24 10.05 -23.07 -43.55
CA LEU J 24 10.63 -22.11 -42.61
C LEU J 24 11.02 -22.79 -41.29
N GLY J 25 10.18 -23.68 -40.77
CA GLY J 25 10.50 -24.34 -39.52
C GLY J 25 11.71 -25.25 -39.63
N ARG J 26 11.87 -25.92 -40.77
CA ARG J 26 13.05 -26.74 -41.00
C ARG J 26 14.29 -25.88 -41.18
N ALA J 27 14.14 -24.73 -41.84
CA ALA J 27 15.28 -23.81 -42.01
C ALA J 27 15.71 -23.19 -40.68
N LEU J 28 14.75 -22.77 -39.85
CA LEU J 28 15.06 -22.24 -38.51
C LEU J 28 15.65 -23.31 -37.60
N TYR J 29 15.15 -24.54 -37.68
CA TYR J 29 15.70 -25.65 -36.90
C TYR J 29 17.09 -26.06 -37.37
N GLN J 30 17.43 -25.74 -38.62
CA GLN J 30 18.67 -25.92 -39.42
C GLN J 30 18.58 -27.24 -40.18
N VAL K 10 -38.34 -54.30 29.80
CA VAL K 10 -37.34 -54.27 30.86
C VAL K 10 -37.09 -55.69 31.36
N PRO K 11 -35.81 -56.05 31.51
CA PRO K 11 -35.45 -57.34 32.10
C PRO K 11 -36.00 -57.51 33.51
N GLN K 12 -36.44 -58.72 33.80
CA GLN K 12 -37.11 -59.03 35.06
C GLN K 12 -36.05 -59.39 36.08
N THR K 13 -35.88 -58.55 37.09
CA THR K 13 -34.99 -58.87 38.20
C THR K 13 -35.87 -59.10 39.44
N VAL K 14 -35.29 -59.66 40.49
CA VAL K 14 -35.98 -60.08 41.70
C VAL K 14 -35.34 -59.46 42.93
N ALA K 15 -36.13 -59.36 43.99
CA ALA K 15 -35.60 -59.06 45.31
C ALA K 15 -34.68 -60.19 45.77
N TRP K 16 -33.78 -59.84 46.69
CA TRP K 16 -32.76 -60.76 47.18
C TRP K 16 -33.38 -61.95 47.90
N SER K 17 -32.93 -63.13 47.54
CA SER K 17 -33.32 -64.36 48.18
C SER K 17 -32.06 -65.17 48.40
N ALA K 18 -32.21 -66.31 49.09
CA ALA K 18 -31.10 -67.23 49.30
C ALA K 18 -30.56 -67.82 48.00
N LYS K 19 -31.37 -67.85 46.94
CA LYS K 19 -30.89 -68.29 45.62
C LYS K 19 -29.90 -67.29 45.02
N THR K 20 -30.19 -65.99 45.15
CA THR K 20 -29.26 -64.94 44.77
C THR K 20 -27.96 -65.05 45.57
N GLY K 21 -28.10 -65.29 46.88
CA GLY K 21 -26.95 -65.56 47.73
C GLY K 21 -26.14 -66.77 47.29
N ALA K 22 -26.82 -67.83 46.86
CA ALA K 22 -26.17 -69.01 46.33
C ALA K 22 -25.34 -68.69 45.09
N VAL K 23 -25.91 -67.93 44.16
CA VAL K 23 -25.17 -67.53 42.95
C VAL K 23 -23.95 -66.67 43.30
N MET K 24 -24.12 -65.68 44.19
CA MET K 24 -22.99 -64.84 44.60
C MET K 24 -21.88 -65.63 45.28
N VAL K 25 -22.26 -66.50 46.23
CA VAL K 25 -21.29 -67.33 46.94
C VAL K 25 -20.55 -68.25 45.97
N LEU K 26 -21.29 -68.95 45.09
CA LEU K 26 -20.71 -69.82 44.07
C LEU K 26 -19.73 -69.09 43.16
N SER K 27 -20.13 -67.93 42.64
CA SER K 27 -19.27 -67.13 41.78
C SER K 27 -18.01 -66.66 42.51
N ASN K 28 -18.17 -66.26 43.77
CA ASN K 28 -17.02 -65.83 44.57
C ASN K 28 -16.01 -66.96 44.76
N ILE K 29 -16.49 -68.16 45.18
CA ILE K 29 -15.61 -69.32 45.37
C ILE K 29 -14.95 -69.75 44.06
N LEU K 30 -15.72 -69.75 42.96
CA LEU K 30 -15.21 -70.02 41.62
C LEU K 30 -14.06 -69.09 41.28
N CYS K 31 -14.21 -67.81 41.62
CA CYS K 31 -13.13 -66.88 41.37
C CYS K 31 -11.96 -67.02 42.36
N ILE K 32 -12.20 -67.45 43.61
CA ILE K 32 -11.08 -67.73 44.54
C ILE K 32 -10.20 -68.82 43.98
N VAL K 33 -10.82 -69.90 43.51
CA VAL K 33 -10.08 -71.03 42.95
C VAL K 33 -9.39 -70.63 41.65
N ALA K 34 -10.09 -69.87 40.81
CA ALA K 34 -9.52 -69.37 39.57
C ALA K 34 -8.32 -68.47 39.84
N GLY K 35 -8.43 -67.56 40.81
CA GLY K 35 -7.32 -66.72 41.21
C GLY K 35 -6.14 -67.49 41.78
N ARG K 36 -6.40 -68.60 42.48
CA ARG K 36 -5.30 -69.47 42.88
C ARG K 36 -4.63 -70.14 41.70
N TYR K 37 -5.33 -70.29 40.58
CA TYR K 37 -4.71 -70.96 39.44
C TYR K 37 -4.06 -69.99 38.46
N VAL K 38 -4.64 -68.82 38.23
CA VAL K 38 -4.31 -68.01 37.07
C VAL K 38 -3.61 -66.69 37.38
N ILE K 39 -3.58 -66.23 38.64
CA ILE K 39 -2.87 -65.00 38.95
C ILE K 39 -1.37 -65.27 38.89
N GLN K 40 -0.68 -64.64 37.94
CA GLN K 40 0.70 -65.00 37.65
C GLN K 40 1.70 -64.48 38.69
N VAL K 41 1.44 -63.31 39.27
CA VAL K 41 2.34 -62.75 40.29
C VAL K 41 1.57 -62.72 41.61
N LYS K 42 2.12 -63.36 42.62
CA LYS K 42 1.48 -63.38 43.94
C LYS K 42 2.44 -62.87 45.00
N SER K 51 -0.45 -77.41 50.05
CA SER K 51 -0.99 -76.10 50.37
C SER K 51 -1.48 -75.41 49.10
N GLY K 52 -2.63 -75.87 48.59
CA GLY K 52 -3.18 -75.30 47.37
C GLY K 52 -3.61 -73.86 47.54
N SER K 53 -4.25 -73.55 48.67
CA SER K 53 -4.66 -72.19 49.00
C SER K 53 -3.91 -71.63 50.20
N PHE K 54 -2.99 -72.38 50.78
CA PHE K 54 -2.20 -71.90 51.90
C PHE K 54 -0.77 -71.54 51.49
N ALA K 55 -0.51 -71.44 50.19
CA ALA K 55 0.79 -70.99 49.69
C ALA K 55 0.60 -69.67 48.98
N GLY K 56 1.28 -68.63 49.48
CA GLY K 56 1.32 -67.33 48.83
C GLY K 56 -0.01 -66.61 48.72
N PHE K 57 -0.99 -67.03 49.52
CA PHE K 57 -2.34 -66.41 49.49
C PHE K 57 -2.33 -65.11 50.31
N GLY K 58 -2.44 -63.97 49.64
CA GLY K 58 -2.40 -62.68 50.35
C GLY K 58 -3.74 -61.97 50.30
N LEU K 59 -3.86 -60.85 51.02
CA LEU K 59 -5.11 -60.03 50.98
C LEU K 59 -5.38 -59.54 49.54
N PRO K 60 -4.46 -58.88 48.79
CA PRO K 60 -4.71 -58.50 47.40
C PRO K 60 -5.31 -59.63 46.54
N GLU K 61 -4.76 -60.84 46.63
CA GLU K 61 -5.26 -61.96 45.85
C GLU K 61 -6.70 -62.29 46.18
N LEU K 62 -7.02 -62.32 47.49
CA LEU K 62 -8.38 -62.55 47.95
C LEU K 62 -9.29 -61.43 47.49
N LEU K 63 -8.85 -60.18 47.70
CA LEU K 63 -9.64 -58.99 47.37
C LEU K 63 -9.92 -58.94 45.87
N ALA K 64 -8.91 -59.24 45.04
CA ALA K 64 -9.07 -59.26 43.59
C ALA K 64 -10.04 -60.32 43.14
N SER K 65 -9.92 -61.52 43.73
CA SER K 65 -10.79 -62.65 43.32
C SER K 65 -12.24 -62.41 43.74
N THR K 66 -12.47 -61.89 44.95
CA THR K 66 -13.85 -61.57 45.36
C THR K 66 -14.38 -60.36 44.58
N SER K 67 -13.49 -59.47 44.13
CA SER K 67 -13.93 -58.36 43.26
C SER K 67 -14.49 -58.95 41.97
N LEU K 68 -13.73 -59.86 41.35
CA LEU K 68 -14.20 -60.55 40.12
C LEU K 68 -15.42 -61.41 40.46
N GLY K 69 -15.42 -62.05 41.62
CA GLY K 69 -16.56 -62.89 42.05
C GLY K 69 -17.84 -62.08 42.12
N HIS K 70 -17.74 -60.82 42.54
CA HIS K 70 -18.93 -59.94 42.59
C HIS K 70 -19.30 -59.51 41.16
N ILE K 71 -18.30 -59.17 40.34
CA ILE K 71 -18.55 -58.83 38.91
C ILE K 71 -19.24 -60.02 38.24
N VAL K 72 -18.61 -61.20 38.28
CA VAL K 72 -19.16 -62.42 37.64
C VAL K 72 -20.52 -62.73 38.28
N GLY K 73 -20.60 -62.72 39.61
CA GLY K 73 -21.86 -63.01 40.31
C GLY K 73 -22.98 -62.09 39.88
N SER K 74 -22.72 -60.77 39.85
CA SER K 74 -23.74 -59.80 39.42
C SER K 74 -24.13 -60.08 37.97
N GLY K 75 -23.15 -60.27 37.08
CA GLY K 75 -23.51 -60.59 35.70
C GLY K 75 -24.34 -61.85 35.59
N ALA K 76 -23.99 -62.88 36.35
CA ALA K 76 -24.71 -64.14 36.36
C ALA K 76 -26.12 -63.96 36.91
N ILE K 77 -26.28 -63.22 38.01
CA ILE K 77 -27.60 -62.98 38.59
C ILE K 77 -28.49 -62.21 37.65
N LEU K 78 -27.96 -61.14 37.04
CA LEU K 78 -28.77 -60.36 36.11
C LEU K 78 -29.15 -61.16 34.87
N GLY K 79 -28.24 -61.99 34.36
CA GLY K 79 -28.57 -62.84 33.23
C GLY K 79 -29.55 -63.96 33.55
N LEU K 80 -29.36 -64.63 34.69
CA LEU K 80 -30.26 -65.71 35.08
C LEU K 80 -31.63 -65.17 35.48
N SER K 81 -31.67 -63.94 35.97
CA SER K 81 -32.96 -63.28 36.18
C SER K 81 -33.59 -62.89 34.84
N TYR K 82 -32.77 -62.51 33.86
CA TYR K 82 -33.28 -62.16 32.53
C TYR K 82 -33.93 -63.36 31.87
N VAL K 83 -33.28 -64.52 31.93
CA VAL K 83 -33.78 -65.66 31.18
C VAL K 83 -34.82 -66.46 31.95
N GLY K 84 -34.93 -66.26 33.26
CA GLY K 84 -35.95 -66.91 34.04
C GLY K 84 -35.43 -67.92 35.04
N VAL K 85 -34.16 -68.33 34.93
CA VAL K 85 -33.59 -69.36 35.79
C VAL K 85 -33.62 -68.93 37.25
N LEU K 86 -33.32 -67.65 37.50
CA LEU K 86 -33.26 -67.03 38.82
C LEU K 86 -32.41 -67.85 39.80
N ASP L 89 25.71 4.21 32.21
CA ASP L 89 24.31 4.32 32.62
C ASP L 89 23.80 5.74 32.45
N THR L 90 22.50 5.85 32.25
CA THR L 90 21.81 7.12 32.13
C THR L 90 20.75 7.21 33.21
N THR L 91 20.71 8.36 33.90
CA THR L 91 19.76 8.56 35.00
C THR L 91 18.31 8.51 34.50
N GLY L 92 18.05 9.06 33.32
CA GLY L 92 16.70 9.14 32.81
C GLY L 92 16.17 10.52 33.11
N PHE L 93 15.77 11.26 32.07
CA PHE L 93 15.40 12.69 32.11
C PHE L 93 16.50 13.56 32.71
N SER L 94 17.76 13.09 32.67
CA SER L 94 18.88 13.79 33.28
C SER L 94 19.15 15.08 32.56
N GLY L 95 19.00 15.06 31.25
CA GLY L 95 19.18 16.23 30.47
C GLY L 95 20.58 16.48 29.99
N VAL L 96 21.53 15.62 30.31
CA VAL L 96 22.88 15.73 29.78
C VAL L 96 22.87 14.98 28.45
N PRO L 97 23.15 15.67 27.33
CA PRO L 97 23.00 15.06 25.99
C PRO L 97 23.89 13.86 25.73
N SER L 98 25.09 13.86 26.29
CA SER L 98 26.04 12.75 26.13
C SER L 98 25.46 11.45 26.67
N GLN L 99 24.72 11.52 27.77
CA GLN L 99 24.09 10.36 28.38
C GLN L 99 23.06 9.71 27.45
N PHE L 100 22.33 10.53 26.69
CA PHE L 100 21.30 10.06 25.78
C PHE L 100 21.79 9.92 24.35
N ALA L 101 23.10 10.08 24.12
CA ALA L 101 23.76 10.02 22.81
C ALA L 101 23.17 11.03 21.83
N ARG L 102 22.87 12.22 22.33
CA ARG L 102 22.35 13.29 21.51
C ARG L 102 23.47 14.28 21.24
N PRO L 103 23.55 14.83 20.02
CA PRO L 103 24.63 15.77 19.70
C PRO L 103 24.56 17.02 20.56
N GLU L 104 25.72 17.45 21.02
CA GLU L 104 25.82 18.55 21.96
C GLU L 104 26.75 19.60 21.38
N SER L 105 26.38 20.87 21.60
CA SER L 105 27.22 21.99 21.17
C SER L 105 28.57 21.95 21.86
N GLY L 106 28.59 21.56 23.14
CA GLY L 106 29.80 21.49 23.95
C GLY L 106 30.21 22.83 24.53
N VAL L 107 29.80 23.90 23.87
CA VAL L 107 30.11 25.26 24.28
C VAL L 107 29.01 25.63 25.26
N TYR L 108 29.30 25.51 26.55
CA TYR L 108 28.30 25.77 27.58
C TYR L 108 28.62 27.11 28.20
N PRO L 109 27.78 28.12 28.00
CA PRO L 109 28.11 29.48 28.43
C PRO L 109 28.11 29.63 29.94
N ALA L 110 29.06 30.42 30.43
CA ALA L 110 29.09 30.79 31.83
C ALA L 110 27.88 31.67 32.13
N GLU L 111 27.37 31.59 33.36
CA GLU L 111 26.12 32.33 33.70
C GLU L 111 26.43 33.61 34.47
N PRO L 112 26.33 34.81 33.85
CA PRO L 112 26.51 36.06 34.58
C PRO L 112 25.34 36.24 35.57
N THR L 113 25.61 36.79 36.75
CA THR L 113 24.56 36.97 37.78
C THR L 113 23.79 38.27 37.53
N GLU L 114 24.26 39.09 36.59
CA GLU L 114 23.60 40.39 36.28
C GLU L 114 22.18 40.13 35.81
N GLN L 115 21.24 41.03 36.16
CA GLN L 115 19.83 40.88 35.73
C GLN L 115 19.29 42.22 35.24
N THR L 116 18.47 42.21 34.19
CA THR L 116 17.82 43.48 33.74
C THR L 116 16.38 43.47 34.27
N PHE L 117 15.74 44.65 34.38
CA PHE L 117 14.41 44.73 34.96
C PHE L 117 13.34 44.04 34.10
N LEU L 118 13.38 44.15 32.77
CA LEU L 118 12.37 43.44 31.99
C LEU L 118 12.94 42.33 31.14
N GLY L 119 14.08 41.79 31.57
CA GLY L 119 14.74 40.69 30.90
C GLY L 119 15.24 39.71 31.92
N MET L 120 15.75 38.59 31.45
CA MET L 120 16.20 37.53 32.32
C MET L 120 17.71 37.52 32.49
N ARG L 121 18.15 36.89 33.56
CA ARG L 121 19.58 36.66 33.76
C ARG L 121 20.03 35.56 32.80
N GLY L 122 21.12 35.83 32.10
CA GLY L 122 21.61 34.93 31.09
C GLY L 122 22.94 35.37 30.54
N PRO L 123 23.52 34.55 29.68
CA PRO L 123 24.73 34.94 28.96
C PRO L 123 24.42 36.10 28.05
N ARG L 124 25.23 37.15 28.11
CA ARG L 124 25.03 38.35 27.30
C ARG L 124 26.37 38.79 26.74
N ALA L 125 26.31 39.59 25.68
CA ALA L 125 27.48 40.11 25.00
C ALA L 125 28.22 41.11 25.90
N PRO L 126 29.52 41.34 25.66
CA PRO L 126 30.24 42.31 26.50
C PRO L 126 29.70 43.72 26.34
N GLY L 127 29.42 44.37 27.47
CA GLY L 127 28.88 45.71 27.46
C GLY L 127 27.37 45.78 27.27
N HIS L 128 26.71 44.64 27.13
CA HIS L 128 25.27 44.59 26.89
C HIS L 128 24.47 45.07 28.09
N ARG L 129 24.83 44.61 29.29
CA ARG L 129 24.09 44.97 30.50
C ARG L 129 24.23 46.45 30.84
N GLU L 130 25.41 47.02 30.64
CA GLU L 130 25.59 48.44 30.90
C GLU L 130 24.76 49.30 29.96
N ASN L 131 24.80 48.99 28.67
CA ASN L 131 24.05 49.75 27.68
C ASN L 131 22.55 49.46 27.74
N PHE L 132 22.17 48.20 27.88
CA PHE L 132 20.78 47.79 27.76
C PHE L 132 20.38 46.93 28.95
N GLY L 133 20.52 47.49 30.14
CA GLY L 133 20.16 46.77 31.34
C GLY L 133 19.00 47.41 32.04
N GLY L 134 19.03 47.41 33.37
CA GLY L 134 17.93 47.93 34.17
C GLY L 134 17.64 49.39 33.91
N LYS L 135 18.70 50.19 33.73
CA LYS L 135 18.54 51.62 33.48
C LYS L 135 17.81 51.85 32.16
N HIS L 136 18.21 51.12 31.12
CA HIS L 136 17.60 51.25 29.81
C HIS L 136 16.14 50.81 29.83
N THR L 137 15.85 49.61 30.36
CA THR L 137 14.49 49.10 30.29
C THR L 137 13.54 49.92 31.15
N ALA L 138 13.97 50.35 32.34
CA ALA L 138 13.11 51.16 33.20
C ALA L 138 12.85 52.53 32.58
N THR L 139 13.90 53.19 32.04
CA THR L 139 13.73 54.48 31.39
C THR L 139 12.86 54.38 30.14
N MET L 140 13.08 53.37 29.30
CA MET L 140 12.30 53.22 28.09
C MET L 140 10.86 52.82 28.39
N LEU L 141 10.64 52.03 29.44
CA LEU L 141 9.29 51.74 29.90
C LEU L 141 8.59 53.00 30.39
N ALA L 142 9.33 53.85 31.10
CA ALA L 142 8.82 55.13 31.56
C ALA L 142 8.45 56.05 30.41
N ILE L 143 9.34 56.13 29.41
CA ILE L 143 9.12 56.97 28.23
C ILE L 143 7.94 56.47 27.43
N ALA L 144 7.82 55.15 27.29
CA ALA L 144 6.68 54.56 26.60
C ALA L 144 5.38 54.83 27.34
N ALA L 145 5.40 54.79 28.66
CA ALA L 145 4.23 55.12 29.46
C ALA L 145 3.84 56.59 29.31
N LEU L 146 4.82 57.50 29.30
CA LEU L 146 4.55 58.91 29.05
C LEU L 146 4.03 59.16 27.65
N LEU L 147 4.63 58.53 26.65
CA LEU L 147 4.20 58.63 25.26
C LEU L 147 2.85 57.96 25.02
N TRP L 148 2.42 57.09 25.93
CA TRP L 148 1.14 56.41 25.77
C TRP L 148 -0.03 57.35 26.04
N GLN L 149 0.17 58.32 26.93
CA GLN L 149 -0.91 59.22 27.32
C GLN L 149 -1.46 60.05 26.15
N PRO L 150 -0.62 60.66 25.26
CA PRO L 150 -1.20 61.20 24.01
C PRO L 150 -1.78 60.13 23.11
N VAL L 151 -1.12 58.96 23.05
CA VAL L 151 -1.54 57.85 22.20
C VAL L 151 -2.91 57.33 22.64
N SER L 152 -3.16 57.26 23.94
CA SER L 152 -4.47 56.86 24.44
C SER L 152 -5.50 57.92 24.10
N GLU L 153 -5.12 59.20 24.22
CA GLU L 153 -6.05 60.27 23.91
C GLU L 153 -5.93 60.72 22.46
N ALA L 154 -5.54 59.82 21.55
CA ALA L 154 -5.33 60.18 20.16
C ALA L 154 -6.65 60.47 19.48
N GLY L 155 -6.70 61.59 18.78
CA GLY L 155 -7.90 62.02 18.12
C GLY L 155 -7.82 63.49 17.79
N MET L 156 -8.64 63.88 16.83
CA MET L 156 -8.72 65.26 16.38
C MET L 156 -9.70 65.96 17.31
N TYR L 157 -9.18 66.80 18.19
CA TYR L 157 -10.01 67.56 19.10
C TYR L 157 -10.19 68.94 18.50
N ARG L 158 -11.39 69.21 18.00
CA ARG L 158 -11.66 70.52 17.41
C ARG L 158 -12.69 71.25 18.25
N MET L 159 -12.39 72.49 18.62
CA MET L 159 -13.29 73.29 19.42
C MET L 159 -14.34 73.90 18.51
N GLY L 160 -15.60 73.85 18.94
CA GLY L 160 -16.68 74.45 18.19
C GLY L 160 -16.77 75.93 18.52
N ALA L 161 -17.89 76.55 18.13
CA ALA L 161 -18.12 77.95 18.48
C ALA L 161 -18.15 78.12 19.99
N ASP L 162 -18.80 77.19 20.67
CA ASP L 162 -18.80 77.14 22.12
C ASP L 162 -17.48 76.50 22.56
N GLY L 163 -17.18 76.55 23.85
CA GLY L 163 -15.94 76.00 24.36
C GLY L 163 -15.80 74.49 24.17
N ALA L 164 -16.94 73.79 24.00
CA ALA L 164 -16.97 72.34 23.87
C ALA L 164 -16.16 71.90 22.65
N LEU L 165 -15.41 70.83 22.82
CA LEU L 165 -14.54 70.29 21.79
C LEU L 165 -15.01 68.90 21.39
N THR L 166 -14.87 68.58 20.11
CA THR L 166 -15.35 67.32 19.55
C THR L 166 -14.18 66.43 19.18
N LYS L 167 -14.18 65.20 19.70
CA LYS L 167 -13.16 64.20 19.38
C LYS L 167 -13.59 63.44 18.14
N SER L 168 -12.78 63.51 17.11
CA SER L 168 -12.99 62.82 15.85
C SER L 168 -11.78 61.94 15.58
N SER L 169 -11.98 60.89 14.79
CA SER L 169 -10.85 60.03 14.45
C SER L 169 -9.87 60.77 13.55
N PHE L 170 -8.61 60.35 13.59
CA PHE L 170 -7.59 60.92 12.70
C PHE L 170 -7.78 60.49 11.25
N SER L 171 -8.63 59.48 11.00
CA SER L 171 -9.02 59.09 9.64
C SER L 171 -9.71 60.22 8.89
N ASN L 172 -10.42 61.09 9.62
CA ASN L 172 -11.09 62.25 9.03
C ASN L 172 -10.10 63.21 8.38
N MET L 173 -8.86 63.26 8.87
CA MET L 173 -7.84 64.13 8.31
C MET L 173 -7.36 63.61 6.96
N GLU L 174 -7.97 64.12 5.88
CA GLU L 174 -7.59 63.69 4.53
C GLU L 174 -6.25 64.29 4.13
N VAL L 175 -5.50 63.56 3.32
CA VAL L 175 -4.18 63.99 2.87
C VAL L 175 -4.26 64.41 1.41
N PRO L 176 -3.68 65.56 1.04
CA PRO L 176 -3.86 66.09 -0.32
C PRO L 176 -3.17 65.33 -1.46
N GLY L 177 -1.93 64.88 -1.30
CA GLY L 177 -1.21 64.44 -2.48
C GLY L 177 -1.02 62.99 -2.84
N PHE L 178 -1.77 62.09 -2.22
CA PHE L 178 -1.54 60.66 -2.38
C PHE L 178 -2.59 59.98 -3.25
N GLY L 179 -3.19 60.73 -4.18
CA GLY L 179 -4.12 60.18 -5.16
C GLY L 179 -5.38 59.64 -4.54
N ASN L 180 -5.65 58.36 -4.77
CA ASN L 180 -6.87 57.74 -4.26
C ASN L 180 -6.79 57.51 -2.75
N MET L 181 -5.59 57.62 -2.18
CA MET L 181 -5.42 57.51 -0.73
C MET L 181 -5.72 58.88 -0.13
N LYS L 182 -7.02 59.14 0.03
CA LYS L 182 -7.43 60.39 0.65
C LYS L 182 -7.35 60.23 2.16
N LYS L 183 -7.96 59.19 2.70
CA LYS L 183 -7.79 58.91 4.11
C LYS L 183 -6.44 58.25 4.29
N ALA L 184 -5.75 58.62 5.36
CA ALA L 184 -4.38 58.17 5.53
C ALA L 184 -4.26 57.28 6.75
N PRO L 185 -3.38 56.26 6.70
CA PRO L 185 -3.08 55.49 7.91
C PRO L 185 -2.49 56.38 8.99
N THR L 186 -2.96 56.23 10.22
CA THR L 186 -2.53 57.17 11.29
C THR L 186 -2.11 56.43 12.56
N ILE L 187 -1.96 57.14 13.68
CA ILE L 187 -1.54 56.53 14.97
C ILE L 187 -2.64 55.60 15.47
N GLU L 188 -3.90 55.93 15.20
CA GLU L 188 -5.05 55.08 15.60
C GLU L 188 -4.98 53.74 14.86
N SER L 189 -4.41 53.72 13.66
CA SER L 189 -4.23 52.44 12.93
C SER L 189 -3.33 51.51 13.76
N LEU L 190 -2.30 52.06 14.41
CA LEU L 190 -1.35 51.23 15.20
C LEU L 190 -1.96 50.95 16.58
N PHE L 191 -2.82 51.85 17.08
CA PHE L 191 -3.43 51.68 18.39
C PHE L 191 -4.95 51.81 18.27
N PRO L 192 -5.65 50.77 17.73
CA PRO L 192 -7.11 50.91 17.49
C PRO L 192 -7.99 50.61 18.69
N PHE L 193 -7.95 51.51 19.69
CA PHE L 193 -8.75 51.35 20.89
C PHE L 193 -10.24 51.44 20.58
N ALA L 194 -10.62 52.42 19.75
CA ALA L 194 -12.02 52.69 19.42
C ALA L 194 -12.67 51.55 18.64
N LYS L 195 -11.95 50.98 17.65
CA LYS L 195 -12.44 49.83 16.88
C LYS L 195 -12.81 48.66 17.78
N ASN L 196 -11.96 48.36 18.76
CA ASN L 196 -12.22 47.26 19.66
C ASN L 196 -13.09 47.69 20.83
N GLY L 197 -13.51 48.95 20.87
CA GLY L 197 -14.33 49.46 21.96
C GLY L 197 -13.61 49.46 23.29
N PHE L 198 -12.31 49.77 23.29
CA PHE L 198 -11.54 49.81 24.57
C PHE L 198 -11.71 51.16 25.24
N ASP L 199 -11.65 52.26 24.49
CA ASP L 199 -11.72 53.63 25.09
C ASP L 199 -10.56 53.78 26.08
N ALA L 200 -9.34 53.97 25.57
CA ALA L 200 -8.15 54.03 26.46
C ALA L 200 -8.08 55.36 27.21
N SER L 201 -7.48 55.33 28.40
CA SER L 201 -7.29 56.57 29.19
C SER L 201 -5.78 56.75 29.36
N PRO L 202 -5.26 57.95 29.69
CA PRO L 202 -3.82 58.10 29.95
C PRO L 202 -3.30 57.09 30.98
N ALA L 203 -4.14 56.73 31.96
CA ALA L 203 -3.74 55.76 33.01
C ALA L 203 -4.22 54.35 32.66
N LEU L 204 -4.53 54.06 31.38
CA LEU L 204 -5.07 52.74 30.92
C LEU L 204 -6.54 52.61 31.33
N PHE L 205 -7.29 51.71 30.69
CA PHE L 205 -8.74 51.51 30.99
C PHE L 205 -9.49 52.82 30.69
N GLY L 206 -10.36 53.28 31.60
CA GLY L 206 -11.02 54.57 31.36
C GLY L 206 -12.46 54.54 31.81
N LYS L 207 -13.12 55.71 31.89
CA LYS L 207 -14.56 55.77 32.27
C LYS L 207 -15.30 54.71 31.45
N GLY L 208 -15.22 54.79 30.12
CA GLY L 208 -15.79 53.72 29.30
C GLY L 208 -14.86 52.53 29.36
N SER L 209 -15.35 51.39 29.85
CA SER L 209 -14.51 50.16 30.02
C SER L 209 -13.47 50.34 31.13
N MET L 210 -13.88 50.19 32.40
CA MET L 210 -12.93 50.27 33.54
C MET L 210 -12.97 48.92 34.26
N ILE L 211 -11.99 48.65 35.15
CA ILE L 211 -11.92 47.34 35.87
C ILE L 211 -13.24 47.10 36.63
N VAL L 212 -13.78 45.88 36.56
CA VAL L 212 -15.05 45.55 37.25
C VAL L 212 -14.74 44.83 38.57
N VAL L 213 -14.92 45.52 39.70
CA VAL L 213 -14.64 44.92 41.01
C VAL L 213 -15.99 44.64 41.66
N GLU L 214 -16.23 43.38 42.04
CA GLU L 214 -17.51 43.00 42.60
C GLU L 214 -17.29 42.21 43.88
N ASP L 215 -18.24 42.28 44.82
CA ASP L 215 -18.10 41.60 46.11
C ASP L 215 -18.65 40.18 46.01
N PRO L 216 -17.80 39.15 46.08
CA PRO L 216 -18.30 37.77 46.03
C PRO L 216 -19.11 37.39 47.24
N ARG L 217 -18.82 38.04 48.37
CA ARG L 217 -19.49 37.77 49.64
C ARG L 217 -20.97 38.05 49.57
N ASP L 218 -21.39 39.02 48.76
CA ASP L 218 -22.80 39.39 48.50
C ASP L 218 -23.50 39.89 49.77
N GLY L 219 -22.78 40.65 50.58
CA GLY L 219 -23.30 41.33 51.76
C GLY L 219 -23.90 40.47 52.86
N CYS L 220 -23.30 39.31 53.11
CA CYS L 220 -23.71 38.44 54.21
C CYS L 220 -22.47 37.90 54.91
N GLY L 221 -22.65 37.46 56.15
CA GLY L 221 -21.54 37.05 57.00
C GLY L 221 -21.02 35.64 56.78
N ALA L 222 -19.90 35.35 57.44
CA ALA L 222 -19.26 34.04 57.38
C ALA L 222 -20.10 32.95 58.00
N TYR L 223 -20.86 33.27 59.05
CA TYR L 223 -21.67 32.28 59.75
C TYR L 223 -22.92 33.03 60.22
N ALA L 224 -23.85 32.30 60.85
CA ALA L 224 -25.09 32.83 61.46
C ALA L 224 -25.95 33.61 60.45
N ASN L 225 -26.25 32.98 59.31
CA ASN L 225 -26.98 33.65 58.24
C ASN L 225 -28.39 33.08 58.06
N SER L 226 -29.19 33.78 57.23
CA SER L 226 -30.57 33.43 56.92
C SER L 226 -30.66 32.52 55.70
N GLY L 227 -31.85 32.39 55.12
CA GLY L 227 -32.05 31.53 53.96
C GLY L 227 -31.27 31.95 52.72
N ALA L 228 -31.16 33.27 52.49
CA ALA L 228 -30.50 33.81 51.31
C ALA L 228 -29.02 33.41 51.23
N CYS L 229 -28.35 33.31 52.36
CA CYS L 229 -26.94 32.94 52.43
C CYS L 229 -26.77 31.64 53.20
N HIS L 230 -26.26 30.63 52.53
CA HIS L 230 -25.89 29.42 53.26
C HIS L 230 -24.39 29.23 53.04
N THR L 231 -23.58 29.60 54.02
CA THR L 231 -22.14 29.47 53.88
C THR L 231 -21.72 28.03 54.15
N PHE L 232 -20.44 27.76 53.86
CA PHE L 232 -19.86 26.45 54.12
C PHE L 232 -19.88 26.13 55.61
N LEU L 233 -19.57 27.14 56.44
CA LEU L 233 -19.62 27.00 57.89
C LEU L 233 -21.04 26.83 58.37
N ASP L 234 -22.01 27.44 57.68
CA ASP L 234 -23.42 27.20 57.97
C ASP L 234 -23.79 25.76 57.70
N GLU L 235 -23.23 25.17 56.65
CA GLU L 235 -23.45 23.75 56.38
C GLU L 235 -22.85 22.89 57.50
N ILE L 236 -21.70 23.32 58.03
CA ILE L 236 -21.09 22.59 59.18
C ILE L 236 -22.05 22.71 60.36
N GLY L 237 -22.56 23.92 60.63
CA GLY L 237 -23.51 24.12 61.73
C GLY L 237 -24.81 23.36 61.50
N ASP L 238 -25.32 23.36 60.27
CA ASP L 238 -26.54 22.60 59.93
C ASP L 238 -26.27 21.10 60.09
N ALA L 239 -25.08 20.63 59.71
CA ALA L 239 -24.74 19.22 59.89
C ALA L 239 -24.72 18.88 61.38
N LEU L 240 -24.11 19.74 62.21
CA LEU L 240 -24.02 19.49 63.67
C LEU L 240 -25.40 19.51 64.32
N LYS L 241 -26.25 20.45 63.91
CA LYS L 241 -27.63 20.54 64.48
C LYS L 241 -28.61 19.95 63.48
N LYS L 242 -29.06 18.72 63.70
CA LYS L 242 -29.95 18.04 62.72
C LYS L 242 -30.59 16.81 63.39
N ASP M 43 10.57 -29.04 67.84
CA ASP M 43 10.09 -30.36 67.47
C ASP M 43 8.56 -30.38 67.29
N PHE M 44 7.82 -29.89 68.28
CA PHE M 44 6.37 -29.88 68.26
C PHE M 44 5.88 -28.46 68.49
N SER M 45 4.58 -28.25 68.28
CA SER M 45 3.99 -26.93 68.38
C SER M 45 3.56 -26.65 69.81
N ALA M 46 3.77 -25.41 70.24
CA ALA M 46 3.32 -24.97 71.56
C ALA M 46 1.80 -25.03 71.69
N ALA M 47 1.07 -24.66 70.63
CA ALA M 47 -0.39 -24.65 70.68
C ALA M 47 -0.97 -26.05 70.57
N VAL M 48 -0.67 -26.72 69.47
CA VAL M 48 -1.13 -28.09 69.22
C VAL M 48 -0.03 -29.06 69.62
N PRO M 49 -0.19 -29.74 70.77
CA PRO M 49 0.88 -30.62 71.30
C PRO M 49 1.24 -31.79 70.40
N PHE M 50 0.28 -32.35 69.68
CA PHE M 50 0.50 -33.53 68.86
C PHE M 50 0.99 -33.21 67.46
N LEU M 51 0.88 -31.95 67.04
CA LEU M 51 1.40 -31.52 65.75
C LEU M 51 2.82 -31.00 65.90
N LYS M 52 3.63 -31.21 64.87
CA LYS M 52 4.99 -30.69 64.86
C LYS M 52 4.99 -29.20 64.53
N ARG M 53 5.94 -28.48 65.11
CA ARG M 53 6.02 -27.02 64.89
C ARG M 53 6.48 -26.76 63.47
N PRO M 54 5.80 -25.86 62.74
CA PRO M 54 6.15 -25.59 61.34
C PRO M 54 7.57 -25.04 61.27
N SER M 55 8.31 -25.46 60.24
CA SER M 55 9.71 -25.10 60.12
C SER M 55 9.90 -23.59 60.03
N ASN M 56 9.01 -22.91 59.32
CA ASN M 56 9.16 -21.49 59.10
C ASN M 56 8.69 -20.67 60.31
N LEU M 57 7.96 -21.29 61.24
CA LEU M 57 7.49 -20.62 62.46
C LEU M 57 8.51 -20.86 63.56
N ASP M 58 9.38 -19.86 63.80
CA ASP M 58 10.43 -20.00 64.84
C ASP M 58 10.12 -19.07 66.01
N GLY M 59 8.93 -18.47 66.04
CA GLY M 59 8.53 -17.58 67.15
C GLY M 59 9.09 -16.18 66.98
N ALA M 60 9.75 -15.91 65.86
CA ALA M 60 10.32 -14.56 65.58
C ALA M 60 9.17 -13.55 65.52
N TYR M 61 8.05 -13.93 64.89
CA TYR M 61 6.86 -13.05 64.84
C TYR M 61 6.09 -13.21 66.14
N ILE M 62 5.76 -12.08 66.78
CA ILE M 62 5.06 -12.12 68.10
C ILE M 62 3.65 -12.71 67.92
N GLY M 63 3.13 -13.43 68.92
CA GLY M 63 1.82 -14.11 68.79
C GLY M 63 1.96 -15.49 68.18
N ASP M 64 3.18 -15.90 67.87
CA ASP M 64 3.41 -17.27 67.32
C ASP M 64 3.21 -18.30 68.44
N VAL M 65 2.52 -19.40 68.14
CA VAL M 65 2.35 -20.51 69.12
C VAL M 65 2.50 -21.81 68.31
N GLY M 66 3.02 -21.69 67.08
CA GLY M 66 3.23 -22.81 66.21
C GLY M 66 1.99 -23.28 65.48
N PHE M 67 0.90 -22.53 65.54
CA PHE M 67 -0.33 -22.97 64.93
C PHE M 67 -0.32 -22.67 63.43
N ASP M 68 0.00 -23.69 62.63
CA ASP M 68 -0.14 -23.67 61.18
C ASP M 68 -0.30 -25.10 60.68
N PRO M 69 -1.46 -25.76 60.89
CA PRO M 69 -1.62 -27.15 60.45
C PRO M 69 -1.63 -27.30 58.93
N LEU M 70 -2.39 -26.46 58.22
CA LEU M 70 -2.49 -26.50 56.76
C LEU M 70 -1.19 -26.15 56.03
N GLY M 71 -0.16 -25.68 56.73
CA GLY M 71 1.15 -25.47 56.14
C GLY M 71 1.24 -24.33 55.14
N PHE M 72 0.63 -23.20 55.45
CA PHE M 72 0.69 -22.04 54.57
C PHE M 72 2.05 -21.35 54.65
N SER M 73 2.77 -21.50 55.76
CA SER M 73 4.09 -20.91 55.87
C SER M 73 5.17 -21.74 55.21
N ASP M 74 4.90 -23.01 54.93
CA ASP M 74 5.84 -23.84 54.19
C ASP M 74 5.86 -23.48 52.71
N VAL M 75 4.82 -22.81 52.24
CA VAL M 75 4.66 -22.45 50.84
C VAL M 75 4.91 -20.96 50.62
N PHE M 76 4.29 -20.11 51.43
CA PHE M 76 4.28 -18.67 51.22
C PHE M 76 5.24 -17.96 52.16
N ASP M 77 5.56 -16.71 51.83
CA ASP M 77 6.43 -15.91 52.67
C ASP M 77 5.67 -15.47 53.91
N LEU M 78 6.26 -15.75 55.08
CA LEU M 78 5.65 -15.40 56.36
C LEU M 78 5.49 -13.90 56.55
N ARG M 79 6.48 -13.11 56.08
CA ARG M 79 6.40 -11.65 56.09
C ARG M 79 5.10 -11.16 55.47
N VAL M 80 4.81 -11.60 54.23
CA VAL M 80 3.56 -11.27 53.54
C VAL M 80 2.35 -11.75 54.35
N LEU M 81 2.44 -12.93 54.94
CA LEU M 81 1.32 -13.46 55.73
C LEU M 81 1.10 -12.68 57.03
N ARG M 82 2.16 -12.17 57.65
CA ARG M 82 2.00 -11.33 58.84
C ARG M 82 1.51 -9.93 58.46
N GLU M 83 1.96 -9.39 57.31
CA GLU M 83 1.37 -8.19 56.71
C GLU M 83 -0.13 -8.35 56.56
N ALA M 84 -0.55 -9.50 56.01
CA ALA M 84 -1.97 -9.76 55.77
C ALA M 84 -2.73 -9.99 57.07
N GLU M 85 -2.12 -10.67 58.03
CA GLU M 85 -2.76 -10.94 59.31
C GLU M 85 -3.00 -9.66 60.08
N LEU M 86 -2.00 -8.79 60.12
CA LEU M 86 -2.14 -7.53 60.81
C LEU M 86 -3.06 -6.58 60.06
N LYS M 87 -3.09 -6.62 58.72
CA LYS M 87 -3.98 -5.74 57.97
C LYS M 87 -5.44 -6.17 58.11
N HIS M 88 -5.72 -7.47 57.96
CA HIS M 88 -7.06 -8.02 58.20
C HIS M 88 -7.51 -7.75 59.63
N GLY M 89 -6.60 -7.91 60.59
CA GLY M 89 -6.96 -7.69 61.98
C GLY M 89 -7.22 -6.24 62.32
N ARG M 90 -6.42 -5.33 61.75
CA ARG M 90 -6.63 -3.91 62.00
C ARG M 90 -7.93 -3.43 61.38
N PHE M 91 -8.26 -3.94 60.18
CA PHE M 91 -9.56 -3.68 59.57
C PHE M 91 -10.69 -4.21 60.45
N ALA M 92 -10.52 -5.41 60.99
CA ALA M 92 -11.54 -6.03 61.83
C ALA M 92 -11.70 -5.30 63.16
N MET M 93 -10.60 -4.86 63.77
CA MET M 93 -10.68 -4.11 65.02
C MET M 93 -11.37 -2.76 64.83
N LEU M 94 -11.02 -2.05 63.75
CA LEU M 94 -11.69 -0.81 63.43
C LEU M 94 -13.16 -1.04 63.14
N ALA M 95 -13.50 -2.18 62.53
CA ALA M 95 -14.89 -2.49 62.24
C ALA M 95 -15.69 -2.87 63.48
N VAL M 96 -15.11 -3.60 64.42
CA VAL M 96 -15.86 -3.98 65.62
C VAL M 96 -16.14 -2.74 66.48
N LEU M 97 -15.14 -1.85 66.61
CA LEU M 97 -15.41 -0.54 67.19
C LEU M 97 -16.40 0.25 66.33
N GLY M 98 -16.37 0.03 65.01
CA GLY M 98 -17.29 0.65 64.10
C GLY M 98 -18.74 0.31 64.35
N PHE M 99 -19.03 -1.00 64.47
CA PHE M 99 -20.34 -1.48 64.92
C PHE M 99 -20.77 -0.80 66.20
N ILE M 100 -20.01 -1.03 67.28
CA ILE M 100 -20.40 -0.62 68.64
C ILE M 100 -20.70 0.87 68.72
N VAL M 101 -19.81 1.71 68.17
CA VAL M 101 -20.05 3.14 68.18
C VAL M 101 -21.23 3.51 67.29
N GLN M 102 -21.42 2.82 66.14
CA GLN M 102 -22.51 3.18 65.23
C GLN M 102 -23.88 2.85 65.80
N GLU M 103 -24.00 1.83 66.63
CA GLU M 103 -25.27 1.70 67.34
C GLU M 103 -25.41 2.76 68.41
N LEU M 104 -24.33 3.00 69.19
CA LEU M 104 -24.40 3.97 70.29
C LEU M 104 -24.66 5.38 69.79
N TYR M 105 -23.96 5.81 68.75
CA TYR M 105 -24.14 7.15 68.22
C TYR M 105 -24.05 7.12 66.70
N THR M 106 -24.71 8.07 66.06
CA THR M 106 -24.47 8.33 64.65
C THR M 106 -24.41 9.83 64.46
N PHE M 107 -23.72 10.23 63.41
CA PHE M 107 -23.55 11.64 63.15
C PHE M 107 -24.89 12.24 62.72
N PRO M 108 -25.20 13.45 63.18
CA PRO M 108 -26.51 14.07 62.86
C PRO M 108 -26.77 14.25 61.38
N PHE M 109 -25.73 14.50 60.58
CA PHE M 109 -25.91 14.68 59.15
C PHE M 109 -26.18 13.37 58.43
N PHE M 110 -25.89 12.20 59.08
CA PHE M 110 -26.21 10.93 58.46
C PHE M 110 -27.47 10.32 59.09
N PRO M 111 -28.28 9.62 58.30
CA PRO M 111 -29.47 8.97 58.86
C PRO M 111 -29.13 7.86 59.84
N LYS M 112 -29.96 7.71 60.85
CA LYS M 112 -29.81 6.63 61.80
C LYS M 112 -30.29 5.33 61.16
N MET M 113 -29.48 4.27 61.30
CA MET M 113 -29.67 2.98 60.64
C MET M 113 -28.59 2.02 61.10
N ALA M 114 -28.79 0.75 60.75
CA ALA M 114 -27.98 -0.40 61.09
C ALA M 114 -26.72 -0.44 60.23
N PRO M 115 -25.63 -1.00 60.74
CA PRO M 115 -24.35 -0.98 59.99
C PRO M 115 -24.33 -1.66 58.63
N VAL M 116 -25.05 -2.77 58.43
CA VAL M 116 -25.11 -3.38 57.10
C VAL M 116 -25.94 -2.52 56.14
N ASP M 117 -27.06 -1.98 56.64
CA ASP M 117 -27.79 -0.94 55.93
C ASP M 117 -26.93 0.29 55.68
N ALA M 118 -26.00 0.59 56.59
CA ALA M 118 -25.05 1.66 56.34
C ALA M 118 -24.13 1.33 55.17
N HIS M 119 -23.69 0.07 55.06
CA HIS M 119 -22.89 -0.34 53.90
C HIS M 119 -23.64 -0.07 52.60
N ASP M 120 -24.91 -0.46 52.54
CA ASP M 120 -25.68 -0.27 51.30
C ASP M 120 -26.01 1.20 51.02
N TYR M 121 -26.35 1.97 52.07
CA TYR M 121 -26.61 3.41 51.91
C TYR M 121 -25.38 4.13 51.40
N PHE M 122 -24.21 3.81 51.95
CA PHE M 122 -23.03 4.54 51.51
C PHE M 122 -22.47 3.99 50.22
N VAL M 123 -22.91 2.80 49.79
CA VAL M 123 -22.73 2.40 48.40
C VAL M 123 -23.48 3.35 47.49
N LYS M 124 -24.74 3.62 47.81
CA LYS M 124 -25.52 4.42 46.88
C LYS M 124 -25.36 5.92 47.05
N GLN M 125 -24.80 6.38 48.17
CA GLN M 125 -24.74 7.80 48.50
C GLN M 125 -23.43 8.43 48.03
N GLY M 126 -22.33 7.72 48.10
CA GLY M 126 -21.09 8.25 47.61
C GLY M 126 -20.00 8.22 48.64
N GLY M 127 -20.40 8.18 49.91
CA GLY M 127 -19.42 8.18 50.98
C GLY M 127 -18.66 6.88 51.11
N GLY M 128 -19.27 5.78 50.65
CA GLY M 128 -18.55 4.53 50.55
C GLY M 128 -17.43 4.60 49.54
N SER M 129 -17.69 5.24 48.40
CA SER M 129 -16.68 5.42 47.37
C SER M 129 -15.56 6.34 47.84
N GLN M 130 -15.91 7.37 48.60
CA GLN M 130 -14.93 8.19 49.31
C GLN M 130 -14.02 7.36 50.19
N ILE M 131 -14.61 6.55 51.07
CA ILE M 131 -13.82 5.73 52.00
C ILE M 131 -12.96 4.73 51.24
N ILE M 132 -13.52 4.13 50.19
CA ILE M 132 -12.78 3.18 49.36
C ILE M 132 -11.60 3.86 48.65
N PHE M 133 -11.82 5.08 48.13
CA PHE M 133 -10.75 5.84 47.49
C PHE M 133 -9.64 6.15 48.48
N TRP M 134 -9.99 6.61 49.68
CA TRP M 134 -8.94 7.00 50.62
C TRP M 134 -8.21 5.79 51.20
N ILE M 135 -8.91 4.67 51.39
CA ILE M 135 -8.27 3.41 51.77
C ILE M 135 -7.32 2.96 50.66
N SER M 136 -7.77 3.04 49.40
CA SER M 136 -6.96 2.67 48.25
C SER M 136 -5.74 3.56 48.10
N PHE M 137 -5.91 4.86 48.36
CA PHE M 137 -4.81 5.82 48.36
C PHE M 137 -3.76 5.45 49.39
N VAL M 138 -4.18 5.16 50.62
CA VAL M 138 -3.24 4.72 51.67
C VAL M 138 -2.62 3.37 51.31
N GLU M 139 -3.38 2.48 50.68
CA GLU M 139 -2.88 1.17 50.28
C GLU M 139 -1.86 1.23 49.16
N LEU M 140 -1.80 2.32 48.40
CA LEU M 140 -0.69 2.52 47.45
C LEU M 140 0.65 2.56 48.16
N PHE M 141 0.74 3.41 49.20
CA PHE M 141 1.92 3.46 50.02
C PHE M 141 2.05 2.20 50.88
N GLY M 142 0.95 1.49 51.09
CA GLY M 142 1.03 0.15 51.68
C GLY M 142 1.69 -0.86 50.76
N VAL M 143 1.46 -0.76 49.45
CA VAL M 143 2.16 -1.59 48.45
C VAL M 143 3.65 -1.29 48.48
N VAL M 144 4.00 0.00 48.57
CA VAL M 144 5.40 0.39 48.73
C VAL M 144 5.98 -0.17 50.04
N ALA M 145 5.20 -0.12 51.13
CA ALA M 145 5.61 -0.65 52.42
C ALA M 145 5.84 -2.16 52.38
N LEU M 146 4.98 -2.89 51.68
CA LEU M 146 5.15 -4.32 51.55
C LEU M 146 6.37 -4.66 50.71
N PHE M 147 6.67 -3.84 49.70
CA PHE M 147 7.92 -3.98 48.98
C PHE M 147 9.13 -3.74 49.88
N GLU M 148 9.00 -2.81 50.82
CA GLU M 148 10.06 -2.60 51.81
C GLU M 148 10.21 -3.82 52.73
N THR M 149 9.09 -4.48 53.07
CA THR M 149 9.18 -5.69 53.90
C THR M 149 9.83 -6.85 53.15
N LEU M 150 9.43 -7.05 51.89
CA LEU M 150 10.02 -8.09 51.04
C LEU M 150 11.51 -7.85 50.81
N GLN M 151 11.93 -6.59 50.76
CA GLN M 151 13.33 -6.22 50.63
C GLN M 151 14.07 -6.25 51.97
N GLY M 152 13.42 -6.71 53.04
CA GLY M 152 14.03 -6.93 54.33
C GLY M 152 14.10 -5.73 55.25
N LYS M 153 13.68 -4.55 54.81
CA LYS M 153 13.94 -3.33 55.55
C LYS M 153 12.75 -2.81 56.34
N ARG M 154 11.77 -3.65 56.65
CA ARG M 154 10.63 -3.21 57.45
C ARG M 154 9.98 -4.42 58.09
N GLU M 155 9.55 -4.26 59.34
CA GLU M 155 8.76 -5.25 60.04
C GLU M 155 7.39 -5.33 59.36
N PRO M 156 6.75 -6.53 59.31
CA PRO M 156 5.49 -6.66 58.57
C PRO M 156 4.32 -5.77 59.02
N GLY M 157 4.17 -5.47 60.29
CA GLY M 157 3.10 -4.56 60.66
C GLY M 157 3.50 -3.16 61.04
N ASP M 158 4.74 -2.75 60.82
CA ASP M 158 5.23 -1.48 61.31
C ASP M 158 5.00 -0.39 60.27
N PHE M 159 4.22 0.62 60.65
CA PHE M 159 4.10 1.83 59.85
C PHE M 159 4.70 3.02 60.58
N ALA M 160 5.42 2.74 61.68
CA ALA M 160 6.04 3.74 62.57
C ALA M 160 5.00 4.73 63.08
N PHE M 161 3.79 4.23 63.27
CA PHE M 161 2.62 5.02 63.63
C PHE M 161 2.55 4.94 65.14
N ASP M 162 3.29 5.82 65.79
CA ASP M 162 3.23 5.98 67.24
C ASP M 162 3.13 7.47 67.60
N PRO M 163 2.05 8.17 67.20
CA PRO M 163 1.97 9.61 67.49
C PRO M 163 1.92 9.92 68.97
N LEU M 164 1.26 9.06 69.74
CA LEU M 164 1.04 9.25 71.16
C LEU M 164 2.11 8.60 72.02
N GLY M 165 3.19 8.11 71.40
CA GLY M 165 4.38 7.61 72.07
C GLY M 165 4.18 6.54 73.14
N LEU M 166 3.11 5.76 72.97
CA LEU M 166 2.70 4.78 73.97
C LEU M 166 3.75 3.71 74.15
N ALA M 167 4.40 3.30 73.05
CA ALA M 167 5.53 2.39 73.16
C ALA M 167 6.73 3.17 73.67
N LYS M 168 7.24 2.77 74.82
CA LYS M 168 8.32 3.46 75.51
C LYS M 168 9.67 2.85 75.15
N ASP M 169 9.82 1.55 75.40
CA ASP M 169 11.05 0.84 75.07
C ASP M 169 10.70 -0.43 74.32
N GLU M 170 11.71 -1.28 74.06
CA GLU M 170 11.48 -2.52 73.31
C GLU M 170 10.57 -3.49 74.05
N ALA M 171 10.70 -3.59 75.39
CA ALA M 171 9.95 -4.58 76.17
C ALA M 171 8.44 -4.34 76.13
N THR M 172 8.03 -3.10 76.36
CA THR M 172 6.60 -2.77 76.27
C THR M 172 6.12 -2.85 74.82
N LEU M 173 6.96 -2.54 73.83
CA LEU M 173 6.59 -2.68 72.43
C LEU M 173 6.30 -4.14 72.10
N GLU M 174 7.09 -5.07 72.63
CA GLU M 174 6.84 -6.50 72.43
C GLU M 174 5.55 -6.93 73.11
N ARG M 175 5.30 -6.43 74.33
CA ARG M 175 4.07 -6.75 75.06
C ARG M 175 2.83 -6.24 74.32
N TYR M 176 2.89 -4.98 73.86
CA TYR M 176 1.82 -4.39 73.06
C TYR M 176 1.65 -5.12 71.74
N ARG M 177 2.75 -5.57 71.13
CA ARG M 177 2.67 -6.25 69.85
C ARG M 177 1.96 -7.58 69.96
N LEU M 178 2.28 -8.34 71.01
CA LEU M 178 1.56 -9.60 71.27
C LEU M 178 0.08 -9.33 71.54
N ALA M 179 -0.20 -8.27 72.30
CA ALA M 179 -1.59 -7.85 72.53
C ALA M 179 -2.27 -7.45 71.23
N GLU M 180 -1.57 -6.74 70.34
CA GLU M 180 -2.13 -6.30 69.05
C GLU M 180 -2.51 -7.48 68.18
N VAL M 181 -1.62 -8.49 68.09
CA VAL M 181 -1.93 -9.66 67.26
C VAL M 181 -3.09 -10.45 67.88
N LYS M 182 -3.09 -10.61 69.21
CA LYS M 182 -4.19 -11.31 69.89
C LYS M 182 -5.53 -10.59 69.69
N HIS M 183 -5.54 -9.26 69.84
CA HIS M 183 -6.73 -8.45 69.58
C HIS M 183 -7.14 -8.51 68.12
N ALA M 184 -6.17 -8.49 67.20
CA ALA M 184 -6.42 -8.56 65.77
C ALA M 184 -7.13 -9.86 65.39
N ARG M 185 -6.64 -10.98 65.89
CA ARG M 185 -7.23 -12.29 65.63
C ARG M 185 -8.62 -12.40 66.26
N LEU M 186 -8.75 -11.93 67.50
CA LEU M 186 -10.03 -11.96 68.20
C LEU M 186 -11.08 -11.09 67.50
N ALA M 187 -10.66 -9.92 67.01
CA ALA M 187 -11.59 -9.05 66.30
C ALA M 187 -11.97 -9.60 64.94
N MET M 188 -11.10 -10.39 64.31
CA MET M 188 -11.46 -11.01 63.02
C MET M 188 -12.62 -11.98 63.25
N ILE M 189 -12.50 -12.83 64.28
CA ILE M 189 -13.60 -13.75 64.64
C ILE M 189 -14.83 -12.91 65.06
N ALA M 190 -14.62 -11.87 65.88
CA ALA M 190 -15.77 -11.10 66.40
C ALA M 190 -16.56 -10.44 65.27
N ILE M 191 -15.91 -9.81 64.30
CA ILE M 191 -16.67 -9.09 63.24
C ILE M 191 -17.49 -10.10 62.42
N GLY M 192 -16.90 -11.27 62.16
CA GLY M 192 -17.64 -12.32 61.43
C GLY M 192 -18.87 -12.68 62.23
N GLY M 193 -18.74 -12.81 63.54
CA GLY M 193 -19.92 -13.08 64.38
C GLY M 193 -20.94 -11.96 64.30
N PHE M 194 -20.50 -10.71 64.38
CA PHE M 194 -21.47 -9.58 64.42
C PHE M 194 -22.29 -9.54 63.12
N ILE M 195 -21.62 -9.68 61.97
CA ILE M 195 -22.33 -9.59 60.66
C ILE M 195 -23.21 -10.83 60.46
N HIS M 196 -22.69 -12.02 60.80
CA HIS M 196 -23.47 -13.27 60.61
C HIS M 196 -24.69 -13.29 61.53
N GLN M 197 -24.53 -12.85 62.78
CA GLN M 197 -25.67 -12.79 63.73
C GLN M 197 -26.72 -11.82 63.19
N TYR M 198 -26.29 -10.68 62.64
CA TYR M 198 -27.25 -9.71 62.04
C TYR M 198 -27.97 -10.35 60.86
N TRP M 199 -27.24 -11.11 60.03
CA TRP M 199 -27.86 -11.76 58.85
C TRP M 199 -28.93 -12.76 59.31
N VAL M 200 -28.64 -13.51 60.38
CA VAL M 200 -29.59 -14.52 60.90
C VAL M 200 -30.72 -13.80 61.67
N THR M 201 -30.37 -13.00 62.67
CA THR M 201 -31.36 -12.27 63.44
C THR M 201 -31.15 -10.79 63.20
N LYS M 202 -32.17 -10.10 62.68
CA LYS M 202 -32.01 -8.71 62.23
C LYS M 202 -31.97 -7.73 63.41
N GLN M 203 -30.99 -7.94 64.28
CA GLN M 203 -30.78 -7.16 65.48
C GLN M 203 -29.31 -6.81 65.55
N THR M 204 -29.04 -5.64 66.08
CA THR M 204 -27.67 -5.18 66.21
C THR M 204 -27.05 -5.85 67.41
N VAL M 205 -25.71 -5.81 67.49
CA VAL M 205 -24.97 -6.53 68.52
C VAL M 205 -25.33 -6.07 69.94
N LEU M 206 -25.45 -4.75 70.15
CA LEU M 206 -25.82 -4.25 71.47
C LEU M 206 -27.28 -4.57 71.79
N GLU M 207 -28.17 -4.42 70.82
CA GLU M 207 -29.56 -4.81 71.01
C GLU M 207 -29.74 -6.33 71.10
N GLN M 208 -28.84 -7.11 70.50
CA GLN M 208 -28.95 -8.56 70.65
C GLN M 208 -28.51 -9.01 72.04
N LEU M 209 -27.48 -8.36 72.60
CA LEU M 209 -27.17 -8.59 74.02
C LEU M 209 -28.30 -8.10 74.91
N GLY M 210 -28.92 -6.96 74.56
CA GLY M 210 -29.98 -6.42 75.38
C GLY M 210 -31.23 -7.27 75.39
N ASN M 211 -31.60 -7.82 74.24
CA ASN M 211 -32.74 -8.70 74.15
C ASN M 211 -32.22 -10.13 74.34
N PHE M 212 -33.08 -11.14 74.14
CA PHE M 212 -32.84 -12.57 74.38
C PHE M 212 -32.33 -12.88 75.79
N GLU N 42 33.08 31.57 20.12
CA GLU N 42 32.28 32.81 20.17
C GLU N 42 30.80 32.44 20.30
N MET N 43 29.97 33.39 20.74
CA MET N 43 28.51 33.13 20.85
C MET N 43 27.80 33.95 19.78
N SER N 44 26.55 33.60 19.45
CA SER N 44 25.78 34.39 18.47
C SER N 44 25.44 35.75 19.09
N GLU N 45 25.40 36.79 18.26
CA GLU N 45 25.05 38.15 18.76
C GLU N 45 23.52 38.24 18.78
N ALA N 46 22.87 37.55 17.86
CA ALA N 46 21.39 37.52 17.84
C ALA N 46 20.89 36.69 19.01
N ILE N 47 21.41 35.46 19.18
CA ILE N 47 21.02 34.62 20.35
C ILE N 47 22.25 34.48 21.25
N PRO N 48 22.38 35.28 22.34
CA PRO N 48 23.60 35.26 23.16
C PRO N 48 23.81 34.03 24.04
N PHE N 49 22.90 33.06 23.99
CA PHE N 49 23.06 31.80 24.75
C PHE N 49 23.48 30.68 23.78
N MET N 50 23.36 30.95 22.47
CA MET N 50 23.71 29.93 21.45
C MET N 50 25.11 30.21 20.93
N PRO N 51 25.92 29.20 20.57
CA PRO N 51 27.26 29.44 19.98
C PRO N 51 27.18 30.06 18.57
N LYS N 52 28.24 30.77 18.17
CA LYS N 52 28.22 31.44 16.87
C LYS N 52 28.13 30.40 15.76
N PRO N 53 27.22 30.58 14.79
CA PRO N 53 27.22 29.71 13.62
C PRO N 53 28.49 29.92 12.81
N ALA N 54 29.20 28.82 12.53
CA ALA N 54 30.59 28.88 12.08
C ALA N 54 30.73 29.47 10.68
N ASN N 55 29.72 29.32 9.82
CA ASN N 55 29.88 29.66 8.42
C ASN N 55 29.29 31.01 8.07
N ILE N 56 28.78 31.75 9.04
CA ILE N 56 28.43 33.14 8.83
C ILE N 56 29.44 34.01 9.58
N ASP N 57 29.65 35.22 9.09
CA ASP N 57 30.76 36.05 9.50
C ASP N 57 30.32 37.51 9.44
N SER N 58 31.00 38.37 10.22
CA SER N 58 30.76 39.81 10.23
C SER N 58 30.99 40.49 8.89
N SER N 59 31.77 39.88 7.99
CA SER N 59 32.00 40.40 6.64
C SER N 59 30.71 40.60 5.85
N MET N 60 29.72 39.78 6.09
CA MET N 60 28.52 39.82 5.28
C MET N 60 27.62 40.96 5.76
N PRO N 61 27.01 41.70 4.82
CA PRO N 61 26.38 43.00 5.14
C PRO N 61 25.31 43.00 6.22
N GLY N 62 24.40 42.03 6.21
CA GLY N 62 23.33 42.03 7.18
C GLY N 62 23.50 41.04 8.30
N TYR N 63 24.75 40.72 8.62
CA TYR N 63 25.08 39.71 9.62
C TYR N 63 24.57 40.11 11.00
N ALA N 64 23.86 39.21 11.65
CA ALA N 64 23.49 39.37 13.04
C ALA N 64 23.89 38.17 13.90
N GLY N 65 24.52 37.16 13.32
CA GLY N 65 24.78 35.92 14.03
C GLY N 65 23.57 35.04 14.17
N PHE N 66 22.58 35.19 13.31
CA PHE N 66 21.31 34.52 13.48
C PHE N 66 21.23 33.37 12.50
N ASP N 67 21.59 32.19 12.96
CA ASP N 67 21.32 30.95 12.24
C ASP N 67 21.03 29.85 13.26
N PRO N 68 19.91 29.97 14.03
CA PRO N 68 19.64 28.97 15.08
C PRO N 68 19.52 27.56 14.55
N LEU N 69 18.73 27.36 13.49
CA LEU N 69 18.79 26.14 12.69
C LEU N 69 19.87 26.37 11.65
N GLY N 70 20.93 25.59 11.70
CA GLY N 70 22.11 25.93 10.94
C GLY N 70 22.07 25.69 9.45
N PHE N 71 21.35 26.52 8.67
CA PHE N 71 21.33 26.38 7.21
C PHE N 71 22.73 26.50 6.60
N THR N 72 23.53 27.47 7.06
CA THR N 72 24.86 27.68 6.48
C THR N 72 25.89 26.61 6.82
N ASP N 73 25.72 25.84 7.89
CA ASP N 73 26.67 24.75 8.09
C ASP N 73 26.44 23.58 7.13
N TYR N 74 25.31 23.56 6.43
CA TYR N 74 24.92 22.52 5.49
C TYR N 74 24.89 23.05 4.06
N TYR N 75 24.23 24.16 3.83
CA TYR N 75 24.18 24.80 2.53
C TYR N 75 25.32 25.80 2.39
N SER N 76 25.61 26.19 1.15
CA SER N 76 26.64 27.18 0.91
C SER N 76 26.19 28.52 1.43
N ALA N 77 27.01 29.14 2.27
CA ALA N 77 26.68 30.44 2.86
C ALA N 77 26.57 31.53 1.82
N LYS N 78 27.34 31.44 0.73
CA LYS N 78 27.27 32.45 -0.30
C LYS N 78 26.03 32.25 -1.17
N TRP N 79 25.62 31.00 -1.38
CA TRP N 79 24.35 30.71 -2.04
C TRP N 79 23.16 31.22 -1.23
N MET N 80 23.15 30.95 0.08
CA MET N 80 22.11 31.48 0.96
C MET N 80 22.13 33.00 1.00
N GLN N 81 23.32 33.58 0.95
CA GLN N 81 23.48 35.04 0.96
C GLN N 81 22.85 35.69 -0.26
N GLU N 82 23.20 35.18 -1.44
CA GLU N 82 22.66 35.71 -2.68
C GLU N 82 21.17 35.43 -2.79
N ALA N 83 20.72 34.27 -2.30
CA ALA N 83 19.32 33.91 -2.31
C ALA N 83 18.48 34.80 -1.40
N GLU N 84 19.01 35.13 -0.21
CA GLU N 84 18.37 36.06 0.70
C GLU N 84 18.28 37.45 0.10
N ILE N 85 19.35 37.88 -0.54
CA ILE N 85 19.39 39.20 -1.17
C ILE N 85 18.38 39.27 -2.33
N LYS N 86 18.28 38.20 -3.12
CA LYS N 86 17.34 38.21 -4.25
C LYS N 86 15.90 38.16 -3.79
N HIS N 87 15.61 37.37 -2.75
CA HIS N 87 14.24 37.34 -2.18
C HIS N 87 13.88 38.74 -1.71
N GLY N 88 14.80 39.39 -1.00
CA GLY N 88 14.54 40.73 -0.45
C GLY N 88 14.30 41.76 -1.54
N ARG N 89 15.10 41.74 -2.61
CA ARG N 89 14.95 42.73 -3.70
C ARG N 89 13.60 42.54 -4.39
N VAL N 90 13.20 41.30 -4.65
CA VAL N 90 11.87 41.02 -5.26
C VAL N 90 10.80 41.48 -4.27
N CYS N 91 10.97 41.16 -2.99
CA CYS N 91 9.98 41.53 -1.94
C CYS N 91 9.93 43.05 -1.74
N MET N 92 11.07 43.74 -1.84
CA MET N 92 11.06 45.22 -1.70
C MET N 92 10.20 45.81 -2.82
N LEU N 93 10.38 45.32 -4.05
CA LEU N 93 9.50 45.78 -5.17
C LEU N 93 8.07 45.32 -4.89
N ALA N 94 7.89 44.09 -4.39
CA ALA N 94 6.54 43.53 -4.13
C ALA N 94 5.83 44.34 -3.04
N ALA N 95 6.55 44.71 -1.98
CA ALA N 95 5.93 45.55 -0.91
C ALA N 95 5.51 46.88 -1.54
N LEU N 96 6.44 47.56 -2.22
CA LEU N 96 6.10 48.80 -2.91
C LEU N 96 4.97 48.59 -3.92
N GLY N 97 4.95 47.44 -4.57
CA GLY N 97 3.91 47.16 -5.55
C GLY N 97 2.58 46.78 -5.00
N MET N 98 2.55 46.16 -3.85
CA MET N 98 1.29 45.96 -3.16
C MET N 98 0.76 47.28 -2.60
N VAL N 99 1.64 48.19 -2.18
CA VAL N 99 1.13 49.43 -1.59
C VAL N 99 0.77 50.48 -2.67
N PHE N 100 1.51 50.56 -3.78
CA PHE N 100 1.43 51.71 -4.70
C PHE N 100 0.09 51.89 -5.43
N PRO N 101 -0.62 50.83 -5.99
CA PRO N 101 -1.95 51.09 -6.59
C PRO N 101 -3.05 51.57 -5.65
N GLU N 102 -2.79 51.67 -4.35
CA GLU N 102 -3.65 52.47 -3.49
C GLU N 102 -3.61 53.94 -3.89
N PHE N 103 -2.44 54.44 -4.27
CA PHE N 103 -2.27 55.86 -4.54
C PHE N 103 -2.68 56.22 -5.95
N ALA N 104 -2.10 55.53 -6.92
CA ALA N 104 -2.28 55.88 -8.31
C ALA N 104 -2.14 54.60 -9.11
N LYS N 105 -2.84 54.53 -10.22
CA LYS N 105 -2.70 53.42 -11.14
C LYS N 105 -2.24 53.93 -12.48
N PHE N 106 -1.61 53.04 -13.23
CA PHE N 106 -1.30 53.35 -14.62
C PHE N 106 -2.60 53.51 -15.39
N PRO N 107 -2.65 54.44 -16.35
CA PRO N 107 -3.92 54.77 -17.04
C PRO N 107 -4.60 53.60 -17.73
N GLN N 108 -3.81 52.66 -18.26
CA GLN N 108 -4.38 51.47 -18.88
C GLN N 108 -5.03 50.56 -17.84
N PHE N 109 -4.37 50.32 -16.71
CA PHE N 109 -4.94 49.51 -15.64
C PHE N 109 -5.63 50.34 -14.57
N ALA N 110 -6.10 51.54 -14.91
CA ALA N 110 -6.81 52.38 -13.94
C ALA N 110 -8.13 51.75 -13.51
N SER N 111 -8.76 50.97 -14.38
CA SER N 111 -9.99 50.27 -14.05
C SER N 111 -9.77 49.06 -13.15
N PHE N 112 -8.55 48.60 -12.98
CA PHE N 112 -8.31 47.40 -12.20
C PHE N 112 -8.46 47.67 -10.71
N SER N 113 -8.59 46.60 -9.94
CA SER N 113 -8.89 46.70 -8.52
C SER N 113 -7.65 47.05 -7.70
N THR N 114 -7.89 47.62 -6.52
CA THR N 114 -6.81 47.99 -5.62
C THR N 114 -6.44 46.85 -4.68
N ASN N 115 -7.30 45.85 -4.56
CA ASN N 115 -6.92 44.58 -3.93
C ASN N 115 -5.91 43.91 -4.83
N PRO N 116 -4.70 43.62 -4.34
CA PRO N 116 -3.65 43.06 -5.20
C PRO N 116 -3.93 41.65 -5.68
N LEU N 117 -4.63 40.84 -4.91
CA LEU N 117 -4.91 39.48 -5.30
C LEU N 117 -6.02 39.37 -6.34
N GLU N 118 -6.77 40.44 -6.58
CA GLU N 118 -7.70 40.50 -7.70
C GLU N 118 -7.06 41.16 -8.90
N ALA N 119 -6.23 42.19 -8.67
CA ALA N 119 -5.42 42.79 -9.71
C ALA N 119 -4.43 41.82 -10.33
N PHE N 120 -4.09 40.74 -9.60
CA PHE N 120 -3.30 39.66 -10.15
C PHE N 120 -4.01 38.98 -11.31
N TYR N 121 -5.31 38.67 -11.13
CA TYR N 121 -6.06 38.01 -12.18
C TYR N 121 -6.61 38.97 -13.22
N GLN N 122 -6.69 40.26 -12.91
CA GLN N 122 -7.21 41.18 -13.90
C GLN N 122 -6.21 41.46 -15.01
N VAL N 123 -4.92 41.25 -14.76
CA VAL N 123 -3.91 41.46 -15.79
C VAL N 123 -3.98 40.33 -16.81
N SER N 124 -3.86 40.68 -18.09
CA SER N 124 -4.00 39.73 -19.17
C SER N 124 -2.80 38.79 -19.19
N PRO N 125 -2.98 37.56 -19.68
CA PRO N 125 -1.83 36.64 -19.80
C PRO N 125 -0.75 37.09 -20.77
N ALA N 126 -1.06 37.94 -21.74
CA ALA N 126 -0.01 38.61 -22.51
C ALA N 126 0.81 39.52 -21.62
N GLY N 127 0.14 40.19 -20.67
CA GLY N 127 0.84 41.03 -19.71
C GLY N 127 1.75 40.23 -18.80
N TRP N 128 1.26 39.12 -18.25
CA TRP N 128 2.08 38.26 -17.41
C TRP N 128 3.19 37.59 -18.20
N GLY N 129 2.95 37.27 -19.47
CA GLY N 129 4.01 36.74 -20.31
C GLY N 129 5.13 37.74 -20.53
N GLN N 130 4.78 39.00 -20.75
CA GLN N 130 5.80 40.04 -20.89
C GLN N 130 6.55 40.31 -19.58
N ILE N 131 5.83 40.29 -18.45
CA ILE N 131 6.47 40.41 -17.14
C ILE N 131 7.43 39.25 -16.90
N PHE N 132 7.01 38.03 -17.23
CA PHE N 132 7.85 36.85 -17.08
C PHE N 132 9.06 36.89 -18.00
N LEU N 133 8.90 37.38 -19.23
CA LEU N 133 10.02 37.51 -20.16
C LEU N 133 11.03 38.54 -19.68
N PHE N 134 10.55 39.63 -19.08
CA PHE N 134 11.45 40.69 -18.53
C PHE N 134 12.20 40.15 -17.32
N ILE N 135 11.49 39.51 -16.39
CA ILE N 135 12.13 38.96 -15.17
C ILE N 135 13.16 37.91 -15.62
N GLY N 136 12.80 37.10 -16.62
CA GLY N 136 13.72 36.08 -17.14
C GLY N 136 14.97 36.70 -17.73
N VAL N 137 14.83 37.82 -18.45
CA VAL N 137 16.01 38.52 -19.04
C VAL N 137 16.92 39.00 -17.90
N LEU N 138 16.35 39.54 -16.83
CA LEU N 138 17.15 39.97 -15.66
C LEU N 138 17.82 38.74 -15.03
N GLU N 139 17.10 37.63 -14.95
CA GLU N 139 17.64 36.39 -14.33
C GLU N 139 18.81 35.80 -15.14
N THR N 140 18.77 35.90 -16.48
CA THR N 140 19.90 35.40 -17.31
C THR N 140 21.22 35.89 -16.72
N PHE N 141 21.23 37.06 -16.08
CA PHE N 141 22.44 37.58 -15.47
C PHE N 141 22.75 36.87 -14.16
N SER N 142 21.73 36.57 -13.35
CA SER N 142 22.01 35.83 -12.13
C SER N 142 22.29 34.36 -12.42
N TYR N 143 21.84 33.86 -13.58
CA TYR N 143 22.21 32.50 -13.99
C TYR N 143 23.71 32.43 -14.23
N GLU N 144 24.26 33.47 -14.86
CA GLU N 144 25.72 33.51 -15.00
C GLU N 144 26.39 33.75 -13.65
N LYS N 145 25.85 34.67 -12.83
CA LYS N 145 26.48 35.05 -11.57
C LYS N 145 26.50 33.92 -10.53
N SER N 146 25.67 32.90 -10.69
CA SER N 146 25.57 31.88 -9.67
C SER N 146 25.84 30.47 -10.14
N PHE N 147 25.53 30.14 -11.39
CA PHE N 147 25.70 28.78 -11.85
C PHE N 147 27.00 28.60 -12.62
N TYR N 148 27.75 29.69 -12.79
CA TYR N 148 28.97 29.66 -13.59
C TYR N 148 30.06 30.53 -12.97
N ASN N 149 29.69 31.71 -12.48
CA ASN N 149 30.64 32.69 -11.95
C ASN N 149 30.36 32.92 -10.47
N PHE N 150 30.13 31.82 -9.74
CA PHE N 150 29.68 31.88 -8.35
C PHE N 150 30.68 32.57 -7.42
N GLU N 151 31.98 32.29 -7.57
CA GLU N 151 32.95 32.80 -6.61
C GLU N 151 33.44 34.22 -6.89
N GLY N 152 33.35 34.70 -8.12
CA GLY N 152 33.90 35.99 -8.47
C GLY N 152 32.97 37.15 -8.18
N GLY N 153 33.20 37.83 -7.06
CA GLY N 153 32.42 39.01 -6.74
C GLY N 153 31.88 39.00 -5.33
N ALA N 154 30.70 39.57 -5.17
CA ALA N 154 29.97 39.65 -3.92
C ALA N 154 28.57 39.09 -4.17
N PRO N 155 27.92 38.53 -3.15
CA PRO N 155 26.57 38.01 -3.34
C PRO N 155 25.56 39.09 -3.74
N GLY N 156 24.85 38.82 -4.82
CA GLY N 156 23.91 39.77 -5.36
C GLY N 156 24.51 40.83 -6.25
N ALA N 157 25.79 40.72 -6.60
CA ALA N 157 26.46 41.76 -7.38
C ALA N 157 26.28 41.45 -8.85
N LEU N 158 25.22 42.00 -9.43
CA LEU N 158 24.88 41.80 -10.83
C LEU N 158 25.38 42.94 -11.72
N GLY N 159 26.31 43.74 -11.22
CA GLY N 159 26.84 44.85 -11.99
C GLY N 159 25.83 45.94 -12.25
N PHE N 160 24.93 46.19 -11.32
CA PHE N 160 23.86 47.16 -11.48
C PHE N 160 24.14 48.28 -10.48
N ASP N 161 25.00 49.20 -10.89
CA ASP N 161 25.28 50.43 -10.12
C ASP N 161 25.33 51.62 -11.07
N PRO N 162 24.20 51.96 -11.72
CA PRO N 162 24.27 53.03 -12.74
C PRO N 162 24.58 54.42 -12.22
N LEU N 163 24.09 54.84 -11.06
CA LEU N 163 24.42 56.20 -10.58
C LEU N 163 25.76 56.29 -9.89
N ARG N 164 26.58 55.22 -9.98
CA ARG N 164 27.93 55.12 -9.44
C ARG N 164 27.93 55.37 -7.95
N MET N 165 26.99 54.75 -7.25
CA MET N 165 27.04 54.75 -5.80
C MET N 165 28.06 53.70 -5.35
N SER N 166 28.20 53.51 -4.05
CA SER N 166 29.14 52.60 -3.40
C SER N 166 30.61 52.90 -3.75
N SER N 167 30.90 54.07 -4.32
CA SER N 167 32.27 54.50 -4.59
C SER N 167 32.97 54.87 -3.31
N ASN N 168 32.36 55.75 -2.53
CA ASN N 168 32.80 56.01 -1.16
C ASN N 168 32.66 54.72 -0.36
N PRO N 169 33.72 54.25 0.32
CA PRO N 169 33.64 52.96 1.02
C PRO N 169 32.69 52.90 2.21
N ALA N 170 32.64 53.94 3.06
CA ALA N 170 31.71 53.96 4.18
C ALA N 170 30.26 53.96 3.71
N SER N 171 29.98 54.72 2.66
CA SER N 171 28.67 54.74 2.03
C SER N 171 28.31 53.38 1.46
N ALA N 172 29.29 52.68 0.88
CA ALA N 172 29.08 51.33 0.35
C ALA N 172 28.71 50.34 1.45
N LYS N 173 29.42 50.41 2.58
CA LYS N 173 29.15 49.55 3.74
C LYS N 173 27.73 49.75 4.25
N GLN N 174 27.36 51.02 4.44
CA GLN N 174 26.02 51.37 4.93
C GLN N 174 24.93 50.94 3.96
N TYR N 175 25.15 51.10 2.65
CA TYR N 175 24.15 50.70 1.66
C TYR N 175 23.99 49.20 1.61
N ALA N 176 25.08 48.44 1.73
CA ALA N 176 25.01 46.97 1.74
C ALA N 176 24.16 46.45 2.90
N ALA N 177 24.45 46.95 4.11
CA ALA N 177 23.67 46.53 5.28
C ALA N 177 22.23 47.01 5.17
N ALA N 178 22.02 48.20 4.60
CA ALA N 178 20.69 48.75 4.44
C ALA N 178 19.85 47.96 3.44
N GLU N 179 20.47 47.49 2.35
CA GLU N 179 19.77 46.67 1.38
C GLU N 179 19.31 45.37 1.99
N VAL N 180 20.20 44.70 2.73
CA VAL N 180 19.83 43.41 3.32
C VAL N 180 18.72 43.57 4.36
N ARG N 181 18.82 44.60 5.22
CA ARG N 181 17.81 44.79 6.26
C ARG N 181 16.47 45.24 5.69
N ASN N 182 16.48 46.12 4.68
CA ASN N 182 15.23 46.53 4.03
C ASN N 182 14.62 45.39 3.24
N GLY N 183 15.46 44.51 2.69
CA GLY N 183 14.95 43.34 2.00
C GLY N 183 14.24 42.36 2.93
N ARG N 184 14.85 42.10 4.10
CA ARG N 184 14.21 41.24 5.10
C ARG N 184 12.93 41.87 5.63
N LEU N 185 12.95 43.19 5.83
CA LEU N 185 11.79 43.91 6.30
C LEU N 185 10.66 43.85 5.29
N ALA N 186 11.01 43.97 4.01
CA ALA N 186 10.03 43.84 2.95
C ALA N 186 9.49 42.42 2.81
N MET N 187 10.33 41.40 3.08
CA MET N 187 9.85 40.02 3.10
C MET N 187 8.78 39.82 4.16
N ILE N 188 9.07 40.29 5.38
CA ILE N 188 8.10 40.24 6.48
C ILE N 188 6.86 41.08 6.16
N GLY N 189 7.07 42.29 5.65
CA GLY N 189 5.96 43.18 5.35
C GLY N 189 5.07 42.68 4.23
N PHE N 190 5.65 42.15 3.15
CA PHE N 190 4.87 41.57 2.07
C PHE N 190 4.12 40.34 2.53
N SER N 191 4.76 39.51 3.38
CA SER N 191 4.11 38.31 3.89
C SER N 191 2.87 38.66 4.69
N GLY N 192 3.02 39.63 5.58
CA GLY N 192 1.93 40.26 6.29
C GLY N 192 0.85 40.74 5.36
N MET N 193 1.18 41.70 4.49
CA MET N 193 0.21 42.37 3.64
C MET N 193 -0.48 41.41 2.68
N LEU N 194 0.21 40.36 2.23
CA LEU N 194 -0.39 39.32 1.41
C LEU N 194 -1.47 38.56 2.19
N HIS N 195 -1.13 38.06 3.39
CA HIS N 195 -2.14 37.33 4.16
C HIS N 195 -3.25 38.23 4.66
N HIS N 196 -2.95 39.52 4.85
CA HIS N 196 -3.97 40.50 5.21
C HIS N 196 -4.93 40.71 4.04
N ALA N 197 -4.40 40.71 2.82
CA ALA N 197 -5.24 40.75 1.63
C ALA N 197 -6.00 39.46 1.41
N ILE N 198 -5.51 38.33 1.94
CA ILE N 198 -6.27 37.08 1.83
C ILE N 198 -7.49 37.12 2.74
N VAL N 199 -7.28 37.45 4.03
CA VAL N 199 -8.37 37.52 5.01
C VAL N 199 -9.41 38.56 4.62
N SER N 200 -9.02 39.82 4.61
CA SER N 200 -9.87 40.91 4.16
C SER N 200 -9.51 41.19 2.71
N LYS N 201 -10.49 41.10 1.81
CA LYS N 201 -10.22 41.19 0.37
C LYS N 201 -10.06 42.66 -0.03
N GLN N 202 -8.95 43.25 0.39
CA GLN N 202 -8.61 44.62 0.05
C GLN N 202 -7.12 44.82 0.22
N GLY N 203 -6.65 45.97 -0.23
CA GLY N 203 -5.27 46.37 -0.04
C GLY N 203 -5.00 46.69 1.41
N PRO N 204 -3.72 46.63 1.82
CA PRO N 204 -3.37 46.84 3.22
C PRO N 204 -3.73 48.22 3.76
N ILE N 205 -3.54 49.24 2.93
CA ILE N 205 -3.83 50.61 3.32
C ILE N 205 -5.35 50.81 3.45
N THR N 206 -6.12 50.20 2.54
CA THR N 206 -7.58 50.23 2.61
C THR N 206 -8.09 49.52 3.85
N GLN N 207 -7.49 48.37 4.18
CA GLN N 207 -7.84 47.63 5.38
C GLN N 207 -7.54 48.45 6.63
N ILE N 208 -6.45 49.21 6.59
CA ILE N 208 -6.08 50.08 7.71
C ILE N 208 -7.09 51.20 7.91
N VAL N 209 -7.42 51.93 6.83
CA VAL N 209 -8.27 53.12 6.97
C VAL N 209 -9.70 52.71 7.31
N GLU N 210 -10.17 51.59 6.79
CA GLU N 210 -11.48 51.07 7.13
C GLU N 210 -11.46 50.34 8.46
N GLN N 211 -10.26 50.11 9.01
CA GLN N 211 -10.01 49.43 10.29
C GLN N 211 -10.55 48.00 10.28
N ASN N 212 -10.50 47.36 9.12
CA ASN N 212 -10.85 45.94 8.98
C ASN N 212 -9.60 45.12 9.28
N PHE N 213 -9.20 45.15 10.54
CA PHE N 213 -7.97 44.50 10.94
C PHE N 213 -8.18 43.05 11.32
N TYR N 214 -9.41 42.60 11.39
CA TYR N 214 -9.61 41.28 11.97
C TYR N 214 -10.46 40.43 11.05
N PRO N 215 -10.27 39.10 11.08
CA PRO N 215 -11.14 38.19 10.34
C PRO N 215 -12.60 38.33 10.74
N LYS N 216 -13.46 38.45 9.74
CA LYS N 216 -14.88 38.71 9.95
C LYS N 216 -15.71 37.83 9.02
N ALA O 30 18.05 6.35 58.67
CA ALA O 30 18.04 6.20 57.23
C ALA O 30 16.64 5.98 56.70
N LYS O 31 15.64 6.20 57.55
CA LYS O 31 14.25 6.21 57.14
C LYS O 31 13.86 7.60 56.68
N SER O 32 12.78 7.68 55.90
CA SER O 32 12.24 8.96 55.49
C SER O 32 11.65 9.68 56.70
N LYS O 33 11.74 11.01 56.68
CA LYS O 33 11.03 11.76 57.71
C LYS O 33 9.56 11.98 57.35
N ALA O 34 9.26 12.14 56.07
CA ALA O 34 7.86 12.25 55.64
C ALA O 34 7.12 10.94 55.83
N VAL O 35 7.66 9.84 55.33
CA VAL O 35 7.00 8.55 55.47
C VAL O 35 7.93 7.65 56.29
N PRO O 36 7.75 7.62 57.62
CA PRO O 36 8.77 7.03 58.51
C PRO O 36 9.02 5.53 58.34
N PHE O 37 8.09 4.80 57.75
CA PHE O 37 8.25 3.37 57.57
C PHE O 37 8.88 2.99 56.25
N LEU O 38 9.19 3.95 55.40
CA LEU O 38 9.90 3.66 54.17
C LEU O 38 11.35 4.10 54.31
N SER O 39 12.20 3.52 53.46
CA SER O 39 13.58 3.93 53.41
C SER O 39 13.68 5.31 52.78
N GLN O 40 14.68 6.07 53.21
CA GLN O 40 14.89 7.40 52.66
C GLN O 40 15.33 7.26 51.20
N PRO O 41 14.67 7.94 50.27
CA PRO O 41 14.99 7.73 48.86
C PRO O 41 16.31 8.39 48.49
N GLU O 42 17.10 7.67 47.70
CA GLU O 42 18.28 8.26 47.09
C GLU O 42 17.86 9.31 46.07
N ALA O 43 18.80 10.23 45.80
CA ALA O 43 18.70 11.53 45.12
C ALA O 43 17.92 12.55 45.94
N LEU O 44 17.50 12.19 47.14
CA LEU O 44 16.89 13.09 48.11
C LEU O 44 17.85 13.10 49.29
N ASP O 45 18.61 14.18 49.43
CA ASP O 45 19.63 14.28 50.45
C ASP O 45 19.45 15.49 51.36
N GLY O 46 18.28 16.14 51.32
CA GLY O 46 18.03 17.31 52.13
C GLY O 46 18.66 18.59 51.63
N SER O 47 19.30 18.57 50.46
CA SER O 47 19.85 19.79 49.89
C SER O 47 18.75 20.68 49.32
N MET O 48 17.83 20.07 48.58
CA MET O 48 16.77 20.87 47.89
C MET O 48 15.76 21.39 48.91
N ALA O 49 15.11 22.52 48.59
CA ALA O 49 14.07 23.08 49.48
C ALA O 49 12.85 22.17 49.45
N GLY O 50 12.22 21.92 50.59
CA GLY O 50 11.06 21.02 50.66
C GLY O 50 11.46 19.56 50.51
N ASP O 51 12.75 19.25 50.70
CA ASP O 51 13.24 17.85 50.60
C ASP O 51 12.99 17.20 51.96
N VAL O 52 11.74 16.78 52.20
CA VAL O 52 11.38 16.19 53.52
C VAL O 52 11.49 14.66 53.45
N GLY O 53 11.91 14.13 52.30
CA GLY O 53 12.12 12.67 52.17
C GLY O 53 10.89 11.98 51.62
N PHE O 54 10.08 12.70 50.84
CA PHE O 54 8.83 12.13 50.36
C PHE O 54 8.98 11.71 48.90
N ASP O 55 9.25 10.43 48.70
CA ASP O 55 9.15 9.80 47.38
C ASP O 55 8.86 8.32 47.55
N PRO O 56 7.63 7.98 47.99
CA PRO O 56 7.30 6.57 48.20
C PRO O 56 7.36 5.74 46.93
N PHE O 57 6.94 6.29 45.79
CA PHE O 57 6.91 5.49 44.58
C PHE O 57 8.27 5.39 43.93
N GLY O 58 9.28 6.09 44.43
CA GLY O 58 10.63 6.00 43.92
C GLY O 58 10.79 6.55 42.52
N ILE O 59 10.12 7.65 42.21
CA ILE O 59 10.25 8.28 40.90
C ILE O 59 11.61 8.95 40.77
N SER O 60 12.14 9.51 41.87
CA SER O 60 13.47 10.12 41.88
C SER O 60 14.59 9.10 41.60
N SER O 61 14.36 7.83 41.89
CA SER O 61 15.31 6.78 41.57
C SER O 61 15.28 6.42 40.10
N VAL O 62 14.19 6.78 39.43
CA VAL O 62 13.97 6.52 38.02
C VAL O 62 14.22 7.75 37.17
N ILE O 63 13.75 8.88 37.65
CA ILE O 63 13.83 10.14 36.93
C ILE O 63 14.77 11.04 37.72
N ASP O 64 15.70 11.66 37.02
CA ASP O 64 16.68 12.55 37.64
C ASP O 64 15.98 13.68 38.37
N ILE O 65 16.44 13.95 39.60
CA ILE O 65 15.80 14.89 40.51
C ILE O 65 15.85 16.32 39.98
N LYS O 66 16.78 16.62 39.06
CA LYS O 66 16.83 17.94 38.44
C LYS O 66 15.61 18.20 37.58
N TRP O 67 15.25 17.23 36.73
CA TRP O 67 14.06 17.33 35.91
C TRP O 67 12.79 17.37 36.76
N LEU O 68 12.73 16.55 37.80
CA LEU O 68 11.56 16.52 38.68
C LEU O 68 11.40 17.83 39.44
N ARG O 69 12.49 18.45 39.87
CA ARG O 69 12.39 19.72 40.56
C ARG O 69 12.05 20.85 39.59
N GLU O 70 12.60 20.84 38.37
CA GLU O 70 12.18 21.77 37.32
C GLU O 70 10.68 21.64 37.05
N SER O 71 10.19 20.40 36.92
CA SER O 71 8.78 20.17 36.66
C SER O 71 7.90 20.51 37.86
N GLU O 72 8.39 20.26 39.08
CA GLU O 72 7.63 20.61 40.28
C GLU O 72 7.51 22.10 40.45
N LEU O 73 8.62 22.81 40.26
CA LEU O 73 8.58 24.27 40.32
C LEU O 73 7.70 24.83 39.23
N LYS O 74 7.76 24.27 38.01
CA LYS O 74 6.95 24.78 36.91
C LYS O 74 5.46 24.55 37.15
N HIS O 75 5.09 23.33 37.57
CA HIS O 75 3.67 23.04 37.89
C HIS O 75 3.19 23.99 38.98
N GLY O 76 3.94 24.12 40.07
CA GLY O 76 3.53 24.96 41.20
C GLY O 76 3.40 26.42 40.85
N ARG O 77 4.34 26.95 40.07
CA ARG O 77 4.31 28.39 39.67
C ARG O 77 3.05 28.64 38.83
N ILE O 78 2.75 27.74 37.90
CA ILE O 78 1.52 27.88 37.05
C ILE O 78 0.31 27.79 37.98
N CYS O 79 0.34 26.83 38.91
CA CYS O 79 -0.79 26.63 39.86
C CYS O 79 -0.95 27.82 40.82
N MET O 80 0.16 28.43 41.25
CA MET O 80 0.07 29.63 42.12
C MET O 80 -0.67 30.71 41.35
N LEU O 81 -0.31 30.94 40.09
CA LEU O 81 -1.03 31.93 39.25
C LEU O 81 -2.47 31.44 39.02
N ALA O 82 -2.65 30.14 38.80
CA ALA O 82 -3.99 29.57 38.52
C ALA O 82 -4.91 29.72 39.73
N ALA O 83 -4.41 29.47 40.94
CA ALA O 83 -5.22 29.66 42.16
C ALA O 83 -5.56 31.14 42.29
N THR O 84 -4.53 32.00 42.21
CA THR O 84 -4.75 33.45 42.24
C THR O 84 -5.67 33.88 41.11
N GLY O 85 -5.56 33.21 39.96
CA GLY O 85 -6.42 33.52 38.84
C GLY O 85 -7.88 33.28 39.12
N CYS O 86 -8.21 32.10 39.65
CA CYS O 86 -9.60 31.77 40.01
C CYS O 86 -10.18 32.75 41.02
N LEU O 87 -9.44 33.03 42.10
CA LEU O 87 -9.95 33.94 43.12
C LEU O 87 -10.05 35.40 42.64
N VAL O 88 -9.03 35.89 41.93
CA VAL O 88 -9.02 37.28 41.46
C VAL O 88 -10.05 37.49 40.35
N GLN O 89 -10.20 36.54 39.42
CA GLN O 89 -11.30 36.59 38.46
C GLN O 89 -12.66 36.52 39.12
N GLU O 90 -12.77 35.89 40.29
CA GLU O 90 -14.00 36.09 41.05
C GLU O 90 -14.16 37.54 41.50
N VAL O 91 -13.09 38.17 41.99
CA VAL O 91 -13.25 39.54 42.50
C VAL O 91 -13.23 40.56 41.37
N VAL O 92 -12.17 40.59 40.57
CA VAL O 92 -12.00 41.69 39.63
C VAL O 92 -12.01 41.12 38.22
N HIS O 93 -12.57 41.88 37.30
CA HIS O 93 -12.62 41.52 35.90
C HIS O 93 -11.95 42.61 35.09
N LEU O 94 -11.38 42.20 33.96
CA LEU O 94 -11.17 43.18 32.92
C LEU O 94 -12.55 43.62 32.42
N PRO O 95 -12.68 44.84 31.94
CA PRO O 95 -13.98 45.31 31.44
C PRO O 95 -14.48 44.57 30.23
N GLY O 96 -15.73 44.81 29.90
CA GLY O 96 -16.31 44.23 28.70
C GLY O 96 -17.12 43.01 29.00
N PRO O 97 -18.03 42.65 28.10
CA PRO O 97 -18.87 41.46 28.31
C PRO O 97 -18.14 40.14 28.14
N ALA O 98 -17.05 40.09 27.37
CA ALA O 98 -16.33 38.83 27.18
C ALA O 98 -15.50 38.43 28.40
N PHE O 99 -15.32 39.33 29.35
CA PHE O 99 -14.51 39.08 30.54
C PHE O 99 -15.34 39.15 31.80
N SER O 100 -16.66 39.00 31.69
CA SER O 100 -17.57 39.17 32.81
C SER O 100 -18.02 37.85 33.39
N GLN O 101 -17.15 36.85 33.42
CA GLN O 101 -17.51 35.51 33.88
C GLN O 101 -16.92 35.31 35.26
N LYS O 102 -17.76 35.44 36.28
CA LYS O 102 -17.35 35.21 37.66
C LYS O 102 -16.84 33.80 37.86
N MET O 103 -17.60 32.82 37.41
CA MET O 103 -17.16 31.43 37.46
C MET O 103 -16.02 31.22 36.47
N ALA O 104 -14.92 30.65 36.96
CA ALA O 104 -13.66 30.64 36.23
C ALA O 104 -13.70 29.71 35.02
N LEU O 105 -14.37 28.56 35.11
CA LEU O 105 -14.43 27.63 33.99
C LEU O 105 -15.24 28.18 32.81
N ASN O 106 -16.12 29.14 33.04
CA ASN O 106 -16.82 29.82 31.97
C ASN O 106 -15.97 30.87 31.28
N ALA O 107 -14.95 31.40 31.96
CA ALA O 107 -14.05 32.37 31.36
C ALA O 107 -13.23 31.74 30.26
N TRP O 108 -12.92 30.45 30.37
CA TRP O 108 -12.24 29.69 29.33
C TRP O 108 -12.98 29.78 27.99
N ALA O 109 -14.30 29.63 28.02
CA ALA O 109 -15.09 29.69 26.80
C ALA O 109 -15.41 31.11 26.37
N ALA O 110 -15.67 32.00 27.33
CA ALA O 110 -16.12 33.33 26.96
C ALA O 110 -15.01 34.24 26.47
N ALA O 111 -13.80 34.12 27.03
CA ALA O 111 -12.68 34.96 26.66
C ALA O 111 -12.38 34.84 25.17
N PRO O 112 -12.09 35.98 24.48
CA PRO O 112 -11.77 35.97 23.05
C PRO O 112 -10.70 34.98 22.64
N ARG O 113 -11.06 34.11 21.68
CA ARG O 113 -10.19 33.01 21.24
C ARG O 113 -8.86 33.50 20.72
N GLY O 114 -8.87 34.58 19.91
CA GLY O 114 -7.63 35.17 19.43
C GLY O 114 -6.68 35.52 20.55
N GLY O 115 -7.21 36.08 21.63
CA GLY O 115 -6.36 36.40 22.76
C GLY O 115 -5.94 35.22 23.59
N MET O 116 -6.77 34.19 23.70
CA MET O 116 -6.36 33.00 24.43
C MET O 116 -5.29 32.22 23.67
N ILE O 117 -5.39 32.19 22.34
CA ILE O 117 -4.35 31.56 21.54
C ILE O 117 -3.11 32.44 21.54
N SER O 118 -3.28 33.76 21.66
CA SER O 118 -2.15 34.67 21.88
C SER O 118 -1.42 34.36 23.18
N ILE O 119 -2.18 34.09 24.25
CA ILE O 119 -1.61 33.65 25.52
C ILE O 119 -0.83 32.35 25.34
N LEU O 120 -1.42 31.39 24.62
CA LEU O 120 -0.80 30.09 24.37
C LEU O 120 0.50 30.20 23.59
N VAL O 121 0.50 31.01 22.53
CA VAL O 121 1.69 31.25 21.71
C VAL O 121 2.75 31.97 22.51
N ALA O 122 2.34 32.97 23.30
CA ALA O 122 3.28 33.70 24.16
C ALA O 122 3.90 32.78 25.19
N ILE O 123 3.13 31.83 25.73
CA ILE O 123 3.66 30.83 26.66
C ILE O 123 4.70 29.96 25.96
N GLY O 124 4.41 29.55 24.72
CA GLY O 124 5.39 28.77 23.95
C GLY O 124 6.67 29.52 23.66
N LEU O 125 6.56 30.80 23.32
CA LEU O 125 7.73 31.65 23.14
C LEU O 125 8.52 31.81 24.45
N ILE O 126 7.82 32.02 25.57
CA ILE O 126 8.45 32.12 26.89
C ILE O 126 9.20 30.83 27.23
N GLU O 127 8.60 29.70 26.90
CA GLU O 127 9.26 28.41 27.11
C GLU O 127 10.51 28.26 26.24
N MET O 128 10.48 28.71 24.98
CA MET O 128 11.71 28.51 24.20
C MET O 128 12.81 29.49 24.61
N ILE O 129 12.49 30.75 24.92
CA ILE O 129 13.55 31.70 25.24
C ILE O 129 14.07 31.51 26.67
N SER O 130 13.16 31.37 27.64
CA SER O 130 13.54 31.19 29.04
C SER O 130 14.31 29.90 29.29
N ASN O 131 14.05 28.84 28.53
CA ASN O 131 14.84 27.64 28.63
C ASN O 131 16.06 27.66 27.73
N ARG O 132 16.17 28.69 26.87
CA ARG O 132 17.34 28.97 26.03
C ARG O 132 17.58 27.88 24.99
N PHE O 133 16.49 27.35 24.42
CA PHE O 133 16.43 26.30 23.41
C PHE O 133 16.91 24.95 23.95
N ALA O 134 17.11 24.83 25.25
CA ALA O 134 17.37 23.57 25.93
C ALA O 134 16.07 23.16 26.60
N LEU O 135 15.14 22.64 25.80
CA LEU O 135 13.80 22.37 26.32
C LEU O 135 13.54 20.92 26.66
N THR O 136 14.17 19.98 25.97
CA THR O 136 13.90 18.57 26.13
C THR O 136 14.59 17.98 27.34
N ALA O 137 14.21 16.73 27.64
CA ALA O 137 14.78 15.94 28.72
C ALA O 137 16.15 15.40 28.40
N THR O 138 16.65 15.70 27.22
CA THR O 138 17.99 15.35 26.78
C THR O 138 18.91 16.55 26.73
N ASP O 139 18.40 17.79 26.78
CA ASP O 139 19.32 18.93 26.66
C ASP O 139 19.08 20.10 27.62
N MET O 140 17.96 20.18 28.32
CA MET O 140 17.88 21.03 29.51
C MET O 140 18.90 20.52 30.51
N PHE O 141 19.57 21.41 31.25
CA PHE O 141 20.67 21.10 32.19
C PHE O 141 21.92 20.56 31.47
N ALA O 142 22.03 20.75 30.15
CA ALA O 142 23.29 20.46 29.46
C ALA O 142 24.40 21.39 29.95
N ASN O 143 24.05 22.64 30.18
CA ASN O 143 24.93 23.56 30.86
C ASN O 143 25.00 23.12 32.32
N PRO O 144 26.19 22.87 32.87
CA PRO O 144 26.28 22.58 34.31
C PRO O 144 25.90 23.75 35.20
N ASN O 145 25.88 24.97 34.66
CA ASN O 145 25.44 26.13 35.41
C ASN O 145 23.94 26.16 35.59
N ARG O 146 23.20 25.45 34.74
CA ARG O 146 21.74 25.44 34.82
C ARG O 146 21.30 24.75 36.11
N VAL O 147 20.38 25.38 36.82
CA VAL O 147 19.90 24.91 38.12
C VAL O 147 18.41 24.66 37.96
N PRO O 148 17.86 23.58 38.53
CA PRO O 148 16.40 23.32 38.51
C PRO O 148 15.52 24.44 39.00
N GLY O 149 14.76 25.03 38.09
CA GLY O 149 13.88 26.13 38.41
C GLY O 149 14.47 27.49 38.17
N ASP O 150 15.79 27.60 38.02
CA ASP O 150 16.45 28.87 37.80
C ASP O 150 16.43 29.17 36.32
N LEU O 151 15.45 29.95 35.90
CA LEU O 151 15.37 30.38 34.51
C LEU O 151 16.00 31.75 34.33
N GLY O 152 16.61 32.29 35.39
CA GLY O 152 17.14 33.63 35.36
C GLY O 152 16.10 34.69 35.61
N PHE O 153 15.02 34.35 36.29
CA PHE O 153 13.89 35.25 36.50
C PHE O 153 14.02 35.92 37.86
N ASP O 154 14.57 37.13 37.86
CA ASP O 154 14.55 37.98 39.05
C ASP O 154 14.51 39.44 38.64
N PRO O 155 13.39 39.91 38.03
CA PRO O 155 13.32 41.28 37.46
C PRO O 155 13.63 42.42 38.42
N LEU O 156 13.21 42.27 39.67
CA LEU O 156 13.43 43.29 40.68
C LEU O 156 14.56 42.92 41.61
N SER O 157 15.37 41.91 41.27
CA SER O 157 16.53 41.43 42.03
C SER O 157 16.17 41.14 43.49
N LEU O 158 15.02 40.50 43.70
CA LEU O 158 14.59 40.21 45.06
C LEU O 158 15.37 39.08 45.69
N GLY O 159 16.10 38.30 44.90
CA GLY O 159 16.97 37.27 45.42
C GLY O 159 18.41 37.72 45.50
N ALA O 160 18.64 39.03 45.46
CA ALA O 160 19.99 39.58 45.58
C ALA O 160 20.59 39.30 46.95
N ASN O 161 19.77 39.21 47.99
CA ASN O 161 20.24 38.85 49.32
C ASN O 161 20.44 37.34 49.39
N PRO O 162 21.65 36.85 49.62
CA PRO O 162 21.88 35.40 49.74
C PRO O 162 21.20 34.75 50.94
N ALA O 163 21.02 35.48 52.04
CA ALA O 163 20.46 34.92 53.27
C ALA O 163 19.03 34.44 53.09
N ASN O 164 18.20 35.18 52.35
CA ASN O 164 16.81 34.80 52.17
C ASN O 164 16.61 33.63 51.22
N ARG O 165 17.66 33.24 50.47
CA ARG O 165 17.58 32.27 49.38
C ARG O 165 17.02 30.94 49.83
N ALA O 166 17.48 30.45 50.99
CA ALA O 166 17.01 29.19 51.52
C ALA O 166 15.53 29.28 51.91
N ARG O 167 15.14 30.37 52.58
CA ARG O 167 13.75 30.53 52.98
C ARG O 167 12.84 30.72 51.78
N PHE O 168 13.27 31.55 50.82
CA PHE O 168 12.48 31.86 49.64
C PHE O 168 12.25 30.64 48.78
N GLU O 169 13.32 29.86 48.57
CA GLU O 169 13.24 28.63 47.79
C GLU O 169 12.36 27.63 48.50
N LEU O 170 12.44 27.58 49.83
CA LEU O 170 11.53 26.72 50.57
C LEU O 170 10.11 27.22 50.41
N SER O 171 9.90 28.53 50.60
CA SER O 171 8.55 29.07 50.59
C SER O 171 7.96 29.08 49.20
N GLU O 172 8.79 29.15 48.16
CA GLU O 172 8.31 28.99 46.79
C GLU O 172 7.83 27.58 46.54
N VAL O 173 8.62 26.58 46.97
CA VAL O 173 8.24 25.18 46.77
C VAL O 173 6.95 24.86 47.50
N ILE O 174 6.81 25.33 48.75
CA ILE O 174 5.63 25.01 49.55
C ILE O 174 4.40 25.70 49.01
N HIS O 175 4.54 26.99 48.65
CA HIS O 175 3.47 27.75 47.98
C HIS O 175 3.09 27.08 46.67
N GLY O 176 4.08 26.53 45.96
CA GLY O 176 3.76 25.83 44.73
C GLY O 176 2.95 24.58 44.98
N ARG O 177 3.37 23.76 45.96
CA ARG O 177 2.67 22.51 46.30
C ARG O 177 1.26 22.78 46.76
N ALA O 178 1.10 23.77 47.65
CA ALA O 178 -0.19 24.18 48.15
C ALA O 178 -1.10 24.62 47.04
N ALA O 179 -0.55 25.36 46.09
CA ALA O 179 -1.35 25.88 45.00
C ALA O 179 -1.71 24.79 44.02
N MET O 180 -0.87 23.77 43.88
CA MET O 180 -1.26 22.59 43.11
C MET O 180 -2.48 21.93 43.73
N MET O 181 -2.44 21.72 45.05
CA MET O 181 -3.58 21.10 45.74
C MET O 181 -4.81 21.99 45.72
N GLY O 182 -4.64 23.29 45.94
CA GLY O 182 -5.77 24.19 45.97
C GLY O 182 -6.47 24.38 44.64
N PHE O 183 -5.69 24.56 43.55
CA PHE O 183 -6.27 24.77 42.22
C PHE O 183 -7.02 23.54 41.74
N SER O 184 -6.44 22.37 42.01
CA SER O 184 -7.06 21.09 41.72
C SER O 184 -8.38 20.97 42.42
N GLY O 185 -8.41 21.39 43.69
CA GLY O 185 -9.67 21.41 44.40
C GLY O 185 -10.68 22.35 43.79
N MET O 186 -10.25 23.57 43.46
CA MET O 186 -11.17 24.60 42.97
C MET O 186 -11.80 24.21 41.64
N VAL O 187 -10.99 23.62 40.74
CA VAL O 187 -11.48 23.16 39.45
C VAL O 187 -12.52 22.07 39.63
N HIS O 188 -12.21 21.11 40.49
CA HIS O 188 -13.14 20.01 40.64
C HIS O 188 -14.32 20.39 41.51
N GLN O 189 -14.18 21.47 42.29
CA GLN O 189 -15.37 22.03 42.93
C GLN O 189 -16.19 22.88 41.96
N MET O 190 -15.55 23.50 40.97
CA MET O 190 -16.30 24.19 39.92
C MET O 190 -17.06 23.22 39.04
N ILE O 191 -16.49 22.03 38.81
CA ILE O 191 -17.18 20.99 38.05
C ILE O 191 -18.41 20.48 38.80
N VAL O 192 -18.23 20.11 40.08
CA VAL O 192 -19.32 19.55 40.89
C VAL O 192 -20.42 20.59 41.10
N SER O 193 -20.04 21.73 41.63
CA SER O 193 -20.95 22.84 41.85
C SER O 193 -20.60 23.90 40.83
N LYS O 194 -21.53 24.24 39.96
CA LYS O 194 -21.26 25.18 38.87
C LYS O 194 -21.22 26.62 39.39
N GLN O 195 -20.25 26.86 40.27
CA GLN O 195 -20.14 28.05 41.08
C GLN O 195 -18.65 28.39 41.19
N ALA O 196 -18.36 29.68 41.24
CA ALA O 196 -17.00 30.13 41.42
C ALA O 196 -16.59 29.90 42.87
N PRO O 197 -15.27 29.70 43.14
CA PRO O 197 -14.85 29.25 44.49
C PRO O 197 -15.24 30.13 45.69
N ILE O 198 -15.13 31.45 45.58
CA ILE O 198 -15.49 32.29 46.73
C ILE O 198 -17.01 32.31 46.91
N GLU O 199 -17.76 32.43 45.82
CA GLU O 199 -19.21 32.43 45.97
C GLU O 199 -19.79 31.03 46.06
N GLN O 200 -18.97 30.00 45.84
CA GLN O 200 -19.30 28.67 46.29
C GLN O 200 -19.08 28.52 47.79
N LEU O 201 -18.10 29.20 48.36
CA LEU O 201 -18.00 29.18 49.81
C LEU O 201 -19.09 30.02 50.48
N MET O 202 -19.55 31.07 49.82
CA MET O 202 -20.49 31.99 50.46
C MET O 202 -21.94 31.66 50.16
N HIS O 203 -22.19 30.85 49.15
CA HIS O 203 -23.51 30.35 48.81
C HIS O 203 -23.45 28.84 48.70
N PHE O 204 -22.88 28.21 49.73
CA PHE O 204 -22.60 26.78 49.69
C PHE O 204 -23.88 25.97 49.67
N LYS O 205 -23.95 25.06 48.72
CA LYS O 205 -25.04 24.11 48.63
C LYS O 205 -24.37 22.75 48.50
N ALA O 206 -24.81 21.79 49.31
CA ALA O 206 -24.07 20.56 49.46
C ALA O 206 -24.31 19.65 48.26
N VAL O 207 -23.63 18.50 48.27
CA VAL O 207 -23.71 17.58 47.16
C VAL O 207 -24.94 16.71 47.37
N ASP O 208 -25.87 16.74 46.42
CA ASP O 208 -27.10 15.99 46.60
C ASP O 208 -26.92 14.52 46.29
N SER O 209 -25.98 14.18 45.40
CA SER O 209 -25.57 12.83 44.96
C SER O 209 -26.57 12.27 43.95
N SER O 210 -27.64 13.01 43.62
CA SER O 210 -28.56 12.60 42.56
C SER O 210 -27.84 12.59 41.22
N LEU O 211 -26.95 13.56 41.03
CA LEU O 211 -26.15 13.73 39.84
C LEU O 211 -24.72 13.79 40.33
N MET O 212 -23.76 13.78 39.39
CA MET O 212 -22.31 13.79 39.60
C MET O 212 -21.79 12.45 40.10
N LYS O 213 -22.52 11.35 39.85
CA LYS O 213 -22.04 10.02 40.24
C LYS O 213 -20.73 9.70 39.52
N LEU O 214 -19.82 9.09 40.25
CA LEU O 214 -18.50 8.80 39.73
C LEU O 214 -18.48 7.44 39.04
N GLY O 215 -17.97 7.43 37.82
CA GLY O 215 -17.80 6.15 37.15
C GLY O 215 -19.10 5.71 36.50
N GLY O 216 -19.25 4.39 36.37
CA GLY O 216 -20.51 3.84 35.94
C GLY O 216 -20.64 3.57 34.46
N ALA O 217 -19.61 3.83 33.67
CA ALA O 217 -19.69 3.57 32.23
C ALA O 217 -19.81 2.07 31.93
N ALA O 218 -19.19 1.20 32.74
CA ALA O 218 -19.21 -0.23 32.47
C ALA O 218 -20.16 -1.01 33.38
N GLY O 219 -20.64 -0.41 34.46
CA GLY O 219 -21.57 -1.09 35.34
C GLY O 219 -22.91 -1.36 34.68
N ASN O 220 -23.46 -0.36 34.00
CA ASN O 220 -24.69 -0.48 33.23
C ASN O 220 -24.47 -1.01 31.81
N LEU O 221 -23.23 -1.42 31.51
CA LEU O 221 -22.76 -1.97 30.23
C LEU O 221 -22.77 -0.94 29.11
N GLY O 222 -22.58 0.31 29.46
CA GLY O 222 -22.67 1.40 28.50
C GLY O 222 -23.97 2.13 28.69
N TYR O 223 -24.10 3.20 27.89
CA TYR O 223 -25.30 4.07 27.79
C TYR O 223 -25.53 4.83 29.08
N PHE P 64 12.72 -42.66 -39.55
CA PHE P 64 11.63 -42.10 -40.34
C PHE P 64 11.84 -42.42 -41.82
N GLY P 65 12.65 -41.60 -42.48
CA GLY P 65 12.98 -41.81 -43.88
C GLY P 65 13.72 -43.10 -44.14
N GLY P 66 14.52 -43.56 -43.17
CA GLY P 66 15.25 -44.81 -43.22
C GLY P 66 14.44 -46.06 -42.99
N ARG P 67 13.11 -45.95 -42.95
CA ARG P 67 12.21 -47.08 -42.82
C ARG P 67 11.31 -47.25 -44.04
N GLY P 68 11.61 -46.60 -45.15
CA GLY P 68 10.77 -46.69 -46.32
C GLY P 68 9.66 -45.68 -46.37
N LEU P 69 9.81 -44.56 -45.66
CA LEU P 69 8.78 -43.53 -45.59
C LEU P 69 9.33 -42.26 -46.20
N GLY P 70 8.43 -41.45 -46.76
CA GLY P 70 8.86 -40.23 -47.41
C GLY P 70 8.76 -40.36 -48.91
N VAL P 71 9.63 -39.71 -49.67
CA VAL P 71 9.66 -39.90 -51.13
C VAL P 71 10.61 -41.05 -51.41
N THR P 72 10.09 -42.26 -51.28
CA THR P 72 10.80 -43.49 -51.59
C THR P 72 10.00 -44.31 -52.59
N VAL P 73 10.64 -45.33 -53.14
CA VAL P 73 9.96 -46.22 -54.09
C VAL P 73 9.02 -47.16 -53.34
N ASN P 74 9.28 -47.40 -52.04
CA ASN P 74 8.35 -48.14 -51.20
C ASN P 74 7.05 -47.38 -51.02
N ALA P 75 7.16 -46.10 -50.71
CA ALA P 75 6.00 -45.22 -50.62
C ALA P 75 5.31 -45.05 -51.95
N GLU P 76 6.09 -44.95 -53.03
CA GLU P 76 5.53 -44.88 -54.38
C GLU P 76 4.70 -46.11 -54.69
N ARG P 77 5.22 -47.30 -54.33
CA ARG P 77 4.51 -48.54 -54.54
C ARG P 77 3.25 -48.63 -53.68
N TRP P 78 3.35 -48.26 -52.41
CA TRP P 78 2.20 -48.37 -51.50
C TRP P 78 1.09 -47.41 -51.87
N ASN P 79 1.43 -46.16 -52.18
CA ASN P 79 0.44 -45.19 -52.63
C ASN P 79 -0.11 -45.57 -53.99
N GLY P 80 0.70 -46.25 -54.80
CA GLY P 80 0.21 -46.83 -56.03
C GLY P 80 -0.86 -47.87 -55.80
N ARG P 81 -0.64 -48.79 -54.85
CA ARG P 81 -1.64 -49.81 -54.52
C ARG P 81 -2.93 -49.18 -54.02
N HIS P 82 -2.80 -48.16 -53.17
CA HIS P 82 -3.97 -47.48 -52.65
C HIS P 82 -4.68 -46.69 -53.72
N ALA P 83 -3.98 -46.13 -54.70
CA ALA P 83 -4.67 -45.41 -55.76
C ALA P 83 -5.34 -46.34 -56.77
N MET P 84 -4.75 -47.50 -57.09
CA MET P 84 -5.46 -48.47 -57.92
C MET P 84 -6.72 -48.98 -57.23
N PHE P 85 -6.64 -49.28 -55.93
CA PHE P 85 -7.84 -49.62 -55.17
C PHE P 85 -8.81 -48.46 -55.12
N GLY P 86 -8.30 -47.24 -55.02
CA GLY P 86 -9.16 -46.08 -54.96
C GLY P 86 -9.88 -45.80 -56.26
N ILE P 87 -9.20 -46.00 -57.39
CA ILE P 87 -9.85 -45.89 -58.69
C ILE P 87 -10.93 -46.95 -58.84
N PHE P 88 -10.63 -48.19 -58.40
CA PHE P 88 -11.66 -49.24 -58.35
C PHE P 88 -12.84 -48.84 -57.48
N ALA P 89 -12.57 -48.26 -56.31
CA ALA P 89 -13.63 -47.91 -55.36
C ALA P 89 -14.48 -46.76 -55.88
N MET P 90 -13.86 -45.78 -56.54
CA MET P 90 -14.57 -44.67 -57.15
C MET P 90 -15.46 -45.12 -58.32
N VAL P 91 -14.92 -45.98 -59.20
CA VAL P 91 -15.71 -46.57 -60.29
C VAL P 91 -16.86 -47.39 -59.72
N MET P 92 -16.58 -48.16 -58.66
CA MET P 92 -17.57 -49.06 -58.09
C MET P 92 -18.68 -48.27 -57.39
N THR P 93 -18.34 -47.19 -56.69
CA THR P 93 -19.37 -46.38 -56.07
C THR P 93 -20.16 -45.56 -57.09
N SER P 94 -19.53 -45.14 -58.20
CA SER P 94 -20.26 -44.49 -59.29
C SER P 94 -21.31 -45.42 -59.89
N TYR P 95 -20.91 -46.65 -60.23
CA TYR P 95 -21.87 -47.65 -60.69
C TYR P 95 -22.89 -47.98 -59.61
N MET P 96 -22.49 -47.93 -58.34
CA MET P 96 -23.31 -48.39 -57.25
C MET P 96 -24.44 -47.42 -56.93
N LYS P 97 -24.15 -46.12 -56.94
CA LYS P 97 -25.19 -45.12 -56.70
C LYS P 97 -25.85 -44.65 -57.98
N GLY P 98 -25.29 -44.96 -59.14
CA GLY P 98 -25.99 -44.65 -60.38
C GLY P 98 -27.24 -45.50 -60.55
N HIS P 99 -27.18 -46.76 -60.16
CA HIS P 99 -28.31 -47.67 -60.23
C HIS P 99 -29.16 -47.68 -58.97
N GLY P 100 -28.81 -46.87 -57.97
CA GLY P 100 -29.52 -46.88 -56.71
C GLY P 100 -29.36 -48.15 -55.91
N LEU P 101 -28.17 -48.73 -55.92
CA LEU P 101 -27.91 -49.98 -55.22
C LEU P 101 -27.39 -49.76 -53.80
N ILE P 102 -27.28 -48.52 -53.36
CA ILE P 102 -27.03 -48.21 -51.96
C ILE P 102 -28.38 -47.98 -51.29
N PRO P 103 -28.75 -48.76 -50.29
CA PRO P 103 -30.12 -48.69 -49.74
C PRO P 103 -30.31 -47.43 -48.91
N ASP P 104 -31.43 -46.74 -49.17
CA ASP P 104 -31.86 -45.52 -48.46
C ASP P 104 -30.79 -44.42 -48.53
N ALA P 105 -30.22 -44.23 -49.72
CA ALA P 105 -29.07 -43.33 -49.92
C ALA P 105 -29.33 -41.91 -49.45
N ASP P 106 -30.55 -41.42 -49.60
CA ASP P 106 -30.88 -40.06 -49.21
C ASP P 106 -31.31 -39.94 -47.76
N LYS P 107 -31.59 -41.07 -47.10
CA LYS P 107 -32.13 -41.06 -45.74
C LYS P 107 -31.13 -40.50 -44.75
N VAL P 108 -31.55 -39.51 -43.99
CA VAL P 108 -30.67 -38.77 -43.11
C VAL P 108 -30.66 -39.48 -41.76
N LEU P 109 -29.47 -39.81 -41.28
CA LEU P 109 -29.32 -40.53 -40.02
C LEU P 109 -29.75 -39.65 -38.86
N ASP P 110 -30.41 -40.26 -37.88
CA ASP P 110 -30.93 -39.52 -36.75
C ASP P 110 -29.95 -39.55 -35.59
N ILE P 111 -29.75 -38.38 -34.97
CA ILE P 111 -28.91 -38.22 -33.78
C ILE P 111 -29.45 -39.04 -32.61
N ALA P 112 -30.77 -39.29 -32.57
CA ALA P 112 -31.38 -40.13 -31.54
C ALA P 112 -30.81 -41.54 -31.51
N GLN P 113 -30.47 -42.10 -32.67
CA GLN P 113 -29.87 -43.42 -32.71
C GLN P 113 -28.35 -43.37 -32.71
N TRP P 114 -27.75 -42.42 -33.43
CA TRP P 114 -26.31 -42.45 -33.67
C TRP P 114 -25.52 -41.41 -32.89
N GLY P 115 -26.17 -40.42 -32.31
CA GLY P 115 -25.46 -39.47 -31.50
C GLY P 115 -24.97 -38.28 -32.29
N PRO P 116 -24.20 -37.42 -31.60
CA PRO P 116 -23.80 -36.14 -32.19
C PRO P 116 -22.76 -36.23 -33.29
N LEU P 117 -22.16 -37.41 -33.53
CA LEU P 117 -21.28 -37.59 -34.68
C LEU P 117 -22.04 -37.54 -35.99
N ALA P 118 -23.36 -37.76 -35.97
CA ALA P 118 -24.14 -37.75 -37.20
C ALA P 118 -24.49 -36.34 -37.67
N ALA P 119 -24.32 -35.32 -36.85
CA ALA P 119 -24.72 -33.96 -37.23
C ALA P 119 -23.79 -33.38 -38.29
N VAL P 120 -24.37 -32.63 -39.24
CA VAL P 120 -23.55 -32.11 -40.33
C VAL P 120 -23.65 -30.59 -40.43
N TRP P 121 -24.84 -30.02 -40.16
CA TRP P 121 -25.26 -28.60 -40.16
C TRP P 121 -25.73 -28.11 -41.51
N ASP P 122 -25.89 -29.03 -42.48
CA ASP P 122 -26.53 -28.67 -43.74
C ASP P 122 -27.93 -28.21 -43.34
N GLY P 123 -28.36 -27.05 -43.88
CA GLY P 123 -29.62 -26.40 -43.49
C GLY P 123 -30.83 -27.30 -43.46
N ALA P 124 -30.87 -28.28 -44.36
CA ALA P 124 -31.96 -29.23 -44.46
C ALA P 124 -31.48 -30.56 -43.90
N GLY P 125 -32.15 -31.06 -42.86
CA GLY P 125 -31.86 -32.36 -42.30
C GLY P 125 -30.96 -32.41 -41.09
N ASN P 126 -29.90 -31.59 -41.08
CA ASN P 126 -28.96 -31.43 -39.96
C ASN P 126 -28.31 -32.76 -39.55
N GLY P 127 -28.00 -33.58 -40.54
CA GLY P 127 -27.46 -34.90 -40.27
C GLY P 127 -26.80 -35.49 -41.50
N ILE P 128 -25.90 -36.43 -41.25
CA ILE P 128 -25.28 -37.17 -42.35
C ILE P 128 -26.33 -38.04 -43.03
N SER P 129 -26.17 -38.23 -44.34
CA SER P 129 -27.04 -39.13 -45.06
C SER P 129 -26.56 -40.56 -44.86
N ASN P 130 -27.44 -41.50 -45.18
CA ASN P 130 -27.13 -42.90 -44.98
C ASN P 130 -26.10 -43.39 -46.00
N GLU P 131 -26.13 -42.83 -47.21
CA GLU P 131 -25.17 -43.19 -48.26
C GLU P 131 -23.75 -42.90 -47.83
N ARG P 132 -23.50 -41.68 -47.35
CA ARG P 132 -22.17 -41.24 -46.92
C ARG P 132 -21.66 -42.08 -45.76
N ALA P 133 -22.54 -42.39 -44.81
CA ALA P 133 -22.19 -43.29 -43.72
C ALA P 133 -21.83 -44.69 -44.22
N ILE P 134 -22.54 -45.19 -45.24
CA ILE P 134 -22.27 -46.53 -45.78
C ILE P 134 -20.92 -46.60 -46.49
N ILE P 135 -20.61 -45.60 -47.33
CA ILE P 135 -19.27 -45.53 -47.96
C ILE P 135 -18.17 -45.39 -46.91
N LEU P 136 -18.43 -44.61 -45.86
CA LEU P 136 -17.46 -44.48 -44.78
C LEU P 136 -17.24 -45.80 -44.04
N ILE P 137 -18.30 -46.59 -43.83
CA ILE P 137 -18.17 -47.88 -43.17
C ILE P 137 -17.40 -48.89 -44.03
N ALA P 138 -17.59 -48.82 -45.36
CA ALA P 138 -16.75 -49.59 -46.29
C ALA P 138 -15.28 -49.23 -46.15
N HIS P 139 -15.01 -47.92 -46.08
CA HIS P 139 -13.66 -47.43 -45.84
C HIS P 139 -13.12 -47.84 -44.48
N VAL P 140 -13.98 -47.95 -43.47
CA VAL P 140 -13.56 -48.35 -42.13
C VAL P 140 -13.16 -49.81 -42.12
N HIS P 141 -13.92 -50.66 -42.84
CA HIS P 141 -13.55 -52.07 -43.05
C HIS P 141 -12.15 -52.20 -43.62
N VAL P 142 -11.87 -51.48 -44.70
CA VAL P 142 -10.53 -51.60 -45.28
C VAL P 142 -9.45 -50.85 -44.47
N LEU P 143 -9.82 -49.86 -43.65
CA LEU P 143 -8.88 -49.26 -42.69
C LEU P 143 -8.49 -50.21 -41.56
N VAL P 144 -9.44 -50.99 -41.04
CA VAL P 144 -9.08 -51.96 -40.01
C VAL P 144 -8.19 -53.06 -40.61
N VAL P 145 -8.49 -53.48 -41.85
CA VAL P 145 -7.57 -54.36 -42.60
C VAL P 145 -6.21 -53.69 -42.76
N SER P 146 -6.19 -52.39 -43.00
CA SER P 146 -4.97 -51.63 -43.21
C SER P 146 -4.10 -51.59 -41.95
N VAL P 147 -4.72 -51.32 -40.81
CA VAL P 147 -3.99 -51.26 -39.53
C VAL P 147 -3.45 -52.64 -39.17
N ILE P 148 -4.28 -53.68 -39.30
CA ILE P 148 -3.85 -55.04 -39.01
C ILE P 148 -2.73 -55.48 -39.97
N ALA P 149 -2.79 -55.06 -41.23
CA ALA P 149 -1.72 -55.39 -42.16
C ALA P 149 -0.47 -54.57 -41.93
N ALA P 150 -0.60 -53.34 -41.41
CA ALA P 150 0.56 -52.52 -41.12
C ALA P 150 1.32 -53.02 -39.90
N ILE P 151 0.61 -53.37 -38.84
CA ILE P 151 1.26 -53.76 -37.59
C ILE P 151 1.57 -55.24 -37.57
N ALA P 152 0.67 -56.07 -38.09
CA ALA P 152 0.83 -57.53 -38.12
C ALA P 152 0.73 -58.00 -39.56
N PRO P 153 1.75 -57.83 -40.38
CA PRO P 153 1.65 -58.24 -41.78
C PRO P 153 1.75 -59.75 -41.94
N PHE P 154 1.47 -60.20 -43.15
CA PHE P 154 1.64 -61.59 -43.53
C PHE P 154 3.13 -61.91 -43.61
N GLY P 155 3.45 -63.20 -43.65
CA GLY P 155 4.85 -63.63 -43.73
C GLY P 155 5.52 -63.22 -45.03
N PHE P 156 4.75 -63.22 -46.12
CA PHE P 156 5.23 -62.96 -47.47
C PHE P 156 5.00 -61.54 -47.94
N GLN P 157 4.07 -60.83 -47.29
CA GLN P 157 3.58 -59.53 -47.76
C GLN P 157 4.69 -58.48 -47.67
N ASP P 158 4.63 -57.49 -48.55
CA ASP P 158 5.51 -56.34 -48.45
C ASP P 158 5.02 -55.46 -47.31
N THR P 159 5.95 -54.96 -46.50
CA THR P 159 5.57 -54.28 -45.26
C THR P 159 5.69 -52.77 -45.46
N LEU P 160 4.75 -52.04 -44.86
CA LEU P 160 4.70 -50.58 -44.97
C LEU P 160 5.94 -49.93 -44.37
N VAL P 161 6.30 -50.31 -43.15
CA VAL P 161 7.48 -49.78 -42.47
C VAL P 161 8.56 -50.84 -42.55
N LYS P 162 9.58 -50.60 -43.37
CA LYS P 162 10.65 -51.55 -43.52
C LYS P 162 11.57 -51.45 -42.30
N GLU P 163 12.27 -52.56 -41.99
CA GLU P 163 13.23 -52.58 -40.88
C GLU P 163 14.29 -51.53 -41.14
N LYS P 164 14.74 -50.82 -40.07
CA LYS P 164 15.70 -49.71 -40.16
C LYS P 164 16.88 -50.05 -41.05
N GLY P 165 17.52 -51.19 -40.79
CA GLY P 165 18.57 -51.68 -41.65
C GLY P 165 18.02 -52.51 -42.80
N TYR P 166 17.53 -51.88 -43.87
CA TYR P 166 17.03 -52.60 -45.05
C TYR P 166 17.73 -52.04 -46.28
N THR P 167 17.58 -52.73 -47.41
CA THR P 167 18.13 -52.30 -48.70
C THR P 167 17.03 -51.62 -49.49
N PRO P 168 17.02 -50.28 -49.62
CA PRO P 168 15.97 -49.64 -50.41
C PRO P 168 16.03 -50.11 -51.86
N GLU P 169 14.86 -50.48 -52.38
CA GLU P 169 14.76 -50.96 -53.76
C GLU P 169 15.14 -49.82 -54.68
N SER P 170 15.76 -50.18 -55.81
CA SER P 170 16.23 -49.17 -56.75
C SER P 170 15.04 -48.41 -57.31
N PRO P 171 15.16 -47.09 -57.49
CA PRO P 171 14.08 -46.32 -58.10
C PRO P 171 13.82 -46.82 -59.51
N ALA P 172 12.53 -46.83 -59.86
CA ALA P 172 12.09 -47.37 -61.15
C ALA P 172 12.67 -46.58 -62.32
N GLY P 173 12.80 -45.29 -62.15
CA GLY P 173 13.18 -44.43 -63.26
C GLY P 173 11.95 -43.83 -63.86
N LEU P 174 12.14 -43.22 -65.03
CA LEU P 174 11.03 -42.61 -65.76
C LEU P 174 10.00 -43.67 -66.15
N ILE P 175 10.47 -44.84 -66.55
CA ILE P 175 9.57 -45.93 -66.88
C ILE P 175 10.21 -47.25 -66.43
N PRO P 176 9.48 -48.07 -65.66
CA PRO P 176 9.96 -49.42 -65.33
C PRO P 176 9.94 -50.31 -66.56
N PRO P 177 10.75 -51.38 -66.57
CA PRO P 177 10.66 -52.37 -67.66
C PRO P 177 9.30 -53.03 -67.73
N PHE P 178 8.78 -53.20 -68.95
CA PHE P 178 7.42 -53.69 -69.11
C PHE P 178 7.39 -55.21 -69.00
N LYS P 179 6.64 -55.72 -68.03
CA LYS P 179 6.40 -57.15 -67.89
C LYS P 179 4.89 -57.37 -67.80
N THR P 180 4.36 -58.21 -68.70
CA THR P 180 2.91 -58.39 -68.80
C THR P 180 2.31 -59.18 -67.64
N GLY P 181 3.11 -59.82 -66.81
CA GLY P 181 2.61 -60.62 -65.72
C GLY P 181 2.33 -59.80 -64.48
N LEU P 182 2.04 -60.51 -63.40
CA LEU P 182 1.83 -59.89 -62.08
C LEU P 182 3.19 -59.59 -61.45
N THR P 183 3.88 -58.61 -62.02
CA THR P 183 5.22 -58.25 -61.59
C THR P 183 5.19 -56.92 -60.88
N ALA P 184 6.30 -56.65 -60.15
CA ALA P 184 6.43 -55.40 -59.40
C ALA P 184 6.44 -54.21 -60.33
N GLU P 185 7.10 -54.37 -61.49
CA GLU P 185 7.24 -53.29 -62.46
C GLU P 185 5.89 -52.88 -63.00
N ALA P 186 5.03 -53.87 -63.29
CA ALA P 186 3.68 -53.62 -63.75
C ALA P 186 2.86 -52.92 -62.68
N GLU P 187 3.04 -53.34 -61.42
CA GLU P 187 2.38 -52.70 -60.28
C GLU P 187 2.76 -51.23 -60.21
N LEU P 188 4.06 -50.93 -60.27
CA LEU P 188 4.53 -49.55 -60.18
C LEU P 188 4.00 -48.68 -61.34
N ILE P 189 3.97 -49.23 -62.56
CA ILE P 189 3.47 -48.47 -63.72
C ILE P 189 2.00 -48.13 -63.54
N ASN P 190 1.20 -49.15 -63.21
CA ASN P 190 -0.23 -48.95 -62.97
C ASN P 190 -0.48 -48.06 -61.77
N GLY P 191 0.36 -48.19 -60.73
CA GLY P 191 0.22 -47.37 -59.55
C GLY P 191 0.49 -45.90 -59.79
N ARG P 192 1.54 -45.58 -60.57
CA ARG P 192 1.81 -44.19 -60.94
C ARG P 192 0.69 -43.63 -61.77
N LEU P 193 0.16 -44.46 -62.69
CA LEU P 193 -0.98 -44.07 -63.51
C LEU P 193 -2.22 -43.82 -62.66
N ALA P 194 -2.44 -44.64 -61.64
CA ALA P 194 -3.64 -44.50 -60.82
C ALA P 194 -3.54 -43.30 -59.90
N MET P 195 -2.36 -43.02 -59.33
CA MET P 195 -2.17 -41.83 -58.49
C MET P 195 -2.37 -40.55 -59.31
N LEU P 196 -1.83 -40.54 -60.53
CA LEU P 196 -2.09 -39.45 -61.48
C LEU P 196 -3.56 -39.40 -61.84
N GLY P 197 -4.19 -40.56 -62.00
CA GLY P 197 -5.60 -40.62 -62.31
C GLY P 197 -6.47 -40.03 -61.21
N VAL P 198 -6.11 -40.28 -59.95
CA VAL P 198 -6.82 -39.70 -58.80
C VAL P 198 -6.73 -38.18 -58.85
N ILE P 199 -5.54 -37.66 -59.16
CA ILE P 199 -5.38 -36.21 -59.32
C ILE P 199 -6.21 -35.69 -60.51
N SER P 200 -6.20 -36.43 -61.63
CA SER P 200 -6.93 -36.03 -62.84
C SER P 200 -8.44 -35.93 -62.59
N ILE P 201 -9.02 -36.93 -61.94
CA ILE P 201 -10.44 -36.92 -61.63
C ILE P 201 -10.78 -35.85 -60.60
N VAL P 202 -9.94 -35.70 -59.57
CA VAL P 202 -10.23 -34.74 -58.50
C VAL P 202 -10.16 -33.31 -59.05
N THR P 203 -9.18 -33.05 -59.93
CA THR P 203 -9.06 -31.75 -60.57
C THR P 203 -10.18 -31.53 -61.59
N ALA P 204 -10.47 -32.53 -62.44
CA ALA P 204 -11.55 -32.42 -63.42
C ALA P 204 -12.89 -32.08 -62.77
N SER P 205 -13.22 -32.79 -61.69
CA SER P 205 -14.44 -32.53 -60.93
C SER P 205 -14.41 -31.15 -60.30
N LEU P 206 -13.27 -30.76 -59.71
CA LEU P 206 -13.15 -29.46 -59.07
C LEU P 206 -13.29 -28.33 -60.09
N PHE P 207 -12.55 -28.45 -61.20
CA PHE P 207 -12.47 -27.40 -62.21
C PHE P 207 -13.83 -27.20 -62.84
N THR P 208 -14.46 -28.28 -63.24
CA THR P 208 -15.67 -28.19 -64.03
C THR P 208 -16.96 -28.11 -63.21
N GLY P 209 -16.88 -28.08 -61.88
CA GLY P 209 -18.05 -28.04 -61.01
C GLY P 209 -19.04 -29.17 -61.18
N THR P 210 -18.53 -30.39 -61.16
CA THR P 210 -19.35 -31.58 -61.27
C THR P 210 -18.96 -32.50 -60.13
N SER P 211 -19.88 -33.39 -59.77
CA SER P 211 -19.57 -34.40 -58.76
C SER P 211 -18.50 -35.34 -59.31
N VAL P 212 -17.66 -35.83 -58.40
CA VAL P 212 -16.57 -36.73 -58.76
C VAL P 212 -17.10 -38.05 -59.32
N VAL P 213 -18.25 -38.50 -58.80
CA VAL P 213 -18.95 -39.66 -59.33
C VAL P 213 -19.37 -39.42 -60.78
N ASP P 214 -19.88 -38.22 -61.06
CA ASP P 214 -20.32 -37.85 -62.40
C ASP P 214 -19.17 -37.77 -63.40
N THR P 215 -18.03 -37.16 -63.02
CA THR P 215 -16.90 -37.11 -63.95
C THR P 215 -16.30 -38.50 -64.19
N ILE P 216 -16.34 -39.39 -63.19
CA ILE P 216 -15.95 -40.79 -63.41
C ILE P 216 -16.85 -41.42 -64.47
N ASN P 217 -18.16 -41.20 -64.35
CA ASN P 217 -19.12 -41.73 -65.33
C ASN P 217 -18.89 -41.14 -66.72
N LEU P 218 -18.65 -39.82 -66.78
CA LEU P 218 -18.45 -39.11 -68.04
C LEU P 218 -17.19 -39.55 -68.78
N GLY P 219 -16.07 -39.78 -68.06
CA GLY P 219 -14.83 -40.21 -68.70
C GLY P 219 -14.94 -41.55 -69.40
N MET P 220 -15.64 -42.49 -68.79
CA MET P 220 -15.81 -43.82 -69.32
C MET P 220 -16.98 -43.92 -70.29
N GLY P 221 -17.55 -42.78 -70.68
CA GLY P 221 -18.63 -42.77 -71.66
C GLY P 221 -19.97 -43.23 -71.15
N LYS P 222 -20.22 -43.07 -69.84
CA LYS P 222 -21.50 -43.38 -69.17
C LYS P 222 -21.80 -44.88 -69.16
N ILE P 223 -20.76 -45.71 -69.23
CA ILE P 223 -20.94 -47.16 -69.10
C ILE P 223 -21.47 -47.55 -67.73
N LEU P 224 -21.03 -46.84 -66.67
CA LEU P 224 -21.46 -47.16 -65.32
C LEU P 224 -22.96 -46.89 -65.12
N TYR P 225 -23.43 -45.77 -65.65
CA TYR P 225 -24.83 -45.33 -65.59
C TYR P 225 -25.01 -44.11 -66.49
N ALA Q 37 22.22 43.26 69.73
CA ALA Q 37 21.57 44.27 68.91
C ALA Q 37 20.09 43.92 68.68
N MET Q 38 19.21 44.61 69.38
CA MET Q 38 17.77 44.44 69.28
C MET Q 38 17.11 45.76 68.88
N SER Q 39 15.93 45.66 68.27
CA SER Q 39 15.26 46.83 67.68
C SER Q 39 14.81 47.83 68.74
N GLU Q 40 15.03 49.11 68.44
CA GLU Q 40 14.56 50.17 69.33
C GLU Q 40 13.05 50.25 69.33
N SER Q 41 12.41 50.01 68.19
CA SER Q 41 10.96 50.16 68.08
C SER Q 41 10.22 48.91 68.53
N VAL Q 42 10.75 47.73 68.21
CA VAL Q 42 10.11 46.47 68.58
C VAL Q 42 11.13 45.68 69.40
N PRO Q 43 11.16 45.85 70.72
CA PRO Q 43 12.30 45.36 71.53
C PRO Q 43 12.51 43.86 71.52
N PHE Q 44 11.44 43.09 71.33
CA PHE Q 44 11.60 41.64 71.28
C PHE Q 44 12.09 41.15 69.93
N LEU Q 45 12.15 42.01 68.92
CA LEU Q 45 12.63 41.66 67.58
C LEU Q 45 14.04 42.18 67.36
N LYS Q 46 14.75 41.52 66.46
CA LYS Q 46 16.14 41.85 66.16
C LYS Q 46 16.23 43.10 65.30
N LYS Q 47 17.43 43.67 65.29
CA LYS Q 47 17.74 44.74 64.35
C LYS Q 47 17.57 44.25 62.92
N PRO Q 48 16.97 45.04 62.04
CA PRO Q 48 16.63 44.55 60.71
C PRO Q 48 17.79 44.48 59.72
N GLU Q 49 19.04 44.61 60.17
CA GLU Q 49 20.32 44.28 59.52
C GLU Q 49 20.55 44.91 58.13
N ALA Q 50 19.70 45.87 57.77
CA ALA Q 50 19.85 46.66 56.55
C ALA Q 50 19.56 48.12 56.82
N LEU Q 51 19.20 48.47 58.05
CA LEU Q 51 18.84 49.82 58.44
C LEU Q 51 19.87 50.35 59.41
N ASP Q 52 20.27 51.61 59.23
CA ASP Q 52 21.26 52.24 60.08
C ASP Q 52 20.84 53.68 60.36
N SER Q 53 21.30 54.21 61.50
CA SER Q 53 20.89 55.52 61.99
C SER Q 53 21.29 56.68 61.09
N SER Q 54 22.23 56.48 60.17
CA SER Q 54 22.50 57.47 59.10
C SER Q 54 21.34 57.69 58.15
N MET Q 55 20.31 56.83 58.17
CA MET Q 55 19.10 57.03 57.39
C MET Q 55 18.17 58.02 58.10
N ALA Q 56 17.27 58.60 57.32
CA ALA Q 56 16.33 59.59 57.84
C ALA Q 56 15.04 58.91 58.25
N GLY Q 57 14.59 59.16 59.48
CA GLY Q 57 13.39 58.51 59.97
C GLY Q 57 13.60 57.12 60.45
N TYR Q 58 14.84 56.75 60.69
CA TYR Q 58 15.14 55.44 61.19
C TYR Q 58 14.64 55.31 62.62
N ALA Q 59 13.92 54.24 62.91
CA ALA Q 59 13.57 53.87 64.27
C ALA Q 59 13.79 52.39 64.52
N GLY Q 60 14.48 51.69 63.62
CA GLY Q 60 14.66 50.26 63.73
C GLY Q 60 13.42 49.46 63.41
N PHE Q 61 12.46 50.06 62.72
CA PHE Q 61 11.18 49.43 62.48
C PHE Q 61 11.14 48.79 61.10
N ASP Q 62 11.54 47.53 61.03
CA ASP Q 62 11.26 46.67 59.89
C ASP Q 62 10.98 45.26 60.40
N PRO Q 63 9.85 45.07 61.11
CA PRO Q 63 9.56 43.77 61.72
C PRO Q 63 9.39 42.65 60.71
N LEU Q 64 8.82 42.95 59.56
CA LEU Q 64 8.49 41.96 58.55
C LEU Q 64 9.67 41.63 57.65
N GLY Q 65 10.79 42.32 57.82
CA GLY Q 65 12.00 42.03 57.06
C GLY Q 65 11.88 42.28 55.58
N LEU Q 66 11.06 43.26 55.19
CA LEU Q 66 10.90 43.64 53.78
C LEU Q 66 12.17 44.23 53.20
N SER Q 67 12.98 44.87 54.04
CA SER Q 67 14.26 45.44 53.62
C SER Q 67 15.24 44.39 53.15
N SER Q 68 15.20 43.19 53.71
CA SER Q 68 16.03 42.11 53.20
C SER Q 68 15.60 41.69 51.79
N ILE Q 69 14.29 41.68 51.53
CA ILE Q 69 13.76 41.20 50.25
C ILE Q 69 14.14 42.12 49.10
N ALA Q 70 13.96 43.42 49.28
CA ALA Q 70 14.12 44.39 48.22
C ALA Q 70 15.19 45.39 48.64
N ASP Q 71 15.80 46.07 47.66
CA ASP Q 71 16.88 47.02 47.95
C ASP Q 71 16.36 48.14 48.84
N ILE Q 72 17.12 48.44 49.90
CA ILE Q 72 16.71 49.48 50.84
C ILE Q 72 16.64 50.84 50.16
N LYS Q 73 17.54 51.12 49.19
CA LYS Q 73 17.57 52.41 48.51
C LYS Q 73 16.27 52.64 47.75
N PHE Q 74 15.77 51.58 47.11
CA PHE Q 74 14.47 51.63 46.42
C PHE Q 74 13.38 51.91 47.42
N LEU Q 75 13.42 51.23 48.57
CA LEU Q 75 12.39 51.36 49.59
C LEU Q 75 12.42 52.74 50.21
N GLN Q 76 13.62 53.30 50.38
CA GLN Q 76 13.76 54.64 50.90
C GLN Q 76 13.20 55.64 49.92
N GLU Q 77 13.52 55.48 48.63
CA GLU Q 77 12.99 56.35 47.58
C GLU Q 77 11.48 56.22 47.48
N SER Q 78 10.97 54.99 47.57
CA SER Q 78 9.55 54.73 47.52
C SER Q 78 8.82 55.32 48.72
N GLU Q 79 9.41 55.19 49.92
CA GLU Q 79 8.84 55.77 51.12
C GLU Q 79 8.72 57.25 50.95
N ILE Q 80 9.79 57.90 50.49
CA ILE Q 80 9.79 59.35 50.31
C ILE Q 80 8.83 59.77 49.20
N LYS Q 81 8.72 58.99 48.11
CA LYS Q 81 7.75 59.30 47.07
C LYS Q 81 6.31 59.16 47.57
N HIS Q 82 6.04 58.13 48.40
CA HIS Q 82 4.73 57.98 49.02
C HIS Q 82 4.48 59.12 49.99
N CYS Q 83 5.52 59.50 50.75
CA CYS Q 83 5.43 60.54 51.76
C CYS Q 83 5.10 61.88 51.14
N ARG Q 84 5.76 62.22 50.02
CA ARG Q 84 5.56 63.53 49.43
C ARG Q 84 4.24 63.63 48.68
N ILE Q 85 3.81 62.54 48.03
CA ILE Q 85 2.51 62.57 47.36
C ILE Q 85 1.38 62.64 48.36
N ALA Q 86 1.46 61.84 49.42
CA ALA Q 86 0.43 61.90 50.45
C ALA Q 86 0.44 63.20 51.23
N MET Q 87 1.62 63.81 51.45
CA MET Q 87 1.69 65.12 52.06
C MET Q 87 0.95 66.16 51.23
N LEU Q 88 1.15 66.10 49.91
CA LEU Q 88 0.45 67.02 49.04
C LEU Q 88 -1.03 66.71 49.01
N ALA Q 89 -1.38 65.43 49.15
CA ALA Q 89 -2.79 65.03 49.19
C ALA Q 89 -3.46 65.47 50.48
N ALA Q 90 -2.74 65.38 51.60
CA ALA Q 90 -3.28 65.79 52.89
C ALA Q 90 -3.55 67.29 52.93
N ALA Q 91 -2.57 68.08 52.47
CA ALA Q 91 -2.76 69.51 52.35
C ALA Q 91 -3.86 69.84 51.34
N GLY Q 92 -4.00 69.02 50.30
CA GLY Q 92 -5.03 69.24 49.31
C GLY Q 92 -6.43 69.00 49.82
N SER Q 93 -6.62 67.94 50.60
CA SER Q 93 -7.91 67.69 51.26
C SER Q 93 -8.30 68.84 52.18
N ILE Q 94 -7.35 69.28 53.03
CA ILE Q 94 -7.60 70.41 53.93
C ILE Q 94 -7.94 71.69 53.14
N ALA Q 95 -7.13 72.03 52.13
CA ALA Q 95 -7.33 73.27 51.38
C ALA Q 95 -8.59 73.24 50.54
N GLN Q 96 -8.86 72.12 49.87
CA GLN Q 96 -10.11 71.91 49.13
C GLN Q 96 -11.33 72.08 50.01
N ASP Q 97 -11.24 71.67 51.28
CA ASP Q 97 -12.34 71.99 52.19
C ASP Q 97 -12.37 73.47 52.56
N ILE Q 98 -11.20 74.13 52.68
CA ILE Q 98 -11.18 75.53 53.10
C ILE Q 98 -11.68 76.44 51.98
N PHE Q 99 -10.99 76.45 50.84
CA PHE Q 99 -11.39 77.31 49.75
C PHE Q 99 -11.32 76.54 48.44
N THR Q 100 -11.73 77.19 47.38
CA THR Q 100 -11.81 76.58 46.07
C THR Q 100 -11.49 77.66 45.06
N PHE Q 101 -10.73 77.30 44.02
CA PHE Q 101 -10.23 78.24 43.02
C PHE Q 101 -11.42 78.81 42.22
N PRO Q 102 -11.26 80.00 41.62
CA PRO Q 102 -12.39 80.60 40.90
C PRO Q 102 -12.90 79.74 39.75
N GLY Q 103 -14.21 79.62 39.68
CA GLY Q 103 -14.87 78.88 38.64
C GLY Q 103 -15.00 77.38 38.81
N VAL Q 104 -14.28 76.74 39.74
CA VAL Q 104 -14.21 75.29 39.79
C VAL Q 104 -15.53 74.67 40.24
N SER Q 105 -16.33 75.40 41.04
CA SER Q 105 -17.58 74.90 41.60
C SER Q 105 -18.60 74.51 40.53
N LYS Q 106 -18.49 75.09 39.33
CA LYS Q 106 -19.37 74.72 38.22
C LYS Q 106 -19.05 73.33 37.67
N VAL Q 107 -17.78 73.09 37.31
CA VAL Q 107 -17.37 71.85 36.63
C VAL Q 107 -17.60 70.64 37.53
N VAL Q 108 -17.18 70.73 38.77
CA VAL Q 108 -17.49 69.69 39.73
C VAL Q 108 -18.90 69.93 40.23
N GLY Q 109 -19.51 68.94 40.87
CA GLY Q 109 -20.80 69.18 41.48
C GLY Q 109 -20.60 69.49 42.95
N THR Q 110 -21.33 68.82 43.82
CA THR Q 110 -21.06 68.89 45.25
C THR Q 110 -20.06 67.83 45.67
N ALA Q 111 -19.41 67.19 44.70
CA ALA Q 111 -18.45 66.15 44.95
C ALA Q 111 -17.20 66.75 45.58
N LYS Q 112 -16.53 65.95 46.39
CA LYS Q 112 -15.30 66.31 47.07
C LYS Q 112 -14.47 65.04 47.14
N MET Q 113 -13.18 65.20 47.46
CA MET Q 113 -12.12 64.15 47.55
C MET Q 113 -12.19 63.27 46.30
N THR Q 114 -12.32 61.95 46.44
CA THR Q 114 -12.29 61.03 45.29
C THR Q 114 -13.46 61.27 44.34
N GLY Q 115 -14.53 61.89 44.84
CA GLY Q 115 -15.71 62.17 44.05
C GLY Q 115 -15.39 63.08 42.87
N VAL Q 116 -14.47 64.03 43.06
CA VAL Q 116 -14.16 64.94 41.95
C VAL Q 116 -13.34 64.27 40.85
N HIS Q 117 -12.79 63.08 41.11
CA HIS Q 117 -11.87 62.45 40.16
C HIS Q 117 -12.58 62.04 38.89
N ASP Q 118 -13.76 61.43 39.00
CA ASP Q 118 -14.48 60.99 37.82
C ASP Q 118 -14.90 62.17 36.95
N VAL Q 119 -15.23 63.33 37.56
CA VAL Q 119 -15.69 64.43 36.72
C VAL Q 119 -14.51 65.20 36.13
N LEU Q 120 -13.51 65.53 36.94
CA LEU Q 120 -12.30 66.18 36.44
C LEU Q 120 -11.44 65.31 35.52
N VAL Q 121 -11.73 64.01 35.36
CA VAL Q 121 -11.18 63.22 34.25
C VAL Q 121 -11.87 63.57 32.93
N LYS Q 122 -13.18 63.85 32.99
CA LYS Q 122 -13.94 64.30 31.81
C LYS Q 122 -13.38 65.60 31.24
N GLN Q 123 -13.25 66.63 32.05
CA GLN Q 123 -12.45 67.78 31.67
C GLN Q 123 -10.97 67.36 31.70
N GLY Q 124 -10.08 68.17 31.17
CA GLY Q 124 -8.71 67.71 31.10
C GLY Q 124 -7.84 67.97 32.31
N ALA Q 125 -8.44 68.25 33.47
CA ALA Q 125 -7.65 68.60 34.66
C ALA Q 125 -6.79 67.44 35.12
N MET Q 126 -7.40 66.26 35.33
CA MET Q 126 -6.63 65.11 35.77
C MET Q 126 -5.72 64.61 34.66
N GLY Q 127 -6.15 64.77 33.40
CA GLY Q 127 -5.31 64.41 32.26
C GLY Q 127 -4.03 65.22 32.21
N GLN Q 128 -4.13 66.52 32.49
CA GLN Q 128 -2.96 67.38 32.44
C GLN Q 128 -2.08 67.16 33.66
N ILE Q 129 -2.69 66.93 34.84
CA ILE Q 129 -1.91 66.62 36.04
C ILE Q 129 -1.16 65.31 35.83
N LEU Q 130 -1.82 64.29 35.25
CA LEU Q 130 -1.18 63.01 34.96
C LEU Q 130 -0.04 63.19 33.98
N LEU Q 131 -0.26 63.96 32.91
CA LEU Q 131 0.75 64.17 31.87
C LEU Q 131 2.01 64.79 32.46
N TRP Q 132 1.85 65.82 33.28
CA TRP Q 132 3.03 66.52 33.77
C TRP Q 132 3.71 65.80 34.93
N THR Q 133 2.96 65.05 35.72
CA THR Q 133 3.57 64.26 36.79
C THR Q 133 4.24 63.02 36.21
N SER Q 134 3.64 62.47 35.15
CA SER Q 134 4.23 61.39 34.39
C SER Q 134 5.53 61.81 33.75
N PHE Q 135 5.54 63.03 33.21
CA PHE Q 135 6.74 63.59 32.61
C PHE Q 135 7.85 63.72 33.64
N LEU Q 136 7.50 64.21 34.84
CA LEU Q 136 8.48 64.28 35.92
C LEU Q 136 8.94 62.91 36.38
N GLU Q 137 8.03 61.94 36.47
CA GLU Q 137 8.42 60.60 36.91
C GLU Q 137 9.22 59.82 35.88
N VAL Q 138 9.20 60.17 34.59
CA VAL Q 138 10.14 59.55 33.66
C VAL Q 138 11.58 59.87 34.08
N PHE Q 139 11.81 61.13 34.43
CA PHE Q 139 13.08 61.53 35.01
C PHE Q 139 13.25 60.95 36.40
N GLY Q 140 12.15 60.80 37.14
CA GLY Q 140 12.19 60.11 38.42
C GLY Q 140 12.60 58.66 38.31
N THR Q 141 12.27 58.04 37.17
CA THR Q 141 12.72 56.65 36.93
C THR Q 141 14.25 56.69 36.78
N ILE Q 142 14.75 57.62 35.97
CA ILE Q 142 16.22 57.75 35.73
C ILE Q 142 16.89 58.06 37.07
N ALA Q 143 16.29 58.95 37.87
CA ALA Q 143 16.87 59.31 39.19
C ALA Q 143 16.88 58.08 40.12
N LEU Q 144 15.82 57.27 40.11
CA LEU Q 144 15.77 56.06 40.97
C LEU Q 144 16.89 55.11 40.55
N LEU Q 145 17.12 54.94 39.25
CA LEU Q 145 18.21 54.07 38.76
C LEU Q 145 19.56 54.62 39.22
N GLU Q 146 19.71 55.95 39.21
CA GLU Q 146 20.96 56.58 39.73
C GLU Q 146 21.09 56.25 41.22
N THR Q 147 19.98 56.27 41.96
CA THR Q 147 20.00 55.93 43.41
C THR Q 147 20.43 54.47 43.58
N LEU Q 148 19.94 53.56 42.74
CA LEU Q 148 20.32 52.13 42.82
C LEU Q 148 21.82 52.01 42.54
N ASP Q 149 22.36 52.80 41.61
CA ASP Q 149 23.82 52.82 41.32
C ASP Q 149 24.58 53.33 42.56
N GLY Q 150 23.93 54.19 43.36
CA GLY Q 150 24.61 54.78 44.54
C GLY Q 150 25.15 56.17 44.25
N LYS Q 151 24.81 56.73 43.09
CA LYS Q 151 25.37 58.06 42.70
C LYS Q 151 24.50 59.20 43.24
N ARG Q 152 23.54 58.92 44.14
CA ARG Q 152 22.67 59.95 44.67
C ARG Q 152 21.91 59.39 45.86
N ALA Q 153 21.69 60.24 46.86
CA ALA Q 153 20.85 59.86 47.99
C ALA Q 153 19.40 59.74 47.52
N PRO Q 154 18.63 58.82 48.11
CA PRO Q 154 17.21 58.69 47.74
C PRO Q 154 16.40 59.94 48.11
N GLY Q 155 15.60 60.39 47.16
CA GLY Q 155 14.82 61.59 47.32
C GLY Q 155 15.58 62.89 47.19
N ASP Q 156 16.87 62.85 46.89
CA ASP Q 156 17.67 64.07 46.77
C ASP Q 156 17.62 64.52 45.32
N PHE Q 157 16.69 65.42 45.02
CA PHE Q 157 16.60 66.06 43.72
C PHE Q 157 17.26 67.42 43.71
N LYS Q 158 18.01 67.76 44.76
CA LYS Q 158 18.80 68.99 44.90
C LYS Q 158 17.95 70.24 44.86
N PHE Q 159 16.67 70.13 45.22
CA PHE Q 159 15.71 71.21 45.05
C PHE Q 159 15.75 72.07 46.31
N ASP Q 160 16.51 73.17 46.23
CA ASP Q 160 16.58 74.17 47.31
C ASP Q 160 16.63 75.59 46.75
N PRO Q 161 15.52 76.10 46.16
CA PRO Q 161 15.53 77.48 45.66
C PRO Q 161 15.68 78.53 46.77
N LEU Q 162 14.76 78.54 47.73
CA LEU Q 162 14.96 79.28 48.96
C LEU Q 162 15.96 78.54 49.85
N GLY Q 163 16.66 79.28 50.69
CA GLY Q 163 17.70 78.67 51.48
C GLY Q 163 17.25 78.21 52.86
N PHE Q 164 17.20 76.90 53.04
CA PHE Q 164 16.88 76.30 54.34
C PHE Q 164 17.95 75.33 54.81
N SER Q 165 18.54 74.56 53.91
CA SER Q 165 19.53 73.54 54.27
C SER Q 165 20.96 74.03 54.06
N LYS Q 166 21.23 75.31 54.33
CA LYS Q 166 22.61 75.79 54.34
C LYS Q 166 23.41 75.10 55.44
N ASN Q 167 22.91 75.10 56.67
CA ASN Q 167 23.58 74.46 57.77
C ASN Q 167 23.36 72.95 57.71
N ALA Q 168 24.36 72.18 58.17
CA ALA Q 168 24.28 70.72 58.12
C ALA Q 168 23.29 70.17 59.15
N GLU Q 169 23.34 70.69 60.38
CA GLU Q 169 22.41 70.34 61.46
C GLU Q 169 20.96 70.50 61.02
N THR Q 170 20.66 71.67 60.44
CA THR Q 170 19.32 71.96 59.94
C THR Q 170 18.93 71.02 58.81
N ALA Q 171 19.90 70.64 57.96
CA ALA Q 171 19.63 69.73 56.85
C ALA Q 171 19.19 68.35 57.34
N LYS Q 172 19.93 67.78 58.31
CA LYS Q 172 19.52 66.48 58.85
C LYS Q 172 18.23 66.58 59.67
N ARG Q 173 18.06 67.68 60.41
CA ARG Q 173 16.85 67.90 61.21
C ARG Q 173 15.62 68.03 60.32
N TYR Q 174 15.76 68.71 59.20
CA TYR Q 174 14.65 68.88 58.28
C TYR Q 174 14.39 67.62 57.48
N GLN Q 175 15.41 66.77 57.31
CA GLN Q 175 15.16 65.50 56.63
C GLN Q 175 14.41 64.56 57.54
N LEU Q 176 14.61 64.70 58.85
CA LEU Q 176 13.86 63.89 59.81
C LEU Q 176 12.43 64.40 59.96
N SER Q 177 12.26 65.73 59.93
CA SER Q 177 10.91 66.31 59.97
C SER Q 177 10.11 65.92 58.74
N GLU Q 178 10.77 65.91 57.57
CA GLU Q 178 10.12 65.55 56.30
C GLU Q 178 9.60 64.12 56.33
N ILE Q 179 10.46 63.18 56.73
CA ILE Q 179 10.07 61.77 56.72
C ILE Q 179 8.96 61.51 57.75
N LYS Q 180 9.07 62.04 58.98
CA LYS Q 180 8.02 61.78 59.99
C LYS Q 180 6.67 62.39 59.60
N ASN Q 181 6.66 63.65 59.13
CA ASN Q 181 5.42 64.29 58.69
C ASN Q 181 4.84 63.55 57.49
N GLY Q 182 5.70 63.05 56.60
CA GLY Q 182 5.23 62.32 55.45
C GLY Q 182 4.54 61.01 55.79
N ARG Q 183 5.12 60.24 56.73
CA ARG Q 183 4.52 58.98 57.18
C ARG Q 183 3.16 59.23 57.85
N LEU Q 184 3.07 60.35 58.59
CA LEU Q 184 1.82 60.74 59.22
C LEU Q 184 0.81 61.16 58.18
N ALA Q 185 1.26 61.88 57.16
CA ALA Q 185 0.41 62.35 56.07
C ALA Q 185 -0.18 61.19 55.30
N MET Q 186 0.61 60.13 55.10
CA MET Q 186 0.12 58.93 54.42
C MET Q 186 -0.99 58.28 55.21
N LEU Q 187 -0.80 58.17 56.53
CA LEU Q 187 -1.84 57.64 57.40
C LEU Q 187 -3.05 58.54 57.39
N ALA Q 188 -2.82 59.85 57.44
CA ALA Q 188 -3.89 60.84 57.42
C ALA Q 188 -4.65 60.76 56.10
N THR Q 189 -3.95 60.57 54.98
CA THR Q 189 -4.56 60.49 53.67
C THR Q 189 -5.49 59.29 53.61
N GLY Q 190 -5.04 58.15 54.13
CA GLY Q 190 -5.92 57.00 54.27
C GLY Q 190 -7.12 57.28 55.14
N GLY Q 191 -6.92 58.03 56.21
CA GLY Q 191 -8.02 58.37 57.10
C GLY Q 191 -9.03 59.30 56.47
N MET Q 192 -8.55 60.34 55.79
CA MET Q 192 -9.42 61.31 55.14
C MET Q 192 -10.21 60.67 54.01
N VAL Q 193 -9.56 59.87 53.16
CA VAL Q 193 -10.29 59.27 52.05
C VAL Q 193 -11.26 58.21 52.55
N HIS Q 194 -10.93 57.47 53.62
CA HIS Q 194 -11.89 56.51 54.13
C HIS Q 194 -13.02 57.18 54.88
N GLY Q 195 -12.73 58.33 55.51
CA GLY Q 195 -13.79 59.15 56.06
C GLY Q 195 -14.71 59.68 54.97
N TYR Q 196 -14.18 59.97 53.79
CA TYR Q 196 -15.05 60.31 52.67
C TYR Q 196 -15.86 59.10 52.22
N PHE Q 197 -15.24 57.92 52.16
CA PHE Q 197 -15.96 56.71 51.75
C PHE Q 197 -17.01 56.27 52.76
N ILE Q 198 -16.93 56.74 54.01
CA ILE Q 198 -17.97 56.44 55.00
C ILE Q 198 -19.03 57.52 55.01
N THR Q 199 -18.62 58.78 55.17
CA THR Q 199 -19.55 59.87 55.41
C THR Q 199 -19.72 60.84 54.26
N GLY Q 200 -18.74 60.94 53.36
CA GLY Q 200 -18.82 61.92 52.32
C GLY Q 200 -18.59 63.34 52.76
N LYS Q 201 -18.06 63.55 53.97
CA LYS Q 201 -18.03 64.90 54.52
C LYS Q 201 -16.77 65.66 54.15
N GLY Q 202 -15.62 65.00 54.13
CA GLY Q 202 -14.38 65.72 53.96
C GLY Q 202 -13.84 66.09 55.33
N PRO Q 203 -12.53 66.35 55.41
CA PRO Q 203 -11.85 66.58 56.71
C PRO Q 203 -12.38 67.69 57.62
N LEU Q 204 -12.42 68.92 57.12
CA LEU Q 204 -12.93 70.04 57.90
C LEU Q 204 -14.39 69.86 58.23
N GLU Q 205 -15.20 69.42 57.27
CA GLU Q 205 -16.63 69.24 57.52
C GLU Q 205 -16.92 68.06 58.44
N LEU Q 206 -16.05 67.05 58.48
CA LEU Q 206 -16.20 66.02 59.51
C LEU Q 206 -15.76 66.54 60.87
N LEU Q 207 -14.85 67.51 60.93
CA LEU Q 207 -14.58 68.15 62.22
C LEU Q 207 -15.76 69.00 62.69
N THR Q 208 -16.34 69.81 61.80
CA THR Q 208 -17.45 70.68 62.18
C THR Q 208 -18.69 69.90 62.59
N ASN Q 209 -19.02 68.86 61.83
CA ASN Q 209 -20.18 68.02 62.08
C ASN Q 209 -19.70 66.63 62.44
N PHE Q 210 -19.97 66.21 63.67
CA PHE Q 210 -19.67 64.87 64.25
C PHE Q 210 -18.17 64.68 64.40
N ASP R 64 26.02 75.08 34.69
CA ASP R 64 26.37 73.91 35.48
C ASP R 64 25.74 72.65 34.88
N ASN R 65 24.92 71.98 35.68
CA ASN R 65 24.21 70.78 35.26
C ASN R 65 22.73 71.10 35.33
N ALA R 66 22.00 70.77 34.26
CA ALA R 66 20.56 71.05 34.18
C ALA R 66 19.80 70.29 35.25
N MET R 67 20.10 69.01 35.40
CA MET R 67 19.50 68.13 36.39
C MET R 67 20.58 67.77 37.39
N PRO R 68 20.66 68.48 38.53
CA PRO R 68 21.77 68.28 39.48
C PRO R 68 21.83 66.90 40.11
N PHE R 69 20.66 66.36 40.47
CA PHE R 69 20.54 65.01 41.02
C PHE R 69 21.21 63.96 40.14
N LEU R 70 20.98 64.04 38.83
CA LEU R 70 21.58 63.08 37.91
C LEU R 70 23.07 63.36 37.77
N GLU R 71 23.85 62.30 37.60
CA GLU R 71 25.25 62.48 37.28
C GLU R 71 25.35 62.97 35.84
N ARG R 72 26.36 63.80 35.57
CA ARG R 72 26.49 64.41 34.25
C ARG R 72 26.77 63.33 33.21
N PRO R 73 26.06 63.34 32.08
CA PRO R 73 26.34 62.40 30.98
C PRO R 73 27.76 62.56 30.47
N PRO R 74 28.48 61.44 30.30
CA PRO R 74 29.92 61.53 29.97
C PRO R 74 30.23 62.12 28.61
N LYS R 75 29.51 61.72 27.56
CA LYS R 75 29.80 62.18 26.21
C LYS R 75 29.54 63.68 26.02
N LEU R 76 28.66 64.28 26.82
CA LEU R 76 28.45 65.72 26.78
C LEU R 76 29.54 66.39 27.60
N ASP R 77 30.56 66.90 26.94
CA ASP R 77 31.69 67.52 27.61
C ASP R 77 31.64 69.04 27.55
N GLY R 78 30.54 69.62 27.09
CA GLY R 78 30.38 71.05 27.05
C GLY R 78 30.95 71.71 25.82
N SER R 79 31.57 70.94 24.91
CA SER R 79 32.09 71.50 23.67
C SER R 79 30.98 72.01 22.76
N LEU R 80 29.91 71.24 22.62
CA LEU R 80 28.79 71.64 21.77
C LEU R 80 28.02 72.77 22.43
N ALA R 81 27.50 73.68 21.60
CA ALA R 81 26.75 74.83 22.11
C ALA R 81 25.45 74.39 22.78
N GLY R 82 25.12 75.04 23.89
CA GLY R 82 23.91 74.74 24.62
C GLY R 82 24.01 73.54 25.53
N ASP R 83 25.21 73.02 25.77
CA ASP R 83 25.44 71.83 26.58
C ASP R 83 25.38 72.20 28.05
N VAL R 84 24.17 72.20 28.61
CA VAL R 84 24.01 72.43 30.04
C VAL R 84 24.00 71.08 30.77
N GLY R 85 24.29 70.01 30.04
CA GLY R 85 24.27 68.68 30.61
C GLY R 85 22.91 68.03 30.65
N PHE R 86 21.97 68.51 29.84
CA PHE R 86 20.60 68.01 29.84
C PHE R 86 20.50 66.81 28.91
N ASP R 87 20.91 65.66 29.42
CA ASP R 87 20.72 64.38 28.71
C ASP R 87 20.27 63.27 29.65
N PRO R 88 19.04 63.36 30.21
CA PRO R 88 18.62 62.33 31.17
C PRO R 88 18.39 60.94 30.60
N VAL R 89 17.79 60.84 29.40
CA VAL R 89 17.38 59.56 28.84
C VAL R 89 18.57 58.66 28.57
N GLY R 90 19.65 59.20 28.04
CA GLY R 90 20.79 58.36 27.81
C GLY R 90 21.22 58.37 26.37
N PHE R 91 20.68 59.29 25.58
CA PHE R 91 21.21 59.53 24.24
C PHE R 91 22.62 60.10 24.38
N SER R 92 23.42 59.91 23.33
CA SER R 92 24.83 60.21 23.10
C SER R 92 25.69 59.09 23.67
N ASN R 93 25.12 58.19 24.46
CA ASN R 93 25.77 56.99 24.92
C ASN R 93 25.48 55.84 23.98
N TYR R 94 24.44 56.00 23.15
CA TYR R 94 24.03 55.01 22.16
C TYR R 94 24.22 55.50 20.74
N PHE R 95 24.18 56.82 20.53
CA PHE R 95 24.20 57.41 19.21
C PHE R 95 25.33 58.42 19.14
N ASP R 96 25.79 58.68 17.92
CA ASP R 96 26.81 59.71 17.72
C ASP R 96 26.23 61.07 18.09
N LEU R 97 27.03 61.84 18.85
CA LEU R 97 26.64 63.20 19.22
C LEU R 97 26.54 64.09 18.01
N ARG R 98 27.37 63.86 17.00
CA ARG R 98 27.33 64.63 15.77
C ARG R 98 26.01 64.45 15.01
N TRP R 99 25.51 63.21 14.94
CA TRP R 99 24.22 62.95 14.33
C TRP R 99 23.09 63.59 15.12
N LEU R 100 23.18 63.53 16.45
CA LEU R 100 22.18 64.13 17.32
C LEU R 100 22.17 65.65 17.18
N ARG R 101 23.34 66.28 17.15
CA ARG R 101 23.43 67.73 16.98
C ARG R 101 22.97 68.15 15.60
N GLU R 102 23.35 67.39 14.59
CA GLU R 102 22.93 67.70 13.20
C GLU R 102 21.40 67.68 13.18
N SER R 103 20.81 66.67 13.81
CA SER R 103 19.33 66.58 13.88
C SER R 103 18.78 67.79 14.64
N GLU R 104 19.41 68.15 15.76
CA GLU R 104 18.87 69.26 16.59
C GLU R 104 18.90 70.57 15.79
N LEU R 105 20.03 70.82 15.11
CA LEU R 105 20.15 72.09 14.36
C LEU R 105 19.15 72.09 13.21
N LYS R 106 19.02 70.98 12.49
CA LYS R 106 18.07 70.89 11.36
C LYS R 106 16.63 71.01 11.88
N HIS R 107 16.31 70.34 12.98
CA HIS R 107 14.95 70.45 13.56
C HIS R 107 14.71 71.90 13.97
N GLY R 108 15.71 72.53 14.60
CA GLY R 108 15.58 73.94 15.02
C GLY R 108 15.43 74.88 13.83
N ARG R 109 16.23 74.67 12.78
CA ARG R 109 16.20 75.55 11.59
C ARG R 109 14.85 75.39 10.88
N VAL R 110 14.42 74.14 10.68
CA VAL R 110 13.14 73.88 10.04
C VAL R 110 12.01 74.46 10.90
N CYS R 111 12.16 74.39 12.22
CA CYS R 111 11.13 74.94 13.11
C CYS R 111 11.18 76.46 13.24
N MET R 112 12.35 77.07 13.12
CA MET R 112 12.45 78.53 13.08
C MET R 112 11.76 79.06 11.82
N LEU R 113 12.01 78.39 10.70
CA LEU R 113 11.28 78.71 9.48
C LEU R 113 9.79 78.39 9.64
N GLY R 114 9.47 77.30 10.33
CA GLY R 114 8.08 76.90 10.52
C GLY R 114 7.26 77.84 11.38
N VAL R 115 7.83 78.35 12.48
CA VAL R 115 7.12 79.32 13.29
C VAL R 115 6.90 80.60 12.50
N THR R 116 7.91 81.02 11.71
CA THR R 116 7.73 82.14 10.80
C THR R 116 6.64 81.84 9.76
N GLY R 117 6.59 80.58 9.30
CA GLY R 117 5.59 80.17 8.34
C GLY R 117 4.18 80.25 8.87
N LEU R 118 3.95 79.78 10.10
CA LEU R 118 2.62 79.80 10.69
C LEU R 118 2.13 81.23 10.89
N LEU R 119 3.01 82.09 11.45
CA LEU R 119 2.63 83.46 11.74
C LEU R 119 2.41 84.27 10.46
N VAL R 120 3.33 84.17 9.48
CA VAL R 120 3.20 84.93 8.24
C VAL R 120 2.03 84.42 7.39
N GLN R 121 1.86 83.09 7.28
CA GLN R 121 0.81 82.52 6.43
C GLN R 121 -0.58 82.83 6.93
N GLU R 122 -0.77 83.04 8.24
CA GLU R 122 -2.05 83.57 8.68
C GLU R 122 -2.29 84.96 8.09
N ALA R 123 -1.26 85.81 8.12
CA ALA R 123 -1.38 87.17 7.61
C ALA R 123 -1.41 87.26 6.08
N VAL R 124 -0.57 86.50 5.40
CA VAL R 124 -0.32 86.73 3.97
C VAL R 124 -0.72 85.50 3.18
N CYS R 125 -1.47 85.70 2.10
CA CYS R 125 -1.82 84.66 1.14
C CYS R 125 -1.43 85.13 -0.26
N LEU R 126 -0.64 84.32 -0.95
CA LEU R 126 -0.28 84.62 -2.33
C LEU R 126 -1.51 84.46 -3.21
N PRO R 127 -1.62 85.25 -4.31
CA PRO R 127 -2.81 85.17 -5.18
C PRO R 127 -3.03 83.80 -5.79
N GLN R 128 -1.94 83.11 -6.11
CA GLN R 128 -1.96 81.81 -6.76
C GLN R 128 -2.66 80.75 -5.91
N PHE R 129 -2.45 80.77 -4.60
CA PHE R 129 -3.00 79.76 -3.69
C PHE R 129 -4.20 80.32 -2.94
N SER R 130 -5.03 79.40 -2.45
CA SER R 130 -6.14 79.78 -1.59
C SER R 130 -5.64 79.84 -0.14
N ASN R 131 -6.51 80.33 0.75
CA ASN R 131 -6.09 80.48 2.17
C ASN R 131 -6.89 79.52 3.06
N GLY R 132 -6.19 78.74 3.88
CA GLY R 132 -6.87 77.82 4.82
C GLY R 132 -7.51 78.59 5.97
N LYS R 133 -8.47 77.97 6.65
CA LYS R 133 -9.17 78.63 7.79
C LYS R 133 -8.13 78.96 8.86
N THR R 134 -7.17 78.06 9.04
CA THR R 134 -6.02 78.25 9.95
C THR R 134 -4.75 78.12 9.09
N PRO R 135 -3.57 78.61 9.52
CA PRO R 135 -2.34 78.45 8.73
C PRO R 135 -1.99 76.98 8.46
N VAL R 136 -2.29 76.05 9.38
CA VAL R 136 -2.06 74.60 9.09
C VAL R 136 -2.90 74.19 7.89
N ASP R 137 -4.14 74.66 7.78
CA ASP R 137 -5.05 74.26 6.67
C ASP R 137 -4.46 74.66 5.32
N ASP R 138 -3.61 75.69 5.30
CA ASP R 138 -2.93 76.08 4.06
C ASP R 138 -2.29 74.92 3.30
N PHE R 139 -1.68 73.98 4.06
CA PHE R 139 -1.08 72.76 3.52
C PHE R 139 -2.07 71.99 2.66
N PHE R 140 -3.31 71.93 3.09
CA PHE R 140 -4.29 71.17 2.32
C PHE R 140 -4.76 71.95 1.08
N VAL R 141 -4.97 73.27 1.20
CA VAL R 141 -5.53 74.02 0.07
C VAL R 141 -4.58 74.12 -1.11
N VAL R 142 -3.26 74.20 -0.88
CA VAL R 142 -2.26 74.35 -1.94
C VAL R 142 -2.26 73.07 -2.80
N PRO R 143 -1.99 73.17 -4.10
CA PRO R 143 -2.07 71.99 -4.98
C PRO R 143 -1.10 70.89 -4.60
N ALA R 144 -1.57 69.64 -4.82
CA ALA R 144 -0.83 68.44 -4.45
C ALA R 144 0.52 68.35 -5.16
N ALA R 145 0.53 68.68 -6.45
CA ALA R 145 1.75 68.66 -7.25
C ALA R 145 2.76 69.67 -6.72
N GLY R 146 2.29 70.84 -6.28
CA GLY R 146 3.19 71.83 -5.72
C GLY R 146 3.85 71.35 -4.43
N LEU R 147 3.09 70.66 -3.59
CA LEU R 147 3.63 70.08 -2.37
C LEU R 147 4.69 69.03 -2.68
N TRP R 148 4.45 68.22 -3.71
CA TRP R 148 5.47 67.27 -4.15
C TRP R 148 6.70 67.99 -4.71
N GLN R 149 6.51 69.10 -5.44
CA GLN R 149 7.66 69.87 -5.98
C GLN R 149 8.51 70.44 -4.86
N VAL R 150 7.88 70.98 -3.81
CA VAL R 150 8.63 71.48 -2.66
C VAL R 150 9.34 70.35 -1.92
N PHE R 151 8.65 69.20 -1.75
CA PHE R 151 9.25 68.05 -1.06
C PHE R 151 10.48 67.51 -1.80
N PHE R 152 10.37 67.38 -3.12
CA PHE R 152 11.52 66.96 -3.92
C PHE R 152 12.60 68.03 -3.99
N ALA R 153 12.22 69.32 -4.00
CA ALA R 153 13.20 70.39 -3.99
C ALA R 153 14.02 70.40 -2.70
N ILE R 154 13.35 70.23 -1.56
CA ILE R 154 14.04 70.10 -0.28
C ILE R 154 14.89 68.85 -0.27
N GLY R 155 14.39 67.76 -0.87
CA GLY R 155 15.18 66.55 -1.00
C GLY R 155 16.44 66.73 -1.83
N ALA R 156 16.33 67.49 -2.93
CA ALA R 156 17.48 67.83 -3.75
C ALA R 156 18.50 68.64 -2.96
N VAL R 157 18.02 69.58 -2.15
CA VAL R 157 18.90 70.36 -1.29
C VAL R 157 19.59 69.46 -0.27
N GLU R 158 18.85 68.51 0.31
CA GLU R 158 19.43 67.60 1.30
C GLU R 158 20.47 66.67 0.67
N PHE R 159 20.21 66.18 -0.56
CA PHE R 159 21.19 65.36 -1.28
C PHE R 159 22.48 66.12 -1.54
N PHE R 160 22.36 67.31 -2.12
CA PHE R 160 23.55 68.06 -2.52
C PHE R 160 24.30 68.64 -1.31
N SER R 161 23.57 69.11 -0.29
CA SER R 161 24.19 69.68 0.90
C SER R 161 24.99 68.65 1.68
N HIS R 162 24.51 67.42 1.75
CA HIS R 162 25.22 66.38 2.46
C HIS R 162 26.10 65.54 1.55
N GLY R 163 26.19 65.89 0.27
CA GLY R 163 27.08 65.23 -0.64
C GLY R 163 26.67 63.83 -1.03
N PHE R 164 25.37 63.51 -0.90
CA PHE R 164 24.66 62.26 -1.20
C PHE R 164 24.90 61.22 -0.11
N LYS R 165 25.59 61.59 0.98
CA LYS R 165 25.75 60.76 2.16
C LYS R 165 24.70 61.23 3.17
N LEU R 166 23.53 60.58 3.20
CA LEU R 166 22.43 61.09 4.06
C LEU R 166 22.09 60.10 5.18
N THR R 167 23.08 59.35 5.67
CA THR R 167 22.81 58.31 6.69
C THR R 167 23.83 58.46 7.83
N PRO R 168 23.58 57.95 9.05
CA PRO R 168 24.51 58.17 10.16
C PRO R 168 25.90 57.60 9.83
N GLY R 169 25.95 56.44 9.16
CA GLY R 169 27.24 55.82 8.82
C GLY R 169 28.09 56.65 7.87
N ASP R 170 27.48 57.27 6.85
CA ASP R 170 28.30 57.98 5.83
C ASP R 170 28.22 59.52 5.93
N MET R 171 27.26 60.07 6.67
CA MET R 171 27.10 61.55 6.67
C MET R 171 28.38 62.24 7.14
N PHE R 172 28.95 61.80 8.27
CA PHE R 172 30.11 62.47 8.84
C PHE R 172 31.40 61.75 8.48
N SER R 173 31.34 60.83 7.51
CA SER R 173 32.51 60.12 7.03
C SER R 173 33.52 61.04 6.35
N GLU R 174 33.08 62.21 5.89
CA GLU R 174 33.91 63.19 5.22
C GLU R 174 34.51 64.19 6.19
N GLY R 175 34.23 64.03 7.49
CA GLY R 175 34.75 64.92 8.49
C GLY R 175 33.95 66.19 8.69
N ARG R 176 32.72 66.25 8.14
CA ARG R 176 31.89 67.44 8.27
C ARG R 176 31.50 67.70 9.73
N GLU R 177 31.52 68.96 10.11
CA GLU R 177 31.12 69.36 11.44
C GLU R 177 29.61 69.33 11.49
N ALA R 178 29.07 68.99 12.66
CA ALA R 178 27.63 68.83 12.82
C ALA R 178 26.90 70.15 12.64
N GLY R 179 25.85 70.13 11.82
CA GLY R 179 25.06 71.30 11.49
C GLY R 179 25.84 72.41 10.82
N ASP R 180 26.83 72.08 10.02
CA ASP R 180 27.65 73.06 9.33
C ASP R 180 27.61 72.78 7.83
N PHE R 181 26.89 73.63 7.09
CA PHE R 181 26.77 73.51 5.65
C PHE R 181 27.58 74.58 4.92
N GLY R 182 28.35 75.37 5.65
CA GLY R 182 29.12 76.46 5.07
C GLY R 182 28.27 77.54 4.47
N PHE R 183 27.07 77.76 4.99
CA PHE R 183 26.17 78.79 4.50
C PHE R 183 26.42 80.05 5.31
N ASP R 184 27.25 80.94 4.77
CA ASP R 184 27.43 82.28 5.34
C ASP R 184 27.54 83.29 4.19
N PRO R 185 26.43 83.55 3.48
CA PRO R 185 26.51 84.43 2.29
C PRO R 185 26.90 85.87 2.58
N LEU R 186 26.37 86.47 3.63
CA LEU R 186 26.65 87.86 3.95
C LEU R 186 27.80 88.00 4.94
N GLY R 187 28.49 86.90 5.25
CA GLY R 187 29.65 86.92 6.13
C GLY R 187 29.37 87.37 7.54
N CYS R 188 28.18 87.07 8.06
CA CYS R 188 27.83 87.44 9.43
C CYS R 188 28.67 86.69 10.45
N GLY R 189 29.02 85.43 10.16
CA GLY R 189 29.73 84.58 11.10
C GLY R 189 31.24 84.49 10.98
N LYS R 190 31.85 85.43 10.25
CA LYS R 190 33.29 85.39 9.99
C LYS R 190 34.10 85.51 11.29
N ASN R 191 33.67 86.38 12.20
CA ASN R 191 34.36 86.59 13.47
C ASN R 191 34.26 85.33 14.32
N PRO R 192 35.36 84.84 14.93
CA PRO R 192 35.28 83.63 15.77
C PRO R 192 34.47 83.75 17.06
N ASP R 193 34.66 84.83 17.83
CA ASP R 193 33.93 85.02 19.08
C ASP R 193 32.44 85.25 18.83
N ALA R 194 32.13 86.03 17.79
CA ALA R 194 30.75 86.24 17.37
C ALA R 194 30.11 84.93 16.92
N LEU R 195 30.89 84.08 16.22
CA LEU R 195 30.39 82.79 15.77
C LEU R 195 30.02 81.90 16.95
N ALA R 196 30.83 81.92 18.02
CA ALA R 196 30.54 81.09 19.19
C ALA R 196 29.25 81.53 19.88
N ARG R 197 29.08 82.85 20.06
CA ARG R 197 27.86 83.37 20.69
C ARG R 197 26.63 83.08 19.82
N ARG R 198 26.75 83.30 18.51
CA ARG R 198 25.65 83.05 17.59
C ARG R 198 25.31 81.56 17.46
N ARG R 199 26.31 80.67 17.58
CA ARG R 199 26.04 79.23 17.57
C ARG R 199 25.18 78.85 18.77
N LEU R 200 25.45 79.49 19.91
CA LEU R 200 24.59 79.32 21.07
C LEU R 200 23.19 79.87 20.80
N VAL R 201 23.12 81.05 20.16
CA VAL R 201 21.83 81.69 19.86
C VAL R 201 21.01 80.83 18.90
N GLU R 202 21.66 80.23 17.90
CA GLU R 202 20.98 79.38 16.91
C GLU R 202 20.38 78.17 17.57
N VAL R 203 21.16 77.48 18.42
CA VAL R 203 20.60 76.29 19.07
C VAL R 203 19.50 76.66 20.07
N LYS R 204 19.68 77.75 20.85
CA LYS R 204 18.65 78.12 21.84
C LYS R 204 17.36 78.61 21.19
N ASN R 205 17.44 79.43 20.14
CA ASN R 205 16.24 79.84 19.41
C ASN R 205 15.64 78.66 18.66
N GLY R 206 16.48 77.74 18.15
CA GLY R 206 15.95 76.55 17.49
C GLY R 206 15.18 75.64 18.42
N ARG R 207 15.70 75.41 19.64
CA ARG R 207 14.99 74.62 20.65
C ARG R 207 13.68 75.29 21.05
N LEU R 208 13.73 76.61 21.21
CA LEU R 208 12.54 77.40 21.51
C LEU R 208 11.54 77.32 20.37
N ALA R 209 12.01 77.41 19.14
CA ALA R 209 11.15 77.34 17.96
C ALA R 209 10.55 75.96 17.77
N MET R 210 11.27 74.90 18.13
CA MET R 210 10.68 73.55 18.11
C MET R 210 9.51 73.48 19.07
N ILE R 211 9.71 74.01 20.29
CA ILE R 211 8.64 74.09 21.28
C ILE R 211 7.51 74.99 20.80
N ALA R 212 7.87 76.16 20.27
CA ALA R 212 6.92 77.16 19.80
C ALA R 212 6.11 76.62 18.64
N PHE R 213 6.76 75.90 17.72
CA PHE R 213 6.07 75.30 16.59
C PHE R 213 5.07 74.27 17.06
N GLY R 214 5.49 73.44 18.03
CA GLY R 214 4.56 72.45 18.60
C GLY R 214 3.31 73.17 19.06
N GLY R 215 3.49 74.21 19.88
CA GLY R 215 2.33 74.92 20.43
C GLY R 215 1.50 75.57 19.34
N LEU R 216 2.13 76.26 18.39
CA LEU R 216 1.33 77.00 17.38
C LEU R 216 0.52 76.00 16.54
N LEU R 217 1.16 74.91 16.09
CA LEU R 217 0.45 73.92 15.23
C LEU R 217 -0.67 73.27 16.04
N HIS R 218 -0.39 72.84 17.27
CA HIS R 218 -1.41 72.15 18.11
C HIS R 218 -2.55 73.10 18.49
N GLN R 219 -2.23 74.33 18.86
CA GLN R 219 -3.27 75.31 19.26
C GLN R 219 -4.17 75.59 18.05
N GLN R 220 -3.58 75.75 16.87
CA GLN R 220 -4.37 76.03 15.63
C GLN R 220 -5.27 74.84 15.32
N LEU R 221 -4.78 73.62 15.52
CA LEU R 221 -5.64 72.41 15.31
C LEU R 221 -6.75 72.40 16.37
N LEU R 222 -6.43 72.81 17.60
CA LEU R 222 -7.43 72.77 18.67
C LEU R 222 -8.45 73.89 18.57
N THR R 223 -8.00 75.11 18.36
CA THR R 223 -8.85 76.29 18.34
C THR R 223 -9.43 76.57 16.97
N GLY R 224 -8.73 76.18 15.90
CA GLY R 224 -9.23 76.41 14.57
C GLY R 224 -9.17 77.83 14.09
N GLN R 225 -8.48 78.72 14.80
CA GLN R 225 -8.52 80.14 14.48
C GLN R 225 -7.17 80.76 14.09
N GLY R 226 -6.05 80.11 14.35
CA GLY R 226 -4.79 80.77 14.07
C GLY R 226 -4.22 81.41 15.32
N THR R 227 -2.90 81.62 15.31
CA THR R 227 -2.17 82.11 16.48
C THR R 227 -2.59 83.52 16.88
N PHE R 228 -2.44 84.48 15.96
CA PHE R 228 -2.76 85.88 16.22
C PHE R 228 -4.23 86.07 16.58
N GLU R 229 -5.12 85.34 15.91
CA GLU R 229 -6.55 85.36 16.26
C GLU R 229 -6.79 84.80 17.66
N GLN R 230 -6.10 83.71 18.02
CA GLN R 230 -6.24 83.12 19.35
C GLN R 230 -5.78 84.08 20.42
N LEU R 231 -4.68 84.79 20.16
CA LEU R 231 -4.21 85.81 21.09
C LEU R 231 -5.20 86.96 21.21
N ALA R 232 -5.77 87.39 20.08
CA ALA R 232 -6.76 88.45 20.08
C ALA R 232 -8.05 88.02 20.76
N ASN R 233 -8.80 87.11 20.11
CA ASN R 233 -10.01 86.52 20.69
C ASN R 233 -9.63 85.18 21.30
N PHE R 234 -9.51 85.14 22.63
CA PHE R 234 -9.08 83.93 23.33
C PHE R 234 -10.30 83.19 23.84
N LYS R 235 -10.41 81.91 23.48
CA LYS R 235 -11.49 81.05 23.96
C LYS R 235 -10.89 79.87 24.70
N ALA R 236 -11.21 79.77 25.98
CA ALA R 236 -10.78 78.62 26.76
C ALA R 236 -11.59 77.38 26.41
N ILE R 237 -10.94 76.21 26.52
CA ILE R 237 -11.65 74.95 26.28
C ILE R 237 -12.66 74.71 27.39
N ALA R 238 -13.84 74.26 27.01
CA ALA R 238 -14.87 73.92 27.99
C ALA R 238 -15.37 72.50 27.75
N ARG S 47 31.69 65.75 -17.80
CA ARG S 47 31.84 67.23 -17.91
C ARG S 47 30.45 67.87 -18.10
N ALA S 48 29.56 67.21 -18.86
CA ALA S 48 28.23 67.80 -19.14
C ALA S 48 27.49 67.97 -17.81
N VAL S 49 27.54 66.96 -16.94
CA VAL S 49 26.94 67.13 -15.58
C VAL S 49 28.11 67.13 -14.59
N PRO S 50 28.34 68.24 -13.86
CA PRO S 50 29.42 68.31 -12.88
C PRO S 50 29.05 67.43 -11.68
N PHE S 51 27.78 67.47 -11.28
CA PHE S 51 27.33 66.68 -10.13
C PHE S 51 27.64 65.20 -10.30
N ALA S 52 27.29 64.65 -11.47
CA ALA S 52 27.45 63.22 -11.75
C ALA S 52 28.17 63.05 -13.08
N PRO S 53 29.49 62.80 -13.07
CA PRO S 53 30.25 62.73 -14.33
C PRO S 53 29.96 61.47 -15.15
N ALA S 54 30.60 61.33 -16.31
CA ALA S 54 30.35 60.15 -17.10
C ALA S 54 31.11 58.95 -16.54
N PRO S 55 30.55 57.74 -16.65
CA PRO S 55 31.28 56.53 -16.26
C PRO S 55 32.57 56.33 -17.05
N ASP S 56 33.52 55.67 -16.39
CA ASP S 56 34.77 55.25 -17.02
C ASP S 56 34.57 54.17 -18.08
N CYS S 57 33.39 53.54 -18.14
CA CYS S 57 33.05 52.63 -19.22
C CYS S 57 33.05 53.36 -20.57
N LEU S 58 32.55 54.59 -20.60
CA LEU S 58 32.58 55.41 -21.80
C LEU S 58 34.00 55.86 -22.10
N PRO S 59 34.57 55.53 -23.25
CA PRO S 59 35.84 56.15 -23.65
C PRO S 59 35.61 57.57 -24.14
N GLU S 60 36.69 58.36 -24.12
CA GLU S 60 36.61 59.75 -24.53
C GLU S 60 36.92 59.97 -26.00
N ASN S 61 37.39 58.94 -26.71
CA ASN S 61 37.75 59.06 -28.11
C ASN S 61 36.64 58.61 -29.06
N ILE S 62 35.39 58.61 -28.61
CA ILE S 62 34.27 58.27 -29.49
C ILE S 62 33.64 59.56 -30.00
N PRO S 63 33.10 59.57 -31.22
CA PRO S 63 32.38 60.75 -31.72
C PRO S 63 31.18 61.09 -30.85
N GLY S 64 30.97 62.38 -30.65
CA GLY S 64 29.86 62.84 -29.85
C GLY S 64 30.06 62.69 -28.36
N TYR S 65 31.27 62.39 -27.91
CA TYR S 65 31.52 62.29 -26.47
C TYR S 65 31.66 63.69 -25.90
N MET S 66 30.71 64.05 -25.04
CA MET S 66 30.78 65.31 -24.32
C MET S 66 30.44 65.08 -22.86
N GLY S 67 30.81 63.90 -22.37
CA GLY S 67 30.75 63.53 -20.97
C GLY S 67 29.40 63.42 -20.34
N PHE S 68 28.35 63.25 -21.13
CA PHE S 68 26.99 63.26 -20.60
C PHE S 68 26.48 61.84 -20.41
N ASP S 69 26.55 61.37 -19.20
CA ASP S 69 25.87 60.12 -18.81
C ASP S 69 25.56 60.13 -17.32
N PRO S 70 24.71 61.05 -16.82
CA PRO S 70 24.44 61.12 -15.38
C PRO S 70 23.80 59.88 -14.81
N LEU S 71 22.95 59.22 -15.60
CA LEU S 71 22.27 58.02 -15.12
C LEU S 71 23.11 56.78 -15.28
N GLY S 72 24.31 56.89 -15.84
CA GLY S 72 25.23 55.78 -15.96
C GLY S 72 24.73 54.59 -16.74
N LEU S 73 23.88 54.80 -17.75
CA LEU S 73 23.23 53.73 -18.49
C LEU S 73 24.20 52.84 -19.26
N SER S 74 25.44 53.30 -19.44
CA SER S 74 26.47 52.53 -20.15
C SER S 74 26.85 51.25 -19.43
N THR S 75 26.84 51.23 -18.09
CA THR S 75 27.27 50.03 -17.37
C THR S 75 26.30 48.86 -17.59
N LEU S 76 25.01 49.12 -17.73
CA LEU S 76 23.98 48.08 -17.82
C LEU S 76 24.08 47.25 -19.09
N CYS S 77 24.39 47.88 -20.23
CA CYS S 77 24.36 47.23 -21.53
C CYS S 77 25.70 47.42 -22.21
N ASN S 78 25.99 46.59 -23.21
CA ASN S 78 27.25 46.69 -23.95
C ASN S 78 27.34 48.05 -24.63
N VAL S 79 28.50 48.70 -24.48
CA VAL S 79 28.68 50.08 -24.96
C VAL S 79 28.54 50.15 -26.47
N GLU S 80 29.09 49.17 -27.20
CA GLU S 80 29.03 49.17 -28.66
C GLU S 80 27.59 49.01 -29.15
N TRP S 81 26.81 48.17 -28.48
CA TRP S 81 25.39 47.99 -28.79
C TRP S 81 24.62 49.27 -28.54
N LEU S 82 24.90 49.94 -27.42
CA LEU S 82 24.27 51.23 -27.09
C LEU S 82 24.65 52.31 -28.09
N ARG S 83 25.92 52.35 -28.49
CA ARG S 83 26.41 53.36 -29.43
C ARG S 83 25.75 53.20 -30.79
N GLU S 84 25.68 51.96 -31.29
CA GLU S 84 25.00 51.69 -32.55
C GLU S 84 23.51 51.98 -32.43
N ALA S 85 22.93 51.70 -31.26
CA ALA S 85 21.52 51.98 -31.02
C ALA S 85 21.23 53.48 -31.10
N GLU S 86 22.12 54.29 -30.53
CA GLU S 86 21.98 55.75 -30.66
C GLU S 86 22.13 56.20 -32.10
N ILE S 87 23.12 55.70 -32.83
CA ILE S 87 23.33 56.11 -34.23
C ILE S 87 22.14 55.71 -35.12
N LYS S 88 21.61 54.51 -34.91
CA LYS S 88 20.42 54.06 -35.64
C LYS S 88 19.20 54.92 -35.30
N HIS S 89 19.05 55.29 -34.02
CA HIS S 89 17.96 56.18 -33.60
C HIS S 89 18.13 57.56 -34.18
N CYS S 90 19.38 58.05 -34.23
CA CYS S 90 19.72 59.34 -34.81
C CYS S 90 19.20 59.40 -36.22
N ARG S 91 19.56 58.40 -37.04
CA ARG S 91 19.20 58.41 -38.46
C ARG S 91 17.69 58.29 -38.66
N VAL S 92 17.05 57.32 -37.99
CA VAL S 92 15.61 57.10 -38.14
C VAL S 92 14.83 58.35 -37.73
N ALA S 93 15.27 59.00 -36.64
CA ALA S 93 14.71 60.26 -36.19
C ALA S 93 14.97 61.40 -37.17
N MET S 94 16.18 61.48 -37.74
CA MET S 94 16.50 62.57 -38.66
C MET S 94 15.65 62.49 -39.91
N LEU S 95 15.44 61.26 -40.38
CA LEU S 95 14.56 61.02 -41.52
C LEU S 95 13.13 61.40 -41.16
N ALA S 96 12.70 61.08 -39.93
CA ALA S 96 11.37 61.47 -39.48
C ALA S 96 11.21 62.97 -39.29
N ALA S 97 12.23 63.66 -38.75
CA ALA S 97 12.11 65.10 -38.48
C ALA S 97 12.05 65.88 -39.79
N ALA S 98 12.97 65.58 -40.70
CA ALA S 98 12.93 66.14 -42.04
C ALA S 98 11.65 65.75 -42.75
N GLY S 99 11.19 64.51 -42.53
CA GLY S 99 9.94 64.06 -43.10
C GLY S 99 8.74 64.83 -42.61
N SER S 100 8.67 65.08 -41.30
CA SER S 100 7.53 65.77 -40.71
C SER S 100 7.43 67.19 -41.24
N ILE S 101 8.58 67.86 -41.34
CA ILE S 101 8.65 69.21 -41.92
C ILE S 101 8.28 69.17 -43.40
N ALA S 102 8.90 68.27 -44.16
CA ALA S 102 8.70 68.22 -45.63
C ALA S 102 7.25 67.88 -46.00
N GLN S 103 6.65 66.90 -45.31
CA GLN S 103 5.27 66.49 -45.65
C GLN S 103 4.31 67.64 -45.41
N ASP S 104 4.48 68.37 -44.31
CA ASP S 104 3.65 69.58 -44.06
C ASP S 104 3.93 70.59 -45.17
N LEU S 105 5.20 70.79 -45.52
CA LEU S 105 5.64 71.76 -46.55
C LEU S 105 5.17 71.36 -47.95
N TYR S 106 5.24 70.08 -48.30
CA TYR S 106 4.94 69.68 -49.70
C TYR S 106 4.24 68.32 -49.81
N GLN S 107 3.35 68.17 -50.81
CA GLN S 107 2.66 66.88 -51.04
C GLN S 107 2.99 66.39 -52.45
N PHE S 108 3.33 65.11 -52.61
CA PHE S 108 3.59 64.52 -53.95
C PHE S 108 2.27 64.46 -54.72
N PRO S 109 2.27 64.48 -56.07
CA PRO S 109 1.01 64.55 -56.80
C PRO S 109 0.07 63.34 -56.57
N GLY S 110 -1.20 63.61 -56.26
CA GLY S 110 -2.21 62.54 -56.12
C GLY S 110 -2.26 61.87 -54.76
N VAL S 111 -1.29 62.13 -53.88
CA VAL S 111 -1.33 61.57 -52.49
C VAL S 111 -2.47 62.22 -51.72
N GLU S 112 -2.82 63.46 -52.05
CA GLU S 112 -3.83 64.20 -51.25
C GLU S 112 -5.16 63.44 -51.22
N LYS S 113 -5.57 62.82 -52.34
CA LYS S 113 -6.92 62.18 -52.36
C LYS S 113 -6.99 61.04 -51.33
N ILE S 114 -5.97 60.17 -51.26
CA ILE S 114 -5.98 59.09 -50.22
C ILE S 114 -5.78 59.67 -48.82
N VAL S 115 -4.87 60.64 -48.66
CA VAL S 115 -4.56 61.21 -47.32
C VAL S 115 -5.79 61.95 -46.77
N GLY S 116 -6.50 62.67 -47.63
CA GLY S 116 -7.64 63.49 -47.16
C GLY S 116 -7.15 64.76 -46.51
N SER S 117 -6.83 64.71 -45.21
CA SER S 117 -6.28 65.87 -44.51
C SER S 117 -5.46 65.46 -43.31
N ALA S 118 -4.95 64.23 -43.30
CA ALA S 118 -4.17 63.73 -42.19
C ALA S 118 -2.79 64.38 -42.13
N LYS S 119 -2.27 64.55 -40.90
CA LYS S 119 -0.91 65.15 -40.74
C LYS S 119 0.15 64.04 -40.64
N MET S 120 1.31 64.33 -40.06
CA MET S 120 2.42 63.33 -40.09
C MET S 120 2.06 62.00 -39.41
N THR S 121 1.52 62.03 -38.19
CA THR S 121 1.08 60.76 -37.54
C THR S 121 -0.17 60.21 -38.22
N GLY S 122 -1.11 61.08 -38.60
CA GLY S 122 -2.38 60.61 -39.18
C GLY S 122 -2.20 59.84 -40.47
N VAL S 123 -1.30 60.28 -41.36
CA VAL S 123 -1.14 59.62 -42.68
C VAL S 123 -0.93 58.12 -42.48
N HIS S 124 -0.09 57.72 -41.51
CA HIS S 124 0.22 56.31 -41.32
C HIS S 124 -1.04 55.50 -41.06
N ASP S 125 -1.92 56.03 -40.20
CA ASP S 125 -3.20 55.39 -39.89
C ASP S 125 -4.12 55.37 -41.12
N LYS S 126 -4.16 56.47 -41.87
CA LYS S 126 -5.01 56.54 -43.07
C LYS S 126 -4.56 55.55 -44.15
N ILE S 127 -3.25 55.46 -44.39
CA ILE S 127 -2.72 54.56 -45.42
C ILE S 127 -2.97 53.11 -45.03
N LEU S 128 -2.76 52.76 -43.76
CA LEU S 128 -3.09 51.40 -43.30
C LEU S 128 -4.58 51.10 -43.38
N ALA S 129 -5.44 52.09 -43.09
CA ALA S 129 -6.89 51.86 -43.15
C ALA S 129 -7.35 51.56 -44.58
N ALA S 130 -6.83 52.33 -45.55
CA ALA S 130 -7.14 52.06 -46.95
C ALA S 130 -6.53 50.73 -47.40
N ALA S 131 -5.34 50.39 -46.88
CA ALA S 131 -4.73 49.09 -47.20
C ALA S 131 -5.57 47.94 -46.64
N SER S 132 -6.16 48.12 -45.46
CA SER S 132 -7.09 47.16 -44.88
C SER S 132 -8.27 46.91 -45.82
N THR S 133 -8.81 47.98 -46.43
CA THR S 133 -9.85 47.81 -47.46
C THR S 133 -9.35 46.96 -48.64
N GLY S 134 -8.06 47.03 -48.95
CA GLY S 134 -7.48 46.29 -50.05
C GLY S 134 -6.94 47.14 -51.18
N ASP S 135 -6.69 48.41 -50.94
CA ASP S 135 -6.21 49.32 -51.98
C ASP S 135 -4.76 49.01 -52.32
N TYR S 136 -4.50 48.80 -53.61
CA TYR S 136 -3.14 48.58 -54.11
C TYR S 136 -2.28 49.83 -53.94
N LYS S 137 -2.89 51.01 -54.13
CA LYS S 137 -2.16 52.27 -53.97
C LYS S 137 -1.77 52.55 -52.53
N ALA S 138 -2.45 51.96 -51.55
CA ALA S 138 -2.19 52.22 -50.14
C ALA S 138 -1.23 51.23 -49.51
N GLN S 139 -0.42 50.55 -50.31
CA GLN S 139 0.56 49.61 -49.79
C GLN S 139 1.93 50.26 -49.56
N ALA S 140 1.99 51.59 -49.52
CA ALA S 140 3.23 52.34 -49.36
C ALA S 140 3.93 52.01 -48.04
N MET S 141 3.15 51.93 -46.96
CA MET S 141 3.64 51.56 -45.64
C MET S 141 4.28 50.18 -45.67
N SER S 142 3.62 49.23 -46.34
CA SER S 142 4.13 47.86 -46.45
C SER S 142 5.45 47.81 -47.19
N GLN S 143 5.58 48.63 -48.24
CA GLN S 143 6.81 48.68 -49.03
C GLN S 143 7.98 49.20 -48.20
N ILE S 144 7.77 50.30 -47.46
CA ILE S 144 8.86 50.81 -46.61
C ILE S 144 9.16 49.86 -45.44
N LEU S 145 8.13 49.24 -44.84
CA LEU S 145 8.38 48.25 -43.79
C LEU S 145 9.19 47.07 -44.31
N PHE S 146 8.83 46.57 -45.50
CA PHE S 146 9.53 45.43 -46.09
C PHE S 146 10.98 45.79 -46.40
N TRP S 147 11.19 46.98 -46.97
CA TRP S 147 12.56 47.37 -47.40
C TRP S 147 13.44 47.76 -46.21
N THR S 148 12.90 48.52 -45.24
CA THR S 148 13.71 48.82 -44.03
C THR S 148 14.01 47.52 -43.29
N SER S 149 13.03 46.61 -43.21
CA SER S 149 13.25 45.30 -42.56
C SER S 149 14.31 44.51 -43.32
N PHE S 150 14.26 44.55 -44.66
CA PHE S 150 15.26 43.82 -45.48
C PHE S 150 16.65 44.40 -45.20
N LEU S 151 16.75 45.73 -45.12
CA LEU S 151 18.06 46.38 -44.84
C LEU S 151 18.53 45.95 -43.45
N GLU S 152 17.63 45.95 -42.47
CA GLU S 152 18.00 45.52 -41.09
C GLU S 152 18.39 44.04 -41.10
N ILE S 153 17.65 43.21 -41.84
CA ILE S 153 17.94 41.74 -41.88
C ILE S 153 19.30 41.46 -42.54
N VAL S 154 19.62 42.15 -43.65
CA VAL S 154 20.96 41.97 -44.28
C VAL S 154 22.07 42.50 -43.35
N THR S 155 21.81 43.60 -42.64
CA THR S 155 22.83 44.21 -41.75
C THR S 155 22.78 43.57 -40.36
N LEU S 156 21.86 42.61 -40.15
CA LEU S 156 21.73 41.92 -38.84
C LEU S 156 23.13 41.47 -38.36
N PRO S 157 23.94 40.65 -39.07
CA PRO S 157 25.26 40.22 -38.54
C PRO S 157 26.18 41.35 -38.12
N ALA S 158 26.10 42.51 -38.77
CA ALA S 158 27.04 43.62 -38.61
C ALA S 158 27.13 44.12 -37.17
N VAL S 159 25.99 44.26 -36.49
CA VAL S 159 25.97 44.80 -35.12
C VAL S 159 26.68 43.85 -34.15
N PHE S 160 26.44 42.54 -34.31
CA PHE S 160 27.09 41.53 -33.49
C PHE S 160 28.58 41.43 -33.81
N GLU S 161 28.94 41.63 -35.08
CA GLU S 161 30.35 41.64 -35.47
C GLU S 161 31.10 42.80 -34.82
N THR S 162 30.45 43.97 -34.72
CA THR S 162 31.08 45.06 -33.98
C THR S 162 31.26 44.72 -32.51
N MET S 163 30.26 44.08 -31.89
CA MET S 163 30.45 43.64 -30.51
C MET S 163 31.51 42.56 -30.39
N ASN S 164 31.65 41.68 -31.38
CA ASN S 164 32.63 40.60 -31.38
C ASN S 164 34.06 41.06 -31.53
N GLY S 165 34.30 42.33 -31.87
CA GLY S 165 35.64 42.82 -32.12
C GLY S 165 36.02 42.95 -33.58
N GLY S 166 35.05 42.85 -34.49
CA GLY S 166 35.30 43.02 -35.90
C GLY S 166 35.72 44.43 -36.26
N PRO S 167 36.36 44.59 -37.43
CA PRO S 167 36.91 45.89 -37.83
C PRO S 167 35.90 47.03 -37.92
N ARG S 168 34.63 46.72 -38.20
CA ARG S 168 33.58 47.72 -38.29
C ARG S 168 33.37 48.41 -36.94
N LYS S 169 33.34 49.68 -36.98
CA LYS S 169 33.07 50.51 -35.83
C LYS S 169 31.55 50.69 -35.78
N PRO S 170 30.95 50.80 -34.58
CA PRO S 170 29.48 50.94 -34.50
C PRO S 170 28.95 52.17 -35.25
N GLY S 171 27.92 51.93 -36.06
CA GLY S 171 27.29 52.96 -36.84
C GLY S 171 27.87 53.24 -38.22
N VAL S 172 28.92 52.53 -38.63
CA VAL S 172 29.55 52.82 -39.93
C VAL S 172 29.21 51.67 -40.89
N PHE S 173 28.58 52.01 -42.00
CA PHE S 173 28.27 51.05 -43.05
C PHE S 173 29.05 51.34 -44.33
N PHE S 174 29.98 52.30 -44.28
CA PHE S 174 30.83 52.74 -45.40
C PHE S 174 30.01 53.24 -46.58
N PHE S 175 28.87 53.88 -46.27
CA PHE S 175 28.01 54.47 -47.32
C PHE S 175 28.53 55.86 -47.69
N ASP S 176 29.41 55.95 -48.68
CA ASP S 176 29.89 57.28 -49.14
C ASP S 176 29.86 57.35 -50.68
N PRO S 177 28.70 57.35 -51.36
CA PRO S 177 28.66 57.51 -52.81
C PRO S 177 29.18 58.91 -53.16
N LEU S 178 28.74 59.93 -52.40
CA LEU S 178 29.24 61.31 -52.61
C LEU S 178 30.73 61.37 -52.30
N GLY S 179 31.17 60.64 -51.26
CA GLY S 179 32.58 60.68 -50.84
C GLY S 179 32.89 61.99 -50.13
N LEU S 180 31.87 62.66 -49.60
CA LEU S 180 32.07 63.96 -48.93
C LEU S 180 32.98 63.78 -47.70
N GLY S 181 32.77 62.72 -46.92
CA GLY S 181 33.59 62.47 -45.72
C GLY S 181 34.98 61.99 -46.11
N LYS S 182 35.08 61.18 -47.17
CA LYS S 182 36.38 60.71 -47.66
C LYS S 182 37.20 61.86 -48.26
N GLY S 183 36.56 62.70 -49.07
CA GLY S 183 37.25 63.85 -49.64
C GLY S 183 37.65 64.87 -48.58
N ASP S 184 36.78 65.11 -47.61
CA ASP S 184 37.05 66.03 -46.51
C ASP S 184 37.66 65.23 -45.37
N LYS S 185 37.61 65.76 -44.15
CA LYS S 185 38.07 65.02 -42.97
C LYS S 185 36.89 64.36 -42.29
N MET S 186 36.98 63.06 -42.08
CA MET S 186 35.95 62.31 -41.38
C MET S 186 36.11 62.53 -39.87
N GLY S 187 34.98 62.50 -39.16
CA GLY S 187 34.94 62.65 -37.73
C GLY S 187 34.38 63.98 -37.25
N GLU S 188 34.27 64.97 -38.14
CA GLU S 188 33.61 66.21 -37.77
C GLU S 188 32.14 66.11 -38.14
N MET S 189 31.85 65.48 -39.28
CA MET S 189 30.46 65.22 -39.64
C MET S 189 29.90 64.11 -38.78
N GLU S 190 30.73 63.20 -38.28
CA GLU S 190 30.25 62.20 -37.33
C GLU S 190 29.73 62.85 -36.07
N LEU S 191 30.45 63.87 -35.58
CA LEU S 191 29.97 64.67 -34.46
C LEU S 191 28.67 65.39 -34.82
N LYS S 192 28.61 65.96 -36.04
CA LYS S 192 27.37 66.60 -36.50
C LYS S 192 26.22 65.61 -36.63
N GLU S 193 26.49 64.39 -37.13
CA GLU S 193 25.45 63.39 -37.28
C GLU S 193 24.88 62.96 -35.93
N ILE S 194 25.74 62.72 -34.93
CA ILE S 194 25.21 62.38 -33.61
C ILE S 194 24.47 63.57 -32.99
N LYS S 195 25.03 64.78 -33.05
CA LYS S 195 24.38 65.96 -32.46
C LYS S 195 23.06 66.33 -33.15
N ASN S 196 23.05 66.38 -34.48
CA ASN S 196 21.82 66.66 -35.23
C ASN S 196 20.82 65.52 -35.04
N GLY S 197 21.32 64.28 -34.91
CA GLY S 197 20.45 63.15 -34.65
C GLY S 197 19.75 63.24 -33.32
N ARG S 198 20.48 63.65 -32.28
CA ARG S 198 19.89 63.87 -30.96
C ARG S 198 18.84 64.98 -31.00
N LEU S 199 19.15 66.06 -31.75
CA LEU S 199 18.23 67.16 -31.94
C LEU S 199 16.97 66.69 -32.65
N ALA S 200 17.14 65.88 -33.69
CA ALA S 200 16.03 65.31 -34.42
C ALA S 200 15.21 64.35 -33.58
N MET S 201 15.87 63.58 -32.71
CA MET S 201 15.18 62.63 -31.83
C MET S 201 14.18 63.37 -30.95
N ILE S 202 14.68 64.43 -30.32
CA ILE S 202 13.84 65.30 -29.50
C ILE S 202 12.79 66.01 -30.36
N GLY S 203 13.20 66.51 -31.55
CA GLY S 203 12.28 67.22 -32.43
C GLY S 203 11.12 66.37 -32.93
N VAL S 204 11.38 65.10 -33.25
CA VAL S 204 10.33 64.17 -33.67
C VAL S 204 9.34 63.95 -32.55
N GLY S 205 9.85 63.82 -31.31
CA GLY S 205 8.94 63.75 -30.17
C GLY S 205 8.11 64.99 -29.97
N GLY S 206 8.74 66.15 -30.19
CA GLY S 206 8.00 67.40 -30.15
C GLY S 206 6.89 67.45 -31.17
N MET S 207 7.21 67.09 -32.42
CA MET S 207 6.26 67.15 -33.52
C MET S 207 5.09 66.21 -33.31
N VAL S 208 5.35 64.97 -32.87
CA VAL S 208 4.27 64.01 -32.68
C VAL S 208 3.36 64.41 -31.53
N HIS S 209 3.91 64.83 -30.37
CA HIS S 209 3.09 65.14 -29.21
C HIS S 209 2.30 66.43 -29.42
N HIS S 210 2.91 67.40 -30.12
CA HIS S 210 2.18 68.58 -30.56
C HIS S 210 1.02 68.17 -31.47
N TYR S 211 1.23 67.19 -32.38
CA TYR S 211 0.15 66.72 -33.26
C TYR S 211 -1.00 66.10 -32.48
N LEU S 212 -0.67 65.27 -31.48
CA LEU S 212 -1.71 64.58 -30.73
C LEU S 212 -2.56 65.55 -29.92
N LEU S 213 -1.94 66.55 -29.31
CA LEU S 213 -2.71 67.55 -28.59
C LEU S 213 -3.55 68.43 -29.51
N THR S 214 -2.93 68.95 -30.57
CA THR S 214 -3.58 69.82 -31.54
C THR S 214 -3.24 69.30 -32.92
N GLY S 215 -4.25 69.23 -33.81
CA GLY S 215 -4.11 68.55 -35.10
C GLY S 215 -2.98 69.04 -36.00
N LYS S 216 -2.51 70.27 -35.78
CA LYS S 216 -1.47 70.91 -36.58
C LYS S 216 -0.15 70.13 -36.61
N GLY S 217 0.42 70.00 -37.80
CA GLY S 217 1.70 69.38 -37.98
C GLY S 217 2.80 70.39 -37.78
N PRO S 218 4.05 70.06 -38.16
CA PRO S 218 5.22 70.90 -37.81
C PRO S 218 5.28 72.35 -38.29
N ILE S 219 5.25 72.57 -39.61
CA ILE S 219 5.33 73.90 -40.20
C ILE S 219 4.21 74.81 -39.65
N GLN S 220 2.99 74.26 -39.61
CA GLN S 220 1.83 74.99 -39.10
C GLN S 220 1.98 75.30 -37.62
N PHE S 221 2.47 74.34 -36.83
CA PHE S 221 2.62 74.55 -35.39
C PHE S 221 3.67 75.61 -35.10
N LEU S 222 4.77 75.63 -35.86
CA LEU S 222 5.79 76.66 -35.64
C LEU S 222 5.23 78.03 -35.95
N SER S 223 4.48 78.15 -37.05
CA SER S 223 3.91 79.45 -37.45
C SER S 223 2.88 79.93 -36.43
N GLY S 224 1.85 79.11 -36.16
CA GLY S 224 0.82 79.47 -35.17
C GLY S 224 1.34 79.39 -33.74
N ILE S 225 0.80 80.21 -32.83
CA ILE S 225 1.20 80.12 -31.39
C ILE S 225 -0.06 80.04 -30.51
N PRO S 226 -0.77 78.90 -30.43
CA PRO S 226 -1.92 78.77 -29.53
C PRO S 226 -1.64 79.37 -28.16
N ASP T 39 35.69 5.91 -66.80
CA ASP T 39 35.76 7.27 -66.19
C ASP T 39 34.38 7.93 -66.23
N MET T 40 33.98 8.45 -67.39
CA MET T 40 32.67 9.13 -67.52
C MET T 40 31.82 8.40 -68.56
N SER T 41 30.53 8.20 -68.27
CA SER T 41 29.64 7.44 -69.18
C SER T 41 29.53 8.15 -70.53
N ALA T 42 29.58 7.39 -71.63
CA ALA T 42 29.40 7.98 -72.97
C ALA T 42 27.98 8.53 -73.11
N SER T 43 26.98 7.76 -72.68
CA SER T 43 25.57 8.19 -72.84
C SER T 43 25.29 9.44 -71.99
N VAL T 44 25.69 9.42 -70.72
CA VAL T 44 25.52 10.62 -69.85
C VAL T 44 26.91 11.15 -69.52
N PRO T 45 27.37 12.25 -70.15
CA PRO T 45 28.74 12.74 -69.94
C PRO T 45 29.00 13.15 -68.49
N PHE T 46 28.03 13.80 -67.85
CA PHE T 46 28.20 14.27 -66.45
C PHE T 46 28.37 13.08 -65.51
N LEU T 47 27.59 12.00 -65.71
CA LEU T 47 27.64 10.84 -64.78
C LEU T 47 28.88 9.98 -65.04
N PRO T 48 29.50 9.38 -64.00
CA PRO T 48 30.65 8.48 -64.18
C PRO T 48 30.25 7.14 -64.82
N ARG T 49 31.18 6.52 -65.55
CA ARG T 49 30.89 5.22 -66.20
C ARG T 49 30.65 4.17 -65.11
N PRO T 50 29.58 3.35 -65.19
CA PRO T 50 29.33 2.28 -64.23
C PRO T 50 30.47 1.26 -64.25
N ALA T 51 30.95 0.83 -63.08
CA ALA T 51 32.11 -0.06 -63.02
C ALA T 51 31.85 -1.42 -63.64
N ALA T 52 30.70 -2.02 -63.38
CA ALA T 52 30.49 -3.36 -63.94
C ALA T 52 29.89 -3.32 -65.34
N LEU T 53 30.30 -2.35 -66.17
CA LEU T 53 29.93 -2.29 -67.57
C LEU T 53 31.17 -2.59 -68.40
N ASP T 54 32.05 -1.60 -68.63
CA ASP T 54 33.39 -1.72 -69.25
C ASP T 54 33.35 -1.89 -70.78
N GLY T 55 32.17 -1.89 -71.40
CA GLY T 55 32.08 -1.99 -72.84
C GLY T 55 32.16 -3.39 -73.39
N SER T 56 32.30 -4.40 -72.54
CA SER T 56 32.44 -5.79 -72.98
C SER T 56 31.17 -6.31 -73.66
N MET T 57 30.00 -6.00 -73.09
CA MET T 57 28.74 -6.47 -73.64
C MET T 57 28.32 -5.58 -74.80
N VAL T 58 27.45 -6.12 -75.68
CA VAL T 58 26.91 -5.33 -76.77
C VAL T 58 25.97 -4.27 -76.20
N GLY T 59 25.88 -3.13 -76.87
CA GLY T 59 25.00 -2.07 -76.44
C GLY T 59 25.49 -1.42 -75.16
N ASP T 60 26.77 -1.12 -75.08
CA ASP T 60 27.39 -0.56 -73.87
C ASP T 60 27.81 0.89 -74.07
N VAL T 61 26.92 1.82 -73.73
CA VAL T 61 27.25 3.24 -73.80
C VAL T 61 27.45 3.82 -72.40
N GLY T 62 27.67 2.97 -71.41
CA GLY T 62 27.81 3.41 -70.04
C GLY T 62 26.51 3.83 -69.40
N PHE T 63 25.38 3.35 -69.91
CA PHE T 63 24.07 3.80 -69.45
C PHE T 63 23.53 2.95 -68.30
N ASP T 64 24.05 3.17 -67.10
CA ASP T 64 23.46 2.60 -65.89
C ASP T 64 23.48 3.64 -64.77
N PRO T 65 22.73 4.77 -64.93
CA PRO T 65 22.77 5.83 -63.92
C PRO T 65 22.25 5.44 -62.54
N LEU T 66 21.22 4.60 -62.48
CA LEU T 66 20.61 4.24 -61.21
C LEU T 66 21.36 3.15 -60.48
N GLY T 67 22.47 2.68 -61.02
CA GLY T 67 23.33 1.71 -60.37
C GLY T 67 22.71 0.36 -60.11
N PHE T 68 21.88 -0.13 -61.05
CA PHE T 68 21.33 -1.48 -60.93
C PHE T 68 22.43 -2.51 -60.99
N THR T 69 23.47 -2.25 -61.81
CA THR T 69 24.58 -3.19 -61.99
C THR T 69 25.29 -3.48 -60.67
N THR T 70 25.40 -2.46 -59.79
CA THR T 70 25.99 -2.63 -58.48
C THR T 70 25.17 -3.60 -57.63
N LYS T 71 23.86 -3.33 -57.50
CA LYS T 71 23.00 -4.14 -56.65
C LYS T 71 22.69 -5.50 -57.25
N TYR T 72 22.46 -5.58 -58.55
CA TYR T 72 22.00 -6.80 -59.20
C TYR T 72 23.03 -7.30 -60.20
N ASP T 73 23.11 -8.62 -60.34
CA ASP T 73 24.03 -9.29 -61.27
C ASP T 73 23.83 -8.82 -62.70
N ILE T 74 24.94 -8.55 -63.41
CA ILE T 74 24.91 -8.06 -64.79
C ILE T 74 24.30 -9.10 -65.72
N LYS T 75 24.61 -10.39 -65.51
CA LYS T 75 24.12 -11.44 -66.39
C LYS T 75 22.61 -11.61 -66.27
N TRP T 76 22.08 -11.51 -65.04
CA TRP T 76 20.63 -11.58 -64.87
C TRP T 76 19.92 -10.41 -65.52
N LEU T 77 20.48 -9.20 -65.39
CA LEU T 77 19.95 -8.01 -66.05
C LEU T 77 19.99 -8.16 -67.56
N ARG T 78 21.09 -8.69 -68.09
CA ARG T 78 21.25 -8.86 -69.55
C ARG T 78 20.31 -9.93 -70.11
N GLU T 79 20.20 -11.08 -69.43
CA GLU T 79 19.28 -12.13 -69.87
C GLU T 79 17.84 -11.65 -69.80
N SER T 80 17.49 -10.90 -68.75
CA SER T 80 16.16 -10.32 -68.65
C SER T 80 15.90 -9.28 -69.73
N GLU T 81 16.91 -8.47 -70.05
CA GLU T 81 16.78 -7.46 -71.11
C GLU T 81 16.50 -8.12 -72.44
N LEU T 82 17.27 -9.17 -72.74
CA LEU T 82 17.09 -9.90 -73.99
C LEU T 82 15.73 -10.59 -74.01
N LYS T 83 15.32 -11.20 -72.89
CA LYS T 83 14.00 -11.83 -72.81
C LYS T 83 12.88 -10.81 -72.95
N HIS T 84 13.02 -9.66 -72.29
CA HIS T 84 12.00 -8.58 -72.43
C HIS T 84 11.93 -8.15 -73.89
N GLY T 85 13.08 -7.85 -74.50
CA GLY T 85 13.10 -7.36 -75.88
C GLY T 85 12.55 -8.36 -76.86
N ARG T 86 12.91 -9.65 -76.71
CA ARG T 86 12.42 -10.71 -77.63
C ARG T 86 10.89 -10.83 -77.51
N VAL T 87 10.38 -10.84 -76.28
CA VAL T 87 8.91 -10.92 -76.06
C VAL T 87 8.26 -9.67 -76.63
N CYS T 88 8.87 -8.50 -76.39
CA CYS T 88 8.34 -7.22 -76.92
C CYS T 88 8.38 -7.20 -78.45
N MET T 89 9.45 -7.74 -79.05
CA MET T 89 9.57 -7.73 -80.53
C MET T 89 8.44 -8.57 -81.11
N LEU T 90 8.14 -9.73 -80.51
CA LEU T 90 6.99 -10.54 -80.97
C LEU T 90 5.69 -9.76 -80.72
N ALA T 91 5.57 -9.11 -79.57
CA ALA T 91 4.35 -8.32 -79.23
C ALA T 91 4.20 -7.12 -80.17
N SER T 92 5.30 -6.41 -80.47
CA SER T 92 5.24 -5.23 -81.37
C SER T 92 4.78 -5.72 -82.73
N LEU T 93 5.33 -6.85 -83.19
CA LEU T 93 4.87 -7.42 -84.45
C LEU T 93 3.42 -7.90 -84.33
N GLY T 94 3.08 -8.47 -83.15
CA GLY T 94 1.77 -9.05 -82.92
C GLY T 94 0.62 -8.07 -83.02
N CYS T 95 0.76 -6.89 -82.40
CA CYS T 95 -0.34 -5.93 -82.35
C CYS T 95 -0.66 -5.38 -83.74
N ILE T 96 0.39 -5.02 -84.49
CA ILE T 96 0.27 -4.47 -85.83
C ILE T 96 -0.32 -5.52 -86.77
N VAL T 97 0.19 -6.76 -86.68
CA VAL T 97 -0.29 -7.85 -87.53
C VAL T 97 -1.74 -8.20 -87.21
N GLN T 98 -2.10 -8.19 -85.93
CA GLN T 98 -3.47 -8.52 -85.51
C GLN T 98 -4.47 -7.51 -86.02
N GLU T 99 -4.10 -6.23 -86.10
CA GLU T 99 -5.00 -5.30 -86.80
C GLU T 99 -5.10 -5.62 -88.28
N ILE T 100 -3.95 -5.83 -88.95
CA ILE T 100 -3.99 -5.98 -90.42
C ILE T 100 -4.65 -7.30 -90.84
N VAL T 101 -4.40 -8.40 -90.14
CA VAL T 101 -4.96 -9.70 -90.51
C VAL T 101 -5.31 -10.47 -89.24
N HIS T 102 -6.42 -11.19 -89.27
CA HIS T 102 -6.81 -12.02 -88.14
C HIS T 102 -7.42 -13.33 -88.62
N LEU T 103 -7.47 -14.30 -87.72
CA LEU T 103 -8.04 -15.61 -88.00
C LEU T 103 -9.53 -15.48 -88.31
N PRO T 104 -10.06 -16.27 -89.27
CA PRO T 104 -11.47 -16.09 -89.70
C PRO T 104 -12.46 -16.79 -88.77
N PHE T 105 -12.48 -16.35 -87.52
CA PHE T 105 -13.38 -16.89 -86.51
C PHE T 105 -13.87 -15.74 -85.64
N GLU T 106 -15.05 -15.90 -85.08
CA GLU T 106 -15.46 -14.97 -84.04
C GLU T 106 -14.68 -15.30 -82.78
N ALA T 107 -14.45 -14.27 -81.96
CA ALA T 107 -13.67 -14.11 -80.73
C ALA T 107 -12.20 -13.86 -81.08
N THR T 108 -11.82 -13.94 -82.35
CA THR T 108 -10.50 -13.58 -82.82
C THR T 108 -10.56 -12.36 -83.74
N SER T 109 -11.75 -11.83 -84.01
CA SER T 109 -11.92 -10.64 -84.85
C SER T 109 -11.98 -9.37 -84.01
N ASN T 110 -10.84 -9.01 -83.43
CA ASN T 110 -10.72 -7.74 -82.71
C ASN T 110 -9.49 -7.00 -83.20
N PRO T 111 -9.63 -5.77 -83.72
CA PRO T 111 -8.43 -5.00 -84.11
C PRO T 111 -7.55 -4.60 -82.94
N VAL T 112 -8.16 -4.18 -81.85
CA VAL T 112 -7.42 -3.69 -80.69
C VAL T 112 -6.82 -4.87 -79.95
N ALA T 113 -5.53 -4.76 -79.61
CA ALA T 113 -4.79 -5.84 -78.99
C ALA T 113 -5.30 -6.19 -77.59
N SER T 114 -5.50 -5.15 -76.78
CA SER T 114 -5.92 -5.31 -75.40
C SER T 114 -7.31 -5.93 -75.33
N GLU T 115 -8.21 -5.49 -76.20
CA GLU T 115 -9.54 -6.05 -76.30
C GLU T 115 -9.50 -7.50 -76.77
N ALA T 116 -8.56 -7.79 -77.67
CA ALA T 116 -8.39 -9.14 -78.22
C ALA T 116 -8.06 -10.12 -77.12
N PHE T 117 -7.22 -9.72 -76.14
CA PHE T 117 -6.87 -10.58 -75.00
C PHE T 117 -8.11 -11.10 -74.26
N PHE T 118 -8.99 -10.20 -73.88
CA PHE T 118 -10.21 -10.59 -73.21
C PHE T 118 -11.19 -11.32 -74.15
N GLN T 119 -11.24 -10.91 -75.42
CA GLN T 119 -12.17 -11.52 -76.38
C GLN T 119 -11.82 -12.97 -76.75
N VAL T 120 -10.53 -13.30 -76.88
CA VAL T 120 -10.13 -14.64 -77.34
C VAL T 120 -10.43 -15.70 -76.29
N PRO T 121 -10.54 -17.00 -76.63
CA PRO T 121 -10.79 -18.03 -75.61
C PRO T 121 -9.72 -18.03 -74.54
N ALA T 122 -10.17 -17.91 -73.29
CA ALA T 122 -9.28 -17.81 -72.14
C ALA T 122 -8.51 -19.08 -71.93
N GLY T 123 -9.13 -20.23 -72.24
CA GLY T 123 -8.42 -21.49 -72.18
C GLY T 123 -7.26 -21.54 -73.12
N GLY T 124 -7.41 -20.93 -74.31
CA GLY T 124 -6.29 -20.78 -75.23
C GLY T 124 -5.18 -19.92 -74.65
N LEU T 125 -5.55 -18.84 -73.94
CA LEU T 125 -4.56 -17.99 -73.29
C LEU T 125 -3.80 -18.75 -72.21
N TRP T 126 -4.50 -19.56 -71.43
CA TRP T 126 -3.88 -20.36 -70.39
C TRP T 126 -3.02 -21.47 -71.00
N GLN T 127 -3.41 -21.95 -72.19
CA GLN T 127 -2.60 -22.90 -72.95
C GLN T 127 -1.31 -22.26 -73.42
N ILE T 128 -1.39 -21.00 -73.89
CA ILE T 128 -0.21 -20.24 -74.30
C ILE T 128 0.72 -20.03 -73.11
N PHE T 129 0.16 -19.68 -71.94
CA PHE T 129 0.95 -19.40 -70.74
C PHE T 129 1.72 -20.63 -70.28
N ALA T 130 1.03 -21.77 -70.21
CA ALA T 130 1.70 -23.02 -69.84
C ALA T 130 2.74 -23.43 -70.88
N GLY T 131 2.42 -23.31 -72.18
CA GLY T 131 3.38 -23.65 -73.23
C GLY T 131 4.65 -22.82 -73.16
N ILE T 132 4.50 -21.51 -72.91
CA ILE T 132 5.64 -20.63 -72.69
C ILE T 132 6.40 -21.08 -71.44
N GLY T 133 5.68 -21.51 -70.40
CA GLY T 133 6.34 -22.05 -69.21
C GLY T 133 7.15 -23.31 -69.47
N ILE T 134 6.64 -24.18 -70.33
CA ILE T 134 7.41 -25.34 -70.78
C ILE T 134 8.65 -24.90 -71.52
N VAL T 135 8.53 -23.89 -72.37
CA VAL T 135 9.70 -23.34 -73.07
C VAL T 135 10.68 -22.71 -72.07
N GLU T 136 10.16 -22.05 -71.03
CA GLU T 136 11.01 -21.41 -70.02
C GLU T 136 11.72 -22.44 -69.14
N HIS T 137 11.05 -23.55 -68.81
CA HIS T 137 11.72 -24.65 -68.11
C HIS T 137 12.71 -25.37 -69.03
N PHE T 138 12.31 -25.60 -70.29
CA PHE T 138 13.22 -26.26 -71.27
C PHE T 138 14.47 -25.39 -71.43
N SER T 139 14.26 -24.08 -71.60
CA SER T 139 15.40 -23.14 -71.72
C SER T 139 16.04 -22.96 -70.35
N ASN T 140 17.31 -22.55 -70.29
CA ASN T 140 18.03 -22.28 -69.02
C ASN T 140 18.34 -23.59 -68.27
N ASN T 141 18.15 -24.73 -68.92
CA ASN T 141 18.50 -26.05 -68.29
C ASN T 141 17.72 -26.23 -66.99
N PHE T 142 16.48 -25.69 -66.93
CA PHE T 142 15.62 -25.81 -65.72
C PHE T 142 16.28 -25.11 -64.53
N LYS T 143 17.16 -24.14 -64.79
CA LYS T 143 17.85 -23.41 -63.70
C LYS T 143 17.43 -21.94 -63.72
N MET T 144 16.99 -21.38 -62.60
CA MET T 144 16.49 -19.98 -62.56
C MET T 144 17.23 -19.20 -61.47
N SER T 145 17.27 -17.87 -61.58
CA SER T 145 17.97 -17.01 -60.59
C SER T 145 19.47 -17.33 -60.56
N GLY T 146 20.03 -17.64 -59.38
CA GLY T 146 21.48 -17.90 -59.25
C GLY T 146 21.96 -19.11 -60.03
N SER T 147 21.16 -20.19 -60.09
CA SER T 147 21.62 -21.45 -60.73
C SER T 147 21.97 -21.30 -62.23
N THR T 148 21.20 -20.53 -63.00
CA THR T 148 21.46 -20.45 -64.46
C THR T 148 22.84 -19.86 -64.75
N MET T 149 23.26 -18.85 -64.00
CA MET T 149 24.57 -18.19 -64.24
C MET T 149 25.63 -18.84 -63.34
N ARG T 154 26.36 -20.76 -69.38
CA ARG T 154 25.42 -20.30 -70.40
C ARG T 154 25.44 -18.78 -70.46
N ALA T 155 25.94 -18.24 -71.57
CA ALA T 155 26.03 -16.80 -71.76
C ALA T 155 24.64 -16.19 -71.73
N PRO T 156 24.47 -15.02 -71.07
CA PRO T 156 23.13 -14.44 -70.88
C PRO T 156 22.39 -14.14 -72.17
N GLY T 157 21.11 -14.48 -72.21
CA GLY T 157 20.28 -14.15 -73.38
C GLY T 157 20.45 -15.10 -74.56
N ASN T 158 21.16 -16.21 -74.37
CA ASN T 158 21.29 -17.22 -75.46
C ASN T 158 20.69 -18.54 -75.02
N LEU T 159 19.71 -19.05 -75.77
CA LEU T 159 19.11 -20.39 -75.46
C LEU T 159 19.62 -21.41 -76.49
N GLY T 160 20.55 -21.00 -77.34
CA GLY T 160 21.07 -21.91 -78.39
C GLY T 160 20.08 -22.06 -79.53
N PHE T 161 19.08 -21.18 -79.63
CA PHE T 161 18.05 -21.29 -80.68
C PHE T 161 18.52 -20.64 -81.98
N ASP T 162 19.43 -21.31 -82.71
CA ASP T 162 19.87 -20.77 -84.03
C ASP T 162 19.83 -21.90 -85.07
N PRO T 163 18.64 -22.40 -85.49
CA PRO T 163 18.56 -23.53 -86.42
C PRO T 163 19.17 -23.20 -87.78
N LEU T 164 18.69 -22.14 -88.44
CA LEU T 164 19.19 -21.75 -89.76
C LEU T 164 20.51 -21.03 -89.59
N ASN T 165 21.38 -21.14 -90.59
CA ASN T 165 22.65 -20.41 -90.57
C ASN T 165 22.49 -19.00 -91.16
N PHE T 166 21.64 -18.21 -90.48
CA PHE T 166 21.48 -16.81 -90.83
C PHE T 166 22.76 -16.03 -90.56
N GLY T 167 23.38 -16.29 -89.40
CA GLY T 167 24.65 -15.71 -89.02
C GLY T 167 25.81 -16.53 -89.52
N LYS T 168 26.18 -16.34 -90.80
CA LYS T 168 27.26 -17.10 -91.42
C LYS T 168 28.60 -16.83 -90.74
N ASN T 169 28.85 -15.58 -90.37
CA ASN T 169 30.11 -15.22 -89.72
C ASN T 169 29.88 -14.87 -88.25
N PRO T 170 30.82 -15.22 -87.37
CA PRO T 170 30.71 -14.79 -85.95
C PRO T 170 30.72 -13.29 -85.76
N SER T 171 31.51 -12.55 -86.55
CA SER T 171 31.51 -11.09 -86.51
C SER T 171 30.16 -10.53 -86.92
N ALA T 172 29.56 -11.14 -87.96
CA ALA T 172 28.20 -10.78 -88.38
C ALA T 172 27.21 -11.09 -87.28
N ARG T 173 27.43 -12.19 -86.54
CA ARG T 173 26.57 -12.54 -85.41
C ARG T 173 26.68 -11.51 -84.29
N ALA T 174 27.90 -10.98 -84.05
CA ALA T 174 28.07 -9.93 -83.04
C ALA T 174 27.33 -8.65 -83.45
N ARG T 175 27.37 -8.33 -84.75
CA ARG T 175 26.57 -7.23 -85.28
C ARG T 175 25.09 -7.50 -85.11
N TYR T 176 24.66 -8.73 -85.33
CA TYR T 176 23.27 -9.14 -85.13
C TYR T 176 22.88 -9.06 -83.65
N GLU T 177 23.79 -9.41 -82.75
CA GLU T 177 23.52 -9.34 -81.32
C GLU T 177 23.28 -7.90 -80.87
N LEU T 178 24.10 -6.99 -81.41
CA LEU T 178 23.87 -5.56 -81.18
C LEU T 178 22.54 -5.13 -81.79
N ALA T 179 22.26 -5.60 -83.00
CA ALA T 179 21.02 -5.27 -83.70
C ALA T 179 19.81 -5.79 -82.95
N GLU T 180 19.94 -7.01 -82.42
CA GLU T 180 18.82 -7.65 -81.67
C GLU T 180 18.53 -6.79 -80.43
N ILE T 181 19.55 -6.48 -79.64
CA ILE T 181 19.30 -5.73 -78.37
C ILE T 181 18.73 -4.34 -78.68
N LYS T 182 19.27 -3.65 -79.68
CA LYS T 182 18.77 -2.29 -80.04
C LYS T 182 17.32 -2.39 -80.54
N ASN T 183 17.03 -3.39 -81.37
CA ASN T 183 15.63 -3.59 -81.87
C ASN T 183 14.73 -3.96 -80.69
N GLY T 184 15.23 -4.80 -79.77
CA GLY T 184 14.45 -5.19 -78.58
C GLY T 184 14.16 -3.99 -77.69
N ARG T 185 15.14 -3.10 -77.51
CA ARG T 185 14.94 -1.88 -76.68
C ARG T 185 13.88 -1.02 -77.36
N LEU T 186 13.98 -0.83 -78.67
CA LEU T 186 13.02 -0.05 -79.43
C LEU T 186 11.64 -0.67 -79.28
N ALA T 187 11.58 -1.99 -79.29
CA ALA T 187 10.34 -2.74 -79.20
C ALA T 187 9.70 -2.59 -77.82
N MET T 188 10.51 -2.53 -76.76
CA MET T 188 9.98 -2.36 -75.42
C MET T 188 9.25 -1.03 -75.31
N LEU T 189 9.92 0.04 -75.78
CA LEU T 189 9.30 1.35 -75.79
C LEU T 189 8.11 1.39 -76.74
N GLY T 190 8.25 0.77 -77.91
CA GLY T 190 7.18 0.72 -78.91
C GLY T 190 5.93 0.00 -78.45
N PHE T 191 6.10 -1.22 -77.93
CA PHE T 191 4.95 -2.00 -77.51
C PHE T 191 4.23 -1.34 -76.35
N GLY T 192 4.97 -0.76 -75.39
CA GLY T 192 4.30 -0.05 -74.31
C GLY T 192 3.52 1.12 -74.85
N GLY T 193 4.10 1.79 -75.83
CA GLY T 193 3.47 2.89 -76.50
C GLY T 193 2.20 2.66 -77.28
N MET T 194 2.05 1.42 -77.79
CA MET T 194 0.87 1.05 -78.61
C MET T 194 -0.13 0.34 -77.71
N ILE T 195 0.34 -0.39 -76.68
CA ILE T 195 -0.62 -0.98 -75.71
C ILE T 195 -1.31 0.19 -75.02
N HIS T 196 -0.57 1.27 -74.74
CA HIS T 196 -1.19 2.48 -74.13
C HIS T 196 -2.00 3.20 -75.21
N GLY T 197 -1.57 3.11 -76.46
CA GLY T 197 -2.38 3.67 -77.56
C GLY T 197 -3.71 2.94 -77.61
N CYS T 198 -3.69 1.62 -77.43
CA CYS T 198 -4.95 0.81 -77.43
C CYS T 198 -5.83 1.28 -76.27
N PHE T 199 -5.23 1.57 -75.11
CA PHE T 199 -6.02 1.99 -73.93
C PHE T 199 -6.73 3.33 -74.21
N ILE T 200 -6.03 4.28 -74.84
CA ILE T 200 -6.62 5.64 -75.09
C ILE T 200 -7.46 5.63 -76.36
N THR T 201 -6.84 5.28 -77.50
CA THR T 201 -7.54 5.30 -78.82
C THR T 201 -8.62 4.22 -78.89
N GLY T 202 -8.35 3.03 -78.35
CA GLY T 202 -9.30 1.91 -78.50
C GLY T 202 -9.45 1.55 -79.97
N LYS T 203 -8.36 1.65 -80.74
CA LYS T 203 -8.43 1.39 -82.21
C LYS T 203 -7.29 0.45 -82.63
N GLY T 204 -6.21 0.38 -81.87
CA GLY T 204 -5.09 -0.43 -82.29
C GLY T 204 -3.99 0.47 -82.81
N PRO T 205 -2.76 -0.05 -82.94
CA PRO T 205 -1.60 0.83 -83.29
C PRO T 205 -1.67 1.57 -84.63
N ILE T 206 -1.89 0.88 -85.75
CA ILE T 206 -1.87 1.53 -87.06
C ILE T 206 -3.02 2.54 -87.19
N GLY T 207 -4.20 2.19 -86.64
CA GLY T 207 -5.31 3.13 -86.58
C GLY T 207 -4.98 4.34 -85.73
N ALA T 208 -4.23 4.13 -84.64
CA ALA T 208 -3.88 5.21 -83.73
C ALA T 208 -2.97 6.23 -84.41
N LEU T 209 -1.98 5.77 -85.18
CA LEU T 209 -1.16 6.73 -85.93
C LEU T 209 -1.93 7.42 -87.05
N THR T 210 -2.70 6.64 -87.84
CA THR T 210 -3.40 7.22 -88.99
C THR T 210 -4.47 8.21 -88.57
N SER T 211 -5.23 7.90 -87.53
CA SER T 211 -6.31 8.77 -87.06
C SER T 211 -5.94 9.29 -85.68
N MET T 212 -5.66 10.60 -85.61
CA MET T 212 -5.39 11.25 -84.30
C MET T 212 -6.36 12.44 -84.24
N ASP T 213 -6.51 13.06 -83.07
CA ASP T 213 -7.39 14.27 -82.98
C ASP T 213 -6.58 15.50 -83.41
N TRP T 214 -6.20 15.57 -84.69
CA TRP T 214 -5.36 16.70 -85.18
C TRP T 214 -6.11 18.03 -85.07
N HIS T 215 -7.40 18.04 -85.42
CA HIS T 215 -8.21 19.30 -85.38
C HIS T 215 -9.25 19.21 -84.25
N GLN T 216 -9.10 18.24 -83.36
CA GLN T 216 -10.05 18.09 -82.22
C GLN T 216 -9.28 18.32 -80.91
N SER T 217 -9.85 19.11 -79.99
CA SER T 217 -9.21 19.37 -78.67
C SER T 217 -8.46 18.11 -78.21
N MET U 38 37.91 41.20 -45.83
CA MET U 38 36.66 41.92 -45.96
C MET U 38 35.99 41.65 -47.31
N SER U 39 34.73 42.03 -47.44
CA SER U 39 33.90 41.67 -48.58
C SER U 39 33.88 42.78 -49.63
N GLU U 40 33.79 42.36 -50.89
CA GLU U 40 33.71 43.32 -52.00
C GLU U 40 32.34 43.98 -52.09
N SER U 41 31.28 43.19 -52.20
CA SER U 41 29.92 43.72 -52.39
C SER U 41 29.44 44.48 -51.16
N VAL U 42 29.64 43.90 -49.99
CA VAL U 42 29.14 44.48 -48.74
C VAL U 42 30.33 44.88 -47.87
N PRO U 43 30.74 46.16 -47.94
CA PRO U 43 32.01 46.57 -47.32
C PRO U 43 32.05 46.46 -45.81
N PHE U 44 30.92 46.71 -45.15
CA PHE U 44 30.87 46.61 -43.70
C PHE U 44 31.05 45.18 -43.21
N LEU U 45 30.41 44.21 -43.87
CA LEU U 45 30.45 42.83 -43.41
C LEU U 45 31.77 42.16 -43.78
N LYS U 46 32.01 41.01 -43.17
CA LYS U 46 33.24 40.25 -43.38
C LYS U 46 33.14 39.43 -44.66
N LYS U 47 34.30 39.16 -45.25
CA LYS U 47 34.40 38.29 -46.43
C LYS U 47 33.79 36.93 -46.12
N PRO U 48 32.87 36.43 -46.94
CA PRO U 48 32.30 35.09 -46.72
C PRO U 48 33.36 34.01 -46.85
N GLU U 49 33.43 33.16 -45.82
CA GLU U 49 34.51 32.19 -45.69
C GLU U 49 34.46 31.10 -46.76
N ALA U 50 33.27 30.68 -47.17
CA ALA U 50 33.13 29.60 -48.14
C ALA U 50 33.15 30.08 -49.59
N LEU U 51 33.22 31.38 -49.83
CA LEU U 51 33.13 31.93 -51.17
C LEU U 51 34.49 32.41 -51.65
N ASP U 52 34.81 32.11 -52.91
CA ASP U 52 36.12 32.41 -53.47
C ASP U 52 35.99 33.05 -54.85
N SER U 53 37.04 33.79 -55.23
CA SER U 53 37.06 34.56 -56.47
C SER U 53 36.96 33.67 -57.70
N SER U 54 37.53 32.47 -57.65
CA SER U 54 37.54 31.52 -58.76
C SER U 54 36.13 31.11 -59.16
N MET U 55 35.22 31.01 -58.20
CA MET U 55 33.84 30.62 -58.44
C MET U 55 33.12 31.66 -59.27
N ALA U 56 32.27 31.19 -60.19
CA ALA U 56 31.55 32.06 -61.09
C ALA U 56 30.54 32.91 -60.35
N GLY U 57 30.37 34.15 -60.81
CA GLY U 57 29.47 35.10 -60.18
C GLY U 57 29.84 35.44 -58.76
N TYR U 58 31.12 35.57 -58.48
CA TYR U 58 31.59 35.91 -57.15
C TYR U 58 31.63 37.41 -57.00
N ALA U 59 30.84 37.94 -56.06
CA ALA U 59 30.97 39.32 -55.63
C ALA U 59 31.21 39.39 -54.14
N GLY U 60 31.52 38.26 -53.49
CA GLY U 60 31.63 38.20 -52.04
C GLY U 60 30.34 38.54 -51.31
N PHE U 61 29.21 38.12 -51.87
CA PHE U 61 27.90 38.48 -51.33
C PHE U 61 27.29 37.29 -50.61
N ASP U 62 27.38 37.31 -49.28
CA ASP U 62 26.67 36.36 -48.43
C ASP U 62 26.45 36.99 -47.06
N PRO U 63 25.56 38.00 -46.98
CA PRO U 63 25.36 38.69 -45.68
C PRO U 63 24.85 37.80 -44.57
N LEU U 64 23.96 36.86 -44.84
CA LEU U 64 23.44 36.01 -43.79
C LEU U 64 24.31 34.81 -43.49
N GLY U 65 25.42 34.63 -44.22
CA GLY U 65 26.32 33.52 -43.97
C GLY U 65 25.74 32.15 -44.25
N LEU U 66 24.74 32.05 -45.13
CA LEU U 66 24.04 30.80 -45.42
C LEU U 66 24.93 29.72 -46.05
N SER U 67 26.12 30.10 -46.55
CA SER U 67 27.09 29.15 -47.07
C SER U 67 27.62 28.23 -45.97
N SER U 68 27.74 28.72 -44.75
CA SER U 68 28.10 27.86 -43.64
C SER U 68 27.00 26.84 -43.35
N ILE U 69 25.74 27.27 -43.41
CA ILE U 69 24.61 26.39 -43.05
C ILE U 69 24.43 25.25 -44.06
N ALA U 70 24.50 25.53 -45.35
CA ALA U 70 24.25 24.46 -46.31
C ALA U 70 25.52 24.27 -47.11
N ASP U 71 25.75 23.03 -47.57
CA ASP U 71 26.97 22.70 -48.30
C ASP U 71 27.06 23.57 -49.54
N ILE U 72 28.24 24.16 -49.75
CA ILE U 72 28.41 25.17 -50.80
C ILE U 72 28.22 24.56 -52.19
N LYS U 73 28.64 23.31 -52.40
CA LYS U 73 28.41 22.64 -53.67
C LYS U 73 26.92 22.41 -53.92
N PHE U 74 26.18 22.04 -52.86
CA PHE U 74 24.72 21.90 -52.94
C PHE U 74 24.07 23.24 -53.27
N LEU U 75 24.52 24.31 -52.59
CA LEU U 75 24.02 25.66 -52.85
C LEU U 75 24.35 26.13 -54.25
N GLN U 76 25.56 25.83 -54.73
CA GLN U 76 26.00 26.26 -56.06
C GLN U 76 25.16 25.59 -57.14
N GLU U 77 24.95 24.27 -57.02
CA GLU U 77 24.11 23.57 -57.99
C GLU U 77 22.67 24.04 -57.91
N SER U 78 22.17 24.31 -56.70
CA SER U 78 20.80 24.79 -56.55
C SER U 78 20.61 26.15 -57.19
N GLU U 79 21.60 27.04 -57.03
CA GLU U 79 21.56 28.34 -57.68
C GLU U 79 21.57 28.21 -59.20
N ILE U 80 22.42 27.33 -59.74
CA ILE U 80 22.49 27.14 -61.19
C ILE U 80 21.18 26.55 -61.74
N LYS U 81 20.57 25.61 -61.02
CA LYS U 81 19.29 25.04 -61.41
C LYS U 81 18.19 26.11 -61.41
N HIS U 82 18.19 26.97 -60.38
CA HIS U 82 17.26 28.08 -60.31
C HIS U 82 17.52 29.08 -61.43
N CYS U 83 18.80 29.35 -61.72
CA CYS U 83 19.20 30.30 -62.74
C CYS U 83 18.70 29.88 -64.10
N ARG U 84 18.83 28.60 -64.42
CA ARG U 84 18.48 28.12 -65.74
C ARG U 84 16.97 27.98 -65.92
N ILE U 85 16.27 27.49 -64.88
CA ILE U 85 14.82 27.38 -64.93
C ILE U 85 14.18 28.76 -65.01
N ALA U 86 14.70 29.72 -64.22
CA ALA U 86 14.24 31.09 -64.28
C ALA U 86 14.57 31.77 -65.59
N MET U 87 15.74 31.49 -66.17
CA MET U 87 16.10 32.09 -67.46
C MET U 87 15.15 31.66 -68.55
N LEU U 88 14.83 30.37 -68.57
CA LEU U 88 13.82 29.86 -69.48
C LEU U 88 12.44 30.44 -69.17
N ALA U 89 12.12 30.63 -67.90
CA ALA U 89 10.82 31.17 -67.51
C ALA U 89 10.64 32.64 -67.84
N ALA U 90 11.70 33.44 -67.64
CA ALA U 90 11.63 34.88 -67.97
C ALA U 90 11.42 35.02 -69.47
N ALA U 91 12.32 34.43 -70.28
CA ALA U 91 12.17 34.46 -71.75
C ALA U 91 10.83 33.84 -72.13
N GLY U 92 10.41 32.78 -71.43
CA GLY U 92 9.11 32.14 -71.70
C GLY U 92 7.98 33.13 -71.64
N SER U 93 7.79 33.77 -70.48
CA SER U 93 6.72 34.78 -70.33
C SER U 93 6.78 35.78 -71.48
N ILE U 94 7.94 36.40 -71.69
CA ILE U 94 8.12 37.40 -72.80
C ILE U 94 7.65 36.79 -74.13
N ALA U 95 8.17 35.60 -74.48
CA ALA U 95 7.85 34.97 -75.78
C ALA U 95 6.35 34.66 -75.89
N GLN U 96 5.72 34.22 -74.80
CA GLN U 96 4.27 33.87 -74.84
C GLN U 96 3.43 35.12 -75.06
N ASP U 97 3.84 36.26 -74.50
CA ASP U 97 3.12 37.53 -74.79
C ASP U 97 3.31 37.86 -76.27
N ILE U 98 4.56 37.79 -76.75
CA ILE U 98 4.86 38.09 -78.18
C ILE U 98 3.96 37.19 -79.05
N PHE U 99 4.01 35.88 -78.84
CA PHE U 99 3.24 34.95 -79.71
C PHE U 99 2.96 33.62 -79.03
N THR U 100 1.91 32.93 -79.47
CA THR U 100 1.61 31.59 -78.99
C THR U 100 1.78 30.61 -80.14
N PHE U 101 1.86 29.33 -79.79
CA PHE U 101 2.00 28.25 -80.77
C PHE U 101 0.62 27.91 -81.34
N PRO U 102 0.57 27.34 -82.60
CA PRO U 102 -0.73 27.06 -83.23
C PRO U 102 -1.72 26.20 -82.47
N GLY U 103 -2.81 26.83 -82.02
CA GLY U 103 -3.88 26.07 -81.34
C GLY U 103 -3.95 26.30 -79.84
N VAL U 104 -2.86 26.80 -79.25
CA VAL U 104 -2.83 27.00 -77.78
C VAL U 104 -3.91 28.03 -77.43
N SER U 105 -4.10 29.02 -78.29
CA SER U 105 -5.11 30.09 -78.04
C SER U 105 -6.51 29.47 -77.91
N LYS U 106 -6.82 28.45 -78.72
CA LYS U 106 -8.13 27.77 -78.56
C LYS U 106 -8.20 27.08 -77.19
N VAL U 107 -7.14 26.38 -76.79
CA VAL U 107 -7.17 25.60 -75.50
C VAL U 107 -7.29 26.55 -74.31
N VAL U 108 -6.52 27.65 -74.29
CA VAL U 108 -6.66 28.65 -73.18
C VAL U 108 -7.23 29.93 -73.78
N GLY U 109 -8.44 30.32 -73.39
CA GLY U 109 -9.12 31.47 -74.02
C GLY U 109 -8.41 32.81 -73.81
N THR U 110 -7.96 33.11 -72.60
CA THR U 110 -7.38 34.46 -72.33
C THR U 110 -6.32 34.40 -71.23
N ALA U 111 -6.30 33.31 -70.45
CA ALA U 111 -5.36 33.22 -69.32
C ALA U 111 -3.91 33.24 -69.82
N LYS U 112 -3.03 33.99 -69.15
CA LYS U 112 -1.59 33.99 -69.53
C LYS U 112 -0.75 33.83 -68.26
N MET U 113 0.56 33.64 -68.40
CA MET U 113 1.47 33.47 -67.23
C MET U 113 1.01 32.27 -66.39
N THR U 114 0.65 32.50 -65.12
CA THR U 114 0.17 31.41 -64.23
C THR U 114 -1.18 30.85 -64.70
N GLY U 115 -2.05 31.71 -65.25
CA GLY U 115 -3.41 31.25 -65.61
C GLY U 115 -3.40 30.12 -66.63
N VAL U 116 -2.51 30.20 -67.62
CA VAL U 116 -2.42 29.13 -68.66
C VAL U 116 -2.05 27.81 -68.00
N HIS U 117 -1.20 27.84 -66.96
CA HIS U 117 -0.83 26.61 -66.22
C HIS U 117 -2.08 25.97 -65.62
N ASP U 118 -2.99 26.78 -65.05
CA ASP U 118 -4.24 26.25 -64.44
C ASP U 118 -5.05 25.52 -65.52
N VAL U 119 -5.07 26.06 -66.74
CA VAL U 119 -5.78 25.42 -67.89
C VAL U 119 -5.03 24.16 -68.32
N LEU U 120 -3.69 24.19 -68.32
CA LEU U 120 -2.90 23.04 -68.87
C LEU U 120 -2.88 21.84 -67.91
N VAL U 121 -3.08 22.03 -66.60
CA VAL U 121 -3.20 20.82 -65.74
C VAL U 121 -4.48 20.07 -66.10
N LYS U 122 -5.52 20.76 -66.56
CA LYS U 122 -6.77 20.14 -66.99
C LYS U 122 -6.56 19.40 -68.31
N GLN U 123 -5.76 19.98 -69.20
CA GLN U 123 -5.28 19.30 -70.41
C GLN U 123 -4.08 18.43 -70.00
N GLY U 124 -3.18 18.13 -70.94
CA GLY U 124 -2.07 17.22 -70.59
C GLY U 124 -0.71 17.88 -70.67
N ALA U 125 -0.64 19.15 -71.08
CA ALA U 125 0.68 19.78 -71.30
C ALA U 125 1.49 19.88 -69.99
N MET U 126 0.87 20.37 -68.91
CA MET U 126 1.66 20.58 -67.66
C MET U 126 2.16 19.23 -67.13
N GLY U 127 1.30 18.22 -67.15
CA GLY U 127 1.70 16.88 -66.65
C GLY U 127 2.79 16.28 -67.50
N GLN U 128 2.69 16.38 -68.82
CA GLN U 128 3.69 15.75 -69.71
C GLN U 128 5.05 16.41 -69.51
N ILE U 129 5.09 17.74 -69.41
CA ILE U 129 6.37 18.45 -69.15
C ILE U 129 6.89 18.03 -67.78
N LEU U 130 5.99 17.90 -66.80
CA LEU U 130 6.41 17.50 -65.42
C LEU U 130 7.03 16.10 -65.48
N LEU U 131 6.42 15.18 -66.24
CA LEU U 131 6.92 13.78 -66.30
C LEU U 131 8.33 13.78 -66.89
N TRP U 132 8.57 14.59 -67.93
CA TRP U 132 9.89 14.57 -68.61
C TRP U 132 10.93 15.34 -67.79
N THR U 133 10.55 16.50 -67.25
CA THR U 133 11.48 17.26 -66.38
C THR U 133 11.84 16.42 -65.15
N SER U 134 10.86 15.71 -64.57
CA SER U 134 11.12 14.83 -63.40
C SER U 134 12.08 13.70 -63.81
N PHE U 135 11.91 13.14 -65.00
CA PHE U 135 12.78 12.04 -65.48
C PHE U 135 14.22 12.55 -65.60
N LEU U 136 14.39 13.76 -66.14
CA LEU U 136 15.75 14.35 -66.24
C LEU U 136 16.26 14.64 -64.83
N GLU U 137 15.39 15.10 -63.93
CA GLU U 137 15.77 15.39 -62.52
C GLU U 137 16.16 14.11 -61.79
N VAL U 138 15.60 12.95 -62.18
CA VAL U 138 16.02 11.66 -61.58
C VAL U 138 17.50 11.45 -61.88
N PHE U 139 17.94 11.73 -63.11
CA PHE U 139 19.39 11.64 -63.44
C PHE U 139 20.09 12.80 -62.73
N GLY U 140 19.40 13.93 -62.59
CA GLY U 140 19.94 15.07 -61.85
C GLY U 140 20.22 14.75 -60.39
N THR U 141 19.38 13.90 -59.78
CA THR U 141 19.60 13.44 -58.41
C THR U 141 20.88 12.65 -58.31
N ILE U 142 21.12 11.79 -59.32
CA ILE U 142 22.37 11.03 -59.39
C ILE U 142 23.56 11.98 -59.56
N ALA U 143 23.40 13.00 -60.41
CA ALA U 143 24.43 14.00 -60.65
C ALA U 143 24.72 14.83 -59.41
N LEU U 144 23.68 15.16 -58.65
CA LEU U 144 23.84 15.88 -57.39
C LEU U 144 24.65 15.06 -56.40
N LEU U 145 24.40 13.74 -56.35
CA LEU U 145 25.19 12.85 -55.50
C LEU U 145 26.65 12.85 -55.92
N GLU U 146 26.92 12.84 -57.23
CA GLU U 146 28.31 12.93 -57.71
C GLU U 146 28.95 14.27 -57.37
N THR U 147 28.18 15.35 -57.41
CA THR U 147 28.69 16.67 -57.02
C THR U 147 29.03 16.73 -55.54
N LEU U 148 28.13 16.22 -54.69
CA LEU U 148 28.41 16.20 -53.22
C LEU U 148 29.70 15.40 -53.00
N ASP U 149 29.91 14.33 -53.77
CA ASP U 149 31.17 13.55 -53.69
C ASP U 149 32.34 14.45 -54.13
N GLY U 150 32.10 15.34 -55.09
CA GLY U 150 33.18 16.19 -55.63
C GLY U 150 33.64 15.67 -56.98
N LYS U 151 33.09 14.53 -57.42
CA LYS U 151 33.42 13.96 -58.75
C LYS U 151 32.97 14.93 -59.84
N ARG U 152 31.81 15.57 -59.68
CA ARG U 152 31.26 16.44 -60.75
C ARG U 152 31.18 17.90 -60.29
N ALA U 153 31.48 18.84 -61.18
CA ALA U 153 31.36 20.28 -60.85
C ALA U 153 29.89 20.64 -60.64
N PRO U 154 29.55 21.55 -59.71
CA PRO U 154 28.17 21.97 -59.50
C PRO U 154 27.52 22.56 -60.77
N GLY U 155 26.40 21.98 -61.22
CA GLY U 155 25.68 22.50 -62.35
C GLY U 155 26.25 22.14 -63.71
N ASP U 156 27.30 21.32 -63.77
CA ASP U 156 27.95 20.99 -65.03
C ASP U 156 27.38 19.67 -65.51
N PHE U 157 26.49 19.75 -66.50
CA PHE U 157 25.93 18.56 -67.10
C PHE U 157 26.56 18.25 -68.43
N LYS U 158 27.66 18.93 -68.79
CA LYS U 158 28.43 18.70 -70.03
C LYS U 158 27.56 18.80 -71.28
N PHE U 159 26.64 19.75 -71.30
CA PHE U 159 25.72 19.94 -72.42
C PHE U 159 26.26 21.05 -73.30
N ASP U 160 27.03 20.66 -74.32
CA ASP U 160 27.52 21.57 -75.36
C ASP U 160 27.24 20.96 -76.73
N PRO U 161 26.00 21.05 -77.25
CA PRO U 161 25.77 20.66 -78.66
C PRO U 161 26.62 21.45 -79.63
N LEU U 162 26.72 22.74 -79.40
CA LEU U 162 27.64 23.62 -80.11
C LEU U 162 28.72 24.03 -79.12
N GLY U 163 29.98 23.86 -79.50
CA GLY U 163 31.00 24.16 -78.52
C GLY U 163 31.34 25.63 -78.49
N PHE U 164 30.71 26.37 -77.58
CA PHE U 164 31.01 27.78 -77.40
C PHE U 164 31.85 28.05 -76.17
N SER U 165 32.26 27.02 -75.44
CA SER U 165 33.11 27.13 -74.26
C SER U 165 34.47 26.47 -74.45
N LYS U 166 34.89 26.28 -75.71
CA LYS U 166 36.15 25.62 -76.03
C LYS U 166 37.36 26.38 -75.51
N ASN U 167 37.29 27.72 -75.51
CA ASN U 167 38.42 28.59 -75.21
C ASN U 167 38.98 28.40 -73.80
N ALA U 168 38.09 28.14 -72.83
CA ALA U 168 38.24 27.86 -71.39
C ALA U 168 38.39 29.14 -70.58
N GLU U 169 38.56 30.30 -71.22
CA GLU U 169 38.44 31.60 -70.59
C GLU U 169 37.12 32.24 -70.99
N THR U 170 36.67 31.95 -72.21
CA THR U 170 35.31 32.22 -72.62
C THR U 170 34.34 31.38 -71.80
N ALA U 171 34.74 30.16 -71.43
CA ALA U 171 33.96 29.33 -70.52
C ALA U 171 33.81 29.97 -69.15
N LYS U 172 34.88 30.56 -68.61
CA LYS U 172 34.81 31.31 -67.35
C LYS U 172 33.87 32.51 -67.47
N ARG U 173 33.98 33.25 -68.58
CA ARG U 173 33.15 34.42 -68.83
C ARG U 173 31.69 34.02 -69.00
N TYR U 174 31.43 33.01 -69.82
CA TYR U 174 30.09 32.55 -70.14
C TYR U 174 29.42 31.94 -68.92
N GLN U 175 30.18 31.24 -68.06
CA GLN U 175 29.62 30.75 -66.80
C GLN U 175 29.24 31.90 -65.89
N LEU U 176 30.08 32.95 -65.86
CA LEU U 176 29.75 34.17 -65.13
C LEU U 176 28.50 34.84 -65.71
N SER U 177 28.40 34.87 -67.03
CA SER U 177 27.22 35.43 -67.71
C SER U 177 25.97 34.60 -67.45
N GLU U 178 26.09 33.27 -67.44
CA GLU U 178 24.97 32.39 -67.19
C GLU U 178 24.44 32.60 -65.79
N ILE U 179 25.37 32.71 -64.84
CA ILE U 179 25.02 32.98 -63.44
C ILE U 179 24.38 34.35 -63.30
N LYS U 180 24.96 35.39 -63.93
CA LYS U 180 24.43 36.76 -63.81
C LYS U 180 23.06 36.92 -64.47
N ASN U 181 22.92 36.42 -65.71
CA ASN U 181 21.64 36.48 -66.43
C ASN U 181 20.61 35.63 -65.70
N GLY U 182 21.04 34.51 -65.12
CA GLY U 182 20.14 33.68 -64.34
C GLY U 182 19.65 34.33 -63.06
N ARG U 183 20.54 35.01 -62.32
CA ARG U 183 20.12 35.75 -61.13
C ARG U 183 19.16 36.88 -61.48
N LEU U 184 19.48 37.60 -62.57
CA LEU U 184 18.60 38.64 -63.09
C LEU U 184 17.26 38.08 -63.50
N ALA U 185 17.27 36.93 -64.16
CA ALA U 185 16.06 36.26 -64.60
C ALA U 185 15.24 35.74 -63.43
N MET U 186 15.91 35.30 -62.35
CA MET U 186 15.20 34.90 -61.14
C MET U 186 14.38 36.06 -60.59
N LEU U 187 15.07 37.21 -60.44
CA LEU U 187 14.41 38.45 -60.02
C LEU U 187 13.31 38.84 -60.99
N ALA U 188 13.63 38.82 -62.29
CA ALA U 188 12.72 39.22 -63.35
C ALA U 188 11.48 38.35 -63.40
N THR U 189 11.65 37.02 -63.27
CA THR U 189 10.55 36.06 -63.34
C THR U 189 9.58 36.29 -62.21
N GLY U 190 10.10 36.53 -61.00
CA GLY U 190 9.24 36.90 -59.89
C GLY U 190 8.54 38.22 -60.12
N GLY U 191 9.28 39.16 -60.71
CA GLY U 191 8.77 40.48 -60.96
C GLY U 191 7.58 40.58 -61.87
N MET U 192 7.70 39.86 -63.00
CA MET U 192 6.67 39.76 -64.02
C MET U 192 5.54 38.82 -63.59
N VAL U 193 5.83 37.79 -62.77
CA VAL U 193 4.74 36.93 -62.29
C VAL U 193 3.93 37.67 -61.25
N HIS U 194 4.58 38.53 -60.45
CA HIS U 194 3.84 39.25 -59.44
C HIS U 194 3.04 40.35 -60.12
N GLY U 195 3.60 40.93 -61.21
CA GLY U 195 2.83 41.84 -62.03
C GLY U 195 1.57 41.19 -62.59
N TYR U 196 1.67 39.91 -62.98
CA TYR U 196 0.46 39.16 -63.36
C TYR U 196 -0.49 38.98 -62.18
N PHE U 197 0.03 38.67 -60.99
CA PHE U 197 -0.83 38.47 -59.82
C PHE U 197 -1.62 39.73 -59.47
N ILE U 198 -0.95 40.88 -59.52
CA ILE U 198 -1.62 42.12 -59.14
C ILE U 198 -2.48 42.68 -60.27
N THR U 199 -2.05 42.57 -61.54
CA THR U 199 -2.75 43.22 -62.64
C THR U 199 -3.35 42.29 -63.69
N GLY U 200 -2.90 41.04 -63.78
CA GLY U 200 -3.40 40.14 -64.81
C GLY U 200 -2.96 40.42 -66.22
N LYS U 201 -2.17 41.47 -66.45
CA LYS U 201 -1.80 41.86 -67.80
C LYS U 201 -0.80 40.89 -68.42
N GLY U 202 0.20 40.46 -67.65
CA GLY U 202 1.28 39.71 -68.23
C GLY U 202 2.43 40.66 -68.45
N PRO U 203 3.66 40.13 -68.63
CA PRO U 203 4.86 40.98 -68.66
C PRO U 203 4.94 42.06 -69.74
N LEU U 204 4.86 41.70 -71.02
CA LEU U 204 4.91 42.73 -72.07
C LEU U 204 3.66 43.62 -72.05
N GLU U 205 2.49 43.01 -71.78
CA GLU U 205 1.24 43.75 -71.77
C GLU U 205 1.21 44.79 -70.66
N LEU U 206 1.85 44.50 -69.51
CA LEU U 206 1.90 45.46 -68.41
C LEU U 206 2.61 46.74 -68.81
N LEU U 207 3.70 46.61 -69.57
CA LEU U 207 4.37 47.78 -70.13
C LEU U 207 3.50 48.47 -71.18
N THR U 208 2.89 47.70 -72.08
CA THR U 208 2.05 48.32 -73.12
C THR U 208 0.80 48.96 -72.54
N ASN U 209 0.18 48.32 -71.54
CA ASN U 209 -0.95 48.94 -70.86
C ASN U 209 -0.46 49.71 -69.63
N VAL V 57 0.94 -52.10 68.92
CA VAL V 57 1.29 -52.95 70.06
C VAL V 57 0.21 -53.15 71.18
N PRO V 58 -0.60 -52.16 71.59
CA PRO V 58 -1.66 -52.47 72.56
C PRO V 58 -2.80 -53.28 71.94
N GLY V 59 -3.48 -54.03 72.80
CA GLY V 59 -4.59 -54.89 72.43
C GLY V 59 -4.22 -55.95 71.41
N ASP V 60 -3.07 -56.59 71.58
CA ASP V 60 -2.54 -57.54 70.61
C ASP V 60 -2.85 -58.96 71.11
N ALA V 61 -3.99 -59.49 70.68
CA ALA V 61 -4.35 -60.87 70.91
C ALA V 61 -3.87 -61.79 69.80
N GLY V 62 -2.95 -61.33 68.97
CA GLY V 62 -2.52 -62.05 67.78
C GLY V 62 -3.61 -62.29 66.77
N PHE V 63 -4.59 -61.39 66.70
CA PHE V 63 -5.80 -61.59 65.90
C PHE V 63 -5.68 -60.68 64.68
N ASP V 64 -5.04 -61.19 63.63
CA ASP V 64 -5.11 -60.59 62.30
C ASP V 64 -5.25 -61.69 61.26
N PRO V 65 -6.39 -62.39 61.24
CA PRO V 65 -6.56 -63.53 60.32
C PRO V 65 -6.50 -63.21 58.84
N LEU V 66 -7.02 -62.07 58.39
CA LEU V 66 -6.90 -61.71 56.97
C LEU V 66 -5.59 -61.00 56.66
N THR V 67 -4.79 -60.70 57.70
CA THR V 67 -3.52 -60.00 57.62
C THR V 67 -3.64 -58.65 56.92
N ILE V 68 -4.52 -57.79 57.48
CA ILE V 68 -4.64 -56.41 57.01
C ILE V 68 -3.36 -55.65 57.28
N SER V 69 -2.70 -55.95 58.41
CA SER V 69 -1.47 -55.28 58.84
C SER V 69 -0.31 -55.45 57.85
N ALA V 70 -0.34 -56.50 57.04
CA ALA V 70 0.68 -56.70 56.03
C ALA V 70 0.53 -55.74 54.86
N TRP V 71 -0.67 -55.20 54.62
CA TRP V 71 -0.92 -54.44 53.41
C TRP V 71 -1.55 -53.07 53.67
N LEU V 72 -1.23 -52.47 54.82
CA LEU V 72 -1.62 -51.13 55.21
C LEU V 72 -0.85 -50.80 56.48
N ASP V 73 -0.50 -49.52 56.64
CA ASP V 73 0.37 -49.07 57.72
C ASP V 73 -0.29 -49.31 59.08
N SER V 74 0.47 -49.89 60.01
CA SER V 74 -0.02 -50.14 61.35
C SER V 74 -0.35 -48.86 62.11
N ARG V 75 0.27 -47.73 61.73
CA ARG V 75 -0.06 -46.46 62.34
C ARG V 75 -1.40 -45.92 61.82
N TRP V 76 -1.62 -45.99 60.50
CA TRP V 76 -2.90 -45.57 59.92
C TRP V 76 -4.02 -46.47 60.40
N LEU V 77 -3.78 -47.78 60.46
CA LEU V 77 -4.75 -48.73 60.98
C LEU V 77 -5.04 -48.48 62.45
N ARG V 78 -4.01 -48.22 63.26
CA ARG V 78 -4.23 -47.95 64.68
C ARG V 78 -4.97 -46.64 64.90
N GLU V 79 -4.67 -45.63 64.07
CA GLU V 79 -5.39 -44.36 64.15
C GLU V 79 -6.86 -44.57 63.81
N ALA V 80 -7.13 -45.36 62.76
CA ALA V 80 -8.50 -45.69 62.39
C ALA V 80 -9.21 -46.47 63.49
N GLU V 81 -8.51 -47.45 64.08
CA GLU V 81 -9.11 -48.27 65.13
C GLU V 81 -9.42 -47.44 66.36
N ILE V 82 -8.47 -46.62 66.80
CA ILE V 82 -8.65 -45.76 67.98
C ILE V 82 -9.71 -44.68 67.72
N LYS V 83 -9.75 -44.08 66.53
CA LYS V 83 -10.76 -43.08 66.21
C LYS V 83 -12.15 -43.71 66.14
N HIS V 84 -12.24 -44.89 65.54
CA HIS V 84 -13.49 -45.65 65.51
C HIS V 84 -13.92 -46.03 66.91
N CYS V 85 -12.96 -46.44 67.76
CA CYS V 85 -13.22 -46.77 69.16
C CYS V 85 -13.87 -45.62 69.88
N ARG V 86 -13.18 -44.47 69.89
CA ARG V 86 -13.63 -43.29 70.59
C ARG V 86 -15.00 -42.83 70.09
N VAL V 87 -15.17 -42.70 68.76
CA VAL V 87 -16.43 -42.28 68.16
C VAL V 87 -17.55 -43.25 68.55
N ALA V 88 -17.26 -44.55 68.49
CA ALA V 88 -18.22 -45.57 68.88
C ALA V 88 -18.55 -45.52 70.37
N MET V 89 -17.56 -45.23 71.22
CA MET V 89 -17.79 -45.09 72.66
C MET V 89 -18.72 -43.94 72.95
N LEU V 90 -18.48 -42.81 72.28
CA LEU V 90 -19.36 -41.65 72.40
C LEU V 90 -20.75 -41.97 71.87
N ALA V 91 -20.80 -42.70 70.75
CA ALA V 91 -22.07 -43.08 70.15
C ALA V 91 -22.88 -44.04 71.02
N ALA V 92 -22.23 -45.07 71.57
CA ALA V 92 -22.89 -46.05 72.43
C ALA V 92 -23.37 -45.42 73.74
N ALA V 93 -22.50 -44.60 74.36
CA ALA V 93 -22.88 -43.85 75.56
C ALA V 93 -24.00 -42.90 75.24
N GLY V 94 -23.99 -42.37 74.01
CA GLY V 94 -25.06 -41.52 73.58
C GLY V 94 -26.36 -42.25 73.41
N CYS V 95 -26.33 -43.41 72.76
CA CYS V 95 -27.58 -44.17 72.50
C CYS V 95 -28.33 -44.38 73.82
N ILE V 96 -27.65 -44.94 74.82
CA ILE V 96 -28.32 -45.21 76.13
C ILE V 96 -28.74 -43.88 76.77
N ALA V 97 -27.91 -42.83 76.64
CA ALA V 97 -28.21 -41.54 77.29
C ALA V 97 -29.50 -40.93 76.73
N GLN V 98 -29.75 -41.04 75.42
CA GLN V 98 -30.94 -40.36 74.86
C GLN V 98 -32.20 -40.91 75.54
N ASP V 99 -32.28 -42.24 75.67
CA ASP V 99 -33.45 -42.87 76.35
C ASP V 99 -33.46 -42.52 77.83
N ILE V 100 -32.29 -42.56 78.50
CA ILE V 100 -32.26 -42.34 79.99
C ILE V 100 -32.72 -40.92 80.32
N PHE V 101 -32.24 -39.93 79.57
CA PHE V 101 -32.59 -38.51 79.89
C PHE V 101 -32.52 -37.67 78.62
N GLN V 102 -33.25 -36.54 78.62
CA GLN V 102 -33.22 -35.63 77.44
C GLN V 102 -32.83 -34.23 77.91
N PHE V 103 -31.85 -33.60 77.26
CA PHE V 103 -31.49 -32.24 77.57
C PHE V 103 -32.74 -31.37 77.39
N PRO V 104 -32.91 -30.32 78.22
CA PRO V 104 -34.15 -29.55 78.22
C PRO V 104 -34.51 -28.89 76.88
N GLY V 105 -35.77 -29.05 76.51
CA GLY V 105 -36.30 -28.54 75.27
C GLY V 105 -36.16 -29.46 74.09
N ALA V 106 -35.43 -30.56 74.25
CA ALA V 106 -35.27 -31.55 73.19
C ALA V 106 -36.32 -32.65 73.34
N LYS V 115 -34.55 -41.83 68.96
CA LYS V 115 -34.45 -42.59 67.72
C LYS V 115 -32.98 -42.72 67.30
N MET V 116 -32.50 -43.93 67.03
CA MET V 116 -31.09 -44.12 66.70
C MET V 116 -30.71 -43.42 65.39
N THR V 117 -31.56 -43.51 64.37
CA THR V 117 -31.25 -42.97 63.06
C THR V 117 -32.21 -41.88 62.60
N ALA V 118 -33.48 -41.98 63.02
CA ALA V 118 -34.48 -41.02 62.59
C ALA V 118 -34.25 -39.67 63.25
N LEU V 119 -33.82 -39.67 64.52
CA LEU V 119 -33.46 -38.43 65.22
C LEU V 119 -32.35 -37.66 64.51
N HIS V 120 -31.41 -38.38 63.88
CA HIS V 120 -30.40 -37.73 63.02
C HIS V 120 -31.10 -36.98 61.90
N ASP V 121 -32.08 -37.66 61.28
CA ASP V 121 -32.82 -37.02 60.18
C ASP V 121 -33.59 -35.77 60.63
N ALA V 122 -34.20 -35.82 61.82
CA ALA V 122 -34.88 -34.63 62.37
C ALA V 122 -33.90 -33.49 62.68
N ALA V 123 -32.74 -33.87 63.24
CA ALA V 123 -31.74 -32.89 63.66
C ALA V 123 -31.16 -32.11 62.50
N VAL V 124 -30.96 -32.75 61.34
CA VAL V 124 -30.39 -32.03 60.19
C VAL V 124 -31.32 -30.90 59.73
N LYS V 125 -32.65 -31.08 59.87
CA LYS V 125 -33.58 -30.00 59.59
C LYS V 125 -33.46 -28.89 60.63
N ALA V 126 -33.19 -29.27 61.88
CA ALA V 126 -33.06 -28.28 62.97
C ALA V 126 -31.67 -27.63 62.93
N GLY V 127 -30.74 -28.22 62.17
CA GLY V 127 -29.37 -27.67 62.05
C GLY V 127 -28.48 -28.12 63.20
N SER V 128 -29.01 -28.94 64.12
CA SER V 128 -28.20 -29.46 65.25
C SER V 128 -27.08 -30.36 64.73
N MET V 129 -27.40 -31.25 63.79
CA MET V 129 -26.37 -32.13 63.18
C MET V 129 -25.38 -31.29 62.36
N GLY V 130 -25.89 -30.28 61.64
CA GLY V 130 -25.02 -29.44 60.78
C GLY V 130 -23.97 -28.69 61.57
N GLN V 131 -24.35 -28.13 62.72
CA GLN V 131 -23.38 -27.43 63.60
C GLN V 131 -22.33 -28.43 64.11
N MET V 132 -22.78 -29.62 64.50
CA MET V 132 -21.84 -30.66 65.00
C MET V 132 -20.88 -31.05 63.88
N LEU V 133 -21.39 -31.19 62.66
CA LEU V 133 -20.53 -31.59 61.50
C LEU V 133 -19.45 -30.53 61.28
N PHE V 134 -19.83 -29.25 61.25
CA PHE V 134 -18.87 -28.18 60.99
C PHE V 134 -17.74 -28.18 62.03
N TRP V 135 -18.10 -28.27 63.31
CA TRP V 135 -17.08 -28.21 64.36
C TRP V 135 -16.22 -29.47 64.41
N ILE V 136 -16.83 -30.64 64.23
CA ILE V 136 -16.07 -31.88 64.14
C ILE V 136 -15.17 -31.87 62.91
N GLY V 137 -15.65 -31.27 61.80
CA GLY V 137 -14.84 -31.13 60.60
C GLY V 137 -13.61 -30.25 60.78
N PHE V 138 -13.75 -29.17 61.56
CA PHE V 138 -12.58 -28.33 61.87
C PHE V 138 -11.55 -29.09 62.70
N VAL V 139 -12.01 -29.77 63.75
CA VAL V 139 -11.09 -30.59 64.60
C VAL V 139 -10.47 -31.67 63.70
N GLU V 140 -11.28 -32.28 62.84
CA GLU V 140 -10.80 -33.37 61.94
C GLU V 140 -9.76 -32.85 60.94
N ALA V 141 -9.92 -31.61 60.45
CA ALA V 141 -8.89 -31.05 59.54
C ALA V 141 -7.55 -30.98 60.28
N ILE V 142 -7.56 -30.54 61.55
CA ILE V 142 -6.32 -30.52 62.38
C ILE V 142 -5.86 -31.97 62.57
N SER V 143 -6.81 -32.90 62.78
CA SER V 143 -6.49 -34.35 62.93
C SER V 143 -5.87 -34.89 61.64
N THR V 144 -6.33 -34.41 60.47
CA THR V 144 -5.72 -34.84 59.19
C THR V 144 -4.25 -34.41 59.17
N ALA V 145 -3.95 -33.20 59.62
CA ALA V 145 -2.54 -32.76 59.71
C ALA V 145 -1.79 -33.76 60.60
N ALA V 146 -2.41 -34.15 61.73
CA ALA V 146 -1.75 -35.07 62.67
C ALA V 146 -1.51 -36.43 62.01
N THR V 147 -2.50 -36.97 61.29
CA THR V 147 -2.35 -38.32 60.69
C THR V 147 -1.23 -38.28 59.65
N ILE V 148 -1.18 -37.22 58.83
CA ILE V 148 -0.14 -37.11 57.77
C ILE V 148 1.23 -37.05 58.43
N GLN V 149 1.36 -36.25 59.49
CA GLN V 149 2.67 -36.11 60.19
C GLN V 149 3.08 -37.44 60.82
N MET V 150 2.14 -38.14 61.44
CA MET V 150 2.46 -39.45 62.08
C MET V 150 2.93 -40.44 61.01
N LEU V 151 2.23 -40.47 59.86
CA LEU V 151 2.63 -41.38 58.75
C LEU V 151 3.99 -40.94 58.18
N GLN V 152 4.22 -39.64 58.06
CA GLN V 152 5.50 -39.12 57.49
C GLN V 152 6.66 -39.57 58.39
N GLY V 153 6.59 -39.27 59.69
CA GLY V 153 7.67 -39.62 60.59
C GLY V 153 7.58 -41.05 61.08
N GLY V 173 0.37 -48.12 84.36
CA GLY V 173 -0.77 -47.23 84.33
C GLY V 173 -1.25 -46.89 82.92
N ARG V 174 -0.50 -46.01 82.25
CA ARG V 174 -0.87 -45.54 80.92
C ARG V 174 -0.87 -46.66 79.88
N ALA V 175 0.08 -47.59 79.97
CA ALA V 175 0.11 -48.73 79.05
C ALA V 175 -1.12 -49.61 79.21
N ARG V 176 -1.52 -49.86 80.46
CA ARG V 176 -2.74 -50.59 80.77
C ARG V 176 -3.95 -49.83 80.26
N MET V 177 -3.91 -48.50 80.40
CA MET V 177 -5.06 -47.66 79.99
C MET V 177 -5.22 -47.67 78.47
N GLU V 178 -4.12 -47.71 77.71
CA GLU V 178 -4.19 -47.78 76.23
C GLU V 178 -4.87 -49.10 75.83
N LEU V 179 -4.48 -50.21 76.47
CA LEU V 179 -5.12 -51.53 76.17
C LEU V 179 -6.59 -51.44 76.57
N SER V 180 -6.88 -50.83 77.72
CA SER V 180 -8.29 -50.72 78.21
C SER V 180 -9.12 -49.89 77.23
N GLU V 181 -8.55 -48.79 76.73
CA GLU V 181 -9.28 -47.90 75.78
C GLU V 181 -9.56 -48.70 74.50
N ILE V 182 -8.57 -49.44 74.01
CA ILE V 182 -8.76 -50.20 72.73
C ILE V 182 -9.84 -51.27 72.93
N LYS V 183 -9.80 -52.02 74.04
CA LYS V 183 -10.77 -53.12 74.27
C LYS V 183 -12.19 -52.56 74.45
N ASN V 184 -12.32 -51.50 75.25
CA ASN V 184 -13.64 -50.88 75.51
C ASN V 184 -14.16 -50.28 74.20
N GLY V 185 -13.29 -49.65 73.42
CA GLY V 185 -13.70 -49.08 72.12
C GLY V 185 -14.14 -50.16 71.16
N ARG V 186 -13.44 -51.29 71.13
CA ARG V 186 -13.85 -52.42 70.25
C ARG V 186 -15.22 -52.91 70.72
N LEU V 187 -15.43 -53.01 72.04
CA LEU V 187 -16.72 -53.47 72.59
C LEU V 187 -17.81 -52.45 72.22
N ALA V 188 -17.46 -51.16 72.20
CA ALA V 188 -18.44 -50.10 71.88
C ALA V 188 -18.74 -50.13 70.38
N MET V 189 -17.76 -50.46 69.55
CA MET V 189 -18.01 -50.60 68.11
C MET V 189 -19.05 -51.67 67.85
N ILE V 190 -18.87 -52.84 68.49
CA ILE V 190 -19.87 -53.90 68.40
C ILE V 190 -21.17 -53.49 69.09
N GLY V 191 -21.06 -52.82 70.25
CA GLY V 191 -22.20 -52.32 71.00
C GLY V 191 -23.10 -51.42 70.19
N PHE V 192 -22.52 -50.36 69.60
CA PHE V 192 -23.29 -49.43 68.78
C PHE V 192 -23.86 -50.14 67.56
N SER V 193 -23.07 -51.05 66.99
CA SER V 193 -23.50 -51.82 65.83
C SER V 193 -24.75 -52.63 66.15
N GLY V 194 -24.74 -53.23 67.34
CA GLY V 194 -25.90 -53.93 67.84
C GLY V 194 -27.08 -53.00 68.05
N MET V 195 -26.84 -51.82 68.65
CA MET V 195 -27.92 -50.89 68.96
C MET V 195 -28.61 -50.38 67.70
N VAL V 196 -27.84 -50.08 66.66
CA VAL V 196 -28.43 -49.57 65.43
C VAL V 196 -29.19 -50.66 64.67
N HIS V 197 -28.68 -51.92 64.69
CA HIS V 197 -29.46 -52.99 64.07
C HIS V 197 -30.69 -53.35 64.91
N HIS V 198 -30.61 -53.25 66.25
CA HIS V 198 -31.79 -53.38 67.10
C HIS V 198 -32.84 -52.33 66.74
N TYR V 199 -32.38 -51.10 66.46
CA TYR V 199 -33.29 -50.03 66.05
C TYR V 199 -33.96 -50.34 64.72
N PHE V 200 -33.20 -50.89 63.75
CA PHE V 200 -33.81 -51.29 62.49
C PHE V 200 -34.84 -52.40 62.69
N ILE V 201 -34.55 -53.31 63.63
CA ILE V 201 -35.46 -54.47 63.88
C ILE V 201 -36.72 -54.01 64.62
N THR V 202 -36.60 -53.63 65.90
CA THR V 202 -37.80 -53.31 66.71
C THR V 202 -38.15 -51.82 66.73
N GLY V 203 -37.37 -50.97 66.05
CA GLY V 203 -37.61 -49.52 66.12
C GLY V 203 -37.50 -49.01 67.55
N LYS V 204 -36.56 -49.56 68.33
CA LYS V 204 -36.46 -49.19 69.77
C LYS V 204 -35.03 -48.80 70.13
N GLY V 205 -34.86 -47.91 71.12
CA GLY V 205 -33.52 -47.53 71.61
C GLY V 205 -32.94 -48.64 72.48
N PRO V 206 -31.63 -48.64 72.81
CA PRO V 206 -31.03 -49.75 73.56
C PRO V 206 -31.66 -49.92 74.95
N ILE V 207 -31.93 -48.81 75.64
CA ILE V 207 -32.58 -48.87 76.98
C ILE V 207 -34.00 -49.41 76.78
N GLU V 208 -34.67 -48.98 75.70
CA GLU V 208 -36.03 -49.49 75.39
C GLU V 208 -35.96 -51.00 75.12
N LEU V 209 -34.90 -51.48 74.46
CA LEU V 209 -34.75 -52.93 74.17
C LEU V 209 -34.66 -53.68 75.51
N LEU V 210 -33.91 -53.15 76.48
CA LEU V 210 -33.86 -53.79 77.82
C LEU V 210 -35.24 -53.70 78.49
N THR V 211 -35.90 -52.55 78.38
CA THR V 211 -37.23 -52.35 79.03
C THR V 211 -38.26 -53.31 78.41
N SER V 212 -38.23 -53.49 77.09
CA SER V 212 -39.21 -54.38 76.40
C SER V 212 -38.50 -55.66 75.93
N PHE W 40 29.42 -5.95 -28.84
CA PHE W 40 29.80 -7.35 -28.96
C PHE W 40 30.31 -7.60 -30.38
N SER W 41 29.76 -6.83 -31.30
CA SER W 41 30.22 -6.68 -32.67
C SER W 41 30.32 -5.19 -32.88
N PRO W 42 31.13 -4.72 -33.84
CA PRO W 42 31.21 -3.27 -34.12
C PRO W 42 29.86 -2.70 -34.52
N VAL W 43 29.43 -1.68 -33.79
CA VAL W 43 28.15 -1.04 -34.01
C VAL W 43 28.34 0.04 -35.07
N PRO W 44 27.63 0.00 -36.18
CA PRO W 44 27.84 0.98 -37.23
C PRO W 44 27.17 2.30 -36.89
N SER W 45 27.78 3.36 -37.39
CA SER W 45 27.29 4.73 -37.34
C SER W 45 27.43 5.30 -38.74
N PRO W 46 26.62 6.30 -39.11
CA PRO W 46 26.75 6.91 -40.44
C PRO W 46 28.10 7.58 -40.63
N GLU W 47 28.57 7.60 -41.88
CA GLU W 47 29.82 8.26 -42.21
C GLU W 47 29.75 9.75 -41.87
N GLY W 48 30.81 10.26 -41.26
CA GLY W 48 30.78 11.58 -40.70
C GLY W 48 30.38 11.66 -39.24
N THR W 49 30.14 10.53 -38.60
CA THR W 49 29.87 10.54 -37.16
C THR W 49 31.16 10.87 -36.42
N LYS W 50 31.09 11.88 -35.56
CA LYS W 50 32.24 12.36 -34.81
C LYS W 50 31.85 12.44 -33.34
N GLU W 51 32.83 12.72 -32.48
CA GLU W 51 32.61 12.63 -31.05
C GLU W 51 31.95 13.91 -30.52
N THR W 52 30.85 13.74 -29.79
CA THR W 52 30.08 14.86 -29.28
C THR W 52 29.95 14.86 -27.76
N TYR W 53 30.59 13.94 -27.06
CA TYR W 53 30.57 13.98 -25.61
C TYR W 53 31.39 15.16 -25.09
N TRP W 54 30.79 15.91 -24.17
CA TRP W 54 31.38 17.13 -23.67
C TRP W 54 31.23 17.19 -22.16
N GLU W 55 32.24 17.77 -21.50
CA GLU W 55 32.15 18.07 -20.08
C GLU W 55 32.52 19.53 -19.80
N THR W 56 32.55 20.35 -20.83
CA THR W 56 32.95 21.74 -20.71
C THR W 56 31.74 22.59 -20.31
N LYS W 57 31.89 23.91 -20.41
CA LYS W 57 30.76 24.81 -20.19
C LYS W 57 29.70 24.66 -21.28
N ALA W 58 30.12 24.57 -22.53
CA ALA W 58 29.24 24.36 -23.65
C ALA W 58 29.78 23.22 -24.49
N PRO W 59 28.92 22.50 -25.21
CA PRO W 59 29.43 21.52 -26.18
C PRO W 59 30.15 22.24 -27.30
N SER W 60 31.05 21.52 -27.96
CA SER W 60 31.68 22.01 -29.17
C SER W 60 30.61 22.28 -30.22
N SER W 61 30.89 23.22 -31.12
CA SER W 61 29.94 23.65 -32.15
C SER W 61 29.54 22.57 -33.14
N ASP W 62 30.27 21.45 -33.15
CA ASP W 62 29.98 20.31 -34.01
C ASP W 62 28.64 19.68 -33.68
N VAL W 63 28.15 19.84 -32.45
CA VAL W 63 26.81 19.40 -32.07
C VAL W 63 25.71 20.20 -32.74
N LEU W 64 26.04 21.28 -33.43
CA LEU W 64 25.06 22.05 -34.16
C LEU W 64 24.95 21.57 -35.59
N GLY W 65 25.77 20.58 -35.97
CA GLY W 65 25.70 19.98 -37.28
C GLY W 65 26.07 20.97 -38.34
N ILE W 66 25.14 21.18 -39.27
CA ILE W 66 25.28 22.17 -40.31
C ILE W 66 25.35 23.61 -39.80
N GLY W 67 24.99 23.86 -38.54
CA GLY W 67 25.03 25.20 -37.99
C GLY W 67 26.27 25.47 -37.14
N ALA W 68 27.32 24.69 -37.36
CA ALA W 68 28.54 24.78 -36.57
C ALA W 68 29.31 26.07 -36.83
N GLY W 69 29.21 26.64 -38.02
CA GLY W 69 29.94 27.84 -38.36
C GLY W 69 29.18 29.13 -38.21
N VAL W 70 27.92 29.07 -37.78
CA VAL W 70 27.11 30.26 -37.60
C VAL W 70 27.56 31.00 -36.35
N SER W 71 27.58 32.33 -36.43
CA SER W 71 28.02 33.14 -35.30
C SER W 71 26.93 33.15 -34.23
N SER W 72 27.34 33.46 -32.99
CA SER W 72 26.37 33.51 -31.89
C SER W 72 25.42 34.67 -32.04
N GLY W 73 25.89 35.77 -32.61
CA GLY W 73 24.99 36.86 -32.92
C GLY W 73 23.96 36.50 -33.94
N ASN W 74 24.35 35.67 -34.92
CA ASN W 74 23.42 35.29 -35.98
C ASN W 74 22.35 34.35 -35.45
N PHE W 75 22.71 33.42 -34.55
CA PHE W 75 21.69 32.61 -33.89
C PHE W 75 20.82 33.44 -32.95
N ALA W 76 21.41 34.37 -32.19
CA ALA W 76 20.60 35.14 -31.24
C ALA W 76 19.61 36.05 -31.96
N ALA W 77 20.03 36.61 -33.09
CA ALA W 77 19.12 37.43 -33.89
C ALA W 77 18.09 36.58 -34.61
N ALA W 78 18.49 35.42 -35.13
CA ALA W 78 17.55 34.47 -35.73
C ALA W 78 16.56 33.95 -34.70
N SER W 79 17.02 33.75 -33.46
CA SER W 79 16.17 33.30 -32.38
C SER W 79 15.10 34.33 -32.01
N VAL W 80 15.50 35.61 -31.87
CA VAL W 80 14.52 36.65 -31.55
C VAL W 80 13.58 36.88 -32.73
N PHE W 81 14.13 36.87 -33.97
CA PHE W 81 13.31 37.02 -35.16
C PHE W 81 12.30 35.89 -35.26
N ALA W 82 12.74 34.65 -35.07
CA ALA W 82 11.86 33.48 -35.10
C ALA W 82 10.84 33.52 -33.98
N ALA W 83 11.20 34.03 -32.80
CA ALA W 83 10.25 34.14 -31.71
C ALA W 83 9.16 35.16 -32.01
N LEU W 84 9.54 36.32 -32.56
CA LEU W 84 8.54 37.34 -32.89
C LEU W 84 7.68 36.94 -34.08
N VAL W 85 8.27 36.48 -35.19
CA VAL W 85 7.45 36.09 -36.33
C VAL W 85 6.65 34.82 -36.02
N GLY W 86 7.23 33.85 -35.31
CA GLY W 86 6.49 32.67 -34.91
C GLY W 86 5.35 32.96 -33.95
N GLY W 87 5.59 33.86 -32.98
CA GLY W 87 4.54 34.27 -32.09
C GLY W 87 3.45 35.07 -32.78
N TYR W 88 3.83 35.95 -33.72
CA TYR W 88 2.86 36.67 -34.52
C TYR W 88 2.03 35.71 -35.38
N CYS W 89 2.69 34.82 -36.14
CA CYS W 89 2.00 33.88 -37.01
C CYS W 89 1.13 32.92 -36.22
N THR W 90 1.60 32.49 -35.04
CA THR W 90 0.76 31.70 -34.15
C THR W 90 -0.45 32.49 -33.68
N GLY W 91 -0.23 33.72 -33.20
CA GLY W 91 -1.28 34.56 -32.66
C GLY W 91 -2.35 34.95 -33.65
N GLN W 92 -1.98 35.16 -34.92
CA GLN W 92 -2.95 35.61 -35.90
C GLN W 92 -3.92 34.52 -36.34
N VAL W 93 -3.68 33.25 -35.97
CA VAL W 93 -4.56 32.16 -36.36
C VAL W 93 -4.98 31.33 -35.15
N ILE W 94 -4.97 31.93 -33.94
CA ILE W 94 -5.41 31.22 -32.74
C ILE W 94 -6.88 30.78 -32.81
N PRO W 95 -7.86 31.65 -33.19
CA PRO W 95 -9.14 31.04 -33.59
C PRO W 95 -8.95 30.39 -34.95
N LEU W 96 -8.79 29.07 -34.97
CA LEU W 96 -8.52 28.36 -36.20
C LEU W 96 -9.80 28.19 -36.98
N THR W 97 -9.75 28.43 -38.28
CA THR W 97 -10.92 28.35 -39.14
C THR W 97 -10.70 27.16 -40.08
N VAL W 98 -11.72 26.79 -40.87
CA VAL W 98 -11.56 25.80 -41.92
C VAL W 98 -10.74 26.38 -43.07
N GLU W 99 -10.58 27.71 -43.14
CA GLU W 99 -9.64 28.36 -44.05
C GLU W 99 -8.60 29.12 -43.21
N PRO W 100 -7.57 28.44 -42.71
CA PRO W 100 -6.44 29.16 -42.13
C PRO W 100 -5.43 29.50 -43.21
N ASN W 101 -4.72 30.59 -43.00
CA ASN W 101 -3.67 31.00 -43.92
C ASN W 101 -2.50 30.02 -43.82
N PRO W 102 -2.10 29.35 -44.90
CA PRO W 102 -1.02 28.34 -44.79
C PRO W 102 0.33 28.93 -44.45
N LEU W 103 0.57 30.18 -44.83
CA LEU W 103 1.83 30.84 -44.50
C LEU W 103 1.91 31.13 -43.01
N PHE W 104 0.79 31.43 -42.37
CA PHE W 104 0.82 31.67 -40.93
C PHE W 104 0.97 30.39 -40.14
N LEU W 105 0.42 29.28 -40.65
CA LEU W 105 0.66 27.97 -40.07
C LEU W 105 2.13 27.59 -40.14
N ALA W 106 2.72 27.69 -41.34
CA ALA W 106 4.14 27.38 -41.53
C ALA W 106 5.04 28.31 -40.73
N GLY W 107 4.69 29.60 -40.68
CA GLY W 107 5.43 30.56 -39.88
C GLY W 107 5.26 30.36 -38.39
N SER W 108 4.18 29.70 -37.96
CA SER W 108 3.97 29.44 -36.55
C SER W 108 4.92 28.39 -36.00
N PHE W 109 5.55 27.59 -36.88
CA PHE W 109 6.55 26.60 -36.50
C PHE W 109 7.87 27.23 -36.06
N LEU W 110 8.03 28.54 -36.23
CA LEU W 110 9.24 29.24 -35.85
C LEU W 110 9.35 29.43 -34.34
N LEU W 111 8.23 29.38 -33.60
CA LEU W 111 8.30 29.49 -32.14
C LEU W 111 9.06 28.34 -31.48
N PRO W 112 8.78 27.04 -31.70
CA PRO W 112 9.67 26.02 -31.12
C PRO W 112 11.06 26.03 -31.72
N TYR W 113 11.17 26.40 -32.99
CA TYR W 113 12.48 26.50 -33.65
C TYR W 113 13.34 27.58 -33.01
N SER W 114 12.72 28.63 -32.46
CA SER W 114 13.42 29.70 -31.78
C SER W 114 14.07 29.23 -30.48
N TRP W 115 13.45 28.25 -29.81
CA TRP W 115 14.02 27.67 -28.60
C TRP W 115 15.37 27.01 -28.89
N ALA W 116 15.41 26.17 -29.93
CA ALA W 116 16.65 25.53 -30.34
C ALA W 116 17.64 26.54 -30.89
N LEU W 117 17.15 27.63 -31.47
CA LEU W 117 18.04 28.69 -31.93
C LEU W 117 18.72 29.40 -30.77
N HIS W 118 18.01 29.65 -29.66
CA HIS W 118 18.70 30.38 -28.59
C HIS W 118 19.60 29.45 -27.80
N VAL W 119 19.29 28.14 -27.78
CA VAL W 119 20.23 27.17 -27.21
C VAL W 119 21.51 27.14 -28.04
N ALA W 120 21.37 27.15 -29.38
CA ALA W 120 22.53 27.26 -30.25
C ALA W 120 23.27 28.58 -30.10
N ALA W 121 22.55 29.66 -29.80
CA ALA W 121 23.18 30.95 -29.56
C ALA W 121 24.04 30.92 -28.30
N TRP W 122 23.55 30.23 -27.28
CA TRP W 122 24.30 30.09 -26.04
C TRP W 122 25.56 29.25 -26.27
N ILE W 123 25.42 28.18 -27.06
CA ILE W 123 26.55 27.30 -27.35
C ILE W 123 27.62 28.04 -28.14
N GLN W 124 27.20 28.84 -29.13
CA GLN W 124 28.16 29.56 -29.95
C GLN W 124 28.83 30.70 -29.20
N LYS W 125 28.11 31.39 -28.30
CA LYS W 125 28.78 32.42 -27.52
C LYS W 125 29.81 31.81 -26.57
N ASN W 126 29.55 30.60 -26.07
CA ASN W 126 30.49 30.02 -25.13
C ASN W 126 31.60 29.26 -25.83
N ASN W 127 31.59 29.21 -27.15
CA ASN W 127 32.70 28.71 -27.94
C ASN W 127 33.48 29.85 -28.59
N GLY W 128 33.16 31.09 -28.26
CA GLY W 128 33.84 32.23 -28.84
C GLY W 128 33.51 32.48 -30.29
N LYS W 129 32.28 32.20 -30.70
CA LYS W 129 31.88 32.37 -32.09
C LYS W 129 30.82 33.45 -32.21
N LEU X 38 8.82 30.98 93.46
CA LEU X 38 9.91 31.16 92.51
C LEU X 38 10.01 29.93 91.62
N TRP X 39 11.21 29.71 91.05
CA TRP X 39 11.44 28.53 90.18
C TRP X 39 11.27 27.28 91.04
N ASN X 40 11.94 27.21 92.19
CA ASN X 40 11.75 26.07 93.13
C ASN X 40 11.96 24.74 92.40
N GLU X 41 13.02 24.63 91.61
CA GLU X 41 13.26 23.39 90.82
C GLU X 41 13.27 22.16 91.73
N GLY X 42 12.65 21.06 91.29
CA GLY X 42 12.62 19.82 92.09
C GLY X 42 11.40 19.77 92.98
N LYS X 43 10.74 20.92 93.19
CA LYS X 43 9.47 20.94 93.96
C LYS X 43 8.36 21.27 92.95
N ILE X 44 8.60 22.26 92.10
CA ILE X 44 7.62 22.65 91.05
C ILE X 44 8.46 23.26 89.91
N GLN X 45 7.96 23.26 88.67
CA GLN X 45 8.70 23.95 87.57
C GLN X 45 10.15 23.43 87.54
N GLY X 46 10.35 22.12 87.65
CA GLY X 46 11.73 21.60 87.74
C GLY X 46 11.88 20.17 87.29
N LYS X 47 13.12 19.67 87.22
CA LYS X 47 13.36 18.25 86.89
C LYS X 47 12.90 17.38 88.07
N GLY X 48 12.56 16.12 87.81
CA GLY X 48 12.10 15.23 88.86
C GLY X 48 10.78 15.63 89.47
N VAL X 49 10.02 16.47 88.77
CA VAL X 49 8.74 16.99 89.34
C VAL X 49 7.57 16.52 88.47
N SER X 50 6.69 15.67 89.02
CA SER X 50 5.48 15.26 88.27
C SER X 50 4.23 15.72 89.03
N VAL X 51 3.40 16.55 88.40
CA VAL X 51 2.12 16.94 89.05
C VAL X 51 1.30 15.66 89.26
N ILE X 52 1.29 14.79 88.24
CA ILE X 52 0.60 13.48 88.39
C ILE X 52 1.67 12.38 88.32
N PRO X 53 1.93 11.63 89.42
CA PRO X 53 2.87 10.51 89.41
C PRO X 53 2.34 9.37 88.52
N LEU X 54 1.02 9.32 88.34
CA LEU X 54 0.39 8.27 87.49
C LEU X 54 1.07 8.31 86.12
N PHE X 55 1.28 9.51 85.57
CA PHE X 55 1.99 9.63 84.27
C PHE X 55 3.48 9.75 84.56
N PRO X 56 4.34 8.86 84.03
CA PRO X 56 5.77 8.87 84.33
C PRO X 56 6.51 10.09 83.77
N ARG X 57 7.53 10.58 84.49
CA ARG X 57 8.33 11.74 84.03
C ARG X 57 9.07 11.35 82.75
N PRO X 58 8.83 12.02 81.60
CA PRO X 58 9.56 11.74 80.36
C PRO X 58 10.97 12.31 80.35
N ALA X 59 11.89 11.51 79.83
CA ALA X 59 13.27 11.96 79.65
C ALA X 59 13.36 13.13 78.68
N SER X 60 12.53 13.12 77.63
CA SER X 60 12.53 14.16 76.60
C SER X 60 12.17 15.54 77.15
N LEU X 61 11.32 15.60 78.16
CA LEU X 61 10.96 16.88 78.79
C LEU X 61 12.04 17.26 79.79
N ASP X 62 12.89 18.21 79.42
CA ASP X 62 13.90 18.70 80.34
C ASP X 62 13.29 19.78 81.25
N GLY X 63 14.03 20.13 82.30
CA GLY X 63 13.56 21.10 83.25
C GLY X 63 13.76 22.55 82.91
N THR X 64 14.32 22.85 81.74
CA THR X 64 14.66 24.25 81.36
C THR X 64 13.42 25.11 81.13
N PHE X 65 12.39 24.60 80.44
CA PHE X 65 11.22 25.44 80.09
C PHE X 65 10.40 25.79 81.35
N PRO X 66 9.84 27.02 81.43
CA PRO X 66 9.09 27.45 82.62
C PRO X 66 7.80 26.65 82.89
N GLY X 67 7.48 26.44 84.16
CA GLY X 67 6.27 25.67 84.54
C GLY X 67 6.32 24.25 83.99
N ASP X 68 7.51 23.66 83.92
CA ASP X 68 7.63 22.25 83.47
C ASP X 68 7.40 21.35 84.68
N GLN X 69 6.28 20.62 84.69
CA GLN X 69 5.93 19.74 85.85
C GLN X 69 6.06 18.29 85.42
N GLY X 70 6.80 18.02 84.34
CA GLY X 70 6.99 16.63 83.86
C GLY X 70 5.68 15.97 83.49
N PHE X 71 4.76 16.71 82.86
CA PHE X 71 3.49 16.11 82.38
C PHE X 71 3.54 15.99 80.86
N ASP X 72 3.83 14.78 80.34
CA ASP X 72 3.86 14.55 78.90
C ASP X 72 3.58 13.08 78.61
N PRO X 73 2.34 12.61 78.83
CA PRO X 73 2.05 11.19 78.61
C PRO X 73 2.22 10.75 77.17
N PHE X 74 1.85 11.61 76.24
CA PHE X 74 1.90 11.26 74.83
C PHE X 74 3.27 11.50 74.22
N GLY X 75 4.22 12.01 75.00
CA GLY X 75 5.60 12.19 74.58
C GLY X 75 5.79 13.10 73.39
N PHE X 76 5.01 14.18 73.32
CA PHE X 76 5.18 15.16 72.25
C PHE X 76 6.54 15.83 72.29
N SER X 77 7.05 16.12 73.51
CA SER X 77 8.35 16.75 73.77
C SER X 77 9.52 16.16 72.99
N SER X 78 9.45 14.89 72.62
CA SER X 78 10.55 14.23 71.92
C SER X 78 10.64 14.70 70.48
N TRP X 79 9.50 14.80 69.79
CA TRP X 79 9.52 15.15 68.38
C TRP X 79 9.15 16.61 68.11
N VAL X 80 8.41 17.27 69.00
CA VAL X 80 8.00 18.65 68.73
C VAL X 80 9.19 19.57 68.93
N ASN X 81 9.08 20.75 68.34
CA ASN X 81 10.02 21.82 68.65
C ASN X 81 9.53 22.44 69.95
N MET X 82 10.34 22.34 71.01
CA MET X 82 9.92 22.77 72.34
C MET X 82 9.69 24.27 72.42
N LYS X 83 10.51 25.06 71.71
CA LYS X 83 10.36 26.51 71.71
C LYS X 83 9.01 26.92 71.16
N PHE X 84 8.58 26.27 70.07
CA PHE X 84 7.31 26.59 69.43
C PHE X 84 6.15 26.26 70.35
N VAL X 85 6.15 25.06 70.92
CA VAL X 85 5.04 24.61 71.74
C VAL X 85 4.98 25.40 73.04
N ALA X 86 6.14 25.80 73.58
CA ALA X 86 6.16 26.64 74.77
C ALA X 86 5.57 28.02 74.48
N GLU X 87 5.96 28.64 73.36
CA GLU X 87 5.42 29.94 72.99
C GLU X 87 3.92 29.85 72.69
N ALA X 88 3.51 28.77 72.04
CA ALA X 88 2.12 28.50 71.75
C ALA X 88 1.31 28.32 73.02
N GLU X 89 1.89 27.64 74.01
CA GLU X 89 1.22 27.42 75.28
C GLU X 89 0.96 28.74 75.98
N ILE X 90 1.99 29.61 76.05
CA ILE X 90 1.85 30.88 76.77
C ILE X 90 0.85 31.79 76.08
N LYS X 91 0.87 31.81 74.73
CA LYS X 91 -0.09 32.63 73.98
C LYS X 91 -1.53 32.14 74.21
N HIS X 92 -1.72 30.81 74.25
CA HIS X 92 -3.03 30.23 74.55
C HIS X 92 -3.46 30.63 75.95
N CYS X 93 -2.52 30.64 76.90
CA CYS X 93 -2.79 31.00 78.29
C CYS X 93 -3.26 32.44 78.39
N ARG X 94 -2.57 33.34 77.71
CA ARG X 94 -2.89 34.76 77.76
C ARG X 94 -4.25 35.03 77.13
N LEU X 95 -4.52 34.35 76.00
CA LEU X 95 -5.83 34.45 75.35
C LEU X 95 -6.93 33.94 76.26
N ALA X 96 -6.68 32.82 76.94
CA ALA X 96 -7.64 32.22 77.85
C ALA X 96 -7.91 33.09 79.06
N MET X 97 -6.86 33.70 79.63
CA MET X 97 -7.03 34.52 80.81
C MET X 97 -7.83 35.77 80.46
N LEU X 98 -7.59 36.28 79.24
CA LEU X 98 -8.38 37.40 78.74
C LEU X 98 -9.81 36.96 78.45
N ALA X 99 -9.96 35.72 77.95
CA ALA X 99 -11.27 35.14 77.69
C ALA X 99 -12.07 34.95 78.96
N PHE X 100 -11.42 34.49 80.04
CA PHE X 100 -12.11 34.28 81.30
C PHE X 100 -12.59 35.60 81.86
N ALA X 101 -11.73 36.62 81.82
CA ALA X 101 -12.12 37.94 82.33
C ALA X 101 -13.24 38.54 81.49
N GLY X 102 -13.19 38.35 80.17
CA GLY X 102 -14.25 38.85 79.31
C GLY X 102 -15.59 38.17 79.51
N ILE X 103 -15.57 36.84 79.63
CA ILE X 103 -16.79 36.08 79.88
C ILE X 103 -17.36 36.46 81.24
N MET X 104 -16.50 36.62 82.25
CA MET X 104 -16.97 37.01 83.59
C MET X 104 -17.63 38.38 83.60
N VAL X 105 -17.02 39.35 82.91
CA VAL X 105 -17.56 40.70 82.87
C VAL X 105 -18.90 40.73 82.14
N GLU X 106 -18.97 40.08 80.97
CA GLU X 106 -20.21 40.06 80.19
C GLU X 106 -21.30 39.24 80.88
N SER X 107 -20.94 38.10 81.46
CA SER X 107 -21.88 37.27 82.22
C SER X 107 -22.43 38.03 83.42
N ALA X 108 -21.59 38.86 84.06
CA ALA X 108 -22.04 39.70 85.16
C ALA X 108 -22.87 40.88 84.68
N GLY X 109 -22.87 41.16 83.38
CA GLY X 109 -23.60 42.27 82.81
C GLY X 109 -22.86 43.58 82.90
N ILE X 110 -21.64 43.57 83.43
CA ILE X 110 -20.79 44.76 83.44
C ILE X 110 -20.49 45.17 82.01
N SER X 111 -20.74 46.43 81.69
CA SER X 111 -20.56 46.87 80.32
C SER X 111 -19.99 48.27 80.28
N PHE X 112 -19.32 48.58 79.17
CA PHE X 112 -18.77 49.89 78.90
C PHE X 112 -19.92 50.78 78.46
N PRO X 113 -19.82 52.11 78.65
CA PRO X 113 -20.94 53.01 78.34
C PRO X 113 -21.40 52.97 76.89
N GLY X 114 -22.71 52.75 76.71
CA GLY X 114 -23.33 52.72 75.40
C GLY X 114 -23.18 51.40 74.67
N ALA X 115 -22.40 50.47 75.21
CA ALA X 115 -22.10 49.22 74.54
C ALA X 115 -23.31 48.31 74.40
N THR X 116 -24.17 48.27 75.43
CA THR X 116 -25.36 47.42 75.43
C THR X 116 -26.32 47.80 74.31
N SER X 117 -26.37 49.08 73.95
CA SER X 117 -27.27 49.56 72.90
C SER X 117 -26.96 48.96 71.53
N VAL X 118 -25.68 48.96 71.14
CA VAL X 118 -25.30 48.40 69.85
C VAL X 118 -25.24 46.88 69.90
N LEU X 119 -24.62 46.33 70.93
CA LEU X 119 -24.43 44.89 71.04
C LEU X 119 -25.68 44.24 71.65
N GLY X 120 -25.61 42.92 71.83
CA GLY X 120 -26.72 42.19 72.41
C GLY X 120 -26.94 42.55 73.88
N SER X 121 -28.22 42.74 74.23
CA SER X 121 -28.59 42.99 75.62
C SER X 121 -28.34 41.78 76.51
N SER X 122 -28.57 40.58 75.97
CA SER X 122 -28.38 39.31 76.67
C SER X 122 -26.95 39.17 77.18
N LYS X 123 -26.79 38.50 78.32
CA LYS X 123 -25.46 38.28 78.87
C LYS X 123 -24.83 36.98 78.41
N ASN X 124 -25.53 36.23 77.54
CA ASN X 124 -24.97 35.03 76.92
C ASN X 124 -23.79 35.39 76.05
N ILE X 125 -22.66 34.71 76.29
CA ILE X 125 -21.42 34.96 75.55
C ILE X 125 -21.59 34.66 74.06
N PHE X 126 -22.32 33.60 73.73
CA PHE X 126 -22.57 33.22 72.34
C PHE X 126 -23.40 34.27 71.61
N GLU X 127 -24.44 34.78 72.27
CA GLU X 127 -25.30 35.82 71.70
C GLU X 127 -24.56 37.13 71.49
N ILE X 128 -23.76 37.52 72.50
CA ILE X 128 -22.96 38.78 72.38
C ILE X 128 -21.98 38.64 71.22
N HIS X 129 -21.31 37.49 71.11
CA HIS X 129 -20.31 37.34 70.03
C HIS X 129 -20.96 37.47 68.67
N ASP X 130 -22.13 36.85 68.47
CA ASP X 130 -22.81 36.96 67.17
C ASP X 130 -23.22 38.41 66.88
N LYS X 131 -23.73 39.11 67.91
CA LYS X 131 -24.10 40.51 67.77
C LYS X 131 -22.90 41.41 67.52
N ALA X 132 -21.77 41.12 68.18
CA ALA X 132 -20.54 41.86 68.01
C ALA X 132 -19.98 41.67 66.61
N VAL X 133 -20.13 40.47 66.05
CA VAL X 133 -19.74 40.21 64.67
C VAL X 133 -20.54 41.09 63.73
N ALA X 134 -21.87 41.14 63.95
CA ALA X 134 -22.76 41.94 63.10
C ALA X 134 -22.48 43.43 63.24
N SER X 135 -22.16 43.89 64.45
CA SER X 135 -21.77 45.30 64.64
C SER X 135 -20.45 45.63 63.98
N GLY X 136 -19.52 44.68 63.94
CA GLY X 136 -18.18 44.92 63.45
C GLY X 136 -17.14 45.07 64.53
N ALA X 137 -17.53 44.96 65.80
CA ALA X 137 -16.58 45.02 66.92
C ALA X 137 -15.60 43.87 66.87
N MET X 138 -16.12 42.65 66.66
CA MET X 138 -15.29 41.46 66.55
C MET X 138 -14.35 41.57 65.35
N GLY X 139 -14.83 42.16 64.26
CA GLY X 139 -13.98 42.37 63.08
C GLY X 139 -12.83 43.30 63.34
N GLN X 140 -13.08 44.38 64.08
CA GLN X 140 -12.02 45.33 64.43
C GLN X 140 -10.98 44.71 65.35
N ILE X 141 -11.45 43.94 66.34
CA ILE X 141 -10.55 43.21 67.24
C ILE X 141 -9.75 42.19 66.46
N LEU X 142 -10.40 41.51 65.53
CA LEU X 142 -9.77 40.50 64.69
C LEU X 142 -8.68 41.11 63.82
N LEU X 143 -9.00 42.23 63.16
CA LEU X 143 -8.08 42.97 62.31
C LEU X 143 -6.81 43.33 63.07
N TRP X 144 -6.95 43.96 64.23
CA TRP X 144 -5.75 44.36 64.98
C TRP X 144 -4.98 43.18 65.57
N VAL X 145 -5.68 42.16 66.09
CA VAL X 145 -5.00 40.96 66.63
C VAL X 145 -4.23 40.25 65.53
N SER X 146 -4.86 40.08 64.37
CA SER X 146 -4.23 39.47 63.22
C SER X 146 -3.07 40.29 62.70
N PHE X 147 -3.21 41.63 62.70
CA PHE X 147 -2.13 42.51 62.27
C PHE X 147 -0.93 42.37 63.17
N PHE X 148 -1.15 42.29 64.49
CA PHE X 148 -0.06 42.08 65.44
C PHE X 148 0.61 40.75 65.19
N GLU X 149 -0.17 39.71 64.96
CA GLU X 149 0.40 38.39 64.72
C GLU X 149 1.19 38.34 63.42
N VAL X 150 0.71 39.00 62.36
CA VAL X 150 1.43 39.04 61.10
C VAL X 150 2.73 39.82 61.23
N VAL X 151 2.67 41.01 61.81
CA VAL X 151 3.86 41.85 61.80
C VAL X 151 4.79 41.57 62.99
N ALA X 152 4.28 41.09 64.12
CA ALA X 152 5.13 40.87 65.27
C ALA X 152 5.17 39.43 65.71
N GLY X 153 4.00 38.75 65.77
CA GLY X 153 3.96 37.39 66.28
C GLY X 153 4.70 36.40 65.42
N VAL X 154 4.50 36.45 64.10
CA VAL X 154 5.21 35.57 63.17
C VAL X 154 6.71 35.88 63.14
N PRO X 155 7.20 37.16 62.99
CA PRO X 155 8.65 37.38 63.10
C PRO X 155 9.26 36.91 64.41
N ALA X 156 8.61 37.16 65.55
CA ALA X 156 9.14 36.71 66.84
C ALA X 156 9.20 35.20 66.93
N MET X 157 8.14 34.52 66.48
CA MET X 157 8.11 33.07 66.48
C MET X 157 9.20 32.49 65.58
N ASN X 158 9.32 33.01 64.37
CA ASN X 158 10.31 32.52 63.41
C ASN X 158 11.73 32.81 63.86
N GLU X 159 11.98 33.99 64.43
CA GLU X 159 13.33 34.32 64.88
C GLU X 159 13.71 33.54 66.14
N MET X 160 12.74 33.22 67.02
CA MET X 160 13.01 32.41 68.20
C MET X 160 13.37 31.00 67.79
N LEU X 161 12.59 30.46 66.86
CA LEU X 161 12.82 29.10 66.37
C LEU X 161 14.10 29.00 65.55
N ASN X 162 14.34 29.95 64.64
CA ASN X 162 15.53 29.93 63.80
C ASN X 162 16.80 30.15 64.63
N GLY X 163 16.74 31.02 65.63
CA GLY X 163 17.89 31.29 66.46
C GLY X 163 18.46 32.68 66.23
N GLU X 164 17.61 33.59 65.77
CA GLU X 164 18.09 34.92 65.41
C GLU X 164 18.16 35.86 66.61
N SER X 165 17.16 35.82 67.51
CA SER X 165 17.15 36.73 68.65
C SER X 165 17.28 36.06 70.00
N SER X 166 17.12 34.73 70.07
CA SER X 166 17.11 33.95 71.32
C SER X 166 16.04 34.45 72.28
N ARG X 167 14.88 34.82 71.72
CA ARG X 167 13.73 35.24 72.50
C ARG X 167 13.25 34.06 73.34
N ILE X 168 12.96 34.36 74.62
CA ILE X 168 12.39 33.32 75.50
C ILE X 168 10.92 33.14 75.08
N PRO X 169 10.35 31.92 75.00
CA PRO X 169 8.97 31.74 74.49
C PRO X 169 7.96 32.61 75.22
N GLY X 170 7.12 33.28 74.44
CA GLY X 170 6.11 34.16 74.99
C GLY X 170 6.58 35.56 75.32
N TYR X 171 7.84 35.90 75.08
CA TYR X 171 8.35 37.21 75.46
C TYR X 171 7.96 38.23 74.41
N TYR X 172 7.23 39.26 74.82
CA TYR X 172 6.86 40.33 73.92
C TYR X 172 7.28 41.69 74.44
N ALA X 173 8.28 41.71 75.35
CA ALA X 173 8.92 42.91 75.90
C ALA X 173 7.92 43.89 76.50
N PHE X 174 6.92 43.35 77.18
CA PHE X 174 5.78 44.12 77.66
C PHE X 174 5.79 44.06 79.18
N ASP X 175 6.53 44.97 79.79
CA ASP X 175 6.52 45.19 81.24
C ASP X 175 6.28 46.67 81.55
N PRO X 176 5.07 47.22 81.28
CA PRO X 176 4.86 48.67 81.54
C PRO X 176 5.00 49.08 83.01
N LEU X 177 4.51 48.28 83.94
CA LEU X 177 4.64 48.54 85.36
C LEU X 177 5.67 47.61 86.02
N GLY X 178 6.69 47.21 85.25
CA GLY X 178 7.78 46.42 85.79
C GLY X 178 7.34 45.02 86.17
N GLN X 179 7.53 44.67 87.45
CA GLN X 179 7.15 43.33 87.98
C GLN X 179 8.03 42.25 87.35
N GLY X 180 9.07 42.64 86.61
CA GLY X 180 9.93 41.67 85.92
C GLY X 180 11.22 41.37 86.66
N LYS X 181 12.34 41.26 85.94
CA LYS X 181 13.66 40.96 86.56
C LYS X 181 13.64 39.60 87.27
N GLY X 182 14.08 39.56 88.53
CA GLY X 182 14.18 38.28 89.27
C GLY X 182 12.84 37.60 89.44
N ASP X 183 11.80 38.37 89.74
CA ASP X 183 10.44 37.79 89.96
C ASP X 183 9.98 37.13 88.65
N LYS X 184 10.22 37.79 87.51
CA LYS X 184 9.75 37.28 86.20
C LYS X 184 10.39 35.92 85.92
N MET X 185 11.68 35.76 86.24
CA MET X 185 12.39 34.51 85.90
C MET X 185 11.73 33.32 86.60
N GLY X 186 11.30 33.48 87.85
CA GLY X 186 10.77 32.31 88.58
C GLY X 186 9.28 32.36 88.85
N ARG X 187 8.87 33.09 89.89
CA ARG X 187 7.44 33.05 90.31
C ARG X 187 6.50 33.57 89.22
N MET X 188 6.82 34.71 88.60
CA MET X 188 5.86 35.31 87.63
C MET X 188 5.65 34.40 86.41
N GLN X 189 6.73 33.82 85.88
CA GLN X 189 6.62 32.90 84.72
C GLN X 189 5.79 31.67 85.11
N LEU X 190 6.03 31.13 86.29
CA LEU X 190 5.28 29.93 86.77
C LEU X 190 3.82 30.34 87.03
N SER X 191 3.62 31.50 87.66
CA SER X 191 2.25 31.95 88.00
C SER X 191 1.45 32.15 86.70
N GLU X 192 2.07 32.75 85.68
CA GLU X 192 1.40 32.98 84.39
C GLU X 192 1.04 31.64 83.74
N ILE X 193 1.99 30.70 83.74
CA ILE X 193 1.74 29.39 83.07
C ILE X 193 0.64 28.63 83.81
N GLN X 194 0.63 28.64 85.15
CA GLN X 194 -0.35 27.84 85.93
C GLN X 194 -1.73 28.51 85.86
N ASN X 195 -1.78 29.82 86.06
CA ASN X 195 -3.04 30.56 85.98
C ASN X 195 -3.62 30.43 84.58
N GLY X 196 -2.77 30.52 83.56
CA GLY X 196 -3.24 30.37 82.19
C GLY X 196 -3.74 28.98 81.84
N ARG X 197 -3.10 27.94 82.38
CA ARG X 197 -3.59 26.58 82.19
C ARG X 197 -4.93 26.41 82.87
N LEU X 198 -5.06 27.01 84.07
CA LEU X 198 -6.32 26.99 84.81
C LEU X 198 -7.39 27.74 84.05
N ALA X 199 -7.02 28.88 83.48
CA ALA X 199 -7.93 29.69 82.69
C ALA X 199 -8.37 28.95 81.44
N MET X 200 -7.45 28.23 80.79
CA MET X 200 -7.79 27.47 79.57
C MET X 200 -8.83 26.42 79.89
N LEU X 201 -8.62 25.72 81.01
CA LEU X 201 -9.57 24.72 81.46
C LEU X 201 -10.89 25.37 81.85
N ALA X 202 -10.84 26.51 82.56
CA ALA X 202 -12.03 27.19 83.02
C ALA X 202 -12.87 27.69 81.86
N VAL X 203 -12.23 28.32 80.84
CA VAL X 203 -12.94 28.89 79.69
C VAL X 203 -13.62 27.77 78.93
N SER X 204 -12.92 26.64 78.78
CA SER X 204 -13.48 25.44 78.16
C SER X 204 -14.71 24.96 78.90
N GLY X 205 -14.58 24.85 80.22
CA GLY X 205 -15.68 24.42 81.05
C GLY X 205 -16.86 25.35 80.93
N ILE X 206 -16.60 26.66 81.03
CA ILE X 206 -17.61 27.72 81.06
C ILE X 206 -18.44 27.71 79.79
N VAL X 207 -17.79 27.56 78.63
CA VAL X 207 -18.55 27.57 77.39
C VAL X 207 -19.38 26.30 77.26
N HIS X 208 -18.82 25.15 77.67
CA HIS X 208 -19.62 23.91 77.58
C HIS X 208 -20.73 23.86 78.64
N HIS X 209 -20.50 24.43 79.83
CA HIS X 209 -21.54 24.60 80.85
C HIS X 209 -22.68 25.44 80.30
N THR X 210 -22.33 26.54 79.64
CA THR X 210 -23.33 27.43 79.06
C THR X 210 -24.10 26.73 77.94
N LEU X 211 -23.40 25.87 77.20
CA LEU X 211 -24.06 25.14 76.08
C LEU X 211 -25.04 24.11 76.65
N ILE X 212 -24.58 23.20 77.51
CA ILE X 212 -25.47 22.13 78.04
C ILE X 212 -26.61 22.74 78.87
N THR X 213 -26.31 23.68 79.76
CA THR X 213 -27.35 24.35 80.59
C THR X 213 -28.25 25.22 79.69
N GLY X 214 -27.66 25.90 78.71
CA GLY X 214 -28.44 26.84 77.87
C GLY X 214 -28.53 28.19 78.55
N LYS X 215 -27.89 28.33 79.72
CA LYS X 215 -27.93 29.61 80.48
C LYS X 215 -26.51 30.01 80.87
N GLY X 216 -26.22 31.32 80.88
CA GLY X 216 -24.86 31.81 81.20
C GLY X 216 -24.50 31.66 82.67
N PRO X 217 -23.20 31.52 83.02
CA PRO X 217 -22.77 31.47 84.42
C PRO X 217 -22.87 32.85 85.10
N LEU X 218 -23.03 32.87 86.43
CA LEU X 218 -23.08 34.16 87.18
C LEU X 218 -23.95 35.17 86.42
N ALA Y 56 -25.15 -25.00 -65.46
CA ALA Y 56 -26.27 -24.68 -66.34
C ALA Y 56 -27.05 -23.50 -65.81
N SER Y 57 -26.92 -23.27 -64.50
CA SER Y 57 -27.53 -22.13 -63.83
C SER Y 57 -26.59 -21.68 -62.73
N LEU Y 58 -26.98 -20.64 -62.01
CA LEU Y 58 -26.16 -20.08 -60.96
C LEU Y 58 -26.83 -20.41 -59.63
N ASP Y 59 -26.00 -20.66 -58.60
CA ASP Y 59 -26.49 -21.07 -57.30
C ASP Y 59 -27.37 -19.97 -56.69
N PRO Y 60 -28.46 -20.34 -56.00
CA PRO Y 60 -29.34 -19.31 -55.42
C PRO Y 60 -28.68 -18.42 -54.38
N LYS Y 61 -27.84 -18.99 -53.52
CA LYS Y 61 -27.21 -18.23 -52.46
C LYS Y 61 -25.76 -17.85 -52.78
N THR Y 62 -24.89 -18.83 -53.03
CA THR Y 62 -23.50 -18.47 -53.28
C THR Y 62 -23.29 -17.86 -54.66
N GLY Y 63 -24.12 -18.19 -55.66
CA GLY Y 63 -24.04 -17.59 -56.97
C GLY Y 63 -23.00 -18.17 -57.90
N PHE Y 64 -22.34 -19.23 -57.50
CA PHE Y 64 -21.34 -19.90 -58.30
C PHE Y 64 -21.98 -20.80 -59.36
N PRO Y 65 -21.21 -21.21 -60.38
CA PRO Y 65 -21.72 -22.19 -61.35
C PRO Y 65 -22.14 -23.50 -60.67
N ILE Y 66 -23.21 -24.10 -61.16
CA ILE Y 66 -23.82 -25.22 -60.44
C ILE Y 66 -23.42 -26.59 -61.02
N GLN Y 67 -23.44 -26.79 -62.34
CA GLN Y 67 -23.18 -28.13 -62.86
C GLN Y 67 -22.50 -28.06 -64.21
N GLY Y 68 -21.55 -28.96 -64.45
CA GLY Y 68 -20.91 -29.06 -65.76
C GLY Y 68 -21.87 -29.45 -66.87
N GLY Y 69 -22.86 -30.28 -66.55
CA GLY Y 69 -23.92 -30.66 -67.48
C GLY Y 69 -23.50 -31.42 -68.72
N SER Y 80 -13.71 -27.56 -78.37
CA SER Y 80 -15.00 -28.23 -78.38
C SER Y 80 -15.87 -27.82 -77.19
N ALA Y 81 -15.77 -26.54 -76.81
CA ALA Y 81 -16.36 -25.95 -75.59
C ALA Y 81 -16.24 -26.83 -74.36
N GLY Y 82 -15.07 -27.43 -74.16
CA GLY Y 82 -14.84 -28.29 -73.02
C GLY Y 82 -14.58 -27.42 -71.82
N CYS Y 83 -15.23 -27.75 -70.71
CA CYS Y 83 -15.14 -26.94 -69.50
C CYS Y 83 -13.74 -26.91 -68.90
N GLN Y 84 -13.00 -28.01 -69.04
CA GLN Y 84 -11.62 -28.18 -68.56
C GLN Y 84 -10.75 -27.03 -69.03
N PRO Y 85 -9.93 -26.37 -68.10
CA PRO Y 85 -9.13 -25.17 -68.40
C PRO Y 85 -8.37 -25.09 -69.72
N MET Y 86 -7.52 -26.07 -70.06
CA MET Y 86 -6.73 -25.99 -71.28
C MET Y 86 -7.59 -25.93 -72.53
N THR Y 87 -8.72 -26.64 -72.52
CA THR Y 87 -9.60 -26.72 -73.66
C THR Y 87 -10.76 -25.74 -73.59
N GLN Y 88 -10.78 -24.83 -72.60
CA GLN Y 88 -11.92 -23.91 -72.47
C GLN Y 88 -11.98 -22.99 -73.68
N ALA Y 89 -13.18 -22.84 -74.22
CA ALA Y 89 -13.43 -21.97 -75.36
C ALA Y 89 -14.00 -20.65 -74.94
N ALA Y 90 -14.31 -20.50 -73.66
CA ALA Y 90 -14.91 -19.28 -73.15
C ALA Y 90 -13.89 -18.15 -73.09
N SER Y 91 -14.35 -16.96 -73.43
CA SER Y 91 -13.52 -15.77 -73.35
C SER Y 91 -13.44 -15.28 -71.91
N ILE Y 92 -12.49 -14.37 -71.65
CA ILE Y 92 -12.45 -13.70 -70.35
C ILE Y 92 -13.68 -12.83 -70.19
N LEU Y 93 -14.23 -12.31 -71.29
CA LEU Y 93 -15.48 -11.56 -71.26
C LEU Y 93 -16.64 -12.43 -70.80
N ASP Y 94 -16.73 -13.66 -71.29
CA ASP Y 94 -17.77 -14.58 -70.86
C ASP Y 94 -17.63 -14.95 -69.39
N LYS Y 95 -16.39 -15.17 -68.92
CA LYS Y 95 -16.16 -15.44 -67.51
C LYS Y 95 -16.48 -14.23 -66.63
N GLN Y 96 -16.17 -13.02 -67.08
CA GLN Y 96 -16.61 -11.84 -66.34
C GLN Y 96 -18.12 -11.73 -66.32
N ARG Y 97 -18.77 -12.15 -67.42
CA ARG Y 97 -20.22 -12.08 -67.49
C ARG Y 97 -20.88 -13.09 -66.55
N THR Y 98 -20.33 -14.31 -66.43
CA THR Y 98 -20.86 -15.25 -65.43
C THR Y 98 -20.60 -14.76 -64.01
N VAL Y 99 -19.48 -14.07 -63.76
CA VAL Y 99 -19.25 -13.48 -62.43
C VAL Y 99 -20.33 -12.44 -62.11
N LEU Y 100 -20.58 -11.52 -63.06
CA LEU Y 100 -21.61 -10.48 -62.88
C LEU Y 100 -23.01 -11.08 -62.74
N ALA Y 101 -23.31 -12.10 -63.55
CA ALA Y 101 -24.61 -12.76 -63.49
C ALA Y 101 -24.81 -13.48 -62.16
N GLY Y 102 -23.75 -14.11 -61.64
CA GLY Y 102 -23.84 -14.73 -60.33
C GLY Y 102 -24.09 -13.72 -59.22
N LYS Y 103 -23.45 -12.55 -59.32
CA LYS Y 103 -23.68 -11.50 -58.32
C LYS Y 103 -25.11 -10.95 -58.40
N ILE Y 104 -25.64 -10.85 -59.62
CA ILE Y 104 -27.04 -10.47 -59.85
C ILE Y 104 -27.97 -11.51 -59.22
N THR Y 105 -27.62 -12.80 -59.37
CA THR Y 105 -28.42 -13.89 -58.81
C THR Y 105 -28.47 -13.83 -57.28
N VAL Y 106 -27.32 -13.57 -56.64
CA VAL Y 106 -27.27 -13.50 -55.16
C VAL Y 106 -28.13 -12.34 -54.66
N ALA Y 107 -27.99 -11.17 -55.30
CA ALA Y 107 -28.73 -9.98 -54.87
C ALA Y 107 -30.24 -10.16 -55.08
N ALA Y 108 -30.63 -10.72 -56.23
CA ALA Y 108 -32.05 -10.95 -56.50
C ALA Y 108 -32.64 -11.99 -55.56
N ASN Y 109 -31.90 -13.06 -55.25
CA ASN Y 109 -32.43 -14.07 -54.36
C ASN Y 109 -32.45 -13.64 -52.89
N LYS Y 110 -31.83 -12.50 -52.56
CA LYS Y 110 -31.98 -11.97 -51.21
C LYS Y 110 -33.20 -11.05 -51.06
N VAL Y 111 -33.90 -10.76 -52.17
CA VAL Y 111 -35.17 -10.02 -52.09
C VAL Y 111 -36.27 -10.71 -51.28
N PRO Y 112 -36.47 -12.06 -51.34
CA PRO Y 112 -37.40 -12.72 -50.40
C PRO Y 112 -37.15 -12.46 -48.91
N VAL Y 113 -35.87 -12.32 -48.52
CA VAL Y 113 -35.53 -12.06 -47.12
C VAL Y 113 -36.10 -10.72 -46.65
N LEU Y 114 -36.00 -9.69 -47.49
CA LEU Y 114 -36.61 -8.39 -47.19
C LEU Y 114 -38.12 -8.49 -47.11
N THR Y 115 -38.74 -9.22 -48.05
CA THR Y 115 -40.19 -9.39 -48.05
C THR Y 115 -40.69 -10.05 -46.76
N ALA Y 116 -39.94 -11.07 -46.29
CA ALA Y 116 -40.26 -11.75 -45.04
C ALA Y 116 -40.11 -10.81 -43.84
N ALA Y 117 -39.06 -10.00 -43.83
CA ALA Y 117 -38.83 -9.07 -42.74
C ALA Y 117 -39.94 -8.02 -42.64
N VAL Y 118 -40.38 -7.49 -43.79
CA VAL Y 118 -41.42 -6.47 -43.81
C VAL Y 118 -42.76 -7.07 -43.35
N ASP Y 119 -43.02 -8.33 -43.73
CA ASP Y 119 -44.21 -9.02 -43.23
C ASP Y 119 -44.17 -9.22 -41.71
N LYS Y 120 -42.98 -9.55 -41.17
CA LYS Y 120 -42.85 -9.64 -39.71
C LYS Y 120 -43.10 -8.30 -39.04
N MET Y 121 -42.61 -7.21 -39.65
CA MET Y 121 -42.84 -5.86 -39.09
C MET Y 121 -44.32 -5.50 -39.07
N LYS Y 122 -45.04 -5.80 -40.15
CA LYS Y 122 -46.45 -5.41 -40.23
C LYS Y 122 -47.34 -6.21 -39.27
N THR Y 123 -47.02 -7.48 -39.01
CA THR Y 123 -47.88 -8.34 -38.19
C THR Y 123 -47.60 -8.22 -36.70
N ALA Y 124 -46.65 -7.38 -36.29
CA ALA Y 124 -46.34 -7.19 -34.88
C ALA Y 124 -47.48 -6.46 -34.18
N LYS Y 125 -47.47 -6.52 -32.83
CA LYS Y 125 -48.54 -5.93 -32.02
C LYS Y 125 -48.66 -4.43 -32.26
N LYS Y 126 -47.53 -3.73 -32.25
CA LYS Y 126 -47.49 -2.35 -32.71
C LYS Y 126 -46.53 -2.30 -33.90
N PRO Y 127 -46.99 -1.96 -35.09
CA PRO Y 127 -46.12 -2.05 -36.27
C PRO Y 127 -45.46 -0.76 -36.72
N LYS Y 128 -44.13 -0.78 -36.85
CA LYS Y 128 -43.40 0.35 -37.39
C LYS Y 128 -42.44 -0.16 -38.46
N LEU Y 129 -42.37 0.57 -39.57
CA LEU Y 129 -41.39 0.24 -40.59
C LEU Y 129 -40.02 0.62 -40.07
N ASP Y 130 -39.05 -0.27 -40.22
CA ASP Y 130 -37.69 0.02 -39.82
C ASP Y 130 -37.03 0.65 -41.03
N ARG Y 131 -36.95 2.00 -41.03
CA ARG Y 131 -36.31 2.71 -42.13
C ARG Y 131 -34.84 2.35 -42.23
N ASP Y 132 -34.20 2.09 -41.09
CA ASP Y 132 -32.80 1.70 -41.06
C ASP Y 132 -32.59 0.35 -41.72
N TYR Y 133 -33.44 -0.65 -41.43
CA TYR Y 133 -33.32 -1.96 -42.08
C TYR Y 133 -33.57 -1.87 -43.57
N VAL Y 134 -34.65 -1.20 -43.97
CA VAL Y 134 -35.03 -1.11 -45.38
C VAL Y 134 -33.98 -0.35 -46.17
N LEU Y 135 -33.45 0.73 -45.60
CA LEU Y 135 -32.42 1.51 -46.28
C LEU Y 135 -31.07 0.80 -46.29
N ARG Y 136 -30.73 0.07 -45.22
CA ARG Y 136 -29.48 -0.67 -45.22
C ARG Y 136 -29.54 -1.87 -46.14
N TYR Y 137 -30.69 -2.56 -46.22
CA TYR Y 137 -30.84 -3.62 -47.20
C TYR Y 137 -30.72 -3.07 -48.61
N SER Y 138 -31.32 -1.88 -48.84
CA SER Y 138 -31.23 -1.26 -50.15
C SER Y 138 -29.79 -0.93 -50.53
N ALA Y 139 -29.05 -0.39 -49.56
CA ALA Y 139 -27.64 -0.04 -49.73
C ALA Y 139 -26.76 -1.26 -49.96
N LEU Y 140 -27.09 -2.37 -49.34
CA LEU Y 140 -26.26 -3.56 -49.37
C LEU Y 140 -26.54 -4.45 -50.57
N TYR Y 141 -27.80 -4.56 -50.98
CA TYR Y 141 -28.14 -5.47 -52.06
C TYR Y 141 -28.72 -4.77 -53.28
N LEU Y 142 -29.67 -3.83 -53.13
CA LEU Y 142 -30.32 -3.20 -54.27
C LEU Y 142 -29.35 -2.36 -55.10
N THR Y 143 -28.49 -1.59 -54.44
CA THR Y 143 -27.48 -0.79 -55.18
C THR Y 143 -26.51 -1.76 -55.87
N THR Y 144 -26.15 -2.85 -55.19
CA THR Y 144 -25.23 -3.86 -55.77
C THR Y 144 -25.89 -4.49 -57.00
N LEU Y 145 -27.19 -4.77 -56.92
CA LEU Y 145 -27.90 -5.43 -58.06
C LEU Y 145 -27.83 -4.50 -59.27
N VAL Y 146 -28.08 -3.20 -59.06
CA VAL Y 146 -28.07 -2.23 -60.20
C VAL Y 146 -26.66 -2.15 -60.80
N ASP Y 147 -25.62 -2.07 -59.95
CA ASP Y 147 -24.25 -1.90 -60.49
C ASP Y 147 -23.84 -3.14 -61.29
N ALA Y 148 -24.19 -4.33 -60.81
CA ALA Y 148 -23.86 -5.58 -61.53
C ALA Y 148 -24.60 -5.61 -62.87
N MET Y 149 -25.86 -5.16 -62.89
CA MET Y 149 -26.66 -5.15 -64.15
C MET Y 149 -26.10 -4.11 -65.12
N GLU Y 150 -25.73 -2.92 -64.61
CA GLU Y 150 -25.13 -1.89 -65.46
C GLU Y 150 -23.85 -2.40 -66.11
N GLN Y 151 -23.03 -3.11 -65.35
CA GLN Y 151 -21.79 -3.68 -65.90
C GLN Y 151 -22.06 -4.73 -66.96
N TYR Y 152 -23.08 -5.59 -66.73
CA TYR Y 152 -23.45 -6.58 -67.75
C TYR Y 152 -23.95 -5.89 -69.02
N CYS Y 153 -24.74 -4.82 -68.87
CA CYS Y 153 -25.20 -4.04 -70.02
C CYS Y 153 -24.04 -3.41 -70.76
N LEU Y 154 -23.06 -2.91 -70.00
CA LEU Y 154 -21.85 -2.31 -70.59
C LEU Y 154 -21.09 -3.32 -71.43
N ARG Y 155 -20.89 -4.52 -70.89
CA ARG Y 155 -20.19 -5.57 -71.62
C ARG Y 155 -20.99 -6.06 -72.84
N ASP Y 156 -22.32 -6.10 -72.73
CA ASP Y 156 -23.16 -6.49 -73.85
C ASP Y 156 -23.12 -5.46 -74.98
N ALA Y 157 -23.05 -4.17 -74.64
CA ALA Y 157 -23.14 -3.14 -75.68
C ALA Y 157 -21.79 -2.86 -76.33
N ASN Y 158 -20.81 -2.41 -75.55
CA ASN Y 158 -19.53 -2.02 -76.13
C ASN Y 158 -18.71 -3.23 -76.55
N GLY Y 159 -18.82 -4.33 -75.80
CA GLY Y 159 -18.11 -5.54 -76.12
C GLY Y 159 -16.88 -5.80 -75.26
N ALA Y 160 -15.78 -6.19 -75.90
CA ALA Y 160 -14.55 -6.53 -75.20
C ALA Y 160 -13.91 -5.35 -74.48
N LYS Y 161 -14.24 -4.11 -74.88
CA LYS Y 161 -13.60 -2.91 -74.31
C LYS Y 161 -13.86 -2.77 -72.82
N ALA Y 162 -15.07 -3.13 -72.38
CA ALA Y 162 -15.42 -3.10 -70.97
C ALA Y 162 -14.73 -4.17 -70.16
N ALA Y 163 -14.11 -5.15 -70.80
CA ALA Y 163 -13.46 -6.21 -70.09
C ALA Y 163 -12.04 -5.87 -69.70
N GLY Y 164 -11.62 -4.64 -69.93
CA GLY Y 164 -10.25 -4.22 -69.72
C GLY Y 164 -9.54 -3.92 -71.00
N GLY Y 165 -10.28 -3.97 -72.11
CA GLY Y 165 -9.70 -3.67 -73.39
C GLY Y 165 -9.29 -2.22 -73.53
N ALA Y 166 -9.95 -1.33 -72.78
CA ALA Y 166 -9.62 0.08 -72.77
C ALA Y 166 -8.73 0.43 -71.59
N GLY Y 167 -8.37 -0.54 -70.77
CA GLY Y 167 -7.43 -0.30 -69.71
C GLY Y 167 -8.09 -0.37 -68.34
N LEU Y 168 -7.44 0.28 -67.39
CA LEU Y 168 -7.95 0.39 -66.03
C LEU Y 168 -9.25 1.19 -66.05
N PRO Y 169 -10.21 0.86 -65.16
CA PRO Y 169 -11.43 1.67 -65.04
C PRO Y 169 -11.05 3.10 -64.68
N LYS Y 170 -11.61 4.05 -65.41
CA LYS Y 170 -11.19 5.42 -65.25
C LYS Y 170 -12.33 6.32 -65.65
N PHE Y 171 -12.23 7.61 -65.32
CA PHE Y 171 -13.26 8.57 -65.78
C PHE Y 171 -12.96 8.87 -67.25
N LYS Y 172 -13.96 9.28 -68.03
CA LYS Y 172 -13.75 9.49 -69.50
C LYS Y 172 -13.17 8.20 -70.07
N GLU Y 173 -13.86 7.07 -69.86
CA GLU Y 173 -13.36 5.75 -70.34
C GLU Y 173 -13.50 5.64 -71.86
N THR Y 174 -14.25 6.56 -72.49
CA THR Y 174 -14.41 6.57 -73.98
C THR Y 174 -14.95 5.24 -74.51
N LEU Y 175 -15.94 4.65 -73.83
CA LEU Y 175 -16.57 3.41 -74.34
C LEU Y 175 -18.09 3.61 -74.38
N LYS Y 176 -18.80 2.77 -75.14
CA LYS Y 176 -20.27 2.93 -75.28
C LYS Y 176 -20.90 2.81 -73.89
N PRO Y 177 -21.91 3.63 -73.54
CA PRO Y 177 -22.49 3.62 -72.19
C PRO Y 177 -23.32 2.37 -71.89
N ALA Y 178 -23.60 2.11 -70.61
CA ALA Y 178 -24.46 0.97 -70.24
C ALA Y 178 -25.84 1.16 -70.87
N SER Y 179 -26.24 2.40 -71.13
CA SER Y 179 -27.50 2.63 -71.83
C SER Y 179 -27.25 2.34 -73.30
N SER Y 180 -28.32 2.18 -74.09
CA SER Y 180 -28.33 1.77 -75.52
C SER Y 180 -28.10 0.26 -75.61
N SER Y 181 -28.18 -0.45 -74.49
CA SER Y 181 -28.09 -1.90 -74.47
C SER Y 181 -29.52 -2.43 -74.46
N SER Y 182 -29.73 -3.59 -75.10
CA SER Y 182 -31.05 -4.21 -75.16
C SER Y 182 -31.59 -4.55 -73.78
N LEU Y 183 -30.70 -4.86 -72.84
CA LEU Y 183 -31.03 -5.29 -71.50
C LEU Y 183 -31.14 -4.15 -70.50
N TYR Y 184 -30.91 -2.90 -70.94
CA TYR Y 184 -30.88 -1.74 -70.04
C TYR Y 184 -32.24 -1.40 -69.42
N SER Y 185 -33.34 -1.70 -70.12
CA SER Y 185 -34.69 -1.36 -69.64
C SER Y 185 -35.00 -2.02 -68.29
N TYR Y 186 -34.51 -3.25 -68.10
CA TYR Y 186 -34.64 -3.95 -66.83
C TYR Y 186 -33.86 -3.23 -65.71
N VAL Y 187 -32.70 -2.65 -66.05
CA VAL Y 187 -31.92 -1.87 -65.09
C VAL Y 187 -32.69 -0.62 -64.66
N ASP Y 188 -33.41 -0.01 -65.61
CA ASP Y 188 -34.26 1.14 -65.26
C ASP Y 188 -35.39 0.73 -64.31
N THR Y 189 -35.94 -0.47 -64.51
CA THR Y 189 -36.97 -1.00 -63.60
C THR Y 189 -36.42 -1.17 -62.18
N VAL Y 190 -35.21 -1.72 -62.06
CA VAL Y 190 -34.63 -1.90 -60.73
C VAL Y 190 -34.32 -0.56 -60.06
N LYS Y 191 -33.87 0.44 -60.84
CA LYS Y 191 -33.63 1.79 -60.28
C LYS Y 191 -34.92 2.41 -59.75
N SER Y 192 -36.04 2.22 -60.47
CA SER Y 192 -37.34 2.64 -59.97
C SER Y 192 -37.70 1.89 -58.69
N GLY Y 193 -37.35 0.61 -58.63
CA GLY Y 193 -37.59 -0.18 -57.42
C GLY Y 193 -36.84 0.33 -56.20
N ILE Y 194 -35.57 0.74 -56.39
CA ILE Y 194 -34.79 1.32 -55.28
C ILE Y 194 -35.44 2.60 -54.77
N ALA Y 195 -35.89 3.44 -55.72
CA ALA Y 195 -36.54 4.70 -55.34
C ALA Y 195 -37.84 4.45 -54.59
N ALA Y 196 -38.63 3.46 -55.03
CA ALA Y 196 -39.86 3.10 -54.34
C ALA Y 196 -39.59 2.51 -52.96
N VAL Y 197 -38.53 1.69 -52.82
CA VAL Y 197 -38.17 1.08 -51.53
C VAL Y 197 -37.81 2.15 -50.52
N SER Y 198 -37.07 3.18 -50.96
CA SER Y 198 -36.69 4.26 -50.07
C SER Y 198 -37.88 5.16 -49.75
N ALA Y 199 -38.70 5.49 -50.76
CA ALA Y 199 -39.86 6.36 -50.57
C ALA Y 199 -40.88 5.73 -49.63
N ALA Y 200 -41.12 4.42 -49.78
CA ALA Y 200 -42.02 3.71 -48.89
C ALA Y 200 -41.46 3.66 -47.48
N ALA Y 201 -40.15 3.48 -47.33
CA ALA Y 201 -39.53 3.44 -46.00
C ALA Y 201 -39.68 4.78 -45.28
N LYS Y 202 -39.51 5.90 -46.01
CA LYS Y 202 -39.76 7.20 -45.40
C LYS Y 202 -41.23 7.39 -45.05
N ALA Y 203 -42.12 6.95 -45.96
CA ALA Y 203 -43.56 7.07 -45.73
C ALA Y 203 -44.06 6.21 -44.59
N GLY Y 204 -43.47 5.05 -44.38
CA GLY Y 204 -43.96 4.09 -43.42
C GLY Y 204 -44.91 3.07 -44.01
N ASP Y 205 -44.98 2.98 -45.33
CA ASP Y 205 -45.91 2.11 -46.04
C ASP Y 205 -45.28 0.73 -46.19
N PHE Y 206 -45.81 -0.25 -45.46
CA PHE Y 206 -45.27 -1.61 -45.49
C PHE Y 206 -45.51 -2.28 -46.85
N ASP Y 207 -46.72 -2.09 -47.38
CA ASP Y 207 -47.13 -2.67 -48.67
C ASP Y 207 -46.28 -2.13 -49.81
N GLY Y 208 -45.89 -0.86 -49.71
CA GLY Y 208 -45.06 -0.24 -50.74
C GLY Y 208 -43.70 -0.90 -50.87
N VAL Y 209 -43.07 -1.22 -49.72
CA VAL Y 209 -41.77 -1.90 -49.71
C VAL Y 209 -41.91 -3.28 -50.31
N ASN Y 210 -42.98 -3.99 -49.93
CA ASN Y 210 -43.19 -5.36 -50.43
C ASN Y 210 -43.36 -5.41 -51.96
N LYS Y 211 -44.25 -4.57 -52.50
CA LYS Y 211 -44.46 -4.52 -53.96
C LYS Y 211 -43.21 -4.05 -54.69
N ALA Y 212 -42.50 -3.05 -54.14
CA ALA Y 212 -41.30 -2.53 -54.79
C ALA Y 212 -40.20 -3.59 -54.89
N ALA Y 213 -40.00 -4.36 -53.82
CA ALA Y 213 -39.06 -5.47 -53.85
C ALA Y 213 -39.49 -6.53 -54.86
N GLY Y 214 -40.79 -6.81 -54.94
CA GLY Y 214 -41.29 -7.74 -55.96
C GLY Y 214 -41.03 -7.27 -57.39
N ASP Y 215 -41.16 -5.96 -57.63
CA ASP Y 215 -40.86 -5.37 -58.93
C ASP Y 215 -39.39 -5.55 -59.29
N ILE Y 216 -38.50 -5.36 -58.31
CA ILE Y 216 -37.07 -5.59 -58.49
C ILE Y 216 -36.78 -7.05 -58.81
N LYS Y 217 -37.46 -7.96 -58.09
CA LYS Y 217 -37.26 -9.41 -58.28
C LYS Y 217 -37.67 -9.85 -59.69
N THR Y 218 -38.82 -9.36 -60.16
CA THR Y 218 -39.28 -9.65 -61.51
C THR Y 218 -38.32 -9.10 -62.55
N ALA Y 219 -37.83 -7.88 -62.35
CA ALA Y 219 -36.92 -7.24 -63.31
C ALA Y 219 -35.60 -7.97 -63.41
N ALA Y 220 -35.02 -8.38 -62.28
CA ALA Y 220 -33.75 -9.10 -62.28
C ALA Y 220 -33.87 -10.48 -62.93
N ASP Y 221 -34.98 -11.19 -62.63
CA ASP Y 221 -35.23 -12.48 -63.28
C ASP Y 221 -35.41 -12.33 -64.79
N SER Y 222 -36.11 -11.27 -65.22
CA SER Y 222 -36.30 -10.98 -66.63
C SER Y 222 -34.97 -10.68 -67.33
N PHE Y 223 -34.10 -9.92 -66.64
CA PHE Y 223 -32.76 -9.59 -67.13
C PHE Y 223 -31.96 -10.85 -67.39
N LEU Y 224 -31.93 -11.76 -66.40
CA LEU Y 224 -31.18 -13.00 -66.54
C LEU Y 224 -31.72 -13.88 -67.67
N SER Y 225 -33.06 -13.93 -67.81
CA SER Y 225 -33.66 -14.76 -68.84
C SER Y 225 -33.31 -14.28 -70.25
N THR Y 226 -33.43 -12.96 -70.50
CA THR Y 226 -33.06 -12.48 -71.83
C THR Y 226 -31.56 -12.44 -72.05
N ALA Y 227 -30.76 -12.30 -70.97
CA ALA Y 227 -29.31 -12.27 -71.08
C ALA Y 227 -28.75 -13.59 -71.59
N ASN Y 228 -29.33 -14.69 -71.11
CA ASN Y 228 -28.83 -16.05 -71.31
C ASN Y 228 -27.33 -16.18 -71.01
N PRO Y 229 -26.88 -15.85 -69.79
CA PRO Y 229 -25.42 -15.77 -69.52
C PRO Y 229 -24.74 -17.12 -69.64
N PRO Y 230 -23.58 -17.16 -70.27
CA PRO Y 230 -22.82 -18.43 -70.31
C PRO Y 230 -22.31 -18.75 -68.93
N ILE Y 231 -22.49 -19.98 -68.49
CA ILE Y 231 -22.04 -20.39 -67.17
C ILE Y 231 -20.69 -21.06 -67.36
N ILE Y 232 -19.65 -20.45 -66.81
CA ILE Y 232 -18.28 -20.93 -67.00
C ILE Y 232 -17.85 -21.54 -65.67
N PHE Y 233 -17.87 -22.86 -65.65
CA PHE Y 233 -17.47 -23.62 -64.49
C PHE Y 233 -15.96 -23.52 -64.27
N ASN Y 234 -15.19 -23.53 -65.37
CA ASN Y 234 -13.73 -23.30 -65.45
C ASN Y 234 -12.92 -24.14 -64.49
MG CLA Z . -14.80 -16.62 -1.08
CHA CLA Z . -14.52 -19.45 0.93
CHB CLA Z . -11.47 -16.83 -1.69
CHC CLA Z . -15.25 -14.77 -3.96
CHD CLA Z . -18.30 -16.99 -0.90
NA CLA Z . -13.26 -17.83 -0.35
C1A CLA Z . -13.33 -18.98 0.45
C2A CLA Z . -11.91 -19.47 0.74
C3A CLA Z . -11.08 -18.24 0.39
C4A CLA Z . -11.96 -17.57 -0.64
CMA CLA Z . -10.99 -17.36 1.61
CAA CLA Z . -11.43 -20.70 0.01
CBA CLA Z . -10.26 -21.24 0.80
CGA CLA Z . -9.76 -22.51 0.23
O1A CLA Z . -8.67 -23.06 0.37
O2A CLA Z . -10.70 -23.11 -0.56
NB CLA Z . -13.60 -15.98 -2.56
C1B CLA Z . -12.26 -16.15 -2.64
C2B CLA Z . -11.75 -15.49 -3.87
C3B CLA Z . -12.82 -14.91 -4.50
C4B CLA Z . -14.00 -15.18 -3.66
CMB CLA Z . -10.34 -15.51 -4.25
CAB CLA Z . -12.95 -14.11 -5.68
CBB CLA Z . -12.37 -12.94 -5.96
NC CLA Z . -16.46 -15.88 -2.11
C1C CLA Z . -16.41 -15.06 -3.20
C2C CLA Z . -17.74 -14.65 -3.60
C3C CLA Z . -18.61 -15.38 -2.81
C4C CLA Z . -17.80 -16.12 -1.86
CMC CLA Z . -18.04 -13.77 -4.72
CAC CLA Z . -20.08 -15.30 -2.80
CBC CLA Z . -20.51 -14.15 -1.94
ND CLA Z . -16.12 -17.67 0.02
C1D CLA Z . -17.53 -17.74 -0.06
C2D CLA Z . -18.01 -18.71 0.92
C3D CLA Z . -16.90 -19.39 1.37
C4D CLA Z . -15.75 -18.76 0.70
CMD CLA Z . -19.42 -18.87 1.20
CAD CLA Z . -16.36 -20.36 2.29
OBD CLA Z . -16.84 -20.83 3.31
CBD CLA Z . -14.92 -20.66 1.76
CGD CLA Z . -13.95 -21.10 2.83
O1D CLA Z . -13.17 -20.42 3.48
O2D CLA Z . -13.93 -22.44 3.02
CED CLA Z . -13.70 -23.25 1.88
C1 CLA Z . -10.86 -24.53 -0.38
C2 CLA Z . -11.92 -24.88 -1.36
C3 CLA Z . -12.86 -25.78 -1.09
C4 CLA Z . -12.94 -26.50 0.19
C5 CLA Z . -13.90 -26.07 -2.10
C6 CLA Z . -15.26 -25.67 -1.58
C7 CLA Z . -16.15 -25.22 -2.71
C8 CLA Z . -16.47 -26.36 -3.65
C9 CLA Z . -17.22 -25.82 -4.85
C10 CLA Z . -17.26 -27.44 -2.92
C11 CLA Z . -17.19 -28.75 -3.67
C12 CLA Z . -17.03 -29.95 -2.75
C13 CLA Z . -17.36 -31.24 -3.48
C14 CLA Z . -17.92 -32.27 -2.54
C15 CLA Z . -16.16 -31.81 -4.21
C16 CLA Z . -14.88 -31.61 -3.43
C17 CLA Z . -13.72 -32.16 -4.22
C18 CLA Z . -12.38 -31.94 -3.54
C19 CLA Z . -11.68 -33.22 -3.18
C20 CLA Z . -12.48 -31.01 -2.37
MG CLA AA . 1.82 -9.11 -0.76
CHA CLA AA . 4.17 -6.58 -1.17
CHB CLA AA . 0.07 -7.04 1.30
CHC CLA AA . -1.03 -10.99 -1.27
CHD CLA AA . 3.49 -10.93 -3.26
NA CLA AA . 2.09 -7.16 -0.07
C1A CLA AA . 3.11 -6.28 -0.37
C2A CLA AA . 2.91 -5.00 0.39
C3A CLA AA . 1.98 -5.45 1.53
C4A CLA AA . 1.28 -6.60 0.85
CMA CLA AA . 2.74 -5.91 2.75
CAA CLA AA . 2.21 -4.11 -0.61
CBA CLA AA . 1.34 -3.09 0.07
CGA CLA AA . 2.26 -2.29 0.88
O1A CLA AA . 3.42 -2.03 0.58
O2A CLA AA . 1.70 -1.85 2.05
NB CLA AA . -0.10 -9.03 -0.14
C1B CLA AA . -0.58 -8.11 0.71
C2B CLA AA . -2.00 -8.35 0.98
C3B CLA AA . -2.37 -9.46 0.27
C4B CLA AA . -1.14 -9.92 -0.45
CMB CLA AA . -2.65 -7.44 1.92
CAB CLA AA . -3.64 -10.12 0.17
CBB CLA AA . -4.83 -9.67 0.58
NC CLA AA . 1.35 -10.72 -1.99
C1C CLA AA . 0.15 -11.38 -1.97
C2C CLA AA . 0.23 -12.53 -2.87
C3C CLA AA . 1.46 -12.45 -3.50
C4C CLA AA . 2.17 -11.32 -2.92
CMC CLA AA . -0.84 -13.49 -3.06
CAC CLA AA . 2.02 -13.41 -4.45
CBC CLA AA . 3.14 -14.24 -3.89
ND CLA AA . 3.47 -8.91 -1.90
C1D CLA AA . 4.11 -9.80 -2.79
C2D CLA AA . 5.45 -9.29 -3.10
C3D CLA AA . 5.51 -8.03 -2.54
C4D CLA AA . 4.25 -7.84 -1.83
CMD CLA AA . 6.41 -10.02 -3.90
CAD CLA AA . 6.33 -6.88 -2.23
OBD CLA AA . 7.51 -6.66 -2.40
CBD CLA AA . 5.44 -5.84 -1.50
CGD CLA AA . 6.13 -5.19 -0.35
O1D CLA AA . 6.46 -5.68 0.72
O2D CLA AA . 6.42 -3.88 -0.58
CED CLA AA . 6.90 -3.11 0.52
C1 CLA AA . 0.38 -2.30 2.40
C2 CLA AA . 0.47 -2.93 3.74
C3 CLA AA . -0.49 -3.75 4.18
C4 CLA AA . -1.68 -4.02 3.34
C5 CLA AA . -0.42 -4.39 5.52
C6 CLA AA . -1.73 -4.34 6.30
C7 CLA AA . -1.54 -3.63 7.62
C8 CLA AA . -1.77 -4.54 8.82
C9 CLA AA . -2.93 -5.48 8.58
C10 CLA AA . -2.02 -3.76 10.11
C11 CLA AA . -2.90 -4.56 11.04
C12 CLA AA . -2.40 -4.53 12.46
C13 CLA AA . -3.18 -5.52 13.31
C14 CLA AA . -3.38 -5.01 14.73
C15 CLA AA . -2.51 -6.88 13.33
C16 CLA AA . -3.26 -7.84 14.23
C17 CLA AA . -2.46 -9.08 14.49
C18 CLA AA . -2.96 -9.82 15.71
C19 CLA AA . -2.28 -11.16 15.81
C20 CLA AA . -2.68 -9.03 16.97
MG CLA BA . 5.11 -20.35 27.63
CHA CLA BA . 8.06 -19.85 29.33
CHB CLA BA . 4.02 -22.37 30.16
CHC CLA BA . 1.96 -20.35 26.25
CHD CLA BA . 6.19 -18.08 25.17
NA CLA BA . 5.91 -20.96 29.45
C1A CLA BA . 7.17 -20.67 29.98
C2A CLA BA . 7.37 -21.38 31.31
C3A CLA BA . 6.21 -22.39 31.34
C4A CLA BA . 5.28 -21.86 30.27
CMA CLA BA . 6.69 -23.74 30.88
CAA CLA BA . 7.38 -20.41 32.48
CBA CLA BA . 6.15 -20.33 33.33
CGA CLA BA . 6.39 -19.20 34.27
O1A CLA BA . 7.32 -19.03 35.04
O2A CLA BA . 5.42 -18.24 34.20
NB CLA BA . 3.36 -21.24 28.09
C1B CLA BA . 3.09 -21.97 29.20
C2B CLA BA . 1.66 -22.33 29.27
C3B CLA BA . 1.06 -21.77 28.17
C4B CLA BA . 2.12 -21.05 27.41
CMB CLA BA . 1.13 -23.11 30.38
CAB CLA BA . -0.31 -21.76 27.75
CBB CLA BA . -1.17 -22.79 27.76
NC CLA BA . 4.23 -19.36 26.01
C1C CLA BA . 2.93 -19.55 25.61
C2C CLA BA . 2.71 -18.79 24.38
C3C CLA BA . 3.90 -18.13 24.09
C4C CLA BA . 4.86 -18.52 25.10
CMC CLA BA . 1.45 -18.75 23.65
CAC CLA BA . 4.18 -17.30 22.92
CBC CLA BA . 4.76 -18.13 21.80
ND CLA BA . 6.64 -19.05 27.36
C1D CLA BA . 7.04 -18.31 26.23
C2D CLA BA . 8.44 -17.87 26.38
C3D CLA BA . 8.86 -18.37 27.60
C4D CLA BA . 7.72 -19.14 28.14
CMD CLA BA . 9.16 -17.06 25.40
CAD CLA BA . 9.97 -18.51 28.53
OBD CLA BA . 11.06 -17.97 28.54
CBD CLA BA . 9.51 -19.52 29.64
CGD CLA BA . 10.36 -20.75 29.75
O1D CLA BA . 10.95 -21.15 30.76
O2D CLA BA . 10.48 -21.51 28.64
CED CLA BA . 10.72 -22.91 28.83
C1 CLA BA . 4.12 -18.66 34.65
C2 CLA BA . 3.82 -17.81 35.84
C3 CLA BA . 2.66 -17.16 35.98
C4 CLA BA . 2.39 -16.33 37.17
C5 CLA BA . 1.60 -17.27 34.95
C6 CLA BA . 1.14 -15.91 34.44
C7 CLA BA . 2.08 -15.40 33.36
C8 CLA BA . 1.68 -14.01 32.87
C9 CLA BA . 2.83 -13.05 33.13
C10 CLA BA . 0.43 -13.53 33.59
MG CLA CA . 1.27 -31.37 26.90
CHA CLA CA . -1.47 -33.46 26.82
CHB CLA CA . -0.81 -28.70 27.36
CHC CLA CA . 3.92 -29.23 26.41
CHD CLA CA . 3.28 -34.09 25.87
NA CLA CA . -0.81 -31.13 27.04
C1A CLA CA . -1.77 -32.14 27.01
C2A CLA CA . -3.15 -31.56 27.25
C3A CLA CA . -2.90 -30.06 27.38
C4A CLA CA . -1.39 -29.93 27.26
CMA CLA CA . -3.55 -29.38 26.23
CAA CLA CA . -3.65 -32.09 28.60
CBA CLA CA . -3.82 -31.07 29.70
CGA CLA CA . -5.23 -30.55 29.59
O1A CLA CA . -5.67 -29.49 30.01
O2A CLA CA . -6.03 -31.43 28.91
NB CLA CA . 1.51 -29.37 26.94
C1B CLA CA . 0.56 -28.46 27.22
C2B CLA CA . 1.15 -27.10 27.31
C3B CLA CA . 2.49 -27.23 27.05
C4B CLA CA . 2.73 -28.67 26.79
CMB CLA CA . 0.30 -25.95 27.58
CAB CLA CA . 3.55 -26.26 26.92
CBB CLA CA . 3.67 -25.13 27.60
NC CLA CA . 3.23 -31.63 26.25
C1C CLA CA . 4.13 -30.61 26.14
C2C CLA CA . 5.39 -31.14 25.68
C3C CLA CA . 5.22 -32.50 25.48
C4C CLA CA . 3.86 -32.81 25.86
CMC CLA CA . 6.60 -30.36 25.44
CAC CLA CA . 6.25 -33.42 25.01
CBC CLA CA . 6.00 -33.85 23.58
ND CLA CA . 1.03 -33.30 26.32
C1D CLA CA . 1.96 -34.34 26.10
C2D CLA CA . 1.27 -35.64 26.15
C3D CLA CA . -0.06 -35.36 26.38
C4D CLA CA . -0.15 -33.90 26.49
CMD CLA CA . 1.91 -36.94 26.00
CAD CLA CA . -1.38 -35.89 26.62
OBD CLA CA . -1.77 -37.03 26.71
CBD CLA CA . -2.33 -34.70 26.83
CGD CLA CA . -3.32 -34.62 25.72
O1D CLA CA . -4.46 -34.16 25.73
O2D CLA CA . -2.87 -35.13 24.54
CED CLA CA . -3.55 -34.69 23.37
C1 CLA CA . -7.11 -30.90 28.12
C2 CLA CA . -8.30 -31.03 28.99
C3 CLA CA . -8.99 -32.16 29.19
C4 CLA CA . -8.69 -33.46 28.53
C5 CLA CA . -10.14 -32.11 30.11
C6 CLA CA . -10.51 -30.69 30.46
C7 CLA CA . -11.49 -30.69 31.59
C8 CLA CA . -11.78 -29.28 32.07
C9 CLA CA . -10.67 -28.83 32.99
C10 CLA CA . -13.13 -29.24 32.77
C11 CLA CA . -13.17 -30.10 34.01
C12 CLA CA . -14.37 -29.71 34.83
C13 CLA CA . -14.62 -30.73 35.94
C14 CLA CA . -16.09 -30.75 36.28
C15 CLA CA . -13.80 -30.42 37.17
C16 CLA CA . -14.30 -31.20 38.36
C17 CLA CA . -13.33 -31.08 39.52
C18 CLA CA . -13.95 -31.58 40.81
C19 CLA CA . -13.01 -31.32 41.97
C20 CLA CA . -14.26 -33.05 40.70
MG CLA DA . -5.06 -25.52 24.69
CHA CLA DA . -2.08 -23.86 24.01
CHB CLA DA . -3.91 -28.20 22.93
CHC CLA DA . -8.12 -27.00 25.01
CHD CLA DA . -6.47 -22.46 25.75
NA CLA DA . -3.27 -25.96 23.70
C1A CLA DA . -2.13 -25.15 23.57
C2A CLA DA . -1.03 -25.89 22.80
C3A CLA DA . -1.72 -27.18 22.35
C4A CLA DA . -3.04 -27.15 23.07
CMA CLA DA . -1.93 -27.13 20.86
CAA CLA DA . 0.05 -26.38 23.75
CBA CLA DA . 1.32 -25.56 23.80
CGA CLA DA . 2.31 -26.01 22.81
O1A CLA DA . 3.50 -26.19 22.95
O2A CLA DA . 1.78 -26.20 21.57
NB CLA DA . -5.86 -27.27 24.10
C1B CLA DA . -5.20 -28.26 23.48
C2B CLA DA . -6.04 -29.48 23.44
C3B CLA DA . -7.25 -29.15 24.03
C4B CLA DA . -7.13 -27.73 24.45
CMB CLA DA . -5.55 -30.69 22.80
CAB CLA DA . -8.47 -29.88 24.23
CBB CLA DA . -8.63 -31.12 24.66
NC CLA DA . -6.94 -24.85 25.27
C1C CLA DA . -8.05 -25.64 25.38
C2C CLA DA . -9.17 -24.88 25.89
C3C CLA DA . -8.72 -23.57 26.05
C4C CLA DA . -7.31 -23.57 25.68
CMC CLA DA . -10.50 -25.42 26.11
CAC CLA DA . -9.46 -22.41 26.53
CBC CLA DA . -10.09 -21.66 25.38
ND CLA DA . -4.49 -23.60 24.87
C1D CLA DA . -5.15 -22.45 25.35
C2D CLA DA . -4.21 -21.33 25.37
C3D CLA DA . -3.03 -21.82 24.89
C4D CLA DA . -3.25 -23.23 24.56
CMD CLA DA . -4.52 -20.00 25.83
CAD CLA DA . -1.67 -21.51 24.55
OBD CLA DA . -1.09 -20.45 24.71
CBD CLA DA . -1.03 -22.77 23.95
CGD CLA DA . -0.54 -22.51 22.55
O1D CLA DA . 0.63 -22.51 22.16
O2D CLA DA . -1.53 -22.26 21.64
CED CLA DA . -1.17 -22.23 20.27
C1 CLA DA . 2.44 -25.55 20.48
C2 CLA DA . 1.48 -24.92 19.56
C3 CLA DA . 1.28 -25.37 18.32
C4 CLA DA . 2.01 -26.51 17.75
C5 CLA DA . 0.31 -24.70 17.43
C6 CLA DA . -0.92 -25.52 17.13
C7 CLA DA . -2.02 -24.51 17.09
C8 CLA DA . -3.32 -24.97 16.47
C9 CLA DA . -4.20 -23.74 16.36
C10 CLA DA . -3.95 -26.07 17.33
C11 CLA DA . -5.44 -26.21 17.15
C12 CLA DA . -6.04 -27.32 17.99
C13 CLA DA . -6.02 -27.01 19.48
C14 CLA DA . -6.71 -28.11 20.23
C15 CLA DA . -6.62 -25.66 19.84
C16 CLA DA . -6.01 -25.15 21.12
C17 CLA DA . -6.68 -23.93 21.72
C18 CLA DA . -6.35 -22.64 21.01
C19 CLA DA . -4.86 -22.49 20.83
C20 CLA DA . -6.80 -21.46 21.83
MG CLA EA . -15.23 -11.40 30.82
CHA CLA EA . -16.31 -8.21 30.11
CHB CLA EA . -14.18 -11.75 27.56
CHC CLA EA . -13.53 -14.25 31.68
CHD CLA EA . -15.77 -10.74 34.25
NA CLA EA . -15.19 -10.15 29.15
C1A CLA EA . -15.72 -8.87 29.06
C2A CLA EA . -15.52 -8.28 27.67
C3A CLA EA . -15.10 -9.52 26.84
C4A CLA EA . -14.76 -10.55 27.91
CMA CLA EA . -16.27 -9.97 26.01
CAA CLA EA . -14.46 -7.18 27.64
CBA CLA EA . -13.31 -7.30 28.62
CGA CLA EA . -12.36 -6.19 28.32
O1A CLA EA . -12.39 -5.36 27.43
O2A CLA EA . -11.30 -6.13 29.18
NB CLA EA . -14.06 -12.72 29.82
C1B CLA EA . -13.86 -12.76 28.48
C2B CLA EA . -13.28 -14.08 28.08
C3B CLA EA . -13.10 -14.80 29.23
C4B CLA EA . -13.58 -13.94 30.36
CMB CLA EA . -12.94 -14.42 26.71
CAB CLA EA . -12.54 -16.11 29.41
CBB CLA EA . -11.50 -16.45 30.16
NC CLA EA . -14.75 -12.32 32.63
C1C CLA EA . -14.08 -13.50 32.76
C2C CLA EA . -13.97 -13.89 34.15
C3C CLA EA . -14.57 -12.88 34.88
C4C CLA EA . -15.08 -11.91 33.92
CMC CLA EA . -13.30 -15.10 34.63
CAC CLA EA . -14.72 -12.81 36.36
CBC CLA EA . -13.65 -12.01 37.04
ND CLA EA . -15.77 -9.84 31.98
C1D CLA EA . -16.10 -9.76 33.36
C2D CLA EA . -16.83 -8.50 33.62
C3D CLA EA . -16.96 -7.88 32.40
C4D CLA EA . -16.29 -8.76 31.42
CMD CLA EA . -17.29 -8.06 34.93
CAD CLA EA . -17.43 -6.71 31.68
OBD CLA EA . -17.98 -5.71 32.08
CBD CLA EA . -17.11 -6.95 30.18
CGD CLA EA . -18.42 -7.13 29.47
O1D CLA EA . -18.88 -8.15 28.97
O2D CLA EA . -19.18 -6.00 29.36
CED CLA EA . -20.43 -6.11 28.69
C1 CLA EA . -10.38 -5.07 28.87
C2 CLA EA . -9.75 -4.67 30.14
C3 CLA EA . -8.50 -4.20 30.22
C4 CLA EA . -7.89 -3.80 31.51
C5 CLA EA . -7.65 -4.06 29.00
C6 CLA EA . -6.62 -5.16 28.87
C7 CLA EA . -5.27 -4.58 28.52
C8 CLA EA . -4.17 -5.27 29.30
C9 CLA EA . -2.80 -4.73 28.90
C10 CLA EA . -4.22 -6.77 29.06
C11 CLA EA . -2.84 -7.34 28.90
C12 CLA EA . -2.64 -8.62 29.67
C13 CLA EA . -1.19 -8.73 30.09
C14 CLA EA . -0.31 -8.01 29.09
C15 CLA EA . -0.74 -10.17 30.26
C16 CLA EA . 0.65 -10.23 30.85
C17 CLA EA . 0.67 -9.84 32.31
C18 CLA EA . 1.88 -8.98 32.64
C19 CLA EA . 2.48 -9.30 33.99
C20 CLA EA . 2.92 -9.05 31.55
MG CLA FA . -17.45 -13.51 21.31
CHA CLA FA . -18.26 -16.61 22.63
CHB CLA FA . -15.24 -13.06 23.89
CHC CLA FA . -15.86 -11.01 19.54
CHD CLA FA . -19.30 -14.33 18.41
NA CLA FA . -16.88 -14.63 22.97
C1A CLA FA . -17.32 -15.90 23.34
C2A CLA FA . -16.67 -16.34 24.64
C3A CLA FA . -16.07 -15.02 25.17
C4A CLA FA . -16.02 -14.17 23.92
CMA CLA FA . -16.94 -14.37 26.21
CAA CLA FA . -15.61 -17.43 24.43
CBA CLA FA . -14.78 -17.35 23.17
CGA CLA FA . -13.35 -17.58 23.51
O1A CLA FA . -12.76 -17.37 24.56
O2A CLA FA . -12.67 -18.11 22.46
NB CLA FA . -15.89 -12.28 21.67
C1B CLA FA . -15.15 -12.21 22.78
C2B CLA FA . -14.19 -11.09 22.71
C3B CLA FA . -14.36 -10.50 21.49
C4B CLA FA . -15.43 -11.25 20.80
CMB CLA FA . -13.27 -10.82 23.81
CAB CLA FA . -13.70 -9.42 20.82
CBB CLA FA . -13.43 -8.22 21.31
NC CLA FA . -17.60 -12.78 19.36
C1C CLA FA . -16.88 -11.72 18.87
C2C CLA FA . -17.29 -11.44 17.51
C3C CLA FA . -18.23 -12.39 17.17
C4C CLA FA . -18.44 -13.23 18.34
CMC CLA FA . -16.75 -10.36 16.69
CAC CLA FA . -18.97 -12.46 15.90
CBC CLA FA . -20.33 -11.80 16.06
ND CLA FA . -18.53 -15.06 20.61
C1D CLA FA . -19.33 -15.22 19.45
C2D CLA FA . -20.16 -16.43 19.60
C3D CLA FA . -19.79 -17.00 20.80
C4D CLA FA . -18.76 -16.11 21.39
CMD CLA FA . -21.10 -16.90 18.59
CAD CLA FA . -20.00 -18.09 21.74
OBD CLA FA . -20.77 -19.03 21.66
CBD CLA FA . -19.00 -17.89 22.93
CGD CLA FA . -19.70 -17.93 24.27
O1D CLA FA . -20.01 -18.92 24.92
O2D CLA FA . -20.01 -16.72 24.82
CED CLA FA . -20.04 -16.68 26.24
C1 CLA FA . -11.25 -17.93 22.43
C2 CLA FA . -10.87 -18.39 21.08
C3 CLA FA . -9.59 -18.46 20.67
C4 CLA FA . -8.47 -18.07 21.55
C5 CLA FA . -9.30 -18.94 19.29
C6 CLA FA . -10.58 -19.15 18.52
C7 CLA FA . -10.33 -19.37 17.04
C8 CLA FA . -11.54 -18.97 16.21
C9 CLA FA . -12.63 -20.00 16.28
C10 CLA FA . -11.16 -18.72 14.76
C11 CLA FA . -12.37 -18.20 14.00
C12 CLA FA . -12.06 -16.95 13.22
C13 CLA FA . -11.90 -15.73 14.11
C14 CLA FA . -13.21 -15.36 14.77
C15 CLA FA . -11.36 -14.52 13.34
C16 CLA FA . -10.87 -14.93 11.97
C17 CLA FA . -11.04 -13.83 10.96
C18 CLA FA . -10.32 -12.56 11.37
C19 CLA FA . -8.90 -12.58 10.84
C20 CLA FA . -11.06 -11.35 10.83
MG CLA GA . -15.04 -3.78 19.06
CHA CLA GA . -15.43 -5.29 22.11
CHB CLA GA . -13.08 -1.39 20.52
CHC CLA GA . -14.12 -2.67 15.97
CHD CLA GA . -16.68 -6.52 17.53
NA CLA GA . -14.35 -3.44 21.01
C1A CLA GA . -14.60 -4.21 22.16
C2A CLA GA . -13.95 -3.56 23.40
C3A CLA GA . -13.29 -2.28 22.84
C4A CLA GA . -13.56 -2.37 21.34
CMA CLA GA . -13.93 -1.08 23.44
CAA CLA GA . -12.94 -4.36 24.22
CBA CLA GA . -12.18 -5.42 23.47
CGA CLA GA . -12.14 -6.64 24.31
O1A CLA GA . -13.05 -7.42 24.56
O2A CLA GA . -10.91 -6.88 24.85
NB CLA GA . -13.75 -2.39 18.39
C1B CLA GA . -13.28 -1.36 19.14
C2B CLA GA . -13.01 -0.17 18.30
C3B CLA GA . -13.30 -0.55 17.01
C4B CLA GA . -13.76 -1.95 17.05
CMB CLA GA . -12.50 1.07 18.87
CAB CLA GA . -13.23 0.12 15.74
CBB CLA GA . -12.25 0.90 15.32
NC CLA GA . -15.31 -4.51 17.12
C1C CLA GA . -14.83 -3.88 16.00
C2C CLA GA . -15.18 -4.62 14.81
C3C CLA GA . -15.93 -5.71 15.24
C4C CLA GA . -16.01 -5.63 16.69
CMC CLA GA . -14.78 -4.20 13.48
CAC CLA GA . -16.53 -6.77 14.40
CBC CLA GA . -15.55 -7.83 13.95
ND CLA GA . -15.85 -5.54 19.61
C1D CLA GA . -16.62 -6.49 18.90
C2D CLA GA . -17.30 -7.36 19.87
C3D CLA GA . -16.88 -6.97 21.12
C4D CLA GA . -15.97 -5.83 20.90
CMD CLA GA . -18.24 -8.42 19.48
CAD CLA GA . -16.99 -7.15 22.55
OBD CLA GA . -17.68 -7.89 23.22
CBD CLA GA . -16.02 -6.13 23.21
CGD CLA GA . -16.74 -5.24 24.16
O1D CLA GA . -17.42 -4.26 23.90
O2D CLA GA . -16.57 -5.62 25.45
CED CLA GA . -17.77 -5.85 26.16
C1 CLA GA . -10.76 -8.20 25.40
C2 CLA GA . -9.76 -8.09 26.48
C3 CLA GA . -9.65 -9.02 27.42
C4 CLA GA . -10.52 -10.22 27.44
C5 CLA GA . -8.63 -8.90 28.51
C6 CLA GA . -7.76 -10.14 28.61
C7 CLA GA . -6.34 -9.82 28.22
C8 CLA GA . -5.46 -11.06 28.28
C9 CLA GA . -6.01 -12.10 27.33
C10 CLA GA . -5.42 -11.62 29.70
C11 CLA GA . -4.20 -12.47 29.94
C12 CLA GA . -4.13 -12.90 31.39
C13 CLA GA . -3.23 -14.11 31.57
C14 CLA GA . -2.06 -14.05 30.62
C15 CLA GA . -4.00 -15.42 31.38
C16 CLA GA . -3.26 -16.57 32.01
C17 CLA GA . -4.16 -17.34 32.96
C18 CLA GA . -3.38 -18.32 33.83
C19 CLA GA . -3.48 -17.93 35.29
C20 CLA GA . -1.93 -18.37 33.39
MG CLA HA . -0.21 -32.77 43.88
CHA CLA HA . 1.67 -33.89 46.54
CHB CLA HA . 0.41 -35.73 42.24
CHC CLA HA . -2.81 -32.13 41.71
CHD CLA HA . -1.20 -29.99 45.83
NA CLA HA . 0.86 -34.50 44.34
C1A CLA HA . 1.59 -34.77 45.51
C2A CLA HA . 2.26 -36.14 45.43
C3A CLA HA . 2.12 -36.50 43.94
C4A CLA HA . 1.03 -35.53 43.46
CMA CLA HA . 3.42 -36.24 43.22
CAA CLA HA . 1.57 -37.10 46.38
CBA CLA HA . 0.34 -37.78 45.82
CGA CLA HA . -0.53 -38.30 46.90
O1A CLA HA . -0.20 -38.78 47.99
O2A CLA HA . -1.85 -38.22 46.60
NB CLA HA . -1.00 -33.72 42.28
C1B CLA HA . -0.59 -34.90 41.75
C2B CLA HA . -1.37 -35.23 40.52
C3B CLA HA . -2.28 -34.21 40.36
C4B CLA HA . -2.07 -33.25 41.48
CMB CLA HA . -1.16 -36.45 39.76
CAB CLA HA . -3.32 -34.05 39.37
CBB CLA HA . -3.10 -33.90 38.06
NC CLA HA . -1.70 -31.31 43.78
C1C CLA HA . -2.63 -31.22 42.79
C2C CLA HA . -3.47 -30.06 43.01
C3C CLA HA . -3.04 -29.46 44.20
C4C CLA HA . -1.91 -30.24 44.65
CMC CLA HA . -4.59 -29.68 42.17
CAC CLA HA . -3.59 -28.25 44.83
CBC CLA HA . -4.65 -28.54 45.86
ND CLA HA . 0.05 -32.09 45.76
C1D CLA HA . -0.29 -30.85 46.37
C2D CLA HA . 0.46 -30.70 47.63
C3D CLA HA . 1.22 -31.84 47.76
C4D CLA HA . 0.94 -32.66 46.55
CMD CLA HA . 0.34 -29.54 48.52
CAD CLA HA . 2.20 -32.57 48.56
OBD CLA HA . 2.70 -32.26 49.64
CBD CLA HA . 2.53 -33.87 47.79
CGD CLA HA . 3.99 -33.92 47.41
O1D CLA HA . 4.49 -33.53 46.36
O2D CLA HA . 4.79 -34.47 48.36
CED CLA HA . 5.01 -35.88 48.29
C1 CLA HA . -2.66 -39.28 47.10
C2 CLA HA . -3.95 -38.69 47.46
C3 CLA HA . -4.34 -38.49 48.73
C4 CLA HA . -3.47 -38.86 49.87
C5 CLA HA . -5.67 -37.89 49.04
C6 CLA HA . -5.63 -36.37 49.11
C7 CLA HA . -6.29 -35.76 47.88
C8 CLA HA . -7.35 -34.71 48.21
C9 CLA HA . -7.68 -34.68 49.68
C10 CLA HA . -8.62 -34.96 47.40
C11 CLA HA . -9.44 -36.13 47.92
MG CLA IA . 8.05 -21.02 37.17
CHA CLA IA . 10.37 -21.78 34.72
CHB CLA IA . 9.91 -18.28 37.98
CHC CLA IA . 5.26 -19.47 38.49
CHD CLA IA . 5.91 -23.45 35.70
NA CLA IA . 9.85 -20.21 36.49
C1A CLA IA . 10.66 -20.66 35.44
C2A CLA IA . 11.88 -19.75 35.31
C3A CLA IA . 11.92 -19.06 36.68
C4A CLA IA . 10.45 -19.13 37.08
CMA CLA IA . 12.83 -19.76 37.64
CAA CLA IA . 11.73 -18.66 34.25
CBA CLA IA . 10.57 -18.81 33.30
CGA CLA IA . 10.15 -17.52 32.65
O1A CLA IA . 10.83 -16.74 31.98
O2A CLA IA . 8.84 -17.24 32.87
NB CLA IA . 7.67 -19.26 38.10
C1B CLA IA . 8.57 -18.29 38.36
C2B CLA IA . 7.94 -17.17 39.11
C3B CLA IA . 6.62 -17.50 39.25
C4B CLA IA . 6.43 -18.84 38.62
CMB CLA IA . 8.68 -15.98 39.50
CAB CLA IA . 5.54 -16.76 39.86
CBB CLA IA . 5.00 -17.04 41.06
NC CLA IA . 5.99 -21.44 37.15
C1C CLA IA . 5.05 -20.69 37.79
C2C CLA IA . 3.73 -21.26 37.59
C3C CLA IA . 3.90 -22.35 36.76
C4C CLA IA . 5.32 -22.47 36.51
CMC CLA IA . 2.51 -20.65 38.12
CAC CLA IA . 2.85 -23.25 36.22
CBC CLA IA . 2.47 -22.89 34.80
ND CLA IA . 8.07 -22.34 35.64
C1D CLA IA . 7.20 -23.40 35.29
C2D CLA IA . 7.88 -24.31 34.36
C3D CLA IA . 9.07 -23.70 34.05
C4D CLA IA . 9.14 -22.49 34.88
CMD CLA IA . 7.28 -25.54 33.86
CAD CLA IA . 10.30 -23.78 33.30
OBD CLA IA . 10.63 -24.59 32.44
CBD CLA IA . 11.17 -22.56 33.70
CGD CLA IA . 12.54 -22.96 34.19
O1D CLA IA . 12.92 -23.17 35.34
O2D CLA IA . 13.43 -23.10 33.18
CED CLA IA . 14.82 -23.13 33.53
C1 CLA IA . 8.23 -16.24 32.03
C2 CLA IA . 7.26 -16.92 31.15
C3 CLA IA . 6.02 -16.46 30.95
C4 CLA IA . 5.57 -15.22 31.60
C5 CLA IA . 5.08 -17.15 30.03
C6 CLA IA . 4.04 -18.01 30.72
C7 CLA IA . 2.78 -18.06 29.90
C8 CLA IA . 1.56 -18.25 30.78
C9 CLA IA . 1.75 -19.43 31.71
C10 CLA IA . 0.30 -18.43 29.96
C11 CLA IA . 0.37 -17.71 28.64
C12 CLA IA . -0.88 -17.93 27.80
C13 CLA IA . -1.88 -16.80 28.00
C14 CLA IA . -3.30 -17.31 28.08
C15 CLA IA . -1.77 -15.76 26.90
C16 CLA IA . -1.92 -16.41 25.55
C17 CLA IA . -1.47 -15.47 24.46
MG CLA JA . -3.88 -43.96 44.08
CHA CLA JA . -0.53 -43.18 43.91
CHB CLA JA . -3.07 -47.20 44.86
CHC CLA JA . -7.17 -44.58 44.89
CHD CLA JA . -4.64 -40.51 43.88
NA CLA JA . -2.08 -45.00 44.34
C1A CLA JA . -0.77 -44.49 44.21
C2A CLA JA . 0.27 -45.60 44.43
C3A CLA JA . -0.60 -46.88 44.52
C4A CLA JA . -2.02 -46.34 44.59
CMA CLA JA . -0.41 -47.76 43.32
CAA CLA JA . 1.17 -45.40 45.65
CBA CLA JA . 0.41 -45.37 46.96
CGA CLA JA . 0.45 -44.00 47.55
O1A CLA JA . 1.36 -43.46 48.18
O2A CLA JA . -0.70 -43.30 47.34
NB CLA JA . -4.92 -45.58 44.69
C1B CLA JA . -4.41 -46.81 44.95
C2B CLA JA . -5.51 -47.73 45.38
C3B CLA JA . -6.67 -47.00 45.39
C4B CLA JA . -6.30 -45.62 44.95
CMB CLA JA . -5.29 -49.12 45.75
CAB CLA JA . -8.00 -47.37 45.75
CBB CLA JA . -8.56 -47.22 46.95
NC CLA JA . -5.58 -42.77 44.34
C1C CLA JA . -6.83 -43.24 44.63
C2C CLA JA . -7.80 -42.15 44.64
C3C CLA JA . -7.07 -40.98 44.43
C4C CLA JA . -5.69 -41.38 44.22
CMC CLA JA . -9.22 -42.33 44.90
CAC CLA JA . -7.60 -39.60 44.35
CBC CLA JA . -7.40 -38.80 45.60
ND CLA JA . -2.89 -42.20 44.04
C1D CLA JA . -3.33 -40.88 43.78
C2D CLA JA . -2.19 -40.03 43.43
C3D CLA JA . -1.08 -40.85 43.49
C4D CLA JA . -1.57 -42.19 43.86
CMD CLA JA . -2.28 -38.61 43.09
CAD CLA JA . 0.35 -40.94 43.32
OBD CLA JA . 1.13 -40.05 43.02
CBD CLA JA . 0.75 -42.42 43.57
CGD CLA JA . 1.52 -43.04 42.44
O1D CLA JA . 1.11 -43.80 41.57
O2D CLA JA . 2.83 -42.73 42.39
CED CLA JA . 3.53 -43.26 41.26
C1 CLA JA . -1.92 -43.95 47.73
C2 CLA JA . -2.99 -42.93 47.66
C3 CLA JA . -4.28 -43.22 47.91
C4 CLA JA . -4.71 -44.60 48.28
C5 CLA JA . -5.31 -42.18 47.85
C6 CLA JA . -6.65 -42.60 48.43
C7 CLA JA . -7.52 -41.38 48.64
C8 CLA JA . -9.00 -41.73 48.75
C9 CLA JA . -9.84 -40.48 48.78
MG CLA KA . -3.25 -38.02 36.80
CHA CLA KA . -2.62 -35.63 34.40
CHB CLA KA . -6.41 -36.79 37.22
CHC CLA KA . -3.70 -40.15 39.43
CHD CLA KA . 0.20 -38.89 36.76
NA CLA KA . -4.32 -36.44 35.95
C1A CLA KA . -3.90 -35.60 34.91
C2A CLA KA . -5.03 -34.62 34.55
C3A CLA KA . -6.16 -34.98 35.53
C4A CLA KA . -5.61 -36.17 36.28
CMA CLA KA . -6.40 -33.86 36.50
CAA CLA KA . -5.52 -34.93 33.15
CBA CLA KA . -6.17 -33.75 32.45
CGA CLA KA . -7.65 -33.78 32.68
O1A CLA KA . -8.50 -34.41 32.07
O2A CLA KA . -8.01 -33.03 33.76
NB CLA KA . -4.77 -38.42 38.06
C1B CLA KA . -6.00 -37.86 38.02
C2B CLA KA . -6.89 -38.50 39.02
C3B CLA KA . -6.13 -39.46 39.66
C4B CLA KA . -4.76 -39.40 39.07
CMB CLA KA . -8.26 -38.07 39.21
CAB CLA KA . -6.47 -40.35 40.73
CBB CLA KA . -7.45 -41.25 40.74
NC CLA KA . -1.97 -39.30 37.85
C1C CLA KA . -2.40 -40.13 38.84
C2C CLA KA . -1.29 -40.95 39.28
C3C CLA KA . -0.16 -40.56 38.60
C4C CLA KA . -0.61 -39.53 37.69
CMC CLA KA . -1.39 -41.97 40.30
CAC CLA KA . 1.19 -41.12 38.74
CBC CLA KA . 1.53 -42.27 37.83
ND CLA KA . -1.55 -37.40 35.93
C1D CLA KA . -0.22 -37.89 35.93
C2D CLA KA . 0.58 -37.16 34.94
C3D CLA KA . -0.30 -36.31 34.34
C4D CLA KA . -1.62 -36.48 34.97
CMD CLA KA . 2.00 -37.34 34.67
CAD CLA KA . -0.42 -35.28 33.37
OBD CLA KA . 0.51 -34.82 32.72
CBD CLA KA . -1.91 -34.84 33.32
CGD CLA KA . -2.09 -33.37 33.53
O1D CLA KA . -2.84 -32.61 32.93
O2D CLA KA . -1.32 -32.87 34.52
CED CLA KA . -1.88 -31.82 35.29
C1 CLA KA . -9.30 -32.41 33.81
C2 CLA KA . -10.21 -33.20 34.67
C3 CLA KA . -10.45 -32.92 35.95
C4 CLA KA . -11.37 -33.72 36.78
C5 CLA KA . -9.81 -31.76 36.65
C6 CLA KA . -9.88 -31.96 38.15
C7 CLA KA . -8.52 -31.83 38.80
C8 CLA KA . -8.37 -32.71 40.04
C9 CLA KA . -6.89 -32.99 40.28
C10 CLA KA . -9.14 -34.01 39.91
C11 CLA KA . -9.35 -34.71 41.23
C12 CLA KA . -9.96 -33.81 42.28
C13 CLA KA . -10.42 -34.60 43.48
C14 CLA KA . -9.74 -35.95 43.53
C15 CLA KA . -11.94 -34.76 43.45
C16 CLA KA . -12.55 -34.79 44.83
C17 CLA KA . -14.04 -35.03 44.73
C18 CLA KA . -14.79 -34.37 45.87
C19 CLA KA . -15.47 -33.10 45.40
C20 CLA KA . -15.79 -35.33 46.47
MG CLA LA . -23.45 -31.43 41.07
CHA CLA LA . -24.71 -28.29 41.71
CHB CLA LA . -21.52 -30.08 38.58
CHC CLA LA . -21.53 -34.29 40.99
CHD CLA LA . -25.19 -32.66 43.88
NA CLA LA . -23.15 -29.50 40.30
C1A CLA LA . -23.78 -28.32 40.72
C2A CLA LA . -23.31 -27.12 39.89
C3A CLA LA . -22.49 -27.79 38.76
C4A CLA LA . -22.34 -29.21 39.26
CMA CLA LA . -23.23 -27.77 37.44
CAA CLA LA . -22.59 -26.10 40.75
CBA CLA LA . -21.10 -26.25 40.92
CGA CLA LA . -20.68 -25.37 42.05
O1A CLA LA . -21.20 -24.33 42.44
O2A CLA LA . -19.56 -25.84 42.70
NB CLA LA . -21.85 -32.05 40.01
C1B CLA LA . -21.29 -31.39 38.96
C2B CLA LA . -20.28 -32.22 38.29
C3B CLA LA . -20.26 -33.42 38.96
C4B CLA LA . -21.25 -33.33 40.07
CMB CLA LA . -19.50 -31.75 37.16
CAB CLA LA . -19.44 -34.57 38.72
CBB CLA LA . -18.12 -34.55 38.89
NC CLA LA . -23.37 -33.17 42.22
C1C CLA LA . -22.53 -34.22 41.99
C2C CLA LA . -22.79 -35.27 42.96
C3C CLA LA . -23.81 -34.81 43.79
C4C CLA LA . -24.19 -33.49 43.30
CMC CLA LA . -22.05 -36.53 43.01
CAC CLA LA . -24.41 -35.51 44.92
CBC CLA LA . -25.57 -36.39 44.49
ND CLA LA . -24.61 -30.70 42.55
C1D CLA LA . -25.37 -31.34 43.55
C2D CLA LA . -26.35 -30.37 44.11
C3D CLA LA . -26.13 -29.18 43.45
C4D CLA LA . -25.05 -29.45 42.48
CMD CLA LA . -27.31 -30.67 45.17
CAD CLA LA . -26.54 -27.79 43.26
OBD CLA LA . -27.42 -27.13 43.79
CBD CLA LA . -25.63 -27.19 42.17
CGD CLA LA . -26.37 -26.59 41.01
O1D CLA LA . -26.09 -25.54 40.43
O2D CLA LA . -27.40 -27.34 40.54
CED CLA LA . -27.34 -27.64 39.15
MG CLA MA . -27.60 -41.71 45.09
CHA CLA MA . -29.83 -42.00 47.70
CHB CLA MA . -25.45 -39.99 47.15
CHC CLA MA . -25.06 -42.08 42.80
CHD CLA MA . -29.54 -44.04 43.27
NA CLA MA . -27.64 -41.13 47.11
C1A CLA MA . -28.68 -41.35 48.03
C2A CLA MA . -28.31 -40.75 49.38
C3A CLA MA . -27.04 -39.94 49.10
C4A CLA MA . -26.65 -40.40 47.69
CMA CLA MA . -27.30 -38.45 49.14
CAA CLA MA . -27.98 -41.85 50.37
CBA CLA MA . -29.00 -41.93 51.49
CGA CLA MA . -29.26 -43.38 51.80
O1A CLA MA . -28.46 -44.24 52.12
O2A CLA MA . -30.58 -43.72 51.70
NB CLA MA . -25.65 -41.17 45.01
C1B CLA MA . -25.01 -40.34 45.88
C2B CLA MA . -23.73 -39.85 45.30
C3B CLA MA . -23.62 -40.43 44.05
C4B CLA MA . -24.82 -41.29 43.88
CMB CLA MA . -22.84 -38.96 46.04
CAB CLA MA . -22.58 -40.36 43.05
CBB CLA MA . -21.27 -40.50 43.20
NC CLA MA . -27.36 -42.85 43.36
C1C CLA MA . -26.24 -42.82 42.57
C2C CLA MA . -26.42 -43.69 41.43
C3C CLA MA . -27.67 -44.30 41.56
C4C CLA MA . -28.26 -43.74 42.78
CMC CLA MA . -25.40 -43.86 40.40
CAC CLA MA . -28.31 -45.27 40.67
CBC CLA MA . -28.11 -46.70 41.11
ND CLA MA . -29.24 -42.85 45.37
C1D CLA MA . -30.02 -43.63 44.48
C2D CLA MA . -31.34 -43.91 45.08
C3D CLA MA . -31.34 -43.28 46.30
C4D CLA MA . -30.01 -42.66 46.44
CMD CLA MA . -32.42 -44.66 44.44
CAD CLA MA . -32.08 -42.99 47.51
OBD CLA MA . -33.24 -43.27 47.81
CBD CLA MA . -31.15 -42.16 48.43
CGD CLA MA . -31.75 -40.80 48.68
O1D CLA MA . -31.83 -40.19 49.75
O2D CLA MA . -32.27 -40.23 47.56
CED CLA MA . -32.36 -38.81 47.51
C1 CLA MA . -30.83 -44.96 51.02
C2 CLA MA . -32.14 -45.48 51.45
C3 CLA MA . -32.28 -46.74 51.89
C4 CLA MA . -33.59 -47.29 52.32
C5 CLA MA . -31.10 -47.66 51.96
MG CLA NA . -25.93 -27.04 47.87
CHA CLA NA . -26.72 -23.73 48.31
CHB CLA NA . -23.78 -26.13 45.33
CHC CLA NA . -24.54 -30.20 47.87
CHD CLA NA . -27.58 -27.82 50.91
NA CLA NA . -25.37 -25.23 46.98
C1A CLA NA . -25.83 -23.95 47.31
C2A CLA NA . -25.18 -22.89 46.42
C3A CLA NA . -24.47 -23.71 45.33
C4A CLA NA . -24.51 -25.13 45.91
CMA CLA NA . -25.18 -23.64 44.00
CAA CLA NA . -24.23 -22.00 47.22
CBA CLA NA . -22.97 -22.66 47.74
CGA CLA NA . -23.15 -23.03 49.18
O1A CLA NA . -23.38 -22.28 50.13
O2A CLA NA . -23.07 -24.38 49.40
NB CLA NA . -24.53 -27.99 46.77
C1B CLA NA . -23.77 -27.43 45.81
C2B CLA NA . -22.82 -28.44 45.27
C3B CLA NA . -23.02 -29.60 45.97
C4B CLA NA . -24.10 -29.33 46.94
CMB CLA NA . -21.88 -28.03 44.25
CAB CLA NA . -22.35 -30.87 45.94
CBB CLA NA . -21.82 -31.46 44.87
NC CLA NA . -26.07 -28.70 49.14
C1C CLA NA . -25.46 -29.90 48.91
C2C CLA NA . -25.84 -30.87 49.92
C3C CLA NA . -26.64 -30.18 50.83
C4C CLA NA . -26.80 -28.82 50.32
CMC CLA NA . -25.36 -32.24 49.97
CAC CLA NA . -27.28 -30.75 52.02
CBC CLA NA . -28.64 -31.34 51.72
ND CLA NA . -26.84 -26.05 49.36
C1D CLA NA . -27.61 -26.51 50.47
C2D CLA NA . -28.40 -25.38 51.02
C3D CLA NA . -28.12 -24.29 50.20
C4D CLA NA . -27.14 -24.77 49.20
CMD CLA NA . -29.29 -25.48 52.16
CAD CLA NA . -28.37 -22.89 49.94
OBD CLA NA . -29.10 -22.10 50.53
CBD CLA NA . -27.50 -22.50 48.71
CGD CLA NA . -28.34 -22.09 47.53
O1D CLA NA . -29.35 -22.67 47.11
O2D CLA NA . -27.93 -20.96 46.88
CED CLA NA . -27.54 -19.84 47.65
MG CLA OA . -27.86 -51.45 33.34
CHA CLA OA . -30.82 -52.61 32.02
CHB CLA OA . -29.48 -50.81 36.31
CHC CLA OA . -24.83 -51.09 34.95
CHD CLA OA . -26.15 -52.90 30.60
NA CLA OA . -29.82 -51.70 34.03
C1A CLA OA . -30.92 -52.18 33.31
C2A CLA OA . -32.19 -52.20 34.18
C3A CLA OA . -31.74 -51.42 35.43
C4A CLA OA . -30.23 -51.32 35.28
CMA CLA OA . -32.40 -50.08 35.50
CAA CLA OA . -32.71 -53.56 34.67
CBA CLA OA . -32.07 -54.87 34.24
CGA CLA OA . -30.67 -55.04 34.74
O1A CLA OA . -30.24 -54.92 35.87
O2A CLA OA . -29.79 -55.34 33.74
NB CLA OA . -27.27 -51.00 35.22
C1B CLA OA . -28.08 -50.69 36.27
C2B CLA OA . -27.26 -50.23 37.43
C3B CLA OA . -25.95 -50.31 37.03
C4B CLA OA . -25.95 -50.80 35.64
CMB CLA OA . -27.88 -49.88 38.71
CAB CLA OA . -24.69 -50.09 37.68
CBB CLA OA . -24.39 -50.21 38.98
NC CLA OA . -25.87 -51.88 32.84
C1C CLA OA . -24.78 -51.63 33.63
C2C CLA OA . -23.55 -52.00 32.96
C3C CLA OA . -23.92 -52.58 31.75
C4C CLA OA . -25.38 -52.48 31.69
CMC CLA OA . -22.22 -51.88 33.54
CAC CLA OA . -23.06 -53.16 30.73
CBC CLA OA . -22.52 -52.16 29.74
ND CLA OA . -28.29 -52.56 31.72
C1D CLA OA . -27.51 -52.91 30.59
C2D CLA OA . -28.39 -53.35 29.50
C3D CLA OA . -29.68 -53.25 29.99
C4D CLA OA . -29.56 -52.77 31.37
CMD CLA OA . -27.90 -53.76 28.19
CAD CLA OA . -31.07 -53.49 29.75
OBD CLA OA . -31.61 -54.02 28.79
CBD CLA OA . -31.86 -53.01 30.99
CGD CLA OA . -32.88 -51.96 30.59
O1D CLA OA . -33.77 -52.07 29.75
O2D CLA OA . -32.80 -50.75 31.23
CED CLA OA . -34.06 -50.17 31.57
C1 CLA OA . -28.42 -55.00 33.99
C2 CLA OA . -27.66 -56.16 33.47
C3 CLA OA . -26.34 -56.26 33.49
C4 CLA OA . -25.67 -57.47 32.96
C5 CLA OA . -25.45 -55.23 34.05
C6 CLA OA . -24.00 -55.67 33.98
C7 CLA OA . -23.26 -55.27 35.23
C8 CLA OA . -21.92 -56.00 35.30
C9 CLA OA . -21.98 -57.07 36.36
C10 CLA OA . -20.80 -55.04 35.66
C11 CLA OA . -19.48 -55.50 35.08
C12 CLA OA . -19.55 -55.59 33.58
C13 CLA OA . -18.19 -55.37 32.94
C14 CLA OA . -18.29 -54.39 31.79
C15 CLA OA . -17.59 -56.69 32.45
C16 CLA OA . -16.29 -57.00 33.14
C17 CLA OA . -15.41 -57.94 32.34
C18 CLA OA . -14.00 -58.04 32.92
C19 CLA OA . -13.18 -59.10 32.22
C20 CLA OA . -14.07 -58.35 34.39
MG CLA PA . -24.39 -45.05 25.67
CHA CLA PA . -24.79 -42.71 23.21
CHB CLA PA . -27.69 -44.65 26.53
CHC CLA PA . -24.15 -47.77 27.72
CHD CLA PA . -21.19 -45.83 24.33
NA CLA PA . -25.96 -43.87 24.95
C1A CLA PA . -25.92 -42.94 23.93
C2A CLA PA . -27.28 -42.26 23.73
C3A CLA PA . -28.03 -42.69 25.01
C4A CLA PA . -27.20 -43.84 25.54
CMA CLA PA . -28.02 -41.59 26.02
CAA CLA PA . -27.96 -42.74 22.46
CBA CLA PA . -29.38 -43.24 22.65
CGA CLA PA . -29.40 -44.72 22.42
O1A CLA PA . -30.35 -45.46 22.17
O2A CLA PA . -28.17 -45.29 22.52
NB CLA PA . -25.68 -46.04 26.86
C1B CLA PA . -26.96 -45.69 27.11
C2B CLA PA . -27.52 -46.54 28.18
C3B CLA PA . -26.54 -47.44 28.53
C4B CLA PA . -25.35 -47.12 27.70
CMB CLA PA . -28.88 -46.36 28.63
CAB CLA PA . -26.56 -48.50 29.50
CBB CLA PA . -27.04 -49.71 29.24
NC CLA PA . -22.92 -46.51 25.97
C1C CLA PA . -23.03 -47.48 26.92
C2C CLA PA . -21.80 -48.23 26.96
C3C CLA PA . -20.98 -47.77 25.93
C4C CLA PA . -21.69 -46.66 25.34
CMC CLA PA . -21.60 -49.31 27.90
CAC CLA PA . -19.60 -48.19 25.59
CBC CLA PA . -19.49 -49.53 24.91
ND CLA PA . -23.24 -44.51 24.10
C1D CLA PA . -21.90 -44.83 23.73
C2D CLA PA . -21.46 -43.90 22.68
C3D CLA PA . -22.52 -43.04 22.48
C4D CLA PA . -23.60 -43.49 23.37
CMD CLA PA . -20.13 -43.90 22.06
CAD CLA PA . -23.01 -41.90 21.77
OBD CLA PA . -22.44 -41.15 21.02
CBD CLA PA . -24.47 -41.66 22.19
CGD CLA PA . -24.49 -40.29 22.79
O1D CLA PA . -24.02 -39.99 23.89
O2D CLA PA . -25.03 -39.32 22.03
CED CLA PA . -24.34 -38.06 22.00
C1 CLA PA . -28.17 -46.56 23.18
C2 CLA PA . -26.77 -46.87 23.52
C3 CLA PA . -26.10 -47.81 22.85
C4 CLA PA . -26.77 -48.56 21.77
C5 CLA PA . -24.69 -48.15 23.17
C6 CLA PA . -24.67 -49.26 24.19
C7 CLA PA . -23.44 -50.11 23.99
C8 CLA PA . -23.70 -51.52 24.50
C9 CLA PA . -24.23 -51.47 25.92
C10 CLA PA . -22.44 -52.37 24.42
C11 CLA PA . -21.80 -52.55 25.78
C12 CLA PA . -20.56 -53.40 25.72
C13 CLA PA . -19.88 -53.44 27.08
C14 CLA PA . -18.38 -53.21 26.96
C15 CLA PA . -20.16 -54.76 27.80
C16 CLA PA . -19.11 -55.81 27.47
C17 CLA PA . -18.90 -56.76 28.63
C18 CLA PA . -18.24 -58.07 28.22
C19 CLA PA . -18.43 -58.36 26.75
C20 CLA PA . -18.77 -59.21 29.07
MG CLA QA . -20.36 -38.01 29.13
CHA CLA QA . -22.38 -35.23 28.98
CHB CLA QA . -21.75 -39.08 26.19
CHC CLA QA . -17.78 -40.25 28.68
CHD CLA QA . -18.54 -36.52 31.78
NA CLA QA . -21.84 -37.29 27.85
C1A CLA QA . -22.58 -36.11 27.97
C2A CLA QA . -23.55 -35.97 26.80
C3A CLA QA . -23.57 -37.39 26.19
C4A CLA QA . -22.29 -37.98 26.77
CMA CLA QA . -24.80 -38.17 26.55
CAA CLA QA . -22.94 -34.95 25.85
CBA CLA QA . -22.55 -35.47 24.47
CGA CLA QA . -21.13 -35.93 24.48
O1A CLA QA . -20.37 -36.01 25.44
O2A CLA QA . -20.67 -36.30 23.24
NB CLA QA . -19.88 -39.39 27.74
C1B CLA QA . -20.57 -39.67 26.63
C2B CLA QA . -19.95 -40.77 25.88
C3B CLA QA . -18.82 -41.14 26.55
C4B CLA QA . -18.76 -40.26 27.76
CMB CLA QA . -20.55 -41.22 24.64
CAB CLA QA . -17.83 -42.15 26.25
CBB CLA QA . -18.02 -43.35 25.70
NC CLA QA . -18.54 -38.34 30.09
C1C CLA QA . -17.68 -39.34 29.77
C2C CLA QA . -16.55 -39.35 30.67
C3C CLA QA . -16.72 -38.26 31.55
C4C CLA QA . -18.00 -37.66 31.18
CMC CLA QA . -15.49 -40.35 30.51
CAC CLA QA . -15.95 -37.79 32.72
CBC CLA QA . -14.43 -37.86 32.73
ND CLA QA . -20.38 -36.28 30.17
C1D CLA QA . -19.65 -35.83 31.30
C2D CLA QA . -20.27 -34.59 31.80
C3D CLA QA . -21.33 -34.32 30.97
C4D CLA QA . -21.35 -35.40 29.96
CMD CLA QA . -19.77 -33.82 32.93
CAD CLA QA . -22.42 -33.42 30.64
OBD CLA QA . -22.77 -32.37 31.17
CBD CLA QA . -23.14 -33.98 29.38
CGD CLA QA . -24.58 -34.28 29.68
O1D CLA QA . -25.08 -34.61 30.74
O2D CLA QA . -25.43 -34.14 28.64
CED CLA QA . -26.67 -34.79 28.80
C1 CLA QA . -20.56 -37.71 22.96
C2 CLA QA . -19.19 -38.18 23.25
C3 CLA QA . -18.61 -39.09 22.46
C4 CLA QA . -19.36 -39.59 21.29
C5 CLA QA . -17.25 -39.65 22.64
C6 CLA QA . -16.61 -39.47 23.99
C7 CLA QA . -15.42 -40.40 24.05
C8 CLA QA . -14.80 -40.59 25.44
C9 CLA QA . -14.29 -39.28 25.98
C10 CLA QA . -13.68 -41.62 25.39
C11 CLA QA . -14.15 -42.97 25.89
C12 CLA QA . -13.84 -44.07 24.89
C13 CLA QA . -14.53 -45.40 25.21
C14 CLA QA . -13.54 -46.47 25.57
C15 CLA QA . -15.41 -45.89 24.05
C16 CLA QA . -15.58 -44.83 22.97
C17 CLA QA . -15.19 -45.33 21.60
C18 CLA QA . -15.40 -44.23 20.58
C19 CLA QA . -15.00 -42.89 21.15
C20 CLA QA . -16.84 -44.22 20.11
MG CLA RA . -9.72 -50.86 43.47
CHA CLA RA . -6.34 -51.49 43.16
CHB CLA RA . -10.08 -53.74 45.28
CHC CLA RA . -12.89 -49.91 44.42
CHD CLA RA . -9.16 -47.58 42.25
NA CLA RA . -8.40 -52.35 44.10
C1A CLA RA . -7.03 -52.45 43.86
C2A CLA RA . -6.47 -53.74 44.47
C3A CLA RA . -7.72 -54.47 45.00
C4A CLA RA . -8.84 -53.45 44.80
CMA CLA RA . -8.10 -55.70 44.22
CAA CLA RA . -5.42 -53.49 45.55
CBA CLA RA . -5.96 -53.49 46.97
CGA CLA RA . -4.88 -53.91 47.91
O1A CLA RA . -4.34 -55.01 48.01
O2A CLA RA . -4.48 -52.91 48.76
NB CLA RA . -11.20 -51.67 44.59
C1B CLA RA . -11.18 -52.88 45.19
C2B CLA RA . -12.52 -53.20 45.76
C3B CLA RA . -13.33 -52.12 45.51
C4B CLA RA . -12.50 -51.13 44.78
CMB CLA RA . -12.81 -54.43 46.48
CAB CLA RA . -14.70 -51.89 45.91
CBB CLA RA . -15.77 -51.86 45.10
NC CLA RA . -10.81 -49.09 43.35
C1C CLA RA . -12.10 -48.95 43.76
C2C CLA RA . -12.59 -47.63 43.47
C3C CLA RA . -11.51 -46.93 42.92
C4C CLA RA . -10.41 -47.87 42.82
CMC CLA RA . -13.95 -47.20 43.81
CAC CLA RA . -11.50 -45.56 42.44
CBC CLA RA . -12.21 -45.54 41.13
ND CLA RA . -8.16 -49.72 42.89
C1D CLA RA . -8.10 -48.44 42.28
C2D CLA RA . -6.75 -48.23 41.72
C3D CLA RA . -6.03 -49.36 42.02
C4D CLA RA . -6.95 -50.26 42.75
CMD CLA RA . -6.34 -47.02 41.01
CAD CLA RA . -4.75 -50.04 41.91
OBD CLA RA . -3.71 -49.67 41.39
CBD CLA RA . -4.92 -51.41 42.65
CGD CLA RA . -4.52 -52.59 41.82
O1D CLA RA . -3.74 -53.49 42.14
O2D CLA RA . -5.12 -52.67 40.61
CED CLA RA . -5.08 -53.97 40.02
MG CLA SA . -7.92 -50.12 27.58
CHA CLA SA . -5.43 -52.03 26.13
CHB CLA SA . -6.26 -47.30 26.56
CHC CLA SA . -10.76 -48.26 28.11
CHD CLA SA . -9.82 -53.06 28.06
NA CLA SA . -6.16 -49.75 26.54
C1A CLA SA . -5.26 -50.69 26.01
C2A CLA SA . -4.09 -50.01 25.33
C3A CLA SA . -4.23 -48.55 25.83
C4A CLA SA . -5.66 -48.51 26.32
CMA CLA SA . -3.31 -48.32 26.99
CAA CLA SA . -4.20 -50.14 23.82
CBA CLA SA . -5.55 -49.79 23.23
CGA CLA SA . -5.65 -50.27 21.82
O1A CLA SA . -5.30 -51.33 21.33
O2A CLA SA . -6.23 -49.31 21.03
NB CLA SA . -8.42 -48.18 27.36
C1B CLA SA . -7.58 -47.19 27.01
C2B CLA SA . -8.24 -45.88 27.17
C3B CLA SA . -9.51 -46.12 27.60
C4B CLA SA . -9.65 -47.60 27.72
CMB CLA SA . -7.54 -44.65 26.85
CAB CLA SA . -10.61 -45.22 27.88
CBB CLA SA . -10.96 -44.15 27.18
NC CLA SA . -9.91 -50.59 28.06
C1C CLA SA . -10.87 -49.65 28.29
C2C CLA SA . -12.10 -50.30 28.68
C3C CLA SA . -11.89 -51.68 28.60
C4C CLA SA . -10.49 -51.85 28.24
CMC CLA SA . -13.32 -49.57 29.02
CAC CLA SA . -12.86 -52.72 28.97
CBC CLA SA . -13.32 -53.65 27.88
ND CLA SA . -7.74 -52.09 27.20
C1D CLA SA . -8.56 -53.21 27.55
C2D CLA SA . -7.79 -54.44 27.29
C3D CLA SA . -6.58 -54.06 26.75
C4D CLA SA . -6.62 -52.58 26.71
CMD CLA SA . -8.32 -55.77 27.56
CAD CLA SA . -5.29 -54.47 26.24
OBD CLA SA . -4.80 -55.59 26.15
CBD CLA SA . -4.54 -53.20 25.78
CGD CLA SA . -3.22 -53.10 26.49
O1D CLA SA . -3.00 -52.93 27.69
O2D CLA SA . -2.13 -53.21 25.66
CED CLA SA . -0.85 -52.95 26.25
C1 CLA SA . -6.92 -49.78 19.86
C2 CLA SA . -6.32 -49.09 18.70
C3 CLA SA . -6.90 -48.04 18.12
C4 CLA SA . -8.19 -47.50 18.60
C5 CLA SA . -6.29 -47.35 16.95
C6 CLA SA . -4.78 -47.43 16.87
C7 CLA SA . -4.16 -46.09 17.16
C8 CLA SA . -3.04 -45.70 16.21
C9 CLA SA . -2.65 -44.25 16.40
C10 CLA SA . -3.40 -45.97 14.76
C11 CLA SA . -2.41 -45.29 13.85
C12 CLA SA . -2.37 -45.89 12.46
C13 CLA SA . -0.97 -45.83 11.88
C14 CLA SA . -0.99 -46.14 10.40
C15 CLA SA . -0.02 -46.77 12.61
C16 CLA SA . 1.23 -46.03 13.05
C17 CLA SA . 2.48 -46.79 12.68
C18 CLA SA . 3.53 -45.86 12.10
C19 CLA SA . 4.91 -46.39 12.38
C20 CLA SA . 3.38 -44.47 12.69
MG CLA TA . -6.53 -59.98 32.35
CHA CLA TA . -4.87 -61.84 34.72
CHB CLA TA . -5.95 -62.44 30.02
CHC CLA TA . -8.81 -58.53 30.23
CHD CLA TA . -7.55 -57.77 34.91
NA CLA TA . -5.61 -61.86 32.40
C1A CLA TA . -4.97 -62.45 33.49
C2A CLA TA . -4.39 -63.82 33.11
C3A CLA TA . -4.58 -63.87 31.58
C4A CLA TA . -5.47 -62.66 31.29
CMA CLA TA . -3.24 -63.80 30.89
CAA CLA TA . -5.14 -64.96 33.76
CBA CLA TA . -6.60 -65.05 33.38
CGA CLA TA . -6.94 -66.42 32.85
O1A CLA TA . -6.31 -67.10 32.04
O2A CLA TA . -8.09 -66.91 33.38
NB CLA TA . -7.22 -60.40 30.50
C1B CLA TA . -6.77 -61.37 29.67
C2B CLA TA . -7.29 -61.17 28.29
C3B CLA TA . -8.11 -60.05 28.35
C4B CLA TA . -8.09 -59.57 29.75
CMB CLA TA . -6.98 -62.07 27.20
CAB CLA TA . -8.95 -59.40 27.37
CBB CLA TA . -8.75 -59.27 26.06
NC CLA TA . -7.93 -58.44 32.55
C1C CLA TA . -8.75 -58.00 31.54
C2C CLA TA . -9.57 -56.89 32.01
C3C CLA TA . -9.24 -56.69 33.35
C4C CLA TA . -8.20 -57.67 33.67
CMC CLA TA . -10.55 -56.16 31.21
CAC CLA TA . -9.81 -55.70 34.28
CBC CLA TA . -10.69 -56.31 35.34
ND CLA TA . -6.42 -59.86 34.37
C1D CLA TA . -6.71 -58.79 35.25
C2D CLA TA . -6.00 -58.97 36.52
C3D CLA TA . -5.27 -60.13 36.38
C4D CLA TA . -5.56 -60.64 35.01
CMD CLA TA . -6.11 -58.05 37.65
CAD CLA TA . -4.35 -61.05 37.00
OBD CLA TA . -3.87 -61.05 38.12
CBD CLA TA . -4.02 -62.13 35.93
CGD CLA TA . -2.57 -61.98 35.60
O1D CLA TA . -1.63 -62.59 36.09
O2D CLA TA . -2.29 -61.04 34.65
CED CLA TA . -1.08 -61.16 33.92
C1 CLA TA . -9.12 -65.90 33.59
C2 CLA TA . -10.15 -66.48 34.48
C3 CLA TA . -11.27 -65.78 34.74
C4 CLA TA . -11.49 -64.43 34.15
MG CLA UA . -4.01 -60.92 23.01
CHA CLA UA . -2.60 -62.20 25.88
CHB CLA UA . -3.00 -63.74 21.32
CHC CLA UA . -5.93 -59.99 20.31
CHD CLA UA . -5.56 -58.42 24.95
NA CLA UA . -2.98 -62.67 23.53
C1A CLA UA . -2.45 -63.00 24.79
C2A CLA UA . -1.73 -64.34 24.76
C3A CLA UA . -1.64 -64.62 23.25
C4A CLA UA . -2.63 -63.62 22.64
CMA CLA UA . -0.24 -64.34 22.77
CAA CLA UA . -2.47 -65.46 25.51
CBA CLA UA . -3.98 -65.46 25.42
CGA CLA UA . -4.59 -65.38 26.78
O1A CLA UA . -4.36 -64.58 27.69
O2A CLA UA . -5.54 -66.32 27.03
NB CLA UA . -4.31 -61.66 21.16
C1B CLA UA . -3.87 -62.86 20.68
C2B CLA UA . -4.43 -63.10 19.32
C3B CLA UA . -5.25 -62.05 19.03
C4B CLA UA . -5.19 -61.12 20.19
CMB CLA UA . -4.16 -64.32 18.55
CAB CLA UA . -6.08 -61.79 17.90
CBB CLA UA . -7.33 -62.24 17.77
NC CLA UA . -5.47 -59.46 22.70
C1C CLA UA . -6.07 -59.21 21.50
C2C CLA UA . -6.93 -58.06 21.60
C3C CLA UA . -6.91 -57.63 22.93
C4C CLA UA . -5.95 -58.52 23.61
CMC CLA UA . -7.73 -57.55 20.47
CAC CLA UA . -7.61 -56.50 23.53
CBC CLA UA . -7.05 -55.15 23.15
ND CLA UA . -4.24 -60.47 24.97
C1D CLA UA . -4.76 -59.32 25.61
C2D CLA UA . -4.30 -59.30 27.01
C3D CLA UA . -3.45 -60.36 27.16
C4D CLA UA . -3.43 -61.04 25.86
CMD CLA UA . -4.67 -58.31 28.00
CAD CLA UA . -2.60 -61.10 28.05
OBD CLA UA . -2.33 -60.91 29.23
CBD CLA UA . -1.96 -62.25 27.24
CGD CLA UA . -0.51 -61.94 27.10
O1D CLA UA . -0.01 -61.08 26.39
O2D CLA UA . 0.31 -62.72 27.86
CED CLA UA . 1.19 -62.05 28.76
C1 CLA UA . -6.86 -65.81 27.25
C2 CLA UA . -7.55 -66.68 28.22
C3 CLA UA . -8.58 -66.26 28.97
C4 CLA UA . -9.28 -67.14 29.93
C5 CLA UA . -9.09 -64.86 28.84
C6 CLA UA . -9.42 -64.22 30.16
MG CLA VA . -0.25 -53.46 17.07
CHA CLA VA . -1.88 -53.22 20.10
CHB CLA VA . -2.39 -55.96 16.14
CHC CLA VA . 0.88 -53.24 13.83
CHD CLA VA . 1.68 -50.64 17.91
NA CLA VA . -1.91 -54.38 17.96
C1A CLA VA . -2.44 -54.14 19.24
C2A CLA VA . -3.62 -55.06 19.54
C3A CLA VA . -3.65 -56.00 18.32
C4A CLA VA . -2.60 -55.41 17.38
CMA CLA VA . -3.30 -57.41 18.76
CAA CLA VA . -4.94 -54.32 19.72
CBA CLA VA . -5.58 -53.79 18.46
CGA CLA VA . -7.00 -53.46 18.76
O1A CLA VA . -7.56 -53.37 19.86
O2A CLA VA . -7.76 -53.25 17.64
NB CLA VA . -0.67 -54.41 15.34
C1B CLA VA . -1.46 -55.50 15.20
C2B CLA VA . -1.23 -56.14 13.88
C3B CLA VA . -0.30 -55.38 13.21
C4B CLA VA . 0.04 -54.25 14.12
CMB CLA VA . -1.95 -57.32 13.41
CAB CLA VA . 0.24 -55.50 11.89
CBB CLA VA . -0.29 -54.99 10.78
NC CLA VA . 1.00 -52.15 16.06
C1C CLA VA . 1.31 -52.23 14.72
C2C CLA VA . 2.21 -51.16 14.35
C3C CLA VA . 2.48 -50.44 15.50
C4C CLA VA . 1.73 -51.07 16.58
CMC CLA VA . 2.71 -50.93 13.00
CAC CLA VA . 3.36 -49.27 15.60
CBC CLA VA . 4.78 -49.66 15.90
ND CLA VA . -0.21 -52.07 18.54
C1D CLA VA . 0.77 -51.08 18.84
C2D CLA VA . 0.64 -50.68 20.26
C3D CLA VA . -0.38 -51.46 20.78
C4D CLA VA . -0.85 -52.32 19.68
CMD CLA VA . 1.44 -49.66 20.92
CAD CLA VA . -1.16 -51.78 21.96
OBD CLA VA . -1.10 -51.28 23.08
CBD CLA VA . -2.11 -52.95 21.56
CGD CLA VA . -1.85 -54.19 22.38
O1D CLA VA . -0.78 -54.77 22.57
O2D CLA VA . -2.96 -54.71 22.96
CED CLA VA . -3.07 -56.13 22.99
C1 CLA VA . -7.31 -52.21 16.75
C2 CLA VA . -7.83 -52.54 15.41
C3 CLA VA . -7.79 -51.67 14.39
C4 CLA VA . -8.30 -52.03 13.05
C5 CLA VA . -7.22 -50.31 14.58
C6 CLA VA . -7.12 -49.54 13.28
C7 CLA VA . -5.81 -48.78 13.23
C8 CLA VA . -5.24 -48.72 11.82
C9 CLA VA . -6.21 -49.32 10.83
C10 CLA VA . -3.91 -49.46 11.74
MG CLA WA . -2.15 -44.76 25.59
CHA CLA WA . -3.67 -42.45 27.72
CHB CLA WA . -4.61 -44.25 23.30
CHC CLA WA . -1.07 -47.53 23.84
CHD CLA WA . 0.03 -45.67 28.23
NA CLA WA . -3.82 -43.49 25.52
C1A CLA WA . -4.28 -42.59 26.48
C2A CLA WA . -5.52 -41.84 25.95
C3A CLA WA . -5.59 -42.25 24.46
C4A CLA WA . -4.61 -43.42 24.40
CMA CLA WA . -6.95 -42.68 24.00
CAA CLA WA . -5.36 -40.33 26.09
CBA CLA WA . -5.92 -39.47 24.97
CGA CLA WA . -5.97 -38.05 25.46
O1A CLA WA . -5.71 -37.02 24.86
O2A CLA WA . -6.37 -37.97 26.76
NB CLA WA . -2.74 -45.72 23.92
C1B CLA WA . -3.76 -45.35 23.10
C2B CLA WA . -3.81 -46.23 21.91
C3B CLA WA . -2.80 -47.16 22.05
C4B CLA WA . -2.11 -46.82 23.32
CMB CLA WA . -4.80 -46.04 20.86
CAB CLA WA . -2.33 -48.27 21.25
CBB CLA WA . -2.89 -48.85 20.19
NC CLA WA . -0.75 -46.26 25.95
C1C CLA WA . -0.43 -47.26 25.07
C2C CLA WA . 0.63 -48.10 25.61
C3C CLA WA . 0.91 -47.61 26.88
C4C CLA WA . 0.06 -46.44 27.07
CMC CLA WA . 1.19 -49.27 24.93
CAC CLA WA . 1.94 -48.10 27.81
CBC CLA WA . 3.19 -47.27 27.85
ND CLA WA . -1.80 -44.21 27.50
C1D CLA WA . -0.85 -44.64 28.45
C2D CLA WA . -0.98 -43.83 29.67
C3D CLA WA . -2.04 -42.97 29.42
C4D CLA WA . -2.53 -43.26 28.07
CMD CLA WA . -0.18 -43.97 30.86
CAD CLA WA . -2.82 -41.91 29.97
OBD CLA WA . -2.69 -41.35 31.04
CBD CLA WA . -3.92 -41.58 28.94
CGD CLA WA . -5.31 -41.74 29.52
O1D CLA WA . -6.09 -40.84 29.85
O2D CLA WA . -5.72 -43.03 29.68
CED CLA WA . -7.01 -43.21 30.24
C1 CLA WA . -6.08 -36.74 27.46
C2 CLA WA . -4.96 -37.03 28.40
C3 CLA WA . -5.18 -37.31 29.70
C4 CLA WA . -6.55 -37.36 30.25
C5 CLA WA . -4.05 -37.60 30.63
C6 CLA WA . -2.69 -37.59 29.98
C7 CLA WA . -1.64 -38.08 30.96
C8 CLA WA . -0.24 -38.15 30.34
C9 CLA WA . 0.17 -36.76 29.88
C10 CLA WA . -0.20 -39.13 29.17
C11 CLA WA . 0.78 -40.25 29.41
C12 CLA WA . 2.20 -39.85 29.09
C13 CLA WA . 3.25 -40.79 29.65
C14 CLA WA . 2.72 -42.18 29.83
C15 CLA WA . 3.81 -40.29 30.97
C16 CLA WA . 5.28 -40.66 31.09
C17 CLA WA . 6.00 -40.49 29.78
C18 CLA WA . 7.48 -40.78 29.93
C19 CLA WA . 8.21 -40.30 28.70
C20 CLA WA . 8.07 -40.17 31.18
MG CLA XA . -9.93 -40.76 10.58
CHA CLA XA . -13.36 -40.97 10.38
CHB CLA XA . -9.82 -44.14 11.10
CHC CLA XA . -6.59 -40.76 9.76
CHD CLA XA . -10.14 -37.38 9.60
NA CLA XA . -11.35 -42.29 10.70
C1A CLA XA . -12.74 -42.16 10.60
C2A CLA XA . -13.42 -43.50 10.75
C3A CLA XA . -12.31 -44.36 11.38
C4A CLA XA . -11.06 -43.57 11.00
CMA CLA XA . -12.50 -44.44 12.87
CAA CLA XA . -13.73 -44.00 9.36
CBA CLA XA . -14.34 -45.37 9.43
CGA CLA XA . -14.99 -45.70 8.13
O1A CLA XA . -15.35 -44.96 7.22
O2A CLA XA . -15.18 -47.05 7.99
NB CLA XA . -8.49 -42.16 10.51
C1B CLA XA . -8.64 -43.48 10.76
C2B CLA XA . -7.34 -44.18 10.61
C3B CLA XA . -6.42 -43.24 10.23
C4B CLA XA . -7.14 -41.94 10.15
CMB CLA XA . -7.22 -45.62 10.81
CAB CLA XA . -5.02 -43.38 9.91
CBB CLA XA . -4.51 -44.20 8.98
NC CLA XA . -8.61 -39.32 9.83
C1C CLA XA . -7.29 -39.52 9.59
C2C CLA XA . -6.67 -38.29 9.12
C3C CLA XA . -7.68 -37.34 9.07
C4C CLA XA . -8.89 -37.99 9.55
CMC CLA XA . -5.27 -38.12 8.74
CAC CLA XA . -7.56 -35.92 8.68
CBC CLA XA . -8.12 -35.61 7.32
ND CLA XA . -11.35 -39.46 9.96
C1D CLA XA . -11.32 -38.06 9.78
C2D CLA XA . -12.69 -37.52 9.77
C3D CLA XA . -13.50 -38.62 9.94
C4D CLA XA . -12.63 -39.78 10.10
CMD CLA XA . -13.06 -36.13 9.55
CAD CLA XA . -14.86 -39.09 10.05
OBD CLA XA . -15.88 -38.46 9.85
CBD CLA XA . -14.81 -40.57 10.46
CGD CLA XA . -15.36 -40.73 11.85
O1D CLA XA . -14.82 -41.20 12.85
O2D CLA XA . -16.64 -40.30 12.02
CED CLA XA . -17.10 -40.30 13.36
C1 CLA XA . -16.25 -47.42 7.11
C2 CLA XA . -17.13 -48.38 7.83
C3 CLA XA . -17.11 -49.70 7.61
C4 CLA XA . -16.20 -50.32 6.60
C5 CLA XA . -18.00 -50.60 8.37
C6 CLA XA . -17.26 -51.34 9.47
C7 CLA XA . -17.57 -52.82 9.43
C8 CLA XA . -16.48 -53.64 10.10
C9 CLA XA . -15.16 -53.37 9.43
C10 CLA XA . -16.81 -55.13 10.00
C11 CLA XA . -17.61 -55.63 11.18
C12 CLA XA . -16.75 -55.90 12.39
C13 CLA XA . -17.59 -56.14 13.63
C14 CLA XA . -16.76 -56.62 14.79
C15 CLA XA . -18.71 -57.13 13.37
C16 CLA XA . -19.14 -57.77 14.67
C17 CLA XA . -20.64 -57.92 14.79
C18 CLA XA . -21.06 -58.29 16.20
C19 CLA XA . -20.75 -57.18 17.19
C20 CLA XA . -20.41 -59.58 16.64
MG CLA YA . -20.93 -43.99 15.54
CHA CLA YA . -17.91 -44.62 14.00
CHB CLA YA . -20.19 -46.29 17.96
CHC CLA YA . -24.11 -43.71 16.74
CHD CLA YA . -21.88 -42.01 12.73
NA CLA YA . -19.28 -45.22 15.92
C1A CLA YA . -18.10 -45.30 15.17
C2A CLA YA . -17.14 -46.29 15.82
C3A CLA YA . -17.90 -46.80 17.06
C4A CLA YA . -19.22 -46.04 17.01
CMA CLA YA . -18.16 -48.28 16.93
CAA CLA YA . -15.91 -45.55 16.30
CBA CLA YA . -15.06 -46.36 17.24
CGA CLA YA . -13.69 -45.78 17.29
O1A CLA YA . -13.13 -45.05 16.48
O2A CLA YA . -13.01 -46.17 18.40
NB CLA YA . -21.97 -44.89 17.02
C1B CLA YA . -21.45 -45.67 18.00
C2B CLA YA . -22.42 -45.82 19.12
C3B CLA YA . -23.54 -45.08 18.77
C4B CLA YA . -23.25 -44.49 17.45
CMB CLA YA . -22.12 -46.64 20.29
CAB CLA YA . -24.80 -44.82 19.40
CBB CLA YA . -25.24 -45.19 20.60
NC CLA YA . -22.66 -43.05 14.85
C1C CLA YA . -23.83 -43.03 15.53
C2C CLA YA . -24.80 -42.23 14.83
C3C CLA YA . -24.19 -41.76 13.66
C4C CLA YA . -22.83 -42.26 13.71
CMC CLA YA . -26.15 -42.02 15.31
CAC CLA YA . -24.73 -40.86 12.62
CBC CLA YA . -25.28 -41.53 11.39
ND CLA YA . -20.16 -43.41 13.78
C1D CLA YA . -20.62 -42.55 12.76
C2D CLA YA . -19.59 -42.39 11.72
C3D CLA YA . -18.55 -43.19 12.14
C4D CLA YA . -18.93 -43.79 13.43
CMD CLA YA . -19.76 -41.59 10.53
CAD CLA YA . -17.24 -43.68 11.82
OBD CLA YA . -16.61 -43.47 10.81
CBD CLA YA . -16.76 -44.57 13.00
CGD CLA YA . -16.28 -45.93 12.57
O1D CLA YA . -15.18 -46.44 12.78
O2D CLA YA . -17.17 -46.69 11.90
CED CLA YA . -16.85 -48.08 11.89
C1 CLA YA . -11.63 -45.77 18.45
C2 CLA YA . -11.36 -45.41 19.85
C3 CLA YA . -10.98 -44.17 20.18
C4 CLA YA . -10.83 -43.11 19.17
C5 CLA YA . -10.71 -43.84 21.60
C6 CLA YA . -10.97 -45.05 22.49
C7 CLA YA . -9.94 -45.17 23.58
C8 CLA YA . -9.25 -46.52 23.61
C9 CLA YA . -7.87 -46.44 23.00
C10 CLA YA . -10.05 -47.58 22.87
C11 CLA YA . -9.49 -48.95 23.17
C12 CLA YA . -10.13 -49.50 24.43
C13 CLA YA . -9.97 -51.01 24.54
C14 CLA YA . -9.01 -51.55 23.50
C15 CLA YA . -11.31 -51.72 24.45
C16 CLA YA . -12.47 -50.78 24.77
C17 CLA YA . -13.77 -51.54 24.78
C18 CLA YA . -14.98 -50.65 24.46
C19 CLA YA . -14.66 -49.67 23.35
C20 CLA YA . -15.47 -49.93 25.70
MG CLA ZA . -14.24 -23.07 17.46
CHA CLA ZA . -15.17 -21.56 20.41
CHB CLA ZA . -17.46 -22.69 16.31
CHC CLA ZA . -13.14 -23.61 14.27
CHD CLA ZA . -10.89 -23.04 18.58
NA CLA ZA . -16.01 -22.30 18.25
C1A CLA ZA . -16.19 -21.72 19.51
C2A CLA ZA . -17.66 -21.34 19.72
C3A CLA ZA . -18.37 -22.10 18.58
C4A CLA ZA . -17.22 -22.37 17.62
CMA CLA ZA . -18.94 -23.40 19.10
CAA CLA ZA . -17.92 -19.83 19.73
CBA CLA ZA . -17.67 -19.04 18.47
CGA CLA ZA . -16.23 -18.63 18.44
O1A CLA ZA . -15.37 -18.93 17.62
O2A CLA ZA . -15.79 -17.88 19.48
NB CLA ZA . -15.15 -23.25 15.68
C1B CLA ZA . -16.44 -22.93 15.39
C2B CLA ZA . -16.66 -22.87 13.92
C3B CLA ZA . -15.44 -23.12 13.34
C4B CLA ZA . -14.47 -23.37 14.44
CMB CLA ZA . -17.99 -22.53 13.38
CAB CLA ZA . -14.97 -23.13 11.98
CBB CLA ZA . -15.58 -22.81 10.84
NC CLA ZA . -12.36 -23.35 16.61
C1C CLA ZA . -12.14 -23.63 15.29
C2C CLA ZA . -10.72 -23.84 15.07
C3C CLA ZA . -10.07 -23.62 16.27
C4C CLA ZA . -11.11 -23.34 17.25
CMC CLA ZA . -10.10 -24.16 13.80
CAC CLA ZA . -8.62 -23.74 16.53
CBC CLA ZA . -7.92 -22.46 16.88
ND CLA ZA . -13.19 -22.38 19.03
C1D CLA ZA . -11.84 -22.56 19.43
C2D CLA ZA . -11.68 -22.17 20.83
C3D CLA ZA . -12.91 -21.71 21.23
C4D CLA ZA . -13.83 -21.90 20.09
CMD CLA ZA . -10.42 -22.22 21.56
CAD CLA ZA . -13.68 -21.19 22.32
OBD CLA ZA . -13.31 -20.91 23.43
CBD CLA ZA . -15.16 -21.08 21.84
CGD CLA ZA . -16.09 -21.85 22.70
O1D CLA ZA . -16.03 -23.04 23.00
O2D CLA ZA . -17.12 -21.11 23.19
CED CLA ZA . -17.30 -21.17 24.59
C1 CLA ZA . -14.37 -17.75 19.34
C2 CLA ZA . -13.89 -16.42 19.79
C3 CLA ZA . -14.16 -15.23 19.23
C4 CLA ZA . -15.00 -15.01 18.04
C5 CLA ZA . -13.57 -14.03 19.84
C6 CLA ZA . -12.09 -14.18 20.02
C7 CLA ZA . -11.35 -13.14 19.21
C8 CLA ZA . -10.04 -13.71 18.68
C9 CLA ZA . -10.25 -14.37 17.33
C10 CLA ZA . -9.51 -14.72 19.65
C11 CLA ZA . -8.01 -14.70 19.67
C12 CLA ZA . -7.46 -13.43 20.26
C13 CLA ZA . -6.07 -13.68 20.82
C14 CLA ZA . -5.56 -15.04 20.40
C15 CLA ZA . -6.06 -13.56 22.33
C16 CLA ZA . -5.67 -14.88 22.97
C17 CLA ZA . -5.26 -14.68 24.42
MG CLA AB . -15.39 -29.51 22.98
CHA CLA AB . -18.55 -29.41 24.37
CHB CLA AB . -15.24 -26.12 23.25
CHC CLA AB . -12.02 -29.62 22.31
CHD CLA AB . -15.44 -33.03 23.20
NA CLA AB . -16.70 -28.03 23.66
C1A CLA AB . -17.97 -28.18 24.20
C2A CLA AB . -18.63 -26.82 24.48
C3A CLA AB . -17.69 -25.86 23.73
C4A CLA AB . -16.44 -26.70 23.53
CMA CLA AB . -18.27 -25.49 22.40
CAA CLA AB . -18.78 -26.44 25.94
CBA CLA AB . -17.48 -26.35 26.72
CGA CLA AB . -17.66 -27.19 27.93
O1A CLA AB . -17.91 -26.86 29.09
O2A CLA AB . -17.53 -28.52 27.66
NB CLA AB . -13.95 -28.14 22.74
C1B CLA AB . -14.06 -26.82 23.03
C2B CLA AB . -12.75 -26.16 22.94
C3B CLA AB . -11.83 -27.13 22.67
C4B CLA AB . -12.59 -28.40 22.53
CMB CLA AB . -12.64 -24.73 23.20
CAB CLA AB . -10.41 -27.08 22.51
CBB CLA AB . -9.75 -26.21 21.74
NC CLA AB . -14.00 -31.06 22.78
C1C CLA AB . -12.69 -30.87 22.43
C2C CLA AB . -12.05 -32.16 22.27
C3C CLA AB . -12.99 -33.13 22.60
C4C CLA AB . -14.22 -32.42 22.87
CMC CLA AB . -10.64 -32.34 21.90
CAC CLA AB . -12.80 -34.58 22.60
CBC CLA AB . -12.60 -35.14 24.00
ND CLA AB . -16.60 -30.93 23.74
C1D CLA AB . -16.54 -32.34 23.62
C2D CLA AB . -17.84 -32.89 24.02
C3D CLA AB . -18.64 -31.81 24.32
C4D CLA AB . -17.82 -30.61 24.10
CMD CLA AB . -18.07 -34.31 24.06
CAD CLA AB . -19.95 -31.38 24.74
OBD CLA AB . -20.90 -32.08 25.04
CBD CLA AB . -19.94 -29.83 24.74
CGD CLA AB . -20.88 -29.28 23.71
O1D CLA AB . -20.68 -29.14 22.51
O2D CLA AB . -22.07 -28.88 24.21
CED CLA AB . -22.84 -28.03 23.38
C1 CLA AB . -18.25 -29.29 28.62
C2 CLA AB . -18.28 -30.69 28.15
C3 CLA AB . -19.34 -31.41 28.47
C4 CLA AB . -20.44 -30.79 29.24
C5 CLA AB . -19.45 -32.83 28.06
C6 CLA AB . -18.13 -33.51 28.27
C7 CLA AB . -18.22 -34.96 27.85
C8 CLA AB . -16.86 -35.52 27.53
C9 CLA AB . -17.02 -36.89 26.92
C10 CLA AB . -16.00 -35.57 28.79
C11 CLA AB . -14.72 -36.32 28.57
C12 CLA AB . -13.68 -35.86 29.58
C13 CLA AB . -12.39 -36.67 29.50
C14 CLA AB . -11.36 -36.10 30.45
C15 CLA AB . -11.83 -36.75 28.08
C16 CLA AB . -10.54 -37.55 28.07
C17 CLA AB . -10.14 -37.94 26.66
C18 CLA AB . -10.21 -39.44 26.43
C19 CLA AB . -9.29 -40.20 27.36
C20 CLA AB . -9.90 -39.77 24.99
MG CLA BB . 2.84 -29.71 18.56
CHA CLA BB . 5.95 -28.34 17.81
CHB CLA BB . 3.53 -29.35 21.88
CHC CLA BB . -0.50 -29.92 19.28
CHD CLA BB . 1.97 -29.21 15.14
NA CLA BB . 4.49 -29.02 19.65
C1A CLA BB . 5.69 -28.45 19.16
C2A CLA BB . 6.64 -28.11 20.32
C3A CLA BB . 5.96 -28.79 21.52
C4A CLA BB . 4.56 -29.06 21.01
CMA CLA BB . 6.68 -30.07 21.83
CAA CLA BB . 6.95 -26.64 20.59
CBA CLA BB . 5.96 -25.66 20.02
CGA CLA BB . 6.26 -24.28 20.47
O1A CLA BB . 7.20 -23.85 21.13
O2A CLA BB . 5.31 -23.40 20.01
NB CLA BB . 1.72 -29.51 20.22
C1B CLA BB . 2.22 -29.61 21.48
C2B CLA BB . 1.16 -30.11 22.41
C3B CLA BB . 0.02 -30.29 21.70
C4B CLA BB . 0.36 -29.92 20.31
CMB CLA BB . 1.43 -30.31 23.80
CAB CLA BB . -1.32 -30.72 22.06
CBB CLA BB . -1.73 -31.36 23.16
NC CLA BB . 1.09 -29.67 17.41
C1C CLA BB . -0.17 -29.81 17.92
C2C CLA BB . -1.18 -29.74 16.89
C3C CLA BB . -0.49 -29.49 15.70
C4C CLA BB . 0.93 -29.46 16.04
CMC CLA BB . -2.60 -29.84 17.18
CAC CLA BB . -1.06 -29.30 14.36
CBC CLA BB . -1.27 -27.84 14.05
ND CLA BB . 3.76 -29.24 16.82
C1D CLA BB . 3.29 -29.09 15.49
C2D CLA BB . 4.42 -28.79 14.60
C3D CLA BB . 5.48 -28.54 15.44
C4D CLA BB . 4.99 -28.73 16.82
CMD CLA BB . 4.31 -28.75 13.15
CAD CLA BB . 6.89 -28.20 15.55
OBD CLA BB . 7.77 -28.18 14.70
CBD CLA BB . 7.14 -27.83 17.04
CGD CLA BB . 8.47 -28.34 17.54
O1D CLA BB . 9.38 -27.67 18.04
O2D CLA BB . 8.65 -29.67 17.43
CED CLA BB . 9.40 -30.30 18.47
C1 CLA BB . 5.08 -22.21 20.77
C2 CLA BB . 3.72 -21.73 20.41
C3 CLA BB . 3.49 -20.94 19.36
C4 CLA BB . 4.57 -20.46 18.46
C5 CLA BB . 2.10 -20.49 19.05
C6 CLA BB . 1.88 -20.05 17.61
C7 CLA BB . 0.90 -20.96 16.92
C8 CLA BB . -0.27 -20.24 16.25
C9 CLA BB . 0.20 -19.44 15.06
C10 CLA BB . -1.01 -19.33 17.23
C11 CLA BB . -2.51 -19.50 17.14
C12 CLA BB . -3.23 -18.19 17.38
C13 CLA BB . -4.73 -18.37 17.49
C14 CLA BB . -5.07 -19.81 17.82
C15 CLA BB . -5.44 -17.94 16.22
C16 CLA BB . -5.06 -16.52 15.85
C17 CLA BB . -6.18 -15.55 16.18
C18 CLA BB . -5.90 -14.16 15.63
C19 CLA BB . -7.17 -13.54 15.08
C20 CLA BB . -5.33 -13.26 16.72
MG CLA CB . 2.46 -53.32 5.73
CHA CLA CB . 4.14 -56.13 6.81
CHB CLA CB . 2.45 -54.60 2.55
CHC CLA CB . 0.10 -50.98 4.80
CHD CLA CB . 2.10 -52.30 9.09
NA CLA CB . 3.16 -55.09 4.86
C1A CLA CB . 3.84 -56.14 5.48
C2A CLA CB . 4.23 -57.22 4.48
C3A CLA CB . 3.97 -56.51 3.14
C4A CLA CB . 3.09 -55.34 3.53
CMA CLA CB . 5.25 -55.99 2.54
CAA CLA CB . 3.39 -58.47 4.69
CBA CLA CB . 2.29 -58.62 3.67
CGA CLA CB . 2.25 -60.02 3.16
O1A CLA CB . 2.68 -60.45 2.09
O2A CLA CB . 1.65 -60.88 4.02
NB CLA CB . 1.51 -52.86 4.03
C1B CLA CB . 1.66 -53.50 2.84
C2B CLA CB . 0.83 -52.84 1.81
C3B CLA CB . 0.16 -51.81 2.42
C4B CLA CB . 0.57 -51.82 3.85
CMB CLA CB . 0.80 -53.31 0.44
CAB CLA CB . -0.81 -50.91 1.87
CBB CLA CB . -2.07 -51.24 1.58
NC CLA CB . 1.31 -51.91 6.77
C1C CLA CB . 0.44 -51.03 6.19
C2C CLA CB . -0.11 -50.15 7.20
C3C CLA CB . 0.42 -50.54 8.42
C4C CLA CB . 1.34 -51.64 8.13
CMC CLA CB . -1.09 -49.09 6.93
CAC CLA CB . 0.17 -49.96 9.76
CBC CLA CB . -0.67 -50.82 10.67
ND CLA CB . 2.84 -54.06 7.57
C1D CLA CB . 2.80 -53.45 8.84
C2D CLA CB . 3.63 -54.21 9.78
C3D CLA CB . 4.13 -55.26 9.06
C4D CLA CB . 3.64 -55.12 7.69
CMD CLA CB . 3.81 -53.89 11.18
CAD CLA CB . 4.99 -56.41 9.09
OBD CLA CB . 5.61 -56.86 10.02
CBD CLA CB . 5.03 -57.00 7.66
CGD CLA CB . 6.43 -57.03 7.14
O1D CLA CB . 7.13 -58.01 6.91
O2D CLA CB . 6.99 -55.82 6.91
CED CLA CB . 8.36 -55.85 6.53
C1 CLA CB . 0.35 -61.33 3.62
C2 CLA CB . -0.63 -60.64 4.50
C3 CLA CB . -1.69 -61.28 5.00
C4 CLA CB . -1.96 -62.70 4.71
C5 CLA CB . -2.65 -60.56 5.88
MG CLA DB . -11.84 -46.78 -13.27
CHA CLA DB . -8.44 -46.41 -13.03
CHB CLA DB . -11.94 -44.32 -15.63
CHC CLA DB . -15.11 -47.62 -14.00
CHD CLA DB . -11.66 -49.60 -11.14
NA CLA DB . -10.40 -45.58 -14.19
C1A CLA DB . -9.03 -45.57 -13.93
C2A CLA DB . -8.35 -44.46 -14.76
C3A CLA DB . -9.55 -43.65 -15.29
C4A CLA DB . -10.73 -44.57 -15.05
CMA CLA DB . -9.70 -42.35 -14.54
CAA CLA DB . -7.49 -44.94 -15.90
CBA CLA DB . -6.03 -44.67 -15.68
CGA CLA DB . -5.72 -43.25 -15.32
O1A CLA DB . -6.30 -42.20 -15.61
O2A CLA DB . -4.58 -43.15 -14.58
NB CLA DB . -13.26 -46.04 -14.50
C1B CLA DB . -13.08 -45.12 -15.47
C2B CLA DB . -14.26 -45.05 -16.36
C3B CLA DB . -15.16 -45.97 -15.90
C4B CLA DB . -14.54 -46.62 -14.71
CMB CLA DB . -14.37 -44.13 -17.49
CAB CLA DB . -16.46 -46.33 -16.40
CBB CLA DB . -16.69 -47.26 -17.32
NC CLA DB . -13.15 -48.30 -12.65
C1C CLA DB . -14.45 -48.40 -13.01
C2C CLA DB . -15.09 -49.50 -12.31
C3C CLA DB . -14.09 -50.12 -11.57
C4C CLA DB . -12.89 -49.34 -11.76
CMC CLA DB . -16.50 -49.89 -12.50
CAC CLA DB . -14.23 -51.31 -10.69
CBC CLA DB . -14.56 -50.95 -9.26
ND CLA DB . -10.42 -47.91 -12.40
C1D CLA DB . -10.49 -48.95 -11.43
C2D CLA DB . -9.16 -49.17 -10.84
C3D CLA DB . -8.33 -48.22 -11.42
C4D CLA DB . -9.17 -47.45 -12.36
CMD CLA DB . -8.87 -50.19 -9.84
CAD CLA DB . -7.00 -47.70 -11.51
OBD CLA DB . -5.99 -48.11 -11.00
CBD CLA DB . -7.04 -46.48 -12.48
CGD CLA DB . -6.66 -45.20 -11.78
O1D CLA DB . -7.40 -44.43 -11.17
O2D CLA DB . -5.34 -44.90 -11.87
CED CLA DB . -4.66 -44.67 -10.64
C1 CLA DB . -3.43 -42.81 -15.38
C2 CLA DB . -2.38 -42.33 -14.45
C3 CLA DB . -2.13 -41.03 -14.26
C4 CLA DB . -1.07 -40.61 -13.31
C5 CLA DB . -2.89 -39.95 -14.96
C6 CLA DB . -2.10 -39.28 -16.07
C7 CLA DB . -2.80 -38.04 -16.60
C8 CLA DB . -1.88 -37.25 -17.53
C9 CLA DB . -2.67 -36.31 -18.41
C10 CLA DB . -1.06 -38.21 -18.38
C11 CLA DB . 0.18 -37.60 -18.98
C12 CLA DB . 0.97 -38.65 -19.72
C13 CLA DB . 2.36 -38.14 -20.12
C14 CLA DB . 3.36 -38.59 -19.08
C15 CLA DB . 2.40 -36.63 -20.28
C16 CLA DB . 2.87 -36.20 -21.67
C17 CLA DB . 4.32 -36.57 -21.93
C18 CLA DB . 5.12 -35.42 -22.53
C19 CLA DB . 5.18 -34.22 -21.59
C20 CLA DB . 6.52 -35.87 -22.86
MG CLA EB . -17.14 -39.81 -17.83
CHA CLA EB . -18.81 -40.92 -20.60
CHB CLA EB . -17.56 -42.89 -16.38
CHC CLA EB . -14.77 -39.06 -15.44
CHD CLA EB . -16.40 -36.79 -19.48
NA CLA EB . -17.97 -41.62 -18.44
C1A CLA EB . -18.63 -41.87 -19.64
C2A CLA EB . -19.13 -43.31 -19.69
C3A CLA EB . -18.93 -43.81 -18.24
C4A CLA EB . -18.04 -42.73 -17.64
CMA CLA EB . -20.21 -43.91 -17.46
CAA CLA EB . -18.38 -44.14 -20.73
CBA CLA EB . -16.88 -44.21 -20.58
CGA CLA EB . -16.45 -45.60 -20.88
O1A CLA EB . -17.07 -46.49 -21.47
O2A CLA EB . -15.20 -45.91 -20.42
NB CLA EB . -16.38 -40.76 -16.21
C1B CLA EB . -16.73 -41.98 -15.75
C2B CLA EB . -16.05 -42.27 -14.46
C3B CLA EB . -15.26 -41.19 -14.20
C4B CLA EB . -15.42 -40.24 -15.32
CMB CLA EB . -16.23 -43.51 -13.70
CAB CLA EB . -14.32 -40.99 -13.14
CBB CLA EB . -13.13 -41.60 -13.17
NC CLA EB . -15.82 -38.22 -17.53
C1C CLA EB . -14.96 -38.12 -16.48
C2C CLA EB . -14.22 -36.88 -16.54
C3C CLA EB . -14.67 -36.21 -17.71
C4C CLA EB . -15.69 -37.06 -18.30
CMC CLA EB . -13.22 -36.54 -15.54
CAC CLA EB . -14.29 -34.89 -18.23
CBC CLA EB . -12.82 -34.70 -18.55
ND CLA EB . -17.31 -39.06 -19.69
C1D CLA EB . -17.16 -37.72 -20.16
C2D CLA EB . -17.91 -37.56 -21.43
C3D CLA EB . -18.53 -38.77 -21.66
C4D CLA EB . -18.16 -39.64 -20.53
CMD CLA EB . -17.92 -36.35 -22.25
CAD CLA EB . -19.37 -39.53 -22.55
OBD CLA EB . -19.75 -39.26 -23.69
CBD CLA EB . -19.71 -40.86 -21.82
CGD CLA EB . -21.18 -40.90 -21.48
O1D CLA EB . -22.13 -40.92 -22.27
O2D CLA EB . -21.51 -40.92 -20.17
CED CLA EB . -22.49 -41.88 -19.77
C1 CLA EB . -14.66 -47.16 -20.86
C2 CLA EB . -14.07 -47.82 -19.68
C3 CLA EB . -12.98 -48.60 -19.78
C4 CLA EB . -12.32 -48.82 -21.08
C5 CLA EB . -12.39 -49.28 -18.60
C6 CLA EB . -13.06 -48.89 -17.30
C7 CLA EB . -12.12 -49.13 -16.14
C8 CLA EB . -12.04 -50.61 -15.80
C9 CLA EB . -13.37 -51.16 -15.37
C10 CLA EB . -11.00 -50.80 -14.70
C11 CLA EB . -11.08 -52.17 -14.07
C12 CLA EB . -9.79 -52.49 -13.35
C13 CLA EB . -9.82 -53.83 -12.64
C14 CLA EB . -10.64 -53.72 -11.37
C15 CLA EB . -8.40 -54.31 -12.33
C16 CLA EB . -8.37 -55.59 -11.53
C17 CLA EB . -8.24 -56.80 -12.41
C18 CLA EB . -6.96 -57.59 -12.13
C19 CLA EB . -6.96 -58.88 -12.91
C20 CLA EB . -6.85 -57.90 -10.66
MG CLA FB . -24.59 -50.85 13.72
CHA CLA FB . -26.31 -51.25 16.69
CHB CLA FB . -23.22 -47.96 14.96
CHC CLA FB . -22.22 -50.91 11.24
CHD CLA FB . -25.49 -54.16 12.85
NA CLA FB . -24.77 -49.79 15.53
C1A CLA FB . -25.53 -50.13 16.65
C2A CLA FB . -25.42 -49.05 17.72
C3A CLA FB . -24.80 -47.88 16.93
C4A CLA FB . -24.18 -48.58 15.73
CMA CLA FB . -25.90 -46.98 16.44
CAA CLA FB . -24.55 -49.41 18.93
CBA CLA FB . -23.56 -50.51 18.66
CGA CLA FB . -22.81 -50.89 19.90
O1A CLA FB . -23.20 -51.57 20.86
O2A CLA FB . -21.54 -50.40 19.88
NB CLA FB . -23.03 -49.69 13.22
C1B CLA FB . -22.67 -48.54 13.83
C2B CLA FB . -21.58 -47.91 13.05
C3B CLA FB . -21.28 -48.72 12.00
C4B CLA FB . -22.22 -49.86 12.08
CMB CLA FB . -21.00 -46.65 13.48
CAB CLA FB . -20.31 -48.64 10.95
CBB CLA FB . -20.17 -47.60 10.12
NC CLA FB . -24.00 -52.25 12.28
C1C CLA FB . -23.05 -52.05 11.33
C2C CLA FB . -22.94 -53.19 10.45
C3C CLA FB . -23.81 -54.15 10.94
C4C CLA FB . -24.49 -53.55 12.08
CMC CLA FB . -22.01 -53.27 9.33
CAC CLA FB . -24.05 -55.50 10.40
CBC CLA FB . -23.19 -56.55 11.06
ND CLA FB . -25.65 -52.38 14.50
C1D CLA FB . -26.03 -53.64 13.98
C2D CLA FB . -27.07 -54.21 14.84
C3D CLA FB . -27.24 -53.33 15.89
C4D CLA FB . -26.30 -52.22 15.65
CMD CLA FB . -27.73 -55.49 14.56
CAD CLA FB . -27.93 -53.04 17.12
OBD CLA FB . -28.80 -53.69 17.67
CBD CLA FB . -27.34 -51.71 17.68
CGD CLA FB . -28.39 -50.64 17.82
O1D CLA FB . -28.90 -49.97 16.92
O2D CLA FB . -28.79 -50.42 19.11
CED CLA FB . -29.70 -49.34 19.31
C1 CLA FB . -20.70 -50.68 21.02
C2 CLA FB . -20.03 -49.39 21.31
C3 CLA FB . -18.75 -49.13 21.04
C4 CLA FB . -17.86 -50.13 20.40
C5 CLA FB . -18.17 -47.81 21.37
MG CLA GB . -21.07 -40.44 6.87
CHA CLA GB . -22.85 -43.36 7.46
CHB CLA GB . -18.16 -42.25 6.98
CHC CLA GB . -19.26 -37.53 7.02
CHD CLA GB . -24.02 -38.58 7.47
NA CLA GB . -20.61 -42.47 7.13
C1A CLA GB . -21.49 -43.54 7.32
C2A CLA GB . -20.75 -44.87 7.43
C3A CLA GB . -19.28 -44.47 7.21
C4A CLA GB . -19.34 -42.96 7.07
CMA CLA GB . -18.53 -44.83 8.45
CAA CLA GB . -21.12 -45.84 6.31
CBA CLA GB . -21.45 -47.21 6.84
CGA CLA GB . -21.24 -48.25 5.78
O1A CLA GB . -21.49 -48.17 4.58
O2A CLA GB . -20.72 -49.42 6.26
NB CLA GB . -19.11 -39.99 6.98
C1B CLA GB . -18.08 -40.86 6.91
C2B CLA GB . -16.80 -40.14 6.76
C3B CLA GB . -17.11 -38.79 6.78
C4B CLA GB . -18.58 -38.69 6.91
CMB CLA GB . -15.55 -40.87 6.67
CAB CLA GB . -16.33 -37.59 6.73
CBB CLA GB . -15.01 -37.46 6.74
NC CLA GB . -21.56 -38.43 7.17
C1C CLA GB . -20.66 -37.40 7.15
C2C CLA GB . -21.34 -36.13 7.34
C3C CLA GB . -22.69 -36.42 7.51
C4C CLA GB . -22.82 -37.86 7.36
CMC CLA GB . -20.69 -34.83 7.42
CAC CLA GB . -23.74 -35.43 7.75
CBC CLA GB . -24.55 -35.07 6.53
ND CLA GB . -22.98 -40.80 7.35
C1D CLA GB . -24.12 -39.95 7.47
C2D CLA GB . -25.32 -40.78 7.63
C3D CLA GB . -24.88 -42.08 7.67
C4D CLA GB . -23.43 -42.05 7.49
CMD CLA GB . -26.67 -40.28 7.80
CAD CLA GB . -25.27 -43.46 7.84
OBD CLA GB . -26.35 -43.93 8.12
CBD CLA GB . -23.99 -44.31 7.68
CGD CLA GB . -23.80 -45.12 8.92
O1D CLA GB . -24.01 -46.32 9.08
O2D CLA GB . -23.37 -44.42 10.01
CED CLA GB . -23.43 -45.11 11.25
C1 CLA GB . -21.04 -50.56 5.45
C2 CLA GB . -20.60 -51.79 6.12
C3 CLA GB . -19.86 -52.73 5.51
C4 CLA GB . -19.45 -52.58 4.10
C5 CLA GB . -19.43 -53.96 6.22
C6 CLA GB . -18.03 -54.38 5.83
MG CLA HB . -16.84 -47.01 -1.26
CHA CLA HB . -19.40 -46.75 1.00
CHB CLA HB . -14.69 -45.75 1.12
CHC CLA HB . -14.13 -48.00 -3.15
CHD CLA HB . -18.95 -48.95 -3.35
NA CLA HB . -17.03 -46.36 0.71
C1A CLA HB . -18.21 -46.31 1.46
C2A CLA HB . -17.96 -45.78 2.87
C3A CLA HB . -16.51 -45.24 2.78
C4A CLA HB . -16.01 -45.83 1.46
CMA CLA HB . -16.49 -43.74 2.78
CAA CLA HB . -18.12 -46.88 3.92
CBA CLA HB . -17.31 -48.14 3.70
CGA CLA HB . -18.04 -49.25 2.99
O1A CLA HB . -19.24 -49.43 2.85
O2A CLA HB . -17.18 -50.15 2.43
NB CLA HB . -14.83 -46.88 -1.07
C1B CLA HB . -14.15 -46.27 -0.06
C2B CLA HB . -12.70 -46.24 -0.36
C3B CLA HB . -12.53 -46.88 -1.56
C4B CLA HB . -13.89 -47.30 -2.02
CMB CLA HB . -11.71 -45.66 0.53
CAB CLA HB . -11.35 -47.18 -2.28
CBB CLA HB . -10.72 -48.35 -2.18
NC CLA HB . -16.60 -48.22 -2.95
C1C CLA HB . -15.41 -48.44 -3.58
C2C CLA HB . -15.61 -49.24 -4.78
C3C CLA HB . -16.96 -49.58 -4.80
C4C CLA HB . -17.58 -48.91 -3.67
CMC CLA HB . -14.51 -49.63 -5.67
CAC CLA HB . -17.66 -50.38 -5.82
CBC CLA HB . -17.63 -51.87 -5.58
ND CLA HB . -18.71 -47.76 -1.23
C1D CLA HB . -19.49 -48.42 -2.21
C2D CLA HB . -20.90 -48.43 -1.77
C3D CLA HB . -20.93 -47.80 -0.55
C4D CLA HB . -19.54 -47.42 -0.26
CMD CLA HB . -22.00 -49.01 -2.55
CAD CLA HB . -21.72 -47.40 0.59
OBD CLA HB . -22.89 -47.60 0.83
CBD CLA HB . -20.79 -46.68 1.60
CGD CLA HB . -21.18 -45.27 1.90
O1D CLA HB . -21.20 -44.72 3.01
O2D CLA HB . -21.54 -44.51 0.83
CED CLA HB . -22.18 -43.29 1.19
C1 CLA HB . -16.68 -49.80 1.12
C2 CLA HB . -17.30 -50.74 0.16
C3 CLA HB . -16.57 -51.32 -0.80
C4 CLA HB . -17.16 -52.27 -1.77
C5 CLA HB . -15.12 -51.04 -0.93
C6 CLA HB . -14.45 -51.85 -2.01
C7 CLA HB . -12.97 -51.53 -2.07
C8 CLA HB . -12.27 -52.32 -3.16
C9 CLA HB . -11.90 -53.70 -2.66
C10 CLA HB . -11.03 -51.58 -3.65
C11 CLA HB . -11.06 -51.35 -5.15
C12 CLA HB . -9.67 -51.25 -5.72
C13 CLA HB . -9.42 -52.29 -6.79
C14 CLA HB . -10.72 -52.87 -7.32
C15 CLA HB . -8.50 -53.40 -6.28
C16 CLA HB . -7.89 -54.21 -7.41
C17 CLA HB . -6.58 -53.63 -7.88
C18 CLA HB . -5.42 -54.64 -7.85
C19 CLA HB . -4.79 -54.83 -9.21
C20 CLA HB . -5.86 -55.98 -7.28
MG CLA IB . -7.77 -47.26 3.26
CHA CLA IB . -10.70 -46.60 4.94
CHB CLA IB . -6.02 -45.61 5.69
CHC CLA IB . -4.81 -48.33 1.84
CHD CLA IB . -9.55 -49.34 1.03
NA CLA IB . -8.29 -46.29 5.03
C1A CLA IB . -9.58 -46.09 5.54
C2A CLA IB . -9.54 -45.25 6.83
C3A CLA IB . -8.05 -44.84 6.93
C4A CLA IB . -7.39 -45.64 5.83
CMA CLA IB . -7.87 -43.37 6.66
CAA CLA IB . -10.07 -45.88 8.10
CBA CLA IB . -9.88 -47.35 8.33
CGA CLA IB . -10.97 -47.73 9.28
O1A CLA IB . -12.14 -48.01 9.00
O2A CLA IB . -10.56 -47.70 10.59
NB CLA IB . -5.81 -46.90 3.61
C1B CLA IB . -5.31 -46.33 4.72
C2B CLA IB . -3.84 -46.59 4.83
C3B CLA IB . -3.50 -47.36 3.75
C4B CLA IB . -4.75 -47.57 2.96
CMB CLA IB . -3.05 -46.09 5.95
CAB CLA IB . -2.27 -47.97 3.34
CBB CLA IB . -1.09 -47.40 3.13
NC CLA IB . -7.28 -48.58 1.71
C1C CLA IB . -6.01 -48.81 1.25
C2C CLA IB . -6.04 -49.67 0.07
C3C CLA IB . -7.37 -50.04 -0.10
C4C CLA IB . -8.15 -49.32 0.91
CMC CLA IB . -4.86 -50.10 -0.68
CAC CLA IB . -7.92 -50.90 -1.18
CBC CLA IB . -8.25 -52.30 -0.74
ND CLA IB . -9.62 -48.03 3.11
C1D CLA IB . -10.25 -48.76 2.07
C2D CLA IB . -11.71 -48.76 2.26
C3D CLA IB . -11.94 -47.94 3.35
C4D CLA IB . -10.62 -47.49 3.82
CMD CLA IB . -12.66 -49.47 1.43
CAD CLA IB . -12.93 -47.38 4.24
OBD CLA IB . -14.13 -47.59 4.30
CBD CLA IB . -12.18 -46.42 5.21
CGD CLA IB . -12.62 -45.01 4.91
O1D CLA IB . -13.01 -44.57 3.84
O2D CLA IB . -12.54 -44.15 5.95
CED CLA IB . -12.21 -42.80 5.63
C1 CLA IB . -11.39 -48.34 11.58
C2 CLA IB . -11.15 -49.79 11.46
C3 CLA IB . -12.16 -50.70 11.48
C4 CLA IB . -13.57 -50.29 11.64
C5 CLA IB . -11.86 -52.15 11.33
C6 CLA IB . -12.22 -53.01 12.53
C7 CLA IB . -11.66 -54.40 12.29
C8 CLA IB . -11.62 -55.24 13.56
C9 CLA IB . -12.91 -56.04 13.68
C10 CLA IB . -11.41 -54.35 14.77
C11 CLA IB . -10.85 -55.13 15.94
C12 CLA IB . -9.61 -55.91 15.55
C13 CLA IB . -9.11 -56.75 16.72
C14 CLA IB . -7.61 -56.67 16.79
C15 CLA IB . -9.56 -58.19 16.59
C16 CLA IB . -8.64 -58.99 15.70
C17 CLA IB . -9.42 -59.76 14.66
C18 CLA IB . -9.05 -61.24 14.61
C19 CLA IB . -8.71 -61.68 13.21
C20 CLA IB . -10.21 -62.07 15.14
MG CLA JB . 0.14 -12.27 11.24
CHA CLA JB . 1.80 -14.67 13.10
CHB CLA JB . -2.80 -13.15 12.75
CHC CLA JB . -1.29 -9.40 10.04
CHD CLA JB . 3.28 -11.15 10.03
NA CLA JB . -0.38 -13.68 12.70
C1A CLA JB . 0.45 -14.61 13.35
C2A CLA JB . -0.35 -15.48 14.31
C3A CLA JB . -1.80 -15.18 13.90
C4A CLA JB . -1.67 -13.89 13.09
CMA CLA JB . -2.34 -16.30 13.05
CAA CLA JB . -0.05 -15.13 15.76
CBA CLA JB . -1.26 -14.96 16.63
CGA CLA JB . -0.83 -14.07 17.74
O1A CLA JB . 0.14 -13.31 17.71
O2A CLA JB . -1.59 -14.17 18.87
NB CLA JB . -1.69 -11.43 11.39
C1B CLA JB . -2.77 -11.96 12.00
C2B CLA JB . -3.97 -11.12 11.74
C3B CLA JB . -3.55 -10.05 10.97
C4B CLA JB . -2.09 -10.25 10.73
CMB CLA JB . -5.29 -11.44 12.27
CAB CLA JB . -4.24 -8.91 10.41
CBB CLA JB . -5.05 -8.05 11.03
NC CLA JB . 0.86 -10.60 10.22
C1C CLA JB . 0.09 -9.57 9.79
C2C CLA JB . 0.90 -8.60 9.07
C3C CLA JB . 2.20 -9.07 9.08
C4C CLA JB . 2.16 -10.35 9.78
CMC CLA JB . 0.42 -7.36 8.48
CAC CLA JB . 3.35 -8.40 8.44
CBC CLA JB . 3.81 -8.94 7.11
ND CLA JB . 2.09 -12.71 11.51
C1D CLA JB . 3.26 -12.26 10.84
C2D CLA JB . 4.39 -13.11 11.21
C3D CLA JB . 3.90 -14.03 12.11
C4D CLA JB . 2.46 -13.76 12.24
CMD CLA JB . 5.74 -12.91 10.73
CAD CLA JB . 4.21 -15.15 12.97
OBD CLA JB . 5.30 -15.65 13.25
CBD CLA JB . 2.85 -15.65 13.55
CGD CLA JB . 2.57 -17.02 13.01
O1D CLA JB . 1.87 -17.29 12.03
O2D CLA JB . 3.17 -18.04 13.67
CED CLA JB . 3.45 -19.23 12.93
C1 CLA JB . -2.32 -13.01 19.34
C2 CLA JB . -1.41 -12.16 20.13
C3 CLA JB . -1.82 -11.12 20.88
C4 CLA JB . -3.24 -10.72 20.98
C5 CLA JB . -0.82 -10.30 21.64
C6 CLA JB . -0.26 -9.19 20.76
C7 CLA JB . -0.08 -7.91 21.54
C8 CLA JB . -0.97 -6.78 21.05
C9 CLA JB . -0.25 -5.45 21.14
C10 CLA JB . -2.26 -6.71 21.85
C11 CLA JB . -2.80 -5.30 21.92
C12 CLA JB . -4.05 -5.18 21.08
C13 CLA JB . -4.43 -3.72 20.94
C14 CLA JB . -5.21 -3.30 22.16
C15 CLA JB . -5.22 -3.47 19.66
C16 CLA JB . -4.44 -2.58 18.73
C17 CLA JB . -5.08 -1.21 18.63
C18 CLA JB . -4.20 -0.22 17.90
C19 CLA JB . -5.04 0.83 17.21
C20 CLA JB . -3.22 0.45 18.85
MG CLA KB . -1.68 -63.90 13.51
CHA CLA KB . -1.80 -66.64 11.40
CHB CLA KB . -4.07 -62.39 11.58
CHC CLA KB . -2.40 -61.72 16.08
CHD CLA KB . 0.15 -65.89 15.82
NA CLA KB . -2.69 -64.41 11.76
C1A CLA KB . -2.61 -65.61 11.02
C2A CLA KB . -3.53 -65.54 9.80
C3A CLA KB . -3.85 -64.04 9.70
C4A CLA KB . -3.54 -63.56 11.11
CMA CLA KB . -3.01 -63.34 8.67
CAA CLA KB . -4.83 -66.28 10.04
CBA CLA KB . -4.96 -67.54 9.21
CGA CLA KB . -5.20 -67.25 7.76
O1A CLA KB . -5.02 -66.22 7.12
O2A CLA KB . -5.71 -68.33 7.10
NB CLA KB . -3.00 -62.39 13.78
C1B CLA KB . -3.84 -61.87 12.84
C2B CLA KB . -4.47 -60.64 13.34
C3B CLA KB . -4.00 -60.43 14.62
C4B CLA KB . -3.06 -61.54 14.91
CMB CLA KB . -5.41 -59.90 12.50
CAB CLA KB . -4.27 -59.43 15.62
CBB CLA KB . -4.86 -58.26 15.45
NC CLA KB . -1.12 -63.77 15.52
C1C CLA KB . -1.46 -62.74 16.35
C2C CLA KB . -0.82 -62.91 17.65
C3C CLA KB . -0.21 -64.15 17.63
C4C CLA KB . -0.39 -64.68 16.28
CMC CLA KB . -0.94 -61.96 18.75
CAC CLA KB . 0.55 -64.77 18.73
CBC CLA KB . -0.17 -65.91 19.38
ND CLA KB . -0.84 -65.73 13.58
C1D CLA KB . -0.07 -66.40 14.56
C2D CLA KB . 0.42 -67.67 14.01
C3D CLA KB . -0.18 -67.80 12.78
C4D CLA KB . -1.01 -66.60 12.59
CMD CLA KB . 1.34 -68.57 14.70
CAD CLA KB . -0.32 -68.60 11.58
OBD CLA KB . 0.33 -69.59 11.22
CBD CLA KB . -1.46 -67.97 10.74
CGD CLA KB . -1.01 -67.77 9.32
O1D CLA KB . -0.11 -67.03 8.94
O2D CLA KB . -1.68 -68.49 8.39
CED CLA KB . -1.46 -68.12 7.03
C1 CLA KB . -7.08 -68.67 7.36
C2 CLA KB . -7.90 -67.92 6.37
C3 CLA KB . -8.75 -66.94 6.72
C4 CLA KB . -8.95 -66.53 8.13
C5 CLA KB . -9.53 -66.21 5.68
C6 CLA KB . -8.63 -65.41 4.77
C7 CLA KB . -9.38 -64.94 3.54
MG CLA LB . -5.77 -9.52 -2.09
CHA CLA LB . -8.92 -10.89 -1.47
CHB CLA LB . -6.95 -6.53 -0.93
CHC CLA LB . -2.88 -8.01 -3.10
CHD CLA LB . -5.06 -12.29 -4.14
NA CLA LB . -7.63 -8.84 -1.37
C1A CLA LB . -8.82 -9.56 -1.18
C2A CLA LB . -9.93 -8.67 -0.61
C3A CLA LB . -9.31 -7.28 -0.67
C4A CLA LB . -7.86 -7.55 -1.00
CMA CLA LB . -9.95 -6.45 -1.75
CAA CLA LB . -10.23 -9.03 0.83
CBA CLA LB . -11.28 -8.15 1.47
CGA CLA LB . -10.67 -7.20 2.46
O1A CLA LB . -9.85 -6.30 2.29
O2A CLA LB . -11.11 -7.39 3.73
NB CLA LB . -5.09 -7.61 -2.08
C1B CLA LB . -5.61 -6.66 -1.27
C2B CLA LB . -4.58 -5.74 -0.79
C3B CLA LB . -3.40 -6.13 -1.39
C4B CLA LB . -3.72 -7.31 -2.25
CMB CLA LB . -4.93 -4.62 0.09
CAB CLA LB . -2.09 -5.56 -1.35
CBB CLA LB . -1.67 -4.54 -0.62
NC CLA LB . -4.22 -10.07 -3.40
C1C CLA LB . -3.13 -9.30 -3.66
C2C CLA LB . -2.27 -10.03 -4.60
C3C CLA LB . -2.92 -11.21 -4.94
C4C CLA LB . -4.16 -11.22 -4.19
CMC CLA LB . -1.00 -9.58 -5.12
CAC CLA LB . -2.46 -12.24 -5.89
CBC CLA LB . -3.21 -12.23 -7.21
ND CLA LB . -6.70 -11.20 -2.71
C1D CLA LB . -6.25 -12.29 -3.48
C2D CLA LB . -7.16 -13.42 -3.28
C3D CLA LB . -8.15 -12.97 -2.41
C4D CLA LB . -7.87 -11.54 -2.19
CMD CLA LB . -6.87 -14.74 -3.81
CAD CLA LB . -9.32 -13.28 -1.61
OBD CLA LB . -9.73 -14.34 -1.20
CBD CLA LB . -9.97 -11.94 -1.20
CGD CLA LB . -11.24 -11.79 -1.94
O1D CLA LB . -11.47 -12.11 -3.10
O2D CLA LB . -12.27 -11.24 -1.24
CED CLA LB . -13.56 -11.79 -1.55
C1 CLA LB . -10.98 -6.24 4.57
C2 CLA LB . -12.36 -5.87 4.92
C3 CLA LB . -12.81 -5.82 6.17
C4 CLA LB . -14.19 -5.46 6.48
C5 CLA LB . -11.96 -6.13 7.35
C6 CLA LB . -12.64 -5.79 8.65
C7 CLA LB . -12.28 -6.80 9.72
C8 CLA LB . -12.40 -6.24 11.12
C9 CLA LB . -11.47 -5.07 11.32
C10 CLA LB . -12.13 -7.32 12.17
C11 CLA LB . -10.79 -7.14 12.83
C12 CLA LB . -10.34 -8.41 13.54
C13 CLA LB . -9.05 -8.23 14.31
C14 CLA LB . -8.11 -7.26 13.60
C15 CLA LB . -8.34 -9.56 14.52
C16 CLA LB . -7.17 -9.40 15.46
C17 CLA LB . -7.59 -9.45 16.91
C18 CLA LB . -6.56 -8.82 17.82
C19 CLA LB . -6.86 -7.36 18.09
C20 CLA LB . -6.43 -9.60 19.10
MG CLA MB . -28.14 -57.12 20.34
CHA CLA MB . -28.73 -56.46 23.66
CHB CLA MB . -26.02 -54.41 20.22
CHC CLA MB . -26.95 -58.16 17.29
CHD CLA MB . -29.87 -60.17 20.67
NA CLA MB . -27.50 -55.67 21.72
C1A CLA MB . -27.88 -55.56 23.05
C2A CLA MB . -27.21 -54.34 23.71
C3A CLA MB . -26.54 -53.61 22.52
C4A CLA MB . -26.69 -54.62 21.39
CMA CLA MB . -27.15 -52.28 22.19
CAA CLA MB . -26.21 -54.71 24.80
CBA CLA MB . -25.24 -55.79 24.41
CGA CLA MB . -24.32 -56.05 25.54
O1A CLA MB . -23.76 -55.23 26.29
O2A CLA MB . -24.08 -57.36 25.74
NB CLA MB . -26.90 -56.34 18.95
C1B CLA MB . -26.05 -55.31 19.17
C2B CLA MB . -25.00 -55.27 18.14
C3B CLA MB . -25.21 -56.31 17.27
C4B CLA MB . -26.43 -57.02 17.80
CMB CLA MB . -23.96 -54.27 18.21
CAB CLA MB . -24.38 -56.70 16.16
CBB CLA MB . -24.69 -57.23 14.98
NC CLA MB . -28.40 -58.83 19.18
C1C CLA MB . -27.87 -59.01 17.94
C2C CLA MB . -28.33 -60.26 17.37
C3C CLA MB . -29.10 -60.88 18.36
C4C CLA MB . -29.16 -59.96 19.48
CMC CLA MB . -27.94 -60.75 16.04
CAC CLA MB . -29.82 -62.16 18.26
CBC CLA MB . -31.23 -61.99 17.75
ND CLA MB . -28.94 -58.22 21.82
C1D CLA MB . -29.76 -59.38 21.78
C2D CLA MB . -30.43 -59.55 23.09
C3D CLA MB . -30.02 -58.49 23.85
C4D CLA MB . -29.14 -57.67 23.01
CMD CLA MB . -31.30 -60.68 23.45
CAD CLA MB . -30.09 -57.85 25.16
OBD CLA MB . -30.58 -58.25 26.20
CBD CLA MB . -29.39 -56.48 25.01
CGD CLA MB . -30.39 -55.39 25.12
O1D CLA MB . -31.61 -55.46 24.97
O2D CLA MB . -29.88 -54.17 25.44
CED CLA MB . -30.85 -53.17 25.71
C1 CLA MB . -22.69 -57.75 25.63
C2 CLA MB . -22.43 -58.71 26.72
C3 CLA MB . -22.56 -60.02 26.55
C4 CLA MB . -22.97 -60.61 25.24
C5 CLA MB . -22.27 -60.96 27.67
C6 CLA MB . -23.19 -62.18 27.73
C7 CLA MB . -22.37 -63.45 27.75
C8 CLA MB . -22.00 -63.90 29.16
C9 CLA MB . -20.53 -63.72 29.44
C10 CLA MB . -22.40 -65.36 29.37
C11 CLA MB . -21.22 -66.19 29.79
C12 CLA MB . -21.57 -67.18 30.89
C13 CLA MB . -20.31 -67.72 31.57
C14 CLA MB . -20.41 -67.62 33.07
C15 CLA MB . -19.05 -67.04 31.05
C16 CLA MB . -18.21 -66.43 32.15
C17 CLA MB . -17.44 -65.22 31.64
C18 CLA MB . -16.72 -64.48 32.74
C19 CLA MB . -15.67 -65.36 33.40
C20 CLA MB . -16.07 -63.22 32.19
MG CLA NB . 0.07 -54.54 -3.99
CHA CLA NB . 2.78 -56.38 -2.87
CHB CLA NB . 1.74 -53.89 -6.88
CHC CLA NB . -2.84 -53.35 -5.38
CHD CLA NB . -1.79 -55.80 -1.25
NA CLA NB . 1.94 -55.08 -4.73
C1A CLA NB . 2.94 -55.85 -4.12
C2A CLA NB . 4.18 -55.97 -5.02
C3A CLA NB . 3.87 -54.98 -6.16
C4A CLA NB . 2.41 -54.63 -5.95
CMA CLA NB . 4.69 -53.73 -6.03
CAA CLA NB . 4.44 -57.37 -5.56
CBA CLA NB . 3.22 -58.21 -5.81
CGA CLA NB . 3.60 -59.44 -6.59
O1A CLA NB . 4.68 -60.01 -6.65
O2A CLA NB . 2.56 -59.93 -7.34
NB CLA NB . -0.48 -53.88 -5.82
C1B CLA NB . 0.41 -53.47 -6.77
C2B CLA NB . -0.20 -52.46 -7.67
C3B CLA NB . -1.50 -52.30 -7.25
C4B CLA NB . -1.69 -53.20 -6.08
CMB CLA NB . 0.54 -51.85 -8.76
CAB CLA NB . -2.55 -51.46 -7.76
CBB CLA NB . -3.03 -51.46 -9.01
NC CLA NB . -1.94 -54.57 -3.41
C1C CLA NB . -2.96 -54.00 -4.12
C2C CLA NB . -4.22 -54.16 -3.40
C3C CLA NB . -3.93 -54.88 -2.25
C4C CLA NB . -2.50 -55.13 -2.26
CMC CLA NB . -5.51 -53.66 -3.87
CAC CLA NB . -4.87 -55.30 -1.20
CBC CLA NB . -4.91 -54.33 -0.03
ND CLA NB . 0.36 -55.74 -2.40
C1D CLA NB . -0.46 -56.10 -1.30
C2D CLA NB . 0.34 -56.79 -0.29
C3D CLA NB . 1.61 -56.90 -0.82
C4D CLA NB . 1.55 -56.28 -2.15
CMD CLA NB . -0.17 -57.24 1.01
CAD CLA NB . 2.96 -57.40 -0.63
OBD CLA NB . 3.44 -57.97 0.32
CBD CLA NB . 3.74 -57.10 -1.94
CGD CLA NB . 4.93 -56.23 -1.64
O1D CLA NB . 4.94 -55.01 -1.51
O2D CLA NB . 6.10 -56.90 -1.50
CED CLA NB . 7.21 -56.14 -1.04
C1 CLA NB . 1.49 -60.54 -6.62
C2 CLA NB . 0.45 -60.85 -7.64
C3 CLA NB . -0.67 -61.50 -7.30
C4 CLA NB . -0.92 -61.92 -5.91
C5 CLA NB . -1.71 -61.81 -8.31
C6 CLA NB . -3.09 -61.95 -7.71
C7 CLA NB . -4.05 -60.94 -8.30
C8 CLA NB . -5.37 -61.56 -8.71
C9 CLA NB . -5.46 -63.02 -8.29
C10 CLA NB . -5.58 -61.42 -10.20
C11 CLA NB . -5.93 -62.73 -10.85
C12 CLA NB . -6.90 -62.58 -12.01
C13 CLA NB . -6.60 -63.57 -13.13
C14 CLA NB . -7.87 -64.07 -13.79
C15 CLA NB . -5.77 -64.74 -12.63
C16 CLA NB . -6.58 -66.00 -12.47
C17 CLA NB . -6.22 -66.68 -11.16
C18 CLA NB . -6.94 -68.02 -11.02
C19 CLA NB . -6.20 -69.10 -11.78
C20 CLA NB . -7.06 -68.39 -9.56
MG CLA OB . 12.86 -3.89 14.14
CHA CLA OB . 12.69 -1.73 16.83
CHB CLA OB . 11.71 -6.41 16.13
CHC CLA OB . 12.03 -5.71 11.33
CHD CLA OB . 13.70 -1.16 12.05
NA CLA OB . 12.32 -4.03 16.15
C1A CLA OB . 12.32 -3.02 17.12
C2A CLA OB . 11.91 -3.58 18.47
C3A CLA OB . 11.99 -5.11 18.25
C4A CLA OB . 11.98 -5.22 16.74
CMA CLA OB . 13.25 -5.69 18.83
CAA CLA OB . 10.53 -3.16 18.91
CBA CLA OB . 10.34 -3.39 20.39
CGA CLA OB . 9.14 -2.65 20.86
O1A CLA OB . 7.99 -2.77 20.46
O2A CLA OB . 9.41 -1.77 21.85
NB CLA OB . 12.04 -5.70 13.80
C1B CLA OB . 11.68 -6.60 14.73
C2B CLA OB . 11.21 -7.85 14.08
C3B CLA OB . 11.29 -7.65 12.73
C4B CLA OB . 11.81 -6.28 12.53
CMB CLA OB . 10.76 -9.02 14.81
CAB CLA OB . 10.93 -8.50 11.64
CBB CLA OB . 11.62 -9.53 11.17
NC CLA OB . 12.90 -3.51 12.08
C1C CLA OB . 12.56 -4.42 11.12
C2C CLA OB . 12.73 -3.85 9.80
C3C CLA OB . 13.20 -2.57 9.99
C4C CLA OB . 13.34 -2.36 11.43
CMC CLA OB . 12.44 -4.54 8.53
CAC CLA OB . 13.54 -1.63 8.92
CBC CLA OB . 14.99 -1.73 8.51
ND CLA OB . 13.14 -1.91 14.31
C1D CLA OB . 13.63 -0.93 13.41
C2D CLA OB . 13.88 0.33 14.14
C3D CLA OB . 13.43 0.11 15.44
C4D CLA OB . 13.02 -1.31 15.50
CMD CLA OB . 14.38 1.55 13.54
CAD CLA OB . 13.21 0.67 16.75
OBD CLA OB . 13.22 1.84 17.11
CBD CLA OB . 12.85 -0.50 17.71
CGD CLA OB . 13.96 -0.68 18.70
O1D CLA OB . 15.15 -0.40 18.53
O2D CLA OB . 13.57 -1.19 19.91
CED CLA OB . 12.91 -0.31 20.81
C1 CLA OB . 8.36 -1.55 22.81
C2 CLA OB . 8.26 -0.09 23.00
C3 CLA OB . 7.17 0.61 22.65
C4 CLA OB . 5.99 -0.05 22.08
C5 CLA OB . 7.10 2.07 22.84
C6 CLA OB . 7.79 2.46 24.13
C7 CLA OB . 7.36 3.84 24.59
C8 CLA OB . 7.40 3.93 26.10
C9 CLA OB . 8.78 4.36 26.56
C10 CLA OB . 7.06 2.61 26.76
C11 CLA OB . 7.13 2.75 28.26
C12 CLA OB . 5.81 2.41 28.91
C13 CLA OB . 5.27 3.58 29.70
C14 CLA OB . 5.82 3.59 31.10
C15 CLA OB . 3.74 3.54 29.74
C16 CLA OB . 3.16 4.91 29.97
C17 CLA OB . 1.67 4.90 29.72
C18 CLA OB . 0.89 4.37 30.92
C19 CLA OB . -0.06 5.40 31.46
C20 CLA OB . 0.13 3.10 30.59
MG CLA PB . 7.18 -12.57 23.15
CHA CLA PB . 8.31 -10.21 20.86
CHB CLA PB . 4.03 -12.30 21.85
CHC CLA PB . 5.89 -14.29 25.84
CHD CLA PB . 10.20 -12.14 24.96
NA CLA PB . 6.34 -11.47 21.58
C1A CLA PB . 6.99 -10.56 20.73
C2A CLA PB . 5.98 -10.01 19.71
C3A CLA PB . 4.65 -10.69 20.07
C4A CLA PB . 5.02 -11.58 21.24
CMA CLA PB . 3.63 -9.67 20.47
CAA CLA PB . 6.30 -10.53 18.33
CBA CLA PB . 6.15 -9.43 17.30
CGA CLA PB . 7.50 -9.31 16.72
O1A CLA PB . 8.31 -10.21 16.56
O2A CLA PB . 7.84 -8.03 16.39
NB CLA PB . 5.34 -13.18 23.71
C1B CLA PB . 4.20 -13.08 22.99
C2B CLA PB . 3.10 -13.84 23.64
C3B CLA PB . 3.64 -14.41 24.78
C4B CLA PB . 5.06 -14.00 24.82
CMB CLA PB . 1.76 -13.85 23.07
CAB CLA PB . 3.13 -15.23 25.84
CBB CLA PB . 1.92 -15.76 25.98
NC CLA PB . 7.92 -13.14 25.01
C1C CLA PB . 7.23 -13.86 25.93
C2C CLA PB . 8.05 -14.12 27.08
C3C CLA PB . 9.26 -13.48 26.88
C4C CLA PB . 9.17 -12.88 25.56
CMC CLA PB . 7.61 -14.86 28.25
CAC CLA PB . 10.40 -13.45 27.80
CBC CLA PB . 10.41 -12.18 28.61
ND CLA PB . 8.89 -11.52 22.97
C1D CLA PB . 10.09 -11.53 23.74
C2D CLA PB . 11.10 -10.72 23.06
C3D CLA PB . 10.49 -10.20 21.94
C4D CLA PB . 9.11 -10.70 21.94
CMD CLA PB . 12.45 -10.54 23.57
CAD CLA PB . 10.65 -9.35 20.80
OBD CLA PB . 11.62 -8.69 20.44
CBD CLA PB . 9.27 -9.31 20.08
CGD CLA PB . 8.86 -7.89 19.88
O1D CLA PB . 9.29 -7.09 19.03
O2D CLA PB . 7.93 -7.43 20.74
CED CLA PB . 7.12 -6.40 20.18
C1 CLA PB . 6.74 -7.12 16.18
C2 CLA PB . 7.22 -5.75 16.44
C3 CLA PB . 7.93 -5.04 15.55
C4 CLA PB . 8.31 -5.56 14.22
C5 CLA PB . 8.38 -3.67 15.89
C6 CLA PB . 7.21 -2.70 15.99
C7 CLA PB . 6.65 -2.40 14.62
C8 CLA PB . 5.15 -2.16 14.63
C9 CLA PB . 4.84 -1.27 15.80
C10 CLA PB . 4.38 -3.48 14.70
C11 CLA PB . 3.09 -3.39 13.90
C12 CLA PB . 1.85 -3.59 14.75
C13 CLA PB . 0.81 -2.54 14.41
C14 CLA PB . 1.38 -1.16 14.55
C15 CLA PB . -0.45 -2.61 15.28
C16 CLA PB . -1.07 -1.24 15.39
C17 CLA PB . -2.36 -1.09 14.60
C18 CLA PB . -2.23 -0.08 13.47
C19 CLA PB . -2.91 -0.59 12.23
C20 CLA PB . -2.81 1.25 13.86
C1 PQN QB . 6.97 -13.25 3.07
O1 PQN QB . 6.00 -13.37 2.42
C2 PQN QB . 7.23 -11.95 3.78
C2M PQN QB . 6.25 -10.80 3.63
C3 PQN QB . 8.47 -11.80 4.59
C4 PQN QB . 9.43 -12.94 4.72
O4 PQN QB . 10.40 -12.82 5.36
C5 PQN QB . 9.15 -14.30 3.98
C6 PQN QB . 10.05 -15.35 4.10
C7 PQN QB . 9.80 -16.55 3.46
C8 PQN QB . 8.64 -16.70 2.68
C9 PQN QB . 7.74 -15.65 2.56
C10 PQN QB . 7.99 -14.45 3.20
C11 PQN QB . 8.77 -10.50 5.31
C12 PQN QB . 7.92 -10.50 6.58
C13 PQN QB . 8.45 -10.09 7.72
C14 PQN QB . 9.89 -9.61 7.77
C15 PQN QB . 7.59 -10.11 8.98
C16 PQN QB . 7.73 -8.76 9.67
C17 PQN QB . 6.33 -8.23 9.96
C18 PQN QB . 6.41 -7.23 11.10
C19 PQN QB . 7.87 -6.83 11.26
C20 PQN QB . 5.92 -7.89 12.39
C21 PQN QB . 4.57 -8.55 12.14
C22 PQN QB . 3.57 -8.10 13.19
C23 PQN QB . 2.15 -8.28 12.66
C24 PQN QB . 1.44 -6.92 12.57
C25 PQN QB . 1.36 -9.20 13.58
C26 PQN QB . 2.27 -10.34 14.03
C27 PQN QB . 1.59 -11.22 15.06
C28 PQN QB . 2.64 -12.11 15.71
C29 PQN QB . 2.79 -11.70 17.17
C30 PQN QB . 3.98 -11.92 15.01
O1 LHG RB . 16.69 -21.98 16.66
C1 LHG RB . 16.35 -22.50 15.37
C2 LHG RB . 14.85 -22.74 15.32
O2 LHG RB . 14.58 -24.12 15.59
C3 LHG RB . 14.31 -22.39 13.94
O3 LHG RB . 12.90 -22.23 14.02
P LHG RB . 12.09 -22.22 12.64
O4 LHG RB . 12.10 -20.83 12.09
O5 LHG RB . 12.61 -23.36 11.81
O6 LHG RB . 10.57 -22.53 13.06
C4 LHG RB . 9.57 -22.19 12.12
C5 LHG RB . 8.23 -22.03 12.79
C6 LHG RB . 7.78 -23.40 13.27
O7 LHG RB . 8.39 -21.16 13.91
C7 LHG RB . 7.64 -19.92 13.76
O9 LHG RB . 6.78 -19.85 12.92
C8 LHG RB . 7.95 -18.73 14.64
C9 LHG RB . 6.89 -18.62 15.72
C10 LHG RB . 6.68 -17.17 16.14
O8 LHG RB . 6.78 -23.23 14.26
C23 LHG RB . 6.98 -23.75 15.60
O10 LHG RB . 8.05 -24.26 15.88
C24 LHG RB . 5.88 -23.65 16.61
C11 LHG RB . 5.25 -16.97 16.63
C12 LHG RB . 4.97 -15.52 17.00
C13 LHG RB . 4.81 -15.35 18.51
C14 LHG RB . 3.40 -14.95 18.92
C15 LHG RB . 2.46 -16.15 18.94
C16 LHG RB . 1.44 -16.01 20.07
C17 LHG RB . 0.47 -17.18 20.04
C18 LHG RB . -0.76 -16.88 20.87
C19 LHG RB . -1.56 -18.16 21.12
C20 LHG RB . -3.02 -17.82 21.40
C21 LHG RB . -3.70 -18.93 22.17
C25 LHG RB . 4.77 -24.61 16.19
C26 LHG RB . 3.64 -23.85 15.50
C27 LHG RB . 3.23 -24.57 14.23
C28 LHG RB . 3.10 -23.57 13.08
C29 LHG RB . 2.34 -24.16 11.90
C30 LHG RB . 0.96 -24.65 12.33
C31 LHG RB . -0.13 -23.69 11.87
C32 LHG RB . -1.41 -23.89 12.69
C33 LHG RB . -1.86 -22.58 13.31
C34 LHG RB . -3.24 -22.18 12.80
C35 LHG RB . -3.67 -20.86 13.42
C36 LHG RB . -5.08 -20.48 12.98
C37 LHG RB . -6.05 -21.64 13.11
C38 LHG RB . -7.48 -21.16 13.07
O1 LHG SB . -0.24 -58.58 17.60
C1 LHG SB . -0.20 -58.97 16.24
C2 LHG SB . 1.20 -59.41 15.92
O2 LHG SB . 1.89 -58.37 15.23
C3 LHG SB . 1.08 -60.64 15.03
O3 LHG SB . 0.52 -60.37 13.76
P LHG SB . 0.82 -61.40 12.60
O4 LHG SB . 2.30 -61.61 12.52
O5 LHG SB . -0.10 -62.56 12.78
O6 LHG SB . 0.36 -60.58 11.32
C4 LHG SB . -1.00 -60.26 11.21
C5 LHG SB . -1.28 -59.70 9.84
C6 LHG SB . -2.71 -59.17 9.88
O7 LHG SB . -0.41 -58.61 9.63
C7 LHG SB . 0.29 -58.71 8.38
O9 LHG SB . 0.43 -59.78 7.82
C8 LHG SB . 0.81 -57.44 7.78
C9 LHG SB . -0.36 -56.86 7.00
C10 LHG SB . -0.08 -55.46 6.53
O8 LHG SB . -2.97 -58.31 8.78
C23 LHG SB . -4.31 -58.35 8.24
O10 LHG SB . -5.10 -59.11 8.74
C24 LHG SB . -4.72 -57.48 7.08
C11 LHG SB . -1.24 -54.91 5.72
C12 LHG SB . -1.38 -55.63 4.39
C13 LHG SB . -2.47 -54.99 3.56
C25 LHG SB . -4.56 -56.01 7.42
C10 WVN TB . -17.55 -26.34 36.03
C11 WVN TB . -18.42 -46.95 46.76
C12 WVN TB . -16.27 -25.55 36.30
C13 WVN TB . -17.22 -27.54 38.25
C14 WVN TB . -15.31 -26.28 37.22
C01 WVN TB . -18.43 -49.26 47.78
C02 WVN TB . -18.95 -47.83 47.89
C03 WVN TB . -18.97 -49.92 46.51
C04 WVN TB . -20.48 -49.83 46.34
C05 WVN TB . -20.47 -47.83 47.77
C06 WVN TB . -18.21 -26.85 37.30
C07 WVN TB . -16.90 -49.21 47.69
C08 WVN TB . -18.79 -50.08 49.01
C09 WVN TB . -21.05 -48.48 46.78
C15 WVN TB . -15.99 -27.05 38.35
C16 WVN TB . -21.33 -47.08 48.79
C17 WVN TB . -19.31 -27.81 36.85
C18 WVN TB . -18.85 -25.69 38.04
C19 WVN TB . -18.22 -45.68 47.01
C20 WVN TB . -17.64 -28.78 39.04
C21 WVN TB . -15.25 -27.04 39.69
C22 WVN TB . -17.71 -44.72 45.94
C23 WVN TB . -18.29 -28.65 40.18
C24 WVN TB . -16.90 -45.19 44.75
C25 WVN TB . -18.70 -29.82 41.05
C26 WVN TB . -18.02 -43.46 46.11
C27 WVN TB . -19.99 -29.70 41.81
C28 WVN TB . -17.97 -30.90 41.16
C29 WVN TB . -17.60 -42.37 45.14
C30 WVN TB . -18.45 -32.02 42.07
C31 WVN TB . -18.16 -41.19 45.30
C32 WVN TB . -17.79 -40.05 44.38
C33 WVN TB . -17.84 -33.17 42.13
C34 WVN TB . -18.36 -34.24 43.06
C35 WVN TB . -17.03 -40.31 43.10
C36 WVN TB . -18.11 -38.83 44.75
C37 WVN TB . -17.95 -35.46 42.91
C38 WVN TB . -19.33 -33.90 44.18
C39 WVN TB . -17.71 -37.66 43.87
C40 WVN TB . -18.43 -36.58 43.83
C10 WVN UB . -12.61 -30.89 26.04
C11 WVN UB . -13.78 -40.18 46.25
C12 WVN UB . -12.19 -29.45 26.28
C13 WVN UB . -13.94 -30.41 28.18
C14 WVN UB . -13.43 -28.61 26.58
C01 WVN UB . -15.04 -40.31 48.43
C02 WVN UB . -14.83 -40.94 47.05
C03 WVN UB . -14.71 -41.27 49.57
C04 WVN UB . -15.37 -42.63 49.36
C05 WVN UB . -14.35 -42.40 47.15
C06 WVN UB . -13.51 -31.45 27.13
C07 WVN UB . -14.15 -39.08 48.63
C08 WVN UB . -16.50 -39.86 48.55
C09 WVN UB . -14.89 -43.22 48.05
C15 WVN UB . -14.01 -29.13 27.88
C16 WVN UB . -13.41 -43.00 46.12
C17 WVN UB . -12.76 -32.62 27.76
C18 WVN UB . -14.76 -32.09 26.53
C19 WVN UB . -13.99 -39.51 45.14
C20 WVN UB . -14.32 -30.87 29.59
C21 WVN UB . -14.10 -28.12 29.02
C22 WVN UB . -12.71 -38.90 44.62
C23 WVN UB . -15.48 -31.42 29.86
C24 WVN UB . -11.50 -38.97 45.54
C25 WVN UB . -15.87 -31.88 31.25
C26 WVN UB . -12.52 -38.36 43.44
C27 WVN UB . -16.90 -31.07 32.05
C28 WVN UB . -15.35 -32.96 31.75
C29 WVN UB . -13.47 -38.10 42.27
C30 WVN UB . -15.79 -33.38 33.14
C31 WVN UB . -12.72 -37.60 41.31
C32 WVN UB . -13.04 -37.10 39.90
C33 WVN UB . -15.14 -34.34 33.77
C34 WVN UB . -15.60 -34.74 35.17
C35 WVN UB . -11.90 -37.09 38.90
C36 WVN UB . -14.20 -36.64 39.51
C37 WVN UB . -14.68 -34.89 36.08
C38 WVN UB . -17.08 -34.94 35.46
C39 WVN UB . -14.13 -36.17 38.06
C40 WVN UB . -14.92 -35.28 37.53
C10 WVN VB . -14.54 -60.85 11.14
C11 WVN VB . 2.07 -45.51 17.48
C12 WVN VB . -15.49 -59.66 11.08
C13 WVN VB . -12.70 -59.16 10.63
C14 WVN VB . -15.06 -58.75 9.95
C01 WVN VB . 4.51 -45.08 17.87
C02 WVN VB . 3.34 -44.91 16.90
C03 WVN VB . 5.64 -44.18 17.42
C04 WVN VB . 5.24 -42.71 17.43
C05 WVN VB . 3.08 -43.45 16.46
C06 WVN VB . -13.10 -60.42 11.41
C07 WVN VB . 4.16 -44.83 19.34
C08 WVN VB . 5.06 -46.50 17.81
C09 WVN VB . 3.93 -42.49 16.69
C15 WVN VB . -13.62 -58.33 10.15
C16 WVN VB . 1.66 -43.00 16.14
C17 WVN VB . -12.22 -61.62 11.02
C18 WVN VB . -13.06 -60.22 12.93
C19 WVN VB . 1.58 -46.49 16.78
C20 WVN VB . -11.24 -58.72 10.40
C21 WVN VB . -13.26 -56.86 9.86
C22 WVN VB . 0.35 -47.25 17.15
C23 WVN VB . -10.35 -58.61 11.35
C24 WVN VB . -0.28 -47.06 18.50
C25 WVN VB . -8.95 -58.14 11.07
C26 WVN VB . -0.10 -48.07 16.24
C27 WVN VB . -8.15 -58.71 9.92
C28 WVN VB . -8.49 -57.24 11.88
C29 WVN VB . -1.32 -48.93 16.41
C30 WVN VB . -7.12 -56.63 11.76
C31 WVN VB . -1.38 -49.98 15.65
C32 WVN VB . -2.58 -50.88 15.72
C33 WVN VB . -6.80 -55.83 12.73
C34 WVN VB . -5.49 -55.10 12.75
C35 WVN VB . -3.44 -50.91 16.97
C36 WVN VB . -2.83 -51.57 14.65
C37 WVN VB . -5.20 -54.40 13.81
C38 WVN VB . -4.56 -55.15 11.54
C39 WVN VB . -4.01 -52.49 14.55
C40 WVN VB . -3.93 -53.60 13.87
C10 WVN WB . -22.07 -52.60 15.51
C11 WVN WB . -2.80 -40.62 12.34
C12 WVN WB . -22.15 -54.01 14.93
C13 WVN WB . -19.65 -52.73 15.00
C14 WVN WB . -21.18 -54.19 13.76
C01 WVN WB . -1.07 -40.77 10.48
C02 WVN WB . -1.32 -40.42 11.97
C03 WVN WB . 0.42 -40.55 10.20
C04 WVN WB . 1.35 -41.36 11.10
C05 WVN WB . -0.32 -41.06 12.96
C06 WVN WB . -20.69 -52.41 16.09
C07 WVN WB . -1.85 -39.76 9.66
C08 WVN WB . -1.50 -42.15 9.98
C09 WVN WB . 0.84 -41.51 12.54
C15 WVN WB . -20.07 -53.15 13.82
C16 WVN WB . -0.27 -40.43 14.34
C17 WVN WB . -20.56 -53.31 17.32
C18 WVN WB . -20.55 -50.96 16.51
C19 WVN WB . -3.29 -41.64 13.01
C20 WVN WB . -18.18 -52.33 15.04
C21 WVN WB . -19.48 -52.59 12.54
C22 WVN WB . -4.77 -41.70 13.32
C23 WVN WB . -17.36 -52.66 16.00
C24 WVN WB . -5.65 -40.46 13.21
C25 WVN WB . -15.92 -52.23 15.87
C26 WVN WB . -5.24 -42.85 13.67
C27 WVN WB . -14.89 -53.33 15.95
C28 WVN WB . -15.59 -50.98 15.66
C29 WVN WB . -6.70 -43.06 14.00
C30 WVN WB . -14.12 -50.65 15.52
C31 WVN WB . -7.00 -44.30 14.27
C32 WVN WB . -8.42 -44.69 14.60
C33 WVN WB . -13.63 -49.50 15.88
C34 WVN WB . -12.16 -49.27 15.66
C35 WVN WB . -9.48 -43.61 14.80
C36 WVN WB . -8.68 -45.95 14.74
C37 WVN WB . -11.78 -48.05 15.47
C38 WVN WB . -11.16 -50.42 15.68
C39 WVN WB . -10.09 -46.41 15.04
C40 WVN WB . -10.33 -47.68 15.22
C10 WVN XB . -25.41 -44.61 45.90
C11 WVN XB . -9.16 -59.79 38.34
C12 WVN XB . -24.68 -44.03 47.09
C13 WVN XB . -23.24 -45.34 44.87
C14 WVN XB . -23.22 -43.69 46.79
C01 WVN XB . -8.30 -62.16 38.69
C02 WVN XB . -9.25 -61.24 37.89
C03 WVN XB . -7.82 -63.42 37.97
C04 WVN XB . -8.38 -63.64 36.57
C05 WVN XB . -9.07 -61.30 36.37
C06 WVN XB . -24.67 -45.76 45.23
C07 WVN XB . -7.11 -61.41 39.26
C08 WVN XB . -9.08 -62.68 39.88
C09 WVN XB . -8.51 -62.33 35.81
C15 WVN XB . -22.67 -44.32 45.51
C16 WVN XB . -10.03 -60.50 35.50
C17 WVN XB . -25.50 -46.12 44.01
C18 WVN XB . -24.65 -47.00 46.13
C19 WVN XB . -10.18 -59.27 38.93
C20 WVN XB . -22.35 -46.40 44.21
C21 WVN XB . -21.43 -43.62 44.95
C22 WVN XB . -10.21 -57.86 39.45
C23 WVN XB . -22.13 -46.42 42.91
C24 WVN XB . -9.02 -57.25 40.18
C25 WVN XB . -21.26 -47.46 42.23
C26 WVN XB . -11.31 -57.18 39.25
C27 WVN XB . -21.84 -48.21 41.03
C28 WVN XB . -20.04 -47.70 42.65
C29 WVN XB . -11.44 -55.78 39.79
C30 WVN XB . -19.20 -48.76 41.94
C31 WVN XB . -12.69 -55.47 40.00
C32 WVN XB . -13.17 -54.18 40.60
C33 WVN XB . -17.90 -48.79 41.84
C34 WVN XB . -17.35 -49.99 41.08
C35 WVN XB . -12.45 -53.75 41.86
C36 WVN XB . -14.17 -53.48 40.13
C37 WVN XB . -16.41 -50.72 41.60
C38 WVN XB . -17.93 -50.34 39.71
C39 WVN XB . -14.60 -52.23 40.86
C40 WVN XB . -15.87 -51.94 40.87
C1B LMT YB . 17.32 -14.95 43.87
C2B LMT YB . 18.42 -14.91 42.82
C3B LMT YB . 18.31 -16.13 41.90
C4B LMT YB . 18.14 -17.40 42.71
C5B LMT YB . 16.95 -17.29 43.65
C6B LMT YB . 17.30 -17.62 45.10
O1B LMT YB . 16.61 -13.71 44.00
O2B LMT YB . 18.36 -13.71 42.02
O3B LMT YB . 19.49 -16.26 41.10
O4' LMT YB . 17.94 -18.50 41.81
O5B LMT YB . 16.39 -15.99 43.55
O6B LMT YB . 16.09 -17.82 45.84
C1' LMT YB . 12.42 -13.04 43.91
C2' LMT YB . 12.96 -14.11 44.86
C3' LMT YB . 14.42 -13.89 45.17
C4' LMT YB . 15.19 -13.84 43.85
C5' LMT YB . 14.61 -12.65 43.08
C6' LMT YB . 15.35 -12.38 41.78
O1' LMT YB . 11.12 -13.40 43.45
O2' LMT YB . 12.22 -14.11 46.07
O3' LMT YB . 14.85 -14.95 46.02
O5' LMT YB . 13.26 -12.93 42.76
O6' LMT YB . 14.36 -12.15 40.77
C1 LMT YB . 10.14 -12.50 43.95
C2 LMT YB . 8.91 -13.31 44.32
C3 LMT YB . 8.81 -14.56 43.45
C4 LMT YB . 7.36 -14.81 43.04
C5 LMT YB . 6.39 -13.92 43.80
C6 LMT YB . 5.27 -13.45 42.90
C7 LMT YB . 3.93 -13.98 43.37
C8 LMT YB . 2.88 -13.86 42.27
C9 LMT YB . 3.47 -13.22 41.03
C10 LMT YB . 2.81 -13.75 39.76
C11 LMT YB . 3.60 -13.36 38.52
C12 LMT YB . 3.55 -11.87 38.30
MG CLA ZB . -9.16 -27.45 -4.57
CHA CLA ZB . -11.25 -24.95 -5.74
CHB CLA ZB . -11.15 -29.73 -6.08
CHC CLA ZB . -7.37 -29.93 -3.10
CHD CLA ZB . -7.65 -25.09 -2.42
NA CLA ZB . -10.93 -27.34 -5.68
C1A CLA ZB . -11.66 -26.22 -6.05
C2A CLA ZB . -12.87 -26.58 -6.89
C3A CLA ZB . -12.92 -28.10 -6.76
C4A CLA ZB . -11.58 -28.44 -6.14
CMA CLA ZB . -14.04 -28.54 -5.86
CAA CLA ZB . -12.54 -26.22 -8.32
CBA CLA ZB . -13.75 -25.96 -9.18
CGA CLA ZB . -13.91 -27.14 -10.09
O1A CLA ZB . -13.59 -28.31 -9.91
O2A CLA ZB . -14.51 -26.82 -11.27
NB CLA ZB . -9.34 -29.45 -4.48
C1B CLA ZB . -9.96 -30.12 -5.48
C2B CLA ZB . -9.23 -31.34 -5.85
C3B CLA ZB . -8.15 -31.42 -5.01
C4B CLA ZB . -8.23 -30.24 -4.12
CMB CLA ZB . -9.71 -32.23 -6.88
CAB CLA ZB . -7.12 -32.41 -4.89
CBB CLA ZB . -7.02 -33.59 -5.50
NC CLA ZB . -7.81 -27.50 -2.99
C1C CLA ZB . -7.21 -28.64 -2.55
C2C CLA ZB . -6.31 -28.33 -1.45
C3C CLA ZB . -6.40 -26.96 -1.24
C4C CLA ZB . -7.34 -26.44 -2.21
CMC CLA ZB . -5.50 -29.30 -0.73
CAC CLA ZB . -5.66 -26.21 -0.21
CBC CLA ZB . -6.43 -26.16 1.09
ND CLA ZB . -9.33 -25.49 -4.14
C1D CLA ZB . -8.58 -24.62 -3.32
C2D CLA ZB . -8.89 -23.23 -3.70
C3D CLA ZB . -9.87 -23.30 -4.67
C4D CLA ZB . -10.17 -24.73 -4.84
CMD CLA ZB . -8.19 -22.09 -3.15
CAD CLA ZB . -10.68 -22.61 -5.66
OBD CLA ZB . -10.58 -21.51 -6.15
CBD CLA ZB . -11.75 -23.59 -6.15
CGD CLA ZB . -13.08 -23.31 -5.52
O1D CLA ZB . -13.61 -23.89 -4.59
O2D CLA ZB . -13.76 -22.29 -6.09
CED CLA ZB . -15.17 -22.49 -6.19
C1 CLA ZB . -15.00 -27.92 -12.04
C2 CLA ZB . -14.10 -28.05 -13.20
C3 CLA ZB . -14.55 -28.10 -14.45
C4 CLA ZB . -16.00 -28.03 -14.75
C5 CLA ZB . -13.62 -28.26 -15.59
C6 CLA ZB . -12.86 -29.57 -15.54
C7 CLA ZB . -11.89 -29.70 -16.70
C8 CLA ZB . -11.15 -31.02 -16.67
C9 CLA ZB . -10.49 -31.20 -15.32
C10 CLA ZB . -10.09 -31.09 -17.75
C11 CLA ZB . -10.66 -30.59 -19.06
C12 CLA ZB . -10.26 -31.49 -20.21
C13 CLA ZB . -10.78 -30.87 -21.50
C14 CLA ZB . -12.25 -31.16 -21.65
C15 CLA ZB . -10.00 -31.35 -22.72
C16 CLA ZB . -10.44 -30.60 -23.95
C17 CLA ZB . -9.33 -30.43 -24.96
C18 CLA ZB . -9.87 -30.53 -26.38
C19 CLA ZB . -8.74 -30.56 -27.39
C20 CLA ZB . -10.76 -29.35 -26.68
MG CLA AC . 10.71 2.31 9.33
CHA CLA AC . 10.61 2.89 5.92
CHB CLA AC . 12.28 5.30 9.78
CHC CLA AC . 10.85 1.69 12.68
CHD CLA AC . 9.69 -1.01 8.75
NA CLA AC . 11.35 3.82 8.05
C1A CLA AC . 11.18 3.89 6.67
C2A CLA AC . 11.75 5.18 6.12
C3A CLA AC . 12.50 5.77 7.33
C4A CLA AC . 11.99 4.93 8.50
CMA CLA AC . 13.96 5.53 7.15
CAA CLA AC . 10.60 6.08 5.69
CBA CLA AC . 9.78 6.71 6.81
CGA CLA AC . 8.47 6.01 6.93
O1A CLA AC . 7.51 6.12 6.18
O2A CLA AC . 8.35 5.14 7.97
NB CLA AC . 11.47 3.28 10.92
C1B CLA AC . 11.90 4.57 10.90
C2B CLA AC . 11.95 5.12 12.28
C3B CLA AC . 11.55 4.11 13.12
C4B CLA AC . 11.25 2.92 12.26
CMB CLA AC . 12.39 6.48 12.52
CAB CLA AC . 11.43 4.09 14.56
CBB CLA AC . 10.51 4.78 15.22
NC CLA AC . 10.38 0.62 10.49
C1C CLA AC . 10.46 0.61 11.85
C2C CLA AC . 10.06 -0.69 12.35
C3C CLA AC . 9.77 -1.48 11.25
C4C CLA AC . 9.96 -0.65 10.08
CMC CLA AC . 9.99 -1.05 13.76
CAC CLA AC . 9.29 -2.87 11.25
CBC CLA AC . 7.80 -2.91 11.11
ND CLA AC . 10.32 1.13 7.74
C1D CLA AC . 9.84 -0.20 7.65
C2D CLA AC . 9.54 -0.51 6.25
C3D CLA AC . 9.77 0.65 5.54
C4D CLA AC . 10.27 1.63 6.52
CMD CLA AC . 9.04 -1.80 5.82
CAD CLA AC . 9.81 1.29 4.24
OBD CLA AC . 9.57 0.85 3.14
CBD CLA AC . 10.30 2.75 4.44
CGD CLA AC . 11.46 3.05 3.52
O1D CLA AC . 12.52 2.44 3.41
O2D CLA AC . 11.23 4.14 2.72
CED CLA AC . 12.27 5.06 2.42
C1 CLA AC . 7.49 4.02 7.69
C2 CLA AC . 7.35 3.17 8.90
C3 CLA AC . 6.79 1.96 8.86
C4 CLA AC . 6.28 1.37 7.59
C5 CLA AC . 6.63 1.11 10.07
C6 CLA AC . 6.41 1.89 11.35
C7 CLA AC . 6.80 1.04 12.52
C8 CLA AC . 6.44 1.62 13.88
C9 CLA AC . 5.25 2.54 13.78
C10 CLA AC . 7.60 2.37 14.51
C11 CLA AC . 8.15 1.57 15.67
C12 CLA AC . 8.15 2.37 16.96
C13 CLA AC . 9.32 1.97 17.83
C14 CLA AC . 9.02 0.72 18.61
C15 CLA AC . 9.70 3.11 18.77
C16 CLA AC . 10.34 2.57 20.03
C17 CLA AC . 11.21 3.62 20.68
C18 CLA AC . 10.90 3.77 22.16
C19 CLA AC . 11.39 5.09 22.70
C20 CLA AC . 11.49 2.62 22.93
MG CLA BC . 2.56 -45.96 -14.09
CHA CLA BC . 0.73 -46.62 -11.20
CHB CLA BC . 2.07 -49.20 -15.05
CHC CLA BC . 3.11 -45.06 -17.37
CHD CLA BC . 2.28 -42.50 -13.31
NA CLA BC . 1.66 -47.63 -13.21
C1A CLA BC . 0.92 -47.71 -12.02
C2A CLA BC . 0.46 -49.16 -11.81
C3A CLA BC . 1.46 -49.92 -12.68
C4A CLA BC . 1.73 -48.86 -13.76
CMA CLA BC . 2.71 -50.20 -11.89
CAA CLA BC . -0.93 -49.44 -12.35
CBA CLA BC . -2.06 -48.82 -11.56
CGA CLA BC . -2.93 -48.03 -12.46
O1A CLA BC . -3.94 -48.44 -13.03
O2A CLA BC . -2.55 -46.70 -12.59
NB CLA BC . 2.59 -46.94 -15.86
C1B CLA BC . 2.36 -48.27 -16.04
C2B CLA BC . 2.53 -48.60 -17.48
C3B CLA BC . 2.83 -47.46 -18.15
C4B CLA BC . 2.88 -46.37 -17.13
CMB CLA BC . 2.36 -49.95 -18.00
CAB CLA BC . 3.02 -47.31 -19.58
CBB CLA BC . 3.86 -46.55 -20.25
NC CLA BC . 2.81 -44.14 -15.08
C1C CLA BC . 3.12 -44.02 -16.40
C2C CLA BC . 3.31 -42.63 -16.76
C3C CLA BC . 2.94 -41.89 -15.66
C4C CLA BC . 2.65 -42.84 -14.60
CMC CLA BC . 3.68 -42.15 -18.08
CAC CLA BC . 2.96 -40.42 -15.56
CBC CLA BC . 1.61 -39.83 -15.86
ND CLA BC . 1.91 -44.81 -12.56
C1D CLA BC . 1.92 -43.41 -12.36
C2D CLA BC . 1.45 -43.13 -11.00
C3D CLA BC . 0.99 -44.32 -10.49
C4D CLA BC . 1.24 -45.33 -11.54
CMD CLA BC . 1.47 -41.78 -10.44
CAD CLA BC . 0.42 -45.01 -9.35
OBD CLA BC . 0.21 -44.62 -8.21
CBD CLA BC . 0.07 -46.45 -9.84
CGD CLA BC . 0.41 -47.53 -8.86
O1D CLA BC . -0.26 -48.54 -8.60
O2D CLA BC . 1.57 -47.40 -8.17
CED CLA BC . 1.61 -48.19 -6.99
C1 CLA BC . -1.91 -46.20 -13.80
C2 CLA BC . -2.85 -46.44 -14.92
C3 CLA BC . -2.54 -46.66 -16.19
C4 CLA BC . -3.63 -46.90 -17.17
C5 CLA BC . -1.14 -46.68 -16.70
C6 CLA BC . -1.01 -47.54 -17.95
C7 CLA BC . -0.63 -46.72 -19.17
C8 CLA BC . -1.51 -47.08 -20.35
C9 CLA BC . -0.72 -47.83 -21.40
C10 CLA BC . -2.16 -45.84 -20.95
C11 CLA BC . -3.65 -45.86 -20.73
C12 CLA BC . -4.40 -46.02 -22.03
C13 CLA BC . -5.54 -47.04 -21.97
C14 CLA BC . -6.84 -46.31 -22.18
C15 CLA BC . -5.57 -47.86 -20.68
C16 CLA BC . -5.26 -49.33 -20.95
C17 CLA BC . -6.51 -50.17 -21.14
C18 CLA BC . -6.24 -51.65 -20.90
C19 CLA BC . -7.53 -52.42 -20.75
C20 CLA BC . -5.48 -52.26 -22.05
MG CLA CC . -16.73 -2.60 37.96
CHA CLA CC . -20.00 -3.28 38.91
CHB CLA CC . -16.19 -0.95 40.89
CHC CLA CC . -13.77 -1.34 36.71
CHD CLA CC . -17.41 -4.02 34.79
NA CLA CC . -17.92 -2.19 39.62
C1A CLA CC . -19.25 -2.56 39.82
C2A CLA CC . -19.69 -2.08 41.20
C3A CLA CC . -18.44 -1.47 41.83
C4A CLA CC . -17.42 -1.53 40.71
CMA CLA CC . -18.77 -0.07 42.22
CAA CLA CC . -19.98 -3.23 42.10
NB CLA CC . -15.30 -1.35 38.64
C1B CLA CC . -15.18 -0.92 39.92
C2B CLA CC . -13.83 -0.35 40.13
C3B CLA CC . -13.14 -0.45 38.96
C4B CLA CC . -14.07 -1.08 38.00
CMB CLA CC . -13.39 0.19 41.39
CAB CLA CC . -11.81 -0.03 38.62
CBB CLA CC . -10.71 -0.74 38.81
NC CLA CC . -15.78 -2.68 36.11
C1C CLA CC . -14.57 -2.10 35.84
C2C CLA CC . -14.18 -2.36 34.47
C3C CLA CC . -15.20 -3.12 33.91
C4C CLA CC . -16.20 -3.32 34.94
CMC CLA CC . -12.93 -1.87 33.90
CAC CLA CC . -15.25 -3.66 32.56
CBC CLA CC . -14.42 -4.92 32.40
ND CLA CC . -18.29 -3.47 37.02
C1D CLA CC . -18.41 -4.09 35.74
C2D CLA CC . -19.71 -4.77 35.67
C3D CLA CC . -20.38 -4.48 36.84
C4D CLA CC . -19.45 -3.67 37.65
CMD CLA CC . -20.21 -5.55 34.54
CAD CLA CC . -21.58 -4.70 37.60
OBD CLA CC . -22.57 -5.38 37.36
CBD CLA CC . -21.40 -3.89 38.91
CGD CLA CC . -22.51 -2.89 39.11
O1D CLA CC . -23.04 -2.17 38.27
O2D CLA CC . -22.97 -2.82 40.40
CED CLA CC . -24.34 -3.15 40.62
O1 LHG DC . -8.20 -9.21 10.77
C1 LHG DC . -8.75 -8.23 9.90
C2 LHG DC . -8.36 -8.54 8.47
O2 LHG DC . -6.97 -8.87 8.42
C3 LHG DC . -8.56 -7.28 7.67
O3 LHG DC . -7.49 -6.42 7.99
P LHG DC . -7.20 -5.22 6.99
O4 LHG DC . -5.71 -5.06 6.90
O5 LHG DC . -7.98 -5.44 5.72
O6 LHG DC . -7.84 -4.01 7.81
C4 LHG DC . -7.08 -2.82 7.94
C5 LHG DC . -6.38 -2.91 9.28
C6 LHG DC . -5.28 -1.89 9.25
O7 LHG DC . -7.28 -2.59 10.33
C7 LHG DC . -7.35 -3.68 11.27
O9 LHG DC . -8.06 -4.64 11.02
C8 LHG DC . -6.53 -3.59 12.52
C9 LHG DC . -6.38 -2.14 12.95
C10 LHG DC . -6.09 -2.04 14.45
O8 LHG DC . -4.58 -2.05 8.01
C23 LHG DC . -4.11 -0.90 7.28
O10 LHG DC . -3.52 -1.04 6.22
C24 LHG DC . -4.39 0.45 7.86
C11 LHG DC . -7.40 -2.30 15.17
C12 LHG DC . -7.32 -3.51 16.10
C13 LHG DC . -8.55 -4.42 16.04
C14 LHG DC . -9.80 -3.85 15.32
C15 LHG DC . -11.11 -4.60 15.58
C16 LHG DC . -11.03 -5.72 16.60
C17 LHG DC . -12.20 -5.72 17.56
C18 LHG DC . -12.62 -7.12 17.94
C19 LHG DC . -12.75 -8.03 16.72
C20 LHG DC . -13.12 -9.44 17.14
C21 LHG DC . -12.04 -10.42 16.68
C22 LHG DC . -12.63 -11.48 15.78
C25 LHG DC . -3.14 1.08 8.45
C26 LHG DC . -3.46 2.08 9.57
C27 LHG DC . -4.89 2.06 10.11
FE1 SF4 EC . 14.46 -22.36 -0.63
FE2 SF4 EC . 14.09 -25.01 -2.05
FE3 SF4 EC . 16.10 -24.78 0.17
FE4 SF4 EC . 16.61 -23.38 -2.47
S1 SF4 EC . 16.18 -25.39 -1.87
S2 SF4 EC . 16.55 -22.78 -0.42
S3 SF4 EC . 14.51 -23.01 -2.66
S4 SF4 EC . 14.01 -24.35 -0.01
MG CLA FC . -14.38 -17.30 -7.19
CHA CLA FC . -12.86 -14.84 -9.14
CHB CLA FC . -11.32 -18.32 -6.18
CHC CLA FC . -15.86 -18.88 -4.51
CHD CLA FC . -17.47 -15.72 -7.84
NA CLA FC . -12.44 -16.75 -7.70
C1A CLA FC . -11.99 -15.70 -8.51
C2A CLA FC . -10.48 -15.73 -8.61
C3A CLA FC . -10.18 -17.17 -8.16
C4A CLA FC . -11.37 -17.45 -7.26
CMA CLA FC . -10.24 -18.07 -9.36
CAA CLA FC . -9.77 -14.72 -7.74
CBA CLA FC . -8.34 -14.70 -8.17
CGA CLA FC . -7.52 -13.80 -7.30
O1A CLA FC . -6.32 -13.86 -7.06
O2A CLA FC . -8.25 -12.80 -6.75
NB CLA FC . -13.71 -18.37 -5.63
C1B CLA FC . -12.42 -18.66 -5.36
C2B CLA FC . -12.34 -19.42 -4.09
C3B CLA FC . -13.63 -19.58 -3.63
C4B CLA FC . -14.52 -18.94 -4.63
CMB CLA FC . -11.09 -19.87 -3.50
CAB CLA FC . -14.19 -20.27 -2.51
CBB CLA FC . -14.20 -21.58 -2.31
NC CLA FC . -16.31 -17.40 -6.44
C1C CLA FC . -16.72 -18.18 -5.40
C2C CLA FC . -18.15 -18.08 -5.21
C3C CLA FC . -18.60 -17.12 -6.09
C4C CLA FC . -17.44 -16.71 -6.86
CMC CLA FC . -18.92 -18.80 -4.20
CAC CLA FC . -19.97 -16.69 -6.32
CBC CLA FC . -20.57 -17.58 -7.38
ND CLA FC . -15.09 -15.85 -8.40
C1D CLA FC . -16.38 -15.28 -8.51
C2D CLA FC . -16.36 -14.21 -9.49
C3D CLA FC . -15.03 -14.00 -9.79
C4D CLA FC . -14.27 -15.00 -9.02
CMD CLA FC . -17.56 -13.54 -9.94
CAD CLA FC . -14.07 -13.27 -10.59
OBD CLA FC . -14.28 -12.54 -11.54
CBD CLA FC . -12.67 -13.60 -9.99
CGD CLA FC . -11.57 -13.64 -11.01
O1D CLA FC . -11.50 -14.25 -12.08
O2D CLA FC . -10.50 -12.88 -10.69
CED CLA FC . -9.96 -12.10 -11.74
C1 CLA FC . -7.68 -11.48 -6.90
C2 CLA FC . -8.50 -10.57 -6.09
C3 CLA FC . -9.09 -9.50 -6.63
C4 CLA FC . -8.93 -9.16 -8.07
C5 CLA FC . -9.92 -8.57 -5.81
C6 CLA FC . -10.66 -9.27 -4.69
C7 CLA FC . -12.16 -9.14 -4.88
C8 CLA FC . -12.73 -7.90 -4.19
C9 CLA FC . -13.75 -8.28 -3.15
C10 CLA FC . -13.39 -6.97 -5.20
C11 CLA FC . -12.46 -5.86 -5.64
C12 CLA FC . -12.14 -4.88 -4.55
C13 CLA FC . -11.44 -3.68 -5.16
C14 CLA FC . -11.39 -3.87 -6.65
C15 CLA FC . -10.03 -3.52 -4.62
C16 CLA FC . -10.00 -3.02 -3.20
C17 CLA FC . -8.75 -2.20 -2.99
C18 CLA FC . -7.85 -2.68 -1.86
C19 CLA FC . -6.73 -1.69 -1.62
C20 CLA FC . -8.65 -2.84 -0.59
MG CLA GC . -2.90 -31.44 -5.08
CHA CLA GC . -2.05 -34.69 -4.28
CHB CLA GC . -4.73 -32.60 -7.73
CHC CLA GC . -4.58 -28.47 -5.18
CHD CLA GC . -1.13 -30.36 -2.25
NA CLA GC . -3.29 -33.33 -5.87
C1A CLA GC . -2.85 -34.56 -5.36
C2A CLA GC . -3.32 -35.68 -6.29
C3A CLA GC . -3.74 -34.92 -7.57
C4A CLA GC . -3.98 -33.52 -7.03
CMA CLA GC . -2.66 -34.96 -8.61
CAA CLA GC . -4.44 -36.43 -5.62
CBA CLA GC . -4.55 -37.77 -6.31
CGA CLA GC . -5.67 -37.60 -7.25
O1A CLA GC . -6.79 -37.18 -6.97
O2A CLA GC . -5.41 -37.88 -8.55
NB CLA GC . -4.39 -30.70 -6.21
C1B CLA GC . -4.99 -31.30 -7.27
C2B CLA GC . -6.03 -30.42 -7.85
C3B CLA GC . -5.99 -29.25 -7.12
C4B CLA GC . -4.94 -29.41 -6.09
CMB CLA GC . -6.84 -30.79 -9.01
CAB CLA GC . -6.73 -28.04 -7.23
CBB CLA GC . -8.05 -27.91 -7.21
NC CLA GC . -2.83 -29.71 -3.92
C1C CLA GC . -3.58 -28.61 -4.20
C2C CLA GC . -3.23 -27.56 -3.27
C3C CLA GC . -2.29 -28.06 -2.38
C4C CLA GC . -2.01 -29.43 -2.82
CMC CLA GC . -3.84 -26.25 -3.31
CAC CLA GC . -1.71 -27.19 -1.31
CBC CLA GC . -0.82 -27.78 -0.25
ND CLA GC . -1.80 -32.26 -3.61
C1D CLA GC . -1.02 -31.68 -2.59
C2D CLA GC . -0.20 -32.71 -1.94
C3D CLA GC . -0.66 -33.92 -2.45
C4D CLA GC . -1.62 -33.57 -3.52
CMD CLA GC . 0.74 -32.42 -0.86
CAD CLA GC . -0.50 -35.36 -2.50
OBD CLA GC . 0.16 -36.11 -1.81
CBD CLA GC . -1.40 -35.90 -3.64
CGD CLA GC . -0.63 -36.76 -4.60
O1D CLA GC . -0.16 -36.42 -5.68
O2D CLA GC . -0.49 -38.05 -4.23
CED CLA GC . -1.52 -38.95 -4.64
C1 CLA GC . -6.54 -37.66 -9.40
C2 CLA GC . -6.34 -36.40 -10.17
C3 CLA GC . -7.17 -35.35 -10.05
C4 CLA GC . -8.33 -35.32 -9.14
C5 CLA GC . -6.94 -34.12 -10.85
C6 CLA GC . -8.21 -33.70 -11.57
C7 CLA GC . -8.45 -34.54 -12.79
C8 CLA GC . -9.92 -34.70 -13.14
C9 CLA GC . -10.51 -35.87 -12.40
C10 CLA GC . -10.12 -34.88 -14.64
C11 CLA GC . -8.90 -35.37 -15.38
C12 CLA GC . -8.72 -34.61 -16.68
C13 CLA GC . -8.17 -35.49 -17.80
C14 CLA GC . -6.76 -35.94 -17.51
C15 CLA GC . -8.24 -34.78 -19.14
C16 CLA GC . -7.26 -35.40 -20.13
C17 CLA GC . -7.29 -34.69 -21.46
C18 CLA GC . -6.34 -33.50 -21.50
C19 CLA GC . -4.98 -33.90 -20.97
C20 CLA GC . -6.21 -32.94 -22.91
MG CLA HC . 11.45 -11.20 -31.14
CHA CLA HC . 10.08 -8.01 -31.29
CHB CLA HC . 8.44 -12.51 -32.03
CHC CLA HC . 12.62 -14.35 -30.44
CHD CLA HC . 14.32 -9.84 -29.60
NA CLA HC . 9.58 -10.38 -31.57
C1A CLA HC . 9.21 -9.02 -31.62
C2A CLA HC . 7.76 -8.87 -32.04
C3A CLA HC . 7.28 -10.32 -32.20
C4A CLA HC . 8.52 -11.14 -31.93
CMA CLA HC . 6.29 -10.64 -31.15
CAA CLA HC . 7.63 -8.21 -33.40
CBA CLA HC . 7.45 -9.22 -34.52
CGA CLA HC . 6.00 -9.35 -34.91
O1A CLA HC . 5.53 -9.81 -35.95
O2A CLA HC . 5.14 -8.90 -33.95
NB CLA HC . 10.67 -13.06 -31.17
C1B CLA HC . 9.50 -13.38 -31.77
C2B CLA HC . 9.45 -14.83 -32.10
C3B CLA HC . 10.65 -15.36 -31.65
C4B CLA HC . 11.41 -14.25 -31.05
CMB CLA HC . 8.27 -15.41 -32.72
CAB CLA HC . 11.16 -16.70 -31.65
CBB CLA HC . 10.55 -17.79 -31.22
NC CLA HC . 13.15 -11.95 -30.18
C1C CLA HC . 13.43 -13.28 -30.00
C2C CLA HC . 14.69 -13.45 -29.32
C3C CLA HC . 15.17 -12.16 -29.05
C4C CLA HC . 14.20 -11.23 -29.60
CMC CLA HC . 15.28 -14.74 -28.98
CAC CLA HC . 16.42 -11.83 -28.36
CBC CLA HC . 16.21 -11.25 -26.97
ND CLA HC . 12.11 -9.39 -30.53
C1D CLA HC . 13.36 -8.97 -30.04
C2D CLA HC . 13.40 -7.50 -30.05
C3D CLA HC . 12.17 -7.08 -30.49
C4D CLA HC . 11.39 -8.30 -30.77
CMD CLA HC . 14.56 -6.74 -29.64
CAD CLA HC . 11.33 -5.94 -30.81
OBD CLA HC . 11.57 -4.75 -30.71
CBD CLA HC . 9.97 -6.50 -31.31
CGD CLA HC . 8.83 -5.93 -30.53
O1D CLA HC . 8.09 -5.01 -30.86
O2D CLA HC . 8.60 -6.50 -29.33
CED CLA HC . 7.48 -6.00 -28.60
C1 CLA HC . 4.34 -7.74 -34.27
C2 CLA HC . 4.90 -6.63 -33.48
C3 CLA HC . 4.30 -5.43 -33.38
C4 CLA HC . 3.04 -5.14 -34.08
C5 CLA HC . 4.90 -4.33 -32.58
C6 CLA HC . 5.57 -3.29 -33.45
C7 CLA HC . 6.94 -3.77 -33.90
C8 CLA HC . 7.80 -2.66 -34.45
C9 CLA HC . 6.99 -1.78 -35.40
C10 CLA HC . 9.01 -3.21 -35.16
C11 CLA HC . 10.08 -3.59 -34.17
C12 CLA HC . 10.76 -4.87 -34.56
C13 CLA HC . 12.25 -4.75 -34.31
C14 CLA HC . 12.89 -4.09 -35.51
C15 CLA HC . 12.90 -6.10 -34.06
C16 CLA HC . 14.35 -5.95 -33.67
C17 CLA HC . 15.07 -7.28 -33.66
C18 CLA HC . 16.03 -7.38 -34.82
C19 CLA HC . 16.42 -8.81 -35.12
C20 CLA HC . 17.26 -6.55 -34.55
MG CLA IC . 2.63 -13.41 -30.26
CHA CLA IC . 4.37 -16.19 -29.19
CHB CLA IC . 4.55 -11.49 -28.20
CHC CLA IC . 0.56 -10.75 -30.86
CHD CLA IC . 0.28 -15.58 -31.78
NA CLA IC . 4.20 -13.78 -28.93
C1A CLA IC . 4.78 -15.02 -28.65
C2A CLA IC . 5.93 -14.89 -27.66
C3A CLA IC . 6.02 -13.36 -27.42
C4A CLA IC . 4.85 -12.81 -28.24
CMA CLA IC . 5.84 -13.02 -25.97
CAA CLA IC . 7.12 -15.46 -28.41
CBA CLA IC . 8.44 -14.87 -28.01
CGA CLA IC . 9.26 -15.89 -27.26
O1A CLA IC . 10.43 -16.21 -27.47
O2A CLA IC . 8.57 -16.49 -26.26
NB CLA IC . 2.54 -11.51 -29.60
C1B CLA IC . 3.51 -10.88 -28.91
C2B CLA IC . 3.34 -9.41 -29.02
C3B CLA IC . 2.22 -9.19 -29.76
C4B CLA IC . 1.69 -10.52 -30.15
CMB CLA IC . 4.27 -8.49 -28.35
CAB CLA IC . 1.56 -7.96 -30.13
CBB CLA IC . 2.06 -7.03 -30.94
NC CLA IC . 0.76 -13.21 -31.15
C1C CLA IC . 0.12 -12.02 -31.32
C2C CLA IC . -1.12 -12.22 -32.04
C3C CLA IC . -1.21 -13.60 -32.26
C4C CLA IC . -0.02 -14.21 -31.73
CMC CLA IC . -2.06 -11.16 -32.38
CAC CLA IC . -2.28 -14.33 -32.94
CBC CLA IC . -3.30 -14.78 -31.92
ND CLA IC . 2.32 -15.40 -30.47
C1D CLA IC . 1.37 -16.16 -31.21
C2D CLA IC . 1.78 -17.57 -31.20
C3D CLA IC . 2.94 -17.63 -30.47
C4D CLA IC . 3.21 -16.26 -30.01
CMD CLA IC . 1.09 -18.68 -31.86
CAD CLA IC . 3.97 -18.48 -29.92
OBD CLA IC . 4.11 -19.67 -30.07
CBD CLA IC . 4.92 -17.60 -29.08
CGD CLA IC . 5.02 -18.10 -27.66
O1D CLA IC . 4.12 -18.21 -26.83
O2D CLA IC . 6.28 -18.47 -27.30
CED CLA IC . 6.79 -19.73 -27.76
C1 CLA IC . 8.88 -16.11 -24.90
C2 CLA IC . 7.63 -15.53 -24.34
C3 CLA IC . 7.30 -15.62 -23.05
C4 CLA IC . 8.18 -16.31 -22.08
C5 CLA IC . 6.05 -15.02 -22.52
C6 CLA IC . 4.79 -15.51 -23.21
C7 CLA IC . 3.75 -15.93 -22.19
C8 CLA IC . 2.56 -14.97 -22.08
C9 CLA IC . 1.29 -15.67 -22.52
C10 CLA IC . 2.77 -13.71 -22.90
C11 CLA IC . 1.44 -13.10 -23.31
C12 CLA IC . 1.61 -11.74 -23.97
C13 CLA IC . 1.51 -11.82 -25.48
C14 CLA IC . 1.09 -10.48 -26.05
C15 CLA IC . 0.53 -12.89 -25.94
C16 CLA IC . 1.08 -13.70 -27.09
C17 CLA IC . 0.00 -14.49 -27.80
C18 CLA IC . -0.23 -15.85 -27.18
C19 CLA IC . 1.08 -16.53 -26.82
C20 CLA IC . -1.02 -16.74 -28.11
MG CLA JC . -9.90 -23.26 -39.10
CHA CLA JC . -12.41 -25.59 -38.66
CHB CLA JC . -9.90 -22.65 -35.73
CHC CLA JC . -7.84 -20.60 -39.61
CHD CLA JC . -10.53 -23.40 -42.58
NA CLA JC . -10.94 -24.05 -37.47
C1A CLA JC . -11.94 -25.03 -37.50
C2A CLA JC . -12.41 -25.36 -36.09
C3A CLA JC . -11.68 -24.33 -35.21
C4A CLA JC . -10.73 -23.64 -36.18
CMA CLA JC . -12.73 -23.39 -34.68
CAA CLA JC . -11.94 -26.76 -35.68
CBA CLA JC . -10.49 -27.10 -35.91
CGA CLA JC . -10.27 -27.74 -37.25
O1A CLA JC . -10.85 -28.70 -37.75
O2A CLA JC . -9.30 -27.11 -37.97
NB CLA JC . -9.09 -21.85 -37.90
C1B CLA JC . -9.04 -21.90 -36.55
C2B CLA JC . -7.98 -21.00 -36.02
C3B CLA JC . -7.40 -20.42 -37.12
C4B CLA JC . -8.10 -20.96 -38.32
CMB CLA JC . -7.70 -20.81 -34.61
CAB CLA JC . -6.34 -19.45 -37.21
CBB CLA JC . -5.05 -19.75 -37.28
NC CLA JC . -9.29 -22.21 -40.80
C1C CLA JC . -8.41 -21.18 -40.77
C2C CLA JC . -8.14 -20.72 -42.13
C3C CLA JC . -8.94 -21.47 -42.97
C4C CLA JC . -9.65 -22.42 -42.12
CMC CLA JC . -7.24 -19.64 -42.51
CAC CLA JC . -9.02 -21.38 -44.43
CBC CLA JC . -8.29 -22.53 -45.09
ND CLA JC . -11.06 -24.31 -40.38
C1D CLA JC . -11.20 -24.29 -41.79
C2D CLA JC . -12.15 -25.32 -42.21
C3D CLA JC . -12.62 -25.88 -41.04
C4D CLA JC . -11.95 -25.18 -39.94
CMD CLA JC . -12.46 -25.63 -43.60
CAD CLA JC . -13.48 -26.87 -40.45
OBD CLA JC . -14.11 -27.75 -41.00
CBD CLA JC . -13.49 -26.61 -38.92
CGD CLA JC . -14.77 -25.96 -38.47
O1D CLA JC . -15.20 -24.87 -38.83
O2D CLA JC . -15.50 -26.64 -37.55
CED CLA JC . -16.44 -25.88 -36.81
C1 CLA JC . -9.20 -27.43 -39.38
C2 CLA JC . -8.50 -26.29 -40.02
C3 CLA JC . -7.78 -26.38 -41.15
C4 CLA JC . -7.59 -27.68 -41.84
C5 CLA JC . -7.11 -25.19 -41.76
C6 CLA JC . -5.80 -24.80 -41.10
C7 CLA JC . -6.01 -23.68 -40.11
C8 CLA JC . -4.87 -22.68 -39.96
C9 CLA JC . -4.52 -22.07 -41.30
C10 CLA JC . -3.67 -23.31 -39.28
C11 CLA JC . -2.79 -22.25 -38.64
C12 CLA JC . -2.11 -22.77 -37.40
C13 CLA JC . -1.57 -21.63 -36.54
C14 CLA JC . -1.34 -20.38 -37.34
C15 CLA JC . -0.27 -22.02 -35.84
C16 CLA JC . -0.16 -23.52 -35.71
C17 CLA JC . 0.78 -23.89 -34.59
C18 CLA JC . 0.10 -23.83 -33.23
C19 CLA JC . -0.29 -25.22 -32.76
C20 CLA JC . 1.02 -23.17 -32.22
MG CLA KC . -13.70 -19.93 -30.74
CHA CLA KC . -13.12 -16.65 -31.75
CHB CLA KC . -11.00 -20.90 -32.63
CHC CLA KC . -13.40 -22.83 -28.87
CHD CLA KC . -15.86 -18.67 -28.23
NA CLA KC . -12.38 -18.96 -32.04
C1A CLA KC . -12.31 -17.59 -32.33
C2A CLA KC . -11.18 -17.33 -33.31
C3A CLA KC . -10.92 -18.74 -33.90
C4A CLA KC . -11.45 -19.63 -32.79
CMA CLA KC . -11.66 -18.95 -35.21
CAA CLA KC . -9.98 -16.73 -32.57
CBA CLA KC . -9.30 -17.55 -31.46
CGA CLA KC . -10.04 -17.51 -30.15
O1A CLA KC . -10.51 -16.55 -29.56
O2A CLA KC . -10.29 -18.70 -29.58
NB CLA KC . -12.48 -21.53 -30.77
C1B CLA KC . -11.44 -21.76 -31.61
C2B CLA KC . -10.82 -23.07 -31.34
C3B CLA KC . -11.49 -23.62 -30.29
C4B CLA KC . -12.56 -22.67 -29.92
CMB CLA KC . -9.68 -23.58 -32.08
CAB CLA KC . -11.27 -24.86 -29.61
CBB CLA KC . -10.74 -25.03 -28.41
NC CLA KC . -14.56 -20.64 -28.97
C1C CLA KC . -14.35 -21.87 -28.44
C2C CLA KC . -15.15 -22.07 -27.26
C3C CLA KC . -15.80 -20.87 -27.03
C4C CLA KC . -15.45 -19.99 -28.13
CMC CLA KC . -15.11 -23.29 -26.45
CAC CLA KC . -16.76 -20.53 -25.98
CBC CLA KC . -16.10 -20.15 -24.70
ND CLA KC . -14.45 -18.15 -30.17
C1D CLA KC . -15.36 -17.78 -29.14
C2D CLA KC . -15.67 -16.36 -29.26
C3D CLA KC . -14.85 -15.87 -30.25
C4D CLA KC . -14.09 -17.02 -30.76
CMD CLA KC . -16.61 -15.68 -28.39
CAD CLA KC . -14.44 -14.70 -31.01
OBD CLA KC . -14.89 -13.58 -30.96
CBD CLA KC . -13.26 -15.15 -31.92
CGD CLA KC . -13.48 -14.70 -33.35
O1D CLA KC . -13.27 -13.58 -33.82
O2D CLA KC . -13.97 -15.63 -34.19
CED CLA KC . -13.94 -15.34 -35.58
C1 CLA KC . -11.41 -18.65 -28.67
C2 CLA KC . -11.33 -19.77 -27.72
C3 CLA KC . -11.93 -19.71 -26.53
C4 CLA KC . -12.69 -18.50 -26.13
C5 CLA KC . -11.87 -20.84 -25.56
C6 CLA KC . -10.44 -21.21 -25.24
C7 CLA KC . -10.18 -22.68 -25.52
C8 CLA KC . -8.82 -22.93 -26.18
C9 CLA KC . -7.84 -23.42 -25.15
C10 CLA KC . -8.28 -21.67 -26.84
C11 CLA KC . -8.01 -21.84 -28.31
C12 CLA KC . -7.56 -20.51 -28.85
C13 CLA KC . -7.07 -20.52 -30.30
C14 CLA KC . -6.39 -21.82 -30.65
C15 CLA KC . -6.13 -19.34 -30.52
C16 CLA KC . -5.10 -19.64 -31.58
C17 CLA KC . -3.91 -18.69 -31.48
C18 CLA KC . -2.89 -18.98 -32.56
C19 CLA KC . -3.42 -18.61 -33.93
C20 CLA KC . -2.48 -20.43 -32.55
MG CLA LC . -16.70 -28.84 -26.35
CHA CLA LC . -15.66 -26.96 -29.06
CHB CLA LC . -14.33 -31.17 -27.14
CHC CLA LC . -17.05 -30.24 -23.22
CHD CLA LC . -18.71 -26.14 -25.31
NA CLA LC . -15.29 -29.05 -27.89
C1A CLA LC . -15.00 -28.15 -28.93
C2A CLA LC . -13.94 -28.74 -29.87
C3A CLA LC . -13.90 -30.22 -29.43
C4A CLA LC . -14.53 -30.16 -28.05
CMA CLA LC . -14.71 -31.07 -30.36
CAA CLA LC . -12.56 -28.12 -29.78
CBA CLA LC . -11.60 -28.94 -30.62
CGA CLA LC . -10.85 -28.08 -31.58
O1A CLA LC . -11.23 -27.07 -32.17
O2A CLA LC . -9.57 -28.53 -31.80
NB CLA LC . -15.92 -30.43 -25.41
C1B CLA LC . -14.92 -31.20 -25.87
C2B CLA LC . -14.53 -32.16 -24.82
C3B CLA LC . -15.29 -31.92 -23.71
C4B CLA LC . -16.18 -30.81 -24.08
CMB CLA LC . -13.46 -33.09 -25.03
CAB CLA LC . -15.31 -32.55 -22.41
CBB CLA LC . -15.24 -33.85 -22.14
NC CLA LC . -17.73 -28.31 -24.62
C1C CLA LC . -17.77 -29.05 -23.48
C2C CLA LC . -18.62 -28.45 -22.48
C3C CLA LC . -19.08 -27.27 -23.04
C4C CLA LC . -18.53 -27.19 -24.40
CMC CLA LC . -18.86 -29.01 -21.17
CAC CLA LC . -20.01 -26.35 -22.39
CBC CLA LC . -21.40 -26.39 -23.00
ND CLA LC . -17.12 -26.96 -26.97
C1D CLA LC . -18.05 -26.01 -26.51
C2D CLA LC . -18.15 -24.93 -27.48
C3D CLA LC . -17.23 -25.22 -28.48
C4D CLA LC . -16.62 -26.51 -28.10
CMD CLA LC . -19.02 -23.77 -27.30
CAD CLA LC . -16.63 -24.81 -29.74
OBD CLA LC . -16.83 -23.85 -30.44
CBD CLA LC . -15.61 -25.91 -30.14
CGD CLA LC . -16.00 -26.47 -31.46
O1D CLA LC . -16.85 -27.32 -31.68
O2D CLA LC . -15.30 -25.97 -32.51
CED CLA LC . -14.85 -26.94 -33.43
C1 CLA LC . -8.49 -27.62 -31.52
C2 CLA LC . -8.34 -27.56 -30.04
C3 CLA LC . -7.65 -26.60 -29.42
C4 CLA LC . -6.96 -25.52 -30.16
C5 CLA LC . -7.54 -26.58 -27.93
C6 CLA LC . -6.27 -27.21 -27.41
C7 CLA LC . -5.32 -26.17 -26.87
C8 CLA LC . -4.17 -26.85 -26.16
C9 CLA LC . -4.75 -27.91 -25.22
C10 CLA LC . -3.34 -25.84 -25.38
C11 CLA LC . -2.06 -25.45 -26.09
C12 CLA LC . -1.58 -26.50 -27.08
C13 CLA LC . -0.06 -26.56 -27.16
C14 CLA LC . 0.44 -26.05 -28.51
C15 CLA LC . 0.43 -27.98 -26.94
C16 CLA LC . -0.37 -28.96 -27.78
C17 CLA LC . 0.30 -30.31 -27.80
C18 CLA LC . 0.20 -30.99 -29.16
C19 CLA LC . -0.50 -30.11 -30.18
C20 CLA LC . -0.55 -32.30 -29.02
MG CLA MC . 13.84 -9.03 -48.05
CHA CLA MC . 16.66 -8.53 -49.98
CHB CLA MC . 15.11 -6.87 -45.74
CHC CLA MC . 10.74 -8.78 -46.56
CHD CLA MC . 12.35 -10.71 -50.77
NA CLA MC . 15.60 -7.90 -47.91
C1A CLA MC . 16.65 -7.82 -48.83
C2A CLA MC . 17.77 -6.90 -48.32
C3A CLA MC . 17.40 -6.77 -46.84
C4A CLA MC . 15.92 -7.16 -46.81
CMA CLA MC . 18.22 -7.77 -46.09
CAA CLA MC . 17.89 -5.57 -49.07
CBA CLA MC . 16.58 -4.90 -49.39
CGA CLA MC . 16.77 -3.57 -50.05
O1A CLA MC . 17.80 -2.94 -50.24
O2A CLA MC . 15.59 -3.01 -50.47
NB CLA MC . 13.09 -8.03 -46.46
C1B CLA MC . 13.77 -7.23 -45.61
C2B CLA MC . 12.89 -6.81 -44.48
C3B CLA MC . 11.66 -7.35 -44.71
C4B CLA MC . 11.76 -8.14 -45.96
CMB CLA MC . 13.31 -5.94 -43.40
CAB CLA MC . 10.44 -7.22 -43.93
NC CLA MC . 11.92 -9.67 -48.55
C1C CLA MC . 10.81 -9.48 -47.78
C2C CLA MC . 9.65 -10.09 -48.41
C3C CLA MC . 10.08 -10.60 -49.62
C4C CLA MC . 11.52 -10.35 -49.70
CMC CLA MC . 8.30 -10.04 -47.82
CAC CLA MC . 9.27 -11.32 -50.62
CBC CLA MC . 9.22 -12.81 -50.39
ND CLA MC . 14.31 -9.52 -49.94
C1D CLA MC . 13.66 -10.33 -50.91
C2D CLA MC . 14.61 -10.65 -52.00
C3D CLA MC . 15.79 -10.00 -51.68
C4D CLA MC . 15.54 -9.31 -50.40
CMD CLA MC . 14.31 -11.46 -53.18
CAD CLA MC . 17.15 -9.69 -52.08
OBD CLA MC . 17.77 -10.04 -53.08
CBD CLA MC . 17.76 -8.77 -50.99
CGD CLA MC . 18.86 -9.49 -50.27
O1D CLA MC . 18.79 -10.23 -49.30
O2D CLA MC . 20.10 -9.28 -50.80
CED CLA MC . 20.97 -10.41 -50.77
C1 CLA MC . 15.74 -1.77 -51.20
C2 CLA MC . 14.39 -1.30 -51.62
C3 CLA MC . 14.11 0.00 -51.80
C4 CLA MC . 15.10 1.07 -51.58
C5 CLA MC . 12.76 0.45 -52.22
C6 CLA MC . 11.75 -0.66 -52.14
C7 CLA MC . 10.96 -0.79 -53.42
C8 CLA MC . 10.48 -2.22 -53.62
C9 CLA MC . 11.67 -3.13 -53.86
C10 CLA MC . 9.49 -2.31 -54.77
MG CLA NC . 14.41 1.92 -48.33
CHA CLA NC . 17.21 -0.08 -47.86
CHB CLA NC . 16.45 4.47 -49.32
CHC CLA NC . 11.69 3.63 -49.49
CHD CLA NC . 12.38 -0.96 -47.91
NA CLA NC . 16.48 2.13 -48.56
C1A CLA NC . 17.49 1.18 -48.32
C2A CLA NC . 18.88 1.77 -48.59
C3A CLA NC . 18.56 3.26 -48.79
C4A CLA NC . 17.05 3.30 -48.94
CMA CLA NC . 18.87 4.03 -47.55
CAA CLA NC . 19.61 1.16 -49.78
CBA CLA NC . 18.81 1.07 -51.06
CGA CLA NC . 19.30 -0.13 -51.80
O1A CLA NC . 20.34 -0.74 -51.61
O2A CLA NC . 18.46 -0.58 -52.78
NB CLA NC . 14.13 3.68 -49.27
C1B CLA NC . 15.07 4.64 -49.46
C2B CLA NC . 14.44 5.93 -49.83
C3B CLA NC . 13.09 5.71 -49.88
C4B CLA NC . 12.88 4.28 -49.53
CMB CLA NC . 15.22 7.14 -50.13
CAB CLA NC . 12.02 6.60 -50.22
CBB CLA NC . 11.41 6.68 -51.40
NC CLA NC . 12.41 1.41 -48.64
C1C CLA NC . 11.48 2.28 -49.09
C2C CLA NC . 10.17 1.66 -49.11
C3C CLA NC . 10.35 0.32 -48.73
C4C CLA NC . 11.77 0.19 -48.42
CMC CLA NC . 8.97 2.37 -49.52
CAC CLA NC . 9.31 -0.71 -48.58
CBC CLA NC . 9.19 -1.72 -49.68
ND CLA NC . 14.65 -0.06 -48.00
C1D CLA NC . 13.72 -1.09 -47.70
C2D CLA NC . 14.44 -2.24 -47.16
C3D CLA NC . 15.77 -1.90 -47.20
C4D CLA NC . 15.85 -0.55 -47.75
CMD CLA NC . 13.84 -3.48 -46.69
CAD CLA NC . 17.12 -2.33 -46.91
OBD CLA NC . 17.47 -3.39 -46.42
CBD CLA NC . 18.08 -1.21 -47.35
CGD CLA NC . 18.96 -0.81 -46.20
O1D CLA NC . 18.67 -0.10 -45.24
O2D CLA NC . 20.21 -1.32 -46.23
CED CLA NC . 21.08 -0.95 -45.17
C1 CLA NC . 18.15 0.29 -53.89
C2 CLA NC . 18.45 -0.45 -55.14
C3 CLA NC . 17.64 -1.37 -55.71
C4 CLA NC . 18.00 -2.08 -56.96
C5 CLA NC . 16.32 -1.73 -55.13
C6 CLA NC . 15.22 -1.59 -56.15
C7 CLA NC . 14.17 -0.63 -55.65
C8 CLA NC . 13.54 0.19 -56.77
C9 CLA NC . 13.23 1.59 -56.27
C10 CLA NC . 12.27 -0.48 -57.28
MG CLA OC . 11.80 -3.39 -41.13
CHA CLA OC . 11.09 -5.92 -38.89
CHB CLA OC . 8.50 -3.22 -41.99
CHC CLA OC . 12.61 -1.23 -43.64
CHD CLA OC . 15.27 -3.97 -40.60
NA CLA OC . 10.09 -4.41 -40.52
C1A CLA OC . 9.99 -5.40 -39.52
C2A CLA OC . 8.54 -5.82 -39.35
C3A CLA OC . 7.74 -4.93 -40.33
C4A CLA OC . 8.84 -4.11 -41.00
CMA CLA OC . 6.94 -5.76 -41.30
CAA CLA OC . 8.04 -5.40 -37.98
CBA CLA OC . 7.11 -6.40 -37.32
CGA CLA OC . 5.69 -5.93 -37.41
O1A CLA OC . 4.70 -6.56 -37.76
O2A CLA OC . 5.51 -4.64 -37.01
NB CLA OC . 10.76 -2.46 -42.58
C1B CLA OC . 9.41 -2.41 -42.68
C2B CLA OC . 9.02 -1.39 -43.68
C3B CLA OC . 10.17 -0.82 -44.15
C4B CLA OC . 11.31 -1.50 -43.46
CMB CLA OC . 7.63 -1.09 -44.02
CAB CLA OC . 10.36 0.21 -45.12
CBB CLA OC . 9.49 1.18 -45.36
NC CLA OC . 13.61 -2.71 -41.93
C1C CLA OC . 13.70 -1.77 -42.91
C2C CLA OC . 15.09 -1.44 -43.17
C3C CLA OC . 15.87 -2.27 -42.37
C4C CLA OC . 14.92 -3.05 -41.58
CMC CLA OC . 15.54 -0.46 -44.13
CAC CLA OC . 17.34 -2.31 -42.28
CBC CLA OC . 18.09 -1.17 -41.66
ND CLA OC . 12.97 -4.61 -40.04
C1D CLA OC . 14.38 -4.71 -39.87
C2D CLA OC . 14.68 -5.71 -38.85
C3D CLA OC . 13.46 -6.22 -38.46
C4D CLA OC . 12.43 -5.50 -39.23
CMD CLA OC . 16.02 -6.07 -38.41
CAD CLA OC . 12.80 -7.19 -37.63
OBD CLA OC . 13.31 -8.04 -36.92
CBD CLA OC . 11.27 -6.99 -37.85
CGD CLA OC . 10.57 -8.25 -38.25
O1D CLA OC . 9.51 -8.70 -37.81
O2D CLA OC . 11.16 -8.93 -39.26
CED CLA OC . 10.26 -9.43 -40.25
C1 CLA OC . 4.32 -4.02 -37.52
C2 CLA OC . 4.24 -2.66 -36.91
C3 CLA OC . 3.27 -1.80 -37.25
C4 CLA OC . 2.23 -2.14 -38.24
C5 CLA OC . 3.20 -0.45 -36.63
C6 CLA OC . 2.89 -0.55 -35.16
C7 CLA OC . 1.70 0.31 -34.81
C8 CLA OC . 1.83 0.84 -33.38
C9 CLA OC . 2.56 -0.16 -32.52
C10 CLA OC . 0.46 1.14 -32.79
C11 CLA OC . -0.54 1.49 -33.87
C12 CLA OC . -1.90 0.92 -33.54
C13 CLA OC . -2.80 1.02 -34.75
C14 CLA OC . -4.13 1.61 -34.33
C15 CLA OC . -2.98 -0.33 -35.42
C16 CLA OC . -4.43 -0.77 -35.34
C17 CLA OC . -4.65 -2.09 -36.05
C18 CLA OC . -6.13 -2.40 -36.18
C19 CLA OC . -6.44 -3.76 -35.59
C20 CLA OC . -6.90 -1.36 -35.43
MG CLA PC . -7.75 -0.99 -48.64
CHA CLA PC . -10.09 -3.34 -49.60
CHB CLA PC . -7.16 -2.79 -45.82
CHC CLA PC . -4.85 0.78 -48.13
CHD CLA PC . -8.09 0.55 -51.82
NA CLA PC . -8.49 -2.79 -47.89
C1A CLA PC . -9.47 -3.63 -48.43
C2A CLA PC . -9.75 -4.81 -47.50
C3A CLA PC . -9.03 -4.39 -46.20
C4A CLA PC . -8.12 -3.27 -46.67
CMA CLA PC . -9.98 -3.85 -45.18
CAA CLA PC . -9.23 -6.18 -47.94
CBA CLA PC . -8.75 -6.33 -49.36
CGA CLA PC . -7.27 -6.47 -49.32
O1A CLA PC . -6.45 -5.80 -48.68
O2A CLA PC . -6.83 -7.47 -50.12
NB CLA PC . -6.29 -1.01 -47.26
C1B CLA PC . -6.27 -1.76 -46.14
C2B CLA PC . -5.14 -1.38 -45.26
C3B CLA PC . -4.48 -0.37 -45.91
C4B CLA PC . -5.20 -0.13 -47.19
CMB CLA PC . -4.88 -2.06 -43.98
CAB CLA PC . -3.31 0.38 -45.54
CBB CLA PC . -2.96 0.71 -44.30
NC CLA PC . -6.70 0.44 -49.75
C1C CLA PC . -5.56 1.07 -49.33
C2C CLA PC . -5.11 2.01 -50.33
C3C CLA PC . -6.01 1.93 -51.40
C4C CLA PC . -7.01 0.96 -51.01
CMC CLA PC . -3.88 2.81 -50.22
CAC CLA PC . -5.97 2.67 -52.66
CBC CLA PC . -6.58 4.06 -52.60
ND CLA PC . -8.79 -1.28 -50.36
C1D CLA PC . -8.92 -0.51 -51.54
C2D CLA PC . -10.06 -1.03 -52.32
C3D CLA PC . -10.56 -2.11 -51.62
C4D CLA PC . -9.72 -2.24 -50.42
CMD CLA PC . -10.53 -0.48 -53.58
CAD CLA PC . -11.55 -3.17 -51.56
OBD CLA PC . -12.47 -3.43 -52.32
CBD CLA PC . -11.26 -4.02 -50.29
CGD CLA PC . -12.49 -4.14 -49.42
O1D CLA PC . -13.17 -5.14 -49.20
O2D CLA PC . -12.87 -2.98 -48.83
CED CLA PC . -13.02 -3.00 -47.41
C1 CLA PC . -6.94 -7.31 -51.54
C2 CLA PC . -5.63 -6.77 -51.98
C3 CLA PC . -5.28 -6.78 -53.27
C4 CLA PC . -6.19 -7.32 -54.31
C5 CLA PC . -3.98 -6.24 -53.72
C6 CLA PC . -3.30 -5.40 -52.64
C7 CLA PC . -2.34 -4.42 -53.27
C8 CLA PC . -1.17 -4.08 -52.36
C9 CLA PC . -0.22 -3.13 -53.06
C10 CLA PC . -0.42 -5.32 -51.89
C11 CLA PC . 0.02 -5.19 -50.45
C12 CLA PC . 1.47 -5.57 -50.25
C13 CLA PC . 1.76 -5.81 -48.78
C14 CLA PC . 0.49 -5.63 -47.97
C15 CLA PC . 2.84 -4.87 -48.24
MG CLA QC . -6.39 9.16 -53.35
CHA CLA QC . -7.60 10.02 -56.49
CHB CLA QC . -4.41 6.77 -54.80
CHC CLA QC . -4.40 9.09 -50.55
CHD CLA QC . -7.98 12.05 -52.06
NA CLA QC . -6.11 8.49 -55.31
C1A CLA QC . -6.68 9.00 -56.49
C2A CLA QC . -6.24 8.15 -57.69
C3A CLA QC . -5.58 6.92 -57.01
C4A CLA QC . -5.31 7.42 -55.61
CMA CLA QC . -6.51 5.75 -56.95
CAA CLA QC . -5.38 8.91 -58.70
CBA CLA QC . -4.03 9.37 -58.21
CGA CLA QC . -3.59 10.47 -59.11
O1A CLA QC . -4.07 10.82 -60.19
O2A CLA QC . -2.52 11.15 -58.62
NB CLA QC . -4.76 8.11 -52.78
C1B CLA QC . -4.10 7.17 -53.50
C2B CLA QC . -2.96 6.62 -52.72
C3B CLA QC . -2.95 7.27 -51.50
C4B CLA QC . -4.09 8.24 -51.54
CMB CLA QC . -2.08 5.60 -53.28
CAB CLA QC . -2.08 7.22 -50.35
CBB CLA QC . -1.33 6.21 -49.92
NC CLA QC . -6.30 10.28 -51.60
C1C CLA QC . -5.46 10.04 -50.56
C2C CLA QC . -5.67 10.96 -49.48
C3C CLA QC . -6.62 11.89 -49.93
C4C CLA QC . -7.02 11.43 -51.26
CMC CLA QC . -4.90 10.91 -48.24
CAC CLA QC . -7.18 13.05 -49.22
CBC CLA QC . -6.51 14.35 -49.60
ND CLA QC . -7.58 10.65 -54.02
C1D CLA QC . -8.27 11.69 -53.35
C2D CLA QC . -9.23 12.30 -54.27
C3D CLA QC . -9.00 11.73 -55.51
C4D CLA QC . -7.94 10.72 -55.29
CMD CLA QC . -10.18 13.34 -53.88
CAD CLA QC . -9.43 11.63 -56.88
OBD CLA QC . -10.37 12.18 -57.45
CBD CLA QC . -8.45 10.64 -57.58
CGD CLA QC . -9.14 9.65 -58.46
O1D CLA QC . -8.87 9.37 -59.63
O2D CLA QC . -10.17 9.01 -57.87
CED CLA QC . -10.17 7.60 -58.06
C1 CLA QC . -1.30 10.39 -58.58
C2 CLA QC . -0.23 11.31 -59.04
C3 CLA QC . 0.99 11.30 -58.52
C4 CLA QC . 2.05 12.21 -58.99
C5 CLA QC . 1.34 10.35 -57.42
C6 CLA QC . 2.81 10.45 -57.06
C7 CLA QC . 3.38 9.10 -56.68
C8 CLA QC . 4.89 9.18 -56.55
C9 CLA QC . 5.48 10.01 -57.68
C10 CLA QC . 5.52 7.79 -56.55
C11 CLA QC . 6.51 7.64 -55.41
C12 CLA QC . 7.75 6.86 -55.82
C13 CLA QC . 8.05 6.99 -57.31
C14 CLA QC . 9.50 6.71 -57.60
MG CLA RC . -5.36 18.90 -41.89
CHA CLA RC . -7.77 21.25 -41.24
CHB CLA RC . -6.45 18.76 -45.14
CHC CLA RC . -2.46 17.28 -42.80
CHD CLA RC . -4.01 19.46 -38.67
NA CLA RC . -6.84 19.88 -42.99
C1A CLA RC . -7.74 20.83 -42.53
C2A CLA RC . -8.69 21.30 -43.63
C3A CLA RC . -8.46 20.22 -44.71
C4A CLA RC . -7.13 19.60 -44.29
CMA CLA RC . -9.58 19.22 -44.68
CAA CLA RC . -8.35 22.69 -44.13
CBA CLA RC . -6.96 23.22 -43.83
CGA CLA RC . -6.40 23.93 -45.01
O1A CLA RC . -6.97 24.67 -45.82
O2A CLA RC . -5.06 23.69 -45.18
NB CLA RC . -4.64 18.14 -43.60
C1B CLA RC . -5.25 18.15 -44.81
C2B CLA RC . -4.44 17.43 -45.82
C3B CLA RC . -3.30 17.00 -45.17
C4B CLA RC . -3.42 17.45 -43.75
CMB CLA RC . -4.91 17.33 -47.21
CAB CLA RC . -2.13 16.30 -45.64
CBB CLA RC . -1.63 16.30 -46.87
NC CLA RC . -3.56 18.46 -40.91
C1C CLA RC . -2.52 17.78 -41.47
C2C CLA RC . -1.45 17.63 -40.50
C3C CLA RC . -1.88 18.25 -39.33
C4C CLA RC . -3.22 18.75 -39.58
CMC CLA RC . -0.16 16.97 -40.77
CAC CLA RC . -1.16 18.36 -38.04
CBC CLA RC . -0.11 19.44 -37.95
ND CLA RC . -5.64 20.17 -40.34
C1D CLA RC . -5.18 20.12 -39.00
C2D CLA RC . -6.06 20.94 -38.13
C3D CLA RC . -7.04 21.46 -38.97
C4D CLA RC . -6.75 20.91 -40.31
CMD CLA RC . -5.82 21.14 -36.70
CAD CLA RC . -8.20 22.33 -39.13
OBD CLA RC . -8.68 23.20 -38.43
CBD CLA RC . -8.80 22.07 -40.53
CGD CLA RC . -10.12 21.36 -40.42
O1D CLA RC . -10.35 20.14 -40.42
O2D CLA RC . -11.18 22.20 -40.30
CED CLA RC . -12.32 21.72 -39.58
C1 CLA RC . -4.24 24.85 -45.27
C2 CLA RC . -2.82 24.41 -45.29
C3 CLA RC . -2.15 24.20 -46.44
C4 CLA RC . -2.78 24.39 -47.77
C5 CLA RC . -0.73 23.77 -46.43
C6 CLA RC . -0.10 23.81 -45.06
C7 CLA RC . 1.25 23.13 -45.10
C8 CLA RC . 2.01 23.31 -43.78
C9 CLA RC . 1.48 24.52 -43.05
C10 CLA RC . 3.50 23.43 -44.02
MG CLA SC . -5.80 12.40 -33.82
CHA CLA SC . -7.34 10.59 -31.31
CHB CLA SC . -8.93 13.22 -35.01
CHC CLA SC . -4.43 14.87 -35.71
CHD CLA SC . -2.73 12.11 -32.04
NA CLA SC . -7.77 11.96 -33.26
C1A CLA SC . -8.20 11.19 -32.17
C2A CLA SC . -9.72 11.13 -32.14
C3A CLA SC . -10.12 11.62 -33.54
C4A CLA SC . -8.86 12.36 -33.96
CMA CLA SC . -10.39 10.46 -34.47
CAA CLA SC . -10.18 12.20 -31.18
CBA CLA SC . -11.63 12.02 -30.78
CGA CLA SC . -12.39 13.30 -30.88
O1A CLA SC . -13.58 13.49 -30.62
O2A CLA SC . -11.63 14.35 -31.31
NB CLA SC . -6.54 13.81 -35.02
C1B CLA SC . -7.81 13.88 -35.49
C2B CLA SC . -7.88 14.71 -36.70
C3B CLA SC . -6.62 15.18 -36.91
C4B CLA SC . -5.75 14.63 -35.85
CMB CLA SC . -9.13 14.93 -37.41
CAB CLA SC . -6.13 16.05 -37.92
CBB CLA SC . -6.41 17.33 -37.89
NC CLA SC . -3.91 13.29 -33.89
C1C CLA SC . -3.56 14.25 -34.79
C2C CLA SC . -2.16 14.59 -34.65
C3C CLA SC . -1.70 13.87 -33.53
C4C CLA SC . -2.80 13.04 -33.08
CMC CLA SC . -1.44 15.55 -35.47
CAC CLA SC . -0.33 13.85 -32.99
CBC CLA SC . -0.07 14.91 -31.94
ND CLA SC . -5.11 11.52 -32.14
C1D CLA SC . -3.82 11.42 -31.56
C2D CLA SC . -3.86 10.42 -30.48
C3D CLA SC . -5.18 10.03 -30.40
C4D CLA SC . -5.93 10.79 -31.40
CMD CLA SC . -2.70 9.97 -29.71
CAD CLA SC . -6.14 9.16 -29.76
OBD CLA SC . -5.90 8.19 -29.08
CBD CLA SC . -7.55 9.59 -30.20
CGD CLA SC . -8.25 8.37 -30.73
O1D CLA SC . -8.17 7.89 -31.86
O2D CLA SC . -9.04 7.71 -29.85
CED CLA SC . -9.45 6.40 -30.23
C1 CLA SC . -11.91 15.64 -30.71
C2 CLA SC . -10.64 16.41 -30.80
C3 CLA SC . -9.75 16.48 -29.81
C4 CLA SC . -9.95 15.80 -28.51
C5 CLA SC . -8.49 17.26 -29.97
C6 CLA SC . -7.26 16.37 -29.85
C7 CLA SC . -6.97 15.65 -31.15
C8 CLA SC . -5.48 15.68 -31.48
C9 CLA SC . -4.70 15.00 -30.38
C10 CLA SC . -4.98 17.11 -31.63
C11 CLA SC . -4.86 17.51 -33.08
C12 CLA SC . -4.39 18.93 -33.23
C13 CLA SC . -3.38 19.04 -34.37
C14 CLA SC . -2.14 19.78 -33.93
MG CLA TC . -4.74 3.99 -36.45
CHA CLA TC . -7.69 2.23 -36.69
CHB CLA TC . -6.04 5.69 -33.78
CHC CLA TC . -1.62 5.25 -35.74
CHD CLA TC . -3.28 1.84 -38.84
NA CLA TC . -6.58 3.97 -35.44
C1A CLA TC . -7.70 3.18 -35.70
C2A CLA TC . -8.85 3.52 -34.75
C3A CLA TC . -8.37 4.87 -34.13
C4A CLA TC . -6.89 4.85 -34.45
CMA CLA TC . -9.02 6.07 -34.76
CAA CLA TC . -9.10 2.44 -33.70
CBA CLA TC . -9.03 2.94 -32.27
CGA CLA TC . -7.63 2.68 -31.81
O1A CLA TC . -6.74 2.29 -32.55
O2A CLA TC . -7.36 2.92 -30.49
NB CLA TC . -4.00 5.25 -35.08
C1B CLA TC . -4.67 5.77 -34.03
C2B CLA TC . -3.75 6.53 -33.18
C3B CLA TC . -2.50 6.44 -33.72
C4B CLA TC . -2.64 5.62 -34.95
CMB CLA TC . -4.23 7.18 -31.98
CAB CLA TC . -1.22 6.97 -33.32
CBB CLA TC . -0.98 8.24 -32.98
NC CLA TC . -2.82 3.63 -37.18
C1C CLA TC . -1.71 4.30 -36.78
C2C CLA TC . -0.56 3.87 -37.55
C3C CLA TC . -1.01 2.86 -38.40
C4C CLA TC . -2.45 2.74 -38.18
CMC CLA TC . 0.78 4.39 -37.35
CAC CLA TC . -0.23 2.12 -39.38
CBC CLA TC . 0.25 0.81 -38.86
ND CLA TC . -5.25 2.34 -37.48
C1D CLA TC . -4.59 1.63 -38.51
C2D CLA TC . -5.53 0.67 -39.11
C3D CLA TC . -6.73 0.87 -38.44
C4D CLA TC . -6.51 1.93 -37.45
CMD CLA TC . -5.19 -0.27 -40.17
CAD CLA TC . -8.08 0.45 -38.30
OBD CLA TC . -8.62 -0.45 -38.88
CBD CLA TC . -8.78 1.35 -37.25
CGD CLA TC . -9.82 2.22 -37.88
O1D CLA TC . -9.67 3.36 -38.33
O2D CLA TC . -11.05 1.69 -37.97
CED CLA TC . -12.10 2.62 -38.26
C1 CLA TC . -6.53 4.06 -30.12
C2 CLA TC . -5.12 3.71 -30.42
C3 CLA TC . -4.06 4.17 -29.78
C4 CLA TC . -4.16 5.11 -28.64
C5 CLA TC . -2.71 3.73 -30.20
C6 CLA TC . -1.65 4.80 -30.10
C7 CLA TC . -0.43 4.40 -30.91
C8 CLA TC . 0.68 5.44 -30.81
C9 CLA TC . 2.05 4.78 -30.83
C10 CLA TC . 0.46 6.31 -29.60
C11 CLA TC . 1.22 7.63 -29.68
C12 CLA TC . 1.82 7.99 -28.33
MG CLA UC . 11.09 9.72 -32.35
CHA CLA UC . 13.97 10.35 -30.54
CHB CLA UC . 11.20 6.46 -31.31
CHC CLA UC . 7.81 9.30 -33.29
CHD CLA UC . 10.74 13.22 -32.87
NA CLA UC . 12.38 8.62 -31.13
C1A CLA UC . 13.52 9.07 -30.46
C2A CLA UC . 14.19 7.93 -29.69
C3A CLA UC . 13.45 6.69 -30.21
C4A CLA UC . 12.23 7.28 -30.91
CMA CLA UC . 14.29 5.94 -31.20
CAA CLA UC . 14.05 8.12 -28.19
CBA CLA UC . 12.62 8.25 -27.70
CGA CLA UC . 12.59 8.81 -26.31
O1A CLA UC . 13.23 9.75 -25.84
O2A CLA UC . 11.70 8.15 -25.53
NB CLA UC . 9.77 8.19 -32.28
C1B CLA UC . 10.06 6.91 -31.95
C2B CLA UC . 8.97 6.01 -32.39
C3B CLA UC . 7.99 6.79 -32.95
C4B CLA UC . 8.48 8.19 -32.88
CMB CLA UC . 9.02 4.57 -32.15
CAB CLA UC . 6.72 6.40 -33.48
CBB CLA UC . 5.53 6.49 -32.89
NC CLA UC . 9.58 11.02 -32.98
C1C CLA UC . 8.32 10.62 -33.33
C2C CLA UC . 7.54 11.78 -33.73
C3C CLA UC . 8.35 12.89 -33.61
C4C CLA UC . 9.64 12.40 -33.16
CMC CLA UC . 6.14 11.72 -34.15
CAC CLA UC . 7.99 14.30 -33.89
CBC CLA UC . 8.34 14.75 -35.30
ND CLA UC . 12.04 11.43 -31.83
C1D CLA UC . 11.87 12.77 -32.22
C2D CLA UC . 13.05 13.55 -31.86
C3D CLA UC . 13.90 12.67 -31.21
C4D CLA UC . 13.21 11.37 -31.21
CMD CLA UC . 13.21 14.97 -32.14
CAD CLA UC . 15.18 12.48 -30.55
OBD CLA UC . 16.10 13.27 -30.39
CBD CLA UC . 15.24 11.01 -30.07
CGD CLA UC . 16.45 10.35 -30.65
O1D CLA UC . 16.83 10.35 -31.82
O2D CLA UC . 17.20 9.69 -29.73
CED CLA UC . 18.63 9.72 -29.84
C1 CLA UC . 11.15 8.90 -24.42
C2 CLA UC . 9.72 8.55 -24.35
C3 CLA UC . 8.87 9.25 -23.58
C4 CLA UC . 9.34 10.39 -22.77
C5 CLA UC . 7.42 8.91 -23.51
C6 CLA UC . 6.55 10.15 -23.55
C7 CLA UC . 6.04 10.42 -24.95
C8 CLA UC . 5.23 11.71 -25.02
C9 CLA UC . 6.09 12.88 -24.59
C10 CLA UC . 3.99 11.62 -24.14
C11 CLA UC . 2.79 12.27 -24.79
C12 CLA UC . 2.26 11.47 -25.97
C13 CLA UC . 1.20 12.22 -26.76
C14 CLA UC . 0.05 11.30 -27.12
C15 CLA UC . 1.77 12.84 -28.02
C16 CLA UC . 1.60 14.34 -28.01
C17 CLA UC . 2.94 15.05 -27.90
C18 CLA UC . 2.85 16.28 -27.03
C19 CLA UC . 3.76 16.17 -25.82
C20 CLA UC . 3.22 17.51 -27.83
MG CLA VC . 17.37 17.92 -36.45
CHA CLA VC . 19.86 18.94 -38.57
CHB CLA VC . 18.70 19.92 -33.99
CHC CLA VC . 14.56 17.46 -34.53
CHD CLA VC . 15.74 16.38 -39.16
NA CLA VC . 18.95 19.29 -36.35
C1A CLA VC . 19.89 19.54 -37.35
C2A CLA VC . 20.91 20.58 -36.90
C3A CLA VC . 20.64 20.69 -35.39
C4A CLA VC . 19.31 19.96 -35.23
CMA CLA VC . 21.69 20.00 -34.58
CAA CLA VC . 20.49 21.85 -37.62
CBA CLA VC . 21.22 23.11 -37.21
CGA CLA VC . 20.72 24.24 -38.05
O1A CLA VC . 19.58 24.42 -38.50
O2A CLA VC . 21.67 25.18 -38.33
NB CLA VC . 16.76 18.56 -34.62
C1B CLA VC . 17.50 19.28 -33.74
C2B CLA VC . 16.82 19.33 -32.41
C3B CLA VC . 15.64 18.63 -32.55
C4B CLA VC . 15.59 18.15 -33.96
CMB CLA VC . 17.38 20.07 -31.28
CAB CLA VC . 14.60 18.38 -31.59
CBB CLA VC . 13.62 19.22 -31.23
NC CLA VC . 15.48 17.11 -36.81
C1C CLA VC . 14.49 17.00 -35.87
C2C CLA VC . 13.33 16.32 -36.44
C3C CLA VC . 13.65 16.05 -37.77
C4C CLA VC . 15.01 16.53 -37.98
CMC CLA VC . 12.09 16.06 -35.73
CAC CLA VC . 12.80 15.39 -38.77
CBC CLA VC . 12.14 16.38 -39.71
ND CLA VC . 17.57 17.83 -38.46
C1D CLA VC . 16.94 16.98 -39.40
C2D CLA VC . 17.80 16.84 -40.60
C3D CLA VC . 18.95 17.54 -40.32
C4D CLA VC . 18.75 18.14 -38.99
CMD CLA VC . 17.44 16.06 -41.77
CAD CLA VC . 20.25 17.97 -40.79
OBD CLA VC . 20.81 17.75 -41.86
CBD CLA VC . 20.89 18.82 -39.66
CGD CLA VC . 22.13 18.17 -39.13
O1D CLA VC . 23.30 18.41 -39.43
O2D CLA VC . 21.91 17.18 -38.21
CED CLA VC . 22.89 16.99 -37.19
C1 CLA VC . 21.20 26.53 -38.49
MG CLA WC . 18.82 18.27 -27.34
CHA CLA WC . 21.08 18.38 -29.90
CHB CLA WC . 20.65 20.69 -25.69
CHC CLA WC . 16.26 18.70 -25.09
CHD CLA WC . 16.65 16.40 -29.40
NA CLA WC . 20.57 19.33 -27.74
C1A CLA WC . 21.38 19.22 -28.88
C2A CLA WC . 22.57 20.17 -28.81
C3A CLA WC . 22.55 20.62 -27.34
C4A CLA WC . 21.15 20.22 -26.87
CMA CLA WC . 23.61 19.90 -26.56
CAA CLA WC . 22.40 21.35 -29.75
CBA CLA WC . 20.96 21.75 -30.01
CGA CLA WC . 20.86 23.03 -30.77
O1A CLA WC . 20.86 24.18 -30.31
O2A CLA WC . 20.76 22.86 -32.11
NB CLA WC . 18.59 19.34 -25.65
C1B CLA WC . 19.39 20.34 -25.19
C2B CLA WC . 18.76 21.03 -24.05
C3B CLA WC . 17.54 20.47 -23.87
C4B CLA WC . 17.39 19.40 -24.89
CMB CLA WC . 19.34 22.20 -23.39
CAB CLA WC . 16.49 20.80 -22.94
CBB CLA WC . 16.58 20.59 -21.62
NC CLA WC . 16.82 17.65 -27.26
C1C CLA WC . 15.98 17.88 -26.21
C2C CLA WC . 14.72 17.22 -26.42
C3C CLA WC . 14.77 16.64 -27.69
C4C CLA WC . 16.13 16.88 -28.19
CMC CLA WC . 13.60 17.29 -25.48
CAC CLA WC . 13.72 15.86 -28.36
CBC CLA WC . 13.65 14.41 -27.95
ND CLA WC . 18.71 17.70 -29.28
C1D CLA WC . 17.85 16.78 -29.93
C2D CLA WC . 18.50 16.31 -31.18
C3D CLA WC . 19.75 16.89 -31.22
C4D CLA WC . 19.83 17.72 -30.01
CMD CLA WC . 17.88 15.43 -32.13
CAD CLA WC . 20.98 17.07 -31.94
OBD CLA WC . 21.33 16.66 -33.04
CBD CLA WC . 21.91 17.92 -31.07
CGD CLA WC . 22.99 17.02 -30.56
O1D CLA WC . 22.90 16.19 -29.65
O2D CLA WC . 24.18 17.13 -31.20
CED CLA WC . 24.59 16.10 -32.10
C1 CLA WC . 20.20 23.96 -32.85
C2 CLA WC . 19.18 23.38 -33.74
C3 CLA WC . 18.54 24.08 -34.68
C4 CLA WC . 18.80 25.53 -34.87
C5 CLA WC . 17.53 23.44 -35.56
C6 CLA WC . 16.43 22.74 -34.80
C7 CLA WC . 15.63 21.86 -35.73
C8 CLA WC . 14.14 21.91 -35.38
C9 CLA WC . 13.97 22.02 -33.88
C10 CLA WC . 13.40 20.71 -35.92
MG CLA XC . 17.68 9.44 -20.89
CHA CLA XC . 16.79 10.00 -24.18
CHB CLA XC . 16.84 12.69 -20.18
CHC CLA XC . 17.50 8.67 -17.53
CHD CLA XC . 18.02 6.01 -21.63
NA CLA XC . 16.93 11.04 -22.00
C1A CLA XC . 16.62 11.07 -23.36
C2A CLA XC . 16.12 12.44 -23.77
C3A CLA XC . 16.63 13.30 -22.61
C4A CLA XC . 16.76 12.29 -21.49
CMA CLA XC . 18.00 13.79 -22.98
CAA CLA XC . 14.62 12.35 -23.81
CBA CLA XC . 13.98 13.61 -24.35
CGA CLA XC . 12.52 13.34 -24.49
O1A CLA XC . 11.94 12.31 -24.82
O2A CLA XC . 11.73 14.42 -24.21
NB CLA XC . 17.26 10.48 -19.20
C1B CLA XC . 16.99 11.80 -19.12
C2B CLA XC . 16.88 12.22 -17.70
C3B CLA XC . 17.06 11.09 -16.94
C4B CLA XC . 17.31 9.97 -17.89
CMB CLA XC . 16.60 13.60 -17.32
CAB CLA XC . 17.03 10.92 -15.51
CBB CLA XC . 15.92 10.98 -14.78
NC CLA XC . 17.77 7.67 -19.79
C1C CLA XC . 17.71 7.59 -18.43
C2C CLA XC . 17.87 6.20 -18.01
C3C CLA XC . 17.97 5.44 -19.16
C4C CLA XC . 17.94 6.37 -20.28
CMC CLA XC . 17.85 5.75 -16.63
CAC CLA XC . 18.19 3.99 -19.24
CBC CLA XC . 16.95 3.19 -19.60
ND CLA XC . 17.41 8.22 -22.47
C1D CLA XC . 17.75 6.86 -22.67
C2D CLA XC . 17.77 6.58 -24.12
C3D CLA XC . 17.39 7.74 -24.75
C4D CLA XC . 17.19 8.73 -23.67
CMD CLA XC . 18.09 5.28 -24.68
CAD CLA XC . 17.14 8.41 -26.00
OBD CLA XC . 17.22 7.97 -27.13
CBD CLA XC . 16.75 9.88 -25.69
CGD CLA XC . 17.66 10.88 -26.34
O1D CLA XC . 18.88 10.94 -26.29
O2D CLA XC . 16.99 11.82 -27.07
CED CLA XC . 17.51 13.15 -27.09
C1 CLA XC . 10.34 14.29 -24.57
C2 CLA XC . 9.97 15.58 -25.18
C3 CLA XC . 9.23 16.49 -24.53
C4 CLA XC . 8.72 16.27 -23.17
C5 CLA XC . 8.88 17.78 -25.18
C6 CLA XC . 7.53 18.30 -24.73
C7 CLA XC . 7.47 19.80 -24.86
C8 CLA XC . 6.63 20.23 -26.06
MG CLA YC . 14.19 2.34 -29.82
CHA CLA YC . 12.27 0.79 -32.28
CHB CLA YC . 11.39 2.73 -27.94
CHC CLA YC . 15.85 4.60 -27.78
CHD CLA YC . 16.94 2.35 -32.03
NA CLA YC . 12.20 1.78 -30.07
C1A CLA YC . 11.58 1.13 -31.14
C2A CLA YC . 10.09 0.89 -30.84
C3A CLA YC . 9.96 1.33 -29.38
C4A CLA YC . 11.28 1.99 -29.09
CMA CLA YC . 8.95 2.42 -29.18
CAA CLA YC . 9.72 -0.59 -30.94
CBA CLA YC . 8.23 -0.87 -30.85
CGA CLA YC . 7.42 0.00 -31.76
O1A CLA YC . 7.73 0.54 -32.82
O2A CLA YC . 6.16 0.21 -31.31
NB CLA YC . 13.73 3.41 -28.17
C1B CLA YC . 12.53 3.42 -27.55
C2B CLA YC . 12.55 4.30 -26.38
C3B CLA YC . 13.81 4.85 -26.29
C4B CLA YC . 14.57 4.29 -27.46
CMB CLA YC . 11.34 4.48 -25.58
CAB CLA YC . 14.37 5.79 -25.37
CBB CLA YC . 14.23 5.78 -24.04
NC CLA YC . 16.06 3.26 -29.88
C1C CLA YC . 16.55 4.11 -28.93
C2C CLA YC . 17.91 4.50 -29.27
C3C CLA YC . 18.21 3.89 -30.49
C4C CLA YC . 17.05 3.09 -30.84
CMC CLA YC . 18.74 5.40 -28.48
CAC CLA YC . 19.48 3.93 -31.21
CBC CLA YC . 20.38 2.81 -30.74
ND CLA YC . 14.59 1.75 -31.70
C1D CLA YC . 15.78 1.75 -32.45
C2D CLA YC . 15.56 1.03 -33.71
C3D CLA YC . 14.23 0.66 -33.72
C4D CLA YC . 13.67 1.13 -32.43
CMD CLA YC . 16.59 0.85 -34.73
CAD CLA YC . 13.18 -0.02 -34.43
OBD CLA YC . 13.20 -0.56 -35.52
CBD CLA YC . 11.90 0.07 -33.56
CGD CLA YC . 10.82 0.79 -34.33
O1D CLA YC . 9.90 0.30 -34.99
O2D CLA YC . 10.88 2.15 -34.26
CED CLA YC . 10.07 2.88 -35.18
C1 CLA YC . 5.71 1.58 -31.33
C2 CLA YC . 5.34 1.91 -29.95
C3 CLA YC . 5.43 3.13 -29.43
C4 CLA YC . 5.06 3.37 -28.04
C5 CLA YC . 5.90 4.37 -30.09
C6 CLA YC . 6.06 5.41 -28.99
C7 CLA YC . 6.88 6.61 -29.39
C8 CLA YC . 8.11 6.85 -28.51
C9 CLA YC . 8.16 5.91 -27.34
C10 CLA YC . 8.12 8.29 -28.02
C11 CLA YC . 9.15 9.11 -28.77
C12 CLA YC . 8.55 10.39 -29.29
C13 CLA YC . 9.56 11.52 -29.27
C14 CLA YC . 10.40 11.50 -28.01
C15 CLA YC . 8.86 12.86 -29.46
C16 CLA YC . 9.54 13.94 -28.64
C17 CLA YC . 10.14 15.04 -29.50
C18 CLA YC . 9.09 15.97 -30.09
C19 CLA YC . 9.72 16.86 -31.14
C20 CLA YC . 8.47 16.81 -29.00
MG CLA ZC . 2.08 1.69 -16.35
CHA CLA ZC . -0.86 3.25 -17.17
CHB CLA ZC . 3.67 4.70 -16.48
CHC CLA ZC . 4.80 0.34 -14.67
CHD CLA ZC . 0.39 -1.36 -16.00
NA CLA ZC . 1.47 3.64 -16.76
C1A CLA ZC . 0.19 4.11 -17.06
C2A CLA ZC . 0.23 5.61 -17.38
C3A CLA ZC . 1.73 5.86 -17.60
C4A CLA ZC . 2.35 4.68 -16.86
CMA CLA ZC . 2.00 5.81 -19.07
CAA CLA ZC . -0.23 6.65 -16.37
CBA CLA ZC . -0.43 6.30 -14.93
CGA CLA ZC . -1.00 7.53 -14.31
O1A CLA ZC . -2.09 7.69 -13.78
O2A CLA ZC . -0.18 8.63 -14.35
NB CLA ZC . 3.89 2.37 -15.77
C1B CLA ZC . 4.32 3.64 -15.85
C2B CLA ZC . 5.64 3.79 -15.19
C3B CLA ZC . 5.96 2.56 -14.68
C4B CLA ZC . 4.85 1.65 -15.03
CMB CLA ZC . 6.34 5.06 -15.16
CAB CLA ZC . 7.10 2.13 -13.92
CBB CLA ZC . 8.37 2.45 -14.13
NC CLA ZC . 2.51 -0.17 -15.49
C1C CLA ZC . 3.69 -0.52 -14.90
C2C CLA ZC . 3.66 -1.92 -14.50
C3C CLA ZC . 2.40 -2.39 -14.86
C4C CLA ZC . 1.70 -1.29 -15.51
CMC CLA ZC . 4.75 -2.63 -13.84
CAC CLA ZC . 1.90 -3.75 -14.72
CBC CLA ZC . 1.20 -3.90 -13.41
ND CLA ZC . 0.17 1.05 -16.37
C1D CLA ZC . -0.34 -0.26 -16.38
C2D CLA ZC . -1.73 -0.22 -16.86
C3D CLA ZC . -2.01 1.10 -17.14
C4D CLA ZC . -0.77 1.85 -16.86
CMD CLA ZC . -2.56 -1.40 -16.93
CAD CLA ZC . -2.98 2.06 -17.63
OBD CLA ZC . -4.16 1.87 -17.94
CBD CLA ZC . -2.25 3.44 -17.73
CGD CLA ZC . -2.24 3.90 -19.16
O1D CLA ZC . -1.30 3.99 -19.95
O2D CLA ZC . -3.46 4.25 -19.59
CED CLA ZC . -3.53 4.64 -20.94
C1 CLA ZC . -0.85 9.86 -14.01
C2 CLA ZC . 0.09 10.74 -13.28
C3 CLA ZC . -0.09 12.06 -13.27
C4 CLA ZC . -1.23 12.69 -13.99
C5 CLA ZC . 0.83 12.99 -12.54
C6 CLA ZC . 0.58 13.03 -11.05
C7 CLA ZC . 0.16 14.42 -10.62
C8 CLA ZC . 0.83 14.88 -9.33
C9 CLA ZC . 1.06 16.38 -9.36
C10 CLA ZC . 2.16 14.16 -9.10
C11 CLA ZC . 3.00 14.88 -8.08
C12 CLA ZC . 3.99 13.96 -7.39
C13 CLA ZC . 5.28 14.68 -7.03
C14 CLA ZC . 5.31 16.08 -7.62
C15 CLA ZC . 6.50 13.89 -7.46
C16 CLA ZC . 7.70 14.77 -7.75
C17 CLA ZC . 8.68 14.08 -8.70
C18 CLA ZC . 10.13 14.44 -8.43
C19 CLA ZC . 10.24 15.57 -7.42
MG CLA AD . -5.85 9.64 -22.70
CHA CLA AD . -3.17 8.71 -20.69
CHB CLA AD . -3.74 11.43 -24.67
CHC CLA AD . -8.55 10.92 -24.31
CHD CLA AD . -8.04 8.10 -20.34
NA CLA AD . -3.79 9.99 -22.67
C1A CLA AD . -2.84 9.49 -21.77
C2A CLA AD . -1.43 9.97 -22.14
C3A CLA AD . -1.66 10.81 -23.42
C4A CLA AD . -3.16 10.74 -23.62
CMA CLA AD . -1.19 12.22 -23.24
CAA CLA AD . -0.58 8.79 -22.55
CBA CLA AD . 0.89 9.00 -22.28
CGA CLA AD . 1.62 8.50 -23.47
O1A CLA AD . 1.17 8.15 -24.56
O2A CLA AD . 2.96 8.44 -23.28
NB CLA AD . -6.10 11.05 -24.11
C1B CLA AD . -5.10 11.44 -24.94
C2B CLA AD . -5.65 11.86 -26.26
C3B CLA AD . -7.02 11.71 -26.18
C4B CLA AD . -7.31 11.20 -24.81
CMB CLA AD . -4.77 12.30 -27.33
CAB CLA AD . -8.08 11.95 -27.12
CBB CLA AD . -8.10 12.83 -28.11
NC CLA AD . -7.90 9.57 -22.33
C1C CLA AD . -8.82 10.17 -23.14
C2C CLA AD . -10.16 9.91 -22.64
C3C CLA AD . -10.04 9.09 -21.52
C4C CLA AD . -8.61 8.85 -21.36
CMC CLA AD . -11.36 10.45 -23.25
CAC CLA AD . -11.11 8.52 -20.69
CBC CLA AD . -11.39 9.22 -19.38
ND CLA AD . -5.72 8.63 -20.95
C1D CLA AD . -6.70 8.01 -20.12
C2D CLA AD . -6.03 7.31 -19.02
C3D CLA AD . -4.69 7.57 -19.17
C4D CLA AD . -4.54 8.39 -20.39
CMD CLA AD . -6.72 6.56 -17.97
CAD CLA AD . -3.37 7.36 -18.63
OBD CLA AD . -3.10 6.76 -17.60
CBD CLA AD . -2.36 8.06 -19.58
CGD CLA AD . -1.38 8.99 -18.91
O1D CLA AD . -0.15 8.88 -18.84
O2D CLA AD . -1.90 10.12 -18.37
CED CLA AD . -0.96 11.16 -18.13
C1 CLA AD . 3.62 7.43 -24.06
C2 CLA AD . 4.52 6.74 -23.11
C3 CLA AD . 5.22 5.68 -23.52
C4 CLA AD . 5.12 5.18 -24.90
C5 CLA AD . 6.12 4.97 -22.58
C6 CLA AD . 7.34 4.43 -23.28
C7 CLA AD . 8.18 3.70 -22.26
C8 CLA AD . 9.66 3.97 -22.46
C9 CLA AD . 10.48 3.02 -21.63
C10 CLA AD . 10.03 5.43 -22.20
C11 CLA AD . 9.87 5.85 -20.75
C12 CLA AD . 10.38 7.25 -20.48
C13 CLA AD . 9.82 7.79 -19.18
C14 CLA AD . 10.16 9.25 -19.00
C15 CLA AD . 10.29 7.01 -17.95
C16 CLA AD . 9.54 7.51 -16.73
C17 CLA AD . 9.96 6.80 -15.45
C18 CLA AD . 9.66 7.67 -14.24
C19 CLA AD . 9.00 6.89 -13.14
C20 CLA AD . 8.79 8.85 -14.61
MG CLA BD . -8.26 -13.10 -24.84
CHA CLA BD . -9.08 -13.42 -28.18
CHB CLA BD . -11.19 -11.45 -24.29
CHC CLA BD . -7.16 -12.21 -21.74
CHD CLA BD . -4.92 -14.06 -25.66
NA CLA BD . -9.87 -12.55 -26.05
C1A CLA BD . -10.04 -12.78 -27.42
C2A CLA BD . -11.37 -12.20 -27.91
C3A CLA BD . -11.92 -11.47 -26.68
C4A CLA BD . -10.94 -11.85 -25.58
CMA CLA BD . -11.92 -9.99 -26.94
CAA CLA BD . -12.44 -13.19 -28.37
CBA CLA BD . -12.38 -14.59 -27.79
CGA CLA BD . -12.94 -14.70 -26.42
O1A CLA BD . -14.07 -14.43 -26.00
O2A CLA BD . -12.01 -15.18 -25.55
NB CLA BD . -9.00 -11.97 -23.34
C1B CLA BD . -10.32 -11.69 -23.22
C2B CLA BD . -10.70 -11.57 -21.80
C3B CLA BD . -9.55 -11.78 -21.07
C4B CLA BD . -8.46 -12.00 -22.05
CMB CLA BD . -12.06 -11.22 -21.44
CAB CLA BD . -9.24 -11.74 -19.67
CBB CLA BD . -9.92 -12.25 -18.64
NC CLA BD . -6.39 -13.15 -23.88
C1C CLA BD . -6.18 -12.75 -22.60
C2C CLA BD . -4.78 -12.94 -22.25
C3C CLA BD . -4.14 -13.45 -23.37
C4C CLA BD . -5.16 -13.58 -24.38
CMC CLA BD . -4.21 -12.61 -20.96
CAC CLA BD . -2.71 -13.81 -23.49
CBC CLA BD . -2.42 -15.29 -23.49
ND CLA BD . -7.21 -13.72 -26.45
C1D CLA BD . -5.87 -14.13 -26.64
C2D CLA BD . -5.71 -14.64 -27.99
C3D CLA BD . -6.91 -14.44 -28.60
C4D CLA BD . -7.80 -13.79 -27.62
CMD CLA BD . -4.48 -15.26 -28.49
CAD CLA BD . -7.65 -14.58 -29.82
OBD CLA BD . -7.30 -15.18 -30.80
CBD CLA BD . -9.01 -13.85 -29.63
CGD CLA BD . -9.21 -12.72 -30.59
O1D CLA BD . -8.64 -11.64 -30.59
O2D CLA BD . -10.13 -12.98 -31.56
CED CLA BD . -10.17 -12.09 -32.68
C1 CLA BD . -12.25 -15.07 -24.15
C2 CLA BD . -10.90 -15.21 -23.57
C3 CLA BD . -10.50 -16.33 -22.94
C4 CLA BD . -11.38 -17.50 -22.77
C5 CLA BD . -9.14 -16.43 -22.36
C6 CLA BD . -8.08 -16.16 -23.41
C7 CLA BD . -7.73 -17.43 -24.15
C8 CLA BD . -7.48 -17.15 -25.62
C9 CLA BD . -8.75 -17.29 -26.42
C10 CLA BD . -6.39 -18.05 -26.17
C11 CLA BD . -5.16 -17.99 -25.30
C12 CLA BD . -4.16 -19.09 -25.61
C13 CLA BD . -4.73 -20.48 -25.38
C14 CLA BD . -5.03 -20.73 -23.91
C15 CLA BD . -3.77 -21.56 -25.88
C16 CLA BD . -4.23 -22.13 -27.20
C17 CLA BD . -3.36 -21.66 -28.35
C18 CLA BD . -2.40 -22.74 -28.79
C19 CLA BD . -2.93 -23.52 -29.96
C20 CLA BD . -1.06 -22.12 -29.12
MG CLA CD . -5.47 -6.00 -30.14
CHA CLA CD . -8.08 -4.80 -32.10
CHB CLA CD . -6.65 -9.16 -30.61
CHC CLA CD . -2.49 -7.27 -28.96
CHD CLA CD . -3.94 -2.82 -30.41
NA CLA CD . -7.12 -6.81 -31.14
C1A CLA CD . -8.09 -6.15 -31.90
C2A CLA CD . -9.14 -7.13 -32.43
C3A CLA CD . -8.82 -8.42 -31.65
C4A CLA CD . -7.42 -8.14 -31.09
CMA CLA CD . -9.80 -8.60 -30.52
CAA CLA CD . -9.12 -7.28 -33.95
CBA CLA CD . -8.24 -8.36 -34.50
CGA CLA CD . -6.93 -7.80 -34.96
O1A CLA CD . -6.03 -7.33 -34.28
O2A CLA CD . -6.76 -7.84 -36.33
NB CLA CD . -4.73 -7.85 -29.84
C1B CLA CD . -5.37 -9.01 -30.07
C2B CLA CD . -4.54 -10.16 -29.64
C3B CLA CD . -3.35 -9.64 -29.17
C4B CLA CD . -3.47 -8.15 -29.28
CMB CLA CD . -5.02 -11.53 -29.80
CAB CLA CD . -2.16 -10.25 -28.64
CBB CLA CD . -2.09 -11.41 -28.00
NC CLA CD . -3.61 -5.18 -29.69
C1C CLA CD . -2.56 -5.86 -29.15
C2C CLA CD . -1.46 -4.96 -28.87
C3C CLA CD . -1.82 -3.71 -29.38
C4C CLA CD . -3.18 -3.86 -29.87
CMC CLA CD . -0.19 -5.36 -28.26
CAC CLA CD . -1.04 -2.46 -29.34
CBC CLA CD . -0.41 -2.11 -30.66
ND CLA CD . -5.87 -4.21 -30.96
C1D CLA CD . -5.18 -2.97 -30.95
C2D CLA CD . -6.03 -1.95 -31.53
C3D CLA CD . -7.18 -2.58 -31.92
C4D CLA CD . -7.00 -4.00 -31.60
CMD CLA CD . -5.67 -0.55 -31.63
CAD CLA CD . -8.49 -2.43 -32.50
OBD CLA CD . -9.08 -1.38 -32.73
CBD CLA CD . -9.04 -3.85 -32.78
CGD CLA CD . -10.45 -4.04 -32.31
O1D CLA CD . -10.87 -4.06 -31.16
O2D CLA CD . -11.33 -4.25 -33.33
CED CLA CD . -12.55 -4.91 -33.00
C1 CLA CD . -5.42 -8.08 -36.81
C2 CLA CD . -5.00 -6.95 -37.69
C3 CLA CD . -4.00 -7.10 -38.57
C4 CLA CD . -3.27 -8.38 -38.72
C5 CLA CD . -3.54 -6.01 -39.47
C6 CLA CD . -3.73 -4.61 -38.91
C7 CLA CD . -3.40 -3.61 -39.98
C8 CLA CD . -1.95 -3.15 -39.90
C9 CLA CD . -1.68 -2.55 -38.54
C10 CLA CD . -1.64 -2.14 -40.99
C11 CLA CD . -1.21 -2.80 -42.27
C12 CLA CD . -0.32 -1.88 -43.09
C13 CLA CD . -0.42 -2.17 -44.58
C14 CLA CD . 0.27 -3.46 -44.92
C15 CLA CD . 0.20 -1.05 -45.41
C16 CLA CD . 0.30 -1.41 -46.87
C17 CLA CD . 0.20 -0.17 -47.73
C18 CLA CD . 0.36 -0.49 -49.21
C19 CLA CD . 1.56 -1.38 -49.45
C20 CLA CD . 0.50 0.78 -50.02
MG CLA DD . 17.23 8.84 -9.13
CHA CLA DD . 20.18 10.53 -9.69
CHB CLA DD . 17.27 9.96 -5.88
CHC CLA DD . 13.99 7.79 -8.74
CHD CLA DD . 17.00 8.21 -12.59
NA CLA DD . 18.51 10.08 -8.01
C1A CLA DD . 19.69 10.68 -8.43
C2A CLA DD . 20.35 11.48 -7.32
C3A CLA DD . 19.47 11.16 -6.09
C4A CLA DD . 18.31 10.36 -6.69
CMA CLA DD . 20.22 10.36 -5.05
CAA CLA DD . 20.39 12.96 -7.66
CBA CLA DD . 19.52 13.81 -6.76
CGA CLA DD . 18.21 14.06 -7.46
O1A CLA DD . 17.30 13.27 -7.67
O2A CLA DD . 18.09 15.35 -7.91
NB CLA DD . 15.89 8.90 -7.63
C1B CLA DD . 16.17 9.23 -6.34
C2B CLA DD . 15.10 8.73 -5.44
C3B CLA DD . 14.18 8.12 -6.24
C4B CLA DD . 14.65 8.24 -7.64
CMB CLA DD . 15.11 8.92 -4.00
CAB CLA DD . 12.92 7.54 -5.89
CBB CLA DD . 11.84 8.28 -5.65
NC CLA DD . 15.77 8.15 -10.44
C1C CLA DD . 14.51 7.74 -10.05
C2C CLA DD . 13.76 7.26 -11.21
C3C CLA DD . 14.60 7.42 -12.32
C4C CLA DD . 15.85 7.97 -11.81
CMC CLA DD . 12.40 6.75 -11.12
CAC CLA DD . 14.30 7.07 -13.71
CBC CLA DD . 13.62 8.17 -14.51
ND CLA DD . 18.24 9.30 -10.80
C1D CLA DD . 18.13 8.82 -12.13
C2D CLA DD . 19.38 9.09 -12.85
C3D CLA DD . 20.21 9.76 -11.98
C4D CLA DD . 19.44 9.86 -10.71
CMD CLA DD . 19.62 8.68 -14.24
CAD CLA DD . 21.51 10.37 -11.75
OBD CLA DD . 22.45 10.47 -12.51
CBD CLA DD . 21.52 10.89 -10.28
CGD CLA DD . 22.64 10.29 -9.47
O1D CLA DD . 23.54 10.90 -8.88
O2D CLA DD . 22.61 8.94 -9.39
CED CLA DD . 23.59 8.29 -8.57
C1 CLA DD . 16.92 16.10 -7.54
C2 CLA DD . 15.96 16.04 -8.67
C3 CLA DD . 14.64 16.07 -8.46
C4 CLA DD . 13.66 16.00 -9.57
C5 CLA DD . 14.08 16.17 -7.08
MG CLA ED . 13.16 10.63 -0.01
CHA CLA ED . 16.51 11.28 -0.55
CHB CLA ED . 13.92 9.67 3.18
CHC CLA ED . 9.80 10.65 0.81
CHD CLA ED . 12.43 12.28 -3.03
NA CLA ED . 14.92 10.48 1.10
C1A CLA ED . 16.22 10.79 0.69
C2A CLA ED . 17.24 10.52 1.81
C3A CLA ED . 16.38 9.73 2.84
C4A CLA ED . 14.97 9.99 2.36
CMA CLA ED . 16.64 8.26 2.82
CAA CLA ED . 17.82 11.79 2.40
CBA CLA ED . 16.83 12.92 2.59
CGA CLA ED . 17.54 14.20 2.87
O1A CLA ED . 18.50 14.69 2.27
O2A CLA ED . 17.02 14.87 3.94
NB CLA ED . 12.08 10.20 1.64
C1B CLA ED . 12.60 9.84 2.83
C2B CLA ED . 11.53 9.59 3.81
C3B CLA ED . 10.32 9.86 3.18
C4B CLA ED . 10.67 10.24 1.77
CMB CLA ED . 11.91 9.22 5.17
CAB CLA ED . 8.97 9.79 3.67
CBB CLA ED . 8.53 10.08 4.90
NC CLA ED . 11.43 11.33 -0.96
C1C CLA ED . 10.17 11.18 -0.47
C2C CLA ED . 9.23 11.70 -1.44
C3C CLA ED . 9.95 12.22 -2.50
C4C CLA ED . 11.35 11.95 -2.20
CMC CLA ED . 7.78 11.73 -1.24
CAC CLA ED . 9.44 12.88 -3.72
CBC CLA ED . 9.55 12.04 -4.98
ND CLA ED . 14.16 11.64 -1.45
C1D CLA ED . 13.75 12.14 -2.70
C2D CLA ED . 14.93 12.48 -3.52
C3D CLA ED . 16.02 12.18 -2.73
C4D CLA ED . 15.49 11.66 -1.46
CMD CLA ED . 14.89 13.04 -4.87
CAD CLA ED . 17.47 12.19 -2.63
OBD CLA ED . 18.30 12.63 -3.40
CBD CLA ED . 17.82 11.55 -1.25
CGD CLA ED . 18.58 10.27 -1.42
O1D CLA ED . 18.15 9.17 -1.80
O2D CLA ED . 19.90 10.36 -1.11
CED CLA ED . 20.78 9.35 -1.60
C1 CLA ED . 15.97 15.80 3.67
C2 CLA ED . 15.60 16.40 4.97
C3 CLA ED . 14.47 17.12 5.16
C4 CLA ED . 13.52 17.38 4.06
MG CLA FD . -11.17 5.15 10.78
CHA CLA FD . -13.03 6.80 13.17
CHB CLA FD . -9.54 8.09 10.10
CHC CLA FD . -8.61 3.40 9.30
CHD CLA FD . -12.53 2.11 11.93
NA CLA FD . -11.27 7.10 11.53
C1A CLA FD . -12.10 7.59 12.56
C2A CLA FD . -11.86 9.07 12.77
C3A CLA FD . -11.10 9.47 11.51
C4A CLA FD . -10.54 8.13 11.03
CMA CLA FD . -12.05 10.02 10.49
CAA CLA FD . -10.97 9.25 13.98
CBA CLA FD . -11.12 10.59 14.64
CGA CLA FD . -10.98 10.39 16.11
O1A CLA FD . -10.36 9.51 16.71
O2A CLA FD . -11.64 11.32 16.85
NB CLA FD . -9.39 5.64 9.93
C1B CLA FD . -9.03 6.89 9.58
C2B CLA FD . -8.00 6.85 8.50
C3B CLA FD . -7.73 5.53 8.26
C4B CLA FD . -8.59 4.75 9.18
CMB CLA FD . -7.40 8.03 7.89
CAB CLA FD . -6.78 4.92 7.37
CBB CLA FD . -5.45 4.87 7.52
NC CLA FD . -10.66 3.14 10.67
C1C CLA FD . -9.57 2.65 10.00
C2C CLA FD . -9.53 1.21 10.09
C3C CLA FD . -10.63 0.81 10.85
C4C CLA FD . -11.35 2.04 11.19
CMC CLA FD . -8.47 0.43 9.50
CAC CLA FD . -11.03 -0.55 11.23
CBC CLA FD . -10.40 -1.02 12.52
ND CLA FD . -12.45 4.52 12.21
C1D CLA FD . -13.07 3.27 12.41
C2D CLA FD . -14.29 3.45 13.23
C3D CLA FD . -14.30 4.78 13.61
C4D CLA FD . -13.13 5.40 12.93
CMD CLA FD . -15.21 2.39 13.57
CAD CLA FD . -15.01 5.83 14.29
OBD CLA FD . -16.04 5.80 14.95
CBD CLA FD . -14.19 7.14 14.07
CGD CLA FD . -15.01 8.25 13.50
O1D CLA FD . -15.12 9.38 13.96
O2D CLA FD . -15.67 7.96 12.34
CED CLA FD . -15.91 9.07 11.48
C1 CLA FD . -11.69 11.03 18.26
C2 CLA FD . -11.88 12.29 19.01
C3 CLA FD . -10.89 13.14 19.31
C4 CLA FD . -11.16 14.37 20.08
C5 CLA FD . -9.48 12.90 18.89
MG CLA GD . -6.79 17.28 -20.70
CHA CLA GD . -7.59 18.14 -23.94
CHB CLA GD . -6.54 14.01 -21.71
CHC CLA GD . -4.87 16.60 -17.94
CHD CLA GD . -6.71 20.72 -19.88
NA CLA GD . -7.08 16.27 -22.50
C1A CLA GD . -7.38 16.82 -23.75
C2A CLA GD . -7.56 15.72 -24.80
C3A CLA GD . -7.71 14.49 -23.90
C4A CLA GD . -7.03 14.91 -22.61
CMA CLA GD . -9.18 14.30 -23.68
CAA CLA GD . -6.46 15.58 -25.84
CBA CLA GD . -5.04 15.60 -25.34
CGA CLA GD . -4.28 16.28 -26.42
O1A CLA GD . -4.38 17.46 -26.76
O2A CLA GD . -3.45 15.45 -27.13
NB CLA GD . -5.98 15.61 -19.93
C1B CLA GD . -5.93 14.39 -20.51
C2B CLA GD . -5.09 13.47 -19.70
C3B CLA GD . -4.62 14.20 -18.65
C4B CLA GD . -5.15 15.58 -18.77
CMB CLA GD . -4.82 12.10 -20.10
CAB CLA GD . -3.72 13.83 -17.58
CBB CLA GD . -3.97 12.90 -16.65
NC CLA GD . -5.99 18.45 -19.16
C1C CLA GD . -5.28 17.95 -18.11
C2C CLA GD . -4.92 19.03 -17.21
C3C CLA GD . -5.41 20.21 -17.76
C4C CLA GD . -6.11 19.83 -18.98
CMC CLA GD . -4.14 18.84 -15.97
CAC CLA GD . -5.31 21.56 -17.20
CBC CLA GD . -4.05 22.32 -17.53
ND CLA GD . -7.01 19.06 -21.63
C1D CLA GD . -7.13 20.38 -21.15
C2D CLA GD . -7.67 21.25 -22.21
C3D CLA GD . -7.80 20.46 -23.33
C4D CLA GD . -7.41 19.10 -22.90
CMD CLA GD . -7.90 22.68 -22.09
CAD CLA GD . -8.17 20.39 -24.72
OBD CLA GD . -8.46 21.28 -25.51
CBD CLA GD . -8.14 18.89 -25.12
CGD CLA GD . -9.53 18.43 -25.43
O1D CLA GD . -10.34 17.87 -24.69
O2D CLA GD . -9.91 18.71 -26.69
CED CLA GD . -11.31 18.85 -26.84
C1 CLA GD . -2.05 15.32 -26.78
C2 CLA GD . -1.40 16.65 -26.79
C3 CLA GD . -1.17 17.43 -27.86
C4 CLA GD . -1.53 17.09 -29.26
C5 CLA GD . -0.52 18.75 -27.69
C6 CLA GD . -0.79 19.33 -26.32
C7 CLA GD . 0.50 19.57 -25.58
C8 CLA GD . 0.37 20.72 -24.61
C9 CLA GD . 0.06 20.21 -23.23
C10 CLA GD . -0.72 21.66 -25.08
C11 CLA GD . -0.88 22.83 -24.12
C12 CLA GD . -1.39 24.05 -24.84
C13 CLA GD . -0.67 25.27 -24.30
C14 CLA GD . -0.77 25.35 -22.80
C15 CLA GD . -1.20 26.53 -24.95
C16 CLA GD . -1.32 26.33 -26.45
C17 CLA GD . -1.53 27.67 -27.12
C18 CLA GD . -1.45 27.57 -28.64
C19 CLA GD . -0.36 28.49 -29.12
C20 CLA GD . -1.13 26.16 -29.06
MG CLA HD . -4.99 23.92 -25.03
CHA CLA HD . -4.94 24.53 -28.41
CHB CLA HD . -4.48 20.59 -25.66
CHC CLA HD . -4.17 23.39 -21.71
CHD CLA HD . -4.97 27.39 -24.42
NA CLA HD . -4.77 22.77 -26.75
C1A CLA HD . -4.79 23.20 -28.08
C2A CLA HD . -4.61 22.02 -29.05
C3A CLA HD . -4.69 20.79 -28.12
C4A CLA HD . -4.62 21.41 -26.74
CMA CLA HD . -5.93 19.95 -28.27
CAA CLA HD . -3.29 22.05 -29.81
CBA CLA HD . -2.10 22.46 -28.96
CGA CLA HD . -0.83 21.96 -29.54
O1A CLA HD . -0.66 21.25 -30.54
O2A CLA HD . 0.26 22.36 -28.83
NB CLA HD . -4.56 22.31 -23.90
C1B CLA HD . -4.36 21.06 -24.36
C2B CLA HD . -3.89 20.18 -23.28
C3B CLA HD . -3.79 20.93 -22.15
C4B CLA HD . -4.20 22.31 -22.53
CMB CLA HD . -3.59 18.79 -23.57
CAB CLA HD . -3.31 20.56 -20.85
CBB CLA HD . -2.13 20.88 -20.34
NC CLA HD . -4.67 25.15 -23.38
C1C CLA HD . -4.39 24.72 -22.12
C2C CLA HD . -4.29 25.84 -21.20
C3C CLA HD . -4.47 27.00 -21.97
C4C CLA HD . -4.73 26.56 -23.33
CMC CLA HD . -3.98 25.73 -19.78
CAC CLA HD . -4.44 28.39 -21.51
CBC CLA HD . -3.09 29.05 -21.68
ND CLA HD . -4.82 25.61 -26.10
C1D CLA HD . -5.02 26.97 -25.73
C2D CLA HD . -5.21 27.79 -26.94
C3D CLA HD . -5.13 26.91 -28.01
C4D CLA HD . -4.93 25.56 -27.42
CMD CLA HD . -5.38 29.24 -26.94
CAD CLA HD . -5.14 26.75 -29.45
OBD CLA HD . -5.13 27.60 -30.33
CBD CLA HD . -5.17 25.22 -29.73
CGD CLA HD . -6.49 24.84 -30.31
O1D CLA HD . -7.57 24.75 -29.72
O2D CLA HD . -6.45 24.55 -31.64
CED CLA HD . -7.40 25.20 -32.48
MG CLA ID . -8.54 6.29 -14.61
CHA CLA ID . -8.80 9.70 -14.92
CHB CLA ID . -5.15 6.62 -14.35
CHC CLA ID . -8.22 2.89 -14.88
CHD CLA ID . -11.93 5.98 -15.63
NA CLA ID . -7.21 7.91 -14.59
C1A CLA ID . -7.53 9.27 -14.69
C2A CLA ID . -6.28 10.15 -14.60
C3A CLA ID . -5.15 9.13 -14.43
C4A CLA ID . -5.87 7.79 -14.43
CMA CLA ID . -4.28 9.25 -15.65
CAA CLA ID . -6.29 11.06 -13.38
CBA CLA ID . -5.26 12.16 -13.53
CGA CLA ID . -5.27 13.23 -12.47
O1A CLA ID . -6.03 13.39 -11.53
O2A CLA ID . -4.24 14.11 -12.72
NB CLA ID . -7.00 5.01 -14.54
C1B CLA ID . -5.69 5.34 -14.42
C2B CLA ID . -4.86 4.12 -14.43
C3B CLA ID . -5.71 3.06 -14.58
C4B CLA ID . -7.09 3.61 -14.67
CMB CLA ID . -3.41 4.21 -14.33
CAB CLA ID . -5.52 1.64 -14.73
CBB CLA ID . -4.38 0.96 -14.70
NC CLA ID . -9.85 4.74 -15.10
C1C CLA ID . -9.52 3.42 -15.08
C2C CLA ID . -10.67 2.59 -15.39
C3C CLA ID . -11.72 3.46 -15.70
C4C CLA ID . -11.19 4.80 -15.48
CMC CLA ID . -10.63 1.14 -15.44
CAC CLA ID . -13.08 3.11 -16.10
CBC CLA ID . -14.08 2.86 -15.02
ND CLA ID . -10.05 7.48 -15.18
C1D CLA ID . -11.40 7.24 -15.49
C2D CLA ID . -12.10 8.52 -15.66
C3D CLA ID . -11.15 9.50 -15.46
C4D CLA ID . -9.88 8.81 -15.17
CMD CLA ID . -13.51 8.64 -16.00
CAD CLA ID . -10.86 10.91 -15.43
OBD CLA ID . -11.59 11.86 -15.61
CBD CLA ID . -9.35 11.09 -15.12
CGD CLA ID . -8.64 11.72 -16.27
O1D CLA ID . -7.76 12.56 -16.23
O2D CLA ID . -9.00 11.26 -17.48
CED CLA ID . -7.97 11.27 -18.47
C1 CLA ID . -3.70 14.96 -11.68
C2 CLA ID . -4.40 16.25 -11.67
C3 CLA ID . -3.76 17.43 -11.57
C4 CLA ID . -4.48 18.72 -11.55
C5 CLA ID . -2.28 17.46 -11.48
C6 CLA ID . -1.63 18.20 -12.64
C7 CLA ID . -0.19 17.76 -12.75
C8 CLA ID . 0.33 17.77 -14.20
C9 CLA ID . -0.39 18.82 -15.02
C10 CLA ID . 0.17 16.40 -14.83
C11 CLA ID . 1.52 15.78 -15.06
C12 CLA ID . 1.49 14.64 -16.06
C13 CLA ID . 2.85 14.46 -16.69
MG CLA JD . -4.00 10.62 -5.09
CHA CLA JD . -5.92 11.22 -7.89
CHB CLA JD . -1.95 8.62 -6.98
CHC CLA JD . -1.68 10.62 -2.55
CHD CLA JD . -5.81 13.14 -3.41
NA CLA JD . -3.96 10.04 -7.09
C1A CLA JD . -4.87 10.37 -8.09
C2A CLA JD . -4.48 9.74 -9.41
C3A CLA JD . -3.45 8.68 -8.98
C4A CLA JD . -3.05 9.15 -7.59
CMA CLA JD . -4.17 7.37 -8.85
CAA CLA JD . -3.92 10.75 -10.41
CBA CLA JD . -2.75 11.67 -10.07
CGA CLA JD . -2.93 12.67 -8.99
O1A CLA JD . -3.79 13.54 -8.84
O2A CLA JD . -2.00 12.55 -8.01
NB CLA JD . -2.18 9.80 -4.83
C1B CLA JD . -1.54 8.99 -5.69
C2B CLA JD . -0.29 8.46 -5.09
C3B CLA JD . -0.19 9.02 -3.84
C4B CLA JD . -1.39 9.88 -3.65
CMB CLA JD . 0.58 7.54 -5.81
CAB CLA JD . 0.83 8.86 -2.85
CBB CLA JD . 2.10 9.24 -3.00
NC CLA JD . -3.81 11.65 -3.29
C1C CLA JD . -2.82 11.44 -2.37
C2C CLA JD . -3.08 12.24 -1.18
C3C CLA JD . -4.20 13.02 -1.47
C4C CLA JD . -4.67 12.63 -2.78
CMC CLA JD . -2.25 12.23 0.01
CAC CLA JD . -4.91 13.95 -0.59
CBC CLA JD . -6.01 13.22 0.15
ND CLA JD . -5.49 11.93 -5.49
C1D CLA JD . -6.21 12.83 -4.67
C2D CLA JD . -7.39 13.34 -5.42
C3D CLA JD . -7.31 12.75 -6.67
C4D CLA JD . -6.12 11.89 -6.65
CMD CLA JD . -8.35 14.27 -4.88
CAD CLA JD . -7.90 12.63 -7.99
OBD CLA JD . -8.86 13.22 -8.45
CBD CLA JD . -7.04 11.63 -8.81
CGD CLA JD . -7.83 10.48 -9.38
O1D CLA JD . -7.60 9.87 -10.43
O2D CLA JD . -8.89 10.05 -8.67
CED CLA JD . -9.88 9.38 -9.44
C1 CLA JD . -2.27 13.27 -6.80
C2 CLA JD . -0.92 13.49 -6.22
C3 CLA JD . -0.71 14.12 -5.06
C4 CLA JD . -1.81 14.65 -4.24
C5 CLA JD . 0.68 14.30 -4.54
C6 CLA JD . 1.16 13.04 -3.86
C7 CLA JD . 2.59 13.19 -3.40
C8 CLA JD . 2.70 13.32 -1.89
C9 CLA JD . 3.97 12.70 -1.36
C10 CLA JD . 1.51 12.66 -1.21
C11 CLA JD . 1.59 12.89 0.28
C12 CLA JD . 1.08 14.26 0.65
C13 CLA JD . 0.90 14.37 2.14
C14 CLA JD . 0.52 13.02 2.70
C15 CLA JD . -0.15 15.40 2.49
C16 CLA JD . 0.46 16.77 2.63
C17 CLA JD . 0.36 17.32 4.02
C18 CLA JD . -0.86 18.19 4.17
C19 CLA JD . -0.46 19.60 4.56
C20 CLA JD . -1.77 17.61 5.21
MG CLA KD . 5.43 7.24 -8.83
CHA CLA KD . 2.38 7.29 -10.49
CHB CLA KD . 6.38 4.57 -10.71
CHC CLA KD . 8.08 6.77 -6.74
CHD CLA KD . 4.07 9.57 -6.55
NA CLA KD . 4.53 6.16 -10.38
C1A CLA KD . 3.26 6.34 -10.93
C2A CLA KD . 3.01 5.35 -12.05
C3A CLA KD . 4.26 4.45 -12.03
C4A CLA KD . 5.16 5.10 -11.00
CMA CLA KD . 3.90 3.05 -11.60
CAA CLA KD . 2.92 6.09 -13.39
CBA CLA KD . 3.86 7.29 -13.54
CGA CLA KD . 3.82 7.90 -14.90
O1A CLA KD . 4.68 7.91 -15.77
O2A CLA KD . 2.66 8.57 -15.16
NB CLA KD . 6.86 5.83 -8.66
C1B CLA KD . 7.25 5.07 -9.72
C2B CLA KD . 8.71 4.84 -9.71
C3B CLA KD . 9.20 5.46 -8.58
C4B CLA KD . 8.03 6.07 -7.90
CMB CLA KD . 9.42 4.03 -10.70
CAB CLA KD . 10.54 5.54 -8.08
CBB CLA KD . 11.04 4.87 -7.05
NC CLA KD . 5.97 8.03 -6.98
C1C CLA KD . 7.10 7.70 -6.30
C2C CLA KD . 7.19 8.44 -5.05
C3C CLA KD . 6.04 9.24 -5.01
C4C CLA KD . 5.29 8.98 -6.22
CMC CLA KD . 8.27 8.33 -4.08
CAC CLA KD . 5.64 10.20 -3.97
CBC CLA KD . 5.86 11.62 -4.40
ND CLA KD . 3.75 8.36 -8.63
C1D CLA KD . 3.34 9.30 -7.66
C2D CLA KD . 2.03 9.85 -8.04
C3D CLA KD . 1.60 9.11 -9.11
C4D CLA KD . 2.69 8.15 -9.41
CMD CLA KD . 1.36 10.94 -7.33
CAD CLA KD . 0.57 8.89 -10.09
OBD CLA KD . -0.45 9.52 -10.29
CBD CLA KD . 0.96 7.63 -10.89
CGD CLA KD . 0.06 6.47 -10.54
O1D CLA KD . 0.30 5.51 -9.83
O2D CLA KD . -1.19 6.53 -11.08
CED CLA KD . -1.91 5.30 -11.10
C1 CLA KD . 2.64 9.32 -16.39
C2 CLA KD . 2.65 10.76 -16.03
MG CLA LD . 7.16 -41.23 -17.52
CHA CLA LD . 6.98 -43.22 -20.34
CHB CLA LD . 6.96 -38.47 -19.58
CHC CLA LD . 6.47 -39.24 -14.82
CHD CLA LD . 6.60 -44.11 -15.53
NA CLA LD . 7.00 -40.92 -19.59
C1A CLA LD . 6.93 -41.89 -20.58
C2A CLA LD . 6.83 -41.25 -21.96
C3A CLA LD . 7.06 -39.76 -21.70
C4A CLA LD . 6.98 -39.69 -20.18
CMA CLA LD . 8.40 -39.30 -22.18
CAA CLA LD . 5.46 -41.49 -22.57
CBA CLA LD . 4.27 -41.08 -21.75
CGA CLA LD . 3.40 -42.27 -21.49
O1A CLA LD . 3.72 -43.45 -21.37
O2A CLA LD . 2.08 -41.95 -21.41
NB CLA LD . 6.73 -39.28 -17.26
C1B CLA LD . 6.89 -38.31 -18.20
C2B CLA LD . 6.95 -36.97 -17.59
C3B CLA LD . 6.81 -37.17 -16.24
C4B CLA LD . 6.66 -38.64 -16.01
CMB CLA LD . 7.10 -35.77 -18.40
CAB CLA LD . 6.77 -36.21 -15.19
CBB CLA LD . 7.85 -35.80 -14.55
NC CLA LD . 6.66 -41.61 -15.54
C1C CLA LD . 6.45 -40.65 -14.60
C2C CLA LD . 6.18 -41.26 -13.30
C3C CLA LD . 6.16 -42.63 -13.51
C4C CLA LD . 6.47 -42.85 -14.91
CMC CLA LD . 5.94 -40.53 -12.06
CAC CLA LD . 5.94 -43.66 -12.49
CBC CLA LD . 7.21 -44.20 -11.92
ND CLA LD . 6.89 -43.21 -17.78
C1D CLA LD . 6.78 -44.29 -16.88
C2D CLA LD . 6.90 -45.55 -17.64
C3D CLA LD . 7.02 -45.19 -18.96
C4D CLA LD . 6.96 -43.73 -19.00
CMD CLA LD . 6.89 -46.88 -17.09
CAD CLA LD . 7.15 -45.66 -20.33
OBD CLA LD . 7.28 -46.80 -20.75
CBD CLA LD . 7.10 -44.42 -21.24
CGD CLA LD . 8.37 -44.34 -22.02
O1D CLA LD . 9.38 -43.67 -21.80
O2D CLA LD . 8.40 -45.14 -23.12
CED CLA LD . 9.71 -45.47 -23.55
C1 CLA LD . 1.20 -43.01 -20.96
C2 CLA LD . -0.13 -42.36 -20.86
C3 CLA LD . -0.81 -42.22 -19.71
C4 CLA LD . -0.31 -42.70 -18.40
C5 CLA LD . -2.14 -41.55 -19.74
C6 CLA LD . -3.28 -42.43 -19.27
C7 CLA LD . -4.56 -41.62 -19.23
C8 CLA LD . -4.90 -41.01 -20.58
C9 CLA LD . -5.32 -39.56 -20.40
C10 CLA LD . -6.04 -41.81 -21.22
C11 CLA LD . -5.72 -42.42 -22.56
C12 CLA LD . -6.19 -41.53 -23.69
C13 CLA LD . -7.00 -42.25 -24.73
C14 CLA LD . -6.39 -43.61 -24.99
C15 CLA LD . -7.07 -41.43 -26.03
C16 CLA LD . -5.69 -41.14 -26.57
C17 CLA LD . -5.51 -39.73 -27.10
C18 CLA LD . -5.74 -39.62 -28.60
C19 CLA LD . -5.30 -38.28 -29.13
C20 CLA LD . -4.98 -40.69 -29.34
MG CLA MD . -1.88 -28.94 -15.51
CHA CLA MD . 0.35 -27.86 -17.88
CHB CLA MD . -4.43 -27.41 -17.23
CHC CLA MD . -4.15 -30.44 -13.47
CHD CLA MD . 0.69 -30.75 -13.94
NA CLA MD . -2.01 -27.88 -17.32
C1A CLA MD . -0.95 -27.50 -18.13
C2A CLA MD . -1.44 -26.70 -19.32
C3A CLA MD . -2.89 -26.35 -18.91
C4A CLA MD . -3.16 -27.31 -17.76
CMA CLA MD . -3.02 -24.93 -18.46
CAA CLA MD . -1.39 -27.61 -20.51
CBA CLA MD . -1.78 -26.91 -21.79
CGA CLA MD . -1.44 -27.84 -22.91
O1A CLA MD . -0.53 -27.74 -23.72
O2A CLA MD . -2.26 -28.92 -22.97
NB CLA MD . -3.89 -28.87 -15.34
C1B CLA MD . -4.76 -28.24 -16.15
C2B CLA MD . -6.16 -28.56 -15.74
C3B CLA MD . -6.09 -29.42 -14.68
C4B CLA MD . -4.65 -29.64 -14.42
CMB CLA MD . -7.34 -28.06 -16.40
CAB CLA MD . -7.16 -30.06 -13.96
CBB CLA MD . -7.28 -30.16 -12.64
NC CLA MD . -1.74 -30.36 -14.00
C1C CLA MD . -2.81 -30.79 -13.27
C2C CLA MD . -2.40 -31.68 -12.22
C3C CLA MD . -1.03 -31.84 -12.34
C4C CLA MD . -0.62 -30.97 -13.47
CMC CLA MD . -3.32 -32.29 -11.26
CAC CLA MD . -0.24 -32.63 -11.40
CBC CLA MD . 0.73 -33.62 -11.96
ND CLA MD . 0.02 -29.47 -15.92
C1D CLA MD . 1.00 -30.06 -15.08
C2D CLA MD . 2.34 -29.79 -15.64
C3D CLA MD . 2.16 -28.98 -16.74
C4D CLA MD . 0.69 -28.77 -16.83
CMD CLA MD . 3.58 -30.32 -15.08
CAD CLA MD . 2.76 -28.27 -17.84
OBD CLA MD . 3.91 -28.25 -18.25
CBD CLA MD . 1.65 -27.40 -18.49
CGD CLA MD . 1.93 -25.97 -18.14
O1D CLA MD . 1.64 -25.39 -17.09
O2D CLA MD . 2.59 -25.28 -19.10
CED CLA MD . 2.04 -25.23 -20.41
C1 CLA MD . -1.88 -29.98 -23.87
C2 CLA MD . -2.04 -31.24 -23.10
C3 CLA MD . -1.53 -32.40 -23.53
C4 CLA MD . -0.78 -32.51 -24.80
C5 CLA MD . -1.71 -33.63 -22.74
C6 CLA MD . -1.48 -34.90 -23.54
C7 CLA MD . -2.73 -35.76 -23.62
C8 CLA MD . -2.46 -37.17 -23.12
C9 CLA MD . -1.07 -37.21 -22.53
C10 CLA MD . -2.55 -38.20 -24.25
C11 CLA MD . -3.09 -39.52 -23.76
C12 CLA MD . -2.03 -40.59 -23.58
C13 CLA MD . -2.22 -41.76 -24.52
C14 CLA MD . -2.22 -43.09 -23.79
C15 CLA MD . -1.12 -41.78 -25.58
C16 CLA MD . -1.70 -41.96 -26.96
C17 CLA MD . -1.36 -40.78 -27.85
C18 CLA MD . -0.39 -41.14 -28.96
C19 CLA MD . -0.56 -42.58 -29.43
C20 CLA MD . 1.03 -40.90 -28.51
MG CLA ND . 9.41 -22.69 -31.30
CHA CLA ND . 12.28 -24.58 -31.98
CHB CLA ND . 10.24 -20.62 -33.91
CHC CLA ND . 6.18 -21.55 -31.41
CHD CLA ND . 8.33 -25.34 -29.22
NA CLA ND . 11.02 -22.57 -32.62
C1A CLA ND . 12.11 -23.46 -32.75
C2A CLA ND . 13.05 -22.97 -33.84
C3A CLA ND . 12.57 -21.53 -34.11
C4A CLA ND . 11.17 -21.55 -33.52
CMA CLA ND . 13.44 -20.51 -33.44
CAA CLA ND . 12.96 -23.88 -35.06
CBA CLA ND . 11.59 -24.08 -35.68
CGA CLA ND . 11.09 -25.46 -35.39
O1A CLA ND . 11.74 -26.46 -35.06
O2A CLA ND . 9.73 -25.57 -35.51
NB CLA ND . 8.40 -21.40 -32.48
C1B CLA ND . 8.94 -20.56 -33.40
C2B CLA ND . 7.95 -19.53 -33.83
C3B CLA ND . 6.80 -19.78 -33.13
C4B CLA ND . 7.08 -20.96 -32.26
CMB CLA ND . 8.26 -18.51 -34.82
CAB CLA ND . 5.53 -19.09 -33.16
CBB CLA ND . 5.34 -17.83 -33.53
NC CLA ND . 7.62 -23.27 -30.39
C1C CLA ND . 6.43 -22.61 -30.52
C2C CLA ND . 5.40 -23.24 -29.71
C3C CLA ND . 6.00 -24.37 -29.14
C4C CLA ND . 7.38 -24.36 -29.56
CMC CLA ND . 4.01 -22.80 -29.59
CAC CLA ND . 5.37 -25.34 -28.23
CBC CLA ND . 4.50 -26.34 -28.94
ND CLA ND . 10.17 -24.41 -30.55
C1D CLA ND . 9.62 -25.39 -29.68
C2D CLA ND . 10.62 -26.44 -29.42
C3D CLA ND . 11.67 -26.17 -30.27
C4D CLA ND . 11.31 -24.92 -30.99
CMD CLA ND . 10.45 -27.54 -28.49
CAD CLA ND . 12.98 -26.58 -30.72
OBD CLA ND . 13.71 -27.47 -30.28
CBD CLA ND . 13.34 -25.67 -31.92
CGD CLA ND . 14.78 -25.23 -31.84
O1D CLA ND . 15.77 -25.82 -32.29
O2D CLA ND . 15.00 -24.05 -31.19
CED CLA ND . 16.09 -23.29 -31.70
C1 CLA ND . 8.91 -25.00 -34.48
C2 CLA ND . 8.86 -25.97 -33.36
C3 CLA ND . 7.75 -26.60 -32.93
C4 CLA ND . 7.80 -27.55 -31.80
C5 CLA ND . 6.43 -26.35 -33.56
C6 CLA ND . 5.40 -25.85 -32.57
C7 CLA ND . 3.97 -25.95 -33.08
C8 CLA ND . 3.68 -27.31 -33.72
C9 CLA ND . 2.82 -27.13 -34.97
C10 CLA ND . 2.98 -28.26 -32.74
C11 CLA ND . 3.34 -29.69 -33.07
C12 CLA ND . 4.83 -29.93 -32.96
C13 CLA ND . 5.35 -30.97 -33.94
C14 CLA ND . 4.51 -31.00 -35.20
C15 CLA ND . 5.42 -32.35 -33.29
C16 CLA ND . 6.21 -33.34 -34.13
C17 CLA ND . 7.66 -32.91 -34.26
C18 CLA ND . 8.59 -33.87 -33.54
C19 CLA ND . 9.59 -33.13 -32.69
C20 CLA ND . 9.30 -34.76 -34.54
MG CLA OD . 12.01 10.57 -48.19
CHA CLA OD . 15.29 9.62 -47.46
CHB CLA OD . 13.22 13.24 -49.94
CHC CLA OD . 8.86 11.15 -49.43
CHD CLA OD . 10.90 7.48 -46.91
NA CLA OD . 13.93 11.28 -48.61
C1A CLA OD . 15.16 10.77 -48.20
C2A CLA OD . 16.31 11.64 -48.70
C3A CLA OD . 15.59 12.89 -49.24
C4A CLA OD . 14.13 12.45 -49.30
CMA CLA OD . 15.66 14.07 -48.33
CAA CLA OD . 17.09 10.93 -49.79
CBA CLA OD . 18.06 11.86 -50.48
CGA CLA OD . 18.49 11.29 -51.79
O1A CLA OD . 19.26 11.79 -52.62
O2A CLA OD . 17.97 10.05 -52.06
NB CLA OD . 11.20 11.94 -49.41
C1B CLA OD . 11.85 12.95 -50.02
C2B CLA OD . 10.90 13.77 -50.83
C3B CLA OD . 9.67 13.19 -50.68
C4B CLA OD . 9.84 12.02 -49.78
CMB CLA OD . 11.33 14.94 -51.61
CAB CLA OD . 8.40 13.51 -51.26
CBB CLA OD . 7.64 14.53 -50.87
NC CLA OD . 10.20 9.51 -48.16
C1C CLA OD . 9.04 9.98 -48.68
C2C CLA OD . 7.96 9.04 -48.39
C3C CLA OD . 8.54 7.95 -47.74
C4C CLA OD . 9.95 8.28 -47.57
CMC CLA OD . 6.56 9.25 -48.79
CAC CLA OD . 7.87 6.76 -47.22
CBC CLA OD . 7.75 5.64 -48.22
ND CLA OD . 12.84 8.88 -47.45
C1D CLA OD . 12.25 7.76 -46.84
C2D CLA OD . 13.29 6.97 -46.17
C3D CLA OD . 14.48 7.63 -46.36
C4D CLA OD . 14.14 8.82 -47.16
CMD CLA OD . 13.02 5.74 -45.47
CAD CLA OD . 15.91 7.65 -46.11
OBD CLA OD . 16.61 6.85 -45.49
CBD CLA OD . 16.47 8.92 -46.81
CGD CLA OD . 17.25 9.79 -45.86
O1D CLA OD . 18.47 9.94 -45.83
O2D CLA OD . 16.50 10.48 -44.96
CED CLA OD . 17.11 11.64 -44.41
C1 CLA OD . 17.37 9.87 -53.36
C2 CLA OD . 16.09 10.63 -53.28
C3 CLA OD . 14.89 10.06 -53.33
C4 CLA OD . 14.68 8.60 -53.52
C5 CLA OD . 13.67 10.91 -53.22
C6 CLA OD . 12.52 10.17 -52.59
C7 CLA OD . 11.24 10.86 -53.00
C8 CLA OD . 10.10 9.91 -53.34
C9 CLA OD . 10.56 8.93 -54.40
C10 CLA OD . 8.88 10.69 -53.82
C11 CLA OD . 9.06 11.22 -55.23
C12 CLA OD . 9.01 12.73 -55.30
MG CLA PD . -14.17 -37.27 -27.09
CHA CLA PD . -16.49 -39.77 -26.62
CHB CLA PD . -14.83 -37.26 -30.41
CHC CLA PD . -11.61 -35.07 -27.54
CHD CLA PD . -13.09 -37.76 -23.72
NA CLA PD . -15.50 -38.34 -28.29
C1A CLA PD . -16.42 -39.30 -27.91
C2A CLA PD . -17.23 -39.80 -29.12
C3A CLA PD . -16.50 -39.15 -30.30
C4A CLA PD . -15.58 -38.13 -29.63
CMA CLA PD . -15.74 -40.22 -31.02
CAA CLA PD . -18.59 -39.12 -29.16
CBA CLA PD . -19.76 -39.96 -28.71
CGA CLA PD . -20.34 -40.85 -29.77
O1A CLA PD . -21.09 -40.55 -30.70
O2A CLA PD . -19.97 -42.16 -29.62
NB CLA PD . -13.31 -36.40 -28.69
C1B CLA PD . -13.90 -36.34 -29.91
C2B CLA PD . -13.39 -35.18 -30.68
C3B CLA PD . -12.48 -34.54 -29.89
C4B CLA PD . -12.40 -35.32 -28.61
CMB CLA PD . -13.82 -34.84 -32.03
CAB CLA PD . -11.70 -33.38 -30.25
CBB CLA PD . -11.13 -32.45 -29.48
NC CLA PD . -12.64 -36.55 -25.85
C1C CLA PD . -11.72 -35.64 -26.24
C2C CLA PD . -10.85 -35.29 -25.14
C3C CLA PD . -11.25 -36.07 -24.06
C4C CLA PD . -12.38 -36.86 -24.51
CMC CLA PD . -9.80 -34.28 -25.20
CAC CLA PD . -10.71 -36.07 -22.69
CBC CLA PD . -11.38 -35.04 -21.82
ND CLA PD . -14.68 -38.39 -25.48
C1D CLA PD . -14.17 -38.48 -24.16
C2D CLA PD . -14.93 -39.49 -23.41
C3D CLA PD . -15.81 -40.04 -24.31
C4D CLA PD . -15.61 -39.33 -25.59
CMD CLA PD . -14.68 -39.83 -22.00
CAD CLA PD . -16.84 -41.03 -24.53
OBD CLA PD . -17.29 -41.87 -23.76
CBD CLA PD . -17.26 -40.92 -26.01
CGD CLA PD . -16.81 -42.18 -26.69
O1D CLA PD . -15.71 -42.73 -26.63
O2D CLA PD . -17.75 -42.75 -27.46
CED CLA PD . -17.91 -44.15 -27.28
C1 CLA PD . -19.69 -42.94 -30.80
C2 CLA PD . -18.22 -43.18 -30.78
C3 CLA PD . -17.62 -44.16 -31.46
C4 CLA PD . -18.38 -45.10 -32.31
C5 CLA PD . -16.15 -44.34 -31.39
C6 CLA PD . -15.44 -44.22 -32.72
C7 CLA PD . -13.99 -44.61 -32.57
C8 CLA PD . -13.09 -43.89 -33.59
C9 CLA PD . -13.86 -43.58 -34.85
C10 CLA PD . -11.86 -44.71 -33.93
C11 CLA PD . -10.66 -43.83 -34.20
C12 CLA PD . -9.35 -44.58 -34.19
C13 CLA PD . -8.30 -43.86 -33.38
C14 CLA PD . -8.53 -42.36 -33.39
C15 CLA PD . -6.89 -44.12 -33.90
C16 CLA PD . -5.96 -42.98 -33.52
C17 CLA PD . -4.54 -43.45 -33.30
C18 CLA PD . -3.65 -42.28 -32.91
C19 CLA PD . -4.28 -40.98 -33.35
C20 CLA PD . -2.28 -42.41 -33.53
MG CLA QD . -0.72 7.81 7.76
CHA CLA QD . 2.46 6.54 7.30
CHB CLA QD . -1.43 5.20 9.86
CHC CLA QD . -3.65 9.35 8.68
CHD CLA QD . 0.24 10.70 6.00
NA CLA QD . 0.34 6.14 8.45
C1A CLA QD . 1.66 5.77 8.10
C2A CLA QD . 2.03 4.43 8.78
C3A CLA QD . 0.72 4.02 9.48
C4A CLA QD . -0.21 5.19 9.25
CMA CLA QD . 0.14 2.76 8.90
CAA CLA QD . 3.17 4.50 9.78
CBA CLA QD . 2.86 5.44 10.91
CGA CLA QD . 4.04 6.32 11.05
O1A CLA QD . 4.21 7.42 10.52
O2A CLA QD . 4.98 5.71 11.83
NB CLA QD . -2.27 7.33 8.96
C1B CLA QD . -2.37 6.24 9.77
C2B CLA QD . -3.60 6.30 10.60
C3B CLA QD . -4.22 7.47 10.26
C4B CLA QD . -3.39 8.14 9.24
CMB CLA QD . -3.92 5.25 11.57
CAB CLA QD . -5.42 8.12 10.74
CBB CLA QD . -6.22 7.76 11.74
NC CLA QD . -1.56 9.67 7.39
C1C CLA QD . -2.80 10.08 7.81
C2C CLA QD . -3.11 11.39 7.29
C3C CLA QD . -1.98 11.81 6.58
C4C CLA QD . -1.03 10.71 6.61
CMC CLA QD . -4.35 12.12 7.57
CAC CLA QD . -1.83 13.08 5.84
CBC CLA QD . -0.64 13.95 6.20
ND CLA QD . 0.96 8.58 6.95
C1D CLA QD . 1.19 9.73 6.17
C2D CLA QD . 2.55 9.71 5.62
C3D CLA QD . 3.07 8.50 6.03
C4D CLA QD . 2.05 7.83 6.84
CMD CLA QD . 3.17 10.76 4.83
CAD CLA QD . 4.25 7.68 6.07
OBD CLA QD . 5.37 7.98 5.72
CBD CLA QD . 3.84 6.34 6.72
CGD CLA QD . 3.76 5.26 5.68
O1D CLA QD . 2.77 4.59 5.36
O2D CLA QD . 4.92 5.01 5.04
CED CLA QD . 5.22 3.67 4.71
C1 CLA QD . 5.70 6.44 12.85
C2 CLA QD . 6.78 7.13 12.13
C3 CLA QD . 7.91 6.57 11.67
C4 CLA QD . 8.26 5.15 11.87
C5 CLA QD . 8.89 7.42 10.93
C6 CLA QD . 8.37 8.83 10.74
C7 CLA QD . 7.81 9.05 9.34
C8 CLA QD . 6.91 10.29 9.37
C9 CLA QD . 5.78 10.18 8.37
C10 CLA QD . 7.73 11.53 9.09
C11 CLA QD . 6.80 12.70 8.89
C12 CLA QD . 7.56 14.01 8.80
C13 CLA QD . 8.42 14.13 7.55
C14 CLA QD . 9.59 15.06 7.81
C15 CLA QD . 7.61 14.64 6.37
C16 CLA QD . 7.79 13.76 5.16
C17 CLA QD . 6.48 13.17 4.72
C18 CLA QD . 6.12 13.63 3.31
C19 CLA QD . 4.67 14.02 3.22
C20 CLA QD . 6.44 12.54 2.31
MG CLA RD . 19.38 21.86 -19.72
CHA CLA RD . 18.97 18.42 -19.58
CHB CLA RD . 16.90 22.22 -17.41
CHC CLA RD . 20.30 25.13 -19.27
CHD CLA RD . 22.26 21.35 -21.73
NA CLA RD . 18.16 20.52 -18.66
C1A CLA RD . 18.15 19.12 -18.73
C2A CLA RD . 17.07 18.54 -17.82
C3A CLA RD . 16.36 19.78 -17.24
C4A CLA RD . 17.20 20.94 -17.79
CMA CLA RD . 14.93 19.87 -17.69
CAA CLA RD . 17.58 17.63 -16.71
CBA CLA RD . 18.71 18.22 -15.90
CGA CLA RD . 19.27 17.17 -15.01
O1A CLA RD . 20.45 16.98 -14.70
O2A CLA RD . 18.34 16.34 -14.48
NB CLA RD . 18.79 23.35 -18.49
C1B CLA RD . 17.61 23.36 -17.83
C2B CLA RD . 17.12 24.74 -17.59
C3B CLA RD . 18.09 25.57 -18.11
C4B CLA RD . 19.15 24.71 -18.68
CMB CLA RD . 15.87 24.97 -16.88
CAB CLA RD . 18.21 27.02 -18.17
CBB CLA RD . 17.56 27.91 -17.44
NC CLA RD . 20.99 23.02 -20.37
C1C CLA RD . 21.17 24.34 -20.06
C2C CLA RD . 22.39 24.83 -20.66
C3C CLA RD . 22.95 23.77 -21.38
C4C CLA RD . 22.05 22.63 -21.19
CMC CLA RD . 22.88 26.19 -20.50
CAC CLA RD . 24.17 23.74 -22.19
CBC CLA RD . 23.89 23.85 -23.67
ND CLA RD . 20.41 20.31 -20.52
C1D CLA RD . 21.50 20.26 -21.41
C2D CLA RD . 21.65 18.88 -21.92
C3D CLA RD . 20.70 18.13 -21.25
C4D CLA RD . 19.98 19.07 -20.38
CMD CLA RD . 22.64 18.48 -22.91
CAD CLA RD . 20.13 16.82 -21.05
OBD CLA RD . 20.42 15.75 -21.57
CBD CLA RD . 19.02 16.97 -19.97
CGD CLA RD . 17.68 16.57 -20.50
O1D CLA RD . 16.82 15.91 -19.92
O2D CLA RD . 17.40 17.02 -21.75
CED CLA RD . 16.04 16.88 -22.12
C1 CLA RD . 18.69 15.82 -13.19
C2 CLA RD . 17.82 14.64 -12.93
C3 CLA RD . 18.11 13.81 -11.94
C4 CLA RD . 19.29 14.03 -11.09
C5 CLA RD . 17.28 12.61 -11.65
C6 CLA RD . 15.90 12.95 -11.12
C7 CLA RD . 15.33 11.76 -10.38
C8 CLA RD . 13.90 12.03 -9.94
C9 CLA RD . 13.76 11.85 -8.44
C10 CLA RD . 12.91 11.12 -10.66
C11 CLA RD . 11.77 10.74 -9.75
C12 CLA RD . 10.62 10.10 -10.50
C13 CLA RD . 9.34 10.16 -9.69
C14 CLA RD . 9.63 9.91 -8.22
C15 CLA RD . 8.29 9.17 -10.18
C16 CLA RD . 6.90 9.69 -9.86
C17 CLA RD . 6.02 9.78 -11.08
C18 CLA RD . 4.94 10.84 -10.90
C19 CLA RD . 5.55 12.23 -10.87
C20 CLA RD . 3.92 10.75 -12.00
C1 PQN SD . 4.05 -30.39 -7.49
O1 PQN SD . 3.19 -29.75 -7.01
C2 PQN SD . 3.72 -31.66 -8.22
C2M PQN SD . 2.28 -32.12 -8.32
C3 PQN SD . 4.81 -32.47 -8.82
C4 PQN SD . 6.24 -32.00 -8.71
O4 PQN SD . 7.09 -32.64 -9.19
C5 PQN SD . 6.57 -30.68 -7.96
C6 PQN SD . 7.89 -30.26 -7.86
C7 PQN SD . 8.20 -29.07 -7.18
C8 PQN SD . 7.17 -28.32 -6.61
C9 PQN SD . 5.85 -28.74 -6.71
C10 PQN SD . 5.54 -29.92 -7.39
C11 PQN SD . 4.52 -33.76 -9.58
C12 PQN SD . 4.15 -33.35 -10.99
C13 PQN SD . 4.64 -34.00 -12.03
C14 PQN SD . 5.60 -35.16 -11.80
C15 PQN SD . 4.26 -33.56 -13.44
C16 PQN SD . 3.70 -34.74 -14.24
C17 PQN SD . 2.42 -34.28 -14.91
C18 PQN SD . 2.22 -34.94 -16.26
C19 PQN SD . 3.48 -35.71 -16.67
C20 PQN SD . 1.91 -33.85 -17.28
C21 PQN SD . 0.55 -33.25 -16.96
C22 PQN SD . -0.24 -33.08 -18.25
C23 PQN SD . -0.05 -31.67 -18.78
C24 PQN SD . -1.42 -31.01 -18.92
C25 PQN SD . 0.64 -31.68 -20.13
C26 PQN SD . 2.04 -31.11 -19.98
C27 PQN SD . 2.72 -30.99 -21.33
C28 PQN SD . 2.11 -29.83 -22.12
C29 PQN SD . 3.08 -28.65 -22.09
C30 PQN SD . 1.93 -30.26 -23.57
C1A DGD TD . 11.00 -25.03 -16.94
C2A DGD TD . 9.52 -25.09 -17.21
C3A DGD TD . 9.22 -26.29 -18.08
C4A DGD TD . 7.72 -26.50 -18.25
C5A DGD TD . 7.07 -25.37 -19.04
C6A DGD TD . 7.55 -25.38 -20.48
C7A DGD TD . 6.82 -24.32 -21.29
C8A DGD TD . 6.93 -22.94 -20.68
C9A DGD TD . 6.07 -22.00 -21.50
CAA DGD TD . 5.82 -20.67 -20.83
CBA DGD TD . 4.87 -19.81 -21.66
CCA DGD TD . 3.54 -20.49 -21.87
O1A DGD TD . 11.75 -25.81 -17.46
C1B DGD TD . 11.74 -20.76 -18.13
C2B DGD TD . 11.20 -19.36 -18.06
C3B DGD TD . 11.00 -18.90 -19.49
C4B DGD TD . 9.54 -18.79 -19.85
C5B DGD TD . 8.90 -17.64 -19.09
C6B DGD TD . 7.42 -17.74 -19.29
C7B DGD TD . 6.62 -16.69 -18.54
C8B DGD TD . 5.17 -17.19 -18.50
C9B DGD TD . 4.34 -16.25 -17.65
CAB DGD TD . 2.93 -16.80 -17.40
CBB DGD TD . 2.25 -17.28 -18.66
CCB DGD TD . 0.80 -17.61 -18.36
CDB DGD TD . 0.23 -18.50 -19.44
CEB DGD TD . -1.29 -18.49 -19.41
CFB DGD TD . -1.78 -17.09 -19.77
CGB DGD TD . -3.28 -17.07 -19.93
CHB DGD TD . -3.75 -17.96 -21.06
CIB DGD TD . -5.24 -17.83 -21.24
O1B DGD TD . 11.56 -21.38 -19.15
O1G DGD TD . 11.55 -24.01 -16.06
C1G DGD TD . 12.91 -23.62 -16.22
C2G DGD TD . 12.97 -22.66 -17.38
O2G DGD TD . 12.47 -21.37 -17.03
C3G DGD TD . 14.37 -22.58 -17.95
O3G DGD TD . 15.30 -21.97 -17.07
C1D DGD TD . 16.59 -22.02 -17.67
C2D DGD TD . 17.49 -20.92 -17.08
O2D DGD TD . 16.99 -19.63 -17.45
C3D DGD TD . 18.91 -21.05 -17.62
O3D DGD TD . 19.75 -20.15 -16.90
C4D DGD TD . 19.44 -22.48 -17.46
O4D DGD TD . 19.55 -22.82 -16.09
C5D DGD TD . 18.45 -23.43 -18.13
O5D DGD TD . 20.32 -24.78 -18.63
C6D DGD TD . 18.98 -24.85 -18.14
O6D DGD TD . 17.19 -23.30 -17.47
C1E DGD TD . 20.57 -25.57 -19.78
C2E DGD TD . 22.08 -25.71 -19.97
O2E DGD TD . 22.66 -26.17 -18.75
C3E DGD TD . 22.70 -24.38 -20.38
O3E DGD TD . 24.08 -24.59 -20.69
C4E DGD TD . 21.99 -23.79 -21.60
O4E DGD TD . 22.24 -24.60 -22.75
C5E DGD TD . 20.49 -23.69 -21.34
O6E DGD TD . 19.98 -24.98 -20.95
C6E DGD TD . 19.77 -23.24 -22.60
O5E DGD TD . 19.93 -24.23 -23.61
C10 WVN UD . -2.98 -6.49 -33.16
C11 WVN UD . 7.35 1.08 -53.42
C12 WVN UD . -3.54 -5.16 -33.65
C13 WVN UD . -1.11 -5.77 -34.76
C14 WVN UD . -2.44 -4.12 -33.50
C01 WVN UD . 6.35 2.30 -55.42
C02 WVN UD . 7.17 2.43 -54.12
C03 WVN UD . 6.93 3.19 -56.53
C04 WVN UD . 8.40 2.86 -56.81
C05 WVN UD . 8.58 2.99 -54.37
C06 WVN UD . -1.80 -6.92 -34.00
C07 WVN UD . 6.17 0.86 -55.94
C08 WVN UD . 4.96 2.83 -55.11
C09 WVN UD . 9.19 2.70 -55.50
C15 WVN UD . -1.17 -4.55 -34.23
C16 WVN UD . 9.36 3.68 -53.24
C17 WVN UD . -2.34 -7.97 -34.96
C18 WVN UD . -0.78 -7.61 -33.12
C19 WVN UD . 6.90 0.61 -52.26
C20 WVN UD . -0.03 -6.15 -35.79
C21 WVN UD . -0.26 -3.41 -34.67
C22 WVN UD . 6.04 1.13 -51.09
C23 WVN UD . -0.23 -6.00 -37.08
C24 WVN UD . 5.41 2.51 -50.92
C25 WVN UD . 0.82 -6.39 -38.11
C26 WVN UD . 5.89 0.23 -50.15
C27 WVN UD . 1.45 -7.76 -38.01
C28 WVN UD . 1.16 -5.51 -39.02
C29 WVN UD . 5.11 0.39 -48.85
C30 WVN UD . 2.18 -5.69 -40.15
C31 WVN UD . 5.27 -0.60 -48.00
C32 WVN UD . 4.58 -0.69 -46.65
C33 WVN UD . 2.11 -4.76 -41.07
C34 WVN UD . 2.96 -4.65 -42.33
C35 WVN UD . 3.93 0.54 -46.01
C36 WVN UD . 4.54 -1.87 -46.07
C37 WVN UD . 3.22 -3.43 -42.79
C38 WVN UD . 3.42 -5.89 -43.06
C39 WVN UD . 3.82 -2.11 -44.75
C40 WVN UD . 4.01 -3.24 -44.09
C10 WVN VD . -2.23 16.98 -20.52
C11 WVN VD . 12.81 -1.05 -18.20
C12 WVN VD . -2.84 15.90 -21.39
C13 WVN VD . -0.12 15.77 -21.16
C14 WVN VD . -2.05 15.74 -22.67
C01 WVN VD . 15.06 -1.20 -19.35
C02 WVN VD . 14.32 -1.00 -18.03
C03 WVN VD . 16.51 -1.66 -19.21
C04 WVN VD . 17.10 -1.53 -17.81
C05 WVN VD . 14.81 -1.97 -16.96
C06 WVN VD . -0.83 16.59 -20.08
C07 WVN VD . 14.37 -2.27 -20.19
C08 WVN VD . 14.97 0.10 -20.14
C09 WVN VD . 16.11 -2.14 -16.81
C15 WVN VD . -0.55 15.82 -22.40
C16 WVN VD . 13.90 -2.35 -15.81
C17 WVN VD . -0.90 15.81 -18.77
C18 WVN VD . -0.03 17.86 -19.83
C19 WVN VD . 12.19 0.04 -17.88
C20 WVN VD . 1.20 15.08 -20.84
C21 WVN VD . 0.42 15.84 -23.59
C22 WVN VD . 10.69 0.10 -18.03
C23 WVN VD . 1.26 13.78 -20.80
C24 WVN VD . 9.88 -1.17 -18.16
C25 WVN VD . 2.57 13.10 -20.50
C26 WVN VD . 10.20 1.30 -18.07
C27 WVN VD . 3.86 13.90 -20.36
C28 WVN VD . 2.55 11.80 -20.41
C29 WVN VD . 8.75 1.68 -18.23
C30 WVN VD . 3.83 11.04 -20.13
C31 WVN VD . 8.66 2.96 -18.40
C32 WVN VD . 7.32 3.61 -18.60
C33 WVN VD . 3.74 9.76 -19.94
C34 WVN VD . 5.00 8.98 -19.68
C35 WVN VD . 6.08 2.77 -18.66
C36 WVN VD . 7.27 4.91 -18.69
C37 WVN VD . 4.89 7.69 -19.58
C38 WVN VD . 6.34 9.69 -19.53
C39 WVN VD . 5.97 5.64 -18.90
C40 WVN VD . 6.12 6.85 -19.34
C10 WVN WD . 13.29 1.19 -13.46
C11 WVN WD . 11.90 21.26 -24.66
C12 WVN WD . 14.54 1.35 -12.61
C13 WVN WD . 14.21 2.82 -15.07
C14 WVN WD . 15.74 1.57 -13.52
C01 WVN WD . 11.37 21.29 -27.16
C02 WVN WD . 10.96 21.78 -25.75
C03 WVN WD . 11.48 22.41 -28.21
C04 WVN WD . 10.38 23.46 -28.07
C05 WVN WD . 10.81 23.31 -25.63
C06 WVN WD . 13.01 2.48 -14.19
C07 WVN WD . 12.67 20.48 -27.19
C08 WVN WD . 10.29 20.37 -27.66
C09 WVN WD . 10.43 24.03 -26.66
C15 WVN WD . 15.40 2.23 -14.86
C16 WVN WD . 10.68 23.97 -24.26
C17 WVN WD . 12.71 3.58 -13.20
C18 WVN WD . 11.76 2.30 -15.02
C19 WVN WD . 11.35 20.52 -23.72
C20 WVN WD . 14.00 4.00 -16.04
C21 WVN WD . 16.08 1.44 -15.97
C22 WVN WD . 12.12 19.89 -22.58
C23 WVN WD . 14.06 3.87 -17.35
C24 WVN WD . 13.00 20.71 -21.64
C25 WVN WD . 13.85 4.98 -18.33
C26 WVN WD . 11.95 18.61 -22.43
C27 WVN WD . 13.11 4.62 -19.60
C28 WVN WD . 14.26 6.21 -18.09
C29 WVN WD . 12.60 17.78 -21.35
C30 WVN WD . 13.95 7.27 -19.12
C31 WVN WD . 12.39 16.50 -21.49
C32 WVN WD . 12.90 15.45 -20.53
C33 WVN WD . 14.20 8.52 -18.89
C34 WVN WD . 13.82 9.53 -19.95
C35 WVN WD . 13.44 15.82 -19.16
C36 WVN WD . 12.85 14.22 -20.94
C37 WVN WD . 13.62 10.75 -19.55
C38 WVN WD . 13.67 9.12 -21.40
C39 WVN WD . 13.30 13.08 -20.05
C40 WVN WD . 13.20 11.86 -20.48
C10 WVN XD . -5.58 6.35 -62.95
C11 WVN XD . -5.50 -6.31 -44.30
C12 WVN XD . -5.13 7.80 -63.07
C13 WVN XD . -3.72 6.23 -61.16
C14 WVN XD . -3.61 7.82 -63.08
C01 WVN XD . -7.23 -6.20 -42.45
C02 WVN XD . -6.98 -6.38 -43.95
C03 WVN XD . -8.74 -6.25 -42.19
C04 WVN XD . -9.42 -7.49 -42.77
C05 WVN XD . -7.63 -7.66 -44.46
C06 WVN XD . -5.04 5.67 -61.69
C07 WVN XD . -6.48 -7.23 -41.62
C08 WVN XD . -6.76 -4.82 -42.02
C09 WVN XD . -8.90 -7.86 -44.16
C15 WVN XD . -3.07 7.19 -61.80
C16 WVN XD . -7.05 -8.39 -45.65
C17 WVN XD . -4.90 4.21 -62.08
C18 WVN XD . -6.11 5.76 -60.63
C19 WVN XD . -5.25 -5.43 -45.24
C20 WVN XD . -3.37 5.96 -59.69
C21 WVN XD . -1.67 7.61 -61.35
C22 WVN XD . -3.92 -5.07 -45.85
C23 WVN XD . -2.74 4.85 -59.36
C24 WVN XD . -2.63 -5.60 -45.26
C25 WVN XD . -2.35 4.40 -57.96
C26 WVN XD . -3.97 -4.29 -46.90
C27 WVN XD . -1.01 4.83 -57.36
C28 WVN XD . -3.15 3.59 -57.31
C29 WVN XD . -2.72 -3.82 -47.58
C30 WVN XD . -2.74 3.08 -55.94
C31 WVN XD . -2.58 -3.08 -48.67
C32 WVN XD . -3.55 -2.50 -49.71
C33 WVN XD . -3.12 1.89 -55.61
C34 WVN XD . -2.71 1.26 -54.29
C35 WVN XD . -4.97 -2.99 -50.00
C36 WVN XD . -3.05 -1.53 -50.43
C37 WVN XD . -3.47 0.35 -53.74
C38 WVN XD . -1.40 1.69 -53.64
C39 WVN XD . -3.81 -0.87 -51.56
C40 WVN XD . -3.03 -0.34 -52.45
C10 WVN YD . 2.56 -37.91 -8.17
C11 WVN YD . -11.12 -26.30 -23.19
C12 WVN YD . 3.81 -37.34 -8.85
C13 WVN YD . 1.49 -37.79 -10.43
C14 WVN YD . 3.94 -37.89 -10.26
C01 WVN YD . -13.42 -26.79 -24.15
C02 WVN YD . -12.63 -26.19 -22.99
C03 WVN YD . -14.91 -26.39 -24.19
C04 WVN YD . -15.37 -25.45 -23.07
C05 WVN YD . -13.02 -24.73 -22.75
C06 WVN YD . 1.34 -37.46 -8.95
C07 WVN YD . -12.81 -26.40 -25.50
C08 WVN YD . -13.37 -28.31 -24.04
C09 WVN YD . -14.30 -24.38 -22.86
C15 WVN YD . 2.62 -38.32 -10.89
C16 WVN YD . -12.10 -23.84 -21.94
C17 WVN YD . 0.15 -38.19 -8.35
C18 WVN YD . 1.14 -35.96 -8.78
C19 WVN YD . -10.48 -27.03 -22.31
C20 WVN YD . 0.57 -37.15 -11.45
C21 WVN YD . 2.72 -38.65 -12.38
C22 WVN YD . -8.99 -27.29 -22.33
C23 WVN YD . -0.68 -37.45 -11.73
C24 WVN YD . -8.05 -26.75 -23.39
C25 WVN YD . -1.27 -36.62 -12.84
C26 WVN YD . -8.57 -28.04 -21.34
C27 WVN YD . -0.32 -36.40 -14.02
C28 WVN YD . -2.54 -36.19 -12.71
C29 WVN YD . -7.16 -28.50 -21.08
C30 WVN YD . -3.44 -35.35 -13.63
C31 WVN YD . -7.12 -29.33 -20.09
C32 WVN YD . -5.84 -29.96 -19.59
C33 WVN YD . -3.09 -34.40 -14.45
C34 WVN YD . -4.14 -33.65 -15.25
C35 WVN YD . -4.51 -29.60 -20.22
C36 WVN YD . -5.93 -30.80 -18.61
C37 WVN YD . -3.85 -33.10 -16.41
C38 WVN YD . -5.54 -33.54 -14.65
C39 WVN YD . -4.71 -31.48 -18.03
C40 WVN YD . -4.96 -32.36 -17.12
C10 WVN ZD . -3.26 11.05 -53.86
C11 WVN ZD . 15.85 19.20 -42.53
C12 WVN ZD . -2.47 10.39 -54.97
C13 WVN ZD . -1.20 11.01 -52.41
C14 WVN ZD . -1.36 9.50 -54.43
C01 WVN ZD . 17.11 21.37 -42.29
C02 WVN ZD . 15.87 20.56 -41.85
C03 WVN ZD . 17.34 22.54 -41.35
C04 WVN ZD . 17.55 22.08 -39.91
C05 WVN ZD . 15.68 20.48 -40.32
C06 WVN ZD . -2.36 11.86 -52.94
C07 WVN ZD . 18.36 20.51 -42.41
C08 WVN ZD . 16.82 21.93 -43.68
C09 WVN ZD . 16.44 21.11 -39.48
C15 WVN ZD . -0.85 9.87 -53.04
C16 WVN ZD . 14.34 19.97 -39.77
C17 WVN ZD . -3.22 12.40 -51.82
C18 WVN ZD . -1.80 13.06 -53.70
C19 WVN ZD . 14.76 18.94 -43.21
C20 WVN ZD . -0.22 11.74 -51.49
C21 WVN ZD . 0.34 9.04 -52.56
C22 WVN ZD . 14.41 17.72 -44.03
C23 WVN ZD . -0.18 11.60 -50.18
C24 WVN ZD . 15.39 17.03 -44.98
C25 WVN ZD . 0.77 12.36 -49.28
C26 WVN ZD . 13.18 17.29 -43.91
C27 WVN ZD . 0.18 13.38 -48.32
C28 WVN ZD . 2.08 12.16 -49.31
C29 WVN ZD . 12.62 16.10 -44.67
C30 WVN ZD . 2.97 12.96 -48.36
C31 WVN ZD . 11.39 16.35 -45.04
C32 WVN ZD . 10.54 15.42 -45.88
C33 WVN ZD . 4.22 12.63 -48.16
C34 WVN ZD . 5.05 13.49 -47.21
C35 WVN ZD . 11.11 14.92 -47.19
C36 WVN ZD . 9.31 15.13 -45.51
C37 WVN ZD . 6.32 13.69 -47.46
C38 WVN ZD . 4.41 14.10 -45.98
C39 WVN ZD . 8.46 14.23 -46.40
C40 WVN ZD . 7.20 14.54 -46.56
MG CLA AE . 2.64 23.68 -61.05
CHA CLA AE . 0.22 21.52 -59.84
CHB CLA AE . 2.45 25.43 -58.05
CHC CLA AE . 5.65 25.17 -61.67
CHD CLA AE . 3.50 21.16 -63.44
NA CLA AE . 1.47 23.54 -59.31
C1A CLA AE . 0.51 22.57 -59.01
C2A CLA AE . -0.10 22.83 -57.64
C3A CLA AE . 0.37 24.25 -57.31
C4A CLA AE . 1.52 24.44 -58.29
CMA CLA AE . -0.72 25.27 -57.52
CAA CLA AE . 0.33 21.80 -56.60
CBA CLA AE . 1.80 21.49 -56.63
CGA CLA AE . 2.15 20.08 -56.28
O1A CLA AE . 1.85 19.04 -56.88
O2A CLA AE . 2.91 20.02 -55.15
NB CLA AE . 3.80 25.01 -60.07
C1B CLA AE . 3.51 25.67 -58.91
C2B CLA AE . 4.34 26.88 -58.76
C3B CLA AE . 5.26 26.84 -59.77
C4B CLA AE . 4.95 25.64 -60.61
CMB CLA AE . 4.22 27.78 -57.62
CAB CLA AE . 6.35 27.74 -59.96
CBB CLA AE . 6.66 28.34 -61.09
NC CLA AE . 4.24 23.27 -62.35
C1C CLA AE . 5.33 24.06 -62.49
C2C CLA AE . 6.19 23.56 -63.55
C3C CLA AE . 5.63 22.36 -63.97
C4C CLA AE . 4.38 22.22 -63.26
CMC CLA AE . 7.46 24.17 -63.93
CAC CLA AE . 6.10 21.49 -65.05
CBC CLA AE . 5.74 22.10 -66.37
ND CLA AE . 2.06 21.82 -61.58
C1D CLA AE . 2.40 20.96 -62.65
C2D CLA AE . 1.42 19.87 -62.70
C3D CLA AE . 0.54 20.07 -61.69
C4D CLA AE . 1.01 21.26 -60.99
CMD CLA AE . 1.38 18.80 -63.62
CAD CLA AE . -0.59 19.50 -61.00
OBD CLA AE . -1.19 18.47 -61.25
CBD CLA AE . -0.87 20.47 -59.83
CGD CLA AE . -2.19 21.15 -60.09
O1D CLA AE . -2.43 22.35 -60.11
O2D CLA AE . -3.22 20.28 -60.33
CED CLA AE . -4.56 20.76 -60.31
C1 CLA AE . 4.21 20.65 -55.22
C2 CLA AE . 4.64 20.95 -53.83
C3 CLA AE . 5.09 20.03 -52.97
C4 CLA AE . 5.25 18.58 -53.31
C5 CLA AE . 5.50 20.43 -51.59
C6 CLA AE . 4.47 20.05 -50.54
FE1 SF4 BE . 27.08 -30.75 -1.62
FE2 SF4 BE . 29.98 -31.57 -1.60
FE3 SF4 BE . 29.24 -28.65 -1.91
FE4 SF4 BE . 28.72 -30.60 -4.15
S1 SF4 BE . 30.43 -30.03 -3.01
S2 SF4 BE . 27.53 -29.22 -3.05
S3 SF4 BE . 28.27 -32.13 -2.74
S4 SF4 BE . 28.80 -30.18 -0.49
FE1 SF4 CE . 35.33 -22.05 2.94
FE2 SF4 CE . 36.15 -24.95 2.69
FE3 SF4 CE . 36.88 -23.36 5.18
FE4 SF4 CE . 38.23 -22.79 2.53
S1 SF4 CE . 37.95 -24.52 3.75
S2 SF4 CE . 37.15 -21.62 3.96
S3 SF4 CE . 36.41 -23.21 1.50
S4 SF4 CE . 35.07 -23.81 4.13
MG CLA DE . 1.59 6.87 19.17
CHA CLA DE . 3.40 9.13 21.02
CHB CLA DE . -1.14 8.87 19.32
CHC CLA DE . -0.13 4.48 17.49
CHD CLA DE . 4.42 4.71 19.20
NA CLA DE . 1.21 8.72 20.07
C1A CLA DE . 2.09 9.53 20.78
C2A CLA DE . 1.38 10.83 21.22
C3A CLA DE . -0.05 10.69 20.65
C4A CLA DE . -0.01 9.33 19.96
CMA CLA DE . -1.15 10.78 21.68
CAA CLA DE . 2.02 12.07 20.62
CBA CLA DE . 1.29 13.38 20.80
CGA CLA DE . 1.18 13.75 22.25
O1A CLA DE . 1.98 13.61 23.16
O2A CLA DE . -0.02 14.35 22.50
NB CLA DE . -0.31 6.67 18.58
C1B CLA DE . -1.25 7.64 18.63
C2B CLA DE . -2.44 7.24 17.86
C3B CLA DE . -2.18 6.00 17.33
C4B CLA DE . -0.81 5.63 17.77
CMB CLA DE . -3.61 8.08 17.73
CAB CLA DE . -3.05 5.23 16.47
CBB CLA DE . -3.27 3.93 16.39
NC CLA DE . 2.06 4.94 18.53
C1C CLA DE . 1.19 4.14 17.86
C2C CLA DE . 1.82 2.89 17.48
C3C CLA DE . 3.11 2.96 17.96
C4C CLA DE . 3.26 4.24 18.60
CMC CLA DE . 1.17 1.83 16.74
CAC CLA DE . 4.17 1.96 17.73
CBC CLA DE . 4.77 1.20 18.86
ND CLA DE . 3.46 6.81 19.94
C1D CLA DE . 4.53 5.88 19.86
C2D CLA DE . 5.74 6.44 20.50
C3D CLA DE . 5.36 7.68 20.93
C4D CLA DE . 3.93 7.87 20.58
CMD CLA DE . 7.03 5.76 20.57
CAD CLA DE . 5.81 8.89 21.55
OBD CLA DE . 6.94 9.25 21.81
CBD CLA DE . 4.56 9.79 21.73
CGD CLA DE . 4.19 9.99 23.16
O1D CLA DE . 3.16 9.64 23.75
O2D CLA DE . 5.12 10.66 23.85
CED CLA DE . 4.65 11.44 24.92
C1 CLA DE . -0.14 15.71 22.03
C2 CLA DE . 0.58 16.58 22.99
C3 CLA DE . 0.81 17.87 22.78
C4 CLA DE . 0.40 18.56 21.54
C5 CLA DE . 1.51 18.70 23.80
C6 CLA DE . 2.94 19.09 23.47
C7 CLA DE . 3.74 19.44 24.72
C8 CLA DE . 3.99 20.92 25.05
C9 CLA DE . 4.77 21.01 26.35
C10 CLA DE . 2.77 21.83 25.12
C11 CLA DE . 1.83 21.55 26.26
C12 CLA DE . 0.51 22.28 26.05
C13 CLA DE . -0.51 22.26 27.19
C14 CLA DE . -0.14 21.41 28.38
C15 CLA DE . -1.88 21.85 26.67
C16 CLA DE . -3.02 22.74 27.17
C17 CLA DE . -3.13 24.10 26.49
C18 CLA DE . -4.11 24.22 25.33
C19 CLA DE . -5.55 23.90 25.69
C20 CLA DE . -3.71 23.60 24.00
MG CLA EE . -4.53 23.07 -4.94
CHA CLA EE . -4.47 25.25 -2.28
CHB CLA EE . -1.61 21.66 -3.82
CHC CLA EE . -4.79 20.62 -7.32
CHD CLA EE . -7.86 24.06 -5.61
NA CLA EE . -3.28 23.40 -3.29
C1A CLA EE . -3.42 24.39 -2.30
C2A CLA EE . -2.26 24.30 -1.30
C3A CLA EE . -1.30 23.29 -1.95
C4A CLA EE . -2.12 22.72 -3.09
CMA CLA EE . -0.07 23.95 -2.48
CAA CLA EE . -2.73 23.74 0.04
CBA CLA EE . -2.17 24.41 1.28
CGA CLA EE . -0.82 25.04 1.06
O1A CLA EE . 0.28 24.48 1.00
O2A CLA EE . -0.91 26.39 0.90
NB CLA EE . -3.44 21.44 -5.43
C1B CLA EE . -2.23 21.09 -4.92
C2B CLA EE . -1.61 20.02 -5.74
C3B CLA EE . -2.51 19.71 -6.74
C4B CLA EE . -3.67 20.63 -6.57
CMB CLA EE . -0.30 19.46 -5.41
CAB CLA EE . -2.45 18.75 -7.81
CBB CLA EE . -2.22 17.45 -7.71
NC CLA EE . -6.06 22.45 -6.22
C1C CLA EE . -5.93 21.46 -7.13
C2C CLA EE . -7.13 21.36 -7.95
C3C CLA EE . -8.05 22.26 -7.42
C4C CLA EE . -7.35 22.97 -6.35
CMC CLA EE . -7.31 20.41 -9.04
CAC CLA EE . -9.41 22.51 -7.92
CBC CLA EE . -9.57 23.80 -8.69
ND CLA EE . -5.93 24.28 -4.13
C1D CLA EE . -7.21 24.68 -4.58
C2D CLA EE . -7.64 25.88 -3.84
C3D CLA EE . -6.60 26.17 -2.98
C4D CLA EE . -5.59 25.12 -3.17
CMD CLA EE . -8.89 26.59 -4.09
CAD CLA EE . -6.13 27.06 -1.95
OBD CLA EE . -6.64 28.09 -1.52
CBD CLA EE . -4.76 26.49 -1.46
CGD CLA EE . -3.66 27.50 -1.56
O1D CLA EE . -2.92 27.91 -0.67
O2D CLA EE . -3.46 28.00 -2.81
CED CLA EE . -2.11 28.33 -3.12
C1 CLA EE . 0.27 27.19 1.16
C2 CLA EE . 0.38 27.33 2.63
C3 CLA EE . 1.55 27.14 3.25
C4 CLA EE . 2.77 26.77 2.50
C5 CLA EE . 1.66 27.25 4.72
C6 CLA EE . 0.30 27.43 5.37
C7 CLA EE . 0.34 26.96 6.81
C10 WVN FE . -5.33 12.93 13.74
C11 WVN FE . 6.04 -5.18 6.92
C12 WVN FE . -5.26 12.90 15.29
C13 WVN FE . -5.29 10.46 14.05
C14 WVN FE . -6.22 11.84 15.88
C01 WVN FE . 7.12 -5.81 4.76
C02 WVN FE . 7.35 -5.17 6.13
C03 WVN FE . 8.43 -5.89 3.98
C04 WVN FE . 9.55 -6.61 4.73
C05 WVN FE . 8.53 -5.81 6.89
C06 WVN FE . -5.53 11.57 13.06
C07 WVN FE . 6.41 -7.16 4.83
C08 WVN FE . 6.22 -4.86 3.97
C09 WVN FE . 9.56 -6.29 6.23
C15 WVN FE . -6.03 10.50 15.13
C16 WVN FE . 8.86 -5.30 8.29
C17 WVN FE . -4.58 11.44 11.90
C18 WVN FE . -6.86 11.40 12.34
C19 WVN FE . 5.66 -4.04 7.42
C20 WVN FE . -3.86 9.92 14.17
C21 WVN FE . -6.93 9.31 15.45
C22 WVN FE . 4.40 -3.77 8.20
C23 WVN FE . -3.64 8.66 14.13
C24 WVN FE . 3.07 -4.34 7.72
C25 WVN FE . -2.21 8.25 14.27
C26 WVN FE . 4.49 -3.02 9.26
C27 WVN FE . -1.18 9.15 14.90
C28 WVN FE . -1.90 7.07 13.83
C29 WVN FE . 3.24 -2.65 10.05
C30 WVN FE . -0.52 6.48 13.91
C31 WVN FE . 3.21 -1.37 10.16
C32 WVN FE . 2.15 -0.50 10.78
C33 WVN FE . -0.56 5.20 13.75
C34 WVN FE . 0.69 4.38 13.77
C35 WVN FE . 0.69 -0.92 10.74
C36 WVN FE . 2.57 0.61 11.33
C37 WVN FE . 0.60 3.23 13.18
C38 WVN FE . 1.94 4.89 14.49
C39 WVN FE . 1.63 1.62 11.94
C40 WVN FE . 1.77 2.29 13.04
C10 WVN GE . -3.37 17.81 -0.02
C11 WVN GE . 12.06 12.39 8.45
C12 WVN GE . -3.77 19.27 0.05
C13 WVN GE . -1.11 18.63 -0.79
C14 WVN GE . -2.62 20.07 0.62
C01 WVN GE . 12.06 12.36 11.02
C02 WVN GE . 11.76 11.58 9.73
C03 WVN GE . 12.65 11.50 12.12
C04 WVN GE . 13.91 10.81 11.62
C05 WVN GE . 12.48 10.20 9.69
C06 WVN GE . -2.26 17.65 -1.04
C07 WVN GE . 12.98 13.55 10.80
C08 WVN GE . 10.73 12.86 11.56
C09 WVN GE . 13.57 9.99 10.38
C15 WVN GE . -1.28 19.71 -0.03
C16 WVN GE . 11.74 8.98 9.15
C17 WVN GE . -2.83 17.88 -2.43
C18 WVN GE . -1.81 16.20 -0.90
C19 WVN GE . 12.82 11.90 7.51
C20 WVN GE . 0.33 18.10 -0.81
C21 WVN GE . -0.10 20.60 0.36
C22 WVN GE . 13.12 12.63 6.23
C23 WVN GE . 1.16 17.99 -1.83
C24 WVN GE . 14.57 12.90 5.84
C25 WVN GE . 2.55 17.46 -1.45
C26 WVN GE . 12.13 13.02 5.49
C27 WVN GE . 2.90 17.51 0.03
C28 WVN GE . 3.42 17.03 -2.34
C29 WVN GE . 12.34 13.76 4.19
C30 WVN GE . 4.74 16.57 -1.73
C31 WVN GE . 11.60 13.34 3.22
C32 WVN GE . 11.63 13.91 1.82
C33 WVN GE . 5.98 16.52 -2.15
C34 WVN GE . 6.91 16.01 -1.06
C35 WVN GE . 12.90 13.95 0.99
C36 WVN GE . 10.49 14.36 1.39
C37 WVN GE . 8.10 15.51 -1.32
C38 WVN GE . 6.46 16.15 0.40
C39 WVN GE . 10.21 14.95 0.03
C40 WVN GE . 8.92 15.02 -0.13
C10 WVN HE . -10.49 -39.30 -17.24
C11 WVN HE . -4.84 -26.65 -33.45
C12 WVN HE . -9.02 -39.17 -17.58
C13 WVN HE . -10.35 -40.94 -19.18
C14 WVN HE . -8.38 -40.54 -17.73
C01 WVN HE . -5.42 -24.60 -34.75
C02 WVN HE . -4.66 -25.93 -34.79
C03 WVN HE . -5.77 -24.11 -36.15
C04 WVN HE . -6.64 -25.11 -36.90
C05 WVN HE . -5.00 -26.79 -36.03
C06 WVN HE . -11.27 -40.09 -18.27
C07 WVN HE . -6.68 -24.62 -33.89
C08 WVN HE . -4.50 -23.56 -34.11
C09 WVN HE . -6.05 -26.52 -36.80
C15 WVN HE . -9.25 -41.41 -18.63
C16 WVN HE . -4.11 -27.95 -36.45
C17 WVN HE . -12.14 -39.12 -19.06
C18 WVN HE . -12.19 -41.03 -17.51
C19 WVN HE . -3.94 -27.43 -32.92
C20 WVN HE . -10.39 -40.64 -20.67
C21 WVN HE . -8.66 -42.76 -19.01
C22 WVN HE . -4.20 -28.07 -31.56
C23 WVN HE . -9.37 -40.01 -21.20
C24 WVN HE . -3.47 -27.47 -30.36
C25 WVN HE . -9.34 -39.64 -22.66
C26 WVN HE . -5.02 -29.08 -31.41
C27 WVN HE . -10.35 -40.21 -23.65
C28 WVN HE . -8.40 -38.83 -23.02
C29 WVN HE . -5.23 -29.67 -30.02
C30 WVN HE . -8.24 -38.33 -24.44
C31 WVN HE . -4.97 -30.93 -29.84
C32 WVN HE . -5.10 -31.67 -28.52
C33 WVN HE . -7.56 -37.23 -24.54
C34 WVN HE . -7.33 -36.56 -25.88
C35 WVN HE . -4.22 -31.27 -27.34
C36 WVN HE . -5.94 -32.67 -28.41
C37 WVN HE . -6.49 -35.56 -25.96
C38 WVN HE . -8.15 -37.04 -27.06
C39 WVN HE . -6.13 -33.51 -27.16
C40 WVN HE . -6.29 -34.81 -27.27
C10 WVN IE . -8.05 4.38 12.94
C11 WVN IE . -9.32 -15.09 25.86
C12 WVN IE . -8.38 5.73 13.54
C13 WVN IE . -9.04 3.37 14.97
C14 WVN IE . -9.69 5.69 14.32
C01 WVN IE . -8.35 -17.23 26.79
C02 WVN IE . -8.40 -15.68 26.93
C03 WVN IE . -7.96 -17.98 28.07
C04 WVN IE . -7.24 -17.12 29.10
C05 WVN IE . -8.70 -15.25 28.37
C06 WVN IE . -7.80 3.40 14.07
C07 WVN IE . -9.66 -17.84 26.30
C08 WVN IE . -7.30 -17.52 25.73
C09 WVN IE . -8.10 -15.88 29.36
C15 WVN IE . -9.97 4.32 14.93
C16 WVN IE . -9.32 -13.89 28.70
C17 WVN IE . -6.50 3.83 14.76
C18 WVN IE . -7.59 2.02 13.47
C19 WVN IE . -8.86 -14.06 25.20
C20 WVN IE . -9.25 2.21 15.95
C21 WVN IE . -11.18 4.31 15.87
C22 WVN IE . -9.62 -13.38 24.10
C23 WVN IE . -8.58 2.15 17.06
C24 WVN IE . -10.67 -14.17 23.33
C25 WVN IE . -8.71 1.07 18.10
C26 WVN IE . -9.34 -12.13 23.84
C27 WVN IE . -8.54 1.53 19.53
C28 WVN IE . -8.97 -0.19 17.82
C29 WVN IE . -9.97 -11.32 22.72
C30 WVN IE . -9.03 -1.18 18.97
C31 WVN IE . -9.36 -10.18 22.54
C32 WVN IE . -9.65 -9.11 21.51
C33 WVN IE . -9.59 -2.35 18.90
C34 WVN IE . -9.48 -3.24 20.14
C35 WVN IE . -10.17 -9.51 20.14
C36 WVN IE . -9.42 -7.86 21.82
C37 WVN IE . -9.77 -4.50 20.00
C38 WVN IE . -9.06 -2.67 21.48
C39 WVN IE . -9.63 -6.75 20.81
C40 WVN IE . -9.63 -5.49 21.14
C10 WVN JE . -3.93 7.12 -0.22
C11 WVN JE . -12.23 17.75 19.28
C12 WVN JE . -2.54 7.71 -0.18
C13 WVN JE . -4.61 8.72 1.68
C14 WVN JE . -2.18 8.32 1.16
C01 WVN JE . -12.32 19.27 21.33
C02 WVN JE . -13.01 18.85 20.01
C03 WVN JE . -13.24 19.92 22.36
C04 WVN JE . -14.71 20.08 21.99
C05 WVN JE . -14.45 18.39 20.22
C06 WVN JE . -5.01 8.03 0.36
C07 WVN JE . -11.54 18.14 21.98
C08 WVN JE . -11.31 20.36 21.04
C09 WVN JE . -15.15 18.83 21.24
C15 WVN JE . -3.33 8.78 2.06
C16 WVN JE . -15.27 18.07 18.98
C17 WVN JE . -6.25 7.14 0.49
C18 WVN JE . -5.29 9.14 -0.63
C19 WVN JE . -11.47 18.13 18.29
C20 WVN JE . -5.60 9.73 2.25
C21 WVN JE . -2.91 9.52 3.32
C22 WVN JE . -10.60 17.24 17.41
C23 WVN JE . -6.42 9.39 3.22
C24 WVN JE . -9.09 17.19 17.63
C25 WVN JE . -7.40 10.40 3.81
C26 WVN JE . -11.18 16.55 16.47
C27 WVN JE . -8.24 11.26 2.90
C28 WVN JE . -7.49 10.47 5.11
C29 WVN JE . -10.35 15.70 15.53
C30 WVN JE . -8.48 11.42 5.76
C31 WVN JE . -10.90 15.32 14.42
C32 WVN JE . -10.10 14.52 13.41
C33 WVN JE . -8.56 11.26 7.05
C34 WVN JE . -9.48 12.02 7.95
C35 WVN JE . -8.63 14.36 13.73
C36 WVN JE . -10.62 14.07 12.30
C37 WVN JE . -9.11 12.38 9.16
C38 WVN JE . -10.85 12.31 7.40
C39 WVN JE . -9.72 13.31 11.32
C40 WVN JE . -10.06 13.13 10.06
MG CLA KE . -11.33 5.02 31.20
CHA CLA KE . -14.01 6.26 33.05
CHB CLA KE . -10.04 8.18 31.02
CHC CLA KE . -8.36 3.73 30.05
CHD CLA KE . -12.36 1.74 32.07
NA CLA KE . -11.94 6.88 31.93
C1A CLA KE . -13.10 7.20 32.66
C2A CLA KE . -13.14 8.70 32.97
C3A CLA KE . -11.94 9.27 32.18
C4A CLA KE . -11.23 8.02 31.68
CMA CLA KE . -12.31 10.12 30.99
CAA CLA KE . -12.90 8.96 34.44
CBA CLA KE . -14.09 9.63 35.11
NB CLA KE . -9.54 5.80 30.71
C1B CLA KE . -9.29 7.12 30.52
C2B CLA KE . -8.08 7.31 29.69
C3B CLA KE . -7.59 6.06 29.40
C4B CLA KE . -8.50 5.08 30.06
CMB CLA KE . -7.56 8.63 29.33
CAB CLA KE . -6.42 5.68 28.68
CBB CLA KE . -5.28 5.31 29.26
NC CLA KE . -10.53 3.09 31.06
C1C CLA KE . -9.32 2.79 30.51
C2C CLA KE . -9.09 1.35 30.53
C3C CLA KE . -10.22 0.78 31.14
C4C CLA KE . -11.12 1.88 31.45
CMC CLA KE . -7.90 0.67 30.03
CAC CLA KE . -10.46 -0.65 31.37
CBC CLA KE . -11.45 -1.25 30.39
ND CLA KE . -12.81 4.14 32.25
C1D CLA KE . -13.15 2.78 32.46
C2D CLA KE . -14.45 2.70 33.14
C3D CLA KE . -14.84 4.00 33.34
C4D CLA KE . -13.78 4.86 32.81
CMD CLA KE . -15.13 1.46 33.49
CAD CLA KE . -15.85 4.85 33.93
OBD CLA KE . -16.88 4.50 34.46
CBD CLA KE . -15.35 6.32 33.79
CGD CLA KE . -16.36 7.22 33.11
O1D CLA KE . -16.23 7.87 32.08
O2D CLA KE . -17.56 7.31 33.74
CED CLA KE . -18.62 7.94 33.02
C03 II0 LE . -16.14 1.43 29.06
C04 II0 LE . 3.06 -10.63 26.56
C05 II0 LE . -17.78 1.47 29.11
C06 II0 LE . 4.58 -11.17 26.94
C07 II0 LE . -18.27 2.42 28.29
C08 II0 LE . 4.65 -11.39 28.28
C09 II0 LE . -15.68 1.54 27.67
C10 II0 LE . 2.06 -11.58 27.00
C11 II0 LE . -18.02 2.03 26.66
C12 II0 LE . 3.63 -12.58 28.85
C13 II0 LE . -16.70 1.56 26.46
C14 II0 LE . 2.40 -12.71 28.08
C15 II0 LE . -15.54 2.69 29.78
C16 II0 LE . -15.56 0.14 29.74
C17 II0 LE . 2.81 -9.27 27.25
C18 II0 LE . 2.90 -10.44 25.01
C19 II0 LE . -16.09 1.46 25.09
C20 II0 LE . 1.22 -13.47 28.72
C21 II0 LE . -14.21 1.23 27.37
C22 II0 LE . 0.64 -11.45 26.42
C23 II0 LE . -13.07 0.94 27.16
C24 II0 LE . -0.44 -11.24 25.99
C25 II0 LE . -11.61 0.54 26.98
C26 II0 LE . -1.87 -10.89 25.57
C27 II0 LE . -10.48 1.55 27.09
C28 II0 LE . -2.75 -11.90 24.87
C29 II0 LE . -11.42 -0.80 26.76
C30 II0 LE . -2.22 -9.65 25.87
C31 II0 LE . -10.01 -1.40 26.59
C32 II0 LE . -3.58 -8.98 25.61
C33 II0 LE . -9.77 -2.10 25.48
C34 II0 LE . -3.98 -8.58 24.42
C35 II0 LE . -8.37 -2.68 25.39
C36 II0 LE . -5.36 -7.95 24.46
C37 II0 LE . -7.15 -1.83 25.57
C38 II0 LE . -6.60 -8.81 24.31
C39 II0 LE . -8.31 -4.02 25.18
C40 II0 LE . -5.45 -6.63 24.64
C41 II0 LE . -6.92 -4.68 25.12
C42 II0 LE . -6.86 -5.98 24.70
O01 II0 LE . -19.64 2.63 28.52
O02 II0 LE . 5.99 -11.71 28.65
C1 LMG ME . 13.65 -0.70 34.57
O1 LMG ME . 13.07 0.56 34.91
C2 LMG ME . 14.33 -0.56 33.20
O2 LMG ME . 13.34 -0.34 32.22
C3 LMG ME . 15.05 -1.85 32.86
O3 LMG ME . 15.77 -1.68 31.63
C4 LMG ME . 16.02 -2.25 33.97
O4 LMG ME . 17.01 -1.24 34.09
C5 LMG ME . 15.25 -2.34 35.29
O5 LMG ME . 15.40 -2.91 37.56
C6 LMG ME . 16.21 -2.57 36.43
O6 LMG ME . 14.62 -1.09 35.54
C7 LMG ME . 12.41 0.54 36.17
C8 LMG ME . 11.02 1.08 35.93
C9 LMG ME . 11.05 2.56 35.78
O7 LMG ME . 10.63 0.64 34.66
C10 LMG ME . 9.47 -0.19 34.72
O9 LMG ME . 8.72 -0.15 35.68
C11 LMG ME . 9.20 -1.08 33.55
C12 LMG ME . 7.73 -1.11 33.30
C13 LMG ME . 7.10 0.20 32.89
C14 LMG ME . 5.59 0.09 32.92
C15 LMG ME . 5.01 -0.95 31.97
C16 LMG ME . 4.31 -2.05 32.77
C17 LMG ME . 3.07 -1.59 33.50
C18 LMG ME . 2.39 -2.77 34.16
C19 LMG ME . 2.15 -3.86 33.12
C20 LMG ME . 1.53 -5.13 33.64
C21 LMG ME . 0.50 -5.56 32.61
C22 LMG ME . -0.80 -4.80 32.83
C23 LMG ME . -1.96 -5.77 32.80
C24 LMG ME . -1.81 -6.81 33.90
C25 LMG ME . -3.02 -7.73 33.99
C26 LMG ME . -2.64 -9.04 34.69
C27 LMG ME . -2.18 -8.79 36.11
O8 LMG ME . 9.70 3.00 35.68
C28 LMG ME . 9.30 4.00 34.69
O10 LMG ME . 10.17 4.57 34.05
C29 LMG ME . 7.84 4.32 34.55
C30 LMG ME . 7.44 5.66 35.17
C31 LMG ME . 8.39 6.11 36.28
C32 LMG ME . 7.77 7.08 37.24
C33 LMG ME . 7.23 8.28 36.49
C34 LMG ME . 6.05 8.88 37.23
C35 LMG ME . 5.55 10.07 36.45
C36 LMG ME . 4.94 9.65 35.12
C37 LMG ME . 3.83 8.63 35.28
C38 LMG ME . 3.14 8.35 33.95
C39 LMG ME . 2.18 9.47 33.59
C40 LMG ME . 1.03 8.88 32.80
C41 LMG ME . 0.17 9.95 32.15
C42 LMG ME . -0.81 9.31 31.18
C43 LMG ME . -1.56 10.35 30.37
C44 LMG ME . -2.85 10.81 31.03
C45 LMG ME . -3.68 9.68 31.58
O1 LHG NE . -10.50 24.80 15.46
C1 LHG NE . -11.46 25.76 15.03
C2 LHG NE . -12.61 25.77 16.02
O2 LHG NE . -13.62 26.69 15.56
C3 LHG NE . -12.10 26.19 17.39
O3 LHG NE . -10.98 27.05 17.22
P LHG NE . -10.19 27.69 18.44
O4 LHG NE . -10.18 26.72 19.60
O5 LHG NE . -10.75 29.07 18.62
O6 LHG NE . -8.72 27.82 17.81
C4 LHG NE . -8.07 26.67 17.30
C5 LHG NE . -6.99 26.96 16.27
C6 LHG NE . -5.74 27.52 16.95
O7 LHG NE . -6.62 25.72 15.67
C7 LHG NE . -7.08 25.57 14.31
O9 LHG NE . -8.04 26.21 13.92
C8 LHG NE . -6.36 24.61 13.42
C9 LHG NE . -4.92 25.06 13.30
C10 LHG NE . -3.93 23.92 13.17
O8 LHG NE . -4.62 27.41 16.07
C23 LHG NE . -3.31 27.91 16.41
O10 LHG NE . -2.72 27.45 17.38
C24 LHG NE . -2.69 29.00 15.56
C11 LHG NE . -4.18 22.92 14.29
C12 LHG NE . -2.92 22.15 14.62
C13 LHG NE . -2.28 21.50 13.39
C14 LHG NE . -0.90 20.94 13.70
C15 LHG NE . -0.79 20.34 15.10
C16 LHG NE . 0.65 20.08 15.48
C17 LHG NE . 1.61 21.22 15.16
C18 LHG NE . 1.88 22.17 16.32
C19 LHG NE . 0.86 23.31 16.38
C20 LHG NE . 0.89 24.13 15.10
C21 LHG NE . -0.24 25.14 15.05
C22 LHG NE . -0.34 25.77 13.68
C25 LHG NE . -1.47 29.68 16.18
C26 LHG NE . -0.17 28.95 15.84
C27 LHG NE . 1.02 29.82 16.20
C28 LHG NE . 1.12 31.03 15.28
C29 LHG NE . 1.94 32.20 15.80
C30 LHG NE . 1.04 33.26 16.42
C31 LHG NE . 0.05 33.78 15.40
C32 LHG NE . -1.23 34.34 15.99
C33 LHG NE . -1.89 33.36 16.95
C34 LHG NE . -3.39 33.65 17.02
C35 LHG NE . -4.02 33.30 15.68
C36 LHG NE . -5.22 32.36 15.83
C37 LHG NE . -6.34 32.98 16.63
C38 LHG NE . -7.57 32.09 16.63
O1 LHG OE . -18.10 25.87 25.94
C1 LHG OE . -18.72 25.59 27.21
C2 LHG OE . -19.52 24.31 27.08
O2 LHG OE . -19.76 23.78 28.39
C3 LHG OE . -18.74 23.30 26.27
O3 LHG OE . -17.47 23.10 26.88
P LHG OE . -16.56 21.86 26.45
O4 LHG OE . -16.55 21.80 24.94
O5 LHG OE . -17.03 20.66 27.25
O6 LHG OE . -15.08 22.23 26.95
C4 LHG OE . -14.18 22.90 26.07
C5 LHG OE . -13.17 21.93 25.48
C6 LHG OE . -12.11 22.73 24.73
O7 LHG OE . -12.53 21.23 26.53
C7 LHG OE . -12.80 19.80 26.47
O9 LHG OE . -13.89 19.40 26.12
C8 LHG OE . -11.70 18.87 26.88
C9 LHG OE . -10.51 19.06 25.96
C10 LHG OE . -9.26 18.44 26.57
O8 LHG OE . -11.03 21.95 24.23
C23 LHG OE . -9.75 22.61 24.14
O10 LHG OE . -9.47 23.44 24.98
C24 LHG OE . -8.78 22.33 23.03
C11 LHG OE . -8.71 19.27 27.71
C12 LHG OE . -8.11 20.58 27.19
C13 LHG OE . -7.58 21.47 28.31
C14 LHG OE . -6.61 20.74 29.23
C25 LHG OE . -8.30 20.90 23.11
C26 LHG OE . -7.45 20.56 21.90
C27 LHG OE . -7.04 19.11 21.91
C28 LHG OE . -6.19 18.77 20.68
C10 WVN PE . -2.19 -53.87 -23.25
C11 WVN PE . 4.69 -32.45 -26.86
C12 WVN PE . -1.72 -55.06 -22.45
C13 WVN PE . 0.17 -52.96 -22.90
C14 WVN PE . -0.32 -55.43 -22.89
C01 WVN PE . 5.22 -30.75 -28.60
C02 WVN PE . 5.69 -31.36 -27.28
C03 WVN PE . 6.40 -30.09 -29.31
C04 WVN PE . 7.49 -31.14 -29.63
C05 WVN PE . 7.18 -31.80 -27.29
C06 WVN PE . -1.30 -52.65 -23.15
C07 WVN PE . 4.46 -31.66 -29.57
C08 WVN PE . 4.19 -29.76 -28.11
C09 WVN PE . 7.77 -32.04 -28.43
C15 WVN PE . 0.61 -54.22 -22.83
C16 WVN PE . 8.02 -31.60 -26.04
C17 WVN PE . -1.83 -51.69 -22.09
C18 WVN PE . -1.45 -51.93 -24.48
C19 WVN PE . 5.08 -33.64 -26.52
C20 WVN PE . 1.13 -51.87 -23.34
C21 WVN PE . 2.10 -54.53 -22.68
C22 WVN PE . 4.03 -34.64 -26.10
C23 WVN PE . 1.71 -51.01 -22.55
C24 WVN PE . 2.76 -34.20 -25.38
C25 WVN PE . 2.64 -49.97 -23.19
C26 WVN PE . 4.27 -35.91 -26.37
C27 WVN PE . 3.96 -50.38 -23.81
C28 WVN PE . 2.27 -48.73 -23.18
C29 WVN PE . 3.28 -36.98 -25.95
C30 WVN PE . 3.12 -47.62 -23.77
C31 WVN PE . 3.81 -38.15 -25.75
C32 WVN PE . 2.97 -39.31 -25.29
C33 WVN PE . 2.53 -46.47 -23.91
C34 WVN PE . 3.23 -45.25 -24.48
C35 WVN PE . 1.66 -39.06 -24.57
C36 WVN PE . 3.42 -40.53 -25.48
C37 WVN PE . 2.58 -44.12 -24.47
C38 WVN PE . 4.65 -45.34 -25.01
C39 WVN PE . 2.63 -41.72 -24.98
C40 WVN PE . 3.25 -42.86 -25.00
MG CLA QE . -4.12 -69.11 -21.02
CHA CLA QE . -3.07 -71.89 -22.80
CHB CLA QE . -6.22 -68.30 -23.62
CHC CLA QE . -5.84 -66.99 -18.98
CHD CLA QE . -2.48 -70.43 -18.15
NA CLA QE . -4.53 -69.96 -22.89
C1A CLA QE . -4.00 -71.12 -23.44
C2A CLA QE . -4.56 -71.36 -24.86
C3A CLA QE . -5.30 -70.05 -25.17
C4A CLA QE . -5.38 -69.38 -23.80
CMA CLA QE . -4.55 -69.18 -26.15
CAA CLA QE . -5.46 -72.59 -24.91
CBA CLA QE . -6.94 -72.32 -24.73
CGA CLA QE . -7.32 -72.42 -23.30
O1A CLA QE . -7.48 -71.52 -22.47
O2A CLA QE . -7.50 -73.71 -22.89
NB CLA QE . -5.73 -67.92 -21.25
C1B CLA QE . -6.36 -67.63 -22.41
C2B CLA QE . -7.29 -66.48 -22.24
C3B CLA QE . -7.21 -66.10 -20.93
C4B CLA QE . -6.21 -67.01 -20.28
CMB CLA QE . -8.10 -65.98 -23.34
CAB CLA QE . -7.91 -65.05 -20.22
CBB CLA QE . -8.49 -65.12 -19.02
NC CLA QE . -4.10 -68.74 -18.96
C1C CLA QE . -4.85 -67.78 -18.36
C2C CLA QE . -4.59 -67.70 -16.94
C3C CLA QE . -3.69 -68.73 -16.67
C4C CLA QE . -3.38 -69.37 -17.94
CMC CLA QE . -5.23 -66.76 -16.02
CAC CLA QE . -3.15 -69.04 -15.34
CBC CLA QE . -3.67 -70.33 -14.75
ND CLA QE . -2.99 -70.71 -20.53
C1D CLA QE . -2.30 -71.07 -19.34
C2D CLA QE . -1.38 -72.19 -19.64
C3D CLA QE . -1.62 -72.53 -20.96
C4D CLA QE . -2.67 -71.60 -21.45
CMD CLA QE . -0.44 -72.77 -18.68
CAD CLA QE . -1.24 -73.39 -22.08
OBD CLA QE . -0.34 -74.21 -22.15
CBD CLA QE . -2.23 -73.07 -23.24
CGD CLA QE . -1.50 -72.82 -24.54
O1D CLA QE . -1.47 -73.55 -25.52
O2D CLA QE . -0.83 -71.63 -24.58
CED CLA QE . -0.81 -70.95 -25.84
C1 CLA QE . -8.47 -73.92 -21.83
C2 CLA QE . -9.79 -74.10 -22.50
C3 CLA QE . -10.75 -73.16 -22.47
C4 CLA QE . -12.06 -73.36 -23.14
MG CLA RE . -4.04 -56.89 -18.29
CHA CLA RE . -2.96 -60.17 -18.01
CHB CLA RE . -6.90 -57.72 -16.61
CHC CLA RE . -4.78 -53.55 -17.84
CHD CLA RE . -0.77 -56.02 -19.18
NA CLA RE . -4.80 -58.66 -17.46
C1A CLA RE . -4.20 -59.93 -17.45
C2A CLA RE . -5.10 -60.94 -16.74
C3A CLA RE . -6.39 -60.15 -16.45
C4A CLA RE . -6.02 -58.74 -16.87
CMA CLA RE . -7.63 -60.65 -17.14
CAA CLA RE . -4.51 -61.42 -15.42
CBA CLA RE . -3.77 -60.35 -14.64
CGA CLA RE . -3.31 -60.89 -13.32
O1A CLA RE . -2.99 -62.04 -13.03
O2A CLA RE . -3.18 -59.93 -12.36
NB CLA RE . -5.54 -55.86 -17.43
C1B CLA RE . -6.68 -56.38 -16.90
C2B CLA RE . -7.66 -55.32 -16.60
C3B CLA RE . -7.07 -54.14 -16.96
C4B CLA RE . -5.72 -54.46 -17.48
CMB CLA RE . -8.96 -55.59 -15.98
CAB CLA RE . -7.56 -52.80 -16.86
CBB CLA RE . -8.69 -52.31 -17.35
NC CLA RE . -2.96 -55.11 -18.50
C1C CLA RE . -3.47 -53.85 -18.30
C2C CLA RE . -2.45 -52.86 -18.57
C3C CLA RE . -1.29 -53.55 -18.88
C4C CLA RE . -1.64 -54.96 -18.87
CMC CLA RE . -2.63 -51.41 -18.42
CAC CLA RE . 0.03 -52.99 -19.17
CBC CLA RE . 0.98 -53.26 -18.04
ND CLA RE . -2.25 -57.79 -18.49
C1D CLA RE . -1.03 -57.33 -19.02
C2D CLA RE . -0.13 -58.44 -19.33
C3D CLA RE . -0.83 -59.57 -19.00
C4D CLA RE . -2.13 -59.11 -18.47
CMD CLA RE . 1.20 -58.21 -19.88
CAD CLA RE . -0.83 -61.01 -18.90
OBD CLA RE . 0.06 -61.80 -19.20
CBD CLA RE . -2.20 -61.41 -18.32
CGD CLA RE . -2.97 -62.08 -19.41
O1D CLA RE . -3.14 -61.63 -20.54
O2D CLA RE . -3.52 -63.27 -19.09
CED CLA RE . -4.46 -63.77 -20.02
C1 CLA RE . -1.91 -59.89 -11.67
C2 CLA RE . -1.98 -58.69 -10.81
C3 CLA RE . -0.90 -58.07 -10.28
C4 CLA RE . 0.48 -58.51 -10.52
C5 CLA RE . -1.09 -56.85 -9.44
C6 CLA RE . -0.84 -57.06 -7.96
C7 CLA RE . -2.15 -57.33 -7.22
C8 CLA RE . -2.06 -57.53 -5.70
C9 CLA RE . -0.64 -57.76 -5.20
C10 CLA RE . -2.95 -58.67 -5.25
C11 CLA RE . -3.05 -58.77 -3.75
C12 CLA RE . -3.82 -60.01 -3.31
C13 CLA RE . -4.10 -60.16 -1.81
C14 CLA RE . -3.16 -59.37 -0.92
C15 CLA RE . -4.11 -61.62 -1.35
C16 CLA RE . -3.02 -62.48 -1.96
C17 CLA RE . -3.15 -63.93 -1.57
C18 CLA RE . -1.97 -64.82 -1.95
C19 CLA RE . -1.36 -64.47 -3.29
C20 CLA RE . -0.91 -64.81 -0.88
MG CLA SE . -17.20 -57.20 -18.68
CHA CLA SE . -18.92 -59.91 -19.91
CHB CLA SE . -20.03 -55.28 -19.01
CHC CLA SE . -15.74 -54.69 -16.83
CHD CLA SE . -14.58 -59.37 -17.70
NA CLA SE . -19.15 -57.55 -19.36
C1A CLA SE . -19.67 -58.76 -19.84
C2A CLA SE . -21.13 -58.59 -20.29
C3A CLA SE . -21.37 -57.08 -20.15
C4A CLA SE . -20.12 -56.58 -19.45
CMA CLA SE . -21.56 -56.40 -21.48
CAA CLA SE . -22.14 -59.44 -19.54
CBA CLA SE . -22.92 -58.77 -18.45
CGA CLA SE . -22.53 -59.46 -17.19
O1A CLA SE . -21.42 -59.49 -16.66
O2A CLA SE . -23.54 -60.19 -16.64
NB CLA SE . -17.74 -55.34 -18.12
C1B CLA SE . -18.94 -54.73 -18.34
C2B CLA SE . -18.93 -53.36 -17.76
C3B CLA SE . -17.70 -53.18 -17.14
C4B CLA SE . -16.96 -54.44 -17.36
CMB CLA SE . -20.09 -52.49 -17.81
CAB CLA SE . -17.13 -52.13 -16.35
CBB CLA SE . -17.28 -50.81 -16.49
NC CLA SE . -15.47 -57.07 -17.50
C1C CLA SE . -15.04 -55.93 -16.89
C2C CLA SE . -13.78 -56.15 -16.23
C3C CLA SE . -13.47 -57.49 -16.40
C4C CLA SE . -14.53 -58.06 -17.22
CMC CLA SE . -13.07 -55.13 -15.47
CAC CLA SE . -12.30 -58.17 -15.86
CBC CLA SE . -11.20 -58.42 -16.85
ND CLA SE . -16.82 -59.19 -18.65
C1D CLA SE . -15.64 -59.92 -18.39
C2D CLA SE . -15.79 -61.27 -18.94
C3D CLA SE . -17.00 -61.31 -19.56
C4D CLA SE . -17.62 -60.00 -19.35
CMD CLA SE . -14.81 -62.33 -18.87
CAD CLA SE . -17.93 -62.13 -20.29
OBD CLA SE . -17.83 -63.30 -20.65
CBD CLA SE . -19.15 -61.23 -20.59
CGD CLA SE . -19.20 -60.89 -22.04
O1D CLA SE . -18.81 -59.84 -22.58
O2D CLA SE . -19.71 -61.86 -22.84
CED CLA SE . -19.40 -61.71 -24.21
C1 CLA SE . -23.11 -61.31 -15.82
C2 CLA SE . -23.73 -61.08 -14.49
C3 CLA SE . -24.11 -62.08 -13.67
C4 CLA SE . -23.94 -63.52 -14.00
C5 CLA SE . -24.73 -61.76 -12.35
C10 WVN TE . -13.43 -65.89 -35.07
C11 WVN TE . -11.32 -63.53 -11.96
C12 WVN TE . -12.12 -66.44 -35.64
C13 WVN TE . -12.06 -65.06 -33.09
C14 WVN TE . -11.07 -66.72 -34.58
C01 WVN TE . -10.63 -63.78 -9.57
C02 WVN TE . -11.83 -63.74 -10.53
C03 WVN TE . -11.09 -64.20 -8.17
C04 WVN TE . -11.86 -65.53 -8.15
C05 WVN TE . -12.71 -64.98 -10.42
C06 WVN TE . -13.25 -64.78 -34.03
C07 WVN TE . -10.06 -62.37 -9.43
C08 WVN TE . -9.53 -64.72 -10.07
C09 WVN TE . -12.87 -65.63 -9.29
C15 WVN TE . -10.95 -65.54 -33.63
C16 WVN TE . -13.50 -65.47 -11.64
C17 WVN TE . -14.56 -64.66 -33.25
C18 WVN TE . -13.05 -63.46 -34.76
C19 WVN TE . -11.71 -62.46 -12.61
C20 WVN TE . -12.36 -65.45 -31.63
C21 WVN TE . -9.69 -64.68 -33.74
C22 WVN TE . -11.27 -62.13 -14.02
C23 WVN TE . -11.40 -65.75 -30.79
C24 WVN TE . -10.37 -60.92 -14.21
C25 WVN TE . -11.71 -66.14 -29.35
C26 WVN TE . -11.66 -62.84 -15.04
C27 WVN TE . -12.28 -67.51 -29.02
C28 WVN TE . -11.52 -65.23 -28.42
C29 WVN TE . -11.24 -62.45 -16.46
C30 WVN TE . -11.78 -65.48 -26.94
C31 WVN TE . -11.65 -63.18 -17.47
C32 WVN TE . -11.32 -62.78 -18.90
C33 WVN TE . -11.38 -64.60 -26.07
C34 WVN TE . -11.67 -64.83 -24.58
C35 WVN TE . -10.93 -61.35 -19.20
C36 WVN TE . -11.42 -63.67 -19.86
C37 WVN TE . -11.15 -64.01 -23.70
C38 WVN TE . -12.55 -66.01 -24.16
C39 WVN TE . -11.11 -63.33 -21.32
C40 WVN TE . -11.41 -64.24 -22.22
C10 WVN UE . -1.71 -56.05 -13.09
C11 WVN UE . -12.23 -42.65 -26.44
C12 WVN UE . -0.32 -55.45 -12.91
C13 WVN UE . -2.44 -54.01 -14.20
C14 WVN UE . -0.31 -53.92 -12.98
C01 WVN UE . -11.76 -41.03 -28.27
C02 WVN UE . -11.46 -42.43 -27.74
C03 WVN UE . -11.15 -40.75 -29.65
C04 WVN UE . -10.62 -41.96 -30.41
C05 WVN UE . -11.72 -43.48 -28.84
C06 WVN UE . -2.50 -55.52 -14.27
C07 WVN UE . -13.25 -40.77 -28.28
C08 WVN UE . -11.14 -40.01 -27.31
C09 WVN UE . -11.44 -43.20 -30.10
C15 WVN UE . -1.29 -53.39 -14.01
C16 WVN UE . -11.78 -44.95 -28.51
C17 WVN UE . -3.92 -56.04 -14.16
C18 WVN UE . -1.84 -56.08 -15.51
C19 WVN UE . -11.54 -43.16 -25.47
C20 WVN UE . -3.73 -53.23 -13.99
C21 WVN UE . -0.86 -52.23 -14.89
C22 WVN UE . -12.05 -43.47 -24.09
C23 WVN UE . -3.86 -52.45 -12.95
C24 WVN UE . -13.43 -43.07 -23.59
C25 WVN UE . -5.17 -51.69 -12.80
C26 WVN UE . -11.20 -44.14 -23.38
C27 WVN UE . -5.88 -51.67 -11.46
C28 WVN UE . -5.64 -51.06 -13.86
C29 WVN UE . -11.40 -44.60 -21.96
C30 WVN UE . -6.94 -50.31 -13.74
C31 WVN UE . -10.33 -45.19 -21.49
C32 WVN UE . -10.32 -45.71 -20.08
C33 WVN UE . -7.62 -49.56 -14.59
C34 WVN UE . -7.41 -49.15 -16.05
C35 WVN UE . -11.39 -45.21 -19.12
C36 WVN UE . -9.40 -46.56 -19.72
C37 WVN UE . -8.35 -48.38 -16.53
C38 WVN UE . -6.25 -49.54 -16.98
C39 WVN UE . -9.36 -47.11 -18.31
C40 WVN UE . -8.34 -47.84 -17.94
O1 LHG VE . -29.37 -50.86 -37.49
C1 LHG VE . -29.40 -51.26 -36.11
C2 LHG VE . -28.34 -52.33 -35.84
O2 LHG VE . -27.05 -51.74 -35.62
C3 LHG VE . -28.26 -53.30 -37.02
O3 LHG VE . -27.07 -54.06 -36.90
P LHG VE . -27.17 -55.52 -36.22
O4 LHG VE . -28.40 -56.20 -36.78
O5 LHG VE . -27.01 -55.35 -34.74
O6 LHG VE . -25.89 -56.29 -36.78
C4 LHG VE . -25.93 -57.72 -36.79
C5 LHG VE . -24.59 -58.32 -37.18
C6 LHG VE . -23.60 -57.24 -37.61
O7 LHG VE . -24.05 -59.08 -36.11
C7 LHG VE . -23.95 -60.48 -36.45
O9 LHG VE . -24.83 -60.99 -37.11
C8 LHG VE . -22.77 -61.31 -35.99
C9 LHG VE . -22.85 -62.68 -36.65
C10 LHG VE . -21.46 -63.29 -36.83
O8 LHG VE . -23.29 -57.41 -38.99
C23 LHG VE . -22.01 -57.99 -39.37
O10 LHG VE . -21.14 -58.13 -38.54
C24 LHG VE . -21.82 -58.42 -40.80
C11 LHG VE . -21.52 -64.81 -36.89
C12 LHG VE . -22.22 -65.39 -35.67
C13 LHG VE . -22.20 -66.91 -35.69
C14 LHG VE . -23.06 -67.49 -34.58
C15 LHG VE . -22.59 -68.88 -34.20
C16 LHG VE . -21.39 -68.83 -33.27
C17 LHG VE . -20.17 -69.54 -33.86
C18 LHG VE . -18.97 -69.32 -32.95
C19 LHG VE . -17.68 -69.89 -33.54
C20 LHG VE . -16.48 -69.28 -32.82
C21 LHG VE . -15.20 -69.46 -33.63
C22 LHG VE . -13.98 -69.24 -32.75
C25 LHG VE . -20.55 -59.24 -40.96
C26 LHG VE . -20.72 -60.17 -42.16
C27 LHG VE . -19.41 -60.81 -42.59
C28 LHG VE . -18.77 -61.55 -41.44
C29 LHG VE . -17.39 -62.05 -41.84
C30 LHG VE . -16.81 -62.93 -40.75
C31 LHG VE . -15.37 -63.30 -41.04
C32 LHG VE . -15.24 -63.97 -42.41
C33 LHG VE . -13.76 -64.05 -42.78
C34 LHG VE . -13.52 -64.81 -44.08
C35 LHG VE . -12.37 -64.18 -44.87
C36 LHG VE . -11.14 -63.94 -44.00
C37 LHG VE . -9.88 -63.75 -44.84
C38 LHG VE . -9.07 -65.03 -44.88
C10 WVN WE . -7.84 -30.13 -55.14
C11 WVN WE . 4.66 -21.43 -37.97
C12 WVN WE . -8.59 -28.87 -54.71
C13 WVN WE . -7.83 -30.42 -52.62
C14 WVN WE . -9.67 -29.20 -53.68
C01 WVN WE . 7.14 -21.47 -37.61
C02 WVN WE . 5.77 -21.48 -36.90
C03 WVN WE . 8.25 -22.04 -36.77
C04 WVN WE . 7.90 -23.48 -36.45
C05 WVN WE . 5.59 -22.66 -35.94
C06 WVN WE . -7.26 -30.91 -53.96
C07 WVN WE . 7.17 -22.11 -38.99
C08 WVN WE . 7.57 -20.07 -37.90
C09 WVN WE . 6.49 -23.62 -35.86
C15 WVN WE . -9.12 -30.09 -52.56
C16 WVN WE . 4.79 -22.45 -34.66
C17 WVN WE . -5.74 -30.70 -53.99
C18 WVN WE . -7.51 -32.40 -54.15
C19 WVN WE . 3.59 -22.18 -37.97
C20 WVN WE . -6.94 -30.47 -51.38
C21 WVN WE . -10.16 -31.03 -51.94
C22 WVN WE . 2.60 -22.03 -39.09
C23 WVN WE . -7.28 -29.86 -50.26
C24 WVN WE . 2.60 -20.72 -39.87
C25 WVN WE . -6.37 -29.96 -49.04
C26 WVN WE . 1.77 -23.01 -39.34
C27 WVN WE . -5.63 -31.28 -48.80
C28 WVN WE . -6.27 -28.95 -48.22
C29 WVN WE . 0.74 -23.03 -40.46
C30 WVN WE . -5.37 -28.98 -47.01
C31 WVN WE . -0.03 -24.09 -40.57
C32 WVN WE . -1.03 -24.20 -41.72
C33 WVN WE . -5.47 -28.02 -46.11
C34 WVN WE . -4.56 -27.97 -44.89
C35 WVN WE . -1.26 -23.01 -42.64
C36 WVN WE . -1.72 -25.32 -41.87
C37 WVN WE . -4.17 -26.80 -44.44
C38 WVN WE . -4.09 -29.25 -44.21
C39 WVN WE . -2.70 -25.48 -43.03
C40 WVN WE . -3.24 -26.65 -43.27
MG CLA XE . -24.76 -61.70 31.10
CHA CLA XE . -26.02 -59.19 29.06
CHB CLA XE . -27.11 -63.85 29.88
CHC CLA XE . -23.30 -64.25 32.84
CHD CLA XE . -21.90 -59.71 31.65
NA CLA XE . -26.29 -61.53 29.67
C1A CLA XE . -26.67 -60.40 28.94
C2A CLA XE . -27.86 -60.71 28.03
C3A CLA XE . -28.07 -62.24 28.24
C4A CLA XE . -27.09 -62.58 29.35
CMA CLA XE . -29.47 -62.60 28.64
CAA CLA XE . -27.67 -60.36 26.56
CBA CLA XE . -26.89 -61.38 25.77
CGA CLA XE . -27.10 -61.08 24.32
O1A CLA XE . -27.70 -61.74 23.46
O2A CLA XE . -26.54 -59.90 23.93
NB CLA XE . -25.09 -63.68 31.26
C1B CLA XE . -26.23 -64.29 30.89
C2B CLA XE . -26.48 -65.51 31.71
C3B CLA XE . -25.40 -65.63 32.55
C4B CLA XE . -24.51 -64.48 32.27
CMB CLA XE . -27.64 -66.38 31.52
CAB CLA XE . -25.09 -66.66 33.52
CBB CLA XE . -24.53 -67.83 33.25
NC CLA XE . -22.92 -61.93 32.04
C1C CLA XE . -22.54 -63.07 32.71
C2C CLA XE . -21.22 -62.88 33.30
C3C CLA XE . -20.79 -61.60 32.93
C4C CLA XE . -21.87 -61.02 32.14
CMC CLA XE . -20.54 -63.89 34.10
CAC CLA XE . -19.52 -60.97 33.28
CBC CLA XE . -19.66 -59.91 34.34
ND CLA XE . -24.05 -59.91 30.51
C1D CLA XE . -22.90 -59.16 30.90
C2D CLA XE . -23.03 -57.78 30.42
C3D CLA XE . -24.25 -57.70 29.78
C4D CLA XE . -24.81 -59.08 29.81
CMD CLA XE . -22.05 -56.74 30.70
CAD CLA XE . -25.18 -56.87 29.06
OBD CLA XE . -25.16 -55.65 28.90
CBD CLA XE . -26.30 -57.81 28.52
CGD CLA XE . -27.68 -57.35 28.90
O1D CLA XE . -28.59 -57.01 28.15
O2D CLA XE . -27.97 -57.34 30.22
CED CLA XE . -29.37 -57.22 30.51
C1 CLA XE . -26.06 -59.91 22.58
C2 CLA XE . -25.16 -58.75 22.42
C3 CLA XE . -24.51 -58.55 21.26
C4 CLA XE . -23.59 -57.41 21.04
C5 CLA XE . -24.72 -59.50 20.14
C6 CLA XE . -23.61 -59.44 19.11
MG CLA YE . -21.12 -58.31 48.63
CHA CLA YE . -22.87 -61.16 49.57
CHB CLA YE . -18.90 -58.85 51.17
CHC CLA YE . -19.89 -55.14 48.21
CHD CLA YE . -23.86 -57.44 46.51
NA CLA YE . -20.90 -59.80 50.07
C1A CLA YE . -21.72 -60.93 50.31
C2A CLA YE . -21.15 -61.77 51.45
C3A CLA YE . -19.79 -61.11 51.76
C4A CLA YE . -19.85 -59.82 50.94
CMA CLA YE . -19.63 -60.81 53.23
CAA CLA YE . -20.88 -63.23 51.08
CBA CLA YE . -19.94 -63.39 49.91
NB CLA YE . -19.69 -57.22 49.52
C1B CLA YE . -18.85 -57.61 50.50
C2B CLA YE . -17.85 -56.55 50.80
C3B CLA YE . -18.12 -55.50 49.96
C4B CLA YE . -19.28 -55.92 49.14
CMB CLA YE . -16.82 -56.68 51.84
CAB CLA YE . -17.49 -54.23 49.83
CBB CLA YE . -16.50 -53.92 48.98
NC CLA YE . -21.74 -56.65 47.53
C1C CLA YE . -21.04 -55.49 47.46
C2C CLA YE . -21.68 -54.57 46.56
C3C CLA YE . -22.85 -55.17 46.09
C4C CLA YE . -22.86 -56.50 46.70
CMC CLA YE . -21.14 -53.26 46.32
CAC CLA YE . -23.82 -54.61 45.15
CBC CLA YE . -23.46 -54.85 43.70
ND CLA YE . -22.89 -59.09 48.06
C1D CLA YE . -23.91 -58.64 47.16
C2D CLA YE . -24.95 -59.68 47.05
C3D CLA YE . -24.57 -60.67 47.93
C4D CLA YE . -23.32 -60.24 48.57
CMD CLA YE . -26.12 -59.60 46.18
CAD CLA YE . -24.91 -61.95 48.46
OBD CLA YE . -25.78 -62.71 48.12
CBD CLA YE . -23.92 -62.24 49.61
CGD CLA YE . -24.67 -62.27 50.92
O1D CLA YE . -25.44 -61.42 51.36
O2D CLA YE . -24.44 -63.38 51.67
CED CLA YE . -24.90 -64.64 51.16
C10 WVN ZE . -8.05 -67.95 57.93
C11 WVN ZE . -18.66 -54.32 42.38
C12 WVN ZE . -8.90 -68.92 58.75
C13 WVN ZE . -10.33 -67.10 57.22
C14 WVN ZE . -10.06 -68.17 59.41
C01 WVN ZE . -20.15 -54.44 40.31
C02 WVN ZE . -20.06 -54.08 41.81
C03 WVN ZE . -21.43 -53.92 39.68
C04 WVN ZE . -21.62 -52.42 39.85
C05 WVN ZE . -20.51 -52.64 42.04
C06 WVN ZE . -8.90 -67.41 56.78
C07 WVN ZE . -18.93 -53.98 39.53
C08 WVN ZE . -20.27 -55.93 40.24
C09 WVN ZE . -21.42 -52.05 41.32
C15 WVN ZE . -10.57 -67.02 58.54
C16 WVN ZE . -20.06 -51.92 43.30
C17 WVN ZE . -8.96 -68.49 55.70
C18 WVN ZE . -8.23 -66.17 56.19
C19 WVN ZE . -18.52 -55.09 43.45
C20 WVN ZE . -11.31 -66.52 56.19
C21 WVN ZE . -10.83 -65.69 59.26
C22 WVN ZE . -17.20 -55.39 44.14
C23 WVN ZE . -12.61 -66.46 56.36
C24 WVN ZE . -15.88 -55.07 43.46
C25 WVN ZE . -13.57 -65.87 55.33
C26 WVN ZE . -17.25 -55.95 45.32
C27 WVN ZE . -14.91 -66.57 55.08
C28 WVN ZE . -13.25 -64.78 54.69
C29 WVN ZE . -16.07 -56.33 46.20
C30 WVN ZE . -14.18 -64.17 53.64
C31 WVN ZE . -16.30 -57.32 47.02
C32 WVN ZE . -15.32 -57.91 48.03
C33 WVN ZE . -13.93 -62.95 53.20
C34 WVN ZE . -14.84 -62.30 52.16
C35 WVN ZE . -13.83 -57.63 47.95
C36 WVN ZE . -15.80 -58.70 48.96
C37 WVN ZE . -14.38 -61.30 51.44
C38 WVN ZE . -16.27 -62.79 52.00
C39 WVN ZE . -14.96 -59.39 50.03
C40 WVN ZE . -15.24 -60.62 50.38
NB KC2 AF . 9.43 42.91 28.36
ND KC2 AF . 12.70 40.62 27.57
C1A KC2 AF . 10.80 39.05 29.76
C1B KC2 AF . 8.42 42.60 29.17
C1C KC2 AF . 10.96 44.26 26.14
C1D KC2 AF . 13.71 40.71 26.66
C2A KC2 AF . 9.85 38.34 30.62
C2B KC2 AF . 7.29 43.54 29.10
C2C KC2 AF . 11.67 44.80 24.99
C2D KC2 AF . 14.49 39.46 26.72
C3A KC2 AF . 8.77 39.29 30.83
C3B KC2 AF . 7.74 44.51 28.13
C3C KC2 AF . 12.84 43.93 24.80
C3D KC2 AF . 13.85 38.63 27.75
C4A KC2 AF . 9.17 40.46 30.03
C4B KC2 AF . 9.07 44.01 27.71
C4C KC2 AF . 12.66 42.93 25.89
C4D KC2 AF . 12.76 39.37 28.23
CAA KC2 AF . 9.92 37.03 31.28
CAB KC2 AF . 7.16 45.71 27.52
CAC KC2 AF . 13.88 44.11 23.73
CAD KC2 AF . 13.93 37.30 28.43
CBA KC2 AF . 10.50 36.96 32.44
CBB KC2 AF . 6.58 46.63 28.27
CBC KC2 AF . 13.49 43.30 22.54
CBD KC2 AF . 12.78 37.24 29.30
CED KC2 AF . 10.63 35.06 27.14
CGA KC2 AF . 11.24 38.16 32.90
CGD KC2 AF . 11.98 36.09 28.82
CHA KC2 AF . 12.08 38.55 29.25
CHB KC2 AF . 8.19 41.55 30.11
CHC KC2 AF . 9.73 44.81 26.69
CHD KC2 AF . 13.77 41.95 25.86
CMA KC2 AF . 7.50 39.17 31.64
CMB KC2 AF . 6.01 43.48 29.89
CMC KC2 AF . 11.21 46.02 24.25
CMD KC2 AF . 15.66 39.31 25.81
NA KC2 AF . 10.34 40.39 29.38
NC KC2 AF . 11.45 43.19 26.72
O1A KC2 AF . 12.39 38.35 32.49
O1D KC2 AF . 12.22 34.95 29.16
O2A KC2 AF . 10.59 39.04 33.52
O2D KC2 AF . 11.26 36.24 27.60
OBD KC2 AF . 14.96 36.58 28.13
MG KC2 AF . 11.16 41.84 28.20
MG CLA BF . 0.33 57.95 8.37
CHA CLA BF . 0.73 60.23 10.95
CHB CLA BF . -0.27 60.57 6.29
CHC CLA BF . 1.07 55.96 5.67
CHD CLA BF . 1.43 55.37 10.51
NA CLA BF . 0.15 60.01 8.62
C1A CLA BF . 0.35 60.79 9.76
C2A CLA BF . 0.04 62.26 9.44
C3A CLA BF . -0.84 62.11 8.20
C4A CLA BF . -0.28 60.82 7.63
CMA CLA BF . -2.29 61.94 8.57
CAA CLA BF . 1.26 63.01 8.94
CBA CLA BF . 1.70 64.13 9.85
CGA CLA BF . 3.10 63.74 10.16
O1A CLA BF . 3.44 62.67 10.64
O2A CLA BF . 4.01 64.70 9.82
NB CLA BF . 0.34 58.21 6.38
C1B CLA BF . 0.19 59.38 5.74
C2B CLA BF . 0.53 59.25 4.32
C3B CLA BF . 0.92 57.94 4.12
C4B CLA BF . 0.78 57.26 5.43
CMB CLA BF . 0.42 60.38 3.43
CAB CLA BF . 1.36 57.26 2.93
CBB CLA BF . 2.63 56.96 2.64
NC CLA BF . 1.01 55.99 8.15
C1C CLA BF . 1.16 55.36 6.95
C2C CLA BF . 1.52 53.97 7.14
C3C CLA BF . 1.69 53.81 8.52
C4C CLA BF . 1.33 55.08 9.14
CMC CLA BF . 1.73 53.03 6.04
CAC CLA BF . 1.99 52.56 9.22
CBC CLA BF . 0.76 51.72 9.34
ND CLA BF . 0.86 57.75 10.31
C1D CLA BF . 1.28 56.62 11.06
C2D CLA BF . 1.48 57.07 12.45
C3D CLA BF . 1.29 58.43 12.47
C4D CLA BF . 0.92 58.81 11.10
CMD CLA BF . 1.90 56.21 13.54
CAD CLA BF . 1.26 59.62 13.29
OBD CLA BF . 1.40 59.74 14.50
CBD CLA BF . 1.02 60.81 12.31
CGD CLA BF . -0.04 61.76 12.78
O1D CLA BF . 0.01 63.00 12.84
O2D CLA BF . -1.17 61.18 13.21
CED CLA BF . -2.13 62.17 13.54
C1 CLA BF . 5.29 64.72 10.49
C2 CLA BF . 6.17 63.73 9.84
C3 CLA BF . 6.82 62.81 10.56
C4 CLA BF . 6.68 62.76 12.03
C5 CLA BF . 7.71 61.79 9.94
C6 CLA BF . 9.12 61.86 10.48
C7 CLA BF . 9.74 60.48 10.54
C8 CLA BF . 11.26 60.55 10.44
C9 CLA BF . 11.74 59.93 9.14
C10 CLA BF . 11.97 59.89 11.61
C11 CLA BF . 11.07 59.59 12.79
C12 CLA BF . 11.43 60.36 14.04
C13 CLA BF . 10.15 60.70 14.79
C14 CLA BF . 9.60 62.02 14.32
C15 CLA BF . 10.32 60.73 16.30
C16 CLA BF . 9.17 61.50 16.90
C17 CLA BF . 9.05 61.29 18.39
C18 CLA BF . 7.85 62.03 18.97
C19 CLA BF . 6.55 61.33 18.60
C20 CLA BF . 7.97 62.13 20.47
MG CLA CF . -0.31 48.19 17.23
CHA CLA CF . -2.87 46.62 18.94
CHB CLA CF . 1.37 48.61 20.17
CHC CLA CF . 2.49 49.14 15.49
CHD CLA CF . -1.84 47.26 14.18
NA CLA CF . -0.69 47.67 19.21
C1A CLA CF . -1.83 47.02 19.73
C2A CLA CF . -1.73 46.86 21.24
C3A CLA CF . -0.46 47.65 21.59
C4A CLA CF . 0.13 47.99 20.24
CMA CLA CF . -0.80 48.86 22.41
CAA CLA CF . -1.67 45.43 21.75
CBA CLA CF . -2.74 45.31 22.81
CGA CLA CF . -2.64 44.00 23.52
O1A CLA CF . -2.80 42.91 23.06
O2A CLA CF . -2.29 44.09 24.83
NB CLA CF . 1.57 48.75 17.74
C1B CLA CF . 2.01 48.98 18.99
C2B CLA CF . 3.29 49.75 18.96
C3B CLA CF . 3.62 49.91 17.63
C4B CLA CF . 2.53 49.26 16.84
CMB CLA CF . 3.97 50.12 20.20
CAB CLA CF . 4.76 50.48 16.96
CBB CLA CF . 6.04 50.50 17.36
NC CLA CF . 0.23 48.14 15.21
C1C CLA CF . 1.43 48.58 14.72
C2C CLA CF . 1.46 48.44 13.27
C3C CLA CF . 0.23 47.93 12.89
C4C CLA CF . -0.54 47.77 14.11
CMC CLA CF . 2.59 48.77 12.43
CAC CLA CF . -0.25 47.61 11.53
CBC CLA CF . -0.98 48.75 10.88
ND CLA CF . -1.86 47.06 16.63
C1D CLA CF . -2.46 46.93 15.36
C2D CLA CF . -3.80 46.37 15.54
C3D CLA CF . -4.00 46.21 16.87
C4D CLA CF . -2.78 46.67 17.51
CMD CLA CF . -4.70 46.07 14.47
CAD CLA CF . -4.92 45.76 17.89
OBD CLA CF . -6.01 45.22 17.73
CBD CLA CF . -4.27 46.10 19.24
CGD CLA CF . -5.16 47.09 19.93
O1D CLA CF . -6.31 47.42 19.63
O2D CLA CF . -4.66 47.71 21.01
CED CLA CF . -4.50 49.11 20.85
C1 CLA CF . -1.44 43.02 25.29
C2 CLA CF . -0.85 43.54 26.54
C3 CLA CF . 0.18 42.96 27.17
C4 CLA CF . 0.84 41.73 26.69
C5 CLA CF . 0.71 43.56 28.43
C6 CLA CF . 2.13 44.09 28.28
C7 CLA CF . 2.38 45.31 29.15
C8 CLA CF . 1.84 45.16 30.57
C9 CLA CF . 0.87 46.29 30.90
C10 CLA CF . 2.99 45.10 31.59
C11 CLA CF . 2.43 45.07 32.99
C12 CLA CF . 3.48 44.81 34.02
C13 CLA CF . 4.09 43.42 33.87
C14 CLA CF . 3.08 42.38 34.27
C15 CLA CF . 5.35 43.26 34.72
C16 CLA CF . 6.15 44.55 34.91
C17 CLA CF . 7.31 44.47 35.87
C18 CLA CF . 6.88 44.01 37.25
C19 CLA CF . 7.54 42.68 37.59
C20 CLA CF . 7.19 45.04 38.29
NB KC2 DF . 13.48 48.69 25.34
ND KC2 DF . 16.93 47.94 23.31
C1A KC2 DF . 16.59 45.65 25.71
C1B KC2 DF . 13.03 48.05 26.41
C1C KC2 DF . 13.59 50.61 22.99
C1D KC2 DF . 17.51 48.51 22.21
C2A KC2 DF . 16.39 44.62 26.76
C2B KC2 DF . 11.68 48.47 26.80
C2C KC2 DF . 13.68 51.50 21.84
C2D KC2 DF . 18.68 47.68 21.85
C3A KC2 DF . 15.18 45.10 27.42
C3B KC2 DF . 11.32 49.49 25.81
C3C KC2 DF . 15.00 51.24 21.22
C3D KC2 DF . 18.73 46.57 22.83
C4A KC2 DF . 14.80 46.36 26.72
C4B KC2 DF . 12.53 49.55 24.95
C4C KC2 DF . 15.54 50.18 22.13
C4D KC2 DF . 17.65 46.79 23.70
CAA KC2 DF . 17.10 43.40 27.15
CAB KC2 DF . 10.17 50.38 25.53
CAC KC2 DF . 15.54 51.92 20.00
CAD KC2 DF . 19.50 45.35 23.26
CBA KC2 DF . 18.20 43.24 27.86
CBB KC2 DF . 8.94 50.11 25.91
CBC KC2 DF . 15.79 53.39 20.19
CBD KC2 DF . 18.77 44.81 24.39
CED KC2 DF . 16.66 41.85 23.32
CGA KC2 DF . 18.42 41.88 28.33
CGD KC2 DF . 18.36 43.43 24.01
CHA KC2 DF . 17.66 45.71 24.71
CHB KC2 DF . 13.60 47.00 27.23
CHC KC2 DF . 12.45 50.54 23.89
CHD KC2 DF . 16.89 49.75 21.69
CMA KC2 DF . 14.45 44.49 28.59
CMB KC2 DF . 10.86 47.95 27.95
CMC KC2 DF . 12.58 52.46 21.43
CMD KC2 DF . 19.48 48.10 20.64
NA KC2 DF . 15.59 46.73 25.70
NC KC2 DF . 14.61 49.81 23.24
O1A KC2 DF . 17.41 41.19 28.60
O1D KC2 DF . 18.89 42.48 24.52
O2A KC2 DF . 19.55 41.64 28.80
O2D KC2 DF . 17.11 43.20 23.37
OBD KC2 DF . 20.65 45.19 22.70
MG KC2 DF . 15.33 48.40 24.51
C10 WVN EF . 6.62 45.13 19.19
C11 WVN EF . -0.97 56.01 36.99
C12 WVN EF . 6.07 46.52 19.53
C13 WVN EF . 4.32 44.41 20.01
C14 WVN EF . 4.67 46.59 18.95
C01 WVN EF . -2.96 56.67 38.47
C02 WVN EF . -1.71 55.78 38.29
C03 WVN EF . -3.09 57.16 39.89
C04 WVN EF . -2.68 56.14 40.95
C05 WVN EF . -0.74 55.90 39.46
C06 WVN EF . 5.82 44.11 19.98
C07 WVN EF . -2.92 57.93 37.60
C08 WVN EF . -4.20 55.87 38.11
C09 WVN EF . -1.22 55.79 40.69
C15 WVN EF . 3.90 45.28 19.11
C16 WVN EF . 0.77 55.88 39.22
C17 WVN EF . 6.34 44.24 21.38
C18 WVN EF . 6.10 42.70 19.46
C19 WVN EF . -1.11 55.03 36.15
C20 WVN EF . 3.56 44.28 21.33
C21 WVN EF . 2.67 45.03 18.28
C22 WVN EF . -0.43 55.07 34.83
C23 WVN EF . 2.85 45.27 21.79
C24 WVN EF . 0.36 56.27 34.35
C25 WVN EF . 2.12 45.17 23.11
C26 WVN EF . -0.56 53.96 34.15
C27 WVN EF . 1.75 43.81 23.67
C28 WVN EF . 1.79 46.29 23.67
C29 WVN EF . 0.06 53.72 32.80
C30 WVN EF . 1.04 46.44 24.97
C31 WVN EF . -0.51 52.78 32.12
C32 WVN EF . 0.05 52.39 30.78
C33 WVN EF . 0.93 47.67 25.38
C34 WVN EF . 0.23 48.03 26.66
C35 WVN EF . 1.03 53.32 30.07
C36 WVN EF . -0.30 51.24 30.28
C37 WVN EF . 0.54 49.17 27.23
C38 WVN EF . -0.78 47.09 27.28
C39 WVN EF . 0.26 50.78 28.97
C40 WVN EF . -0.07 49.60 28.55
MG CLA FF . -12.86 33.10 57.17
CHA CLA FF . -14.41 35.32 55.04
CHB CLA FF . -14.56 30.52 55.65
CHC CLA FF . -10.69 30.79 58.54
CHD CLA FF . -10.61 35.68 58.11
NA CLA FF . -14.25 32.96 55.62
C1A CLA FF . -14.77 34.01 54.85
C2A CLA FF . -15.77 33.47 53.82
C3A CLA FF . -15.99 32.02 54.24
C4A CLA FF . -14.85 31.79 55.21
CMA CLA FF . -17.36 31.79 54.82
CAA CLA FF . -15.11 33.40 52.45
CBA CLA FF . -15.43 34.56 51.56
CGA CLA FF . -14.18 35.31 51.26
O1A CLA FF . -14.03 36.51 51.03
O2A CLA FF . -13.11 34.48 51.22
NB CLA FF . -12.70 31.09 57.14
C1B CLA FF . -13.53 30.21 56.53
C2B CLA FF . -13.19 28.81 56.90
C3B CLA FF . -12.09 28.87 57.73
C4B CLA FF . -11.77 30.31 57.88
CMB CLA FF . -13.95 27.70 56.31
CAB CLA FF . -11.23 27.90 58.35
CBB CLA FF . -11.23 26.56 58.26
NC CLA FF . -11.02 33.22 58.15
C1C CLA FF . -10.34 32.16 58.66
C2C CLA FF . -9.13 32.59 59.32
C3C CLA FF . -9.09 33.97 59.16
C4C CLA FF . -10.28 34.36 58.44
CMC CLA FF . -8.16 31.70 59.96
CAC CLA FF . -8.04 34.86 59.63
CBC CLA FF . -8.29 35.30 61.04
ND CLA FF . -12.48 35.03 56.68
C1D CLA FF . -11.65 36.01 57.28
C2D CLA FF . -12.10 37.36 56.85
C3D CLA FF . -13.16 37.15 56.01
C4D CLA FF . -13.35 35.69 55.92
CMD CLA FF . -11.47 38.59 57.27
CAD CLA FF . -14.15 37.77 55.15
OBD CLA FF . -14.35 38.95 54.90
CBD CLA FF . -15.00 36.61 54.56
CGD CLA FF . -16.39 36.69 55.11
O1D CLA FF . -16.71 36.57 56.28
O2D CLA FF . -17.38 36.94 54.25
CED CLA FF . -18.20 38.00 54.72
C1 CLA FF . -11.82 35.10 51.17
C2 CLA FF . -10.91 34.02 50.76
C3 CLA FF . -9.62 34.22 50.49
C4 CLA FF . -9.00 35.57 50.58
C5 CLA FF . -8.77 33.08 50.08
C6 CLA FF . -7.39 33.15 50.67
C7 CLA FF . -6.76 31.78 50.68
C8 CLA FF . -7.21 31.00 51.89
C9 CLA FF . -6.75 31.69 53.16
C10 CLA FF . -6.68 29.58 51.77
C11 CLA FF . -6.73 28.82 53.08
C12 CLA FF . -6.60 27.33 52.87
C13 CLA FF . -6.57 26.71 54.25
C14 CLA FF . -5.14 26.64 54.76
C15 CLA FF . -7.35 25.40 54.29
C16 CLA FF . -6.49 24.15 54.28
C17 CLA FF . -7.18 23.03 55.01
C18 CLA FF . -6.30 21.80 55.17
C19 CLA FF . -5.72 21.33 53.85
C20 CLA FF . -7.04 20.68 55.84
C10 WVN GF . -9.68 46.19 53.89
C11 WVN GF . -11.96 23.13 54.69
C12 WVN GF . -9.62 46.12 52.37
C13 WVN GF . -8.13 44.22 53.70
C14 WVN GF . -8.18 45.93 51.94
C01 WVN GF . -11.50 20.59 54.94
C02 WVN GF . -11.60 21.96 55.62
C03 WVN GF . -12.88 20.09 54.51
C04 WVN GF . -13.85 20.04 55.69
C05 WVN GF . -12.65 21.89 56.72
C06 WVN GF . -9.25 44.87 54.51
C07 WVN GF . -10.64 20.63 53.69
C08 WVN GF . -10.83 19.58 55.87
C09 WVN GF . -13.83 21.37 56.45
C15 WVN GF . -7.46 44.89 52.78
C16 WVN GF . -12.45 22.65 58.04
C17 WVN GF . -8.77 45.13 55.93
C18 WVN GF . -10.48 43.97 54.57
C19 WVN GF . -11.42 24.30 54.96
C20 WVN GF . -8.02 42.69 53.73
C21 WVN GF . -5.94 44.95 52.88
C22 WVN GF . -11.65 25.60 54.18
C23 WVN GF . -7.32 42.15 54.70
C24 WVN GF . -12.70 25.67 53.07
C25 WVN GF . -7.18 40.65 54.84
C26 WVN GF . -10.97 26.66 54.53
C27 WVN GF . -5.79 40.02 54.90
C28 WVN GF . -8.28 39.94 54.89
C29 WVN GF . -11.15 28.03 53.88
C30 WVN GF . -8.21 38.45 55.07
C31 WVN GF . -10.59 29.06 54.49
C32 WVN GF . -10.71 30.49 54.00
C33 WVN GF . -8.90 37.60 54.37
C34 WVN GF . -8.70 36.13 54.76
C35 WVN GF . -11.55 30.83 52.79
C36 WVN GF . -10.09 31.44 54.65
C37 WVN GF . -9.59 35.25 54.41
C38 WVN GF . -7.49 35.73 55.59
C39 WVN GF . -10.21 32.90 54.23
C40 WVN GF . -9.44 33.80 54.80
C1 LMG HF . 19.54 20.17 18.81
O1 LMG HF . 18.30 20.84 18.56
C2 LMG HF . 19.97 19.33 17.62
O2 LMG HF . 19.01 18.32 17.31
C3 LMG HF . 21.35 18.71 17.88
O3 LMG HF . 21.81 18.15 16.65
C4 LMG HF . 22.37 19.74 18.35
O4 LMG HF . 22.79 20.57 17.26
C5 LMG HF . 21.81 20.62 19.48
O5 LMG HF . 23.91 21.24 20.49
C6 LMG HF . 22.75 21.76 19.83
O6 LMG HF . 20.55 21.16 19.07
C7 LMG HF . 18.01 21.67 19.69
C8 LMG HF . 17.32 22.98 19.32
C9 LMG HF . 18.03 23.74 18.21
O7 LMG HF . 15.96 22.78 18.93
C10 LMG HF . 15.08 23.48 19.86
O9 LMG HF . 15.50 23.92 20.89
C11 LMG HF . 13.63 23.66 19.58
C12 LMG HF . 13.22 25.01 20.13
C13 LMG HF . 12.69 25.88 19.01
C14 LMG HF . 11.33 26.40 19.42
C15 LMG HF . 10.29 25.32 19.66
C16 LMG HF . 8.88 25.89 19.70
C17 LMG HF . 8.79 27.04 20.69
C18 LMG HF . 7.99 28.19 20.11
C19 LMG HF . 6.53 27.85 19.96
C20 LMG HF . 5.70 29.12 19.84
C21 LMG HF . 4.24 28.84 19.55
C22 LMG HF . 3.69 27.71 20.42
C23 LMG HF . 2.29 27.31 20.01
C24 LMG HF . 2.26 26.72 18.60
C25 LMG HF . 3.22 25.53 18.42
C26 LMG HF . 3.77 25.48 16.99
C27 LMG HF . 4.93 26.43 16.76
O8 LMG HF . 16.98 24.37 17.47
C28 LMG HF . 16.84 25.82 17.51
O10 LMG HF . 17.52 26.46 18.28
C29 LMG HF . 15.87 26.52 16.60
C30 LMG HF . 15.38 27.83 17.18
C31 LMG HF . 14.66 28.59 16.08
C32 LMG HF . 13.70 29.63 16.62
C33 LMG HF . 12.97 30.30 15.46
C34 LMG HF . 11.89 31.20 16.00
C35 LMG HF . 10.71 31.24 15.03
C36 LMG HF . 9.47 31.84 15.69
C37 LMG HF . 9.01 30.95 16.83
C38 LMG HF . 8.55 29.58 16.34
MG CLA IF . 0.23 66.20 18.84
CHA CLA IF . -3.22 66.50 18.57
CHB CLA IF . -0.03 66.37 22.22
CHC CLA IF . 3.49 65.14 19.14
CHD CLA IF . 0.38 65.58 15.36
NA CLA IF . -1.37 66.41 20.16
C1A CLA IF . -2.73 66.53 19.86
C2A CLA IF . -3.54 66.69 21.14
C3A CLA IF . -2.46 67.03 22.18
C4A CLA IF . -1.19 66.54 21.50
CMA CLA IF . -2.36 68.51 22.40
CAA CLA IF . -4.37 65.46 21.51
CBA CLA IF . -3.66 64.15 21.72
CGA CLA IF . -3.46 63.38 20.44
O1A CLA IF . -4.23 63.28 19.50
O2A CLA IF . -2.25 62.76 20.35
NB CLA IF . 1.48 65.82 20.38
C1B CLA IF . 1.19 65.96 21.69
C2B CLA IF . 2.37 65.62 22.53
C3B CLA IF . 3.38 65.27 21.65
C4B CLA IF . 2.82 65.40 20.28
CMB CLA IF . 2.35 65.69 23.98
CAB CLA IF . 4.73 64.84 21.90
CBB CLA IF . 5.08 63.60 22.17
NC CLA IF . 1.67 65.54 17.48
C1C CLA IF . 2.96 65.22 17.82
C2C CLA IF . 3.74 64.90 16.65
C3C CLA IF . 2.84 64.94 15.58
C4C CLA IF . 1.55 65.36 16.11
CMC CLA IF . 5.16 64.54 16.70
CAC CLA IF . 3.15 64.71 14.17
CBC CLA IF . 3.27 63.25 13.86
ND CLA IF . -1.05 66.06 17.28
C1D CLA IF . -0.85 65.90 15.88
C2D CLA IF . -2.13 66.12 15.18
C3D CLA IF . -3.08 66.34 16.17
C4D CLA IF . -2.35 66.29 17.45
CMD CLA IF . -2.30 66.06 13.74
CAD CLA IF . -4.46 66.65 16.46
OBD CLA IF . -5.39 66.85 15.70
CBD CLA IF . -4.61 66.71 18.01
CGD CLA IF . -5.24 68.00 18.44
O1D CLA IF . -6.42 68.22 18.69
O2D CLA IF . -4.39 69.04 18.58
CED CLA IF . -4.60 69.80 19.76
C1 CLA IF . -1.65 62.77 19.04
C2 CLA IF . -0.22 62.39 19.15
C3 CLA IF . 0.53 62.05 18.10
C4 CLA IF . 0.00 62.03 16.71
C5 CLA IF . 1.96 61.69 18.26
C6 CLA IF . 2.20 60.20 18.35
MG CLA JF . -3.68 -26.06 72.42
CHA CLA JF . -3.05 -22.76 73.31
CHB CLA JF . -2.57 -27.04 75.51
CHC CLA JF . -5.31 -29.07 72.05
CHD CLA JF . -5.44 -24.85 69.59
NA CLA JF . -2.88 -25.06 74.07
C1A CLA JF . -2.74 -23.68 74.28
C2A CLA JF . -2.07 -23.40 75.63
C3A CLA JF . -1.55 -24.80 76.04
C4A CLA JF . -2.41 -25.72 75.17
CMA CLA JF . -0.09 -24.95 75.73
CAA CLA JF . -2.98 -22.84 76.74
CBA CLA JF . -4.45 -22.79 76.45
CGA CLA JF . -5.15 -24.04 76.87
O1A CLA JF . -4.83 -24.85 77.75
O2A CLA JF . -6.28 -24.28 76.15
NB CLA JF . -3.91 -27.70 73.57
C1B CLA JF . -3.32 -27.94 74.76
C2B CLA JF . -3.56 -29.35 75.19
C3B CLA JF . -4.33 -29.93 74.21
C4B CLA JF . -4.56 -28.89 73.18
CMB CLA JF . -3.04 -29.90 76.45
CAB CLA JF . -4.87 -31.26 74.11
CBB CLA JF . -4.29 -32.27 73.45
NC CLA JF . -5.03 -26.83 71.03
C1C CLA JF . -5.51 -28.11 71.05
C2C CLA JF . -6.38 -28.34 69.91
C3C CLA JF . -6.50 -27.13 69.25
C4C CLA JF . -5.64 -26.19 69.95
CMC CLA JF . -7.05 -29.62 69.63
CAC CLA JF . -7.32 -26.88 68.05
CBC CLA JF . -6.51 -26.74 66.78
ND CLA JF . -4.06 -24.29 71.53
C1D CLA JF . -4.70 -23.95 70.32
C2D CLA JF . -4.47 -22.53 70.03
C3D CLA JF . -3.84 -22.01 71.15
C4D CLA JF . -3.65 -23.15 72.08
CMD CLA JF . -4.89 -21.89 68.78
CAD CLA JF . -3.23 -20.85 71.77
OBD CLA JF . -3.01 -19.74 71.32
CBD CLA JF . -2.84 -21.26 73.22
CGD CLA JF . -1.43 -20.84 73.53
O1D CLA JF . -1.07 -19.86 74.17
O2D CLA JF . -0.48 -21.69 73.05
CED CLA JF . 0.74 -21.81 73.77
C1 CLA JF . -6.17 -25.23 75.08
C2 CLA JF . -6.83 -24.62 73.90
C3 CLA JF . -7.74 -25.32 73.22
C4 CLA JF . -8.13 -26.69 73.60
C5 CLA JF . -8.42 -24.72 72.04
C6 CLA JF . -9.43 -25.67 71.41
MG CLA KF . -3.27 -15.94 62.25
CHA CLA KF . -0.47 -17.79 62.91
CHB CLA KF . -1.95 -15.30 59.12
CHC CLA KF . -6.35 -14.99 61.14
CHD CLA KF . -4.88 -17.62 64.97
NA CLA KF . -1.49 -16.40 61.25
C1A CLA KF . -0.45 -17.21 61.69
C2A CLA KF . 0.68 -17.30 60.66
C3A CLA KF . 0.33 -16.15 59.72
C4A CLA KF . -1.14 -15.93 60.02
CMA CLA KF . 1.20 -14.95 60.00
CAA CLA KF . 0.72 -18.64 59.93
CBA CLA KF . 0.51 -18.53 58.44
CGA CLA KF . -0.76 -19.22 58.11
O1A CLA KF . -1.17 -20.23 58.63
O2A CLA KF . -1.57 -18.62 57.20
NB CLA KF . -4.01 -15.34 60.47
C1B CLA KF . -3.30 -15.05 59.36
C2B CLA KF . -4.14 -14.32 58.39
C3B CLA KF . -5.39 -14.23 58.94
C4B CLA KF . -5.32 -14.86 60.28
CMB CLA KF . -3.61 -13.88 57.11
CAB CLA KF . -6.61 -13.65 58.47
CBB CLA KF . -7.17 -13.82 57.28
NC CLA KF . -5.22 -16.13 63.01
C1C CLA KF . -6.30 -15.55 62.45
C2C CLA KF . -7.47 -15.74 63.25
C3C CLA KF . -7.13 -16.64 64.26
C4C CLA KF . -5.70 -16.88 64.10
CMC CLA KF . -8.77 -15.17 62.95
CAC CLA KF . -8.10 -17.11 65.28
CBC CLA KF . -7.83 -16.74 66.72
ND CLA KF . -2.80 -17.19 63.75
C1D CLA KF . -3.53 -17.77 64.80
C2D CLA KF . -2.60 -18.50 65.67
C3D CLA KF . -1.38 -18.46 65.05
C4D CLA KF . -1.59 -17.72 63.80
CMD CLA KF . -3.03 -19.09 66.92
CAD CLA KF . 0.02 -18.84 65.06
OBD CLA KF . 0.73 -19.29 65.94
CBD CLA KF . 0.57 -18.57 63.65
CGD CLA KF . 1.86 -17.84 63.78
O1D CLA KF . 2.87 -18.36 64.17
O2D CLA KF . 1.95 -16.52 63.48
CED CLA KF . 3.23 -16.06 63.02
C1 CLA KF . -2.92 -18.38 57.66
C2 CLA KF . -3.83 -18.30 56.50
C3 CLA KF . -5.16 -18.10 56.62
C4 CLA KF . -5.82 -17.91 57.92
C5 CLA KF . -6.04 -18.04 55.43
MG CLA LF . -9.45 -12.00 52.55
CHA CLA LF . -6.28 -11.58 51.11
CHB CLA LF . -8.30 -14.92 53.96
CHC CLA LF . -11.96 -11.89 54.90
CHD CLA LF . -10.00 -8.57 51.89
NA CLA LF . -7.65 -13.07 52.46
C1A CLA LF . -6.45 -12.72 51.84
C2A CLA LF . -5.39 -13.80 52.05
C3A CLA LF . -6.20 -14.98 52.59
C4A CLA LF . -7.48 -14.29 53.07
CMA CLA LF . -6.50 -16.00 51.53
CAA CLA LF . -4.44 -13.31 53.11
CBA CLA LF . -3.37 -14.34 53.41
CGA CLA LF . -2.52 -14.51 52.19
O1A CLA LF . -1.76 -13.71 51.64
O2A CLA LF . -2.64 -15.78 51.69
NB CLA LF . -9.97 -13.13 54.16
C1B CLA LF . -9.48 -14.37 54.43
C2B CLA LF . -10.40 -15.12 55.31
C3B CLA LF . -11.46 -14.27 55.59
C4B CLA LF . -11.19 -13.01 54.86
CMB CLA LF . -10.08 -16.48 55.76
CAB CLA LF . -12.62 -14.45 56.42
CBB CLA LF . -13.37 -15.55 56.51
NC CLA LF . -10.82 -10.54 53.17
C1C CLA LF . -11.80 -10.74 54.09
C2C CLA LF . -12.60 -9.55 54.26
C3C CLA LF . -11.98 -8.55 53.51
C4C CLA LF . -10.86 -9.18 52.81
CMC CLA LF . -13.75 -9.46 55.15
CAC CLA LF . -12.42 -7.14 53.44
CBC CLA LF . -12.72 -6.52 52.10
ND CLA LF . -8.57 -10.50 51.52
C1D CLA LF . -8.95 -9.16 51.26
C2D CLA LF . -8.02 -8.57 50.26
C3D CLA LF . -7.00 -9.48 50.15
C4D CLA LF . -7.33 -10.62 51.02
CMD CLA LF . -8.21 -7.29 49.60
CAD CLA LF . -5.74 -9.81 49.50
OBD CLA LF . -5.21 -9.26 48.55
CBD CLA LF . -5.16 -11.04 50.24
CGD CLA LF . -4.67 -12.07 49.25
O1D CLA LF . -3.58 -12.65 49.23
O2D CLA LF . -5.58 -12.35 48.28
CED CLA LF . -5.93 -13.71 48.06
C1 CLA LF . -1.75 -16.18 50.63
C2 CLA LF . -2.57 -16.25 49.39
C3 CLA LF . -3.44 -17.24 49.09
C4 CLA LF . -3.71 -18.39 49.98
C5 CLA LF . -4.20 -17.21 47.81
C6 CLA LF . -5.54 -17.90 47.93
MG CLA MF . -18.10 3.86 61.07
CHA CLA MF . -20.69 5.90 60.04
CHB CLA MF . -17.66 2.87 57.79
CHC CLA MF . -15.02 2.52 61.83
CHD CLA MF . -18.07 5.55 64.18
NA CLA MF . -19.02 4.31 59.25
C1A CLA MF . -20.10 5.16 59.04
C2A CLA MF . -20.45 5.26 57.57
C3A CLA MF . -19.62 4.14 56.91
C4A CLA MF . -18.68 3.74 58.05
CMA CLA MF . -20.46 3.00 56.42
CAA CLA MF . -20.03 6.62 57.04
CBA CLA MF . -18.60 7.08 57.30
CGA CLA MF . -18.42 7.83 58.58
O1A CLA MF . -18.95 8.88 58.97
O2A CLA MF . -17.53 7.20 59.42
NB CLA MF . -16.66 2.89 60.04
C1B CLA MF . -16.74 2.47 58.76
C2B CLA MF . -15.65 1.53 58.46
C3B CLA MF . -14.88 1.41 59.60
C4B CLA MF . -15.52 2.29 60.60
CMB CLA MF . -15.49 0.99 57.12
CAB CLA MF . -13.69 0.68 59.88
CBB CLA MF . -13.43 -0.57 59.51
NC CLA MF . -16.81 4.00 62.71
C1C CLA MF . -15.62 3.33 62.82
C2C CLA MF . -14.99 3.58 64.10
C3C CLA MF . -15.82 4.48 64.78
C4C CLA MF . -16.98 4.71 63.90
CMC CLA MF . -13.72 3.03 64.53
CAC CLA MF . -15.57 5.01 66.12
CBC CLA MF . -15.01 6.41 66.17
ND CLA MF . -19.07 5.40 61.95
C1D CLA MF . -19.06 5.89 63.28
C2D CLA MF . -20.22 6.79 63.46
C3D CLA MF . -20.87 6.84 62.25
C4D CLA MF . -20.11 5.96 61.35
CMD CLA MF . -20.53 7.48 64.71
CAD CLA MF . -21.96 7.40 61.47
OBD CLA MF . -22.81 8.21 61.76
CBD CLA MF . -21.90 6.79 60.04
CGD CLA MF . -23.19 6.09 59.70
O1D CLA MF . -24.17 6.57 59.12
O2D CLA MF . -23.28 4.80 60.10
CED CLA MF . -24.58 4.34 60.46
C1 CLA MF . -17.18 7.91 60.62
C2 CLA MF . -16.10 7.17 61.29
C3 CLA MF . -15.13 7.83 61.94
C4 CLA MF . -15.12 9.31 62.01
C5 CLA MF . -14.03 7.12 62.63
C6 CLA MF . -13.19 6.25 61.73
C7 CLA MF . -11.74 6.72 61.76
C8 CLA MF . -10.79 5.54 61.95
C9 CLA MF . -11.52 4.27 61.58
C10 CLA MF . -10.27 5.48 63.38
C11 CLA MF . -8.97 6.24 63.55
C12 CLA MF . -7.84 5.33 63.97
C13 CLA MF . -6.48 5.89 63.53
C14 CLA MF . -6.12 7.10 64.36
C15 CLA MF . -6.48 6.24 62.05
C16 CLA MF . -5.90 5.10 61.22
C17 CLA MF . -4.90 5.57 60.20
C18 CLA MF . -3.48 5.13 60.53
C19 CLA MF . -3.48 3.91 61.43
C20 CLA MF . -2.69 4.83 59.28
MG CLA NF . -14.78 12.88 51.49
CHA CLA NF . -18.25 12.96 51.51
CHB CLA NF . -14.78 15.79 49.68
CHC CLA NF . -11.48 13.43 52.36
CHD CLA NF . -14.88 10.31 53.90
NA CLA NF . -16.27 14.11 50.68
C1A CLA NF . -17.66 13.97 50.79
C2A CLA NF . -18.38 15.08 50.03
C3A CLA NF . -17.24 15.65 49.17
C4A CLA NF . -16.00 15.18 49.90
CMA CLA NF . -17.27 15.02 47.84
CAA CLA NF . -18.93 16.11 50.99
CBA CLA NF . -20.01 17.01 50.45
CGA CLA NF . -19.88 18.39 51.03
O1A CLA NF . -19.11 19.28 50.72
O2A CLA NF . -20.77 18.69 52.03
NB CLA NF . -13.39 14.26 51.00
C1B CLA NF . -13.59 15.42 50.33
C2B CLA NF . -12.39 16.27 50.43
C3B CLA NF . -11.48 15.61 51.18
C4B CLA NF . -12.09 14.33 51.56
CMB CLA NF . -12.28 17.58 49.84
CAB CLA NF . -10.18 15.99 51.64
CBB CLA NF . -9.94 16.61 52.79
NC CLA NF . -13.42 11.97 52.79
C1C CLA NF . -12.11 12.32 52.94
C2C CLA NF . -11.43 11.44 53.87
C3C CLA NF . -12.41 10.60 54.37
C4C CLA NF . -13.65 10.93 53.68
CMC CLA NF . -10.03 11.53 54.23
CAC CLA NF . -12.22 9.54 55.35
CBC CLA NF . -11.96 8.19 54.72
ND CLA NF . -16.18 11.85 52.50
C1D CLA NF . -16.08 10.74 53.38
C2D CLA NF . -17.42 10.20 53.61
C3D CLA NF . -18.30 11.03 52.95
C4D CLA NF . -17.47 12.04 52.27
CMD CLA NF . -17.72 9.05 54.42
CAD CLA NF . -19.68 11.28 52.60
OBD CLA NF . -20.68 10.64 52.91
CBD CLA NF . -19.71 12.57 51.74
CGD CLA NF . -20.62 12.48 50.56
O1D CLA NF . -21.81 12.83 50.53
O2D CLA NF . -20.08 11.98 49.43
CED CLA NF . -20.89 12.01 48.26
C1 CLA NF . -20.41 18.34 53.38
C2 CLA NF . -19.74 19.46 54.08
C3 CLA NF . -19.12 19.28 55.26
C4 CLA NF . -19.02 17.99 55.97
C5 CLA NF . -18.47 20.43 55.93
C6 CLA NF . -17.29 20.09 56.84
MG CLA OF . -18.49 -2.98 50.09
CHA CLA OF . -19.51 -2.81 46.87
CHB CLA OF . -18.69 -6.43 49.90
CHC CLA OF . -16.53 -3.25 52.84
CHD CLA OF . -17.90 0.51 50.10
NA CLA OF . -19.02 -4.36 48.62
C1A CLA OF . -19.42 -4.10 47.32
C2A CLA OF . -19.77 -5.40 46.60
C3A CLA OF . -19.96 -6.39 47.76
C4A CLA OF . -19.13 -5.71 48.83
CMA CLA OF . -21.40 -6.54 48.17
CAA CLA OF . -18.61 -5.99 45.85
CBA CLA OF . -18.68 -5.62 44.40
CGA CLA OF . -19.48 -6.59 43.58
O1A CLA OF . -19.13 -7.69 43.15
O2A CLA OF . -20.76 -6.16 43.28
NB CLA OF . -17.82 -4.53 51.20
C1B CLA OF . -17.97 -5.83 50.92
C2B CLA OF . -17.26 -6.65 51.92
C3B CLA OF . -16.66 -5.79 52.77
C4B CLA OF . -16.98 -4.42 52.32
CMB CLA OF . -17.21 -8.10 51.87
CAB CLA OF . -15.85 -6.21 53.85
CBB CLA OF . -15.62 -5.61 55.00
NC CLA OF . -17.42 -1.63 51.26
C1C CLA OF . -16.72 -1.96 52.35
C2C CLA OF . -16.15 -0.81 52.99
C3C CLA OF . -16.53 0.27 52.21
C4C CLA OF . -17.35 -0.24 51.14
CMC CLA OF . -15.32 -0.88 54.18
CAC CLA OF . -16.27 1.68 52.45
CBC CLA OF . -17.37 2.20 53.35
ND CLA OF . -18.49 -1.46 48.78
C1D CLA OF . -18.39 -0.06 48.96
C2D CLA OF . -18.96 0.62 47.79
C3D CLA OF . -19.36 -0.39 46.94
C4D CLA OF . -19.08 -1.67 47.62
CMD CLA OF . -19.02 2.06 47.61
CAD CLA OF . -20.03 -0.71 45.72
OBD CLA OF . -20.52 0.08 44.91
CBD CLA OF . -20.16 -2.25 45.62
CGD CLA OF . -21.61 -2.67 45.64
O1D CLA OF . -22.32 -2.87 46.62
O2D CLA OF . -22.18 -2.83 44.43
CED CLA OF . -23.51 -2.37 44.24
C1 CLA OF . -21.89 -6.91 43.78
C2 CLA OF . -23.13 -6.20 43.40
C3 CLA OF . -24.28 -6.24 44.10
C4 CLA OF . -24.41 -7.05 45.35
C5 CLA OF . -25.50 -5.50 43.63
C6 CLA OF . -26.40 -4.97 44.73
C7 CLA OF . -27.39 -3.96 44.18
MG CLA PF . -5.47 -3.65 50.18
CHA CLA PF . -4.04 -6.66 51.15
CHB CLA PF . -3.00 -3.39 47.78
CHC CLA PF . -7.43 -1.50 48.34
CHD CLA PF . -8.30 -4.48 52.14
NA CLA PF . -3.79 -4.80 49.63
C1A CLA PF . -3.39 -6.02 50.13
C2A CLA PF . -2.11 -6.48 49.43
C3A CLA PF . -1.58 -5.18 48.82
C4A CLA PF . -2.88 -4.40 48.69
CMA CLA PF . -0.62 -4.49 49.75
CAA CLA PF . -2.46 -7.48 48.35
CBA CLA PF . -1.23 -8.13 47.73
CGA CLA PF . -0.71 -9.21 48.62
O1A CLA PF . -1.29 -10.18 49.10
O2A CLA PF . 0.63 -9.06 48.90
NB CLA PF . -5.25 -2.64 48.44
C1B CLA PF . -4.15 -2.64 47.63
C2B CLA PF . -4.32 -1.70 46.50
C3B CLA PF . -5.57 -1.15 46.63
C4B CLA PF . -6.17 -1.74 47.87
CMB CLA PF . -3.26 -1.55 45.51
CAB CLA PF . -6.34 -0.22 45.84
CBB CLA PF . -6.05 0.42 44.71
NC CLA PF . -7.46 -3.02 50.30
C1C CLA PF . -8.02 -2.08 49.50
C2C CLA PF . -9.40 -1.85 49.88
C3C CLA PF . -9.70 -2.76 50.89
C4C CLA PF . -8.46 -3.48 51.17
CMC CLA PF . -10.28 -0.89 49.20
CAC CLA PF . -10.99 -2.96 51.57
CBC CLA PF . -11.35 -1.99 52.67
ND CLA PF . -6.05 -5.11 51.44
C1D CLA PF . -7.18 -5.26 52.30
C2D CLA PF . -6.92 -6.35 53.26
C3D CLA PF . -5.74 -6.93 52.84
C4D CLA PF . -5.26 -6.14 51.70
CMD CLA PF . -7.81 -6.73 54.34
CAD CLA PF . -4.72 -7.92 53.12
OBD CLA PF . -4.62 -8.69 54.06
CBD CLA PF . -3.68 -7.86 51.97
CGD CLA PF . -2.27 -7.76 52.49
O1D CLA PF . -1.87 -7.20 53.50
O2D CLA PF . -1.38 -8.40 51.70
CED CLA PF . -0.28 -9.09 52.27
C1 CLA PF . 1.52 -10.01 48.29
MG CLA QF . -1.78 -1.34 66.69
CHA CLA QF . 1.30 0.10 65.91
CHB CLA QF . -0.63 -2.04 69.83
CHC CLA QF . -5.02 -1.78 67.74
CHD CLA QF . -3.02 0.15 63.71
NA CLA QF . 0.04 -1.05 67.68
C1A CLA QF . 1.19 -0.41 67.18
C2A CLA QF . 2.31 -0.43 68.21
C3A CLA QF . 1.75 -1.38 69.29
C4A CLA QF . 0.28 -1.51 68.94
CMA CLA QF . 2.47 -2.66 69.07
CAA CLA QF . 2.71 0.94 68.73
CBA CLA QF . 2.58 1.15 70.21
CGA CLA QF . 1.35 1.94 70.40
O1A CLA QF . 1.29 3.16 70.55
O2A CLA QF . 0.22 1.19 70.45
NB CLA QF . -2.67 -1.75 68.47
C1B CLA QF . -2.02 -2.19 69.57
C2B CLA QF . -2.95 -2.88 70.50
C3B CLA QF . -4.20 -2.82 69.91
C4B CLA QF . -4.03 -2.10 68.62
CMB CLA QF . -2.54 -3.45 71.78
CAB CLA QF . -5.47 -3.31 70.38
CBB CLA QF . -6.11 -2.88 71.46
NC CLA QF . -3.65 -0.94 65.86
C1C CLA QF . -4.85 -1.22 66.44
C2C CLA QF . -5.92 -0.82 65.51
C3C CLA QF . -5.34 -0.24 64.42
C4C CLA QF . -3.92 -0.33 64.63
CMC CLA QF . -7.35 -0.89 65.68
CAC CLA QF . -6.03 0.31 63.26
CBC CLA QF . -6.18 1.80 63.35
ND CLA QF . -1.09 -0.28 65.12
C1D CLA QF . -1.69 0.20 63.93
C2D CLA QF . -0.67 0.72 63.00
C3D CLA QF . 0.50 0.67 63.71
C4D CLA QF . 0.17 0.10 65.03
CMD CLA QF . -0.94 1.20 61.66
CAD CLA QF . 1.92 0.91 63.68
OBD CLA QF . 2.63 1.23 62.74
CBD CLA QF . 2.44 0.70 65.12
CGD CLA QF . 3.69 -0.13 65.14
O1D CLA QF . 3.81 -1.34 65.33
O2D CLA QF . 4.81 0.59 64.90
CED CLA QF . 5.36 1.33 65.99
C1 CLA QF . -0.37 1.00 71.74
C2 CLA QF . -1.83 1.02 71.47
C3 CLA QF . -2.74 0.58 72.34
C4 CLA QF . -2.39 0.04 73.67
C5 CLA QF . -4.18 0.63 71.98
C6 CLA QF . -4.77 2.01 72.14
C7 CLA QF . -6.28 1.96 72.33
C8 CLA QF . -6.94 3.25 71.88
C9 CLA QF . -6.59 4.37 72.84
C10 CLA QF . -8.44 3.08 71.74
C11 CLA QF . -9.15 2.96 73.08
C12 CLA QF . -10.64 2.74 72.92
C13 CLA QF . -11.48 4.00 72.91
C14 CLA QF . -12.06 4.21 74.29
C15 CLA QF . -12.52 3.89 71.80
C16 CLA QF . -13.45 5.08 71.60
C17 CLA QF . -14.94 4.74 71.61
C18 CLA QF . -15.52 4.14 72.88
C19 CLA QF . -15.62 5.16 74.00
C20 CLA QF . -16.88 3.53 72.60
MG CLA RF . -5.67 -14.35 77.17
CHA CLA RF . -3.99 -11.31 77.01
CHB CLA RF . -3.65 -15.24 79.81
CHC CLA RF . -7.89 -16.83 78.05
CHD CLA RF . -8.09 -13.05 74.94
NA CLA RF . -4.06 -13.46 78.16
C1A CLA RF . -3.52 -12.18 77.97
C2A CLA RF . -2.32 -11.95 78.90
C3A CLA RF . -2.01 -13.39 79.38
C4A CLA RF . -3.33 -14.09 79.12
CMA CLA RF . -0.87 -14.00 78.61
CAA CLA RF . -2.55 -11.03 80.10
CBA CLA RF . -3.98 -10.86 80.58
CGA CLA RF . -4.39 -11.94 81.55
O1A CLA RF . -3.76 -12.39 82.49
O2A CLA RF . -5.63 -12.45 81.27
NB CLA RF . -5.72 -15.77 78.61
C1B CLA RF . -4.83 -15.95 79.62
C2B CLA RF . -5.26 -17.04 80.51
C3B CLA RF . -6.46 -17.50 80.03
C4B CLA RF . -6.77 -16.70 78.81
CMB CLA RF . -4.49 -17.44 81.69
CAB CLA RF . -7.34 -18.52 80.52
CBB CLA RF . -7.05 -19.82 80.64
NC CLA RF . -7.59 -14.89 76.54
C1C CLA RF . -8.26 -15.98 76.97
C2C CLA RF . -9.52 -16.13 76.25
C3C CLA RF . -9.64 -15.00 75.44
C4C CLA RF . -8.40 -14.24 75.61
CMC CLA RF . -10.45 -17.23 76.49
CAC CLA RF . -10.70 -14.66 74.47
CBC CLA RF . -12.07 -14.37 75.04
ND CLA RF . -5.99 -12.65 76.14
C1D CLA RF . -6.98 -12.29 75.18
C2D CLA RF . -6.58 -11.01 74.56
C3D CLA RF . -5.46 -10.59 75.23
C4D CLA RF . -5.14 -11.63 76.22
CMD CLA RF . -7.33 -10.35 73.48
CAD CLA RF . -4.44 -9.57 75.34
OBD CLA RF . -4.28 -8.56 74.66
CBD CLA RF . -3.51 -9.96 76.52
CGD CLA RF . -2.06 -9.94 76.12
O1D CLA RF . -1.53 -10.50 75.16
O2D CLA RF . -1.26 -9.20 76.95
CED CLA RF . 0.03 -8.85 76.46
NB KC2 SF . -9.57 -4.29 74.23
ND KC2 SF . -7.49 -6.80 76.64
C1A KC2 SF . -5.67 -4.08 76.28
C1B KC2 SF . -9.26 -3.02 73.96
C1C KC2 SF . -11.28 -6.73 74.61
C1D KC2 SF . -7.83 -7.94 77.27
C2A KC2 SF . -5.00 -2.76 76.25
C2B KC2 SF . -10.35 -2.33 73.25
C2C KC2 SF . -12.12 -7.86 75.00
C2D KC2 SF . -6.78 -8.32 78.20
C3A KC2 SF . -5.92 -1.93 75.48
C3B KC2 SF . -11.39 -3.35 73.04
C3C KC2 SF . -11.31 -8.62 75.97
C3D KC2 SF . -5.74 -7.29 78.07
C4A KC2 SF . -7.05 -2.83 75.11
C4B KC2 SF . -10.79 -4.54 73.70
C4C KC2 SF . -10.05 -7.84 76.00
C4D KC2 SF . -6.21 -6.38 77.09
CAA KC2 SF . -3.72 -2.30 76.85
CAB KC2 SF . -12.74 -3.43 72.44
CAC KC2 SF . -11.74 -9.88 76.66
CAD KC2 SF . -4.39 -6.88 78.56
CBA KC2 SF . -2.53 -2.49 76.31
CBB KC2 SF . -13.59 -2.41 72.42
CBC KC2 SF . -11.32 -10.99 75.77
CBD KC2 SF . -4.18 -5.55 78.01
CED KC2 SF . -5.57 -3.27 80.75
CGA KC2 SF . -1.58 -3.15 77.19
CGD KC2 SF . -4.26 -4.63 79.19
CHA KC2 SF . -5.20 -5.31 76.94
CHB KC2 SF . -8.10 -2.21 74.30
CHC KC2 SF . -11.66 -5.70 73.66
CHD KC2 SF . -9.14 -8.52 76.94
CMA KC2 SF . -5.82 -0.48 75.10
CMB KC2 SF . -10.38 -0.90 72.78
CMC KC2 SF . -13.52 -8.15 74.54
CMD KC2 SF . -7.02 -9.58 78.99
NA KC2 SF . -6.96 -4.09 75.55
NC KC2 SF . -10.05 -6.65 75.13
O1A KC2 SF . -1.24 -4.33 76.94
O1D KC2 SF . -3.28 -4.30 79.81
O2A KC2 SF . -1.30 -2.56 78.28
O2D KC2 SF . -5.55 -4.15 79.63
OBD KC2 SF . -3.74 -7.77 79.22
MG KC2 SF . -8.32 -5.58 75.21
MG CLA TF . -21.87 -16.16 67.10
CHA CLA TF . -25.16 -17.19 67.37
CHB CLA TF . -21.63 -16.05 70.50
CHC CLA TF . -18.45 -15.89 66.83
CHD CLA TF . -22.04 -16.80 63.61
NA CLA TF . -23.20 -16.59 68.67
C1A CLA TF . -24.53 -17.00 68.57
C2A CLA TF . -25.14 -17.17 69.96
C3A CLA TF . -24.06 -16.57 70.89
C4A CLA TF . -22.85 -16.41 69.98
CMA CLA TF . -24.49 -15.22 71.43
CAA CLA TF . -25.41 -18.64 70.24
CBA CLA TF . -24.69 -19.19 71.45
CGA CLA TF . -23.89 -20.40 71.06
O1A CLA TF . -22.66 -20.54 71.07
O2A CLA TF . -24.66 -21.44 70.65
NB CLA TF . -20.34 -16.01 68.40
C1B CLA TF . -20.46 -15.87 69.74
C2B CLA TF . -19.16 -15.46 70.33
C3B CLA TF . -18.24 -15.41 69.30
C4B CLA TF . -18.99 -15.78 68.06
CMB CLA TF . -18.97 -15.24 71.76
CAB CLA TF . -16.82 -15.12 69.29
CBB CLA TF . -16.23 -13.94 69.46
NC CLA TF . -20.51 -16.34 65.51
C1C CLA TF . -19.17 -16.17 65.63
C2C CLA TF . -18.54 -16.30 64.33
C3C CLA TF . -19.52 -16.57 63.41
C4C CLA TF . -20.78 -16.57 64.15
CMC CLA TF . -17.11 -16.18 64.10
CAC CLA TF . -19.30 -16.70 61.95
CBC CLA TF . -19.64 -18.01 61.27
ND CLA TF . -23.20 -16.92 65.77
C1D CLA TF . -23.18 -16.98 64.36
C2D CLA TF . -24.53 -17.23 63.86
C3D CLA TF . -25.34 -17.32 64.97
C4D CLA TF . -24.46 -17.12 66.13
CMD CLA TF . -24.83 -17.37 62.44
CAD CLA TF . -26.68 -17.52 65.46
OBD CLA TF . -27.71 -17.74 64.85
CBD CLA TF . -26.61 -17.43 67.02
CGD CLA TF . -27.50 -16.32 67.51
O1D CLA TF . -27.57 -15.17 67.06
O2D CLA TF . -28.31 -16.67 68.54
CED CLA TF . -28.74 -15.66 69.43
MG CLA UF . -20.57 -16.51 55.90
CHA CLA UF . -23.96 -17.02 55.48
CHB CLA UF . -20.41 -19.36 57.80
CHC CLA UF . -17.13 -16.42 55.76
CHD CLA UF . -20.70 -14.05 53.35
NA CLA UF . -21.95 -17.93 56.53
C1A CLA UF . -23.33 -17.95 56.25
C2A CLA UF . -23.97 -19.16 56.91
C3A CLA UF . -22.90 -19.63 57.90
C4A CLA UF . -21.65 -18.98 57.36
CMA CLA UF . -23.20 -19.10 59.27
CAA CLA UF . -24.26 -20.20 55.84
CBA CLA UF . -24.76 -21.50 56.41
CGA CLA UF . -25.85 -21.99 55.50
O1A CLA UF . -25.75 -22.55 54.40
O2A CLA UF . -27.09 -21.73 56.02
NB CLA UF . -19.07 -17.64 56.67
C1B CLA UF . -19.21 -18.78 57.38
C2B CLA UF . -17.88 -19.34 57.72
C3B CLA UF . -16.94 -18.51 57.16
C4B CLA UF . -17.70 -17.41 56.48
CMB CLA UF . -17.80 -20.59 58.49
CAB CLA UF . -15.50 -18.51 57.08
CBB CLA UF . -14.64 -19.51 57.27
NC CLA UF . -19.18 -15.39 54.80
C1C CLA UF . -17.83 -15.47 54.97
C2C CLA UF . -17.18 -14.47 54.14
C3C CLA UF . -18.17 -13.90 53.36
C4C CLA UF . -19.44 -14.46 53.81
CMC CLA UF . -15.73 -14.26 54.06
CAC CLA UF . -18.03 -12.86 52.34
CBC CLA UF . -18.02 -11.50 52.93
ND CLA UF . -21.94 -15.71 54.65
C1D CLA UF . -21.89 -14.63 53.73
C2D CLA UF . -23.27 -14.26 53.33
C3D CLA UF . -24.10 -15.11 54.02
C4D CLA UF . -23.22 -16.01 54.80
CMD CLA UF . -23.62 -13.17 52.42
CAD CLA UF . -25.47 -15.49 54.28
OBD CLA UF . -26.51 -14.98 53.90
CBD CLA UF . -25.41 -16.75 55.22
CGD CLA UF . -26.12 -16.47 56.51
O1D CLA UF . -25.71 -15.84 57.48
O2D CLA UF . -27.36 -17.03 56.59
CED CLA UF . -28.46 -16.14 56.84
C1 CLA UF . -28.22 -22.38 55.40
C2 CLA UF . -28.27 -23.78 55.91
C3 CLA UF . -29.42 -24.48 56.04
C4 CLA UF . -30.73 -23.90 55.73
C5 CLA UF . -29.42 -25.89 56.56
C6 CLA UF . -28.04 -26.52 56.68
C7 CLA UF . -27.59 -27.32 55.48
C8 CLA UF . -26.11 -27.60 55.54
C9 CLA UF . -25.73 -28.51 54.41
C10 CLA UF . -25.68 -28.23 56.87
C11 CLA UF . -24.47 -27.57 57.48
C12 CLA UF . -23.22 -28.43 57.40
C13 CLA UF . -22.40 -28.12 56.15
C14 CLA UF . -22.24 -29.35 55.26
C15 CLA UF . -21.06 -27.48 56.52
C16 CLA UF . -19.93 -28.49 56.70
C17 CLA UF . -18.62 -27.82 57.08
C18 CLA UF . -17.45 -28.79 56.98
C19 CLA UF . -17.11 -29.07 55.53
C20 CLA UF . -17.69 -30.09 57.72
C03 II0 VF . -3.14 5.75 68.92
C04 II0 VF . -20.50 -11.15 72.13
C05 II0 VF . -1.64 6.40 69.09
C06 II0 VF . -22.02 -11.69 71.74
C07 II0 VF . -0.72 5.45 69.36
C08 II0 VF . -22.44 -11.12 70.57
C09 II0 VF . -3.13 4.36 68.41
C10 II0 VF . -19.60 -11.36 71.03
C11 II0 VF . -0.57 4.33 68.09
C12 II0 VF . -21.49 -11.49 69.26
C13 II0 VF . -1.80 3.68 67.82
C14 II0 VF . -20.14 -11.87 69.62
C15 II0 VF . -3.82 5.69 70.34
C16 II0 VF . -3.99 6.65 67.96
C17 II0 VF . -19.99 -11.88 73.40
C18 II0 VF . -20.53 -9.61 72.46
C19 II0 VF . -1.81 2.17 67.59
C20 II0 VF . -19.13 -12.03 68.47
C21 II0 VF . -4.50 3.66 68.20
C22 II0 VF . -18.09 -10.99 71.16
C23 II0 VF . -5.56 3.11 68.09
C24 II0 VF . -16.96 -10.67 71.26
C25 II0 VF . -6.90 2.36 68.02
C26 II0 VF . -15.52 -10.16 71.43
C27 II0 VF . -8.05 2.83 67.13
C28 II0 VF . -14.47 -10.97 72.18
C29 II0 VF . -7.01 1.25 68.82
C30 II0 VF . -15.27 -8.97 70.91
C31 II0 VF . -8.34 0.43 68.78
C32 II0 VF . -13.91 -8.24 70.98
C33 II0 VF . -8.26 -0.85 69.18
C34 II0 VF . -13.15 -8.09 69.90
C35 II0 VF . -9.51 -1.71 69.11
C36 II0 VF . -11.84 -7.32 70.07
C37 II0 VF . -10.72 -1.20 68.40
C38 II0 VF . -10.63 -7.91 70.79
C39 II0 VF . -9.48 -2.94 69.65
C40 II0 VF . -11.81 -6.08 69.56
C41 II0 VF . -10.72 -3.84 69.56
C42 II0 VF . -10.54 -5.19 69.66
O01 II0 VF . 0.54 6.04 69.63
O02 II0 VF . -23.80 -11.49 70.32
C03 II0 WF . -6.13 -22.28 59.63
C04 II0 WF . -18.56 -1.43 59.66
C05 II0 WF . -4.81 -23.24 59.45
C06 II0 WF . -20.07 -0.79 59.88
C07 II0 WF . -3.70 -22.51 59.22
C08 II0 WF . -20.36 0.04 58.85
C09 II0 WF . -5.80 -20.91 60.08
C10 II0 WF . -18.08 -1.45 58.30
C11 II0 WF . -3.35 -21.56 60.58
C12 II0 WF . -20.43 -0.78 57.41
C13 II0 WF . -4.41 -20.61 60.79
C14 II0 WF . -19.22 -1.51 57.18
C15 II0 WF . -6.86 -22.18 58.24
C16 II0 WF . -7.12 -22.89 60.69
C17 II0 WF . -17.66 -0.69 60.64
C18 II0 WF . -18.58 -2.93 60.06
C19 II0 WF . -4.07 -19.18 61.21
C20 II0 WF . -19.03 -2.37 55.92
C21 II0 WF . -6.99 -20.00 60.45
C22 II0 WF . -16.83 -2.30 58.03
C23 II0 WF . -7.90 -19.27 60.65
C24 II0 WF . -15.87 -2.97 57.79
C25 II0 WF . -9.08 -18.31 60.77
C26 II0 WF . -14.57 -3.76 57.58
C27 II0 WF . -10.14 -18.49 61.85
C28 II0 WF . -13.46 -3.14 56.76
C29 II0 WF . -9.10 -17.30 59.84
C30 II0 WF . -14.47 -4.99 58.08
C31 II0 WF . -10.24 -16.26 59.88
C32 II0 WF . -13.22 -5.87 57.89
C33 II0 WF . -9.85 -15.04 59.48
C34 II0 WF . -13.38 -7.10 58.31
C35 II0 WF . -10.85 -13.91 59.51
C36 II0 WF . -12.23 -8.09 58.20
C37 II0 WF . -12.10 -14.10 60.33
C38 II0 WF . -10.97 -7.74 57.41
C39 II0 WF . -10.57 -12.77 58.85
C40 II0 WF . -12.38 -9.30 58.77
C41 II0 WF . -11.58 -11.63 58.93
C42 II0 WF . -11.25 -10.34 58.65
O01 II0 WF . -2.61 -23.35 58.91
O02 II0 WF . -21.61 0.68 59.10
C03 II0 XF . -6.48 -15.14 70.64
C04 II0 XF . -27.81 -23.42 60.78
C05 II0 XF . -4.99 -14.93 69.98
C06 II0 XF . -29.45 -23.22 60.94
C07 II0 XF . -4.11 -15.88 70.36
C08 II0 XF . -29.92 -21.96 60.63
C09 II0 XF . -6.84 -16.55 70.89
C10 II0 XF . -27.13 -22.18 60.47
C11 II0 XF . -4.62 -17.36 69.75
C12 II0 XF . -29.24 -21.31 59.25
C13 II0 XF . -5.96 -17.64 70.11
C14 II0 XF . -27.78 -21.26 59.32
C15 II0 XF . -6.49 -14.42 72.03
C16 II0 XF . -7.55 -14.48 69.71
C17 II0 XF . -27.22 -23.96 62.10
C18 II0 XF . -27.46 -24.50 59.68
C19 II0 XF . -6.65 -18.85 69.54
C20 II0 XF . -27.09 -19.96 58.93
C21 II0 XF . -8.36 -16.88 70.94
C22 II0 XF . -25.61 -22.08 60.82
C23 II0 XF . -9.54 -17.14 70.91
C24 II0 XF . -24.45 -22.01 61.07
C25 II0 XF . -11.06 -17.39 70.80
C26 II0 XF . -22.92 -21.95 61.33
C27 II0 XF . -12.09 -16.69 71.68
C28 II0 XF . -21.95 -22.54 60.35
C29 II0 XF . -11.48 -18.27 69.83
C30 II0 XF . -22.51 -21.29 62.42
C31 II0 XF . -13.00 -18.53 69.70
C32 II0 XF . -20.99 -21.13 62.73
C33 II0 XF . -13.50 -18.52 68.46
C34 II0 XF . -20.67 -20.57 63.89
C35 II0 XF . -14.98 -18.74 68.28
C36 II0 XF . -19.19 -20.34 64.22
C37 II0 XF . -15.94 -18.52 69.44
C38 II0 XF . -18.09 -20.84 63.30
C39 II0 XF . -15.41 -19.15 67.08
C40 II0 XF . -18.87 -19.66 65.34
C41 II0 XF . -16.90 -19.38 66.89
C42 II0 XF . -17.35 -19.44 65.62
O01 II0 XF . -2.83 -15.59 69.85
O02 II0 XF . -31.34 -22.03 60.45
C02 IHT YF . -9.06 -21.96 67.56
C03 IHT YF . -21.47 -6.29 54.13
C04 IHT YF . -8.95 -21.19 69.01
C05 IHT YF . -22.93 -5.89 53.46
C06 IHT YF . -9.32 -21.99 70.02
C07 IHT YF . -10.42 -22.39 67.32
C08 IHT YF . -23.14 -6.19 52.13
C09 IHT YF . -10.88 -22.56 69.85
C10 IHT YF . -11.11 -23.12 68.56
C11 IHT YF . -21.12 -7.66 53.79
C12 IHT YF . -22.00 -7.24 51.41
C13 IHT YF . -8.12 -23.21 67.55
C14 IHT YF . -8.60 -20.98 66.37
C15 IHT YF . -21.48 -8.20 52.32
C16 IHT YF . -20.35 -5.38 53.66
C17 IHT YF . -21.58 -6.19 55.63
C18 IHT YF . -11.32 -21.57 66.39
C19 IHT YF . -11.74 -24.51 68.40
C20 IHT YF . -21.54 -9.69 51.96
C21 IHT YF . -19.95 -8.31 54.57
C22 IHT YF . -11.88 -22.20 65.36
C23 IHT YF . -12.82 -21.41 64.39
C24 IHT YF . -19.04 -8.79 55.20
C25 IHT YF . -13.54 -22.15 63.22
C26 IHT YF . -17.92 -9.42 56.07
C27 IHT YF . -13.00 -20.08 64.60
C28 IHT YF . -16.75 -8.57 56.54
C29 IHT YF . -18.03 -10.72 56.40
C30 IHT YF . -13.95 -19.27 63.66
C31 IHT YF . -16.95 -11.39 57.26
C32 IHT YF . -13.49 -18.65 62.57
C33 IHT YF . -14.52 -17.90 61.73
C34 IHT YF . -17.19 -12.65 57.63
C35 IHT YF . -16.13 -13.40 58.49
C36 IHT YF . -15.65 -18.67 61.06
C37 IHT YF . -14.43 -16.56 61.60
C38 IHT YF . -16.23 -14.74 58.66
C39 IHT YF . -14.99 -12.60 59.16
C40 IHT YF . -15.49 -15.82 60.76
C41 IHT YF . -15.19 -15.48 59.52
O01 IHT YF . -24.40 -6.82 52.04
C03 II0 ZF . -5.58 0.37 58.44
C04 II0 ZF . -24.18 15.47 53.35
C05 II0 ZF . -4.00 -0.03 58.19
C06 II0 ZF . -25.71 16.15 53.27
C07 II0 ZF . -3.79 -0.55 56.95
C08 II0 ZF . -26.18 16.69 54.45
C09 II0 ZF . -6.25 0.91 57.25
C10 II0 ZF . -23.54 15.62 54.62
C11 II0 ZF . -4.22 0.55 55.71
C12 II0 ZF . -25.06 17.69 55.16
C13 II0 ZF . -5.37 1.35 55.98
C14 II0 ZF . -23.78 17.04 55.31
C15 II0 ZF . -6.42 -0.91 58.75
C16 II0 ZF . -5.71 1.40 59.62
C17 II0 ZF . -24.30 13.96 53.09
C18 II0 ZF . -23.25 16.09 52.25
C19 II0 ZF . -6.09 1.98 54.80
C20 II0 ZF . -22.68 17.65 56.16
C21 II0 ZF . -7.71 1.40 57.41
C22 II0 ZF . -22.08 15.06 54.74
C23 II0 ZF . -8.84 1.79 57.49
C24 II0 ZF . -20.97 14.64 54.86
C25 II0 ZF . -10.26 2.37 57.56
C26 II0 ZF . -19.54 14.10 55.10
C27 II0 ZF . -11.46 1.44 57.37
C28 II0 ZF . -18.32 14.71 54.50
C29 II0 ZF . -10.44 3.71 57.73
C30 II0 ZF . -19.42 13.05 55.90
C31 II0 ZF . -11.90 4.28 57.77
C32 II0 ZF . -18.06 12.39 56.21
C33 II0 ZF . -12.04 5.58 58.01
C34 II0 ZF . -17.51 12.43 57.40
C35 II0 ZF . -13.43 6.18 58.04
C36 II0 ZF . -16.18 11.68 57.45
C37 II0 ZF . -14.67 5.31 58.01
C38 II0 ZF . -14.90 12.35 56.95
C39 II0 ZF . -13.51 7.53 58.03
C40 II0 ZF . -16.18 10.42 57.91
C41 II0 ZF . -14.85 8.27 58.02
C42 II0 ZF . -14.84 9.63 57.94
O01 II0 ZF . -2.42 -0.85 56.83
O02 II0 ZF . -27.34 17.47 54.17
O1 LHG AG . -1.90 -20.13 79.16
C1 LHG AG . -2.68 -19.10 78.52
C2 LHG AG . -1.79 -18.34 77.55
O2 LHG AG . -0.67 -17.80 78.26
C3 LHG AG . -2.59 -17.20 76.93
O3 LHG AG . -3.80 -17.70 76.39
P LHG AG . -4.51 -16.97 75.14
O4 LHG AG . -3.66 -17.18 73.92
O5 LHG AG . -4.84 -15.57 75.59
O6 LHG AG . -5.86 -17.80 74.98
C4 LHG AG . -6.04 -18.73 73.91
C5 LHG AG . -7.17 -19.70 74.24
C6 LHG AG . -7.53 -20.52 73.01
O7 LHG AG . -6.78 -20.63 75.24
C7 LHG AG . -7.12 -20.22 76.60
O9 LHG AG . -6.21 -19.80 77.31
C8 LHG AG . -8.52 -20.32 77.16
C9 LHG AG . -8.95 -21.68 77.66
C10 LHG AG . -9.19 -22.65 76.51
O8 LHG AG . -8.72 -20.01 72.39
C23 LHG AG . -9.99 -20.04 73.09
O10 LHG AG . -10.36 -19.04 73.65
C24 LHG AG . -10.82 -21.32 73.11
C11 LHG AG . -10.10 -23.80 76.93
C12 LHG AG . -11.51 -23.28 77.21
C13 LHG AG . -12.53 -24.40 77.05
C14 LHG AG . -12.56 -24.89 75.61
C25 LHG AG . -12.17 -21.10 73.80
C26 LHG AG . -13.19 -20.46 72.86
C27 LHG AG . -13.65 -21.42 71.77
C28 LHG AG . -14.78 -22.30 72.25
C29 LHG AG . -15.46 -23.02 71.10
C30 LHG AG . -14.64 -24.23 70.65
C31 LHG AG . -14.52 -25.26 71.78
C32 LHG AG . -14.06 -26.61 71.26
C33 LHG AG . -15.03 -27.18 70.23
C34 LHG AG . -14.56 -28.55 69.75
C1 LMG BG . -18.86 3.81 43.66
O1 LMG BG . -17.77 2.91 43.37
C2 LMG BG . -18.79 5.12 42.86
O2 LMG BG . -17.48 5.64 42.90
C3 LMG BG . -19.77 6.17 43.43
O3 LMG BG . -20.24 7.06 42.41
C4 LMG BG . -20.95 5.60 44.22
O4 LMG BG . -22.08 6.47 44.15
C5 LMG BG . -21.31 4.17 43.77
O5 LMG BG . -23.14 2.98 42.78
C6 LMG BG . -22.39 4.18 42.70
O6 LMG BG . -20.18 3.29 43.46
C7 LMG BG . -17.04 2.77 44.60
C8 LMG BG . -15.62 2.21 44.59
C9 LMG BG . -15.83 0.77 44.17
O7 LMG BG . -14.78 2.95 43.70
C10 LMG BG . -13.33 2.83 43.98
O9 LMG BG . -12.83 1.75 44.13
C11 LMG BG . -12.41 4.01 44.12
C12 LMG BG . -11.01 3.62 44.56
C13 LMG BG . -10.11 3.18 43.41
C14 LMG BG . -9.67 4.35 42.55
C15 LMG BG . -8.53 5.05 43.27
C16 LMG BG . -7.39 4.09 43.60
C17 LMG BG . -6.09 4.84 43.69
C18 LMG BG . -6.19 5.88 44.80
C19 LMG BG . -5.02 6.84 44.67
C20 LMG BG . -4.90 7.41 43.27
C21 LMG BG . -3.58 8.17 43.11
C22 LMG BG . -3.28 8.21 41.61
C23 LMG BG . -2.95 6.82 41.08
C24 LMG BG . -1.55 6.36 41.42
C25 LMG BG . -1.38 5.01 40.75
C26 LMG BG . -0.01 4.36 40.93
C27 LMG BG . 0.34 3.57 42.16
O8 LMG BG . -16.47 0.12 45.25
C28 LMG BG . -16.00 -1.20 45.60
O10 LMG BG . -16.06 -2.08 44.79
C29 LMG BG . -15.46 -1.44 46.98
C30 LMG BG . -15.29 -2.92 47.25
C31 LMG BG . -15.25 -3.06 48.76
C32 LMG BG . -14.32 -4.12 49.25
C33 LMG BG . -14.82 -5.50 48.88
C34 LMG BG . -13.60 -6.34 48.53
C35 LMG BG . -13.82 -7.82 48.77
C36 LMG BG . -12.46 -8.50 48.58
C37 LMG BG . -12.25 -8.70 47.09
C38 LMG BG . -10.90 -8.16 46.63
C39 LMG BG . -10.70 -8.31 45.12
C40 LMG BG . -11.99 -8.15 44.29
C41 LMG BG . -12.22 -6.75 43.75
C42 LMG BG . -13.02 -5.85 44.68
C43 LMG BG . -14.52 -6.13 44.64
C44 LMG BG . -15.14 -5.90 43.28
C45 LMG BG . -14.97 -4.47 42.79
O1 LHG CG . 5.05 19.58 59.04
C1 LHG CG . 6.02 20.08 59.97
C2 LHG CG . 7.02 21.02 59.29
O2 LHG CG . 6.95 22.30 59.90
C3 LHG CG . 6.69 21.15 57.82
O3 LHG CG . 5.60 22.05 57.68
P LHG CG . 4.79 22.08 56.30
O4 LHG CG . 5.62 21.33 55.29
O5 LHG CG . 4.31 23.48 56.01
O6 LHG CG . 3.52 21.17 56.67
C4 LHG CG . 3.40 19.85 56.13
C5 LHG CG . 2.24 19.08 56.75
C6 LHG CG . 1.09 20.01 57.02
O7 LHG CG . 1.75 18.18 55.77
C7 LHG CG . 1.61 16.87 56.37
O9 LHG CG . 2.44 16.52 57.17
C8 LHG CG . 0.44 15.99 56.08
C9 LHG CG . 0.89 14.55 56.30
C10 LHG CG . 0.44 13.95 57.62
O8 LHG CG . 0.18 19.98 55.92
C23 LHG CG . -1.16 19.48 56.14
O10 LHG CG . -1.72 19.68 57.21
C24 LHG CG . -1.83 18.72 55.02
C11 LHG CG . 0.37 12.43 57.53
C12 LHG CG . -0.34 11.97 56.27
C13 LHG CG . -1.23 10.76 56.54
C14 LHG CG . -1.82 10.23 55.24
C25 LHG CG . -3.33 18.71 55.25
C26 LHG CG . -3.93 17.43 54.69
C27 LHG CG . -5.44 17.48 54.79
C28 LHG CG . -6.11 16.45 53.89
C29 LHG CG . -6.41 15.19 54.69
C30 LHG CG . -6.99 14.10 53.79
C31 LHG CG . -6.13 12.86 53.85
C32 LHG CG . -6.22 12.17 55.20
C33 LHG CG . -6.08 10.65 55.15
C34 LHG CG . -5.32 10.12 53.95
O1 LHG DG . 24.59 25.60 -16.78
C1 LHG DG . 24.74 25.19 -15.42
C2 LHG DG . 23.43 24.57 -14.99
O2 LHG DG . 23.64 23.78 -13.82
C3 LHG DG . 22.97 23.73 -16.18
O3 LHG DG . 21.66 23.23 -16.10
P LHG DG . 21.38 21.69 -16.47
O4 LHG DG . 22.50 20.90 -15.87
O5 LHG DG . 21.00 21.57 -17.93
O6 LHG DG . 20.07 21.43 -15.61
C4 LHG DG . 20.12 21.44 -14.21
C5 LHG DG . 19.40 22.72 -13.80
C6 LHG DG . 17.93 22.54 -14.07
O7 LHG DG . 19.66 23.11 -12.46
C7 LHG DG . 20.35 24.38 -12.47
O9 LHG DG . 21.53 24.45 -12.14
C8 LHG DG . 19.58 25.59 -12.94
C9 LHG DG . 18.37 25.80 -12.05
C10 LHG DG . 17.14 25.86 -12.93
O8 LHG DG . 17.42 21.27 -13.76
C23 LHG DG . 15.99 21.26 -13.64
O10 LHG DG . 15.30 22.08 -14.21
C24 LHG DG . 15.37 20.17 -12.80
C11 LHG DG . 17.15 27.15 -13.69
C12 LHG DG . 15.94 27.93 -13.27
C13 LHG DG . 14.61 27.38 -13.74
C14 LHG DG . 13.55 28.40 -13.36
C15 LHG DG . 13.48 28.61 -11.84
C16 LHG DG . 12.50 29.71 -11.44
C17 LHG DG . 11.20 29.60 -12.20
C18 LHG DG . 10.21 30.68 -11.76
C19 LHG DG . 9.89 30.55 -10.29
C20 LHG DG . 9.15 31.76 -9.78
C21 LHG DG . 7.78 31.89 -10.42
C22 LHG DG . 6.86 30.77 -9.98
C25 LHG DG . 16.03 18.87 -13.24
C26 LHG DG . 15.33 17.71 -12.55
C27 LHG DG . 13.91 17.56 -13.03
C28 LHG DG . 13.82 16.84 -14.38
C29 LHG DG . 14.55 15.51 -14.28
C30 LHG DG . 13.85 14.38 -15.01
C31 LHG DG . 12.66 13.85 -14.22
C32 LHG DG . 12.31 12.43 -14.64
C33 LHG DG . 12.00 12.35 -16.12
C34 LHG DG . 10.61 12.87 -16.43
C35 LHG DG . 10.45 13.04 -17.93
C36 LHG DG . 9.03 13.23 -18.41
C37 LHG DG . 9.05 13.41 -19.94
C38 LHG DG . 7.66 13.42 -20.52
O1B LMT EG . -8.05 33.57 -4.23
C1' LMT EG . -6.35 30.37 -4.96
C2' LMT EG . -7.61 30.78 -5.75
C3' LMT EG . -8.71 31.33 -4.77
C4' LMT EG . -8.19 32.29 -3.68
C5' LMT EG . -6.79 31.80 -3.21
C6' LMT EG . -6.52 32.02 -1.75
O1' LMT EG . -6.05 29.07 -5.27
O2' LMT EG . -7.26 31.79 -6.62
O3' LMT EG . -9.37 30.29 -4.18
O5' LMT EG . -6.58 30.45 -3.56
O6' LMT EG . -7.24 31.07 -1.09
C1 LMT EG . -5.34 28.94 -6.47
C2 LMT EG . -5.60 27.55 -6.93
C3 LMT EG . -4.82 26.44 -6.30
C4 LMT EG . -3.37 26.79 -6.35
C5 LMT EG . -2.56 25.58 -6.05
C6 LMT EG . -2.58 24.61 -7.17
C7 LMT EG . -1.31 23.82 -7.10
C8 LMT EG . -1.14 23.02 -8.34
C9 LMT EG . 0.12 22.22 -8.31
C10 LMT EG . 0.32 21.55 -9.62
C11 LMT EG . 1.61 20.79 -9.57
C12 LMT EG . 2.07 20.34 -10.91
MG CLA FG . 18.36 38.41 19.60
CHA CLA FG . 19.29 40.89 17.35
CHB CLA FG . 19.60 40.28 22.15
CHC CLA FG . 16.91 36.26 21.84
CHD CLA FG . 16.49 36.86 17.01
NA CLA FG . 19.29 40.28 19.71
C1A CLA FG . 19.61 41.15 18.65
C2A CLA FG . 20.33 42.40 19.17
C3A CLA FG . 20.49 42.12 20.69
C4A CLA FG . 19.75 40.81 20.89
CMA CLA FG . 21.93 41.99 21.11
CAA CLA FG . 19.58 43.67 18.81
CBA CLA FG . 19.05 44.43 19.98
CGA CLA FG . 17.60 44.14 20.17
O1A CLA FG . 17.05 43.06 20.29
O2A CLA FG . 16.84 45.26 20.22
NB CLA FG . 18.24 38.33 21.60
C1B CLA FG . 18.91 39.10 22.46
C2B CLA FG . 18.78 38.57 23.84
C3B CLA FG . 18.02 37.43 23.77
C4B CLA FG . 17.67 37.26 22.34
CMB CLA FG . 19.41 39.25 24.97
CAB CLA FG . 17.54 36.46 24.72
CBB CLA FG . 18.13 36.06 25.85
NC CLA FG . 16.99 36.84 19.44
C1C CLA FG . 16.59 36.07 20.48
C2C CLA FG . 15.72 35.01 20.04
C3C CLA FG . 15.51 35.21 18.68
C4C CLA FG . 16.34 36.35 18.31
CMC CLA FG . 15.17 34.03 20.95
CAC CLA FG . 14.68 34.39 17.77
CBC CLA FG . 15.16 32.96 17.59
ND CLA FG . 17.96 38.72 17.64
C1D CLA FG . 17.24 37.97 16.69
C2D CLA FG . 17.46 38.56 15.36
C3D CLA FG . 18.24 39.67 15.54
C4D CLA FG . 18.50 39.75 16.99
CMD CLA FG . 16.91 38.03 14.12
CAD CLA FG . 18.91 40.79 14.92
OBD CLA FG . 19.00 41.10 13.74
CBD CLA FG . 19.54 41.64 16.05
CGD CLA FG . 20.99 41.97 15.80
O1D CLA FG . 21.42 42.93 15.16
O2D CLA FG . 21.88 41.12 16.38
CED CLA FG . 23.13 41.70 16.75
C1 CLA FG . 15.44 45.03 20.04
C2 CLA FG . 14.75 46.13 20.74
C3 CLA FG . 13.47 46.41 20.47
C4 CLA FG . 12.71 45.63 19.47
C5 CLA FG . 12.75 47.51 21.17
C6 CLA FG . 11.93 48.36 20.21
C7 CLA FG . 10.65 48.81 20.89
MG CLA GG . 17.97 35.84 6.31
CHA CLA GG . 20.91 35.43 8.08
CHB CLA GG . 19.05 33.40 4.15
CHC CLA GG . 14.83 35.70 4.99
CHD CLA GG . 16.69 37.72 9.07
NA CLA GG . 19.71 34.69 6.13
C1A CLA GG . 20.83 34.66 6.97
C2A CLA GG . 21.89 33.69 6.48
C3A CLA GG . 21.41 33.45 5.04
C4A CLA GG . 19.95 33.87 5.08
CMA CLA GG . 22.18 34.45 4.28
CAA CLA GG . 22.07 32.42 7.31
CBA CLA GG . 21.40 31.12 6.84
CGA CLA GG . 19.96 31.28 7.02
O1A CLA GG . 19.51 31.96 7.90
O2A CLA GG . 19.13 30.66 6.14
NB CLA GG . 17.08 34.68 4.93
C1B CLA GG . 17.73 33.83 4.09
C2B CLA GG . 16.87 33.52 2.92
C3B CLA GG . 15.68 34.15 3.14
C4B CLA GG . 15.79 34.92 4.40
CMB CLA GG . 17.27 32.66 1.82
CAB CLA GG . 14.54 34.16 2.28
CBB CLA GG . 13.56 33.29 2.35
NC CLA GG . 16.11 36.62 6.90
C1C CLA GG . 14.98 36.52 6.15
C2C CLA GG . 13.92 37.29 6.78
C3C CLA GG . 14.40 37.77 7.98
C4C CLA GG . 15.80 37.37 8.04
CMC CLA GG . 12.57 37.46 6.28
CAC CLA GG . 13.69 38.64 8.92
CBC CLA GG . 13.12 37.94 10.11
ND CLA GG . 18.62 36.57 8.07
C1D CLA GG . 18.02 37.37 9.08
C2D CLA GG . 19.07 37.67 10.07
C3D CLA GG . 20.19 36.99 9.71
C4D CLA GG . 19.85 36.26 8.50
CMD CLA GG . 18.98 38.53 11.22
CAD CLA GG . 21.54 36.68 10.08
OBD CLA GG . 22.22 37.08 11.00
CBD CLA GG . 22.05 35.65 9.05
CGD CLA GG . 23.25 36.23 8.37
O1D CLA GG . 24.43 36.06 8.65
O2D CLA GG . 22.95 37.06 7.33
CED CLA GG . 23.99 37.66 6.58
C1 CLA GG . 17.73 30.88 6.37
C2 CLA GG . 16.97 30.13 5.36
C3 CLA GG . 15.64 30.21 5.23
C4 CLA GG . 14.80 31.08 6.09
C5 CLA GG . 14.93 29.43 4.20
MG CLA HG . 11.69 31.21 -2.06
CHA CLA HG . 14.46 29.63 -3.41
CHB CLA HG . 12.63 30.14 1.05
CHC CLA HG . 8.70 32.32 -0.79
CHD CLA HG . 10.52 31.86 -5.34
NA CLA HG . 13.29 30.07 -1.32
C1A CLA HG . 14.37 29.54 -2.04
C2A CLA HG . 15.34 28.86 -1.09
C3A CLA HG . 14.69 28.99 0.29
C4A CLA HG . 13.45 29.81 0.01
CMA CLA HG . 14.24 27.66 0.82
CAA CLA HG . 16.59 29.72 -1.10
CBA CLA HG . 17.63 29.30 -0.12
CGA CLA HG . 18.08 27.92 -0.41
O1A CLA HG . 18.66 27.47 -1.40
O2A CLA HG . 17.75 27.06 0.60
NB CLA HG . 10.86 31.26 -0.22
C1B CLA HG . 11.42 30.84 0.92
C2B CLA HG . 10.54 31.15 2.08
C3B CLA HG . 9.43 31.77 1.56
C4B CLA HG . 9.61 31.84 0.09
CMB CLA HG . 10.88 30.78 3.46
CAB CLA HG . 8.23 32.25 2.21
CBB CLA HG . 7.32 31.47 2.80
NC CLA HG . 9.95 31.95 -2.91
C1C CLA HG . 8.87 32.38 -2.20
C2C CLA HG . 7.86 32.87 -3.09
C3C CLA HG . 8.34 32.73 -4.38
C4C CLA HG . 9.68 32.17 -4.26
CMC CLA HG . 6.57 33.37 -2.65
CAC CLA HG . 7.67 33.11 -5.64
CBC CLA HG . 7.92 34.54 -6.03
ND CLA HG . 12.22 30.78 -3.96
C1D CLA HG . 11.71 31.20 -5.21
C2D CLA HG . 12.63 30.77 -6.27
C3D CLA HG . 13.67 30.16 -5.64
C4D CLA HG . 13.40 30.21 -4.20
CMD CLA HG . 12.40 30.95 -7.70
CAD CLA HG . 14.89 29.45 -5.82
OBD CLA HG . 15.39 29.07 -6.85
CBD CLA HG . 15.51 29.19 -4.41
CGD CLA HG . 16.00 27.78 -4.27
O1D CLA HG . 17.18 27.40 -4.21
O2D CLA HG . 15.02 26.84 -4.19
CED CLA HG . 15.24 25.73 -3.32
C1 CLA HG . 18.24 25.71 0.48
C2 CLA HG . 17.09 24.86 0.13
C3 CLA HG . 16.19 24.39 1.01
C4 CLA HG . 16.26 24.68 2.47
C5 CLA HG . 15.07 23.53 0.57
C6 CLA HG . 13.91 23.55 1.55
MG CLA IG . 2.82 46.58 -9.53
CHA CLA IG . 0.14 47.22 -11.62
CHB CLA IG . 2.74 43.29 -10.54
CHC CLA IG . 6.03 46.12 -8.39
CHD CLA IG . 3.22 50.09 -9.16
NA CLA IG . 1.64 45.46 -10.86
C1A CLA IG . 0.57 45.93 -11.62
C2A CLA IG . -0.02 44.82 -12.47
C3A CLA IG . 0.62 43.55 -11.87
C4A CLA IG . 1.78 44.12 -11.05
CMA CLA IG . -0.36 42.82 -10.99
CAA CLA IG . 0.35 45.05 -13.95
CBA CLA IG . 1.81 45.23 -14.35
CGA CLA IG . 2.33 46.64 -14.17
O1A CLA IG . 2.01 47.67 -14.73
O2A CLA IG . 3.32 46.70 -13.23
NB CLA IG . 4.12 45.03 -9.49
C1B CLA IG . 3.83 43.74 -9.79
C2B CLA IG . 4.87 42.83 -9.27
C3B CLA IG . 5.82 43.62 -8.65
C4B CLA IG . 5.35 45.03 -8.81
CMB CLA IG . 4.80 41.38 -9.50
CAB CLA IG . 7.06 43.34 -8.01
CBB CLA IG . 7.40 42.23 -7.33
NC CLA IG . 4.33 47.87 -8.87
C1C CLA IG . 5.56 47.46 -8.42
C2C CLA IG . 6.34 48.61 -8.00
C3C CLA IG . 5.56 49.75 -8.24
C4C CLA IG . 4.29 49.26 -8.77
CMC CLA IG . 7.71 48.55 -7.49
CAC CLA IG . 5.90 51.15 -7.98
CBC CLA IG . 6.49 51.85 -9.19
ND CLA IG . 1.96 48.29 -10.19
C1D CLA IG . 2.13 49.65 -9.83
C2D CLA IG . 0.99 50.43 -10.35
C3D CLA IG . 0.20 49.56 -11.06
C4D CLA IG . 0.85 48.25 -10.93
CMD CLA IG . 0.83 51.87 -10.19
CAD CLA IG . -0.98 49.39 -11.88
OBD CLA IG . -1.79 50.20 -12.30
CBD CLA IG . -1.05 47.88 -12.25
CGD CLA IG . -2.31 47.25 -11.73
O1D CLA IG . -3.07 46.48 -12.31
O2D CLA IG . -2.60 47.61 -10.45
CED CLA IG . -3.97 47.57 -10.11
C1 CLA IG . 3.94 47.98 -12.97
C2 CLA IG . 5.15 47.71 -12.16
C3 CLA IG . 6.28 48.40 -12.29
C4 CLA IG . 6.42 49.50 -13.27
C5 CLA IG . 7.46 48.09 -11.45
C6 CLA IG . 8.78 48.03 -12.18
C7 CLA IG . 9.86 47.48 -11.27
C8 CLA IG . 11.26 47.58 -11.89
C9 CLA IG . 11.81 46.19 -12.11
C10 CLA IG . 12.21 48.37 -10.99
C11 CLA IG . 12.96 49.42 -11.77
C12 CLA IG . 14.45 49.36 -11.55
C13 CLA IG . 15.09 50.75 -11.57
C14 CLA IG . 14.03 51.83 -11.58
C15 CLA IG . 16.03 50.94 -12.75
C16 CLA IG . 16.55 52.36 -12.79
C17 CLA IG . 17.86 52.49 -13.53
C18 CLA IG . 18.44 53.89 -13.38
C19 CLA IG . 19.24 54.30 -14.60
C20 CLA IG . 17.35 54.90 -13.12
MG CLA JG . 4.47 45.50 -23.18
CHA CLA JG . 1.06 45.21 -22.78
CHB CLA JG . 4.00 46.45 -26.43
CHC CLA JG . 7.82 46.28 -23.45
CHD CLA JG . 4.90 44.83 -19.77
NA CLA JG . 2.79 45.80 -24.38
C1A CLA JG . 1.44 45.61 -24.04
C2A CLA JG . 0.54 45.86 -25.24
C3A CLA JG . 1.52 46.13 -26.40
C4A CLA JG . 2.87 46.15 -25.70
CMA CLA JG . 1.44 45.05 -27.44
CAA CLA JG . -0.44 47.01 -25.08
CBA CLA JG . -1.83 46.50 -25.37
CGA CLA JG . -2.38 47.16 -26.59
O1A CLA JG . -1.79 47.87 -27.40
O2A CLA JG . -3.71 46.91 -26.77
NB CLA JG . 5.67 46.18 -24.66
C1B CLA JG . 5.29 46.52 -25.92
C2B CLA JG . 6.47 46.95 -26.72
C3B CLA JG . 7.55 46.90 -25.89
C4B CLA JG . 7.06 46.43 -24.56
CMB CLA JG . 6.38 47.38 -28.12
CAB CLA JG . 8.93 47.24 -26.12
CBB CLA JG . 9.89 46.36 -26.43
NC CLA JG . 6.06 45.58 -21.83
C1C CLA JG . 7.35 45.89 -22.16
C2C CLA JG . 8.22 45.77 -21.01
C3C CLA JG . 7.40 45.38 -19.95
C4C CLA JG . 6.05 45.23 -20.48
CMC CLA JG . 9.65 46.05 -21.00
CAC CLA JG . 7.89 45.14 -18.59
CBC CLA JG . 7.66 43.74 -18.10
ND CLA JG . 3.30 45.29 -21.55
C1D CLA JG . 3.62 44.88 -20.24
C2D CLA JG . 2.38 44.50 -19.53
C3D CLA JG . 1.36 44.64 -20.44
C4D CLA JG . 1.99 45.08 -21.70
CMD CLA JG . 2.31 44.11 -18.13
CAD CLA JG . -0.06 44.52 -20.69
OBD CLA JG . -0.96 44.23 -19.91
CBD CLA JG . -0.28 44.80 -22.20
CGD CLA JG . -0.82 43.57 -22.88
O1D CLA JG . -0.18 42.73 -23.52
O2D CLA JG . -2.16 43.43 -22.77
CED CLA JG . -2.86 42.96 -23.92
MG CLA KG . 14.73 33.28 -10.46
CHA CLA KG . 16.67 32.07 -7.81
CHB CLA KG . 16.55 31.28 -12.57
CHC CLA KG . 12.23 33.48 -12.80
CHD CLA KG . 12.53 34.72 -8.07
NA CLA KG . 16.36 31.97 -10.21
C1A CLA KG . 17.01 31.59 -9.04
C2A CLA KG . 18.14 30.61 -9.38
C3A CLA KG . 18.34 30.82 -10.89
C4A CLA KG . 16.97 31.37 -11.27
CMA CLA KG . 19.42 31.82 -11.21
CAA CLA KG . 17.62 29.20 -9.23
CBA CLA KG . 18.31 28.45 -8.11
CGA CLA KG . 17.78 27.06 -7.99
O1A CLA KG . 17.94 26.25 -7.07
O2A CLA KG . 17.06 26.66 -9.09
NB CLA KG . 14.43 32.48 -12.27
C1B CLA KG . 15.33 31.79 -13.01
C2B CLA KG . 14.91 31.67 -14.41
C3B CLA KG . 13.69 32.28 -14.51
C4B CLA KG . 13.37 32.82 -13.16
CMB CLA KG . 15.75 30.98 -15.38
CAB CLA KG . 12.84 32.40 -15.67
CBB CLA KG . 12.10 33.46 -16.02
NC CLA KG . 12.79 34.03 -10.45
C1C CLA KG . 11.97 34.06 -11.54
C2C CLA KG . 10.70 34.69 -11.22
C3C CLA KG . 10.76 35.00 -9.86
C4C CLA KG . 12.08 34.60 -9.39
CMC CLA KG . 9.59 34.88 -12.16
CAC CLA KG . 9.73 35.67 -9.05
CBC CLA KG . 9.80 37.17 -9.18
ND CLA KG . 14.64 33.51 -8.45
C1D CLA KG . 13.72 34.20 -7.61
C2D CLA KG . 14.25 34.22 -6.24
C3D CLA KG . 15.37 33.41 -6.24
C4D CLA KG . 15.55 32.96 -7.65
CMD CLA KG . 13.60 34.92 -5.14
CAD CLA KG . 16.46 32.86 -5.47
OBD CLA KG . 16.74 33.05 -4.30
CBD CLA KG . 17.27 31.91 -6.41
CGD CLA KG . 18.76 32.15 -6.28
O1D CLA KG . 19.49 31.81 -5.35
O2D CLA KG . 19.35 32.81 -7.31
CED CLA KG . 20.60 32.28 -7.79
C1 CLA KG . 15.94 25.77 -8.86
C2 CLA KG . 14.74 26.63 -8.68
C3 CLA KG . 13.50 26.14 -8.61
C4 CLA KG . 13.22 24.70 -8.72
C5 CLA KG . 12.34 27.06 -8.43
C6 CLA KG . 11.38 26.69 -7.31
C7 CLA KG . 11.99 26.79 -5.93
C8 CLA KG . 10.88 26.96 -4.89
C9 CLA KG . 9.93 28.03 -5.39
C10 CLA KG . 11.46 27.29 -3.51
C11 CLA KG . 10.62 28.22 -2.68
C12 CLA KG . 9.47 27.54 -1.96
C13 CLA KG . 8.72 28.52 -1.08
C14 CLA KG . 8.81 28.11 0.38
C15 CLA KG . 7.26 28.67 -1.49
C16 CLA KG . 7.08 29.10 -2.93
C17 CLA KG . 5.71 29.70 -3.15
C18 CLA KG . 5.27 29.66 -4.61
C19 CLA KG . 4.35 30.83 -4.95
C20 CLA KG . 6.47 29.63 -5.53
MG CLA LG . 20.40 47.27 -4.40
CHA CLA LG . 23.42 46.65 -5.98
CHB CLA LG . 21.93 49.05 -2.01
CHC CLA LG . 17.31 48.07 -3.14
CHD CLA LG . 18.78 45.63 -7.13
NA CLA LG . 22.39 47.75 -4.07
C1A CLA LG . 23.51 47.42 -4.84
C2A CLA LG . 24.78 47.93 -4.17
C3A CLA LG . 24.27 48.38 -2.79
C4A CLA LG . 22.76 48.44 -2.94
CMA CLA LG . 24.65 47.30 -1.85
CAA CLA LG . 25.51 49.02 -4.93
CBA CLA LG . 24.56 50.02 -5.53
CGA CLA LG . 24.22 51.10 -4.57
O1A CLA LG . 24.97 51.61 -3.73
O2A CLA LG . 22.93 51.54 -4.65
NB CLA LG . 19.73 48.45 -2.91
C1B CLA LG . 20.53 49.08 -2.02
C2B CLA LG . 19.67 49.74 -0.98
C3B CLA LG . 18.35 49.46 -1.31
C4B CLA LG . 18.39 48.60 -2.51
CMB CLA LG . 20.26 50.49 0.13
CAB CLA LG . 17.06 49.73 -0.71
CBB CLA LG . 16.76 50.12 0.52
NC CLA LG . 18.45 46.87 -5.01
C1C CLA LG . 17.33 47.24 -4.29
C2C CLA LG . 16.14 46.73 -4.94
C3C CLA LG . 16.56 46.13 -6.11
C4C CLA LG . 18.00 46.22 -6.14
CMC CLA LG . 14.78 46.85 -4.50
CAC CLA LG . 15.73 45.48 -7.12
CBC CLA LG . 15.24 46.44 -8.17
ND CLA LG . 20.89 46.25 -6.08
C1D CLA LG . 20.14 45.62 -7.10
C2D CLA LG . 21.04 44.98 -8.07
C3D CLA LG . 22.32 45.33 -7.68
C4D CLA LG . 22.16 46.16 -6.46
CMD CLA LG . 20.57 44.16 -9.18
CAD CLA LG . 23.74 45.18 -7.93
OBD CLA LG . 24.31 44.46 -8.72
CBD CLA LG . 24.46 46.12 -6.94
CGD CLA LG . 25.62 45.45 -6.27
O1D CLA LG . 26.79 45.38 -6.67
O2D CLA LG . 25.31 44.86 -5.08
CED CLA LG . 26.37 44.49 -4.20
C1 CLA LG . 22.45 52.29 -3.53
C2 CLA LG . 20.97 52.20 -3.47
C3 CLA LG . 20.23 53.01 -2.72
C4 CLA LG . 20.83 54.07 -1.86
C5 CLA LG . 18.74 52.90 -2.71
C6 CLA LG . 18.07 54.25 -2.76
C7 CLA LG . 17.02 54.27 -3.85
C8 CLA LG . 16.20 55.56 -3.94
C9 CLA LG . 17.06 56.80 -3.79
C10 CLA LG . 15.04 55.55 -2.95
C11 CLA LG . 13.98 54.62 -3.46
C12 CLA LG . 13.16 55.27 -4.55
C13 CLA LG . 11.84 54.55 -4.77
C14 CLA LG . 11.86 53.79 -6.07
C15 CLA LG . 10.66 55.51 -4.76
C16 CLA LG . 9.78 55.27 -3.56
C17 CLA LG . 8.44 55.94 -3.70
C18 CLA LG . 7.65 56.06 -2.39
C19 CLA LG . 8.50 56.55 -1.25
C20 CLA LG . 6.45 56.98 -2.56
MG CLA MG . 17.49 49.09 12.46
CHA CLA MG . 19.12 50.35 9.68
CHB CLA MG . 19.82 50.60 14.47
CHC CLA MG . 15.39 48.76 15.15
CHD CLA MG . 14.76 48.24 10.34
NA CLA MG . 19.20 50.23 12.11
C1A CLA MG . 19.71 50.66 10.88
C2A CLA MG . 20.98 51.49 11.09
C3A CLA MG . 21.34 51.19 12.56
C4A CLA MG . 20.03 50.64 13.11
CMA CLA MG . 22.46 50.19 12.69
CAA CLA MG . 20.75 52.98 10.89
CBA CLA MG . 19.37 53.49 11.26
CGA CLA MG . 19.34 54.95 11.59
O1A CLA MG . 20.15 55.61 12.26
O2A CLA MG . 18.30 55.63 11.03
NB CLA MG . 17.60 49.58 14.40
C1B CLA MG . 18.66 50.10 15.06
C2B CLA MG . 18.41 50.10 16.52
C3B CLA MG . 17.17 49.58 16.69
C4B CLA MG . 16.62 49.24 15.37
CMB CLA MG . 19.36 50.62 17.50
CAB CLA MG . 16.39 49.36 17.86
CBB CLA MG . 16.46 48.23 18.56
NC CLA MG . 15.48 48.54 12.69
C1C CLA MG . 14.84 48.43 13.88
C2C CLA MG . 13.48 47.97 13.70
C3C CLA MG . 13.27 47.86 12.32
C4C CLA MG . 14.54 48.21 11.71
CMC CLA MG . 12.56 47.77 14.80
CAC CLA MG . 12.07 47.40 11.62
CBC CLA MG . 11.01 48.44 11.35
ND CLA MG . 17.01 49.19 10.51
C1D CLA MG . 15.93 48.67 9.77
C2D CLA MG . 16.20 48.76 8.35
C3D CLA MG . 17.41 49.41 8.25
C4D CLA MG . 17.87 49.67 9.62
CMD CLA MG . 15.27 48.29 7.33
CAD CLA MG . 18.39 49.98 7.37
OBD CLA MG . 18.28 50.06 6.17
CBD CLA MG . 19.54 50.56 8.24
CGD CLA MG . 20.88 49.92 7.96
O1D CLA MG . 21.13 48.72 7.91
O2D CLA MG . 21.90 50.78 7.77
CED CLA MG . 23.23 50.34 8.04
C1 CLA MG . 18.67 56.74 10.18
C2 CLA MG . 17.44 57.20 9.48
C3 CLA MG . 16.31 57.45 10.13
MG CLA NG . 13.46 51.79 4.23
CHA CLA NG . 16.53 53.16 5.12
CHB CLA NG . 13.94 52.94 1.03
CHC CLA NG . 10.14 51.27 3.51
CHD CLA NG . 12.67 51.49 7.68
NA CLA NG . 15.02 52.78 3.24
C1A CLA NG . 16.23 53.25 3.77
C2A CLA NG . 17.08 53.89 2.67
C3A CLA NG . 16.25 53.71 1.38
C4A CLA NG . 14.98 53.08 1.91
CMA CLA NG . 15.91 55.03 0.75
CAA CLA NG . 18.38 53.15 2.43
CBA CLA NG . 19.32 53.99 1.61
CGA CLA NG . 20.19 54.69 2.60
O1A CLA NG . 20.88 54.18 3.48
O2A CLA NG . 20.17 56.05 2.49
NB CLA NG . 12.31 51.99 2.59
C1B CLA NG . 12.68 52.45 1.38
C2B CLA NG . 11.55 52.43 0.41
C3B CLA NG . 10.46 51.95 1.13
C4B CLA NG . 10.94 51.69 2.51
CMB CLA NG . 11.71 52.92 -0.95
CAB CLA NG . 9.08 51.71 0.84
CBB CLA NG . 8.48 51.64 -0.35
NC CLA NG . 11.75 51.36 5.37
C1C CLA NG . 10.52 51.10 4.86
C2C CLA NG . 9.59 50.74 5.91
C3C CLA NG . 10.26 50.92 7.11
C4C CLA NG . 11.64 51.27 6.77
CMC CLA NG . 8.17 50.42 5.70
CAC CLA NG . 9.70 50.67 8.45
CBC CLA NG . 9.40 51.94 9.22
ND CLA NG . 14.35 52.14 6.01
C1D CLA NG . 13.94 51.90 7.35
C2D CLA NG . 15.06 52.21 8.25
C3D CLA NG . 16.06 52.69 7.46
C4D CLA NG . 15.57 52.66 6.06
CMD CLA NG . 15.01 52.06 9.70
CAD CLA NG . 17.38 53.25 7.42
OBD CLA NG . 18.15 53.53 8.31
CBD CLA NG . 17.72 53.58 5.95
CGD CLA NG . 18.08 55.04 5.88
O1D CLA NG . 19.22 55.52 5.92
O2D CLA NG . 17.02 55.89 5.80
CED CLA NG . 17.26 57.19 5.25
C1 CLA NG . 20.21 56.69 1.19
C2 CLA NG . 19.02 57.57 1.16
C3 CLA NG . 18.78 58.42 0.18
C4 CLA NG . 19.64 58.54 -1.02
C5 CLA NG . 17.56 59.28 0.20
C6 CLA NG . 16.49 58.78 -0.73
C7 CLA NG . 15.18 59.49 -0.47
C8 CLA NG . 14.09 59.11 -1.44
C9 CLA NG . 13.97 60.16 -2.53
C10 CLA NG . 12.80 58.98 -0.68
C11 CLA NG . 12.80 57.71 0.12
C12 CLA NG . 11.47 57.48 0.79
C13 CLA NG . 11.48 56.31 1.76
C14 CLA NG . 10.07 55.94 2.15
C15 CLA NG . 12.29 56.62 3.00
C16 CLA NG . 12.48 55.39 3.85
C17 CLA NG . 13.18 55.70 5.16
C18 CLA NG . 12.26 55.80 6.38
C19 CLA NG . 13.01 55.43 7.63
C20 CLA NG . 11.01 54.95 6.29
MG CLA OG . -0.12 40.51 10.46
CHA CLA OG . -3.58 40.38 10.74
CHB CLA OG . -0.15 43.84 11.14
CHC CLA OG . 3.23 40.64 9.66
CHD CLA OG . -0.22 37.21 9.11
NA CLA OG . -1.64 41.86 11.00
C1A CLA OG . -3.02 41.61 11.06
C2A CLA OG . -3.75 42.89 11.47
C3A CLA OG . -2.63 43.95 11.58
C4A CLA OG . -1.36 43.18 11.27
CMA CLA OG . -2.86 45.03 10.55
CAA CLA OG . -4.42 42.81 12.84
CBA CLA OG . -3.97 41.71 13.77
CGA CLA OG . -3.25 42.34 14.90
O1A CLA OG . -2.50 43.31 14.88
O2A CLA OG . -3.52 41.71 16.07
NB CLA OG . 1.27 42.00 10.30
C1B CLA OG . 1.09 43.26 10.78
C2B CLA OG . 2.42 43.93 10.88
C3B CLA OG . 3.37 43.04 10.46
C4B CLA OG . 2.65 41.79 10.10
CMB CLA OG . 2.61 45.29 11.35
CAB CLA OG . 4.80 43.19 10.37
CBB CLA OG . 5.47 43.87 9.44
NC CLA OG . 1.24 39.15 9.60
C1C CLA OG . 2.59 39.39 9.46
C2C CLA OG . 3.26 38.20 8.96
C3C CLA OG . 2.26 37.26 8.73
C4C CLA OG . 1.01 37.85 9.15
CMC CLA OG . 4.71 38.11 8.72
CAC CLA OG . 2.39 35.88 8.29
CBC CLA OG . 2.48 35.70 6.82
ND CLA OG . -1.49 38.99 10.23
C1D CLA OG . -1.40 37.73 9.57
C2D CLA OG . -2.73 37.12 9.53
C3D CLA OG . -3.60 38.07 10.01
C4D CLA OG . -2.79 39.25 10.37
CMD CLA OG . -3.02 35.78 9.05
CAD CLA OG . -4.97 38.37 10.33
OBD CLA OG . -5.93 37.63 10.40
CBD CLA OG . -5.02 39.91 10.59
CGD CLA OG . -5.67 40.56 9.40
O1D CLA OG . -5.15 41.31 8.58
O2D CLA OG . -7.00 40.31 9.24
CED CLA OG . -7.66 41.12 8.28
C1 CLA OG . -3.48 40.28 16.01
C2 CLA OG . -2.38 39.86 16.90
C3 CLA OG . -2.38 38.69 17.55
C4 CLA OG . -3.48 37.72 17.42
C5 CLA OG . -1.25 38.35 18.45
C6 CLA OG . -0.18 37.48 17.84
C7 CLA OG . 0.31 36.49 18.89
C8 CLA OG . 1.83 36.41 18.99
C9 CLA OG . 2.25 36.44 20.44
C10 CLA OG . 2.50 37.54 18.23
C11 CLA OG . 3.53 37.04 17.24
C12 CLA OG . 4.22 38.19 16.53
C13 CLA OG . 5.72 37.92 16.41
C14 CLA OG . 5.97 36.45 16.16
C15 CLA OG . 6.48 38.39 17.65
C16 CLA OG . 7.39 37.30 18.18
C17 CLA OG . 8.29 37.80 19.29
C18 CLA OG . 9.63 37.07 19.31
C19 CLA OG . 9.59 35.81 18.48
C20 CLA OG . 10.02 36.76 20.73
MG CLA PG . 0.42 31.25 4.12
CHA CLA PG . -3.00 30.89 4.71
CHB CLA PG . 0.99 30.74 7.48
CHC CLA PG . 3.71 30.48 3.45
CHD CLA PG . -0.27 31.00 0.65
NA CLA PG . -0.81 30.94 5.79
C1A CLA PG . -2.21 30.82 5.83
C2A CLA PG . -2.69 30.62 7.27
C3A CLA PG . -1.44 31.04 8.08
C4A CLA PG . -0.32 30.88 7.06
CMA CLA PG . -1.54 32.46 8.57
CAA CLA PG . -2.98 29.15 7.50
CBA CLA PG . -3.93 28.88 8.64
CGA CLA PG . -5.33 29.23 8.26
O1A CLA PG . -5.71 30.25 7.67
O2A CLA PG . -6.26 28.29 8.63
NB CLA PG . 2.03 30.79 5.25
C1B CLA PG . 2.06 30.59 6.59
C2B CLA PG . 3.41 30.19 7.02
C3B CLA PG . 4.18 30.11 5.89
C4B CLA PG . 3.32 30.50 4.75
CMB CLA PG . 3.74 29.87 8.41
CAB CLA PG . 5.56 29.74 5.69
CBB CLA PG . 6.62 30.35 6.23
NC CLA PG . 1.52 30.90 2.37
C1C CLA PG . 2.86 30.67 2.33
C2C CLA PG . 3.31 30.57 0.95
C3C CLA PG . 2.18 30.62 0.16
C4C CLA PG . 1.07 30.86 1.05
CMC CLA PG . 4.71 30.34 0.55
CAC CLA PG . 2.12 30.55 -1.31
CBC CLA PG . 1.62 29.21 -1.83
ND CLA PG . -1.19 31.02 2.91
C1D CLA PG . -1.33 31.07 1.51
C2D CLA PG . -2.75 31.17 1.16
C3D CLA PG . -3.44 31.08 2.35
C4D CLA PG . -2.42 30.98 3.40
CMD CLA PG . -3.25 31.28 -0.21
CAD CLA PG . -4.73 31.09 2.97
OBD CLA PG . -5.84 31.22 2.48
CBD CLA PG . -4.50 30.92 4.50
CGD CLA PG . -5.12 32.12 5.13
O1D CLA PG . -6.23 32.23 5.66
O2D CLA PG . -4.32 33.21 5.03
CED CLA PG . -4.43 34.18 6.05
C1 CLA PG . -7.34 27.93 7.73
C2 CLA PG . -8.50 28.86 7.87
C3 CLA PG . -9.54 28.85 7.02
C03 II0 QG . 20.06 53.54 -8.39
C04 II0 QG . 1.95 48.08 6.64
C05 II0 QG . 21.56 53.69 -9.02
C06 II0 QG . 0.35 47.99 6.99
C07 II0 QG . 22.57 53.25 -8.24
C08 II0 QG . -0.26 46.76 6.96
C09 II0 QG . 19.97 52.37 -7.50
C10 II0 QG . 2.50 46.77 6.48
C11 II0 QG . 22.39 51.59 -7.96
C12 II0 QG . 0.59 45.71 7.91
C13 II0 QG . 21.07 51.21 -7.63
C14 II0 QG . 1.93 45.57 7.36
C15 II0 QG . 19.70 54.83 -7.58
C16 II0 QG . 19.02 53.38 -9.55
C17 II0 QG . 2.12 48.88 5.32
C18 II0 QG . 2.70 48.86 7.79
C19 II0 QG . 20.82 49.88 -6.94
C20 II0 QG . 2.53 44.17 7.17
C21 II0 QG . 18.54 51.88 -7.24
C22 II0 QG . 3.98 46.72 6.08
C23 II0 QG . 17.43 51.52 -7.02
C24 II0 QG . 5.12 46.69 5.82
C25 II0 QG . 16.01 51.10 -6.65
C26 II0 QG . 6.57 46.82 5.38
C27 II0 QG . 14.88 51.00 -7.67
C28 II0 QG . 7.57 46.79 6.50
C29 II0 QG . 15.82 50.83 -5.33
C30 II0 QG . 6.90 46.91 4.11
C31 II0 QG . 14.40 50.39 -4.87
C32 II0 QG . 8.40 47.03 3.72
C33 II0 QG . 14.26 50.26 -3.54
C34 II0 QG . 8.63 47.79 2.66
C35 II0 QG . 12.92 49.84 -3.00
C36 II0 QG . 10.03 48.02 2.12
C37 II0 QG . 11.72 49.74 -3.90
C38 II0 QG . 11.27 47.90 3.00
C39 II0 QG . 12.83 49.61 -1.69
C40 II0 QG . 10.12 48.35 0.81
C41 II0 QG . 11.49 49.23 -1.04
C42 II0 QG . 11.49 48.66 0.19
O01 II0 QG . 23.81 53.43 -8.87
O02 II0 QG . -1.58 46.89 7.48
C03 II0 RG . 15.05 30.61 10.63
C04 II0 RG . 1.28 39.90 -7.00
C05 II0 RG . 16.39 29.89 11.28
C06 II0 RG . 0.12 40.84 -7.72
C07 II0 RG . 17.48 30.11 10.52
C08 II0 RG . -0.19 41.91 -6.93
C09 II0 RG . 15.36 31.75 9.74
C10 II0 RG . 2.35 40.66 -6.39
C11 II0 RG . 17.79 31.77 10.53
C12 II0 RG . 1.08 42.93 -6.65
C13 II0 RG . 16.76 32.49 9.86
C14 II0 RG . 2.33 42.25 -6.48
C15 II0 RG . 14.25 29.55 9.79
C16 II0 RG . 14.14 31.15 11.79
C17 II0 RG . 1.88 38.92 -8.04
C18 II0 RG . 0.62 39.11 -5.82
C19 II0 RG . 17.00 33.74 9.03
C20 II0 RG . 3.47 43.03 -5.85
C21 II0 RG . 14.19 32.59 9.19
C22 II0 RG . 3.72 39.95 -6.25
C23 II0 RG . 13.29 33.18 8.72
C24 II0 RG . 4.75 39.39 -6.08
C25 II0 RG . 12.11 33.84 8.00
C26 II0 RG . 6.05 38.61 -5.82
C27 II0 RG . 11.04 34.63 8.72
C28 II0 RG . 6.92 38.09 -6.94
C29 II0 RG . 12.09 33.67 6.65
C30 II0 RG . 6.30 38.42 -4.54
C31 II0 RG . 10.95 34.28 5.82
C32 II0 RG . 7.54 37.72 -3.96
C33 II0 RG . 11.25 34.49 4.54
C34 II0 RG . 7.40 37.13 -2.79
C35 II0 RG . 10.21 35.07 3.63
C36 II0 RG . 8.61 36.48 -2.15
C37 II0 RG . 8.96 35.62 4.25
C38 II0 RG . 9.92 36.26 -2.89
C39 II0 RG . 10.42 35.06 2.30
C40 II0 RG . 8.45 36.16 -0.85
C41 II0 RG . 9.35 35.64 1.37
C42 II0 RG . 9.58 35.58 0.03
O01 II0 RG . 18.58 29.40 11.02
O02 II0 RG . -1.25 42.67 -7.53
C03 II0 SG . 14.99 43.31 10.21
C04 II0 SG . -5.40 32.43 11.36
C05 II0 SG . 16.50 42.93 9.70
C06 II0 SG . -6.92 32.67 11.95
C07 II0 SG . 17.26 42.53 10.73
C08 II0 SG . -7.82 31.73 11.55
C09 II0 SG . 14.42 42.58 11.34
C10 II0 SG . -4.91 31.09 11.62
C11 II0 SG . 16.56 41.21 11.53
C12 II0 SG . -7.37 30.19 11.99
C13 II0 SG . 15.16 41.25 11.75
C14 II0 SG . -5.94 30.01 12.20
C15 II0 SG . 14.94 44.78 10.67
C16 II0 SG . 14.02 43.09 9.03
C17 II0 SG . -5.42 32.70 9.84
C18 II0 SG . -4.43 33.49 12.00
C19 II0 SG . 14.44 40.34 12.74
C20 II0 SG . -5.41 28.58 12.32
C21 II0 SG . 12.89 42.57 11.47
C22 II0 SG . -3.40 30.88 11.85
C23 II0 SG . 11.69 42.53 11.56
C24 II0 SG . -2.21 30.84 11.97
C25 II0 SG . 10.18 42.40 11.80
C26 II0 SG . -0.68 31.01 11.98
C27 II0 SG . 9.19 43.50 11.40
C28 II0 SG . 0.29 29.86 11.85
C29 II0 SG . 9.78 41.24 12.38
C30 II0 SG . -0.31 32.27 12.07
C31 II0 SG . 8.27 41.01 12.64
C32 II0 SG . 1.18 32.70 12.06
C33 II0 SG . 7.86 39.80 12.27
C34 II0 SG . 1.38 34.01 12.10
C35 II0 SG . 6.42 39.39 12.43
C36 II0 SG . 2.80 34.51 12.06
C37 II0 SG . 5.36 40.45 12.57
C38 II0 SG . 3.93 33.55 11.76
C39 II0 SG . 6.14 38.09 12.41
C40 II0 SG . 3.01 35.81 12.31
C41 II0 SG . 4.68 37.65 12.53
C42 II0 SG . 4.47 36.34 12.26
O01 II0 SG . 18.52 42.18 10.20
O02 II0 SG . -9.08 32.03 12.15
C02 IHT TG . 12.37 35.84 13.90
C03 IHT TG . -2.39 33.26 -3.92
C04 IHT TG . 13.62 36.69 14.56
C05 IHT TG . -3.90 33.31 -4.63
C06 IHT TG . 13.23 37.29 15.71
C07 IHT TG . 11.24 36.71 13.61
C08 IHT TG . -4.18 34.58 -5.03
C09 IHT TG . 11.96 38.36 15.49
C10 IHT TG . 10.89 37.80 14.72
C11 IHT TG . -1.38 33.78 -4.83
C12 IHT TG . -3.17 35.02 -6.33
C13 IHT TG . 11.93 34.76 14.95
C14 IHT TG . 12.88 35.11 12.56
C15 IHT TG . -1.79 34.78 -6.04
C16 IHT TG . -2.40 34.08 -2.65
C17 IHT TG . -2.05 31.82 -3.60
C18 IHT TG . 10.20 36.33 12.55
C19 IHT TG . 9.44 38.10 15.09
C20 IHT TG . -0.74 35.76 -6.58
C21 IHT TG . 0.02 34.02 -4.20
C22 IHT TG . 9.42 35.28 12.78
C23 IHT TG . 8.31 34.84 11.73
C24 IHT TG . 1.08 34.24 -3.65
C25 IHT TG . 7.48 33.55 11.99
C26 IHT TG . 2.35 34.56 -2.85
C27 IHT TG . 8.10 35.60 10.62
C28 IHT TG . 3.42 35.52 -3.41
C29 IHT TG . 2.48 33.98 -1.65
C30 IHT TG . 6.99 35.18 9.58
C31 IHT TG . 3.67 34.23 -0.72
C32 IHT TG . 7.26 34.36 8.56
C33 IHT TG . 6.12 34.00 7.59
C34 IHT TG . 3.39 34.19 0.59
C35 IHT TG . 4.47 34.45 1.68
C36 IHT TG . 4.85 33.32 8.11
C37 IHT TG . 6.26 34.29 6.28
C38 IHT TG . 4.33 33.90 2.90
C39 IHT TG . 5.66 35.38 1.34
C40 IHT TG . 5.14 33.96 5.27
C41 IHT TG . 5.40 34.19 3.99
O01 IHT TG . -5.54 34.66 -5.41
C03 II0 UG . 14.95 41.93 -9.67
C04 II0 UG . -2.29 50.45 -23.78
C05 II0 UG . 16.53 41.49 -9.83
C06 II0 UG . -3.62 50.16 -24.74
C07 II0 UG . 16.78 40.34 -9.18
C08 II0 UG . -4.73 49.60 -24.13
C09 II0 UG . 13.99 40.85 -9.93
C10 II0 UG . -2.01 49.40 -22.79
C11 II0 UG . 15.84 39.03 -9.76
C12 II0 UG . -4.37 48.28 -23.19
C13 II0 UG . 14.51 39.36 -10.17
C14 II0 UG . -3.20 48.43 -22.32
C15 II0 UG . 14.67 42.19 -8.16
C16 II0 UG . 14.62 43.20 -10.54
C17 II0 UG . -2.44 51.82 -23.09
C18 II0 UG . -1.07 50.66 -24.75
C19 II0 UG . 13.49 38.24 -10.09
C20 II0 UG . -2.93 47.35 -21.28
C21 II0 UG . 12.50 41.25 -10.16
C22 II0 UG . -0.54 49.18 -22.32
C23 II0 UG . 11.37 41.58 -10.46
C24 II0 UG . 0.66 49.14 -22.12
C25 II0 UG . 10.00 41.99 -11.04
C26 II0 UG . 2.21 49.25 -22.15
C27 II0 UG . 8.71 41.42 -10.48
C28 II0 UG . 2.79 49.80 -23.43
C29 II0 UG . 10.00 42.85 -12.11
C30 II0 UG . 3.09 48.95 -21.19
C31 II0 UG . 8.70 43.31 -12.84
C32 II0 UG . 3.00 48.36 -19.75
C33 II0 UG . 7.89 44.32 -12.44
C34 II0 UG . 4.28 48.36 -19.33
C35 II0 UG . 6.69 44.57 -13.35
C36 II0 UG . 5.01 47.92 -18.06
C37 II0 UG . 5.31 44.13 -12.92
C38 II0 UG . 6.44 48.49 -17.95
C39 II0 UG . 6.93 45.16 -14.54
C40 II0 UG . 4.53 47.09 -17.10
C41 II0 UG . 5.88 45.50 -15.64
C42 II0 UG . 5.54 46.79 -15.94
O01 II0 UG . 18.14 40.01 -9.35
O02 II0 UG . -5.46 50.56 -23.38
O1 LHG VG . 22.32 45.77 17.27
C1 LHG VG . 22.13 47.14 16.95
C2 LHG VG . 20.76 47.29 16.33
O2 LHG VG . 19.78 46.69 17.18
C3 LHG VG . 20.72 46.58 14.99
O3 LHG VG . 19.36 46.20 14.78
P LHG VG . 18.77 45.92 13.31
O4 LHG VG . 19.48 44.77 12.69
O5 LHG VG . 18.64 47.23 12.59
O6 LHG VG . 17.31 45.44 13.69
C4 LHG VG . 17.16 44.11 14.14
C5 LHG VG . 16.08 44.11 15.21
C6 LHG VG . 14.95 44.95 14.72
O7 LHG VG . 15.55 42.82 15.35
C7 LHG VG . 15.75 42.29 16.68
O9 LHG VG . 16.60 42.79 17.40
C8 LHG VG . 14.91 41.14 17.14
C9 LHG VG . 15.27 40.87 18.56
C10 LHG VG . 14.33 39.87 19.19
O8 LHG VG . 13.88 44.11 14.35
C23 LHG VG . 12.72 44.03 15.21
O10 LHG VG . 12.62 44.78 16.15
C24 LHG VG . 11.64 43.02 14.97
C11 LHG VG . 14.75 39.65 20.63
C12 LHG VG . 13.91 38.52 21.19
C13 LHG VG . 13.75 38.67 22.69
C14 LHG VG . 13.07 37.42 23.22
C15 LHG VG . 12.40 37.70 24.55
C16 LHG VG . 11.29 38.72 24.40
C17 LHG VG . 10.17 38.41 25.38
C18 LHG VG . 9.22 37.42 24.73
C19 LHG VG . 7.95 37.25 25.53
C20 LHG VG . 6.90 36.46 24.75
C21 LHG VG . 6.65 37.11 23.40
C22 LHG VG . 5.31 37.79 23.34
C25 LHG VG . 11.39 42.42 16.33
C26 LHG VG . 9.94 42.03 16.52
C27 LHG VG . 9.62 42.10 18.01
C28 LHG VG . 10.59 41.26 18.83
C29 LHG VG . 10.18 41.29 20.28
C30 LHG VG . 10.43 42.67 20.89
C31 LHG VG . 9.60 42.88 22.15
C32 LHG VG . 9.72 41.72 23.10
C33 LHG VG . 9.04 41.89 24.45
C34 LHG VG . 7.64 42.46 24.32
C35 LHG VG . 6.77 42.21 25.54
C36 LHG VG . 6.79 40.73 25.89
C37 LHG VG . 5.93 40.35 27.08
C38 LHG VG . 4.51 40.83 26.89
C1B LMT WG . -11.89 38.54 16.44
C2B LMT WG . -13.21 38.60 15.69
C3B LMT WG . -13.38 39.95 15.02
C4B LMT WG . -13.23 41.04 16.06
C5B LMT WG . -11.85 40.89 16.70
C6B LMT WG . -11.53 42.01 17.68
O1B LMT WG . -10.82 38.55 15.50
O2B LMT WG . -13.24 37.57 14.70
O3B LMT WG . -14.67 40.04 14.40
O4' LMT WG . -13.35 42.33 15.43
O5B LMT WG . -11.77 39.63 17.35
O6B LMT WG . -12.74 42.55 18.24
C1' LMT WG . -7.26 36.98 14.42
C2' LMT WG . -8.24 35.95 14.96
C3' LMT WG . -9.64 36.53 14.96
C4' LMT WG . -9.72 37.74 15.90
C5' LMT WG . -8.47 38.62 15.88
C6' LMT WG . -7.75 38.62 17.22
O1' LMT WG . -5.93 36.67 14.78
O2' LMT WG . -8.23 34.80 14.12
O3' LMT WG . -10.56 35.52 15.39
O5' LMT WG . -7.55 38.34 14.80
O6' LMT WG . -8.70 38.89 18.26
C1 LMT WG . -5.06 37.47 13.99
C2 LMT WG . -3.86 36.64 13.60
C3 LMT WG . -2.58 37.46 13.57
C4 LMT WG . -1.44 36.60 13.06
C5 LMT WG . -0.12 37.24 13.46
C6 LMT WG . -0.31 38.73 13.64
C7 LMT WG . 0.91 39.46 13.14
C8 LMT WG . 0.92 40.85 13.76
C9 LMT WG . 2.23 41.09 14.51
C10 LMT WG . 2.34 42.57 14.79
C11 LMT WG . 0.94 43.16 14.70
C12 LMT WG . 0.98 44.64 14.90
MG CLA XG . 4.22 11.60 57.31
CHA CLA XG . 5.15 14.94 57.40
CHB CLA XG . 4.65 11.44 60.69
CHC CLA XG . 2.58 8.61 57.37
CHD CLA XG . 3.03 12.11 54.00
NA CLA XG . 4.80 12.97 58.78
C1A CLA XG . 5.13 14.32 58.62
C2A CLA XG . 5.49 14.96 59.95
C3A CLA XG . 5.59 13.74 60.89
C4A CLA XG . 4.94 12.64 60.09
CMA CLA XG . 7.01 13.39 61.21
CAA CLA XG . 4.45 15.97 60.44
CBA CLA XG . 3.01 15.55 60.25
CGA CLA XG . 2.09 16.62 60.76
O1A CLA XG . 1.15 17.22 60.21
O2A CLA XG . 2.43 16.96 62.03
NB CLA XG . 3.68 10.31 58.75
C1B CLA XG . 4.07 10.34 60.04
C2B CLA XG . 3.82 9.03 60.71
C3B CLA XG . 3.24 8.23 59.76
C4B CLA XG . 3.15 9.02 58.52
CMB CLA XG . 4.15 8.80 62.11
CAB CLA XG . 2.77 6.86 59.85
CBB CLA XG . 1.52 6.42 59.74
NC CLA XG . 3.06 10.56 55.92
C1C CLA XG . 2.52 9.32 56.16
C2C CLA XG . 1.81 8.83 55.00
C3C CLA XG . 1.86 9.85 54.05
C4C CLA XG . 2.66 10.92 54.63
CMC CLA XG . 1.13 7.53 54.96
CAC CLA XG . 1.25 9.84 52.72
CBC CLA XG . 2.05 9.06 51.73
ND CLA XG . 4.11 13.11 55.96
C1D CLA XG . 3.71 13.13 54.61
C2D CLA XG . 4.16 14.39 54.01
C3D CLA XG . 4.79 15.11 55.01
C4D CLA XG . 4.67 14.29 56.22
CMD CLA XG . 3.95 14.69 52.60
CAD CLA XG . 5.49 16.33 55.40
OBD CLA XG . 5.87 17.25 54.68
CBD CLA XG . 5.67 16.30 56.94
CGD CLA XG . 7.07 16.62 57.43
O1D CLA XG . 7.56 17.74 57.56
O2D CLA XG . 7.85 15.57 57.74
CED CLA XG . 8.77 15.73 58.83
C1 CLA XG . 1.64 16.42 63.10
C2 CLA XG . 2.68 15.66 63.81
C3 CLA XG . 2.66 14.33 64.03
C4 CLA XG . 3.75 13.63 64.73
C5 CLA XG . 1.49 13.50 63.61
C6 CLA XG . 1.88 12.24 62.89
MG CLA YG . 6.55 17.18 44.89
CHA CLA YG . 9.21 15.80 46.60
CHB CLA YG . 8.14 16.39 41.94
CHC CLA YG . 3.66 17.79 43.20
CHD CLA YG . 4.73 17.20 47.95
NA CLA YG . 8.37 16.28 44.38
C1A CLA YG . 9.34 15.75 45.24
C2A CLA YG . 10.53 15.20 44.47
C3A CLA YG . 10.30 15.80 43.08
C4A CLA YG . 8.82 16.16 43.11
CMA CLA YG . 11.13 17.04 42.97
CAA CLA YG . 10.59 13.66 44.48
CBA CLA YG . 10.40 13.04 43.11
CGA CLA YG . 8.97 12.66 43.02
O1A CLA YG . 8.28 12.28 43.94
O2A CLA YG . 8.38 12.77 41.79
NB CLA YG . 5.98 17.01 42.96
C1B CLA YG . 6.80 16.79 41.89
C2B CLA YG . 6.09 17.10 40.62
C3B CLA YG . 4.83 17.51 40.97
C4B CLA YG . 4.75 17.47 42.46
CMB CLA YG . 6.74 16.95 39.32
CAB CLA YG . 3.74 17.94 40.14
CBB CLA YG . 3.06 17.18 39.31
NC CLA YG . 4.59 17.53 45.48
C1C CLA YG . 3.58 17.85 44.63
C2C CLA YG . 2.37 18.16 45.38
C3C CLA YG . 2.64 17.86 46.70
C4C CLA YG . 4.04 17.48 46.77
CMC CLA YG . 1.12 18.62 44.79
CAC CLA YG . 1.73 18.04 47.85
CBC CLA YG . 0.85 16.85 48.11
ND CLA YG . 6.87 16.78 46.83
C1D CLA YG . 6.06 16.87 48.00
C2D CLA YG . 6.88 16.59 49.19
C3D CLA YG . 8.12 16.24 48.71
C4D CLA YG . 8.04 16.29 47.23
CMD CLA YG . 6.39 16.70 50.56
CAD CLA YG . 9.47 15.81 49.05
OBD CLA YG . 10.01 15.73 50.13
CBD CLA YG . 10.15 15.42 47.71
CGD CLA YG . 11.50 16.08 47.64
O1D CLA YG . 12.49 15.73 48.25
O2D CLA YG . 11.67 17.17 46.85
CED CLA YG . 13.01 17.31 46.39
C1 CLA YG . 6.97 13.09 41.90
C2 CLA YG . 6.25 12.73 40.67
C3 CLA YG . 4.95 13.03 40.54
C4 CLA YG . 4.20 13.75 41.58
C5 CLA YG . 4.18 12.67 39.33
C6 CLA YG . 2.98 11.81 39.72
C7 CLA YG . 2.25 11.27 38.52
C8 CLA YG . 1.87 9.80 38.67
C9 CLA YG . 0.72 9.44 37.77
C10 CLA YG . 1.51 9.46 40.10
MG CLA ZG . 1.58 17.68 34.67
CHA CLA ZG . 4.60 16.89 33.19
CHB CLA ZG . 2.01 15.09 36.85
CHC CLA ZG . -1.59 18.16 35.87
CHD CLA ZG . 0.87 19.84 31.95
NA CLA ZG . 3.08 16.26 34.97
C1A CLA ZG . 4.29 16.12 34.29
C2A CLA ZG . 5.10 14.98 34.87
C3A CLA ZG . 4.19 14.37 35.93
C4A CLA ZG . 3.02 15.32 35.95
CMA CLA ZG . 3.63 13.07 35.47
CAA CLA ZG . 6.29 15.52 35.62
CBA CLA ZG . 7.23 14.49 36.16
CGA CLA ZG . 8.00 13.90 35.03
O1A CLA ZG . 8.77 14.45 34.25
O2A CLA ZG . 7.82 12.56 34.91
NB CLA ZG . 0.45 16.81 36.10
C1B CLA ZG . 0.85 15.83 36.94
C2B CLA ZG . -0.16 15.57 37.98
C3B CLA ZG . -1.20 16.45 37.73
C4B CLA ZG . -0.82 17.22 36.50
CMB CLA ZG . 0.06 14.53 38.98
CAB CLA ZG . -2.49 16.64 38.35
CBB CLA ZG . -3.23 15.72 38.94
NC CLA ZG . -0.05 18.82 34.04
C1C CLA ZG . -1.22 18.92 34.72
C2C CLA ZG . -2.09 19.86 34.06
C3C CLA ZG . -1.43 20.29 32.91
C4C CLA ZG . -0.13 19.65 32.92
CMC CLA ZG . -3.43 20.20 34.52
CAC CLA ZG . -1.91 21.27 31.91
CBC CLA ZG . -2.83 20.64 30.89
ND CLA ZG . 2.44 18.26 32.94
C1D CLA ZG . 2.06 19.18 31.93
C2D CLA ZG . 3.17 19.29 30.95
C3D CLA ZG . 4.17 18.47 31.41
C4D CLA ZG . 3.67 17.83 32.64
CMD CLA ZG . 3.15 20.12 29.75
CAD CLA ZG . 5.47 17.93 31.14
OBD CLA ZG . 6.23 18.14 30.22
CBD CLA ZG . 5.79 16.93 32.27
CGD CLA ZG . 6.09 15.58 31.71
O1D CLA ZG . 5.30 14.68 31.47
O2D CLA ZG . 7.40 15.39 31.47
CED CLA ZG . 7.73 14.40 30.52
C1 CLA ZG . 7.91 11.99 33.60
C2 CLA ZG . 6.59 11.98 32.94
C3 CLA ZG . 6.26 11.02 32.06
C4 CLA ZG . 7.16 9.90 31.71
C5 CLA ZG . 4.94 11.03 31.41
C6 CLA ZG . 5.12 11.03 29.90
C7 CLA ZG . 3.81 10.70 29.24
C8 CLA ZG . 3.60 9.19 29.02
C9 CLA ZG . 4.55 8.69 27.96
C10 CLA ZG . 2.16 8.87 28.63
C11 CLA ZG . 1.80 9.47 27.29
C12 CLA ZG . 0.68 10.49 27.42
C13 CLA ZG . 0.61 11.40 26.20
C14 CLA ZG . 0.64 12.85 26.64
C15 CLA ZG . -0.62 11.14 25.34
C16 CLA ZG . -1.87 10.99 26.19
C17 CLA ZG . -3.15 11.09 25.39
C18 CLA ZG . -4.34 11.31 26.32
C19 CLA ZG . -5.63 11.28 25.51
C20 CLA ZG . -4.41 10.27 27.42
MG CLA AH . -6.68 35.15 34.46
CHA CLA AH . -9.12 36.70 32.66
CHB CLA AH . -6.53 32.67 32.10
CHC CLA AH . -3.81 33.93 35.93
CHD CLA AH . -6.58 37.92 36.66
NA CLA AH . -7.61 34.82 32.61
C1A CLA AH . -8.64 35.58 32.06
C2A CLA AH . -9.10 35.00 30.73
C3A CLA AH . -8.44 33.61 30.75
C4A CLA AH . -7.41 33.70 31.87
CMA CLA AH . -9.46 32.57 31.06
CAA CLA AH . -8.68 35.86 29.55
CBA CLA AH . -7.25 36.31 29.52
CGA CLA AH . -7.08 37.67 30.09
O1A CLA AH . -7.58 38.74 29.73
O2A CLA AH . -6.26 37.65 31.18
NB CLA AH . -5.45 33.60 34.11
C1B CLA AH . -5.58 32.68 33.12
C2B CLA AH . -4.51 31.64 33.25
C3B CLA AH . -3.74 32.00 34.33
C4B CLA AH . -4.32 33.26 34.88
CMB CLA AH . -4.41 30.54 32.29
CAB CLA AH . -2.56 31.42 34.91
CBB CLA AH . -2.41 30.16 35.30
NC CLA AH . -5.44 35.81 36.01
C1C CLA AH . -4.33 35.14 36.47
C2C CLA AH . -3.74 35.86 37.59
C3C CLA AH . -4.49 37.01 37.78
C4C CLA AH . -5.57 36.96 36.80
CMC CLA AH . -2.55 35.44 38.32
CAC CLA AH . -4.27 38.03 38.82
CBC CLA AH . -3.41 39.19 38.37
ND CLA AH . -7.47 37.01 34.57
C1D CLA AH . -7.47 37.97 35.62
C2D CLA AH . -8.56 38.94 35.39
C3D CLA AH . -9.23 38.49 34.27
C4D CLA AH . -8.53 37.29 33.81
CMD CLA AH . -8.80 40.09 36.23
CAD CLA AH . -10.33 38.72 33.34
OBD CLA AH . -11.17 39.59 33.30
CBD CLA AH . -10.32 37.55 32.34
CGD CLA AH . -11.57 36.73 32.46
O1D CLA AH . -12.32 36.32 31.55
O2D CLA AH . -11.89 36.39 33.72
CED CLA AH . -13.20 36.72 34.19
C1 CLA AH . -6.06 38.86 31.94
C2 CLA AH . -4.89 38.53 32.78
C3 CLA AH . -4.45 39.32 33.77
C4 CLA AH . -5.09 40.60 34.12
C5 CLA AH . -3.26 38.89 34.54
C6 CLA AH . -2.77 37.52 34.11
C7 CLA AH . -1.27 37.48 34.05
C8 CLA AH . -0.66 36.61 35.15
C9 CLA AH . 0.03 37.48 36.18
C10 CLA AH . 0.32 35.62 34.58
C11 CLA AH . 1.66 36.28 34.33
C12 CLA AH . 2.76 35.28 34.06
C13 CLA AH . 3.40 35.56 32.71
C14 CLA AH . 3.41 34.31 31.85
C15 CLA AH . 4.80 36.16 32.84
C16 CLA AH . 5.76 35.28 33.61
C17 CLA AH . 6.94 34.88 32.75
C18 CLA AH . 8.17 34.45 33.54
C19 CLA AH . 7.86 33.99 34.95
C20 CLA AH . 8.92 33.37 32.81
MG CLA BH . -3.47 40.28 21.87
CHA CLA BH . -6.80 40.82 22.61
CHB CLA BH . -3.73 42.49 19.28
CHC CLA BH . -0.04 40.32 21.57
CHD CLA BH . -3.14 38.44 24.86
NA CLA BH . -5.03 41.43 21.08
C1A CLA BH . -6.36 41.53 21.53
C2A CLA BH . -7.21 42.40 20.59
C3A CLA BH . -6.21 42.70 19.47
C4A CLA BH . -4.88 42.18 19.96
CMA CLA BH . -6.53 41.92 18.25
CAA CLA BH . -7.88 43.65 21.15
CBA CLA BH . -6.81 44.53 21.68
CGA CLA BH . -7.40 45.68 22.37
O1A CLA BH . -8.56 46.06 22.47
O2A CLA BH . -6.39 46.38 22.98
NB CLA BH . -2.16 41.19 20.64
C1B CLA BH . -2.45 42.07 19.64
C2B CLA BH . -1.21 42.53 18.99
C3B CLA BH . -0.18 41.91 19.64
C4B CLA BH . -0.76 41.06 20.70
CMB CLA BH . -1.19 43.50 17.90
CAB CLA BH . 1.24 41.98 19.44
CBB CLA BH . 1.90 41.26 18.54
NC CLA BH . -1.89 39.49 22.99
C1C CLA BH . -0.58 39.58 22.66
C2C CLA BH . 0.23 38.82 23.61
C3C CLA BH . -0.64 38.35 24.58
C4C CLA BH . -1.97 38.74 24.17
CMC CLA BH . 1.68 38.70 23.52
CAC CLA BH . -0.34 37.45 25.72
CBC CLA BH . 0.16 38.08 26.99
ND CLA BH . -4.61 39.78 23.44
C1D CLA BH . -4.38 38.94 24.55
C2D CLA BH . -5.66 38.68 25.23
C3D CLA BH . -6.62 39.38 24.51
C4D CLA BH . -5.91 40.05 23.42
CMD CLA BH . -5.85 37.84 26.39
CAD CLA BH . -8.01 39.65 24.37
OBD CLA BH . -8.95 39.16 24.95
CBD CLA BH . -8.17 40.67 23.22
CGD CLA BH . -9.16 40.19 22.20
O1D CLA BH . -9.03 39.31 21.35
O2D CLA BH . -10.34 40.87 22.28
CED CLA BH . -11.23 40.79 21.16
C1 CLA BH . -6.81 47.52 23.72
C2 CLA BH . -6.82 47.01 25.10
C3 CLA BH . -5.77 47.07 25.92
C4 CLA BH . -4.48 47.69 25.54
C5 CLA BH . -5.91 46.54 27.29
C6 CLA BH . -4.71 45.91 27.93
C7 CLA BH . -5.22 45.27 29.20
C8 CLA BH . -4.18 45.07 30.30
C9 CLA BH . -2.89 45.84 30.08
C10 CLA BH . -3.93 43.58 30.49
C11 CLA BH . -3.10 43.31 31.72
C12 CLA BH . -1.78 42.65 31.38
C13 CLA BH . -1.47 41.51 32.33
C14 CLA BH . -0.83 42.09 33.58
C15 CLA BH . -0.62 40.48 31.57
C16 CLA BH . 0.79 40.29 32.07
C17 CLA BH . 1.47 39.11 31.42
C18 CLA BH . 2.36 39.53 30.25
C19 CLA BH . 3.12 38.32 29.72
C20 CLA BH . 3.35 40.60 30.66
MG CLA CH . 5.56 23.85 28.78
CHA CLA CH . 7.35 21.56 30.68
CHB CLA CH . 7.93 23.66 26.35
CHC CLA CH . 3.36 25.29 26.60
CHD CLA CH . 2.96 23.65 31.16
NA CLA CH . 7.37 22.83 28.59
C1A CLA CH . 7.96 21.92 29.49
C2A CLA CH . 9.32 21.46 28.97
C3A CLA CH . 9.59 22.44 27.82
C4A CLA CH . 8.21 23.02 27.53
CMA CLA CH . 10.57 23.49 28.23
CAA CLA CH . 9.35 20.01 28.53
CBA CLA CH . 8.07 19.56 27.89
CGA CLA CH . 8.18 18.09 27.70
O1A CLA CH . 8.84 17.29 28.35
O2A CLA CH . 7.43 17.62 26.67
NB CLA CH . 5.65 24.42 26.86
C1B CLA CH . 6.68 24.20 26.01
C2B CLA CH . 6.30 24.59 24.63
C3B CLA CH . 5.00 25.05 24.69
C4B CLA CH . 4.58 24.96 26.11
CMB CLA CH . 7.19 24.48 23.48
CAB CLA CH . 4.12 25.52 23.67
CBB CLA CH . 3.13 24.83 23.12
NC CLA CH . 3.56 24.43 28.90
C1C CLA CH . 2.88 25.06 27.90
C2C CLA CH . 1.53 25.38 28.35
C3C CLA CH . 1.41 24.87 29.63
C4C CLA CH . 2.69 24.30 29.97
CMC CLA CH . 0.51 26.04 27.55
CAC CLA CH . 0.24 24.96 30.52
CBC CLA CH . 0.23 26.28 31.26
ND CLA CH . 5.18 22.90 30.52
C1D CLA CH . 4.12 22.98 31.46
C2D CLA CH . 4.43 22.19 32.65
C3D CLA CH . 5.62 21.57 32.37
C4D CLA CH . 6.06 22.06 31.05
CMD CLA CH . 3.56 22.05 33.80
CAD CLA CH . 6.63 20.68 32.87
OBD CLA CH . 6.61 20.04 33.91
CBD CLA CH . 7.77 20.65 31.82
CGD CLA CH . 9.07 21.02 32.45
O1D CLA CH . 9.79 21.99 32.23
O2D CLA CH . 9.45 20.13 33.37
CED CLA CH . 10.80 19.78 33.41
C1 CLA CH . 6.01 17.50 26.87
C2 CLA CH . 5.85 16.03 26.95
C3 CLA CH . 4.85 15.42 27.58
C4 CLA CH . 4.85 13.94 27.58
C5 CLA CH . 3.74 16.14 28.28
C6 CLA CH . 2.88 15.25 29.14
C7 CLA CH . 1.59 15.84 29.68
C8 CLA CH . 1.34 15.41 31.14
C9 CLA CH . 1.82 14.01 31.46
C10 CLA CH . -0.13 15.54 31.48
C11 CLA CH . -0.35 15.21 32.94
C12 CLA CH . -1.78 14.87 33.26
C13 CLA CH . -1.78 13.45 33.82
C14 CLA CH . -3.18 12.90 34.03
C15 CLA CH . -0.99 13.32 35.12
C16 CLA CH . -0.66 11.87 35.36
MG CLA DH . 9.43 32.12 42.22
CHA CLA DH . 12.72 32.42 41.13
CHB CLA DH . 10.45 32.86 45.39
CHC CLA DH . 6.17 32.74 43.10
CHD CLA DH . 8.45 32.20 38.80
NA CLA DH . 11.28 32.55 43.09
C1A CLA DH . 12.54 32.65 42.47
C2A CLA DH . 13.63 32.96 43.48
C3A CLA DH . 12.89 32.75 44.83
C4A CLA DH . 11.42 32.74 44.43
CMA CLA DH . 13.26 31.41 45.36
CAA CLA DH . 14.24 34.35 43.31
CBA CLA DH . 13.27 35.51 43.23
CGA CLA DH . 12.85 36.02 44.58
O1A CLA DH . 13.58 36.42 45.48
O2A CLA DH . 11.51 35.99 44.78
NB CLA DH . 8.51 32.77 43.89
C1B CLA DH . 9.08 32.82 45.12
C2B CLA DH . 8.05 32.77 46.19
C3B CLA DH . 6.83 32.73 45.55
C4B CLA DH . 7.11 32.73 44.09
CMB CLA DH . 8.43 32.80 47.60
CAB CLA DH . 5.45 32.70 46.01
CBB CLA DH . 4.95 33.17 47.15
NC CLA DH . 7.65 32.37 41.14
C1C CLA DH . 6.41 32.55 41.70
C2C CLA DH . 5.39 32.58 40.67
C3C CLA DH . 6.05 32.55 39.45
C4C CLA DH . 7.46 32.41 39.76
CMC CLA DH . 3.96 32.67 40.87
CAC CLA DH . 5.46 32.53 38.09
CBC CLA DH . 5.23 33.92 37.55
ND CLA DH . 10.30 32.18 40.38
C1D CLA DH . 9.78 32.05 39.09
C2D CLA DH . 10.87 31.79 38.14
C3D CLA DH . 12.03 31.91 38.87
C4D CLA DH . 11.62 32.22 40.25
CMD CLA DH . 10.62 31.46 36.74
CAD CLA DH . 13.47 31.85 38.87
OBD CLA DH . 14.24 31.56 37.95
CBD CLA DH . 13.97 32.24 40.29
CGD CLA DH . 14.85 31.17 40.88
O1D CLA DH . 15.99 31.28 41.30
O2D CLA DH . 14.26 29.94 40.90
CED CLA DH . 14.45 29.13 42.05
C1 CLA DH . 10.99 36.70 45.92
C2 CLA DH . 9.54 36.40 45.95
C3 CLA DH . 8.71 36.82 46.92
C4 CLA DH . 9.16 37.60 48.09
C5 CLA DH . 7.25 36.46 46.85
C6 CLA DH . 6.53 37.19 45.74
C7 CLA DH . 6.07 38.55 46.24
C8 CLA DH . 5.61 39.45 45.12
C9 CLA DH . 6.24 40.82 45.29
C10 CLA DH . 4.10 39.59 45.18
C11 CLA DH . 3.49 39.68 43.80
C12 CLA DH . 2.00 39.47 43.90
C13 CLA DH . 1.30 39.91 42.62
C14 CLA DH . 0.90 41.38 42.74
C15 CLA DH . 0.16 38.96 42.25
C16 CLA DH . -1.25 39.45 42.50
C17 CLA DH . -1.79 39.05 43.85
C18 CLA DH . -3.30 39.23 44.03
C19 CLA DH . -3.65 39.41 45.50
C20 CLA DH . -3.87 40.39 43.26
MG CLA EH . 3.09 25.30 56.44
CHA CLA EH . 5.16 27.99 55.70
CHB CLA EH . 4.69 24.94 59.44
CHC CLA EH . 0.46 23.43 57.62
CHD CLA EH . 1.04 26.31 53.69
NA CLA EH . 4.68 26.30 57.39
C1A CLA EH . 5.41 27.40 56.92
C2A CLA EH . 6.51 27.79 57.91
C3A CLA EH . 6.48 26.64 58.93
C4A CLA EH . 5.19 25.91 58.59
CMA CLA EH . 7.68 25.75 58.85
CAA CLA EH . 6.34 29.16 58.55
CBA CLA EH . 4.90 29.36 58.96
CGA CLA EH . 4.65 30.79 59.26
O1A CLA EH . 5.46 31.67 59.59
O2A CLA EH . 3.33 31.07 59.17
NB CLA EH . 2.65 24.42 58.20
C1B CLA EH . 3.50 24.23 59.23
C2B CLA EH . 3.01 23.17 60.14
C3B CLA EH . 1.81 22.73 59.63
C4B CLA EH . 1.57 23.54 58.41
CMB CLA EH . 3.74 22.77 61.33
CAB CLA EH . 0.86 21.77 60.12
CBB CLA EH . 1.09 20.54 60.59
NC CLA EH . 1.17 24.88 55.74
C1C CLA EH . 0.29 24.03 56.34
C2C CLA EH . -0.93 23.91 55.56
C3C CLA EH . -0.80 24.80 54.51
C4C CLA EH . 0.52 25.40 54.62
CMC CLA EH . -2.07 23.07 55.90
CAC CLA EH . -1.77 25.07 53.44
CBC CLA EH . -1.51 24.18 52.27
ND CLA EH . 3.09 26.69 54.96
C1D CLA EH . 2.26 26.93 53.85
C2D CLA EH . 2.89 27.89 52.94
C3D CLA EH . 4.04 28.29 53.58
C4D CLA EH . 4.09 27.56 54.86
CMD CLA EH . 2.35 28.30 51.65
CAD CLA EH . 5.23 29.11 53.53
OBD CLA EH . 5.66 29.77 52.60
CBD CLA EH . 5.92 29.02 54.91
CGD CLA EH . 7.38 28.67 54.78
O1D CLA EH . 8.35 29.34 55.12
O2D CLA EH . 7.60 27.46 54.20
CED CLA EH . 8.15 26.40 55.00
C1 CLA EH . 2.98 32.44 59.38
C2 CLA EH . 1.93 32.97 58.47
C3 CLA EH . 2.12 34.10 57.77
C4 CLA EH . 3.39 34.86 57.83
C5 CLA EH . 1.06 34.64 56.88
C6 CLA EH . 1.63 35.48 55.76
C7 CLA EH . 0.53 35.96 54.89
C8 CLA EH . 1.06 36.22 53.48
C9 CLA EH . 1.86 37.50 53.47
C10 CLA EH . -0.04 36.28 52.41
C11 CLA EH . -1.32 35.61 52.84
C12 CLA EH . -2.43 35.60 51.84
C13 CLA EH . -3.69 35.32 52.62
C14 CLA EH . -3.72 33.89 53.08
C15 CLA EH . -4.95 35.69 51.83
C16 CLA EH . -4.81 37.03 51.14
C17 CLA EH . -5.67 38.10 51.76
C18 CLA EH . -6.39 38.91 50.69
C19 CLA EH . -7.79 39.25 51.12
C20 CLA EH . -5.61 40.17 50.37
MG CLA FH . 2.14 33.68 51.24
CHA CLA FH . 5.02 33.74 53.20
CHB CLA FH . 3.62 35.80 49.04
CHC CLA FH . -0.57 33.36 49.17
CHD CLA FH . 0.79 31.25 53.42
NA CLA FH . 4.03 34.56 51.12
C1A CLA FH . 5.09 34.47 52.04
C2A CLA FH . 6.29 35.26 51.56
C3A CLA FH . 5.73 36.03 50.36
C4A CLA FH . 4.37 35.40 50.11
CMA CLA FH . 5.47 37.43 50.81
CAA CLA FH . 7.37 34.33 51.07
CBA CLA FH . 8.65 35.05 50.77
CGA CLA FH . 9.17 35.62 52.05
O1A CLA FH . 9.49 35.04 53.08
O2A CLA FH . 9.28 36.99 52.01
NB CLA FH . 1.66 34.39 49.42
C1B CLA FH . 2.33 35.34 48.74
C2B CLA FH . 1.50 35.87 47.63
C3B CLA FH . 0.30 35.19 47.66
C4B CLA FH . 0.40 34.23 48.80
CMB CLA FH . 2.01 36.91 46.75
CAB CLA FH . -0.90 35.24 46.86
CBB CLA FH . -1.41 36.26 46.15
NC CLA FH . 0.44 32.48 51.28
C1C CLA FH . -0.55 32.53 50.34
C2C CLA FH . -1.62 31.61 50.70
C3C CLA FH . -1.23 31.00 51.89
C4C CLA FH . 0.06 31.57 52.26
CMC CLA FH . -2.83 31.42 49.93
CAC CLA FH . -2.00 30.00 52.65
CBC CLA FH . -1.76 28.60 52.17
ND CLA FH . 2.74 32.62 52.86
C1D CLA FH . 2.05 31.73 53.70
C2D CLA FH . 2.87 31.45 54.88
C3D CLA FH . 4.00 32.22 54.76
C4D CLA FH . 3.88 32.93 53.48
CMD CLA FH . 2.46 30.56 55.93
CAD CLA FH . 5.27 32.60 55.36
OBD CLA FH . 5.79 32.23 56.40
CBD CLA FH . 5.94 33.61 54.39
CGD CLA FH . 6.13 34.94 55.08
O1D CLA FH . 5.31 35.84 55.25
O2D CLA FH . 7.38 35.16 55.57
CED CLA FH . 7.53 35.24 56.99
C1 CLA FH . 9.01 37.63 53.25
C2 CLA FH . 7.98 38.67 53.05
C3 CLA FH . 7.26 39.16 54.08
C4 CLA FH . 7.43 38.63 55.45
C5 CLA FH . 6.21 40.19 53.93
C6 CLA FH . 4.82 39.60 54.06
MG CLA GH . -12.16 20.27 47.85
CHA CLA GH . -15.55 19.66 48.24
CHB CLA GH . -12.20 22.20 50.67
CHC CLA GH . -8.72 20.12 47.98
CHD CLA GH . -12.10 17.80 45.30
NA CLA GH . -13.65 20.82 49.21
C1A CLA GH . -15.01 20.47 49.21
C2A CLA GH . -15.73 21.12 50.39
C3A CLA GH . -14.71 22.16 50.89
C4A CLA GH . -13.41 21.69 50.24
CMA CLA GH . -15.07 23.55 50.45
CAA CLA GH . -16.10 20.15 51.51
CBA CLA GH . -15.15 19.00 51.70
CGA CLA GH . -15.71 17.96 52.63
O1A CLA GH . -16.83 17.89 53.11
O2A CLA GH . -14.80 17.01 52.95
NB CLA GH . -10.75 20.97 49.11
C1B CLA GH . -10.95 21.85 50.12
C2B CLA GH . -9.66 22.43 50.58
C3B CLA GH . -8.67 21.83 49.83
C4B CLA GH . -9.36 20.90 48.88
CMB CLA GH . -9.53 23.41 51.65
CAB CLA GH . -7.25 21.99 49.88
CBB CLA GH . -6.55 22.93 49.28
NC CLA GH . -10.70 19.18 46.81
C1C CLA GH . -9.35 19.31 47.00
C2C CLA GH . -8.62 18.47 46.07
C3C CLA GH . -9.58 17.76 45.36
C4C CLA GH . -10.88 18.23 45.82
CMC CLA GH . -7.17 18.38 45.97
CAC CLA GH . -9.35 16.77 44.30
CBC CLA GH . -9.29 17.36 42.93
ND CLA GH . -13.46 19.02 46.94
C1D CLA GH . -13.32 18.17 45.81
C2D CLA GH . -14.65 17.75 45.35
C3D CLA GH . -15.54 18.26 46.27
C4D CLA GH . -14.75 19.04 47.24
CMD CLA GH . -14.91 16.92 44.18
CAD CLA GH . -16.93 18.39 46.64
OBD CLA GH . -17.91 17.94 46.09
CBD CLA GH . -16.99 19.27 47.92
CGD CLA GH . -17.93 20.40 47.63
O1D CLA GH . -19.05 20.60 48.10
O2D CLA GH . -17.50 21.29 46.69
CED CLA GH . -18.33 21.41 45.54
C1 CLA GH . -14.96 16.34 54.20
C2 CLA GH . -13.71 15.60 54.43
C3 CLA GH . -13.08 15.57 55.61
C4 CLA GH . -13.60 16.27 56.80
C5 CLA GH . -11.81 14.81 55.77
C6 CLA GH . -11.20 14.90 57.16
C7 CLA GH . -9.69 14.92 57.08
C8 CLA GH . -9.10 15.82 58.16
C9 CLA GH . -8.28 16.94 57.56
C10 CLA GH . -8.25 15.02 59.14
C11 CLA GH . -7.32 14.05 58.46
C12 CLA GH . -6.19 13.63 59.39
C13 CLA GH . -5.08 12.89 58.65
C14 CLA GH . -4.90 11.49 59.20
C15 CLA GH . -3.74 13.63 58.70
C16 CLA GH . -3.64 14.64 57.58
C17 CLA GH . -2.85 15.87 58.00
C18 CLA GH . -3.41 16.56 59.25
C19 CLA GH . -2.30 17.24 60.01
C20 CLA GH . -4.49 17.55 58.89
MG CLA HH . -10.83 15.81 36.30
CHA CLA HH . -13.92 14.52 37.16
CHB CLA HH . -9.36 13.61 38.49
CHC CLA HH . -7.82 16.36 34.78
CHD CLA HH . -12.40 17.49 33.60
NA CLA HH . -11.54 14.34 37.61
C1A CLA HH . -12.87 13.98 37.84
C2A CLA HH . -12.96 12.89 38.89
C3A CLA HH . -11.56 12.95 39.54
C4A CLA HH . -10.74 13.65 38.47
CMA CLA HH . -11.58 13.79 40.78
CAA CLA HH . -13.24 11.59 38.19
CBA CLA HH . -12.97 10.39 39.05
CGA CLA HH . -12.06 9.48 38.28
O1A CLA HH . -12.07 8.26 38.26
O2A CLA HH . -11.14 10.16 37.54
NB CLA HH . -8.95 15.12 36.58
C1B CLA HH . -8.54 14.25 37.54
C2B CLA HH . -7.07 14.11 37.50
C3B CLA HH . -6.61 14.89 36.46
C4B CLA HH . -7.81 15.54 35.86
CMB CLA HH . -6.31 13.25 38.41
CAB CLA HH . -5.27 15.06 35.97
CBB CLA HH . -4.65 16.19 35.62
NC CLA HH . -10.23 16.82 34.58
C1C CLA HH . -8.93 16.97 34.19
C2C CLA HH . -8.83 17.78 32.98
C3C CLA HH . -10.14 18.03 32.59
C4C CLA HH . -11.01 17.44 33.60
CMC CLA HH . -7.58 18.13 32.32
CAC CLA HH . -10.58 18.79 31.41
CBC CLA HH . -11.08 17.86 30.34
ND CLA HH . -12.69 16.06 35.55
C1D CLA HH . -13.21 16.85 34.49
C2D CLA HH . -14.68 16.81 34.52
C3D CLA HH . -15.01 15.95 35.55
C4D CLA HH . -13.74 15.49 36.13
CMD CLA HH . -15.54 17.55 33.60
CAD CLA HH . -16.08 15.30 36.29
OBD CLA HH . -17.30 15.41 36.16
CBD CLA HH . -15.41 14.36 37.32
CGD CLA HH . -15.80 14.72 38.71
O1D CLA HH . -16.38 14.01 39.54
O2D CLA HH . -15.45 15.97 39.10
CED CLA HH . -15.10 16.12 40.46
C1 CLA HH . -9.82 9.57 37.54
C2 CLA HH . -9.13 10.03 36.32
C3 CLA HH . -7.79 9.98 36.23
C4 CLA HH . -6.97 9.45 37.35
C5 CLA HH . -7.07 10.43 35.01
C6 CLA HH . -7.52 11.82 34.59
C7 CLA HH . -7.62 11.94 33.09
C8 CLA HH . -8.96 12.55 32.67
C9 CLA HH . -8.74 13.83 31.87
C10 CLA HH . -9.83 12.84 33.88
C11 CLA HH . -11.06 13.61 33.45
C12 CLA HH . -12.32 12.95 33.97
C13 CLA HH . -13.40 12.97 32.89
C14 CLA HH . -13.22 14.14 31.94
C15 CLA HH . -14.78 12.96 33.50
C16 CLA HH . -15.82 13.45 32.51
C17 CLA HH . -17.19 13.51 33.15
C18 CLA HH . -17.74 12.12 33.46
C19 CLA HH . -18.23 12.02 34.89
C20 CLA HH . -18.87 11.82 32.49
MG CLA IH . -10.20 25.16 21.23
CHA CLA IH . -13.45 24.16 20.56
CHB CLA IH . -11.30 26.76 24.01
CHC CLA IH . -6.99 26.06 21.96
CHD CLA IH . -9.04 23.12 18.61
NA CLA IH . -12.06 25.34 22.16
C1A CLA IH . -13.32 24.90 21.71
C2A CLA IH . -14.41 25.33 22.71
C3A CLA IH . -13.58 25.72 23.95
C4A CLA IH . -12.21 26.00 23.33
CMA CLA IH . -14.11 26.81 24.82
CAA CLA IH . -15.49 24.32 23.05
CBA CLA IH . -16.83 24.98 22.86
CGA CLA IH . -17.89 23.99 22.52
O1A CLA IH . -17.76 22.85 22.09
O2A CLA IH . -19.14 24.50 22.71
NB CLA IH . -9.32 26.16 22.75
C1B CLA IH . -9.99 26.97 23.60
C2B CLA IH . -9.13 28.05 24.11
C3B CLA IH . -7.90 27.85 23.54
C4B CLA IH . -7.99 26.62 22.70
CMB CLA IH . -9.62 29.03 25.07
CAB CLA IH . -6.67 28.58 23.75
CBB CLA IH . -5.78 28.32 24.71
NC CLA IH . -8.33 24.60 20.47
C1C CLA IH . -7.15 25.09 20.93
C2C CLA IH . -6.06 24.54 20.13
C3C CLA IH . -6.63 23.72 19.16
C4C CLA IH . -8.08 23.77 19.38
CMC CLA IH . -4.65 24.86 20.33
CAC CLA IH . -5.94 22.97 18.09
CBC CLA IH . -5.43 21.61 18.47
ND CLA IH . -10.97 23.78 19.99
C1D CLA IH . -10.39 23.13 18.87
C2D CLA IH . -11.46 22.49 18.10
C3D CLA IH . -12.66 22.84 18.69
C4D CLA IH . -12.29 23.67 19.86
CMD CLA IH . -11.23 21.67 16.94
CAD CLA IH . -14.10 22.69 18.69
OBD CLA IH . -14.82 22.00 17.98
CBD CLA IH . -14.64 23.60 19.81
CGD CLA IH . -15.53 24.69 19.26
O1D CLA IH . -15.22 25.85 18.98
O2D CLA IH . -16.81 24.30 19.07
CED CLA IH . -17.73 25.27 18.58
C1 CLA IH . -19.35 25.84 22.23
C2 CLA IH . -20.16 26.57 23.24
C3 CLA IH . -19.80 27.78 23.72
C4 CLA IH . -18.57 28.47 23.28
C5 CLA IH . -20.63 28.48 24.74
C6 CLA IH . -21.76 27.61 25.27
C03 II0 JH . -10.25 27.83 48.88
C04 II0 JH . 8.80 39.66 40.97
C05 II0 JH . -11.85 27.88 48.46
C06 II0 JH . 10.35 40.19 40.75
C07 II0 JH . -12.35 26.77 47.87
C08 II0 JH . 11.27 39.54 41.51
C09 II0 JH . -9.58 26.55 48.58
C10 II0 JH . 8.73 38.33 41.52
C11 II0 JH . -11.80 25.34 48.60
C12 II0 JH . 11.29 37.91 41.22
C13 II0 JH . -10.41 25.21 48.39
C14 II0 JH . 9.97 37.32 41.35
C15 II0 JH . -9.51 28.98 48.13
C16 II0 JH . -10.10 28.11 50.42
C17 II0 JH . 8.05 40.62 41.93
C18 II0 JH . 8.06 39.62 39.60
C19 II0 JH . -9.88 24.17 47.40
C20 II0 JH . 9.80 35.87 41.80
C21 II0 JH . -8.02 26.48 48.59
C22 II0 JH . 7.33 37.68 41.46
C23 II0 JH . -6.83 26.52 48.60
C24 II0 JH . 6.25 37.20 41.44
C25 II0 JH . -5.30 26.73 48.56
C26 II0 JH . 4.86 36.58 41.55
C27 II0 JH . -4.34 25.96 49.46
C28 II0 JH . 3.94 36.43 40.36
C29 II0 JH . -4.87 27.68 47.67
C30 II0 JH . 4.54 36.18 42.77
C31 II0 JH . -3.35 28.01 47.57
C32 II0 JH . 3.17 35.52 43.00
C33 II0 JH . -3.09 29.22 47.04
C34 II0 JH . 3.13 34.51 43.84
C35 II0 JH . -1.66 29.71 46.92
C36 II0 JH . 1.77 33.86 44.03
C37 II0 JH . -0.56 29.10 47.76
C38 II0 JH . 0.68 34.17 43.00
C39 II0 JH . -1.42 30.72 46.07
C40 II0 JH . 1.56 33.03 45.06
C41 II0 JH . 0.01 31.27 45.95
C42 II0 JH . 0.16 32.40 45.22
O01 II0 JH . -13.76 26.80 47.97
O02 II0 JH . 12.56 40.06 41.25
C03 II0 KH . -8.72 28.25 33.74
C04 II0 KH . 2.96 10.68 44.96
C05 II0 KH . -9.69 29.51 33.34
C06 II0 KH . 4.19 9.61 45.28
C07 II0 KH . -10.03 30.16 34.49
C08 II0 KH . 5.38 10.10 44.78
C09 II0 KH . -7.62 28.62 34.65
C10 II0 KH . 3.29 12.08 45.21
C11 II0 KH . -8.70 30.91 35.22
C12 II0 KH . 5.77 11.50 45.60
C13 II0 KH . -7.68 29.97 35.50
C14 II0 KH . 4.82 12.53 45.22
C15 II0 KH . -9.57 27.14 34.47
C16 II0 KH . -8.14 27.65 32.40
C17 II0 KH . 2.60 10.54 43.45
C18 II0 KH . 1.70 10.32 45.81
C19 II0 KH . -6.45 30.54 36.21
C20 II0 KH . 5.21 14.02 45.33
C21 II0 KH . -6.27 27.88 34.45
C22 II0 KH . 2.23 13.14 44.83
C23 II0 KH . -5.28 27.25 34.27
C24 II0 KH . 1.45 13.94 44.48
C25 II0 KH . -3.98 26.45 34.13
C26 II0 KH . 0.42 14.92 43.91
C27 II0 KH . -2.86 26.94 33.22
C28 II0 KH . -0.85 15.28 44.67
C29 II0 KH . -3.93 25.27 34.83
C30 II0 KH . 0.70 15.42 42.71
C31 II0 KH . -2.72 24.29 34.87
C32 II0 KH . -0.30 16.41 42.08
C33 II0 KH . -2.66 23.73 36.10
C34 II0 KH . 0.22 17.47 41.47
C35 II0 KH . -1.63 22.72 36.57
C36 II0 KH . -0.80 18.42 40.89
C37 II0 KH . -0.18 22.80 36.13
C38 II0 KH . -2.23 18.41 41.47
C39 II0 KH . -2.06 21.80 37.46
C40 II0 KH . -0.42 19.25 39.89
C41 II0 KH . -1.08 20.77 38.05
C42 II0 KH . -1.42 20.26 39.27
O01 II0 KH . -10.93 31.20 34.17
O02 II0 KH . 6.43 9.16 44.98
C02 IHT LH . -19.14 13.79 43.84
C03 IHT LH . 2.41 21.57 51.83
C04 IHT LH . -20.70 13.32 43.61
C05 IHT LH . 4.03 21.44 51.48
C06 IHT LH . -21.18 12.54 44.60
C07 IHT LH . -18.32 12.86 44.60
C08 IHT LH . 4.61 20.40 52.12
C09 IHT LH . -20.27 11.15 44.76
C10 IHT LH . -18.91 11.47 45.09
C11 IHT LH . 1.76 20.30 51.60
C12 IHT LH . 3.98 18.91 51.59
C13 IHT LH . -18.46 13.99 42.43
C14 IHT LH . -19.15 15.19 44.60
C15 IHT LH . 2.58 18.89 51.71
C16 IHT LH . 1.78 22.60 50.93
C17 IHT LH . 2.21 21.98 53.27
C18 IHT LH . -16.85 13.19 44.88
C19 IHT LH . -18.20 10.70 46.20
C20 IHT LH . 1.84 17.56 51.91
C21 IHT LH . 0.23 20.23 51.54
C22 IHT LH . -15.92 12.47 44.28
C23 IHT LH . -14.38 12.77 44.53
C24 IHT LH . -0.98 20.13 51.47
C25 IHT LH . -13.30 11.79 43.99
C26 IHT LH . -2.50 19.94 51.33
C27 IHT LH . -14.02 13.87 45.23
C28 IHT LH . -3.44 21.13 51.22
C29 IHT LH . -2.97 18.68 51.30
C30 IHT LH . -12.52 14.17 45.46
C31 IHT LH . -4.46 18.41 51.16
C32 IHT LH . -11.91 13.75 46.59
C33 IHT LH . -10.43 14.08 46.73
C34 IHT LH . -4.87 17.76 50.07
C35 IHT LH . -6.38 17.45 49.87
C36 IHT LH . -9.39 13.33 45.91
C37 IHT LH . -10.06 15.05 47.59
C38 IHT LH . -6.73 16.48 49.02
C39 IHT LH . -7.44 18.27 50.66
C40 IHT LH . -8.57 15.38 47.76
C41 IHT LH . -8.22 16.12 48.80
O01 IHT LH . 5.99 20.40 51.87
C02 IHT MH . -11.62 23.59 30.99
C03 IHT MH . -2.48 13.88 51.29
C04 IHT MH . -13.22 23.85 30.75
C05 IHT MH . -1.27 14.60 52.18
C06 IHT MH . -13.85 22.69 30.47
C07 IHT MH . -11.38 22.69 32.09
C08 IHT MH . -0.17 13.80 52.21
C09 IHT MH . -13.72 21.58 31.72
C10 IHT MH . -12.53 21.68 32.52
C11 IHT MH . -1.99 13.71 49.93
C12 IHT MH . 0.54 13.62 50.67
C13 IHT MH . -10.97 22.97 29.69
C14 IHT MH . -10.89 24.97 31.31
C15 IHT MH . -0.40 13.61 49.61
C16 IHT MH . -2.81 12.55 51.92
C17 IHT MH . -3.72 14.74 51.29
C18 IHT MH . -9.91 22.45 32.42
C19 IHT MH . -12.58 21.13 33.95
C20 IHT MH . 0.09 13.19 48.21
C21 IHT MH . -2.98 13.61 48.76
C22 IHT MH . -9.40 22.11 33.60
C23 IHT MH . -7.83 21.98 33.52
C24 IHT MH . -3.74 13.52 47.81
C25 IHT MH . -7.11 22.71 32.34
C26 IHT MH . -4.67 13.43 46.57
C27 IHT MH . -7.05 21.26 34.37
C28 IHT MH . -5.74 12.36 46.49
C29 IHT MH . -4.50 14.33 45.58
C30 IHT MH . -7.44 20.44 35.64
C31 IHT MH . -5.36 14.33 44.31
C32 IHT MH . -6.31 20.23 36.30
C33 IHT MH . -6.02 19.50 37.60
C34 IHT MH . -5.22 15.37 43.49
C35 IHT MH . -6.04 15.51 42.16
C36 IHT MH . -4.98 20.13 38.52
C37 IHT MH . -6.59 18.33 37.98
C38 IHT MH . -5.70 16.48 41.31
C39 IHT MH . -7.21 14.54 41.83
C40 IHT MH . -6.06 17.84 39.34
C41 IHT MH . -6.43 16.73 39.95
O01 IHT MH . 0.78 14.38 53.06
C03 II0 NH . -11.79 45.10 26.92
C04 II0 NH . 5.21 29.97 34.45
C05 II0 NH . -13.31 44.53 26.63
C06 II0 NH . 6.66 29.25 34.86
C07 II0 NH . -13.92 45.25 25.66
C08 II0 NH . 7.52 28.96 33.81
C09 II0 NH . -10.96 45.05 25.67
C10 II0 NH . 4.61 29.51 33.22
C11 II0 NH . -13.13 44.96 24.20
C12 II0 NH . 6.77 28.27 32.51
C13 II0 NH . -11.76 44.57 24.38
C14 II0 NH . 5.56 28.95 32.06
C15 II0 NH . -12.09 46.54 27.45
C16 II0 NH . -11.01 44.43 28.11
C17 II0 NH . 4.18 29.86 35.58
C18 II0 NH . 5.36 31.51 34.35
C19 II0 NH . -11.02 43.97 23.20
C20 II0 NH . 5.61 29.73 30.76
C21 II0 NH . -9.51 44.48 25.77
C22 II0 NH . 3.18 30.02 32.91
C23 II0 NH . -8.39 43.99 25.87
C24 II0 NH . 2.07 30.40 32.66
C25 II0 NH . -7.02 43.30 26.07
C26 II0 NH . 0.64 30.86 32.33
C27 II0 NH . -5.86 43.45 25.07
C28 II0 NH . -0.50 29.87 32.29
C29 II0 NH . -6.83 42.54 27.18
C30 II0 NH . 0.47 32.14 32.05
C31 II0 NH . -5.44 41.84 27.37
C32 II0 NH . -0.86 32.83 31.68
C33 II0 NH . -5.33 40.89 28.30
C34 II0 NH . -0.72 34.12 31.40
C35 II0 NH . -4.00 40.19 28.49
C36 II0 NH . -1.89 35.02 31.03
C37 II0 NH . -2.73 40.71 27.88
C38 II0 NH . -3.31 34.60 31.42
C39 II0 NH . -3.97 39.06 29.21
C40 II0 NH . -1.64 36.18 30.41
C41 II0 NH . -2.68 38.28 29.44
C42 II0 NH . -2.85 37.09 30.08
O01 II0 NH . -15.30 44.97 25.58
O02 II0 NH . 8.20 30.14 33.38
O1B LMT OH . 16.75 1.40 43.03
C1' LMT OH . 13.20 0.88 40.96
C2' LMT OH . 14.34 1.50 40.12
C3' LMT OH . 15.69 1.40 40.88
C4' LMT OH . 15.58 1.83 42.36
C5' LMT OH . 14.38 1.08 42.96
C6' LMT OH . 14.16 1.32 44.44
O1' LMT OH . 11.99 1.14 40.38
O2' LMT OH . 14.45 0.80 38.94
O3' LMT OH . 16.65 2.13 40.26
O5' LMT OH . 13.21 1.41 42.28
O6' LMT OH . 13.06 2.15 44.53
C1 LMT OH . 11.26 2.23 40.88
C2 LMT OH . 9.99 2.28 40.11
C3 LMT OH . 9.38 3.62 40.01
C4 LMT OH . 8.08 3.53 39.32
C5 LMT OH . 7.15 4.41 40.03
C6 LMT OH . 5.87 3.73 40.41
C7 LMT OH . 4.82 4.17 39.46
C8 LMT OH . 4.58 5.66 39.61
C9 LMT OH . 3.54 6.29 38.73
C10 LMT OH . 2.42 5.32 38.51
C11 LMT OH . 1.44 5.69 37.45
C12 LMT OH . 2.02 5.52 36.10
O1 LHG PH . -23.00 1.77 36.87
C1 LHG PH . -22.78 2.17 38.23
C2 LHG PH . -22.31 0.98 39.06
O2 LHG PH . -22.64 1.23 40.42
C3 LHG PH . -20.80 0.75 38.97
O3 LHG PH . -20.10 0.89 37.71
P LHG PH . -18.52 0.58 37.81
O4 LHG PH . -18.09 -0.81 37.35
O5 LHG PH . -18.30 0.93 39.23
O6 LHG PH . -17.68 1.73 37.06
C4 LHG PH . -16.25 1.74 37.14
C5 LHG PH . -15.64 3.00 37.77
C6 LHG PH . -16.18 3.25 39.15
O7 LHG PH . -14.26 2.81 37.99
C7 LHG PH . -13.51 3.34 36.88
O9 LHG PH . -12.97 2.58 36.11
C8 LHG PH . -13.46 4.84 36.73
C9 LHG PH . -12.05 5.41 36.72
C10 LHG PH . -11.40 5.32 35.35
O8 LHG PH . -16.01 4.60 39.49
C23 LHG PH . -15.04 4.91 40.51
O10 LHG PH . -14.36 4.03 41.01
C24 LHG PH . -14.98 6.31 40.96
C11 LHG PH . -10.26 4.30 35.34
C12 LHG PH . -9.17 4.74 34.39
C13 LHG PH . -8.69 6.14 34.70
C14 LHG PH . -7.76 6.68 33.63
C15 LHG PH . -6.50 5.83 33.55
C16 LHG PH . -5.29 6.75 33.48
C17 LHG PH . -4.00 6.01 33.85
C18 LHG PH . -4.03 5.51 35.30
C19 LHG PH . -4.28 6.60 36.34
C20 LHG PH . -4.74 6.03 37.67
C21 LHG PH . -5.92 5.08 37.50
C22 LHG PH . -6.49 4.63 38.83
C25 LHG PH . -14.38 6.45 42.33
C26 LHG PH . -13.00 7.00 42.08
C27 LHG PH . -12.64 8.00 43.15
C28 LHG PH . -11.59 8.99 42.65
C29 LHG PH . -10.75 8.52 41.47
C30 LHG PH . -9.40 9.19 41.44
C31 LHG PH . -9.52 10.69 41.63
C32 LHG PH . -8.29 11.21 42.37
C33 LHG PH . -7.02 10.68 41.72
C34 LHG PH . -5.79 11.03 42.52
C35 LHG PH . -4.74 11.62 41.59
C36 LHG PH . -3.46 11.81 42.38
C37 LHG PH . -2.45 12.61 41.59
C38 LHG PH . -1.10 12.30 42.17
C1 LMG QH . 19.06 46.74 40.78
O1 LMG QH . 17.81 46.31 41.33
C2 LMG QH . 19.82 45.52 40.25
O2 LMG QH . 20.33 44.78 41.37
C3 LMG QH . 21.00 45.88 39.34
O3 LMG QH . 21.17 44.81 38.40
C4 LMG QH . 20.86 47.17 38.53
O4 LMG QH . 20.23 46.88 37.29
C5 LMG QH . 20.06 48.23 39.24
O5 LMG QH . 20.74 50.33 38.20
C6 LMG QH . 19.73 49.32 38.21
O6 LMG QH . 18.83 47.64 39.68
C7 LMG QH . 17.36 47.21 42.34
C8 LMG QH . 15.83 47.27 42.33
C9 LMG QH . 15.34 47.04 40.91
O7 LMG QH . 15.38 46.21 43.15
C10 LMG QH . 14.30 46.55 44.07
O9 LMG QH . 14.55 46.72 45.24
C11 LMG QH . 12.90 46.66 43.56
C12 LMG QH . 11.90 46.47 44.67
C13 LMG QH . 10.53 46.35 44.05
C14 LMG QH . 9.47 46.01 45.09
C15 LMG QH . 8.73 44.72 44.87
C16 LMG QH . 7.30 44.97 45.33
C17 LMG QH . 6.36 44.37 44.30
C18 LMG QH . 6.55 45.05 42.95
C19 LMG QH . 5.31 44.96 42.07
C20 LMG QH . 4.99 43.49 41.85
C21 LMG QH . 3.97 43.29 40.74
C22 LMG QH . 3.81 41.81 40.44
C23 LMG QH . 2.91 41.58 39.23
C24 LMG QH . 3.69 41.05 38.03
C25 LMG QH . 3.09 39.73 37.56
C26 LMG QH . 3.92 39.08 36.46
C27 LMG QH . 5.25 38.62 36.99
O8 LMG QH . 15.25 48.26 40.22
C28 LMG QH . 14.93 48.30 38.80
O10 LMG QH . 15.81 48.39 37.98
C29 LMG QH . 13.49 48.21 38.40
C30 LMG QH . 12.61 48.99 39.36
C31 LMG QH . 12.30 50.32 38.71
C32 LMG QH . 11.34 50.06 37.56
C33 LMG QH . 10.90 51.36 36.91
C34 LMG QH . 9.84 51.09 35.88
C35 LMG QH . 9.59 52.39 35.14
C36 LMG QH . 8.15 52.80 35.26
C37 LMG QH . 7.17 52.00 34.42
C38 LMG QH . 5.78 52.59 34.36
C39 LMG QH . 5.25 53.02 35.73
MG CLA RH . -14.01 -38.80 -39.80
CHA CLA RH . -16.91 -38.65 -41.64
CHB CLA RH . -15.90 -39.13 -36.95
CHC CLA RH . -11.27 -40.00 -38.14
CHD CLA RH . -12.17 -38.97 -42.84
NA CLA RH . -16.06 -38.86 -39.39
C1A CLA RH . -17.12 -38.78 -40.30
C2A CLA RH . -18.47 -38.82 -39.58
C3A CLA RH . -18.05 -38.58 -38.12
C4A CLA RH . -16.57 -38.91 -38.13
CMA CLA RH . -18.19 -37.13 -37.83
CAA CLA RH . -19.22 -40.15 -39.68
CBA CLA RH . -20.56 -40.09 -38.96
CGA CLA RH . -21.39 -41.29 -39.31
O1A CLA RH . -22.58 -41.32 -39.66
O2A CLA RH . -20.73 -42.48 -39.23
NB CLA RH . -13.66 -39.47 -37.93
C1B CLA RH . -14.53 -39.42 -36.89
C2B CLA RH . -13.82 -39.72 -35.62
C3B CLA RH . -12.52 -39.97 -35.95
C4B CLA RH . -12.39 -39.80 -37.42
CMB CLA RH . -14.50 -39.75 -34.33
CAB CLA RH . -11.41 -40.32 -35.12
CBB CLA RH . -10.34 -39.55 -34.98
NC CLA RH . -12.08 -39.37 -40.38
C1C CLA RH . -11.12 -39.83 -39.53
C2C CLA RH . -9.90 -40.11 -40.25
C3C CLA RH . -10.15 -39.85 -41.59
C4C CLA RH . -11.52 -39.36 -41.65
CMC CLA RH . -8.68 -40.65 -39.64
CAC CLA RH . -9.22 -40.00 -42.71
CBC CLA RH . -9.20 -41.40 -43.27
ND CLA RH . -14.36 -38.85 -41.78
C1D CLA RH . -13.51 -38.70 -42.90
C2D CLA RH . -14.31 -38.39 -44.09
C3D CLA RH . -15.62 -38.46 -43.67
C4D CLA RH . -15.60 -38.71 -42.22
CMD CLA RH . -13.81 -38.14 -45.44
CAD CLA RH . -16.99 -38.36 -44.06
OBD CLA RH . -17.42 -38.36 -45.19
CBD CLA RH . -17.86 -38.36 -42.78
CGD CLA RH . -18.47 -37.02 -42.57
O1D CLA RH . -17.95 -36.07 -41.97
O2D CLA RH . -19.70 -36.84 -43.08
CED CLA RH . -20.17 -35.49 -43.09
C1 CLA RH . -21.45 -43.62 -38.70
C2 CLA RH . -21.95 -43.37 -37.31
C3 CLA RH . -21.24 -43.04 -36.21
C4 CLA RH . -21.88 -42.83 -34.90
C5 CLA RH . -19.77 -42.85 -36.21
C6 CLA RH . -18.95 -44.12 -36.11
C7 CLA RH . -17.52 -43.76 -36.40
C8 CLA RH . -17.38 -43.21 -37.80
C9 CLA RH . -17.50 -44.30 -38.84
C10 CLA RH . -16.05 -42.51 -37.93
C11 CLA RH . -15.05 -43.35 -38.69
C12 CLA RH . -14.20 -42.47 -39.57
C13 CLA RH . -12.77 -42.97 -39.60
C14 CLA RH . -12.38 -43.24 -41.04
C15 CLA RH . -12.59 -44.20 -38.71
C16 CLA RH . -11.14 -44.63 -38.64
C17 CLA RH . -11.03 -46.12 -38.40
C18 CLA RH . -9.65 -46.49 -37.89
C19 CLA RH . -9.32 -47.95 -38.13
C20 CLA RH . -8.58 -45.60 -38.51
MG CLA SH . 7.34 -41.24 -58.39
CHA CLA SH . 10.58 -40.83 -59.53
CHB CLA SH . 8.52 -41.21 -55.16
CHC CLA SH . 4.14 -40.75 -57.27
CHD CLA SH . 6.21 -40.71 -61.71
NA CLA SH . 9.23 -41.07 -57.52
C1A CLA SH . 10.46 -40.89 -58.16
C2A CLA SH . 11.61 -40.83 -57.15
C3A CLA SH . 10.93 -41.31 -55.85
C4A CLA SH . 9.45 -41.17 -56.17
CMA CLA SH . 11.32 -42.73 -55.57
CAA CLA SH . 12.26 -39.47 -56.99
CBA CLA SH . 11.32 -38.28 -57.11
CGA CLA SH . 11.00 -37.74 -55.74
O1A CLA SH . 11.76 -37.24 -54.92
O2A CLA SH . 9.68 -37.86 -55.42
NB CLA SH . 6.51 -41.00 -56.58
C1B CLA SH . 7.13 -41.12 -55.38
C2B CLA SH . 6.15 -41.15 -54.27
C3B CLA SH . 4.91 -41.02 -54.84
C4B CLA SH . 5.11 -40.92 -56.32
CMB CLA SH . 6.57 -41.27 -52.88
CAB CLA SH . 3.62 -40.98 -54.23
CBB CLA SH . 3.26 -40.18 -53.23
NC CLA SH . 5.52 -40.82 -59.33
C1C CLA SH . 4.33 -40.69 -58.68
C2C CLA SH . 3.28 -40.47 -59.66
C3C CLA SH . 3.86 -40.43 -60.92
C4C CLA SH . 5.27 -40.68 -60.70
CMC CLA SH . 1.87 -40.30 -59.39
CAC CLA SH . 3.15 -40.29 -62.21
CBC CLA SH . 3.14 -38.93 -62.87
ND CLA SH . 8.13 -40.83 -60.20
C1D CLA SH . 7.57 -40.78 -61.49
C2D CLA SH . 8.62 -40.78 -62.50
C3D CLA SH . 9.81 -40.79 -61.81
C4D CLA SH . 9.44 -40.81 -60.38
CMD CLA SH . 8.33 -40.74 -63.93
CAD CLA SH . 11.26 -40.77 -61.88
OBD CLA SH . 11.99 -40.70 -62.86
CBD CLA SH . 11.78 -40.85 -60.42
CGD CLA SH . 12.54 -42.12 -60.16
O1D CLA SH . 12.10 -43.27 -60.19
O2D CLA SH . 13.84 -41.92 -59.81
CED CLA SH . 14.82 -41.81 -60.85
C1 CLA SH . 8.74 -37.51 -56.45
C2 CLA SH . 7.41 -37.40 -55.79
C3 CLA SH . 6.27 -37.38 -56.47
C4 CLA SH . 6.26 -37.46 -57.96
C5 CLA SH . 4.97 -37.26 -55.77
MG CLA TH . -0.30 -41.56 -49.16
CHA CLA TH . 2.25 -43.07 -47.34
CHB CLA TH . -2.52 -43.84 -47.89
CHC CLA TH . -2.88 -39.63 -50.31
CHD CLA TH . 1.98 -39.02 -50.09
NA CLA TH . -0.14 -43.19 -47.85
C1A CLA TH . 1.02 -43.65 -47.19
C2A CLA TH . 0.71 -44.90 -46.36
C3A CLA TH . -0.70 -45.27 -46.86
C4A CLA TH . -1.18 -44.02 -47.57
CMA CLA TH . -0.46 -46.34 -47.85
CAA CLA TH . 0.83 -44.72 -44.86
CBA CLA TH . -0.17 -43.75 -44.31
CGA CLA TH . 0.53 -42.50 -43.90
O1A CLA TH . 0.88 -41.57 -44.63
O2A CLA TH . 0.77 -42.40 -42.56
NB CLA TH . -2.31 -41.71 -49.11
C1B CLA TH . -3.03 -42.71 -48.55
C2B CLA TH . -4.47 -42.45 -48.75
C3B CLA TH . -4.59 -41.26 -49.43
C4B CLA TH . -3.21 -40.78 -49.66
CMB CLA TH . -5.50 -43.35 -48.27
CAB CLA TH . -5.76 -40.56 -49.87
CBB CLA TH . -6.22 -39.43 -49.32
NC CLA TH . -0.41 -39.69 -50.08
C1C CLA TH . -1.57 -39.12 -50.52
C2C CLA TH . -1.29 -37.85 -51.18
C3C CLA TH . 0.08 -37.64 -51.05
C4C CLA TH . 0.63 -38.81 -50.37
CMC CLA TH . -2.30 -36.99 -51.78
CAC CLA TH . 0.84 -36.48 -51.56
CBC CLA TH . 1.61 -36.73 -52.85
ND CLA TH . 1.63 -41.09 -48.83
C1D CLA TH . 2.47 -40.08 -49.37
C2D CLA TH . 3.86 -40.34 -49.00
C3D CLA TH . 3.84 -41.47 -48.19
C4D CLA TH . 2.43 -41.89 -48.12
CMD CLA TH . 4.98 -39.50 -49.42
CAD CLA TH . 4.61 -42.41 -47.40
OBD CLA TH . 5.81 -42.43 -47.15
CBD CLA TH . 3.62 -43.48 -46.86
CGD CLA TH . 3.93 -44.87 -47.35
O1D CLA TH . 3.34 -45.48 -48.24
O2D CLA TH . 4.96 -45.50 -46.71
CED CLA TH . 5.41 -46.76 -47.22
C1 CLA TH . -0.31 -42.63 -41.64
C2 CLA TH . -1.34 -41.57 -41.78
C3 CLA TH . -2.45 -41.54 -41.03
C4 CLA TH . -2.74 -42.55 -39.99
C5 CLA TH . -3.47 -40.46 -41.20
MG CLA UH . -18.71 -56.25 -42.24
CHA CLA UH . -21.87 -55.70 -43.59
CHB CLA UH . -17.96 -58.19 -44.95
CHC CLA UH . -16.04 -57.60 -40.54
CHD CLA UH . -19.84 -54.81 -39.22
NA CLA UH . -19.72 -56.76 -44.00
C1A CLA UH . -21.02 -56.43 -44.40
C2A CLA UH . -21.33 -57.01 -45.79
C3A CLA UH . -19.98 -57.56 -46.26
C4A CLA UH . -19.14 -57.50 -44.99
CMA CLA UH . -20.07 -59.00 -46.71
CAA CLA UH . -21.87 -55.97 -46.77
CBA CLA UH . -21.07 -55.77 -48.03
CGA CLA UH . -21.98 -55.16 -49.04
O1A CLA UH . -23.21 -55.22 -49.09
O2A CLA UH . -21.31 -54.48 -50.02
NB CLA UH . -17.31 -57.64 -42.65
C1B CLA UH . -17.11 -58.25 -43.84
C2B CLA UH . -15.86 -59.04 -43.83
C3B CLA UH . -15.31 -58.88 -42.57
C4B CLA UH . -16.23 -57.99 -41.82
CMB CLA UH . -15.46 -59.80 -45.01
CAB CLA UH . -14.12 -59.39 -41.94
CBB CLA UH . -13.36 -60.42 -42.29
NC CLA UH . -18.04 -56.15 -40.27
C1C CLA UH . -16.88 -56.72 -39.81
C2C CLA UH . -16.67 -56.38 -38.41
C3C CLA UH . -17.80 -55.64 -38.03
C4C CLA UH . -18.62 -55.49 -39.21
CMC CLA UH . -15.52 -56.83 -37.61
CAC CLA UH . -18.11 -55.03 -36.74
CBC CLA UH . -18.61 -56.02 -35.74
ND CLA UH . -20.35 -55.31 -41.56
C1D CLA UH . -20.66 -54.74 -40.31
C2D CLA UH . -22.00 -54.12 -40.37
C3D CLA UH . -22.50 -54.46 -41.61
C4D CLA UH . -21.45 -55.23 -42.30
CMD CLA UH . -22.61 -53.38 -39.29
CAD CLA UH . -23.63 -54.34 -42.50
OBD CLA UH . -24.68 -53.73 -42.37
CBD CLA UH . -23.30 -55.23 -43.74
CGD CLA UH . -24.30 -56.35 -43.80
O1D CLA UH . -25.49 -56.28 -44.14
O2D CLA UH . -23.83 -57.57 -43.44
CED CLA UH . -24.36 -58.71 -44.10
C1 CLA UH . -22.06 -54.14 -51.21
C2 CLA UH . -22.36 -52.69 -51.12
C3 CLA UH . -23.59 -52.18 -51.32
C4 CLA UH . -24.76 -53.03 -51.65
C5 CLA UH . -23.81 -50.72 -51.20
C6 CLA UH . -22.50 -49.98 -51.00
MG CLA VH . -4.58 -49.32 -47.05
CHA CLA VH . -4.28 -52.75 -47.56
CHB CLA VH . -7.61 -49.43 -48.65
CHC CLA VH . -5.46 -46.34 -45.58
CHD CLA VH . -1.82 -49.52 -44.82
NA CLA VH . -5.70 -50.82 -47.98
C1A CLA VH . -5.41 -52.19 -48.07
C2A CLA VH . -6.51 -52.92 -48.87
C3A CLA VH . -7.08 -51.73 -49.63
C4A CLA VH . -6.83 -50.57 -48.67
CMA CLA VH . -6.11 -51.58 -50.75
CAA CLA VH . -7.55 -53.64 -48.05
CBA CLA VH . -7.79 -55.03 -48.59
CGA CLA VH . -8.59 -55.03 -49.88
O1A CLA VH . -9.69 -54.53 -50.10
O2A CLA VH . -8.00 -55.73 -50.91
NB CLA VH . -6.22 -48.15 -47.09
C1B CLA VH . -7.34 -48.33 -47.84
C2B CLA VH . -8.24 -47.15 -47.69
C3B CLA VH . -7.62 -46.29 -46.83
C4B CLA VH . -6.33 -46.89 -46.46
CMB CLA VH . -9.52 -47.05 -48.38
CAB CLA VH . -7.97 -45.00 -46.27
CBB CLA VH . -9.16 -44.58 -45.88
NC CLA VH . -3.72 -48.11 -45.57
C1C CLA VH . -4.22 -46.90 -45.18
C2C CLA VH . -3.36 -46.30 -44.17
C3C CLA VH . -2.37 -47.24 -43.89
C4C CLA VH . -2.60 -48.35 -44.79
CMC CLA VH . -3.59 -45.01 -43.54
CAC CLA VH . -1.26 -47.11 -42.94
CBC CLA VH . -1.56 -47.70 -41.58
ND CLA VH . -3.24 -50.70 -46.43
C1D CLA VH . -2.12 -50.64 -45.56
C2D CLA VH . -1.38 -51.90 -45.63
C3D CLA VH . -2.14 -52.73 -46.43
C4D CLA VH . -3.32 -51.96 -46.85
CMD CLA VH . -0.13 -52.12 -44.91
CAD CLA VH . -2.26 -54.03 -47.06
OBD CLA VH . -1.42 -54.92 -47.14
CBD CLA VH . -3.68 -54.13 -47.68
CGD CLA VH . -3.64 -54.55 -49.13
O1D CLA VH . -3.12 -53.95 -50.05
O2D CLA VH . -4.28 -55.72 -49.39
CED CLA VH . -4.01 -56.38 -50.61
C1 CLA VH . -7.72 -57.12 -50.64
C2 CLA VH . -7.41 -57.82 -51.92
C3 CLA VH . -8.01 -58.97 -52.29
C4 CLA VH . -9.05 -59.62 -51.44
C5 CLA VH . -7.65 -59.63 -53.58
C6 CLA VH . -7.69 -61.14 -53.56
MG CLA WH . 0.16 -55.78 -55.97
CHA CLA WH . 2.12 -57.72 -53.87
CHB CLA WH . 1.57 -57.38 -58.66
CHC CLA WH . -2.34 -54.59 -58.00
CHD CLA WH . -1.72 -54.76 -53.13
NA CLA WH . 1.59 -57.30 -56.20
C1A CLA WH . 2.29 -57.98 -55.19
C2A CLA WH . 3.25 -59.02 -55.76
C3A CLA WH . 3.18 -58.73 -57.27
C4A CLA WH . 2.02 -57.75 -57.41
CMA CLA WH . 4.49 -58.13 -57.65
CAA CLA WH . 2.85 -60.45 -55.43
CBA CLA WH . 1.62 -60.99 -56.14
CGA CLA WH . 0.39 -60.68 -55.35
O1A CLA WH . 0.07 -61.05 -54.22
O2A CLA WH . -0.47 -59.85 -56.02
NB CLA WH . -0.32 -56.00 -57.92
C1B CLA WH . 0.51 -56.50 -58.88
C2B CLA WH . 0.12 -55.99 -60.23
C3B CLA WH . -0.99 -55.20 -60.04
C4B CLA WH . -1.29 -55.22 -58.59
CMB CLA WH . 0.83 -56.37 -61.44
CAB CLA WH . -1.84 -54.50 -60.96
CBB CLA WH . -1.47 -53.82 -62.06
NC CLA WH . -1.67 -54.84 -55.62
C1C CLA WH . -2.52 -54.42 -56.60
C2C CLA WH . -3.70 -53.77 -56.02
C3C CLA WH . -3.54 -53.84 -54.64
C4C CLA WH . -2.27 -54.51 -54.40
CMC CLA WH . -4.79 -53.19 -56.79
CAC CLA WH . -4.46 -53.33 -53.62
CBC CLA WH . -5.63 -54.25 -53.35
ND CLA WH . 0.14 -56.10 -53.98
C1D CLA WH . -0.59 -55.51 -52.92
C2D CLA WH . 0.07 -55.85 -51.64
C3D CLA WH . 1.11 -56.68 -51.96
C4D CLA WH . 1.10 -56.84 -53.42
CMD CLA WH . -0.28 -55.43 -50.31
CAD CLA WH . 2.19 -57.45 -51.44
OBD CLA WH . 2.55 -57.57 -50.28
CBD CLA WH . 2.86 -58.18 -52.64
CGD CLA WH . 4.33 -57.88 -52.67
O1D CLA WH . 4.93 -57.05 -53.35
O2D CLA WH . 5.06 -58.66 -51.82
CED CLA WH . 6.45 -58.80 -52.07
C1 CLA WH . -1.40 -59.09 -55.23
C2 CLA WH . -2.38 -58.57 -56.21
C3 CLA WH . -3.53 -57.99 -55.88
C4 CLA WH . -3.96 -57.79 -54.48
C5 CLA WH . -4.44 -57.52 -56.96
C6 CLA WH . -3.97 -58.08 -58.28
C7 CLA WH . -4.54 -57.30 -59.44
C8 CLA WH . -5.04 -58.25 -60.52
C9 CLA WH . -6.53 -58.07 -60.70
C10 CLA WH . -4.76 -59.69 -60.16
C11 CLA WH . -5.54 -60.65 -61.04
C12 CLA WH . -4.67 -61.35 -62.05
C13 CLA WH . -5.15 -61.06 -63.48
C14 CLA WH . -5.82 -62.28 -64.07
C15 CLA WH . -4.00 -60.60 -64.36
C16 CLA WH . -2.81 -61.50 -64.18
C17 CLA WH . -1.64 -61.09 -65.04
C18 CLA WH . -0.75 -62.28 -65.36
C19 CLA WH . -0.80 -63.32 -64.25
C20 CLA WH . -1.12 -62.89 -66.69
MG CLA XH . -3.69 -52.03 -66.02
CHA CLA XH . -0.92 -53.45 -67.53
CHB CLA XH . -3.30 -49.27 -68.05
CHC CLA XH . -6.93 -51.03 -65.36
CHD CLA XH . -4.44 -55.20 -64.60
NA CLA XH . -2.33 -51.47 -67.51
C1A CLA XH . -1.25 -52.21 -68.01
C2A CLA XH . -0.50 -51.44 -69.10
C3A CLA XH . -1.07 -50.02 -68.95
C4A CLA XH . -2.34 -50.26 -68.14
CMA CLA XH . -0.13 -49.10 -68.23
CAA CLA XH . -0.86 -51.99 -70.46
CBA CLA XH . 0.31 -52.64 -71.20
CGA CLA XH . 0.10 -54.11 -71.41
O1A CLA XH . 0.91 -54.94 -71.85
O2A CLA XH . -1.13 -54.55 -71.06
NB CLA XH . -4.87 -50.48 -66.60
C1B CLA XH . -4.49 -49.41 -67.33
C2B CLA XH . -5.53 -48.34 -67.29
C3B CLA XH . -6.55 -48.84 -66.53
C4B CLA XH . -6.15 -50.19 -66.09
CMB CLA XH . -5.42 -47.07 -68.00
CAB CLA XH . -7.83 -48.26 -66.23
CBB CLA XH . -8.86 -48.23 -67.09
NC CLA XH . -5.34 -52.92 -65.09
C1C CLA XH . -6.54 -52.31 -64.89
C2C CLA XH . -7.44 -53.19 -64.16
C3C CLA XH . -6.77 -54.40 -64.02
C4C CLA XH . -5.45 -54.22 -64.59
CMC CLA XH . -8.81 -52.85 -63.76
CAC CLA XH . -7.29 -55.61 -63.36
CBC CLA XH . -7.86 -56.59 -64.34
ND CLA XH . -2.91 -53.89 -65.99
C1D CLA XH . -3.24 -55.07 -65.27
C2D CLA XH . -2.12 -56.02 -65.35
C3D CLA XH . -1.18 -55.43 -66.16
C4D CLA XH . -1.74 -54.13 -66.58
CMD CLA XH . -2.06 -57.32 -64.66
CAD CLA XH . 0.13 -55.55 -66.79
OBD CLA XH . 1.00 -56.39 -66.63
CBD CLA XH . 0.29 -54.33 -67.75
CGD CLA XH . 1.56 -53.58 -67.50
O1D CLA XH . 1.69 -52.48 -66.93
O2D CLA XH . 2.67 -54.19 -67.99
CED CLA XH . 3.93 -53.62 -67.66
C1 CLA XH . -1.28 -55.94 -70.66
C2 CLA XH . -2.56 -55.94 -69.91
C3 CLA XH . -3.04 -56.92 -69.13
C4 CLA XH . -2.32 -58.19 -68.90
C5 CLA XH . -4.37 -56.76 -68.45
C6 CLA XH . -4.96 -55.38 -68.66
C7 CLA XH . -6.38 -55.19 -68.19
C8 CLA XH . -6.82 -53.71 -68.20
C9 CLA XH . -8.33 -53.63 -68.19
C10 CLA XH . -6.25 -52.93 -69.38
C11 CLA XH . -6.77 -51.51 -69.50
C12 CLA XH . -6.03 -50.74 -70.58
MG CLA YH . -13.05 -42.46 -72.61
CHA CLA YH . -15.76 -41.09 -74.29
CHB CLA YH . -14.59 -45.52 -72.75
CHC CLA YH . -11.01 -43.61 -70.09
CHD CLA YH . -11.96 -39.17 -71.87
NA CLA YH . -14.82 -43.18 -73.48
C1A CLA YH . -15.83 -42.46 -74.15
C2A CLA YH . -16.92 -43.44 -74.65
C3A CLA YH . -16.25 -44.82 -74.47
C4A CLA YH . -15.14 -44.50 -73.49
CMA CLA YH . -17.21 -45.87 -73.97
CAA CLA YH . -17.41 -43.38 -76.11
CBA CLA YH . -16.50 -42.88 -77.23
CGA CLA YH . -15.16 -43.53 -77.31
O1A CLA YH . -14.88 -44.67 -77.71
O2A CLA YH . -14.18 -42.72 -76.86
NB CLA YH . -12.83 -44.22 -71.64
C1B CLA YH . -13.58 -45.33 -71.81
C2B CLA YH . -13.18 -46.39 -70.83
C3B CLA YH . -12.17 -45.85 -70.08
C4B CLA YH . -11.92 -44.48 -70.59
CMB CLA YH . -13.81 -47.70 -70.77
CAB CLA YH . -11.40 -46.42 -69.00
CBB CLA YH . -11.55 -46.10 -67.71
NC CLA YH . -11.65 -41.58 -71.35
C1C CLA YH . -10.86 -42.26 -70.47
C2C CLA YH . -9.92 -41.37 -69.81
C3C CLA YH . -10.27 -40.08 -70.21
C4C CLA YH . -11.34 -40.22 -71.19
CMC CLA YH . -8.92 -41.83 -68.86
CAC CLA YH . -9.61 -38.82 -69.82
CBC CLA YH . -10.28 -38.14 -68.66
ND CLA YH . -13.55 -40.58 -73.11
C1D CLA YH . -13.00 -39.32 -72.75
C2D CLA YH . -13.73 -38.25 -73.46
C3D CLA YH . -14.80 -38.88 -74.07
C4D CLA YH . -14.67 -40.33 -73.78
CMD CLA YH . -13.38 -36.84 -73.42
CAD CLA YH . -15.96 -38.71 -74.92
OBD CLA YH . -16.35 -37.72 -75.54
CBD CLA YH . -16.68 -40.08 -74.94
CGD CLA YH . -18.02 -40.02 -74.23
O1D CLA YH . -19.08 -40.54 -74.58
O2D CLA YH . -18.00 -39.32 -73.05
CED CLA YH . -19.22 -38.70 -72.65
C1 CLA YH . -12.83 -43.01 -77.29
C2 CLA YH . -12.07 -43.42 -76.09
C3 CLA YH . -11.30 -42.57 -75.39
C4 CLA YH . -11.16 -41.14 -75.74
C5 CLA YH . -10.55 -43.06 -74.20
C6 CLA YH . -10.35 -44.56 -74.23
C10 WVN ZH . -0.19 -37.45 -69.84
C11 WVN ZH . -8.80 -54.45 -59.06
C12 WVN ZH . -0.53 -36.80 -68.50
C13 WVN ZH . -2.65 -38.01 -69.72
C14 WVN ZH . -1.80 -35.97 -68.63
C01 WVN ZH . -10.51 -56.37 -58.98
C02 WVN ZH . -9.44 -55.55 -58.19
C03 WVN ZH . -11.80 -56.63 -58.20
C04 WVN ZH . -11.53 -56.89 -56.72
C05 WVN ZH . -10.01 -54.94 -56.90
C06 WVN ZH . -1.28 -38.42 -70.29
C07 WVN ZH . -10.90 -55.77 -60.33
C08 WVN ZH . -9.92 -57.76 -59.24
C09 WVN ZH . -10.85 -55.65 -56.16
C15 WVN ZH . -2.87 -36.75 -69.43
C16 WVN ZH . -9.26 -53.82 -56.18
C17 WVN ZH . -0.91 -39.81 -69.79
C18 WVN ZH . -1.34 -38.45 -71.82
C19 WVN ZH . -7.48 -54.42 -59.21
C20 WVN ZH . -3.57 -39.06 -69.07
C21 WVN ZH . -3.65 -35.92 -70.44
C22 WVN ZH . -6.81 -53.36 -60.07
C23 WVN ZH . -4.06 -38.84 -67.87
C24 WVN ZH . -5.46 -53.73 -60.68
C25 WVN ZH . -4.98 -39.86 -67.20
C26 WVN ZH . -7.35 -52.20 -60.32
C27 WVN ZH . -6.48 -39.63 -67.16
C28 WVN ZH . -4.44 -40.94 -66.65
C29 WVN ZH . -6.59 -51.21 -61.21
C30 WVN ZH . -5.28 -42.01 -65.95
C31 WVN ZH . -7.01 -49.98 -61.42
C32 WVN ZH . -6.17 -49.05 -62.30
C33 WVN ZH . -5.58 -43.14 -66.56
C34 WVN ZH . -6.39 -44.18 -65.80
C35 WVN ZH . -4.77 -49.45 -62.72
C36 WVN ZH . -6.68 -47.90 -62.69
C37 WVN ZH . -5.82 -44.75 -64.77
C38 WVN ZH . -7.81 -44.53 -66.24
C39 WVN ZH . -5.92 -46.91 -63.55
C40 WVN ZH . -6.54 -45.80 -63.92
C03 II0 AI . -9.01 -44.40 -51.39
C05 II0 AI . -10.60 -44.81 -51.57
C07 II0 AI . -11.37 -43.73 -51.89
C09 II0 AI . -8.55 -43.46 -52.41
C11 II0 AI . -10.95 -43.02 -53.36
C13 II0 AI . -9.56 -42.91 -53.50
C15 II0 AI . -8.82 -43.68 -50.01
C16 II0 AI . -8.07 -45.65 -51.44
C19 II0 AI . -8.98 -42.32 -54.76
C21 II0 AI . -7.03 -43.16 -52.59
C23 II0 AI . -5.88 -42.85 -52.76
C25 II0 AI . -4.45 -42.34 -53.05
C27 II0 AI . -3.23 -43.03 -52.42
C29 II0 AI . -4.28 -41.26 -53.88
C30 II0 AI . 5.35 -35.42 -61.72
C31 II0 AI . -2.85 -40.72 -54.19
C32 II0 AI . 4.05 -36.06 -61.13
C33 II0 AI . -2.64 -39.76 -55.10
C34 II0 AI . 3.45 -35.52 -60.06
C35 II0 AI . -1.19 -39.32 -55.33
C36 II0 AI . 2.18 -36.16 -59.49
C37 II0 AI . -0.15 -39.70 -54.30
C38 II0 AI . 0.92 -36.22 -60.36
C39 II0 AI . -0.82 -38.63 -56.45
C40 II0 AI . 2.17 -36.66 -58.23
C41 II0 AI . 0.64 -38.20 -56.70
C42 II0 AI . 0.83 -37.29 -57.71
O01 II0 AI . -12.72 -44.12 -51.96
C03 II0 BI . -3.30 -60.73 -50.42
C04 II0 BI . -25.80 -52.63 -46.49
C05 II0 BI . -1.76 -60.93 -51.02
C06 II0 BI . -27.37 -52.33 -46.03
C07 II0 BI . -1.00 -59.82 -50.93
C08 II0 BI . -27.53 -52.47 -44.68
C09 II0 BI . -3.35 -59.96 -49.17
C10 II0 BI . -24.83 -52.19 -45.51
C11 II0 BI . -0.91 -59.21 -49.35
C12 II0 BI . -26.63 -51.35 -43.85
C13 II0 BI . -2.20 -58.90 -48.83
C14 II0 BI . -25.32 -51.12 -44.46
C15 II0 BI . -4.19 -60.03 -51.51
C16 II0 BI . -3.91 -62.16 -50.12
C17 II0 BI . -25.62 -54.15 -46.76
C18 II0 BI . -25.46 -51.85 -47.80
C19 II0 BI . -2.33 -58.08 -47.55
C20 II0 BI . -24.21 -50.37 -43.72
C21 II0 BI . -4.65 -59.97 -48.33
C22 II0 BI . -23.33 -52.14 -45.91
C23 II0 BI . -5.65 -59.88 -47.64
C24 II0 BI . -22.17 -52.12 -46.22
C25 II0 BI . -6.94 -59.73 -46.81
C26 II0 BI . -20.70 -52.18 -46.67
C27 II0 BI . -7.16 -60.50 -45.53
C28 II0 BI . -20.29 -51.59 -48.00
C29 II0 BI . -7.90 -58.88 -47.32
C30 II0 BI . -19.80 -52.78 -45.87
C31 II0 BI . -9.23 -58.59 -46.56
C32 II0 BI . -18.31 -52.88 -46.32
C33 II0 BI . -10.04 -57.66 -47.13
C34 II0 BI . -17.89 -54.09 -46.64
C35 II0 BI . -11.39 -57.29 -46.54
C36 II0 BI . -16.44 -54.34 -47.11
C37 II0 BI . -12.14 -58.28 -45.65
C38 II0 BI . -15.70 -53.29 -47.94
C39 II0 BI . -11.95 -56.11 -46.86
C40 II0 BI . -15.84 -55.49 -46.76
C41 II0 BI . -13.35 -55.75 -46.31
C42 II0 BI . -14.38 -55.81 -47.19
O01 II0 BI . 0.30 -60.14 -51.37
O02 II0 BI . -28.91 -52.33 -44.33
C03 II0 CI . -4.61 -61.49 -40.09
C04 II0 CI . -25.89 -49.78 -39.88
C05 II0 CI . -3.02 -61.39 -39.70
C06 II0 CI . -27.24 -49.38 -40.76
C07 II0 CI . -2.25 -61.33 -40.83
C08 II0 CI . -27.41 -48.04 -41.02
C09 II0 CI . -5.00 -60.57 -41.20
C10 II0 CI . -24.78 -48.82 -39.92
C11 II0 CI . -2.56 -59.94 -41.78
C12 II0 CI . -26.05 -47.34 -41.63
C13 II0 CI . -3.92 -59.57 -41.83
C14 II0 CI . -24.91 -47.48 -40.76
C15 II0 CI . -4.94 -62.95 -40.57
C16 II0 CI . -5.48 -61.16 -38.81
C17 II0 CI . -26.30 -50.07 -38.42
C18 II0 CI . -25.40 -51.17 -40.36
C19 II0 CI . -4.37 -58.39 -42.67
C20 II0 CI . -23.90 -46.34 -40.55
C21 II0 CI . -6.49 -60.22 -41.41
C22 II0 CI . -23.35 -49.11 -39.40
C23 II0 CI . -7.62 -59.89 -41.57
C24 II0 CI . -22.25 -49.26 -38.96
C25 II0 CI . -9.04 -59.32 -41.77
C26 II0 CI . -20.86 -49.47 -38.34
C27 II0 CI . -9.85 -59.69 -43.01
C28 II0 CI . -20.37 -48.57 -37.24
C29 II0 CI . -9.53 -58.48 -40.79
C30 II0 CI . -20.13 -50.50 -38.78
C31 II0 CI . -10.94 -57.87 -40.95
C32 II0 CI . -18.73 -50.86 -38.25
C33 II0 CI . -11.00 -56.53 -40.83
C34 II0 CI . -17.88 -51.35 -39.15
C35 II0 CI . -12.33 -55.80 -40.99
C36 II0 CI . -16.46 -51.80 -38.78
C37 II0 CI . -13.06 -55.89 -42.30
C38 II0 CI . -15.81 -51.39 -37.46
C39 II0 CI . -12.80 -55.08 -39.97
C40 II0 CI . -15.83 -52.60 -39.66
C41 II0 CI . -14.15 -54.34 -40.10
C42 II0 CI . -14.41 -53.18 -39.42
O01 II0 CI . -0.88 -61.39 -40.48
O02 II0 CI . -28.45 -47.89 -41.99
MG CLA DI . -14.13 -40.56 -51.28
CHA CLA DI . -17.51 -39.76 -51.68
CHB CLA DI . -13.52 -39.23 -54.38
CHC CLA DI . -10.79 -40.23 -50.50
CHD CLA DI . -14.80 -41.07 -47.83
NA CLA DI . -15.33 -39.73 -52.77
C1A CLA DI . -16.71 -39.49 -52.75
C2A CLA DI . -17.17 -38.87 -54.06
C3A CLA DI . -15.97 -39.17 -54.98
C4A CLA DI . -14.83 -39.38 -53.99
CMA CLA DI . -16.18 -40.38 -55.85
CAA CLA DI . -17.53 -37.38 -53.93
CBA CLA DI . -16.51 -36.44 -53.30
CGA CLA DI . -16.47 -36.40 -51.81
O1A CLA DI . -17.37 -36.14 -51.00
O2A CLA DI . -15.23 -36.76 -51.35
NB CLA DI . -12.50 -39.84 -52.24
C1B CLA DI . -12.44 -39.42 -53.53
C2B CLA DI . -11.01 -39.19 -53.93
C3B CLA DI . -10.25 -39.48 -52.82
C4B CLA DI . -11.18 -39.89 -51.75
CMB CLA DI . -10.64 -38.74 -55.28
CAB CLA DI . -8.83 -39.45 -52.57
CBB CLA DI . -7.94 -38.54 -52.94
NC CLA DI . -13.01 -40.76 -49.52
C1C CLA DI . -11.65 -40.68 -49.46
C2C CLA DI . -11.18 -40.93 -48.11
C3C CLA DI . -12.30 -41.07 -47.32
C4C CLA DI . -13.45 -40.97 -48.21
CMC CLA DI . -9.77 -40.93 -47.71
CAC CLA DI . -12.34 -41.32 -45.87
CBC CLA DI . -12.09 -42.69 -45.34
ND CLA DI . -15.74 -40.64 -50.05
C1D CLA DI . -15.86 -40.89 -48.67
C2D CLA DI . -17.28 -40.92 -48.32
C3D CLA DI . -17.98 -40.54 -49.44
C4D CLA DI . -16.96 -40.30 -50.47
CMD CLA DI . -17.74 -41.26 -46.98
CAD CLA DI . -19.27 -40.30 -50.05
OBD CLA DI . -20.40 -40.53 -49.65
CBD CLA DI . -18.99 -39.63 -51.43
CGD CLA DI . -19.88 -40.11 -52.56
O1D CLA DI . -20.54 -39.40 -53.32
O2D CLA DI . -19.90 -41.44 -52.75
CED CLA DI . -21.04 -41.95 -53.46
C1 CLA DI . -15.08 -37.23 -50.00
C2 CLA DI . -13.62 -37.45 -49.80
C3 CLA DI . -12.79 -36.60 -49.18
C4 CLA DI . -13.26 -35.33 -48.58
C5 CLA DI . -11.33 -36.92 -49.07
C6 CLA DI . -10.76 -36.60 -47.71
C7 CLA DI . -9.38 -37.16 -47.45
C8 CLA DI . -9.14 -37.60 -46.01
C9 CLA DI . -9.85 -36.74 -44.99
C10 CLA DI . -7.66 -37.63 -45.64
C11 CLA DI . -7.11 -39.02 -45.71
C12 CLA DI . -5.59 -39.02 -45.62
C13 CLA DI . -4.96 -40.41 -45.70
C14 CLA DI . -5.67 -41.43 -44.81
C15 CLA DI . -3.48 -40.40 -45.34
C16 CLA DI . -2.74 -39.21 -45.92
C17 CLA DI . -1.25 -39.44 -45.99
C18 CLA DI . -0.47 -38.14 -45.92
C19 CLA DI . 1.02 -38.42 -45.95
C20 CLA DI . -0.87 -37.20 -47.03
MG CLA EI . 7.58 50.10 69.70
CHA CLA EI . 8.51 53.35 68.94
CHB CLA EI . 8.46 50.66 72.97
CHC CLA EI . 5.99 47.22 70.63
CHD CLA EI . 5.97 49.91 66.53
NA CLA EI . 8.36 51.74 70.75
C1A CLA EI . 8.69 52.99 70.25
C2A CLA EI . 9.24 53.89 71.35
C3A CLA EI . 9.46 52.91 72.52
C4A CLA EI . 8.69 51.68 72.08
CMA CLA EI . 10.91 52.61 72.75
CAA CLA EI . 8.21 54.94 71.74
CBA CLA EI . 8.72 55.86 72.82
NB CLA EI . 7.23 49.16 71.46
C1B CLA EI . 7.79 49.48 72.65
C2B CLA EI . 7.62 48.36 73.63
C3B CLA EI . 6.92 47.38 72.97
C4B CLA EI . 6.67 47.88 71.59
CMB CLA EI . 8.12 48.41 75.00
CAB CLA EI . 6.47 46.08 73.42
CBB CLA EI . 5.26 45.83 73.93
NC CLA EI . 6.26 48.79 68.74
C1C CLA EI . 5.80 47.65 69.30
C2C CLA EI . 5.01 46.91 68.36
C3C CLA EI . 4.90 47.70 67.21
C4C CLA EI . 5.73 48.87 67.45
CMC CLA EI . 4.40 45.64 68.69
CAC CLA EI . 4.20 47.37 65.96
CBC CLA EI . 4.89 46.27 65.17
ND CLA EI . 7.31 51.26 68.08
C1D CLA EI . 6.71 51.03 66.81
C2D CLA EI . 7.03 52.16 65.91
C3D CLA EI . 7.79 53.05 66.66
C4D CLA EI . 7.88 52.47 68.01
CMD CLA EI . 6.63 52.24 64.52
CAD CLA EI . 8.50 54.31 66.68
OBD CLA EI . 8.78 55.06 65.76
CBD CLA EI . 8.91 54.58 68.15
CGD CLA EI . 10.37 54.90 68.26
O1D CLA EI . 10.89 55.99 68.49
O2D CLA EI . 11.20 53.81 68.09
CED CLA EI . 12.54 53.94 68.54
MG CLA FI . 8.16 53.48 56.50
CHA CLA FI . 11.13 52.45 57.95
CHB CLA FI . 9.27 52.14 53.54
CHC CLA FI . 5.00 53.75 55.24
CHD CLA FI . 6.85 53.97 59.76
NA CLA FI . 9.90 52.51 55.86
C1A CLA FI . 11.04 52.18 56.62
C2A CLA FI . 12.10 51.49 55.75
C3A CLA FI . 11.57 51.69 54.33
C4A CLA FI . 10.14 52.14 54.57
CMA CLA FI . 12.39 52.78 53.75
CAA CLA FI . 12.48 50.03 55.96
CBA CLA FI . 11.71 48.93 55.25
CGA CLA FI . 10.32 48.89 55.74
O1A CLA FI . 9.95 49.40 56.77
O2A CLA FI . 9.40 48.12 55.07
NB CLA FI . 7.28 52.98 54.76
C1B CLA FI . 7.95 52.56 53.66
C2B CLA FI . 7.07 52.62 52.49
C3B CLA FI . 5.87 53.05 52.90
C4B CLA FI . 5.97 53.31 54.38
CMB CLA FI . 7.48 52.25 51.17
CAB CLA FI . 4.80 53.20 51.98
CBB CLA FI . 3.71 52.46 51.97
NC CLA FI . 6.30 53.91 57.35
C1C CLA FI . 5.16 54.08 56.62
C2C CLA FI . 4.07 54.50 57.49
C3C CLA FI . 4.54 54.38 58.80
C4C CLA FI . 5.94 54.02 58.69
CMC CLA FI . 2.74 54.84 57.01
CAC CLA FI . 3.85 54.64 60.07
CBC CLA FI . 4.02 56.02 60.62
ND CLA FI . 8.79 53.40 58.40
C1D CLA FI . 8.19 53.71 59.64
C2D CLA FI . 9.21 53.65 60.69
C3D CLA FI . 10.37 53.22 60.09
C4D CLA FI . 10.03 53.01 58.67
CMD CLA FI . 9.02 54.02 62.09
CAD CLA FI . 11.75 52.85 60.27
OBD CLA FI . 12.44 52.93 61.27
CBD CLA FI . 12.26 52.30 58.92
CGD CLA FI . 13.48 53.08 58.50
O1D CLA FI . 14.63 52.91 58.88
O2D CLA FI . 13.24 54.10 57.63
CED CLA FI . 14.36 54.79 57.07
C1 CLA FI . 8.80 48.66 53.88
C2 CLA FI . 7.37 48.96 54.14
C3 CLA FI . 6.43 48.89 53.17
C4 CLA FI . 6.81 48.54 51.79
C5 CLA FI . 5.01 49.20 53.45
C6 CLA FI . 4.22 48.00 53.93
C7 CLA FI . 3.64 47.16 52.82
C8 CLA FI . 2.79 46.01 53.35
C9 CLA FI . 3.57 44.72 53.22
C10 CLA FI . 1.48 45.92 52.58
C11 CLA FI . 1.71 45.70 51.09
MG CLA GI . 1.51 51.84 46.87
CHA CLA GI . 4.43 50.93 45.23
CHB CLA GI . 2.55 50.05 49.60
CHC CLA GI . -0.97 53.28 48.75
CHD CLA GI . 0.94 54.24 44.32
NA CLA GI . 3.20 50.68 47.31
C1A CLA GI . 4.30 50.41 46.49
C2A CLA GI . 5.31 49.51 47.20
C3A CLA GI . 4.58 49.11 48.49
C4A CLA GI . 3.37 50.01 48.49
CMA CLA GI . 4.09 47.69 48.42
CAA CLA GI . 6.59 50.29 47.45
CBA CLA GI . 7.44 49.74 48.56
CGA CLA GI . 8.30 48.64 48.07
O1A CLA GI . 8.68 48.45 46.94
O2A CLA GI . 8.70 47.80 49.08
NB CLA GI . 0.98 51.78 48.82
C1B CLA GI . 1.40 50.84 49.69
C2B CLA GI . 0.44 50.68 50.81
C3B CLA GI . -0.57 51.58 50.58
C4B CLA GI . -0.23 52.29 49.32
CMB CLA GI . 0.70 49.70 51.87
CAB CLA GI . -1.78 51.91 51.31
CBB CLA GI . -2.22 51.34 52.42
NC CLA GI . 0.21 53.44 46.56
C1C CLA GI . -0.77 53.83 47.45
C2C CLA GI . -1.55 54.92 46.88
C3C CLA GI . -0.95 55.24 45.67
C4C CLA GI . 0.14 54.30 45.47
CMC CLA GI . -2.70 55.54 47.53
CAC CLA GI . -1.39 56.28 44.71
CBC CLA GI . -0.52 57.51 44.72
ND CLA GI . 2.34 52.41 45.12
C1D CLA GI . 1.97 53.36 44.14
C2D CLA GI . 2.85 53.21 42.97
C3D CLA GI . 3.79 52.28 43.33
C4D CLA GI . 3.47 51.85 44.70
CMD CLA GI . 2.72 53.93 41.71
CAD CLA GI . 4.93 51.52 42.92
OBD CLA GI . 5.42 51.45 41.82
CBD CLA GI . 5.47 50.74 44.15
CGD CLA GI . 5.67 49.29 43.81
O1D CLA GI . 4.81 48.44 43.57
O2D CLA GI . 6.98 48.91 43.80
CED CLA GI . 7.52 48.59 42.51
C1 CLA GI . 8.65 46.38 48.85
C2 CLA GI . 7.26 45.96 49.08
C3 CLA GI . 6.86 44.69 49.09
C4 CLA GI . 7.81 43.58 48.87
C5 CLA GI . 5.43 44.37 49.32
C6 CLA GI . 5.23 43.05 50.05
C7 CLA GI . 3.84 42.49 49.82
C8 CLA GI . 3.93 40.98 49.79
C9 CLA GI . 5.30 40.61 49.25
C10 CLA GI . 2.85 40.36 48.92
C11 CLA GI . 1.82 39.62 49.74
C12 CLA GI . 0.46 39.69 49.07
C13 CLA GI . -0.66 39.28 50.00
C14 CLA GI . -1.62 38.36 49.27
C15 CLA GI . -1.43 40.48 50.54
C16 CLA GI . -1.44 40.52 52.06
C17 CLA GI . -0.59 41.66 52.59
C18 CLA GI . -1.35 42.59 53.53
C19 CLA GI . -1.97 43.76 52.80
C20 CLA GI . -2.40 41.85 54.32
MG CLA HI . -5.73 70.03 45.02
CHA CLA HI . -8.43 71.42 43.37
CHB CLA HI . -5.72 67.48 42.75
CHC CLA HI . -2.59 69.08 46.07
CHD CLA HI . -5.43 73.01 46.89
NA CLA HI . -6.87 69.57 43.34
C1A CLA HI . -7.96 70.27 42.81
C2A CLA HI . -8.52 69.57 41.56
C3A CLA HI . -7.71 68.26 41.50
C4A CLA HI . -6.67 68.44 42.59
CMA CLA HI . -8.55 67.05 41.82
CAA CLA HI . -8.38 70.38 40.27
CBA CLA HI . -6.96 70.74 39.86
CGA CLA HI . -6.60 72.11 40.33
O1A CLA HI . -7.01 73.21 39.93
O2A CLA HI . -5.72 72.09 41.35
NB CLA HI . -4.41 68.62 44.49
C1B CLA HI . -4.72 67.55 43.71
C2B CLA HI . -3.83 66.41 43.97
C3B CLA HI . -2.91 66.83 44.92
C4B CLA HI . -3.26 68.25 45.23
CMB CLA HI . -4.00 65.19 43.21
CAB CLA HI . -1.77 66.18 45.49
CBB CLA HI . -1.56 64.87 45.65
NC CLA HI . -4.27 70.91 46.24
C1C CLA HI . -3.06 70.34 46.53
C2C CLA HI . -2.30 71.21 47.41
C3C CLA HI . -3.09 72.33 47.65
C4C CLA HI . -4.33 72.13 46.92
CMC CLA HI . -0.94 70.89 47.88
CAC CLA HI . -2.77 73.53 48.45
CBC CLA HI . -2.52 73.35 49.93
ND CLA HI . -6.62 71.84 45.11
C1D CLA HI . -6.52 72.88 46.07
C2D CLA HI . -7.69 73.77 45.95
C3D CLA HI . -8.43 73.28 44.90
C4D CLA HI . -7.73 72.08 44.42
CMD CLA HI . -7.93 74.93 46.81
CAD CLA HI . -9.60 73.45 44.06
OBD CLA HI . -10.39 74.37 44.01
CBD CLA HI . -9.68 72.24 43.10
CGD CLA HI . -10.93 71.42 43.32
O1D CLA HI . -11.45 70.61 42.54
O2D CLA HI . -11.55 71.61 44.51
CED CLA HI . -12.76 70.90 44.74
C1 CLA HI . -5.13 73.36 41.69
C2 CLA HI . -4.23 73.12 42.84
C3 CLA HI . -3.13 73.87 43.02
C4 CLA HI . -2.77 74.97 42.10
C5 CLA HI . -2.22 73.63 44.18
C6 CLA HI . -1.22 72.53 43.92
C7 CLA HI . 0.19 73.04 44.15
C8 CLA HI . 1.21 71.91 44.14
C9 CLA HI . 0.51 70.61 44.41
C10 CLA HI . 2.30 72.15 45.18
C11 CLA HI . 3.67 71.77 44.64
C12 CLA HI . 4.59 72.97 44.61
C13 CLA HI . 6.02 72.58 44.98
C14 CLA HI . 6.82 73.79 45.44
C15 CLA HI . 6.74 71.90 43.81
C16 CLA HI . 7.34 72.93 42.87
C17 CLA HI . 7.30 72.46 41.44
C18 CLA HI . 8.65 72.53 40.76
C19 CLA HI . 9.55 71.39 41.17
C20 CLA HI . 8.48 72.51 39.25
MG CLA II . -10.69 79.69 37.39
CHA CLA II . -12.60 82.29 36.15
CHB CLA II . -12.75 77.45 35.83
CHC CLA II . -8.55 77.14 38.30
CHD CLA II . -8.29 82.03 38.49
NA CLA II . -12.37 79.86 36.15
C1A CLA II . -13.04 81.04 35.76
C2A CLA II . -14.26 80.73 34.88
C3A CLA II . -14.24 79.18 34.77
C4A CLA II . -13.04 78.77 35.64
CMA CLA II . -15.55 78.50 35.06
CAA CLA II . -14.25 81.34 33.48
CBA CLA II . -15.58 81.98 33.13
NB CLA II . -10.66 77.69 37.13
C1B CLA II . -11.65 76.95 36.56
C2B CLA II . -11.39 75.50 36.76
C3B CLA II . -10.19 75.40 37.44
C4B CLA II . -9.72 76.79 37.69
CMB CLA II . -12.27 74.47 36.23
CAB CLA II . -9.46 74.25 37.88
CBB CLA II . -9.01 73.26 37.11
NC CLA II . -8.76 79.61 38.22
C1C CLA II . -8.09 78.46 38.53
C2C CLA II . -6.81 78.78 39.15
C3C CLA II . -6.71 80.17 39.19
C4C CLA II . -7.95 80.68 38.60
CMC CLA II . -5.84 77.79 39.61
CAC CLA II . -5.59 80.97 39.72
CBC CLA II . -5.84 81.56 41.08
ND CLA II . -10.37 81.68 37.26
C1D CLA II . -9.40 82.52 37.87
C2D CLA II . -9.83 83.93 37.75
C3D CLA II . -11.07 83.89 37.14
C4D CLA II . -11.35 82.47 36.84
CMD CLA II . -9.07 85.07 38.26
CAD CLA II . -12.17 84.68 36.65
OBD CLA II . -12.35 85.90 36.67
CBD CLA II . -13.18 83.67 36.03
CGD CLA II . -14.52 83.68 36.70
O1D CLA II . -15.64 83.57 36.16
O2D CLA II . -14.46 83.81 38.06
CED CLA II . -15.65 83.58 38.82
MG CLA JI . -1.78 72.41 31.38
CHA CLA JI . -5.25 72.89 31.43
CHB CLA JI . -1.66 73.98 28.33
CHC CLA JI . 1.55 73.09 31.86
CHD CLA JI . -2.01 71.59 34.84
NA CLA JI . -3.23 73.22 30.10
C1A CLA JI . -4.61 73.32 30.29
C2A CLA JI . -5.27 73.96 29.09
C3A CLA JI . -4.17 73.85 28.02
C4A CLA JI . -2.91 73.70 28.86
CMA CLA JI . -4.36 72.63 27.16
CAA CLA JI . -5.62 75.40 29.41
CBA CLA JI . -6.32 76.01 28.22
CGA CLA JI . -6.91 77.34 28.54
O1A CLA JI . -7.76 77.93 27.90
O2A CLA JI . -6.44 77.95 29.67
NB CLA JI . -0.33 73.28 30.28
C1B CLA JI . -0.47 73.87 29.07
C2B CLA JI . 0.82 74.45 28.61
C3B CLA JI . 1.73 74.21 29.61
C4B CLA JI . 1.01 73.46 30.67
CMB CLA JI . 1.00 75.18 27.37
CAB CLA JI . 3.12 74.62 29.67
CBB CLA JI . 3.71 75.43 30.55
NC CLA JI . -0.47 72.26 33.01
C1C CLA JI . 0.87 72.51 32.95
C2C CLA JI . 1.52 72.22 34.22
C3C CLA JI . 0.50 71.88 35.10
C4C CLA JI . -0.74 71.88 34.32
CMC CLA JI . 2.95 72.37 34.48
CAC CLA JI . 0.66 71.49 36.51
CBC CLA JI . 0.55 70.02 36.78
ND CLA JI . -3.22 72.25 32.83
C1D CLA JI . -3.18 71.76 34.16
C2D CLA JI . -4.55 71.52 34.63
C3D CLA JI . -5.38 71.98 33.65
C4D CLA JI . -4.51 72.43 32.55
CMD CLA JI . -4.91 70.97 35.94
CAD CLA JI . -6.75 72.18 33.24
OBD CLA JI . -7.79 71.95 33.84
CBD CLA JI . -6.71 72.77 31.81
CGD CLA JI . -7.50 71.84 30.94
O1D CLA JI . -7.13 70.76 30.49
O2D CLA JI . -8.77 72.24 30.69
CED CLA JI . -9.48 71.63 29.60
C1 CLA JI . -6.46 79.39 29.59
C2 CLA JI . -6.21 79.98 30.92
C3 CLA JI . -5.36 81.01 31.10
C4 CLA JI . -4.62 81.69 30.01
C5 CLA JI . -5.20 81.54 32.48
C6 CLA JI . -3.93 80.99 33.11
C7 CLA JI . -3.82 81.51 34.53
C8 CLA JI . -3.95 80.37 35.53
C9 CLA JI . -5.38 79.97 35.80
C10 CLA JI . -3.28 80.77 36.84
C11 CLA JI . -2.75 79.56 37.55
C12 CLA JI . -1.69 80.00 38.55
C13 CLA JI . -1.09 78.79 39.25
C14 CLA JI . -1.55 78.74 40.69
C15 CLA JI . 0.43 78.82 39.11
C16 CLA JI . 1.13 77.84 40.03
C17 CLA JI . 2.17 77.01 39.31
C18 CLA JI . 2.37 75.59 39.85
C19 CLA JI . 1.27 75.06 40.74
C20 CLA JI . 2.57 74.62 38.71
MG CLA KI . -6.83 58.77 38.83
CHA CLA KI . -7.98 57.51 35.80
CHB CLA KI . -7.89 55.88 40.30
CHC CLA KI . -5.02 59.55 41.67
CHD CLA KI . -4.91 61.14 37.03
NA CLA KI . -7.81 57.05 38.16
C1A CLA KI . -8.19 56.69 36.85
C2A CLA KI . -8.89 55.33 36.81
C3A CLA KI . -9.06 54.99 38.30
C4A CLA KI . -8.19 56.03 38.98
CMA CLA KI . -10.49 55.05 38.76
CAA CLA KI . -8.03 54.33 36.05
CBA CLA KI . -7.04 53.59 36.90
CGA CLA KI . -6.22 52.72 36.03
O1A CLA KI . -6.55 52.08 35.04
O2A CLA KI . -4.95 52.63 36.50
NB CLA KI . -6.63 57.97 40.67
C1B CLA KI . -7.07 56.74 41.01
C2B CLA KI . -6.54 56.33 42.28
C3B CLA KI . -5.73 57.31 42.73
C4B CLA KI . -5.76 58.41 41.70
CMB CLA KI . -6.86 55.02 42.82
CAB CLA KI . -4.93 57.25 43.91
CBB CLA KI . -4.71 58.17 44.80
NC CLA KI . -5.33 60.15 39.28
C1C CLA KI . -4.81 60.36 40.52
C2C CLA KI . -3.93 61.51 40.52
C3C CLA KI . -3.74 61.82 39.17
C4C CLA KI . -4.64 60.98 38.40
CMC CLA KI . -3.29 62.06 41.70
CAC CLA KI . -2.95 62.90 38.61
CBC CLA KI . -1.48 62.59 38.60
ND CLA KI . -6.47 59.25 36.91
C1D CLA KI . -5.78 60.33 36.32
C2D CLA KI . -6.21 60.37 34.91
C3D CLA KI . -7.10 59.38 34.69
C4D CLA KI . -7.19 58.67 35.95
CMD CLA KI . -5.89 61.27 33.87
CAD CLA KI . -7.93 58.77 33.70
OBD CLA KI . -8.19 59.13 32.55
CBD CLA KI . -8.49 57.50 34.37
CGD CLA KI . -9.99 57.43 34.32
O1D CLA KI . -10.68 56.88 33.47
O2D CLA KI . -10.62 58.05 35.34
CED CLA KI . -12.01 57.77 35.55
C1 CLA KI . -4.63 51.32 36.99
C2 CLA KI . -3.18 51.28 37.28
C3 CLA KI . -2.24 50.96 36.37
C4 CLA KI . -2.59 50.64 34.97
C5 CLA KI . -0.79 50.93 36.73
C6 CLA KI . -0.49 51.34 38.16
MG CLA LI . 5.52 56.90 39.90
CHA CLA LI . 7.04 54.86 42.29
CHB CLA LI . 7.41 55.42 37.50
CHC CLA LI . 3.45 58.22 37.49
CHD CLA LI . 3.15 57.80 42.34
NA CLA LI . 7.01 55.42 39.92
C1A CLA LI . 7.52 54.71 41.01
C2A CLA LI . 8.65 53.77 40.56
C3A CLA LI . 8.92 54.25 39.13
C4A CLA LI . 7.70 55.08 38.81
CMA CLA LI . 10.19 55.05 39.06
CAA CLA LI . 8.30 52.29 40.63
CBA CLA LI . 8.21 51.61 39.30
CGA CLA LI . 6.91 50.92 39.14
O1A CLA LI . 5.80 51.43 38.96
O2A CLA LI . 7.03 49.57 39.24
NB CLA LI . 5.37 56.73 37.90
C1B CLA LI . 6.31 56.18 37.09
C2B CLA LI . 6.03 56.51 35.68
C3B CLA LI . 4.91 57.29 35.66
C4B CLA LI . 4.50 57.47 37.07
CMB CLA LI . 6.89 56.14 34.58
CAB CLA LI . 4.21 57.86 34.58
CBB CLA LI . 3.82 57.35 33.40
NC CLA LI . 3.71 57.94 39.94
C1C CLA LI . 3.11 58.49 38.85
C2C CLA LI . 1.98 59.28 39.26
C3C CLA LI . 1.79 59.05 40.63
C4C CLA LI . 2.91 58.22 41.03
CMC CLA LI . 1.22 60.06 38.33
CAC CLA LI . 0.84 59.69 41.56
CBC CLA LI . -0.61 59.33 41.45
ND CLA LI . 5.22 56.62 41.88
C1D CLA LI . 4.22 57.06 42.77
C2D CLA LI . 4.51 56.58 44.14
C3D CLA LI . 5.61 55.76 44.00
C4D CLA LI . 5.96 55.76 42.57
CMD CLA LI . 3.78 56.89 45.35
CAD CLA LI . 6.54 54.90 44.68
OBD CLA LI . 6.66 54.68 45.88
CBD CLA LI . 7.44 54.25 43.61
CGD CLA LI . 8.87 54.54 43.89
O1D CLA LI . 9.38 55.63 44.15
O2D CLA LI . 9.68 53.45 43.85
CED CLA LI . 11.06 53.66 44.15
C1 CLA LI . 5.95 48.77 38.72
C2 CLA LI . 6.07 48.76 37.24
C3 CLA LI . 5.15 48.18 36.46
C4 CLA LI . 3.94 47.50 37.01
C5 CLA LI . 5.29 48.20 34.98
C6 CLA LI . 4.12 48.89 34.35
C7 CLA LI . 4.41 49.28 32.92
C8 CLA LI . 3.23 49.82 32.13
C9 CLA LI . 1.87 49.61 32.76
C10 CLA LI . 3.21 49.17 30.77
C11 CLA LI . 3.72 50.15 29.75
C12 CLA LI . 3.94 49.51 28.40
C13 CLA LI . 4.22 50.52 27.25
C14 CLA LI . 3.55 51.85 27.49
C15 CLA LI . 3.73 50.10 25.87
C16 CLA LI . 4.74 49.48 24.93
C17 CLA LI . 5.00 48.04 25.27
C18 CLA LI . 5.59 47.23 24.15
C19 CLA LI . 5.35 45.78 24.51
C20 CLA LI . 7.07 47.52 24.02
MG CLA MI . 10.82 67.96 51.24
CHA CLA MI . 13.95 68.50 49.81
CHB CLA MI . 12.07 69.20 54.19
CHC CLA MI . 7.61 68.53 52.37
CHD CLA MI . 9.54 67.68 47.95
NA CLA MI . 12.69 68.63 51.89
C1A CLA MI . 13.87 68.79 51.14
C2A CLA MI . 15.01 69.30 52.02
C3A CLA MI . 14.45 69.04 53.42
C4A CLA MI . 12.96 68.97 53.17
CMA CLA MI . 15.01 67.72 53.78
CAA CLA MI . 15.35 70.75 51.80
CBA CLA MI . 15.18 71.69 52.97
CGA CLA MI . 13.81 72.27 52.91
O1A CLA MI . 13.23 72.68 51.91
O2A CLA MI . 13.23 72.31 54.14
NB CLA MI . 10.01 68.74 52.93
C1B CLA MI . 10.67 69.12 54.04
C2B CLA MI . 9.74 69.42 55.16
C3B CLA MI . 8.46 69.23 54.65
C4B CLA MI . 8.63 68.78 53.24
CMB CLA MI . 10.24 69.84 56.46
CAB CLA MI . 7.14 69.36 55.22
CBB CLA MI . 6.78 69.23 56.50
NC CLA MI . 8.93 67.95 50.34
C1C CLA MI . 7.74 68.11 51.01
C2C CLA MI . 6.64 67.92 50.08
C3C CLA MI . 7.18 67.85 48.81
C4C CLA MI . 8.62 67.84 48.98
CMC CLA MI . 5.23 67.96 50.42
CAC CLA MI . 6.46 67.65 47.54
CBC CLA MI . 6.38 68.88 46.69
ND CLA MI . 11.52 67.86 49.35
C1D CLA MI . 10.90 67.69 48.09
C2D CLA MI . 11.92 67.54 47.05
C3D CLA MI . 13.13 67.77 47.68
C4D CLA MI . 12.82 68.06 49.08
CMD CLA MI . 11.65 67.23 45.65
CAD CLA MI . 14.56 67.86 47.52
OBD CLA MI . 15.27 67.53 46.58
CBD CLA MI . 15.11 68.47 48.84
CGD CLA MI . 16.26 67.64 49.36
O1D CLA MI . 17.39 68.01 49.66
O2D CLA MI . 15.95 66.32 49.49
CED CLA MI . 16.33 65.66 50.69
C1 CLA MI . 12.26 73.34 54.45
C2 CLA MI . 10.92 72.88 54.06
C3 CLA MI . 9.80 73.39 54.59
C4 CLA MI . 9.83 74.45 55.63
C5 CLA MI . 8.46 72.92 54.14
C6 CLA MI . 7.54 74.06 53.81
MG CLA NI . 6.60 64.24 67.89
CHA CLA NI . 8.67 65.68 65.49
CHB CLA NI . 9.10 64.51 70.20
CHC CLA NI . 4.72 62.44 70.13
CHD CLA NI . 4.29 63.41 65.34
NA CLA NI . 8.55 65.00 67.83
C1A CLA NI . 9.21 65.59 66.75
C2A CLA NI . 10.61 66.05 67.18
C3A CLA NI . 10.70 65.64 68.66
C4A CLA NI . 9.35 65.01 68.94
CMA CLA NI . 11.81 64.64 68.88
CAA CLA NI . 10.71 67.58 67.09
CBA CLA NI . 10.36 68.33 68.36
CGA CLA NI . 8.92 68.78 68.39
O1A CLA NI . 7.91 68.11 68.63
O2A CLA NI . 8.75 70.11 68.12
NB CLA NI . 6.84 63.64 69.80
C1B CLA NI . 7.93 63.87 70.58
C2B CLA NI . 7.72 63.28 71.93
C3B CLA NI . 6.48 62.70 71.92
C4B CLA NI . 5.92 62.90 70.56
CMB CLA NI . 8.73 63.35 72.98
CAB CLA NI . 5.79 61.95 72.94
CBB CLA NI . 4.93 62.48 73.82
NC CLA NI . 4.81 63.17 67.76
C1C CLA NI . 4.19 62.57 68.82
C2C CLA NI . 2.92 62.01 68.41
C3C CLA NI . 2.84 62.19 67.02
C4C CLA NI . 4.03 62.94 66.63
CMC CLA NI . 2.01 61.33 69.34
CAC CLA NI . 1.75 61.80 66.12
CBC CLA NI . 0.55 62.69 66.17
ND CLA NI . 6.47 64.40 65.88
C1D CLA NI . 5.44 64.09 64.97
C2D CLA NI . 5.78 64.61 63.64
C3D CLA NI . 7.00 65.25 63.78
C4D CLA NI . 7.40 65.08 65.20
CMD CLA NI . 4.93 64.44 62.48
CAD CLA NI . 8.05 65.98 63.11
OBD CLA NI . 8.12 66.33 61.94
CBD CLA NI . 9.14 66.29 64.18
CGD CLA NI . 10.52 65.83 63.75
O1D CLA NI . 10.89 64.72 63.38
O2D CLA NI . 11.44 66.83 63.79
CED CLA NI . 12.81 66.47 63.99
C1 CLA NI . 7.40 70.62 68.20
C2 CLA NI . 7.44 72.00 67.67
C3 CLA NI . 6.46 72.56 66.93
C4 CLA NI . 6.56 73.95 66.44
C5 CLA NI . 5.21 71.82 66.57
C6 CLA NI . 4.60 72.32 65.28
C7 CLA NI . 3.21 71.75 65.05
C8 CLA NI . 2.85 71.66 63.56
C9 CLA NI . 3.63 72.64 62.72
C10 CLA NI . 1.36 71.84 63.35
NB KC2 OI . 2.86 70.05 59.17
ND KC2 OI . 5.10 69.07 62.38
C1A KC2 OI . 6.89 71.05 60.47
C1B KC2 OI . 3.20 70.87 58.18
C1C KC2 OI . 1.07 68.59 61.08
C1D KC2 OI . 4.80 68.48 63.57
C2A KC2 OI . 7.56 72.11 59.68
C2B KC2 OI . 2.06 71.31 57.34
C2C KC2 OI . 0.21 68.02 62.12
C2D KC2 OI . 5.90 68.70 64.52
C3A KC2 OI . 6.63 72.33 58.57
C3B KC2 OI . 0.92 70.58 57.91
C3C KC2 OI . 1.12 67.68 63.23
C3D KC2 OI . 6.91 69.49 63.78
C4A KC2 OI . 5.50 71.41 58.83
C4B KC2 OI . 1.54 69.84 59.03
C4C KC2 OI . 2.44 68.10 62.69
C4D KC2 OI . 6.38 69.67 62.49
CAA KC2 OI . 8.87 72.78 59.87
CAB KC2 OI . -0.53 70.44 57.66
CAC KC2 OI . 0.73 67.08 64.56
CAD KC2 OI . 8.26 70.12 63.90
CBA KC2 OI . 10.00 72.14 59.94
CBB KC2 OI . -1.15 70.94 56.60
CBC KC2 OI . -0.03 65.79 64.42
CBD KC2 OI . 8.34 70.96 62.72
CED KC2 OI . 9.17 74.60 63.51
CGA KC2 OI . 11.08 72.82 60.65
CGD KC2 OI . 8.12 72.38 63.16
CHA KC2 OI . 7.38 70.47 61.71
CHB KC2 OI . 4.45 71.50 57.82
CHC KC2 OI . 0.59 69.04 59.80
CHD KC2 OI . 3.48 67.82 63.70
CMA KC2 OI . 6.72 73.27 57.39
CMB KC2 OI . 2.12 72.24 56.16
CMC KC2 OI . -1.29 67.91 61.93
CMD KC2 OI . 5.73 68.13 65.90
NA KC2 OI . 5.57 70.63 59.93
NC KC2 OI . 2.38 68.66 61.31
O1A KC2 OI . 11.05 74.07 60.75
O1D KC2 OI . 7.04 72.95 63.05
O2A KC2 OI . 11.73 72.09 61.45
O2D KC2 OI . 9.30 73.18 63.44
OBD KC2 OI . 8.76 70.09 65.09
MG KC2 OI . 4.17 69.26 60.56
MG CLA PI . -9.47 57.59 60.69
CHA CLA PI . -12.71 57.25 61.85
CHB CLA PI . -9.04 60.25 62.80
CHC CLA PI . -6.06 57.40 60.25
CHD CLA PI . -9.83 54.57 58.90
NA CLA PI . -10.69 58.56 62.10
C1A CLA PI . -12.01 58.26 62.46
C2A CLA PI . -12.53 59.27 63.49
C3A CLA PI . -11.48 60.39 63.38
C4A CLA PI . -10.29 59.68 62.75
CMA CLA PI . -11.98 61.52 62.50
CAA CLA PI . -12.45 58.83 64.96
CBA CLA PI . -13.08 57.52 65.34
CGA CLA PI . -11.99 56.56 65.62
O1A CLA PI . -11.11 56.21 64.86
O2A CLA PI . -12.01 56.06 66.90
NB CLA PI . -7.88 58.62 61.37
C1B CLA PI . -7.90 59.70 62.21
C2B CLA PI . -6.52 60.25 62.39
C3B CLA PI . -5.68 59.45 61.66
C4B CLA PI . -6.53 58.41 61.02
CMB CLA PI . -6.26 61.42 63.24
CAB CLA PI . -4.25 59.48 61.48
CBB CLA PI . -3.50 60.50 61.08
NC CLA PI . -8.19 56.24 59.75
C1C CLA PI . -6.85 56.38 59.66
C2C CLA PI . -6.27 55.31 58.88
C3C CLA PI . -7.32 54.46 58.53
C4C CLA PI . -8.53 55.06 59.07
CMC CLA PI . -4.86 55.19 58.59
CAC CLA PI . -7.19 53.23 57.73
CBC CLA PI . -7.73 53.26 56.34
ND CLA PI . -10.85 56.15 60.46
C1D CLA PI . -10.93 55.07 59.55
C2D CLA PI . -12.33 54.62 59.45
C3D CLA PI . -13.04 55.41 60.32
C4D CLA PI . -12.08 56.35 60.92
CMD CLA PI . -12.81 53.55 58.60
CAD CLA PI . -14.35 55.73 60.83
OBD CLA PI . -15.43 55.21 60.53
CBD CLA PI . -14.17 56.89 61.84
CGD CLA PI . -15.03 58.07 61.47
O1D CLA PI . -15.87 58.65 62.17
O2D CLA PI . -14.81 58.53 60.21
CED CLA PI . -15.95 58.68 59.36
C1 CLA PI . -11.56 54.70 67.05
C2 CLA PI . -10.21 54.69 67.64
C3 CLA PI . -9.80 53.69 68.42
C4 CLA PI . -10.69 52.55 68.74
C5 CLA PI . -8.44 53.68 69.03
C6 CLA PI . -8.24 52.50 69.96
MG CLA QI . -9.55 51.12 51.67
CHA CLA QI . -13.00 50.76 51.92
CHB CLA QI . -9.26 49.64 54.74
CHC CLA QI . -6.22 50.56 51.09
CHD CLA QI . -9.96 52.02 48.28
NA CLA QI . -10.91 50.40 53.10
C1A CLA QI . -12.29 50.34 53.03
C2A CLA QI . -12.86 49.75 54.32
C3A CLA QI . -11.68 49.86 55.29
C4A CLA QI . -10.52 49.95 54.32
CMA CLA QI . -11.74 51.06 56.19
CAA CLA QI . -13.17 48.29 54.07
CBA CLA QI . -14.62 47.97 54.30
CGA CLA QI . -14.86 46.53 53.99
NB CLA QI . -8.04 50.32 52.72
C1B CLA QI . -8.14 49.69 53.92
C2B CLA QI . -6.88 49.01 54.28
C3B CLA QI . -6.00 49.26 53.25
C4B CLA QI . -6.71 50.11 52.26
CMB CLA QI . -6.76 48.25 55.50
CAB CLA QI . -4.63 48.83 53.10
CBB CLA QI . -4.13 48.01 52.19
NC CLA QI . -8.31 51.37 50.02
C1C CLA QI . -6.96 51.17 50.04
C2C CLA QI . -6.37 51.50 48.77
C3C CLA QI . -7.44 51.81 47.91
C4C CLA QI . -8.65 51.75 48.73
CMC CLA QI . -4.91 51.35 48.60
CAC CLA QI . -7.49 52.20 46.48
CBC CLA QI . -6.53 53.24 45.98
ND CLA QI . -11.08 51.45 50.38
C1D CLA QI . -11.11 51.84 49.02
C2D CLA QI . -12.52 52.06 48.63
C3D CLA QI . -13.29 51.70 49.72
C4D CLA QI . -12.34 51.28 50.76
CMD CLA QI . -12.96 52.54 47.32
CAD CLA QI . -14.62 51.59 50.29
OBD CLA QI . -15.69 52.00 49.85
CBD CLA QI . -14.48 50.85 51.65
CGD CLA QI . -15.20 51.54 52.77
O1D CLA QI . -16.14 51.16 53.45
O2D CLA QI . -14.66 52.75 53.02
CED CLA QI . -14.26 53.06 54.34
C03 II0 RI . 10.34 75.69 49.45
C04 II0 RI . -8.52 65.80 60.57
C05 II0 RI . 11.87 76.25 49.22
C06 II0 RI . -10.11 65.42 60.67
C07 II0 RI . 12.84 75.40 49.65
C08 II0 RI . -10.51 64.74 59.56
C09 II0 RI . 10.29 74.23 49.70
C10 II0 RI . -7.73 64.67 60.12
C11 II0 RI . 12.73 73.89 48.91
C12 II0 RI . -9.82 63.24 59.40
C13 II0 RI . 11.46 73.30 49.14
C14 II0 RI . -8.42 63.26 59.82
C15 II0 RI . 9.63 76.46 50.61
C16 II0 RI . 9.53 76.00 48.12
C17 II0 RI . -8.34 66.94 59.55
C18 II0 RI . -8.01 66.30 61.98
C19 II0 RI . 11.31 71.77 49.21
C20 II0 RI . -7.51 62.12 59.32
C21 II0 RI . 8.90 73.57 49.73
C22 II0 RI . -6.19 64.75 60.18
C23 II0 RI . 7.83 73.07 49.78
C24 II0 RI . -5.00 64.83 60.18
C25 II0 RI . 6.42 72.47 50.02
C26 II0 RI . -3.47 65.05 60.12
C27 II0 RI . 5.32 72.49 48.96
C28 II0 RI . -2.58 64.52 61.22
C29 II0 RI . 6.23 71.91 51.25
C30 II0 RI . -3.05 65.74 59.06
C31 II0 RI . 4.85 71.31 51.61
C32 II0 RI . -1.57 66.13 58.73
C33 II0 RI . 4.73 70.73 52.80
C34 II0 RI . -1.20 66.10 57.46
C35 II0 RI . 3.37 70.17 53.15
C36 II0 RI . 0.22 66.52 57.07
C37 II0 RI . 2.18 70.61 52.34
C38 II0 RI . 1.44 66.08 57.89
C39 II0 RI . 3.23 69.34 54.20
C40 II0 RI . 0.36 67.33 55.99
C41 II0 RI . 1.84 68.81 54.61
C42 II0 RI . 1.76 67.83 55.56
O01 II0 RI . 14.11 75.97 49.36
O02 II0 RI . -11.94 64.63 59.54
C03 II0 SI . 4.67 47.26 58.32
C04 II0 SI . -7.12 64.61 47.01
C05 II0 SI . 5.94 46.23 58.56
C06 II0 SI . -8.43 65.64 47.06
C07 II0 SI . 7.01 46.61 57.83
C08 II0 SI . -8.72 66.08 45.79
C09 II0 SI . 5.05 48.59 57.79
C10 II0 SI . -6.92 63.95 45.75
C11 II0 SI . 7.51 48.15 58.33
C12 II0 SI . -9.18 64.78 44.86
C13 II0 SI . 6.51 49.12 58.08
C14 II0 SI . -8.22 63.69 44.86
C15 II0 SI . 3.93 47.52 59.69
C16 II0 SI . 3.66 46.58 57.33
C17 II0 SI . -5.89 65.51 47.25
C18 II0 SI . -7.22 63.52 48.15
C19 II0 SI . 6.86 50.54 57.73
C20 II0 SI . -8.16 62.70 43.69
C21 II0 SI . 3.96 49.65 57.49
C22 II0 SI . -5.75 62.93 45.72
C23 II0 SI . 3.08 50.40 57.22
C24 II0 SI . -4.86 62.15 45.83
C25 II0 SI . 1.93 51.30 56.77
C26 II0 SI . -3.70 61.17 46.07
C27 II0 SI . 0.88 51.73 57.79
C28 II0 SI . -2.55 61.01 45.11
C29 II0 SI . 1.86 51.65 55.45
C30 II0 SI . -3.74 60.45 47.18
C31 II0 SI . 0.72 52.55 54.93
C32 II0 SI . -2.63 59.41 47.50
C33 II0 SI . 1.09 53.36 53.93
C34 II0 SI . -1.88 59.59 48.57
C35 II0 SI . 0.14 54.34 53.29
C36 II0 SI . -0.82 58.57 48.95
C37 II0 SI . -0.91 54.90 54.17
C38 II0 SI . 0.50 58.38 48.20
C39 II0 SI . 0.29 54.78 52.02
C40 II0 SI . -1.14 57.82 50.01
C41 II0 SI . -0.70 55.84 51.48
C42 II0 SI . -0.20 56.72 50.56
O01 II0 SI . 8.10 45.74 57.97
O02 II0 SI . -9.74 67.09 45.86
C02 IHT TI . 2.15 51.22 63.34
C03 IHT TI . -11.11 55.50 43.72
C04 IHT TI . 2.84 50.55 64.69
C05 IHT TI . -11.71 55.58 42.17
C06 IHT TI . 1.94 50.05 65.56
C07 IHT TI . 0.71 51.23 63.40
C08 IHT TI . -12.35 56.75 41.95
C09 IHT TI . 0.76 51.15 65.97
C10 IHT TI . 0.05 51.58 64.81
C11 IHT TI . -10.22 56.64 43.92
C12 IHT TI . -11.29 58.09 42.06
C13 IHT TI . 2.61 50.40 62.08
C14 IHT TI . 2.68 52.73 63.19
C15 IHT TI . -10.13 57.83 42.82
C16 IHT TI . -12.25 55.56 44.71
C17 IHT TI . -10.35 54.21 43.90
C18 IHT TI . -0.12 51.34 62.12
C19 IHT TI . -1.42 52.04 64.91
C20 IHT TI . -9.17 59.00 43.09
C21 IHT TI . -9.27 56.71 45.13
C22 IHT TI . -0.91 50.32 61.82
C23 IHT TI . -1.80 50.37 60.52
C24 IHT TI . -8.50 56.82 46.07
C25 IHT TI . -2.48 49.08 59.98
C26 IHT TI . -7.52 56.97 47.24
C27 IHT TI . -1.99 51.55 59.87
C28 IHT TI . -6.85 58.31 47.51
C29 IHT TI . -7.26 55.90 48.01
C30 IHT TI . -2.89 51.53 58.59
C31 IHT TI . -6.30 55.99 49.19
C32 IHT TI . -2.54 52.23 57.51
C33 IHT TI . -3.47 52.17 56.30
C34 IHT TI . -6.12 54.88 49.92
C35 IHT TI . -5.16 54.92 51.15
C36 IHT TI . -4.19 50.87 55.95
C37 IHT TI . -3.66 53.27 55.55
C38 IHT TI . -5.21 53.92 52.04
C39 IHT TI . -4.15 56.09 51.31
C40 IHT TI . -4.59 53.24 54.33
C41 IHT TI . -4.28 53.95 53.27
O01 IHT TI . -12.91 56.75 40.65
O1 LHG UI . 11.88 60.23 70.48
C1 LHG UI . 10.99 59.87 71.55
C2 LHG UI . 9.55 60.03 71.09
O2 LHG UI . 8.69 59.22 71.89
C3 LHG UI . 9.42 59.62 69.64
O3 LHG UI . 9.17 60.78 68.84
P LHG UI . 8.21 60.70 67.55
O4 LHG UI . 8.93 59.97 66.45
O5 LHG UI . 7.59 62.07 67.34
O6 LHG UI . 7.06 59.71 68.03
C4 LHG UI . 5.83 59.68 67.33
C5 LHG UI . 5.05 58.48 67.83
C6 LHG UI . 3.58 58.63 67.48
O7 LHG UI . 5.53 57.25 67.30
C7 LHG UI . 5.57 56.28 68.36
O9 LHG UI . 6.06 56.57 69.45
C8 LHG UI . 5.00 54.92 68.08
C9 LHG UI . 4.86 54.16 69.38
C10 LHG UI . 4.14 52.85 69.10
O8 LHG UI . 2.92 57.38 67.31
C23 LHG UI . 1.67 57.14 68.00
O10 LHG UI . 1.32 57.88 68.91
C24 LHG UI . 0.85 55.94 67.61
C11 LHG UI . 3.70 52.24 70.42
C12 LHG UI . 3.53 50.75 70.27
C13 LHG UI . 2.17 50.41 69.70
C14 LHG UI . 1.89 48.93 69.83
C25 LHG UI . -0.57 56.05 68.15
C26 LHG UI . -1.31 54.77 67.76
C27 LHG UI . -0.68 53.54 68.37
C28 LHG UI . -1.04 53.35 69.84
C29 LHG UI . -1.42 51.90 70.16
C30 LHG UI . -2.39 51.30 69.14
C31 LHG UI . -2.40 49.79 69.23
C32 LHG UI . -1.79 49.13 67.99
C33 LHG UI . -1.26 47.74 68.32
C34 LHG UI . -1.30 46.81 67.11
C03 II0 VI . 15.86 77.27 25.68
C04 II0 VI . -6.71 68.22 27.29
C05 II0 VI . 17.16 76.35 25.28
C06 II0 VI . -8.22 68.94 27.24
C07 II0 VI . 17.82 76.02 26.41
C08 II0 VI . -9.10 68.40 26.32
C09 II0 VI . 15.03 76.70 26.74
C10 II0 VI . -6.14 67.86 26.02
C11 II0 VI . 16.87 75.03 27.39
C12 II0 VI . -8.40 67.76 24.95
C13 II0 VI . 15.50 75.31 27.35
C14 II0 VI . -7.01 68.06 24.72
C15 II0 VI . 16.36 78.68 26.16
C16 II0 VI . 14.92 77.40 24.45
C17 II0 VI . -5.80 69.29 27.89
C18 II0 VI . -6.69 66.91 28.17
C19 II0 VI . 14.48 74.45 28.10
C20 II0 VI . -6.60 69.15 23.72
C21 II0 VI . 13.52 77.01 26.78
C22 II0 VI . -4.60 67.80 25.89
C23 II0 VI . 12.33 77.15 26.84
C24 II0 VI . -3.43 67.82 25.82
C25 II0 VI . 10.78 77.13 26.90
C26 II0 VI . -1.91 67.93 25.81
C27 II0 VI . 9.89 78.32 26.58
C28 II0 VI . -1.05 66.71 25.67
C29 II0 VI . 10.25 75.92 27.24
C30 II0 VI . -1.42 69.17 25.92
C31 II0 VI . 8.71 75.83 27.31
C32 II0 VI . 0.11 69.41 25.90
C33 II0 VI . 8.18 74.63 27.05
C34 II0 VI . 0.63 70.25 26.75
C35 II0 VI . 6.67 74.51 27.09
C36 II0 VI . 2.13 70.43 26.66
C37 II0 VI . 5.80 75.70 27.41
C38 II0 VI . 3.03 69.22 26.47
C39 II0 VI . 6.16 73.29 26.86
C40 II0 VI . 2.63 71.68 26.75
C41 II0 VI . 4.65 73.09 26.94
C42 II0 VI . 4.17 71.86 26.66
O01 II0 VI . 19.03 75.39 26.06
O02 II0 VI . -9.90 67.43 26.97
C10 WVN WI . 7.98 45.19 15.77
C11 WVN WI . 3.47 64.76 3.38
C12 WVN WI . 7.56 44.23 14.66
C13 WVN WI . 6.66 46.88 14.48
C14 WVN WI . 6.13 44.50 14.19
C01 WVN WI . 4.48 65.85 1.33
C02 WVN WI . 3.35 64.96 1.87
C03 WVN WI . 4.36 66.21 -0.14
C04 WVN WI . 3.02 65.90 -0.80
C05 WVN WI . 2.01 65.55 1.45
C06 WVN WI . 7.98 46.60 15.18
C07 WVN WI . 4.67 67.10 2.19
C08 WVN WI . 5.75 65.03 1.44
C09 WVN WI . 1.86 65.98 0.21
C15 WVN WI . 5.73 45.94 14.47
C16 WVN WI . 0.74 65.03 2.13
C17 WVN WI . 9.10 46.71 14.15
C18 WVN WI . 8.21 47.62 16.29
C19 WVN WI . 3.55 63.51 3.76
C20 WVN WI . 6.64 47.97 13.41
C21 WVN WI . 4.44 46.18 15.22
C22 WVN WI . 3.68 63.02 5.18
C23 WVN WI . 6.16 47.70 12.22
C24 WVN WI . 4.17 63.91 6.32
C25 WVN WI . 6.12 48.75 11.13
C26 WVN WI . 3.35 61.77 5.34
C27 WVN WI . 6.58 48.35 9.73
C28 WVN WI . 5.75 50.00 11.37
C29 WVN WI . 3.42 61.05 6.68
C30 WVN WI . 5.71 51.02 10.26
C31 WVN WI . 3.87 59.83 6.57
C32 WVN WI . 4.00 58.93 7.78
C33 WVN WI . 5.40 52.27 10.50
C34 WVN WI . 5.35 53.25 9.34
C35 WVN WI . 3.82 59.48 9.19
C36 WVN WI . 4.29 57.68 7.56
C37 WVN WI . 5.12 54.52 9.59
C38 WVN WI . 5.53 52.75 7.92
C39 WVN WI . 4.44 56.68 8.69
C40 WVN WI . 5.00 55.52 8.45
C03 II0 XI . 5.55 63.11 41.83
C04 II0 XI . -10.50 76.33 32.06
C05 II0 XI . 6.91 62.34 42.34
C06 II0 XI . -11.85 76.94 31.32
C07 II0 XI . 7.72 63.11 43.12
C08 II0 XI . -12.38 78.03 31.94
C09 II0 XI . 4.85 63.76 42.95
C10 II0 XI . -9.90 77.18 33.07
C11 II0 XI . 6.90 63.55 44.55
C12 II0 XI . -11.25 79.24 32.21
C13 II0 XI . 5.70 64.23 44.23
C14 II0 XI . -10.14 78.76 33.00
C15 II0 XI . 4.59 62.07 41.14
C16 II0 XI . 5.95 64.19 40.75
C17 II0 XI . -10.88 74.98 32.72
C18 II0 XI . -9.42 76.00 30.94
C19 II0 XI . 5.04 65.11 45.28
C20 II0 XI . -9.42 79.69 33.99
C21 II0 XI . 3.39 64.30 42.78
C22 II0 XI . -8.56 76.69 33.70
C23 II0 XI . 2.29 64.76 42.61
C24 II0 XI . -7.52 76.32 34.15
C25 II0 XI . 0.91 65.41 42.32
C26 II0 XI . -6.18 75.80 34.71
C27 II0 XI . -0.29 64.57 41.89
C28 II0 XI . -4.92 75.93 33.87
C29 II0 XI . 0.82 66.78 42.45
C30 II0 XI . -6.18 75.27 35.93
C31 II0 XI . -0.51 67.56 42.15
C32 II0 XI . -4.89 74.71 36.59
C33 II0 XI . -0.33 68.67 41.40
C34 II0 XI . -4.08 75.44 37.35
C35 II0 XI . -1.46 69.59 40.97
C36 II0 XI . -2.90 74.64 37.88
C37 II0 XI . -2.77 69.70 41.71
C38 II0 XI . -1.45 75.14 37.78
C39 II0 XI . -1.26 70.33 39.87
C40 II0 XI . -3.18 73.45 38.43
C41 II0 XI . -2.37 71.28 39.34
C42 II0 XI . -2.03 72.55 38.99
O01 II0 XI . 8.88 62.38 43.46
O02 II0 XI . -13.43 78.56 31.14
MG CLA YI . 17.18 72.04 35.77
CHA CLA YI . 18.44 74.70 33.92
CHB CLA YI . 17.99 73.69 38.64
CHC CLA YI . 15.26 69.82 37.56
CHD CLA YI . 15.80 70.72 32.77
NA CLA YI . 18.07 73.89 36.19
C1A CLA YI . 18.53 74.86 35.28
C2A CLA YI . 19.16 76.04 36.02
C3A CLA YI . 19.18 75.57 37.49
C4A CLA YI . 18.34 74.30 37.46
CMA CLA YI . 20.58 75.28 37.95
CAA CLA YI . 18.40 77.35 35.80
CBA CLA YI . 17.25 77.64 36.75
CGA CLA YI . 16.75 79.02 36.50
O1A CLA YI . 17.30 80.10 36.76
O2A CLA YI . 15.52 79.06 35.89
NB CLA YI . 16.71 71.81 37.71
C1B CLA YI . 17.22 72.53 38.74
C2B CLA YI . 16.84 71.90 40.04
C3B CLA YI . 16.06 70.81 39.74
C4B CLA YI . 15.98 70.74 38.26
CMB CLA YI . 17.22 72.45 41.34
CAB CLA YI . 15.40 69.87 40.61
CBB CLA YI . 14.13 69.94 41.01
NC CLA YI . 15.80 70.55 35.25
C1C CLA YI . 15.18 69.73 36.15
C2C CLA YI . 14.36 68.76 35.46
C3C CLA YI . 14.45 69.04 34.11
C4C CLA YI . 15.39 70.15 33.98
CMC CLA YI . 13.54 67.74 36.15
CAC CLA YI . 13.78 68.34 33.00
CBC CLA YI . 12.39 68.85 32.75
ND CLA YI . 17.06 72.55 33.81
C1D CLA YI . 16.58 71.85 32.67
C2D CLA YI . 17.05 72.53 31.45
C3D CLA YI . 17.79 73.62 31.87
C4D CLA YI . 17.75 73.59 33.35
CMD CLA YI . 16.78 72.08 30.10
CAD CLA YI . 18.58 74.76 31.46
OBD CLA YI . 18.88 75.14 30.35
CBD CLA YI . 19.00 75.50 32.76
CGD CLA YI . 20.50 75.62 32.83
O1D CLA YI . 21.18 76.60 32.49
O2D CLA YI . 21.14 74.52 33.32
CED CLA YI . 22.33 74.74 34.07
C1 CLA YI . 15.02 80.37 35.56
C2 CLA YI . 14.47 80.32 34.18
MG CLA ZI . 18.40 69.41 22.50
CHA CLA ZI . 21.15 68.79 24.52
CHB CLA ZI . 19.45 66.93 20.40
CHC CLA ZI . 15.29 69.33 21.08
CHD CLA ZI . 17.10 71.46 25.09
NA CLA ZI . 20.04 68.11 22.47
C1A CLA ZI . 21.07 68.00 23.40
C2A CLA ZI . 22.09 66.95 22.97
C3A CLA ZI . 21.68 66.67 21.51
C4A CLA ZI . 20.28 67.24 21.44
CMA CLA ZI . 22.65 67.32 20.58
CAA CLA ZI . 22.07 65.69 23.83
CBA CLA ZI . 21.68 64.45 23.08
CGA CLA ZI . 20.29 64.07 23.45
O1A CLA ZI . 19.81 63.98 24.57
O2A CLA ZI . 19.47 63.80 22.40
NB CLA ZI . 17.53 68.32 21.06
C1B CLA ZI . 18.15 67.42 20.26
C2B CLA ZI . 17.25 67.00 19.16
C3B CLA ZI . 16.07 67.66 19.34
C4B CLA ZI . 16.24 68.51 20.55
CMB CLA ZI . 17.71 66.03 18.16
CAB CLA ZI . 14.83 67.65 18.60
CBB CLA ZI . 14.23 66.65 17.95
NC CLA ZI . 16.56 70.31 22.97
C1C CLA ZI . 15.44 70.19 22.21
C2C CLA ZI . 14.37 71.00 22.75
C3C CLA ZI . 14.84 71.53 23.95
C4C CLA ZI . 16.23 71.10 24.07
CMC CLA ZI . 13.07 71.12 22.12
CAC CLA ZI . 14.14 72.44 24.87
CBC CLA ZI . 13.25 71.71 25.84
ND CLA ZI . 18.95 70.06 24.33
C1D CLA ZI . 18.37 70.98 25.22
C2D CLA ZI . 19.36 71.28 26.25
C3D CLA ZI . 20.44 70.48 26.04
C4D CLA ZI . 20.12 69.71 24.84
CMD CLA ZI . 19.15 72.24 27.29
CAD CLA ZI . 21.75 70.09 26.51
OBD CLA ZI . 22.40 70.49 27.46
CBD CLA ZI . 22.23 68.99 25.53
CGD CLA ZI . 23.38 69.55 24.76
O1D CLA ZI . 23.42 70.63 24.19
O2D CLA ZI . 24.46 68.73 24.66
CED CLA ZI . 25.19 68.79 23.45
C1 CLA ZI . 18.16 64.38 22.50
C2 CLA ZI . 17.19 63.49 21.83
C3 CLA ZI . 15.92 63.84 21.60
C4 CLA ZI . 15.37 65.16 21.98
C5 CLA ZI . 15.00 62.87 20.96
C6 CLA ZI . 13.73 62.77 21.76
C7 CLA ZI . 12.93 61.49 21.57
C8 CLA ZI . 11.91 61.25 22.69
C9 CLA ZI . 10.89 60.21 22.27
C10 CLA ZI . 11.25 62.56 23.10
C11 CLA ZI . 10.00 62.50 23.95
C12 CLA ZI . 9.94 63.80 24.72
C13 CLA ZI . 8.74 64.67 24.40
C14 CLA ZI . 8.80 65.33 23.04
C15 CLA ZI . 8.57 65.74 25.47
C16 CLA ZI . 7.49 65.43 26.49
C17 CLA ZI . 6.26 64.77 25.89
C18 CLA ZI . 4.94 64.91 26.63
C19 CLA ZI . 4.21 63.60 26.53
C20 CLA ZI . 5.07 65.33 28.08
MG CLA AJ . 12.20 64.37 14.27
CHA CLA AJ . 14.93 62.40 13.39
CHB CLA AJ . 12.67 63.53 17.55
CHC CLA AJ . 9.25 65.94 15.10
CHD CLA AJ . 11.44 64.75 10.85
NA CLA AJ . 13.57 63.15 15.28
C1A CLA AJ . 14.67 62.45 14.74
C2A CLA AJ . 15.44 61.74 15.87
C3A CLA AJ . 14.64 62.07 17.14
C4A CLA AJ . 13.56 62.99 16.64
CMA CLA AJ . 14.04 60.83 17.77
CAA CLA AJ . 16.79 62.38 16.02
CBA CLA AJ . 17.56 61.94 17.24
CGA CLA AJ . 18.13 60.59 16.98
O1A CLA AJ . 18.86 60.22 16.07
O2A CLA AJ . 17.79 59.69 17.94
NB CLA AJ . 11.18 64.70 15.98
C1B CLA AJ . 11.59 64.34 17.23
C2B CLA AJ . 10.68 64.89 18.25
C3B CLA AJ . 9.69 65.58 17.58
C4B CLA AJ . 10.00 65.44 16.12
CMB CLA AJ . 10.92 64.62 19.67
CAB CLA AJ . 8.49 66.27 18.00
CBB CLA AJ . 7.76 66.03 19.08
NC CLA AJ . 10.64 65.20 13.16
C1C CLA AJ . 9.54 65.82 13.70
C2C CLA AJ . 8.69 66.31 12.64
C3C CLA AJ . 9.30 65.96 11.43
C4C CLA AJ . 10.53 65.27 11.77
CMC CLA AJ . 7.42 67.00 12.85
CAC CLA AJ . 8.82 66.25 10.07
CBC CLA AJ . 9.48 67.39 9.36
ND CLA AJ . 12.89 63.67 12.50
C1D CLA AJ . 12.54 63.99 11.17
C2D CLA AJ . 13.53 63.40 10.24
C3D CLA AJ . 14.46 62.79 11.04
C4D CLA AJ . 14.03 62.99 12.43
CMD CLA AJ . 13.44 63.50 8.79
CAD CLA AJ . 15.68 62.01 11.07
OBD CLA AJ . 16.36 61.58 10.17
CBD CLA AJ . 16.03 61.78 12.56
CGD CLA AJ . 16.26 60.33 12.87
O1D CLA AJ . 17.31 59.78 13.18
O2D CLA AJ . 15.13 59.58 12.80
CED CLA AJ . 15.07 58.40 13.59
C1 CLA AJ . 17.96 58.30 17.63
C2 CLA AJ . 16.71 57.81 17.02
C3 CLA AJ . 15.67 57.38 17.75
C4 CLA AJ . 15.68 57.34 19.23
C5 CLA AJ . 14.43 56.90 17.09
C6 CLA AJ . 14.18 55.42 17.32
MG CLA BJ . 5.08 79.07 3.90
CHA CLA BJ . 2.60 79.30 1.54
CHB CLA BJ . 5.06 75.67 3.56
CHC CLA BJ . 7.95 78.85 5.79
CHD CLA BJ . 5.42 82.58 3.87
NA CLA BJ . 4.03 77.72 2.69
C1A CLA BJ . 3.01 78.03 1.79
C2A CLA BJ . 2.47 76.75 1.12
C3A CLA BJ . 3.18 75.63 1.89
C4A CLA BJ . 4.19 76.37 2.77
CMA CLA BJ . 2.20 74.80 2.68
CAA CLA BJ . 2.78 76.68 -0.38
CBA CLA BJ . 4.24 76.73 -0.76
CGA CLA BJ . 4.65 78.15 -0.96
O1A CLA BJ . 4.21 79.00 -1.73
O2A CLA BJ . 5.66 78.54 -0.14
NB CLA BJ . 6.23 77.56 4.58
C1B CLA BJ . 6.02 76.24 4.40
C2B CLA BJ . 7.00 75.45 5.18
C3B CLA BJ . 7.83 76.35 5.82
C4B CLA BJ . 7.36 77.69 5.43
CMB CLA BJ . 7.04 73.99 5.14
CAB CLA BJ . 9.00 76.16 6.66
CBB CLA BJ . 9.21 75.18 7.52
NC CLA BJ . 6.46 80.46 4.64
C1C CLA BJ . 7.55 80.15 5.39
C2C CLA BJ . 8.26 81.35 5.78
C3C CLA BJ . 7.55 82.42 5.23
C4C CLA BJ . 6.40 81.85 4.55
CMC CLA BJ . 9.50 81.37 6.56
CAC CLA BJ . 7.88 83.85 5.37
CBC CLA BJ . 8.68 84.42 4.22
ND CLA BJ . 4.40 80.62 2.80
C1D CLA BJ . 4.48 82.02 3.04
C2D CLA BJ . 3.42 82.71 2.27
C3D CLA BJ . 2.69 81.72 1.65
C4D CLA BJ . 3.31 80.44 2.05
CMD CLA BJ . 3.24 84.16 2.23
CAD CLA BJ . 1.59 81.41 0.77
OBD CLA BJ . 0.88 82.17 0.14
CBD CLA BJ . 1.41 79.87 0.78
CGD CLA BJ . 0.13 79.50 1.46
O1D CLA BJ . -0.46 78.42 1.42
O2D CLA BJ . -0.43 80.48 2.21
CED CLA BJ . -1.80 80.77 1.93
C1 CLA BJ . 6.00 79.93 -0.23
C2 CLA BJ . 7.18 80.12 0.66
C3 CLA BJ . 7.68 81.34 0.87
C4 CLA BJ . 7.11 82.55 0.24
C5 CLA BJ . 8.86 81.53 1.75
C6 CLA BJ . 9.53 80.22 2.12
C7 CLA BJ . 11.00 80.29 1.78
C8 CLA BJ . 11.85 79.52 2.77
C9 CLA BJ . 10.99 78.91 3.85
C10 CLA BJ . 12.93 80.40 3.38
C11 CLA BJ . 14.29 80.04 2.82
C12 CLA BJ . 15.38 80.19 3.85
C13 CLA BJ . 16.63 79.41 3.45
C14 CLA BJ . 17.34 80.09 2.29
C15 CLA BJ . 16.31 77.95 3.11
C16 CLA BJ . 17.12 77.02 3.98
C17 CLA BJ . 18.00 76.08 3.19
C18 CLA BJ . 19.49 76.32 3.46
C19 CLA BJ . 19.74 76.88 4.84
C20 CLA BJ . 20.27 75.04 3.28
MG CLA CJ . 7.49 75.27 -9.71
CHA CLA CJ . 4.05 75.01 -9.57
CHB CLA CJ . 7.42 75.18 -13.10
CHC CLA CJ . 10.93 75.15 -9.79
CHD CLA CJ . 7.65 75.15 -6.16
NA CLA CJ . 5.94 75.07 -11.12
C1A CLA CJ . 4.55 75.00 -10.89
C2A CLA CJ . 3.83 74.87 -12.25
C3A CLA CJ . 4.96 75.16 -13.30
C4A CLA CJ . 6.22 75.10 -12.45
CMA CLA CJ . 5.11 74.29 -14.53
CAA CLA CJ . 2.63 75.78 -12.51
CBA CLA CJ . 1.74 75.16 -13.56
CGA CLA CJ . 0.28 75.32 -13.36
O1A CLA CJ . -0.28 76.26 -12.80
O2A CLA CJ . -0.49 74.30 -13.85
NB CLA CJ . 8.89 75.03 -11.15
C1B CLA CJ . 8.67 75.20 -12.48
C2B CLA CJ . 9.93 75.49 -13.21
C3B CLA CJ . 10.93 75.48 -12.27
C4B CLA CJ . 10.27 75.21 -10.97
CMB CLA CJ . 9.99 75.75 -14.65
CAB CLA CJ . 12.34 75.73 -12.37
CBB CLA CJ . 13.26 74.86 -12.81
NC CLA CJ . 8.98 75.13 -8.25
C1C CLA CJ . 10.32 75.11 -8.52
C2C CLA CJ . 11.11 75.08 -7.30
C3C CLA CJ . 10.19 75.05 -6.25
C4C CLA CJ . 8.86 75.10 -6.86
CMC CLA CJ . 12.58 75.03 -7.36
CAC CLA CJ . 10.43 75.03 -4.79
CBC CLA CJ . 11.15 76.25 -4.25
ND CLA CJ . 6.21 75.15 -8.17
C1D CLA CJ . 6.41 75.17 -6.75
C2D CLA CJ . 5.08 75.23 -6.10
C3D CLA CJ . 4.16 75.17 -7.13
C4D CLA CJ . 4.90 75.10 -8.40
CMD CLA CJ . 4.84 75.33 -4.67
CAD CLA CJ . 2.75 75.19 -7.44
OBD CLA CJ . 1.80 75.31 -6.69
CBD CLA CJ . 2.65 75.03 -8.97
CGD CLA CJ . 1.91 73.76 -9.27
O1D CLA CJ . 2.34 72.78 -9.86
O2D CLA CJ . 0.63 73.73 -8.83
CED CLA CJ . -0.36 73.26 -9.74
C1 CLA CJ . 0.04 72.95 -13.91
C2 CLA CJ . -0.87 72.02 -13.20
C3 CLA CJ . -0.62 70.70 -13.09
C4 CLA CJ . -1.55 69.79 -12.39
C5 CLA CJ . 0.63 70.07 -13.63
C6 CLA CJ . 1.64 69.82 -12.52
C7 CLA CJ . 2.78 70.82 -12.49
C8 CLA CJ . 4.08 70.35 -13.15
C9 CLA CJ . 4.36 68.89 -12.88
C10 CLA CJ . 5.26 71.17 -12.62
C11 CLA CJ . 6.60 70.74 -13.15
C12 CLA CJ . 7.72 71.63 -12.66
C13 CLA CJ . 9.12 71.01 -12.80
C14 CLA CJ . 9.13 69.57 -12.34
C15 CLA CJ . 10.14 71.87 -12.07
C16 CLA CJ . 10.27 71.56 -10.59
C17 CLA CJ . 11.70 71.23 -10.19
C18 CLA CJ . 11.87 70.83 -8.73
C19 CLA CJ . 11.00 71.61 -7.77
C20 CLA CJ . 13.32 70.98 -8.30
MG CLA DJ . 15.33 65.92 5.49
CHA CLA DJ . 17.04 64.87 8.34
CHB CLA DJ . 17.13 63.66 3.68
CHC CLA DJ . 12.98 66.08 2.96
CHD CLA DJ . 13.18 67.84 7.54
NA CLA DJ . 16.85 64.56 5.93
C1A CLA DJ . 17.43 64.26 7.19
C2A CLA DJ . 18.58 63.25 7.03
C3A CLA DJ . 18.82 63.31 5.51
C4A CLA DJ . 17.51 63.87 4.98
CMA CLA DJ . 19.92 64.28 5.24
CAA CLA DJ . 18.27 61.86 7.57
CBA CLA DJ . 17.73 60.86 6.58
CGA CLA DJ . 16.37 60.46 7.04
O1A CLA DJ . 16.02 59.62 7.84
O2A CLA DJ . 15.40 61.20 6.44
NB CLA DJ . 15.13 65.08 3.66
C1B CLA DJ . 15.93 64.14 3.13
C2B CLA DJ . 15.38 63.63 1.87
C3B CLA DJ . 14.19 64.29 1.65
C4B CLA DJ . 14.03 65.23 2.79
CMB CLA DJ . 16.13 62.62 1.15
CAB CLA DJ . 13.18 64.23 0.61
CBB CLA DJ . 13.08 63.40 -0.44
NC CLA DJ . 13.48 66.88 5.26
C1C CLA DJ . 12.74 66.87 4.11
C2C CLA DJ . 11.57 67.72 4.27
C3C CLA DJ . 11.57 68.16 5.59
C4C CLA DJ . 12.79 67.64 6.21
CMC CLA DJ . 10.58 67.96 3.22
CAC CLA DJ . 10.62 69.08 6.23
CBC CLA DJ . 10.90 70.52 5.91
ND CLA DJ . 15.13 66.34 7.44
C1D CLA DJ . 14.25 67.21 8.13
C2D CLA DJ . 14.72 67.28 9.54
C3D CLA DJ . 15.73 66.38 9.68
C4D CLA DJ . 15.96 65.82 8.34
CMD CLA DJ . 14.15 68.09 10.58
CAD CLA DJ . 16.71 65.82 10.58
OBD CLA DJ . 16.88 66.06 11.75
CBD CLA DJ . 17.55 64.80 9.76
CGD CLA DJ . 19.03 65.04 9.85
O1D CLA DJ . 19.74 65.64 9.03
O2D CLA DJ . 19.60 64.53 10.96
CED CLA DJ . 21.00 64.32 10.93
C1 CLA DJ . 14.98 60.76 5.14
C2 CLA DJ . 13.75 61.52 4.91
C3 CLA DJ . 12.95 61.41 3.84
C4 CLA DJ . 13.23 60.47 2.75
C5 CLA DJ . 11.71 62.24 3.74
C6 CLA DJ . 11.47 63.05 5.00
C7 CLA DJ . 10.35 64.02 4.85
C8 CLA DJ . 9.99 64.57 6.21
C9 CLA DJ . 9.37 63.49 7.06
C10 CLA DJ . 9.06 65.73 5.99
C11 CLA DJ . 7.63 65.34 5.68
C12 CLA DJ . 6.82 66.51 5.19
C13 CLA DJ . 6.81 67.69 6.15
C14 CLA DJ . 6.18 67.33 7.49
C15 CLA DJ . 6.07 68.86 5.53
C16 CLA DJ . 6.85 69.56 4.44
C17 CLA DJ . 5.98 70.63 3.80
C18 CLA DJ . 6.60 71.21 2.55
C19 CLA DJ . 5.81 72.41 2.06
C20 CLA DJ . 6.68 70.16 1.45
MG CLA EJ . 22.18 79.72 11.65
CHA CLA EJ . 25.33 79.31 10.23
CHB CLA EJ . 23.54 82.03 13.77
CHC CLA EJ . 19.01 80.89 12.40
CHD CLA EJ . 20.83 78.05 8.84
NA CLA EJ . 24.11 80.46 11.98
C1A CLA EJ . 25.28 80.19 11.26
C2A CLA EJ . 26.49 80.93 11.84
C3A CLA EJ . 25.92 81.44 13.18
C4A CLA EJ . 24.42 81.33 12.98
CMA CLA EJ . 26.37 80.44 14.18
CAA CLA EJ . 27.12 81.99 10.94
CBA CLA EJ . 26.23 83.00 10.25
CGA CLA EJ . 25.69 84.02 11.19
O1A CLA EJ . 26.32 84.79 11.92
O2A CLA EJ . 24.33 84.05 11.20
NB CLA EJ . 21.42 81.12 12.88
C1B CLA EJ . 22.15 81.97 13.65
C2B CLA EJ . 21.26 82.85 14.41
C3B CLA EJ . 19.97 82.55 14.06
C4B CLA EJ . 20.05 81.43 13.08
CMB CLA EJ . 21.80 83.88 15.30
CAB CLA EJ . 18.75 83.17 14.50
CBB CLA EJ . 17.83 82.59 15.28
NC CLA EJ . 20.28 79.45 10.83
C1C CLA EJ . 19.12 79.95 11.34
C2C CLA EJ . 17.99 79.47 10.55
C3C CLA EJ . 18.52 78.79 9.47
C4C CLA EJ . 19.95 78.76 9.66
CMC CLA EJ . 16.59 79.75 10.77
CAC CLA EJ . 17.78 78.16 8.38
CBC CLA EJ . 17.63 79.08 7.20
ND CLA EJ . 22.84 78.82 9.96
C1D CLA EJ . 22.20 78.05 8.97
C2D CLA EJ . 23.20 77.33 8.17
C3D CLA EJ . 24.41 77.76 8.62
C4D CLA EJ . 24.14 78.71 9.70
CMD CLA EJ . 22.85 76.38 7.12
CAD CLA EJ . 25.85 77.66 8.48
OBD CLA EJ . 26.52 76.95 7.75
CBD CLA EJ . 26.47 78.68 9.48
CGD CLA EJ . 27.41 77.98 10.41
O1D CLA EJ . 28.53 78.36 10.80
O2D CLA EJ . 26.92 76.79 10.86
CED CLA EJ . 26.58 76.67 12.25
C1 CLA EJ . 23.70 85.18 11.84
C2 CLA EJ . 22.26 84.97 11.60
C3 CLA EJ . 21.32 85.86 11.94
C4 CLA EJ . 21.65 87.15 12.59
C5 CLA EJ . 19.89 85.57 11.65
C6 CLA EJ . 19.29 86.56 10.68
MG CLA FJ . 17.31 83.97 27.90
CHA CLA FJ . 19.62 84.06 25.29
CHB CLA FJ . 19.60 85.39 29.99
CHC CLA FJ . 15.17 83.50 30.56
CHD CLA FJ . 15.16 82.03 25.88
NA CLA FJ . 19.29 84.60 27.67
C1A CLA FJ . 20.07 84.60 26.49
C2A CLA FJ . 21.44 85.22 26.77
C3A CLA FJ . 21.40 85.56 28.27
C4A CLA FJ . 19.99 85.16 28.70
CMA CLA FJ . 22.44 84.82 29.06
CAA CLA FJ . 21.66 86.53 26.02
CBA CLA FJ . 20.77 87.66 26.49
CGA CLA FJ . 21.03 88.94 25.77
O1A CLA FJ . 22.08 89.58 25.69
O2A CLA FJ . 19.89 89.43 25.18
NB CLA FJ . 17.38 84.37 29.88
C1B CLA FJ . 18.36 85.05 30.52
C2B CLA FJ . 17.95 85.37 31.92
C3B CLA FJ . 16.69 84.84 32.09
C4B CLA FJ . 16.33 84.18 30.81
CMB CLA FJ . 18.81 86.09 32.85
CAB CLA FJ . 15.87 84.84 33.26
CBB CLA FJ . 14.67 85.41 33.39
NC CLA FJ . 15.51 82.94 28.16
C1C CLA FJ . 14.80 82.91 29.33
C2C CLA FJ . 13.57 82.16 29.15
C3C CLA FJ . 13.58 81.70 27.84
C4C CLA FJ . 14.79 82.22 27.21
CMC CLA FJ . 12.57 81.95 30.20
CAC CLA FJ . 12.54 80.88 27.18
CBC CLA FJ . 11.40 81.70 26.66
ND CLA FJ . 17.36 83.12 26.07
C1D CLA FJ . 16.36 82.45 25.32
C2D CLA FJ . 16.80 82.30 23.93
C3D CLA FJ . 18.04 82.89 23.86
C4D CLA FJ . 18.35 83.39 25.21
CMD CLA FJ . 16.04 81.66 22.87
CAD CLA FJ . 19.16 83.22 23.00
OBD CLA FJ . 19.32 82.98 21.81
CBD CLA FJ . 20.18 83.99 23.88
CGD CLA FJ . 21.57 83.42 23.77
O1D CLA FJ . 21.90 82.23 23.71
O2D CLA FJ . 22.56 84.34 23.71
CED CLA FJ . 23.91 83.95 23.97
C1 CLA FJ . 20.03 90.62 24.40
C2 CLA FJ . 18.86 90.76 23.51
C3 CLA FJ . 17.61 91.11 23.90
C4 CLA FJ . 17.27 91.41 25.31
C5 CLA FJ . 16.51 91.21 22.92
C6 CLA FJ . 15.30 90.36 23.28
C7 CLA FJ . 15.20 89.15 22.38
C8 CLA FJ . 14.40 89.42 21.11
C9 CLA FJ . 12.93 89.16 21.36
C10 CLA FJ . 14.88 88.55 19.95
C11 CLA FJ . 15.84 89.27 19.05
C12 CLA FJ . 15.14 90.25 18.13
C13 CLA FJ . 14.38 89.54 17.02
C14 CLA FJ . 15.16 89.61 15.72
C15 CLA FJ . 12.98 90.10 16.83
C16 CLA FJ . 11.93 89.19 17.44
NB KC2 GJ . 14.48 85.49 17.60
ND KC2 GJ . 16.72 85.80 20.92
C1A KC2 GJ . 18.60 86.66 18.35
C1B KC2 GJ . 14.86 85.77 16.34
C1C KC2 GJ . 12.66 85.23 19.96
C1D KC2 GJ . 16.39 85.85 22.24
C2A KC2 GJ . 19.35 87.20 17.19
C2B KC2 GJ . 13.70 85.94 15.43
C2C KC2 GJ . 11.80 85.26 21.12
C2D KC2 GJ . 17.51 86.42 23.00
C3A KC2 GJ . 18.40 86.96 16.09
C3B KC2 GJ . 12.54 85.69 16.26
C3C KC2 GJ . 12.72 85.32 22.28
C3D KC2 GJ . 18.55 86.74 22.00
C4A KC2 GJ . 17.22 86.30 16.69
C4B KC2 GJ . 13.14 85.42 17.59
C4C KC2 GJ . 14.04 85.30 21.59
C4D KC2 GJ . 18.03 86.32 20.75
CAA KC2 GJ . 20.68 87.86 17.11
CAB KC2 GJ . 11.06 85.70 16.07
CAC KC2 GJ . 12.33 85.41 23.72
CAD KC2 GJ . 19.93 87.26 21.88
CBA KC2 GJ . 21.85 87.61 16.56
CBB KC2 GJ . 10.44 85.00 15.14
CBC KC2 GJ . 11.54 84.21 24.16
CBD KC2 GJ . 20.15 87.37 20.45
CED KC2 GJ . 19.21 90.98 19.65
CGA KC2 GJ . 22.90 88.37 17.24
CGD KC2 GJ . 20.23 88.86 20.27
CHA KC2 GJ . 19.06 86.65 19.74
CHB KC2 GJ . 16.17 85.98 15.74
CHC KC2 GJ . 12.14 85.16 18.60
CHD KC2 GJ . 15.07 85.37 22.64
CMA KC2 GJ . 18.52 87.28 14.62
CMB KC2 GJ . 13.68 86.28 13.96
CMC KC2 GJ . 10.30 85.27 21.02
CMD KC2 GJ . 17.34 86.59 24.49
NA KC2 GJ . 17.27 86.09 18.02
NC KC2 GJ . 13.99 85.21 20.10
O1A KC2 GJ . 23.39 89.38 16.70
O1D KC2 GJ . 21.29 89.46 20.39
O2A KC2 GJ . 23.09 88.08 18.45
O2D KC2 GJ . 19.09 89.57 19.80
OBD KC2 GJ . 20.49 87.62 22.96
MG KC2 GJ . 15.79 85.21 19.15
MG CLA HJ . 0.64 76.75 24.20
CHA CLA HJ . -2.65 77.09 25.18
CHB CLA HJ . 1.31 79.87 25.46
CHC CLA HJ . 4.01 76.06 24.10
CHD CLA HJ . -0.01 73.29 23.66
NA CLA HJ . -0.50 78.24 25.13
C1A CLA HJ . -1.87 78.20 25.44
C2A CLA HJ . -2.32 79.51 26.09
C3A CLA HJ . -1.11 80.44 25.90
C4A CLA HJ . 0.00 79.47 25.48
CMA CLA HJ . -1.34 81.51 24.87
CAA CLA HJ . -2.68 79.32 27.57
CBA CLA HJ . -1.80 78.33 28.28
CGA CLA HJ . -2.25 78.09 29.69
O1A CLA HJ . -2.74 78.90 30.49
O2A CLA HJ . -2.08 76.78 30.04
NB CLA HJ . 2.31 77.76 24.72
C1B CLA HJ . 2.39 79.05 25.10
C2B CLA HJ . 3.80 79.51 25.10
C3B CLA HJ . 4.57 78.44 24.72
C4B CLA HJ . 3.64 77.32 24.47
CMB CLA HJ . 4.18 80.87 25.48
CAB CLA HJ . 5.98 78.30 24.57
CBB CLA HJ . 6.72 78.94 23.65
NC CLA HJ . 1.77 75.03 23.88
C1C CLA HJ . 3.14 74.97 23.82
C2C CLA HJ . 3.57 73.60 23.51
C3C CLA HJ . 2.42 72.83 23.47
C4C CLA HJ . 1.31 73.73 23.67
CMC CLA HJ . 4.94 73.14 23.36
CAC CLA HJ . 2.29 71.39 23.22
CBC CLA HJ . 2.31 70.96 21.80
ND CLA HJ . -0.91 75.46 24.30
C1D CLA HJ . -1.07 74.10 23.94
C2D CLA HJ . -2.49 73.71 24.00
C3D CLA HJ . -3.14 74.82 24.48
C4D CLA HJ . -2.11 75.87 24.68
CMD CLA HJ . -3.00 72.39 23.65
CAD CLA HJ . -4.40 75.37 24.89
OBD CLA HJ . -5.51 74.87 24.94
CBD CLA HJ . -4.12 76.83 25.35
CGD CLA HJ . -4.92 77.74 24.49
O1D CLA HJ . -4.65 78.17 23.37
O2D CLA HJ . -6.08 78.08 25.08
CED CLA HJ . -7.16 78.14 24.18
C1 CLA HJ . -2.01 76.48 31.45
C2 CLA HJ . -0.65 76.91 31.87
C3 CLA HJ . -0.11 76.70 33.07
C4 CLA HJ . -0.80 75.96 34.15
C5 CLA HJ . 1.26 77.24 33.31
C6 CLA HJ . 1.95 76.85 34.61
C7 CLA HJ . 3.43 77.17 34.49
C8 CLA HJ . 4.04 77.64 35.80
C9 CLA HJ . 4.20 79.15 35.76
C10 CLA HJ . 5.40 76.99 36.01
C11 CLA HJ . 6.01 77.31 37.37
C12 CLA HJ . 6.67 76.07 37.95
C13 CLA HJ . 7.46 76.36 39.22
C14 CLA HJ . 6.63 77.06 40.27
C15 CLA HJ . 8.72 77.15 38.88
C16 CLA HJ . 9.73 76.27 38.17
C17 CLA HJ . 10.73 77.10 37.40
C18 CLA HJ . 10.11 77.62 36.12
C19 CLA HJ . 9.86 76.49 35.14
C20 CLA HJ . 10.96 78.71 35.50
C03 II0 IJ . 21.86 85.63 6.60
C04 II0 IJ . 2.95 83.12 21.67
C05 II0 IJ . 23.40 85.95 6.08
C06 II0 IJ . 1.34 82.93 22.04
C07 II0 IJ . 24.35 85.51 6.94
C08 II0 IJ . 0.77 81.95 21.28
C09 II0 IJ . 21.75 84.59 7.65
C10 II0 IJ . 3.61 81.83 21.54
C11 II0 IJ . 24.21 83.85 7.26
C12 II0 IJ . 1.42 80.45 21.59
C13 II0 IJ . 22.92 83.51 7.75
C14 II0 IJ . 2.85 80.45 21.77
C15 II0 IJ . 21.26 86.97 7.18
C16 II0 IJ . 20.98 85.18 5.36
C17 II0 IJ . 3.05 83.88 20.33
C18 II0 IJ . 3.64 83.97 22.80
C19 II0 IJ . 22.77 82.34 8.73
C20 II0 IJ . 3.63 79.19 21.39
C21 II0 IJ . 20.31 84.05 7.85
C22 II0 IJ . 5.12 81.77 21.20
C23 II0 IJ . 19.17 83.69 8.01
C24 II0 IJ . 6.26 81.79 20.92
C25 II0 IJ . 17.73 83.35 8.46
C26 II0 IJ . 7.72 81.98 20.49
C27 II0 IJ . 16.65 82.88 7.46
C28 II0 IJ . 8.77 81.96 21.56
C29 II0 IJ . 17.43 83.51 9.77
C30 II0 IJ . 7.96 82.20 19.20
C31 II0 IJ . 16.01 83.24 10.33
C32 II0 IJ . 9.39 82.42 18.65
C33 II0 IJ . 15.86 83.30 11.68
C34 II0 IJ . 10.06 81.39 18.14
C35 II0 IJ . 14.51 83.06 12.32
C36 II0 IJ . 11.46 81.59 17.58
C37 II0 IJ . 13.27 83.11 11.46
C38 II0 IJ . 12.67 81.36 18.47
C39 II0 IJ . 14.44 82.81 13.64
C40 II0 IJ . 11.63 81.97 16.30
C41 II0 IJ . 13.07 82.58 14.34
C42 II0 IJ . 13.03 82.19 15.65
O01 II0 IJ . 25.61 85.75 6.34
O02 II0 IJ . -0.63 81.91 21.52
C03 II0 JJ . 14.46 64.79 26.58
C04 II0 JJ . 3.81 75.40 8.23
C05 II0 JJ . 15.75 64.00 27.22
C06 II0 JJ . 2.56 76.29 7.60
C07 II0 JJ . 16.80 63.93 26.39
C08 II0 JJ . 2.01 75.78 6.46
C09 II0 JJ . 14.84 66.01 25.87
C10 II0 JJ . 4.24 74.26 7.48
C11 II0 JJ . 17.38 65.50 26.11
C12 II0 JJ . 1.82 74.13 6.43
C13 II0 JJ . 16.37 66.25 25.49
C14 II0 JJ . 3.11 73.48 6.66
C15 II0 JJ . 13.74 63.83 25.56
C16 II0 JJ . 13.45 65.19 27.71
C17 II0 JJ . 5.02 76.35 8.43
C18 II0 JJ . 3.34 74.79 9.59
C19 II0 JJ . 16.71 67.57 24.86
C20 II0 JJ . 3.22 71.96 6.71
C21 II0 JJ . 13.75 66.65 24.96
C22 II0 JJ . 5.35 73.40 8.21
C23 II0 JJ . 12.93 67.13 24.25
C24 II0 JJ . 6.21 72.71 8.72
C25 II0 JJ . 11.90 67.78 23.31
C26 II0 JJ . 7.32 71.78 9.28
C27 II0 JJ . 10.81 68.67 23.90
C28 II0 JJ . 8.00 70.82 8.34
C29 II0 JJ . 12.03 67.54 21.98
C30 II0 JJ . 7.70 71.83 10.57
C31 II0 JJ . 11.07 68.16 20.91
C32 II0 JJ . 8.80 70.97 11.27
C33 II0 JJ . 11.54 68.60 19.73
C34 II0 JJ . 8.77 70.52 12.53
C35 II0 JJ . 10.49 69.14 18.80
C36 II0 JJ . 10.02 69.74 12.97
C37 II0 JJ . 9.27 69.80 19.42
C38 II0 JJ . 11.09 69.44 11.95
C39 II0 JJ . 10.61 69.00 17.46
C40 II0 JJ . 10.28 69.30 14.21
C41 II0 JJ . 9.43 69.55 16.64
C42 II0 JJ . 9.23 69.62 15.29
O01 II0 JJ . 17.83 63.16 26.98
O02 II0 JJ . 0.77 76.44 6.24
C10 WVN KJ . -0.84 68.65 7.68
C11 WVN KJ . 9.77 71.20 28.51
C12 WVN KJ . -0.80 67.13 7.57
C13 WVN KJ . 1.32 68.16 8.88
C14 WVN KJ . 0.57 66.80 6.99
C01 WVN KJ . 10.58 72.53 30.58
C02 WVN KJ . 10.69 71.22 29.76
C03 WVN KJ . 11.84 73.38 30.51
C04 WVN KJ . 13.05 72.56 30.95
C05 WVN KJ . 12.15 70.86 29.37
C06 WVN KJ . 0.05 69.04 8.86
C07 WVN KJ . 9.41 73.42 30.18
C08 WVN KJ . 10.32 72.18 32.05
C09 WVN KJ . 13.18 71.36 30.01
C15 WVN KJ . 1.67 67.57 7.74
C16 WVN KJ . 12.41 69.49 28.75
C17 WVN KJ . 0.46 70.49 8.73
C18 WVN KJ . -0.80 68.85 10.12
C19 WVN KJ . 8.98 70.16 28.35
C20 WVN KJ . 2.43 68.51 9.87
C21 WVN KJ . 2.70 68.24 6.85
C22 WVN KJ . 7.99 69.87 27.22
C23 WVN KJ . 2.51 67.99 11.08
C24 WVN KJ . 6.84 68.94 27.58
C25 WVN KJ . 3.63 68.46 11.99
C26 WVN KJ . 8.10 70.34 25.98
C27 WVN KJ . 4.74 69.32 11.41
C28 WVN KJ . 3.54 68.13 13.27
C29 WVN KJ . 7.01 69.93 24.98
C30 WVN KJ . 4.48 68.56 14.38
C31 WVN KJ . 7.32 69.52 23.77
C32 WVN KJ . 6.28 69.07 22.76
C33 WVN KJ . 4.13 68.28 15.64
C34 WVN KJ . 5.00 68.75 16.79
C35 WVN KJ . 5.18 68.14 23.24
C36 WVN KJ . 6.37 69.40 21.49
C37 WVN KJ . 4.90 68.34 18.04
C38 WVN KJ . 5.94 69.86 16.45
C39 WVN KJ . 5.37 68.89 20.44
C40 WVN KJ . 5.77 68.87 19.18
C03 II0 LJ . 16.78 72.18 5.11
C04 II0 LJ . -1.36 78.39 -9.82
C05 II0 LJ . 18.16 71.76 5.92
C06 II0 LJ . -2.56 79.57 -9.89
C07 II0 LJ . 18.90 72.82 6.31
C08 II0 LJ . -2.24 80.67 -10.66
C09 II0 LJ . 16.31 73.54 5.45
C10 II0 LJ . -0.20 78.68 -10.64
C11 II0 LJ . 18.04 73.89 7.31
C12 II0 LJ . -1.62 80.27 -12.15
C13 II0 LJ . 16.70 74.08 6.88
C14 II0 LJ . -0.45 79.40 -12.05
C15 II0 LJ . 17.03 72.14 3.56
C16 II0 LJ . 15.64 71.14 5.44
C17 II0 LJ . -0.91 78.03 -8.38
C18 II0 LJ . -2.11 77.08 -10.27
C19 II0 LJ . 15.83 75.19 7.40
C20 II0 LJ . 0.79 79.78 -12.89
C21 II0 LJ . 14.98 74.07 4.85
C22 II0 LJ . 1.22 78.85 -9.99
C23 II0 LJ . 13.93 74.43 4.37
C24 II0 LJ . 2.31 78.92 -9.49
C25 II0 LJ . 12.56 74.73 3.71
C26 II0 LJ . 3.71 78.89 -8.82
C27 II0 LJ . 11.27 74.26 4.40
C28 II0 LJ . 4.94 78.54 -9.63
C29 II0 LJ . 12.50 75.38 2.50
C30 II0 LJ . 3.83 79.18 -7.52
C31 II0 LJ . 11.12 75.64 1.83
C32 II0 LJ . 5.23 79.12 -6.83
C33 II0 LJ . 10.99 76.51 0.81
C34 II0 LJ . 5.31 79.06 -5.51
C35 II0 LJ . 9.62 76.69 0.16
C36 II0 LJ . 6.69 78.99 -4.83
C37 II0 LJ . 8.36 76.41 0.94
C38 II0 LJ . 7.92 79.59 -5.51
C39 II0 LJ . 9.57 77.09 -1.13
C40 II0 LJ . 6.79 78.34 -3.64
C41 II0 LJ . 8.24 77.30 -1.88
C42 II0 LJ . 8.16 78.21 -2.91
O01 II0 LJ . 19.99 72.34 7.06
O02 II0 LJ . -3.43 81.43 -10.90
O1 LHG MJ . 20.75 82.54 33.80
C1 LHG MJ . 19.72 81.67 34.31
C2 LHG MJ . 18.65 81.44 33.25
O2 LHG MJ . 18.09 80.14 33.42
C3 LHG MJ . 19.22 81.56 31.85
O3 LHG MJ . 18.17 81.38 30.90
P LHG MJ . 18.46 80.83 29.41
O4 LHG MJ . 19.76 80.08 29.42
O5 LHG MJ . 18.22 81.98 28.44
O6 LHG MJ . 17.27 79.77 29.21
C4 LHG MJ . 17.33 78.51 29.87
C5 LHG MJ . 16.05 78.35 30.66
C6 LHG MJ . 14.87 78.82 29.84
O7 LHG MJ . 15.79 76.99 31.01
C7 LHG MJ . 15.62 76.89 32.45
O9 LHG MJ . 16.18 77.67 33.19
C8 LHG MJ . 14.71 75.82 32.99
C9 LHG MJ . 14.65 75.95 34.52
C10 LHG MJ . 14.48 74.60 35.21
O8 LHG MJ . 13.76 78.94 30.73
C23 LHG MJ . 12.63 78.05 30.65
O10 LHG MJ . 12.72 77.03 29.98
C24 LHG MJ . 11.32 78.40 31.31
C11 LHG MJ . 13.50 73.68 34.49
C12 LHG MJ . 12.56 72.88 35.38
C13 LHG MJ . 12.87 72.90 36.88
C25 LHG MJ . 10.33 77.24 31.17
C26 LHG MJ . 8.96 77.64 30.59
C27 LHG MJ . 8.66 79.13 30.56
C28 LHG MJ . 7.66 79.48 29.45
C29 LHG MJ . 7.95 80.89 28.94
C30 LHG MJ . 7.17 81.20 27.68
MG CLA NJ . 25.43 71.32 -18.31
CHA CLA NJ . 27.02 70.88 -21.38
CHB CLA NJ . 28.01 73.32 -17.32
CHC CLA NJ . 24.32 71.10 -15.07
CHD CLA NJ . 23.36 68.56 -19.12
NA CLA NJ . 27.18 72.03 -19.24
C1A CLA NJ . 27.66 71.74 -20.53
C2A CLA NJ . 28.99 72.48 -20.79
C3A CLA NJ . 29.15 73.37 -19.53
C4A CLA NJ . 28.04 72.88 -18.61
CMA CLA NJ . 30.51 73.19 -18.89
CAA CLA NJ . 29.09 73.37 -22.03
CBA CLA NJ . 27.93 74.34 -22.23
CGA CLA NJ . 27.55 74.30 -23.68
O1A CLA NJ . 27.35 73.32 -24.39
O2A CLA NJ . 27.41 75.52 -24.26
NB CLA NJ . 26.12 71.95 -16.53
C1B CLA NJ . 27.05 72.93 -16.37
C2B CLA NJ . 26.91 73.59 -15.04
C3B CLA NJ . 25.88 72.97 -14.41
C4B CLA NJ . 25.35 71.93 -15.34
CMB CLA NJ . 27.77 74.67 -14.59
CAB CLA NJ . 25.31 73.20 -13.11
CBB CLA NJ . 25.72 74.14 -12.27
NC CLA NJ . 24.02 70.12 -17.33
C1C CLA NJ . 23.68 70.26 -16.01
C2C CLA NJ . 22.61 69.35 -15.66
C3C CLA NJ . 22.39 68.53 -16.78
C4C CLA NJ . 23.29 69.05 -17.81
CMC CLA NJ . 21.99 69.31 -14.33
CAC CLA NJ . 21.38 67.47 -16.97
CBC CLA NJ . 21.43 66.23 -16.09
ND CLA NJ . 25.02 70.17 -19.93
C1D CLA NJ . 24.17 69.05 -20.12
C2D CLA NJ . 24.30 68.58 -21.51
C3D CLA NJ . 25.31 69.31 -22.07
C4D CLA NJ . 25.81 70.21 -21.01
CMD CLA NJ . 23.48 67.55 -22.13
CAD CLA NJ . 26.09 69.58 -23.25
OBD CLA NJ . 25.85 69.31 -24.42
CBD CLA NJ . 27.34 70.38 -22.78
CGD CLA NJ . 28.59 69.55 -22.78
O1D CLA NJ . 29.09 68.96 -21.83
O2D CLA NJ . 29.19 69.47 -24.00
CED CLA NJ . 29.50 70.65 -24.73
C1 CLA NJ . 26.92 76.60 -23.44
C2 CLA NJ . 27.68 77.81 -23.87
C3 CLA NJ . 27.46 79.02 -23.35
C4 CLA NJ . 26.45 79.26 -22.31
C5 CLA NJ . 28.25 80.19 -23.82
C6 CLA NJ . 27.42 81.18 -24.62
MG CLA OJ . 22.95 59.83 -26.57
CHA CLA OJ . 25.95 59.88 -24.83
CHB CLA OJ . 22.85 56.45 -26.22
CHC CLA OJ . 19.56 59.89 -27.27
CHD CLA OJ . 22.65 63.31 -25.80
NA CLA OJ . 24.24 58.41 -25.74
C1A CLA OJ . 25.44 58.63 -25.06
C2A CLA OJ . 26.06 57.29 -24.65
C3A CLA OJ . 25.25 56.28 -25.48
C4A CLA OJ . 24.01 57.07 -25.84
CMA CLA OJ . 26.02 55.85 -26.69
CAA CLA OJ . 26.00 56.95 -23.15
CBA CLA OJ . 25.21 55.70 -22.82
CGA CLA OJ . 23.83 56.08 -22.42
O1A CLA OJ . 23.55 57.05 -21.73
O2A CLA OJ . 22.78 55.33 -22.91
NB CLA OJ . 21.49 58.45 -26.66
C1B CLA OJ . 21.68 57.11 -26.60
C2B CLA OJ . 20.47 56.41 -27.10
C3B CLA OJ . 19.52 57.37 -27.39
C4B CLA OJ . 20.17 58.68 -27.12
CMB CLA OJ . 20.46 54.95 -27.15
CAB CLA OJ . 18.16 57.34 -27.87
CBB CLA OJ . 17.35 56.31 -28.14
NC CLA OJ . 21.47 61.33 -26.67
C1C CLA OJ . 20.18 61.15 -27.09
C2C CLA OJ . 19.48 62.43 -27.20
C3C CLA OJ . 20.32 63.36 -26.60
C4C CLA OJ . 21.54 62.66 -26.28
CMC CLA OJ . 18.13 62.61 -27.73
CAC CLA OJ . 20.18 64.81 -26.48
CBC CLA OJ . 19.32 65.24 -25.33
ND CLA OJ . 24.05 61.31 -25.75
C1D CLA OJ . 23.82 62.68 -25.56
C2D CLA OJ . 25.03 63.33 -25.06
C3D CLA OJ . 25.94 62.30 -24.85
C4D CLA OJ . 25.22 61.06 -25.19
CMD CLA OJ . 25.05 64.77 -24.94
CAD CLA OJ . 27.26 61.93 -24.40
OBD CLA OJ . 28.22 62.63 -24.13
CBD CLA OJ . 27.26 60.36 -24.28
CGD CLA OJ . 28.32 59.76 -25.15
O1D CLA OJ . 29.21 58.97 -24.84
O2D CLA OJ . 28.24 60.16 -26.45
CED CLA OJ . 28.24 59.15 -27.47
C1 CLA OJ . 21.52 56.06 -23.00
C2 CLA OJ . 20.39 55.14 -23.30
C3 CLA OJ . 19.12 55.59 -23.40
C4 CLA OJ . 18.75 57.02 -23.24
C5 CLA OJ . 18.00 54.67 -23.70
MG CLA PJ . 13.87 53.13 -29.51
CHA CLA PJ . 15.69 50.20 -29.12
CHB CLA PJ . 14.92 54.15 -26.42
CHC CLA PJ . 11.71 55.79 -29.67
CHD CLA PJ . 12.42 51.78 -32.44
NA CLA PJ . 15.12 52.30 -28.04
C1A CLA PJ . 15.81 51.09 -28.09
C2A CLA PJ . 16.63 50.91 -26.80
C3A CLA PJ . 16.32 52.16 -25.96
C4A CLA PJ . 15.40 52.95 -26.86
CMA CLA PJ . 15.62 51.81 -24.67
CAA CLA PJ . 18.12 50.92 -27.13
CBA CLA PJ . 19.01 51.23 -25.95
CGA CLA PJ . 19.94 50.08 -25.83
O1A CLA PJ . 20.75 49.66 -26.66
O2A CLA PJ . 19.87 49.47 -24.62
NB CLA PJ . 13.44 54.69 -28.30
C1B CLA PJ . 14.01 54.95 -27.11
C2B CLA PJ . 13.50 56.22 -26.56
C3B CLA PJ . 12.59 56.72 -27.47
C4B CLA PJ . 12.53 55.73 -28.58
CMB CLA PJ . 13.99 56.69 -25.25
CAB CLA PJ . 11.73 57.88 -27.48
CBB CLA PJ . 11.23 58.53 -26.42
NC CLA PJ . 12.35 53.68 -30.82
C1C CLA PJ . 11.63 54.83 -30.72
C2C CLA PJ . 10.69 54.93 -31.85
C3C CLA PJ . 10.87 53.78 -32.62
C4C CLA PJ . 11.93 53.02 -31.98
CMC CLA PJ . 9.74 56.03 -32.04
CAC CLA PJ . 10.18 53.42 -33.86
CBC CLA PJ . 9.09 52.39 -33.67
ND CLA PJ . 13.91 51.39 -30.53
C1D CLA PJ . 13.33 51.01 -31.78
C2D CLA PJ . 13.84 49.68 -32.16
C3D CLA PJ . 14.72 49.34 -31.17
C4D CLA PJ . 14.76 50.43 -30.19
CMD CLA PJ . 13.42 48.91 -33.32
CAD CLA PJ . 15.57 48.29 -30.66
OBD CLA PJ . 15.65 47.15 -31.05
CBD CLA PJ . 16.31 48.84 -29.43
CGD CLA PJ . 16.28 47.91 -28.24
O1D CLA PJ . 17.19 47.22 -27.81
O2D CLA PJ . 15.08 47.88 -27.60
CED CLA PJ . 14.72 46.68 -26.90
C1 CLA PJ . 19.46 48.08 -24.59
C2 CLA PJ . 17.99 48.01 -24.52
C3 CLA PJ . 17.28 48.24 -23.40
C4 CLA PJ . 17.91 48.56 -22.10
C5 CLA PJ . 15.80 48.15 -23.41
C6 CLA PJ . 15.27 47.06 -22.49
MG CLA QJ . 7.97 61.21 -45.89
CHA CLA QJ . 5.24 61.36 -48.02
CHB CLA QJ . 6.77 58.26 -44.64
CHC CLA QJ . 11.05 60.50 -44.49
CHD CLA QJ . 9.47 63.80 -47.79
NA CLA QJ . 6.31 60.03 -46.28
C1A CLA QJ . 5.28 60.26 -47.21
C2A CLA QJ . 4.24 59.14 -47.18
C3A CLA QJ . 4.65 58.34 -45.94
C4A CLA QJ . 6.02 58.88 -45.60
CMA CLA QJ . 3.72 58.65 -44.81
CAA CLA QJ . 4.25 58.29 -48.46
CBA CLA QJ . 5.53 57.52 -48.75
CGA CLA QJ . 6.46 58.31 -49.62
O1A CLA QJ . 6.33 58.68 -50.78
O2A CLA QJ . 7.63 58.65 -49.00
NB CLA QJ . 8.75 59.70 -44.80
C1B CLA QJ . 8.04 58.68 -44.25
C2B CLA QJ . 8.79 58.01 -43.18
C3B CLA QJ . 10.02 58.64 -43.11
C4B CLA QJ . 10.01 59.69 -44.16
CMB CLA QJ . 8.24 56.86 -42.46
CAB CLA QJ . 11.18 58.36 -42.31
CBB CLA QJ . 11.21 58.06 -41.01
NC CLA QJ . 9.89 62.02 -46.09
C1C CLA QJ . 11.00 61.59 -45.40
C2C CLA QJ . 12.15 62.41 -45.77
C3C CLA QJ . 11.71 63.31 -46.73
C4C CLA QJ . 10.29 63.08 -46.91
CMC CLA QJ . 13.49 62.22 -45.23
CAC CLA QJ . 12.49 64.33 -47.43
CBC CLA QJ . 12.76 65.57 -46.60
ND CLA QJ . 7.54 62.33 -47.52
C1D CLA QJ . 8.18 63.47 -48.08
C2D CLA QJ . 7.23 64.17 -48.99
C3D CLA QJ . 6.08 63.41 -48.97
C4D CLA QJ . 6.34 62.27 -48.08
CMD CLA QJ . 7.52 65.41 -49.69
CAD CLA QJ . 4.72 63.25 -49.46
OBD CLA QJ . 4.08 63.99 -50.19
CBD CLA QJ . 4.17 61.92 -48.90
CGD CLA QJ . 2.90 62.11 -48.10
O1D CLA QJ . 1.97 61.32 -47.95
O2D CLA QJ . 2.79 63.30 -47.46
CED CLA QJ . 1.67 63.41 -46.59
C1 CLA QJ . 8.36 59.70 -49.65
C2 CLA QJ . 9.63 59.80 -48.89
C3 CLA QJ . 10.80 60.10 -49.47
C4 CLA QJ . 10.90 60.37 -50.93
C5 CLA QJ . 12.03 60.17 -48.66
C6 CLA QJ . 13.29 59.84 -49.44
C7 CLA QJ . 14.52 60.17 -48.63
C8 CLA QJ . 15.45 58.97 -48.49
C9 CLA QJ . 15.39 58.39 -47.09
C10 CLA QJ . 16.88 59.34 -48.82
C11 CLA QJ . 17.84 58.29 -48.27
C12 CLA QJ . 19.28 58.58 -48.65
C13 CLA QJ . 20.06 57.30 -48.88
C14 CLA QJ . 19.97 56.90 -50.33
C15 CLA QJ . 19.57 56.19 -47.96
C16 CLA QJ . 20.73 55.52 -47.22
C17 CLA QJ . 21.08 54.18 -47.84
C18 CLA QJ . 21.98 53.36 -46.93
C19 CLA QJ . 21.22 52.94 -45.69
C20 CLA QJ . 22.50 52.14 -47.66
MG CLA RJ . 1.34 60.36 -57.31
CHA CLA RJ . -1.27 60.33 -59.61
CHB CLA RJ . 3.44 61.60 -59.69
CHC CLA RJ . 4.04 59.61 -55.29
CHD CLA RJ . -0.72 58.52 -55.06
NA CLA RJ . 1.09 60.94 -59.31
C1A CLA RJ . -0.08 60.88 -60.10
C2A CLA RJ . 0.23 61.43 -61.51
C3A CLA RJ . 1.63 62.07 -61.35
C4A CLA RJ . 2.11 61.50 -60.02
CMA CLA RJ . 2.57 61.78 -62.50
CAA CLA RJ . -0.70 62.53 -62.04
CBA CLA RJ . -0.49 63.89 -61.41
CGA CLA RJ . -1.69 64.25 -60.57
O1A CLA RJ . -2.73 63.62 -60.42
O2A CLA RJ . -1.54 65.44 -59.93
NB CLA RJ . 3.34 60.55 -57.47
C1B CLA RJ . 4.01 61.12 -58.50
C2B CLA RJ . 5.47 61.19 -58.20
C3B CLA RJ . 5.64 60.63 -56.95
C4B CLA RJ . 4.30 60.22 -56.48
CMB CLA RJ . 6.43 61.76 -59.14
CAB CLA RJ . 6.80 60.39 -56.13
CBB CLA RJ . 7.98 59.90 -56.52
NC CLA RJ . 1.59 59.32 -55.51
C1C CLA RJ . 2.76 59.19 -54.84
C2C CLA RJ . 2.57 58.49 -53.58
C3C CLA RJ . 1.22 58.11 -53.53
C4C CLA RJ . 0.62 58.67 -54.73
CMC CLA RJ . 3.68 58.24 -52.68
CAC CLA RJ . 0.43 57.41 -52.50
CBC CLA RJ . 0.86 56.05 -52.01
ND CLA RJ . -0.55 59.63 -57.24
C1D CLA RJ . -1.28 58.95 -56.24
C2D CLA RJ . -2.67 58.77 -56.67
C3D CLA RJ . -2.72 59.27 -57.96
C4D CLA RJ . -1.37 59.78 -58.29
CMD CLA RJ . -3.71 58.14 -55.86
CAD CLA RJ . -3.57 59.50 -59.11
OBD CLA RJ . -4.77 59.28 -59.26
CBD CLA RJ . -2.66 60.14 -60.20
CGD CLA RJ . -2.62 59.32 -61.46
O1D CLA RJ . -2.22 58.16 -61.59
O2D CLA RJ . -3.08 60.00 -62.55
CED CLA RJ . -2.55 59.66 -63.83
MG CLA SJ . 8.50 50.23 -54.13
CHA CLA SJ . 5.48 51.83 -54.70
CHB CLA SJ . 7.96 48.39 -57.00
CHC CLA SJ . 11.88 49.58 -54.38
CHD CLA SJ . 9.21 52.65 -51.63
NA CLA SJ . 6.95 50.09 -55.54
C1A CLA SJ . 5.79 50.87 -55.62
C2A CLA SJ . 4.92 50.44 -56.79
C3A CLA SJ . 5.52 49.05 -57.10
C4A CLA SJ . 6.92 49.18 -56.54
CMA CLA SJ . 4.72 47.98 -56.41
CAA CLA SJ . 5.07 51.40 -57.95
CBA CLA SJ . 3.74 51.66 -58.61
CGA CLA SJ . 3.87 51.86 -60.08
O1A CLA SJ . 3.05 51.61 -60.98
O2A CLA SJ . 5.05 52.42 -60.46
NB CLA SJ . 9.66 49.12 -55.36
C1B CLA SJ . 9.27 48.49 -56.50
C2B CLA SJ . 10.45 47.89 -57.20
C3B CLA SJ . 11.55 48.22 -56.45
C4B CLA SJ . 11.06 49.02 -55.29
CMB CLA SJ . 10.36 47.15 -58.45
CAB CLA SJ . 12.95 47.99 -56.66
CBB CLA SJ . 13.73 48.78 -57.40
NC CLA SJ . 10.21 50.93 -53.13
C1C CLA SJ . 11.48 50.49 -53.36
C2C CLA SJ . 12.41 51.14 -52.47
C3C CLA SJ . 11.68 52.05 -51.73
C4C CLA SJ . 10.28 51.90 -52.14
CMC CLA SJ . 13.86 50.90 -52.45
CAC CLA SJ . 12.21 52.95 -50.71
CBC CLA SJ . 12.01 52.42 -49.32
ND CLA SJ . 7.64 51.88 -53.32
C1D CLA SJ . 7.94 52.65 -52.18
C2D CLA SJ . 6.75 53.43 -51.78
C3D CLA SJ . 5.81 53.21 -52.74
C4D CLA SJ . 6.39 52.22 -53.67
CMD CLA SJ . 6.66 54.33 -50.63
CAD CLA SJ . 4.46 53.48 -53.19
OBD CLA SJ . 3.63 54.25 -52.73
CBD CLA SJ . 4.20 52.60 -54.43
CGD CLA SJ . 3.09 51.67 -54.09
O1D CLA SJ . 3.11 50.70 -53.33
O2D CLA SJ . 1.92 51.98 -54.71
CED CLA SJ . 1.44 51.04 -55.65
C1 CLA SJ . 4.90 53.59 -61.30
C2 CLA SJ . 5.85 54.63 -60.84
C3 CLA SJ . 6.80 55.14 -61.64
C4 CLA SJ . 6.99 54.70 -63.04
C5 CLA SJ . 7.73 56.20 -61.15
C6 CLA SJ . 7.10 57.58 -61.23
MG CLA TJ . 3.52 51.56 -38.31
CHA CLA TJ . 1.34 48.86 -38.52
CHB CLA TJ . 2.59 51.93 -35.04
CHC CLA TJ . 6.32 53.50 -37.77
CHD CLA TJ . 4.89 50.59 -41.44
NA CLA TJ . 2.14 50.61 -37.05
C1A CLA TJ . 1.33 49.50 -37.32
C2A CLA TJ . 0.45 49.16 -36.12
C3A CLA TJ . 0.61 50.41 -35.23
C4A CLA TJ . 1.87 51.04 -35.79
CMA CLA TJ . -0.57 51.34 -35.33
CAA CLA TJ . 0.79 47.89 -35.35
CBA CLA TJ . 2.20 47.37 -35.52
CGA CLA TJ . 3.14 47.86 -34.45
O1A CLA TJ . 3.00 47.76 -33.23
O2A CLA TJ . 4.27 48.53 -34.86
NB CLA TJ . 4.29 52.54 -36.73
C1B CLA TJ . 3.75 52.57 -35.48
C2B CLA TJ . 4.58 53.43 -34.61
C3B CLA TJ . 5.62 53.90 -35.34
C4B CLA TJ . 5.47 53.33 -36.71
CMB CLA TJ . 4.26 53.64 -33.21
CAB CLA TJ . 6.70 54.75 -34.89
CBB CLA TJ . 7.11 55.87 -35.46
NC CLA TJ . 5.23 52.03 -39.43
C1C CLA TJ . 6.21 52.89 -39.03
C2C CLA TJ . 7.18 53.06 -40.07
C3C CLA TJ . 6.83 52.18 -41.08
C4C CLA TJ . 5.59 51.55 -40.69
CMC CLA TJ . 8.34 53.93 -40.02
CAC CLA TJ . 7.48 52.07 -42.37
CBC CLA TJ . 6.76 53.12 -43.19
ND CLA TJ . 3.19 50.17 -39.72
C1D CLA TJ . 3.79 49.92 -40.99
C2D CLA TJ . 3.00 48.86 -41.65
C3D CLA TJ . 2.05 48.45 -40.76
C4D CLA TJ . 2.24 49.25 -39.56
CMD CLA TJ . 3.17 48.31 -42.96
CAD CLA TJ . 0.94 47.56 -40.57
OBD CLA TJ . 0.39 46.84 -41.39
CBD CLA TJ . 0.53 47.71 -39.08
CGD CLA TJ . -0.96 47.84 -38.91
O1D CLA TJ . -1.62 48.77 -38.45
O2D CLA TJ . -1.62 46.72 -39.30
CED CLA TJ . -1.56 45.60 -38.41
C1 CLA TJ . 4.74 48.34 -36.22
C2 CLA TJ . 5.99 49.12 -36.47
C3 CLA TJ . 6.60 49.01 -37.66
C4 CLA TJ . 6.03 48.17 -38.73
C5 CLA TJ . 7.84 49.77 -38.00
C6 CLA TJ . 8.58 50.30 -36.78
MG CLA UJ . 15.80 47.46 -36.56
CHA CLA UJ . 17.69 48.26 -33.74
CHB CLA UJ . 16.71 44.19 -36.14
CHC CLA UJ . 13.12 46.47 -38.47
CHD CLA UJ . 14.43 50.72 -36.43
NA CLA UJ . 17.07 46.45 -35.24
C1A CLA UJ . 17.75 46.94 -34.13
C2A CLA UJ . 18.58 45.83 -33.48
C3A CLA UJ . 18.59 44.74 -34.56
C4A CLA UJ . 17.36 45.13 -35.38
CMA CLA UJ . 19.85 44.83 -35.38
CAA CLA UJ . 17.99 45.37 -32.15
CBA CLA UJ . 17.24 44.05 -32.12
CGA CLA UJ . 16.53 44.00 -30.81
O1A CLA UJ . 16.98 44.23 -29.68
O2A CLA UJ . 15.21 43.65 -30.91
NB CLA UJ . 15.03 45.68 -37.13
C1B CLA UJ . 15.59 44.46 -36.93
C2B CLA UJ . 14.87 43.41 -37.67
C3B CLA UJ . 13.85 44.03 -38.33
C4B CLA UJ . 13.94 45.50 -38.02
CMB CLA UJ . 15.25 42.00 -37.65
CAB CLA UJ . 12.86 43.47 -39.21
CBB CLA UJ . 11.71 42.92 -38.80
NC CLA UJ . 14.17 48.44 -37.40
C1C CLA UJ . 13.24 47.86 -38.21
C2C CLA UJ . 12.28 48.84 -38.68
C3C CLA UJ . 12.59 50.04 -38.03
C4C CLA UJ . 13.80 49.78 -37.25
CMC CLA UJ . 11.17 48.52 -39.58
CAC CLA UJ . 11.93 51.34 -38.18
CBC CLA UJ . 12.48 52.18 -39.33
ND CLA UJ . 16.14 49.18 -35.56
C1D CLA UJ . 15.50 50.46 -35.61
C2D CLA UJ . 16.17 51.37 -34.66
C3D CLA UJ . 17.01 50.57 -33.92
C4D CLA UJ . 16.91 49.21 -34.48
CMD CLA UJ . 15.88 52.80 -34.52
CAD CLA UJ . 18.02 50.52 -32.88
OBD CLA UJ . 18.57 51.44 -32.31
CBD CLA UJ . 18.32 49.03 -32.60
CGD CLA UJ . 19.76 48.72 -32.27
O1D CLA UJ . 20.23 48.41 -31.17
O2D CLA UJ . 20.64 48.77 -33.30
CED CLA UJ . 21.84 48.02 -33.10
C1 CLA UJ . 14.40 44.04 -29.79
C2 CLA UJ . 13.01 43.59 -30.05
C3 CLA UJ . 12.06 44.42 -30.55
C4 CLA UJ . 10.68 43.94 -30.80
C5 CLA UJ . 12.36 45.83 -30.89
C6 CLA UJ . 11.33 46.80 -30.37
C7 CLA UJ . 11.99 47.82 -29.46
C8 CLA UJ . 11.04 48.91 -29.00
C9 CLA UJ . 10.37 49.58 -30.17
C10 CLA UJ . 11.76 49.90 -28.09
C11 CLA UJ . 11.31 51.32 -28.35
C12 CLA UJ . 11.08 52.10 -27.08
C13 CLA UJ . 9.74 52.82 -27.13
C14 CLA UJ . 8.68 52.05 -26.36
C15 CLA UJ . 9.29 53.05 -28.56
C16 CLA UJ . 7.81 52.76 -28.74
C17 CLA UJ . 7.50 52.34 -30.17
C18 CLA UJ . 6.49 51.19 -30.18
C19 CLA UJ . 5.13 51.66 -29.75
C20 CLA UJ . 6.42 50.53 -31.55
MG CLA VJ . 25.15 59.90 -41.66
CHA CLA VJ . 27.59 57.78 -42.92
CHB CLA VJ . 27.53 62.38 -41.49
CHC CLA VJ . 22.67 62.30 -41.65
CHD CLA VJ . 22.73 57.58 -42.94
NA CLA VJ . 27.21 60.01 -42.03
C1A CLA VJ . 28.04 59.01 -42.56
C2A CLA VJ . 29.47 59.50 -42.67
C3A CLA VJ . 29.44 60.72 -41.73
C4A CLA VJ . 27.96 61.10 -41.75
CMA CLA VJ . 29.84 60.23 -40.38
CAA CLA VJ . 29.86 59.84 -44.09
CBA CLA VJ . 30.42 61.23 -44.22
CGA CLA VJ . 29.62 61.93 -45.26
O1A CLA VJ . 29.95 62.16 -46.41
O2A CLA VJ . 28.36 62.31 -44.86
NB CLA VJ . 25.11 61.93 -41.53
C1B CLA VJ . 26.18 62.76 -41.49
C2B CLA VJ . 25.74 64.18 -41.38
C3B CLA VJ . 24.36 64.17 -41.44
C4B CLA VJ . 23.95 62.73 -41.52
CMB CLA VJ . 26.69 65.28 -41.33
CAB CLA VJ . 23.39 65.24 -41.42
CBB CLA VJ . 23.42 66.43 -40.81
NC CLA VJ . 23.09 59.89 -42.07
C1C CLA VJ . 22.26 60.95 -41.88
C2C CLA VJ . 20.89 60.54 -42.12
C3C CLA VJ . 20.93 59.28 -42.66
C4C CLA VJ . 22.31 58.86 -42.59
CMC CLA VJ . 19.69 61.33 -41.99
CAC CLA VJ . 19.76 58.47 -43.03
CBC CLA VJ . 19.53 58.41 -44.53
ND CLA VJ . 25.10 58.09 -42.57
C1D CLA VJ . 24.05 57.21 -42.94
C2D CLA VJ . 24.60 55.90 -43.32
C3D CLA VJ . 25.96 56.06 -43.28
C4D CLA VJ . 26.21 57.45 -42.88
CMD CLA VJ . 23.81 54.72 -43.66
CAD CLA VJ . 27.25 55.43 -43.47
OBD CLA VJ . 27.53 54.25 -43.67
CBD CLA VJ . 28.32 56.53 -43.35
CGD CLA VJ . 29.28 56.11 -42.30
O1D CLA VJ . 29.29 56.44 -41.11
O2D CLA VJ . 30.24 55.24 -42.74
CED CLA VJ . 31.39 55.81 -43.34
C1 CLA VJ . 28.02 63.67 -45.17
C2 CLA VJ . 26.56 63.85 -44.98
C3 CLA VJ . 25.96 65.06 -45.03
C4 CLA VJ . 26.71 66.30 -45.29
C5 CLA VJ . 24.49 65.20 -44.87
C6 CLA VJ . 23.86 65.91 -46.05
C7 CLA VJ . 22.46 66.38 -45.77
C8 CLA VJ . 21.91 67.16 -46.96
C9 CLA VJ . 21.43 68.55 -46.58
C10 CLA VJ . 20.80 66.36 -47.67
C11 CLA VJ . 19.46 66.48 -46.97
C12 CLA VJ . 18.36 65.86 -47.78
C13 CLA VJ . 17.09 65.85 -46.94
C14 CLA VJ . 16.29 64.62 -47.27
C15 CLA VJ . 16.33 67.17 -47.08
C16 CLA VJ . 16.11 67.83 -45.74
C17 CLA VJ . 15.50 69.21 -45.85
C18 CLA VJ . 13.97 69.21 -45.88
C19 CLA VJ . 13.38 69.33 -44.49
C20 CLA VJ . 13.47 70.32 -46.76
MG CLA WJ . 25.62 74.71 -30.91
CHA CLA WJ . 27.04 73.15 -33.71
CHB CLA WJ . 28.34 76.79 -30.75
CHC CLA WJ . 23.83 76.96 -28.99
CHD CLA WJ . 22.53 73.19 -31.81
NA CLA WJ . 27.40 74.88 -32.00
C1A CLA WJ . 27.80 74.15 -33.14
C2A CLA WJ . 29.18 74.64 -33.61
C3A CLA WJ . 29.67 75.52 -32.44
C4A CLA WJ . 28.38 75.77 -31.68
CMA CLA WJ . 30.69 74.79 -31.60
CAA CLA WJ . 29.07 75.40 -34.93
CBA CLA WJ . 29.69 76.78 -34.93
CGA CLA WJ . 28.65 77.85 -35.08
O1A CLA WJ . 28.79 79.01 -35.47
O2A CLA WJ . 27.39 77.46 -34.71
NB CLA WJ . 25.99 76.52 -30.08
C1B CLA WJ . 27.21 77.11 -29.98
C2B CLA WJ . 27.22 78.14 -28.91
C3B CLA WJ . 25.95 78.19 -28.40
C4B CLA WJ . 25.15 77.19 -29.14
CMB CLA WJ . 28.39 78.95 -28.57
CAB CLA WJ . 25.41 79.07 -27.38
CBB CLA WJ . 24.90 78.68 -26.21
NC CLA WJ . 23.59 74.96 -30.43
C1C CLA WJ . 23.08 75.91 -29.59
C2C CLA WJ . 21.65 75.78 -29.44
C3C CLA WJ . 21.26 74.75 -30.30
C4C CLA WJ . 22.49 74.24 -30.90
CMC CLA WJ . 20.79 76.63 -28.61
CAC CLA WJ . 19.89 74.25 -30.50
CBC CLA WJ . 19.56 73.03 -29.69
ND CLA WJ . 24.93 73.38 -32.27
C1D CLA WJ . 23.67 72.75 -32.43
C2D CLA WJ . 23.77 71.68 -33.43
C3D CLA WJ . 25.04 71.80 -33.96
C4D CLA WJ . 25.71 72.90 -33.23
CMD CLA WJ . 22.70 70.77 -33.80
CAD CLA WJ . 25.96 71.29 -34.94
OBD CLA WJ . 25.77 70.41 -35.77
CBD CLA WJ . 27.28 72.13 -34.83
CGD CLA WJ . 28.42 71.17 -34.61
O1D CLA WJ . 28.44 69.97 -34.85
O2D CLA WJ . 29.58 71.67 -34.11
CED CLA WJ . 30.74 71.63 -34.93
C1 CLA WJ . 26.73 78.34 -33.77
C2 CLA WJ . 25.34 77.86 -33.57
C3 CLA WJ . 24.48 78.48 -32.73
C4 CLA WJ . 24.85 79.69 -31.96
C5 CLA WJ . 23.08 78.00 -32.53
C6 CLA WJ . 22.68 76.83 -33.41
NB KC2 XJ . 20.30 70.57 -40.22
ND KC2 XJ . 23.25 72.40 -38.13
C1A KC2 XJ . 24.66 70.91 -40.69
C1B KC2 XJ . 20.44 69.96 -41.40
C1C KC2 XJ . 18.98 72.16 -38.03
C1D KC2 XJ . 23.23 73.34 -37.16
C2A KC2 XJ . 25.23 70.43 -41.97
C2B KC2 XJ . 19.12 69.69 -42.05
C2C KC2 XJ . 18.39 73.12 -37.08
C2D KC2 XJ . 24.57 73.92 -37.00
C3A KC2 XJ . 24.05 69.85 -42.62
C3B KC2 XJ . 18.13 70.20 -41.09
C3C KC2 XJ . 19.54 73.75 -36.42
C3D KC2 XJ . 25.42 73.22 -37.97
C4A KC2 XJ . 22.90 70.06 -41.69
C4B KC2 XJ . 18.97 70.72 -39.99
C4C KC2 XJ . 20.69 73.07 -37.08
C4D KC2 XJ . 24.58 72.30 -38.64
CAA KC2 XJ . 26.61 70.45 -42.57
CAB KC2 XJ . 16.65 70.31 -41.00
CAC KC2 XJ . 19.43 74.81 -35.36
CAD KC2 XJ . 26.82 73.15 -38.49
CBA KC2 XJ . 27.44 69.46 -42.82
CBB KC2 XJ . 15.85 69.34 -41.40
CBC KC2 XJ . 19.57 74.17 -34.01
CBD KC2 XJ . 26.68 72.38 -39.72
CED KC2 XJ . 25.54 75.47 -41.19
CGA KC2 XJ . 28.23 69.64 -44.05
CGD KC2 XJ . 26.75 73.36 -40.86
CHA KC2 XJ . 25.41 71.61 -39.65
CHB KC2 XJ . 21.61 69.56 -42.16
CHC KC2 XJ . 18.21 71.31 -38.91
CHD KC2 XJ . 21.94 73.62 -36.50
CMA KC2 XJ . 23.99 69.20 -43.97
CMB KC2 XJ . 18.84 69.03 -43.38
CMC KC2 XJ . 16.92 73.37 -36.87
CMD KC2 XJ . 24.77 75.00 -35.97
NA KC2 XJ . 23.21 70.68 -40.53
NC KC2 XJ . 20.30 72.05 -38.09
O1A KC2 XJ . 27.73 70.27 -45.02
O1D KC2 XJ . 27.69 73.35 -41.64
O2A KC2 XJ . 29.45 69.32 -43.99
O2D KC2 XJ . 25.55 74.05 -41.26
OBD KC2 XJ . 27.59 74.09 -38.05
MG KC2 XJ . 21.88 71.13 -39.02
NB KC2 YJ . 9.04 72.16 -28.38
ND KC2 YJ . 5.59 71.21 -26.39
C1A KC2 YJ . 5.35 74.31 -27.46
C1B KC2 YJ . 9.33 73.33 -28.96
C1C KC2 YJ . 9.34 69.25 -27.43
C1D KC2 YJ . 5.17 70.08 -25.77
C2A KC2 YJ . 5.25 75.70 -27.96
C2B KC2 YJ . 10.66 73.33 -29.60
C2C KC2 YJ . 9.37 67.87 -26.95
C2D KC2 YJ . 3.82 70.30 -25.25
C3A KC2 YJ . 6.58 75.90 -28.59
C3B KC2 YJ . 11.16 71.96 -29.38
C3C KC2 YJ . 8.13 67.61 -26.23
C3D KC2 YJ . 3.48 71.68 -25.63
C4A KC2 YJ . 7.30 74.62 -28.40
C4B KC2 YJ . 10.07 71.32 -28.61
C4C KC2 YJ . 7.44 68.95 -26.37
C4D KC2 YJ . 4.58 72.19 -26.33
CAA KC2 YJ . 4.17 76.69 -27.81
CAB KC2 YJ . 12.41 71.24 -29.76
CAC KC2 YJ . 7.97 66.23 -25.61
CAD KC2 YJ . 2.40 72.71 -25.56
CBA KC2 YJ . 3.77 77.73 -28.49
CBB KC2 YJ . 12.79 71.18 -31.03
CBC KC2 YJ . 6.66 65.72 -25.09
CBD KC2 YJ . 2.89 73.83 -26.35
CED KC2 YJ . -0.20 74.79 -27.56
CGA KC2 YJ . 2.44 78.12 -28.07
CGD KC2 YJ . 1.99 73.82 -27.53
CHA KC2 YJ . 4.30 73.58 -26.73
CHB KC2 YJ . 8.64 74.60 -28.99
CHC KC2 YJ . 10.36 69.93 -28.23
CHD KC2 YJ . 6.12 68.96 -25.69
CMA KC2 YJ . 7.19 77.10 -29.29
CMB KC2 YJ . 11.34 74.45 -30.35
CMC KC2 YJ . 10.46 66.85 -27.10
CMD KC2 YJ . 3.19 69.15 -24.51
NA KC2 YJ . 6.64 73.64 -27.74
NC KC2 YJ . 8.25 69.94 -27.14
O1A KC2 YJ . 1.49 77.82 -28.82
O1D KC2 YJ . 1.57 72.75 -27.97
O2A KC2 YJ . 2.32 78.39 -26.84
O2D KC2 YJ . 1.20 74.98 -27.74
OBD KC2 YJ . 1.26 72.24 -25.15
MG KC2 YJ . 7.32 71.74 -27.34
NB KC2 ZJ . 4.72 79.93 -26.10
ND KC2 ZJ . 2.24 77.44 -24.01
C1A KC2 ZJ . 0.44 80.03 -25.02
C1B KC2 ZJ . 4.37 81.05 -26.75
C1C KC2 ZJ . 6.38 77.53 -25.21
C1D KC2 ZJ . 2.41 76.20 -23.47
C2A KC2 ZJ . -0.37 81.13 -25.59
C2B KC2 ZJ . 5.51 81.63 -27.51
C2C KC2 ZJ . 7.07 76.29 -24.85
C2D KC2 ZJ . 1.11 75.73 -22.95
C3A KC2 ZJ . 0.65 81.90 -26.35
C3B KC2 ZJ . 6.62 80.72 -27.23
C3C KC2 ZJ . 6.08 75.47 -24.16
C3D KC2 ZJ . 0.15 76.82 -23.21
C4A KC2 ZJ . 1.94 81.17 -26.16
C4B KC2 ZJ . 6.03 79.70 -26.34
C4C KC2 ZJ . 4.87 76.34 -24.19
C4D KC2 ZJ . 0.88 77.84 -23.86
CAA KC2 ZJ . -1.80 81.48 -25.49
CAB KC2 ZJ . 8.04 80.63 -27.63
CAC KC2 ZJ . 6.33 74.09 -23.60
CAD KC2 ZJ . -1.28 77.23 -23.05
CBA KC2 ZJ . -2.39 82.14 -24.52
CBB KC2 ZJ . 8.38 80.63 -28.92
CBC KC2 ZJ . 6.86 74.21 -22.19
CBD KC2 ZJ . -1.42 78.44 -23.84
CED KC2 ZJ . -4.53 77.90 -25.84
CGA KC2 ZJ . -2.48 83.58 -24.76
CGD KC2 ZJ . -2.21 77.98 -25.02
CHA KC2 ZJ . -0.07 78.94 -24.17
CHB KC2 ZJ . 3.10 81.77 -26.83
CHC KC2 ZJ . 6.96 78.66 -25.92
CHD KC2 ZJ . 3.76 75.62 -23.52
CMA KC2 ZJ . 0.47 83.17 -27.17
CMB KC2 ZJ . 5.54 82.86 -28.37
CMC KC2 ZJ . 8.53 75.99 -25.16
CMD KC2 ZJ . 1.04 74.38 -22.29
NA KC2 ZJ . 1.87 80.08 -25.39
NC KC2 ZJ . 5.10 77.65 -24.86
O1A KC2 ZJ . -1.56 84.32 -24.31
O1D KC2 ZJ . -1.92 76.97 -25.64
O2A KC2 ZJ . -3.30 83.95 -25.65
O2D KC2 ZJ . -3.44 78.66 -25.33
OBD KC2 ZJ . -1.94 76.56 -22.16
MG KC2 ZJ . 3.43 78.84 -24.92
MG CLA AK . 4.48 60.73 -25.82
CHA CLA AK . 1.24 61.72 -25.35
CHB CLA AK . 5.43 62.78 -23.20
CHC CLA AK . 7.56 59.18 -25.71
CHD CLA AK . 3.34 58.20 -28.02
NA CLA AK . 3.48 62.03 -24.52
C1A CLA AK . 2.11 62.31 -24.48
C2A CLA AK . 1.80 63.32 -23.37
C3A CLA AK . 3.18 63.92 -23.07
C4A CLA AK . 4.11 62.82 -23.58
CMA CLA AK . 3.36 65.24 -23.77
CAA CLA AK . 1.44 62.59 -22.10
CBA CLA AK . 0.04 62.04 -22.04
CGA CLA AK . 0.16 60.56 -22.24
O1A CLA AK . 1.08 59.82 -21.87
O2A CLA AK . -0.86 60.02 -22.97
NB CLA AK . 6.17 61.00 -24.75
C1B CLA AK . 6.34 61.82 -23.68
C2B CLA AK . 7.68 61.63 -23.08
C3B CLA AK . 8.29 60.62 -23.78
C4B CLA AK . 7.34 60.20 -24.85
CMB CLA AK . 8.11 62.39 -21.90
CAB CLA AK . 9.57 59.99 -23.61
CBB CLA AK . 9.81 58.91 -22.87
NC CLA AK . 5.29 59.04 -26.74
C1C CLA AK . 6.59 58.62 -26.61
C2C CLA AK . 6.85 57.45 -27.44
C3C CLA AK . 5.63 57.11 -28.05
C4C CLA AK . 4.68 58.13 -27.61
CMC CLA AK . 8.14 56.78 -27.50
CAC CLA AK . 5.29 55.99 -28.95
CBC CLA AK . 5.91 55.92 -30.31
ND CLA AK . 2.73 59.99 -26.47
C1D CLA AK . 2.40 59.04 -27.48
C2D CLA AK . 0.98 59.18 -27.85
C3D CLA AK . 0.49 60.21 -27.08
C4D CLA AK . 1.62 60.68 -26.24
CMD CLA AK . 0.28 58.37 -28.84
CAD CLA AK . -0.66 61.02 -26.77
OBD CLA AK . -1.79 61.00 -27.25
CBD CLA AK . -0.20 62.02 -25.67
CGD CLA AK . -0.33 63.44 -26.16
O1D CLA AK . 0.51 64.08 -26.81
O2D CLA AK . -1.50 64.07 -25.87
CED CLA AK . -2.17 63.84 -24.61
C1 CLA AK . -1.51 58.85 -22.42
C2 CLA AK . -2.11 59.29 -21.13
C3 CLA AK . -3.27 59.95 -21.03
C4 CLA AK . -3.82 60.36 -19.72
C5 CLA AK . -4.10 60.32 -22.23
C6 CLA AK . -4.29 61.81 -22.36
C03 II0 BK . 25.12 61.05 -48.95
C04 II0 BK . 9.64 72.97 -35.16
C05 II0 BK . 26.67 60.57 -49.22
C06 II0 BK . 8.00 73.06 -35.36
C07 II0 BK . 27.47 60.72 -48.12
C08 II0 BK . 7.34 71.98 -34.85
C09 II0 BK . 24.55 60.48 -47.71
C10 II0 BK . 9.98 71.83 -34.31
C11 II0 BK . 26.91 59.84 -46.79
C12 II0 BK . 7.65 71.82 -33.23
C13 II0 BK . 25.54 60.10 -46.51
C14 II0 BK . 9.06 71.56 -33.02
C15 II0 BK . 25.10 62.61 -48.81
C16 II0 BK . 24.23 60.62 -50.18
C17 II0 BK . 10.28 72.77 -36.55
C18 II0 BK . 10.22 74.27 -34.48
C19 II0 BK . 25.12 60.46 -45.10
C20 II0 BK . 9.42 70.37 -32.13
C21 II0 BK . 23.15 60.96 -47.27
C22 II0 BK . 11.39 71.24 -34.38
C23 II0 BK . 22.12 61.36 -46.80
C24 II0 BK . 12.47 70.83 -34.53
C25 II0 BK . 20.89 62.04 -46.17
C26 II0 BK . 13.86 70.29 -34.87
C27 II0 BK . 19.44 61.67 -46.49
C28 II0 BK . 15.06 71.13 -34.53
C29 II0 BK . 21.18 63.03 -45.26
C30 II0 BK . 13.93 69.12 -35.49
C31 II0 BK . 20.01 63.74 -44.55
C32 II0 BK . 15.29 68.52 -35.89
C33 II0 BK . 20.27 64.56 -43.50
C34 II0 BK . 15.55 68.49 -37.20
C35 II0 BK . 19.06 65.17 -42.80
C36 II0 BK . 16.85 67.90 -37.75
C37 II0 BK . 17.70 64.95 -43.39
C38 II0 BK . 18.20 68.20 -37.09
C39 II0 BK . 19.22 65.82 -41.64
C40 II0 BK . 16.76 67.13 -38.85
C41 II0 BK . 18.00 66.42 -40.89
C42 II0 BK . 18.01 66.50 -39.52
O01 II0 BK . 28.78 60.31 -48.44
O02 II0 BK . 5.97 72.21 -34.97
C03 II0 CK . 19.54 60.36 -20.01
C04 II0 CK . 6.79 60.75 -40.06
C05 II0 CK . 20.46 59.18 -19.30
C06 II0 CK . 5.45 61.42 -40.77
C07 II0 CK . 21.73 58.95 -19.75
C08 II0 CK . 4.92 60.61 -41.74
C09 II0 CK . 19.93 60.71 -21.40
C10 II0 CK . 6.73 59.32 -39.95
C11 II0 CK . 22.28 59.93 -21.03
C12 II0 CK . 4.46 59.12 -41.18
C13 II0 CK . 21.27 60.09 -21.99
C14 II0 CK . 5.30 58.64 -40.10
C15 II0 CK . 18.06 59.82 -20.06
C16 II0 CK . 19.56 61.67 -19.15
C17 II0 CK . 7.98 61.16 -40.95
C18 II0 CK . 6.96 61.29 -38.60
C19 II0 CK . 21.67 60.50 -23.40
C20 II0 CK . 5.11 57.20 -39.57
C21 II0 CK . 18.84 61.15 -22.40
C22 II0 CK . 7.79 58.59 -39.06
C23 II0 CK . 18.00 61.42 -23.20
C24 II0 CK . 8.57 58.04 -38.36
C25 II0 CK . 16.89 61.62 -24.24
C26 II0 CK . 9.56 57.35 -37.37
C27 II0 CK . 16.28 63.00 -24.51
C28 II0 CK . 10.05 55.97 -37.55
C29 II0 CK . 16.52 60.46 -24.87
C30 II0 CK . 9.96 58.03 -36.29
C31 II0 CK . 15.45 60.47 -25.98
C32 II0 CK . 10.96 57.46 -35.28
C33 II0 CK . 15.82 59.86 -27.12
C34 II0 CK . 11.80 58.38 -34.81
C35 II0 CK . 14.83 59.87 -28.26
C36 II0 CK . 12.88 58.05 -33.78
C37 II0 CK . 13.96 61.07 -28.31
C38 II0 CK . 13.78 56.82 -33.89
C39 II0 CK . 14.77 58.91 -29.21
C40 II0 CK . 12.99 58.87 -32.74
C41 II0 CK . 13.75 59.10 -30.36
C42 II0 CK . 14.04 58.64 -31.62
O01 II0 CK . 22.63 59.09 -18.68
O02 II0 CK . 3.80 61.28 -42.33
C03 II0 DK . 22.30 68.96 -29.15
C04 II0 DK . -0.20 69.44 -19.75
C05 II0 DK . 23.46 67.82 -29.36
C06 II0 DK . -0.36 70.58 -20.96
C07 II0 DK . 24.30 67.72 -28.32
C08 II0 DK . -0.09 70.09 -22.21
C09 II0 DK . 21.78 69.20 -27.80
C10 II0 DK . -0.07 68.07 -20.22
C11 II0 DK . 23.40 67.38 -26.92
C12 II0 DK . -1.04 68.76 -22.53
C13 II0 DK . 22.42 68.37 -26.62
C14 II0 DK . -1.01 67.74 -21.48
C15 II0 DK . 22.77 70.30 -29.79
C16 II0 DK . 21.07 68.37 -29.92
C17 II0 DK . 1.02 69.84 -18.88
C18 II0 DK . -1.50 69.51 -18.84
C19 II0 DK . 22.46 69.01 -25.26
C20 II0 DK . -1.32 66.28 -21.85
C21 II0 DK . 20.29 69.69 -27.65
C22 II0 DK . 1.34 67.39 -20.18
C23 II0 DK . 19.14 70.03 -27.53
C24 II0 DK . 2.45 66.93 -20.20
C25 II0 DK . 17.64 70.37 -27.28
C26 II0 DK . 3.92 66.45 -20.33
C27 II0 DK . 16.73 70.97 -28.36
C28 II0 DK . 4.41 65.15 -19.73
C29 II0 DK . 17.15 70.12 -26.04
C30 II0 DK . 4.74 67.25 -21.01
C31 II0 DK . 15.65 70.44 -25.76
C32 II0 DK . 6.22 66.90 -21.24
C33 II0 DK . 14.93 69.46 -25.20
C34 II0 DK . 7.00 67.84 -21.76
C35 II0 DK . 13.47 69.69 -24.89
C36 II0 DK . 8.48 67.51 -22.01
C37 II0 DK . 12.81 71.02 -25.25
C38 II0 DK . 9.10 66.24 -21.45
C39 II0 DK . 12.78 68.70 -24.29
C40 II0 DK . 9.19 68.38 -22.74
C41 II0 DK . 11.30 68.92 -23.95
C42 II0 DK . 10.70 68.11 -23.04
O01 II0 DK . 25.12 66.61 -28.56
O02 II0 DK . -0.38 71.08 -23.19
C02 IHT EK . 19.25 67.33 -21.54
C03 IHT EK . 1.34 56.51 -32.79
C04 IHT EK . 20.06 68.13 -22.74
C05 IHT EK . 0.33 55.31 -33.33
C06 IHT EK . 20.07 69.46 -22.55
C07 IHT EK . 17.89 67.82 -21.39
C08 IHT EK . -0.34 55.66 -34.45
C09 IHT EK . 18.55 70.11 -22.37
C10 IHT EK . 17.76 69.41 -21.40
C11 IHT EK . 2.31 56.78 -33.85
C12 IHT EK . 0.71 56.06 -35.75
C13 IHT EK . 19.24 65.79 -21.84
C14 IHT EK . 20.02 67.57 -20.16
C15 IHT EK . 2.06 56.18 -35.33
C16 IHT EK . 0.53 57.74 -32.46
C17 IHT EK . 2.07 56.04 -31.54
C18 IHT EK . 16.71 66.98 -21.91
C19 IHT EK . 17.28 70.14 -20.14
C20 IHT EK . 3.16 56.28 -36.41
C21 IHT EK . 3.69 57.42 -33.53
C22 IHT EK . 16.01 66.23 -21.06
C23 IHT EK . 14.79 65.39 -21.62
C24 IHT EK . 4.78 57.92 -33.30
C25 IHT EK . 14.22 64.19 -20.81
C26 IHT EK . 6.13 58.60 -32.97
C27 IHT EK . 14.24 65.75 -22.81
C28 IHT EK . 7.08 59.03 -34.08
C29 IHT EK . 6.43 58.82 -31.68
C30 IHT EK . 13.02 64.95 -23.40
C31 IHT EK . 7.74 59.49 -31.26
C32 IHT EK . 13.11 64.40 -24.62
C33 IHT EK . 11.90 63.64 -25.15
C34 IHT EK . 7.98 59.61 -29.94
C35 IHT EK . 9.30 60.29 -29.48
C36 IHT EK . 10.80 63.20 -24.18
C37 IHT EK . 11.78 63.36 -26.47
C38 IHT EK . 9.36 60.84 -28.25
C39 IHT EK . 10.51 60.36 -30.45
C40 IHT EK . 10.53 62.61 -26.98
C41 IHT EK . 10.65 61.55 -27.76
O01 IHT EK . -1.12 54.57 -34.86
C03 II0 FK . 2.10 56.58 -60.08
C04 II0 FK . 17.62 52.29 -41.09
C05 II0 FK . 1.11 55.93 -61.23
C06 II0 FK . 19.19 51.85 -40.71
C07 II0 FK . 0.96 54.57 -61.14
C08 II0 FK . 20.20 52.61 -41.22
C09 II0 FK . 2.44 55.66 -58.99
C10 II0 FK . 17.37 53.71 -41.35
C11 II0 FK . 0.58 53.99 -59.57
C12 II0 FK . 19.86 54.23 -41.14
C13 II0 FK . 1.24 54.71 -58.53
C14 II0 FK . 18.63 54.59 -41.80
C15 II0 FK . 3.35 57.32 -60.69
C16 II0 FK . 1.17 57.62 -59.39
C17 II0 FK . 17.27 51.57 -42.40
C18 II0 FK . 16.66 51.71 -39.99
C19 II0 FK . 0.80 54.64 -57.07
C20 II0 FK . 18.72 54.93 -43.29
C21 II0 FK . 3.67 55.89 -58.06
C22 II0 FK . 15.97 54.16 -41.89
C23 II0 FK . 4.66 56.00 -57.37
C24 II0 FK . 14.93 54.49 -42.38
C25 II0 FK . 5.99 56.03 -56.57
C26 II0 FK . 13.63 54.86 -43.15
C27 II0 FK . 7.32 56.09 -57.34
C28 II0 FK . 12.27 54.70 -42.50
C29 II0 FK . 5.99 56.01 -55.19
C30 II0 FK . 13.75 55.30 -44.40
C31 II0 FK . 7.38 56.02 -54.46
C32 II0 FK . 12.51 55.66 -45.26
C33 II0 FK . 7.79 57.09 -53.75
C34 II0 FK . 12.70 55.98 -46.54
C35 II0 FK . 9.16 56.98 -53.07
C36 II0 FK . 11.48 56.30 -47.40
C37 II0 FK . 10.44 57.24 -53.83
C38 II0 FK . 10.23 56.93 -46.79
C39 II0 FK . 9.17 56.61 -51.78
C40 II0 FK . 11.53 55.96 -48.70
C41 II0 FK . 10.48 56.43 -50.97
C42 II0 FK . 10.31 56.20 -49.64
O01 II0 FK . -0.11 54.22 -62.00
O02 II0 FK . 21.38 52.39 -40.45
O1 LHG GK . 30.39 76.64 -25.51
C1 LHG GK . 30.03 76.14 -26.81
C2 LHG GK . 29.86 74.63 -26.78
O2 LHG GK . 31.12 74.00 -26.97
C3 LHG GK . 28.90 74.23 -27.89
O3 LHG GK . 28.34 72.95 -27.60
P LHG GK . 26.93 72.46 -28.19
O4 LHG GK . 26.98 70.96 -28.25
O5 LHG GK . 26.57 73.28 -29.42
O6 LHG GK . 25.92 72.88 -27.01
C4 LHG GK . 24.52 72.92 -27.24
C5 LHG GK . 23.74 72.98 -25.93
C6 LHG GK . 22.30 72.58 -26.22
O7 LHG GK . 24.31 72.09 -24.97
C7 LHG GK . 23.79 72.32 -23.64
O9 LHG GK . 23.07 71.46 -23.15
C8 LHG GK . 24.15 73.57 -22.87
C9 LHG GK . 23.89 73.44 -21.36
C10 LHG GK . 22.43 73.73 -20.96
O8 LHG GK . 21.51 73.75 -26.41
C23 LHG GK . 20.18 73.78 -25.82
O10 LHG GK . 19.22 73.99 -26.54
C24 LHG GK . 20.00 73.54 -24.34
C11 LHG GK . 22.23 73.55 -19.46
C12 LHG GK . 23.17 74.47 -18.68
C13 LHG GK . 22.90 74.41 -17.18
C14 LHG GK . 23.86 75.33 -16.45
C25 LHG GK . 18.52 73.58 -24.03
C26 LHG GK . 18.29 73.62 -22.53
C27 LHG GK . 16.82 73.72 -22.19
C28 LHG GK . 16.63 73.89 -20.68
C29 LHG GK . 17.42 75.09 -20.15
C30 LHG GK . 17.55 75.04 -18.63
C31 LHG GK . 18.15 73.70 -18.21
C32 LHG GK . 18.28 73.54 -16.70
C33 LHG GK . 18.69 72.12 -16.33
C34 LHG GK . 19.89 71.61 -17.13
C1B LMU HK . 22.97 -5.61 -50.20
C2B LMU HK . 23.81 -6.82 -49.79
C3B LMU HK . 23.10 -7.66 -48.80
C4B LMU HK . 22.63 -6.84 -47.62
C5B LMU HK . 21.62 -5.79 -48.07
C6B LMU HK . 21.92 -4.46 -47.49
O1B LMU HK . 22.88 -5.46 -51.59
O2B LMU HK . 24.16 -7.62 -50.94
O3B LMU HK . 23.95 -8.75 -48.36
O4' LMU HK . 22.03 -7.71 -46.64
O5B LMU HK . 21.61 -5.64 -49.54
O6B LMU HK . 21.24 -3.48 -48.22
C1' LMU HK . 19.08 -5.78 -53.46
C2' LMU HK . 19.40 -4.46 -52.78
C3' LMU HK . 20.84 -4.30 -52.42
C4' LMU HK . 21.54 -5.60 -52.12
C5' LMU HK . 21.54 -6.37 -53.44
C6' LMU HK . 21.89 -7.81 -53.29
O1' LMU HK . 18.05 -5.60 -54.32
O2' LMU HK . 19.03 -3.40 -53.67
O3' LMU HK . 20.90 -3.34 -51.32
O5' LMU HK . 20.27 -6.32 -54.19
O6' LMU HK . 20.94 -8.58 -53.98
C1 LMU HK . 17.01 -6.49 -54.00
C2 LMU HK . 15.75 -5.66 -53.73
C3 LMU HK . 14.70 -6.62 -53.11
C4 LMU HK . 14.20 -5.92 -51.82
C5 LMU HK . 13.00 -6.73 -51.24
C6 LMU HK . 12.82 -6.24 -49.77
C7 LMU HK . 11.38 -5.77 -49.64
C8 LMU HK . 11.13 -5.37 -48.19
C9 LMU HK . 9.64 -5.35 -48.01
C10 LMU HK . 9.27 -4.90 -46.60
C11 LMU HK . 7.74 -5.05 -46.50
C12 LMU HK . 7.31 -5.08 -45.04
MG CLA IK . 23.78 11.02 -74.55
CHA CLA IK . 23.95 8.74 -77.17
CHB CLA IK . 25.70 13.20 -76.39
CHC CLA IK . 22.73 13.63 -72.62
CHD CLA IK . 21.13 9.05 -73.16
NA CLA IK . 24.69 10.95 -76.45
C1A CLA IK . 24.63 9.91 -77.40
C2A CLA IK . 25.48 10.26 -78.65
C3A CLA IK . 26.18 11.59 -78.25
C4A CLA IK . 25.48 11.96 -76.95
CMA CLA IK . 27.68 11.46 -78.10
CAA CLA IK . 24.77 10.27 -80.01
CBA CLA IK . 24.54 11.58 -80.76
CGA CLA IK . 23.58 12.51 -80.08
O1A CLA IK . 23.73 13.71 -79.81
O2A CLA IK . 22.41 11.91 -79.73
NB CLA IK . 24.16 12.99 -74.51
C1B CLA IK . 25.09 13.66 -75.23
C2B CLA IK . 25.35 15.01 -74.64
C3B CLA IK . 24.51 15.12 -73.58
C4B CLA IK . 23.72 13.87 -73.50
CMB CLA IK . 26.28 15.99 -75.20
CAB CLA IK . 24.28 16.24 -72.71
CBB CLA IK . 24.35 16.31 -71.40
NC CLA IK . 22.26 11.27 -73.12
C1C CLA IK . 22.04 12.42 -72.43
C2C CLA IK . 20.93 12.29 -71.51
C3C CLA IK . 20.45 11.00 -71.69
C4C CLA IK . 21.29 10.36 -72.69
CMC CLA IK . 20.43 13.34 -70.63
CAC CLA IK . 19.29 10.43 -71.00
CBC CLA IK . 19.73 9.74 -69.75
ND CLA IK . 22.76 9.32 -74.98
C1D CLA IK . 21.82 8.55 -74.24
C2D CLA IK . 21.69 7.22 -74.83
C3D CLA IK . 22.47 7.24 -75.97
C4D CLA IK . 23.11 8.58 -76.02
CMD CLA IK . 20.85 6.15 -74.29
CAD CLA IK . 22.93 6.49 -77.11
OBD CLA IK . 22.66 5.35 -77.46
CBD CLA IK . 23.88 7.42 -77.91
CGD CLA IK . 25.24 6.80 -78.01
O1D CLA IK . 25.72 6.17 -78.96
O2D CLA IK . 25.99 6.99 -76.91
CED CLA IK . 27.37 7.32 -77.08
C1 CLA IK . 21.91 12.36 -78.46
C2 CLA IK . 20.78 11.49 -78.04
C3 CLA IK . 20.15 11.68 -76.88
C4 CLA IK . 20.53 12.76 -75.93
C5 CLA IK . 19.01 10.83 -76.47
C6 CLA IK . 17.80 11.72 -76.28
MG CLA JK . 18.96 -1.88 -71.29
CHA CLA JK . 22.27 -1.13 -70.51
CHB CLA JK . 18.96 -4.16 -68.74
CHC CLA JK . 15.55 -1.88 -71.31
CHD CLA JK . 18.91 1.09 -73.25
NA CLA JK . 20.39 -2.56 -69.94
C1A CLA JK . 21.71 -2.13 -69.76
C2A CLA JK . 22.38 -2.92 -68.65
C3A CLA JK . 21.46 -4.13 -68.50
C4A CLA JK . 20.15 -3.59 -69.08
CMA CLA JK . 22.02 -5.27 -69.31
CAA CLA JK . 22.36 -2.09 -67.38
CBA CLA JK . 21.63 -2.78 -66.25
CGA CLA JK . 20.46 -1.96 -65.82
O1A CLA JK . 20.45 -0.79 -65.44
O2A CLA JK . 19.26 -2.58 -65.85
NB CLA JK . 17.53 -2.76 -70.17
C1B CLA JK . 17.74 -3.73 -69.24
C2B CLA JK . 16.45 -4.36 -68.85
C3B CLA JK . 15.47 -3.73 -69.57
C4B CLA JK . 16.15 -2.72 -70.44
CMB CLA JK . 16.40 -5.45 -67.87
CAB CLA JK . 14.05 -3.97 -69.60
CBB CLA JK . 13.23 -4.03 -68.56
NC CLA JK . 17.52 -0.70 -72.22
C1C CLA JK . 16.18 -0.95 -72.18
C2C CLA JK . 15.48 -0.02 -73.05
C3C CLA JK . 16.41 0.92 -73.47
C4C CLA JK . 17.69 0.48 -72.95
CMC CLA JK . 14.05 -0.04 -73.34
CAC CLA JK . 16.20 2.04 -74.38
CBC CLA JK . 15.79 3.31 -73.66
ND CLA JK . 20.27 -0.50 -71.97
C1D CLA JK . 20.12 0.63 -72.80
C2D CLA JK . 21.43 1.24 -73.05
C3D CLA JK . 22.31 0.59 -72.22
C4D CLA JK . 21.51 -0.43 -71.50
CMD CLA JK . 21.64 2.33 -74.00
CAD CLA JK . 23.67 0.49 -71.74
OBD CLA JK . 24.67 1.08 -72.10
CBD CLA JK . 23.68 -0.55 -70.57
CGD CLA JK . 24.79 -1.52 -70.85
O1D CLA JK . 26.00 -1.29 -70.87
O2D CLA JK . 24.45 -2.81 -71.14
CED CLA JK . 25.50 -3.72 -70.86
C1 CLA JK . 18.15 -1.74 -66.20
C2 CLA JK . 17.10 -1.96 -65.19
C3 CLA JK . 15.81 -1.68 -65.45
C4 CLA JK . 15.37 -1.15 -66.75
C5 CLA JK . 14.77 -1.91 -64.41
MG CLA KK . 9.60 -6.99 -66.46
CHA CLA KK . 11.81 -8.92 -64.58
CHB CLA KK . 11.35 -4.19 -65.60
CHC CLA KK . 7.14 -5.02 -67.82
CHD CLA KK . 7.50 -9.83 -66.79
NA CLA KK . 11.31 -6.63 -65.29
C1A CLA KK . 12.11 -7.58 -64.61
C2A CLA KK . 13.28 -6.87 -63.93
C3A CLA KK . 13.06 -5.38 -64.21
C4A CLA KK . 11.83 -5.38 -65.11
CMA CLA KK . 12.76 -4.63 -62.93
CAA CLA KK . 14.60 -7.28 -64.58
CBA CLA KK . 15.73 -6.32 -64.42
CGA CLA KK . 16.24 -6.39 -63.01
O1A CLA KK . 16.73 -7.35 -62.42
O2A CLA KK . 16.13 -5.17 -62.40
NB CLA KK . 9.31 -5.00 -66.66
C1B CLA KK . 10.21 -4.04 -66.38
C2B CLA KK . 9.80 -2.74 -66.97
C3B CLA KK . 8.59 -2.97 -67.61
C4B CLA KK . 8.26 -4.41 -67.40
CMB CLA KK . 10.59 -1.53 -66.80
CAB CLA KK . 7.70 -2.08 -68.31
CBB CLA KK . 7.26 -0.90 -67.88
NC CLA KK . 7.68 -7.36 -67.17
C1C CLA KK . 6.85 -6.41 -67.71
C2C CLA KK . 5.60 -7.02 -68.15
C3C CLA KK . 5.69 -8.38 -67.83
C4C CLA KK . 7.00 -8.59 -67.24
CMC CLA KK . 4.50 -6.29 -68.75
CAC CLA KK . 4.69 -9.43 -68.10
CBC CLA KK . 3.68 -9.56 -66.98
ND CLA KK . 9.55 -8.91 -65.81
C1D CLA KK . 8.68 -9.99 -66.12
C2D CLA KK . 9.26 -11.24 -65.59
C3D CLA KK . 10.46 -10.89 -64.99
C4D CLA KK . 10.60 -9.43 -65.16
CMD CLA KK . 8.65 -12.56 -65.71
CAD CLA KK . 11.60 -11.36 -64.27
OBD CLA KK . 11.90 -12.47 -63.86
CBD CLA KK . 12.51 -10.14 -64.00
CGD CLA KK . 12.87 -9.99 -62.54
O1D CLA KK . 13.87 -10.46 -61.98
O2D CLA KK . 11.99 -9.26 -61.81
CED CLA KK . 12.53 -8.43 -60.78
C1 CLA KK . 16.57 -5.01 -61.05
C2 CLA KK . 15.52 -5.55 -60.14
C3 CLA KK . 14.59 -4.77 -59.54
C4 CLA KK . 14.55 -3.31 -59.74
C5 CLA KK . 13.58 -5.38 -58.65
C6 CLA KK . 13.76 -4.93 -57.21
MG CLA LK . -0.97 -12.80 -81.75
CHA CLA LK . -4.27 -13.70 -82.27
CHB CLA LK . -1.40 -13.28 -78.37
CHC CLA LK . 2.43 -12.58 -81.24
CHD CLA LK . -0.36 -13.26 -85.21
NA CLA LK . -2.57 -13.39 -80.54
C1A CLA LK . -3.88 -13.71 -80.95
C2A CLA LK . -4.76 -14.12 -79.77
C3A CLA LK . -3.85 -13.86 -78.55
C4A CLA LK . -2.50 -13.50 -79.17
CMA CLA LK . -4.45 -12.84 -77.64
CAA CLA LK . -5.16 -15.58 -79.77
CBA CLA LK . -4.01 -16.57 -79.77
CGA CLA LK . -3.70 -17.01 -81.16
O1A CLA LK . -4.47 -17.51 -81.98
O2A CLA LK . -2.39 -16.79 -81.51
NB CLA LK . 0.26 -12.92 -80.14
C1B CLA LK . -0.13 -12.97 -78.84
C2B CLA LK . 1.02 -12.64 -77.95
C3B CLA LK . 2.12 -12.44 -78.75
C4B CLA LK . 1.64 -12.62 -80.15
CMB CLA LK . 0.85 -12.65 -76.51
CAB CLA LK . 3.51 -12.14 -78.49
CBB CLA LK . 4.08 -11.62 -77.40
NC CLA LK . 0.71 -12.87 -83.01
C1C CLA LK . 1.99 -12.70 -82.59
C2C CLA LK . 2.92 -12.73 -83.71
C3C CLA LK . 2.15 -13.03 -84.84
C4C CLA LK . 0.76 -13.11 -84.38
CMC CLA LK . 4.36 -12.54 -83.54
CAC CLA LK . 2.57 -13.24 -86.24
CBC CLA LK . 3.15 -12.07 -86.99
ND CLA LK . -2.00 -13.37 -83.39
C1D CLA LK . -1.66 -13.36 -84.78
C2D CLA LK . -2.90 -13.48 -85.57
C3D CLA LK . -3.93 -13.56 -84.66
C4D CLA LK . -3.32 -13.54 -83.32
CMD CLA LK . -2.96 -13.47 -87.03
CAD CLA LK . -5.37 -13.72 -84.48
OBD CLA LK . -6.26 -13.78 -85.30
CBD CLA LK . -5.61 -13.79 -82.94
CGD CLA LK . -6.44 -12.62 -82.49
O1D CLA LK . -7.49 -12.61 -81.87
O2D CLA LK . -5.92 -11.42 -82.84
CED CLA LK . -6.75 -10.45 -83.46
C1 CLA LK . -2.13 -16.87 -82.93
C2 CLA LK . -0.67 -16.82 -83.18
C3 CLA LK . -0.17 -16.99 -84.42
C4 CLA LK . -1.04 -17.23 -85.60
C5 CLA LK . 1.29 -16.96 -84.72
C6 CLA LK . 2.22 -16.68 -83.57
C7 CLA LK . 3.44 -17.55 -83.74
C8 CLA LK . 4.77 -16.81 -83.61
C9 CLA LK . 4.86 -16.01 -82.33
C10 CLA LK . 4.98 -15.95 -84.86
C11 CLA LK . 6.12 -16.50 -85.69
C12 CLA LK . 7.44 -16.25 -85.00
C13 CLA LK . 8.66 -17.08 -85.43
C14 CLA LK . 8.43 -17.90 -86.69
C15 CLA LK . 9.22 -18.00 -84.33
C16 CLA LK . 8.63 -17.80 -82.94
C17 CLA LK . 8.99 -18.87 -81.93
C18 CLA LK . 7.99 -18.84 -80.80
C19 CLA LK . 8.48 -19.59 -79.56
C20 CLA LK . 6.66 -19.42 -81.25
MG CLA MK . -3.88 -25.58 -78.91
CHA CLA MK . -6.87 -23.91 -79.47
CHB CLA MK . -5.42 -28.51 -79.74
CHC CLA MK . -0.82 -27.08 -79.15
CHD CLA MK . -2.27 -22.42 -78.64
NA CLA MK . -5.81 -26.10 -79.53
C1A CLA MK . -6.92 -25.26 -79.69
C2A CLA MK . -8.14 -26.04 -80.16
C3A CLA MK . -7.70 -27.50 -79.99
C4A CLA MK . -6.19 -27.38 -79.77
CMA CLA MK . -8.37 -28.14 -78.80
CAA CLA MK . -8.37 -25.72 -81.63
CBA CLA MK . -9.62 -26.37 -82.18
CGA CLA MK . -10.81 -26.00 -81.34
O1A CLA MK . -11.26 -24.88 -81.10
O2A CLA MK . -11.43 -27.09 -80.80
NB CLA MK . -3.24 -27.40 -79.47
C1B CLA MK . -4.03 -28.50 -79.52
C2B CLA MK . -3.25 -29.75 -79.26
C3B CLA MK . -1.95 -29.35 -79.09
C4B CLA MK . -1.92 -27.87 -79.23
CMB CLA MK . -3.86 -31.08 -79.25
CAB CLA MK . -0.77 -30.13 -78.85
CBB CLA MK . -0.35 -30.54 -77.64
NC CLA MK . -1.91 -24.87 -78.91
C1C CLA MK . -0.82 -25.67 -79.00
C2C CLA MK . 0.41 -24.88 -78.94
C3C CLA MK . 0.00 -23.56 -78.80
C4C CLA MK . -1.46 -23.56 -78.76
CMC CLA MK . 1.75 -25.44 -79.03
CAC CLA MK . 0.88 -22.38 -78.68
CBC CLA MK . 1.30 -22.07 -77.26
ND CLA MK . -4.38 -23.63 -79.01
C1D CLA MK . -3.64 -22.44 -78.77
C2D CLA MK . -4.58 -21.31 -78.69
C3D CLA MK . -5.84 -21.81 -78.93
C4D CLA MK . -5.65 -23.27 -79.15
CMD CLA MK . -4.22 -19.93 -78.42
CAD CLA MK . -7.24 -21.51 -79.06
OBD CLA MK . -7.84 -20.44 -78.93
CBD CLA MK . -7.95 -22.85 -79.42
CGD CLA MK . -8.99 -23.18 -78.39
O1D CLA MK . -10.10 -23.68 -78.55
O2D CLA MK . -8.62 -22.87 -77.12
CED CLA MK . -8.68 -23.96 -76.19
C1 CLA MK . -12.16 -27.92 -81.71
C2 CLA MK . -13.46 -27.22 -81.97
C3 CLA MK . -14.03 -27.21 -83.18
C4 CLA MK . -13.41 -27.90 -84.34
C5 CLA MK . -15.32 -26.50 -83.40
C6 CLA MK . -15.55 -26.17 -84.86
MG CLA NK . 8.81 -16.10 -68.54
CHA CLA NK . 11.52 -14.38 -67.33
CHB CLA NK . 9.42 -18.57 -66.21
CHC CLA NK . 5.55 -17.19 -68.79
CHD CLA NK . 7.85 -13.18 -70.34
NA CLA NK . 10.27 -16.45 -67.10
C1A CLA NK . 11.33 -15.60 -66.75
C2A CLA NK . 12.16 -16.25 -65.66
C3A CLA NK . 11.71 -17.72 -65.66
C4A CLA NK . 10.36 -17.59 -66.35
CMA CLA NK . 12.69 -18.58 -66.40
CAA CLA NK . 11.77 -15.66 -64.34
CBA CLA NK . 12.87 -15.85 -63.33
CGA CLA NK . 12.50 -15.21 -62.04
O1A CLA NK . 11.56 -15.51 -61.30
O2A CLA NK . 13.37 -14.26 -61.64
NB CLA NK . 7.72 -17.56 -67.67
C1B CLA NK . 8.16 -18.50 -66.79
C2B CLA NK . 7.10 -19.51 -66.52
C3B CLA NK . 5.99 -19.10 -67.23
C4B CLA NK . 6.38 -17.89 -67.98
CMB CLA NK . 7.36 -20.62 -65.60
CAB CLA NK . 4.66 -19.63 -67.41
CBB CLA NK . 4.01 -20.54 -66.68
NC CLA NK . 7.08 -15.37 -69.49
C1C CLA NK . 5.89 -16.03 -69.50
C2C CLA NK . 4.89 -15.30 -70.27
C3C CLA NK . 5.52 -14.14 -70.68
C4C CLA NK . 6.90 -14.19 -70.20
CMC CLA NK . 3.52 -15.77 -70.47
CAC CLA NK . 4.91 -13.10 -71.53
CBC CLA NK . 5.01 -13.49 -72.98
ND CLA NK . 9.54 -14.26 -68.93
C1D CLA NK . 9.08 -13.18 -69.72
C2D CLA NK . 10.10 -12.12 -69.72
C3D CLA NK . 11.05 -12.52 -68.80
C4D CLA NK . 10.64 -13.84 -68.31
CMD CLA NK . 9.98 -10.89 -70.47
CAD CLA NK . 12.30 -12.19 -68.14
OBD CLA NK . 13.02 -11.22 -68.29
CBD CLA NK . 12.59 -13.33 -67.12
CGD CLA NK . 13.97 -13.90 -67.21
O1D CLA NK . 14.33 -14.97 -67.71
O2D CLA NK . 14.89 -13.11 -66.61
CED CLA NK . 16.25 -13.47 -66.80
C1 CLA NK . 14.21 -14.67 -60.54
C2 CLA NK . 15.16 -13.57 -60.27
C3 CLA NK . 15.00 -12.61 -59.35
C4 CLA NK . 16.02 -11.55 -59.17
C5 CLA NK . 13.79 -12.62 -58.49
C6 CLA NK . 13.22 -11.26 -58.17
C7 CLA NK . 11.81 -11.46 -57.66
C8 CLA NK . 10.81 -11.29 -58.80
C9 CLA NK . 9.99 -10.05 -58.50
C10 CLA NK . 9.90 -12.51 -59.02
C11 CLA NK . 8.80 -12.22 -60.03
C12 CLA NK . 7.81 -13.36 -60.22
C13 CLA NK . 8.46 -14.58 -60.84
C14 CLA NK . 8.12 -14.70 -62.32
C15 CLA NK . 8.10 -15.86 -60.10
C16 CLA NK . 9.11 -16.19 -59.02
MG CLA OK . 17.45 -13.07 -81.93
CHA CLA OK . 19.78 -15.49 -81.11
CHB CLA OK . 19.74 -11.63 -84.04
CHC CLA OK . 14.95 -11.16 -83.33
CHD CLA OK . 14.98 -15.01 -80.29
NA CLA OK . 19.43 -13.49 -82.47
C1A CLA OK . 20.23 -14.55 -82.00
C2A CLA OK . 21.62 -14.50 -82.60
C3A CLA OK . 21.64 -13.13 -83.32
C4A CLA OK . 20.16 -12.72 -83.30
CMA CLA OK . 22.52 -12.14 -82.61
CAA CLA OK . 21.82 -15.66 -83.58
CBA CLA OK . 20.70 -15.73 -84.58
CGA CLA OK . 21.17 -15.23 -85.92
O1A CLA OK . 21.79 -15.83 -86.79
O2A CLA OK . 20.84 -13.92 -86.13
NB CLA OK . 17.36 -11.68 -83.40
C1B CLA OK . 18.41 -11.17 -84.09
C2B CLA OK . 17.99 -10.02 -84.94
C3B CLA OK . 16.64 -9.88 -84.75
C4B CLA OK . 16.22 -10.93 -83.77
CMB CLA OK . 18.90 -9.28 -85.81
CAB CLA OK . 15.71 -8.96 -85.35
CBB CLA OK . 15.52 -7.70 -84.97
NC CLA OK . 15.37 -13.06 -81.80
C1C CLA OK . 14.54 -12.15 -82.40
C2C CLA OK . 13.16 -12.38 -81.99
C3C CLA OK . 13.16 -13.53 -81.23
C4C CLA OK . 14.54 -13.94 -81.09
CMC CLA OK . 12.00 -11.58 -82.40
CAC CLA OK . 12.00 -14.16 -80.58
CBC CLA OK . 11.48 -15.37 -81.34
ND CLA OK . 17.33 -14.82 -80.93
C1D CLA OK . 16.28 -15.43 -80.19
C2D CLA OK . 16.82 -16.53 -79.38
C3D CLA OK . 18.18 -16.60 -79.69
C4D CLA OK . 18.42 -15.53 -80.67
CMD CLA OK . 16.02 -17.32 -78.46
CAD CLA OK . 19.45 -17.27 -79.44
OBD CLA OK . 19.71 -18.17 -78.66
CBD CLA OK . 20.50 -16.61 -80.39
CGD CLA OK . 21.69 -16.09 -79.64
O1D CLA OK . 22.87 -16.44 -79.75
O2D CLA OK . 21.39 -15.13 -78.72
CED CLA OK . 22.19 -13.94 -78.71
C1 CLA OK . 20.28 -13.58 -87.42
C2 CLA OK . 18.86 -13.23 -87.21
C3 CLA OK . 18.11 -12.58 -88.12
C4 CLA OK . 18.68 -12.16 -89.42
C5 CLA OK . 16.69 -12.27 -87.84
C6 CLA OK . 15.81 -12.57 -89.04
MG CLA PK . 20.37 3.80 -85.25
CHA CLA PK . 21.22 0.50 -86.05
CHB CLA PK . 23.25 4.84 -86.79
CHC CLA PK . 19.09 6.98 -85.47
CHD CLA PK . 17.18 2.64 -84.26
NA CLA PK . 21.97 2.82 -86.18
C1A CLA PK . 22.14 1.44 -86.46
C2A CLA PK . 23.49 1.20 -87.14
C3A CLA PK . 24.23 2.52 -86.87
C4A CLA PK . 23.08 3.49 -86.61
CMA CLA PK . 25.13 2.37 -85.68
CAA CLA PK . 23.55 0.95 -88.65
CBA CLA PK . 22.31 1.15 -89.50
CGA CLA PK . 21.86 2.58 -89.65
O1A CLA PK . 22.48 3.56 -90.07
O2A CLA PK . 20.57 2.75 -89.24
NB CLA PK . 21.03 5.55 -86.00
C1B CLA PK . 22.25 5.79 -86.53
C2B CLA PK . 22.44 7.25 -86.75
C3B CLA PK . 21.28 7.86 -86.38
C4B CLA PK . 20.37 6.79 -85.89
CMB CLA PK . 23.67 7.82 -87.31
CAB CLA PK . 20.89 9.25 -86.42
CBB CLA PK . 20.23 9.83 -87.43
NC CLA PK . 18.49 4.65 -84.90
C1C CLA PK . 18.21 5.97 -85.01
C2C CLA PK . 16.83 6.23 -84.63
C3C CLA PK . 16.26 4.99 -84.33
C4C CLA PK . 17.33 4.01 -84.48
CMC CLA PK . 16.22 7.57 -84.66
CAC CLA PK . 14.88 4.70 -83.89
CBC CLA PK . 13.96 4.32 -85.03
ND CLA PK . 19.41 2.03 -85.08
C1D CLA PK . 18.16 1.71 -84.52
C2D CLA PK . 18.06 0.25 -84.37
C3D CLA PK . 19.20 -0.27 -84.97
C4D CLA PK . 20.00 0.88 -85.41
CMD CLA PK . 16.92 -0.40 -83.76
CAD CLA PK . 19.94 -1.46 -85.29
OBD CLA PK . 19.63 -2.62 -85.07
CBD CLA PK . 21.23 -1.01 -86.04
CGD CLA PK . 22.50 -1.65 -85.51
O1D CLA PK . 23.31 -1.18 -84.70
O2D CLA PK . 22.75 -2.88 -86.02
CED CLA PK . 22.84 -3.02 -87.43
C1 CLA PK . 20.07 4.10 -89.20
NB KC2 QK . 12.84 -4.70 -87.86
ND KC2 QK . 15.75 -1.95 -87.62
C1A KC2 QK . 17.09 -4.81 -88.64
C1B KC2 QK . 12.95 -5.98 -88.21
C1C KC2 QK . 11.57 -2.02 -87.49
C1D KC2 QK . 15.73 -0.60 -87.49
C2A KC2 QK . 17.60 -6.07 -89.25
C2B KC2 QK . 11.65 -6.60 -88.59
C2C KC2 QK . 10.97 -0.70 -87.43
C2D KC2 QK . 17.04 -0.07 -87.89
C3A KC2 QK . 16.41 -6.96 -89.18
C3B KC2 QK . 10.67 -5.54 -88.35
C3C KC2 QK . 12.10 0.21 -87.24
C3D KC2 QK . 17.83 -1.23 -88.29
C4A KC2 QK . 15.36 -6.14 -88.55
C4B KC2 QK . 11.52 -4.42 -87.90
C4C KC2 QK . 13.25 -0.74 -87.21
C4D KC2 QK . 17.03 -2.37 -88.07
CAA KC2 QK . 18.88 -6.49 -89.83
CAB KC2 QK . 9.20 -5.43 -88.52
CAC KC2 QK . 11.97 1.71 -87.14
CAD KC2 QK . 19.19 -1.63 -88.77
CBA KC2 QK . 19.95 -6.96 -89.25
CBB KC2 QK . 8.31 -5.61 -87.55
CBC KC2 QK . 11.95 2.31 -88.53
CBD KC2 QK . 19.15 -3.07 -88.91
CED KC2 QK . 20.95 -3.16 -92.25
CGA KC2 QK . 20.59 -7.96 -90.08
CGD KC2 QK . 19.37 -3.24 -90.37
CHA KC2 QK . 17.82 -3.56 -88.48
CHB KC2 QK . 14.10 -6.85 -88.38
CHC KC2 QK . 10.77 -3.22 -87.66
CHD KC2 QK . 14.49 0.05 -87.04
CMA KC2 QK . 16.25 -8.39 -89.63
CMB KC2 QK . 11.35 -8.01 -89.04
CMC KC2 QK . 9.48 -0.45 -87.56
CMD KC2 QK . 17.23 1.42 -87.86
NA KC2 QK . 15.69 -4.88 -88.21
NC KC2 QK . 12.89 -2.17 -87.34
O1A KC2 QK . 19.96 -9.02 -90.22
O1D KC2 QK . 18.47 -3.09 -91.19
O2A KC2 QK . 21.36 -7.51 -90.98
O2D KC2 QK . 20.73 -3.30 -90.85
OBD KC2 QK . 19.80 -0.65 -89.35
MG KC2 QK . 14.43 -3.51 -87.32
MG CLA RK . 3.43 6.73 -78.02
CHA CLA RK . 0.81 8.91 -78.62
CHB CLA RK . 4.60 7.30 -81.19
CHC CLA RK . 6.42 5.23 -77.20
CHD CLA RK . 2.56 6.80 -74.58
NA CLA RK . 2.80 7.92 -79.62
C1A CLA RK . 1.68 8.76 -79.66
C2A CLA RK . 1.58 9.46 -81.02
C3A CLA RK . 2.64 8.72 -81.87
C4A CLA RK . 3.44 7.94 -80.83
CMA CLA RK . 2.00 7.82 -82.87
CAA CLA RK . 1.95 10.93 -80.79
CBA CLA RK . 3.04 11.47 -81.69
CGA CLA RK . 4.29 11.73 -80.90
O1A CLA RK . 5.10 10.90 -80.48
O2A CLA RK . 4.50 13.07 -80.66
NB CLA RK . 5.19 6.42 -78.97
C1B CLA RK . 5.38 6.54 -80.31
C2B CLA RK . 6.53 5.70 -80.76
C3B CLA RK . 7.04 5.11 -79.63
C4B CLA RK . 6.21 5.57 -78.49
CMB CLA RK . 6.95 5.65 -82.16
CAB CLA RK . 8.17 4.22 -79.45
CBB CLA RK . 9.44 4.44 -79.76
NC CLA RK . 4.32 6.14 -76.23
C1C CLA RK . 5.54 5.52 -76.12
C2C CLA RK . 5.82 5.18 -74.74
C3C CLA RK . 4.75 5.68 -74.00
C4C CLA RK . 3.80 6.26 -74.94
CMC CLA RK . 7.03 4.51 -74.30
CAC CLA RK . 4.52 5.64 -72.55
CBC CLA RK . 4.17 4.32 -71.98
ND CLA RK . 2.05 7.60 -76.83
C1D CLA RK . 1.72 7.42 -75.46
C2D CLA RK . 0.39 8.03 -75.19
C3D CLA RK . -0.02 8.59 -76.38
C4D CLA RK . 1.07 8.32 -77.35
CMD CLA RK . -0.30 8.00 -73.91
CAD CLA RK . -1.05 9.34 -77.06
OBD CLA RK . -2.14 9.74 -76.65
CBD CLA RK . -0.55 9.58 -78.51
CGD CLA RK . -1.52 8.98 -79.49
O1D CLA RK . -1.72 7.78 -79.73
O2D CLA RK . -2.24 9.89 -80.21
CED CLA RK . -3.66 9.80 -80.15
C1 CLA RK . 4.89 13.49 -79.33
C2 CLA RK . 6.37 13.59 -79.31
C3 CLA RK . 7.06 14.66 -78.88
C4 CLA RK . 6.41 15.87 -78.35
C5 CLA RK . 8.55 14.67 -78.91
C6 CLA RK . 9.11 16.07 -78.69
MG CLA SK . 0.76 2.04 -68.33
CHA CLA SK . -2.32 3.63 -68.47
CHB CLA SK . 2.30 5.10 -68.35
CHC CLA SK . 3.70 0.56 -67.37
CHD CLA SK . -0.92 -1.04 -67.87
NA CLA SK . 0.08 4.01 -68.43
C1A CLA SK . -1.23 4.48 -68.48
C2A CLA SK . -1.21 6.00 -68.57
C3A CLA SK . 0.22 6.29 -69.05
C4A CLA SK . 0.94 5.07 -68.54
CMA CLA SK . 0.43 6.39 -70.54
CAA CLA SK . -1.28 6.60 -67.18
CBA CLA SK . -2.63 6.64 -66.53
CGA CLA SK . -2.83 5.41 -65.69
O1A CLA SK . -3.90 4.92 -65.31
O2A CLA SK . -1.68 4.78 -65.32
NB CLA SK . 2.65 2.69 -68.02
C1B CLA SK . 3.05 3.98 -67.93
C2B CLA SK . 4.42 4.09 -67.38
C3B CLA SK . 4.82 2.80 -67.10
C4B CLA SK . 3.70 1.91 -67.52
CMB CLA SK . 5.05 5.40 -67.18
CAB CLA SK . 6.03 2.24 -66.54
CBB CLA SK . 7.28 2.68 -66.70
NC CLA SK . 1.31 0.10 -67.80
C1C CLA SK . 2.57 -0.30 -67.53
C2C CLA SK . 2.62 -1.73 -67.29
C3C CLA SK . 1.29 -2.17 -67.34
C4C CLA SK . 0.48 -1.02 -67.69
CMC CLA SK . 3.83 -2.49 -66.98
CAC CLA SK . 0.81 -3.55 -67.17
CBC CLA SK . 0.33 -3.80 -65.77
ND CLA SK . -1.15 1.38 -68.15
C1D CLA SK . -1.69 0.08 -68.06
C2D CLA SK . -3.16 0.15 -68.21
C3D CLA SK . -3.46 1.49 -68.35
C4D CLA SK . -2.18 2.22 -68.31
CMD CLA SK . -4.05 -1.01 -68.17
CAD CLA SK . -4.51 2.48 -68.56
OBD CLA SK . -5.72 2.34 -68.67
CBD CLA SK . -3.82 3.86 -68.63
CGD CLA SK . -4.15 4.60 -69.89
O1D CLA SK . -4.96 5.52 -70.09
O2D CLA SK . -3.41 4.13 -70.91
CED CLA SK . -2.75 5.07 -71.72
C1 CLA SK . -1.81 3.39 -64.92
C2 CLA SK . -0.44 2.83 -64.78
C3 CLA SK . -0.18 1.52 -64.61
C4 CLA SK . -1.24 0.50 -64.57
C5 CLA SK . 1.22 1.01 -64.48
C6 CLA SK . 1.39 0.08 -63.29
C03 II0 TK . 15.20 -18.17 -86.70
C04 II0 TK . 3.75 3.07 -85.01
C05 II0 TK . 16.31 -19.27 -87.18
C06 II0 TK . 2.19 3.61 -84.97
C07 II0 TK . 17.56 -18.78 -87.44
C08 II0 TK . 1.52 3.41 -83.80
C09 II0 TK . 15.69 -16.79 -86.79
C10 II0 TK . 4.19 2.66 -83.70
C11 II0 TK . 18.09 -17.54 -86.39
C12 II0 TK . 2.31 3.93 -82.44
C13 II0 TK . 17.15 -16.50 -86.20
C14 II0 TK . 3.68 3.45 -82.41
C15 II0 TK . 13.94 -18.27 -87.64
C16 II0 TK . 14.73 -18.47 -85.22
C17 II0 TK . 3.82 1.85 -85.97
C18 II0 TK . 4.71 4.20 -85.55
C19 II0 TK . 17.31 -15.58 -84.98
C20 II0 TK . 4.23 3.00 -81.05
C21 II0 TK . 14.59 -15.71 -86.61
C22 II0 TK . 5.60 2.08 -83.60
C23 II0 TK . 13.73 -14.90 -86.40
C24 II0 TK . 6.67 1.58 -83.54
C25 II0 TK . 12.70 -13.81 -86.04
C26 II0 TK . 7.95 0.75 -83.59
C27 II0 TK . 11.52 -14.14 -85.12
C28 II0 TK . 9.19 1.30 -84.29
C29 II0 TK . 12.87 -12.56 -86.55
C30 II0 TK . 7.83 -0.41 -82.97
C31 II0 TK . 11.85 -11.45 -86.16
C32 II0 TK . 8.95 -1.47 -82.90
C33 II0 TK . 12.28 -10.22 -85.83
C34 II0 TK . 8.94 -2.26 -83.97
C35 II0 TK . 11.21 -9.20 -85.46
C36 II0 TK . 9.99 -3.35 -84.11
C37 II0 TK . 9.80 -9.63 -85.19
C38 II0 TK . 11.46 -2.90 -84.07
C39 II0 TK . 11.56 -7.90 -85.41
C40 II0 TK . 9.64 -4.63 -84.32
C41 II0 TK . 10.48 -6.84 -85.12
C42 II0 TK . 10.80 -5.65 -84.52
O01 II0 TK . 18.45 -19.83 -87.22
O02 II0 TK . 0.27 4.09 -83.86
C03 II0 UK . 17.19 3.25 -66.52
C04 II0 UK . -1.58 -9.15 -75.99
C05 II0 UK . 18.51 3.42 -65.55
C06 II0 UK . -2.83 -9.65 -76.95
C07 II0 UK . 19.27 2.31 -65.57
C08 II0 UK . -2.92 -8.99 -78.13
C09 II0 UK . 17.31 2.17 -67.52
C10 II0 UK . -0.32 -9.01 -76.71
C11 II0 UK . 19.82 2.04 -67.14
C12 II0 UK . -1.54 -9.00 -79.05
C13 II0 UK . 18.78 1.87 -68.08
C14 II0 UK . -0.35 -9.28 -78.30
C15 II0 UK . 15.98 2.89 -65.59
C16 II0 UK . 16.85 4.59 -67.27
C17 II0 UK . -1.92 -7.76 -75.41
C18 II0 UK . -1.44 -10.17 -74.81
C19 II0 UK . 18.94 0.89 -69.23
C20 II0 UK . 0.88 -9.20 -79.16
C21 II0 UK . 16.13 2.02 -68.50
C22 II0 UK . 0.98 -9.19 -75.86
C23 II0 UK . 15.15 1.90 -69.18
C24 II0 UK . 1.93 -9.26 -75.13
C25 II0 UK . 13.85 1.65 -69.95
C26 II0 UK . 3.13 -9.20 -74.15
C27 II0 UK . 13.19 2.77 -70.76
C28 II0 UK . 3.29 -10.17 -73.00
C29 II0 UK . 13.33 0.39 -69.84
C30 II0 UK . 4.00 -8.23 -74.36
C31 II0 UK . 12.01 -0.02 -70.55
C32 II0 UK . 5.30 -7.88 -73.60
C33 II0 UK . 11.61 -1.27 -70.31
C34 II0 UK . 5.38 -6.95 -72.65
C35 II0 UK . 10.33 -1.80 -70.93
C36 II0 UK . 6.74 -6.69 -72.03
C37 II0 UK . 9.37 -0.84 -71.55
C38 II0 UK . 7.77 -7.79 -71.75
C39 II0 UK . 10.06 -3.12 -70.85
C40 II0 UK . 7.02 -5.42 -71.74
C41 II0 UK . 8.75 -3.65 -71.44
C42 II0 UK . 8.37 -4.93 -71.15
O01 II0 UK . 20.36 2.42 -64.68
O02 II0 UK . -3.97 -9.52 -78.93
C03 II0 VK . 18.03 2.25 -79.54
C04 II0 VK . -2.51 12.71 -71.56
C05 II0 VK . 19.20 1.31 -78.88
C06 II0 VK . -2.90 12.09 -73.07
C07 II0 VK . 20.28 2.05 -78.47
C08 II0 VK . -3.89 11.14 -73.14
C09 II0 VK . 17.80 3.54 -78.86
C10 II0 VK . -2.32 11.66 -70.60
C11 II0 VK . 19.85 3.24 -77.31
C12 II0 VK . -3.89 10.07 -71.86
C13 II0 VK . 18.51 3.71 -77.44
C14 II0 VK . -3.53 10.62 -70.56
C15 II0 VK . 18.49 2.58 -81.00
C16 II0 VK . 16.67 1.48 -79.58
C17 II0 VK . -1.19 13.51 -71.69
C18 II0 VK . -3.64 13.71 -71.06
C19 II0 VK . 18.03 4.83 -76.53
C20 II0 VK . -3.69 9.72 -69.33
C21 II0 VK . 16.40 4.17 -79.08
C22 II0 VK . -0.90 11.03 -70.43
C23 II0 VK . 15.28 4.61 -79.26
C24 II0 VK . 0.18 10.52 -70.33
C25 II0 VK . 13.89 5.26 -79.27
C26 II0 VK . 1.56 9.82 -70.28
C27 II0 VK . 13.01 5.36 -80.52
C28 II0 VK . 2.13 9.26 -69.02
C29 II0 VK . 13.50 5.81 -78.09
C30 II0 VK . 2.26 9.74 -71.44
C31 II0 VK . 12.13 6.49 -77.91
C32 II0 VK . 3.65 9.06 -71.46
C33 II0 VK . 11.56 6.33 -76.70
C34 II0 VK . 4.55 9.48 -72.36
C35 II0 VK . 10.22 6.97 -76.44
C36 II0 VK . 5.93 8.81 -72.37
C37 II0 VK . 9.40 7.44 -77.61
C38 II0 VK . 6.57 8.31 -71.08
C39 II0 VK . 9.84 7.19 -75.17
C40 II0 VK . 6.53 8.62 -73.57
C41 II0 VK . 8.49 7.87 -74.91
C42 II0 VK . 7.92 7.92 -73.66
O01 II0 VK . 21.26 1.20 -77.94
O02 II0 VK . -5.17 11.76 -73.27
C10 WVN WK . -4.01 -7.42 -71.67
C11 WVN WK . 13.51 7.15 -72.71
C12 WVN WK . -3.34 -8.42 -70.72
C13 WVN WK . -2.65 -5.77 -70.30
C14 WVN WK . -3.30 -7.93 -69.27
C01 WVN WK . 15.05 8.60 -74.12
C02 WVN WK . 14.88 7.86 -72.80
C03 WVN WK . 16.51 8.97 -74.29
C04 WVN WK . 17.43 7.76 -74.34
C05 WVN WK . 16.03 6.87 -72.48
C06 WVN WK . -3.73 -5.95 -71.36
C07 WVN WK . 14.52 7.86 -75.34
C08 WVN WK . 14.28 9.91 -74.08
C09 WVN WK . 17.12 6.77 -73.21
C15 WVN WK . -2.71 -6.51 -69.22
C16 WVN WK . 16.03 6.14 -71.15
C17 WVN WK . -4.97 -5.16 -70.90
C18 WVN WK . -3.25 -5.37 -72.68
C19 WVN WK . 12.75 7.49 -71.71
C20 WVN WK . -1.29 -5.12 -70.59
C21 WVN WK . -2.36 -5.90 -67.87
C22 WVN WK . 11.37 6.92 -71.40
C23 WVN WK . -0.28 -5.91 -70.82
C24 WVN WK . 10.31 7.86 -70.82
C25 WVN WK . 1.10 -5.39 -71.11
C26 WVN WK . 11.10 5.64 -71.58
C27 WVN WK . 2.04 -6.49 -71.56
C28 WVN WK . 1.41 -4.12 -70.95
C29 WVN WK . 9.70 5.11 -71.25
C30 WVN WK . 2.78 -3.45 -71.20
C31 WVN WK . 9.45 3.83 -71.15
C32 WVN WK . 8.02 3.38 -70.82
C33 WVN WK . 3.01 -2.23 -70.76
C34 WVN WK . 4.35 -1.54 -71.00
C35 WVN WK . 7.16 4.30 -70.00
C36 WVN WK . 7.58 2.21 -71.22
C37 WVN WK . 4.64 -0.32 -70.61
C38 WVN WK . 5.42 -2.31 -71.73
C39 WVN WK . 6.18 1.65 -70.94
C40 WVN WK . 6.00 0.34 -70.87
C03 II0 XK . 10.43 -15.70 -76.66
C04 II0 XK . -11.50 -20.97 -82.50
C05 II0 XK . 11.91 -15.60 -75.91
C06 II0 XK . -13.13 -20.65 -82.32
C07 II0 XK . 12.12 -16.43 -74.85
C08 II0 XK . -13.93 -21.17 -83.30
C09 II0 XK . 9.30 -15.90 -75.74
C10 II0 XK . -11.19 -21.94 -83.54
C11 II0 XK . 10.80 -16.50 -73.77
C12 II0 XK . -13.65 -22.80 -83.57
C13 II0 XK . 9.60 -16.81 -74.47
C14 II0 XK . -12.26 -23.12 -83.81
C15 II0 XK . 10.16 -14.33 -77.38
C16 II0 XK . 10.44 -16.83 -77.77
C17 II0 XK . -10.77 -19.66 -82.84
C18 II0 XK . -10.93 -21.50 -81.14
C19 II0 XK . 9.17 -18.26 -74.55
C20 II0 XK . -11.94 -24.19 -84.85
C21 II0 XK . 7.84 -15.97 -76.31
C22 II0 XK . -9.68 -22.21 -83.84
C23 II0 XK . 6.71 -16.08 -76.70
C24 II0 XK . -8.49 -22.36 -83.99
C25 II0 XK . 5.25 -16.33 -77.18
C26 II0 XK . -6.95 -22.45 -84.12
C27 II0 XK . 4.16 -15.28 -76.91
C28 II0 XK . -6.27 -22.36 -85.47
C29 II0 XK . 4.96 -17.52 -77.83
C30 II0 XK . -6.25 -22.60 -82.99
C31 II0 XK . 3.51 -17.82 -78.32
C32 II0 XK . -4.69 -22.68 -82.98
C33 II0 XK . 3.09 -17.46 -79.55
C34 II0 XK . -4.05 -21.56 -82.67
C35 II0 XK . 1.65 -17.82 -79.90
C36 II0 XK . -2.52 -21.50 -82.62
C37 II0 XK . 0.56 -16.79 -79.70
C38 II0 XK . -1.64 -22.44 -83.46
C39 II0 XK . 1.37 -19.04 -80.42
C40 II0 XK . -1.98 -20.58 -81.79
C41 II0 XK . -0.09 -19.38 -80.76
C42 II0 XK . -0.43 -20.39 -81.61
O01 II0 XK . 12.42 -17.73 -75.28
O02 II0 XK . -15.29 -21.00 -82.93
O1 LHG YK . 26.28 5.44 -84.87
C1 LHG YK . 26.13 6.45 -83.86
C2 LHG YK . 24.65 6.71 -83.63
O2 LHG YK . 24.48 7.58 -82.51
C3 LHG YK . 23.92 5.40 -83.37
O3 LHG YK . 22.55 5.67 -83.07
P LHG YK . 21.64 4.60 -82.30
O4 LHG YK . 22.51 3.81 -81.36
O5 LHG YK . 20.79 3.89 -83.33
O6 LHG YK . 20.71 5.55 -81.39
C4 LHG YK . 21.29 6.73 -80.85
C5 LHG YK . 20.54 7.94 -81.40
C6 LHG YK . 19.25 8.15 -80.61
O7 LHG YK . 21.31 9.14 -81.29
C7 LHG YK . 21.62 9.76 -82.57
O9 LHG YK . 22.36 9.17 -83.33
C8 LHG YK . 21.05 11.10 -82.95
C9 LHG YK . 19.58 11.01 -83.30
C10 LHG YK . 18.74 12.07 -82.59
O8 LHG YK . 18.26 7.18 -80.93
C23 LHG YK . 16.83 7.50 -80.92
O10 LHG YK . 16.04 6.72 -81.39
C24 LHG YK . 16.30 8.83 -80.42
C11 LHG YK . 18.69 11.81 -81.10
C12 LHG YK . 17.80 12.84 -80.39
C13 LHG YK . 18.39 14.24 -80.43
C14 LHG YK . 17.43 15.25 -79.81
C25 LHG YK . 16.08 8.75 -78.93
C26 LHG YK . 15.38 10.02 -78.46
C27 LHG YK . 13.96 10.17 -78.99
C28 LHG YK . 13.17 11.22 -78.22
C29 LHG YK . 13.42 12.68 -78.62
C30 LHG YK . 14.44 13.43 -77.77
C31 LHG YK . 13.98 13.53 -76.32
C32 LHG YK . 15.10 14.11 -75.46
C33 LHG YK . 14.65 14.27 -74.00
C34 LHG YK . 13.61 15.37 -73.88
NB KC2 ZK . 10.17 -23.76 -61.31
ND KC2 ZK . 8.17 -26.99 -62.79
C1A KC2 ZK . 6.05 -24.47 -62.61
C1B KC2 ZK . 9.67 -22.54 -61.10
C1C KC2 ZK . 12.20 -26.00 -61.70
C1D KC2 ZK . 8.56 -28.23 -63.18
C2A KC2 ZK . 5.14 -23.30 -62.62
C2B KC2 ZK . 10.73 -21.56 -60.74
C2C KC2 ZK . 13.13 -27.09 -62.01
C2D KC2 ZK . 7.43 -28.90 -63.84
C3A KC2 ZK . 5.98 -22.24 -62.03
C3B KC2 ZK . 11.96 -22.35 -60.75
C3C KC2 ZK . 12.30 -28.20 -62.49
C3D KC2 ZK . 6.32 -27.94 -63.80
C4A KC2 ZK . 7.30 -22.89 -61.75
C4B KC2 ZK . 11.50 -23.70 -61.11
C4C KC2 ZK . 10.93 -27.61 -62.42
C4D KC2 ZK . 6.82 -26.80 -63.14
CAA KC2 ZK . 3.72 -23.19 -63.08
CAB KC2 ZK . 13.40 -22.05 -60.50
CAC KC2 ZK . 12.82 -29.54 -62.93
CAD KC2 ZK . 4.88 -27.75 -64.19
CBA KC2 ZK . 3.06 -22.12 -63.49
CBB KC2 ZK . 13.97 -22.33 -59.33
CBC KC2 ZK . 12.95 -30.46 -61.75
CBD KC2 ZK . 4.64 -26.32 -63.95
CED KC2 ZK . 3.22 -24.75 -67.09
CGA KC2 ZK . 1.85 -22.37 -64.30
CGD KC2 ZK . 4.61 -25.63 -65.27
CHA KC2 ZK . 5.72 -25.80 -63.09
CHB KC2 ZK . 8.31 -22.01 -61.16
CHC KC2 ZK . 12.57 -24.69 -61.19
CHD KC2 ZK . 9.96 -28.62 -62.89
CMA KC2 ZK . 5.67 -20.79 -61.74
CMB KC2 ZK . 10.61 -20.10 -60.42
CMC KC2 ZK . 14.64 -27.02 -61.83
CMD KC2 ZK . 7.64 -30.31 -64.37
NA KC2 ZK . 7.39 -24.20 -62.07
NC KC2 ZK . 10.91 -26.21 -61.91
O1A KC2 ZK . 1.34 -23.52 -64.26
O1D KC2 ZK . 5.54 -25.68 -66.04
O2A KC2 ZK . 1.53 -21.48 -65.12
O2D KC2 ZK . 3.33 -25.18 -65.74
OBD KC2 ZK . 4.42 -28.68 -64.95
MG KC2 ZK . 9.04 -25.40 -61.82
C03 II0 AL . 15.77 21.22 -65.45
C04 II0 AL . -2.73 18.64 -79.80
C05 II0 AL . 17.26 21.16 -64.76
C06 II0 AL . -4.05 19.35 -80.51
C07 II0 AL . 18.29 21.44 -65.61
C08 II0 AL . -4.08 19.31 -81.89
C09 II0 AL . 15.53 22.53 -66.11
C10 II0 AL . -1.48 19.07 -80.41
C11 II0 AL . 18.04 22.77 -66.65
C12 II0 AL . -2.63 19.56 -82.70
C13 II0 AL . 16.79 23.43 -66.49
C14 II0 AL . -1.44 19.12 -82.00
C15 II0 AL . 14.67 20.99 -64.36
C16 II0 AL . 15.58 20.04 -66.51
C17 II0 AL . -2.69 18.99 -78.30
C18 II0 AL . -2.89 17.09 -79.94
C19 II0 AL . 16.49 24.61 -67.40
C20 II0 AL . -0.08 19.26 -82.70
C21 II0 AL . 14.17 22.83 -66.79
C22 II0 AL . -0.13 18.83 -79.69
C23 II0 AL . 13.13 22.99 -67.38
C24 II0 AL . 0.94 18.68 -79.18
C25 II0 AL . 11.84 23.08 -68.22
C26 II0 AL . 2.36 18.55 -78.62
C27 II0 AL . 10.54 23.65 -67.62
C28 II0 AL . 3.04 17.21 -78.55
C29 II0 AL . 11.90 22.61 -69.51
C30 II0 AL . 2.96 19.67 -78.20
C31 II0 AL . 10.66 22.61 -70.44
C32 II0 AL . 4.40 19.67 -77.62
C33 II0 AL . 10.35 23.63 -71.26
C34 II0 AL . 5.09 20.80 -77.73
C35 II0 AL . 9.09 23.42 -72.09
C36 II0 AL . 6.49 20.88 -77.14
C37 II0 AL . 7.83 24.17 -71.71
C38 II0 AL . 7.70 20.20 -77.79
C39 II0 AL . 9.13 22.58 -73.15
C40 II0 AL . 6.60 21.59 -75.99
C41 II0 AL . 7.86 22.35 -73.99
C42 II0 AL . 7.95 21.78 -75.23
O01 II0 AL . 19.44 21.70 -64.82
O02 II0 AL . -4.73 18.14 -82.38
MG CLA BL . 27.53 46.84 -52.54
CHA CLA BL . 28.27 45.81 -55.77
CHB CLA BL . 29.55 49.56 -53.00
CHC CLA BL . 26.10 48.34 -49.83
CHD CLA BL . 24.89 44.42 -52.49
NA CLA BL . 28.73 47.53 -54.11
C1A CLA BL . 28.90 46.97 -55.39
C2A CLA BL . 29.90 47.78 -56.22
C3A CLA BL . 30.49 48.76 -55.18
C4A CLA BL . 29.52 48.64 -54.01
CMA CLA BL . 31.89 48.39 -54.77
CAA CLA BL . 29.33 48.53 -57.42
CBA CLA BL . 28.00 49.21 -57.17
CGA CLA BL . 28.19 50.65 -56.80
O1A CLA BL . 28.68 51.57 -57.45
O2A CLA BL . 27.68 50.89 -55.55
NB CLA BL . 27.73 48.64 -51.64
C1B CLA BL . 28.72 49.54 -51.88
C2B CLA BL . 28.83 50.50 -50.75
C3B CLA BL . 27.86 50.19 -49.83
C4B CLA BL . 27.15 48.98 -50.39
CMB CLA BL . 29.81 51.59 -50.74
CAB CLA BL . 27.58 50.85 -48.58
CBB CLA BL . 26.40 51.16 -48.03
NC CLA BL . 25.84 46.41 -51.36
C1C CLA BL . 25.48 47.15 -50.27
C2C CLA BL . 24.29 46.61 -49.63
C3C CLA BL . 23.91 45.51 -50.39
C4C CLA BL . 24.89 45.40 -51.47
CMC CLA BL . 23.67 47.18 -48.43
CAC CLA BL . 22.72 44.67 -50.15
CBC CLA BL . 22.90 43.62 -49.09
ND CLA BL . 26.79 45.38 -53.73
C1D CLA BL . 25.78 44.41 -53.54
C2D CLA BL . 25.84 43.45 -54.64
C3D CLA BL . 26.79 43.91 -55.52
C4D CLA BL . 27.32 45.16 -54.93
CMD CLA BL . 24.98 42.27 -54.67
CAD CLA BL . 27.50 43.69 -56.77
OBD CLA BL . 27.47 42.74 -57.53
CBD CLA BL . 28.39 44.95 -57.02
CGD CLA BL . 29.80 44.59 -57.35
O1D CLA BL . 30.40 44.78 -58.41
O2D CLA BL . 30.48 43.99 -56.34
CED CLA BL . 31.85 44.39 -56.15
C1 CLA BL . 27.60 52.27 -55.10
C2 CLA BL . 26.87 52.18 -53.80
C3 CLA BL . 25.52 52.07 -53.75
C4 CLA BL . 24.66 52.05 -54.97
C5 CLA BL . 24.81 51.99 -52.45
C6 CLA BL . 23.64 52.94 -52.35
MG CLA CL . 23.15 34.01 -55.37
CHA CLA CL . 26.34 34.17 -54.11
CHB CLA CL . 22.80 30.88 -54.00
CHC CLA CL . 19.77 34.11 -55.99
CHD CLA CL . 23.34 37.45 -56.19
NA CLA CL . 24.38 32.75 -54.23
C1A CLA CL . 25.69 33.00 -53.82
C2A CLA CL . 26.25 31.80 -53.05
C3A CLA CL . 25.21 30.70 -53.31
C4A CLA CL . 24.02 31.49 -53.87
CMA CLA CL . 25.73 29.68 -54.28
CAA CLA CL . 26.40 32.01 -51.54
CBA CLA CL . 25.31 32.84 -50.92
CGA CLA CL . 24.24 31.97 -50.33
O1A CLA CL . 24.34 31.05 -49.51
O2A CLA CL . 23.01 32.32 -50.81
NB CLA CL . 21.61 32.76 -55.07
C1B CLA CL . 21.67 31.53 -54.51
C2B CLA CL . 20.36 30.88 -54.54
C3B CLA CL . 19.47 31.78 -55.09
C4B CLA CL . 20.27 32.98 -55.43
CMB CLA CL . 20.21 29.55 -54.00
CAB CLA CL . 18.05 31.72 -55.32
CBB CLA CL . 17.29 30.66 -55.55
NC CLA CL . 21.83 35.49 -56.02
C1C CLA CL . 20.50 35.28 -56.29
C2C CLA CL . 19.91 36.47 -56.87
C3C CLA CL . 20.90 37.47 -56.80
C4C CLA CL . 22.09 36.84 -56.29
CMC CLA CL . 18.54 36.56 -57.34
CAC CLA CL . 20.79 38.84 -57.29
CBC CLA CL . 20.27 39.74 -56.19
ND CLA CL . 24.46 35.53 -55.17
C1D CLA CL . 24.47 36.85 -55.67
C2D CLA CL . 25.82 37.41 -55.57
C3D CLA CL . 26.59 36.41 -54.98
C4D CLA CL . 25.68 35.28 -54.74
CMD CLA CL . 26.18 38.74 -56.04
CAD CLA CL . 27.90 36.03 -54.49
OBD CLA CL . 28.94 36.66 -54.46
CBD CLA CL . 27.79 34.58 -53.96
CGD CLA CL . 28.73 33.70 -54.75
O1D CLA CL . 29.91 33.46 -54.52
O2D CLA CL . 28.17 33.14 -55.85
CED CLA CL . 28.57 31.82 -56.22
C1 CLA CL . 21.86 31.56 -50.40
C2 CLA CL . 20.71 32.31 -50.97
C3 CLA CL . 19.45 31.91 -50.86
C4 CLA CL . 19.09 30.65 -50.15
C5 CLA CL . 18.33 32.70 -51.44
MG CLA DL . 13.28 27.67 -54.74
CHA CLA DL . 15.22 25.06 -53.51
CHB CLA DL . 15.07 29.85 -52.86
CHC CLA DL . 11.70 30.24 -56.35
CHD CLA DL . 11.86 25.40 -57.03
NA CLA DL . 14.88 27.46 -53.41
C1A CLA DL . 15.55 26.30 -53.01
C2A CLA DL . 16.67 26.63 -52.04
C3A CLA DL . 16.42 28.10 -51.69
C4A CLA DL . 15.41 28.53 -52.74
CMA CLA DL . 15.88 28.25 -50.30
CAA CLA DL . 17.99 26.52 -52.76
CBA CLA DL . 19.12 27.10 -51.95
CGA CLA DL . 19.46 26.16 -50.85
O1A CLA DL . 20.19 25.18 -50.89
O2A CLA DL . 18.87 26.51 -49.68
NB CLA DL . 13.51 29.66 -54.77
C1B CLA DL . 14.11 30.34 -53.76
C2B CLA DL . 13.60 31.72 -53.64
C3B CLA DL . 12.63 31.86 -54.62
C4B CLA DL . 12.56 30.55 -55.34
CMB CLA DL . 14.14 32.61 -52.59
CAB CLA DL . 11.73 32.92 -54.97
CBB CLA DL . 11.25 33.84 -54.13
NC CLA DL . 11.97 27.78 -56.37
C1C CLA DL . 11.40 28.92 -56.81
C2C CLA DL . 10.48 28.64 -57.90
C3C CLA DL . 10.61 27.27 -58.19
C4C CLA DL . 11.55 26.75 -57.21
CMC CLA DL . 9.67 29.66 -58.55
CAC CLA DL . 9.90 26.47 -59.22
CBC CLA DL . 8.81 25.54 -58.76
ND CLA DL . 13.27 25.67 -55.06
C1D CLA DL . 12.62 24.87 -56.02
C2D CLA DL . 12.95 23.46 -55.78
C3D CLA DL . 13.92 23.47 -54.80
C4D CLA DL . 14.14 24.89 -54.45
CMD CLA DL . 12.33 22.32 -56.45
CAD CLA DL . 14.78 22.68 -53.95
OBD CLA DL . 14.81 21.47 -53.79
CBD CLA DL . 15.75 23.67 -53.25
CGD CLA DL . 15.90 23.37 -51.80
O1D CLA DL . 16.92 23.45 -51.11
O2D CLA DL . 14.75 22.97 -51.21
CED CLA DL . 14.58 23.29 -49.84
C1 CLA DL . 19.11 25.66 -48.54
C2 CLA DL . 17.77 25.36 -47.97
C3 CLA DL . 17.07 26.20 -47.19
C4 CLA DL . 17.57 27.55 -46.80
C5 CLA DL . 15.74 25.80 -46.66
C6 CLA DL . 14.63 26.73 -47.08
MG CLA EL . 6.72 28.52 -72.58
CHA CLA EL . 3.76 27.85 -74.16
CHB CLA EL . 5.64 26.63 -69.91
CHC CLA EL . 9.94 28.32 -71.39
CHD CLA EL . 7.90 30.00 -75.55
NA CLA EL . 5.02 27.39 -72.16
C1A CLA EL . 3.90 27.24 -72.96
C2A CLA EL . 2.85 26.34 -72.35
C3A CLA EL . 3.36 26.26 -70.90
C4A CLA EL . 4.79 26.74 -70.99
CMA CLA EL . 2.54 27.21 -70.07
CAA CLA EL . 2.77 25.00 -73.08
CBA CLA EL . 4.04 24.20 -73.28
CGA CLA EL . 4.71 24.52 -74.58
O1A CLA EL . 4.30 24.37 -75.73
O2A CLA EL . 5.94 25.09 -74.39
NB CLA EL . 7.59 27.68 -70.97
C1B CLA EL . 6.96 27.06 -69.94
C2B CLA EL . 7.88 26.83 -68.81
C3B CLA EL . 9.11 27.31 -69.21
C4B CLA EL . 8.95 27.82 -70.61
CMB CLA EL . 7.42 26.13 -67.61
CAB CLA EL . 10.40 27.28 -68.57
CBB CLA EL . 10.66 27.39 -67.25
NC CLA EL . 8.58 29.05 -73.35
C1C CLA EL . 9.77 28.89 -72.69
C2C CLA EL . 10.85 29.41 -73.52
C3C CLA EL . 10.28 29.89 -74.70
C4C CLA EL . 8.85 29.67 -74.57
CMC CLA EL . 12.26 29.40 -73.18
CAC CLA EL . 10.98 30.51 -75.83
CBC CLA EL . 11.24 29.59 -77.01
ND CLA EL . 6.11 28.73 -74.50
C1D CLA EL . 6.61 29.57 -75.53
C2D CLA EL . 5.53 29.82 -76.52
C3D CLA EL . 4.43 29.14 -76.06
C4D CLA EL . 4.84 28.52 -74.79
CMD CLA EL . 5.70 30.62 -77.73
CAD CLA EL . 3.05 28.78 -76.27
OBD CLA EL . 2.32 28.95 -77.22
CBD CLA EL . 2.55 28.05 -75.02
CGD CLA EL . 1.53 28.87 -74.26
O1D CLA EL . 0.77 28.50 -73.38
O2D CLA EL . 1.44 30.17 -74.63
CED CLA EL . 0.42 30.93 -73.98
C1 CLA EL . 6.69 25.41 -75.58
C2 CLA EL . 8.02 25.94 -75.19
C3 CLA EL . 9.10 25.67 -75.93
C4 CLA EL . 9.00 24.85 -77.16
C5 CLA EL . 10.45 26.19 -75.58
C6 CLA EL . 11.04 25.63 -74.31
C7 CLA EL . 12.12 24.62 -74.61
C8 CLA EL . 13.27 24.67 -73.62
C9 CLA EL . 14.49 25.30 -74.25
C10 CLA EL . 13.61 23.27 -73.12
C11 CLA EL . 15.05 23.17 -72.65
C12 CLA EL . 15.22 22.23 -71.47
C13 CLA EL . 16.70 22.01 -71.18
C14 CLA EL . 17.45 21.60 -72.43
C15 CLA EL . 16.93 20.99 -70.07
C16 CLA EL . 18.40 20.67 -69.94
C17 CLA EL . 18.60 19.30 -69.29
C18 CLA EL . 20.00 19.17 -68.69
C19 CLA EL . 19.96 18.23 -67.51
C20 CLA EL . 20.98 18.66 -69.74
MG CLA FL . -0.94 22.73 -82.52
CHA CLA FL . -3.49 22.94 -84.90
CHB CLA FL . -3.24 22.91 -80.03
CHC CLA FL . 1.58 23.43 -80.27
CHD CLA FL . 1.42 23.00 -85.15
NA CLA FL . -3.03 22.85 -82.50
C1A CLA FL . -3.95 22.94 -83.57
C2A CLA FL . -5.40 23.01 -83.01
C3A CLA FL . -5.20 22.56 -81.53
C4A CLA FL . -3.71 22.80 -81.31
CMA CLA FL . -6.10 23.13 -80.45
CAA CLA FL . -6.44 22.07 -83.59
CBA CLA FL . -7.87 22.58 -83.56
CGA CLA FL . -8.06 23.90 -84.22
O1A CLA FL . -7.66 25.02 -83.88
O2A CLA FL . -8.81 23.79 -85.36
NB CLA FL . -0.86 23.21 -80.56
C1B CLA FL . -1.89 23.08 -79.69
C2B CLA FL . -1.42 23.09 -78.29
C3B CLA FL . -0.05 23.23 -78.34
C4B CLA FL . 0.31 23.30 -79.78
CMB CLA FL . -2.37 22.95 -77.18
CAB CLA FL . 0.97 23.31 -77.32
CBB CLA FL . 1.00 22.74 -76.11
NC CLA FL . 1.11 23.07 -82.68
C1C CLA FL . 1.96 23.29 -81.63
C2C CLA FL . 3.33 23.45 -82.10
C3C CLA FL . 3.28 23.38 -83.49
C4C CLA FL . 1.90 23.12 -83.84
CMC CLA FL . 4.50 23.69 -81.24
CAC CLA FL . 4.40 23.48 -84.45
CBC CLA FL . 4.67 24.89 -84.89
ND CLA FL . -0.94 22.73 -84.54
C1D CLA FL . 0.11 22.83 -85.50
C2D CLA FL . -0.46 22.75 -86.85
C3D CLA FL . -1.83 22.78 -86.68
C4D CLA FL . -2.08 22.82 -85.22
CMD CLA FL . 0.32 22.71 -88.09
CAD CLA FL . -3.11 22.71 -87.35
OBD CLA FL . -3.37 22.49 -88.53
CBD CLA FL . -4.17 23.00 -86.25
CGD CLA FL . -4.74 24.36 -86.44
O1D CLA FL . -5.91 24.73 -86.31
O2D CLA FL . -3.81 25.29 -86.81
CED CLA FL . -4.22 26.33 -87.71
MG CLA GL . 4.42 14.73 -74.84
CHA CLA GL . 1.28 16.12 -75.38
CHB CLA GL . 3.25 11.70 -75.96
CHC CLA GL . 7.65 13.62 -75.29
CHD CLA GL . 5.69 17.97 -74.18
NA CLA GL . 2.58 14.04 -75.50
C1A CLA GL . 1.39 14.77 -75.64
C2A CLA GL . 0.28 13.83 -76.12
C3A CLA GL . 0.87 12.43 -75.87
C4A CLA GL . 2.35 12.73 -75.80
CMA CLA GL . 0.44 11.83 -74.56
CAA CLA GL . 0.02 14.04 -77.60
CBA CLA GL . -1.45 14.31 -77.81
CGA CLA GL . -2.01 13.40 -78.85
O1A CLA GL . -3.18 13.10 -79.06
O2A CLA GL . -1.05 12.84 -79.64
NB CLA GL . 5.27 12.98 -75.39
C1B CLA GL . 4.63 11.89 -75.90
C2B CLA GL . 5.60 10.90 -76.43
C3B CLA GL . 6.84 11.44 -76.25
C4B CLA GL . 6.65 12.76 -75.59
CMB CLA GL . 5.19 9.65 -77.06
CAB CLA GL . 8.14 10.95 -76.60
CBB CLA GL . 8.75 11.12 -77.78
NC CLA GL . 6.31 15.62 -74.68
C1C CLA GL . 7.48 14.95 -74.84
C2C CLA GL . 8.60 15.83 -74.58
C3C CLA GL . 8.07 17.10 -74.34
C4C CLA GL . 6.62 16.95 -74.37
CMC CLA GL . 10.00 15.41 -74.67
CAC CLA GL . 8.81 18.32 -74.00
CBC CLA GL . 8.98 18.54 -72.51
ND CLA GL . 3.74 16.63 -74.84
C1D CLA GL . 4.34 17.84 -74.41
C2D CLA GL . 3.31 18.89 -74.33
C3D CLA GL . 2.15 18.31 -74.77
C4D CLA GL . 2.44 16.89 -75.03
CMD CLA GL . 3.58 20.28 -73.97
CAD CLA GL . 0.75 18.52 -75.07
OBD CLA GL . 0.12 19.58 -75.14
CBD CLA GL . 0.12 17.12 -75.39
CGD CLA GL . -1.07 16.89 -74.50
O1D CLA GL . -1.62 17.72 -73.77
O2D CLA GL . -1.65 15.67 -74.51
CED CLA GL . -3.08 15.66 -74.58
C1 CLA GL . -1.17 13.12 -81.05
C2 CLA GL . -0.06 14.05 -81.38
C3 CLA GL . 0.01 14.80 -82.49
C4 CLA GL . 1.15 15.70 -82.73
C5 CLA GL . -1.07 14.77 -83.52
C6 CLA GL . -2.22 15.70 -83.28
MG CLA HL . 14.40 19.08 -59.05
CHA CLA HL . 16.54 20.75 -56.87
CHB CLA HL . 15.27 16.15 -57.49
CHC CLA HL . 11.47 17.66 -60.14
CHD CLA HL . 13.15 22.24 -60.04
NA CLA HL . 15.74 18.56 -57.54
C1A CLA HL . 16.53 19.39 -56.75
C2A CLA HL . 17.35 18.53 -55.78
C3A CLA HL . 17.34 17.18 -56.51
C4A CLA HL . 16.00 17.28 -57.21
CMA CLA HL . 18.45 17.09 -57.53
CAA CLA HL . 16.54 18.40 -54.51
CBA CLA HL . 17.35 18.73 -53.27
CGA CLA HL . 16.40 19.14 -52.19
O1A CLA HL . 16.59 19.96 -51.27
O2A CLA HL . 15.19 18.53 -52.27
NB CLA HL . 13.52 17.28 -58.81
C1B CLA HL . 14.05 16.20 -58.17
C2B CLA HL . 13.17 15.02 -58.31
C3B CLA HL . 12.08 15.43 -59.05
C4B CLA HL . 12.30 16.87 -59.39
CMB CLA HL . 13.48 13.71 -57.75
CAB CLA HL . 10.94 14.68 -59.48
CBB CLA HL . 9.79 14.58 -58.81
NC CLA HL . 12.71 19.80 -60.06
C1C CLA HL . 11.69 19.01 -60.49
C2C CLA HL . 10.73 19.80 -61.24
C3C CLA HL . 11.13 21.13 -61.11
C4C CLA HL . 12.40 21.12 -60.39
CMC CLA HL . 9.53 19.25 -61.88
CAC CLA HL . 10.49 22.32 -61.71
CBC CLA HL . 10.96 22.59 -63.13
ND CLA HL . 14.87 21.03 -58.80
C1D CLA HL . 14.29 22.24 -59.29
C2D CLA HL . 15.08 23.39 -58.80
C3D CLA HL . 15.95 22.87 -57.87
C4D CLA HL . 15.74 21.41 -57.86
CMD CLA HL . 14.88 24.80 -59.15
CAD CLA HL . 17.00 23.16 -56.94
OBD CLA HL . 17.56 24.22 -56.72
CBD CLA HL . 17.33 21.84 -56.17
CGD CLA HL . 18.80 21.58 -56.06
O1D CLA HL . 19.47 21.52 -55.03
O2D CLA HL . 19.44 21.38 -57.24
CED CLA HL . 20.51 20.45 -57.18
MG CLA IL . 24.43 27.64 -69.90
CHA CLA IL . 26.74 25.06 -70.27
CHB CLA IL . 26.78 29.83 -71.09
CHC CLA IL . 21.94 29.93 -70.54
CHD CLA IL . 21.94 25.11 -69.67
NA CLA IL . 26.41 27.47 -70.52
C1A CLA IL . 27.18 26.29 -70.61
C2A CLA IL . 28.59 26.60 -71.10
C3A CLA IL . 28.66 28.12 -70.92
C4A CLA IL . 27.19 28.53 -70.87
CMA CLA IL . 29.38 28.34 -69.62
CAA CLA IL . 28.85 26.09 -72.52
CBA CLA IL . 27.88 26.36 -73.65
CGA CLA IL . 28.15 27.76 -74.10
O1A CLA IL . 29.23 28.32 -74.18
O2A CLA IL . 27.00 28.40 -74.41
NB CLA IL . 24.37 29.49 -70.72
C1B CLA IL . 25.43 30.26 -71.01
C2B CLA IL . 25.03 31.67 -71.21
C3B CLA IL . 23.64 31.72 -71.05
C4B CLA IL . 23.22 30.33 -70.73
CMB CLA IL . 26.01 32.71 -71.53
CAB CLA IL . 22.65 32.75 -71.12
CBB CLA IL . 22.78 34.08 -71.04
NC CLA IL . 22.34 27.55 -69.97
C1C CLA IL . 21.51 28.62 -70.15
C2C CLA IL . 20.11 28.19 -70.04
C3C CLA IL . 20.13 26.81 -69.94
C4C CLA IL . 21.52 26.42 -69.89
CMC CLA IL . 18.93 29.03 -70.10
CAC CLA IL . 19.00 25.89 -69.80
CBC CLA IL . 18.53 25.35 -71.13
ND CLA IL . 24.32 25.62 -69.78
C1D CLA IL . 23.25 24.71 -69.61
C2D CLA IL . 23.77 23.36 -69.37
C3D CLA IL . 25.14 23.46 -69.52
C4D CLA IL . 25.40 24.86 -69.87
CMD CLA IL . 22.95 22.21 -69.02
CAD CLA IL . 26.40 22.76 -69.50
OBD CLA IL . 26.68 21.64 -69.09
CBD CLA IL . 27.45 23.72 -70.11
CGD CLA IL . 28.66 23.82 -69.22
O1D CLA IL . 28.69 24.22 -68.06
O2D CLA IL . 29.82 23.44 -69.80
CED CLA IL . 31.05 23.69 -69.11
C1 CLA IL . 27.04 29.70 -75.03
C2 CLA IL . 25.64 30.13 -74.98
C3 CLA IL . 25.17 31.20 -75.63
C4 CLA IL . 26.01 32.07 -76.48
C5 CLA IL . 23.72 31.52 -75.51
C6 CLA IL . 22.99 31.47 -76.85
MG CLA JL . 26.95 44.37 -65.74
CHA CLA JL . 27.69 41.55 -67.64
CHB CLA JL . 30.07 45.58 -66.41
CHC CLA JL . 25.96 47.50 -64.73
CHD CLA JL . 23.55 43.34 -65.71
NA CLA JL . 28.60 43.64 -66.79
C1A CLA JL . 28.71 42.46 -67.52
C2A CLA JL . 30.12 42.33 -68.11
C3A CLA JL . 30.91 43.42 -67.34
C4A CLA JL . 29.79 44.30 -66.82
CMA CLA JL . 31.72 42.83 -66.23
CAA CLA JL . 30.13 42.57 -69.60
CBA CLA JL . 31.07 43.65 -70.09
CGA CLA JL . 30.28 44.89 -70.34
O1A CLA JL . 30.63 46.07 -70.16
O2A CLA JL . 29.03 44.62 -70.80
NB CLA JL . 27.82 46.19 -65.66
C1B CLA JL . 29.13 46.46 -65.87
C2B CLA JL . 29.47 47.83 -65.40
C3B CLA JL . 28.32 48.37 -64.92
C4B CLA JL . 27.26 47.35 -65.06
CMB CLA JL . 30.82 48.39 -65.50
CAB CLA JL . 28.06 49.67 -64.36
CBB CLA JL . 27.69 50.75 -65.04
NC CLA JL . 25.11 45.23 -65.24
C1C CLA JL . 24.95 46.51 -64.80
C2C CLA JL . 23.57 46.78 -64.47
C3C CLA JL . 22.85 45.62 -64.81
C4C CLA JL . 23.84 44.64 -65.27
CMC CLA JL . 23.11 48.08 -63.96
CAC CLA JL . 21.41 45.35 -64.64
CBC CLA JL . 20.51 46.14 -65.56
ND CLA JL . 25.85 42.79 -66.36
C1D CLA JL . 24.48 42.46 -66.22
C2D CLA JL . 24.26 41.10 -66.73
C3D CLA JL . 25.45 40.69 -67.29
C4D CLA JL . 26.41 41.80 -67.07
CMD CLA JL . 22.98 40.38 -66.69
CAD CLA JL . 26.16 39.64 -67.96
OBD CLA JL . 25.77 38.51 -68.27
CBD CLA JL . 27.58 40.19 -68.30
CGD CLA JL . 28.65 39.22 -67.85
O1D CLA JL . 28.70 38.55 -66.82
O2D CLA JL . 29.68 39.09 -68.71
CED CLA JL . 30.92 38.71 -68.12
C1 CLA JL . 28.36 45.68 -71.53
C2 CLA JL . 28.86 45.61 -72.93
C3 CLA JL . 28.21 45.00 -73.94
C4 CLA JL . 28.76 44.99 -75.31
C5 CLA JL . 26.90 44.32 -73.72
C6 CLA JL . 25.76 44.99 -74.45
C7 CLA JL . 24.44 44.52 -73.90
C8 CLA JL . 23.96 43.25 -74.60
C9 CLA JL . 23.94 43.47 -76.10
C10 CLA JL . 22.59 42.82 -74.11
C11 CLA JL . 22.43 41.32 -74.23
C12 CLA JL . 21.13 40.93 -74.88
C13 CLA JL . 21.33 39.62 -75.65
C14 CLA JL . 22.68 39.56 -76.33
C15 CLA JL . 20.22 39.38 -76.66
C16 CLA JL . 20.49 38.12 -77.44
NB KC2 KL . 20.53 38.18 -72.36
ND KC2 KL . 23.67 40.42 -71.19
C1A KC2 KL . 24.85 37.96 -73.01
C1B KC2 KL . 20.56 37.12 -73.18
C1C KC2 KL . 19.44 40.64 -71.05
C1D KC2 KL . 23.77 41.67 -70.66
C2A KC2 KL . 25.31 36.98 -74.02
C2B KC2 KL . 19.23 36.76 -73.70
C2C KC2 KL . 18.95 41.93 -70.58
C2D KC2 KL . 25.14 42.17 -70.81
C3A KC2 KL . 24.06 36.28 -74.34
C3B KC2 KL . 18.32 37.72 -73.07
C3C KC2 KL . 20.15 42.67 -70.18
C3D KC2 KL . 25.88 41.09 -71.47
C4A KC2 KL . 23.00 36.91 -73.52
C4B KC2 KL . 19.23 38.53 -72.23
C4C KC2 KL . 21.23 41.67 -70.47
C4D KC2 KL . 24.96 40.03 -71.67
CAA KC2 KL . 26.64 36.69 -74.63
CAB KC2 KL . 16.85 38.02 -73.02
CAC KC2 KL . 20.17 44.09 -69.67
CAD KC2 KL . 27.25 40.71 -71.97
CBA KC2 KL . 27.79 36.39 -74.04
CBB KC2 KL . 15.92 37.28 -73.58
CBC KC2 KL . 19.45 44.23 -68.37
CBD KC2 KL . 26.99 39.55 -72.79
CED KC2 KL . 28.30 41.16 -75.97
CGA KC2 KL . 28.98 37.05 -74.60
CGD KC2 KL . 27.00 40.03 -74.20
CHA KC2 KL . 25.70 38.95 -72.36
CHB KC2 KL . 21.67 36.34 -73.71
CHC KC2 KL . 18.56 39.59 -71.53
CHD KC2 KL . 22.53 42.28 -70.13
CMA KC2 KL . 23.82 35.16 -75.32
CMB KC2 KL . 18.89 35.65 -74.67
CMC KC2 KL . 17.49 42.32 -70.59
CMD KC2 KL . 25.45 43.55 -70.30
NA KC2 KL . 23.40 37.91 -72.71
NC KC2 KL . 20.74 40.37 -71.00
O1A KC2 KL . 28.88 37.64 -75.70
O1D KC2 KL . 25.98 40.36 -74.81
O2A KC2 KL . 29.92 37.28 -73.79
O2D KC2 KL . 28.28 40.40 -74.77
OBD KC2 KL . 28.11 41.66 -71.93
MG KC2 KL . 22.19 39.00 -71.44
MG CLA LL . 8.87 44.79 -61.01
CHA CLA LL . 6.14 46.97 -60.88
CHB CLA LL . 10.29 46.71 -63.42
CHC CLA LL . 11.84 43.10 -60.59
CHD CLA LL . 7.67 43.30 -58.03
NA CLA LL . 8.28 46.54 -61.99
C1A CLA LL . 7.12 47.31 -61.78
C2A CLA LL . 7.11 48.51 -62.74
C3A CLA LL . 8.34 48.29 -63.64
C4A CLA LL . 9.04 47.11 -62.97
CMA CLA LL . 7.94 47.95 -65.05
CAA CLA LL . 7.18 49.88 -62.04
CBA CLA LL . 8.05 49.93 -60.80
CGA CLA LL . 8.38 51.35 -60.53
O1A CLA LL . 8.81 52.21 -61.31
O2A CLA LL . 8.19 51.70 -59.23
NB CLA LL . 10.74 44.98 -61.76
C1B CLA LL . 11.01 45.64 -62.91
C2B CLA LL . 12.20 45.04 -63.59
C3B CLA LL . 12.64 44.02 -62.80
C4B CLA LL . 11.73 43.97 -61.62
CMB CLA LL . 12.72 45.55 -64.86
CAB CLA LL . 13.75 43.10 -62.98
CBB CLA LL . 14.99 43.23 -62.53
NC CLA LL . 9.61 43.47 -59.57
C1C CLA LL . 10.85 42.89 -59.59
C2C CLA LL . 11.02 41.99 -58.47
C3C CLA LL . 9.84 42.06 -57.74
C4C CLA LL . 8.96 42.98 -58.44
CMC CLA LL . 12.21 41.20 -58.20
CAC CLA LL . 9.52 41.31 -56.52
CBC CLA LL . 8.91 39.98 -56.86
ND CLA LL . 7.27 44.96 -59.79
C1D CLA LL . 6.88 44.22 -58.65
C2D CLA LL . 5.50 44.60 -58.28
C3D CLA LL . 5.15 45.63 -59.14
C4D CLA LL . 6.32 45.86 -60.01
CMD CLA LL . 4.75 43.96 -57.23
CAD CLA LL . 4.12 46.56 -59.52
OBD CLA LL . 2.95 46.63 -59.14
CBD CLA LL . 4.76 47.53 -60.55
CGD CLA LL . 3.82 47.71 -61.72
O1D CLA LL . 3.00 46.89 -62.15
O2D CLA LL . 3.88 48.92 -62.31
CED CLA LL . 3.35 49.05 -63.63
C1 CLA LL . 9.35 51.56 -58.40
C2 CLA LL . 9.16 52.43 -57.21
C3 CLA LL . 10.23 52.84 -56.53
C4 CLA LL . 10.13 53.71 -55.34
C5 CLA LL . 11.60 52.43 -56.95
C6 CLA LL . 12.67 53.01 -56.05
MG CLA ML . 4.88 36.66 -54.22
CHA CLA ML . 1.84 38.33 -54.14
CHB CLA ML . 6.33 39.35 -52.66
CHC CLA ML . 7.67 34.77 -53.59
CHD CLA ML . 3.17 33.71 -55.22
NA CLA ML . 4.20 38.55 -53.58
C1A CLA ML . 2.90 39.06 -53.65
C2A CLA ML . 2.86 40.50 -53.12
C3A CLA ML . 4.36 40.86 -53.03
C4A CLA ML . 5.03 39.49 -53.08
CMA CLA ML . 4.82 41.70 -54.19
CAA CLA ML . 2.09 40.73 -51.81
CBA CLA ML . 2.65 40.03 -50.61
CGA CLA ML . 1.99 38.70 -50.50
O1A CLA ML . 0.80 38.44 -50.43
O2A CLA ML . 2.90 37.67 -50.54
NB CLA ML . 6.68 37.03 -53.39
C1B CLA ML . 7.02 38.14 -52.68
C2B CLA ML . 8.28 37.92 -51.93
C3B CLA ML . 8.67 36.63 -52.19
C4B CLA ML . 7.66 36.05 -53.12
CMB CLA ML . 8.86 38.95 -51.06
CAB CLA ML . 9.81 35.89 -51.72
CBB CLA ML . 10.09 35.59 -50.46
NC CLA ML . 5.34 34.64 -54.44
C1C CLA ML . 6.57 34.11 -54.22
C2C CLA ML . 6.60 32.72 -54.62
C3C CLA ML . 5.31 32.38 -54.97
C4C CLA ML . 4.52 33.60 -54.90
CMC CLA ML . 7.79 31.88 -54.53
CAC CLA ML . 4.84 31.08 -55.50
CBC CLA ML . 4.39 30.11 -54.43
ND CLA ML . 2.97 36.07 -54.57
C1D CLA ML . 2.41 34.85 -55.03
C2D CLA ML . 0.98 35.06 -55.32
C3D CLA ML . 0.71 36.38 -55.02
C4D CLA ML . 1.98 36.96 -54.54
CMD CLA ML . 0.07 34.03 -55.82
CAD CLA ML . -0.29 37.43 -54.98
OBD CLA ML . -1.47 37.40 -55.34
CBD CLA ML . 0.39 38.70 -54.39
CGD CLA ML . 0.27 39.91 -55.28
O1D CLA ML . -0.55 40.82 -55.21
O2D CLA ML . 1.21 39.97 -56.25
CED CLA ML . 1.85 41.23 -56.43
C1 CLA ML . 2.39 36.39 -50.94
C2 CLA ML . 3.53 35.44 -50.88
C3 CLA ML . 3.44 34.14 -51.18
C4 CLA ML . 2.17 33.52 -51.62
C5 CLA ML . 4.62 33.24 -51.09
C6 CLA ML . 5.87 33.90 -50.53
C7 CLA ML . 6.83 32.95 -49.85
C8 CLA ML . 7.20 31.71 -50.66
C9 CLA ML . 6.72 30.46 -49.93
C10 CLA ML . 8.72 31.68 -50.93
C11 CLA ML . 9.18 30.32 -51.39
C12 CLA ML . 10.54 30.25 -52.03
C13 CLA ML . 10.67 28.95 -52.81
C14 CLA ML . 9.50 28.69 -53.75
C15 CLA ML . 11.03 27.75 -51.92
C16 CLA ML . 10.77 26.43 -52.62
C17 CLA ML . 10.95 25.20 -51.76
C18 CLA ML . 10.85 23.91 -52.56
C19 CLA ML . 9.77 23.92 -53.63
C20 CLA ML . 10.68 22.71 -51.66
C03 II0 NL . 9.89 43.91 -68.79
C04 II0 NL . 23.72 25.76 -75.01
C05 II0 NL . 8.41 44.52 -68.49
C06 II0 NL . 25.00 24.81 -75.52
C07 II0 NL . 7.67 43.64 -67.76
C08 II0 NL . 25.40 25.08 -76.80
C09 II0 NL . 10.45 43.29 -67.57
C10 II0 NL . 22.99 26.45 -76.04
C11 II0 NL . 8.27 43.39 -66.19
C12 II0 NL . 24.15 25.07 -77.89
C13 II0 NL . 9.69 43.36 -66.16
C14 II0 NL . 23.18 26.11 -77.59
C15 II0 NL . 9.79 42.81 -69.92
C16 II0 NL . 10.84 45.06 -69.28
C17 II0 NL . 24.20 26.80 -73.98
C18 II0 NL . 22.69 24.89 -74.22
C19 II0 NL . 10.25 42.44 -65.07
C20 II0 NL . 23.01 27.26 -78.60
C21 II0 NL . 11.93 42.88 -67.59
C22 II0 NL . 21.69 27.14 -75.58
C23 II0 NL . 13.05 42.47 -67.63
C24 II0 NL . 20.75 27.74 -75.18
C25 II0 NL . 14.45 41.88 -67.81
C26 II0 NL . 19.59 28.64 -74.72
C27 II0 NL . 15.72 42.59 -67.32
C28 II0 NL . 18.17 28.42 -75.20
C29 II0 NL . 14.44 40.66 -68.44
C30 II0 NL . 19.93 29.65 -73.93
C31 II0 NL . 15.69 39.80 -68.75
C32 II0 NL . 18.86 30.64 -73.43
C33 II0 NL . 15.51 38.46 -68.66
C34 II0 NL . 19.24 31.57 -72.58
C35 II0 NL . 16.67 37.54 -68.97
C36 II0 NL . 18.15 32.54 -72.12
C37 II0 NL . 18.05 37.80 -68.43
C38 II0 NL . 16.70 32.09 -72.15
C39 II0 NL . 16.42 36.48 -69.76
C40 II0 NL . 18.51 33.75 -71.68
C41 II0 NL . 17.56 35.50 -70.11
C42 II0 NL . 17.39 34.75 -71.24
O01 II0 NL . 6.36 44.14 -67.68
O02 II0 NL . 26.04 26.34 -76.83
C03 II0 OL . 20.25 36.98 -49.36
C04 II0 OL . 5.86 30.94 -66.97
C05 II0 OL . 21.48 36.68 -48.31
C06 II0 OL . 4.61 31.47 -67.92
C07 II0 OL . 22.20 35.57 -48.61
C08 II0 OL . 3.97 30.40 -68.49
C09 II0 OL . 20.42 36.30 -50.66
C10 II0 OL . 5.70 29.61 -66.44
C11 II0 OL . 22.86 35.63 -50.18
C12 II0 OL . 3.28 29.46 -67.31
C13 II0 OL . 21.87 35.87 -51.15
C14 II0 OL . 4.23 29.02 -66.30
C15 II0 OL . 18.89 36.53 -48.73
C16 II0 OL . 20.14 38.53 -49.63
C17 II0 OL . 7.09 30.91 -67.88
C18 II0 OL . 6.11 31.91 -65.75
C19 II0 OL . 22.08 35.53 -52.62
C20 II0 OL . 4.03 27.67 -65.59
C21 II0 OL . 19.44 36.71 -51.77
C22 II0 OL . 6.81 29.12 -65.46
C23 II0 OL . 18.65 36.96 -52.62
C24 II0 OL . 7.69 28.86 -64.71
C25 II0 OL . 17.55 37.09 -53.66
C26 II0 OL . 8.80 28.59 -63.68
C27 II0 OL . 17.05 38.46 -54.15
C28 II0 OL . 9.26 27.22 -63.32
C29 II0 OL . 17.08 35.88 -54.06
C30 II0 OL . 9.32 29.64 -63.07
C31 II0 OL . 15.95 35.71 -55.11
C32 II0 OL . 10.46 29.46 -62.03
C33 II0 OL . 15.87 34.49 -55.63
C34 II0 OL . 11.15 30.55 -61.80
C35 II0 OL . 14.81 34.24 -56.67
C36 II0 OL . 12.29 30.53 -60.80
C37 II0 OL . 14.06 35.42 -57.20
C38 II0 OL . 12.98 29.24 -60.35
C39 II0 OL . 14.56 33.01 -57.15
C40 II0 OL . 12.59 31.70 -60.26
C41 II0 OL . 13.48 32.82 -58.23
C42 II0 OL . 13.66 31.86 -59.17
O01 II0 OL . 23.28 35.47 -47.71
O02 II0 OL . 2.98 30.86 -69.41
C03 II0 PL . 23.27 40.62 -61.50
C04 II0 PL . 1.31 45.44 -53.81
C05 II0 PL . 24.34 39.48 -61.02
C06 II0 PL . -0.34 45.19 -53.87
C07 II0 PL . 25.46 40.06 -60.52
C08 II0 PL . -0.69 43.96 -53.38
C09 II0 PL . 23.14 41.75 -60.57
C10 II0 PL . 1.91 44.95 -52.59
C11 II0 PL . 25.12 40.99 -59.12
C12 II0 PL . -0.32 43.81 -51.78
C13 II0 PL . 23.80 41.52 -59.14
C14 II0 PL . 0.99 44.35 -51.43
C15 II0 PL . 23.81 41.19 -62.85
C16 II0 PL . 21.85 39.99 -61.70
C17 II0 PL . 1.65 46.93 -53.98
C18 II0 PL . 1.95 44.66 -55.00
C19 II0 PL . 23.17 42.15 -57.90
C20 II0 PL . 1.60 44.03 -50.07
C21 II0 PL . 21.85 42.61 -60.68
C22 II0 PL . 3.46 44.85 -52.48
C23 II0 PL . 20.82 43.23 -60.76
C24 II0 PL . 4.65 44.74 -52.38
C25 II0 PL . 19.46 43.96 -60.78
C26 II0 PL . 6.18 44.50 -52.28
C27 II0 PL . 18.77 44.43 -62.07
C28 II0 PL . 6.82 44.20 -50.96
C29 II0 PL . 18.90 44.18 -59.56
C30 II0 PL . 6.91 44.56 -53.40
C31 II0 PL . 17.52 44.86 -59.40
C32 II0 PL . 8.45 44.31 -53.35
C33 II0 PL . 16.62 44.05 -58.84
C34 II0 PL . 9.07 44.39 -54.51
C35 II0 PL . 15.19 44.49 -58.59
C36 II0 PL . 10.57 44.15 -54.66
C37 II0 PL . 14.44 45.36 -59.56
C38 II0 PL . 11.24 43.05 -53.83
C39 II0 PL . 14.63 44.05 -57.44
C40 II0 PL . 11.25 44.83 -55.60
C41 II0 PL . 13.18 44.42 -57.10
C42 II0 PL . 12.76 44.51 -55.80
O01 II0 PL . 26.43 39.06 -60.22
O02 II0 PL . -2.09 43.79 -53.54
C02 IHT QL . 19.89 43.48 -54.17
C03 IHT QL . 1.20 28.79 -61.01
C04 IHT QL . 20.97 44.58 -53.57
C05 IHT QL . -0.44 28.97 -61.21
C06 IHT QL . 20.38 45.74 -53.20
C07 IHT QL . 18.53 43.98 -54.18
C08 IHT QL . -1.07 28.61 -60.07
C09 IHT QL . 19.40 46.37 -54.40
C10 IHT QL . 18.36 45.45 -54.74
C11 IHT QL . 1.62 29.74 -59.99
C12 IHT QL . -0.69 29.68 -58.78
C13 IHT QL . 19.97 42.17 -53.28
C14 IHT QL . 20.31 43.15 -55.68
C15 IHT QL . 0.70 29.92 -58.67
C16 IHT QL . 1.40 27.39 -60.53
C17 IHT QL . 1.98 28.98 -62.29
C18 IHT QL . 17.32 43.04 -54.22
C19 IHT QL . 16.95 45.98 -55.05
C20 IHT QL . 1.30 30.47 -57.36
C21 IHT QL . 3.02 30.39 -60.03
C22 IHT QL . 16.56 42.91 -53.13
C23 IHT QL . 15.29 41.97 -53.16
C24 IHT QL . 4.13 30.92 -60.04
C25 IHT QL . 14.50 41.62 -51.87
C26 IHT QL . 5.51 31.59 -59.99
C27 IHT QL . 14.87 41.49 -54.37
C28 IHT QL . 6.36 31.73 -61.26
C29 IHT QL . 5.96 32.07 -58.81
C30 IHT QL . 13.59 40.58 -54.41
C31 IHT QL . 7.33 32.76 -58.72
C32 IHT QL . 13.63 39.26 -54.62
C33 IHT QL . 12.27 38.56 -54.63
C34 IHT QL . 7.53 33.64 -57.74
C35 IHT QL . 8.91 34.37 -57.61
C36 IHT QL . 11.20 38.97 -53.63
C37 IHT QL . 12.01 37.61 -55.56
C38 IHT QL . 9.03 35.40 -56.75
C39 IHT QL . 10.11 33.90 -58.47
C40 IHT QL . 10.64 36.91 -55.59
C41 IHT QL . 10.39 36.12 -56.62
O01 IHT QL . -2.47 28.60 -60.26
O1 LHG RL . 31.23 45.65 -63.33
C1 LHG RL . 31.48 46.25 -62.06
C2 LHG RL . 30.30 47.10 -61.61
O2 LHG RL . 30.64 47.82 -60.42
C3 LHG RL . 29.06 46.24 -61.33
O3 LHG RL . 28.51 45.68 -62.53
P LHG RL . 27.67 44.30 -62.47
O4 LHG RL . 28.28 43.41 -61.40
O5 LHG RL . 27.49 43.78 -63.86
O6 LHG RL . 26.25 44.77 -61.92
C4 LHG RL . 25.86 44.42 -60.60
C5 LHG RL . 25.15 45.61 -59.98
C6 LHG RL . 24.06 46.07 -60.93
O7 LHG RL . 24.58 45.27 -58.73
C7 LHG RL . 24.72 46.35 -57.77
O9 LHG RL . 25.45 47.30 -58.02
C8 LHG RL . 23.98 46.30 -56.47
C9 LHG RL . 24.14 47.62 -55.74
C10 LHG RL . 23.54 47.45 -54.36
O8 LHG RL . 23.38 47.24 -60.44
C23 LHG RL . 21.93 47.31 -60.45
O10 LHG RL . 21.31 46.56 -61.17
C24 LHG RL . 21.20 48.33 -59.61
C11 LHG RL . 23.28 48.76 -53.63
C12 LHG RL . 22.52 48.43 -52.34
C13 LHG RL . 21.97 49.66 -51.65
C14 LHG RL . 21.27 49.28 -50.36
C25 LHG RL . 20.53 47.62 -58.44
C26 LHG RL . 19.63 48.57 -57.65
C27 LHG RL . 20.44 49.62 -56.89
MG CLA SL . -9.01 -54.20 65.65
CHA CLA SL . -5.95 -55.82 65.78
CHB CLA SL . -7.77 -52.18 63.16
CHC CLA SL . -12.21 -53.22 64.87
CHD CLA SL . -10.36 -56.74 67.72
NA CLA SL . -7.16 -54.02 64.68
C1A CLA SL . -6.01 -54.80 64.87
C2A CLA SL . -4.85 -54.30 63.99
C3A CLA SL . -5.39 -52.95 63.48
C4A CLA SL . -6.89 -53.04 63.77
CMA CLA SL . -4.74 -51.81 64.20
CAA CLA SL . -4.51 -55.27 62.85
CBA CLA SL . -4.99 -54.87 61.48
CGA CLA SL . -6.43 -55.25 61.38
O1A CLA SL . -6.99 -56.13 62.01
O2A CLA SL . -7.18 -54.48 60.53
NB CLA SL . -9.82 -52.94 64.30
C1B CLA SL . -9.16 -52.21 63.37
C2B CLA SL . -10.11 -51.40 62.57
C3B CLA SL . -11.37 -51.68 63.06
C4B CLA SL . -11.20 -52.67 64.15
CMB CLA SL . -9.66 -50.51 61.51
CAB CLA SL . -12.70 -51.25 62.67
CBB CLA SL . -13.08 -50.02 62.34
NC CLA SL . -10.91 -54.81 66.27
C1C CLA SL . -12.08 -54.20 65.89
C2C CLA SL . -13.20 -54.79 66.60
C3C CLA SL . -12.70 -55.88 67.31
C4C CLA SL . -11.25 -55.87 67.10
CMC CLA SL . -14.58 -54.32 66.51
CAC CLA SL . -13.43 -56.76 68.23
CBC CLA SL . -13.99 -58.01 67.58
ND CLA SL . -8.37 -55.86 66.60
C1D CLA SL . -9.00 -56.73 67.51
C2D CLA SL . -7.99 -57.61 68.12
C3D CLA SL . -6.80 -57.31 67.49
C4D CLA SL . -7.10 -56.23 66.54
CMD CLA SL . -8.29 -58.60 69.16
CAD CLA SL . -5.37 -57.60 67.39
OBD CLA SL . -4.70 -58.39 68.04
CBD CLA SL . -4.80 -56.68 66.27
CGD CLA SL . -3.64 -55.86 66.75
O1D CLA SL . -2.44 -56.10 66.62
O2D CLA SL . -4.00 -54.72 67.40
CED CLA SL . -2.98 -53.74 67.65
C1 CLA SL . -8.60 -54.63 60.74
C2 CLA SL . -9.30 -54.14 59.53
C3 CLA SL . -10.64 -54.10 59.49
C4 CLA SL . -11.49 -54.51 60.62
C5 CLA SL . -11.34 -53.60 58.27
MG CLA TL . -15.30 -46.97 59.23
CHA CLA TL . -12.35 -46.29 57.58
CHB CLA TL . -14.60 -50.31 58.91
CHC CLA TL . -18.39 -47.72 60.49
CHD CLA TL . -16.26 -43.58 58.93
NA CLA TL . -13.73 -48.09 58.41
C1A CLA TL . -12.57 -47.61 57.81
C2A CLA TL . -11.65 -48.78 57.38
C3A CLA TL . -12.46 -50.01 57.72
C4A CLA TL . -13.68 -49.45 58.43
CMA CLA TL . -12.88 -50.74 56.46
CAA CLA TL . -10.37 -48.84 58.22
CBA CLA TL . -9.33 -49.75 57.62
CGA CLA TL . -8.86 -49.18 56.32
O1A CLA TL . -8.14 -48.20 56.10
O2A CLA TL . -9.33 -49.90 55.26
NB CLA TL . -16.26 -48.67 59.67
C1B CLA TL . -15.79 -49.92 59.51
C2B CLA TL . -16.73 -50.93 60.01
C3B CLA TL . -17.82 -50.19 60.47
C4B CLA TL . -17.54 -48.76 60.24
CMB CLA TL . -16.36 -52.34 59.88
CAB CLA TL . -19.09 -50.56 60.99
CBB CLA TL . -19.66 -51.69 60.69
NC CLA TL . -17.01 -45.84 59.65
C1C CLA TL . -18.14 -46.34 60.22
C2C CLA TL . -19.11 -45.28 60.47
C3C CLA TL . -18.52 -44.10 59.98
C4C CLA TL . -17.19 -44.46 59.49
CMC CLA TL . -20.42 -45.47 61.08
CAC CLA TL . -19.08 -42.74 60.01
CBC CLA TL . -20.09 -42.45 58.93
ND CLA TL . -14.58 -45.28 58.39
C1D CLA TL . -15.03 -43.94 58.40
C2D CLA TL . -13.99 -43.10 57.78
C3D CLA TL . -12.93 -43.93 57.47
C4D CLA TL . -13.35 -45.29 57.86
CMD CLA TL . -14.13 -41.66 57.59
CAD CLA TL . -11.61 -44.07 56.89
OBD CLA TL . -10.85 -43.26 56.41
CBD CLA TL . -11.20 -45.55 56.94
CGD CLA TL . -10.90 -46.07 55.56
O1D CLA TL . -9.81 -46.02 54.97
O2D CLA TL . -11.95 -46.63 54.92
CED CLA TL . -12.56 -45.93 53.84
C1 CLA TL . -8.89 -49.57 53.93
C2 CLA TL . -10.12 -49.26 53.14
C3 CLA TL . -11.05 -50.13 52.73
C4 CLA TL . -10.96 -51.60 52.97
C5 CLA TL . -12.24 -49.67 51.97
C6 CLA TL . -13.54 -49.97 52.68
MG CLA UL . -26.29 -37.28 72.02
CHA CLA UL . -29.02 -35.15 72.06
CHB CLA UL . -25.87 -36.58 68.69
CHC CLA UL . -23.06 -38.48 72.14
CHD CLA UL . -26.43 -37.39 75.54
NA CLA UL . -27.30 -36.08 70.63
C1A CLA UL . -28.40 -35.26 70.85
C2A CLA UL . -28.82 -34.53 69.58
C3A CLA UL . -27.98 -35.22 68.49
C4A CLA UL . -26.95 -36.01 69.31
CMA CLA UL . -28.86 -36.09 67.64
CAA CLA UL . -28.55 -33.03 69.68
CBA CLA UL . -27.11 -32.62 69.96
CGA CLA UL . -26.83 -32.43 71.42
O1A CLA UL . -27.33 -31.64 72.22
O2A CLA UL . -25.89 -33.29 71.90
NB CLA UL . -24.78 -37.47 70.69
C1B CLA UL . -24.88 -37.30 69.35
C2B CLA UL . -23.76 -37.97 68.65
C3B CLA UL . -22.95 -38.52 69.62
C4B CLA UL . -23.57 -38.18 70.93
CMB CLA UL . -23.67 -37.90 67.19
CAB CLA UL . -21.70 -39.22 69.56
CBB CLA UL . -21.18 -39.92 68.54
NC CLA UL . -25.00 -37.84 73.57
C1C CLA UL . -23.73 -38.32 73.38
C2C CLA UL . -23.12 -38.63 74.67
C3C CLA UL . -24.06 -38.31 75.64
C4C CLA UL . -25.24 -37.82 74.94
CMC CLA UL . -21.77 -39.17 74.85
CAC CLA UL . -23.90 -38.46 77.11
CBC CLA UL . -23.56 -37.18 77.84
ND CLA UL . -27.41 -36.49 73.50
C1D CLA UL . -27.46 -36.76 74.88
C2D CLA UL . -28.71 -36.24 75.43
C3D CLA UL . -29.34 -35.57 74.41
C4D CLA UL . -28.48 -35.74 73.23
CMD CLA UL . -29.14 -36.38 76.81
CAD CLA UL . -30.50 -34.81 73.99
OBD CLA UL . -31.48 -34.45 74.63
CBD CLA UL . -30.33 -34.50 72.48
CGD CLA UL . -31.50 -34.96 71.66
O1D CLA UL . -31.98 -34.42 70.67
O2D CLA UL . -32.08 -36.12 72.11
CED CLA UL . -33.51 -36.17 72.15
C1 CLA UL . -25.78 -33.33 73.33
C2 CLA UL . -24.69 -34.28 73.64
C3 CLA UL . -23.70 -34.04 74.52
C4 CLA UL . -23.58 -32.78 75.29
C5 CLA UL . -22.65 -35.06 74.75
C6 CLA UL . -21.27 -34.48 74.98
C7 CLA UL . -20.43 -35.52 75.67
C8 CLA UL . -19.07 -35.69 75.01
C9 CLA UL . -18.08 -36.27 76.01
C10 CLA UL . -18.56 -34.35 74.50
C11 CLA UL . -17.07 -34.36 74.24
C12 CLA UL . -16.76 -34.66 72.79
C13 CLA UL . -15.80 -33.65 72.19
C14 CLA UL . -16.53 -32.43 71.64
C15 CLA UL . -14.97 -34.29 71.10
C16 CLA UL . -14.59 -33.29 70.03
C17 CLA UL . -13.28 -33.67 69.37
C18 CLA UL . -12.11 -33.58 70.35
C19 CLA UL . -10.93 -34.40 69.88
C20 CLA UL . -11.70 -32.13 70.55
MG CLA VL . -32.36 -26.65 75.23
CHA CLA VL . -35.01 -24.73 76.34
CHB CLA VL . -30.94 -26.45 78.34
CHC CLA VL . -30.07 -29.04 74.32
CHD CLA VL . -34.15 -27.24 72.21
NA CLA VL . -32.91 -25.73 77.03
C1A CLA VL . -34.05 -24.97 77.30
C2A CLA VL . -34.07 -24.46 78.75
C3A CLA VL . -32.68 -24.89 79.28
C4A CLA VL . -32.13 -25.76 78.15
CMA CLA VL . -31.79 -23.72 79.58
CAA CLA VL . -35.17 -25.10 79.59
CBA CLA VL . -34.97 -24.98 81.08
CGA CLA VL . -35.55 -26.20 81.71
O1A CLA VL . -36.64 -26.75 81.49
O2A CLA VL . -34.72 -26.74 82.66
NB CLA VL . -30.87 -27.64 76.18
C1B CLA VL . -30.34 -27.26 77.37
C2B CLA VL . -28.96 -27.81 77.53
C3B CLA VL . -28.70 -28.55 76.39
C4B CLA VL . -29.91 -28.45 75.53
CMB CLA VL . -28.21 -27.53 78.75
CAB CLA VL . -27.57 -29.33 75.94
CBB CLA VL . -26.38 -29.54 76.51
NC CLA VL . -32.17 -27.91 73.58
C1C CLA VL . -31.15 -28.80 73.40
C2C CLA VL . -31.31 -29.50 72.14
C3C CLA VL . -32.46 -29.00 71.54
C4C CLA VL . -32.99 -28.00 72.44
CMC CLA VL . -30.42 -30.54 71.64
CAC CLA VL . -33.03 -29.41 70.24
CBC CLA VL . -32.44 -28.64 69.09
ND CLA VL . -34.11 -26.12 74.39
C1D CLA VL . -34.69 -26.36 73.10
C2D CLA VL . -35.92 -25.56 72.96
C3D CLA VL . -36.08 -24.89 74.16
C4D CLA VL . -34.95 -25.29 75.02
CMD CLA VL . -36.77 -25.54 71.77
CAD CLA VL . -36.91 -23.99 74.93
OBD CLA VL . -37.94 -23.40 74.61
CBD CLA VL . -36.25 -23.86 76.34
CGD CLA VL . -35.81 -22.47 76.67
O1D CLA VL . -35.90 -21.89 77.77
O2D CLA VL . -35.26 -21.80 75.63
CED CLA VL . -35.47 -20.39 75.54
C1 CLA VL . -35.31 -27.35 83.82
C2 CLA VL . -36.07 -26.31 84.57
C3 CLA VL . -36.89 -26.60 85.60
C4 CLA VL . -37.11 -27.98 86.08
C5 CLA VL . -37.65 -25.53 86.33
C6 CLA VL . -37.54 -24.14 85.72
MG CLA WL . -23.69 -24.32 67.34
CHA CLA WL . -27.13 -24.49 67.71
CHB CLA WL . -23.98 -20.87 67.24
CHC CLA WL . -20.42 -23.97 68.48
CHD CLA WL . -23.54 -27.66 68.63
NA CLA WL . -25.27 -22.96 67.34
C1A CLA WL . -26.64 -23.23 67.52
C2A CLA WL . -27.46 -21.95 67.46
C3A CLA WL . -26.48 -21.01 66.75
C4A CLA WL . -25.14 -21.61 67.14
CMA CLA WL . -26.68 -21.07 65.25
CAA CLA WL . -27.73 -21.52 68.91
CBA CLA WL . -28.80 -20.47 69.08
CGA CLA WL . -29.20 -20.31 70.53
O1A CLA WL . -30.17 -19.71 70.98
O2A CLA WL . -28.38 -20.94 71.43
NB CLA WL . -22.45 -22.77 67.70
C1B CLA WL . -22.75 -21.45 67.60
C2B CLA WL . -21.51 -20.68 67.90
C3B CLA WL . -20.53 -21.53 68.25
C4B CLA WL . -21.11 -22.87 68.12
CMB CLA WL . -21.43 -19.26 67.91
CAB CLA WL . -19.20 -21.24 68.68
CBB CLA WL . -18.78 -21.26 69.94
NC CLA WL . -22.24 -25.60 68.19
C1C CLA WL . -20.95 -25.27 68.48
C2C CLA WL . -20.18 -26.38 68.98
C3C CLA WL . -21.09 -27.40 69.16
C4C CLA WL . -22.37 -26.91 68.65
CMC CLA WL . -18.76 -26.32 69.34
CAC CLA WL . -20.81 -28.76 69.66
CBC CLA WL . -20.34 -29.68 68.58
ND CLA WL . -24.96 -25.81 67.85
C1D CLA WL . -24.76 -27.16 68.27
C2D CLA WL . -26.05 -27.86 68.28
C3D CLA WL . -27.01 -26.89 68.05
C4D CLA WL . -26.28 -25.62 67.85
CMD CLA WL . -26.16 -29.29 68.57
CAD CLA WL . -28.41 -26.59 67.88
OBD CLA WL . -29.37 -27.34 67.79
CBD CLA WL . -28.54 -25.04 67.84
CGD CLA WL . -29.51 -24.63 66.76
O1D CLA WL . -30.74 -24.65 66.85
O2D CLA WL . -28.96 -24.23 65.59
CED CLA WL . -29.82 -23.53 64.70
C1 CLA WL . -28.79 -20.99 72.81
C2 CLA WL . -27.56 -21.18 73.63
C3 CLA WL . -27.29 -22.24 74.42
C4 CLA WL . -26.01 -22.29 75.18
C5 CLA WL . -28.23 -23.39 74.59
C6 CLA WL . -28.37 -23.88 76.02
MG CLA XL . -25.23 -38.37 58.83
CHA CLA XL . -26.17 -36.66 55.94
CHB CLA XL . -25.17 -41.30 57.02
CHC CLA XL . -23.52 -39.94 61.38
CHD CLA XL . -24.40 -35.24 60.29
NA CLA XL . -25.66 -38.89 56.83
C1A CLA XL . -26.02 -38.02 55.77
C2A CLA XL . -26.23 -38.80 54.47
C3A CLA XL . -26.09 -40.28 54.91
C4A CLA XL . -25.61 -40.17 56.36
CMA CLA XL . -27.36 -41.05 54.70
CAA CLA XL . -25.22 -38.47 53.37
CBA CLA XL . -23.96 -39.31 53.41
CGA CLA XL . -23.95 -40.27 52.25
O1A CLA XL . -24.80 -41.10 51.93
O2A CLA XL . -22.81 -40.17 51.51
NB CLA XL . -24.47 -40.23 59.12
C1B CLA XL . -24.70 -41.32 58.34
C2B CLA XL . -24.36 -42.57 59.07
C3B CLA XL . -23.89 -42.19 60.31
C4B CLA XL . -23.95 -40.71 60.34
CMB CLA XL . -24.48 -43.88 58.43
CAB CLA XL . -23.39 -42.95 61.43
CBB CLA XL . -23.92 -44.05 61.95
NC CLA XL . -24.22 -37.70 60.52
C1C CLA XL . -23.64 -38.52 61.47
C2C CLA XL . -23.10 -37.73 62.55
C3C CLA XL . -23.25 -36.40 62.21
C4C CLA XL . -23.96 -36.39 60.94
CMC CLA XL . -22.46 -38.27 63.74
CAC CLA XL . -22.86 -35.23 63.02
CBC CLA XL . -21.41 -34.86 62.93
ND CLA XL . -25.33 -36.42 58.35
C1D CLA XL . -25.05 -35.22 59.08
C2D CLA XL . -25.55 -34.06 58.32
C3D CLA XL . -26.04 -34.56 57.13
C4D CLA XL . -25.81 -36.02 57.17
CMD CLA XL . -25.51 -32.69 58.82
CAD CLA XL . -26.67 -34.24 55.86
OBD CLA XL . -27.11 -33.17 55.46
CBD CLA XL . -26.67 -35.55 55.03
CGD CLA XL . -28.01 -35.88 54.43
O1D CLA XL . -28.24 -36.56 53.42
O2D CLA XL . -29.07 -35.33 55.09
CED CLA XL . -29.76 -36.15 56.02
C1 CLA XL . -22.96 -40.33 50.08
C2 CLA XL . -21.65 -40.79 49.54
C3 CLA XL . -21.21 -42.06 49.63
C4 CLA XL . -21.98 -43.14 50.27
C5 CLA XL . -19.89 -42.44 49.08
C6 CLA XL . -18.99 -43.12 50.10
MG CLA YL . -13.07 -38.12 60.17
CHA CLA YL . -11.06 -40.91 59.72
CHB CLA YL . -10.96 -36.37 58.11
CHC CLA YL . -15.57 -35.83 59.60
CHD CLA YL . -15.47 -40.25 61.72
NA CLA YL . -11.29 -38.55 59.19
C1A CLA YL . -10.61 -39.78 59.10
C2A CLA YL . -9.32 -39.62 58.30
C3A CLA YL . -9.13 -38.09 58.32
C4A CLA YL . -10.55 -37.61 58.53
CMA CLA YL . -8.23 -37.71 59.48
CAA CLA YL . -9.40 -40.14 56.86
CBA CLA YL . -10.76 -40.02 56.21
CGA CLA YL . -10.70 -40.28 54.75
O1A CLA YL . -9.84 -40.87 54.09
O2A CLA YL . -11.78 -39.75 54.11
NB CLA YL . -13.23 -36.45 59.05
C1B CLA YL . -12.26 -35.88 58.30
C2B CLA YL . -12.75 -34.61 57.70
C3B CLA YL . -14.05 -34.46 58.11
C4B CLA YL . -14.38 -35.62 58.99
CMB CLA YL . -11.91 -33.76 56.85
CAB CLA YL . -15.00 -33.41 57.83
CBB CLA YL . -15.82 -33.39 56.78
NC CLA YL . -15.10 -38.01 60.68
C1C CLA YL . -15.90 -36.94 60.42
C2C CLA YL . -17.22 -37.15 60.99
C3C CLA YL . -17.23 -38.44 61.51
C4C CLA YL . -15.88 -38.96 61.33
CMC CLA YL . -18.31 -36.20 60.91
CAC CLA YL . -18.35 -39.11 62.20
CBC CLA YL . -18.37 -38.80 63.68
ND CLA YL . -13.22 -40.04 60.77
C1D CLA YL . -14.23 -40.76 61.45
C2D CLA YL . -13.76 -42.12 61.76
C3D CLA YL . -12.55 -42.24 61.10
C4D CLA YL . -12.28 -40.93 60.47
CMD CLA YL . -14.52 -43.08 62.53
CAD CLA YL . -11.41 -43.07 60.82
OBD CLA YL . -11.14 -44.18 61.23
CBD CLA YL . -10.48 -42.30 59.85
CGD CLA YL . -9.08 -42.31 60.37
O1D CLA YL . -8.65 -41.93 61.45
O2D CLA YL . -8.16 -42.82 59.49
CED CLA YL . -6.83 -42.83 59.98
C1 CLA YL . -12.64 -38.92 54.91
MG CLA ZL . -9.26 -42.20 75.66
CHA CLA ZL . -6.30 -40.38 75.75
CHB CLA ZL . -8.09 -44.07 78.29
CHC CLA ZL . -12.45 -43.25 76.35
CHD CLA ZL . -10.60 -39.64 73.56
NA CLA ZL . -7.49 -42.23 76.78
C1A CLA ZL . -6.37 -41.38 76.67
C2A CLA ZL . -5.29 -41.74 77.67
C3A CLA ZL . -5.74 -43.14 78.12
C4A CLA ZL . -7.22 -43.16 77.75
CMA CLA ZL . -4.98 -44.17 77.33
CAA CLA ZL . -5.30 -40.77 78.85
NB CLA ZL . -10.10 -43.39 77.05
C1B CLA ZL . -9.44 -44.15 77.96
C2B CLA ZL . -10.36 -45.15 78.59
C3B CLA ZL . -11.61 -44.92 78.05
C4B CLA ZL . -11.45 -43.80 77.07
CMB CLA ZL . -9.88 -46.08 79.62
CAB CLA ZL . -12.90 -45.53 78.27
CBB CLA ZL . -13.15 -46.82 78.50
NC CLA ZL . -11.15 -41.60 75.00
C1C CLA ZL . -12.31 -42.21 75.38
C2C CLA ZL . -13.43 -41.59 74.71
C3C CLA ZL . -12.93 -40.53 73.97
C4C CLA ZL . -11.49 -40.55 74.15
CMC CLA ZL . -14.83 -41.95 74.87
CAC CLA ZL . -13.71 -39.60 73.14
CBC CLA ZL . -13.98 -38.28 73.82
ND CLA ZL . -8.64 -40.48 74.76
C1D CLA ZL . -9.26 -39.60 73.83
C2D CLA ZL . -8.23 -38.69 73.28
C3D CLA ZL . -7.07 -38.97 73.95
C4D CLA ZL . -7.39 -40.05 74.90
CMD CLA ZL . -8.49 -37.69 72.23
CAD CLA ZL . -5.66 -38.65 74.12
OBD CLA ZL . -4.96 -37.91 73.47
CBD CLA ZL . -5.15 -39.48 75.33
CGD CLA ZL . -3.96 -40.30 74.93
O1D CLA ZL . -3.89 -41.51 74.74
O2D CLA ZL . -2.81 -39.58 74.78
CED CLA ZL . -1.61 -40.11 75.32
MG CLA AM . -12.15 -59.13 79.77
CHA CLA AM . -10.58 -56.12 80.62
CHB CLA AM . -9.98 -60.80 81.78
CHC CLA AM . -14.17 -61.90 79.59
CHD CLA AM . -14.69 -57.23 78.17
NA CLA AM . -10.55 -58.54 80.98
C1A CLA AM . -10.04 -57.25 81.20
C2A CLA AM . -8.83 -57.31 82.14
C3A CLA AM . -8.52 -58.82 82.23
C4A CLA AM . -9.77 -59.45 81.65
CMA CLA AM . -7.29 -59.19 81.43
CAA CLA AM . -9.15 -56.81 83.53
NB CLA AM . -12.17 -60.95 80.67
C1B CLA AM . -11.07 -61.49 81.24
C2B CLA AM . -11.12 -62.98 81.17
C3B CLA AM . -12.30 -63.30 80.55
C4B CLA AM . -12.97 -62.01 80.23
CMB CLA AM . -10.07 -63.84 81.70
CAB CLA AM . -12.87 -64.58 80.22
CBB CLA AM . -13.68 -65.28 81.01
NC CLA AM . -14.07 -59.49 79.01
C1C CLA AM . -14.68 -60.70 79.01
C2C CLA AM . -15.98 -60.63 78.35
C3C CLA AM . -16.14 -59.30 77.96
C4C CLA AM . -14.93 -58.60 78.37
CMC CLA AM . -16.87 -61.79 78.19
CAC CLA AM . -17.27 -58.69 77.21
CBC CLA AM . -18.56 -58.53 77.97
ND CLA AM . -12.52 -57.19 79.34
C1D CLA AM . -13.56 -56.57 78.61
C2D CLA AM . -13.26 -55.13 78.47
C3D CLA AM . -12.13 -54.89 79.23
C4D CLA AM . -11.73 -56.21 79.78
CMD CLA AM . -14.08 -54.20 77.71
CAD CLA AM . -11.18 -53.90 79.69
OBD CLA AM . -11.13 -52.71 79.45
CBD CLA AM . -10.19 -54.65 80.64
CGD CLA AM . -8.77 -54.39 80.20
O1D CLA AM . -8.35 -54.24 79.06
O2D CLA AM . -7.87 -54.29 81.21
CED CLA AM . -6.50 -54.46 80.87
NB KC2 BM . -16.65 -52.33 80.58
ND KC2 BM . -14.04 -49.47 81.87
C1A KC2 BM . -12.91 -52.41 82.91
C1B KC2 BM . -16.58 -53.64 80.82
C1C KC2 BM . -17.83 -49.62 79.83
C1D KC2 BM . -14.09 -48.11 81.85
C2A KC2 BM . -12.51 -53.74 83.44
C2B KC2 BM . -17.80 -54.36 80.37
C2C KC2 BM . -18.38 -48.30 79.58
C2D KC2 BM . -12.97 -47.60 82.65
C3A KC2 BM . -13.55 -54.64 82.87
C3B KC2 BM . -18.65 -53.30 79.81
C3C KC2 BM . -17.36 -47.35 80.07
C3D KC2 BM . -12.26 -48.78 83.15
C4A KC2 BM . -14.44 -53.76 82.08
C4B KC2 BM . -17.84 -52.08 79.99
C4C KC2 BM . -16.30 -48.29 80.56
C4D KC2 BM . -12.94 -49.91 82.65
CAA KC2 BM . -11.40 -54.22 84.31
CAB KC2 BM . -20.00 -53.21 79.18
CAC KC2 BM . -17.47 -45.85 80.03
CAD KC2 BM . -11.09 -49.22 83.98
CBA KC2 BM . -11.40 -54.38 85.62
CBB KC2 BM . -20.54 -54.21 78.51
CBC KC2 BM . -18.19 -45.36 81.26
CBD KC2 BM . -11.41 -50.61 84.27
CED KC2 BM . -7.89 -51.81 83.68
CGA KC2 BM . -12.55 -53.88 86.38
CGD KC2 BM . -10.11 -51.30 84.50
CHA KC2 BM . -12.23 -51.13 83.15
CHB KC2 BM . -15.54 -54.46 81.42
CHC KC2 BM . -18.49 -50.88 79.50
CHD KC2 BM . -15.17 -47.47 81.09
CMA KC2 BM . -13.73 -56.13 83.01
CMB KC2 BM . -18.08 -55.83 80.47
CMC KC2 BM . -19.72 -48.01 78.95
CMD KC2 BM . -12.81 -46.10 82.78
NA KC2 BM . -14.11 -52.45 82.05
NC KC2 BM . -16.62 -49.72 80.38
O1A KC2 BM . -13.65 -54.46 86.27
O1D KC2 BM . -9.64 -51.39 85.62
O2A KC2 BM . -12.41 -52.76 86.93
O2D KC2 BM . -9.25 -51.52 83.38
OBD KC2 BM . -10.03 -48.48 83.85
MG KC2 BM . -15.17 -50.99 81.06
NB KC2 CM . -27.45 -58.41 71.01
ND KC2 CM . -29.88 -58.60 67.77
C1A KC2 CM . -31.45 -60.01 70.34
C1B KC2 CM . -27.76 -58.70 72.29
C1C KC2 CM . -25.83 -57.65 68.55
C1D KC2 CM . -29.73 -58.27 66.47
C2A KC2 CM . -32.13 -60.63 71.49
C2B KC2 CM . -26.55 -58.72 73.15
C2C KC2 CM . -25.11 -57.27 67.32
C2D KC2 CM . -30.85 -58.82 65.70
C3A KC2 CM . -31.21 -60.28 72.61
C3B KC2 CM . -25.44 -58.37 72.24
C3C KC2 CM . -26.13 -57.17 66.27
C3D KC2 CM . -31.71 -59.51 66.68
C4A KC2 CM . -30.09 -59.50 72.00
C4B KC2 CM . -26.11 -58.20 70.94
C4C KC2 CM . -27.37 -57.51 67.03
C4D KC2 CM . -31.07 -59.35 67.93
CAA KC2 CM . -33.38 -61.43 71.62
CAB KC2 CM . -23.97 -58.19 72.33
CAC KC2 CM . -25.83 -56.76 64.85
CAD KC2 CM . -32.98 -60.29 66.87
CBA KC2 CM . -34.64 -61.10 71.47
CBB KC2 CM . -23.39 -57.63 73.38
CBC KC2 CM . -26.13 -57.71 63.72
CBD KC2 CM . -33.23 -60.14 68.29
CED KC2 CM . -35.96 -58.00 69.80
CGA KC2 CM . -35.48 -62.09 70.79
CGD KC2 CM . -34.09 -58.92 68.49
CHA KC2 CM . -31.90 -60.03 68.95
CHB KC2 CM . -29.04 -59.02 72.91
CHC KC2 CM . -25.21 -57.87 69.85
CHD KC2 CM . -28.53 -57.48 66.12
CMA KC2 CM . -31.33 -60.62 74.09
CMB KC2 CM . -26.47 -59.01 74.63
CMC KC2 CM . -23.62 -57.03 67.21
CMD KC2 CM . -30.87 -58.57 64.22
NA KC2 CM . -30.19 -59.31 70.67
NC KC2 CM . -27.14 -57.80 68.48
O1A KC2 CM . -36.58 -61.74 70.31
O1D KC2 CM . -33.68 -57.77 68.34
O2A KC2 CM . -34.95 -63.22 70.56
O2D KC2 CM . -35.37 -59.11 69.12
OBD KC2 CM . -33.67 -60.39 65.78
MG KC2 CM . -28.83 -58.30 69.51
MG CLA DM . -26.96 -54.19 58.42
CHA CLA DM . -30.31 -54.19 57.46
CHB CLA DM . -27.25 -57.51 59.20
CHC CLA DM . -23.52 -54.53 58.32
CHD CLA DM . -26.63 -51.00 56.96
NA CLA DM . -28.53 -55.58 58.36
C1A CLA DM . -29.84 -55.40 57.91
C2A CLA DM . -30.64 -56.71 58.09
C3A CLA DM . -29.77 -57.46 59.11
C4A CLA DM . -28.40 -56.84 58.85
CMA CLA DM . -30.21 -57.22 60.53
CAA CLA DM . -30.68 -57.59 56.85
CBA CLA DM . -31.34 -57.01 55.61
CGA CLA DM . -32.84 -57.07 55.69
O1A CLA DM . -33.57 -57.21 56.68
O2A CLA DM . -33.43 -56.95 54.47
NB CLA DM . -25.65 -55.72 58.69
C1B CLA DM . -25.96 -56.99 59.03
C2B CLA DM . -24.73 -57.79 59.25
C3B CLA DM . -23.67 -56.95 59.01
C4B CLA DM . -24.24 -55.62 58.66
CMB CLA DM . -24.79 -59.20 59.64
CAB CLA DM . -22.24 -57.16 59.03
CBB CLA DM . -21.52 -57.75 60.00
NC CLA DM . -25.38 -52.95 57.84
C1C CLA DM . -24.06 -53.27 57.96
C2C CLA DM . -23.22 -52.15 57.55
C3C CLA DM . -24.09 -51.18 57.06
C4C CLA DM . -25.44 -51.68 57.27
CMC CLA DM . -21.76 -52.15 57.58
CAC CLA DM . -23.73 -49.86 56.53
CBC CLA DM . -23.68 -49.80 55.02
ND CLA DM . -28.14 -52.82 57.52
C1D CLA DM . -27.90 -51.52 57.05
C2D CLA DM . -29.18 -50.85 56.74
C3D CLA DM . -30.14 -51.83 56.90
C4D CLA DM . -29.44 -53.05 57.34
CMD CLA DM . -29.33 -49.46 56.32
CAD CLA DM . -31.55 -52.12 56.87
OBD CLA DM . -32.51 -51.37 56.73
CBD CLA DM . -31.69 -53.66 57.06
CGD CLA DM . -32.84 -54.02 57.97
O1D CLA DM . -34.03 -54.09 57.67
O2D CLA DM . -32.52 -54.30 59.26
CED CLA DM . -33.49 -55.07 59.97
C1 CLA DM . -33.17 -55.71 53.77
C2 CLA DM . -34.44 -55.34 53.12
C3 CLA DM . -35.03 -54.15 53.32
C4 CLA DM . -36.30 -53.78 52.67
C5 CLA DM . -34.42 -53.15 54.23
C6 CLA DM . -35.23 -51.87 54.32
C03 II0 EM . -11.53 -58.83 60.27
C04 II0 EM . -26.73 -41.49 67.71
C05 II0 EM . -10.19 -58.23 59.50
C06 II0 EM . -28.19 -40.81 68.12
C07 II0 EM . -8.99 -58.44 60.12
C08 II0 EM . -28.62 -39.80 67.32
C09 II0 EM . -11.55 -58.44 61.71
C10 II0 EM . -26.06 -40.88 66.57
C11 II0 EM . -9.02 -58.52 61.83
C12 II0 EM . -28.33 -40.00 65.69
C13 II0 EM . -10.19 -57.93 62.35
C14 II0 EM . -27.00 -40.48 65.34
C15 II0 EM . -12.76 -58.20 59.54
C16 II0 EM . -11.63 -60.39 60.09
C17 II0 EM . -25.78 -41.40 68.92
C18 II0 EM . -27.07 -42.98 67.40
C19 II0 EM . -10.12 -56.86 63.44
C20 II0 EM . -26.64 -40.90 63.92
C21 II0 EM . -12.80 -57.75 62.29
C22 II0 EM . -24.65 -41.41 66.18
C23 II0 EM . -13.74 -57.16 62.73
C24 II0 EM . -23.57 -41.80 65.82
C25 II0 EM . -14.95 -56.36 63.20
C26 II0 EM . -22.21 -42.35 65.30
C27 II0 EM . -15.91 -56.96 64.24
C28 II0 EM . -21.08 -41.44 64.92
C29 II0 EM . -15.15 -55.12 62.65
C30 II0 EM . -22.02 -43.65 65.16
C31 II0 EM . -16.37 -54.26 63.09
C32 II0 EM . -20.71 -44.30 64.63
C33 II0 EM . -16.15 -52.97 63.41
C34 II0 EM . -20.33 -45.42 65.22
C35 II0 EM . -17.31 -52.09 63.85
C36 II0 EM . -19.09 -46.22 64.81
C37 II0 EM . -18.63 -52.72 64.23
C38 II0 EM . -17.70 -45.58 64.71
C39 II0 EM . -17.13 -50.76 63.89
C40 II0 EM . -19.29 -47.52 64.51
C41 II0 EM . -18.27 -49.81 64.35
C42 II0 EM . -18.16 -48.47 64.05
O01 II0 EM . -8.36 -59.55 59.54
O02 II0 EM . -30.03 -39.79 67.46
C03 II0 FM . -13.47 -57.25 73.24
C04 II0 FM . -34.38 -62.63 61.10
C05 II0 FM . -11.90 -56.81 73.02
C06 II0 FM . -35.90 -62.09 61.54
C07 II0 FM . -11.07 -57.88 72.90
C08 II0 FM . -36.72 -61.65 60.51
C09 II0 FM . -13.87 -58.58 72.73
C10 II0 FM . -33.67 -61.70 60.23
C11 II0 FM . -11.54 -58.88 71.61
C12 II0 FM . -35.95 -60.73 59.34
C13 II0 FM . -12.94 -59.13 71.54
C14 II0 FM . -34.53 -60.50 59.60
C15 II0 FM . -13.80 -57.19 74.76
C16 II0 FM . -14.36 -56.21 72.46
C17 II0 FM . -33.58 -62.76 62.42
C18 II0 FM . -34.41 -64.05 60.42
C19 II0 FM . -13.46 -60.28 70.68
C20 II0 FM . -33.94 -59.08 59.54
C21 II0 FM . -15.40 -58.82 72.57
C22 II0 FM . -32.11 -61.57 60.35
C23 II0 FM . -16.58 -58.96 72.39
C24 II0 FM . -30.92 -61.46 60.52
C25 II0 FM . -18.09 -59.18 72.04
C26 II0 FM . -29.41 -61.28 60.78
C27 II0 FM . -19.22 -58.88 73.05
C28 II0 FM . -28.45 -61.02 59.64
C29 II0 FM . -18.37 -59.65 70.78
C30 II0 FM . -28.98 -61.36 62.05
C31 II0 FM . -19.84 -59.89 70.32
C32 II0 FM . -27.48 -61.18 62.41
C33 II0 FM . -20.08 -60.28 69.06
C34 II0 FM . -27.10 -61.21 63.70
C35 II0 FM . -21.52 -60.52 68.63
C36 II0 FM . -25.62 -61.01 64.06
C37 II0 FM . -22.57 -60.74 69.69
C38 II0 FM . -24.53 -61.09 62.98
C39 II0 FM . -21.85 -60.55 67.32
C40 II0 FM . -25.28 -60.72 65.33
C41 II0 FM . -23.32 -60.81 66.94
C42 II0 FM . -23.78 -60.48 65.69
O01 II0 FM . -9.77 -57.38 72.64
O02 II0 FM . -37.40 -62.76 59.89
C03 II0 GM . -29.36 -42.30 58.85
C04 II0 GM . -14.74 -61.74 65.40
C05 II0 GM . -30.93 -41.83 59.03
C06 II0 GM . -13.60 -62.54 66.32
C07 II0 GM . -31.89 -42.43 58.25
C08 II0 GM . -13.83 -62.46 67.67
C09 II0 GM . -29.23 -43.57 58.11
C10 II0 GM . -15.98 -61.47 66.10
C11 II0 GM . -31.37 -43.03 56.74
C12 II0 GM . -15.36 -63.00 68.12
C13 II0 GM . -30.21 -43.85 56.86
C14 II0 GM . -16.39 -62.59 67.17
C15 II0 GM . -28.58 -41.15 58.13
C16 II0 GM . -28.56 -42.39 60.21
C17 II0 GM . -14.21 -60.40 64.86
C18 II0 GM . -15.06 -62.66 64.15
C19 II0 GM . -29.65 -44.51 55.60
C20 II0 GM . -17.56 -63.53 66.86
C21 II0 GM . -28.27 -44.66 58.64
C22 II0 GM . -17.08 -60.66 65.33
C23 II0 GM . -27.50 -45.50 59.00
C24 II0 GM . -17.97 -60.08 64.78
C25 II0 GM . -26.54 -46.65 59.39
C26 II0 GM . -19.14 -59.29 64.13
C27 II0 GM . -26.39 -47.75 58.35
C28 II0 GM . -20.10 -60.00 63.22
C29 II0 GM . -25.83 -46.72 60.58
C30 II0 GM . -19.33 -57.99 64.43
C31 II0 GM . -24.92 -47.99 60.79
C32 II0 GM . -20.53 -57.22 63.80
C33 II0 GM . -24.15 -48.11 61.88
C34 II0 GM . -20.43 -55.95 63.40
C35 II0 GM . -23.29 -49.36 62.13
C36 II0 GM . -21.65 -55.24 62.83
C37 II0 GM . -22.00 -49.19 62.87
C38 II0 GM . -23.01 -55.93 62.86
C39 II0 GM . -23.68 -50.61 61.72
C40 II0 GM . -21.54 -53.99 62.32
C41 II0 GM . -22.72 -51.78 62.07
C42 II0 GM . -22.74 -53.12 61.75
O01 II0 GM . -32.48 -43.51 58.98
O02 II0 GM . -12.86 -63.24 68.37
C03 II0 HM . -13.49 -38.45 68.86
C04 II0 HM . -32.71 -23.52 70.33
C05 II0 HM . -12.07 -39.24 68.53
C06 II0 HM . -34.26 -22.89 70.39
C07 II0 HM . -11.33 -38.86 67.45
C08 II0 HM . -34.68 -22.47 71.63
C09 II0 HM . -14.13 -37.85 67.66
C10 II0 HM . -32.06 -23.68 71.63
C11 II0 HM . -11.75 -37.37 66.72
C12 II0 HM . -33.50 -21.67 72.48
C13 II0 HM . -13.15 -37.17 66.58
C14 II0 HM . -32.36 -22.56 72.73
C15 II0 HM . -14.60 -39.36 69.49
C16 II0 HM . -13.25 -37.50 70.07
C17 II0 HM . -32.82 -24.93 69.71
C18 II0 HM . -31.80 -22.68 69.37
C19 II0 HM . -13.66 -35.99 65.77
C20 II0 HM . -31.88 -22.76 74.17
C21 II0 HM . -15.59 -37.33 67.84
C22 II0 HM . -30.61 -24.25 71.60
C23 II0 HM . -16.69 -36.91 68.04
C24 II0 HM . -29.50 -24.72 71.61
C25 II0 HM . -18.08 -36.29 68.39
C26 II0 HM . -28.06 -25.33 71.61
C27 II0 HM . -19.37 -36.82 67.75
C28 II0 HM . -26.88 -24.48 71.25
C29 II0 HM . -18.13 -35.26 69.30
C30 II0 HM . -27.88 -26.63 71.95
C31 II0 HM . -19.51 -34.60 69.65
C32 II0 HM . -26.43 -27.20 71.94
C33 II0 HM . -19.95 -34.46 70.92
C34 II0 HM . -26.06 -28.28 72.63
C35 II0 HM . -21.30 -33.79 71.10
C36 II0 HM . -24.60 -28.74 72.54
C37 II0 HM . -22.55 -34.58 70.82
C38 II0 HM . -23.45 -27.74 72.44
C39 II0 HM . -21.36 -32.49 71.50
C40 II0 HM . -24.35 -30.07 72.51
C41 II0 HM . -22.75 -31.82 71.68
C42 II0 HM . -22.90 -30.65 72.40
O01 II0 HM . -9.98 -38.80 67.86
O02 II0 HM . -35.80 -21.60 71.47
O1 LHG IM . -7.14 -63.73 79.52
C1 LHG IM . -7.57 -64.82 78.70
C2 LHG IM . -8.88 -64.45 78.01
O2 LHG IM . -9.14 -65.40 76.97
C3 LHG IM . -8.78 -63.06 77.41
O3 LHG IM . -9.99 -62.36 77.67
P LHG IM . -10.24 -60.85 77.16
O4 LHG IM . -8.96 -60.32 76.55
O5 LHG IM . -10.94 -60.07 78.24
O6 LHG IM . -11.26 -61.14 75.97
C4 LHG IM . -12.67 -60.93 76.08
C5 LHG IM . -13.32 -61.95 75.15
C6 LHG IM . -14.81 -61.67 75.02
O7 LHG IM . -12.75 -61.88 73.83
C7 LHG IM . -11.89 -63.01 73.48
O9 LHG IM . -10.78 -63.14 73.99
C8 LHG IM . -12.34 -64.03 72.47
C9 LHG IM . -13.31 -65.03 73.10
C10 LHG IM . -14.22 -65.64 72.04
O8 LHG IM . -15.29 -62.38 73.88
C23 LHG IM . -16.68 -62.28 73.46
O10 LHG IM . -17.43 -61.54 74.06
C24 LHG IM . -17.12 -63.08 72.27
C11 LHG IM . -13.39 -66.30 70.97
C12 LHG IM . -14.27 -66.90 69.88
C13 LHG IM . -13.43 -67.18 68.64
C14 LHG IM . -14.30 -67.76 67.54
C25 LHG IM . -18.63 -63.36 72.30
C26 LHG IM . -19.07 -64.40 71.26
C27 LHG IM . -18.06 -65.54 71.09
C28 LHG IM . -18.68 -66.83 70.58
C29 LHG IM . -19.26 -66.68 69.17
C30 LHG IM . -18.19 -66.98 68.13
C31 LHG IM . -18.82 -67.64 66.91
C32 LHG IM . -17.76 -68.10 65.90
C33 LHG IM . -17.12 -66.90 65.22
C34 LHG IM . -16.00 -67.33 64.27
C10 WVN JM . 3.69 14.60 -56.41
C11 WVN JM . -2.56 24.35 -36.21
C12 WVN JM . 5.15 14.29 -56.07
C13 WVN JM . 3.43 14.13 -53.94
C14 WVN JM . 5.22 13.02 -55.22
C01 WVN JM . -1.31 26.19 -34.91
C02 WVN JM . -2.67 25.54 -35.24
C03 WVN JM . -1.21 26.90 -33.56
C04 WVN JM . -2.57 27.29 -32.99
C05 WVN JM . -3.33 25.13 -33.93
C06 WVN JM . 2.83 14.82 -55.17
C07 WVN JM . -0.29 25.06 -34.84
C08 WVN JM . -0.91 27.19 -35.98
C09 WVN JM . -3.39 26.00 -32.95
C15 WVN JM . 4.14 13.05 -54.13
C16 WVN JM . -3.82 23.69 -33.71
C17 WVN JM . 1.48 14.16 -55.43
C18 WVN JM . 2.65 16.32 -55.01
C19 WVN JM . -2.96 24.59 -37.43
C20 WVN JM . 3.72 14.95 -52.69
C21 WVN JM . 3.69 11.72 -53.50
C22 WVN JM . -2.92 23.61 -38.57
C23 WVN JM . 2.88 15.02 -51.68
C24 WVN JM . -4.17 23.50 -39.44
C25 WVN JM . 3.24 15.88 -50.48
C26 WVN JM . -1.84 22.92 -38.83
C27 WVN JM . 4.67 16.30 -50.25
C28 WVN JM . 2.29 16.27 -49.67
C29 WVN JM . -1.85 21.97 -40.03
C30 WVN JM . 2.63 17.15 -48.46
C31 WVN JM . -0.83 21.99 -40.84
C32 WVN JM . -0.84 21.09 -42.05
C33 WVN JM . 1.84 17.08 -47.42
C34 WVN JM . 2.10 17.93 -46.20
C35 WVN JM . -2.11 21.07 -42.90
C36 WVN JM . 0.21 20.37 -42.36
C37 WVN JM . 1.09 18.21 -45.41
C38 WVN JM . 3.51 18.44 -45.88
C39 WVN JM . 0.15 19.49 -43.61
C40 WVN JM . 1.24 19.05 -44.18
MG CLA KM . 16.05 29.68 -22.53
CHA CLA KM . 18.94 31.53 -22.20
CHB CLA KM . 17.84 26.82 -21.87
CHC CLA KM . 13.12 27.96 -21.94
CHD CLA KM . 14.19 32.71 -22.51
NA CLA KM . 18.05 29.26 -22.09
C1A CLA KM . 19.12 30.17 -22.03
C2A CLA KM . 20.41 29.43 -21.71
C3A CLA KM . 20.07 27.97 -22.05
C4A CLA KM . 18.55 28.00 -21.97
CMA CLA KM . 20.56 27.58 -23.42
CAA CLA KM . 20.62 29.34 -20.22
CBA CLA KM . 21.41 30.48 -19.65
CGA CLA KM . 20.47 31.40 -18.93
O1A CLA KM . 20.70 32.53 -18.55
O2A CLA KM . 19.21 30.87 -18.73
NB CLA KM . 15.58 27.78 -22.05
C1B CLA KM . 16.46 26.76 -21.82
C2B CLA KM . 15.73 25.51 -21.52
C3B CLA KM . 14.39 25.81 -21.53
C4B CLA KM . 14.28 27.26 -21.87
CMB CLA KM . 16.42 24.26 -21.22
CAB CLA KM . 13.24 24.98 -21.26
CBB CLA KM . 12.81 24.62 -20.05
NC CLA KM . 14.04 30.24 -22.34
C1C CLA KM . 13.01 29.36 -22.17
C2C CLA KM . 11.74 30.07 -22.13
C3C CLA KM . 12.04 31.43 -22.23
C4C CLA KM . 13.48 31.52 -22.39
CMC CLA KM . 10.43 29.44 -21.93
CAC CLA KM . 11.09 32.57 -22.24
CBC CLA KM . 10.66 32.98 -23.63
ND CLA KM . 16.39 31.66 -22.34
C1D CLA KM . 15.56 32.81 -22.47
C2D CLA KM . 16.39 34.02 -22.56
C3D CLA KM . 17.69 33.58 -22.49
C4D CLA KM . 17.65 32.12 -22.34
CMD CLA KM . 15.85 35.37 -22.69
CAD CLA KM . 19.08 33.97 -22.48
OBD CLA KM . 19.59 35.08 -22.57
CBD CLA KM . 19.91 32.68 -22.32
CGD CLA KM . 20.77 32.56 -23.53
O1D CLA KM . 21.97 32.68 -23.60
O2D CLA KM . 20.12 32.33 -24.71
CED CLA KM . 20.70 32.99 -25.84
C1 CLA KM . 18.13 31.82 -18.66
C2 CLA KM . 16.86 31.07 -18.84
C3 CLA KM . 15.67 31.67 -18.87
C4 CLA KM . 15.55 33.13 -18.74
C5 CLA KM . 14.37 30.95 -19.02
C6 CLA KM . 14.42 29.48 -18.66
C02 IHT LM . 19.92 39.18 -23.66
C03 IHT LM . 3.76 23.59 -32.33
C04 IHT LM . 21.01 39.75 -22.57
C05 IHT LM . 3.92 24.34 -33.81
C06 IHT LM . 22.26 39.84 -23.07
C07 IHT LM . 20.37 38.00 -24.38
C08 IHT LM . 2.85 25.12 -34.04
C09 IHT LM . 22.82 38.36 -23.58
C10 IHT LM . 21.94 37.72 -24.52
C11 IHT LM . 3.68 24.63 -31.32
C12 IHT LM . 2.81 26.45 -32.98
C13 IHT LM . 18.60 38.80 -22.91
C14 IHT LM . 19.61 40.33 -24.73
C15 IHT LM . 2.91 26.03 -31.62
C16 IHT LM . 2.46 22.79 -32.32
C17 IHT LM . 4.94 22.68 -32.09
C18 IHT LM . 19.32 37.03 -24.95
C19 IHT LM . 22.45 36.52 -25.33
C20 IHT LM . 2.81 27.10 -30.52
C21 IHT LM . 4.72 24.66 -30.18
C22 IHT LM . 19.29 36.75 -26.25
C23 IHT LM . 18.19 35.77 -26.81
C24 IHT LM . 5.53 24.78 -29.27
C25 IHT LM . 18.02 35.58 -28.34
C26 IHT LM . 6.53 25.08 -28.14
C27 IHT LM . 17.38 35.07 -25.97
C28 IHT LM . 6.61 24.20 -26.89
C29 IHT LM . 7.30 26.16 -28.31
C30 IHT LM . 16.33 34.15 -26.66
C31 IHT LM . 8.34 26.61 -27.27
C32 IHT LM . 15.35 33.58 -25.94
C33 IHT LM . 14.31 32.72 -26.65
C34 IHT LM . 8.98 27.72 -27.57
C35 IHT LM . 10.05 28.35 -26.61
C36 IHT LM . 13.91 33.04 -28.09
C37 IHT LM . 13.73 31.68 -26.02
C38 IHT LM . 10.88 29.27 -27.11
C39 IHT LM . 10.13 27.90 -25.13
C40 IHT LM . 12.66 30.91 -26.80
C41 IHT LM . 11.95 29.96 -26.23
O01 IHT LM . 2.87 25.60 -35.37
C03 II0 MM . -15.92 49.44 58.82
C04 II0 MM . 5.47 59.29 62.81
C05 II0 MM . -17.51 49.10 58.98
C06 II0 MM . 6.90 58.85 62.09
C07 II0 MM . -18.02 48.47 57.89
C08 II0 MM . 7.73 58.29 63.02
C09 II0 MM . -15.11 48.31 58.36
C10 II0 MM . 4.92 58.28 63.69
C11 II0 MM . -17.17 47.03 57.52
C12 II0 MM . 7.12 56.85 63.58
C13 II0 MM . -15.86 46.93 58.09
C14 II0 MM . 5.67 56.88 63.69
C15 II0 MM . -15.71 50.64 57.84
C16 II0 MM . -15.38 49.80 60.25
C17 II0 MM . 5.71 60.56 63.62
C18 II0 MM . 4.36 59.53 61.74
C19 II0 MM . -15.02 45.70 57.80
C20 II0 MM . 4.91 55.69 64.28
C21 II0 MM . -13.56 48.36 58.60
C22 II0 MM . 3.40 58.28 64.01
C23 II0 MM . -12.37 48.49 58.74
C24 II0 MM . 2.24 58.19 64.26
C25 II0 MM . -10.85 48.77 58.83
C26 II0 MM . 0.71 57.94 64.35
C27 II0 MM . -9.88 48.03 57.92
C28 II0 MM . -0.28 59.05 64.60
C29 II0 MM . -10.36 49.72 59.71
C30 II0 MM . 0.36 56.66 64.17
C31 II0 MM . -8.83 50.02 59.75
C32 II0 MM . -1.10 56.15 64.21
C33 II0 MM . -8.41 50.95 60.61
C34 II0 MM . -1.75 56.14 63.07
C35 II0 MM . -6.93 51.30 60.65
C36 II0 MM . -3.18 55.63 62.95
C37 II0 MM . -5.95 50.42 59.94
C38 II0 MM . -4.34 56.40 63.59
C39 II0 MM . -6.54 52.41 61.30
C40 II0 MM . -3.36 54.50 62.27
C41 II0 MM . -5.07 52.83 61.37
C42 II0 MM . -4.80 53.94 62.11
O01 II0 MM . -19.37 48.16 58.14
O02 II0 MM . 9.02 58.07 62.46
MG CLA NM . -0.89 15.87 91.70
CHA CLA NM . 1.15 18.13 93.31
CHB CLA NM . 0.20 13.43 93.85
CHC CLA NM . -3.39 13.78 90.60
CHD CLA NM . -2.53 18.59 90.11
NA CLA NM . 0.46 15.81 93.30
C1A CLA NM . 1.22 16.86 93.81
C2A CLA NM . 2.09 16.40 94.97
C3A CLA NM . 1.97 14.87 94.90
C4A CLA NM . 0.78 14.66 93.97
CMA CLA NM . 3.22 14.27 94.30
CAA CLA NM . 1.52 16.89 96.29
CBA CLA NM . 2.55 17.66 97.08
CGA CLA NM . 1.86 18.59 98.04
O1A CLA NM . 2.33 19.51 98.69
O2A CLA NM . 0.53 18.31 98.16
NB CLA NM . -1.48 14.00 92.15
C1B CLA NM . -0.86 13.14 93.00
C2B CLA NM . -1.43 11.76 92.87
C3B CLA NM . -2.45 11.86 91.94
C4B CLA NM . -2.48 13.26 91.47
CMB CLA NM . -0.98 10.62 93.65
CAB CLA NM . -3.36 10.85 91.46
CBB CLA NM . -3.09 10.00 90.46
NC CLA NM . -2.61 16.13 90.55
C1C CLA NM . -3.45 15.12 90.17
C2C CLA NM . -4.50 15.62 89.30
C3C CLA NM . -4.32 16.99 89.23
C4C CLA NM . -3.12 17.31 89.99
CMC CLA NM . -5.56 14.79 88.72
CAC CLA NM . -5.15 17.95 88.47
CBC CLA NM . -6.25 18.48 89.35
ND CLA NM . -0.79 17.89 91.68
C1D CLA NM . -1.45 18.87 90.91
C2D CLA NM . -0.76 20.17 91.08
C3D CLA NM . 0.29 19.93 91.96
C4D CLA NM . 0.19 18.51 92.32
CMD CLA NM . -1.15 21.41 90.40
CAD CLA NM . 1.42 20.48 92.69
OBD CLA NM . 1.92 21.60 92.69
CBD CLA NM . 1.99 19.35 93.59
CGD CLA NM . 3.42 19.11 93.22
O1D CLA NM . 3.84 18.52 92.22
O2D CLA NM . 4.32 19.60 94.11
CED CLA NM . 5.60 19.99 93.61
MG CLA OM . 0.76 22.51 78.68
CHA CLA OM . 3.69 20.85 79.42
CHB CLA OM . 1.87 22.95 75.46
CHC CLA OM . -2.40 23.37 77.74
CHD CLA OM . -0.52 21.41 81.82
NA CLA OM . 2.49 21.98 77.64
C1A CLA OM . 3.60 21.27 78.13
C2A CLA OM . 4.67 21.13 77.03
C3A CLA OM . 4.19 22.14 75.99
C4A CLA OM . 2.73 22.36 76.36
CMA CLA OM . 4.96 23.41 76.22
CAA CLA OM . 4.77 19.71 76.47
CBA CLA OM . 3.56 19.16 75.73
CGA CLA OM . 3.72 19.33 74.24
O1A CLA OM . 4.77 19.36 73.60
O2A CLA OM . 2.54 19.47 73.56
NB CLA OM . -0.11 22.97 76.93
C1B CLA OM . 0.54 23.24 75.76
C2B CLA OM . -0.34 23.97 74.83
C3B CLA OM . -1.54 24.11 75.47
C4B CLA OM . -1.42 23.47 76.80
CMB CLA OM . 0.06 24.42 73.50
CAB CLA OM . -2.73 24.75 74.99
CBB CLA OM . -3.66 24.18 74.25
NC CLA OM . -1.10 22.43 79.63
C1C CLA OM . -2.26 22.90 79.07
C2C CLA OM . -3.34 22.82 80.04
C3C CLA OM . -2.82 22.17 81.15
C4C CLA OM . -1.42 21.94 80.89
CMC CLA OM . -4.71 23.29 79.84
CAC CLA OM . -3.49 21.88 82.42
CBC CLA OM . -4.17 20.54 82.42
ND CLA OM . 1.38 21.45 80.29
C1D CLA OM . 0.80 21.18 81.55
C2D CLA OM . 1.82 20.64 82.46
C3D CLA OM . 2.97 20.52 81.70
C4D CLA OM . 2.62 21.00 80.35
CMD CLA OM . 1.57 20.34 83.86
CAD CLA OM . 4.35 20.12 81.67
OBD CLA OM . 5.08 19.71 82.57
CBD CLA OM . 4.85 20.32 80.21
CGD CLA OM . 5.93 21.37 80.19
O1D CLA OM . 5.92 22.45 80.77
O2D CLA OM . 7.02 21.06 79.44
CED CLA OM . 7.77 22.15 78.90
C1 CLA OM . 1.32 19.50 74.34
C2 CLA OM . 0.18 19.31 73.40
C3 CLA OM . -1.08 19.70 73.66
C4 CLA OM . -2.21 19.50 72.73
C5 CLA OM . -1.44 20.38 74.92
MG CLA PM . -5.36 25.99 69.63
CHA CLA PM . -2.40 26.24 67.89
CHB CLA PM . -4.27 23.10 71.08
CHC CLA PM . -7.97 26.10 71.75
CHD CLA PM . -6.22 29.25 68.45
NA CLA PM . -3.61 24.86 69.49
C1A CLA PM . -2.47 25.13 68.71
C2A CLA PM . -1.43 24.04 68.93
C3A CLA PM . -2.17 22.97 69.75
C4A CLA PM . -3.44 23.69 70.17
CMA CLA PM . -2.52 21.77 68.93
CAA CLA PM . -0.34 24.63 69.78
CBA CLA PM . 1.01 24.06 69.43
CGA CLA PM . 1.17 22.69 69.99
O1A CLA PM . 1.09 22.32 71.15
O2A CLA PM . 1.42 21.76 69.03
NB CLA PM . -5.90 24.93 71.26
C1B CLA PM . -5.47 23.66 71.49
C2B CLA PM . -6.49 22.86 72.21
C3B CLA PM . -7.56 23.67 72.40
C4B CLA PM . -7.20 25.00 71.80
CMB CLA PM . -6.33 21.46 72.60
CAB CLA PM . -8.80 23.31 73.01
CBB CLA PM . -9.95 23.48 72.37
NC CLA PM . -6.81 27.41 70.01
C1C CLA PM . -7.79 27.20 70.91
C2C CLA PM . -8.66 28.32 70.95
C3C CLA PM . -8.18 29.26 70.07
C4C CLA PM . -6.99 28.68 69.47
CMC CLA PM . -9.80 28.29 71.84
CAC CLA PM . -8.74 30.58 69.81
CBC CLA PM . -9.62 30.44 68.64
ND CLA PM . -4.66 27.35 68.31
C1D CLA PM . -5.14 28.61 67.87
C2D CLA PM . -4.26 29.11 66.81
C3D CLA PM . -3.18 28.25 66.80
C4D CLA PM . -3.45 27.20 67.78
CMD CLA PM . -4.51 30.30 66.01
CAD CLA PM . -1.93 27.93 66.16
OBD CLA PM . -1.38 28.46 65.22
CBD CLA PM . -1.33 26.72 66.94
CGD CLA PM . -0.84 25.65 66.02
O1D CLA PM . 0.27 25.16 65.92
O2D CLA PM . -1.82 25.22 65.20
CED CLA PM . -2.19 23.84 65.26
C1 CLA PM . 2.19 20.64 69.49
C2 CLA PM . 1.93 19.50 68.58
C3 CLA PM . 0.84 18.72 68.72
C4 CLA PM . -0.19 18.95 69.76
C5 CLA PM . 0.59 17.58 67.81
C6 CLA PM . -0.84 17.51 67.31
MG CLA QM . -14.76 41.89 76.56
CHA CLA QM . -17.39 43.92 75.59
CHB CLA QM . -14.75 40.54 73.43
CHC CLA QM . -11.59 40.60 77.09
CHD CLA QM . -14.38 43.88 79.46
NA CLA QM . -15.90 42.18 74.83
C1A CLA QM . -16.96 43.07 74.62
C2A CLA QM . -17.51 42.94 73.19
C3A CLA QM . -16.89 41.61 72.72
C4A CLA QM . -15.73 41.43 73.70
CMA CLA QM . -17.84 40.46 72.70
CAA CLA QM . -16.93 43.93 72.17
CBA CLA QM . -16.82 45.40 72.54
CGA CLA QM . -15.45 45.66 73.08
O1A CLA QM . -14.38 45.48 72.52
O2A CLA QM . -15.47 46.13 74.37
NB CLA QM . -13.46 40.77 75.50
C1B CLA QM . -13.66 40.28 74.25
C2B CLA QM . -12.55 39.39 73.83
C3B CLA QM . -11.64 39.39 74.87
C4B CLA QM . -12.21 40.28 75.93
CMB CLA QM . -12.53 38.76 72.52
CAB CLA QM . -10.37 38.75 74.98
CBB CLA QM . -10.12 37.45 74.77
NC CLA QM . -13.30 42.15 78.03
C1C CLA QM . -12.11 41.48 78.07
C2C CLA QM . -11.35 41.86 79.26
C3C CLA QM . -12.10 42.84 79.91
C4C CLA QM . -13.33 43.00 79.14
CMC CLA QM . -10.03 41.34 79.58
CAC CLA QM . -11.76 43.57 81.14
CBC CLA QM . -11.96 42.78 82.41
ND CLA QM . -15.61 43.53 77.37
C1D CLA QM . -15.45 44.15 78.64
C2D CLA QM . -16.56 45.10 78.86
C3D CLA QM . -17.33 45.06 77.72
C4D CLA QM . -16.69 44.07 76.82
CMD CLA QM . -16.74 45.93 80.06
CAD CLA QM . -18.47 45.59 77.02
OBD CLA QM . -19.22 46.48 77.33
CBD CLA QM . -18.59 44.85 75.66
CGD CLA QM . -19.91 44.14 75.56
O1D CLA QM . -20.13 42.93 75.62
O2D CLA QM . -20.98 44.95 75.38
CED CLA QM . -22.24 44.51 75.87
C1 CLA QM . -14.31 46.77 74.91
C2 CLA QM . -13.49 45.76 75.64
C3 CLA QM . -12.30 46.06 76.19
C4 CLA QM . -11.70 47.42 76.14
C5 CLA QM . -11.50 45.03 76.89
C6 CLA QM . -10.06 45.44 77.10
C7 CLA QM . -9.15 44.23 77.07
C8 CLA QM . -7.69 44.64 77.02
C9 CLA QM . -7.50 45.76 76.02
C10 CLA QM . -6.79 43.46 76.65
C11 CLA QM . -5.59 43.92 75.88
C12 CLA QM . -4.75 42.76 75.37
C13 CLA QM . -3.44 43.22 74.77
C14 CLA QM . -2.65 42.04 74.25
C15 CLA QM . -2.61 44.00 75.78
MG CLA RM . -19.04 54.40 75.23
CHA CLA RM . -20.84 57.38 75.05
CHB CLA RM . -16.75 55.94 77.24
CHC CLA RM . -16.83 51.78 74.77
CHD CLA RM . -20.92 53.18 72.45
NA CLA RM . -18.88 56.31 76.05
C1A CLA RM . -19.73 57.43 75.89
C2A CLA RM . -19.22 58.63 76.71
C3A CLA RM . -17.98 58.07 77.45
C4A CLA RM . -17.86 56.67 76.90
CMA CLA RM . -16.75 58.88 77.16
CAA CLA RM . -20.24 59.11 77.76
CBA CLA RM . -19.85 59.01 79.22
CGA CLA RM . -20.93 59.63 80.04
O1A CLA RM . -21.49 60.72 79.90
O2A CLA RM . -21.31 58.81 81.05
NB CLA RM . -17.18 53.96 75.86
C1B CLA RM . -16.46 54.66 76.78
C2B CLA RM . -15.25 53.90 77.20
C3B CLA RM . -15.26 52.72 76.51
C4B CLA RM . -16.49 52.74 75.66
CMB CLA RM . -14.30 54.45 78.17
CAB CLA RM . -14.34 51.61 76.46
CBB CLA RM . -13.01 51.68 76.34
NC CLA RM . -18.97 52.74 73.93
C1C CLA RM . -18.01 51.77 73.98
C2C CLA RM . -18.25 50.75 72.99
C3C CLA RM . -19.35 51.15 72.26
C4C CLA RM . -19.81 52.42 72.86
CMC CLA RM . -17.39 49.58 72.80
CAC CLA RM . -19.85 50.45 71.07
CBC CLA RM . -20.73 49.22 71.17
ND CLA RM . -20.62 55.00 74.11
C1D CLA RM . -21.31 54.39 73.02
C2D CLA RM . -22.46 55.24 72.65
C3D CLA RM . -22.35 56.38 73.43
C4D CLA RM . -21.14 56.21 74.27
CMD CLA RM . -23.47 54.90 71.66
CAD CLA RM . -22.94 57.66 73.76
OBD CLA RM . -24.04 58.14 73.46
CBD CLA RM . -21.89 58.40 74.64
CGD CLA RM . -21.24 59.56 73.94
O1D CLA RM . -20.90 59.63 72.76
O2D CLA RM . -21.04 60.66 74.74
CED CLA RM . -19.94 61.52 74.41
C1 CLA RM . -22.62 58.21 80.92
C2 CLA RM . -22.87 57.46 82.18
C3 CLA RM . -23.90 56.63 82.34
C4 CLA RM . -24.91 56.39 81.27
C5 CLA RM . -24.11 55.91 83.61
C6 CLA RM . -25.43 56.23 84.29
MG CLA SM . -11.03 50.49 65.68
CHA CLA SM . -14.48 50.92 66.06
CHB CLA SM . -10.99 53.25 63.64
CHC CLA SM . -7.68 50.98 66.33
CHD CLA SM . -11.13 48.29 68.49
NA CLA SM . -12.51 51.78 64.93
C1A CLA SM . -13.88 51.81 65.22
C2A CLA SM . -14.57 52.90 64.40
C3A CLA SM . -13.49 53.24 63.35
C4A CLA SM . -12.23 52.75 64.02
CMA CLA SM . -13.72 52.45 62.11
CAA CLA SM . -15.05 54.12 65.17
CBA CLA SM . -16.38 54.49 64.55
CGA CLA SM . -16.78 55.94 64.63
O1A CLA SM . -16.39 56.78 65.44
O2A CLA SM . -17.74 56.36 63.72
NB CLA SM . -9.61 51.78 65.02
C1B CLA SM . -9.80 52.87 64.24
C2B CLA SM . -8.56 53.69 64.14
C3B CLA SM . -7.62 53.06 64.92
C4B CLA SM . -8.27 51.83 65.47
CMB CLA SM . -8.47 54.94 63.40
CAB CLA SM . -6.26 53.46 65.18
CBB CLA SM . -5.66 53.72 66.36
NC CLA SM . -9.66 49.68 67.05
C1C CLA SM . -8.32 49.96 67.06
C2C CLA SM . -7.64 49.15 68.06
C3C CLA SM . -8.63 48.50 68.76
C4C CLA SM . -9.89 48.81 68.10
CMC CLA SM . -6.19 49.20 68.31
CAC CLA SM . -8.45 47.56 69.87
CBC CLA SM . -8.31 46.12 69.39
ND CLA SM . -12.41 49.69 66.93
C1D CLA SM . -12.33 48.69 67.94
C2D CLA SM . -13.69 48.25 68.31
C3D CLA SM . -14.54 49.08 67.64
C4D CLA SM . -13.70 49.98 66.82
CMD CLA SM . -13.99 47.19 69.26
CAD CLA SM . -15.93 49.40 67.37
OBD CLA SM . -16.94 48.85 67.75
CBD CLA SM . -15.93 50.65 66.43
CGD CLA SM . -16.84 50.40 65.27
O1D CLA SM . -17.85 51.02 64.95
O2D CLA SM . -16.46 49.33 64.52
CED CLA SM . -17.26 48.96 63.40
C1 CLA SM . -17.99 55.61 62.51
C2 CLA SM . -19.02 56.25 61.65
C3 CLA SM . -20.33 56.05 61.81
C4 CLA SM . -20.90 55.20 62.88
C5 CLA SM . -21.31 56.72 60.91
C6 CLA SM . -22.31 57.60 61.64
MG CLA TM . -15.40 34.31 66.56
CHA CLA TM . -17.00 34.53 63.49
CHB CLA TM . -16.22 30.96 66.62
CHC CLA TM . -13.27 33.81 69.20
CHD CLA TM . -13.81 37.40 65.91
NA CLA TM . -16.49 33.02 65.32
C1A CLA TM . -17.10 33.30 64.09
C2A CLA TM . -17.80 32.08 63.51
C3A CLA TM . -17.78 31.08 64.69
C4A CLA TM . -16.77 31.72 65.63
CMA CLA TM . -19.13 30.97 65.34
CAA CLA TM . -17.10 31.53 62.26
CBA CLA TM . -15.61 31.37 62.44
CGA CLA TM . -14.97 30.84 61.20
O1A CLA TM . -15.17 31.18 60.04
O2A CLA TM . -14.07 29.86 61.45
NB CLA TM . -14.86 32.72 67.67
C1B CLA TM . -15.32 31.47 67.55
C2B CLA TM . -14.87 30.65 68.69
C3B CLA TM . -14.04 31.46 69.43
C4B CLA TM . -14.03 32.78 68.79
CMB CLA TM . -15.28 29.25 68.79
CAB CLA TM . -13.26 31.25 70.59
CBB CLA TM . -12.51 30.18 70.79
NC CLA TM . -13.86 35.44 67.42
C1C CLA TM . -13.20 35.07 68.56
C2C CLA TM . -12.29 36.11 68.99
C3C CLA TM . -12.34 37.10 68.00
C4C CLA TM . -13.36 36.68 67.04
CMC CLA TM . -11.45 36.00 70.19
CAC CLA TM . -11.60 38.36 67.97
CBC CLA TM . -10.15 38.18 67.55
ND CLA TM . -15.38 35.70 65.11
C1D CLA TM . -14.73 36.95 64.99
C2D CLA TM . -15.25 37.59 63.76
C3D CLA TM . -16.16 36.75 63.21
C4D CLA TM . -16.18 35.55 64.04
CMD CLA TM . -14.90 38.87 63.22
CAD CLA TM . -17.05 36.55 62.09
OBD CLA TM . -17.35 37.31 61.18
CBD CLA TM . -17.62 35.12 62.23
CGD CLA TM . -19.13 35.11 62.23
O1D CLA TM . -19.87 35.43 61.30
O2D CLA TM . -19.73 34.74 63.40
CED CLA TM . -21.10 35.04 63.63
C1 CLA TM . -12.70 30.29 61.59
C2 CLA TM . -11.91 29.05 61.66
C3 CLA TM . -10.68 28.98 62.21
C4 CLA TM . -10.01 30.15 62.83
C5 CLA TM . -9.94 27.69 62.24
C6 CLA TM . -9.67 27.23 63.65
C7 CLA TM . -10.15 25.81 63.83
C8 CLA TM . -9.95 25.17 65.20
C9 CLA TM . -11.22 24.51 65.69
C10 CLA TM . -9.37 26.09 66.27
C11 CLA TM . -8.33 25.32 67.04
C12 CLA TM . -7.05 25.21 66.23
C13 CLA TM . -6.10 24.05 66.55
C14 CLA TM . -5.93 23.17 65.33
C15 CLA TM . -6.41 23.23 67.81
C16 CLA TM . -7.19 21.93 67.68
C17 CLA TM . -7.50 21.45 69.07
C18 CLA TM . -8.94 20.97 69.23
C19 CLA TM . -9.18 19.72 68.44
C20 CLA TM . -9.91 22.08 68.85
MG CLA UM . -2.09 33.71 65.80
CHA CLA UM . -0.22 31.06 67.03
CHB CLA UM . 0.04 33.82 63.12
CHC CLA UM . -4.47 35.38 63.95
CHD CLA UM . -4.49 33.11 68.32
NA CLA UM . -0.36 32.68 65.26
C1A CLA UM . 0.25 31.58 65.86
C2A CLA UM . 1.52 31.18 65.11
C3A CLA UM . 1.80 32.47 64.34
C4A CLA UM . 0.39 33.04 64.18
CMA CLA UM . 2.60 33.40 65.20
CAA CLA UM . 1.32 29.95 64.22
CBA CLA UM . 1.48 30.19 62.73
CGA CLA UM . 0.11 30.35 62.12
O1A CLA UM . -0.98 30.02 62.58
O2A CLA UM . 0.14 30.99 60.91
NB CLA UM . -2.19 34.44 63.92
C1B CLA UM . -1.22 34.37 62.97
C2B CLA UM . -1.64 35.04 61.72
C3B CLA UM . -2.92 35.49 61.94
C4B CLA UM . -3.29 35.13 63.34
CMB CLA UM . -0.76 35.11 60.56
CAB CLA UM . -3.81 36.20 61.06
CBB CLA UM . -4.43 35.69 59.99
NC CLA UM . -4.08 34.23 66.12
C1C CLA UM . -4.83 34.98 65.27
C2C CLA UM . -6.14 35.22 65.83
C3C CLA UM . -6.20 34.51 67.03
C4C CLA UM . -4.88 33.92 67.23
CMC CLA UM . -7.17 35.97 65.13
CAC CLA UM . -7.33 34.43 67.98
CBC CLA UM . -7.49 35.64 68.85
ND CLA UM . -2.31 32.49 67.39
C1D CLA UM . -3.30 32.44 68.41
C2D CLA UM . -2.83 31.48 69.44
C3D CLA UM . -1.70 30.90 68.93
C4D CLA UM . -1.41 31.56 67.65
CMD CLA UM . -3.55 31.17 70.67
CAD CLA UM . -0.65 29.94 69.15
OBD CLA UM . -0.56 29.15 70.07
CBD CLA UM . 0.35 30.00 67.95
CGD CLA UM . 1.76 30.35 68.31
O1D CLA UM . 2.22 31.45 68.60
O2D CLA UM . 2.68 29.38 68.27
CED CLA UM . 3.99 29.87 68.60
C1 CLA UM . -0.56 30.35 59.82
C2 CLA UM . 0.45 29.44 59.23
C3 CLA UM . 0.20 28.44 58.37
C4 CLA UM . 1.29 27.60 57.85
C5 CLA UM . -1.19 28.14 57.89
C6 CLA UM . -1.30 28.24 56.39
MG CLA VM . 1.88 37.88 81.51
CHA CLA VM . 4.89 39.39 80.69
CHB CLA VM . 3.10 37.20 84.61
CHC CLA VM . -1.33 37.37 82.61
CHD CLA VM . 0.56 39.25 78.48
NA CLA VM . 3.71 38.22 82.46
C1A CLA VM . 4.84 38.88 81.96
C2A CLA VM . 5.98 38.87 82.96
C3A CLA VM . 5.49 37.80 83.97
C4A CLA VM . 3.98 37.74 83.71
CMA CLA VM . 6.10 36.49 83.56
CAA CLA VM . 6.36 40.19 83.61
CBA CLA VM . 5.27 41.13 84.07
CGA CLA VM . 4.89 40.75 85.47
O1A CLA VM . 5.56 40.12 86.27
O2A CLA VM . 3.73 41.30 85.90
NB CLA VM . 1.05 37.40 83.29
C1B CLA VM . 1.71 37.10 84.43
C2B CLA VM . 0.77 36.60 85.45
C3B CLA VM . -0.49 36.62 84.90
C4B CLA VM . -0.32 37.14 83.51
CMB CLA VM . 1.22 36.20 86.78
CAB CLA VM . -1.79 36.29 85.43
CBB CLA VM . -2.29 36.69 86.60
NC CLA VM . -0.01 38.17 80.68
C1C CLA VM . -1.20 37.82 81.27
C2C CLA VM . -2.30 38.10 80.36
C3C CLA VM . -1.75 38.72 79.25
C4C CLA VM . -0.33 38.74 79.44
CMC CLA VM . -3.71 37.86 80.56
CAC CLA VM . -2.46 39.18 78.04
CBC CLA VM . -2.88 40.63 78.14
ND CLA VM . 2.51 38.97 79.92
C1D CLA VM . 1.91 39.35 78.70
C2D CLA VM . 2.91 39.91 77.77
C3D CLA VM . 4.08 39.94 78.49
C4D CLA VM . 3.77 39.37 79.83
CMD CLA VM . 2.64 40.34 76.41
CAD CLA VM . 5.49 40.27 78.47
OBD CLA VM . 6.18 40.69 77.55
CBD CLA VM . 6.02 40.00 79.90
CGD CLA VM . 7.27 39.18 79.86
O1D CLA VM . 8.44 39.57 80.06
O2D CLA VM . 7.05 37.88 79.55
CED CLA VM . 8.14 36.98 79.66
C1 CLA VM . 2.54 40.49 85.86
C2 CLA VM . 1.57 41.15 86.75
C3 CLA VM . 0.25 40.95 86.67
C4 CLA VM . -0.32 40.01 85.69
C5 CLA VM . -0.64 41.74 87.58
C6 CLA VM . -2.14 41.46 87.59
C7 CLA VM . -3.03 42.21 86.59
C8 CLA VM . -4.51 42.16 86.96
C9 CLA VM . -4.93 40.81 87.50
C10 CLA VM . -5.35 42.46 85.73
C11 CLA VM . -6.53 43.34 86.05
C12 CLA VM . -7.43 43.52 84.83
C13 CLA VM . -8.90 43.23 85.13
C14 CLA VM . -9.36 44.11 86.29
C15 CLA VM . -9.15 41.70 85.22
C16 CLA VM . -9.50 41.00 86.53
C17 CLA VM . -10.98 40.92 86.88
C18 CLA VM . -11.73 39.87 86.09
C19 CLA VM . -12.87 40.54 85.37
C20 CLA VM . -12.33 38.83 87.02
MG CLA WM . -0.58 25.81 93.39
CHA CLA WM . 0.69 28.95 92.88
CHB CLA WM . 1.74 25.26 95.84
CHC CLA WM . -2.10 22.81 94.15
CHD CLA WM . -3.24 26.54 91.18
NA CLA WM . 0.91 26.97 94.29
C1A CLA WM . 1.30 28.26 93.91
C2A CLA WM . 2.48 28.74 94.76
C3A CLA WM . 2.80 27.53 95.67
C4A CLA WM . 1.73 26.51 95.28
CMA CLA WM . 4.18 26.99 95.43
CAA CLA WM . 2.17 29.99 95.57
CBA CLA WM . 1.82 29.73 97.03
CGA CLA WM . 0.33 29.70 97.18
O1A CLA WM . -0.45 28.78 96.96
O2A CLA WM . -0.17 30.89 97.62
NB CLA WM . -0.25 24.33 94.73
C1B CLA WM . 0.83 24.23 95.55
C2B CLA WM . 0.92 22.86 96.12
C3B CLA WM . -0.16 22.15 95.65
C4B CLA WM . -0.93 23.08 94.79
CMB CLA WM . 1.97 22.45 97.05
CAB CLA WM . -0.52 20.79 96.01
CBB CLA WM . -1.39 19.96 95.42
NC CLA WM . -2.39 24.89 92.82
C1C CLA WM . -2.80 23.67 93.25
C2C CLA WM . -4.05 23.28 92.61
C3C CLA WM . -4.40 24.36 91.78
C4C CLA WM . -3.34 25.35 91.91
CMC CLA WM . -4.76 22.02 92.84
CAC CLA WM . -5.58 24.44 90.89
CBC CLA WM . -6.82 24.91 91.59
ND CLA WM . -1.32 27.43 92.44
C1D CLA WM . -2.30 27.52 91.41
C2D CLA WM . -2.12 28.78 90.66
C3D CLA WM . -0.98 29.36 91.17
C4D CLA WM . -0.51 28.48 92.26
CMD CLA WM . -2.99 29.19 89.57
CAD CLA WM . -0.07 30.49 91.11
OBD CLA WM . -0.14 31.50 90.44
CBD CLA WM . 1.08 30.19 92.12
CGD CLA WM . 2.37 29.99 91.38
O1D CLA WM . 2.61 29.15 90.52
O2D CLA WM . 3.35 30.85 91.74
CED CLA WM . 4.65 30.31 91.98
C1 CLA WM . -1.57 30.95 97.92
C2 CLA WM . -2.05 32.27 97.47
C3 CLA WM . -3.36 32.55 97.33
C4 CLA WM . -4.41 31.55 97.61
C5 CLA WM . -3.81 33.89 96.87
C6 CLA WM . -4.36 33.86 95.45
C7 CLA WM . -5.26 35.05 95.19
C8 CLA WM . -5.37 35.37 93.71
C9 CLA WM . -4.71 36.71 93.44
C10 CLA WM . -6.83 35.45 93.27
C11 CLA WM . -7.65 34.28 93.75
C12 CLA WM . -9.12 34.63 93.91
C13 CLA WM . -9.71 35.26 92.66
C14 CLA WM . -10.27 36.64 92.94
C15 CLA WM . -10.82 34.39 92.07
C16 CLA WM . -12.18 34.99 92.32
C17 CLA WM . -13.32 34.16 91.77
C18 CLA WM . -13.19 33.90 90.28
C19 CLA WM . -14.34 34.55 89.52
C20 CLA WM . -13.22 32.40 90.00
NB KC2 XM . -6.04 34.67 89.67
ND KC2 XM . -3.58 32.43 91.99
C1A KC2 XM . -1.99 35.22 91.29
C1B KC2 XM . -5.81 35.91 89.25
C1C KC2 XM . -7.61 32.27 90.59
C1D KC2 XM . -3.80 31.31 92.74
C2A KC2 XM . -1.38 36.56 91.08
C2B KC2 XM . -7.03 36.56 88.70
C2C KC2 XM . -8.37 31.19 91.17
C2D KC2 XM . -2.65 31.12 93.65
C3A KC2 XM . -2.41 37.21 90.26
C3B KC2 XM . -8.06 35.54 88.83
C3C KC2 XM . -7.41 30.42 91.98
C3D KC2 XM . -1.74 32.24 93.39
C4A KC2 XM . -3.48 36.23 90.05
C4B KC2 XM . -7.34 34.41 89.45
C4C KC2 XM . -6.15 31.20 91.75
C4D KC2 XM . -2.33 33.00 92.36
CAA KC2 XM . -0.11 37.20 91.57
CAB KC2 XM . -9.51 35.43 88.53
CAC KC2 XM . -7.70 29.22 92.82
CAD KC2 XM . -0.43 32.82 93.78
CBA KC2 XM . 0.83 37.85 90.90
CBB KC2 XM . -10.36 36.41 88.83
CBC KC2 XM . -8.25 28.08 92.02
CBD KC2 XM . -0.33 34.08 93.07
CED KC2 XM . 0.88 36.34 95.88
CGA KC2 XM . 1.63 38.80 91.68
CGD KC2 XM . -0.37 35.11 94.15
CHA KC2 XM . -1.41 34.14 92.07
CHB KC2 XM . -4.59 36.72 89.24
CHC KC2 XM . -8.18 33.26 89.70
CHD KC2 XM . -5.05 30.57 92.51
CMA KC2 XM . -2.46 38.59 89.72
CMB KC2 XM . -7.19 37.94 88.12
CMC KC2 XM . -9.86 31.00 90.93
CMD KC2 XM . -2.68 29.94 94.58
NA KC2 XM . -3.30 35.03 90.62
NC KC2 XM . -6.31 32.36 90.83
O1A KC2 XM . 2.15 39.78 91.10
O1D KC2 XM . -1.42 35.56 94.62
O2A KC2 XM . 1.51 38.73 92.93
O2D KC2 XM . 0.88 35.52 94.72
OBD KC2 XM . 0.11 32.28 94.83
MG KC2 XM . -4.61 33.44 90.51
NB KC2 YM . -15.63 22.62 85.79
ND KC2 YM . -18.54 20.76 83.62
C1A KC2 YM . -19.78 21.40 86.63
C1B KC2 YM . -15.69 22.96 87.07
C1C KC2 YM . -14.45 21.93 83.08
C1D KC2 YM . -18.54 20.14 82.41
C2A KC2 YM . -20.26 21.58 88.01
C2B KC2 YM . -14.38 23.46 87.58
C2C KC2 YM . -13.91 21.45 81.79
C2D KC2 YM . -19.85 19.48 82.22
C3A KC2 YM . -19.10 22.20 88.68
C3B KC2 YM . -13.48 23.38 86.42
C3C KC2 YM . -15.03 20.77 81.14
C3D KC2 YM . -20.62 19.75 83.45
C4A KC2 YM . -18.05 22.32 87.62
C4B KC2 YM . -14.36 22.84 85.35
C4C KC2 YM . -16.12 20.92 82.14
C4D KC2 YM . -19.78 20.52 84.27
CAA KC2 YM . -21.56 21.25 88.67
CAB KC2 YM . -12.06 23.69 86.10
CAC KC2 YM . -14.93 20.11 79.80
CAD KC2 YM . -21.94 19.51 84.13
CBA KC2 YM . -22.73 21.87 88.61
CBB KC2 YM . -11.47 24.78 86.57
CBC KC2 YM . -15.20 21.12 78.74
CBD KC2 YM . -21.91 20.35 85.32
CED KC2 YM . -23.36 23.88 85.19
CGA KC2 YM . -23.58 21.76 89.79
CGD KC2 YM . -22.88 21.47 85.14
CHA KC2 YM . -20.52 20.83 85.51
CHB KC2 YM . -16.78 22.92 88.05
CHC KC2 YM . -13.70 22.68 84.07
CHD KC2 YM . -17.33 20.27 81.58
CMA KC2 YM . -18.93 22.64 90.12
CMB KC2 YM . -14.03 23.93 88.96
CMC KC2 YM . -12.51 21.63 81.26
CMD KC2 YM . -20.07 18.74 80.92
NA KC2 YM . -18.40 21.87 86.41
NC KC2 YM . -15.72 21.67 83.36
O1A KC2 YM . -23.12 21.13 90.78
O1D KC2 YM . -24.05 21.28 84.83
O2A KC2 YM . -24.45 22.66 89.93
O2D KC2 YM . -22.42 22.82 85.35
OBD KC2 YM . -22.82 18.97 83.35
MG KC2 YM . -17.22 21.89 84.73
MG CLA ZM . -16.96 21.35 72.45
CHA CLA ZM . -20.26 20.42 72.85
CHB CLA ZM . -16.01 18.58 74.22
CHC CLA ZM . -13.74 21.73 71.27
CHD CLA ZM . -18.02 23.88 70.20
NA CLA ZM . -17.98 19.78 73.38
C1A CLA ZM . -19.36 19.58 73.45
C2A CLA ZM . -19.66 18.33 74.27
C3A CLA ZM . -18.36 18.15 75.06
C4A CLA ZM . -17.36 18.85 74.14
CMA CLA ZM . -18.42 18.83 76.41
CAA CLA ZM . -19.85 17.10 73.39
CBA CLA ZM . -21.24 16.97 72.82
CGA CLA ZM . -21.19 16.84 71.33
O1A CLA ZM . -21.58 15.92 70.62
O2A CLA ZM . -20.62 17.93 70.72
NB CLA ZM . -15.20 20.42 72.78
C1B CLA ZM . -15.05 19.23 73.42
C2B CLA ZM . -13.69 18.68 73.20
C3B CLA ZM . -13.05 19.57 72.37
C4B CLA ZM . -14.00 20.68 72.10
CMB CLA ZM . -13.24 17.41 73.77
CAB CLA ZM . -11.72 19.53 71.80
CBB CLA ZM . -10.59 19.74 72.47
NC CLA ZM . -16.04 22.62 71.05
C1C CLA ZM . -14.71 22.65 70.79
C2C CLA ZM . -14.40 23.73 69.85
C3C CLA ZM . -15.63 24.28 69.47
C4C CLA ZM . -16.64 23.59 70.26
CMC CLA ZM . -13.07 24.06 69.35
CAC CLA ZM . -15.84 25.40 68.55
CBC CLA ZM . -16.28 24.95 67.17
ND CLA ZM . -18.68 21.98 71.59
C1D CLA ZM . -18.99 23.11 70.80
C2D CLA ZM . -20.45 23.31 70.75
C3D CLA ZM . -20.99 22.29 71.52
C4D CLA ZM . -19.85 21.51 72.03
CMD CLA ZM . -21.11 24.36 69.99
CAD CLA ZM . -22.20 21.70 72.03
OBD CLA ZM . -23.37 22.03 71.83
CBD CLA ZM . -21.77 20.51 72.94
CGD CLA ZM . -22.19 20.66 74.37
O1D CLA ZM . -21.68 21.38 75.25
O2D CLA ZM . -23.23 19.86 74.74
CED CLA ZM . -24.55 20.41 74.70
C1 CLA ZM . -19.63 17.64 69.71
C2 CLA ZM . -19.45 18.85 68.89
C3 CLA ZM . -18.30 19.56 68.90
C4 CLA ZM . -17.16 19.19 69.76
C5 CLA ZM . -18.15 20.76 68.04
C6 CLA ZM . -16.74 20.89 67.51
C03 II0 AN . -16.86 30.16 87.99
C04 II0 AN . 0.98 43.65 82.86
C05 II0 AN . -18.45 29.93 87.63
C06 II0 AN . 2.45 44.39 83.12
C07 II0 AN . -18.71 28.85 86.84
C08 II0 AN . 2.39 45.64 83.68
C09 II0 AN . -16.02 28.91 88.04
C10 II0 AN . -0.03 44.42 82.17
C11 II0 AN . -18.05 27.42 87.44
C12 II0 AN . 1.18 46.63 83.04
C13 II0 AN . -16.64 27.52 87.58
C14 II0 AN . -0.08 45.93 82.76
C15 II0 AN . -16.23 31.12 86.93
C16 II0 AN . -16.78 30.86 89.40
C17 II0 AN . 1.24 42.31 82.13
C18 II0 AN . 0.29 43.32 84.22
C19 II0 AN . -15.76 26.61 86.74
C20 II0 AN . -1.41 46.53 83.24
C21 II0 AN . -14.47 29.01 87.98
C22 II0 AN . -1.37 43.62 82.05
C23 II0 AN . -13.26 29.08 87.93
C24 II0 AN . -2.34 42.90 82.11
C25 II0 AN . -11.72 29.26 87.88
C26 II0 AN . -3.53 41.94 82.40
C27 II0 AN . -10.76 28.23 88.48
C28 II0 AN . -4.92 42.27 81.90
C29 II0 AN . -11.25 30.40 87.28
C30 II0 AN . -3.32 40.82 83.12
C31 II0 AN . -9.73 30.77 87.15
C32 II0 AN . -4.51 39.85 83.42
C33 II0 AN . -9.49 31.90 86.45
C34 II0 AN . -4.36 38.67 84.00
C35 II0 AN . -8.11 32.51 86.22
C36 II0 AN . -5.60 37.81 84.23
C37 II0 AN . -6.86 31.76 86.61
C38 II0 AN . -6.93 38.20 83.56
C39 II0 AN . -8.07 33.74 85.66
C40 II0 AN . -5.53 36.71 85.00
C41 II0 AN . -6.73 34.47 85.39
C42 II0 AN . -6.80 35.83 85.23
O01 II0 AN . -20.11 28.70 86.72
O02 II0 AN . 2.38 45.55 85.11
C03 II0 BN . -16.31 35.00 73.45
C04 II0 BN . -1.63 15.95 76.62
C05 II0 BN . -17.61 36.01 73.51
C06 II0 BN . -0.25 15.04 76.39
C07 II0 BN . -17.70 36.64 74.71
C08 II0 BN . 0.88 15.79 76.29
C09 II0 BN . -15.06 35.56 74.00
C10 II0 BN . -1.42 17.27 77.14
C11 II0 BN . -16.30 37.53 75.08
C12 II0 BN . 1.11 16.80 77.59
C13 II0 BN . -15.08 36.84 74.95
C14 II0 BN . 0.01 17.73 77.70
C15 II0 BN . -16.67 33.69 74.24
C16 II0 BN . -15.97 34.66 71.95
C17 II0 BN . -2.32 16.07 75.24
C18 II0 BN . -2.60 15.19 77.59
C19 II0 BN . -14.11 36.87 76.12
C20 II0 BN . 0.28 19.20 78.02
C21 II0 BN . -13.71 34.86 73.76
C22 II0 BN . -2.68 18.15 77.40
C23 II0 BN . -12.65 34.30 73.68
C24 II0 BN . -3.58 18.91 77.57
C25 II0 BN . -11.41 33.40 73.51
C26 II0 BN . -4.88 19.72 77.75
C27 II0 BN . -10.08 33.91 72.97
C28 II0 BN . -5.93 19.43 78.79
C29 II0 BN . -11.59 32.12 73.96
C30 II0 BN . -4.95 20.77 76.94
C31 II0 BN . -10.46 31.09 73.91
C32 II0 BN . -6.14 21.77 77.04
C33 II0 BN . -9.89 30.72 75.07
C34 II0 BN . -6.03 22.89 76.35
C35 II0 BN . -8.81 29.65 75.00
C36 II0 BN . -7.16 23.90 76.47
C37 II0 BN . -7.40 30.02 74.58
C38 II0 BN . -8.25 23.63 77.49
C39 II0 BN . -9.15 28.38 75.32
C40 II0 BN . -7.15 25.01 75.72
C41 II0 BN . -8.08 27.27 75.23
C42 II0 BN . -8.28 26.07 75.84
O01 II0 BN . -18.77 37.55 74.71
O02 II0 BN . 2.01 14.93 76.18
C03 II0 CN . -22.91 14.04 75.92
C04 II0 CN . -2.86 23.84 87.08
C05 II0 CN . -24.43 14.38 75.39
C06 II0 CN . -1.52 24.06 86.13
C07 II0 CN . -25.12 15.21 76.21
C08 II0 CN . -0.50 23.24 86.51
C09 II0 CN . -22.35 15.02 76.89
C10 II0 CN . -3.20 22.46 87.36
C11 II0 CN . -24.30 16.68 76.49
C12 II0 CN . -0.93 21.63 86.42
C13 II0 CN . -22.92 16.51 76.80
C14 II0 CN . -2.36 21.41 86.50
C15 II0 CN . -22.92 12.64 76.64
C16 II0 CN . -21.94 13.96 74.68
C17 II0 CN . -2.65 24.55 88.42
C18 II0 CN . -4.07 24.48 86.31
C19 II0 CN . -22.11 17.63 77.43
C20 II0 CN . -2.96 20.03 86.16
C21 II0 CN . -20.83 14.96 77.20
C22 II0 CN . -4.69 22.13 87.67
C23 II0 CN . -19.65 15.02 77.45
C24 II0 CN . -5.85 21.87 87.77
C25 II0 CN . -18.14 15.26 77.74
C26 II0 CN . -7.35 21.56 87.64
C27 II0 CN . -17.09 15.08 76.65
C28 II0 CN . -8.41 22.18 88.52
C29 II0 CN . -17.77 15.66 79.00
C30 II0 CN . -7.62 20.70 86.68
C31 II0 CN . -16.27 15.93 79.30
C32 II0 CN . -9.08 20.26 86.37
C33 II0 CN . -15.94 16.52 80.46
C34 II0 CN . -9.33 19.91 85.11
C35 II0 CN . -14.47 16.82 80.75
C36 II0 CN . -10.74 19.49 84.77
C37 II0 CN . -13.44 16.58 79.67
C38 II0 CN . -11.84 19.54 85.83
C39 II0 CN . -14.13 17.30 81.95
C40 II0 CN . -10.99 19.06 83.51
C41 II0 CN . -12.65 17.63 82.25
C42 II0 CN . -12.44 18.63 83.16
O01 II0 CN . -26.38 15.49 75.64
O02 II0 CN . 0.62 23.49 85.66
C02 IHT DN . -5.10 16.30 82.69
C03 IHT DN . -19.61 31.43 69.79
C04 IHT DN . -4.59 14.72 82.60
C05 IHT DN . -21.21 31.77 69.52
C06 IHT DN . -5.59 13.81 82.78
C07 IHT DN . -6.53 16.41 82.90
C08 IHT DN . -21.73 31.09 68.46
C09 IHT DN . -6.53 14.15 84.10
C10 IHT DN . -7.14 15.44 84.01
C11 IHT DN . -19.47 30.00 70.00
C12 IHT DN . -21.59 29.40 68.60
C13 IHT DN . -4.36 16.99 83.89
C14 IHT DN . -4.68 17.05 81.34
C15 IHT DN . -20.31 28.99 69.05
C16 IHT DN . -18.82 31.85 68.58
C17 IHT DN . -19.07 32.20 70.99
C18 IHT DN . -7.46 17.01 81.84
C19 IHT DN . -8.61 15.62 84.43
C20 IHT DN . -19.73 27.62 68.62
C21 IHT DN . -18.27 29.45 70.79
C22 IHT DN . -7.86 16.28 80.80
C23 IHT DN . -8.83 16.91 79.73
C24 IHT DN . -17.31 29.00 71.41
C25 IHT DN . -9.36 16.03 78.55
C26 IHT DN . -16.08 28.45 72.15
C27 IHT DN . -9.19 18.21 79.85
C28 IHT DN . -15.26 29.37 73.06
C29 IHT DN . -15.73 27.16 72.00
C30 IHT DN . -10.18 18.88 78.82
C31 IHT DN . -14.50 26.63 72.76
C32 IHT DN . -9.76 19.46 77.68
C33 IHT DN . -10.85 20.07 76.79
C34 IHT DN . -14.46 25.36 73.14
C35 IHT DN . -13.21 24.83 73.93
C36 IHT DN . -12.29 19.54 76.89
C37 IHT DN . -10.59 21.09 75.94
C38 IHT DN . -13.13 23.53 74.24
C39 IHT DN . -12.08 25.81 74.36
C40 IHT DN . -11.78 21.64 75.13
C41 IHT DN . -11.93 22.95 75.04
O01 IHT DN . -23.10 31.42 68.36
C03 II0 EN . -2.37 37.74 73.16
C04 II0 EN . -20.04 54.05 68.04
C05 II0 EN . -0.75 37.96 73.23
C06 II0 EN . -21.59 54.65 68.05
C07 II0 EN . -0.20 37.66 72.03
C08 II0 EN . -21.72 56.02 68.18
C09 II0 EN . -3.01 38.58 72.12
C10 II0 EN . -19.30 54.48 69.20
C11 II0 EN . -0.77 38.71 70.81
C12 II0 EN . -20.64 56.77 69.23
C13 II0 EN . -2.02 39.33 71.10
C14 II0 EN . -19.50 55.98 69.70
C15 II0 EN . -2.68 36.24 72.85
C16 II0 EN . -2.98 38.12 74.56
C17 II0 EN . -20.11 52.50 68.02
C18 II0 EN . -19.28 54.43 66.73
C19 II0 EN . -2.52 40.54 70.28
C20 II0 EN . -18.60 56.53 70.81
C21 II0 EN . -4.44 39.16 72.30
C22 II0 EN . -17.96 53.77 69.55
C23 II0 EN . -5.53 39.67 72.37
C24 II0 EN . -16.89 53.27 69.77
C25 II0 EN . -6.89 40.40 72.32
C26 II0 EN . -15.48 52.70 69.95
C27 II0 EN . -8.20 39.64 72.10
C28 II0 EN . -14.44 53.08 68.95
C29 II0 EN . -6.86 41.76 72.44
C30 II0 EN . -15.20 51.88 70.98
C31 II0 EN . -8.18 42.60 72.38
C32 II0 EN . -13.78 51.29 71.16
C33 II0 EN . -8.80 43.00 73.50
C34 II0 EN . -13.68 50.16 71.83
C35 II0 EN . -10.07 43.82 73.28
C36 II0 EN . -12.33 49.49 72.06
C37 II0 EN . -11.41 43.20 73.51
C38 II0 EN . -11.03 50.29 72.03
C39 II0 EN . -9.93 45.10 72.88
C40 II0 EN . -12.33 48.17 72.31
C41 II0 EN . -11.17 45.99 72.64
C42 II0 EN . -11.04 47.35 72.57
O01 II0 EN . 1.20 37.80 72.13
O02 II0 EN . -21.65 56.66 66.90
O1 LHG FN . 11.93 27.94 62.27
C1 LHG FN . 13.20 27.37 62.62
C2 LHG FN . 13.81 26.71 61.43
O2 LHG FN . 13.58 27.54 60.29
C3 LHG FN . 13.09 25.38 61.33
O3 LHG FN . 11.74 25.61 60.96
P LHG FN . 10.54 24.97 61.83
O4 LHG FN . 10.96 24.94 63.28
O5 LHG FN . 10.05 23.70 61.16
O6 LHG FN . 9.39 26.09 61.72
C4 LHG FN . 8.78 26.53 62.92
C5 LHG FN . 7.42 25.88 63.09
C6 LHG FN . 7.57 24.73 64.09
O7 LHG FN . 6.47 26.82 63.61
C7 LHG FN . 5.64 27.46 62.59
O9 LHG FN . 6.18 28.06 61.70
C8 LHG FN . 4.14 27.49 62.67
C9 LHG FN . 3.61 26.08 62.89
C10 LHG FN . 2.10 26.04 62.93
O8 LHG FN . 6.29 24.35 64.56
C23 LHG FN . 6.06 23.05 65.17
O10 LHG FN . 6.88 22.59 65.94
C24 LHG FN . 4.77 22.35 64.91
C11 LHG FN . 1.56 26.40 61.57
C12 LHG FN . 0.06 26.62 61.54
C13 LHG FN . -0.79 25.39 61.82
C14 LHG FN . -2.28 25.71 61.79
C15 LHG FN . -2.62 26.99 62.56
C16 LHG FN . -4.11 27.12 62.84
C25 LHG FN . 4.79 20.93 65.45
C26 LHG FN . 3.62 20.15 64.89
C27 LHG FN . 2.28 20.84 65.15
C28 LHG FN . 1.16 20.11 64.42
C29 LHG FN . -0.17 20.76 64.73
C30 LHG FN . -1.12 20.75 63.53
C31 LHG FN . -1.68 19.36 63.27
C32 LHG FN . -2.73 18.98 64.30
C33 LHG FN . -3.89 19.97 64.40
C34 LHG FN . -5.01 19.41 65.27
C35 LHG FN . -4.50 18.98 66.65
C36 LHG FN . -5.59 18.27 67.43
C37 LHG FN . -5.06 17.62 68.71
C38 LHG FN . -4.43 18.62 69.64
C1 LMG GN . -18.21 41.77 59.35
O1 LMG GN . -17.24 41.11 58.56
C2 LMG GN . -17.80 43.24 59.48
O2 LMG GN . -17.17 43.38 60.76
C3 LMG GN . -19.01 44.17 59.33
O3 LMG GN . -19.33 44.33 57.94
C4 LMG GN . -20.24 43.65 60.06
O4 LMG GN . -21.37 44.51 59.85
C5 LMG GN . -20.55 42.21 59.61
O5 LMG GN . -22.20 40.74 58.63
C6 LMG GN . -21.88 42.11 58.87
O6 LMG GN . -19.52 41.70 58.76
C7 LMG GN . -16.66 40.03 59.28
C8 LMG GN . -15.38 39.62 58.58
C9 LMG GN . -14.66 40.90 58.16
O7 LMG GN . -14.51 38.93 59.47
C10 LMG GN . -14.70 37.48 59.49
O9 LMG GN . -15.52 36.96 58.80
C11 LMG GN . -13.90 36.64 60.43
C12 LMG GN . -14.27 35.18 60.50
C13 LMG GN . -13.55 34.58 61.70
C14 LMG GN . -12.05 34.80 61.62
C15 LMG GN . -11.36 34.31 62.88
C16 LMG GN . -11.92 35.00 64.11
C17 LMG GN . -10.91 34.96 65.26
C18 LMG GN . -10.36 33.58 65.54
C19 LMG GN . -11.31 32.69 66.32
C20 LMG GN . -12.10 31.71 65.46
C21 LMG GN . -12.20 30.34 66.08
C22 LMG GN . -13.03 29.44 65.20
C23 LMG GN . -12.99 28.00 65.71
C24 LMG GN . -13.79 27.08 64.81
C25 LMG GN . -15.18 27.63 64.56
C26 LMG GN . -15.94 26.86 63.51
C27 LMG GN . -17.31 27.46 63.31
O8 LMG GN . -13.40 40.95 58.78
C28 LMG GN . -12.92 42.15 59.43
O10 LMG GN . -13.71 43.01 59.79
C29 LMG GN . -11.45 42.31 59.63
C30 LMG GN . -10.79 42.10 58.29
C31 LMG GN . -9.31 41.81 58.41
C32 LMG GN . -9.07 40.62 59.32
C33 LMG GN . -7.59 40.46 59.59
C34 LMG GN . -6.77 39.86 58.46
C35 LMG GN . -5.31 40.31 58.58
C36 LMG GN . -5.22 41.83 58.59
C37 LMG GN . -3.79 42.32 58.69
C38 LMG GN . -3.77 43.83 58.65
C39 LMG GN . -4.34 44.35 57.33
C40 LMG GN . -4.83 45.77 57.46
C41 LMG GN . -3.67 46.70 57.72
C42 LMG GN . -2.76 46.71 56.50
C43 LMG GN . -1.57 47.63 56.68
C44 LMG GN . -0.66 47.40 55.49
C45 LMG GN . 0.54 48.29 55.60
C1 LMG HN . -12.96 -2.58 -66.80
O1 LMG HN . -12.02 -3.10 -65.88
C2 LMG HN . -14.23 -2.28 -66.01
O2 LMG HN . -14.82 -3.48 -65.54
C3 LMG HN . -15.24 -1.52 -66.87
O3 LMG HN . -16.33 -1.08 -66.06
C4 LMG HN . -14.59 -0.29 -67.54
O4 LMG HN . -14.28 0.67 -66.55
C5 LMG HN . -13.32 -0.72 -68.28
O5 LMG HN . -11.48 0.03 -69.58
C6 LMG HN . -12.58 0.50 -68.80
O6 LMG HN . -12.44 -1.38 -67.39
C7 LMG HN . -11.65 -4.48 -66.03
C8 LMG HN . -10.14 -4.61 -66.17
C9 LMG HN . -9.33 -3.73 -65.23
O7 LMG HN . -9.73 -5.98 -66.05
C10 LMG HN . -9.84 -6.71 -64.78
O9 LMG HN . -10.92 -7.14 -64.41
C11 LMG HN . -8.62 -7.02 -63.92
C12 LMG HN . -9.07 -7.87 -62.74
C13 LMG HN . -7.90 -8.21 -61.85
C14 LMG HN . -6.98 -9.17 -62.60
C15 LMG HN . -6.03 -9.87 -61.63
C16 LMG HN . -5.13 -8.87 -60.93
C17 LMG HN . -4.19 -8.19 -61.91
C18 LMG HN . -3.33 -7.15 -61.19
C19 LMG HN . -2.54 -7.73 -60.03
C20 LMG HN . -1.71 -6.64 -59.36
O8 LMG HN . -8.28 -3.16 -65.99
C28 LMG HN . -7.00 -3.82 -66.10
O10 LMG HN . -6.81 -4.57 -67.05
C29 LMG HN . -5.93 -3.58 -65.05
C30 LMG HN . -4.68 -4.32 -65.48
C31 LMG HN . -3.43 -3.85 -64.73
C32 LMG HN . -3.61 -4.06 -63.23
C33 LMG HN . -2.31 -3.88 -62.46
C34 LMG HN . -1.82 -2.44 -62.44
C35 LMG HN . -2.69 -1.59 -61.53
MG CLA IN . -10.50 -7.81 -59.41
CHA CLA IN . -12.99 -8.10 -61.83
CHB CLA IN . -10.61 -11.22 -59.00
CHC CLA IN . -7.39 -7.74 -57.94
CHD CLA IN . -9.80 -4.59 -60.72
NA CLA IN . -11.68 -9.34 -60.19
C1A CLA IN . -12.66 -9.27 -61.20
C2A CLA IN . -13.27 -10.64 -61.47
C3A CLA IN . -12.80 -11.45 -60.23
C4A CLA IN . -11.61 -10.64 -59.75
CMA CLA IN . -13.87 -11.54 -59.18
CAA CLA IN . -12.81 -11.22 -62.80
CBA CLA IN . -11.31 -11.27 -63.01
CGA CLA IN . -10.96 -11.14 -64.46
O1A CLA IN . -11.65 -11.39 -65.45
O2A CLA IN . -9.71 -10.68 -64.68
NB CLA IN . -9.26 -9.20 -58.63
C1B CLA IN . -9.48 -10.53 -58.54
C2B CLA IN . -8.34 -11.20 -57.87
C3B CLA IN . -7.42 -10.23 -57.56
C4B CLA IN . -8.01 -8.94 -58.03
CMB CLA IN . -8.28 -12.63 -57.63
CAB CLA IN . -6.15 -10.33 -56.92
CBB CLA IN . -4.98 -10.55 -57.53
NC CLA IN . -9.01 -6.37 -59.20
C1C CLA IN . -7.88 -6.51 -58.45
C2C CLA IN . -7.10 -5.30 -58.40
C3C CLA IN . -7.69 -4.45 -59.34
C4C CLA IN . -8.89 -5.13 -59.82
CMC CLA IN . -5.88 -5.12 -57.61
CAC CLA IN . -7.30 -3.08 -59.66
CBC CLA IN . -6.26 -3.06 -60.75
ND CLA IN . -11.35 -6.50 -60.69
C1D CLA IN . -10.94 -5.23 -61.13
C2D CLA IN . -11.94 -4.72 -62.09
C3D CLA IN . -12.83 -5.75 -62.32
C4D CLA IN . -12.33 -6.88 -61.51
CMD CLA IN . -11.89 -3.37 -62.61
CAD CLA IN . -14.01 -6.19 -63.02
OBD CLA IN . -14.87 -5.55 -63.60
CBD CLA IN . -14.02 -7.74 -62.90
CGD CLA IN . -15.40 -8.26 -62.60
O1D CLA IN . -16.24 -8.71 -63.40
O2D CLA IN . -15.74 -8.20 -61.28
CED CLA IN . -16.90 -7.46 -60.89
C1 CLA IN . -9.43 -10.38 -66.05
C2 CLA IN . -8.11 -9.69 -66.10
C3 CLA IN . -6.98 -10.27 -66.52
C4 CLA IN . -5.70 -9.52 -66.55
C5 CLA IN . -6.97 -11.67 -66.99
C6 CLA IN . -6.46 -12.61 -65.92
C7 CLA IN . -5.38 -13.51 -66.48
C8 CLA IN . -4.11 -13.42 -65.62
C9 CLA IN . -4.44 -12.79 -64.28
C10 CLA IN . -3.01 -12.62 -66.30
C11 CLA IN . -2.61 -13.19 -67.64
C12 CLA IN . -2.07 -14.60 -67.53
C13 CLA IN . -2.42 -15.39 -68.78
C14 CLA IN . -2.92 -16.77 -68.42
C15 CLA IN . -1.20 -15.46 -69.68
C16 CLA IN . -1.53 -15.30 -71.15
C17 CLA IN . -0.32 -15.63 -71.99
C18 CLA IN . 0.01 -14.53 -72.99
C19 CLA IN . 0.62 -13.32 -72.32
C20 CLA IN . -1.25 -14.14 -73.74
MG CLA JN . -11.20 -19.75 -63.70
CHA CLA JN . -9.01 -17.39 -64.97
CHB CLA JN . -8.59 -21.96 -63.54
CHC CLA JN . -12.97 -21.67 -61.49
CHD CLA JN . -13.59 -17.17 -63.20
NA CLA JN . -9.18 -19.68 -64.24
C1A CLA JN . -8.45 -18.61 -64.75
C2A CLA JN . -7.01 -19.01 -65.02
C3A CLA JN . -7.10 -20.55 -64.99
C4A CLA JN . -8.36 -20.77 -64.17
CMA CLA JN . -7.35 -21.16 -66.33
CAA CLA JN . -6.09 -18.46 -63.96
CBA CLA JN . -4.90 -17.77 -64.60
CGA CLA JN . -3.87 -17.40 -63.59
O1A CLA JN . -3.14 -18.15 -62.92
O2A CLA JN . -3.68 -16.06 -63.46
NB CLA JN . -10.92 -21.55 -62.85
C1B CLA JN . -9.73 -22.19 -62.78
C2B CLA JN . -9.76 -23.23 -61.74
C3B CLA JN . -10.99 -23.18 -61.14
C4B CLA JN . -11.73 -22.10 -61.85
CMB CLA JN . -8.56 -24.01 -61.47
CAB CLA JN . -11.53 -23.90 -60.01
CBB CLA JN . -12.63 -24.65 -59.93
NC CLA JN . -13.00 -19.51 -62.65
C1C CLA JN . -13.58 -20.46 -61.88
C2C CLA JN . -14.85 -20.02 -61.36
C3C CLA JN . -14.98 -18.70 -61.74
C4C CLA JN . -13.83 -18.39 -62.58
CMC CLA JN . -15.72 -20.83 -60.50
CAC CLA JN . -16.10 -17.80 -61.43
CBC CLA JN . -17.22 -17.92 -62.42
ND CLA JN . -11.32 -17.75 -63.94
C1D CLA JN . -12.41 -16.86 -63.83
C2D CLA JN . -12.05 -15.59 -64.45
C3D CLA JN . -10.76 -15.72 -64.91
C4D CLA JN . -10.35 -17.09 -64.57
CMD CLA JN . -12.97 -14.47 -64.47
CAD CLA JN . -9.63 -15.10 -65.57
OBD CLA JN . -9.54 -13.97 -66.03
CBD CLA JN . -8.50 -16.14 -65.65
CGD CLA JN . -8.25 -16.41 -67.10
O1D CLA JN . -9.13 -16.51 -67.95
O2D CLA JN . -6.95 -16.55 -67.48
CED CLA JN . -6.72 -17.28 -68.68
#